data_6M6G
#
_entry.id   6M6G
#
loop_
_entity.id
_entity.type
_entity.pdbx_description
1 polymer 'Major capsid protein'
2 polymer 'Small capsomere-interacting protein'
3 polymer 'Triplex capsid protein 2'
4 polymer 'coiled coils'
5 polymer 'Coiled coils'
6 polymer 'Triplex capsid protein 1'
7 polymer 'Capsid vertex component 1'
8 polymer 'Capsid vertex component 2'
9 polymer 'Large tegument protein deneddylase'
#
loop_
_entity_poly.entity_id
_entity_poly.type
_entity_poly.pdbx_seq_one_letter_code
_entity_poly.pdbx_strand_id
1 'polypeptide(L)'
;MAAPARDPPGYRYAAAMVPTGSILSTIEVASHRRLFDFFAAVRSDENSLYDVEFDALLGSYCNTLSLVRFLELGLSVACV
CTKFPELAYMNEGRVQFEVHQPLIARDGPHPVEQPVHNYMTKVIDRRALNAAFSLATEAIALLTGEALDGTGISLHRQLR
AIQQLARNVQAVLGAFERGTADQMLHVLLEKAPPLALLLPMQRYLDNGRLATRVARATLVAELKRSFCDTSFFLGKAGHR
REAIEAWLVDLTTATQPSVAVPRLTHADTRGRPVDGVLVTTAAIKQRLLQSFLKVEDTEADVPVTYGEMVLNGANLVTAL
VMGKAVRSLDDVGRHLLDMQEEQLEANRETLDELESAPQTTRVRADLVAIGDRLVFLEALEKRIYAATNVPYPLVGAMDL
TFVLPLGLFNPAMERFAAHAGDLVPAPGHPEPRAFPPRQLFFWGKDHQVLRLSMENAVGTVCHPSLMNIDAAVGGVNHDP
VEAANPYGAYVAAPAGPGADMQQRFLNAWRQRLAHGRVRWVAECQMTAEQFMQPDNANLALELHPAFDFFAGVADVELPG
GEVPPAGPGAIQATWRVVNGNLPLALCPVAFRDARGLELGVGRHAMAPATIAAVRGAFEDRSYPAVFYLLQAAIHGNEHV
FCALARLVTQCITSYWNNTRCAAFVNDYSLVSYIVTYLGGDLPEECMAVYRDLVAHVEALAQLVDDFTLPGPELGGQAQA
ELNHLMRDPALLPPLVWDCDGLMRHAALDRHRDCRIDAGGHEPVYAAACNVATADFNRNDGRLLHNTQARAADAADDRPH
RPADWTVHHKIYYYVLVPAFSRGRCCTAGVRFDRVYATLQNMVVPEIAPGEECPSDPVTDPAHPLHPANLVANTVKRMFH
NGRVVVDGPAMLTLQVLAHNMAERTTALLCSAAPDAGANTASTANMRIFDGALHAGVLLMAPQHLDHTIQNGEYFYVLPV
HALFAGADHVANAPNFPPALRDLARHVPLVPPALGANYFSSIRQPVVQHARESAAGENALTYALMAGYFKMSPVALYHQL
KTGLHPGFGFTVVRQDRFVTENVLFSERASEAYFLGQLQVARHETGGGVNFTLTQPRGNVDLGVGYTAVAATGTVRNPVT
DMGNLPQNFYLGRGAPPLLDNAAAVYLRNAVVAGNRLGPAQPLPVFGCAQVPRRAGMDHGQDAVCEFIATPVATDINYFR
RPCNPRGRAAGGVYAGDKEGDVIALMYDHGQSDPARPFAATANPWASQRFSYGDLLYNGAYHLNGASPVLSPCFKFFTAA
DITAKHRCLERLIVETGSAVSTATAASDVQFKRPPGCRELVEDPCGLFQEAYPITCASDPALLRSARDGEAHARETHFTQ
YLIYDASPLKGLSL
;
B,C,D,E,F,I
2 'polypeptide(L)'
;MAAPQFHRPSTITADNVRALGTRGLVLATNNAQFIMDNSYPHPHGTQGAVREFLRGQAAALTDLGVTHANNTFAPQPMFA
GDAAAEWLRPSFGLKRTYSPFVVRDPKTPSTP
;
G,M,Q,T,U,V
3 'polypeptide(L)'
;MITDCFEADIAIPSGISRPDAAALQRCEGRVVFLPTIRRQLALADVAHESFVSGGVSPDTLGLLLAYRRRFPAVITRVLP
TRIVACPVDLGLTHAGTVNLRNTSPVDLCNGDPVSLVPPVFEGQATDVRLESLDLTLRFPVPLPTPLAREIVARLVARGI
RDLNPDPRTPGELPDLNVLYYNGARLSLVADVQQLASVNTELRSLVLNMVYSITEGTTLILTLIPRLLALSAQDGYVNAL
LQMQSVTREAAQLIHPEAPMLMQDGERRLPLYEALVAWLAHAGQLGDILALAPAVRVCTFDGAAVVQSGDMAPVIRYP
;
K,O
4 'polypeptide(L)'
;(UNK)(UNK)(UNK)(UNK)(UNK)(UNK)(UNK)(UNK)(UNK)(UNK)(UNK)(UNK)(UNK)(UNK)(UNK)(UNK)
(UNK)(UNK)(UNK)(UNK)(UNK)(UNK)(UNK)(UNK)(UNK)(UNK)(UNK)(UNK)(UNK)(UNK)(UNK)(UNK)
(UNK)(UNK)(UNK)(UNK)(UNK)(UNK)(UNK)(UNK)(UNK)(UNK)(UNK)(UNK)(UNK)(UNK)(UNK)(UNK)
(UNK)(UNK)(UNK)(UNK)(UNK)(UNK)(UNK)(UNK)(UNK)(UNK)(UNK)(UNK)(UNK)(UNK)(UNK)(UNK)
(UNK)(UNK)(UNK)(UNK)(UNK)(UNK)(UNK)(UNK)(UNK)(UNK)(UNK)(UNK)(UNK)(UNK)(UNK)(UNK)
(UNK)(UNK)(UNK)(UNK)
;
L
5 'polypeptide(L)'
;(UNK)(UNK)(UNK)(UNK)(UNK)(UNK)(UNK)(UNK)(UNK)(UNK)(UNK)(UNK)(UNK)(UNK)(UNK)(UNK)
(UNK)(UNK)(UNK)(UNK)(UNK)(UNK)(UNK)(UNK)(UNK)(UNK)(UNK)(UNK)(UNK)(UNK)(UNK)(UNK)
(UNK)(UNK)(UNK)(UNK)(UNK)(UNK)(UNK)(UNK)(UNK)(UNK)(UNK)(UNK)(UNK)(UNK)(UNK)(UNK)
(UNK)(UNK)(UNK)(UNK)(UNK)(UNK)(UNK)(UNK)(UNK)(UNK)(UNK)(UNK)(UNK)(UNK)(UNK)(UNK)
(UNK)(UNK)(UNK)(UNK)(UNK)(UNK)(UNK)(UNK)(UNK)(UNK)(UNK)(UNK)(UNK)(UNK)(UNK)(UNK)
(UNK)(UNK)(UNK)(UNK)(UNK)(UNK)(UNK)
;
P
6 'polypeptide(L)'
;MKTKPLPTAPMAWAESAVETTTSPRELAGHAPLRRVLRPPIARRDGPVLLGDRAPRRTASTMWLLGIDPAESSPGTRATR
DDTEQAVDKILRGARRAGGLTVPGAPRYHLTRQVTLTDLCQPNAERAGALLLALRHPTDLPHLARHRAPPGRQTERLAEA
WGQLLEASALGSGRAESGCARAGLVSFNFLVAACAAAYDARDAAEAVRAHITTNYGGTRAGARLDRFSECLRAMVHTHVF
PHEVMRFFGGLVSWVTQDELASVTAVCSGPQEATHTGHPGRPRSAVTIPACAFVDLDAELCLGGPGAAFLYLVFTYRQCR
DQELCCVYVVKSQLPPRGLEAALERLFGRLRITNTIHGAEDMTPPPPNRNVDFPLAVLAASSQSPRCSASQVTNPQFVDR
LYRWQPDLRGRPTARTCTYAAFAELGVMPDDSPRCLHRTERFGAVGVPVVILEGVVWRPGGWRACA
;
S
7 'polypeptide(L)'
;MNAHFANEVQYDLTRDPSSPASLIHVIISSECLAAAGVPLSALVRGRPDGGAAANFRVETQTRAHATGDCTPWRSAFAAY
VPADAVGAILAPVIPAHPDLLPRVPSAGGLFVSLPVACDAQGVYDPYTVAALRLAWGPWATCARVLLFSYDELVPPNTRY
AADGARLMRLCRHFCRYVARLGAAAPAAATEAAAHLSLGMGESGTPTPQASSVSGGAGPAVVGTPDPPISPEEQLTAPGG
DTATAEDVSITQENEEILALVQRAVQDVTRRHPVRARPKHAASGVASGLRQGALVHQAVSGGALGASDAEAVLAGLEPPG
GGRFASRGGPRAAGEDVLNDVLTLVPGTAKPRSLVEWLDRGWEALAGGDRPDWLWSRRSISVVLRHHYGTKQRFVVVSYE
NSVAWGGRRARPPRLSSELATALTEACAAERVVRPHQLSPAAQTALLRRFPALEGPLRHPRPVLQPFDIAAEVAFVARIQ
IACLRALGHSIRAALQGGPRIFQRLRYDFGPHQSEWLGEVTRRFPVLLENLMRALEGTAPDAFFHTAYALAVLAHLGGQG
GRGRRRRLVPLSDDIPARFADSDAHYAFDYYSTSGDTLRLTNRPIAVVIDGDVNGREQSKCRFMEGSPSTAPHRVCEQYL
PGESYAYLCLGFNRRLCGLVVFPGGFAFTINTAAYLSLADPVARAVGLRFCRGAATGPGLVR
;
k
8 'polypeptide(L)'
;MDPYYPFDALDVWEHRRFIVADSRSFITPEFPRDFWMLPVFNIPRETAAERAAVLQAQRTAAAAALENAALQAAELPVDI
ERRIRPIEQQVHHIADALEALETAAAAAEEADAARDAEARGEGAADGAAPSPTAGPAAAEMEVQIVRNDPPLRYDTNLPV
DLLHMVYAGRGAAGSSGVVFGTWYRTIQERTIADFPLTTRSADFRDGRMSKTFMTALVLSLQSCGRLYVGQRHYSAFECA
VLCLYLLYRTTHESSPDRDRAPVAFGDLLARLPRYLARLAAVIGDESGRPQYRYRDDKLPKAQFAAAGGRYEHGALATHV
VIATLVRHGVLPAAPGDVPRDTSTRVNPDDVAHRDDVNRAAAAFLARGHNLFLWEDQTLLRATANTITALAVLRRLLANG
NVYADRLDNRLQLGMLIPGAVPAEAIARGASGLDSGAIKSGDNNLEALCVNYVLPLYQADPTVELTQLFPGLAALCLDAQ
AGRPLASTRRVVDMSSGARQAALVRLTALELINRTRTNTTPVGEIINAHDALGIQYEQGPGLLAQQARIGLASNTKRFAT
FNVGSDYDLLYFLCLGFIPQYLSVA
;
l,m
9 'polypeptide(L)'
;MIPAALPHPTMKRQGDRDIVVTGVRNQFATDLEPGGSVSCMRSSLSFLSLLFDVGPRDVLSAEAIEGCLVEGGEWTRAAA
GSGPPRMCSIIELPNFLEYPAARGGLRCVFSRVYGEVGFFGEPTAGLLETQCPAHTFFAGPWAMRPLSYTLLTIGPLGMG
LYRDGDTAYLFDPHGLPAGTPAFIAKVRAGDVYPYLTYYAHDRPKVRWAGAMVFFVPSGPGAVAPADLTAAALHLYGASE
TYLQDEPFVERRVAITHPLRGEIGGLGALFVGVVPRGDGEGSGPVVPALPAPTHVQTPGADRPPEAPRGASGPPDTPQAG
HPNRPPDDVWAAALEGTPPAKPSAPDAAASGPPHAAPPPQTPAGDAAEEAEDLRVLEVGAVPVGRHRARYSTGLPKRRRP
TWTPPSSVEDLTSGERPAPKAPPAKAKKKSAPKKKAPVAAEVPASSPTPIAATVPPAPDTPPQSGQGGGDDGPASPSSPS
VLETLGARRPPEPPGADLAQLFEVHPNVAATAVRLAARDAALAREVAACSQLTINALRSPYPAHPGLLELCVIFFFERVL
AFLIENGARTHTQAGVAGPAAALLDFTLRMLPRKTAVGDFLASTRMSLADVAAHRPLIQHVLDENSQIGRLALAKLVLVA
RDVIRETDAFYGDLADLDLQLRAAPPANLYARLGEWLLERSRAHPNTLFAPATPTHPEPLLHRIQALAQFARGEEMRVEA
EAREMREALDALARGVDSVSQRAGPLTVMPVPAAPGAGGRAPCPPALGPEAIQARLEDVRIQARRAIESAVKEYFHRGAV
YSAKALQASDSHDCRFHVASAAVVPMVQLLESLPAFDQHTRDVAQRAALPPPPPLATSPQAILLRDLLQRGQPLDAPEDL
AAWLSVLTDAATQGLIERKPLEELARSIHGINDQQARRSSGLAELQRFDALDAALAQQLDSDAAFVPATGPAPYVDGGGL
SPEATRMAEDALRQARAMEAAKMTAELAPEARSRLRERAHALEAMLNDARERAKVAHDAREKFLHKLQGVLRPLPDFVGL
KACPAVLATLRASLPAGWTDLADAVRGPPPEVTAALRADLWGLLGQYREALEHPTPDTATALAGLHPAFVVVLKTLFADA
PETPVLVQFFSDHAPTIAKAVSNAINAGSAAVATASPAATVDAAVRAHGALADAVSALGAAARDPASPLSFLAVLADSAA
GYVKATRLALEARGAIDELTTLGSAAADLVVQARRACAQPEGDHAALIDAAARATTAARESLAGHEAGFGGLLHAEGTAG
DHSPSGRALQELGKVIGATRRRADELEAAVADLTAKMAAQRARGSSERWAAGVEAALDRVENRAEFDVVELRRLQALAGT
HGYNPRDFRKRAEQALAANAEAVTLALDTAFAFNPYTPENQRHPMLPPLAAIHRLGWSAAFHAAAETYADMFRVDAEPLA
RLLRIAEGLLEMAQAGDGFIDYHEAVGRLADDMTSVPGLRRYVPFFQHGYADYVELRDRLDAIRADVHRALGGVPLDLAA
AAEQISAARNDPEATAELVRTGVTLPCPSEDALVACAAALERVDQSPVKNTAYAEYVAFVTRQDTAETKDAVVRAKQQRA
EATERVMAGLREALAARERRAQIEAEGLANLKTMLKVVAVPATVAKTLDQARSVAEIADQVEVLLDQTEKTRELDVPAVI
WLEHAQRTFETHPLSAARGDGPGPLARHAGRLGALFDTRRRVDALRRSLEEAEAEWDEVWGRFGRVRGGAWKSPEGFRAM
HEQLRALQDTTNTVSGLRAQPAYERLSARYQGVLGAKGAERAEAVEELGARVTKHTALCARLRDEVVRRVPWEMNFDALG
GLLAEFDAAAADLAPWAVEEFRGARELIQYRMGLYSAYARAGGQTGAGAESAPAPLLVDLRALDARARASSSPEGHEVDP
QLLRRRGEAYLRAGGDPGPLVLREAVSALDLPFATSFLAPDGTPLQYALCFPAVTDKLGALLMRPEAACVRPPLPTDVLE
SAPTVTAMYVLTVVNRLQLALSDAQAANFQLFGRFVRHRQATWGASMDAAAELYVALVATTLTREFGCRWAQLGWASGAA
APRPPPGPRGSQRHCVAFNENDVLVALVAGVPEHIYNFWRLDLVRQHEYMHLTLERAFEDAAESMLFVQRLTPHPDARIR
VLPTFLDGGPPTRGLLFGTRLADWRRGKLSETDPLAPWRSALELGTQRRDVPALGKLSPAQALAAVSVLGRMCLPSAALA
ALWTCMFPDDYTEYDSFDALLAARLESGQTLGPAGGREASLPEAPHALYRPTGQHVAVLAAATHRTPAARVTAMDLVLAA
VLLGAPVVVALRNTTAFSRESELELCLTLFDSRPGGPDAALRDVVSSDIETWAVGLLHTDLNPIENACLAAQLPRLSALI
AERPLADGPPCLVLVDISMTPVAVLWEAPEPPGPPDVRFVGSEATEELPFVATAGDVLAASAADADPFFARAILGRPFDA
SLLTGELFPGHPVYQRPLADEAGPSAPTAARDPRDLAGGDGGSGPEDPAAPPARQADPGVLAPTLLTDATTGEPVPPRMW
AWIHGLEELASDDAGGPTPNPAPALLPPPATDQSVPTSQYAPRPIGPAATARETRPSVPPQQNTGRVPVAPRDDPRPSPP
TPSPPADAALPPPAFSGSAAAFSAAVPRVRRSRRTRAKSRAPRASAPPEGWRPPALPAPVAPVAASARPPDQPPTPESAP
PAWVSALPLPPGPASARGAFPAPTLAPIPPPPAEGAVVPGGDRRRGRRQTTAGPSPTPPRGPAAGPPRRLTRPAVASLSA
SLNSLPSPRDPADHAAAVSAAAAAVPPSPGLAPPTSAVQTSPPPLAPGPVAPSEPLCGWVVPGGPVARRPPPQSPATKPA
ARTRIRARSVPQPPLPQPPLPQPPLPQPPLPQPPLPQPPLPQPPLPQPPLPQPPLPQPPLPQPPLPPVTRTLTPQSRDSV
PTPESPTHTNTHLPVSAVTSWASSLALHVDSAPPPASLLQTLHISSDDEHSDADSLRFSDSDDTEALDPLPPEPHLPPAD
EPPGPLAADHLQSPHSQFGPLPVQANAVLSRRYVRSTGRSALAVLIRACRRIQQQLQRTRRALFQRSNAVLTSLHHVRML
LG
;
n,o
#
# COMPACT_ATOMS: atom_id res chain seq x y z
N ARG A 6 56.29 14.82 -60.73
CA ARG A 6 56.75 13.46 -60.99
C ARG A 6 56.04 12.86 -62.22
N ASP A 7 54.76 12.56 -62.08
CA ASP A 7 54.00 11.96 -63.18
C ASP A 7 53.57 12.95 -64.28
N PRO A 8 53.23 14.22 -64.02
CA PRO A 8 53.07 15.17 -65.15
C PRO A 8 54.36 15.45 -65.90
N PRO A 9 55.54 15.20 -65.33
CA PRO A 9 56.67 14.87 -66.22
C PRO A 9 56.70 13.41 -66.66
N GLY A 10 56.23 12.50 -65.83
CA GLY A 10 56.36 11.08 -66.14
C GLY A 10 55.41 10.59 -67.21
N TYR A 11 54.23 11.23 -67.32
CA TYR A 11 53.29 10.90 -68.38
C TYR A 11 53.88 11.22 -69.75
N ARG A 12 54.77 12.20 -69.80
CA ARG A 12 55.51 12.50 -71.02
C ARG A 12 56.44 11.35 -71.39
N TYR A 13 56.94 10.61 -70.40
CA TYR A 13 57.72 9.42 -70.72
C TYR A 13 56.78 8.26 -71.01
N ALA A 14 55.56 8.30 -70.48
CA ALA A 14 54.52 7.40 -70.96
C ALA A 14 54.01 7.85 -72.32
N ALA A 15 54.08 9.16 -72.60
CA ALA A 15 53.80 9.64 -73.95
C ALA A 15 54.99 9.40 -74.86
N ALA A 16 56.20 9.35 -74.30
CA ALA A 16 57.35 8.92 -75.10
C ALA A 16 57.25 7.44 -75.44
N MET A 17 56.50 6.67 -74.63
CA MET A 17 56.15 5.30 -74.96
C MET A 17 55.16 5.26 -76.13
N VAL A 18 54.59 6.40 -76.48
CA VAL A 18 53.71 6.55 -77.64
C VAL A 18 54.47 7.43 -78.63
N PRO A 19 55.43 6.88 -79.38
CA PRO A 19 56.46 7.75 -79.98
C PRO A 19 56.17 8.21 -81.40
N THR A 20 56.60 9.43 -81.71
CA THR A 20 56.60 9.98 -83.06
C THR A 20 57.91 10.71 -83.33
N GLY A 21 58.70 10.95 -82.29
CA GLY A 21 59.71 11.98 -82.37
C GLY A 21 61.11 11.43 -82.50
N SER A 22 61.75 11.83 -83.60
CA SER A 22 63.08 11.36 -83.98
C SER A 22 64.14 12.25 -83.39
N ILE A 23 65.08 11.63 -82.70
CA ILE A 23 66.20 12.32 -82.07
C ILE A 23 67.41 12.12 -82.97
N LEU A 24 68.03 13.23 -83.39
CA LEU A 24 68.93 13.16 -84.54
C LEU A 24 70.34 12.75 -84.12
N SER A 25 70.99 13.53 -83.28
CA SER A 25 72.36 13.23 -82.88
C SER A 25 72.41 12.76 -81.43
N THR A 26 73.36 11.86 -81.13
CA THR A 26 73.41 11.15 -79.85
C THR A 26 74.72 11.45 -79.14
N ILE A 27 74.63 11.97 -77.92
CA ILE A 27 75.75 11.98 -76.98
C ILE A 27 75.21 11.51 -75.64
N GLU A 28 76.09 11.49 -74.64
CA GLU A 28 75.72 11.11 -73.29
C GLU A 28 74.71 12.10 -72.71
N VAL A 29 73.63 11.57 -72.15
CA VAL A 29 72.58 12.43 -71.62
C VAL A 29 72.99 13.09 -70.32
N ALA A 30 73.75 12.38 -69.47
CA ALA A 30 73.98 12.83 -68.10
C ALA A 30 74.93 14.01 -68.05
N SER A 31 75.68 14.28 -69.13
CA SER A 31 76.46 15.50 -69.21
C SER A 31 75.56 16.72 -69.30
N HIS A 32 74.36 16.55 -69.84
CA HIS A 32 73.39 17.63 -69.86
C HIS A 32 72.28 17.41 -68.86
N ARG A 33 72.61 16.88 -67.68
CA ARG A 33 71.64 16.68 -66.62
C ARG A 33 71.12 18.01 -66.09
N ARG A 34 71.97 19.02 -66.08
CA ARG A 34 71.58 20.35 -65.62
C ARG A 34 70.95 21.19 -66.72
N LEU A 35 70.40 20.55 -67.75
CA LEU A 35 69.72 21.19 -68.85
C LEU A 35 68.23 20.90 -68.91
N PHE A 36 67.81 19.66 -68.69
CA PHE A 36 66.43 19.26 -68.88
C PHE A 36 65.55 19.78 -67.75
N ASP A 37 64.23 19.60 -67.96
CA ASP A 37 63.27 19.83 -66.89
C ASP A 37 63.03 18.55 -66.12
N PHE A 38 63.03 17.41 -66.82
CA PHE A 38 62.84 16.12 -66.16
C PHE A 38 63.73 15.06 -66.79
N PHE A 39 64.40 14.31 -65.93
CA PHE A 39 65.26 13.21 -66.35
C PHE A 39 64.72 11.91 -65.80
N ALA A 40 64.64 10.91 -66.66
CA ALA A 40 64.43 9.52 -66.27
C ALA A 40 65.65 8.74 -66.72
N ALA A 41 65.93 7.61 -66.07
CA ALA A 41 67.08 6.79 -66.45
C ALA A 41 66.66 5.39 -66.82
N VAL A 42 66.93 5.03 -68.08
CA VAL A 42 66.88 3.65 -68.54
C VAL A 42 67.86 2.82 -67.74
N ARG A 43 67.35 1.89 -66.91
CA ARG A 43 68.17 0.84 -66.34
C ARG A 43 67.45 -0.47 -66.61
N SER A 44 67.45 -0.88 -67.88
CA SER A 44 67.12 -2.23 -68.34
C SER A 44 65.66 -2.66 -68.10
N ASP A 45 64.93 -1.87 -67.31
CA ASP A 45 63.64 -2.25 -66.73
C ASP A 45 63.11 -1.09 -65.91
N GLU A 46 61.80 -1.05 -65.70
CA GLU A 46 61.18 -0.21 -64.68
C GLU A 46 59.86 -0.85 -64.30
N ASN A 47 59.60 -0.99 -63.00
CA ASN A 47 58.37 -1.65 -62.56
C ASN A 47 57.20 -0.70 -62.66
N SER A 48 57.47 0.58 -62.88
CA SER A 48 56.41 1.56 -62.99
C SER A 48 55.84 1.64 -64.39
N LEU A 49 56.66 1.42 -65.42
CA LEU A 49 56.22 1.70 -66.79
C LEU A 49 55.20 0.69 -67.29
N TYR A 50 55.11 -0.47 -66.66
CA TYR A 50 54.11 -1.44 -67.06
C TYR A 50 52.72 -1.11 -66.54
N ASP A 51 52.58 -0.05 -65.75
CA ASP A 51 51.31 0.30 -65.14
C ASP A 51 50.70 1.54 -65.82
N VAL A 52 49.37 1.62 -65.77
CA VAL A 52 48.62 2.79 -66.21
C VAL A 52 47.82 3.30 -65.03
N GLU A 53 47.40 4.56 -65.09
CA GLU A 53 46.66 5.15 -63.98
C GLU A 53 45.82 6.30 -64.49
N PHE A 54 44.55 6.05 -64.73
CA PHE A 54 43.65 7.11 -65.14
C PHE A 54 42.69 7.43 -64.00
N ASP A 55 42.06 8.59 -64.11
CA ASP A 55 40.91 8.93 -63.29
C ASP A 55 39.72 9.20 -64.18
N ALA A 56 38.52 9.13 -63.63
CA ALA A 56 37.32 8.95 -64.43
C ALA A 56 36.22 9.93 -64.05
N LEU A 57 35.57 10.46 -65.08
CA LEU A 57 34.26 11.11 -64.96
C LEU A 57 33.22 10.14 -65.53
N LEU A 58 32.45 9.52 -64.63
CA LEU A 58 31.62 8.38 -65.01
C LEU A 58 30.18 8.76 -65.31
N GLY A 59 29.93 9.65 -66.24
CA GLY A 59 28.56 10.00 -66.50
C GLY A 59 28.04 11.03 -65.51
N SER A 60 27.21 11.94 -66.01
CA SER A 60 26.60 12.97 -65.19
C SER A 60 25.16 13.17 -65.62
N TYR A 61 24.33 13.56 -64.67
CA TYR A 61 22.88 13.51 -64.86
C TYR A 61 22.26 14.82 -64.40
N CYS A 62 21.46 15.41 -65.27
CA CYS A 62 20.87 16.72 -65.02
C CYS A 62 19.37 16.54 -64.87
N ASN A 63 18.74 17.38 -64.06
CA ASN A 63 17.30 17.36 -64.02
C ASN A 63 16.72 18.03 -65.26
N THR A 64 15.44 17.78 -65.49
CA THR A 64 14.69 18.47 -66.53
C THR A 64 13.55 19.21 -65.84
N LEU A 65 13.76 20.49 -65.57
CA LEU A 65 12.78 21.29 -64.83
C LEU A 65 11.52 21.48 -65.65
N SER A 66 10.37 21.36 -65.00
CA SER A 66 9.10 21.35 -65.72
C SER A 66 8.50 22.75 -65.77
N LEU A 67 7.75 23.01 -66.83
CA LEU A 67 6.98 24.23 -66.96
C LEU A 67 5.56 23.96 -66.49
N VAL A 68 4.86 24.99 -66.06
CA VAL A 68 3.46 24.86 -65.69
C VAL A 68 2.64 25.96 -66.37
N ARG A 69 1.78 25.57 -67.28
CA ARG A 69 0.69 26.46 -67.63
C ARG A 69 -0.32 26.47 -66.50
N PHE A 70 -0.70 27.67 -66.07
CA PHE A 70 -1.65 27.75 -64.97
C PHE A 70 -3.04 27.29 -65.39
N LEU A 71 -3.39 27.48 -66.65
CA LEU A 71 -4.62 26.90 -67.16
C LEU A 71 -4.53 25.38 -67.22
N GLU A 72 -3.33 24.82 -67.25
CA GLU A 72 -3.12 23.38 -67.15
C GLU A 72 -2.96 23.04 -65.68
N LEU A 73 -3.92 23.47 -64.87
CA LEU A 73 -3.95 23.24 -63.44
C LEU A 73 -5.38 23.48 -62.99
N GLY A 74 -5.86 22.72 -62.00
CA GLY A 74 -7.27 22.72 -61.68
C GLY A 74 -7.78 23.98 -61.02
N LEU A 75 -6.88 24.85 -60.58
CA LEU A 75 -7.28 26.07 -59.89
C LEU A 75 -7.95 27.08 -60.81
N SER A 76 -7.61 27.10 -62.09
CA SER A 76 -8.01 28.18 -62.98
C SER A 76 -9.49 28.20 -63.33
N VAL A 77 -10.29 27.28 -62.80
CA VAL A 77 -11.73 27.45 -62.86
C VAL A 77 -12.18 28.54 -61.87
N ALA A 78 -11.37 28.82 -60.86
CA ALA A 78 -11.69 29.91 -59.94
C ALA A 78 -11.20 31.26 -60.45
N CYS A 79 -10.48 31.29 -61.56
CA CYS A 79 -9.97 32.54 -62.12
C CYS A 79 -10.58 32.74 -63.49
N VAL A 80 -10.47 33.96 -63.99
CA VAL A 80 -10.84 34.25 -65.37
C VAL A 80 -9.59 34.84 -66.04
N CYS A 81 -8.81 33.99 -66.69
CA CYS A 81 -7.58 34.44 -67.34
C CYS A 81 -7.92 35.26 -68.57
N THR A 82 -8.01 36.57 -68.38
CA THR A 82 -8.27 37.51 -69.46
C THR A 82 -7.16 38.55 -69.50
N LYS A 83 -6.68 38.82 -70.70
CA LYS A 83 -5.51 39.66 -70.88
C LYS A 83 -5.92 41.10 -71.14
N PHE A 84 -4.99 42.02 -70.92
CA PHE A 84 -5.21 43.45 -71.12
C PHE A 84 -3.85 44.09 -71.38
N PRO A 85 -3.51 44.35 -72.63
CA PRO A 85 -2.13 44.76 -72.94
C PRO A 85 -1.80 46.20 -72.60
N GLU A 86 -2.76 46.98 -72.13
CA GLU A 86 -2.49 48.38 -71.82
C GLU A 86 -2.82 48.73 -70.39
N LEU A 87 -2.39 47.91 -69.42
CA LEU A 87 -2.69 48.15 -68.01
C LEU A 87 -2.14 49.45 -67.52
N ALA A 88 -0.86 49.73 -67.79
CA ALA A 88 -0.10 50.70 -67.01
C ALA A 88 -0.58 52.13 -67.21
N TYR A 89 -1.57 52.34 -68.08
CA TYR A 89 -2.21 53.63 -68.22
C TYR A 89 -3.65 53.62 -67.73
N MET A 90 -4.14 52.51 -67.18
CA MET A 90 -5.57 52.41 -66.92
C MET A 90 -5.95 53.13 -65.63
N ASN A 91 -5.07 53.08 -64.63
CA ASN A 91 -5.02 53.94 -63.45
C ASN A 91 -6.19 53.77 -62.47
N GLU A 92 -7.27 53.09 -62.88
CA GLU A 92 -8.51 52.96 -62.12
C GLU A 92 -9.36 51.87 -62.74
N GLY A 93 -10.41 51.47 -62.03
CA GLY A 93 -11.42 50.60 -62.58
C GLY A 93 -12.56 50.45 -61.59
N ARG A 94 -13.70 49.99 -62.10
CA ARG A 94 -14.90 49.85 -61.28
C ARG A 94 -15.93 48.98 -61.99
N VAL A 95 -16.91 48.53 -61.20
CA VAL A 95 -18.10 47.80 -61.65
C VAL A 95 -19.29 48.28 -60.83
N GLN A 96 -20.38 48.69 -61.49
CA GLN A 96 -21.41 49.41 -60.74
C GLN A 96 -22.56 48.50 -60.29
N PHE A 97 -22.60 47.24 -60.75
CA PHE A 97 -23.28 46.11 -60.08
C PHE A 97 -24.75 46.36 -59.73
N GLU A 98 -25.57 46.43 -60.76
CA GLU A 98 -27.02 46.52 -60.57
C GLU A 98 -27.60 45.15 -60.24
N VAL A 99 -28.24 45.04 -59.07
CA VAL A 99 -28.94 43.82 -58.66
C VAL A 99 -30.30 44.17 -58.07
N HIS A 100 -31.23 43.24 -58.20
CA HIS A 100 -32.65 43.48 -57.95
C HIS A 100 -33.21 42.34 -57.13
N GLN A 101 -34.37 42.56 -56.52
CA GLN A 101 -34.91 41.58 -55.59
C GLN A 101 -36.35 41.21 -55.91
N PRO A 102 -36.76 39.99 -55.56
CA PRO A 102 -38.18 39.61 -55.70
C PRO A 102 -38.99 39.88 -54.44
N LEU A 103 -40.31 39.94 -54.57
CA LEU A 103 -41.18 40.27 -53.44
C LEU A 103 -42.19 39.18 -53.21
N ILE A 104 -42.82 39.24 -52.04
CA ILE A 104 -43.95 38.39 -51.72
C ILE A 104 -45.11 39.37 -51.58
N ALA A 105 -46.32 38.86 -51.33
CA ALA A 105 -47.54 39.64 -51.31
C ALA A 105 -48.24 39.41 -49.97
N ARG A 106 -47.53 39.81 -48.90
CA ARG A 106 -47.97 39.73 -47.51
C ARG A 106 -49.42 40.19 -47.31
N ASP A 107 -50.09 39.58 -46.34
CA ASP A 107 -51.49 39.83 -46.08
C ASP A 107 -51.69 40.25 -44.64
N GLY A 108 -52.48 41.28 -44.42
CA GLY A 108 -52.95 41.60 -43.10
C GLY A 108 -52.14 42.64 -42.36
N PRO A 109 -51.96 42.43 -41.05
CA PRO A 109 -51.59 43.50 -40.11
C PRO A 109 -50.13 43.91 -40.18
N HIS A 110 -49.68 44.29 -41.37
CA HIS A 110 -48.28 44.53 -41.61
C HIS A 110 -48.12 45.64 -42.64
N PRO A 111 -46.97 46.31 -42.70
CA PRO A 111 -46.72 47.24 -43.81
C PRO A 111 -46.69 46.53 -45.15
N VAL A 112 -47.08 47.26 -46.20
CA VAL A 112 -47.08 46.69 -47.54
C VAL A 112 -45.66 46.62 -48.06
N GLU A 113 -45.24 45.43 -48.47
CA GLU A 113 -43.92 45.23 -49.04
C GLU A 113 -43.78 45.97 -50.35
N GLN A 114 -42.70 46.74 -50.47
CA GLN A 114 -42.47 47.55 -51.66
C GLN A 114 -41.18 47.12 -52.34
N PRO A 115 -41.10 47.23 -53.66
CA PRO A 115 -39.90 46.75 -54.35
C PRO A 115 -38.71 47.66 -54.10
N VAL A 116 -37.56 47.02 -53.91
CA VAL A 116 -36.33 47.74 -53.64
C VAL A 116 -35.27 47.26 -54.62
N HIS A 117 -34.35 48.17 -54.93
CA HIS A 117 -33.22 47.86 -55.78
C HIS A 117 -31.98 48.45 -55.12
N ASN A 118 -30.85 47.77 -55.29
CA ASN A 118 -29.64 48.12 -54.57
C ASN A 118 -28.46 48.18 -55.52
N TYR A 119 -27.85 49.35 -55.61
CA TYR A 119 -26.71 49.61 -56.46
C TYR A 119 -25.48 49.76 -55.58
N MET A 120 -24.42 49.04 -55.90
CA MET A 120 -23.20 49.11 -55.10
C MET A 120 -22.00 49.27 -56.02
N THR A 121 -20.96 49.90 -55.47
CA THR A 121 -19.78 50.24 -56.27
C THR A 121 -18.53 49.76 -55.55
N LYS A 122 -17.76 48.90 -56.20
CA LYS A 122 -16.58 48.28 -55.62
C LYS A 122 -15.40 48.38 -56.58
N VAL A 123 -14.23 48.70 -56.01
CA VAL A 123 -13.12 49.29 -56.73
C VAL A 123 -12.04 48.23 -56.92
N ILE A 124 -11.32 48.30 -58.05
CA ILE A 124 -10.34 47.29 -58.39
C ILE A 124 -9.03 47.56 -57.66
N ASP A 125 -8.09 46.63 -57.76
CA ASP A 125 -6.83 46.69 -57.04
C ASP A 125 -5.65 46.46 -57.97
N ARG A 126 -4.59 47.26 -57.78
CA ARG A 126 -3.36 47.16 -58.56
C ARG A 126 -2.23 46.55 -57.74
N ARG A 127 -1.63 45.48 -58.25
CA ARG A 127 -0.42 44.96 -57.68
C ARG A 127 0.59 44.65 -58.79
N ALA A 128 1.80 44.27 -58.38
CA ALA A 128 2.89 44.10 -59.31
C ALA A 128 3.80 42.96 -58.87
N LEU A 129 4.39 42.29 -59.85
CA LEU A 129 5.31 41.19 -59.60
C LEU A 129 6.64 41.51 -60.25
N ASN A 130 7.66 40.71 -59.96
CA ASN A 130 9.02 40.98 -60.42
C ASN A 130 9.90 39.73 -60.32
N ALA A 131 10.92 39.72 -61.17
CA ALA A 131 12.00 38.73 -61.15
C ALA A 131 13.14 39.27 -61.98
N ALA A 132 14.35 38.79 -61.71
CA ALA A 132 15.55 39.38 -62.31
C ALA A 132 16.62 38.32 -62.49
N PHE A 133 17.05 38.12 -63.74
CA PHE A 133 18.17 37.24 -64.05
C PHE A 133 19.44 38.04 -64.40
N SER A 134 20.22 38.39 -63.38
CA SER A 134 21.50 39.06 -63.58
C SER A 134 22.44 38.17 -64.38
N LEU A 135 22.90 38.68 -65.51
CA LEU A 135 23.67 37.89 -66.45
C LEU A 135 25.17 38.09 -66.21
N ALA A 136 25.93 37.01 -66.41
CA ALA A 136 27.33 36.94 -66.01
C ALA A 136 28.21 37.75 -66.95
N THR A 137 29.10 38.55 -66.35
CA THR A 137 29.80 39.66 -66.98
C THR A 137 30.62 39.31 -68.21
N GLU A 138 31.57 38.39 -68.06
CA GLU A 138 32.44 38.03 -69.17
C GLU A 138 31.68 37.28 -70.25
N ALA A 139 30.62 36.58 -69.85
CA ALA A 139 29.82 35.81 -70.79
C ALA A 139 29.02 36.73 -71.71
N ILE A 140 28.70 37.93 -71.22
CA ILE A 140 28.07 38.96 -72.06
C ILE A 140 29.01 39.34 -73.19
N ALA A 141 30.29 39.54 -72.86
CA ALA A 141 31.29 39.85 -73.86
C ALA A 141 31.51 38.67 -74.79
N LEU A 142 31.33 37.46 -74.26
CA LEU A 142 31.52 36.26 -75.05
C LEU A 142 30.38 36.05 -76.04
N LEU A 143 29.19 36.58 -75.72
CA LEU A 143 28.07 36.40 -76.62
C LEU A 143 27.94 37.58 -77.59
N THR A 144 28.34 38.77 -77.16
CA THR A 144 28.06 39.98 -77.93
C THR A 144 29.01 40.15 -79.10
N GLY A 145 30.00 39.28 -79.22
CA GLY A 145 31.06 39.50 -80.17
C GLY A 145 32.25 40.14 -79.48
N GLU A 146 33.30 40.34 -80.27
CA GLU A 146 34.56 40.97 -79.89
C GLU A 146 35.30 40.24 -78.77
N ALA A 147 34.98 38.95 -78.56
CA ALA A 147 35.93 38.04 -77.93
C ALA A 147 35.80 36.73 -78.67
N LEU A 148 36.52 36.63 -79.79
CA LEU A 148 36.48 35.45 -80.64
C LEU A 148 37.80 35.38 -81.37
N ASP A 149 38.32 34.17 -81.57
CA ASP A 149 39.59 33.97 -82.26
C ASP A 149 39.46 33.02 -83.43
N GLY A 150 38.25 32.70 -83.86
CA GLY A 150 38.05 31.76 -84.93
C GLY A 150 38.40 30.33 -84.60
N THR A 151 38.48 29.98 -83.32
CA THR A 151 38.85 28.64 -82.93
C THR A 151 37.68 27.90 -82.32
N GLY A 152 37.78 26.58 -82.28
CA GLY A 152 36.73 25.77 -81.71
C GLY A 152 36.60 25.94 -80.21
N ILE A 153 37.63 26.45 -79.55
CA ILE A 153 37.52 26.81 -78.16
C ILE A 153 36.51 27.95 -78.00
N SER A 154 36.49 28.86 -78.97
CA SER A 154 35.66 30.05 -78.84
C SER A 154 34.18 29.72 -79.02
N LEU A 155 33.86 28.89 -80.00
CA LEU A 155 32.46 28.60 -80.30
C LEU A 155 31.82 27.75 -79.22
N HIS A 156 32.59 26.85 -78.61
CA HIS A 156 32.11 26.17 -77.41
C HIS A 156 31.85 27.16 -76.30
N ARG A 157 32.75 28.13 -76.12
CA ARG A 157 32.55 29.13 -75.09
C ARG A 157 31.37 30.03 -75.42
N GLN A 158 31.19 30.35 -76.70
CA GLN A 158 30.06 31.18 -77.09
C GLN A 158 28.76 30.45 -76.87
N LEU A 159 28.75 29.14 -77.13
CA LEU A 159 27.49 28.42 -77.06
C LEU A 159 27.12 28.13 -75.63
N ARG A 160 28.12 28.05 -74.75
CA ARG A 160 27.86 27.77 -73.33
C ARG A 160 27.08 28.89 -72.66
N ALA A 161 27.41 30.14 -73.01
CA ALA A 161 26.72 31.27 -72.39
C ALA A 161 25.25 31.32 -72.81
N ILE A 162 24.98 30.94 -74.06
CA ILE A 162 23.61 30.88 -74.53
C ILE A 162 22.87 29.69 -73.93
N GLN A 163 23.58 28.57 -73.74
CA GLN A 163 22.98 27.43 -73.04
C GLN A 163 22.82 27.68 -71.55
N GLN A 164 23.40 28.77 -71.04
CA GLN A 164 22.99 29.25 -69.74
C GLN A 164 21.83 30.25 -69.87
N LEU A 165 21.95 31.18 -70.81
CA LEU A 165 20.98 32.26 -70.98
C LEU A 165 19.60 31.75 -71.31
N ALA A 166 19.52 30.78 -72.21
CA ALA A 166 18.25 30.15 -72.52
C ALA A 166 17.74 29.38 -71.32
N ARG A 167 18.65 28.75 -70.59
CA ARG A 167 18.29 28.07 -69.36
C ARG A 167 17.95 29.08 -68.27
N ASN A 168 18.56 30.27 -68.34
CA ASN A 168 18.17 31.33 -67.42
C ASN A 168 16.82 31.93 -67.78
N VAL A 169 16.58 32.20 -69.06
CA VAL A 169 15.37 32.94 -69.43
C VAL A 169 14.15 32.04 -69.32
N GLN A 170 14.35 30.73 -69.40
CA GLN A 170 13.23 29.81 -69.26
C GLN A 170 12.79 29.74 -67.80
N ALA A 171 13.70 30.10 -66.88
CA ALA A 171 13.36 30.11 -65.47
C ALA A 171 12.39 31.24 -65.14
N VAL A 172 12.70 32.45 -65.60
CA VAL A 172 11.85 33.59 -65.27
C VAL A 172 10.56 33.56 -66.08
N LEU A 173 10.59 32.89 -67.22
CA LEU A 173 9.35 32.70 -67.97
C LEU A 173 8.42 31.76 -67.24
N GLY A 174 8.96 30.75 -66.59
CA GLY A 174 8.14 29.89 -65.76
C GLY A 174 7.81 30.53 -64.43
N ALA A 175 8.51 31.62 -64.09
CA ALA A 175 8.36 32.21 -62.77
C ALA A 175 7.04 32.94 -62.64
N PHE A 176 6.71 33.77 -63.62
CA PHE A 176 5.42 34.45 -63.58
C PHE A 176 4.29 33.48 -63.84
N GLU A 177 4.58 32.38 -64.53
CA GLU A 177 3.61 31.29 -64.63
C GLU A 177 3.38 30.66 -63.27
N ARG A 178 4.46 30.45 -62.52
CA ARG A 178 4.31 29.98 -61.14
C ARG A 178 3.75 31.08 -60.25
N GLY A 179 4.32 32.28 -60.34
CA GLY A 179 4.02 33.35 -59.41
C GLY A 179 2.59 33.87 -59.45
N THR A 180 1.99 33.82 -60.63
CA THR A 180 0.57 34.12 -60.74
C THR A 180 -0.24 33.16 -59.90
N ALA A 181 0.01 31.85 -60.06
CA ALA A 181 -0.62 30.79 -59.30
C ALA A 181 -0.36 30.93 -57.81
N ASP A 182 0.84 31.40 -57.47
CA ASP A 182 1.13 31.74 -56.08
C ASP A 182 0.22 32.86 -55.60
N GLN A 183 0.00 33.85 -56.47
CA GLN A 183 -0.78 35.01 -56.06
C GLN A 183 -2.25 34.69 -56.07
N MET A 184 -2.62 33.62 -56.78
CA MET A 184 -4.01 33.18 -56.89
C MET A 184 -4.59 32.83 -55.53
N LEU A 185 -3.77 32.35 -54.62
CA LEU A 185 -4.32 31.88 -53.35
C LEU A 185 -4.39 32.98 -52.32
N HIS A 186 -3.56 34.02 -52.46
CA HIS A 186 -3.42 35.01 -51.40
C HIS A 186 -4.65 35.88 -51.26
N VAL A 187 -5.25 36.29 -52.37
CA VAL A 187 -6.44 37.13 -52.23
C VAL A 187 -7.65 36.27 -51.91
N LEU A 188 -7.55 34.96 -52.14
CA LEU A 188 -8.65 34.09 -51.76
C LEU A 188 -8.64 33.84 -50.26
N LEU A 189 -7.49 34.05 -49.62
CA LEU A 189 -7.41 33.89 -48.17
C LEU A 189 -7.48 35.22 -47.43
N GLU A 190 -7.35 36.34 -48.15
CA GLU A 190 -7.67 37.62 -47.53
C GLU A 190 -9.15 37.70 -47.20
N LYS A 191 -9.97 37.05 -48.03
CA LYS A 191 -11.36 36.74 -47.75
C LYS A 191 -11.47 35.37 -47.11
N ALA A 192 -12.68 34.80 -47.18
CA ALA A 192 -13.04 33.44 -46.83
C ALA A 192 -12.81 33.12 -45.35
N PRO A 193 -13.67 33.59 -44.46
CA PRO A 193 -13.57 33.22 -43.05
C PRO A 193 -13.81 31.73 -42.88
N PRO A 194 -13.24 31.11 -41.84
CA PRO A 194 -13.26 29.65 -41.73
C PRO A 194 -14.65 29.06 -41.52
N LEU A 195 -14.74 27.75 -41.75
CA LEU A 195 -15.98 27.01 -41.89
C LEU A 195 -16.83 27.05 -40.63
N ALA A 196 -16.15 27.03 -39.48
CA ALA A 196 -16.83 26.85 -38.21
C ALA A 196 -17.72 28.03 -37.87
N LEU A 197 -17.23 29.25 -38.08
CA LEU A 197 -18.06 30.39 -37.72
C LEU A 197 -18.89 30.83 -38.91
N LEU A 198 -18.56 30.33 -40.10
CA LEU A 198 -19.35 30.67 -41.28
C LEU A 198 -20.69 29.94 -41.22
N LEU A 199 -20.71 28.79 -40.59
CA LEU A 199 -21.86 27.91 -40.69
C LEU A 199 -23.09 28.40 -39.92
N PRO A 200 -23.00 29.00 -38.72
CA PRO A 200 -24.22 29.62 -38.17
C PRO A 200 -24.54 30.94 -38.83
N MET A 201 -23.56 31.52 -39.52
CA MET A 201 -23.73 32.84 -40.12
C MET A 201 -24.70 32.76 -41.27
N GLN A 202 -24.45 31.83 -42.19
CA GLN A 202 -25.39 31.55 -43.28
C GLN A 202 -26.74 31.11 -42.76
N ARG A 203 -26.76 30.32 -41.67
CA ARG A 203 -27.97 29.91 -40.98
C ARG A 203 -28.80 31.12 -40.54
N TYR A 204 -28.15 32.14 -39.97
CA TYR A 204 -28.90 33.32 -39.57
C TYR A 204 -29.24 34.20 -40.76
N LEU A 205 -28.37 34.26 -41.76
CA LEU A 205 -28.42 35.33 -42.75
C LEU A 205 -29.65 35.30 -43.64
N ASP A 206 -30.10 34.11 -44.03
CA ASP A 206 -31.16 34.00 -45.03
C ASP A 206 -32.52 33.88 -44.36
N ASN A 207 -32.82 34.77 -43.43
CA ASN A 207 -34.19 34.81 -42.94
C ASN A 207 -34.76 36.23 -42.95
N GLY A 208 -33.92 37.20 -42.62
CA GLY A 208 -34.38 38.55 -42.40
C GLY A 208 -34.75 38.78 -40.94
N THR A 212 -31.90 43.01 -35.46
CA THR A 212 -32.69 42.27 -34.49
C THR A 212 -31.86 42.08 -33.22
N ARG A 213 -32.39 42.56 -32.09
CA ARG A 213 -31.62 42.63 -30.85
C ARG A 213 -31.29 41.28 -30.24
N VAL A 214 -32.31 40.46 -29.99
CA VAL A 214 -32.09 39.21 -29.26
C VAL A 214 -31.37 38.21 -30.15
N ALA A 215 -31.67 38.25 -31.44
CA ALA A 215 -31.01 37.40 -32.42
C ALA A 215 -29.54 37.74 -32.55
N ARG A 216 -29.21 39.01 -32.33
CA ARG A 216 -27.81 39.43 -32.28
C ARG A 216 -27.10 38.74 -31.13
N ALA A 217 -27.78 38.57 -30.00
CA ALA A 217 -27.19 37.87 -28.87
C ALA A 217 -27.09 36.38 -29.15
N THR A 218 -28.19 35.77 -29.61
CA THR A 218 -28.24 34.32 -29.74
C THR A 218 -27.39 33.83 -30.91
N LEU A 219 -27.02 34.72 -31.81
CA LEU A 219 -26.09 34.34 -32.85
C LEU A 219 -24.72 34.08 -32.23
N VAL A 220 -24.24 35.04 -31.45
CA VAL A 220 -22.86 35.09 -30.98
C VAL A 220 -22.57 33.95 -30.01
N ALA A 221 -23.51 33.67 -29.12
CA ALA A 221 -23.35 32.58 -28.16
C ALA A 221 -23.36 31.24 -28.88
N GLU A 222 -24.15 31.15 -29.94
CA GLU A 222 -24.14 29.94 -30.75
C GLU A 222 -22.91 29.93 -31.63
N LEU A 223 -22.37 31.10 -31.92
CA LEU A 223 -21.21 31.21 -32.78
C LEU A 223 -19.96 30.72 -32.08
N LYS A 224 -19.58 31.41 -31.00
CA LYS A 224 -18.26 31.20 -30.41
C LYS A 224 -18.14 29.84 -29.75
N ARG A 225 -19.26 29.34 -29.21
CA ARG A 225 -19.21 28.06 -28.52
C ARG A 225 -19.19 26.93 -29.54
N SER A 226 -19.62 27.21 -30.77
CA SER A 226 -19.39 26.24 -31.84
C SER A 226 -17.93 26.22 -32.26
N PHE A 227 -17.25 27.36 -32.16
CA PHE A 227 -15.86 27.41 -32.58
C PHE A 227 -14.96 26.72 -31.58
N CYS A 228 -15.40 26.66 -30.32
CA CYS A 228 -14.72 25.86 -29.29
C CYS A 228 -14.99 24.39 -29.51
N ASP A 229 -15.99 24.08 -30.33
CA ASP A 229 -16.54 22.74 -30.39
C ASP A 229 -16.39 22.10 -31.76
N THR A 230 -16.19 22.85 -32.83
CA THR A 230 -16.23 22.29 -34.16
C THR A 230 -14.97 22.55 -34.97
N SER A 231 -14.18 23.53 -34.54
CA SER A 231 -12.92 23.83 -35.19
C SER A 231 -11.95 22.67 -35.00
N PHE A 232 -11.02 22.51 -35.96
CA PHE A 232 -10.13 21.36 -36.06
C PHE A 232 -10.90 20.05 -36.09
N PHE A 233 -11.73 19.87 -37.11
CA PHE A 233 -12.73 18.82 -37.02
C PHE A 233 -12.12 17.45 -37.26
N LEU A 234 -11.26 17.33 -38.26
CA LEU A 234 -10.81 16.00 -38.63
C LEU A 234 -9.78 15.47 -37.66
N GLY A 235 -9.16 16.37 -36.90
CA GLY A 235 -8.23 15.93 -35.87
C GLY A 235 -8.93 15.30 -34.70
N LYS A 236 -10.07 15.83 -34.29
CA LYS A 236 -10.65 15.38 -33.04
C LYS A 236 -11.56 14.17 -33.22
N ALA A 237 -12.07 13.95 -34.43
CA ALA A 237 -12.92 12.81 -34.70
C ALA A 237 -12.53 12.19 -36.03
N GLY A 238 -11.57 11.27 -35.99
CA GLY A 238 -11.14 10.59 -37.19
C GLY A 238 -11.79 9.22 -37.31
N HIS A 239 -12.76 8.96 -36.44
CA HIS A 239 -13.40 7.65 -36.42
C HIS A 239 -14.59 7.58 -37.35
N ARG A 240 -15.58 8.43 -37.11
CA ARG A 240 -16.90 8.34 -37.72
C ARG A 240 -16.80 8.76 -39.17
N ARG A 241 -16.99 7.80 -40.09
CA ARG A 241 -16.98 8.11 -41.51
C ARG A 241 -18.15 9.01 -41.87
N GLU A 242 -19.27 8.85 -41.16
CA GLU A 242 -20.45 9.67 -41.41
C GLU A 242 -20.24 11.10 -40.98
N ALA A 243 -19.43 11.30 -39.94
CA ALA A 243 -19.21 12.66 -39.45
C ALA A 243 -18.32 13.44 -40.41
N ILE A 244 -17.35 12.77 -41.02
CA ILE A 244 -16.55 13.42 -42.04
C ILE A 244 -17.39 13.63 -43.29
N GLU A 245 -18.34 12.72 -43.52
CA GLU A 245 -19.26 12.83 -44.65
C GLU A 245 -20.13 14.06 -44.53
N ALA A 246 -20.71 14.27 -43.34
CA ALA A 246 -21.62 15.40 -43.12
C ALA A 246 -20.84 16.71 -43.12
N TRP A 247 -19.60 16.68 -42.65
CA TRP A 247 -18.73 17.84 -42.66
C TRP A 247 -18.47 18.33 -44.07
N LEU A 248 -18.27 17.38 -44.98
CA LEU A 248 -17.73 17.73 -46.29
C LEU A 248 -18.83 18.18 -47.24
N VAL A 249 -20.03 17.60 -47.13
CA VAL A 249 -21.15 18.09 -47.92
C VAL A 249 -21.61 19.44 -47.39
N ASP A 250 -21.32 19.71 -46.11
CA ASP A 250 -21.60 21.03 -45.57
C ASP A 250 -20.55 22.02 -46.02
N LEU A 251 -19.34 21.53 -46.31
CA LEU A 251 -18.26 22.41 -46.76
C LEU A 251 -18.58 23.05 -48.10
N THR A 252 -19.03 22.25 -49.07
CA THR A 252 -19.29 22.75 -50.41
C THR A 252 -20.52 23.63 -50.44
N THR A 253 -21.52 23.29 -49.64
CA THR A 253 -22.86 23.82 -49.84
C THR A 253 -23.05 25.09 -49.04
N ALA A 254 -22.04 25.44 -48.26
CA ALA A 254 -22.15 26.61 -47.39
C ALA A 254 -22.04 27.90 -48.19
N THR A 255 -21.07 27.97 -49.11
CA THR A 255 -20.89 29.20 -49.89
C THR A 255 -21.93 29.34 -50.98
N GLN A 256 -21.99 30.51 -51.58
CA GLN A 256 -22.89 30.81 -52.68
C GLN A 256 -22.06 31.17 -53.90
N PRO A 257 -22.42 30.71 -55.11
CA PRO A 257 -21.64 31.09 -56.29
C PRO A 257 -21.78 32.55 -56.67
N SER A 258 -21.03 32.99 -57.68
CA SER A 258 -21.18 34.32 -58.22
C SER A 258 -21.83 34.17 -59.59
N VAL A 259 -22.02 35.28 -60.28
CA VAL A 259 -22.71 35.24 -61.57
C VAL A 259 -21.82 34.52 -62.56
N ALA A 260 -22.40 33.58 -63.28
CA ALA A 260 -21.61 32.66 -64.08
C ALA A 260 -21.08 33.34 -65.34
N VAL A 261 -19.96 32.85 -65.83
CA VAL A 261 -19.42 33.29 -67.10
C VAL A 261 -19.37 32.08 -68.02
N PRO A 262 -20.16 32.04 -69.07
CA PRO A 262 -20.33 30.80 -69.84
C PRO A 262 -19.16 30.51 -70.76
N ARG A 263 -18.31 31.52 -70.95
CA ARG A 263 -17.07 31.31 -71.66
C ARG A 263 -16.14 30.39 -70.88
N LEU A 264 -16.27 30.38 -69.56
CA LEU A 264 -15.43 29.58 -68.69
C LEU A 264 -15.94 28.13 -68.71
N THR A 265 -15.63 27.45 -69.80
CA THR A 265 -15.90 26.01 -69.85
C THR A 265 -14.65 25.27 -69.41
N HIS A 266 -14.10 25.68 -68.27
CA HIS A 266 -12.84 25.14 -67.79
C HIS A 266 -13.04 23.77 -67.18
N ALA A 267 -14.28 23.38 -67.00
CA ALA A 267 -14.65 22.35 -66.05
C ALA A 267 -15.78 21.52 -66.62
N ASP A 268 -15.44 20.38 -67.20
CA ASP A 268 -16.40 19.40 -67.68
C ASP A 268 -15.64 18.12 -67.94
N THR A 269 -16.24 17.00 -67.54
CA THR A 269 -15.62 15.70 -67.73
C THR A 269 -16.68 14.71 -68.18
N ARG A 270 -16.62 14.29 -69.45
CA ARG A 270 -17.67 13.51 -70.11
C ARG A 270 -19.01 14.24 -69.98
N GLY A 271 -18.97 15.54 -70.26
CA GLY A 271 -20.06 16.42 -69.87
C GLY A 271 -19.92 16.83 -68.41
N ARG A 272 -21.08 17.09 -67.78
CA ARG A 272 -21.27 17.26 -66.35
C ARG A 272 -20.35 18.32 -65.77
N PRO A 273 -20.66 19.61 -65.97
CA PRO A 273 -19.70 20.66 -65.61
C PRO A 273 -19.47 20.77 -64.11
N VAL A 274 -18.32 21.33 -63.75
CA VAL A 274 -17.75 21.20 -62.42
C VAL A 274 -17.68 22.58 -61.79
N ASP A 275 -17.99 22.68 -60.51
CA ASP A 275 -18.04 23.96 -59.84
C ASP A 275 -17.35 23.98 -58.48
N GLY A 276 -16.25 23.24 -58.31
CA GLY A 276 -15.64 23.25 -56.99
C GLY A 276 -14.14 23.16 -57.07
N VAL A 277 -13.51 23.86 -56.12
CA VAL A 277 -12.06 23.85 -55.97
C VAL A 277 -11.73 23.46 -54.54
N LEU A 278 -10.92 22.42 -54.38
CA LEU A 278 -10.33 22.09 -53.08
C LEU A 278 -8.82 22.18 -53.18
N VAL A 279 -8.23 23.07 -52.41
CA VAL A 279 -6.79 23.22 -52.31
C VAL A 279 -6.35 22.83 -50.91
N THR A 280 -5.52 21.79 -50.83
CA THR A 280 -5.15 21.19 -49.56
C THR A 280 -3.63 21.15 -49.50
N THR A 281 -3.10 20.38 -48.55
CA THR A 281 -1.71 19.96 -48.59
C THR A 281 -1.66 18.54 -49.09
N ALA A 282 -0.44 18.07 -49.37
CA ALA A 282 -0.26 16.72 -49.87
C ALA A 282 -0.65 15.68 -48.84
N ALA A 283 -0.44 15.99 -47.56
CA ALA A 283 -0.75 15.04 -46.51
C ALA A 283 -2.26 14.90 -46.32
N ILE A 284 -3.00 15.98 -46.56
CA ILE A 284 -4.45 15.98 -46.47
C ILE A 284 -4.99 15.08 -47.56
N LYS A 285 -4.39 15.17 -48.74
CA LYS A 285 -4.85 14.44 -49.92
C LYS A 285 -4.71 12.93 -49.74
N GLN A 286 -3.72 12.51 -48.97
CA GLN A 286 -3.50 11.10 -48.67
C GLN A 286 -4.63 10.54 -47.83
N ARG A 287 -4.96 11.23 -46.74
CA ARG A 287 -5.97 10.71 -45.83
C ARG A 287 -7.36 10.86 -46.43
N LEU A 288 -7.57 11.87 -47.25
CA LEU A 288 -8.88 12.10 -47.83
C LEU A 288 -9.21 11.04 -48.87
N LEU A 289 -8.20 10.57 -49.58
CA LEU A 289 -8.45 9.50 -50.54
C LEU A 289 -8.12 8.15 -49.94
N GLN A 290 -7.83 8.10 -48.63
CA GLN A 290 -7.54 6.81 -48.03
C GLN A 290 -8.80 5.96 -47.87
N SER A 291 -9.76 6.38 -47.06
CA SER A 291 -11.05 5.72 -47.08
C SER A 291 -12.16 6.73 -46.84
N PHE A 292 -12.61 7.37 -47.92
CA PHE A 292 -13.64 8.40 -47.93
C PHE A 292 -14.18 8.48 -49.34
N LEU A 293 -14.56 9.68 -49.82
CA LEU A 293 -14.99 9.76 -51.25
C LEU A 293 -13.78 9.44 -52.13
N LYS A 294 -13.90 8.41 -52.98
CA LYS A 294 -12.78 7.99 -53.85
C LYS A 294 -12.81 8.78 -55.17
N VAL A 295 -11.82 8.55 -56.03
CA VAL A 295 -11.80 9.16 -57.40
C VAL A 295 -13.13 8.85 -58.07
N GLU A 296 -13.86 9.91 -58.48
CA GLU A 296 -15.22 9.72 -59.05
C GLU A 296 -15.12 9.39 -60.54
N ASP A 297 -14.21 8.47 -60.90
CA ASP A 297 -14.08 8.06 -62.30
C ASP A 297 -13.78 9.22 -63.24
N THR A 298 -13.18 10.28 -62.73
CA THR A 298 -12.96 11.42 -63.62
C THR A 298 -11.64 11.35 -64.37
N GLU A 299 -10.54 11.62 -63.67
CA GLU A 299 -9.15 11.54 -64.15
C GLU A 299 -8.82 12.32 -65.43
N ALA A 300 -9.77 13.11 -65.96
CA ALA A 300 -9.68 13.58 -67.33
C ALA A 300 -10.20 15.01 -67.49
N ASP A 301 -9.73 15.94 -66.67
CA ASP A 301 -10.23 17.31 -66.66
C ASP A 301 -9.99 18.01 -68.00
N VAL A 302 -10.97 18.83 -68.39
CA VAL A 302 -10.97 19.50 -69.69
C VAL A 302 -10.98 21.01 -69.48
N PRO A 303 -9.83 21.66 -69.36
CA PRO A 303 -9.79 23.11 -69.26
C PRO A 303 -9.78 23.78 -70.62
N VAL A 304 -9.54 25.09 -70.60
CA VAL A 304 -9.61 25.94 -71.78
C VAL A 304 -8.25 26.56 -72.08
N THR A 305 -8.21 27.44 -73.08
CA THR A 305 -7.03 28.20 -73.44
C THR A 305 -7.32 29.64 -73.04
N TYR A 306 -6.41 30.56 -73.37
CA TYR A 306 -6.41 31.91 -72.81
C TYR A 306 -7.62 32.73 -73.24
N GLY A 307 -7.96 33.74 -72.42
CA GLY A 307 -8.94 34.73 -72.83
C GLY A 307 -8.27 36.01 -73.31
N GLU A 308 -9.06 36.88 -73.95
CA GLU A 308 -8.51 37.98 -74.70
C GLU A 308 -9.37 39.23 -74.52
N MET A 309 -8.71 40.38 -74.48
CA MET A 309 -9.34 41.70 -74.48
C MET A 309 -8.29 42.74 -74.82
N VAL A 310 -8.57 43.58 -75.82
CA VAL A 310 -7.68 44.67 -76.19
C VAL A 310 -8.47 45.95 -76.33
N LEU A 311 -7.79 46.99 -76.77
CA LEU A 311 -8.40 48.28 -77.07
C LEU A 311 -8.41 48.46 -78.58
N ASN A 312 -9.60 48.66 -79.13
CA ASN A 312 -9.78 48.98 -80.54
C ASN A 312 -11.03 49.81 -80.73
N GLY A 313 -11.17 50.36 -81.92
CA GLY A 313 -12.34 51.16 -82.22
C GLY A 313 -12.29 52.47 -81.49
N ALA A 314 -13.45 52.93 -81.05
CA ALA A 314 -13.56 54.21 -80.37
C ALA A 314 -13.05 54.16 -78.93
N ASN A 315 -12.63 52.99 -78.45
CA ASN A 315 -11.96 52.91 -77.16
C ASN A 315 -10.69 53.75 -77.15
N LEU A 316 -9.89 53.67 -78.21
CA LEU A 316 -8.73 54.55 -78.35
C LEU A 316 -9.17 55.99 -78.46
N VAL A 317 -10.29 56.23 -79.14
CA VAL A 317 -10.85 57.57 -79.22
C VAL A 317 -11.30 58.03 -77.86
N THR A 318 -11.88 57.13 -77.08
CA THR A 318 -12.33 57.52 -75.75
C THR A 318 -11.17 57.56 -74.77
N ALA A 319 -10.10 56.83 -75.03
CA ALA A 319 -8.94 56.89 -74.15
C ALA A 319 -8.14 58.16 -74.38
N LEU A 320 -7.82 58.46 -75.64
CA LEU A 320 -7.09 59.67 -75.94
C LEU A 320 -7.94 60.91 -75.71
N VAL A 321 -9.12 60.94 -76.29
CA VAL A 321 -10.02 62.08 -76.18
C VAL A 321 -11.08 61.79 -75.13
N MET A 322 -11.23 62.73 -74.19
CA MET A 322 -12.08 62.67 -72.99
C MET A 322 -11.72 61.57 -71.99
N GLY A 323 -10.64 60.82 -72.23
CA GLY A 323 -10.01 59.99 -71.22
C GLY A 323 -10.86 58.99 -70.45
N LYS A 324 -11.67 58.22 -71.15
CA LYS A 324 -12.46 57.17 -70.51
C LYS A 324 -12.20 55.86 -71.23
N ALA A 325 -12.82 54.80 -70.71
CA ALA A 325 -12.83 53.51 -71.37
C ALA A 325 -14.02 52.72 -70.90
N VAL A 326 -14.66 52.04 -71.83
CA VAL A 326 -15.84 51.23 -71.55
C VAL A 326 -15.58 49.84 -72.12
N ARG A 327 -15.85 48.82 -71.32
CA ARG A 327 -15.64 47.45 -71.74
C ARG A 327 -16.60 47.07 -72.85
N SER A 328 -16.04 46.74 -74.02
CA SER A 328 -16.76 46.49 -75.27
C SER A 328 -17.67 47.66 -75.62
N LEU A 329 -17.06 48.82 -75.84
CA LEU A 329 -17.77 50.04 -76.20
C LEU A 329 -18.50 49.93 -77.52
N ASP A 330 -17.96 49.14 -78.45
CA ASP A 330 -18.53 49.02 -79.78
C ASP A 330 -19.89 48.32 -79.74
N ASP A 331 -20.12 47.52 -78.71
CA ASP A 331 -21.45 47.00 -78.47
C ASP A 331 -22.35 48.06 -77.85
N VAL A 332 -21.93 48.61 -76.71
CA VAL A 332 -22.80 49.43 -75.87
C VAL A 332 -23.11 50.74 -76.57
N GLY A 333 -22.17 51.25 -77.35
CA GLY A 333 -22.46 52.39 -78.19
C GLY A 333 -23.44 52.07 -79.30
N ARG A 334 -23.43 50.83 -79.77
CA ARG A 334 -24.34 50.45 -80.84
C ARG A 334 -25.66 49.95 -80.28
N HIS A 335 -25.62 49.31 -79.10
CA HIS A 335 -26.86 48.88 -78.46
C HIS A 335 -27.71 50.07 -78.06
N LEU A 336 -27.10 51.07 -77.41
CA LEU A 336 -27.86 52.26 -77.02
C LEU A 336 -28.23 53.11 -78.23
N LEU A 337 -27.53 52.94 -79.34
CA LEU A 337 -27.97 53.61 -80.56
C LEU A 337 -29.24 52.98 -81.09
N ASP A 338 -29.39 51.67 -80.93
CA ASP A 338 -30.62 50.99 -81.35
C ASP A 338 -31.79 51.35 -80.45
N MET A 339 -31.58 51.35 -79.13
CA MET A 339 -32.65 51.50 -78.15
C MET A 339 -33.34 52.84 -78.24
N GLN A 340 -32.67 53.86 -78.79
CA GLN A 340 -33.31 55.14 -79.03
C GLN A 340 -34.37 55.08 -80.12
N GLU A 341 -34.40 54.04 -80.95
CA GLU A 341 -35.51 53.84 -81.87
C GLU A 341 -36.21 52.51 -81.62
N GLU A 342 -35.41 51.44 -81.49
CA GLU A 342 -35.85 50.05 -81.32
C GLU A 342 -36.85 49.60 -82.38
N ASN A 347 -35.29 43.87 -68.04
CA ASN A 347 -36.16 43.24 -69.03
C ASN A 347 -35.31 42.42 -70.00
N ARG A 348 -34.86 41.24 -69.53
CA ARG A 348 -34.26 40.19 -70.36
C ARG A 348 -32.94 40.64 -70.99
N GLU A 349 -32.03 41.14 -70.16
CA GLU A 349 -30.67 41.46 -70.58
C GLU A 349 -29.73 40.33 -70.17
N THR A 350 -29.49 39.39 -71.08
CA THR A 350 -28.60 38.26 -70.82
C THR A 350 -27.78 37.85 -72.04
N LEU A 351 -27.69 38.72 -73.06
CA LEU A 351 -26.90 38.39 -74.24
C LEU A 351 -25.50 39.00 -74.13
N ASP A 352 -25.20 39.61 -72.99
CA ASP A 352 -23.98 40.38 -72.76
C ASP A 352 -22.70 39.55 -72.86
N GLU A 353 -22.79 38.24 -72.68
CA GLU A 353 -21.61 37.40 -72.82
C GLU A 353 -21.93 36.02 -73.37
N LEU A 354 -21.75 35.83 -74.67
CA LEU A 354 -21.81 34.52 -75.31
C LEU A 354 -21.04 34.63 -76.62
N GLU A 355 -19.83 34.08 -76.67
CA GLU A 355 -18.99 34.30 -77.84
C GLU A 355 -17.94 33.20 -77.96
N SER A 356 -17.90 32.61 -79.16
CA SER A 356 -16.75 31.96 -79.80
C SER A 356 -16.34 30.60 -79.24
N ALA A 357 -16.92 30.15 -78.10
CA ALA A 357 -16.82 28.80 -77.53
C ALA A 357 -15.40 28.22 -77.49
N PRO A 358 -14.56 28.61 -76.51
CA PRO A 358 -13.09 28.45 -76.63
C PRO A 358 -12.56 27.04 -76.81
N GLN A 359 -11.30 26.96 -77.26
CA GLN A 359 -10.58 25.71 -77.41
C GLN A 359 -10.40 25.02 -76.08
N THR A 360 -10.42 23.69 -76.11
CA THR A 360 -10.35 22.89 -74.90
C THR A 360 -9.06 22.09 -74.88
N THR A 361 -8.66 21.68 -73.69
CA THR A 361 -7.45 20.92 -73.47
C THR A 361 -7.82 19.64 -72.76
N ARG A 362 -6.82 18.82 -72.43
CA ARG A 362 -7.05 17.57 -71.74
C ARG A 362 -5.86 17.29 -70.83
N VAL A 363 -6.04 17.51 -69.53
CA VAL A 363 -5.00 17.30 -68.54
C VAL A 363 -5.60 16.48 -67.40
N ARG A 364 -4.77 15.67 -66.75
CA ARG A 364 -5.26 14.85 -65.64
C ARG A 364 -5.52 15.75 -64.44
N ALA A 365 -6.50 15.37 -63.65
CA ALA A 365 -6.80 15.96 -62.35
C ALA A 365 -7.63 14.96 -61.57
N ASP A 366 -7.86 15.26 -60.29
CA ASP A 366 -8.55 14.33 -59.41
C ASP A 366 -9.85 14.98 -58.97
N LEU A 367 -10.93 14.70 -59.68
CA LEU A 367 -12.20 15.38 -59.46
C LEU A 367 -13.13 14.46 -58.68
N VAL A 368 -13.79 15.03 -57.68
CA VAL A 368 -14.62 14.26 -56.76
C VAL A 368 -16.08 14.63 -56.96
N ALA A 369 -16.94 13.76 -56.46
CA ALA A 369 -18.38 14.00 -56.41
C ALA A 369 -18.77 14.09 -54.94
N ILE A 370 -19.10 15.30 -54.50
CA ILE A 370 -19.53 15.54 -53.12
C ILE A 370 -21.00 15.89 -53.15
N GLY A 371 -21.78 15.15 -52.36
CA GLY A 371 -23.22 15.39 -52.29
C GLY A 371 -23.86 15.13 -53.64
N ASP A 372 -24.36 16.19 -54.26
CA ASP A 372 -24.51 16.23 -55.71
C ASP A 372 -23.86 17.52 -56.17
N ARG A 373 -22.53 17.50 -56.28
CA ARG A 373 -21.70 18.57 -56.81
C ARG A 373 -20.45 17.91 -57.35
N LEU A 374 -19.68 18.67 -58.12
CA LEU A 374 -18.37 18.22 -58.57
C LEU A 374 -17.31 19.24 -58.21
N VAL A 375 -16.14 18.76 -57.80
CA VAL A 375 -15.10 19.60 -57.23
C VAL A 375 -13.76 19.17 -57.79
N PHE A 376 -12.93 20.14 -58.18
CA PHE A 376 -11.51 19.88 -58.39
C PHE A 376 -10.74 19.82 -57.08
N LEU A 377 -9.87 18.82 -56.96
CA LEU A 377 -8.94 18.74 -55.84
C LEU A 377 -7.59 19.32 -56.26
N GLU A 378 -6.83 19.77 -55.27
CA GLU A 378 -5.47 20.23 -55.51
C GLU A 378 -4.68 20.13 -54.21
N ALA A 379 -3.41 19.76 -54.34
CA ALA A 379 -2.51 19.77 -53.18
C ALA A 379 -1.45 20.84 -53.35
N LEU A 380 -0.80 20.88 -54.53
CA LEU A 380 0.02 21.98 -55.00
C LEU A 380 1.29 22.26 -54.19
N GLU A 381 1.55 21.51 -53.12
CA GLU A 381 2.75 21.74 -52.34
C GLU A 381 3.97 21.21 -53.06
N LYS A 382 3.92 19.94 -53.43
CA LYS A 382 5.00 19.36 -54.20
C LYS A 382 4.94 19.81 -55.66
N ARG A 383 3.85 20.45 -56.06
CA ARG A 383 3.72 20.82 -57.46
C ARG A 383 4.37 22.17 -57.76
N ILE A 384 3.98 23.22 -57.04
CA ILE A 384 4.53 24.52 -57.40
C ILE A 384 5.46 25.06 -56.32
N TYR A 385 5.38 24.53 -55.11
CA TYR A 385 6.35 24.96 -54.10
C TYR A 385 7.41 23.90 -53.82
N ALA A 386 7.92 23.23 -54.86
CA ALA A 386 8.77 22.06 -54.73
C ALA A 386 10.06 22.34 -53.98
N ALA A 387 10.92 23.18 -54.55
CA ALA A 387 12.14 23.59 -53.89
C ALA A 387 12.37 25.08 -53.98
N THR A 388 11.31 25.84 -54.21
CA THR A 388 11.43 27.26 -54.48
C THR A 388 11.74 28.08 -53.25
N ASN A 389 11.72 27.47 -52.07
CA ASN A 389 11.99 28.06 -50.76
C ASN A 389 11.04 29.22 -50.46
N VAL A 390 9.79 29.13 -50.90
CA VAL A 390 8.76 30.09 -50.55
C VAL A 390 7.82 29.35 -49.60
N PRO A 391 7.38 29.96 -48.50
CA PRO A 391 6.50 29.23 -47.57
C PRO A 391 5.14 28.94 -48.17
N TYR A 392 4.69 27.71 -47.97
CA TYR A 392 3.41 27.25 -48.47
C TYR A 392 2.30 28.01 -47.77
N PRO A 393 1.43 28.67 -48.51
CA PRO A 393 0.52 29.62 -47.87
C PRO A 393 -0.65 28.98 -47.16
N LEU A 394 -0.80 27.66 -47.20
CA LEU A 394 -1.91 27.06 -46.48
C LEU A 394 -1.48 26.21 -45.31
N VAL A 395 -0.32 26.48 -44.71
CA VAL A 395 -0.08 26.11 -43.34
C VAL A 395 -0.58 27.27 -42.50
N GLY A 396 -1.05 26.98 -41.30
CA GLY A 396 -1.76 27.97 -40.53
C GLY A 396 -1.02 28.46 -39.32
N ALA A 397 -1.58 29.49 -38.71
CA ALA A 397 -1.09 30.02 -37.45
C ALA A 397 -2.31 30.37 -36.62
N MET A 398 -2.25 30.03 -35.33
CA MET A 398 -3.41 30.32 -34.51
C MET A 398 -2.96 30.65 -33.10
N ASP A 399 -3.41 31.80 -32.62
CA ASP A 399 -3.14 32.25 -31.27
C ASP A 399 -4.39 32.02 -30.44
N LEU A 400 -4.19 31.63 -29.18
CA LEU A 400 -5.25 31.46 -28.21
C LEU A 400 -4.74 31.95 -26.86
N THR A 401 -5.66 32.17 -25.93
CA THR A 401 -5.28 32.64 -24.60
C THR A 401 -5.76 31.66 -23.53
N PHE A 402 -4.86 31.34 -22.61
CA PHE A 402 -5.14 30.42 -21.52
C PHE A 402 -4.98 31.12 -20.18
N VAL A 403 -5.91 30.83 -19.28
CA VAL A 403 -6.05 31.56 -18.03
C VAL A 403 -6.21 30.57 -16.89
N LEU A 404 -5.35 30.68 -15.88
CA LEU A 404 -5.15 29.70 -14.82
C LEU A 404 -5.12 30.37 -13.45
N PRO A 405 -5.61 29.70 -12.41
CA PRO A 405 -5.75 30.36 -11.12
C PRO A 405 -4.59 30.10 -10.17
N LEU A 406 -4.34 31.07 -9.28
CA LEU A 406 -3.36 30.88 -8.22
C LEU A 406 -3.91 31.40 -6.90
N GLY A 407 -3.72 30.60 -5.85
CA GLY A 407 -4.09 30.98 -4.51
C GLY A 407 -5.59 31.11 -4.28
N LEU A 408 -6.42 30.61 -5.18
CA LEU A 408 -7.84 30.81 -5.04
C LEU A 408 -8.43 29.68 -4.22
N PHE A 409 -9.69 29.85 -3.83
CA PHE A 409 -10.22 29.14 -2.68
C PHE A 409 -11.63 28.70 -2.97
N ASN A 410 -11.98 27.48 -2.54
CA ASN A 410 -13.30 26.94 -2.81
C ASN A 410 -14.37 27.72 -2.04
N PRO A 411 -15.56 27.86 -2.61
CA PRO A 411 -16.68 28.46 -1.86
C PRO A 411 -17.17 27.54 -0.74
N ALA A 412 -18.26 27.98 -0.11
CA ALA A 412 -18.72 27.38 1.13
C ALA A 412 -19.26 25.97 0.92
N MET A 413 -19.98 25.74 -0.17
CA MET A 413 -20.70 24.49 -0.30
C MET A 413 -19.81 23.33 -0.74
N GLU A 414 -18.70 23.61 -1.42
CA GLU A 414 -17.99 22.58 -2.15
C GLU A 414 -16.77 22.03 -1.44
N ARG A 415 -16.81 21.84 -0.12
CA ARG A 415 -15.60 21.47 0.59
C ARG A 415 -15.58 20.01 1.02
N PHE A 416 -16.31 19.16 0.32
CA PHE A 416 -16.37 17.74 0.64
C PHE A 416 -15.20 17.00 0.00
N ALA A 417 -15.19 15.66 0.13
CA ALA A 417 -14.25 14.83 -0.60
C ALA A 417 -14.84 13.55 -1.17
N ALA A 418 -16.14 13.29 -0.99
CA ALA A 418 -16.96 12.24 -1.57
C ALA A 418 -16.70 10.85 -0.98
N HIS A 419 -15.74 10.70 -0.07
CA HIS A 419 -15.55 9.49 0.72
C HIS A 419 -14.74 9.89 1.94
N ALA A 420 -14.82 9.07 2.99
CA ALA A 420 -14.06 9.37 4.19
C ALA A 420 -12.58 9.11 3.99
N GLY A 421 -12.24 7.87 3.65
CA GLY A 421 -10.85 7.50 3.46
C GLY A 421 -10.46 7.65 2.02
N ASP A 422 -9.79 8.76 1.68
CA ASP A 422 -9.34 9.08 0.35
C ASP A 422 -8.36 10.23 0.46
N LEU A 423 -7.21 10.05 -0.20
CA LEU A 423 -6.03 10.89 -0.05
C LEU A 423 -5.63 10.99 1.42
N VAL A 424 -5.45 9.83 2.02
CA VAL A 424 -5.23 9.68 3.46
C VAL A 424 -3.76 9.94 3.75
N PRO A 425 -3.42 10.81 4.70
CA PRO A 425 -2.02 11.03 5.02
C PRO A 425 -1.49 9.87 5.87
N ALA A 426 -0.20 9.92 6.14
CA ALA A 426 0.38 8.95 7.06
C ALA A 426 -0.12 9.28 8.47
N PRO A 427 -0.26 8.30 9.37
CA PRO A 427 -0.95 8.57 10.65
C PRO A 427 -0.26 9.55 11.56
N GLY A 428 1.05 9.74 11.43
CA GLY A 428 1.72 10.77 12.18
C GLY A 428 1.88 12.05 11.38
N HIS A 429 1.16 12.14 10.28
CA HIS A 429 1.38 13.22 9.33
C HIS A 429 0.11 14.03 9.14
N PRO A 430 0.22 15.35 8.95
CA PRO A 430 -0.91 16.23 9.28
C PRO A 430 -1.90 16.56 8.18
N GLU A 431 -1.90 15.85 7.02
CA GLU A 431 -2.81 16.09 5.89
C GLU A 431 -2.75 17.53 5.38
N PRO A 432 -1.74 17.86 4.55
CA PRO A 432 -1.58 19.24 4.10
C PRO A 432 -2.66 19.73 3.14
N ARG A 433 -3.60 18.88 2.70
CA ARG A 433 -4.60 19.31 1.73
C ARG A 433 -5.65 20.22 2.34
N ALA A 434 -5.67 20.38 3.65
CA ALA A 434 -6.56 21.35 4.29
C ALA A 434 -6.03 22.77 4.22
N PHE A 435 -4.88 22.98 3.60
CA PHE A 435 -4.24 24.27 3.53
C PHE A 435 -4.76 24.97 2.28
N PRO A 436 -4.66 26.28 2.16
CA PRO A 436 -4.91 26.93 0.87
C PRO A 436 -3.82 26.56 -0.12
N PRO A 437 -4.20 26.09 -1.31
CA PRO A 437 -3.19 25.62 -2.26
C PRO A 437 -2.47 26.79 -2.91
N ARG A 438 -1.17 26.89 -2.63
CA ARG A 438 -0.34 27.96 -3.14
C ARG A 438 0.43 27.54 -4.37
N GLN A 439 0.12 26.38 -4.93
CA GLN A 439 0.82 25.82 -6.05
C GLN A 439 -0.18 25.61 -7.18
N LEU A 440 0.31 25.18 -8.33
CA LEU A 440 -0.60 24.82 -9.41
C LEU A 440 0.08 23.79 -10.29
N PHE A 441 -0.69 22.82 -10.76
CA PHE A 441 -0.16 21.71 -11.53
C PHE A 441 -1.01 21.46 -12.76
N PHE A 442 -0.33 21.09 -13.84
CA PHE A 442 -0.93 20.88 -15.15
C PHE A 442 0.11 20.20 -16.02
N TRP A 443 -0.33 19.73 -17.18
CA TRP A 443 0.58 19.33 -18.23
C TRP A 443 0.85 20.57 -19.06
N GLY A 444 2.12 20.91 -19.21
CA GLY A 444 2.50 21.84 -20.23
C GLY A 444 2.56 21.13 -21.58
N LYS A 445 3.61 21.43 -22.31
CA LYS A 445 3.86 20.66 -23.52
C LYS A 445 4.46 19.32 -23.14
N ASP A 446 4.20 18.32 -23.98
CA ASP A 446 4.91 17.04 -24.04
C ASP A 446 4.71 16.18 -22.80
N HIS A 447 3.54 16.26 -22.17
CA HIS A 447 3.09 15.35 -21.09
C HIS A 447 4.00 15.38 -19.88
N GLN A 448 4.62 16.53 -19.65
CA GLN A 448 5.51 16.70 -18.51
C GLN A 448 4.93 17.77 -17.59
N VAL A 449 4.84 17.45 -16.31
CA VAL A 449 4.14 18.30 -15.35
C VAL A 449 5.02 19.51 -15.06
N LEU A 450 4.40 20.61 -14.66
CA LEU A 450 5.11 21.85 -14.42
C LEU A 450 4.75 22.39 -13.05
N ARG A 451 5.18 23.62 -12.79
CA ARG A 451 4.83 24.31 -11.55
C ARG A 451 4.81 25.81 -11.80
N LEU A 452 3.70 26.42 -11.42
CA LEU A 452 3.57 27.87 -11.40
C LEU A 452 3.18 28.38 -10.02
N SER A 453 3.72 27.76 -8.97
CA SER A 453 3.44 28.13 -7.58
C SER A 453 3.82 29.58 -7.27
N MET A 454 3.25 30.14 -6.21
CA MET A 454 3.31 31.56 -5.89
C MET A 454 4.71 32.11 -5.68
N GLU A 455 5.72 31.26 -5.53
CA GLU A 455 7.09 31.73 -5.64
C GLU A 455 7.38 32.28 -7.03
N ASN A 456 6.79 31.72 -8.07
CA ASN A 456 6.95 32.28 -9.40
C ASN A 456 6.10 33.53 -9.59
N ALA A 457 5.22 33.84 -8.64
CA ALA A 457 4.46 35.09 -8.67
C ALA A 457 5.23 36.28 -8.16
N VAL A 458 6.56 36.15 -7.99
CA VAL A 458 7.38 37.26 -7.56
C VAL A 458 7.54 38.29 -8.67
N GLY A 459 7.24 37.92 -9.92
CA GLY A 459 7.51 38.75 -11.07
C GLY A 459 6.79 40.07 -11.10
N THR A 460 5.47 40.07 -10.94
CA THR A 460 4.73 41.31 -11.14
C THR A 460 4.50 42.08 -9.86
N VAL A 461 3.90 41.43 -8.86
CA VAL A 461 3.39 42.15 -7.70
C VAL A 461 4.49 42.71 -6.79
N CYS A 462 5.72 42.21 -6.90
CA CYS A 462 6.81 42.70 -6.06
C CYS A 462 7.45 43.97 -6.59
N HIS A 463 7.01 44.46 -7.73
CA HIS A 463 7.60 45.63 -8.32
C HIS A 463 6.99 46.90 -7.74
N PRO A 464 7.73 48.03 -7.70
CA PRO A 464 7.13 49.32 -7.29
C PRO A 464 6.28 49.96 -8.38
N SER A 465 5.47 49.15 -9.04
CA SER A 465 4.31 49.60 -9.79
C SER A 465 3.05 49.44 -8.97
N LEU A 466 3.09 48.54 -7.98
CA LEU A 466 1.97 48.35 -7.07
C LEU A 466 1.72 49.59 -6.22
N MET A 467 2.76 50.35 -5.96
CA MET A 467 2.62 51.57 -5.20
C MET A 467 2.55 52.80 -6.08
N ASN A 468 1.86 52.70 -7.21
CA ASN A 468 1.74 53.78 -8.18
C ASN A 468 0.26 54.09 -8.38
N ILE A 469 -0.28 55.02 -7.60
CA ILE A 469 -1.69 55.37 -7.68
C ILE A 469 -1.92 56.86 -7.87
N ASP A 470 -0.92 57.61 -8.32
CA ASP A 470 -1.06 59.06 -8.42
C ASP A 470 -1.95 59.47 -9.59
N ALA A 471 -1.89 58.75 -10.71
CA ALA A 471 -2.80 59.02 -11.80
C ALA A 471 -4.20 58.51 -11.48
N ALA A 472 -4.28 57.50 -10.61
CA ALA A 472 -5.57 56.98 -10.21
C ALA A 472 -6.27 57.89 -9.23
N VAL A 473 -5.52 58.47 -8.30
CA VAL A 473 -6.14 59.27 -7.24
C VAL A 473 -6.67 60.58 -7.80
N GLY A 474 -6.08 61.09 -8.87
CA GLY A 474 -6.60 62.28 -9.51
C GLY A 474 -7.55 61.96 -10.62
N GLY A 475 -7.30 60.84 -11.30
CA GLY A 475 -8.12 60.46 -12.44
C GLY A 475 -9.54 60.12 -12.09
N VAL A 476 -9.78 59.62 -10.89
CA VAL A 476 -11.14 59.38 -10.43
C VAL A 476 -11.69 60.58 -9.68
N ASN A 477 -10.87 61.61 -9.43
CA ASN A 477 -11.23 62.64 -8.46
C ASN A 477 -12.23 63.63 -9.05
N HIS A 478 -12.44 63.60 -10.36
CA HIS A 478 -13.55 64.35 -10.91
C HIS A 478 -14.87 63.63 -10.62
N ASP A 479 -15.97 64.25 -11.08
CA ASP A 479 -17.34 63.90 -10.70
C ASP A 479 -17.44 63.89 -9.18
N PRO A 480 -17.53 65.07 -8.56
CA PRO A 480 -17.37 65.17 -7.11
C PRO A 480 -18.55 64.58 -6.34
N VAL A 481 -18.26 64.17 -5.11
CA VAL A 481 -19.18 63.44 -4.26
C VAL A 481 -19.62 64.37 -3.14
N GLU A 482 -20.75 64.06 -2.51
CA GLU A 482 -21.17 64.77 -1.31
C GLU A 482 -20.47 64.19 -0.09
N ALA A 483 -20.86 64.66 1.09
CA ALA A 483 -20.35 64.07 2.32
C ALA A 483 -21.01 62.71 2.55
N ALA A 484 -20.24 61.78 3.10
CA ALA A 484 -20.68 60.41 3.29
C ALA A 484 -20.39 59.90 4.70
N ASN A 485 -20.82 60.64 5.74
CA ASN A 485 -20.71 60.31 7.16
C ASN A 485 -19.23 60.16 7.53
N PRO A 486 -18.48 61.26 7.59
CA PRO A 486 -17.01 61.17 7.46
C PRO A 486 -16.27 60.77 8.72
N TYR A 487 -16.95 60.11 9.66
CA TYR A 487 -16.37 59.66 10.93
C TYR A 487 -15.12 58.82 10.73
N GLY A 488 -15.22 57.74 9.97
CA GLY A 488 -14.04 56.93 9.70
C GLY A 488 -13.07 57.63 8.77
N ALA A 489 -13.56 58.60 8.00
CA ALA A 489 -12.70 59.29 7.05
C ALA A 489 -11.84 60.35 7.72
N TYR A 490 -12.25 60.80 8.91
CA TYR A 490 -11.62 61.99 9.47
C TYR A 490 -10.99 61.68 10.81
N VAL A 491 -9.73 62.04 10.93
CA VAL A 491 -9.05 62.09 12.21
C VAL A 491 -9.14 63.52 12.72
N ALA A 492 -9.51 63.68 13.98
CA ALA A 492 -9.56 65.00 14.60
C ALA A 492 -8.17 65.38 15.09
N ALA A 493 -8.03 66.64 15.44
CA ALA A 493 -6.92 67.06 16.27
C ALA A 493 -7.06 66.38 17.63
N PRO A 494 -5.96 66.05 18.30
CA PRO A 494 -6.08 65.49 19.64
C PRO A 494 -6.58 66.55 20.59
N ALA A 495 -7.86 66.48 20.88
CA ALA A 495 -8.59 67.59 21.48
C ALA A 495 -8.70 67.37 22.98
N GLY A 496 -8.10 68.28 23.74
CA GLY A 496 -8.12 68.25 25.18
C GLY A 496 -7.46 67.03 25.78
N PRO A 497 -7.76 66.75 27.04
CA PRO A 497 -7.33 65.48 27.63
C PRO A 497 -8.21 64.34 27.17
N GLY A 498 -7.93 63.16 27.70
CA GLY A 498 -8.74 62.00 27.36
C GLY A 498 -9.98 61.83 28.21
N ALA A 499 -10.11 62.65 29.26
CA ALA A 499 -11.04 62.36 30.36
C ALA A 499 -12.49 62.46 29.93
N ASP A 500 -12.93 63.64 29.50
CA ASP A 500 -14.24 63.80 28.88
C ASP A 500 -14.14 63.80 27.35
N MET A 501 -13.20 63.04 26.78
CA MET A 501 -12.94 63.13 25.35
C MET A 501 -13.90 62.28 24.56
N GLN A 502 -14.27 61.11 25.09
CA GLN A 502 -15.36 60.37 24.48
C GLN A 502 -16.68 61.08 24.68
N GLN A 503 -16.83 61.75 25.84
CA GLN A 503 -18.03 62.57 26.09
C GLN A 503 -18.16 63.70 25.08
N ARG A 504 -17.04 64.17 24.55
CA ARG A 504 -17.09 65.13 23.44
C ARG A 504 -16.85 64.45 22.09
N PHE A 505 -16.58 63.15 22.08
CA PHE A 505 -16.70 62.40 20.84
C PHE A 505 -18.15 62.08 20.52
N LEU A 506 -18.94 61.69 21.53
CA LEU A 506 -20.33 61.27 21.30
C LEU A 506 -21.17 62.40 20.73
N ASN A 507 -21.06 63.60 21.31
CA ASN A 507 -21.72 64.79 20.76
C ASN A 507 -21.15 65.21 19.42
N ALA A 508 -19.91 64.83 19.11
CA ALA A 508 -19.27 65.34 17.89
C ALA A 508 -19.89 64.72 16.66
N TRP A 509 -20.50 63.55 16.82
CA TRP A 509 -21.05 62.82 15.68
C TRP A 509 -22.41 62.24 16.02
N ARG A 510 -23.11 62.80 17.00
CA ARG A 510 -24.46 62.34 17.28
C ARG A 510 -25.44 62.72 16.18
N GLN A 511 -25.13 63.76 15.41
CA GLN A 511 -26.07 64.27 14.42
C GLN A 511 -25.98 63.51 13.11
N ARG A 512 -24.76 63.26 12.64
CA ARG A 512 -24.56 62.80 11.28
C ARG A 512 -24.12 61.34 11.18
N LEU A 513 -23.50 60.76 12.22
CA LEU A 513 -23.11 59.36 12.18
C LEU A 513 -24.32 58.43 12.33
N ALA A 514 -25.28 58.82 13.17
CA ALA A 514 -26.47 58.00 13.34
C ALA A 514 -27.42 58.13 12.16
N HIS A 515 -27.63 59.37 11.69
CA HIS A 515 -28.64 59.67 10.68
C HIS A 515 -28.27 59.06 9.33
N GLY A 516 -27.12 59.42 8.80
CA GLY A 516 -26.60 58.74 7.63
C GLY A 516 -26.11 57.36 7.99
N ARG A 517 -26.40 56.41 7.11
CA ARG A 517 -25.89 55.05 7.24
C ARG A 517 -24.40 55.09 7.01
N VAL A 518 -23.63 54.73 8.05
CA VAL A 518 -22.18 54.80 7.97
C VAL A 518 -21.66 53.77 6.97
N ARG A 519 -20.57 54.12 6.29
CA ARG A 519 -20.17 53.36 5.10
C ARG A 519 -19.60 51.99 5.47
N TRP A 520 -18.70 51.95 6.45
CA TRP A 520 -17.84 50.80 6.58
C TRP A 520 -18.33 49.76 7.58
N VAL A 521 -18.88 50.19 8.71
CA VAL A 521 -19.16 49.22 9.76
C VAL A 521 -20.60 48.73 9.65
N ALA A 522 -21.46 49.49 8.97
CA ALA A 522 -22.79 49.00 8.66
C ALA A 522 -22.74 47.92 7.60
N GLU A 523 -21.65 47.88 6.84
CA GLU A 523 -21.41 46.84 5.85
C GLU A 523 -21.22 45.49 6.54
N CYS A 524 -22.23 44.64 6.43
CA CYS A 524 -22.13 43.24 6.85
C CYS A 524 -22.63 42.39 5.67
N GLN A 525 -21.72 42.11 4.74
CA GLN A 525 -22.08 41.40 3.52
C GLN A 525 -21.26 40.11 3.42
N MET A 526 -21.52 39.38 2.35
CA MET A 526 -20.76 38.19 2.03
C MET A 526 -20.22 38.27 0.60
N THR A 527 -19.59 37.18 0.16
CA THR A 527 -19.06 37.07 -1.18
C THR A 527 -20.23 36.91 -2.15
N ALA A 528 -20.11 37.55 -3.32
CA ALA A 528 -21.06 37.66 -4.43
C ALA A 528 -22.22 38.59 -4.07
N GLU A 529 -22.30 38.99 -2.82
CA GLU A 529 -23.12 40.12 -2.42
C GLU A 529 -22.42 41.43 -2.65
N GLN A 530 -21.10 41.48 -2.47
CA GLN A 530 -20.33 42.64 -2.84
C GLN A 530 -19.93 42.62 -4.31
N PHE A 531 -19.76 41.45 -4.89
CA PHE A 531 -19.45 41.33 -6.31
C PHE A 531 -20.57 41.79 -7.22
N MET A 532 -21.80 41.88 -6.71
CA MET A 532 -22.97 41.97 -7.57
C MET A 532 -23.31 43.43 -7.82
N GLN A 533 -23.74 43.70 -9.05
CA GLN A 533 -24.26 44.99 -9.49
C GLN A 533 -25.43 45.55 -8.67
N PRO A 534 -26.24 44.74 -7.98
CA PRO A 534 -27.08 45.29 -6.90
C PRO A 534 -26.27 46.07 -5.88
N ASP A 535 -26.93 47.06 -5.30
CA ASP A 535 -26.50 48.47 -5.23
C ASP A 535 -25.00 48.54 -4.97
N ASN A 536 -24.54 48.14 -3.78
CA ASN A 536 -23.13 48.13 -3.38
C ASN A 536 -22.43 49.44 -3.74
N ALA A 537 -22.80 50.50 -3.01
CA ALA A 537 -22.32 51.84 -3.29
C ALA A 537 -20.80 52.01 -3.16
N ASN A 538 -20.09 51.02 -2.63
CA ASN A 538 -18.64 51.05 -2.55
C ASN A 538 -17.98 50.16 -3.58
N LEU A 539 -18.76 49.56 -4.49
CA LEU A 539 -18.17 48.68 -5.50
C LEU A 539 -17.32 49.46 -6.48
N ALA A 540 -17.71 50.68 -6.80
CA ALA A 540 -16.86 51.55 -7.59
C ALA A 540 -15.88 52.32 -6.72
N LEU A 541 -15.73 51.91 -5.46
CA LEU A 541 -14.79 52.49 -4.53
C LEU A 541 -13.75 51.47 -4.07
N GLU A 542 -13.85 50.24 -4.56
CA GLU A 542 -12.91 49.17 -4.22
C GLU A 542 -12.09 48.89 -5.46
N LEU A 543 -10.90 49.48 -5.53
CA LEU A 543 -10.10 49.45 -6.75
C LEU A 543 -8.73 48.86 -6.52
N HIS A 544 -8.16 49.04 -5.36
CA HIS A 544 -6.81 48.57 -5.23
C HIS A 544 -6.76 47.41 -4.23
N PRO A 545 -5.78 46.53 -4.33
CA PRO A 545 -5.58 45.56 -3.23
C PRO A 545 -5.10 46.23 -1.94
N ALA A 546 -4.08 47.08 -2.03
CA ALA A 546 -3.38 47.59 -0.86
C ALA A 546 -3.73 49.02 -0.51
N PHE A 547 -4.86 49.54 -0.97
CA PHE A 547 -5.24 50.91 -0.64
C PHE A 547 -6.75 51.00 -0.46
N ASP A 548 -7.19 52.15 0.05
CA ASP A 548 -8.59 52.43 0.29
C ASP A 548 -8.98 53.72 -0.40
N PHE A 549 -10.05 53.65 -1.18
CA PHE A 549 -10.65 54.82 -1.79
C PHE A 549 -12.00 55.06 -1.13
N PHE A 550 -12.21 56.28 -0.64
CA PHE A 550 -13.37 56.59 0.17
C PHE A 550 -13.70 58.06 0.04
N ALA A 551 -14.92 58.40 0.43
CA ALA A 551 -15.41 59.77 0.37
C ALA A 551 -15.16 60.44 1.71
N GLY A 552 -14.13 61.28 1.77
CA GLY A 552 -13.82 62.05 2.94
C GLY A 552 -13.93 63.54 2.69
N VAL A 553 -13.44 64.31 3.66
CA VAL A 553 -13.41 65.75 3.48
C VAL A 553 -12.35 66.11 2.44
N ALA A 554 -12.63 67.17 1.68
CA ALA A 554 -11.84 67.47 0.50
C ALA A 554 -10.48 68.06 0.86
N ASP A 555 -10.49 69.11 1.67
CA ASP A 555 -9.32 69.95 1.87
C ASP A 555 -8.89 70.03 3.33
N VAL A 556 -9.75 69.58 4.24
CA VAL A 556 -9.50 69.73 5.67
C VAL A 556 -8.38 68.80 6.09
N GLU A 557 -7.34 69.35 6.69
CA GLU A 557 -6.22 68.54 7.15
C GLU A 557 -6.62 67.74 8.37
N LEU A 558 -5.96 66.60 8.56
CA LEU A 558 -6.31 65.72 9.68
C LEU A 558 -5.79 66.21 11.03
N PRO A 559 -4.53 66.73 11.17
CA PRO A 559 -4.21 67.39 12.45
C PRO A 559 -4.84 68.76 12.58
N GLY A 560 -6.14 68.81 12.83
CA GLY A 560 -6.82 70.07 13.06
C GLY A 560 -8.28 69.81 13.38
N GLY A 561 -8.83 70.67 14.23
CA GLY A 561 -10.24 70.66 14.58
C GLY A 561 -10.79 69.40 15.22
N GLU A 562 -12.09 69.34 15.47
CA GLU A 562 -12.72 68.07 15.84
C GLU A 562 -13.81 67.66 14.87
N VAL A 563 -14.79 68.51 14.58
CA VAL A 563 -15.78 68.16 13.58
C VAL A 563 -15.45 68.95 12.32
N PRO A 564 -15.30 68.29 11.18
CA PRO A 564 -14.90 69.00 9.97
C PRO A 564 -16.04 69.84 9.43
N PRO A 565 -15.73 70.94 8.74
CA PRO A 565 -16.77 71.73 8.07
C PRO A 565 -17.33 70.99 6.86
N ALA A 566 -18.34 70.17 7.11
CA ALA A 566 -18.87 69.27 6.08
C ALA A 566 -19.47 70.06 4.92
N GLY A 567 -18.73 70.12 3.83
CA GLY A 567 -19.21 70.70 2.60
C GLY A 567 -19.03 69.71 1.46
N PRO A 568 -18.31 70.12 0.43
CA PRO A 568 -18.03 69.19 -0.67
C PRO A 568 -17.04 68.11 -0.24
N GLY A 569 -17.47 66.86 -0.36
CA GLY A 569 -16.58 65.76 -0.11
C GLY A 569 -15.77 65.39 -1.34
N ALA A 570 -14.59 64.83 -1.10
CA ALA A 570 -13.76 64.36 -2.18
C ALA A 570 -13.24 62.98 -1.86
N ILE A 571 -12.64 62.34 -2.86
CA ILE A 571 -12.06 61.02 -2.71
C ILE A 571 -10.59 61.20 -2.33
N GLN A 572 -10.11 60.33 -1.45
CA GLN A 572 -8.74 60.41 -0.97
C GLN A 572 -8.28 59.03 -0.57
N ALA A 573 -6.98 58.80 -0.67
CA ALA A 573 -6.40 57.48 -0.52
C ALA A 573 -5.74 57.34 0.84
N THR A 574 -5.66 56.11 1.31
CA THR A 574 -4.89 55.76 2.49
C THR A 574 -4.39 54.34 2.34
N TRP A 575 -3.32 54.02 3.06
CA TRP A 575 -2.60 52.78 2.83
C TRP A 575 -3.18 51.68 3.69
N ARG A 576 -3.57 50.58 3.06
CA ARG A 576 -3.84 49.35 3.79
C ARG A 576 -2.51 48.76 4.24
N VAL A 577 -2.30 48.71 5.56
CA VAL A 577 -1.00 48.40 6.12
C VAL A 577 -0.69 46.92 5.96
N VAL A 578 -1.51 46.08 6.52
CA VAL A 578 -1.31 44.65 6.42
C VAL A 578 -2.48 44.04 5.67
N ASN A 579 -2.39 42.74 5.40
CA ASN A 579 -3.45 42.06 4.68
C ASN A 579 -4.66 41.74 5.55
N GLY A 580 -4.62 42.07 6.83
CA GLY A 580 -5.83 42.01 7.63
C GLY A 580 -6.81 43.13 7.35
N ASN A 581 -6.41 44.16 6.60
CA ASN A 581 -7.28 45.26 6.25
C ASN A 581 -8.18 44.95 5.06
N LEU A 582 -8.04 43.78 4.46
CA LEU A 582 -8.91 43.37 3.37
C LEU A 582 -10.33 43.13 3.87
N PRO A 583 -11.33 43.76 3.23
CA PRO A 583 -12.71 43.63 3.72
C PRO A 583 -13.24 42.21 3.55
N LEU A 584 -13.94 41.73 4.58
CA LEU A 584 -14.10 40.30 4.78
C LEU A 584 -15.11 39.65 3.85
N ALA A 585 -15.72 40.41 2.94
CA ALA A 585 -16.43 39.79 1.84
C ALA A 585 -15.51 39.57 0.64
N LEU A 586 -14.22 39.79 0.81
CA LEU A 586 -13.25 39.43 -0.22
C LEU A 586 -12.31 38.34 0.28
N CYS A 587 -11.81 38.51 1.50
CA CYS A 587 -11.04 37.47 2.19
C CYS A 587 -11.97 36.94 3.28
N PRO A 588 -12.61 35.79 3.06
CA PRO A 588 -13.62 35.31 4.00
C PRO A 588 -13.00 34.83 5.30
N VAL A 589 -13.88 34.68 6.29
CA VAL A 589 -13.47 34.27 7.62
C VAL A 589 -12.95 32.83 7.60
N ALA A 590 -13.69 31.95 6.92
CA ALA A 590 -13.33 30.54 6.86
C ALA A 590 -12.02 30.34 6.12
N PHE A 591 -11.76 31.16 5.11
CA PHE A 591 -10.43 31.16 4.51
C PHE A 591 -9.39 31.70 5.49
N ARG A 592 -9.73 32.78 6.19
CA ARG A 592 -8.75 33.39 7.09
C ARG A 592 -8.56 32.54 8.33
N ASP A 593 -9.50 31.62 8.58
CA ASP A 593 -9.27 30.62 9.61
C ASP A 593 -8.51 29.42 9.06
N ALA A 594 -8.54 29.22 7.74
CA ALA A 594 -7.91 28.04 7.16
C ALA A 594 -6.40 28.15 7.19
N ARG A 595 -5.86 29.31 6.80
CA ARG A 595 -4.42 29.51 6.85
C ARG A 595 -3.92 29.68 8.28
N GLY A 596 -4.84 29.87 9.23
CA GLY A 596 -4.46 29.84 10.63
C GLY A 596 -3.93 28.48 11.04
N LEU A 597 -4.55 27.41 10.54
CA LEU A 597 -4.12 26.07 10.92
C LEU A 597 -2.83 25.69 10.24
N GLU A 598 -2.56 26.26 9.06
CA GLU A 598 -1.31 25.97 8.38
C GLU A 598 -0.13 26.57 9.12
N LEU A 599 -0.33 27.74 9.71
CA LEU A 599 0.67 28.27 10.63
C LEU A 599 0.45 27.72 12.02
N GLY A 600 -0.67 27.04 12.25
CA GLY A 600 -0.93 26.47 13.54
C GLY A 600 -0.07 25.25 13.84
N VAL A 601 0.21 24.46 12.81
CA VAL A 601 0.96 23.23 13.00
C VAL A 601 2.44 23.55 13.19
N GLY A 602 3.15 22.64 13.86
CA GLY A 602 4.58 22.72 13.99
C GLY A 602 5.10 23.50 15.17
N ARG A 603 4.25 24.25 15.85
CA ARG A 603 4.68 25.20 16.87
C ARG A 603 3.89 24.98 18.15
N HIS A 604 4.21 25.78 19.16
CA HIS A 604 3.63 25.59 20.48
C HIS A 604 2.21 26.10 20.54
N ALA A 605 1.32 25.26 21.06
CA ALA A 605 -0.07 25.64 21.32
C ALA A 605 -0.24 25.75 22.82
N MET A 606 -1.23 26.54 23.25
CA MET A 606 -1.56 26.58 24.66
C MET A 606 -2.18 25.27 25.10
N ALA A 607 -2.10 24.97 26.39
CA ALA A 607 -2.86 23.87 26.92
C ALA A 607 -4.34 24.26 26.95
N PRO A 608 -5.26 23.31 26.84
CA PRO A 608 -6.69 23.68 26.94
C PRO A 608 -7.11 24.02 28.35
N ALA A 609 -6.36 23.53 29.35
CA ALA A 609 -6.68 23.87 30.73
C ALA A 609 -6.36 25.33 31.01
N THR A 610 -5.23 25.83 30.51
CA THR A 610 -4.91 27.23 30.73
C THR A 610 -5.74 28.12 29.83
N ILE A 611 -6.35 27.57 28.79
CA ILE A 611 -7.37 28.32 28.07
C ILE A 611 -8.57 28.55 28.96
N ALA A 612 -9.06 27.48 29.58
CA ALA A 612 -10.26 27.58 30.42
C ALA A 612 -10.01 28.36 31.69
N ALA A 613 -8.73 28.50 32.09
CA ALA A 613 -8.42 29.32 33.24
C ALA A 613 -8.34 30.80 32.88
N VAL A 614 -7.77 31.11 31.71
CA VAL A 614 -7.51 32.50 31.36
C VAL A 614 -8.80 33.19 30.95
N ARG A 615 -9.59 32.58 30.07
CA ARG A 615 -10.73 33.28 29.52
C ARG A 615 -11.90 33.30 30.50
N GLY A 616 -11.79 32.54 31.59
CA GLY A 616 -12.78 32.64 32.65
C GLY A 616 -12.75 33.99 33.34
N ALA A 617 -11.57 34.60 33.40
CA ALA A 617 -11.44 35.90 34.06
C ALA A 617 -11.94 37.02 33.14
N PHE A 618 -11.74 36.87 31.83
CA PHE A 618 -12.31 37.82 30.88
C PHE A 618 -13.82 37.76 30.89
N GLU A 619 -14.38 36.56 31.10
CA GLU A 619 -15.83 36.43 31.25
C GLU A 619 -16.28 36.97 32.59
N ASP A 620 -15.36 37.04 33.55
CA ASP A 620 -15.75 37.28 34.92
C ASP A 620 -16.09 38.74 35.12
N ARG A 621 -17.38 39.06 35.00
CA ARG A 621 -17.89 40.36 35.43
C ARG A 621 -18.06 40.42 36.94
N SER A 622 -17.81 39.33 37.64
CA SER A 622 -17.77 39.34 39.09
C SER A 622 -16.36 39.55 39.61
N TYR A 623 -15.55 40.28 38.87
CA TYR A 623 -14.12 40.32 39.12
C TYR A 623 -13.82 41.25 40.29
N PRO A 624 -12.84 40.92 41.11
CA PRO A 624 -12.46 41.81 42.21
C PRO A 624 -11.84 43.09 41.70
N ALA A 625 -12.40 44.22 42.13
CA ALA A 625 -12.00 45.51 41.57
C ALA A 625 -10.65 45.96 42.11
N VAL A 626 -10.13 45.26 43.12
CA VAL A 626 -8.81 45.58 43.66
C VAL A 626 -7.71 45.35 42.64
N PHE A 627 -7.90 44.38 41.75
CA PHE A 627 -6.80 43.91 40.92
C PHE A 627 -6.45 44.91 39.85
N TYR A 628 -7.43 45.64 39.34
CA TYR A 628 -7.14 46.77 38.47
C TYR A 628 -6.48 47.91 39.25
N LEU A 629 -6.88 48.10 40.50
CA LEU A 629 -6.19 49.09 41.33
C LEU A 629 -4.81 48.59 41.70
N LEU A 630 -4.68 47.28 41.95
CA LEU A 630 -3.36 46.69 42.09
C LEU A 630 -2.58 46.80 40.79
N GLN A 631 -3.26 46.69 39.65
CA GLN A 631 -2.64 47.01 38.37
C GLN A 631 -2.26 48.48 38.32
N ALA A 632 -3.06 49.35 38.93
CA ALA A 632 -2.66 50.74 39.04
C ALA A 632 -1.65 50.95 40.16
N ALA A 633 -1.60 50.03 41.12
CA ALA A 633 -0.60 50.15 42.18
C ALA A 633 0.80 49.85 41.66
N ILE A 634 0.99 48.64 41.14
CA ILE A 634 2.31 48.23 40.64
C ILE A 634 2.64 48.98 39.36
N HIS A 635 1.62 49.35 38.59
CA HIS A 635 1.64 50.37 37.51
C HIS A 635 2.77 50.19 36.51
N GLY A 636 3.15 48.93 36.28
CA GLY A 636 4.29 48.62 35.46
C GLY A 636 5.63 48.68 36.14
N ASN A 637 5.70 49.21 37.36
CA ASN A 637 6.98 49.31 38.06
C ASN A 637 7.42 47.95 38.56
N GLU A 638 8.54 47.48 38.03
CA GLU A 638 9.07 46.19 38.43
C GLU A 638 9.63 46.24 39.84
N HIS A 639 10.11 47.41 40.26
CA HIS A 639 10.62 47.59 41.62
C HIS A 639 9.50 47.47 42.64
N VAL A 640 8.37 48.15 42.37
CA VAL A 640 7.24 48.14 43.28
C VAL A 640 6.54 46.78 43.26
N PHE A 641 6.78 45.98 42.22
CA PHE A 641 6.26 44.62 42.19
C PHE A 641 6.83 43.78 43.33
N CYS A 642 8.16 43.69 43.42
CA CYS A 642 8.76 42.92 44.49
C CYS A 642 8.61 43.62 45.83
N ALA A 643 8.25 44.90 45.84
CA ALA A 643 7.88 45.57 47.07
C ALA A 643 6.61 44.98 47.66
N LEU A 644 5.64 44.69 46.82
CA LEU A 644 4.37 44.15 47.29
C LEU A 644 4.13 42.74 46.82
N ALA A 645 5.20 41.96 46.62
CA ALA A 645 5.08 40.67 45.96
C ALA A 645 4.32 39.65 46.81
N ARG A 646 4.36 39.80 48.13
CA ARG A 646 3.51 38.97 48.97
C ARG A 646 2.04 39.28 48.76
N LEU A 647 1.72 40.57 48.57
CA LEU A 647 0.33 40.94 48.28
C LEU A 647 -0.13 40.35 46.95
N VAL A 648 0.77 40.29 45.98
CA VAL A 648 0.41 39.69 44.69
C VAL A 648 0.16 38.20 44.86
N THR A 649 0.94 37.55 45.72
CA THR A 649 0.83 36.10 45.93
C THR A 649 -0.50 35.73 46.56
N GLN A 650 -0.87 36.41 47.65
CA GLN A 650 -2.09 36.06 48.34
C GLN A 650 -3.32 36.43 47.55
N CYS A 651 -3.25 37.48 46.75
CA CYS A 651 -4.39 37.86 45.93
C CYS A 651 -4.71 36.83 44.88
N ILE A 652 -3.69 36.19 44.31
CA ILE A 652 -3.91 35.22 43.25
C ILE A 652 -4.51 33.94 43.81
N THR A 653 -3.90 33.40 44.86
CA THR A 653 -4.29 32.08 45.34
C THR A 653 -5.65 32.13 46.04
N SER A 654 -5.94 33.23 46.74
CA SER A 654 -7.28 33.41 47.31
C SER A 654 -8.32 33.52 46.21
N TYR A 655 -7.99 34.22 45.12
CA TYR A 655 -8.84 34.19 43.95
C TYR A 655 -8.83 32.83 43.28
N TRP A 656 -7.73 32.08 43.40
CA TRP A 656 -7.68 30.73 42.87
C TRP A 656 -8.52 29.77 43.70
N ASN A 657 -8.76 30.12 44.96
CA ASN A 657 -9.63 29.28 45.78
C ASN A 657 -11.07 29.41 45.34
N ASN A 658 -11.51 30.62 45.02
CA ASN A 658 -12.89 30.83 44.62
C ASN A 658 -13.11 30.33 43.20
N THR A 659 -12.31 30.83 42.26
CA THR A 659 -12.48 30.52 40.85
C THR A 659 -11.31 29.73 40.33
N ARG A 660 -11.53 28.97 39.27
CA ARG A 660 -10.43 28.43 38.50
C ARG A 660 -10.02 29.43 37.44
N CYS A 661 -9.58 30.61 37.87
CA CYS A 661 -9.30 31.68 36.93
C CYS A 661 -8.04 32.40 37.35
N ALA A 662 -7.34 32.94 36.37
CA ALA A 662 -6.12 33.70 36.61
C ALA A 662 -6.47 35.14 36.99
N ALA A 663 -5.61 35.76 37.79
CA ALA A 663 -5.93 37.08 38.33
C ALA A 663 -5.54 38.21 37.38
N PHE A 664 -4.26 38.39 37.12
CA PHE A 664 -3.75 39.64 36.58
C PHE A 664 -3.42 39.59 35.09
N VAL A 665 -4.20 38.87 34.28
CA VAL A 665 -3.90 38.75 32.86
C VAL A 665 -4.20 40.02 32.09
N ASN A 666 -4.76 41.03 32.73
CA ASN A 666 -5.06 42.31 32.11
C ASN A 666 -3.83 43.12 31.71
N ASP A 667 -2.63 42.76 32.18
CA ASP A 667 -1.42 43.50 31.89
C ASP A 667 -0.27 42.51 31.76
N TYR A 668 0.32 42.44 30.56
CA TYR A 668 1.40 41.49 30.29
C TYR A 668 2.63 41.79 31.10
N SER A 669 2.90 43.08 31.36
CA SER A 669 4.04 43.47 32.17
C SER A 669 3.91 42.93 33.58
N LEU A 670 2.69 42.81 34.08
CA LEU A 670 2.49 42.12 35.34
C LEU A 670 2.70 40.63 35.19
N VAL A 671 2.16 40.05 34.11
CA VAL A 671 2.24 38.61 33.90
C VAL A 671 3.67 38.18 33.61
N SER A 672 4.47 39.09 33.04
CA SER A 672 5.91 38.85 32.94
C SER A 672 6.56 38.71 34.31
N TYR A 673 6.03 39.40 35.31
CA TYR A 673 6.67 39.44 36.62
C TYR A 673 6.36 38.19 37.44
N ILE A 674 5.09 37.78 37.48
CA ILE A 674 4.68 36.61 38.26
C ILE A 674 5.36 35.35 37.76
N VAL A 675 5.52 35.23 36.43
CA VAL A 675 6.28 34.13 35.87
C VAL A 675 7.76 34.27 36.24
N THR A 676 8.24 35.50 36.39
CA THR A 676 9.65 35.68 36.68
C THR A 676 9.92 35.61 38.18
N TYR A 677 9.05 36.23 38.98
CA TYR A 677 9.46 36.44 40.37
C TYR A 677 8.75 35.50 41.35
N LEU A 678 7.46 35.28 41.22
CA LEU A 678 6.74 34.51 42.22
C LEU A 678 6.63 33.02 41.87
N GLY A 679 7.65 32.46 41.22
CA GLY A 679 7.53 31.09 40.75
C GLY A 679 7.61 30.01 41.82
N GLY A 680 7.92 30.39 43.05
CA GLY A 680 7.99 29.41 44.12
C GLY A 680 6.70 29.31 44.90
N ASP A 681 6.14 30.44 45.29
CA ASP A 681 5.04 30.49 46.25
C ASP A 681 3.68 30.43 45.56
N LEU A 682 3.53 29.53 44.60
CA LEU A 682 2.25 29.29 43.98
C LEU A 682 2.00 27.81 43.83
N PRO A 683 0.75 27.36 43.90
CA PRO A 683 0.45 26.00 43.46
C PRO A 683 0.63 25.90 41.95
N GLU A 684 1.04 24.71 41.50
CA GLU A 684 1.38 24.52 40.10
C GLU A 684 0.16 24.60 39.19
N GLU A 685 -1.03 24.36 39.75
CA GLU A 685 -2.25 24.33 38.96
C GLU A 685 -2.59 25.72 38.41
N CYS A 686 -2.22 26.78 39.12
CA CYS A 686 -2.39 28.13 38.59
C CYS A 686 -1.07 28.80 38.22
N MET A 687 0.07 28.24 38.62
CA MET A 687 1.33 28.79 38.18
C MET A 687 1.59 28.51 36.71
N ALA A 688 1.29 27.29 36.24
CA ALA A 688 1.49 26.97 34.83
C ALA A 688 0.48 27.67 33.94
N VAL A 689 -0.57 28.24 34.52
CA VAL A 689 -1.49 29.08 33.76
C VAL A 689 -0.78 30.31 33.23
N TYR A 690 -0.07 31.04 34.09
CA TYR A 690 0.65 32.21 33.65
C TYR A 690 1.87 31.85 32.83
N ARG A 691 2.44 30.66 33.10
CA ARG A 691 3.62 30.21 32.38
C ARG A 691 3.35 29.98 30.91
N ASP A 692 2.32 29.18 30.61
CA ASP A 692 1.98 28.84 29.23
C ASP A 692 1.55 30.06 28.45
N LEU A 693 0.96 31.05 29.12
CA LEU A 693 0.51 32.26 28.45
C LEU A 693 1.66 33.05 27.85
N VAL A 694 2.70 33.30 28.63
CA VAL A 694 3.84 34.06 28.14
C VAL A 694 4.67 33.22 27.18
N ALA A 695 4.79 31.93 27.47
CA ALA A 695 5.52 31.01 26.60
C ALA A 695 4.90 30.94 25.23
N HIS A 696 3.58 30.98 25.14
CA HIS A 696 2.91 30.97 23.86
C HIS A 696 3.07 32.27 23.10
N VAL A 697 3.30 33.38 23.80
CA VAL A 697 3.61 34.64 23.12
C VAL A 697 4.96 34.54 22.43
N GLU A 698 5.96 34.01 23.13
CA GLU A 698 7.26 33.84 22.47
C GLU A 698 7.26 32.71 21.46
N ALA A 699 6.26 31.82 21.51
CA ALA A 699 6.04 30.92 20.40
C ALA A 699 5.63 31.68 19.14
N LEU A 700 4.85 32.75 19.32
CA LEU A 700 4.47 33.59 18.18
C LEU A 700 5.56 34.59 17.81
N ALA A 701 6.63 34.66 18.60
CA ALA A 701 7.68 35.65 18.34
C ALA A 701 8.42 35.32 17.06
N GLN A 702 8.90 34.07 16.94
CA GLN A 702 9.71 33.71 15.78
C GLN A 702 8.85 33.31 14.58
N LEU A 703 7.54 33.48 14.67
CA LEU A 703 6.65 33.30 13.53
C LEU A 703 7.01 34.22 12.38
N VAL A 704 7.36 35.47 12.67
CA VAL A 704 7.89 36.35 11.65
C VAL A 704 9.24 35.84 11.17
N ASP A 705 10.04 35.35 12.12
CA ASP A 705 11.43 35.01 11.85
C ASP A 705 11.57 33.76 10.99
N ASP A 706 10.56 32.90 10.97
CA ASP A 706 10.59 31.78 10.05
C ASP A 706 10.38 32.24 8.62
N PHE A 707 9.68 33.36 8.45
CA PHE A 707 9.32 33.83 7.12
C PHE A 707 10.02 35.12 6.73
N THR A 708 11.31 35.25 7.02
CA THR A 708 12.05 36.45 6.71
C THR A 708 13.42 36.09 6.16
N LEU A 709 13.69 36.49 4.93
CA LEU A 709 15.03 36.42 4.39
C LEU A 709 15.93 37.43 5.09
N PRO A 710 17.08 37.00 5.58
CA PRO A 710 18.05 37.96 6.10
C PRO A 710 18.65 38.82 4.99
N GLY A 711 18.38 40.11 5.04
CA GLY A 711 19.03 41.08 4.18
C GLY A 711 19.60 42.22 4.99
N PRO A 712 20.33 43.13 4.34
CA PRO A 712 20.86 44.30 5.05
C PRO A 712 19.75 45.25 5.45
N GLU A 713 20.06 46.19 6.33
CA GLU A 713 19.04 47.13 6.78
C GLU A 713 18.75 48.18 5.72
N LEU A 714 17.56 48.77 5.82
CA LEU A 714 17.08 49.75 4.87
C LEU A 714 16.52 50.93 5.64
N GLY A 715 17.23 52.05 5.61
CA GLY A 715 16.76 53.27 6.24
C GLY A 715 16.77 53.23 7.75
N GLY A 716 17.81 52.62 8.33
CA GLY A 716 17.88 52.46 9.77
C GLY A 716 16.82 51.53 10.29
N GLN A 717 16.36 50.60 9.46
CA GLN A 717 15.28 49.69 9.80
C GLN A 717 15.65 48.29 9.32
N ALA A 718 15.37 47.30 10.15
CA ALA A 718 15.70 45.93 9.83
C ALA A 718 14.77 45.38 8.76
N GLN A 719 15.11 44.20 8.24
CA GLN A 719 14.22 43.50 7.34
C GLN A 719 12.90 43.17 8.01
N ALA A 720 12.95 42.75 9.28
CA ALA A 720 11.74 42.33 9.98
C ALA A 720 10.86 43.51 10.32
N GLU A 721 11.44 44.69 10.52
CA GLU A 721 10.63 45.89 10.65
C GLU A 721 9.90 46.18 9.35
N LEU A 722 10.56 45.97 8.23
CA LEU A 722 9.89 46.11 6.95
C LEU A 722 8.91 44.97 6.70
N ASN A 723 9.15 43.80 7.26
CA ASN A 723 8.35 42.62 6.97
C ASN A 723 7.01 42.64 7.68
N HIS A 724 7.02 42.72 9.00
CA HIS A 724 5.82 42.54 9.79
C HIS A 724 5.63 43.77 10.66
N LEU A 725 4.40 43.96 11.14
CA LEU A 725 4.10 45.15 11.92
C LEU A 725 4.63 45.04 13.35
N MET A 726 4.82 43.82 13.84
CA MET A 726 5.14 43.66 15.25
C MET A 726 6.61 43.93 15.53
N ARG A 727 7.50 43.58 14.59
CA ARG A 727 8.89 43.99 14.74
C ARG A 727 9.07 45.47 14.44
N ASP A 728 8.13 46.06 13.72
CA ASP A 728 8.27 47.43 13.29
C ASP A 728 7.88 48.39 14.41
N PRO A 729 8.71 49.37 14.73
CA PRO A 729 8.47 50.20 15.91
C PRO A 729 7.36 51.21 15.75
N ALA A 730 6.83 51.39 14.54
CA ALA A 730 5.87 52.48 14.31
C ALA A 730 4.55 52.22 15.01
N LEU A 731 4.16 50.96 15.12
CA LEU A 731 3.06 50.64 16.02
C LEU A 731 3.61 50.49 17.42
N LEU A 732 2.89 51.04 18.39
CA LEU A 732 3.23 50.99 19.78
C LEU A 732 2.05 50.41 20.54
N PRO A 733 2.26 49.74 21.68
CA PRO A 733 1.16 49.11 22.40
C PRO A 733 0.22 50.15 23.00
N PRO A 734 -1.05 49.82 23.20
CA PRO A 734 -2.00 50.85 23.67
C PRO A 734 -1.78 51.31 25.10
N LEU A 735 -0.97 50.61 25.89
CA LEU A 735 -0.71 50.96 27.28
C LEU A 735 0.79 51.03 27.48
N VAL A 736 1.34 52.25 27.54
CA VAL A 736 2.79 52.44 27.61
C VAL A 736 3.09 53.16 28.92
N TRP A 737 3.54 52.41 29.92
CA TRP A 737 3.83 53.01 31.22
C TRP A 737 5.11 53.84 31.20
N ASP A 738 6.10 53.41 30.42
CA ASP A 738 7.42 54.02 30.38
C ASP A 738 7.57 54.99 29.23
N CYS A 739 8.80 55.41 28.98
CA CYS A 739 9.11 56.31 27.88
C CYS A 739 9.88 55.62 26.76
N ASP A 740 10.11 54.31 26.87
CA ASP A 740 11.15 53.65 26.09
C ASP A 740 10.78 53.48 24.63
N GLY A 741 9.49 53.32 24.35
CA GLY A 741 9.07 53.04 22.99
C GLY A 741 9.18 54.25 22.08
N LEU A 742 8.90 55.44 22.63
CA LEU A 742 8.87 56.63 21.78
C LEU A 742 10.29 57.09 21.46
N MET A 743 11.26 56.62 22.23
CA MET A 743 12.67 56.79 21.89
C MET A 743 12.99 56.18 20.53
N ARG A 744 12.40 55.02 20.25
CA ARG A 744 12.53 54.44 18.92
C ARG A 744 11.65 55.16 17.91
N HIS A 745 10.53 55.76 18.34
CA HIS A 745 9.69 56.52 17.43
C HIS A 745 10.41 57.71 16.81
N ALA A 746 10.85 58.66 17.64
CA ALA A 746 11.41 59.90 17.12
C ALA A 746 12.74 59.70 16.40
N ALA A 747 13.35 58.53 16.56
CA ALA A 747 14.56 58.18 15.82
C ALA A 747 14.14 57.40 14.57
N LEU A 748 13.27 58.00 13.76
CA LEU A 748 12.89 57.40 12.49
C LEU A 748 12.72 58.51 11.46
N ASP A 749 13.00 58.15 10.20
CA ASP A 749 12.72 59.06 9.10
C ASP A 749 11.24 59.07 8.76
N ARG A 750 10.55 57.98 9.10
CA ARG A 750 9.10 57.91 8.89
C ARG A 750 8.36 58.74 9.92
N HIS A 751 9.05 59.10 10.99
CA HIS A 751 8.41 59.68 12.15
C HIS A 751 7.91 61.09 11.90
N ARG A 752 6.63 61.31 12.19
CA ARG A 752 5.99 62.60 11.96
C ARG A 752 5.30 63.03 13.25
N ASP A 753 5.51 64.30 13.60
CA ASP A 753 4.67 65.16 14.46
C ASP A 753 3.97 64.45 15.63
N CYS A 754 4.79 63.81 16.47
CA CYS A 754 4.32 62.87 17.48
C CYS A 754 3.57 63.61 18.56
N ARG A 755 2.27 63.76 18.38
CA ARG A 755 1.49 64.69 19.18
C ARG A 755 0.79 63.95 20.30
N ILE A 756 1.40 63.96 21.48
CA ILE A 756 0.73 63.59 22.72
C ILE A 756 -0.37 64.62 22.94
N ASP A 757 -1.51 64.19 23.50
CA ASP A 757 -2.65 65.08 23.66
C ASP A 757 -2.59 65.68 25.06
N ALA A 758 -1.53 66.43 25.31
CA ALA A 758 -1.44 67.16 26.57
C ALA A 758 -1.28 68.65 26.29
N GLY A 759 -0.24 69.01 25.55
CA GLY A 759 -0.08 70.35 25.05
C GLY A 759 0.05 70.39 23.54
N GLY A 760 1.25 70.72 23.08
CA GLY A 760 1.53 70.74 21.66
C GLY A 760 1.87 69.34 21.16
N HIS A 761 2.75 69.31 20.16
CA HIS A 761 3.10 68.01 19.58
C HIS A 761 4.06 67.23 20.46
N GLU A 762 5.31 67.71 20.58
CA GLU A 762 6.28 66.65 20.87
C GLU A 762 6.45 66.41 22.37
N PRO A 763 6.79 65.19 22.76
CA PRO A 763 7.01 64.90 24.18
C PRO A 763 8.49 65.00 24.58
N VAL A 764 8.69 65.56 25.77
CA VAL A 764 9.96 65.51 26.51
C VAL A 764 9.53 65.01 27.89
N TYR A 765 10.46 64.52 28.70
CA TYR A 765 10.12 63.40 29.58
C TYR A 765 10.42 63.63 31.05
N ALA A 766 9.96 62.65 31.84
CA ALA A 766 10.12 62.55 33.29
C ALA A 766 10.65 61.17 33.62
N ALA A 767 11.77 61.12 34.36
CA ALA A 767 12.54 59.90 34.52
C ALA A 767 12.03 58.97 35.62
N ALA A 768 11.38 59.52 36.65
CA ALA A 768 10.80 58.72 37.72
C ALA A 768 9.70 59.55 38.36
N CYS A 769 9.20 59.07 39.50
CA CYS A 769 8.08 59.75 40.14
C CYS A 769 8.33 59.87 41.64
N ASN A 770 7.57 60.76 42.28
CA ASN A 770 7.68 61.04 43.71
C ASN A 770 6.31 61.48 44.23
N VAL A 771 6.29 62.06 45.43
CA VAL A 771 5.07 62.66 45.96
C VAL A 771 4.87 64.07 45.41
N ALA A 772 5.96 64.79 45.14
CA ALA A 772 5.85 66.12 44.56
C ALA A 772 5.91 66.06 43.04
N THR A 773 6.51 65.02 42.49
CA THR A 773 6.63 64.89 41.04
C THR A 773 5.31 64.45 40.40
N ALA A 774 4.50 63.71 41.15
CA ALA A 774 3.20 63.24 40.66
C ALA A 774 2.23 64.40 40.58
N ASP A 775 1.99 64.90 39.37
CA ASP A 775 1.00 65.94 39.13
C ASP A 775 0.05 65.39 38.07
N PHE A 776 -1.20 65.14 38.46
CA PHE A 776 -2.07 64.32 37.63
C PHE A 776 -2.77 65.14 36.56
N ASN A 777 -3.38 66.26 36.94
CA ASN A 777 -4.20 67.07 36.04
C ASN A 777 -3.33 68.15 35.41
N ARG A 778 -2.45 67.75 34.49
CA ARG A 778 -1.56 68.70 33.83
C ARG A 778 -1.64 68.50 32.32
N ASN A 779 -1.27 69.54 31.59
CA ASN A 779 -1.47 69.60 30.15
C ASN A 779 -0.20 70.10 29.44
N ASP A 780 0.95 69.52 29.77
CA ASP A 780 2.19 69.94 29.15
C ASP A 780 2.92 68.83 28.37
N GLY A 781 2.78 67.56 28.76
CA GLY A 781 3.36 66.49 27.96
C GLY A 781 4.51 65.71 28.57
N ARG A 782 4.48 65.40 29.86
CA ARG A 782 5.48 64.49 30.39
C ARG A 782 4.96 63.06 30.43
N LEU A 783 5.90 62.14 30.29
CA LEU A 783 5.61 60.71 30.39
C LEU A 783 6.47 60.17 31.53
N LEU A 784 5.92 59.27 32.35
CA LEU A 784 6.75 58.62 33.36
C LEU A 784 7.55 57.48 32.75
N HIS A 785 8.55 57.06 33.51
CA HIS A 785 9.57 56.10 33.10
C HIS A 785 9.77 55.02 34.16
N ASN A 786 9.13 55.15 35.32
CA ASN A 786 9.42 54.34 36.51
C ASN A 786 8.83 52.92 36.40
N THR A 787 9.30 52.18 35.39
CA THR A 787 8.81 50.83 35.11
C THR A 787 9.89 49.77 35.17
N GLN A 788 11.16 50.17 35.22
CA GLN A 788 12.25 49.24 35.06
C GLN A 788 12.52 48.46 36.34
N ALA A 789 13.56 47.63 36.31
CA ALA A 789 13.90 46.83 37.48
C ALA A 789 14.47 47.67 38.62
N ARG A 790 15.03 48.85 38.31
CA ARG A 790 15.71 49.66 39.30
C ARG A 790 15.06 51.02 39.46
N ALA A 791 14.43 51.24 40.62
CA ALA A 791 13.98 52.58 40.97
C ALA A 791 15.14 53.49 41.37
N ALA A 792 16.35 52.92 41.51
CA ALA A 792 17.54 53.74 41.65
C ALA A 792 18.05 54.22 40.30
N ASP A 793 18.22 53.30 39.35
CA ASP A 793 18.76 53.62 38.03
C ASP A 793 17.65 54.20 37.17
N ALA A 794 17.58 55.53 37.11
CA ALA A 794 16.60 56.25 36.31
C ALA A 794 17.28 56.78 35.05
N ALA A 795 16.44 57.20 34.10
CA ALA A 795 16.91 57.70 32.81
C ALA A 795 15.83 58.53 32.14
N ASP A 796 16.26 59.55 31.40
CA ASP A 796 15.38 60.36 30.57
C ASP A 796 15.44 59.93 29.10
N ASP A 797 16.50 59.21 28.71
CA ASP A 797 16.63 58.74 27.33
C ASP A 797 16.84 57.23 27.27
N ARG A 798 17.57 56.68 28.24
CA ARG A 798 18.03 55.31 28.13
C ARG A 798 16.92 54.33 28.50
N PRO A 799 16.65 53.33 27.67
CA PRO A 799 15.70 52.26 28.07
C PRO A 799 16.42 51.17 28.84
N HIS A 800 15.92 50.85 30.03
CA HIS A 800 16.54 49.79 30.82
C HIS A 800 16.08 48.42 30.36
N ARG A 801 15.07 48.39 29.51
CA ARG A 801 14.56 47.14 28.98
C ARG A 801 15.40 46.72 27.77
N PRO A 802 15.57 45.41 27.56
CA PRO A 802 16.39 44.95 26.42
C PRO A 802 15.67 44.98 25.09
N ALA A 803 14.49 45.64 25.03
CA ALA A 803 13.69 45.98 23.84
C ALA A 803 13.02 44.77 23.19
N ASP A 804 13.38 43.56 23.63
CA ASP A 804 12.56 42.40 23.33
C ASP A 804 11.25 42.49 24.12
N TRP A 805 11.33 43.11 25.29
CA TRP A 805 10.23 43.55 26.13
C TRP A 805 9.11 44.26 25.40
N THR A 806 9.45 45.37 24.73
CA THR A 806 8.40 46.24 24.21
C THR A 806 7.80 45.69 22.92
N VAL A 807 8.45 44.71 22.31
CA VAL A 807 7.87 44.07 21.13
C VAL A 807 6.72 43.17 21.56
N HIS A 808 6.89 42.47 22.68
CA HIS A 808 5.89 41.51 23.13
C HIS A 808 4.58 42.16 23.58
N HIS A 809 4.60 43.41 24.03
CA HIS A 809 3.35 44.04 24.42
C HIS A 809 2.48 44.35 23.21
N LYS A 810 3.11 44.69 22.09
CA LYS A 810 2.38 44.76 20.82
C LYS A 810 1.82 43.38 20.45
N ILE A 811 2.59 42.33 20.73
CA ILE A 811 2.12 40.98 20.48
C ILE A 811 0.99 40.64 21.44
N TYR A 812 1.04 41.23 22.64
CA TYR A 812 0.06 40.86 23.66
C TYR A 812 -1.28 41.50 23.38
N TYR A 813 -1.32 42.83 23.37
CA TYR A 813 -2.60 43.53 23.34
C TYR A 813 -3.30 43.37 22.00
N TYR A 814 -2.55 43.54 20.90
CA TYR A 814 -3.16 43.55 19.58
C TYR A 814 -3.61 42.14 19.16
N VAL A 815 -3.13 41.10 19.84
CA VAL A 815 -3.52 39.75 19.47
C VAL A 815 -4.35 39.09 20.57
N LEU A 816 -3.78 38.98 21.77
CA LEU A 816 -4.27 37.99 22.73
C LEU A 816 -5.55 38.42 23.43
N VAL A 817 -5.69 39.69 23.74
CA VAL A 817 -6.91 40.19 24.39
C VAL A 817 -8.11 40.03 23.45
N PRO A 818 -8.02 40.28 22.12
CA PRO A 818 -9.10 39.77 21.27
C PRO A 818 -9.15 38.26 21.18
N ALA A 819 -8.02 37.58 21.28
CA ALA A 819 -8.01 36.13 21.16
C ALA A 819 -8.67 35.42 22.33
N PHE A 820 -8.84 36.08 23.47
CA PHE A 820 -9.59 35.50 24.56
C PHE A 820 -10.97 36.13 24.74
N SER A 821 -11.09 37.45 24.67
CA SER A 821 -12.35 38.11 24.94
C SER A 821 -13.30 38.10 23.75
N ARG A 822 -12.83 37.61 22.60
CA ARG A 822 -13.49 37.80 21.30
C ARG A 822 -13.77 39.27 21.03
N GLY A 823 -12.85 40.14 21.45
CA GLY A 823 -12.97 41.56 21.25
C GLY A 823 -13.85 42.28 22.23
N ARG A 824 -14.72 41.59 22.96
CA ARG A 824 -15.66 42.21 23.88
C ARG A 824 -14.89 42.68 25.09
N CYS A 825 -14.27 43.86 24.96
CA CYS A 825 -13.36 44.42 25.95
C CYS A 825 -13.11 45.88 25.60
N CYS A 826 -12.61 46.66 26.54
CA CYS A 826 -12.33 48.06 26.26
C CYS A 826 -11.24 48.56 27.18
N THR A 827 -10.31 49.32 26.61
CA THR A 827 -9.35 50.06 27.38
C THR A 827 -10.04 51.13 28.23
N ALA A 828 -9.37 51.49 29.32
CA ALA A 828 -9.94 52.48 30.21
C ALA A 828 -8.84 53.41 30.68
N GLY A 829 -9.05 54.70 30.45
CA GLY A 829 -8.21 55.72 31.03
C GLY A 829 -8.42 55.78 32.53
N VAL A 830 -7.39 56.21 33.24
CA VAL A 830 -7.35 56.06 34.68
C VAL A 830 -7.35 57.42 35.35
N ARG A 831 -8.37 57.64 36.21
CA ARG A 831 -8.45 58.83 37.07
C ARG A 831 -7.61 58.57 38.32
N PHE A 832 -6.30 58.80 38.21
CA PHE A 832 -5.36 58.49 39.29
C PHE A 832 -5.59 59.35 40.53
N ASP A 833 -6.28 60.48 40.38
CA ASP A 833 -6.71 61.25 41.55
C ASP A 833 -7.76 60.49 42.36
N ARG A 834 -8.53 59.60 41.71
CA ARG A 834 -9.53 58.86 42.45
C ARG A 834 -9.11 57.42 42.72
N VAL A 835 -8.08 56.92 42.03
CA VAL A 835 -7.64 55.54 42.22
C VAL A 835 -6.78 55.42 43.47
N TYR A 836 -5.74 56.24 43.56
CA TYR A 836 -4.86 56.22 44.73
C TYR A 836 -5.46 56.91 45.95
N ALA A 837 -6.70 57.40 45.86
CA ALA A 837 -7.40 57.96 47.00
C ALA A 837 -7.84 56.86 47.96
N THR A 838 -8.44 55.79 47.41
CA THR A 838 -8.96 54.72 48.26
C THR A 838 -8.09 53.48 48.25
N LEU A 839 -6.94 53.48 47.56
CA LEU A 839 -5.93 52.45 47.81
C LEU A 839 -5.35 52.59 49.20
N GLN A 840 -4.78 53.75 49.50
CA GLN A 840 -4.15 54.03 50.79
C GLN A 840 -5.21 54.49 51.79
N ASN A 841 -6.18 53.62 52.04
CA ASN A 841 -7.23 53.88 53.02
C ASN A 841 -7.60 52.53 53.62
N MET A 842 -6.93 52.15 54.71
CA MET A 842 -7.05 50.80 55.24
C MET A 842 -7.37 50.86 56.73
N VAL A 843 -7.91 49.75 57.24
CA VAL A 843 -8.15 49.58 58.67
C VAL A 843 -7.38 48.33 59.10
N VAL A 844 -6.22 48.53 59.72
CA VAL A 844 -5.40 47.46 60.25
C VAL A 844 -5.31 47.63 61.76
N PRO A 845 -5.77 46.66 62.55
CA PRO A 845 -5.67 46.81 64.01
C PRO A 845 -4.23 46.65 64.49
N GLU A 846 -3.94 47.29 65.62
CA GLU A 846 -2.66 47.10 66.28
C GLU A 846 -2.61 45.71 66.90
N ILE A 847 -1.62 44.91 66.50
CA ILE A 847 -1.53 43.53 66.97
C ILE A 847 -1.06 43.51 68.42
N ALA A 848 -1.59 42.56 69.19
CA ALA A 848 -1.15 42.39 70.57
C ALA A 848 0.24 41.76 70.58
N PRO A 849 1.13 42.22 71.46
CA PRO A 849 2.49 41.63 71.51
C PRO A 849 2.46 40.21 72.03
N GLY A 850 3.15 39.32 71.31
CA GLY A 850 3.18 37.92 71.65
C GLY A 850 2.11 37.07 71.00
N GLU A 851 1.23 37.67 70.20
CA GLU A 851 0.17 36.95 69.52
C GLU A 851 0.60 36.61 68.10
N GLU A 852 -0.06 35.60 67.51
CA GLU A 852 0.28 35.15 66.17
C GLU A 852 -0.38 36.06 65.13
N CYS A 853 -0.15 35.73 63.85
CA CYS A 853 -0.66 36.53 62.74
C CYS A 853 -2.09 36.11 62.41
N PRO A 854 -2.96 37.08 62.09
CA PRO A 854 -4.29 36.73 61.59
C PRO A 854 -4.22 36.12 60.19
N SER A 855 -4.73 34.90 60.07
CA SER A 855 -4.77 34.22 58.77
C SER A 855 -6.19 34.14 58.23
N ASP A 856 -7.18 33.90 59.10
CA ASP A 856 -8.56 33.75 58.71
C ASP A 856 -9.37 34.99 59.08
N PRO A 857 -10.28 35.45 58.23
CA PRO A 857 -11.06 36.65 58.57
C PRO A 857 -12.29 36.37 59.41
N VAL A 858 -12.73 35.12 59.49
CA VAL A 858 -13.98 34.82 60.18
C VAL A 858 -13.79 34.77 61.69
N THR A 859 -12.74 34.08 62.15
CA THR A 859 -12.56 33.80 63.57
C THR A 859 -11.87 34.96 64.29
N ASP A 860 -10.71 35.38 63.79
CA ASP A 860 -9.86 36.34 64.49
C ASP A 860 -10.41 37.75 64.33
N PRO A 861 -10.78 38.45 65.42
CA PRO A 861 -11.28 39.82 65.26
C PRO A 861 -10.20 40.84 64.97
N ALA A 862 -8.92 40.48 65.16
CA ALA A 862 -7.82 41.37 64.82
C ALA A 862 -7.46 41.34 63.33
N HIS A 863 -8.15 40.52 62.55
CA HIS A 863 -7.90 40.42 61.12
C HIS A 863 -8.48 41.65 60.42
N PRO A 864 -7.81 42.21 59.41
CA PRO A 864 -8.31 43.43 58.77
C PRO A 864 -9.60 43.23 57.96
N LEU A 865 -9.89 42.01 57.53
CA LEU A 865 -11.14 41.70 56.83
C LEU A 865 -12.21 41.13 57.75
N HIS A 866 -12.04 41.24 59.07
CA HIS A 866 -13.10 40.87 59.99
C HIS A 866 -14.21 41.91 59.90
N PRO A 867 -15.48 41.49 60.03
CA PRO A 867 -16.60 42.46 59.91
C PRO A 867 -16.65 43.55 60.98
N ALA A 868 -15.93 43.39 62.10
CA ALA A 868 -15.74 44.53 63.00
C ALA A 868 -14.73 45.53 62.45
N ASN A 869 -13.82 45.08 61.58
CA ASN A 869 -12.84 45.94 60.95
C ASN A 869 -13.27 46.39 59.55
N LEU A 870 -14.39 45.89 59.06
CA LEU A 870 -14.93 46.31 57.77
C LEU A 870 -15.78 47.57 57.97
N VAL A 871 -15.18 48.72 57.75
CA VAL A 871 -15.87 50.00 57.82
C VAL A 871 -16.20 50.35 56.37
N ALA A 872 -17.17 51.22 56.15
CA ALA A 872 -17.45 51.72 54.81
C ALA A 872 -16.28 52.56 54.28
N ASN A 873 -16.06 52.46 52.97
CA ASN A 873 -15.14 53.26 52.17
C ASN A 873 -13.66 53.05 52.51
N THR A 874 -13.24 51.81 52.77
CA THR A 874 -11.85 51.44 52.95
C THR A 874 -11.37 50.53 51.81
N VAL A 875 -10.15 50.00 51.93
CA VAL A 875 -9.59 49.23 50.82
C VAL A 875 -9.74 47.71 51.05
N LYS A 876 -9.70 47.25 52.31
CA LYS A 876 -9.84 45.81 52.55
C LYS A 876 -11.29 45.35 52.46
N ARG A 877 -12.25 46.28 52.43
CA ARG A 877 -13.62 45.94 52.10
C ARG A 877 -13.81 45.79 50.60
N MET A 878 -12.87 46.31 49.81
CA MET A 878 -12.91 46.11 48.36
C MET A 878 -12.28 44.78 47.99
N PHE A 879 -11.40 44.25 48.86
CA PHE A 879 -11.06 42.83 48.82
C PHE A 879 -12.17 41.95 49.39
N HIS A 880 -13.21 42.58 49.96
CA HIS A 880 -14.37 41.86 50.47
C HIS A 880 -15.55 41.95 49.51
N ASN A 881 -15.55 42.95 48.62
CA ASN A 881 -16.51 42.94 47.51
C ASN A 881 -16.16 41.84 46.52
N GLY A 882 -15.02 41.98 45.85
CA GLY A 882 -14.45 40.84 45.17
C GLY A 882 -13.60 40.09 46.18
N ARG A 883 -14.09 38.92 46.60
CA ARG A 883 -13.59 38.24 47.80
C ARG A 883 -12.16 37.77 47.63
N VAL A 884 -11.24 38.47 48.30
CA VAL A 884 -9.82 38.13 48.26
C VAL A 884 -9.27 38.17 49.67
N VAL A 885 -8.80 37.02 50.14
CA VAL A 885 -8.15 36.89 51.44
C VAL A 885 -6.78 37.53 51.34
N VAL A 886 -6.55 38.56 52.14
CA VAL A 886 -5.28 39.27 52.23
C VAL A 886 -4.98 39.51 53.70
N ASP A 887 -3.83 39.04 54.18
CA ASP A 887 -3.54 39.17 55.60
C ASP A 887 -2.79 40.48 55.89
N GLY A 888 -2.23 40.55 57.10
CA GLY A 888 -1.38 41.65 57.53
C GLY A 888 -0.14 41.92 56.68
N PRO A 889 0.80 40.96 56.59
CA PRO A 889 2.04 41.21 55.83
C PRO A 889 1.87 41.29 54.30
N ALA A 890 0.66 41.14 53.77
CA ALA A 890 0.44 41.40 52.35
C ALA A 890 0.13 42.87 52.10
N MET A 891 -0.88 43.41 52.81
CA MET A 891 -1.30 44.80 52.59
C MET A 891 -0.46 45.81 53.35
N LEU A 892 0.51 45.37 54.17
CA LEU A 892 1.34 46.34 54.87
C LEU A 892 2.39 46.95 53.95
N THR A 893 2.70 46.26 52.84
CA THR A 893 3.70 46.71 51.88
C THR A 893 3.22 47.81 50.94
N LEU A 894 2.02 48.37 51.17
CA LEU A 894 1.40 49.34 50.26
C LEU A 894 2.01 50.75 50.40
N GLN A 895 3.02 50.93 51.26
CA GLN A 895 3.65 52.23 51.43
C GLN A 895 4.65 52.56 50.32
N VAL A 896 4.86 51.67 49.35
CA VAL A 896 5.77 51.92 48.24
C VAL A 896 5.01 52.59 47.08
N LEU A 897 3.78 53.03 47.33
CA LEU A 897 3.03 53.81 46.35
C LEU A 897 3.43 55.28 46.37
N ALA A 898 4.01 55.76 47.47
CA ALA A 898 4.41 57.15 47.54
C ALA A 898 5.71 57.41 46.80
N HIS A 899 6.42 56.36 46.41
CA HIS A 899 7.75 56.54 45.84
C HIS A 899 7.79 56.24 44.34
N ASN A 900 6.85 55.45 43.82
CA ASN A 900 6.61 55.33 42.38
C ASN A 900 5.14 55.07 42.15
N MET A 901 4.55 55.76 41.18
CA MET A 901 3.18 55.53 40.76
C MET A 901 3.11 55.78 39.26
N ALA A 902 1.91 55.82 38.70
CA ALA A 902 1.72 56.13 37.29
C ALA A 902 0.92 57.41 37.16
N GLU A 903 1.34 58.30 36.25
CA GLU A 903 0.94 59.68 36.43
C GLU A 903 -0.42 59.96 35.79
N ARG A 904 -0.67 59.51 34.55
CA ARG A 904 -1.81 60.08 33.86
C ARG A 904 -2.24 59.19 32.70
N THR A 905 -3.53 59.30 32.36
CA THR A 905 -4.03 58.90 31.07
C THR A 905 -4.03 60.11 30.13
N THR A 906 -3.46 59.91 28.95
CA THR A 906 -3.34 60.95 27.94
C THR A 906 -3.12 60.28 26.59
N ALA A 907 -3.84 60.73 25.57
CA ALA A 907 -3.75 60.11 24.25
C ALA A 907 -2.42 60.44 23.58
N LEU A 908 -1.74 59.40 23.09
CA LEU A 908 -0.48 59.53 22.37
C LEU A 908 -0.76 59.28 20.90
N LEU A 909 -0.88 60.35 20.12
CA LEU A 909 -1.18 60.25 18.70
C LEU A 909 0.05 60.65 17.91
N CYS A 910 0.79 59.67 17.41
CA CYS A 910 2.03 59.94 16.70
C CYS A 910 1.92 59.35 15.31
N SER A 911 1.79 60.21 14.32
CA SER A 911 1.62 59.79 12.94
C SER A 911 2.95 59.34 12.38
N ALA A 912 2.91 58.79 11.16
CA ALA A 912 4.13 58.28 10.56
C ALA A 912 4.03 58.44 9.05
N ALA A 913 5.19 58.39 8.40
CA ALA A 913 5.27 58.23 6.96
C ALA A 913 5.26 56.75 6.63
N PRO A 914 4.90 56.39 5.40
CA PRO A 914 5.00 54.99 5.00
C PRO A 914 6.43 54.51 4.91
N ASP A 915 6.59 53.20 4.95
CA ASP A 915 7.91 52.60 4.93
C ASP A 915 8.54 52.70 3.56
N ALA A 916 9.86 52.92 3.56
CA ALA A 916 10.66 52.68 2.37
C ALA A 916 10.50 51.24 1.94
N GLY A 917 10.38 51.01 0.64
CA GLY A 917 9.66 49.81 0.31
C GLY A 917 8.20 50.11 0.55
N ALA A 918 7.57 50.74 -0.47
CA ALA A 918 6.26 51.40 -0.58
C ALA A 918 6.28 52.84 -0.10
N ASN A 919 7.46 53.46 -0.06
CA ASN A 919 7.53 54.91 0.00
C ASN A 919 7.83 55.41 -1.41
N THR A 920 6.79 55.83 -2.12
CA THR A 920 6.92 56.36 -3.47
C THR A 920 6.44 57.80 -3.46
N ALA A 921 6.45 58.39 -4.65
CA ALA A 921 5.98 59.77 -4.80
C ALA A 921 4.49 59.89 -4.56
N SER A 922 3.74 58.83 -4.84
CA SER A 922 2.33 58.78 -4.51
C SER A 922 2.11 58.72 -3.01
N THR A 923 3.05 58.13 -2.28
CA THR A 923 2.84 57.79 -0.88
C THR A 923 3.55 58.71 0.09
N ALA A 924 4.18 59.79 -0.39
CA ALA A 924 5.04 60.58 0.48
C ALA A 924 4.23 61.46 1.42
N ASN A 925 2.95 61.66 1.13
CA ASN A 925 2.09 62.49 1.97
C ASN A 925 1.13 61.67 2.82
N MET A 926 1.22 60.36 2.78
CA MET A 926 0.23 59.52 3.42
C MET A 926 0.51 59.42 4.92
N ARG A 927 -0.52 59.64 5.71
CA ARG A 927 -0.42 59.64 7.17
C ARG A 927 -1.12 58.42 7.75
N ILE A 928 -0.50 57.81 8.75
CA ILE A 928 -1.10 56.72 9.50
C ILE A 928 -1.05 57.11 10.97
N PHE A 929 -2.21 57.37 11.55
CA PHE A 929 -2.30 57.83 12.93
C PHE A 929 -2.50 56.64 13.86
N ASP A 930 -1.75 56.61 14.97
CA ASP A 930 -1.91 55.61 16.01
C ASP A 930 -2.11 56.29 17.34
N GLY A 931 -3.27 56.06 17.95
CA GLY A 931 -3.55 56.63 19.25
C GLY A 931 -3.47 55.60 20.37
N ALA A 932 -2.96 56.03 21.52
CA ALA A 932 -2.76 55.15 22.66
C ALA A 932 -2.64 56.00 23.92
N LEU A 933 -2.94 55.37 25.05
CA LEU A 933 -2.89 56.02 26.36
C LEU A 933 -1.57 55.68 27.02
N HIS A 934 -1.08 56.61 27.85
CA HIS A 934 0.17 56.33 28.55
C HIS A 934 -0.10 55.37 29.69
N ALA A 935 -0.80 55.82 30.72
CA ALA A 935 -1.12 54.93 31.83
C ALA A 935 -2.62 54.71 31.78
N GLY A 936 -3.00 53.61 31.12
CA GLY A 936 -4.37 53.15 31.12
C GLY A 936 -4.45 51.74 31.66
N VAL A 937 -5.60 51.45 32.25
CA VAL A 937 -5.89 50.12 32.77
C VAL A 937 -6.91 49.46 31.84
N LEU A 938 -6.52 48.32 31.31
CA LEU A 938 -7.36 47.53 30.44
C LEU A 938 -8.40 46.80 31.29
N LEU A 939 -9.65 47.23 31.20
CA LEU A 939 -10.74 46.53 31.85
C LEU A 939 -11.20 45.37 30.98
N MET A 940 -11.09 44.16 31.52
CA MET A 940 -11.51 42.96 30.79
C MET A 940 -13.03 42.90 30.70
N ALA A 941 -13.69 42.73 31.85
CA ALA A 941 -15.13 42.58 31.91
C ALA A 941 -15.72 43.71 32.71
N PRO A 942 -16.53 44.58 32.12
CA PRO A 942 -17.15 45.65 32.90
C PRO A 942 -18.31 45.11 33.70
N GLN A 943 -18.44 45.58 34.93
CA GLN A 943 -19.60 45.27 35.75
C GLN A 943 -20.40 46.56 35.91
N HIS A 944 -21.39 46.73 35.05
CA HIS A 944 -22.32 47.84 35.19
C HIS A 944 -23.68 47.39 35.70
N LEU A 945 -23.95 46.09 35.71
CA LEU A 945 -25.24 45.57 36.12
C LEU A 945 -25.34 45.37 37.62
N ASP A 946 -24.23 45.49 38.32
CA ASP A 946 -24.23 45.81 39.73
C ASP A 946 -24.15 47.32 39.86
N HIS A 947 -24.49 47.84 41.02
CA HIS A 947 -24.20 49.21 41.36
C HIS A 947 -23.35 49.20 42.63
N THR A 948 -22.05 48.99 42.42
CA THR A 948 -21.02 49.23 43.42
C THR A 948 -19.93 50.12 42.82
N ILE A 949 -19.80 50.11 41.50
CA ILE A 949 -19.01 51.09 40.76
C ILE A 949 -19.96 52.15 40.24
N GLN A 950 -19.83 53.38 40.75
CA GLN A 950 -20.48 54.50 40.09
C GLN A 950 -19.82 54.68 38.73
N ASN A 951 -20.64 54.96 37.72
CA ASN A 951 -20.18 54.88 36.34
C ASN A 951 -19.23 56.03 36.04
N GLY A 952 -17.95 55.70 35.87
CA GLY A 952 -16.93 56.70 35.63
C GLY A 952 -16.23 57.20 36.88
N GLU A 953 -15.76 56.31 37.75
CA GLU A 953 -15.08 56.74 38.98
C GLU A 953 -13.59 56.43 38.94
N TYR A 954 -13.22 55.17 38.69
CA TYR A 954 -11.81 54.77 38.78
C TYR A 954 -11.17 54.70 37.41
N PHE A 955 -11.78 53.98 36.49
CA PHE A 955 -11.22 53.76 35.18
C PHE A 955 -12.29 54.04 34.15
N TYR A 956 -12.30 55.27 33.66
CA TYR A 956 -13.40 55.77 32.85
C TYR A 956 -13.36 55.11 31.49
N VAL A 957 -14.52 55.08 30.85
CA VAL A 957 -14.65 54.44 29.55
C VAL A 957 -13.86 55.22 28.51
N LEU A 958 -12.85 54.59 27.92
CA LEU A 958 -12.12 55.24 26.86
C LEU A 958 -11.59 54.23 25.86
N PRO A 959 -12.34 53.96 24.81
CA PRO A 959 -11.83 53.10 23.74
C PRO A 959 -10.72 53.76 22.95
N VAL A 960 -9.59 53.08 22.82
CA VAL A 960 -8.49 53.65 22.07
C VAL A 960 -8.55 53.19 20.62
N HIS A 961 -9.26 52.09 20.38
CA HIS A 961 -9.24 51.41 19.10
C HIS A 961 -10.49 50.55 19.02
N ALA A 962 -10.82 50.13 17.80
CA ALA A 962 -11.98 49.26 17.61
C ALA A 962 -11.74 47.87 18.18
N LEU A 963 -10.49 47.49 18.45
CA LEU A 963 -10.22 46.25 19.17
C LEU A 963 -10.73 46.32 20.59
N PHE A 964 -10.62 47.49 21.21
CA PHE A 964 -10.94 47.64 22.62
C PHE A 964 -12.07 48.65 22.73
N ALA A 965 -13.30 48.21 22.47
CA ALA A 965 -14.48 49.02 22.70
C ALA A 965 -15.63 48.09 23.01
N GLY A 966 -15.88 47.84 24.28
CA GLY A 966 -17.10 47.16 24.67
C GLY A 966 -18.24 48.15 24.72
N ALA A 967 -19.35 47.80 24.06
CA ALA A 967 -20.57 48.59 24.22
C ALA A 967 -21.05 48.54 25.67
N ASP A 968 -20.79 47.42 26.35
CA ASP A 968 -20.97 47.29 27.78
C ASP A 968 -20.18 48.29 28.57
N HIS A 969 -19.02 48.72 28.07
CA HIS A 969 -18.42 49.95 28.57
C HIS A 969 -19.11 51.17 27.99
N VAL A 970 -19.32 51.18 26.67
CA VAL A 970 -19.57 52.43 25.97
C VAL A 970 -21.03 52.85 26.08
N ALA A 971 -21.95 51.94 25.81
CA ALA A 971 -23.37 52.28 25.93
C ALA A 971 -23.76 52.47 27.39
N ASN A 972 -23.03 51.84 28.30
CA ASN A 972 -23.17 52.06 29.72
C ASN A 972 -22.01 52.86 30.28
N ALA A 973 -21.36 53.66 29.45
CA ALA A 973 -20.77 54.91 29.90
C ALA A 973 -21.93 55.87 30.18
N PRO A 974 -21.78 56.81 31.14
CA PRO A 974 -22.99 57.45 31.75
C PRO A 974 -23.87 58.27 30.82
N ASN A 975 -23.33 59.27 30.14
CA ASN A 975 -24.11 60.13 29.25
C ASN A 975 -23.93 59.60 27.83
N PHE A 976 -24.91 58.85 27.36
CA PHE A 976 -24.80 58.16 26.08
C PHE A 976 -26.04 58.43 25.22
N PRO A 977 -25.93 58.49 23.90
CA PRO A 977 -27.12 58.74 23.06
C PRO A 977 -28.00 57.52 22.98
N PRO A 978 -29.29 57.68 23.31
CA PRO A 978 -30.22 56.53 23.33
C PRO A 978 -30.56 56.00 21.95
N ALA A 979 -30.49 56.83 20.92
CA ALA A 979 -30.61 56.33 19.56
C ALA A 979 -29.44 55.42 19.20
N LEU A 980 -28.29 55.62 19.83
CA LEU A 980 -27.13 54.79 19.58
C LEU A 980 -27.13 53.52 20.41
N ARG A 981 -28.15 53.30 21.24
CA ARG A 981 -28.24 52.04 21.97
C ARG A 981 -28.41 50.86 21.02
N ASP A 982 -29.08 51.09 19.90
CA ASP A 982 -28.94 50.19 18.77
C ASP A 982 -27.52 50.23 18.23
N LEU A 983 -27.00 51.44 17.97
CA LEU A 983 -25.81 51.56 17.15
C LEU A 983 -24.55 51.21 17.92
N ALA A 984 -24.59 51.26 19.26
CA ALA A 984 -23.40 50.92 20.04
C ALA A 984 -23.04 49.45 19.89
N ARG A 985 -24.01 48.62 19.58
CA ARG A 985 -23.77 47.18 19.52
C ARG A 985 -22.91 46.81 18.33
N HIS A 986 -23.29 47.25 17.15
CA HIS A 986 -22.58 46.84 15.95
C HIS A 986 -21.55 47.84 15.47
N VAL A 987 -21.39 48.98 16.13
CA VAL A 987 -20.38 49.98 15.77
C VAL A 987 -19.46 50.19 16.96
N PRO A 988 -18.15 50.11 16.78
CA PRO A 988 -17.20 50.42 17.86
C PRO A 988 -16.92 51.92 17.99
N LEU A 989 -17.68 52.64 18.82
CA LEU A 989 -17.61 54.10 18.85
C LEU A 989 -16.29 54.57 19.47
N VAL A 990 -15.32 54.91 18.62
CA VAL A 990 -13.98 55.28 19.03
C VAL A 990 -13.84 56.79 18.92
N PRO A 991 -13.34 57.48 19.94
CA PRO A 991 -13.09 58.92 19.85
C PRO A 991 -12.03 59.26 18.81
N PRO A 992 -12.18 60.41 18.13
CA PRO A 992 -11.36 60.64 16.94
C PRO A 992 -9.94 61.09 17.22
N ALA A 993 -9.56 61.26 18.48
CA ALA A 993 -8.20 61.67 18.80
C ALA A 993 -7.26 60.46 18.82
N LEU A 994 -7.79 59.32 19.21
CA LEU A 994 -7.03 58.07 19.28
C LEU A 994 -6.89 57.39 17.94
N GLY A 995 -7.13 58.10 16.86
CA GLY A 995 -7.11 57.55 15.52
C GLY A 995 -8.51 57.17 15.05
N ALA A 996 -8.81 57.54 13.81
CA ALA A 996 -10.03 57.12 13.18
C ALA A 996 -9.81 55.75 12.57
N ASN A 997 -10.77 55.32 11.75
CA ASN A 997 -10.68 54.02 11.14
C ASN A 997 -9.58 53.97 10.10
N TYR A 998 -9.75 54.77 9.05
CA TYR A 998 -9.03 54.55 7.80
C TYR A 998 -7.55 54.85 7.92
N PHE A 999 -7.18 55.78 8.78
CA PHE A 999 -5.80 56.19 8.92
C PHE A 999 -5.14 55.59 10.13
N SER A 1000 -5.65 54.46 10.61
CA SER A 1000 -4.97 53.65 11.60
C SER A 1000 -4.39 52.40 10.93
N SER A 1001 -3.45 51.77 11.61
CA SER A 1001 -2.79 50.60 11.05
C SER A 1001 -3.66 49.35 11.12
N ILE A 1002 -4.64 49.32 12.02
CA ILE A 1002 -5.56 48.20 12.14
C ILE A 1002 -6.98 48.76 12.04
N ARG A 1003 -7.73 48.26 11.08
CA ARG A 1003 -9.06 48.79 10.79
C ARG A 1003 -10.11 47.77 11.18
N GLN A 1004 -11.34 48.04 10.77
CA GLN A 1004 -12.46 47.15 11.05
C GLN A 1004 -12.32 45.69 10.60
N PRO A 1005 -11.78 45.34 9.40
CA PRO A 1005 -11.75 43.91 9.02
C PRO A 1005 -10.91 43.00 9.89
N VAL A 1006 -10.01 43.52 10.71
CA VAL A 1006 -9.40 42.67 11.72
C VAL A 1006 -10.37 42.49 12.90
N VAL A 1007 -11.11 43.56 13.22
CA VAL A 1007 -12.01 43.53 14.37
C VAL A 1007 -13.21 42.64 14.08
N GLN A 1008 -13.77 42.78 12.87
CA GLN A 1008 -14.89 41.93 12.45
C GLN A 1008 -14.48 40.48 12.38
N HIS A 1009 -13.23 40.22 11.99
CA HIS A 1009 -12.66 38.89 12.16
C HIS A 1009 -12.59 38.51 13.63
N ALA A 1010 -12.17 39.46 14.47
CA ALA A 1010 -11.91 39.13 15.87
C ALA A 1010 -13.20 38.88 16.64
N ARG A 1011 -14.32 39.41 16.15
CA ARG A 1011 -15.56 39.18 16.85
C ARG A 1011 -16.28 37.95 16.31
N GLU A 1012 -16.28 37.76 14.99
CA GLU A 1012 -17.18 36.78 14.40
C GLU A 1012 -16.51 35.43 14.19
N SER A 1013 -15.27 35.27 14.65
CA SER A 1013 -14.53 34.03 14.40
C SER A 1013 -15.10 32.88 15.21
N ALA A 1014 -15.18 31.72 14.57
CA ALA A 1014 -15.75 30.53 15.18
C ALA A 1014 -14.73 29.42 15.38
N ALA A 1015 -13.48 29.64 14.99
CA ALA A 1015 -12.48 28.60 15.05
C ALA A 1015 -11.93 28.45 16.46
N GLY A 1016 -10.83 27.72 16.56
CA GLY A 1016 -10.19 27.49 17.84
C GLY A 1016 -9.50 28.72 18.37
N GLU A 1017 -9.43 28.80 19.69
CA GLU A 1017 -8.72 29.89 20.35
C GLU A 1017 -7.22 29.76 20.16
N ASN A 1018 -6.73 28.52 20.09
CA ASN A 1018 -5.36 28.30 19.63
C ASN A 1018 -5.26 28.64 18.15
N ALA A 1019 -6.32 28.37 17.39
CA ALA A 1019 -6.28 28.60 15.96
C ALA A 1019 -6.35 30.08 15.63
N LEU A 1020 -7.27 30.81 16.27
CA LEU A 1020 -7.40 32.24 16.04
C LEU A 1020 -6.15 32.99 16.47
N THR A 1021 -5.45 32.45 17.48
CA THR A 1021 -4.22 33.05 17.97
C THR A 1021 -3.13 33.05 16.91
N TYR A 1022 -2.93 31.92 16.22
CA TYR A 1022 -2.05 31.95 15.06
C TYR A 1022 -2.66 32.77 13.93
N ALA A 1023 -3.98 32.72 13.77
CA ALA A 1023 -4.60 33.32 12.60
C ALA A 1023 -4.61 34.84 12.67
N LEU A 1024 -4.87 35.40 13.85
CA LEU A 1024 -4.83 36.84 13.94
C LEU A 1024 -3.41 37.36 13.89
N MET A 1025 -2.47 36.58 14.44
CA MET A 1025 -1.07 36.87 14.23
C MET A 1025 -0.67 36.71 12.78
N ALA A 1026 -1.30 35.78 12.06
CA ALA A 1026 -1.16 35.74 10.62
C ALA A 1026 -1.89 36.87 9.93
N GLY A 1027 -2.74 37.61 10.65
CA GLY A 1027 -3.44 38.71 10.04
C GLY A 1027 -2.66 40.01 9.93
N TYR A 1028 -1.39 40.03 10.32
CA TYR A 1028 -0.63 41.27 10.37
C TYR A 1028 0.59 41.29 9.46
N PHE A 1029 0.59 40.49 8.40
CA PHE A 1029 1.67 40.58 7.43
C PHE A 1029 1.51 41.81 6.55
N LYS A 1030 2.50 42.69 6.59
CA LYS A 1030 2.47 43.90 5.78
C LYS A 1030 2.58 43.56 4.30
N MET A 1031 2.12 44.49 3.46
CA MET A 1031 2.19 44.32 2.02
C MET A 1031 2.77 45.59 1.40
N SER A 1032 4.02 45.49 0.99
CA SER A 1032 4.78 46.51 0.29
C SER A 1032 5.49 45.75 -0.82
N PRO A 1033 6.23 46.39 -1.73
CA PRO A 1033 7.07 45.60 -2.63
C PRO A 1033 8.16 44.80 -1.93
N VAL A 1034 8.51 45.15 -0.69
CA VAL A 1034 9.50 44.37 0.02
C VAL A 1034 8.83 43.53 1.10
N ALA A 1035 7.77 44.05 1.72
CA ALA A 1035 7.09 43.31 2.78
C ALA A 1035 6.40 42.06 2.26
N LEU A 1036 5.88 42.10 1.04
CA LEU A 1036 5.36 40.92 0.40
C LEU A 1036 6.49 40.00 -0.05
N TYR A 1037 7.66 40.56 -0.36
CA TYR A 1037 8.75 39.80 -0.95
C TYR A 1037 9.31 38.73 -0.02
N HIS A 1038 9.22 38.91 1.29
CA HIS A 1038 9.52 37.80 2.20
C HIS A 1038 8.50 36.69 2.05
N GLN A 1039 7.25 37.06 1.78
CA GLN A 1039 6.15 36.15 2.04
C GLN A 1039 5.96 35.18 0.88
N LEU A 1040 6.31 35.58 -0.33
CA LEU A 1040 6.25 34.64 -1.45
C LEU A 1040 7.49 33.78 -1.52
N LYS A 1041 8.66 34.36 -1.26
CA LYS A 1041 9.91 33.63 -1.38
C LYS A 1041 10.03 32.56 -0.31
N THR A 1042 9.42 32.76 0.84
CA THR A 1042 9.41 31.77 1.90
C THR A 1042 8.20 30.86 1.79
N GLY A 1043 7.17 31.27 1.06
CA GLY A 1043 6.01 30.41 0.89
C GLY A 1043 4.89 30.66 1.86
N LEU A 1044 4.42 31.89 1.98
CA LEU A 1044 3.29 32.19 2.83
C LEU A 1044 2.25 32.96 2.04
N HIS A 1045 0.99 32.59 2.22
CA HIS A 1045 -0.10 33.13 1.41
C HIS A 1045 -0.53 34.48 1.99
N PRO A 1046 -0.42 35.54 1.26
CA PRO A 1046 -0.72 36.88 1.80
C PRO A 1046 -2.18 37.29 1.69
N GLY A 1047 -3.09 36.35 1.94
CA GLY A 1047 -4.51 36.64 1.98
C GLY A 1047 -5.17 37.02 0.68
N PHE A 1048 -4.45 37.17 -0.43
CA PHE A 1048 -5.08 37.47 -1.71
C PHE A 1048 -4.50 36.53 -2.76
N GLY A 1049 -5.15 36.49 -3.91
CA GLY A 1049 -4.83 35.49 -4.92
C GLY A 1049 -4.45 36.09 -6.25
N PHE A 1050 -4.50 35.27 -7.28
CA PHE A 1050 -4.02 35.67 -8.61
C PHE A 1050 -4.86 35.04 -9.71
N THR A 1051 -4.68 35.55 -10.92
CA THR A 1051 -5.00 34.83 -12.14
C THR A 1051 -3.88 34.94 -13.14
N VAL A 1052 -3.41 33.80 -13.59
CA VAL A 1052 -2.38 33.73 -14.62
C VAL A 1052 -3.08 33.91 -15.95
N VAL A 1053 -2.42 34.59 -16.87
CA VAL A 1053 -2.87 34.66 -18.26
C VAL A 1053 -1.66 34.37 -19.12
N ARG A 1054 -1.80 33.49 -20.11
CA ARG A 1054 -0.73 33.25 -21.04
C ARG A 1054 -1.23 33.37 -22.48
N GLN A 1055 -0.27 33.37 -23.40
CA GLN A 1055 -0.51 33.41 -24.84
C GLN A 1055 0.07 32.15 -25.44
N ASP A 1056 -0.52 31.68 -26.53
CA ASP A 1056 -0.01 30.50 -27.21
C ASP A 1056 0.02 30.79 -28.71
N ARG A 1057 0.72 29.95 -29.46
CA ARG A 1057 0.72 30.00 -30.91
C ARG A 1057 0.78 28.57 -31.44
N PHE A 1058 0.12 28.31 -32.57
CA PHE A 1058 0.11 26.99 -33.16
C PHE A 1058 0.48 27.05 -34.63
N VAL A 1059 0.65 25.87 -35.22
CA VAL A 1059 0.76 25.70 -36.67
C VAL A 1059 -0.31 24.71 -37.11
N THR A 1060 -1.22 25.17 -37.96
CA THR A 1060 -2.36 24.36 -38.39
C THR A 1060 -2.28 24.14 -39.90
N GLU A 1061 -3.19 23.32 -40.39
CA GLU A 1061 -3.36 23.08 -41.82
C GLU A 1061 -4.77 23.40 -42.22
N ASN A 1062 -4.96 23.71 -43.49
CA ASN A 1062 -6.24 24.17 -43.97
C ASN A 1062 -6.59 23.53 -45.29
N VAL A 1063 -7.89 23.43 -45.54
CA VAL A 1063 -8.41 23.20 -46.87
C VAL A 1063 -8.94 24.54 -47.33
N LEU A 1064 -9.32 24.60 -48.60
CA LEU A 1064 -9.77 25.85 -49.19
C LEU A 1064 -10.83 25.53 -50.22
N PHE A 1065 -12.01 26.13 -50.05
CA PHE A 1065 -13.07 25.95 -51.03
C PHE A 1065 -13.60 27.29 -51.54
N SER A 1066 -13.77 27.36 -52.85
CA SER A 1066 -14.51 28.44 -53.48
C SER A 1066 -15.30 27.89 -54.64
N GLU A 1067 -16.32 28.63 -55.03
CA GLU A 1067 -17.08 28.31 -56.21
C GLU A 1067 -16.31 28.76 -57.45
N ARG A 1068 -16.81 28.39 -58.61
CA ARG A 1068 -16.16 28.82 -59.84
C ARG A 1068 -16.50 30.26 -60.16
N ALA A 1069 -15.55 30.94 -60.79
CA ALA A 1069 -15.65 32.34 -61.22
C ALA A 1069 -15.95 33.28 -60.05
N SER A 1070 -15.19 33.12 -58.97
CA SER A 1070 -15.35 33.95 -57.79
C SER A 1070 -14.44 35.17 -57.82
N GLU A 1071 -13.69 35.37 -58.90
CA GLU A 1071 -12.69 36.42 -58.93
C GLU A 1071 -12.37 36.70 -60.38
N ALA A 1072 -11.85 37.90 -60.64
CA ALA A 1072 -11.54 38.31 -62.01
C ALA A 1072 -10.19 37.78 -62.47
N TYR A 1073 -9.09 38.19 -61.82
CA TYR A 1073 -7.70 37.83 -62.16
C TYR A 1073 -7.34 38.13 -63.61
N PHE A 1074 -7.23 39.40 -63.96
CA PHE A 1074 -6.66 39.82 -65.23
C PHE A 1074 -5.19 39.39 -65.29
N LEU A 1075 -4.63 39.33 -66.50
CA LEU A 1075 -3.22 38.98 -66.69
C LEU A 1075 -2.60 40.04 -67.59
N GLY A 1076 -1.27 40.21 -67.49
CA GLY A 1076 -0.68 41.41 -68.07
C GLY A 1076 0.61 41.44 -68.85
N GLN A 1077 1.19 42.64 -68.94
CA GLN A 1077 2.39 42.93 -69.73
C GLN A 1077 3.65 42.87 -68.87
N LEU A 1078 4.76 42.49 -69.49
CA LEU A 1078 6.06 42.40 -68.83
C LEU A 1078 6.83 43.66 -69.13
N GLN A 1079 7.69 44.06 -68.21
CA GLN A 1079 8.49 45.26 -68.35
C GLN A 1079 9.95 44.93 -68.13
N VAL A 1080 10.79 45.27 -69.10
CA VAL A 1080 12.24 45.18 -68.93
C VAL A 1080 12.70 46.43 -68.21
N ALA A 1081 13.81 46.32 -67.48
CA ALA A 1081 14.42 47.46 -66.81
C ALA A 1081 15.89 47.17 -66.54
N ARG A 1082 16.76 47.77 -67.36
CA ARG A 1082 18.23 47.59 -67.17
C ARG A 1082 18.76 48.78 -66.35
N HIS A 1083 19.29 48.51 -65.15
CA HIS A 1083 19.77 49.61 -64.27
C HIS A 1083 21.19 49.32 -63.78
N GLU A 1084 21.49 49.63 -62.52
CA GLU A 1084 22.84 49.39 -61.94
C GLU A 1084 23.90 50.06 -62.83
N THR A 1085 24.71 49.26 -63.53
CA THR A 1085 25.80 49.78 -64.39
C THR A 1085 25.21 50.41 -65.65
N GLY A 1086 25.98 51.25 -66.35
CA GLY A 1086 25.51 51.89 -67.60
C GLY A 1086 24.82 50.89 -68.52
N GLY A 1087 25.57 49.87 -68.96
CA GLY A 1087 24.96 48.62 -69.47
C GLY A 1087 24.36 47.83 -68.32
N GLY A 1088 23.03 47.82 -68.20
CA GLY A 1088 22.37 47.15 -67.06
C GLY A 1088 22.39 45.64 -67.17
N VAL A 1089 23.55 45.01 -66.98
CA VAL A 1089 23.64 43.51 -66.99
C VAL A 1089 22.73 42.99 -65.87
N ASN A 1090 22.38 43.86 -64.91
CA ASN A 1090 21.51 43.48 -63.82
C ASN A 1090 20.13 44.02 -64.13
N PHE A 1091 19.33 43.24 -64.85
CA PHE A 1091 18.07 43.74 -65.36
C PHE A 1091 16.93 42.84 -64.94
N THR A 1092 15.83 43.45 -64.54
CA THR A 1092 14.68 42.76 -63.97
C THR A 1092 13.54 42.72 -64.96
N LEU A 1093 12.59 41.84 -64.70
CA LEU A 1093 11.35 41.78 -65.45
C LEU A 1093 10.22 41.97 -64.46
N THR A 1094 9.43 43.04 -64.64
CA THR A 1094 8.36 43.36 -63.71
C THR A 1094 7.02 43.27 -64.41
N GLN A 1095 6.15 42.42 -63.88
CA GLN A 1095 4.79 42.21 -64.34
C GLN A 1095 3.82 42.89 -63.41
N PRO A 1096 3.22 43.99 -63.79
CA PRO A 1096 2.10 44.51 -63.00
C PRO A 1096 0.75 44.01 -63.48
N ARG A 1097 -0.04 43.36 -62.64
CA ARG A 1097 -1.47 43.42 -62.94
C ARG A 1097 -2.36 43.76 -61.76
N GLY A 1098 -2.33 42.96 -60.70
CA GLY A 1098 -3.38 43.08 -59.71
C GLY A 1098 -4.65 42.41 -60.19
N ASN A 1099 -5.74 42.63 -59.44
CA ASN A 1099 -6.95 41.85 -59.65
C ASN A 1099 -8.15 42.51 -59.02
N VAL A 1100 -9.34 42.04 -59.37
CA VAL A 1100 -10.60 42.64 -58.98
C VAL A 1100 -11.35 41.64 -58.14
N ASP A 1101 -11.94 42.10 -57.05
CA ASP A 1101 -12.60 41.22 -56.10
C ASP A 1101 -14.11 41.38 -56.22
N LEU A 1102 -14.75 40.46 -56.94
CA LEU A 1102 -16.18 40.55 -57.16
C LEU A 1102 -16.86 39.25 -56.78
N GLY A 1103 -17.83 39.35 -55.90
CA GLY A 1103 -18.83 38.32 -55.78
C GLY A 1103 -20.09 38.93 -55.22
N VAL A 1104 -20.69 38.22 -54.29
CA VAL A 1104 -21.66 38.73 -53.33
C VAL A 1104 -21.13 38.19 -52.02
N GLY A 1105 -21.92 38.29 -50.96
CA GLY A 1105 -21.53 37.77 -49.66
C GLY A 1105 -20.96 36.36 -49.59
N TYR A 1106 -19.69 36.29 -49.17
CA TYR A 1106 -18.99 35.09 -48.74
C TYR A 1106 -18.88 34.03 -49.83
N THR A 1107 -18.10 34.32 -50.87
CA THR A 1107 -17.97 33.41 -52.00
C THR A 1107 -17.12 32.19 -51.66
N ALA A 1108 -16.18 32.33 -50.73
CA ALA A 1108 -15.22 31.27 -50.48
C ALA A 1108 -15.10 30.95 -49.00
N VAL A 1109 -14.44 29.83 -48.69
CA VAL A 1109 -14.34 29.36 -47.31
C VAL A 1109 -13.08 28.51 -47.19
N ALA A 1110 -12.56 28.40 -45.96
CA ALA A 1110 -11.33 27.67 -45.69
C ALA A 1110 -11.37 27.07 -44.29
N ALA A 1111 -11.64 25.77 -44.20
CA ALA A 1111 -11.74 25.09 -42.92
C ALA A 1111 -10.35 24.76 -42.36
N THR A 1112 -10.32 24.39 -41.08
CA THR A 1112 -9.09 24.02 -40.41
C THR A 1112 -9.08 22.53 -40.09
N GLY A 1113 -8.09 21.83 -40.62
CA GLY A 1113 -7.91 20.41 -40.40
C GLY A 1113 -7.10 20.20 -39.13
N THR A 1114 -6.54 19.00 -39.00
CA THR A 1114 -5.63 18.59 -37.92
C THR A 1114 -4.52 19.59 -37.61
N VAL A 1115 -4.11 19.66 -36.35
CA VAL A 1115 -3.02 20.52 -35.91
C VAL A 1115 -1.71 19.86 -36.28
N ARG A 1116 -0.80 20.63 -36.86
CA ARG A 1116 0.54 20.11 -37.09
C ARG A 1116 1.26 19.93 -35.76
N ASN A 1117 1.48 21.03 -35.03
CA ASN A 1117 2.24 21.01 -33.80
C ASN A 1117 2.05 22.33 -33.06
N PRO A 1118 2.24 22.34 -31.73
CA PRO A 1118 2.28 23.61 -31.01
C PRO A 1118 3.57 24.36 -31.21
N VAL A 1119 3.52 25.68 -31.37
CA VAL A 1119 4.76 26.44 -31.51
C VAL A 1119 5.42 26.58 -30.16
N THR A 1120 4.76 27.27 -29.25
CA THR A 1120 5.44 27.71 -28.04
C THR A 1120 5.40 26.60 -27.00
N ASP A 1121 6.42 26.57 -26.15
CA ASP A 1121 6.29 25.86 -24.89
C ASP A 1121 5.33 26.64 -24.01
N MET A 1122 4.43 25.92 -23.36
CA MET A 1122 3.31 26.55 -22.68
C MET A 1122 3.71 26.90 -21.25
N GLY A 1123 3.34 28.10 -20.82
CA GLY A 1123 3.48 28.50 -19.44
C GLY A 1123 4.92 28.75 -19.02
N ASN A 1124 5.10 28.85 -17.70
CA ASN A 1124 6.38 28.96 -17.02
C ASN A 1124 7.19 30.19 -17.40
N LEU A 1125 6.72 31.38 -17.04
CA LEU A 1125 7.53 32.60 -17.12
C LEU A 1125 6.99 33.68 -16.20
N PRO A 1126 7.81 34.35 -15.33
CA PRO A 1126 7.31 35.49 -14.55
C PRO A 1126 7.32 36.75 -15.44
N GLN A 1127 6.83 37.89 -14.95
CA GLN A 1127 6.73 39.07 -15.85
C GLN A 1127 7.11 40.38 -15.15
N ASN A 1128 6.62 41.52 -15.66
CA ASN A 1128 6.94 42.86 -15.10
C ASN A 1128 8.46 43.05 -15.07
N PHE A 1129 9.07 42.87 -13.90
CA PHE A 1129 10.47 43.31 -13.60
C PHE A 1129 10.58 44.81 -13.81
N TYR A 1130 11.80 45.30 -14.06
CA TYR A 1130 12.11 46.74 -13.96
C TYR A 1130 12.42 47.29 -15.36
N LEU A 1131 11.45 47.95 -15.99
CA LEU A 1131 11.63 48.49 -17.36
C LEU A 1131 12.18 49.93 -17.28
N GLY A 1132 12.68 50.44 -18.40
CA GLY A 1132 13.08 51.86 -18.49
C GLY A 1132 12.02 52.69 -19.20
N ARG A 1133 10.77 52.21 -19.21
CA ARG A 1133 9.66 52.93 -19.88
C ARG A 1133 9.24 54.13 -19.00
N GLY A 1134 8.70 53.85 -17.81
CA GLY A 1134 8.25 54.93 -16.91
C GLY A 1134 7.67 54.37 -15.62
N ALA A 1135 8.54 53.86 -14.74
CA ALA A 1135 8.08 53.31 -13.44
C ALA A 1135 8.66 54.15 -12.29
N PRO A 1136 7.85 54.98 -11.61
CA PRO A 1136 8.33 55.84 -10.52
C PRO A 1136 9.09 55.01 -9.46
N PRO A 1137 10.39 55.28 -9.12
CA PRO A 1137 11.06 54.45 -8.13
C PRO A 1137 10.62 54.79 -6.72
N LEU A 1138 11.13 54.03 -5.77
CA LEU A 1138 10.88 54.27 -4.35
C LEU A 1138 11.61 55.53 -3.89
N LEU A 1139 11.31 55.97 -2.67
CA LEU A 1139 12.11 57.06 -2.10
C LEU A 1139 13.53 56.61 -1.82
N ASP A 1140 13.70 55.57 -1.00
CA ASP A 1140 15.01 55.13 -0.55
C ASP A 1140 15.78 54.52 -1.71
N ASN A 1141 16.89 55.16 -2.07
CA ASN A 1141 17.69 54.69 -3.19
C ASN A 1141 18.34 53.35 -2.86
N ALA A 1142 18.63 53.11 -1.58
CA ALA A 1142 19.18 51.83 -1.17
C ALA A 1142 18.15 50.72 -1.32
N ALA A 1143 16.87 51.05 -1.11
CA ALA A 1143 15.81 50.06 -1.18
C ALA A 1143 15.63 49.55 -2.60
N ALA A 1144 15.72 50.44 -3.58
CA ALA A 1144 15.42 50.07 -4.96
C ALA A 1144 16.49 49.15 -5.52
N VAL A 1145 17.77 49.51 -5.35
CA VAL A 1145 18.84 48.67 -5.88
C VAL A 1145 18.99 47.40 -5.06
N TYR A 1146 18.45 47.41 -3.84
CA TYR A 1146 18.28 46.15 -3.12
C TYR A 1146 17.29 45.26 -3.86
N LEU A 1147 16.06 45.74 -4.03
CA LEU A 1147 14.98 44.86 -4.43
C LEU A 1147 15.05 44.51 -5.90
N ARG A 1148 15.49 45.46 -6.74
CA ARG A 1148 15.65 45.22 -8.17
C ARG A 1148 16.68 44.13 -8.42
N ASN A 1149 17.79 44.18 -7.70
CA ASN A 1149 18.77 43.12 -7.81
C ASN A 1149 18.27 41.86 -7.10
N ALA A 1150 17.47 42.03 -6.05
CA ALA A 1150 16.90 40.88 -5.37
C ALA A 1150 15.88 40.18 -6.25
N VAL A 1151 15.13 40.94 -7.03
CA VAL A 1151 14.24 40.32 -8.00
C VAL A 1151 15.05 39.76 -9.15
N VAL A 1152 15.85 40.59 -9.79
CA VAL A 1152 16.62 40.15 -10.94
C VAL A 1152 17.90 39.45 -10.48
N ALA A 1153 17.82 38.17 -10.15
CA ALA A 1153 19.02 37.39 -9.90
C ALA A 1153 19.37 36.53 -11.11
N GLY A 1154 18.49 35.63 -11.49
CA GLY A 1154 18.76 34.65 -12.51
C GLY A 1154 17.53 34.34 -13.34
N ASN A 1155 16.65 35.32 -13.48
CA ASN A 1155 15.46 35.17 -14.30
C ASN A 1155 15.84 34.98 -15.77
N ARG A 1156 14.99 34.27 -16.50
CA ARG A 1156 15.19 34.14 -17.93
C ARG A 1156 14.85 35.42 -18.66
N LEU A 1157 14.06 36.28 -18.03
CA LEU A 1157 13.86 37.62 -18.57
C LEU A 1157 14.61 38.71 -17.82
N GLY A 1158 15.41 38.35 -16.82
CA GLY A 1158 16.29 39.32 -16.22
C GLY A 1158 17.34 39.74 -17.22
N PRO A 1159 17.43 41.05 -17.47
CA PRO A 1159 18.40 41.54 -18.46
C PRO A 1159 19.83 41.40 -17.95
N ALA A 1160 20.77 41.19 -18.88
CA ALA A 1160 22.13 40.87 -18.49
C ALA A 1160 22.88 42.09 -17.96
N GLN A 1161 23.14 43.06 -18.81
CA GLN A 1161 23.86 44.26 -18.43
C GLN A 1161 22.85 45.24 -17.86
N PRO A 1162 23.31 46.28 -17.15
CA PRO A 1162 22.40 47.41 -16.87
C PRO A 1162 21.93 48.08 -18.15
N LEU A 1163 20.67 48.47 -18.16
CA LEU A 1163 19.95 48.80 -19.39
C LEU A 1163 20.42 50.11 -20.01
N PRO A 1164 20.65 50.12 -21.32
CA PRO A 1164 20.93 51.39 -22.00
C PRO A 1164 19.70 52.28 -22.11
N VAL A 1165 19.94 53.57 -22.34
CA VAL A 1165 18.85 54.51 -22.62
C VAL A 1165 18.22 54.19 -23.97
N PHE A 1166 19.04 54.05 -25.00
CA PHE A 1166 18.59 53.71 -26.34
C PHE A 1166 18.96 52.26 -26.62
N GLY A 1167 18.01 51.51 -27.16
CA GLY A 1167 18.18 50.09 -27.37
C GLY A 1167 17.14 49.29 -26.64
N CYS A 1168 17.03 48.00 -26.96
CA CYS A 1168 16.04 47.14 -26.33
C CYS A 1168 16.49 46.76 -24.92
N ALA A 1169 15.65 45.99 -24.23
CA ALA A 1169 15.97 45.53 -22.90
C ALA A 1169 16.97 44.38 -22.89
N GLN A 1170 17.31 43.84 -24.07
CA GLN A 1170 18.38 42.86 -24.28
C GLN A 1170 18.18 41.59 -23.48
N VAL A 1171 17.16 40.82 -23.82
CA VAL A 1171 16.90 39.52 -23.17
C VAL A 1171 18.07 38.58 -23.45
N PRO A 1172 18.72 38.05 -22.41
CA PRO A 1172 19.95 37.29 -22.62
C PRO A 1172 19.68 35.96 -23.29
N ARG A 1173 20.43 35.69 -24.35
CA ARG A 1173 20.28 34.50 -25.15
C ARG A 1173 20.69 33.30 -24.31
N ARG A 1174 19.82 32.31 -24.23
CA ARG A 1174 20.18 31.09 -23.52
C ARG A 1174 21.04 30.22 -24.42
N ALA A 1175 21.76 29.29 -23.81
CA ALA A 1175 22.63 28.42 -24.59
C ALA A 1175 21.82 27.43 -25.41
N GLY A 1176 20.95 26.68 -24.76
CA GLY A 1176 20.15 25.69 -25.44
C GLY A 1176 18.70 25.78 -25.01
N MET A 1177 17.83 25.22 -25.84
CA MET A 1177 16.40 25.23 -25.58
C MET A 1177 15.80 23.96 -26.14
N ASP A 1178 14.63 23.59 -25.62
CA ASP A 1178 14.08 22.29 -25.96
C ASP A 1178 12.78 22.34 -26.73
N HIS A 1179 11.74 22.88 -26.11
CA HIS A 1179 10.40 22.72 -26.66
C HIS A 1179 10.09 23.73 -27.75
N GLY A 1180 10.81 24.84 -27.79
CA GLY A 1180 10.60 25.84 -28.80
C GLY A 1180 10.54 27.22 -28.18
N GLN A 1181 9.57 28.00 -28.66
CA GLN A 1181 9.41 29.37 -28.19
C GLN A 1181 8.85 29.34 -26.79
N ASP A 1182 9.22 30.34 -25.99
CA ASP A 1182 8.66 30.41 -24.65
C ASP A 1182 7.46 31.35 -24.65
N ALA A 1183 6.57 31.12 -23.69
CA ALA A 1183 5.38 31.92 -23.52
C ALA A 1183 5.61 32.90 -22.38
N VAL A 1184 4.67 33.82 -22.21
CA VAL A 1184 4.74 34.86 -21.20
C VAL A 1184 3.50 34.77 -20.33
N CYS A 1185 3.70 34.75 -19.01
CA CYS A 1185 2.59 34.66 -18.07
C CYS A 1185 2.56 35.90 -17.19
N GLU A 1186 1.59 36.78 -17.44
CA GLU A 1186 1.34 37.93 -16.59
C GLU A 1186 0.34 37.57 -15.52
N PHE A 1187 0.27 38.38 -14.47
CA PHE A 1187 -0.54 38.09 -13.29
C PHE A 1187 -1.47 39.26 -13.02
N ILE A 1188 -2.59 38.98 -12.37
CA ILE A 1188 -3.56 40.00 -11.97
C ILE A 1188 -4.00 39.67 -10.57
N ALA A 1189 -4.00 40.67 -9.68
CA ALA A 1189 -4.51 40.49 -8.34
C ALA A 1189 -6.01 40.27 -8.37
N THR A 1190 -6.44 39.13 -7.84
CA THR A 1190 -7.83 38.78 -7.61
C THR A 1190 -8.03 38.33 -6.18
N PRO A 1191 -9.20 38.57 -5.60
CA PRO A 1191 -9.48 38.07 -4.26
C PRO A 1191 -9.59 36.56 -4.22
N VAL A 1192 -9.40 36.01 -3.02
CA VAL A 1192 -9.29 34.57 -2.84
C VAL A 1192 -10.60 33.85 -3.12
N ALA A 1193 -11.72 34.55 -2.99
CA ALA A 1193 -13.02 33.93 -3.16
C ALA A 1193 -13.73 34.59 -4.33
N THR A 1194 -13.49 34.05 -5.51
CA THR A 1194 -14.41 34.21 -6.63
C THR A 1194 -14.81 32.79 -7.03
N ASP A 1195 -15.84 32.68 -7.85
CA ASP A 1195 -16.31 31.35 -8.23
C ASP A 1195 -15.31 30.69 -9.15
N ILE A 1196 -14.85 29.50 -8.76
CA ILE A 1196 -14.00 28.71 -9.65
C ILE A 1196 -14.85 28.15 -10.78
N ASN A 1197 -16.16 28.02 -10.57
CA ASN A 1197 -17.05 27.67 -11.65
C ASN A 1197 -17.15 28.80 -12.66
N TYR A 1198 -17.06 30.05 -12.20
CA TYR A 1198 -16.82 31.16 -13.11
C TYR A 1198 -15.45 31.07 -13.76
N PHE A 1199 -14.50 30.42 -13.10
CA PHE A 1199 -13.19 30.32 -13.73
C PHE A 1199 -13.20 29.21 -14.78
N ARG A 1200 -14.19 28.31 -14.70
CA ARG A 1200 -14.58 27.47 -15.82
C ARG A 1200 -15.43 28.31 -16.79
N ARG A 1201 -15.85 27.69 -17.92
CA ARG A 1201 -16.62 28.37 -18.98
C ARG A 1201 -15.89 29.60 -19.52
N PRO A 1202 -15.19 29.47 -20.63
CA PRO A 1202 -13.98 30.24 -20.97
C PRO A 1202 -13.95 31.77 -20.91
N CYS A 1203 -14.83 32.40 -20.13
CA CYS A 1203 -15.03 33.85 -20.00
C CYS A 1203 -13.83 34.78 -20.00
N ASN A 1204 -14.09 36.01 -20.42
CA ASN A 1204 -13.15 37.13 -20.35
C ASN A 1204 -12.44 37.21 -19.00
N PRO A 1205 -11.11 37.12 -18.96
CA PRO A 1205 -10.40 37.10 -17.69
C PRO A 1205 -10.39 38.42 -16.93
N ARG A 1206 -10.79 39.52 -17.56
CA ARG A 1206 -10.75 40.78 -16.84
C ARG A 1206 -11.89 40.93 -15.85
N GLY A 1207 -12.84 39.98 -15.82
CA GLY A 1207 -13.97 40.02 -14.93
C GLY A 1207 -15.26 40.45 -15.59
N ARG A 1208 -15.17 41.24 -16.65
CA ARG A 1208 -16.34 41.73 -17.37
C ARG A 1208 -16.17 41.41 -18.83
N ALA A 1209 -17.17 40.72 -19.37
CA ALA A 1209 -17.19 40.42 -20.80
C ALA A 1209 -17.31 41.74 -21.57
N ALA A 1210 -16.28 42.08 -22.32
CA ALA A 1210 -16.08 43.44 -22.77
C ALA A 1210 -15.71 43.54 -24.24
N GLY A 1211 -16.15 42.61 -25.05
CA GLY A 1211 -15.97 42.75 -26.48
C GLY A 1211 -16.92 43.78 -27.08
N GLY A 1212 -16.47 44.42 -28.15
CA GLY A 1212 -17.32 45.32 -28.90
C GLY A 1212 -18.46 44.64 -29.62
N VAL A 1213 -18.32 43.34 -29.86
CA VAL A 1213 -19.38 42.52 -30.43
C VAL A 1213 -20.61 42.53 -29.54
N TYR A 1214 -20.40 42.54 -28.23
CA TYR A 1214 -21.45 42.37 -27.24
C TYR A 1214 -22.40 43.55 -27.11
N ALA A 1215 -22.09 44.69 -27.74
CA ALA A 1215 -22.91 45.89 -27.57
C ALA A 1215 -24.20 45.81 -28.40
N GLY A 1216 -24.98 46.88 -28.34
CA GLY A 1216 -26.28 46.92 -28.97
C GLY A 1216 -26.68 48.15 -29.77
N ASP A 1217 -25.72 48.81 -30.45
CA ASP A 1217 -25.96 49.87 -31.43
C ASP A 1217 -26.70 51.10 -30.89
N LYS A 1218 -26.09 51.84 -29.97
CA LYS A 1218 -26.62 53.15 -29.59
C LYS A 1218 -25.52 54.19 -29.39
N GLU A 1219 -24.33 53.95 -29.96
CA GLU A 1219 -23.20 54.89 -30.08
C GLU A 1219 -22.54 55.25 -28.76
N GLY A 1220 -23.08 54.77 -27.66
CA GLY A 1220 -22.48 54.85 -26.34
C GLY A 1220 -22.63 53.55 -25.58
N ASP A 1221 -23.04 52.48 -26.27
CA ASP A 1221 -23.10 51.16 -25.65
C ASP A 1221 -21.71 50.68 -25.30
N VAL A 1222 -20.73 51.07 -26.11
CA VAL A 1222 -19.31 50.89 -25.85
C VAL A 1222 -18.90 51.78 -24.67
N ILE A 1223 -17.60 51.97 -24.44
CA ILE A 1223 -16.83 51.90 -23.20
C ILE A 1223 -17.60 51.80 -21.89
N ALA A 1224 -18.75 52.46 -21.76
CA ALA A 1224 -19.73 52.15 -20.71
C ALA A 1224 -20.13 50.68 -20.61
N LEU A 1225 -19.90 49.86 -21.64
CA LEU A 1225 -20.02 48.41 -21.47
C LEU A 1225 -18.90 47.88 -20.60
N MET A 1226 -17.77 48.57 -20.56
CA MET A 1226 -16.54 47.93 -20.10
C MET A 1226 -16.20 48.34 -18.66
N TYR A 1227 -16.73 49.48 -18.21
CA TYR A 1227 -16.33 50.00 -16.90
C TYR A 1227 -17.50 50.39 -16.02
N ASP A 1228 -18.69 50.59 -16.57
CA ASP A 1228 -19.87 50.90 -15.76
C ASP A 1228 -20.24 49.64 -15.02
N HIS A 1229 -20.02 49.66 -13.71
CA HIS A 1229 -20.45 48.58 -12.86
C HIS A 1229 -21.72 48.96 -12.11
N GLY A 1230 -22.26 50.13 -12.42
CA GLY A 1230 -23.59 50.47 -11.99
C GLY A 1230 -24.59 49.61 -12.73
N GLN A 1231 -24.31 49.33 -14.00
CA GLN A 1231 -25.10 48.36 -14.74
C GLN A 1231 -24.45 46.98 -14.59
N SER A 1232 -25.02 45.99 -15.26
CA SER A 1232 -24.74 44.60 -14.95
C SER A 1232 -23.64 44.05 -15.84
N ASP A 1233 -23.41 42.74 -15.73
CA ASP A 1233 -22.58 41.90 -16.57
C ASP A 1233 -23.35 41.53 -17.82
N PRO A 1234 -22.73 41.62 -19.00
CA PRO A 1234 -23.35 40.99 -20.17
C PRO A 1234 -23.41 39.49 -20.07
N ALA A 1235 -22.42 38.85 -19.45
CA ALA A 1235 -22.41 37.40 -19.39
C ALA A 1235 -23.32 36.89 -18.29
N ARG A 1236 -23.05 37.29 -17.06
CA ARG A 1236 -23.63 36.68 -15.86
C ARG A 1236 -24.30 37.80 -15.08
N PRO A 1237 -25.49 38.25 -15.51
CA PRO A 1237 -25.94 39.60 -15.15
C PRO A 1237 -26.41 39.75 -13.72
N PHE A 1238 -26.41 38.69 -12.93
CA PHE A 1238 -26.69 38.86 -11.50
C PHE A 1238 -25.57 39.59 -10.80
N ALA A 1239 -24.34 39.41 -11.24
CA ALA A 1239 -23.18 40.03 -10.63
C ALA A 1239 -22.68 41.14 -11.54
N ALA A 1240 -21.91 42.05 -10.96
CA ALA A 1240 -21.26 43.04 -11.80
C ALA A 1240 -20.08 42.39 -12.49
N THR A 1241 -19.08 42.00 -11.71
CA THR A 1241 -17.97 41.18 -12.16
C THR A 1241 -17.62 40.20 -11.06
N ALA A 1242 -16.61 39.39 -11.31
CA ALA A 1242 -15.92 38.73 -10.22
C ALA A 1242 -14.94 39.68 -9.56
N ASN A 1243 -13.94 40.13 -10.30
CA ASN A 1243 -12.91 40.99 -9.73
C ASN A 1243 -13.28 42.45 -9.96
N PRO A 1244 -13.37 43.25 -8.91
CA PRO A 1244 -13.37 44.70 -9.11
C PRO A 1244 -12.00 45.25 -9.44
N TRP A 1245 -10.94 44.64 -8.94
CA TRP A 1245 -9.59 45.20 -9.05
C TRP A 1245 -9.03 45.16 -10.46
N ALA A 1246 -9.68 44.46 -11.39
CA ALA A 1246 -9.15 44.36 -12.74
C ALA A 1246 -10.10 44.99 -13.76
N SER A 1247 -11.39 45.03 -13.44
CA SER A 1247 -12.35 45.46 -14.44
C SER A 1247 -12.53 46.97 -14.44
N GLN A 1248 -12.63 47.58 -13.27
CA GLN A 1248 -12.97 49.00 -13.18
C GLN A 1248 -11.84 49.87 -13.68
N ARG A 1249 -12.21 51.07 -14.12
CA ARG A 1249 -11.21 52.04 -14.56
C ARG A 1249 -10.44 52.52 -13.34
N PHE A 1250 -9.14 52.79 -13.54
CA PHE A 1250 -8.19 53.27 -12.53
C PHE A 1250 -7.91 52.23 -11.45
N SER A 1251 -8.46 51.03 -11.56
CA SER A 1251 -8.18 49.96 -10.62
C SER A 1251 -6.82 49.37 -10.97
N TYR A 1252 -6.27 48.57 -10.07
CA TYR A 1252 -4.91 48.05 -10.20
C TYR A 1252 -4.74 47.21 -11.46
N GLY A 1253 -5.79 46.48 -11.84
CA GLY A 1253 -5.75 45.77 -13.10
C GLY A 1253 -5.71 46.70 -14.29
N ASP A 1254 -6.41 47.82 -14.20
CA ASP A 1254 -6.40 48.77 -15.30
C ASP A 1254 -5.07 49.50 -15.35
N LEU A 1255 -4.48 49.76 -14.18
CA LEU A 1255 -3.28 50.60 -14.14
C LEU A 1255 -2.07 49.87 -14.68
N LEU A 1256 -2.09 48.53 -14.63
CA LEU A 1256 -0.93 47.78 -15.07
C LEU A 1256 -0.82 47.75 -16.57
N TYR A 1257 -1.78 47.11 -17.22
CA TYR A 1257 -1.55 46.54 -18.53
C TYR A 1257 -2.01 47.46 -19.65
N ASN A 1258 -2.79 48.47 -19.32
CA ASN A 1258 -3.44 49.28 -20.33
C ASN A 1258 -2.44 50.20 -21.01
N GLY A 1259 -2.57 50.33 -22.33
CA GLY A 1259 -1.61 51.11 -23.08
C GLY A 1259 -1.80 52.61 -22.96
N ALA A 1260 -2.86 53.01 -22.25
CA ALA A 1260 -3.09 54.43 -22.01
C ALA A 1260 -2.06 55.00 -21.02
N TYR A 1261 -1.39 54.12 -20.29
CA TYR A 1261 -0.33 54.59 -19.40
C TYR A 1261 1.02 54.10 -19.88
N HIS A 1262 1.03 52.99 -20.64
CA HIS A 1262 2.21 52.27 -21.14
C HIS A 1262 3.32 52.11 -20.10
N LEU A 1263 3.01 51.36 -19.04
CA LEU A 1263 4.06 50.88 -18.14
C LEU A 1263 5.01 49.96 -18.88
N ASN A 1264 4.47 49.19 -19.82
CA ASN A 1264 5.31 48.44 -20.75
C ASN A 1264 5.49 49.28 -22.01
N GLY A 1265 6.17 48.73 -23.00
CA GLY A 1265 6.45 49.44 -24.21
C GLY A 1265 7.91 49.63 -24.51
N ALA A 1266 8.76 49.63 -23.48
CA ALA A 1266 10.20 49.63 -23.70
C ALA A 1266 10.78 48.23 -23.70
N SER A 1267 9.98 47.22 -23.44
CA SER A 1267 10.40 45.84 -23.55
C SER A 1267 10.41 45.44 -25.01
N PRO A 1268 11.08 44.37 -25.34
CA PRO A 1268 10.70 43.65 -26.56
C PRO A 1268 9.49 42.79 -26.25
N VAL A 1269 9.37 42.39 -24.97
CA VAL A 1269 8.50 41.30 -24.52
C VAL A 1269 7.03 41.58 -24.80
N LEU A 1270 6.38 40.58 -25.38
CA LEU A 1270 4.94 40.57 -25.58
C LEU A 1270 4.19 40.68 -24.25
N SER A 1271 3.18 41.53 -24.24
CA SER A 1271 2.24 41.55 -23.13
C SER A 1271 0.97 40.85 -23.58
N PRO A 1272 0.69 39.64 -23.08
CA PRO A 1272 -0.53 38.94 -23.53
C PRO A 1272 -1.81 39.60 -23.10
N CYS A 1273 -1.78 40.39 -22.03
CA CYS A 1273 -3.00 41.03 -21.59
C CYS A 1273 -3.25 42.37 -22.26
N PHE A 1274 -2.37 42.77 -23.19
CA PHE A 1274 -2.43 44.12 -23.75
C PHE A 1274 -3.68 44.33 -24.60
N LYS A 1275 -4.13 43.28 -25.28
CA LYS A 1275 -5.37 43.40 -26.03
C LYS A 1275 -6.55 43.44 -25.07
N PHE A 1276 -6.38 42.89 -23.89
CA PHE A 1276 -7.54 42.70 -23.02
C PHE A 1276 -7.83 43.96 -22.21
N PHE A 1277 -6.81 44.76 -21.95
CA PHE A 1277 -6.98 46.07 -21.34
C PHE A 1277 -6.45 47.09 -22.33
N THR A 1278 -7.29 47.51 -23.27
CA THR A 1278 -6.88 48.62 -24.12
C THR A 1278 -7.89 49.74 -24.12
N ALA A 1279 -9.16 49.41 -24.38
CA ALA A 1279 -10.29 50.37 -24.50
C ALA A 1279 -10.04 51.43 -25.58
N ALA A 1280 -9.12 51.16 -26.50
CA ALA A 1280 -8.86 52.04 -27.62
C ALA A 1280 -8.86 51.20 -28.89
N ASP A 1281 -8.35 49.98 -28.78
CA ASP A 1281 -8.40 49.02 -29.88
C ASP A 1281 -9.72 48.28 -29.87
N ILE A 1282 -10.35 48.13 -28.72
CA ILE A 1282 -11.67 47.52 -28.67
C ILE A 1282 -12.70 48.49 -29.21
N THR A 1283 -12.60 49.76 -28.83
CA THR A 1283 -13.61 50.75 -29.19
C THR A 1283 -13.52 51.11 -30.67
N ALA A 1284 -12.35 50.92 -31.27
CA ALA A 1284 -12.14 51.32 -32.66
C ALA A 1284 -12.78 50.37 -33.67
N LYS A 1285 -13.25 49.21 -33.24
CA LYS A 1285 -13.82 48.28 -34.19
C LYS A 1285 -15.24 48.68 -34.56
N HIS A 1286 -15.55 48.51 -35.84
CA HIS A 1286 -16.93 48.56 -36.30
C HIS A 1286 -17.65 47.31 -35.81
N ARG A 1287 -18.97 47.37 -35.78
CA ARG A 1287 -19.74 46.34 -35.12
C ARG A 1287 -20.64 45.54 -36.05
N CYS A 1288 -20.41 45.61 -37.36
CA CYS A 1288 -21.25 44.87 -38.30
C CYS A 1288 -20.61 43.54 -38.66
N LEU A 1289 -21.33 42.46 -38.33
CA LEU A 1289 -20.80 41.10 -38.44
C LEU A 1289 -20.54 40.64 -39.87
N GLU A 1290 -20.98 41.41 -40.87
CA GLU A 1290 -20.71 41.08 -42.27
C GLU A 1290 -19.22 41.06 -42.54
N ARG A 1291 -18.58 42.21 -42.46
CA ARG A 1291 -17.18 42.29 -42.83
C ARG A 1291 -16.26 42.01 -41.65
N LEU A 1292 -16.80 41.92 -40.43
CA LEU A 1292 -15.95 41.68 -39.26
C LEU A 1292 -15.35 40.30 -39.22
N ILE A 1293 -15.98 39.31 -39.82
CA ILE A 1293 -15.51 37.96 -39.57
C ILE A 1293 -14.42 37.55 -40.54
N VAL A 1294 -14.13 38.37 -41.55
CA VAL A 1294 -13.07 37.97 -42.46
C VAL A 1294 -11.71 38.34 -41.90
N GLU A 1295 -11.64 39.23 -40.92
CA GLU A 1295 -10.35 39.49 -40.31
C GLU A 1295 -9.95 38.39 -39.34
N THR A 1296 -10.90 37.60 -38.87
CA THR A 1296 -10.56 36.43 -38.08
C THR A 1296 -9.98 35.33 -38.96
N GLY A 1297 -10.24 35.39 -40.26
CA GLY A 1297 -9.54 34.50 -41.18
C GLY A 1297 -8.06 34.80 -41.28
N SER A 1298 -7.70 36.08 -41.23
CA SER A 1298 -6.32 36.52 -41.34
C SER A 1298 -6.19 37.93 -40.73
N ALA A 1299 -5.47 38.01 -39.62
CA ALA A 1299 -5.09 39.29 -39.02
C ALA A 1299 -3.65 39.21 -38.54
N VAL A 1300 -3.01 40.37 -38.39
CA VAL A 1300 -1.65 40.38 -37.88
C VAL A 1300 -1.66 40.08 -36.39
N SER A 1301 -0.88 39.10 -35.98
CA SER A 1301 -0.75 38.78 -34.57
C SER A 1301 -0.04 39.90 -33.83
N THR A 1302 -0.25 39.93 -32.52
CA THR A 1302 0.56 40.78 -31.67
C THR A 1302 1.88 40.13 -31.32
N ALA A 1303 2.05 38.87 -31.66
CA ALA A 1303 3.19 38.08 -31.23
C ALA A 1303 4.15 37.88 -32.39
N THR A 1304 5.30 37.30 -32.07
CA THR A 1304 6.35 37.02 -33.04
C THR A 1304 6.61 35.53 -33.03
N ALA A 1305 6.80 34.94 -34.21
CA ALA A 1305 7.28 33.58 -34.29
C ALA A 1305 8.78 33.52 -34.52
N ALA A 1306 9.47 34.64 -34.37
CA ALA A 1306 10.86 34.76 -34.76
C ALA A 1306 11.84 34.72 -33.60
N SER A 1307 11.39 34.98 -32.38
CA SER A 1307 12.29 35.13 -31.25
C SER A 1307 12.07 34.03 -30.23
N ASP A 1308 13.04 33.88 -29.35
CA ASP A 1308 13.02 32.81 -28.37
C ASP A 1308 11.98 33.05 -27.29
N VAL A 1309 12.06 34.19 -26.64
CA VAL A 1309 10.96 34.66 -25.82
C VAL A 1309 10.11 35.54 -26.72
N GLN A 1310 8.79 35.35 -26.65
CA GLN A 1310 7.88 36.01 -27.57
C GLN A 1310 7.84 37.51 -27.30
N PHE A 1311 7.64 38.28 -28.35
CA PHE A 1311 7.85 39.71 -28.32
C PHE A 1311 6.62 40.48 -28.79
N LYS A 1312 6.66 41.79 -28.55
CA LYS A 1312 5.82 42.72 -29.28
C LYS A 1312 6.15 42.64 -30.75
N ARG A 1313 5.13 42.81 -31.57
CA ARG A 1313 5.23 42.55 -33.00
C ARG A 1313 6.10 43.58 -33.67
N PRO A 1314 7.13 43.17 -34.41
CA PRO A 1314 8.04 44.15 -34.99
C PRO A 1314 7.39 44.81 -36.19
N PRO A 1315 7.68 46.08 -36.43
CA PRO A 1315 6.98 46.78 -37.52
C PRO A 1315 7.39 46.35 -38.93
N GLY A 1316 8.38 45.47 -39.06
CA GLY A 1316 8.76 45.00 -40.39
C GLY A 1316 7.86 43.90 -40.91
N CYS A 1317 7.76 42.79 -40.18
CA CYS A 1317 7.17 41.56 -40.69
C CYS A 1317 5.70 41.42 -40.29
N ARG A 1318 5.09 40.34 -40.75
CA ARG A 1318 3.67 40.06 -40.55
C ARG A 1318 3.52 38.59 -40.21
N GLU A 1319 2.31 38.19 -39.82
CA GLU A 1319 2.11 36.79 -39.47
C GLU A 1319 0.87 36.21 -40.15
N LEU A 1320 -0.20 37.02 -40.29
CA LEU A 1320 -1.53 36.55 -40.71
C LEU A 1320 -2.03 35.40 -39.84
N VAL A 1321 -2.29 35.73 -38.57
CA VAL A 1321 -2.73 34.74 -37.60
C VAL A 1321 -4.25 34.60 -37.71
N GLU A 1322 -4.82 33.60 -37.02
CA GLU A 1322 -6.25 33.40 -36.99
C GLU A 1322 -6.92 34.21 -35.87
N ASP A 1323 -6.54 33.94 -34.60
CA ASP A 1323 -6.83 34.78 -33.44
C ASP A 1323 -8.31 35.02 -33.15
N PRO A 1324 -9.04 34.06 -32.56
CA PRO A 1324 -10.43 34.35 -32.20
C PRO A 1324 -10.56 35.31 -31.04
N CYS A 1325 -9.50 35.45 -30.23
CA CYS A 1325 -9.54 36.20 -28.99
C CYS A 1325 -9.74 37.69 -29.23
N GLY A 1326 -9.33 38.20 -30.39
CA GLY A 1326 -9.63 39.56 -30.74
C GLY A 1326 -11.10 39.82 -30.98
N LEU A 1327 -11.85 38.81 -31.37
CA LEU A 1327 -13.28 38.98 -31.61
C LEU A 1327 -14.05 38.60 -30.35
N PHE A 1328 -13.76 37.45 -29.76
CA PHE A 1328 -14.63 36.92 -28.73
C PHE A 1328 -14.36 37.55 -27.38
N GLN A 1329 -13.15 38.07 -27.16
CA GLN A 1329 -12.66 38.56 -25.86
C GLN A 1329 -12.81 37.45 -24.80
N GLU A 1330 -12.30 36.27 -25.16
CA GLU A 1330 -12.50 35.05 -24.39
C GLU A 1330 -11.16 34.38 -24.14
N ALA A 1331 -11.14 33.36 -23.28
CA ALA A 1331 -9.90 32.71 -22.87
C ALA A 1331 -10.14 31.30 -22.37
N TYR A 1332 -9.64 30.33 -23.11
CA TYR A 1332 -9.98 28.95 -22.83
C TYR A 1332 -9.15 28.41 -21.67
N PRO A 1333 -9.76 27.74 -20.70
CA PRO A 1333 -8.98 27.09 -19.65
C PRO A 1333 -8.55 25.71 -20.07
N ILE A 1334 -7.34 25.33 -19.65
CA ILE A 1334 -6.78 24.01 -19.92
C ILE A 1334 -6.94 23.14 -18.69
N THR A 1335 -6.60 21.87 -18.84
CA THR A 1335 -6.49 20.96 -17.70
C THR A 1335 -5.44 21.46 -16.73
N CYS A 1336 -5.88 21.86 -15.54
CA CYS A 1336 -4.96 22.29 -14.50
C CYS A 1336 -5.59 21.96 -13.16
N ALA A 1337 -4.74 21.72 -12.17
CA ALA A 1337 -5.21 21.30 -10.85
C ALA A 1337 -4.29 21.81 -9.77
N SER A 1338 -4.71 21.59 -8.53
CA SER A 1338 -3.93 21.98 -7.36
C SER A 1338 -3.07 20.85 -6.84
N ASP A 1339 -3.46 19.59 -7.04
CA ASP A 1339 -2.66 18.49 -6.57
C ASP A 1339 -2.27 17.60 -7.75
N PRO A 1340 -1.02 17.15 -7.79
CA PRO A 1340 -0.68 16.07 -8.71
C PRO A 1340 -1.39 14.77 -8.37
N ALA A 1341 -1.84 14.64 -7.12
CA ALA A 1341 -2.89 13.71 -6.78
C ALA A 1341 -4.09 13.87 -7.70
N LEU A 1342 -4.58 15.09 -7.83
CA LEU A 1342 -5.80 15.29 -8.60
C LEU A 1342 -5.54 15.21 -10.08
N LEU A 1343 -4.33 15.58 -10.51
CA LEU A 1343 -4.01 15.64 -11.94
C LEU A 1343 -4.00 14.26 -12.56
N ARG A 1344 -3.65 13.25 -11.77
CA ARG A 1344 -3.58 11.88 -12.27
C ARG A 1344 -4.97 11.37 -12.63
N SER A 1345 -6.01 11.86 -11.96
CA SER A 1345 -7.36 11.38 -12.24
C SER A 1345 -7.95 12.08 -13.45
N ALA A 1346 -7.30 13.14 -13.93
CA ALA A 1346 -7.85 13.86 -15.09
C ALA A 1346 -7.36 13.24 -16.39
N ARG A 1347 -6.48 12.24 -16.30
CA ARG A 1347 -5.79 11.74 -17.47
C ARG A 1347 -6.70 10.88 -18.34
N ASP A 1348 -7.64 10.19 -17.71
CA ASP A 1348 -8.45 9.20 -18.40
C ASP A 1348 -9.88 9.63 -18.63
N GLY A 1349 -10.16 10.93 -18.62
CA GLY A 1349 -11.49 11.42 -18.92
C GLY A 1349 -12.20 11.94 -17.68
N GLU A 1350 -13.14 12.84 -17.94
CA GLU A 1350 -13.84 13.56 -16.89
C GLU A 1350 -14.99 12.78 -16.29
N ALA A 1351 -15.16 11.51 -16.65
CA ALA A 1351 -16.24 10.70 -16.14
C ALA A 1351 -16.04 10.43 -14.65
N HIS A 1352 -14.85 10.01 -14.27
CA HIS A 1352 -14.50 9.73 -12.90
C HIS A 1352 -13.36 10.59 -12.39
N ALA A 1353 -13.12 11.73 -13.03
CA ALA A 1353 -12.09 12.65 -12.56
C ALA A 1353 -12.57 13.41 -11.34
N ARG A 1354 -11.65 13.66 -10.42
CA ARG A 1354 -11.97 14.40 -9.20
C ARG A 1354 -12.12 15.88 -9.56
N GLU A 1355 -13.32 16.41 -9.39
CA GLU A 1355 -13.52 17.84 -9.58
C GLU A 1355 -12.83 18.68 -8.51
N THR A 1356 -12.89 18.24 -7.25
CA THR A 1356 -12.38 19.03 -6.14
C THR A 1356 -12.12 18.14 -4.93
N HIS A 1357 -11.74 18.79 -3.83
CA HIS A 1357 -11.50 18.12 -2.55
C HIS A 1357 -11.88 19.15 -1.49
N PHE A 1358 -11.36 19.00 -0.27
CA PHE A 1358 -11.63 19.82 0.91
C PHE A 1358 -11.41 21.30 0.56
N THR A 1359 -10.18 21.70 0.24
CA THR A 1359 -9.98 23.02 -0.34
C THR A 1359 -9.25 22.92 -1.67
N GLN A 1360 -8.90 21.73 -2.08
CA GLN A 1360 -8.22 21.56 -3.34
C GLN A 1360 -9.23 21.63 -4.47
N TYR A 1361 -8.73 21.84 -5.67
CA TYR A 1361 -9.61 22.11 -6.80
C TYR A 1361 -8.92 21.72 -8.08
N LEU A 1362 -9.73 21.41 -9.08
CA LEU A 1362 -9.26 20.97 -10.39
C LEU A 1362 -10.11 21.62 -11.47
N ILE A 1363 -9.46 22.04 -12.55
CA ILE A 1363 -10.13 22.61 -13.70
C ILE A 1363 -9.95 21.66 -14.86
N TYR A 1364 -11.04 21.10 -15.36
CA TYR A 1364 -10.97 20.28 -16.54
C TYR A 1364 -10.83 21.19 -17.76
N ASP A 1365 -10.41 20.61 -18.87
CA ASP A 1365 -10.10 21.36 -20.08
C ASP A 1365 -11.38 21.81 -20.75
N ALA A 1366 -11.45 23.10 -21.10
CA ALA A 1366 -12.55 23.68 -21.86
C ALA A 1366 -11.92 24.55 -22.96
N SER A 1367 -11.87 24.01 -24.17
CA SER A 1367 -10.98 24.56 -25.19
C SER A 1367 -11.32 24.02 -26.56
N PRO A 1368 -10.94 24.71 -27.64
CA PRO A 1368 -10.94 24.06 -28.95
C PRO A 1368 -9.92 22.95 -29.06
N LEU A 1369 -8.93 22.92 -28.18
CA LEU A 1369 -7.91 21.89 -28.24
C LEU A 1369 -8.36 20.57 -27.65
N LYS A 1370 -9.56 20.48 -27.08
CA LYS A 1370 -9.92 19.32 -26.28
C LYS A 1370 -10.16 18.12 -27.18
N GLY A 1371 -9.90 16.94 -26.65
CA GLY A 1371 -9.99 15.71 -27.39
C GLY A 1371 -8.79 15.40 -28.27
N LEU A 1372 -7.95 16.39 -28.53
CA LEU A 1372 -6.89 16.22 -29.51
C LEU A 1372 -5.74 15.43 -28.93
N SER A 1373 -4.78 15.10 -29.78
CA SER A 1373 -3.58 14.38 -29.36
C SER A 1373 -2.70 15.26 -28.48
N LEU A 1374 -2.56 16.52 -28.85
CA LEU A 1374 -1.74 17.47 -28.09
C LEU A 1374 -2.60 18.39 -27.25
N ARG B 6 -9.02 76.21 -57.53
CA ARG B 6 -9.55 74.87 -57.68
C ARG B 6 -8.52 73.94 -58.31
N ASP B 7 -8.84 72.65 -58.37
CA ASP B 7 -7.93 71.67 -58.94
C ASP B 7 -8.15 71.58 -60.45
N PRO B 8 -7.12 71.83 -61.26
CA PRO B 8 -7.33 71.83 -62.71
C PRO B 8 -7.30 70.42 -63.25
N PRO B 9 -8.01 70.17 -64.36
CA PRO B 9 -7.90 68.86 -65.00
C PRO B 9 -6.76 68.77 -66.01
N GLY B 10 -6.34 69.87 -66.60
CA GLY B 10 -5.31 69.85 -67.63
C GLY B 10 -5.89 70.18 -69.01
N TYR B 11 -5.04 69.98 -70.01
CA TYR B 11 -5.40 70.21 -71.40
C TYR B 11 -5.30 68.93 -72.20
N ARG B 12 -6.26 68.73 -73.09
CA ARG B 12 -6.29 67.57 -73.97
C ARG B 12 -5.25 67.76 -75.06
N TYR B 13 -4.10 67.11 -74.90
CA TYR B 13 -3.12 67.11 -75.96
C TYR B 13 -3.57 66.26 -77.13
N ALA B 14 -4.45 65.30 -76.88
CA ALA B 14 -5.16 64.62 -77.95
C ALA B 14 -6.17 65.59 -78.55
N ALA B 15 -6.57 65.30 -79.80
CA ALA B 15 -7.51 66.08 -80.61
C ALA B 15 -7.04 67.50 -80.88
N ALA B 16 -5.74 67.75 -80.78
CA ALA B 16 -5.15 68.96 -81.30
C ALA B 16 -4.37 68.71 -82.58
N MET B 17 -4.20 67.45 -82.99
CA MET B 17 -3.59 67.14 -84.28
C MET B 17 -4.42 67.65 -85.44
N VAL B 18 -5.74 67.66 -85.30
CA VAL B 18 -6.64 68.22 -86.32
C VAL B 18 -7.27 69.44 -85.68
N PRO B 19 -6.75 70.63 -85.93
CA PRO B 19 -7.10 71.79 -85.11
C PRO B 19 -8.51 72.31 -85.37
N THR B 20 -9.04 73.03 -84.39
CA THR B 20 -10.39 73.58 -84.44
C THR B 20 -10.44 75.08 -84.19
N GLY B 21 -9.58 75.60 -83.33
CA GLY B 21 -9.54 77.03 -83.13
C GLY B 21 -8.41 77.62 -83.95
N SER B 22 -8.80 78.48 -84.88
CA SER B 22 -7.88 79.02 -85.89
C SER B 22 -7.08 80.17 -85.31
N ILE B 23 -5.78 79.97 -85.21
CA ILE B 23 -4.91 80.83 -84.43
C ILE B 23 -4.27 81.87 -85.34
N LEU B 24 -4.63 83.14 -85.15
CA LEU B 24 -4.21 84.15 -86.11
C LEU B 24 -3.51 85.36 -85.51
N SER B 25 -2.76 85.21 -84.42
CA SER B 25 -1.81 86.22 -83.96
C SER B 25 -0.74 85.55 -83.10
N THR B 26 0.43 86.18 -83.05
CA THR B 26 1.56 85.65 -82.27
C THR B 26 2.09 86.75 -81.36
N ILE B 27 1.77 86.67 -80.07
CA ILE B 27 2.22 87.66 -79.08
C ILE B 27 2.82 86.92 -77.90
N GLU B 28 3.33 87.71 -76.96
CA GLU B 28 3.87 87.17 -75.71
C GLU B 28 2.71 86.65 -74.89
N VAL B 29 2.57 85.32 -74.88
CA VAL B 29 1.41 84.69 -74.25
C VAL B 29 1.44 84.86 -72.74
N ALA B 30 2.63 84.92 -72.13
CA ALA B 30 2.74 85.06 -70.69
C ALA B 30 2.46 86.49 -70.23
N SER B 31 2.34 87.44 -71.15
CA SER B 31 1.93 88.78 -70.74
C SER B 31 0.45 88.81 -70.42
N HIS B 32 -0.33 87.92 -71.04
CA HIS B 32 -1.72 87.71 -70.70
C HIS B 32 -1.91 86.46 -69.85
N ARG B 33 -0.98 86.19 -68.93
CA ARG B 33 -0.98 85.01 -68.09
C ARG B 33 -2.21 84.96 -67.18
N ARG B 34 -2.65 86.13 -66.73
CA ARG B 34 -3.77 86.24 -65.83
C ARG B 34 -5.11 86.18 -66.56
N LEU B 35 -5.11 85.75 -67.83
CA LEU B 35 -6.30 85.66 -68.66
C LEU B 35 -6.74 84.23 -68.90
N PHE B 36 -5.80 83.30 -69.06
CA PHE B 36 -6.11 81.90 -69.22
C PHE B 36 -6.52 81.32 -67.88
N ASP B 37 -7.09 80.11 -67.92
CA ASP B 37 -7.17 79.31 -66.71
C ASP B 37 -6.05 78.29 -66.63
N PHE B 38 -5.97 77.40 -67.61
CA PHE B 38 -4.88 76.42 -67.65
C PHE B 38 -3.83 76.97 -68.58
N PHE B 39 -2.56 76.61 -68.33
CA PHE B 39 -1.48 77.22 -69.07
C PHE B 39 -0.22 76.38 -68.93
N ALA B 40 0.61 76.41 -69.97
CA ALA B 40 1.91 75.75 -69.96
C ALA B 40 2.80 76.33 -71.05
N ALA B 41 4.03 76.70 -70.69
CA ALA B 41 5.07 77.05 -71.65
C ALA B 41 6.12 75.96 -71.63
N VAL B 42 6.29 75.28 -72.75
CA VAL B 42 7.22 74.17 -72.88
C VAL B 42 8.23 74.52 -73.97
N ARG B 43 9.48 74.67 -73.59
CA ARG B 43 10.56 74.77 -74.55
C ARG B 43 10.70 73.41 -75.23
N SER B 44 11.17 73.41 -76.48
CA SER B 44 10.75 72.58 -77.62
C SER B 44 10.29 71.18 -77.22
N ASP B 45 10.98 70.47 -76.32
CA ASP B 45 10.53 69.17 -75.88
C ASP B 45 10.45 69.11 -74.36
N GLU B 46 9.44 68.39 -73.87
CA GLU B 46 9.40 67.96 -72.48
C GLU B 46 8.76 66.58 -72.43
N ASN B 47 9.08 65.83 -71.38
CA ASN B 47 8.55 64.47 -71.27
C ASN B 47 7.17 64.44 -70.66
N SER B 48 6.54 65.59 -70.45
CA SER B 48 5.13 65.64 -70.07
C SER B 48 4.19 65.46 -71.25
N LEU B 49 4.69 65.52 -72.49
CA LEU B 49 3.82 65.55 -73.65
C LEU B 49 3.44 64.16 -74.13
N TYR B 50 3.70 63.14 -73.35
CA TYR B 50 3.55 61.77 -73.82
C TYR B 50 2.75 60.90 -72.88
N ASP B 51 2.32 61.44 -71.73
CA ASP B 51 1.55 60.64 -70.79
C ASP B 51 0.08 60.65 -71.15
N VAL B 52 -0.54 59.48 -71.04
CA VAL B 52 -1.98 59.35 -71.21
C VAL B 52 -2.54 58.70 -69.95
N GLU B 53 -3.78 59.03 -69.60
CA GLU B 53 -4.35 58.55 -68.37
C GLU B 53 -5.86 58.53 -68.50
N PHE B 54 -6.47 57.44 -68.05
CA PHE B 54 -7.91 57.29 -68.19
C PHE B 54 -8.43 56.46 -67.04
N ASP B 55 -9.63 55.96 -67.23
CA ASP B 55 -10.26 54.98 -66.34
C ASP B 55 -11.16 54.08 -67.15
N ALA B 56 -11.33 52.86 -66.67
CA ALA B 56 -12.02 51.85 -67.43
C ALA B 56 -13.10 51.19 -66.59
N LEU B 57 -14.34 51.39 -66.99
CA LEU B 57 -15.47 50.68 -66.39
C LEU B 57 -15.40 49.27 -66.95
N LEU B 58 -14.88 48.35 -66.16
CA LEU B 58 -14.57 47.01 -66.63
C LEU B 58 -15.72 46.04 -66.48
N GLY B 59 -16.96 46.52 -66.43
CA GLY B 59 -18.08 45.61 -66.39
C GLY B 59 -19.18 46.09 -65.48
N SER B 60 -20.39 45.55 -65.68
CA SER B 60 -21.51 45.67 -64.76
C SER B 60 -22.49 44.60 -65.16
N TYR B 61 -23.03 43.87 -64.22
CA TYR B 61 -23.82 42.68 -64.53
C TYR B 61 -25.12 42.72 -63.73
N CYS B 62 -26.18 42.29 -64.37
CA CYS B 62 -27.51 42.41 -63.81
C CYS B 62 -27.90 41.15 -63.07
N ASN B 63 -29.03 41.23 -62.38
CA ASN B 63 -29.61 40.14 -61.63
C ASN B 63 -30.78 39.61 -62.43
N THR B 64 -30.63 38.41 -62.95
CA THR B 64 -31.72 37.74 -63.64
C THR B 64 -32.74 37.30 -62.60
N LEU B 65 -33.98 37.76 -62.76
CA LEU B 65 -35.05 37.35 -61.86
C LEU B 65 -35.74 36.11 -62.40
N SER B 66 -35.86 35.08 -61.58
CA SER B 66 -36.70 33.94 -61.90
C SER B 66 -38.10 34.18 -61.35
N LEU B 67 -39.10 33.72 -62.09
CA LEU B 67 -40.49 33.89 -61.70
C LEU B 67 -41.17 32.54 -61.67
N VAL B 68 -41.81 32.22 -60.55
CA VAL B 68 -42.45 30.93 -60.33
C VAL B 68 -43.82 30.94 -61.00
N ARG B 69 -44.42 29.76 -61.09
CA ARG B 69 -45.71 29.63 -61.77
C ARG B 69 -46.78 28.96 -60.91
N PHE B 70 -46.39 28.28 -59.83
CA PHE B 70 -47.23 27.73 -58.76
C PHE B 70 -48.05 26.51 -59.21
N LEU B 71 -48.11 26.25 -60.51
CA LEU B 71 -48.72 25.01 -60.95
C LEU B 71 -47.67 23.93 -61.09
N GLU B 72 -46.41 24.34 -61.20
CA GLU B 72 -45.29 23.42 -61.28
C GLU B 72 -44.71 23.25 -59.88
N LEU B 73 -45.55 22.85 -58.94
CA LEU B 73 -45.13 22.60 -57.57
C LEU B 73 -45.88 21.39 -57.06
N GLY B 74 -45.37 20.82 -55.98
CA GLY B 74 -46.10 19.78 -55.28
C GLY B 74 -47.14 20.40 -54.39
N LEU B 75 -47.10 21.72 -54.22
CA LEU B 75 -48.14 22.41 -53.46
C LEU B 75 -49.47 22.37 -54.16
N SER B 76 -49.48 22.32 -55.49
CA SER B 76 -50.71 22.36 -56.25
C SER B 76 -51.56 21.12 -56.08
N VAL B 77 -50.99 20.02 -55.57
CA VAL B 77 -51.79 18.82 -55.35
C VAL B 77 -52.70 18.98 -54.14
N ALA B 78 -52.48 19.99 -53.31
CA ALA B 78 -53.22 20.12 -52.07
C ALA B 78 -54.44 21.02 -52.20
N CYS B 79 -54.50 21.84 -53.25
CA CYS B 79 -55.58 22.80 -53.36
C CYS B 79 -56.20 22.69 -54.74
N VAL B 80 -57.38 23.26 -54.88
CA VAL B 80 -58.10 23.27 -56.15
C VAL B 80 -58.13 24.71 -56.61
N CYS B 81 -57.22 25.07 -57.51
CA CYS B 81 -57.09 26.43 -58.00
C CYS B 81 -58.26 26.73 -58.94
N THR B 82 -59.19 27.54 -58.49
CA THR B 82 -60.35 27.95 -59.27
C THR B 82 -60.45 29.46 -59.26
N LYS B 83 -60.66 30.06 -60.43
CA LYS B 83 -60.77 31.51 -60.54
C LYS B 83 -62.23 31.94 -60.63
N PHE B 84 -62.54 33.09 -60.03
CA PHE B 84 -63.90 33.52 -59.78
C PHE B 84 -63.90 35.04 -59.62
N PRO B 85 -64.21 35.77 -60.70
CA PRO B 85 -63.98 37.23 -60.68
C PRO B 85 -64.97 38.03 -59.84
N GLU B 86 -65.93 37.40 -59.15
CA GLU B 86 -66.97 38.16 -58.49
C GLU B 86 -66.97 38.01 -56.99
N LEU B 87 -65.83 37.63 -56.39
CA LEU B 87 -65.83 37.25 -54.99
C LEU B 87 -65.90 38.46 -54.08
N ALA B 88 -65.59 39.65 -54.59
CA ALA B 88 -65.87 40.86 -53.83
C ALA B 88 -67.36 41.14 -53.77
N TYR B 89 -68.10 40.69 -54.78
CA TYR B 89 -69.54 40.83 -54.79
C TYR B 89 -70.22 39.71 -54.02
N MET B 90 -69.45 38.71 -53.60
CA MET B 90 -69.92 37.61 -52.78
C MET B 90 -70.04 38.07 -51.33
N ASN B 91 -71.02 37.52 -50.62
CA ASN B 91 -71.27 37.93 -49.24
C ASN B 91 -70.88 36.84 -48.26
N GLU B 92 -71.44 35.65 -48.37
CA GLU B 92 -70.94 34.49 -47.64
C GLU B 92 -70.88 33.30 -48.59
N GLY B 93 -70.14 32.28 -48.18
CA GLY B 93 -70.08 31.08 -48.98
C GLY B 93 -70.28 29.86 -48.13
N ARG B 94 -71.16 28.97 -48.57
CA ARG B 94 -71.47 27.79 -47.78
C ARG B 94 -71.38 26.57 -48.67
N VAL B 95 -70.84 25.49 -48.12
CA VAL B 95 -70.93 24.17 -48.72
C VAL B 95 -71.49 23.24 -47.66
N GLN B 96 -72.58 22.55 -47.99
CA GLN B 96 -73.13 21.52 -47.12
C GLN B 96 -72.65 20.17 -47.64
N PHE B 97 -72.51 19.20 -46.74
CA PHE B 97 -71.95 17.90 -47.09
C PHE B 97 -72.96 16.80 -46.81
N GLU B 98 -72.74 15.65 -47.44
CA GLU B 98 -73.59 14.47 -47.26
C GLU B 98 -72.73 13.26 -46.96
N VAL B 99 -73.04 12.57 -45.88
CA VAL B 99 -72.35 11.33 -45.50
C VAL B 99 -73.39 10.37 -44.91
N HIS B 100 -73.35 9.12 -45.38
CA HIS B 100 -74.38 8.14 -45.07
C HIS B 100 -73.72 6.91 -44.48
N GLN B 101 -74.00 6.64 -43.21
CA GLN B 101 -73.22 5.69 -42.43
C GLN B 101 -73.79 4.30 -42.59
N PRO B 102 -72.98 3.26 -42.54
CA PRO B 102 -73.52 1.89 -42.49
C PRO B 102 -73.71 1.50 -41.04
N LEU B 103 -74.21 0.29 -40.82
CA LEU B 103 -74.20 -0.31 -39.49
C LEU B 103 -74.25 -1.82 -39.61
N ILE B 104 -74.20 -2.48 -38.45
CA ILE B 104 -74.14 -3.93 -38.37
C ILE B 104 -75.23 -4.41 -37.43
N ALA B 105 -75.96 -5.43 -37.88
CA ALA B 105 -76.99 -6.05 -37.07
C ALA B 105 -76.39 -6.70 -35.83
N ARG B 106 -77.09 -6.53 -34.71
CA ARG B 106 -76.53 -6.86 -33.41
C ARG B 106 -77.54 -7.70 -32.63
N ASP B 107 -77.07 -8.80 -32.06
CA ASP B 107 -77.94 -9.83 -31.52
C ASP B 107 -78.22 -9.59 -30.03
N GLY B 108 -79.29 -10.21 -29.53
CA GLY B 108 -79.44 -10.45 -28.13
C GLY B 108 -79.80 -9.23 -27.32
N PRO B 109 -79.17 -9.09 -26.14
CA PRO B 109 -79.62 -8.09 -25.17
C PRO B 109 -79.25 -6.68 -25.54
N HIS B 110 -78.45 -6.48 -26.58
CA HIS B 110 -78.12 -5.13 -27.00
C HIS B 110 -79.35 -4.45 -27.57
N PRO B 111 -79.49 -3.13 -27.42
CA PRO B 111 -80.60 -2.45 -28.05
C PRO B 111 -80.37 -2.35 -29.55
N VAL B 112 -81.45 -2.23 -30.29
CA VAL B 112 -81.38 -2.24 -31.75
C VAL B 112 -80.98 -0.85 -32.22
N GLU B 113 -80.08 -0.79 -33.20
CA GLU B 113 -79.63 0.47 -33.78
C GLU B 113 -80.44 0.79 -35.02
N GLN B 114 -80.40 2.06 -35.44
CA GLN B 114 -81.14 2.51 -36.62
C GLN B 114 -80.33 3.56 -37.36
N PRO B 115 -80.40 3.61 -38.68
CA PRO B 115 -79.57 4.56 -39.42
C PRO B 115 -80.07 5.98 -39.33
N VAL B 116 -79.17 6.92 -39.08
CA VAL B 116 -79.41 8.33 -39.35
C VAL B 116 -78.21 8.83 -40.14
N HIS B 117 -78.22 10.12 -40.45
CA HIS B 117 -77.26 10.67 -41.39
C HIS B 117 -76.71 11.96 -40.84
N ASN B 118 -75.69 12.50 -41.51
CA ASN B 118 -75.12 13.77 -41.11
C ASN B 118 -74.98 14.68 -42.31
N TYR B 119 -75.48 15.91 -42.15
CA TYR B 119 -75.35 16.97 -43.12
C TYR B 119 -74.75 18.18 -42.43
N MET B 120 -73.45 18.40 -42.61
CA MET B 120 -72.83 19.53 -41.94
C MET B 120 -72.54 20.62 -42.96
N THR B 121 -72.50 21.84 -42.46
CA THR B 121 -72.36 23.06 -43.24
C THR B 121 -71.18 23.85 -42.69
N LYS B 122 -70.38 24.43 -43.57
CA LYS B 122 -69.23 25.22 -43.14
C LYS B 122 -69.08 26.46 -44.00
N VAL B 123 -68.67 27.56 -43.38
CA VAL B 123 -68.54 28.85 -44.07
C VAL B 123 -67.18 28.96 -44.74
N ILE B 124 -67.05 29.99 -45.57
CA ILE B 124 -65.81 30.27 -46.28
C ILE B 124 -65.15 31.51 -45.70
N ASP B 125 -63.86 31.41 -45.39
CA ASP B 125 -63.09 32.52 -44.84
C ASP B 125 -62.65 33.47 -45.95
N ARG B 126 -62.37 34.71 -45.56
CA ARG B 126 -62.03 35.78 -46.49
C ARG B 126 -60.64 36.30 -46.20
N ARG B 127 -59.75 36.16 -47.18
CA ARG B 127 -58.37 36.57 -47.00
C ARG B 127 -57.93 37.40 -48.18
N ALA B 128 -57.27 38.52 -47.89
CA ALA B 128 -56.86 39.45 -48.92
C ALA B 128 -55.44 39.92 -48.65
N LEU B 129 -54.71 40.18 -49.72
CA LEU B 129 -53.31 40.54 -49.66
C LEU B 129 -53.05 41.73 -50.58
N ASN B 130 -51.91 42.39 -50.40
CA ASN B 130 -51.59 43.60 -51.16
C ASN B 130 -50.10 43.86 -51.18
N ALA B 131 -49.59 44.29 -52.35
CA ALA B 131 -48.15 44.46 -52.51
C ALA B 131 -47.67 45.28 -53.72
N ALA B 132 -46.38 45.61 -53.68
CA ALA B 132 -45.44 45.62 -54.81
C ALA B 132 -45.39 46.77 -55.81
N PHE B 133 -45.75 48.00 -55.49
CA PHE B 133 -45.60 49.06 -56.47
C PHE B 133 -45.27 50.40 -55.83
N SER B 134 -44.43 51.18 -56.52
CA SER B 134 -44.08 52.55 -56.15
C SER B 134 -43.39 53.26 -57.31
N LEU B 135 -43.47 54.60 -57.32
CA LEU B 135 -42.78 55.43 -58.30
C LEU B 135 -42.30 56.71 -57.65
N ALA B 136 -41.53 57.48 -58.42
CA ALA B 136 -40.93 58.73 -57.93
C ALA B 136 -41.19 59.85 -58.92
N THR B 137 -41.17 61.08 -58.40
CA THR B 137 -41.66 62.26 -59.12
C THR B 137 -40.83 62.55 -60.36
N GLU B 138 -39.51 62.40 -60.26
CA GLU B 138 -38.61 62.66 -61.38
C GLU B 138 -38.87 61.75 -62.57
N ALA B 139 -39.43 60.56 -62.35
CA ALA B 139 -39.86 59.73 -63.46
C ALA B 139 -41.19 60.18 -64.03
N ILE B 140 -42.11 60.61 -63.16
CA ILE B 140 -43.48 60.91 -63.58
C ILE B 140 -43.51 62.17 -64.42
N ALA B 141 -42.64 63.12 -64.11
CA ALA B 141 -42.38 64.22 -65.02
C ALA B 141 -41.79 63.74 -66.34
N LEU B 142 -40.98 62.68 -66.31
CA LEU B 142 -40.17 62.33 -67.45
C LEU B 142 -40.84 61.28 -68.33
N LEU B 143 -41.69 60.44 -67.74
CA LEU B 143 -42.38 59.42 -68.52
C LEU B 143 -43.51 59.97 -69.37
N THR B 144 -43.96 61.18 -69.11
CA THR B 144 -45.11 61.73 -69.82
C THR B 144 -45.07 63.26 -69.87
N GLY B 145 -45.19 63.79 -71.08
CA GLY B 145 -45.57 65.18 -71.28
C GLY B 145 -44.49 66.18 -70.96
N GLU B 146 -44.14 66.26 -69.68
CA GLU B 146 -43.37 67.37 -69.12
C GLU B 146 -41.93 67.45 -69.60
N ALA B 147 -41.11 66.46 -69.29
CA ALA B 147 -39.67 66.67 -69.37
C ALA B 147 -39.09 66.29 -70.73
N LEU B 148 -39.94 65.96 -71.70
CA LEU B 148 -39.44 65.73 -73.04
C LEU B 148 -39.06 67.05 -73.67
N ASP B 149 -37.81 67.12 -74.15
CA ASP B 149 -37.23 68.39 -74.55
C ASP B 149 -37.07 68.51 -76.06
N GLY B 150 -36.35 67.57 -76.65
CA GLY B 150 -36.10 67.57 -78.08
C GLY B 150 -34.75 67.03 -78.49
N THR B 151 -33.72 67.16 -77.67
CA THR B 151 -32.45 66.56 -78.00
C THR B 151 -32.46 65.07 -77.65
N GLY B 152 -31.35 64.40 -77.98
CA GLY B 152 -31.27 62.97 -77.76
C GLY B 152 -31.14 62.58 -76.30
N ILE B 153 -30.86 63.55 -75.43
CA ILE B 153 -30.76 63.26 -74.00
C ILE B 153 -32.13 62.88 -73.43
N SER B 154 -33.14 63.69 -73.72
CA SER B 154 -34.45 63.49 -73.10
C SER B 154 -35.13 62.26 -73.64
N LEU B 155 -34.81 61.88 -74.88
CA LEU B 155 -35.20 60.57 -75.38
C LEU B 155 -34.53 59.46 -74.57
N HIS B 156 -33.25 59.63 -74.28
CA HIS B 156 -32.52 58.56 -73.62
C HIS B 156 -32.75 58.60 -72.12
N ARG B 157 -33.06 59.77 -71.58
CA ARG B 157 -33.24 59.83 -70.13
C ARG B 157 -34.58 59.25 -69.73
N GLN B 158 -35.60 59.38 -70.59
CA GLN B 158 -36.87 58.76 -70.25
C GLN B 158 -36.85 57.27 -70.56
N LEU B 159 -36.00 56.84 -71.51
CA LEU B 159 -35.95 55.43 -71.88
C LEU B 159 -35.41 54.59 -70.74
N ARG B 160 -34.45 55.12 -69.99
CA ARG B 160 -34.00 54.47 -68.77
C ARG B 160 -35.11 54.41 -67.73
N ALA B 161 -36.03 55.37 -67.76
CA ALA B 161 -37.10 55.38 -66.77
C ALA B 161 -38.21 54.39 -67.11
N ILE B 162 -38.39 54.05 -68.39
CA ILE B 162 -39.35 53.01 -68.76
C ILE B 162 -38.92 51.66 -68.21
N GLN B 163 -37.64 51.32 -68.35
CA GLN B 163 -37.16 50.05 -67.85
C GLN B 163 -37.16 50.02 -66.33
N GLN B 164 -37.11 51.19 -65.69
CA GLN B 164 -37.34 51.27 -64.26
C GLN B 164 -38.77 50.85 -63.92
N LEU B 165 -39.74 51.29 -64.73
CA LEU B 165 -41.10 50.85 -64.52
C LEU B 165 -41.29 49.41 -65.01
N ALA B 166 -40.59 49.05 -66.10
CA ALA B 166 -40.83 47.76 -66.73
C ALA B 166 -40.41 46.60 -65.85
N ARG B 167 -39.49 46.83 -64.93
CA ARG B 167 -39.14 45.76 -64.01
C ARG B 167 -40.08 45.76 -62.82
N ASN B 168 -40.67 46.91 -62.48
CA ASN B 168 -41.66 46.96 -61.41
C ASN B 168 -42.92 46.20 -61.82
N VAL B 169 -43.26 46.22 -63.10
CA VAL B 169 -44.44 45.49 -63.55
C VAL B 169 -44.16 44.00 -63.50
N GLN B 170 -42.93 43.58 -63.82
CA GLN B 170 -42.57 42.18 -63.68
C GLN B 170 -42.43 41.79 -62.22
N ALA B 171 -42.25 42.79 -61.34
CA ALA B 171 -42.04 42.48 -59.93
C ALA B 171 -43.33 42.05 -59.25
N VAL B 172 -44.48 42.56 -59.71
CA VAL B 172 -45.71 42.33 -58.99
C VAL B 172 -46.23 40.92 -59.21
N LEU B 173 -45.84 40.31 -60.33
CA LEU B 173 -46.46 39.05 -60.71
C LEU B 173 -45.81 37.89 -59.98
N GLY B 174 -44.56 38.07 -59.55
CA GLY B 174 -43.99 37.13 -58.61
C GLY B 174 -44.71 37.15 -57.29
N ALA B 175 -45.12 38.34 -56.84
CA ALA B 175 -45.71 38.50 -55.51
C ALA B 175 -47.04 37.76 -55.40
N PHE B 176 -47.91 37.93 -56.39
CA PHE B 176 -49.17 37.18 -56.37
C PHE B 176 -48.94 35.70 -56.66
N GLU B 177 -47.77 35.35 -57.20
CA GLU B 177 -47.42 33.94 -57.33
C GLU B 177 -46.78 33.40 -56.05
N ARG B 178 -45.76 34.10 -55.54
CA ARG B 178 -45.06 33.61 -54.34
C ARG B 178 -45.96 33.68 -53.12
N GLY B 179 -46.76 34.75 -53.00
CA GLY B 179 -47.61 34.90 -51.84
C GLY B 179 -48.75 33.90 -51.84
N THR B 180 -49.10 33.38 -53.01
CA THR B 180 -50.08 32.32 -53.09
C THR B 180 -49.58 31.06 -52.41
N ALA B 181 -48.31 30.72 -52.63
CA ALA B 181 -47.72 29.60 -51.93
C ALA B 181 -47.57 29.89 -50.44
N ASP B 182 -47.30 31.15 -50.09
CA ASP B 182 -47.18 31.53 -48.69
C ASP B 182 -48.50 31.40 -47.95
N GLN B 183 -49.59 31.85 -48.57
CA GLN B 183 -50.90 31.83 -47.93
C GLN B 183 -51.40 30.40 -47.78
N MET B 184 -50.92 29.49 -48.63
CA MET B 184 -51.22 28.08 -48.46
C MET B 184 -50.68 27.55 -47.14
N LEU B 185 -49.47 27.96 -46.76
CA LEU B 185 -48.84 27.36 -45.59
C LEU B 185 -49.45 27.88 -44.30
N HIS B 186 -50.02 29.08 -44.33
CA HIS B 186 -50.67 29.59 -43.13
C HIS B 186 -51.93 28.81 -42.79
N VAL B 187 -52.77 28.53 -43.80
CA VAL B 187 -53.95 27.74 -43.53
C VAL B 187 -53.59 26.27 -43.37
N LEU B 188 -52.46 25.84 -43.95
CA LEU B 188 -52.04 24.45 -43.74
C LEU B 188 -51.25 24.27 -42.46
N LEU B 189 -51.15 25.32 -41.64
CA LEU B 189 -50.79 25.13 -40.25
C LEU B 189 -51.92 25.57 -39.33
N GLU B 190 -52.87 26.32 -39.87
CA GLU B 190 -54.03 26.71 -39.06
C GLU B 190 -54.93 25.52 -38.79
N LYS B 191 -55.12 24.67 -39.79
CA LYS B 191 -55.89 23.45 -39.60
C LYS B 191 -54.99 22.24 -39.44
N ALA B 192 -53.74 22.43 -39.06
CA ALA B 192 -52.88 21.30 -38.82
C ALA B 192 -52.68 21.08 -37.33
N PRO B 193 -53.16 19.99 -36.78
CA PRO B 193 -52.83 19.65 -35.40
C PRO B 193 -51.42 19.09 -35.33
N PRO B 194 -50.82 19.05 -34.15
CA PRO B 194 -49.49 18.42 -34.04
C PRO B 194 -49.60 16.91 -34.15
N LEU B 195 -48.46 16.28 -34.41
CA LEU B 195 -48.43 14.84 -34.66
C LEU B 195 -48.67 14.05 -33.38
N ALA B 196 -48.04 14.46 -32.28
CA ALA B 196 -48.08 13.66 -31.06
C ALA B 196 -49.44 13.72 -30.38
N LEU B 197 -50.28 14.66 -30.79
CA LEU B 197 -51.63 14.74 -30.25
C LEU B 197 -52.61 13.93 -31.08
N LEU B 198 -52.20 13.56 -32.30
CA LEU B 198 -53.15 12.93 -33.20
C LEU B 198 -52.98 11.41 -33.21
N LEU B 199 -51.75 10.94 -33.05
CA LEU B 199 -51.53 9.49 -33.09
C LEU B 199 -52.16 8.75 -31.92
N PRO B 200 -52.24 9.28 -30.70
CA PRO B 200 -53.17 8.65 -29.75
C PRO B 200 -54.61 8.94 -30.07
N MET B 201 -54.89 10.05 -30.76
CA MET B 201 -56.28 10.45 -30.98
C MET B 201 -56.98 9.51 -31.95
N GLN B 202 -56.35 9.25 -33.10
CA GLN B 202 -56.99 8.40 -34.10
C GLN B 202 -56.97 6.94 -33.68
N ARG B 203 -55.99 6.54 -32.87
CA ARG B 203 -56.03 5.20 -32.31
C ARG B 203 -57.17 5.07 -31.33
N TYR B 204 -57.51 6.15 -30.63
CA TYR B 204 -58.66 6.19 -29.75
C TYR B 204 -59.98 6.33 -30.49
N LEU B 205 -59.99 7.01 -31.63
CA LEU B 205 -61.23 7.55 -32.16
C LEU B 205 -62.10 6.46 -32.77
N ASP B 206 -61.49 5.37 -33.22
CA ASP B 206 -62.21 4.29 -33.89
C ASP B 206 -62.65 3.23 -32.87
N ASN B 207 -63.34 3.66 -31.83
CA ASN B 207 -64.00 2.71 -30.96
C ASN B 207 -65.50 2.86 -31.12
N GLY B 208 -65.97 4.10 -31.26
CA GLY B 208 -67.38 4.39 -31.42
C GLY B 208 -67.80 5.68 -30.76
N THR B 212 -69.15 8.57 -21.81
CA THR B 212 -67.86 7.89 -21.92
C THR B 212 -66.78 8.65 -21.16
N ARG B 213 -67.06 8.97 -19.90
CA ARG B 213 -66.12 9.74 -19.09
C ARG B 213 -64.86 8.94 -18.73
N VAL B 214 -65.01 7.64 -18.54
CA VAL B 214 -63.86 6.85 -18.13
C VAL B 214 -62.88 6.69 -19.29
N ALA B 215 -63.38 6.53 -20.51
CA ALA B 215 -62.49 6.44 -21.67
C ALA B 215 -61.89 7.81 -22.01
N ARG B 216 -62.51 8.89 -21.52
CA ARG B 216 -61.95 10.22 -21.71
C ARG B 216 -60.61 10.36 -21.01
N ALA B 217 -60.59 10.08 -19.70
CA ALA B 217 -59.38 10.32 -18.91
C ALA B 217 -58.27 9.35 -19.29
N THR B 218 -58.63 8.10 -19.60
CA THR B 218 -57.63 7.12 -20.02
C THR B 218 -57.05 7.45 -21.38
N LEU B 219 -57.72 8.31 -22.14
CA LEU B 219 -57.05 8.91 -23.28
C LEU B 219 -56.06 9.97 -22.82
N VAL B 220 -56.46 10.76 -21.82
CA VAL B 220 -55.76 12.01 -21.50
C VAL B 220 -54.38 11.72 -20.92
N ALA B 221 -54.31 10.82 -19.95
CA ALA B 221 -53.02 10.46 -19.37
C ALA B 221 -52.15 9.73 -20.38
N GLU B 222 -52.78 8.92 -21.23
CA GLU B 222 -52.07 8.28 -22.32
C GLU B 222 -51.65 9.30 -23.36
N LEU B 223 -52.36 10.42 -23.46
CA LEU B 223 -51.96 11.45 -24.40
C LEU B 223 -50.75 12.21 -23.89
N LYS B 224 -50.75 12.59 -22.61
CA LYS B 224 -49.71 13.47 -22.08
C LYS B 224 -48.37 12.76 -21.93
N ARG B 225 -48.38 11.45 -21.71
CA ARG B 225 -47.14 10.69 -21.73
C ARG B 225 -46.63 10.57 -23.15
N SER B 226 -47.53 10.46 -24.12
CA SER B 226 -47.15 10.28 -25.51
C SER B 226 -46.60 11.56 -26.10
N PHE B 227 -47.10 12.71 -25.66
CA PHE B 227 -46.61 13.99 -26.14
C PHE B 227 -45.16 14.21 -25.72
N CYS B 228 -44.77 13.66 -24.58
CA CYS B 228 -43.44 13.93 -24.04
C CYS B 228 -42.36 13.23 -24.85
N ASP B 229 -42.69 12.09 -25.45
CA ASP B 229 -41.66 11.27 -26.08
C ASP B 229 -41.66 11.39 -27.60
N THR B 230 -42.81 11.17 -28.21
CA THR B 230 -42.91 11.08 -29.66
C THR B 230 -42.68 12.42 -30.34
N SER B 231 -42.96 13.53 -29.68
CA SER B 231 -42.64 14.83 -30.23
C SER B 231 -41.13 15.04 -30.25
N PHE B 232 -40.68 15.86 -31.19
CA PHE B 232 -39.26 16.11 -31.48
C PHE B 232 -38.52 14.82 -31.76
N PHE B 233 -39.05 14.01 -32.66
CA PHE B 233 -38.60 12.62 -32.78
C PHE B 233 -37.30 12.54 -33.56
N LEU B 234 -37.03 13.54 -34.40
CA LEU B 234 -35.89 13.43 -35.30
C LEU B 234 -34.57 13.53 -34.55
N GLY B 235 -34.36 14.62 -33.83
CA GLY B 235 -33.13 14.74 -33.07
C GLY B 235 -33.03 13.81 -31.89
N LYS B 236 -34.13 13.22 -31.45
CA LYS B 236 -34.14 12.33 -30.30
C LYS B 236 -33.63 10.95 -30.67
N ALA B 237 -34.26 10.28 -31.63
CA ALA B 237 -33.84 8.95 -32.03
C ALA B 237 -33.07 8.94 -33.33
N GLY B 238 -32.24 9.95 -33.57
CA GLY B 238 -31.58 10.10 -34.86
C GLY B 238 -30.55 9.03 -35.16
N HIS B 239 -29.87 8.50 -34.15
CA HIS B 239 -28.76 7.59 -34.39
C HIS B 239 -29.21 6.19 -34.82
N ARG B 240 -30.49 5.85 -34.67
CA ARG B 240 -31.03 4.60 -35.21
C ARG B 240 -32.02 4.96 -36.30
N ARG B 241 -32.21 4.07 -37.26
CA ARG B 241 -32.90 4.41 -38.50
C ARG B 241 -34.27 3.75 -38.63
N GLU B 242 -34.50 2.61 -37.99
CA GLU B 242 -35.82 1.99 -38.08
C GLU B 242 -36.85 2.72 -37.24
N ALA B 243 -36.40 3.51 -36.27
CA ALA B 243 -37.33 4.34 -35.52
C ALA B 243 -37.91 5.44 -36.39
N ILE B 244 -37.10 6.05 -37.24
CA ILE B 244 -37.58 7.08 -38.15
C ILE B 244 -38.50 6.48 -39.20
N GLU B 245 -38.24 5.22 -39.57
CA GLU B 245 -38.93 4.60 -40.69
C GLU B 245 -40.42 4.43 -40.42
N ALA B 246 -40.77 3.82 -39.28
CA ALA B 246 -42.17 3.68 -38.94
C ALA B 246 -42.77 5.01 -38.53
N TRP B 247 -41.95 5.91 -37.96
CA TRP B 247 -42.40 7.25 -37.63
C TRP B 247 -42.72 8.04 -38.89
N LEU B 248 -42.08 7.71 -39.99
CA LEU B 248 -42.34 8.43 -41.22
C LEU B 248 -43.63 7.95 -41.86
N VAL B 249 -43.87 6.64 -41.83
CA VAL B 249 -45.00 6.07 -42.53
C VAL B 249 -46.27 6.21 -41.71
N ASP B 250 -46.14 6.38 -40.39
CA ASP B 250 -47.33 6.60 -39.59
C ASP B 250 -47.76 8.05 -39.67
N LEU B 251 -46.83 8.94 -39.96
CA LEU B 251 -47.21 10.27 -40.38
C LEU B 251 -47.82 10.23 -41.78
N THR B 252 -47.43 9.25 -42.59
CA THR B 252 -47.96 9.16 -43.95
C THR B 252 -49.42 8.69 -43.94
N THR B 253 -49.73 7.65 -43.18
CA THR B 253 -51.11 7.21 -43.02
C THR B 253 -51.77 7.81 -41.78
N ALA B 254 -51.41 9.03 -41.42
CA ALA B 254 -51.98 9.64 -40.24
C ALA B 254 -53.41 10.06 -40.50
N THR B 255 -53.69 10.60 -41.68
CA THR B 255 -54.95 11.26 -41.95
C THR B 255 -55.74 10.48 -42.98
N GLN B 256 -57.07 10.62 -42.92
CA GLN B 256 -57.98 10.00 -43.86
C GLN B 256 -58.19 10.99 -45.00
N PRO B 257 -58.06 10.53 -46.25
CA PRO B 257 -58.22 11.45 -47.38
C PRO B 257 -59.66 11.89 -47.55
N SER B 258 -59.82 13.12 -48.06
CA SER B 258 -61.15 13.67 -48.28
C SER B 258 -61.68 13.17 -49.62
N VAL B 259 -62.89 13.60 -49.97
CA VAL B 259 -63.53 13.19 -51.21
C VAL B 259 -62.74 13.75 -52.38
N ALA B 260 -62.22 12.85 -53.20
CA ALA B 260 -61.27 13.20 -54.25
C ALA B 260 -61.99 13.70 -55.49
N VAL B 261 -61.29 14.49 -56.30
CA VAL B 261 -61.83 14.97 -57.56
C VAL B 261 -60.94 14.43 -58.68
N PRO B 262 -61.46 13.57 -59.57
CA PRO B 262 -60.62 13.10 -60.69
C PRO B 262 -60.63 14.07 -61.87
N ARG B 263 -60.50 15.36 -61.60
CA ARG B 263 -60.30 16.33 -62.66
C ARG B 263 -58.83 16.57 -62.93
N LEU B 264 -58.09 16.99 -61.92
CA LEU B 264 -56.65 17.11 -62.00
C LEU B 264 -56.08 15.71 -62.06
N THR B 265 -55.16 15.50 -62.99
CA THR B 265 -54.36 14.29 -63.03
C THR B 265 -52.98 14.52 -62.44
N HIS B 266 -52.93 15.30 -61.36
CA HIS B 266 -51.68 15.79 -60.80
C HIS B 266 -50.96 14.61 -60.17
N ALA B 267 -50.12 13.96 -60.98
CA ALA B 267 -49.54 12.68 -60.62
C ALA B 267 -48.23 12.52 -61.37
N ASP B 268 -47.52 11.44 -61.04
CA ASP B 268 -46.19 11.21 -61.55
C ASP B 268 -46.23 10.72 -62.98
N THR B 269 -45.04 10.47 -63.53
CA THR B 269 -44.91 9.78 -64.80
C THR B 269 -45.35 8.34 -64.61
N ARG B 270 -45.58 7.67 -65.75
CA ARG B 270 -46.18 6.34 -65.93
C ARG B 270 -47.42 6.11 -65.08
N GLY B 271 -48.19 7.17 -64.80
CA GLY B 271 -49.59 7.08 -64.45
C GLY B 271 -49.90 7.00 -62.97
N ARG B 272 -48.90 6.81 -62.12
CA ARG B 272 -49.17 6.41 -60.74
C ARG B 272 -49.64 7.62 -59.95
N PRO B 273 -50.75 7.52 -59.22
CA PRO B 273 -51.37 8.73 -58.64
C PRO B 273 -50.63 9.21 -57.41
N VAL B 274 -50.25 10.49 -57.44
CA VAL B 274 -49.53 11.06 -56.31
C VAL B 274 -50.52 11.60 -55.29
N ASP B 275 -50.30 11.27 -54.02
CA ASP B 275 -51.05 11.85 -52.92
C ASP B 275 -50.08 12.31 -51.84
N GLY B 276 -50.35 13.48 -51.27
CA GLY B 276 -49.48 14.04 -50.25
C GLY B 276 -48.58 15.14 -50.80
N VAL B 277 -47.97 15.88 -49.87
CA VAL B 277 -47.16 17.03 -50.24
C VAL B 277 -45.74 16.88 -49.74
N LEU B 278 -45.56 16.84 -48.41
CA LEU B 278 -44.27 16.72 -47.73
C LEU B 278 -43.31 17.84 -48.09
N VAL B 279 -43.64 19.03 -47.60
CA VAL B 279 -42.70 20.16 -47.62
C VAL B 279 -42.08 20.32 -46.25
N THR B 280 -40.75 20.31 -46.19
CA THR B 280 -39.99 20.59 -44.98
C THR B 280 -39.05 21.76 -45.26
N THR B 281 -38.15 22.00 -44.33
CA THR B 281 -36.99 22.83 -44.62
C THR B 281 -35.97 22.07 -45.43
N ALA B 282 -34.87 22.75 -45.77
CA ALA B 282 -33.92 22.18 -46.72
C ALA B 282 -33.05 21.09 -46.09
N ALA B 283 -32.41 21.39 -44.97
CA ALA B 283 -31.41 20.49 -44.40
C ALA B 283 -32.01 19.18 -43.93
N ILE B 284 -33.21 19.24 -43.37
CA ILE B 284 -33.93 18.02 -43.03
C ILE B 284 -34.28 17.25 -44.28
N LYS B 285 -34.71 17.96 -45.33
CA LYS B 285 -34.96 17.31 -46.61
C LYS B 285 -33.66 16.78 -47.21
N GLN B 286 -32.57 17.52 -47.00
CA GLN B 286 -31.25 17.00 -47.37
C GLN B 286 -30.91 15.75 -46.57
N ARG B 287 -31.34 15.69 -45.32
CA ARG B 287 -31.01 14.57 -44.45
C ARG B 287 -31.97 13.40 -44.65
N LEU B 288 -33.27 13.70 -44.84
CA LEU B 288 -34.25 12.64 -45.01
C LEU B 288 -34.04 11.92 -46.33
N LEU B 289 -33.63 12.66 -47.35
CA LEU B 289 -33.37 12.02 -48.64
C LEU B 289 -32.01 11.34 -48.63
N GLN B 290 -31.18 11.69 -47.66
CA GLN B 290 -29.87 11.04 -47.52
C GLN B 290 -30.03 9.64 -46.95
N SER B 291 -30.49 9.54 -45.71
CA SER B 291 -30.23 8.36 -44.89
C SER B 291 -31.46 7.52 -44.60
N PHE B 292 -32.47 8.10 -43.98
CA PHE B 292 -33.55 7.29 -43.41
C PHE B 292 -34.45 6.78 -44.53
N LEU B 293 -34.48 7.51 -45.63
CA LEU B 293 -34.85 6.95 -46.92
C LEU B 293 -33.73 7.37 -47.87
N LYS B 294 -33.04 6.37 -48.43
CA LYS B 294 -32.26 6.58 -49.64
C LYS B 294 -33.14 6.13 -50.81
N VAL B 295 -34.38 6.63 -50.82
CA VAL B 295 -35.42 6.14 -51.70
C VAL B 295 -35.81 7.29 -52.61
N GLU B 296 -35.99 7.00 -53.89
CA GLU B 296 -36.34 8.03 -54.85
C GLU B 296 -37.10 7.36 -55.98
N ASP B 297 -38.30 7.84 -56.26
CA ASP B 297 -39.03 7.28 -57.39
C ASP B 297 -38.55 7.88 -58.69
N THR B 298 -38.83 9.17 -58.90
CA THR B 298 -38.62 9.85 -60.18
C THR B 298 -38.43 11.34 -59.99
N GLU B 299 -37.57 11.94 -60.80
CA GLU B 299 -37.51 13.39 -60.92
C GLU B 299 -38.32 13.81 -62.13
N ALA B 300 -39.57 13.35 -62.22
CA ALA B 300 -40.43 13.66 -63.36
C ALA B 300 -41.90 13.52 -62.99
N ASP B 301 -42.63 14.63 -62.99
CA ASP B 301 -44.00 14.65 -62.51
C ASP B 301 -44.85 15.35 -63.56
N VAL B 302 -46.14 15.03 -63.59
CA VAL B 302 -47.05 15.51 -64.61
C VAL B 302 -48.13 16.34 -63.93
N PRO B 303 -48.00 17.65 -63.86
CA PRO B 303 -49.07 18.49 -63.29
C PRO B 303 -50.08 18.94 -64.35
N VAL B 304 -51.03 19.78 -63.96
CA VAL B 304 -52.12 20.21 -64.82
C VAL B 304 -52.23 21.73 -64.82
N THR B 305 -53.04 22.25 -65.73
CA THR B 305 -53.41 23.67 -65.72
C THR B 305 -54.83 23.83 -65.19
N TYR B 306 -55.02 24.82 -64.31
CA TYR B 306 -56.19 24.93 -63.44
C TYR B 306 -57.47 25.24 -64.22
N GLY B 307 -58.58 25.28 -63.48
CA GLY B 307 -59.87 25.60 -64.05
C GLY B 307 -60.48 26.80 -63.35
N GLU B 308 -61.71 27.16 -63.77
CA GLU B 308 -62.39 28.33 -63.25
C GLU B 308 -63.89 28.25 -63.53
N MET B 309 -64.65 29.07 -62.81
CA MET B 309 -66.08 29.20 -62.99
C MET B 309 -66.44 30.64 -63.33
N VAL B 310 -67.71 30.86 -63.67
CA VAL B 310 -68.25 32.18 -63.96
C VAL B 310 -69.65 32.31 -63.37
N LEU B 311 -70.25 33.49 -63.60
CA LEU B 311 -71.63 33.74 -63.21
C LEU B 311 -72.37 34.34 -64.39
N ASN B 312 -72.86 33.49 -65.31
CA ASN B 312 -73.35 34.03 -66.57
C ASN B 312 -74.82 33.72 -66.86
N GLY B 313 -75.23 32.46 -66.74
CA GLY B 313 -76.54 32.06 -67.21
C GLY B 313 -77.70 32.44 -66.31
N ALA B 314 -77.81 31.81 -65.15
CA ALA B 314 -78.83 32.16 -64.18
C ALA B 314 -78.25 32.60 -62.86
N ASN B 315 -76.95 32.34 -62.65
CA ASN B 315 -76.21 33.02 -61.61
C ASN B 315 -76.27 34.52 -61.79
N LEU B 316 -76.18 34.99 -63.02
CA LEU B 316 -76.39 36.40 -63.30
C LEU B 316 -77.83 36.81 -63.02
N VAL B 317 -78.76 35.88 -63.14
CA VAL B 317 -80.16 36.19 -62.88
C VAL B 317 -80.44 36.23 -61.38
N THR B 318 -80.13 35.14 -60.69
CA THR B 318 -80.66 34.94 -59.35
C THR B 318 -79.93 35.75 -58.30
N ALA B 319 -78.68 36.14 -58.57
CA ALA B 319 -77.88 36.75 -57.52
C ALA B 319 -78.31 38.19 -57.28
N LEU B 320 -78.73 38.90 -58.31
CA LEU B 320 -79.17 40.27 -58.16
C LEU B 320 -80.68 40.41 -58.10
N VAL B 321 -81.40 39.30 -58.07
CA VAL B 321 -82.86 39.31 -57.92
C VAL B 321 -83.29 38.59 -56.66
N MET B 322 -82.89 37.33 -56.48
CA MET B 322 -83.18 36.64 -55.24
C MET B 322 -82.12 36.88 -54.18
N GLY B 323 -80.92 37.29 -54.58
CA GLY B 323 -79.84 37.44 -53.63
C GLY B 323 -78.99 36.20 -53.42
N LYS B 324 -79.11 35.20 -54.28
CA LYS B 324 -78.43 33.92 -54.11
C LYS B 324 -77.79 33.49 -55.41
N ALA B 325 -76.59 32.93 -55.31
CA ALA B 325 -75.90 32.36 -56.46
C ALA B 325 -75.63 30.89 -56.18
N VAL B 326 -75.88 30.05 -57.17
CA VAL B 326 -75.64 28.62 -57.07
C VAL B 326 -74.65 28.22 -58.14
N ARG B 327 -73.52 27.66 -57.72
CA ARG B 327 -72.54 27.07 -58.61
C ARG B 327 -73.19 25.98 -59.43
N SER B 328 -73.12 26.12 -60.76
CA SER B 328 -73.77 25.26 -61.75
C SER B 328 -75.27 25.13 -61.53
N LEU B 329 -75.96 26.24 -61.27
CA LEU B 329 -77.40 26.27 -61.06
C LEU B 329 -78.18 25.71 -62.24
N ASP B 330 -77.73 26.00 -63.45
CA ASP B 330 -78.45 25.59 -64.65
C ASP B 330 -78.42 24.08 -64.84
N ASP B 331 -77.37 23.43 -64.31
CA ASP B 331 -77.31 21.97 -64.36
C ASP B 331 -78.30 21.35 -63.40
N VAL B 332 -78.57 22.04 -62.29
CA VAL B 332 -79.48 21.53 -61.28
C VAL B 332 -80.91 21.51 -61.78
N GLY B 333 -81.26 22.53 -62.60
CA GLY B 333 -82.65 22.66 -63.04
C GLY B 333 -83.08 21.54 -63.96
N ARG B 334 -82.13 20.95 -64.68
CA ARG B 334 -82.39 19.70 -65.38
C ARG B 334 -82.68 18.59 -64.37
N HIS B 335 -81.86 18.50 -63.33
CA HIS B 335 -82.03 17.42 -62.36
C HIS B 335 -83.12 17.73 -61.35
N LEU B 336 -83.87 18.81 -61.54
CA LEU B 336 -85.11 18.97 -60.81
C LEU B 336 -86.31 18.73 -61.72
N LEU B 337 -86.24 19.20 -62.97
CA LEU B 337 -87.35 19.01 -63.88
C LEU B 337 -87.42 17.57 -64.37
N ASP B 338 -86.29 17.02 -64.82
CA ASP B 338 -86.29 15.66 -65.33
C ASP B 338 -86.50 14.66 -64.22
N MET B 339 -86.10 15.00 -63.00
CA MET B 339 -86.29 14.08 -61.89
C MET B 339 -87.75 13.99 -61.50
N GLN B 340 -88.47 15.11 -61.45
CA GLN B 340 -89.86 15.11 -61.03
C GLN B 340 -90.79 14.65 -62.15
N GLU B 341 -90.29 14.43 -63.36
CA GLU B 341 -91.04 13.76 -64.40
C GLU B 341 -90.52 12.35 -64.66
N GLU B 342 -89.44 11.95 -63.98
CA GLU B 342 -88.74 10.66 -64.13
C GLU B 342 -88.35 10.37 -65.58
N ASN B 347 -80.25 8.17 -53.88
CA ASN B 347 -80.41 7.10 -54.86
C ASN B 347 -79.07 6.67 -55.41
N ARG B 348 -78.03 6.80 -54.59
CA ARG B 348 -76.63 6.61 -54.95
C ARG B 348 -76.25 7.47 -56.16
N GLU B 349 -76.40 8.77 -55.96
CA GLU B 349 -76.04 9.77 -56.95
C GLU B 349 -74.54 9.99 -56.89
N THR B 350 -73.84 9.71 -57.99
CA THR B 350 -72.41 9.97 -58.10
C THR B 350 -72.04 10.66 -59.40
N LEU B 351 -73.05 11.11 -60.17
CA LEU B 351 -72.79 11.71 -61.47
C LEU B 351 -72.71 13.24 -61.36
N ASP B 352 -72.10 13.74 -60.28
CA ASP B 352 -72.04 15.15 -59.91
C ASP B 352 -71.30 15.93 -61.01
N GLU B 353 -70.14 15.48 -61.47
CA GLU B 353 -69.41 16.15 -62.53
C GLU B 353 -68.42 15.18 -63.17
N LEU B 354 -68.21 15.33 -64.47
CA LEU B 354 -67.11 14.69 -65.18
C LEU B 354 -66.74 15.59 -66.34
N GLU B 355 -65.73 16.43 -66.17
CA GLU B 355 -65.66 17.61 -67.03
C GLU B 355 -64.49 17.69 -68.01
N SER B 356 -63.26 17.78 -67.51
CA SER B 356 -62.23 18.33 -68.39
C SER B 356 -61.06 17.39 -68.70
N ALA B 357 -60.35 16.88 -67.67
CA ALA B 357 -59.02 16.26 -67.77
C ALA B 357 -58.08 17.16 -68.55
N PRO B 358 -57.61 18.26 -67.94
CA PRO B 358 -57.03 19.36 -68.73
C PRO B 358 -55.61 19.08 -69.20
N GLN B 359 -55.02 20.13 -69.78
CA GLN B 359 -53.70 20.06 -70.37
C GLN B 359 -52.62 19.83 -69.31
N THR B 360 -51.65 18.99 -69.65
CA THR B 360 -50.61 18.55 -68.72
C THR B 360 -49.22 18.81 -69.28
N THR B 361 -48.26 19.02 -68.38
CA THR B 361 -46.86 19.25 -68.74
C THR B 361 -45.97 18.30 -67.96
N ARG B 362 -44.66 18.53 -68.03
CA ARG B 362 -43.68 17.68 -67.35
C ARG B 362 -42.71 18.55 -66.55
N VAL B 363 -42.62 18.30 -65.25
CA VAL B 363 -41.91 19.16 -64.31
C VAL B 363 -40.94 18.31 -63.49
N ARG B 364 -39.69 18.77 -63.39
CA ARG B 364 -38.73 18.21 -62.44
C ARG B 364 -39.22 18.46 -61.02
N ALA B 365 -39.70 17.42 -60.36
CA ALA B 365 -40.07 17.55 -58.96
C ALA B 365 -39.39 16.44 -58.20
N ASP B 366 -39.70 16.29 -56.91
CA ASP B 366 -38.97 15.35 -56.08
C ASP B 366 -39.98 14.35 -55.53
N LEU B 367 -39.99 13.17 -56.12
CA LEU B 367 -40.99 12.15 -55.83
C LEU B 367 -40.35 10.94 -55.18
N VAL B 368 -40.90 10.53 -54.05
CA VAL B 368 -40.46 9.33 -53.37
C VAL B 368 -41.66 8.41 -53.18
N ALA B 369 -41.39 7.24 -52.62
CA ALA B 369 -42.41 6.24 -52.38
C ALA B 369 -42.36 5.86 -50.91
N ILE B 370 -43.43 6.19 -50.18
CA ILE B 370 -43.55 5.86 -48.77
C ILE B 370 -44.85 5.08 -48.61
N GLY B 371 -44.73 3.81 -48.23
CA GLY B 371 -45.90 2.97 -48.13
C GLY B 371 -46.41 2.65 -49.51
N ASP B 372 -47.72 2.73 -49.69
CA ASP B 372 -48.32 2.66 -51.03
C ASP B 372 -48.64 4.04 -51.58
N ARG B 373 -48.32 5.09 -50.85
CA ARG B 373 -48.67 6.45 -51.24
C ARG B 373 -47.44 7.14 -51.80
N LEU B 374 -47.51 7.52 -53.06
CA LEU B 374 -46.40 8.18 -53.71
C LEU B 374 -46.54 9.67 -53.44
N VAL B 375 -45.51 10.27 -52.87
CA VAL B 375 -45.62 11.62 -52.32
C VAL B 375 -44.53 12.51 -52.92
N PHE B 376 -44.85 13.79 -53.12
CA PHE B 376 -43.86 14.82 -53.43
C PHE B 376 -42.88 15.04 -52.29
N LEU B 377 -41.87 15.83 -52.58
CA LEU B 377 -40.98 16.47 -51.60
C LEU B 377 -40.58 17.82 -52.17
N GLU B 378 -40.53 18.83 -51.30
CA GLU B 378 -40.12 20.17 -51.71
C GLU B 378 -39.55 20.91 -50.52
N ALA B 379 -38.40 21.55 -50.72
CA ALA B 379 -37.84 22.47 -49.74
C ALA B 379 -38.12 23.89 -50.22
N LEU B 380 -38.72 24.70 -49.36
CA LEU B 380 -39.02 26.07 -49.75
C LEU B 380 -38.11 26.99 -48.96
N GLU B 381 -36.87 27.10 -49.40
CA GLU B 381 -35.99 28.16 -48.93
C GLU B 381 -35.49 28.89 -50.17
N LYS B 382 -34.92 28.11 -51.09
CA LYS B 382 -34.25 28.71 -52.25
C LYS B 382 -35.23 29.00 -53.36
N ARG B 383 -36.39 28.33 -53.36
CA ARG B 383 -37.31 28.52 -54.46
C ARG B 383 -38.07 29.83 -54.33
N ILE B 384 -38.77 30.01 -53.21
CA ILE B 384 -39.73 31.11 -53.14
C ILE B 384 -39.31 32.14 -52.10
N TYR B 385 -38.42 31.75 -51.19
CA TYR B 385 -38.04 32.68 -50.11
C TYR B 385 -36.57 33.03 -50.18
N ALA B 386 -36.06 33.24 -51.39
CA ALA B 386 -34.62 33.33 -51.65
C ALA B 386 -33.91 34.43 -50.88
N ALA B 387 -34.22 35.68 -51.18
CA ALA B 387 -33.67 36.82 -50.44
C ALA B 387 -34.74 37.80 -50.05
N THR B 388 -35.85 37.30 -49.50
CA THR B 388 -37.10 38.04 -49.50
C THR B 388 -37.37 38.81 -48.21
N ASN B 389 -36.58 38.56 -47.16
CA ASN B 389 -36.72 39.13 -45.83
C ASN B 389 -38.11 38.91 -45.23
N VAL B 390 -38.77 37.80 -45.53
CA VAL B 390 -40.01 37.42 -44.88
C VAL B 390 -39.73 36.12 -44.15
N PRO B 391 -40.19 35.94 -42.91
CA PRO B 391 -39.88 34.71 -42.17
C PRO B 391 -40.56 33.49 -42.76
N TYR B 392 -39.77 32.43 -42.86
CA TYR B 392 -40.25 31.15 -43.35
C TYR B 392 -41.09 30.49 -42.27
N PRO B 393 -42.30 30.02 -42.58
CA PRO B 393 -43.20 29.56 -41.50
C PRO B 393 -42.88 28.20 -40.95
N LEU B 394 -42.32 27.27 -41.73
CA LEU B 394 -42.13 25.91 -41.24
C LEU B 394 -40.95 25.77 -40.27
N VAL B 395 -40.23 26.85 -39.99
CA VAL B 395 -39.46 26.96 -38.76
C VAL B 395 -40.31 27.75 -37.78
N GLY B 396 -40.86 27.05 -36.78
CA GLY B 396 -41.86 27.59 -35.90
C GLY B 396 -41.35 27.79 -34.48
N ALA B 397 -42.31 28.06 -33.59
CA ALA B 397 -41.98 28.46 -32.24
C ALA B 397 -42.79 27.66 -31.22
N MET B 398 -42.11 27.25 -30.16
CA MET B 398 -42.72 26.55 -29.04
C MET B 398 -42.36 27.26 -27.76
N ASP B 399 -43.35 27.42 -26.87
CA ASP B 399 -43.12 27.90 -25.51
C ASP B 399 -43.34 26.76 -24.52
N LEU B 400 -42.66 26.84 -23.39
CA LEU B 400 -42.86 25.90 -22.30
C LEU B 400 -42.73 26.65 -20.99
N THR B 401 -43.40 26.14 -19.97
CA THR B 401 -43.25 26.68 -18.63
C THR B 401 -42.58 25.64 -17.74
N PHE B 402 -41.88 26.12 -16.72
CA PHE B 402 -41.09 25.23 -15.88
C PHE B 402 -41.37 25.46 -14.41
N VAL B 403 -41.03 24.44 -13.61
CA VAL B 403 -41.34 24.41 -12.19
C VAL B 403 -40.11 23.98 -11.42
N LEU B 404 -39.66 24.81 -10.47
CA LEU B 404 -38.55 24.51 -9.58
C LEU B 404 -38.92 24.87 -8.14
N PRO B 405 -38.60 24.01 -7.18
CA PRO B 405 -38.90 24.32 -5.78
C PRO B 405 -37.71 24.83 -4.99
N LEU B 406 -38.00 25.64 -3.97
CA LEU B 406 -37.00 26.16 -3.06
C LEU B 406 -37.29 25.74 -1.63
N GLY B 407 -36.23 25.38 -0.90
CA GLY B 407 -36.26 25.26 0.54
C GLY B 407 -37.17 24.19 1.11
N LEU B 408 -37.36 23.08 0.40
CA LEU B 408 -38.24 22.06 0.93
C LEU B 408 -37.47 21.09 1.80
N PHE B 409 -38.19 20.31 2.58
CA PHE B 409 -37.57 19.44 3.56
C PHE B 409 -37.84 18.02 3.11
N ASN B 410 -36.84 17.16 3.24
CA ASN B 410 -37.01 15.78 2.81
C ASN B 410 -38.01 15.08 3.73
N PRO B 411 -38.97 14.36 3.18
CA PRO B 411 -39.90 13.58 4.00
C PRO B 411 -39.22 12.42 4.70
N ALA B 412 -40.02 11.75 5.54
CA ALA B 412 -39.52 11.08 6.74
C ALA B 412 -38.54 9.96 6.44
N MET B 413 -38.66 9.32 5.29
CA MET B 413 -37.82 8.16 5.07
C MET B 413 -36.51 8.54 4.39
N GLU B 414 -36.53 9.63 3.61
CA GLU B 414 -35.50 9.88 2.62
C GLU B 414 -34.35 10.75 3.12
N ARG B 415 -34.07 10.74 4.42
CA ARG B 415 -32.96 11.56 4.94
C ARG B 415 -31.64 10.81 4.99
N PHE B 416 -31.52 9.67 4.32
CA PHE B 416 -30.34 8.82 4.40
C PHE B 416 -29.15 9.37 3.61
N ALA B 417 -28.07 8.58 3.52
CA ALA B 417 -26.92 8.92 2.70
C ALA B 417 -26.53 7.83 1.71
N ALA B 418 -27.13 6.64 1.83
CA ALA B 418 -27.03 5.49 0.92
C ALA B 418 -25.68 4.77 1.00
N HIS B 419 -24.74 5.36 1.74
CA HIS B 419 -23.45 4.76 2.11
C HIS B 419 -22.85 5.62 3.22
N ALA B 420 -21.89 5.10 3.96
CA ALA B 420 -21.29 5.87 5.05
C ALA B 420 -20.37 6.96 4.55
N GLY B 421 -19.28 6.58 3.88
CA GLY B 421 -18.26 7.54 3.50
C GLY B 421 -18.57 8.13 2.16
N ASP B 422 -19.22 9.30 2.15
CA ASP B 422 -19.63 10.03 0.94
C ASP B 422 -20.08 11.42 1.33
N LEU B 423 -19.65 12.44 0.58
CA LEU B 423 -19.80 13.85 0.90
C LEU B 423 -19.27 14.15 2.28
N VAL B 424 -18.09 13.63 2.58
CA VAL B 424 -17.52 13.73 3.93
C VAL B 424 -16.94 15.12 4.13
N PRO B 425 -17.21 15.78 5.25
CA PRO B 425 -16.68 17.13 5.47
C PRO B 425 -15.19 17.07 5.77
N ALA B 426 -14.57 18.25 5.74
CA ALA B 426 -13.26 18.36 6.36
C ALA B 426 -13.44 18.21 7.88
N PRO B 427 -12.52 17.51 8.55
CA PRO B 427 -12.76 17.11 9.94
C PRO B 427 -12.83 18.26 10.92
N GLY B 428 -12.24 19.40 10.61
CA GLY B 428 -12.36 20.56 11.47
C GLY B 428 -13.56 21.41 11.12
N HIS B 429 -14.44 20.89 10.29
CA HIS B 429 -15.51 21.70 9.73
C HIS B 429 -16.87 21.02 9.88
N PRO B 430 -17.93 21.77 10.16
CA PRO B 430 -19.12 21.16 10.78
C PRO B 430 -20.14 20.57 9.83
N GLU B 431 -19.81 20.26 8.55
CA GLU B 431 -20.68 19.55 7.62
C GLU B 431 -21.98 20.30 7.35
N PRO B 432 -21.95 21.32 6.48
CA PRO B 432 -23.14 22.17 6.28
C PRO B 432 -24.29 21.50 5.56
N ARG B 433 -24.19 20.23 5.17
CA ARG B 433 -25.25 19.60 4.41
C ARG B 433 -26.44 19.28 5.28
N ALA B 434 -26.27 19.32 6.60
CA ALA B 434 -27.38 19.11 7.52
C ALA B 434 -28.29 20.32 7.63
N PHE B 435 -28.01 21.39 6.92
CA PHE B 435 -28.77 22.62 7.02
C PHE B 435 -29.97 22.57 6.09
N PRO B 436 -30.99 23.38 6.34
CA PRO B 436 -32.04 23.60 5.34
C PRO B 436 -31.46 24.26 4.10
N PRO B 437 -31.69 23.67 2.93
CA PRO B 437 -31.11 24.22 1.69
C PRO B 437 -31.82 25.50 1.29
N ARG B 438 -31.04 26.48 0.84
CA ARG B 438 -31.58 27.74 0.35
C ARG B 438 -31.16 28.05 -1.06
N GLN B 439 -30.10 27.42 -1.54
CA GLN B 439 -29.59 27.67 -2.88
C GLN B 439 -30.23 26.69 -3.84
N LEU B 440 -30.41 27.11 -5.09
CA LEU B 440 -30.92 26.22 -6.12
C LEU B 440 -30.10 26.39 -7.38
N PHE B 441 -29.65 25.27 -7.94
CA PHE B 441 -28.68 25.24 -9.01
C PHE B 441 -29.24 24.48 -10.20
N PHE B 442 -29.03 25.04 -11.39
CA PHE B 442 -29.53 24.45 -12.62
C PHE B 442 -28.58 24.85 -13.73
N TRP B 443 -28.54 24.05 -14.78
CA TRP B 443 -27.65 24.38 -15.89
C TRP B 443 -28.27 25.45 -16.77
N GLY B 444 -27.49 26.50 -17.05
CA GLY B 444 -27.93 27.59 -17.89
C GLY B 444 -27.95 27.23 -19.37
N LYS B 445 -27.95 28.26 -20.22
CA LYS B 445 -28.07 28.01 -21.65
C LYS B 445 -26.69 27.79 -22.27
N ASP B 446 -25.89 26.95 -21.61
CA ASP B 446 -24.54 26.52 -21.95
C ASP B 446 -24.19 25.38 -21.02
N HIS B 447 -22.90 25.05 -20.93
CA HIS B 447 -22.36 24.37 -19.77
C HIS B 447 -22.31 25.29 -18.55
N GLN B 448 -22.56 26.59 -18.74
CA GLN B 448 -22.66 27.57 -17.67
C GLN B 448 -23.68 27.19 -16.61
N VAL B 449 -23.29 27.36 -15.35
CA VAL B 449 -24.13 27.10 -14.19
C VAL B 449 -24.64 28.45 -13.69
N LEU B 450 -25.76 28.45 -12.98
CA LEU B 450 -26.31 29.66 -12.38
C LEU B 450 -26.64 29.42 -10.91
N ARG B 451 -27.34 30.38 -10.32
CA ARG B 451 -27.61 30.36 -8.89
C ARG B 451 -28.98 30.96 -8.62
N LEU B 452 -29.69 30.40 -7.65
CA LEU B 452 -31.02 30.86 -7.28
C LEU B 452 -31.23 30.93 -5.78
N SER B 453 -30.21 31.35 -5.01
CA SER B 453 -30.28 31.40 -3.56
C SER B 453 -31.39 32.34 -3.07
N MET B 454 -31.89 32.10 -1.85
CA MET B 454 -33.11 32.74 -1.36
C MET B 454 -32.99 34.23 -1.06
N GLU B 455 -31.84 34.86 -1.32
CA GLU B 455 -31.81 36.31 -1.35
C GLU B 455 -32.40 36.86 -2.66
N ASN B 456 -32.76 35.98 -3.59
CA ASN B 456 -33.28 36.41 -4.86
C ASN B 456 -34.74 36.84 -4.73
N ALA B 457 -35.42 36.44 -3.66
CA ALA B 457 -36.85 36.66 -3.52
C ALA B 457 -37.19 37.98 -2.85
N VAL B 458 -36.28 38.95 -2.82
CA VAL B 458 -36.61 40.26 -2.29
C VAL B 458 -37.62 40.97 -3.18
N GLY B 459 -37.61 40.63 -4.47
CA GLY B 459 -38.51 41.29 -5.40
C GLY B 459 -39.96 40.87 -5.23
N THR B 460 -40.17 39.65 -4.73
CA THR B 460 -41.54 39.17 -4.61
C THR B 460 -42.14 39.56 -3.26
N VAL B 461 -41.49 39.18 -2.18
CA VAL B 461 -42.15 39.21 -0.88
C VAL B 461 -42.08 40.60 -0.27
N CYS B 462 -40.96 41.29 -0.42
CA CYS B 462 -40.69 42.50 0.33
C CYS B 462 -41.54 43.69 -0.11
N HIS B 463 -42.19 43.61 -1.25
CA HIS B 463 -43.17 44.56 -1.75
C HIS B 463 -44.36 44.64 -0.80
N PRO B 464 -44.94 45.82 -0.52
CA PRO B 464 -46.01 45.89 0.48
C PRO B 464 -47.37 45.46 -0.02
N SER B 465 -47.42 44.36 -0.76
CA SER B 465 -48.68 43.72 -1.12
C SER B 465 -49.01 42.58 -0.19
N LEU B 466 -48.03 42.20 0.63
CA LEU B 466 -48.22 41.09 1.55
C LEU B 466 -49.20 41.47 2.65
N MET B 467 -49.27 42.75 3.00
CA MET B 467 -50.22 43.25 3.98
C MET B 467 -51.49 43.80 3.33
N ASN B 468 -51.92 43.20 2.22
CA ASN B 468 -53.12 43.60 1.52
C ASN B 468 -54.06 42.40 1.45
N ILE B 469 -55.04 42.34 2.35
CA ILE B 469 -55.95 41.20 2.44
C ILE B 469 -57.41 41.61 2.60
N ASP B 470 -57.72 42.90 2.51
CA ASP B 470 -59.08 43.38 2.82
C ASP B 470 -60.11 42.88 1.81
N ALA B 471 -59.69 42.59 0.58
CA ALA B 471 -60.62 42.01 -0.39
C ALA B 471 -60.87 40.54 -0.11
N ALA B 472 -59.91 39.84 0.49
CA ALA B 472 -60.05 38.42 0.71
C ALA B 472 -60.86 38.12 1.98
N VAL B 473 -60.81 39.03 2.96
CA VAL B 473 -61.50 38.79 4.22
C VAL B 473 -63.01 38.93 4.04
N GLY B 474 -63.42 39.86 3.17
CA GLY B 474 -64.79 39.82 2.71
C GLY B 474 -65.05 38.73 1.69
N GLY B 475 -63.98 38.24 1.05
CA GLY B 475 -64.12 37.19 0.06
C GLY B 475 -64.35 35.82 0.65
N VAL B 476 -64.29 35.71 1.97
CA VAL B 476 -64.63 34.46 2.63
C VAL B 476 -65.79 34.63 3.60
N ASN B 477 -66.06 35.86 4.04
CA ASN B 477 -67.03 36.07 5.11
C ASN B 477 -68.45 35.97 4.57
N HIS B 478 -68.63 36.17 3.27
CA HIS B 478 -69.92 35.98 2.64
C HIS B 478 -70.37 34.53 2.77
N ASP B 479 -71.67 34.36 3.01
CA ASP B 479 -72.33 33.09 3.36
C ASP B 479 -71.59 32.45 4.51
N PRO B 480 -71.66 33.01 5.72
CA PRO B 480 -70.74 32.62 6.78
C PRO B 480 -71.06 31.25 7.36
N VAL B 481 -70.12 30.75 8.15
CA VAL B 481 -70.17 29.40 8.69
C VAL B 481 -70.68 29.50 10.12
N GLU B 482 -71.17 28.39 10.64
CA GLU B 482 -71.57 28.32 12.04
C GLU B 482 -70.35 28.51 12.92
N ALA B 483 -70.59 29.04 14.11
CA ALA B 483 -69.51 29.39 15.03
C ALA B 483 -68.84 28.13 15.56
N ALA B 484 -67.54 28.24 15.80
CA ALA B 484 -66.74 27.14 16.29
C ALA B 484 -66.79 27.10 17.80
N ASN B 485 -65.88 26.35 18.41
CA ASN B 485 -65.58 26.45 19.82
C ASN B 485 -64.43 27.45 19.93
N PRO B 486 -64.74 28.73 20.13
CA PRO B 486 -63.82 29.79 19.74
C PRO B 486 -62.90 30.23 20.88
N TYR B 487 -62.15 29.26 21.42
CA TYR B 487 -61.41 29.42 22.66
C TYR B 487 -60.37 30.53 22.61
N GLY B 488 -59.39 30.40 21.74
CA GLY B 488 -58.49 31.50 21.57
C GLY B 488 -58.92 32.52 20.55
N ALA B 489 -60.14 32.37 20.04
CA ALA B 489 -60.64 33.26 19.01
C ALA B 489 -61.24 34.54 19.57
N TYR B 490 -61.49 34.59 20.86
CA TYR B 490 -62.17 35.72 21.50
C TYR B 490 -61.38 36.14 22.73
N VAL B 491 -61.29 37.45 22.96
CA VAL B 491 -60.52 38.02 24.06
C VAL B 491 -61.51 38.50 25.11
N ALA B 492 -61.19 38.26 26.39
CA ALA B 492 -62.02 38.74 27.48
C ALA B 492 -61.35 39.89 28.22
N ALA B 493 -62.16 40.60 28.99
CA ALA B 493 -61.68 41.73 29.77
C ALA B 493 -61.25 41.26 31.16
N PRO B 494 -60.19 41.83 31.74
CA PRO B 494 -59.88 41.55 33.15
C PRO B 494 -60.96 42.12 34.06
N ALA B 495 -61.73 41.22 34.68
CA ALA B 495 -62.92 41.58 35.44
C ALA B 495 -62.61 41.51 36.93
N GLY B 496 -62.59 42.66 37.58
CA GLY B 496 -62.36 42.74 39.01
C GLY B 496 -60.94 42.38 39.39
N PRO B 497 -60.77 41.77 40.56
CA PRO B 497 -59.43 41.31 40.95
C PRO B 497 -59.04 40.05 40.20
N GLY B 498 -57.72 39.85 40.07
CA GLY B 498 -57.20 38.71 39.35
C GLY B 498 -57.00 37.47 40.21
N ALA B 499 -57.52 37.49 41.44
CA ALA B 499 -57.37 36.33 42.31
C ALA B 499 -58.30 35.19 41.89
N ASP B 500 -59.58 35.49 41.68
CA ASP B 500 -60.56 34.52 41.21
C ASP B 500 -60.91 34.69 39.74
N MET B 501 -59.94 35.08 38.91
CA MET B 501 -60.25 35.43 37.52
C MET B 501 -60.42 34.18 36.66
N GLN B 502 -59.62 33.15 36.91
CA GLN B 502 -59.78 31.90 36.16
C GLN B 502 -60.80 30.98 36.81
N GLN B 503 -60.99 31.11 38.13
CA GLN B 503 -62.04 30.35 38.81
C GLN B 503 -63.43 30.78 38.34
N ARG B 504 -63.60 32.08 38.09
CA ARG B 504 -64.81 32.57 37.43
C ARG B 504 -64.86 32.13 35.96
N PHE B 505 -63.70 32.02 35.31
CA PHE B 505 -63.63 31.61 33.91
C PHE B 505 -64.07 30.15 33.71
N LEU B 506 -63.65 29.26 34.62
CA LEU B 506 -63.90 27.83 34.42
C LEU B 506 -65.36 27.47 34.69
N ASN B 507 -66.03 28.20 35.58
CA ASN B 507 -67.44 27.91 35.83
C ASN B 507 -68.35 28.63 34.84
N ALA B 508 -67.79 29.50 34.00
CA ALA B 508 -68.59 30.15 32.96
C ALA B 508 -68.40 29.45 31.62
N TRP B 509 -67.18 29.04 31.30
CA TRP B 509 -66.85 28.34 30.06
C TRP B 509 -66.68 26.87 30.39
N ARG B 510 -67.80 26.14 30.42
CA ARG B 510 -67.76 24.71 30.72
C ARG B 510 -68.71 23.94 29.82
N GLN B 511 -69.61 24.66 29.14
CA GLN B 511 -70.65 24.00 28.36
C GLN B 511 -70.16 23.63 26.97
N ARG B 512 -69.12 24.30 26.47
CA ARG B 512 -68.70 24.17 25.09
C ARG B 512 -67.24 23.76 24.90
N LEU B 513 -66.40 23.85 25.95
CA LEU B 513 -64.99 23.52 25.77
C LEU B 513 -64.80 22.01 25.69
N ALA B 514 -65.42 21.27 26.60
CA ALA B 514 -65.33 19.82 26.55
C ALA B 514 -66.13 19.24 25.40
N HIS B 515 -67.38 19.69 25.24
CA HIS B 515 -68.27 19.16 24.21
C HIS B 515 -67.79 19.54 22.82
N GLY B 516 -67.59 20.83 22.57
CA GLY B 516 -67.02 21.27 21.32
C GLY B 516 -65.54 20.98 21.27
N ARG B 517 -64.98 21.16 20.07
CA ARG B 517 -63.56 21.00 19.84
C ARG B 517 -62.99 22.31 19.31
N VAL B 518 -61.83 22.70 19.82
CA VAL B 518 -61.15 23.89 19.31
C VAL B 518 -60.54 23.57 17.96
N ARG B 519 -60.09 24.60 17.25
CA ARG B 519 -59.44 24.39 15.96
C ARG B 519 -58.07 23.75 16.14
N TRP B 520 -57.44 24.01 17.29
CA TRP B 520 -56.02 23.72 17.49
C TRP B 520 -55.83 22.44 18.28
N VAL B 521 -55.99 21.33 17.58
CA VAL B 521 -55.51 20.06 18.09
C VAL B 521 -54.82 19.37 16.91
N ALA B 522 -54.58 20.15 15.86
CA ALA B 522 -53.84 19.70 14.68
C ALA B 522 -52.36 19.46 14.96
N GLU B 523 -51.90 19.70 16.19
CA GLU B 523 -50.57 19.29 16.60
C GLU B 523 -50.43 17.78 16.61
N CYS B 524 -51.51 17.07 16.94
CA CYS B 524 -51.52 15.63 16.79
C CYS B 524 -51.51 15.21 15.33
N GLN B 525 -52.04 16.04 14.43
CA GLN B 525 -52.02 15.74 13.01
C GLN B 525 -50.63 15.90 12.43
N MET B 526 -50.49 15.55 11.16
CA MET B 526 -49.21 15.70 10.50
C MET B 526 -49.38 16.23 9.08
N THR B 527 -48.26 16.27 8.35
CA THR B 527 -48.25 16.63 6.95
C THR B 527 -48.88 15.52 6.12
N ALA B 528 -49.64 15.92 5.09
CA ALA B 528 -50.41 15.06 4.20
C ALA B 528 -51.49 14.30 4.98
N GLU B 529 -51.88 14.91 6.09
CA GLU B 529 -52.98 14.48 6.92
C GLU B 529 -53.92 15.66 7.00
N GLN B 530 -53.33 16.85 6.96
CA GLN B 530 -54.10 18.07 6.74
C GLN B 530 -54.37 18.30 5.26
N PHE B 531 -53.40 17.97 4.41
CA PHE B 531 -53.49 18.27 3.00
C PHE B 531 -54.56 17.46 2.27
N MET B 532 -54.96 16.32 2.81
CA MET B 532 -56.08 15.58 2.25
C MET B 532 -57.38 16.31 2.53
N GLN B 533 -58.41 16.01 1.74
CA GLN B 533 -59.65 16.75 1.85
C GLN B 533 -60.44 16.49 3.14
N PRO B 534 -60.52 15.26 3.69
CA PRO B 534 -60.95 15.16 5.09
C PRO B 534 -59.80 15.43 6.04
N ASP B 535 -60.02 15.19 7.33
CA ASP B 535 -59.07 15.27 8.44
C ASP B 535 -58.57 16.69 8.69
N ASN B 536 -58.99 17.67 7.91
CA ASN B 536 -59.02 19.05 8.30
C ASN B 536 -60.22 19.68 7.60
N ALA B 537 -61.26 19.98 8.39
CA ALA B 537 -62.34 20.80 7.87
C ALA B 537 -61.93 22.27 7.85
N ASN B 538 -60.83 22.59 8.50
CA ASN B 538 -60.34 23.96 8.48
C ASN B 538 -59.24 24.13 7.43
N LEU B 539 -59.07 23.12 6.59
CA LEU B 539 -58.15 23.16 5.46
C LEU B 539 -58.53 24.28 4.51
N ALA B 540 -59.84 24.47 4.32
CA ALA B 540 -60.33 25.59 3.52
C ALA B 540 -60.37 26.89 4.31
N LEU B 541 -59.83 26.90 5.53
CA LEU B 541 -59.83 28.10 6.35
C LEU B 541 -58.44 28.69 6.53
N GLU B 542 -57.41 28.02 6.05
CA GLU B 542 -56.06 28.57 6.02
C GLU B 542 -55.75 29.02 4.61
N LEU B 543 -55.41 30.29 4.45
CA LEU B 543 -55.22 30.88 3.13
C LEU B 543 -53.89 31.61 3.02
N HIS B 544 -53.45 32.25 4.08
CA HIS B 544 -52.35 33.17 3.89
C HIS B 544 -51.22 32.88 4.86
N PRO B 545 -49.96 32.97 4.44
CA PRO B 545 -48.86 32.56 5.33
C PRO B 545 -48.60 33.53 6.47
N ALA B 546 -49.07 34.76 6.37
CA ALA B 546 -48.89 35.76 7.40
C ALA B 546 -50.15 36.03 8.21
N PHE B 547 -51.30 35.48 7.83
CA PHE B 547 -52.51 35.72 8.60
C PHE B 547 -53.26 34.41 8.82
N ASP B 548 -53.93 34.32 9.96
CA ASP B 548 -54.76 33.16 10.27
C ASP B 548 -56.21 33.58 10.22
N PHE B 549 -56.95 33.00 9.29
CA PHE B 549 -58.39 33.22 9.17
C PHE B 549 -59.08 32.15 10.00
N PHE B 550 -59.93 32.58 10.93
CA PHE B 550 -60.53 31.65 11.88
C PHE B 550 -61.92 32.11 12.23
N ALA B 551 -62.73 31.15 12.69
CA ALA B 551 -64.13 31.39 13.01
C ALA B 551 -64.20 32.20 14.30
N GLY B 552 -64.28 33.52 14.17
CA GLY B 552 -64.36 34.40 15.31
C GLY B 552 -65.79 34.79 15.62
N VAL B 553 -65.92 35.92 16.32
CA VAL B 553 -67.23 36.50 16.61
C VAL B 553 -67.58 37.54 15.56
N ALA B 554 -68.89 37.72 15.34
CA ALA B 554 -69.36 38.51 14.20
C ALA B 554 -69.32 40.01 14.50
N ASP B 555 -70.09 40.44 15.50
CA ASP B 555 -70.28 41.86 15.77
C ASP B 555 -69.76 42.30 17.12
N VAL B 556 -69.24 41.39 17.94
CA VAL B 556 -68.77 41.74 19.27
C VAL B 556 -67.34 42.25 19.18
N GLU B 557 -67.08 43.43 19.75
CA GLU B 557 -65.73 43.95 19.84
C GLU B 557 -64.92 43.13 20.84
N LEU B 558 -63.61 43.06 20.62
CA LEU B 558 -62.78 42.12 21.38
C LEU B 558 -62.47 42.58 22.80
N PRO B 559 -61.96 43.84 23.08
CA PRO B 559 -61.65 44.16 24.48
C PRO B 559 -62.87 44.37 25.37
N GLY B 560 -63.54 43.29 25.75
CA GLY B 560 -64.70 43.39 26.60
C GLY B 560 -65.46 42.08 26.65
N GLY B 561 -66.23 41.93 27.72
CA GLY B 561 -67.09 40.78 27.91
C GLY B 561 -66.35 39.55 28.39
N GLU B 562 -67.08 38.69 29.12
CA GLU B 562 -66.54 37.42 29.59
C GLU B 562 -67.10 36.25 28.78
N VAL B 563 -68.36 36.37 28.33
CA VAL B 563 -68.97 35.43 27.40
C VAL B 563 -69.67 36.27 26.32
N PRO B 564 -69.28 36.15 25.06
CA PRO B 564 -69.90 36.96 24.02
C PRO B 564 -71.27 36.42 23.65
N PRO B 565 -72.18 37.26 23.16
CA PRO B 565 -73.45 36.74 22.65
C PRO B 565 -73.28 36.04 21.31
N ALA B 566 -72.82 34.79 21.36
CA ALA B 566 -72.50 34.05 20.15
C ALA B 566 -73.76 33.64 19.41
N GLY B 567 -73.98 34.25 18.25
CA GLY B 567 -75.10 33.92 17.39
C GLY B 567 -74.62 33.38 16.06
N PRO B 568 -74.73 34.19 15.01
CA PRO B 568 -74.18 33.78 13.72
C PRO B 568 -72.66 33.81 13.74
N GLY B 569 -72.06 32.67 13.36
CA GLY B 569 -70.61 32.59 13.34
C GLY B 569 -70.03 33.32 12.14
N ALA B 570 -68.84 33.86 12.32
CA ALA B 570 -68.18 34.62 11.28
C ALA B 570 -66.69 34.47 11.40
N ILE B 571 -66.00 34.87 10.34
CA ILE B 571 -64.57 34.67 10.22
C ILE B 571 -63.87 36.01 10.36
N GLN B 572 -62.73 36.00 11.05
CA GLN B 572 -61.89 37.18 11.16
C GLN B 572 -60.45 36.72 11.02
N ALA B 573 -59.54 37.69 10.99
CA ALA B 573 -58.14 37.41 10.72
C ALA B 573 -57.26 38.04 11.80
N THR B 574 -56.15 37.38 12.08
CA THR B 574 -55.12 37.88 12.97
C THR B 574 -53.83 38.02 12.18
N TRP B 575 -52.88 38.75 12.75
CA TRP B 575 -51.55 38.86 12.16
C TRP B 575 -50.63 37.84 12.82
N ARG B 576 -50.07 36.94 12.02
CA ARG B 576 -48.96 36.13 12.51
C ARG B 576 -47.76 37.03 12.74
N VAL B 577 -47.31 37.08 13.99
CA VAL B 577 -46.17 37.92 14.31
C VAL B 577 -44.90 37.34 13.72
N VAL B 578 -44.60 36.10 14.08
CA VAL B 578 -43.32 35.47 13.72
C VAL B 578 -43.59 34.22 12.92
N ASN B 579 -42.55 33.64 12.33
CA ASN B 579 -42.69 32.43 11.54
C ASN B 579 -42.99 31.19 12.40
N GLY B 580 -42.88 31.30 13.72
CA GLY B 580 -43.16 30.18 14.58
C GLY B 580 -44.64 29.87 14.66
N ASN B 581 -45.47 30.82 14.27
CA ASN B 581 -46.90 30.62 14.31
C ASN B 581 -47.44 29.87 13.09
N LEU B 582 -46.56 29.38 12.23
CA LEU B 582 -46.97 28.41 11.23
C LEU B 582 -47.29 27.08 11.91
N PRO B 583 -48.32 26.38 11.47
CA PRO B 583 -48.68 25.10 12.10
C PRO B 583 -47.68 24.01 11.75
N LEU B 584 -47.48 23.09 12.70
CA LEU B 584 -46.45 22.09 12.55
C LEU B 584 -46.83 21.02 11.53
N ALA B 585 -48.09 20.96 11.11
CA ALA B 585 -48.45 20.05 10.04
C ALA B 585 -48.01 20.60 8.68
N LEU B 586 -47.65 21.88 8.62
CA LEU B 586 -47.09 22.44 7.40
C LEU B 586 -45.62 22.82 7.59
N CYS B 587 -45.16 22.94 8.83
CA CYS B 587 -43.77 23.28 9.12
C CYS B 587 -43.34 22.45 10.31
N PRO B 588 -42.84 21.23 10.08
CA PRO B 588 -42.69 20.27 11.18
C PRO B 588 -41.52 20.58 12.09
N VAL B 589 -41.43 19.77 13.16
CA VAL B 589 -40.37 19.91 14.15
C VAL B 589 -39.02 19.56 13.55
N ALA B 590 -38.97 18.56 12.65
CA ALA B 590 -37.70 18.09 12.10
C ALA B 590 -37.08 19.13 11.19
N PHE B 591 -37.90 19.97 10.57
CA PHE B 591 -37.37 21.17 9.95
C PHE B 591 -37.08 22.23 10.98
N ARG B 592 -37.92 22.30 12.03
CA ARG B 592 -37.82 23.42 12.96
C ARG B 592 -36.59 23.33 13.84
N ASP B 593 -36.20 22.13 14.24
CA ASP B 593 -34.99 22.01 15.02
C ASP B 593 -33.76 21.75 14.17
N ALA B 594 -33.92 21.58 12.86
CA ALA B 594 -32.77 21.48 11.98
C ALA B 594 -32.06 22.81 11.83
N ARG B 595 -32.80 23.91 11.81
CA ARG B 595 -32.22 25.23 11.68
C ARG B 595 -31.68 25.75 13.00
N GLY B 596 -31.94 25.07 14.11
CA GLY B 596 -31.31 25.41 15.37
C GLY B 596 -29.83 25.07 15.37
N LEU B 597 -29.49 23.93 14.78
CA LEU B 597 -28.08 23.55 14.64
C LEU B 597 -27.35 24.48 13.69
N GLU B 598 -28.07 25.09 12.76
CA GLU B 598 -27.45 26.06 11.86
C GLU B 598 -27.13 27.35 12.61
N LEU B 599 -27.83 27.59 13.71
CA LEU B 599 -27.38 28.63 14.63
C LEU B 599 -26.71 28.08 15.87
N GLY B 600 -26.61 26.75 15.99
CA GLY B 600 -25.90 26.18 17.12
C GLY B 600 -24.40 26.35 17.06
N VAL B 601 -23.80 26.14 15.89
CA VAL B 601 -22.36 26.25 15.75
C VAL B 601 -21.97 27.72 15.71
N GLY B 602 -20.69 28.00 15.92
CA GLY B 602 -20.17 29.34 15.91
C GLY B 602 -20.38 30.13 17.18
N ARG B 603 -21.28 29.73 18.05
CA ARG B 603 -21.71 30.55 19.17
C ARG B 603 -21.55 29.80 20.48
N HIS B 604 -21.93 30.46 21.57
CA HIS B 604 -21.79 29.88 22.88
C HIS B 604 -22.87 28.85 23.16
N ALA B 605 -22.45 27.69 23.66
CA ALA B 605 -23.36 26.67 24.12
C ALA B 605 -23.10 26.45 25.59
N MET B 606 -24.14 26.08 26.33
CA MET B 606 -23.98 25.74 27.72
C MET B 606 -23.23 24.43 27.88
N ALA B 607 -22.47 24.31 28.96
CA ALA B 607 -21.95 23.02 29.36
C ALA B 607 -23.11 22.15 29.80
N PRO B 608 -23.09 20.86 29.47
CA PRO B 608 -24.24 20.00 29.78
C PRO B 608 -24.36 19.68 31.25
N ALA B 609 -23.29 19.86 32.02
CA ALA B 609 -23.31 19.54 33.44
C ALA B 609 -24.22 20.46 34.22
N THR B 610 -24.14 21.77 33.96
CA THR B 610 -25.06 22.70 34.62
C THR B 610 -26.47 22.58 34.05
N ILE B 611 -26.63 22.05 32.84
CA ILE B 611 -27.95 21.74 32.33
C ILE B 611 -28.56 20.60 33.14
N ALA B 612 -27.75 19.63 33.54
CA ALA B 612 -28.24 18.53 34.37
C ALA B 612 -28.57 19.01 35.78
N ALA B 613 -27.99 20.12 36.22
CA ALA B 613 -28.34 20.68 37.51
C ALA B 613 -29.57 21.58 37.41
N VAL B 614 -29.67 22.38 36.34
CA VAL B 614 -30.79 23.30 36.23
C VAL B 614 -32.08 22.54 35.96
N ARG B 615 -32.03 21.55 35.07
CA ARG B 615 -33.24 20.78 34.78
C ARG B 615 -33.63 19.91 35.96
N GLY B 616 -32.64 19.51 36.78
CA GLY B 616 -32.93 18.87 38.05
C GLY B 616 -33.67 19.76 39.02
N ALA B 617 -33.44 21.09 38.94
CA ALA B 617 -34.24 22.00 39.75
C ALA B 617 -35.65 22.14 39.20
N PHE B 618 -35.78 22.15 37.87
CA PHE B 618 -37.10 22.17 37.26
C PHE B 618 -37.88 20.87 37.50
N GLU B 619 -37.18 19.76 37.64
CA GLU B 619 -37.83 18.48 37.88
C GLU B 619 -37.77 18.08 39.34
N ASP B 620 -37.82 19.04 40.26
CA ASP B 620 -37.65 18.77 41.67
C ASP B 620 -39.01 18.80 42.36
N ARG B 621 -39.50 17.61 42.75
CA ARG B 621 -40.69 17.55 43.59
C ARG B 621 -40.39 18.03 45.00
N SER B 622 -39.27 17.62 45.60
CA SER B 622 -38.92 18.11 46.93
C SER B 622 -38.19 19.44 46.92
N TYR B 623 -38.44 20.27 45.91
CA TYR B 623 -37.93 21.62 45.86
C TYR B 623 -38.44 22.41 47.05
N PRO B 624 -37.58 23.14 47.76
CA PRO B 624 -38.01 23.83 48.97
C PRO B 624 -38.97 24.98 48.67
N ALA B 625 -39.96 25.13 49.55
CA ALA B 625 -40.98 26.15 49.39
C ALA B 625 -40.52 27.51 49.89
N VAL B 626 -39.38 27.58 50.59
CA VAL B 626 -38.85 28.87 51.02
C VAL B 626 -38.33 29.67 49.84
N PHE B 627 -37.90 28.98 48.77
CA PHE B 627 -37.25 29.64 47.65
C PHE B 627 -38.21 30.53 46.86
N TYR B 628 -39.45 30.06 46.66
CA TYR B 628 -40.43 30.91 45.98
C TYR B 628 -40.84 32.06 46.87
N LEU B 629 -40.82 31.87 48.19
CA LEU B 629 -41.03 32.97 49.11
C LEU B 629 -39.80 33.87 49.20
N LEU B 630 -38.62 33.31 48.91
CA LEU B 630 -37.44 34.16 48.74
C LEU B 630 -37.51 34.93 47.43
N GLN B 631 -38.18 34.36 46.42
CA GLN B 631 -38.39 35.09 45.17
C GLN B 631 -39.42 36.20 45.36
N ALA B 632 -40.46 35.94 46.16
CA ALA B 632 -41.47 36.95 46.43
C ALA B 632 -40.96 38.06 47.35
N ALA B 633 -40.04 37.73 48.26
CA ALA B 633 -39.49 38.74 49.16
C ALA B 633 -38.54 39.67 48.42
N ILE B 634 -37.64 39.10 47.61
CA ILE B 634 -36.72 39.90 46.81
C ILE B 634 -37.46 40.66 45.72
N HIS B 635 -38.52 40.05 45.17
CA HIS B 635 -39.38 40.56 44.08
C HIS B 635 -38.57 41.13 42.91
N GLY B 636 -37.48 40.46 42.58
CA GLY B 636 -36.63 40.87 41.46
C GLY B 636 -35.91 42.19 41.65
N ASN B 637 -35.85 42.69 42.88
CA ASN B 637 -35.21 43.97 43.18
C ASN B 637 -33.76 43.74 43.57
N GLU B 638 -32.98 44.81 43.50
CA GLU B 638 -31.55 44.69 43.78
C GLU B 638 -31.21 45.09 45.22
N HIS B 639 -32.03 45.95 45.83
CA HIS B 639 -31.79 46.35 47.21
C HIS B 639 -32.11 45.20 48.17
N VAL B 640 -33.19 44.47 47.91
CA VAL B 640 -33.60 43.41 48.81
C VAL B 640 -32.69 42.20 48.66
N PHE B 641 -32.10 42.02 47.48
CA PHE B 641 -31.29 40.83 47.20
C PHE B 641 -29.98 40.86 47.99
N CYS B 642 -29.30 42.01 48.00
CA CYS B 642 -28.02 42.11 48.69
C CYS B 642 -28.21 42.18 50.20
N ALA B 643 -29.42 42.53 50.64
CA ALA B 643 -29.77 42.36 52.05
C ALA B 643 -29.81 40.89 52.42
N LEU B 644 -30.32 40.06 51.50
CA LEU B 644 -30.43 38.62 51.69
C LEU B 644 -29.32 37.86 51.00
N ALA B 645 -28.14 38.47 50.82
CA ALA B 645 -27.12 37.90 49.95
C ALA B 645 -26.44 36.69 50.57
N ARG B 646 -26.25 36.71 51.89
CA ARG B 646 -25.77 35.51 52.57
C ARG B 646 -26.88 34.46 52.63
N LEU B 647 -28.13 34.89 52.53
CA LEU B 647 -29.25 33.96 52.52
C LEU B 647 -29.46 33.34 51.14
N VAL B 648 -28.64 33.71 50.15
CA VAL B 648 -28.75 33.10 48.82
C VAL B 648 -27.65 32.07 48.60
N THR B 649 -26.39 32.43 48.91
CA THR B 649 -25.27 31.53 48.65
C THR B 649 -25.31 30.29 49.51
N GLN B 650 -25.76 30.42 50.76
CA GLN B 650 -26.06 29.24 51.59
C GLN B 650 -27.23 28.45 51.03
N CYS B 651 -28.30 29.13 50.62
CA CYS B 651 -29.41 28.47 49.95
C CYS B 651 -28.99 27.91 48.61
N ILE B 652 -27.91 28.45 48.02
CA ILE B 652 -27.19 27.65 47.05
C ILE B 652 -26.48 26.50 47.76
N THR B 653 -25.66 26.82 48.77
CA THR B 653 -24.68 25.86 49.32
C THR B 653 -25.37 24.69 50.01
N SER B 654 -26.39 24.98 50.82
CA SER B 654 -27.13 23.90 51.47
C SER B 654 -27.87 23.06 50.44
N TYR B 655 -28.56 23.72 49.52
CA TYR B 655 -29.34 22.99 48.51
C TYR B 655 -28.43 22.28 47.52
N TRP B 656 -27.28 22.89 47.19
CA TRP B 656 -26.31 22.20 46.34
C TRP B 656 -25.75 20.97 47.05
N ASN B 657 -25.48 21.08 48.34
CA ASN B 657 -24.98 19.93 49.07
C ASN B 657 -26.08 18.91 49.32
N ASN B 658 -27.34 19.35 49.32
CA ASN B 658 -28.43 18.38 49.29
C ASN B 658 -28.53 17.77 47.90
N THR B 659 -28.85 18.58 46.89
CA THR B 659 -29.11 18.11 45.55
C THR B 659 -28.15 18.79 44.59
N ARG B 660 -27.60 18.04 43.64
CA ARG B 660 -26.73 18.65 42.64
C ARG B 660 -27.57 19.43 41.64
N CYS B 661 -28.07 20.59 42.08
CA CYS B 661 -29.03 21.39 41.32
C CYS B 661 -28.81 22.85 41.67
N ALA B 662 -29.10 23.72 40.71
CA ALA B 662 -29.10 25.15 40.97
C ALA B 662 -30.30 25.53 41.83
N ALA B 663 -30.18 26.65 42.53
CA ALA B 663 -31.16 26.95 43.58
C ALA B 663 -32.23 27.95 43.12
N PHE B 664 -31.85 28.93 42.31
CA PHE B 664 -32.76 30.03 42.04
C PHE B 664 -32.90 30.37 40.57
N VAL B 665 -33.14 29.39 39.71
CA VAL B 665 -33.35 29.64 38.29
C VAL B 665 -34.82 29.98 38.03
N ASN B 666 -35.61 30.10 39.10
CA ASN B 666 -37.01 30.49 39.04
C ASN B 666 -37.21 31.98 38.80
N ASP B 667 -36.14 32.76 38.66
CA ASP B 667 -36.22 34.14 38.19
C ASP B 667 -34.86 34.50 37.59
N TYR B 668 -34.89 35.21 36.46
CA TYR B 668 -33.64 35.60 35.81
C TYR B 668 -32.89 36.65 36.61
N SER B 669 -33.64 37.54 37.27
CA SER B 669 -33.01 38.61 38.02
C SER B 669 -32.17 38.07 39.16
N LEU B 670 -32.58 36.93 39.73
CA LEU B 670 -31.80 36.25 40.75
C LEU B 670 -30.45 35.82 40.19
N VAL B 671 -30.46 35.01 39.13
CA VAL B 671 -29.23 34.47 38.56
C VAL B 671 -28.38 35.59 37.98
N SER B 672 -29.02 36.64 37.47
CA SER B 672 -28.26 37.79 36.99
C SER B 672 -27.81 38.69 38.14
N TYR B 673 -28.18 38.34 39.37
CA TYR B 673 -27.55 39.00 40.52
C TYR B 673 -26.62 38.06 41.27
N ILE B 674 -26.88 36.75 41.17
CA ILE B 674 -26.05 35.75 41.87
C ILE B 674 -24.64 35.74 41.31
N VAL B 675 -24.50 35.82 39.99
CA VAL B 675 -23.17 36.00 39.40
C VAL B 675 -22.64 37.38 39.77
N THR B 676 -23.52 38.38 39.79
CA THR B 676 -23.11 39.77 39.73
C THR B 676 -22.45 40.22 41.04
N TYR B 677 -22.92 39.70 42.16
CA TYR B 677 -22.31 40.02 43.43
C TYR B 677 -21.58 38.86 44.08
N LEU B 678 -22.19 37.68 44.08
CA LEU B 678 -21.88 36.62 45.04
C LEU B 678 -20.72 35.74 44.62
N GLY B 679 -19.81 36.25 43.79
CA GLY B 679 -18.84 35.39 43.13
C GLY B 679 -17.83 34.74 44.05
N GLY B 680 -17.66 35.29 45.25
CA GLY B 680 -16.69 34.74 46.17
C GLY B 680 -17.12 33.48 46.89
N ASP B 681 -18.20 33.56 47.65
CA ASP B 681 -18.56 32.52 48.62
C ASP B 681 -19.36 31.40 47.98
N LEU B 682 -18.88 30.88 46.86
CA LEU B 682 -19.39 29.65 46.28
C LEU B 682 -18.22 28.79 45.86
N PRO B 683 -18.32 27.47 46.03
CA PRO B 683 -17.39 26.57 45.34
C PRO B 683 -17.59 26.69 43.83
N GLU B 684 -16.49 26.49 43.10
CA GLU B 684 -16.47 26.79 41.68
C GLU B 684 -17.32 25.82 40.86
N GLU B 685 -17.64 24.65 41.41
CA GLU B 685 -18.52 23.72 40.72
C GLU B 685 -19.94 24.27 40.63
N CYS B 686 -20.44 24.89 41.70
CA CYS B 686 -21.79 25.42 41.64
C CYS B 686 -21.80 26.91 41.30
N MET B 687 -20.63 27.56 41.27
CA MET B 687 -20.60 28.96 40.89
C MET B 687 -20.79 29.15 39.39
N ALA B 688 -20.06 28.38 38.58
CA ALA B 688 -20.15 28.53 37.13
C ALA B 688 -21.49 28.01 36.60
N VAL B 689 -22.24 27.28 37.42
CA VAL B 689 -23.62 26.95 37.13
C VAL B 689 -24.42 28.20 36.83
N TYR B 690 -24.29 29.21 37.70
CA TYR B 690 -24.99 30.46 37.45
C TYR B 690 -24.29 31.26 36.36
N ARG B 691 -22.98 31.06 36.20
CA ARG B 691 -22.23 31.88 35.26
C ARG B 691 -22.45 31.40 33.83
N ASP B 692 -22.52 30.08 33.62
CA ASP B 692 -22.77 29.53 32.29
C ASP B 692 -24.18 29.87 31.82
N LEU B 693 -25.11 29.99 32.75
CA LEU B 693 -26.49 30.22 32.38
C LEU B 693 -26.71 31.64 31.90
N VAL B 694 -26.03 32.60 32.51
CA VAL B 694 -26.16 34.00 32.08
C VAL B 694 -25.46 34.22 30.75
N ALA B 695 -24.28 33.60 30.58
CA ALA B 695 -23.48 33.80 29.37
C ALA B 695 -24.15 33.24 28.13
N HIS B 696 -25.12 32.36 28.30
CA HIS B 696 -25.88 31.86 27.17
C HIS B 696 -27.06 32.76 26.85
N VAL B 697 -27.52 33.54 27.84
CA VAL B 697 -28.56 34.51 27.58
C VAL B 697 -28.02 35.67 26.75
N GLU B 698 -26.81 36.13 27.07
CA GLU B 698 -26.16 37.14 26.24
C GLU B 698 -25.74 36.59 24.89
N ALA B 699 -25.54 35.27 24.80
CA ALA B 699 -25.18 34.66 23.52
C ALA B 699 -26.32 34.77 22.52
N LEU B 700 -27.56 34.60 22.99
CA LEU B 700 -28.70 34.80 22.11
C LEU B 700 -28.94 36.28 21.86
N ALA B 701 -28.47 37.15 22.77
CA ALA B 701 -28.69 38.57 22.63
C ALA B 701 -27.91 39.14 21.45
N GLN B 702 -26.72 38.60 21.18
CA GLN B 702 -25.97 39.07 20.03
C GLN B 702 -26.47 38.47 18.73
N LEU B 703 -27.30 37.43 18.80
CA LEU B 703 -27.70 36.71 17.60
C LEU B 703 -28.63 37.53 16.73
N VAL B 704 -29.29 38.52 17.31
CA VAL B 704 -30.20 39.37 16.54
C VAL B 704 -29.42 40.24 15.58
N ASP B 705 -28.36 40.89 16.08
CA ASP B 705 -27.62 41.87 15.29
C ASP B 705 -26.88 41.27 14.11
N ASP B 706 -26.54 39.99 14.15
CA ASP B 706 -25.89 39.38 13.00
C ASP B 706 -26.90 39.07 11.90
N PHE B 707 -28.19 39.14 12.23
CA PHE B 707 -29.25 39.11 11.24
C PHE B 707 -29.87 40.48 11.01
N THR B 708 -29.17 41.54 11.34
CA THR B 708 -29.71 42.89 11.28
C THR B 708 -28.87 43.73 10.32
N LEU B 709 -29.44 44.03 9.16
CA LEU B 709 -28.74 45.02 8.36
C LEU B 709 -28.99 46.41 8.93
N PRO B 710 -27.94 47.19 9.13
CA PRO B 710 -28.11 48.52 9.72
C PRO B 710 -28.75 49.49 8.75
N GLY B 711 -29.25 50.59 9.31
CA GLY B 711 -29.91 51.59 8.52
C GLY B 711 -30.58 52.63 9.39
N PRO B 712 -31.46 53.44 8.80
CA PRO B 712 -32.15 54.48 9.56
C PRO B 712 -33.23 53.90 10.47
N GLU B 713 -33.77 54.71 11.38
CA GLU B 713 -34.91 54.29 12.16
C GLU B 713 -36.17 54.44 11.31
N LEU B 714 -37.04 53.44 11.40
CA LEU B 714 -38.31 53.45 10.68
C LEU B 714 -39.43 53.30 11.69
N GLY B 715 -40.27 54.33 11.80
CA GLY B 715 -41.24 54.35 12.87
C GLY B 715 -40.58 54.48 14.22
N GLY B 716 -39.39 55.08 14.28
CA GLY B 716 -38.67 55.29 15.51
C GLY B 716 -37.95 54.07 16.05
N GLN B 717 -38.43 52.88 15.76
CA GLN B 717 -37.84 51.68 16.32
C GLN B 717 -36.59 51.31 15.54
N ALA B 718 -35.82 50.39 16.10
CA ALA B 718 -34.55 50.01 15.50
C ALA B 718 -34.75 49.14 14.27
N GLN B 719 -33.67 48.94 13.53
CA GLN B 719 -33.67 47.94 12.46
C GLN B 719 -33.88 46.55 13.02
N ALA B 720 -33.36 46.29 14.21
CA ALA B 720 -33.64 45.03 14.88
C ALA B 720 -35.07 44.95 15.38
N GLU B 721 -35.62 46.06 15.90
CA GLU B 721 -36.94 46.03 16.51
C GLU B 721 -38.04 45.85 15.48
N LEU B 722 -37.75 46.17 14.23
CA LEU B 722 -38.66 45.76 13.16
C LEU B 722 -38.38 44.34 12.72
N ASN B 723 -37.17 43.84 12.99
CA ASN B 723 -36.77 42.57 12.43
C ASN B 723 -37.23 41.41 13.32
N HIS B 724 -37.01 41.53 14.62
CA HIS B 724 -37.15 40.42 15.53
C HIS B 724 -38.07 40.81 16.68
N LEU B 725 -38.69 39.79 17.28
CA LEU B 725 -39.66 40.00 18.34
C LEU B 725 -39.05 40.55 19.61
N MET B 726 -37.85 40.10 19.97
CA MET B 726 -37.34 40.34 21.30
C MET B 726 -36.82 41.75 21.48
N ARG B 727 -36.17 42.31 20.45
CA ARG B 727 -35.77 43.71 20.54
C ARG B 727 -36.96 44.64 20.52
N ASP B 728 -38.04 44.24 19.85
CA ASP B 728 -39.25 45.05 19.75
C ASP B 728 -39.89 45.22 21.12
N PRO B 729 -40.21 46.45 21.53
CA PRO B 729 -40.65 46.67 22.90
C PRO B 729 -42.09 46.29 23.13
N ALA B 730 -42.88 46.09 22.08
CA ALA B 730 -44.31 45.82 22.22
C ALA B 730 -44.56 44.47 22.88
N LEU B 731 -43.60 43.57 22.78
CA LEU B 731 -43.59 42.43 23.68
C LEU B 731 -42.81 42.77 24.94
N LEU B 732 -43.41 42.49 26.08
CA LEU B 732 -42.80 42.50 27.38
C LEU B 732 -42.67 41.07 27.89
N PRO B 733 -41.75 40.78 28.81
CA PRO B 733 -41.60 39.40 29.30
C PRO B 733 -42.80 38.99 30.15
N PRO B 734 -42.94 37.71 30.49
CA PRO B 734 -44.10 37.33 31.29
C PRO B 734 -43.94 37.66 32.77
N LEU B 735 -42.71 37.88 33.23
CA LEU B 735 -42.47 38.26 34.62
C LEU B 735 -41.73 39.60 34.64
N VAL B 736 -42.47 40.68 34.89
CA VAL B 736 -41.94 42.04 34.83
C VAL B 736 -42.01 42.63 36.23
N TRP B 737 -40.94 42.46 37.01
CA TRP B 737 -40.95 42.97 38.37
C TRP B 737 -40.88 44.49 38.42
N ASP B 738 -40.25 45.10 37.43
CA ASP B 738 -40.15 46.54 37.28
C ASP B 738 -41.28 47.05 36.40
N CYS B 739 -41.16 48.30 35.98
CA CYS B 739 -42.04 48.87 34.97
C CYS B 739 -41.28 49.44 33.78
N ASP B 740 -40.09 48.90 33.47
CA ASP B 740 -39.30 49.37 32.35
C ASP B 740 -39.91 48.99 31.00
N GLY B 741 -40.78 47.98 31.01
CA GLY B 741 -41.38 47.52 29.77
C GLY B 741 -42.45 48.45 29.25
N LEU B 742 -43.16 49.12 30.16
CA LEU B 742 -44.31 49.93 29.73
C LEU B 742 -43.92 51.38 29.48
N MET B 743 -42.68 51.76 29.83
CA MET B 743 -42.22 53.13 29.59
C MET B 743 -42.11 53.42 28.09
N ARG B 744 -41.27 52.65 27.39
CA ARG B 744 -41.13 52.82 25.95
C ARG B 744 -42.32 52.27 25.18
N HIS B 745 -43.15 51.42 25.82
CA HIS B 745 -44.32 50.86 25.14
C HIS B 745 -45.39 51.92 24.93
N ALA B 746 -45.68 52.72 25.96
CA ALA B 746 -46.77 53.70 25.87
C ALA B 746 -46.35 54.96 25.12
N ALA B 747 -45.06 55.17 24.93
CA ALA B 747 -44.54 56.31 24.19
C ALA B 747 -44.32 55.86 22.74
N LEU B 748 -45.41 55.52 22.06
CA LEU B 748 -45.35 55.03 20.68
C LEU B 748 -46.57 55.50 19.92
N ASP B 749 -46.39 55.72 18.62
CA ASP B 749 -47.54 55.88 17.74
C ASP B 749 -48.21 54.54 17.45
N ARG B 750 -47.48 53.43 17.59
CA ARG B 750 -48.04 52.10 17.38
C ARG B 750 -48.99 51.68 18.49
N HIS B 751 -48.85 52.25 19.68
CA HIS B 751 -49.43 51.66 20.88
C HIS B 751 -50.95 51.72 20.87
N ARG B 752 -51.57 50.59 20.53
CA ARG B 752 -53.00 50.37 20.71
C ARG B 752 -53.20 50.16 22.20
N ASP B 753 -54.43 50.40 22.67
CA ASP B 753 -54.74 50.55 24.09
C ASP B 753 -54.46 49.30 24.92
N CYS B 754 -53.78 49.48 26.05
CA CYS B 754 -53.55 48.42 27.02
C CYS B 754 -54.55 48.58 28.15
N ARG B 755 -54.88 47.46 28.79
CA ARG B 755 -55.87 47.46 29.85
C ARG B 755 -55.29 46.76 31.07
N ILE B 756 -55.39 47.41 32.22
CA ILE B 756 -54.87 46.88 33.48
C ILE B 756 -56.04 46.29 34.25
N ASP B 757 -55.74 45.30 35.10
CA ASP B 757 -56.78 44.60 35.83
C ASP B 757 -57.25 45.43 37.03
N ALA B 758 -58.10 46.40 36.75
CA ALA B 758 -58.59 47.32 37.78
C ALA B 758 -59.88 47.99 37.32
N GLY B 759 -60.37 48.94 38.12
CA GLY B 759 -61.53 49.72 37.70
C GLY B 759 -61.19 50.73 36.62
N GLY B 760 -60.07 51.42 36.78
CA GLY B 760 -59.57 52.31 35.75
C GLY B 760 -58.50 51.64 34.91
N HIS B 761 -58.74 51.53 33.60
CA HIS B 761 -57.82 50.79 32.74
C HIS B 761 -56.53 51.57 32.50
N GLU B 762 -56.57 52.88 32.66
CA GLU B 762 -55.37 53.70 32.51
C GLU B 762 -54.45 53.48 33.71
N PRO B 763 -53.17 53.18 33.50
CA PRO B 763 -52.29 52.86 34.63
C PRO B 763 -51.78 54.12 35.34
N VAL B 764 -51.38 53.91 36.60
CA VAL B 764 -50.76 54.96 37.39
C VAL B 764 -49.67 54.30 38.22
N TYR B 765 -48.61 55.04 38.52
CA TYR B 765 -47.42 54.49 39.13
C TYR B 765 -47.17 55.12 40.51
N ALA B 766 -46.22 54.53 41.24
CA ALA B 766 -45.86 54.97 42.57
C ALA B 766 -44.34 55.07 42.65
N ALA B 767 -43.85 56.02 43.44
CA ALA B 767 -42.41 56.22 43.56
C ALA B 767 -41.77 55.11 44.38
N ALA B 768 -42.27 54.87 45.58
CA ALA B 768 -41.71 53.86 46.47
C ALA B 768 -42.85 53.10 47.13
N CYS B 769 -42.49 52.09 47.92
CA CYS B 769 -43.46 51.30 48.68
C CYS B 769 -42.89 51.05 50.07
N ASN B 770 -43.73 51.20 51.08
CA ASN B 770 -43.31 51.12 52.48
C ASN B 770 -44.37 50.34 53.26
N VAL B 771 -44.29 50.43 54.59
CA VAL B 771 -45.23 49.71 55.44
C VAL B 771 -46.59 50.41 55.46
N ALA B 772 -46.62 51.69 55.13
CA ALA B 772 -47.88 52.44 55.10
C ALA B 772 -48.32 52.73 53.66
N THR B 773 -47.40 52.70 52.71
CA THR B 773 -47.73 52.94 51.32
C THR B 773 -48.40 51.72 50.70
N ALA B 774 -48.07 50.53 51.19
CA ALA B 774 -48.56 49.29 50.61
C ALA B 774 -50.02 49.08 50.95
N ASP B 775 -50.89 49.15 49.94
CA ASP B 775 -52.29 48.77 50.05
C ASP B 775 -52.41 47.42 49.34
N PHE B 776 -52.57 46.35 50.13
CA PHE B 776 -52.40 44.99 49.62
C PHE B 776 -53.50 44.56 48.66
N ASN B 777 -54.68 45.19 48.71
CA ASN B 777 -55.77 44.88 47.79
C ASN B 777 -56.35 46.18 47.27
N ARG B 778 -56.07 46.50 46.02
CA ARG B 778 -56.52 47.76 45.43
C ARG B 778 -56.87 47.52 43.97
N ASN B 779 -57.73 48.37 43.43
CA ASN B 779 -58.22 48.23 42.07
C ASN B 779 -58.27 49.59 41.37
N ASP B 780 -57.24 50.42 41.57
CA ASP B 780 -57.15 51.68 40.85
C ASP B 780 -56.10 51.68 39.75
N GLY B 781 -55.36 50.59 39.61
CA GLY B 781 -54.36 50.49 38.55
C GLY B 781 -52.95 50.88 38.96
N ARG B 782 -52.51 50.46 40.13
CA ARG B 782 -51.19 50.81 40.63
C ARG B 782 -50.20 49.67 40.37
N LEU B 783 -49.00 50.03 39.90
CA LEU B 783 -47.97 49.06 39.60
C LEU B 783 -46.68 49.47 40.32
N LEU B 784 -45.72 48.53 40.36
CA LEU B 784 -44.48 48.71 41.11
C LEU B 784 -43.31 48.86 40.14
N HIS B 785 -42.72 50.06 40.10
CA HIS B 785 -41.48 50.27 39.36
C HIS B 785 -40.25 50.03 40.23
N ASN B 786 -40.41 50.00 41.55
CA ASN B 786 -39.29 50.02 42.49
C ASN B 786 -38.59 48.66 42.55
N THR B 787 -37.74 48.38 41.56
CA THR B 787 -36.78 47.29 41.65
C THR B 787 -35.35 47.79 41.39
N GLN B 788 -35.14 49.10 41.39
CA GLN B 788 -33.83 49.65 41.05
C GLN B 788 -32.88 49.56 42.24
N ALA B 789 -31.66 50.07 42.04
CA ALA B 789 -30.69 50.07 43.12
C ALA B 789 -31.03 51.12 44.18
N ARG B 790 -31.08 52.39 43.78
CA ARG B 790 -31.14 53.50 44.72
C ARG B 790 -32.52 53.63 45.36
N ALA B 791 -32.53 53.75 46.69
CA ALA B 791 -33.77 54.06 47.39
C ALA B 791 -33.98 55.56 47.51
N ALA B 792 -32.90 56.34 47.59
CA ALA B 792 -33.01 57.78 47.66
C ALA B 792 -33.18 58.41 46.29
N ASP B 793 -32.65 57.79 45.24
CA ASP B 793 -32.78 58.28 43.87
C ASP B 793 -33.66 57.32 43.09
N ALA B 794 -34.97 57.49 43.23
CA ALA B 794 -35.95 56.68 42.51
C ALA B 794 -36.38 57.40 41.25
N ALA B 795 -37.32 56.80 40.53
CA ALA B 795 -37.90 57.43 39.35
C ALA B 795 -39.31 56.89 39.13
N ASP B 796 -40.13 57.71 38.48
CA ASP B 796 -41.51 57.34 38.16
C ASP B 796 -41.69 57.14 36.66
N ASP B 797 -40.89 57.83 35.85
CA ASP B 797 -40.95 57.71 34.40
C ASP B 797 -39.62 57.27 33.80
N ARG B 798 -38.51 57.67 34.43
CA ARG B 798 -37.19 57.42 33.88
C ARG B 798 -36.75 55.98 34.12
N PRO B 799 -36.26 55.29 33.09
CA PRO B 799 -35.69 53.95 33.33
C PRO B 799 -34.29 54.04 33.90
N HIS B 800 -33.90 52.97 34.61
CA HIS B 800 -32.57 52.87 35.20
C HIS B 800 -31.74 51.82 34.47
N ARG B 801 -32.35 50.68 34.17
CA ARG B 801 -31.67 49.51 33.68
C ARG B 801 -31.28 49.70 32.21
N PRO B 802 -30.32 48.87 31.68
CA PRO B 802 -30.07 48.90 30.23
C PRO B 802 -31.27 48.45 29.42
N ALA B 803 -31.29 48.84 28.14
CA ALA B 803 -32.28 48.28 27.22
C ALA B 803 -32.11 46.78 27.09
N ASP B 804 -30.86 46.31 27.22
CA ASP B 804 -30.51 44.91 27.34
C ASP B 804 -31.22 44.18 28.47
N TRP B 805 -31.57 44.88 29.56
CA TRP B 805 -31.98 44.20 30.78
C TRP B 805 -33.37 43.59 30.64
N THR B 806 -34.28 44.35 30.05
CA THR B 806 -35.58 43.80 29.70
C THR B 806 -35.46 42.71 28.65
N VAL B 807 -34.52 42.88 27.72
CA VAL B 807 -34.38 41.95 26.60
C VAL B 807 -33.91 40.59 27.09
N HIS B 808 -32.93 40.57 28.01
CA HIS B 808 -32.47 39.33 28.61
C HIS B 808 -33.58 38.57 29.33
N HIS B 809 -34.47 39.29 30.02
CA HIS B 809 -35.62 38.63 30.63
C HIS B 809 -36.60 38.12 29.59
N LYS B 810 -36.77 38.88 28.50
CA LYS B 810 -37.51 38.36 27.35
C LYS B 810 -36.80 37.16 26.75
N ILE B 811 -35.47 37.21 26.71
CA ILE B 811 -34.70 36.05 26.25
C ILE B 811 -34.83 34.91 27.25
N TYR B 812 -34.90 35.22 28.54
CA TYR B 812 -34.91 34.17 29.54
C TYR B 812 -36.23 33.41 29.55
N TYR B 813 -37.34 34.11 29.74
CA TYR B 813 -38.58 33.39 30.02
C TYR B 813 -39.17 32.77 28.77
N TYR B 814 -39.02 33.42 27.63
CA TYR B 814 -39.60 32.81 26.45
C TYR B 814 -38.71 31.72 25.87
N VAL B 815 -37.39 31.94 25.88
CA VAL B 815 -36.53 31.12 25.05
C VAL B 815 -35.78 30.08 25.88
N LEU B 816 -35.37 30.44 27.09
CA LEU B 816 -34.69 29.45 27.91
C LEU B 816 -35.68 28.52 28.60
N VAL B 817 -36.79 29.08 29.11
CA VAL B 817 -37.55 28.38 30.14
C VAL B 817 -38.31 27.16 29.62
N PRO B 818 -39.12 27.22 28.54
CA PRO B 818 -39.74 25.96 28.09
C PRO B 818 -38.75 24.97 27.52
N ALA B 819 -37.58 25.44 27.10
CA ALA B 819 -36.51 24.54 26.69
C ALA B 819 -35.91 23.81 27.88
N PHE B 820 -36.05 24.37 29.08
CA PHE B 820 -35.70 23.62 30.27
C PHE B 820 -36.92 23.03 30.95
N SER B 821 -37.96 23.83 31.15
CA SER B 821 -39.08 23.40 32.01
C SER B 821 -39.91 22.32 31.35
N ARG B 822 -39.89 22.27 30.01
CA ARG B 822 -40.52 21.23 29.20
C ARG B 822 -42.02 21.16 29.48
N GLY B 823 -42.71 22.26 29.21
CA GLY B 823 -44.15 22.33 29.27
C GLY B 823 -44.75 22.37 30.67
N ARG B 824 -44.31 21.49 31.57
CA ARG B 824 -44.89 21.37 32.90
C ARG B 824 -44.37 22.51 33.76
N CYS B 825 -44.89 23.70 33.52
CA CYS B 825 -44.51 24.89 34.28
C CYS B 825 -45.60 25.93 34.15
N CYS B 826 -45.72 26.82 35.13
CA CYS B 826 -46.74 27.84 35.08
C CYS B 826 -46.34 28.97 36.01
N THR B 827 -46.33 30.18 35.48
CA THR B 827 -46.22 31.35 36.34
C THR B 827 -47.51 31.55 37.12
N ALA B 828 -47.45 32.33 38.18
CA ALA B 828 -48.56 32.35 39.11
C ALA B 828 -48.76 33.75 39.66
N GLY B 829 -50.01 34.04 40.03
CA GLY B 829 -50.29 35.27 40.74
C GLY B 829 -50.09 35.12 42.24
N VAL B 830 -49.36 36.08 42.82
CA VAL B 830 -48.83 35.95 44.16
C VAL B 830 -49.68 36.78 45.12
N ARG B 831 -50.15 36.13 46.18
CA ARG B 831 -50.85 36.79 47.28
C ARG B 831 -49.81 37.35 48.22
N PHE B 832 -49.38 38.59 47.99
CA PHE B 832 -48.33 39.18 48.83
C PHE B 832 -48.82 39.53 50.22
N ASP B 833 -50.14 39.58 50.43
CA ASP B 833 -50.65 39.69 51.79
C ASP B 833 -50.44 38.39 52.56
N ARG B 834 -50.36 37.27 51.86
CA ARG B 834 -50.12 35.99 52.51
C ARG B 834 -48.63 35.68 52.59
N VAL B 835 -47.82 36.27 51.70
CA VAL B 835 -46.38 36.03 51.72
C VAL B 835 -45.73 36.73 52.90
N TYR B 836 -45.98 38.03 53.05
CA TYR B 836 -45.31 38.81 54.08
C TYR B 836 -45.97 38.65 55.44
N ALA B 837 -47.07 37.89 55.52
CA ALA B 837 -47.64 37.52 56.81
C ALA B 837 -46.84 36.41 57.47
N THR B 838 -46.26 35.53 56.66
CA THR B 838 -45.65 34.29 57.12
C THR B 838 -44.12 34.34 57.15
N LEU B 839 -43.50 35.28 56.43
CA LEU B 839 -42.04 35.37 56.44
C LEU B 839 -41.53 35.89 57.79
N GLN B 840 -42.21 36.89 58.33
CA GLN B 840 -41.82 37.53 59.59
C GLN B 840 -42.51 36.82 60.76
N ASN B 841 -42.26 35.52 60.87
CA ASN B 841 -42.83 34.70 61.94
C ASN B 841 -41.76 33.71 62.38
N MET B 842 -40.92 34.13 63.32
CA MET B 842 -39.73 33.36 63.66
C MET B 842 -39.48 33.42 65.16
N VAL B 843 -38.72 32.45 65.66
CA VAL B 843 -38.33 32.36 67.06
C VAL B 843 -36.81 32.40 67.11
N VAL B 844 -36.26 33.55 67.50
CA VAL B 844 -34.81 33.71 67.59
C VAL B 844 -34.42 33.81 69.06
N PRO B 845 -33.81 32.77 69.63
CA PRO B 845 -33.39 32.85 71.04
C PRO B 845 -32.20 33.79 71.20
N GLU B 846 -32.16 34.47 72.35
CA GLU B 846 -31.06 35.36 72.65
C GLU B 846 -29.82 34.55 73.03
N ILE B 847 -28.70 34.87 72.41
CA ILE B 847 -27.44 34.17 72.64
C ILE B 847 -26.87 34.62 73.98
N ALA B 848 -26.15 33.74 74.65
CA ALA B 848 -25.55 34.08 75.92
C ALA B 848 -24.35 35.00 75.71
N PRO B 849 -24.05 35.89 76.66
CA PRO B 849 -22.84 36.71 76.54
C PRO B 849 -21.59 35.86 76.69
N GLY B 850 -20.76 35.87 75.64
CA GLY B 850 -19.59 35.03 75.58
C GLY B 850 -19.74 33.80 74.71
N GLU B 851 -20.96 33.47 74.28
CA GLU B 851 -21.18 32.32 73.42
C GLU B 851 -21.09 32.73 71.96
N GLU B 852 -20.64 31.81 71.12
CA GLU B 852 -20.45 32.08 69.71
C GLU B 852 -21.75 31.85 68.93
N CYS B 853 -21.64 31.98 67.61
CA CYS B 853 -22.79 31.77 66.74
C CYS B 853 -23.12 30.28 66.64
N PRO B 854 -24.39 29.92 66.62
CA PRO B 854 -24.75 28.50 66.44
C PRO B 854 -24.38 27.99 65.06
N SER B 855 -23.57 26.93 65.03
CA SER B 855 -23.07 26.39 63.77
C SER B 855 -23.92 25.26 63.24
N ASP B 856 -24.30 24.31 64.10
CA ASP B 856 -25.04 23.13 63.69
C ASP B 856 -26.44 23.17 64.27
N PRO B 857 -27.48 22.93 63.47
CA PRO B 857 -28.85 22.95 64.00
C PRO B 857 -29.25 21.67 64.73
N VAL B 858 -28.38 20.65 64.75
CA VAL B 858 -28.73 19.38 65.37
C VAL B 858 -28.35 19.39 66.85
N THR B 859 -27.15 19.89 67.18
CA THR B 859 -26.62 19.82 68.54
C THR B 859 -26.98 21.05 69.37
N ASP B 860 -26.70 22.24 68.85
CA ASP B 860 -26.84 23.48 69.61
C ASP B 860 -28.31 23.87 69.72
N PRO B 861 -28.87 23.97 70.94
CA PRO B 861 -30.28 24.38 71.05
C PRO B 861 -30.52 25.86 70.81
N ALA B 862 -29.48 26.69 70.77
CA ALA B 862 -29.64 28.10 70.48
C ALA B 862 -29.85 28.40 69.00
N HIS B 863 -29.72 27.39 68.14
CA HIS B 863 -29.96 27.57 66.72
C HIS B 863 -31.46 27.67 66.47
N PRO B 864 -31.90 28.59 65.59
CA PRO B 864 -33.35 28.76 65.38
C PRO B 864 -34.02 27.59 64.67
N LEU B 865 -33.27 26.73 63.98
CA LEU B 865 -33.81 25.53 63.38
C LEU B 865 -33.62 24.28 64.23
N HIS B 866 -33.28 24.45 65.50
CA HIS B 866 -33.24 23.30 66.41
C HIS B 866 -34.67 22.87 66.72
N PRO B 867 -34.93 21.57 66.92
CA PRO B 867 -36.30 21.12 67.21
C PRO B 867 -36.90 21.63 68.52
N ALA B 868 -36.09 22.19 69.43
CA ALA B 868 -36.67 22.92 70.54
C ALA B 868 -37.22 24.27 70.09
N ASN B 869 -36.72 24.80 68.97
CA ASN B 869 -37.17 26.07 68.42
C ASN B 869 -38.08 25.91 67.22
N LEU B 870 -38.36 24.69 66.79
CA LEU B 870 -39.27 24.45 65.66
C LEU B 870 -40.70 24.44 66.20
N VAL B 871 -41.45 25.48 65.88
CA VAL B 871 -42.79 25.68 66.42
C VAL B 871 -43.77 25.46 65.27
N ALA B 872 -45.05 25.28 65.61
CA ALA B 872 -46.10 25.28 64.60
C ALA B 872 -46.26 26.67 64.00
N ASN B 873 -46.43 26.71 62.67
CA ASN B 873 -46.79 27.89 61.89
C ASN B 873 -45.76 29.02 61.98
N THR B 874 -44.47 28.66 62.03
CA THR B 874 -43.40 29.64 61.99
C THR B 874 -42.58 29.48 60.70
N VAL B 875 -41.58 30.35 60.52
CA VAL B 875 -40.88 30.37 59.24
C VAL B 875 -39.61 29.52 59.26
N LYS B 876 -38.96 29.36 60.43
CA LYS B 876 -37.75 28.55 60.44
C LYS B 876 -38.03 27.06 60.46
N ARG B 877 -39.27 26.66 60.77
CA ARG B 877 -39.68 25.29 60.49
C ARG B 877 -39.90 25.08 59.00
N MET B 878 -40.25 26.14 58.28
CA MET B 878 -40.35 26.04 56.82
C MET B 878 -38.95 25.99 56.19
N PHE B 879 -37.94 26.51 56.90
CA PHE B 879 -36.56 26.31 56.48
C PHE B 879 -36.05 24.90 56.81
N HIS B 880 -36.88 24.08 57.47
CA HIS B 880 -36.56 22.66 57.58
C HIS B 880 -37.55 21.82 56.76
N ASN B 881 -38.69 22.41 56.37
CA ASN B 881 -39.59 21.75 55.43
C ASN B 881 -38.93 21.61 54.06
N GLY B 882 -38.17 22.62 53.67
CA GLY B 882 -37.16 22.46 52.65
C GLY B 882 -35.81 22.57 53.32
N ARG B 883 -35.00 21.51 53.25
CA ARG B 883 -33.83 21.39 54.13
C ARG B 883 -32.74 22.39 53.77
N VAL B 884 -32.71 23.49 54.51
CA VAL B 884 -31.76 24.59 54.34
C VAL B 884 -31.28 25.02 55.72
N VAL B 885 -29.98 24.92 55.96
CA VAL B 885 -29.41 25.27 57.25
C VAL B 885 -28.96 26.73 57.20
N VAL B 886 -29.73 27.60 57.86
CA VAL B 886 -29.41 29.01 57.97
C VAL B 886 -29.44 29.39 59.44
N ASP B 887 -28.33 29.95 59.91
CA ASP B 887 -28.19 30.32 61.31
C ASP B 887 -28.92 31.62 61.64
N GLY B 888 -28.64 32.14 62.84
CA GLY B 888 -29.32 33.29 63.40
C GLY B 888 -29.22 34.59 62.63
N PRO B 889 -28.01 35.18 62.56
CA PRO B 889 -27.92 36.53 61.96
C PRO B 889 -28.04 36.57 60.45
N ALA B 890 -28.06 35.43 59.76
CA ALA B 890 -28.21 35.45 58.31
C ALA B 890 -29.65 35.73 57.91
N MET B 891 -30.61 35.14 58.63
CA MET B 891 -32.02 35.46 58.39
C MET B 891 -32.47 36.70 59.15
N LEU B 892 -31.59 37.34 59.92
CA LEU B 892 -31.94 38.52 60.68
C LEU B 892 -32.09 39.76 59.81
N THR B 893 -31.57 39.72 58.57
CA THR B 893 -31.70 40.83 57.63
C THR B 893 -33.02 40.82 56.87
N LEU B 894 -34.04 40.12 57.38
CA LEU B 894 -35.34 40.10 56.72
C LEU B 894 -36.15 41.36 57.05
N GLN B 895 -35.61 42.23 57.91
CA GLN B 895 -36.23 43.51 58.26
C GLN B 895 -36.18 44.53 57.13
N VAL B 896 -35.46 44.25 56.03
CA VAL B 896 -35.36 45.18 54.92
C VAL B 896 -36.62 45.10 54.06
N LEU B 897 -37.47 44.09 54.30
CA LEU B 897 -38.77 44.01 53.63
C LEU B 897 -39.71 45.13 54.06
N ALA B 898 -39.46 45.72 55.23
CA ALA B 898 -40.20 46.92 55.63
C ALA B 898 -39.82 48.12 54.77
N HIS B 899 -38.62 48.10 54.17
CA HIS B 899 -38.21 49.20 53.30
C HIS B 899 -38.75 49.01 51.89
N ASN B 900 -38.84 47.77 51.42
CA ASN B 900 -39.29 47.45 50.07
C ASN B 900 -40.09 46.16 50.09
N MET B 901 -41.31 46.20 49.56
CA MET B 901 -42.16 45.02 49.51
C MET B 901 -43.02 45.08 48.25
N ALA B 902 -43.98 44.16 48.15
CA ALA B 902 -44.98 44.13 47.09
C ALA B 902 -46.36 43.98 47.72
N GLU B 903 -47.38 44.47 47.02
CA GLU B 903 -48.72 44.44 47.61
C GLU B 903 -49.58 43.32 47.03
N ARG B 904 -49.49 43.08 45.72
CA ARG B 904 -50.37 42.14 45.04
C ARG B 904 -49.80 41.87 43.65
N THR B 905 -50.56 41.10 42.87
CA THR B 905 -50.30 40.90 41.46
C THR B 905 -51.42 41.55 40.64
N THR B 906 -51.16 41.77 39.36
CA THR B 906 -52.11 42.42 38.48
C THR B 906 -52.00 41.82 37.09
N ALA B 907 -53.14 41.48 36.49
CA ALA B 907 -53.15 40.99 35.12
C ALA B 907 -52.83 42.13 34.15
N LEU B 908 -51.92 41.87 33.22
CA LEU B 908 -51.44 42.86 32.26
C LEU B 908 -51.72 42.35 30.85
N LEU B 909 -52.74 42.91 30.21
CA LEU B 909 -53.12 42.55 28.85
C LEU B 909 -52.97 43.78 27.97
N CYS B 910 -51.84 43.89 27.28
CA CYS B 910 -51.57 44.99 26.36
C CYS B 910 -51.74 44.50 24.94
N SER B 911 -52.29 45.36 24.08
CA SER B 911 -52.44 45.07 22.66
C SER B 911 -51.24 45.59 21.88
N ALA B 912 -50.98 44.98 20.74
CA ALA B 912 -49.84 45.37 19.91
C ALA B 912 -50.27 45.37 18.45
N ALA B 913 -49.74 46.35 17.73
CA ALA B 913 -50.17 46.72 16.39
C ALA B 913 -49.13 46.32 15.37
N PRO B 914 -49.46 46.29 14.08
CA PRO B 914 -48.43 46.17 13.05
C PRO B 914 -47.48 47.36 13.06
N ASP B 915 -46.19 47.03 13.03
CA ASP B 915 -45.15 48.04 12.96
C ASP B 915 -44.87 48.44 11.52
N ALA B 916 -43.74 49.12 11.32
CA ALA B 916 -43.33 49.58 10.00
C ALA B 916 -43.12 48.40 9.06
N GLY B 917 -43.69 48.51 7.87
CA GLY B 917 -43.72 47.41 6.94
C GLY B 917 -44.97 46.58 7.09
N ALA B 918 -45.24 46.11 8.31
CA ALA B 918 -46.42 45.32 8.57
C ALA B 918 -47.70 46.16 8.55
N ASN B 919 -47.60 47.47 8.62
CA ASN B 919 -48.76 48.33 8.73
C ASN B 919 -49.07 48.96 7.39
N THR B 920 -50.08 48.41 6.72
CA THR B 920 -50.74 49.07 5.60
C THR B 920 -52.18 49.33 6.01
N ALA B 921 -52.99 49.70 5.03
CA ALA B 921 -54.38 50.02 5.27
C ALA B 921 -55.18 48.85 5.80
N SER B 922 -55.02 47.66 5.23
CA SER B 922 -55.78 46.50 5.65
C SER B 922 -55.39 46.02 7.03
N THR B 923 -54.11 46.04 7.38
CA THR B 923 -53.65 45.54 8.68
C THR B 923 -53.87 46.53 9.80
N ALA B 924 -54.57 47.63 9.55
CA ALA B 924 -54.91 48.52 10.65
C ALA B 924 -56.00 47.93 11.54
N ASN B 925 -56.59 46.78 11.16
CA ASN B 925 -57.60 46.11 11.95
C ASN B 925 -57.08 44.83 12.60
N MET B 926 -55.81 44.78 13.01
CA MET B 926 -55.32 43.62 13.71
C MET B 926 -54.58 44.03 14.99
N ARG B 927 -54.90 43.34 16.08
CA ARG B 927 -54.28 43.56 17.38
C ARG B 927 -53.45 42.33 17.75
N ILE B 928 -52.53 42.49 18.69
CA ILE B 928 -51.78 41.38 19.27
C ILE B 928 -51.86 41.54 20.78
N PHE B 929 -52.70 40.76 21.43
CA PHE B 929 -52.86 40.88 22.87
C PHE B 929 -51.83 40.01 23.58
N ASP B 930 -50.78 40.64 24.10
CA ASP B 930 -49.74 39.98 24.90
C ASP B 930 -50.22 39.90 26.34
N GLY B 931 -50.31 38.69 26.87
CA GLY B 931 -50.78 38.50 28.23
C GLY B 931 -49.67 38.15 29.21
N ALA B 932 -49.70 38.80 30.37
CA ALA B 932 -48.70 38.59 31.41
C ALA B 932 -49.23 39.09 32.74
N LEU B 933 -48.56 38.67 33.82
CA LEU B 933 -48.78 39.22 35.15
C LEU B 933 -47.65 40.16 35.52
N HIS B 934 -47.94 41.08 36.45
CA HIS B 934 -46.93 42.05 36.86
C HIS B 934 -45.95 41.43 37.84
N ALA B 935 -46.42 41.08 39.04
CA ALA B 935 -45.57 40.51 40.07
C ALA B 935 -45.91 39.03 40.21
N GLY B 936 -45.31 38.21 39.34
CA GLY B 936 -45.58 36.80 39.27
C GLY B 936 -44.35 35.94 39.45
N VAL B 937 -44.57 34.70 39.90
CA VAL B 937 -43.51 33.76 40.22
C VAL B 937 -43.73 32.48 39.42
N LEU B 938 -42.67 32.03 38.74
CA LEU B 938 -42.69 30.79 37.97
C LEU B 938 -42.40 29.60 38.87
N LEU B 939 -43.35 28.68 38.96
CA LEU B 939 -43.19 27.45 39.72
C LEU B 939 -42.62 26.39 38.79
N MET B 940 -41.50 25.79 39.20
CA MET B 940 -40.84 24.83 38.33
C MET B 940 -41.59 23.52 38.28
N ALA B 941 -41.70 22.84 39.42
CA ALA B 941 -42.48 21.62 39.48
C ALA B 941 -43.61 21.80 40.47
N PRO B 942 -44.88 21.75 40.05
CA PRO B 942 -45.96 21.77 41.04
C PRO B 942 -46.08 20.40 41.70
N GLN B 943 -45.52 20.30 42.88
CA GLN B 943 -45.65 19.12 43.72
C GLN B 943 -47.11 19.05 44.14
N HIS B 944 -47.85 18.11 43.57
CA HIS B 944 -49.26 17.98 43.85
C HIS B 944 -49.60 16.68 44.56
N LEU B 945 -48.62 15.82 44.82
CA LEU B 945 -48.85 14.69 45.68
C LEU B 945 -48.30 14.92 47.08
N ASP B 946 -48.31 16.16 47.53
CA ASP B 946 -48.18 16.54 48.93
C ASP B 946 -49.23 17.56 49.31
N HIS B 947 -49.73 17.46 50.53
CA HIS B 947 -50.50 18.53 51.14
C HIS B 947 -49.68 19.04 52.32
N THR B 948 -48.73 19.91 52.04
CA THR B 948 -47.89 20.46 53.10
C THR B 948 -48.47 21.80 53.55
N ILE B 949 -48.84 22.62 52.58
CA ILE B 949 -49.59 23.85 52.81
C ILE B 949 -50.91 23.67 52.05
N GLN B 950 -51.84 24.60 52.23
CA GLN B 950 -53.12 24.59 51.50
C GLN B 950 -52.87 24.73 50.01
N ASN B 951 -53.66 24.00 49.20
CA ASN B 951 -53.50 24.03 47.75
C ASN B 951 -53.90 25.39 47.21
N GLY B 952 -53.04 25.98 46.38
CA GLY B 952 -53.26 27.31 45.83
C GLY B 952 -53.29 28.40 46.87
N GLU B 953 -52.23 28.55 47.66
CA GLU B 953 -52.26 29.46 48.81
C GLU B 953 -51.51 30.73 48.47
N TYR B 954 -50.29 30.60 47.91
CA TYR B 954 -49.58 31.77 47.43
C TYR B 954 -49.66 31.82 45.91
N PHE B 955 -49.87 30.67 45.28
CA PHE B 955 -49.71 30.52 43.85
C PHE B 955 -50.91 29.78 43.27
N TYR B 956 -51.97 30.53 42.96
CA TYR B 956 -53.05 30.02 42.15
C TYR B 956 -52.61 30.02 40.69
N VAL B 957 -53.42 29.47 39.79
CA VAL B 957 -52.91 28.85 38.59
C VAL B 957 -52.52 29.89 37.52
N LEU B 958 -53.49 30.65 36.93
CA LEU B 958 -53.32 31.72 35.93
C LEU B 958 -52.19 31.59 34.92
N PRO B 959 -52.27 30.67 33.95
CA PRO B 959 -51.24 30.61 32.89
C PRO B 959 -51.24 31.86 32.02
N VAL B 960 -50.14 32.61 32.06
CA VAL B 960 -50.05 33.86 31.31
C VAL B 960 -49.92 33.59 29.82
N HIS B 961 -49.49 32.38 29.48
CA HIS B 961 -49.32 31.98 28.11
C HIS B 961 -49.36 30.47 28.08
N ALA B 962 -49.66 29.92 26.90
CA ALA B 962 -49.73 28.46 26.74
C ALA B 962 -48.39 27.79 26.95
N LEU B 963 -47.29 28.54 26.78
CA LEU B 963 -45.99 28.07 27.23
C LEU B 963 -45.95 27.89 28.74
N PHE B 964 -46.50 28.86 29.48
CA PHE B 964 -46.50 28.81 30.95
C PHE B 964 -47.83 28.28 31.43
N ALA B 965 -48.23 27.11 30.93
CA ALA B 965 -49.46 26.45 31.35
C ALA B 965 -49.11 25.05 31.80
N GLY B 966 -48.82 24.90 33.09
CA GLY B 966 -48.50 23.59 33.63
C GLY B 966 -49.73 22.70 33.63
N ALA B 967 -49.63 21.59 32.89
CA ALA B 967 -50.69 20.60 32.92
C ALA B 967 -50.79 19.96 34.30
N ASP B 968 -49.66 19.88 35.01
CA ASP B 968 -49.73 19.46 36.40
C ASP B 968 -50.09 20.61 37.33
N HIS B 969 -49.96 21.84 36.87
CA HIS B 969 -50.60 22.93 37.60
C HIS B 969 -52.11 22.89 37.43
N VAL B 970 -52.57 22.86 36.17
CA VAL B 970 -53.98 23.08 35.89
C VAL B 970 -54.83 21.91 36.35
N ALA B 971 -54.35 20.67 36.17
CA ALA B 971 -55.18 19.52 36.55
C ALA B 971 -55.09 19.22 38.04
N ASN B 972 -54.58 20.14 38.85
CA ASN B 972 -54.43 19.97 40.28
C ASN B 972 -54.89 21.18 41.08
N ALA B 973 -55.91 21.89 40.60
CA ALA B 973 -56.42 23.11 41.22
C ALA B 973 -57.22 22.78 42.48
N PRO B 974 -57.44 23.75 43.39
CA PRO B 974 -58.38 23.49 44.50
C PRO B 974 -59.82 23.30 44.04
N ASN B 975 -60.21 23.91 42.93
CA ASN B 975 -61.53 23.71 42.32
C ASN B 975 -61.33 23.47 40.83
N PHE B 976 -61.65 22.26 40.38
CA PHE B 976 -61.46 21.86 39.00
C PHE B 976 -62.67 21.04 38.56
N PRO B 977 -63.23 21.29 37.38
CA PRO B 977 -64.45 20.58 36.95
C PRO B 977 -64.18 19.10 36.71
N PRO B 978 -65.21 18.25 36.83
CA PRO B 978 -64.96 16.79 36.72
C PRO B 978 -64.75 16.29 35.29
N ALA B 979 -65.16 17.05 34.27
CA ALA B 979 -65.05 16.55 32.90
C ALA B 979 -63.67 16.77 32.30
N LEU B 980 -62.98 17.84 32.67
CA LEU B 980 -61.68 18.15 32.07
C LEU B 980 -60.53 17.51 32.79
N ARG B 981 -60.76 16.39 33.48
CA ARG B 981 -59.66 15.64 34.07
C ARG B 981 -58.76 15.04 33.00
N ASP B 982 -59.34 14.70 31.85
CA ASP B 982 -58.55 14.13 30.78
C ASP B 982 -58.11 15.19 29.77
N LEU B 983 -59.03 16.07 29.39
CA LEU B 983 -58.80 16.91 28.23
C LEU B 983 -57.92 18.11 28.55
N ALA B 984 -57.72 18.42 29.83
CA ALA B 984 -56.86 19.55 30.18
C ALA B 984 -55.39 19.25 29.96
N ARG B 985 -55.03 18.00 29.68
CA ARG B 985 -53.64 17.69 29.36
C ARG B 985 -53.33 18.00 27.90
N HIS B 986 -54.34 17.85 27.04
CA HIS B 986 -54.23 18.28 25.65
C HIS B 986 -54.15 19.79 25.54
N VAL B 987 -54.91 20.50 26.36
CA VAL B 987 -55.19 21.92 26.19
C VAL B 987 -54.38 22.70 27.21
N PRO B 988 -53.52 23.59 26.79
CA PRO B 988 -52.96 24.58 27.71
C PRO B 988 -53.99 25.65 28.03
N LEU B 989 -54.80 25.43 29.07
CA LEU B 989 -55.89 26.32 29.43
C LEU B 989 -55.36 27.69 29.82
N VAL B 990 -55.55 28.67 28.95
CA VAL B 990 -55.09 30.03 29.18
C VAL B 990 -56.29 30.96 29.03
N PRO B 991 -56.66 31.73 30.05
CA PRO B 991 -57.84 32.59 29.96
C PRO B 991 -57.56 33.79 29.07
N PRO B 992 -58.56 34.24 28.31
CA PRO B 992 -58.32 35.36 27.37
C PRO B 992 -58.16 36.72 28.04
N ALA B 993 -58.42 36.83 29.34
CA ALA B 993 -58.02 38.04 30.06
C ALA B 993 -56.50 38.13 30.18
N LEU B 994 -55.82 36.99 30.21
CA LEU B 994 -54.37 36.92 30.13
C LEU B 994 -53.89 36.56 28.73
N GLY B 995 -54.65 36.89 27.69
CA GLY B 995 -54.29 36.60 26.33
C GLY B 995 -54.92 35.32 25.81
N ALA B 996 -55.37 35.40 24.57
CA ALA B 996 -55.99 34.27 23.90
C ALA B 996 -54.94 33.52 23.12
N ASN B 997 -55.35 32.37 22.59
CA ASN B 997 -54.45 31.54 21.82
C ASN B 997 -54.06 32.24 20.53
N TYR B 998 -55.02 32.90 19.90
CA TYR B 998 -54.78 33.39 18.55
C TYR B 998 -54.44 34.87 18.55
N PHE B 999 -54.14 35.44 19.72
CA PHE B 999 -53.90 36.88 19.84
C PHE B 999 -52.70 37.21 20.67
N SER B 1000 -52.05 36.22 21.26
CA SER B 1000 -50.74 36.43 21.84
C SER B 1000 -49.72 36.56 20.71
N SER B 1001 -48.54 37.09 21.05
CA SER B 1001 -47.46 37.15 20.06
C SER B 1001 -46.97 35.76 19.72
N ILE B 1002 -47.07 34.84 20.67
CA ILE B 1002 -46.66 33.46 20.50
C ILE B 1002 -47.90 32.60 20.61
N ARG B 1003 -48.06 31.68 19.68
CA ARG B 1003 -49.24 30.82 19.63
C ARG B 1003 -48.87 29.39 19.96
N GLN B 1004 -49.90 28.53 19.99
CA GLN B 1004 -49.73 27.11 20.25
C GLN B 1004 -48.70 26.37 19.38
N PRO B 1005 -48.51 26.63 18.07
CA PRO B 1005 -47.48 25.87 17.34
C PRO B 1005 -46.04 26.12 17.77
N VAL B 1006 -45.79 27.07 18.67
CA VAL B 1006 -44.48 27.12 19.30
C VAL B 1006 -44.52 26.36 20.63
N VAL B 1007 -45.72 26.24 21.21
CA VAL B 1007 -45.86 25.57 22.50
C VAL B 1007 -45.66 24.06 22.33
N GLN B 1008 -46.23 23.49 21.28
CA GLN B 1008 -46.06 22.07 21.03
C GLN B 1008 -44.64 21.76 20.56
N HIS B 1009 -43.94 22.77 20.03
CA HIS B 1009 -42.51 22.64 19.77
C HIS B 1009 -41.73 22.37 21.05
N ALA B 1010 -42.15 22.96 22.16
CA ALA B 1010 -41.44 22.76 23.42
C ALA B 1010 -41.60 21.34 23.93
N ARG B 1011 -42.83 20.90 24.13
CA ARG B 1011 -43.07 19.63 24.79
C ARG B 1011 -43.05 18.43 23.86
N GLU B 1012 -42.40 18.53 22.70
CA GLU B 1012 -42.31 17.39 21.81
C GLU B 1012 -40.93 17.28 21.16
N SER B 1013 -40.10 18.31 21.27
CA SER B 1013 -38.78 18.30 20.67
C SER B 1013 -37.85 17.34 21.40
N ALA B 1014 -37.13 16.54 20.62
CA ALA B 1014 -36.17 15.59 21.15
C ALA B 1014 -34.74 16.05 21.00
N ALA B 1015 -34.52 17.21 20.38
CA ALA B 1015 -33.17 17.68 20.17
C ALA B 1015 -32.58 18.20 21.47
N GLY B 1016 -31.27 18.41 21.45
CA GLY B 1016 -30.56 18.91 22.61
C GLY B 1016 -30.95 20.34 22.93
N GLU B 1017 -30.94 20.64 24.24
CA GLU B 1017 -31.47 21.90 24.76
C GLU B 1017 -30.65 23.10 24.33
N ASN B 1018 -29.39 22.88 23.95
CA ASN B 1018 -28.65 23.94 23.26
C ASN B 1018 -29.28 24.24 21.92
N ALA B 1019 -29.39 23.24 21.05
CA ALA B 1019 -29.94 23.46 19.72
C ALA B 1019 -31.44 23.75 19.79
N LEU B 1020 -32.11 23.23 20.82
CA LEU B 1020 -33.49 23.60 21.09
C LEU B 1020 -33.64 25.09 21.38
N THR B 1021 -32.66 25.70 22.03
CA THR B 1021 -32.79 27.08 22.44
C THR B 1021 -32.66 28.03 21.26
N TYR B 1022 -31.76 27.74 20.32
CA TYR B 1022 -31.50 28.64 19.20
C TYR B 1022 -32.68 28.73 18.24
N ALA B 1023 -33.28 27.60 17.87
CA ALA B 1023 -34.40 27.64 16.94
C ALA B 1023 -35.63 28.25 17.59
N LEU B 1024 -35.76 28.11 18.90
CA LEU B 1024 -36.85 28.76 19.60
C LEU B 1024 -36.67 30.26 19.60
N MET B 1025 -35.41 30.71 19.66
CA MET B 1025 -35.12 32.11 19.40
C MET B 1025 -35.36 32.46 17.94
N ALA B 1026 -34.84 31.64 17.02
CA ALA B 1026 -34.96 31.89 15.59
C ALA B 1026 -36.39 31.76 15.09
N GLY B 1027 -37.24 31.04 15.82
CA GLY B 1027 -38.65 31.04 15.51
C GLY B 1027 -39.36 32.33 15.84
N TYR B 1028 -38.67 33.28 16.47
CA TYR B 1028 -39.27 34.55 16.83
C TYR B 1028 -38.80 35.70 15.97
N PHE B 1029 -38.37 35.43 14.75
CA PHE B 1029 -38.16 36.51 13.80
C PHE B 1029 -39.49 36.90 13.15
N LYS B 1030 -39.72 38.21 13.06
CA LYS B 1030 -41.01 38.73 12.63
C LYS B 1030 -41.28 38.44 11.17
N MET B 1031 -42.55 38.60 10.79
CA MET B 1031 -42.95 38.46 9.39
C MET B 1031 -43.49 39.77 8.81
N SER B 1032 -42.82 40.88 9.08
CA SER B 1032 -43.05 42.10 8.32
C SER B 1032 -42.25 42.00 7.03
N PRO B 1033 -42.60 42.79 6.01
CA PRO B 1033 -41.71 42.88 4.85
C PRO B 1033 -40.39 43.56 5.18
N VAL B 1034 -40.34 44.35 6.25
CA VAL B 1034 -39.08 44.87 6.72
C VAL B 1034 -38.20 43.75 7.26
N ALA B 1035 -38.78 42.86 8.05
CA ALA B 1035 -38.01 41.81 8.71
C ALA B 1035 -37.46 40.82 7.69
N LEU B 1036 -38.28 40.42 6.72
CA LEU B 1036 -37.82 39.49 5.70
C LEU B 1036 -36.80 40.12 4.78
N TYR B 1037 -36.79 41.46 4.68
CA TYR B 1037 -35.76 42.14 3.91
C TYR B 1037 -34.38 41.94 4.49
N HIS B 1038 -34.27 41.86 5.81
CA HIS B 1038 -32.98 41.55 6.41
C HIS B 1038 -32.64 40.09 6.25
N GLN B 1039 -33.56 39.20 6.62
CA GLN B 1039 -33.24 37.79 6.85
C GLN B 1039 -32.93 37.08 5.54
N LEU B 1040 -33.61 37.49 4.47
CA LEU B 1040 -33.31 36.91 3.17
C LEU B 1040 -31.99 37.43 2.63
N LYS B 1041 -31.73 38.72 2.83
CA LYS B 1041 -30.43 39.27 2.44
C LYS B 1041 -29.32 38.81 3.37
N THR B 1042 -29.67 38.38 4.57
CA THR B 1042 -28.68 37.80 5.45
C THR B 1042 -28.47 36.32 5.18
N GLY B 1043 -29.53 35.59 4.86
CA GLY B 1043 -29.42 34.18 4.59
C GLY B 1043 -30.16 33.30 5.56
N LEU B 1044 -31.10 33.84 6.32
CA LEU B 1044 -31.93 33.06 7.23
C LEU B 1044 -33.13 32.52 6.47
N HIS B 1045 -33.50 31.28 6.76
CA HIS B 1045 -34.70 30.73 6.17
C HIS B 1045 -35.87 31.03 7.10
N PRO B 1046 -36.80 31.87 6.73
CA PRO B 1046 -37.86 32.29 7.65
C PRO B 1046 -39.07 31.35 7.68
N GLY B 1047 -38.82 30.05 7.69
CA GLY B 1047 -39.85 29.08 7.99
C GLY B 1047 -40.75 28.62 6.87
N PHE B 1048 -40.68 29.23 5.68
CA PHE B 1048 -41.47 28.75 4.56
C PHE B 1048 -40.67 28.91 3.27
N GLY B 1049 -41.14 28.23 2.22
CA GLY B 1049 -40.39 28.14 0.98
C GLY B 1049 -41.17 28.72 -0.18
N PHE B 1050 -40.75 28.35 -1.37
CA PHE B 1050 -41.23 28.97 -2.59
C PHE B 1050 -41.51 27.95 -3.67
N THR B 1051 -41.89 28.43 -4.84
CA THR B 1051 -41.88 27.64 -6.06
C THR B 1051 -41.49 28.57 -7.21
N VAL B 1052 -40.69 28.06 -8.13
CA VAL B 1052 -40.07 28.88 -9.17
C VAL B 1052 -40.72 28.53 -10.49
N VAL B 1053 -41.27 29.54 -11.17
CA VAL B 1053 -41.86 29.37 -12.48
C VAL B 1053 -41.22 30.34 -13.47
N ARG B 1054 -40.70 29.82 -14.57
CA ARG B 1054 -40.21 30.64 -15.65
C ARG B 1054 -41.05 30.40 -16.90
N GLN B 1055 -40.86 31.25 -17.89
CA GLN B 1055 -41.38 31.04 -19.23
C GLN B 1055 -40.20 30.79 -20.14
N ASP B 1056 -40.39 29.96 -21.17
CA ASP B 1056 -39.28 29.69 -22.07
C ASP B 1056 -39.79 29.71 -23.50
N ARG B 1057 -38.87 29.78 -24.47
CA ARG B 1057 -39.24 29.87 -25.87
C ARG B 1057 -38.24 29.10 -26.73
N PHE B 1058 -38.78 28.24 -27.59
CA PHE B 1058 -37.97 27.32 -28.36
C PHE B 1058 -38.22 27.53 -29.84
N VAL B 1059 -37.17 27.38 -30.63
CA VAL B 1059 -37.24 27.39 -32.08
C VAL B 1059 -37.40 25.95 -32.53
N THR B 1060 -38.47 25.65 -33.24
CA THR B 1060 -38.70 24.31 -33.74
C THR B 1060 -38.37 24.24 -35.22
N GLU B 1061 -38.16 23.02 -35.70
CA GLU B 1061 -38.11 22.73 -37.13
C GLU B 1061 -39.23 21.75 -37.42
N ASN B 1062 -40.08 22.08 -38.39
CA ASN B 1062 -41.34 21.38 -38.57
C ASN B 1062 -41.39 20.74 -39.95
N VAL B 1063 -42.19 19.68 -40.06
CA VAL B 1063 -42.50 19.06 -41.35
C VAL B 1063 -43.98 19.30 -41.61
N LEU B 1064 -44.40 19.10 -42.85
CA LEU B 1064 -45.78 19.38 -43.22
C LEU B 1064 -46.23 18.46 -44.35
N PHE B 1065 -47.23 17.64 -44.05
CA PHE B 1065 -47.76 16.62 -44.95
C PHE B 1065 -49.27 16.76 -45.06
N SER B 1066 -49.80 16.49 -46.25
CA SER B 1066 -51.22 16.72 -46.48
C SER B 1066 -51.87 15.58 -47.24
N GLU B 1067 -53.16 15.76 -47.53
CA GLU B 1067 -53.90 14.92 -48.46
C GLU B 1067 -54.08 15.68 -49.77
N ARG B 1068 -54.87 15.14 -50.68
CA ARG B 1068 -55.04 15.75 -52.00
C ARG B 1068 -56.08 16.86 -52.00
N ALA B 1069 -57.33 16.50 -51.80
CA ALA B 1069 -58.45 17.43 -51.91
C ALA B 1069 -58.63 18.08 -50.55
N SER B 1070 -57.63 18.85 -50.14
CA SER B 1070 -57.65 19.52 -48.87
C SER B 1070 -58.23 20.92 -48.93
N GLU B 1071 -58.42 21.47 -50.13
CA GLU B 1071 -58.69 22.88 -50.22
C GLU B 1071 -59.31 23.28 -51.55
N ALA B 1072 -60.40 24.04 -51.48
CA ALA B 1072 -60.97 24.74 -52.64
C ALA B 1072 -60.50 26.18 -52.70
N TYR B 1073 -59.34 26.42 -53.29
CA TYR B 1073 -58.70 27.72 -53.21
C TYR B 1073 -59.14 28.64 -54.35
N PHE B 1074 -59.75 29.76 -53.99
CA PHE B 1074 -60.36 30.66 -54.96
C PHE B 1074 -59.51 31.88 -55.23
N LEU B 1075 -59.77 32.54 -56.35
CA LEU B 1075 -59.01 33.71 -56.77
C LEU B 1075 -59.96 34.81 -57.20
N GLY B 1076 -59.48 36.04 -57.11
CA GLY B 1076 -60.28 37.23 -57.34
C GLY B 1076 -59.78 38.07 -58.49
N GLN B 1077 -59.52 39.35 -58.19
CA GLN B 1077 -59.31 40.35 -59.22
C GLN B 1077 -58.43 41.45 -58.63
N LEU B 1078 -58.16 42.50 -59.40
CA LEU B 1078 -56.97 43.32 -59.16
C LEU B 1078 -57.26 44.57 -58.32
N GLN B 1079 -58.17 45.44 -58.79
CA GLN B 1079 -58.67 46.67 -58.15
C GLN B 1079 -57.53 47.56 -57.61
N VAL B 1080 -56.81 48.14 -58.57
CA VAL B 1080 -55.74 49.09 -58.31
C VAL B 1080 -56.29 50.32 -57.57
N ALA B 1081 -55.47 50.90 -56.68
CA ALA B 1081 -55.82 52.12 -55.96
C ALA B 1081 -54.57 52.96 -55.76
N ARG B 1082 -54.72 54.29 -55.72
CA ARG B 1082 -53.56 55.16 -55.88
C ARG B 1082 -53.12 55.80 -54.55
N HIS B 1083 -53.99 56.65 -53.95
CA HIS B 1083 -53.76 57.39 -52.68
C HIS B 1083 -52.36 58.00 -52.57
N GLU B 1084 -52.10 59.02 -53.40
CA GLU B 1084 -50.93 59.20 -54.29
C GLU B 1084 -49.64 58.80 -53.58
N THR B 1085 -49.04 59.68 -52.75
CA THR B 1085 -48.11 59.48 -51.64
C THR B 1085 -47.67 60.88 -51.23
N GLY B 1086 -46.87 60.99 -50.17
CA GLY B 1086 -46.03 62.16 -49.96
C GLY B 1086 -44.87 62.14 -50.95
N GLY B 1087 -44.96 62.99 -51.97
CA GLY B 1087 -43.89 63.14 -52.94
C GLY B 1087 -43.78 62.03 -53.96
N GLY B 1088 -44.75 61.92 -54.86
CA GLY B 1088 -44.69 60.96 -55.95
C GLY B 1088 -46.07 60.38 -56.19
N VAL B 1089 -46.09 59.22 -56.86
CA VAL B 1089 -47.33 58.49 -57.12
C VAL B 1089 -47.09 57.03 -56.78
N ASN B 1090 -47.94 56.46 -55.93
CA ASN B 1090 -47.94 55.02 -55.73
C ASN B 1090 -49.18 54.38 -56.34
N PHE B 1091 -49.14 53.06 -56.37
CA PHE B 1091 -50.32 52.25 -56.63
C PHE B 1091 -50.22 51.00 -55.78
N THR B 1092 -51.36 50.44 -55.40
CA THR B 1092 -51.39 49.17 -54.72
C THR B 1092 -52.06 48.13 -55.61
N LEU B 1093 -51.67 46.88 -55.44
CA LEU B 1093 -52.27 45.78 -56.16
C LEU B 1093 -52.72 44.73 -55.17
N THR B 1094 -54.00 44.38 -55.23
CA THR B 1094 -54.58 43.55 -54.19
C THR B 1094 -55.45 42.47 -54.84
N GLN B 1095 -55.98 41.58 -54.01
CA GLN B 1095 -56.79 40.45 -54.45
C GLN B 1095 -57.56 39.85 -53.29
N PRO B 1096 -58.86 39.64 -53.42
CA PRO B 1096 -59.57 38.82 -52.44
C PRO B 1096 -59.44 37.35 -52.78
N ARG B 1097 -59.33 36.52 -51.75
CA ARG B 1097 -59.11 35.09 -51.92
C ARG B 1097 -59.90 34.33 -50.87
N GLY B 1098 -60.64 33.32 -51.33
CA GLY B 1098 -61.48 32.53 -50.47
C GLY B 1098 -61.01 31.09 -50.41
N ASN B 1099 -61.44 30.38 -49.38
CA ASN B 1099 -60.83 29.10 -49.08
C ASN B 1099 -61.79 28.21 -48.28
N VAL B 1100 -61.75 26.91 -48.59
CA VAL B 1100 -62.70 25.94 -48.05
C VAL B 1100 -61.96 24.73 -47.50
N ASP B 1101 -62.19 24.44 -46.23
CA ASP B 1101 -61.67 23.24 -45.61
C ASP B 1101 -62.49 22.02 -46.02
N LEU B 1102 -62.06 21.35 -47.09
CA LEU B 1102 -62.74 20.16 -47.61
C LEU B 1102 -62.60 18.93 -46.74
N GLY B 1103 -61.78 18.97 -45.69
CA GLY B 1103 -61.58 17.80 -44.87
C GLY B 1103 -62.80 17.50 -44.04
N VAL B 1104 -63.32 16.29 -44.18
CA VAL B 1104 -64.41 15.82 -43.34
C VAL B 1104 -63.97 15.82 -41.88
N GLY B 1105 -62.80 15.28 -41.62
CA GLY B 1105 -62.17 15.43 -40.32
C GLY B 1105 -60.69 15.17 -40.45
N TYR B 1106 -59.90 16.10 -39.90
CA TYR B 1106 -58.46 15.92 -39.65
C TYR B 1106 -57.64 15.62 -40.90
N THR B 1107 -57.51 16.65 -41.71
CA THR B 1107 -56.64 16.74 -42.87
C THR B 1107 -55.21 17.00 -42.38
N ALA B 1108 -54.39 17.63 -43.24
CA ALA B 1108 -52.96 17.85 -43.14
C ALA B 1108 -52.37 18.07 -41.74
N VAL B 1109 -51.24 17.43 -41.46
CA VAL B 1109 -50.70 17.39 -40.11
C VAL B 1109 -49.29 17.95 -40.14
N ALA B 1110 -48.79 18.38 -38.99
CA ALA B 1110 -47.42 18.89 -38.87
C ALA B 1110 -46.77 18.27 -37.63
N ALA B 1111 -45.46 18.10 -37.69
CA ALA B 1111 -44.69 17.57 -36.58
C ALA B 1111 -43.57 18.54 -36.24
N THR B 1112 -42.71 18.14 -35.31
CA THR B 1112 -41.51 18.88 -34.96
C THR B 1112 -40.33 17.95 -35.11
N GLY B 1113 -39.20 18.47 -35.58
CA GLY B 1113 -38.07 17.58 -35.85
C GLY B 1113 -36.87 17.83 -34.95
N THR B 1114 -36.31 19.02 -34.98
CA THR B 1114 -35.14 19.34 -34.16
C THR B 1114 -35.30 20.74 -33.61
N VAL B 1115 -34.34 21.13 -32.79
CA VAL B 1115 -34.32 22.44 -32.13
C VAL B 1115 -33.08 23.17 -32.58
N ARG B 1116 -33.25 24.37 -33.10
CA ARG B 1116 -32.12 25.20 -33.47
C ARG B 1116 -31.54 25.85 -32.22
N ASN B 1117 -32.33 26.65 -31.52
CA ASN B 1117 -31.89 27.28 -30.29
C ASN B 1117 -33.08 27.67 -29.43
N PRO B 1118 -32.97 27.49 -28.11
CA PRO B 1118 -33.96 28.05 -27.19
C PRO B 1118 -33.73 29.51 -26.87
N VAL B 1119 -34.34 30.44 -27.61
CA VAL B 1119 -34.06 31.87 -27.64
C VAL B 1119 -33.82 32.54 -26.28
N THR B 1120 -34.70 32.30 -25.32
CA THR B 1120 -34.54 32.97 -24.05
C THR B 1120 -33.49 32.28 -23.19
N ASP B 1121 -32.99 33.00 -22.18
CA ASP B 1121 -31.74 32.63 -21.52
C ASP B 1121 -31.89 31.51 -20.49
N MET B 1122 -33.11 30.99 -20.28
CA MET B 1122 -33.42 30.02 -19.22
C MET B 1122 -33.09 30.55 -17.82
N GLY B 1123 -33.81 31.58 -17.39
CA GLY B 1123 -33.92 31.83 -15.96
C GLY B 1123 -33.09 32.95 -15.38
N ASN B 1124 -32.91 32.89 -14.05
CA ASN B 1124 -32.11 33.81 -13.24
C ASN B 1124 -32.58 35.26 -13.34
N LEU B 1125 -33.77 35.54 -12.82
CA LEU B 1125 -34.29 36.90 -12.78
C LEU B 1125 -35.34 37.06 -11.69
N PRO B 1126 -35.22 38.08 -10.84
CA PRO B 1126 -36.29 38.39 -9.90
C PRO B 1126 -37.57 38.86 -10.57
N GLN B 1127 -38.68 38.76 -9.86
CA GLN B 1127 -39.94 39.38 -10.24
C GLN B 1127 -40.16 40.59 -9.35
N ASN B 1128 -39.93 41.78 -9.90
CA ASN B 1128 -40.01 43.00 -9.13
C ASN B 1128 -41.43 43.54 -9.17
N PHE B 1129 -42.11 43.49 -8.03
CA PHE B 1129 -43.47 43.98 -7.93
C PHE B 1129 -43.59 45.49 -7.83
N TYR B 1130 -42.47 46.20 -7.69
CA TYR B 1130 -42.52 47.65 -7.69
C TYR B 1130 -42.64 48.24 -9.09
N LEU B 1131 -42.65 47.39 -10.13
CA LEU B 1131 -42.87 47.88 -11.49
C LEU B 1131 -44.31 48.32 -11.67
N GLY B 1132 -45.25 47.43 -11.39
CA GLY B 1132 -46.66 47.78 -11.38
C GLY B 1132 -47.03 48.46 -10.09
N ARG B 1133 -48.31 48.81 -9.96
CA ARG B 1133 -48.81 49.48 -8.76
C ARG B 1133 -50.31 49.19 -8.62
N GLY B 1134 -50.63 48.33 -7.65
CA GLY B 1134 -52.01 48.07 -7.28
C GLY B 1134 -52.27 48.01 -5.80
N ALA B 1135 -51.25 48.05 -4.96
CA ALA B 1135 -51.45 47.89 -3.53
C ALA B 1135 -51.39 49.24 -2.84
N PRO B 1136 -52.04 49.38 -1.69
CA PRO B 1136 -51.81 50.57 -0.87
C PRO B 1136 -50.38 50.58 -0.37
N PRO B 1137 -49.80 51.76 -0.22
CA PRO B 1137 -48.42 51.87 0.29
C PRO B 1137 -48.40 51.59 1.79
N LEU B 1138 -47.21 51.74 2.37
CA LEU B 1138 -47.12 51.65 3.83
C LEU B 1138 -47.75 52.86 4.48
N LEU B 1139 -48.29 52.65 5.67
CA LEU B 1139 -48.83 53.72 6.47
C LEU B 1139 -47.75 54.58 7.08
N ASP B 1140 -46.60 54.01 7.39
CA ASP B 1140 -45.43 54.77 7.79
C ASP B 1140 -44.70 55.20 6.53
N ASN B 1141 -44.85 56.47 6.17
CA ASN B 1141 -44.39 56.93 4.86
C ASN B 1141 -42.87 57.01 4.83
N ALA B 1142 -42.24 57.21 5.98
CA ALA B 1142 -40.78 57.08 6.06
C ALA B 1142 -40.35 55.65 5.81
N ALA B 1143 -41.13 54.68 6.29
CA ALA B 1143 -40.84 53.29 5.97
C ALA B 1143 -41.18 52.98 4.53
N ALA B 1144 -42.19 53.66 3.98
CA ALA B 1144 -42.63 53.39 2.62
C ALA B 1144 -41.56 53.78 1.62
N VAL B 1145 -40.95 54.95 1.81
CA VAL B 1145 -39.88 55.34 0.92
C VAL B 1145 -38.61 54.56 1.19
N TYR B 1146 -38.44 54.00 2.40
CA TYR B 1146 -37.26 53.20 2.65
C TYR B 1146 -37.40 51.82 2.05
N LEU B 1147 -38.54 51.16 2.28
CA LEU B 1147 -38.71 49.78 1.87
C LEU B 1147 -38.79 49.67 0.36
N ARG B 1148 -39.24 50.74 -0.30
CA ARG B 1148 -39.26 50.80 -1.75
C ARG B 1148 -37.85 50.72 -2.32
N ASN B 1149 -37.04 51.74 -2.04
CA ASN B 1149 -35.69 51.72 -2.61
C ASN B 1149 -34.75 50.80 -1.85
N ALA B 1150 -35.22 50.13 -0.81
CA ALA B 1150 -34.55 48.91 -0.35
C ALA B 1150 -34.46 47.90 -1.47
N VAL B 1151 -35.54 47.78 -2.25
CA VAL B 1151 -35.53 46.85 -3.38
C VAL B 1151 -35.07 47.57 -4.64
N VAL B 1152 -35.70 48.71 -4.93
CA VAL B 1152 -35.66 49.40 -6.21
C VAL B 1152 -34.25 49.79 -6.66
N ALA B 1153 -33.37 50.12 -5.71
CA ALA B 1153 -32.07 50.75 -5.90
C ALA B 1153 -31.18 50.19 -7.01
N GLY B 1154 -31.01 48.87 -7.07
CA GLY B 1154 -30.05 48.33 -8.02
C GLY B 1154 -30.38 47.03 -8.72
N ASN B 1155 -31.64 46.79 -9.07
CA ASN B 1155 -32.01 45.53 -9.70
C ASN B 1155 -31.55 45.47 -11.15
N ARG B 1156 -31.59 44.25 -11.70
CA ARG B 1156 -31.49 44.10 -13.16
C ARG B 1156 -32.65 44.79 -13.85
N LEU B 1157 -33.85 44.66 -13.28
CA LEU B 1157 -35.02 45.43 -13.70
C LEU B 1157 -35.62 46.13 -12.49
N GLY B 1158 -35.44 47.45 -12.44
CA GLY B 1158 -35.96 48.24 -11.38
C GLY B 1158 -36.59 49.50 -11.93
N PRO B 1159 -37.53 50.08 -11.18
CA PRO B 1159 -38.14 51.34 -11.62
C PRO B 1159 -37.16 52.48 -11.42
N ALA B 1160 -36.48 52.85 -12.49
CA ALA B 1160 -35.57 53.99 -12.43
C ALA B 1160 -36.30 55.21 -12.96
N GLN B 1161 -35.82 56.42 -12.57
CA GLN B 1161 -36.31 57.76 -12.90
C GLN B 1161 -37.84 57.82 -12.75
N PRO B 1162 -38.30 57.99 -11.50
CA PRO B 1162 -39.49 57.28 -10.99
C PRO B 1162 -40.81 57.59 -11.69
N LEU B 1163 -41.82 56.81 -11.29
CA LEU B 1163 -42.91 56.34 -12.14
C LEU B 1163 -43.65 57.44 -12.88
N PRO B 1164 -43.49 57.54 -14.20
CA PRO B 1164 -44.39 58.37 -14.98
C PRO B 1164 -45.75 57.71 -15.09
N VAL B 1165 -46.79 58.54 -15.13
CA VAL B 1165 -48.16 58.07 -15.28
C VAL B 1165 -48.30 57.50 -16.69
N PHE B 1166 -48.09 58.33 -17.70
CA PHE B 1166 -48.01 57.91 -19.09
C PHE B 1166 -46.68 57.21 -19.31
N GLY B 1167 -46.72 56.04 -19.91
CA GLY B 1167 -45.55 55.20 -20.03
C GLY B 1167 -45.55 54.14 -18.96
N CYS B 1168 -44.48 53.36 -18.94
CA CYS B 1168 -44.37 52.23 -18.03
C CYS B 1168 -43.17 52.38 -17.13
N ALA B 1169 -43.10 51.53 -16.12
CA ALA B 1169 -41.87 51.35 -15.36
C ALA B 1169 -40.81 50.66 -16.17
N GLN B 1170 -40.12 51.39 -17.05
CA GLN B 1170 -39.17 50.84 -18.01
C GLN B 1170 -38.03 50.10 -17.32
N VAL B 1171 -37.80 48.88 -17.77
CA VAL B 1171 -36.56 48.16 -17.47
C VAL B 1171 -35.41 49.02 -17.99
N PRO B 1172 -34.39 49.29 -17.18
CA PRO B 1172 -33.25 50.05 -17.68
C PRO B 1172 -32.51 49.25 -18.75
N ARG B 1173 -32.26 49.91 -19.88
CA ARG B 1173 -31.67 49.23 -21.01
C ARG B 1173 -30.22 48.86 -20.70
N ARG B 1174 -29.83 47.68 -21.17
CA ARG B 1174 -28.52 47.14 -20.90
C ARG B 1174 -27.63 47.40 -22.11
N ALA B 1175 -26.37 47.72 -21.84
CA ALA B 1175 -25.46 48.03 -22.94
C ALA B 1175 -25.04 46.77 -23.67
N GLY B 1176 -25.10 45.63 -23.00
CA GLY B 1176 -24.66 44.38 -23.60
C GLY B 1176 -25.43 43.19 -23.09
N MET B 1177 -25.82 42.32 -24.01
CA MET B 1177 -26.51 41.09 -23.68
C MET B 1177 -25.98 39.98 -24.57
N ASP B 1178 -25.82 38.79 -23.99
CA ASP B 1178 -25.08 37.71 -24.63
C ASP B 1178 -25.93 36.50 -24.94
N HIS B 1179 -26.62 35.93 -23.95
CA HIS B 1179 -27.21 34.62 -24.17
C HIS B 1179 -28.48 34.70 -24.99
N GLY B 1180 -29.45 35.46 -24.55
CA GLY B 1180 -30.70 35.57 -25.26
C GLY B 1180 -31.69 36.38 -24.46
N GLN B 1181 -32.96 36.09 -24.68
CA GLN B 1181 -34.02 36.86 -24.06
C GLN B 1181 -34.08 36.51 -22.58
N ASP B 1182 -34.56 37.43 -21.76
CA ASP B 1182 -34.53 37.21 -20.33
C ASP B 1182 -35.81 36.53 -19.86
N ALA B 1183 -35.68 35.29 -19.39
CA ALA B 1183 -36.81 34.62 -18.78
C ALA B 1183 -37.05 35.20 -17.39
N VAL B 1184 -38.33 35.39 -17.04
CA VAL B 1184 -38.69 36.06 -15.81
C VAL B 1184 -39.18 35.03 -14.81
N CYS B 1185 -38.33 34.67 -13.85
CA CYS B 1185 -38.71 33.73 -12.82
C CYS B 1185 -39.63 34.41 -11.81
N GLU B 1186 -40.63 33.69 -11.36
CA GLU B 1186 -41.63 34.22 -10.44
C GLU B 1186 -41.87 33.24 -9.31
N PHE B 1187 -42.35 33.76 -8.19
CA PHE B 1187 -42.34 33.05 -6.92
C PHE B 1187 -43.75 32.99 -6.35
N ILE B 1188 -44.07 31.89 -5.69
CA ILE B 1188 -45.27 31.76 -4.84
C ILE B 1188 -44.84 31.06 -3.56
N ALA B 1189 -45.23 31.61 -2.41
CA ALA B 1189 -44.84 31.07 -1.12
C ALA B 1189 -45.47 29.71 -0.88
N THR B 1190 -44.65 28.72 -0.54
CA THR B 1190 -45.05 27.36 -0.28
C THR B 1190 -44.57 26.91 1.09
N PRO B 1191 -45.30 26.00 1.74
CA PRO B 1191 -44.80 25.41 2.99
C PRO B 1191 -43.66 24.46 2.71
N VAL B 1192 -42.77 24.33 3.71
CA VAL B 1192 -41.54 23.57 3.49
C VAL B 1192 -41.77 22.08 3.45
N ALA B 1193 -42.86 21.58 4.01
CA ALA B 1193 -43.11 20.14 4.02
C ALA B 1193 -44.09 19.83 2.89
N THR B 1194 -43.70 20.16 1.68
CA THR B 1194 -44.39 19.66 0.50
C THR B 1194 -43.39 18.78 -0.22
N ASP B 1195 -43.83 17.60 -0.64
CA ASP B 1195 -42.90 16.55 -1.01
C ASP B 1195 -42.19 16.85 -2.32
N ILE B 1196 -41.04 16.19 -2.51
CA ILE B 1196 -40.37 16.22 -3.79
C ILE B 1196 -41.06 15.30 -4.77
N ASN B 1197 -41.86 14.36 -4.26
CA ASN B 1197 -42.54 13.39 -5.13
C ASN B 1197 -43.68 14.02 -5.91
N TYR B 1198 -44.12 15.23 -5.54
CA TYR B 1198 -44.98 16.02 -6.41
C TYR B 1198 -44.07 16.94 -7.22
N PHE B 1199 -43.02 16.36 -7.78
CA PHE B 1199 -42.19 16.88 -8.86
C PHE B 1199 -41.74 15.62 -9.58
N ARG B 1200 -40.72 15.75 -10.42
CA ARG B 1200 -40.23 14.70 -11.31
C ARG B 1200 -41.33 14.18 -12.22
N ARG B 1201 -42.26 15.06 -12.58
CA ARG B 1201 -43.46 14.79 -13.33
C ARG B 1201 -44.03 16.14 -13.70
N PRO B 1202 -44.67 16.29 -14.87
CA PRO B 1202 -45.21 17.60 -15.28
C PRO B 1202 -46.25 18.31 -14.41
N CYS B 1203 -46.46 17.87 -13.17
CA CYS B 1203 -47.55 18.33 -12.30
C CYS B 1203 -47.51 19.85 -12.04
N ASN B 1204 -48.60 20.31 -11.42
CA ASN B 1204 -49.03 21.69 -11.47
C ASN B 1204 -48.11 22.59 -10.64
N PRO B 1205 -48.09 23.90 -10.91
CA PRO B 1205 -47.40 24.83 -10.01
C PRO B 1205 -48.28 25.38 -8.93
N ARG B 1206 -49.47 24.83 -8.71
CA ARG B 1206 -50.45 25.44 -7.83
C ARG B 1206 -51.07 24.48 -6.83
N GLY B 1207 -50.73 23.20 -6.89
CA GLY B 1207 -51.18 22.24 -5.90
C GLY B 1207 -52.43 21.47 -6.26
N ARG B 1208 -53.23 21.96 -7.21
CA ARG B 1208 -54.45 21.25 -7.58
C ARG B 1208 -54.61 21.36 -9.08
N ALA B 1209 -55.20 20.31 -9.67
CA ALA B 1209 -55.54 20.34 -11.09
C ALA B 1209 -56.54 21.45 -11.33
N ALA B 1210 -56.36 22.18 -12.42
CA ALA B 1210 -57.13 23.40 -12.66
C ALA B 1210 -57.64 23.49 -14.08
N GLY B 1211 -57.22 22.60 -14.97
CA GLY B 1211 -57.54 22.76 -16.37
C GLY B 1211 -58.98 22.39 -16.68
N GLY B 1212 -59.47 22.90 -17.81
CA GLY B 1212 -60.80 22.54 -18.26
C GLY B 1212 -60.85 21.21 -18.98
N VAL B 1213 -59.71 20.53 -19.10
CA VAL B 1213 -59.67 19.22 -19.73
C VAL B 1213 -60.42 18.19 -18.90
N TYR B 1214 -60.17 18.17 -17.59
CA TYR B 1214 -60.64 17.10 -16.73
C TYR B 1214 -62.10 17.26 -16.33
N ALA B 1215 -62.74 18.35 -16.73
CA ALA B 1215 -64.16 18.52 -16.48
C ALA B 1215 -64.95 17.47 -17.24
N GLY B 1216 -66.01 16.96 -16.60
CA GLY B 1216 -66.82 15.91 -17.16
C GLY B 1216 -68.19 16.35 -17.66
N ASP B 1217 -68.36 17.63 -18.03
CA ASP B 1217 -69.59 18.23 -18.55
C ASP B 1217 -70.78 18.09 -17.60
N LYS B 1218 -70.68 18.60 -16.37
CA LYS B 1218 -71.85 18.71 -15.52
C LYS B 1218 -72.32 20.16 -15.41
N GLU B 1219 -71.67 21.05 -16.18
CA GLU B 1219 -71.82 22.51 -16.20
C GLU B 1219 -71.47 23.16 -14.87
N GLY B 1220 -70.83 22.41 -13.98
CA GLY B 1220 -70.26 22.93 -12.75
C GLY B 1220 -68.98 22.20 -12.45
N ASP B 1221 -68.55 21.36 -13.39
CA ASP B 1221 -67.25 20.68 -13.27
C ASP B 1221 -66.11 21.67 -13.43
N VAL B 1222 -66.33 22.73 -14.21
CA VAL B 1222 -65.47 23.90 -14.25
C VAL B 1222 -65.67 24.66 -12.92
N ILE B 1223 -65.04 25.82 -12.75
CA ILE B 1223 -64.27 26.30 -11.62
C ILE B 1223 -64.38 25.52 -10.30
N ALA B 1224 -65.56 25.00 -9.95
CA ALA B 1224 -65.73 24.17 -8.77
C ALA B 1224 -64.91 22.88 -8.71
N LEU B 1225 -64.12 22.54 -9.75
CA LEU B 1225 -63.01 21.62 -9.55
C LEU B 1225 -61.76 22.34 -9.08
N MET B 1226 -61.51 23.53 -9.61
CA MET B 1226 -60.26 24.24 -9.37
C MET B 1226 -60.14 24.72 -7.94
N TYR B 1227 -61.24 25.19 -7.36
CA TYR B 1227 -61.18 25.90 -6.09
C TYR B 1227 -61.78 25.13 -4.92
N ASP B 1228 -62.76 24.26 -5.16
CA ASP B 1228 -63.38 23.52 -4.06
C ASP B 1228 -62.45 22.42 -3.58
N HIS B 1229 -62.35 22.28 -2.26
CA HIS B 1229 -61.60 21.17 -1.72
C HIS B 1229 -62.47 20.22 -0.92
N GLY B 1230 -63.78 20.25 -1.11
CA GLY B 1230 -64.58 19.11 -0.72
C GLY B 1230 -64.23 17.89 -1.55
N GLN B 1231 -64.16 18.06 -2.86
CA GLN B 1231 -63.67 17.02 -3.74
C GLN B 1231 -62.15 17.03 -3.70
N SER B 1232 -61.54 16.04 -4.32
CA SER B 1232 -60.10 15.85 -4.24
C SER B 1232 -59.42 16.37 -5.50
N ASP B 1233 -58.10 16.40 -5.48
CA ASP B 1233 -57.32 16.69 -6.68
C ASP B 1233 -57.46 15.53 -7.65
N PRO B 1234 -57.87 15.77 -8.89
CA PRO B 1234 -57.83 14.68 -9.88
C PRO B 1234 -56.42 14.27 -10.23
N ALA B 1235 -55.48 15.21 -10.15
CA ALA B 1235 -54.09 14.89 -10.41
C ALA B 1235 -53.50 13.98 -9.34
N ARG B 1236 -53.81 14.23 -8.07
CA ARG B 1236 -53.30 13.41 -6.97
C ARG B 1236 -54.52 13.03 -6.13
N PRO B 1237 -55.01 11.81 -6.29
CA PRO B 1237 -56.39 11.50 -5.88
C PRO B 1237 -56.62 11.51 -4.39
N PHE B 1238 -55.62 11.14 -3.60
CA PHE B 1238 -55.83 11.01 -2.18
C PHE B 1238 -55.77 12.33 -1.44
N ALA B 1239 -55.35 13.39 -2.10
CA ALA B 1239 -55.12 14.67 -1.43
C ALA B 1239 -55.94 15.78 -2.06
N ALA B 1240 -56.25 16.78 -1.26
CA ALA B 1240 -56.98 17.94 -1.76
C ALA B 1240 -56.06 18.86 -2.53
N THR B 1241 -54.96 19.28 -1.91
CA THR B 1241 -53.99 20.15 -2.55
C THR B 1241 -52.64 19.47 -2.55
N ALA B 1242 -51.64 20.24 -2.98
CA ALA B 1242 -50.29 20.11 -2.48
C ALA B 1242 -49.82 21.39 -1.82
N ASN B 1243 -50.46 22.50 -2.15
CA ASN B 1243 -50.20 23.80 -1.56
C ASN B 1243 -51.54 24.47 -1.35
N PRO B 1244 -51.96 24.68 -0.12
CA PRO B 1244 -53.25 25.33 0.12
C PRO B 1244 -53.19 26.81 -0.19
N TRP B 1245 -51.99 27.36 -0.21
CA TRP B 1245 -51.78 28.78 -0.48
C TRP B 1245 -51.90 29.11 -1.95
N ALA B 1246 -51.83 28.10 -2.83
CA ALA B 1246 -51.89 28.33 -4.26
C ALA B 1246 -53.11 27.65 -4.83
N SER B 1247 -53.92 27.06 -3.97
CA SER B 1247 -55.07 26.31 -4.44
C SER B 1247 -56.35 27.08 -4.30
N GLN B 1248 -56.68 27.50 -3.08
CA GLN B 1248 -57.99 28.02 -2.75
C GLN B 1248 -58.20 29.39 -3.38
N ARG B 1249 -59.45 29.77 -3.54
CA ARG B 1249 -59.77 31.13 -3.95
C ARG B 1249 -59.42 32.08 -2.81
N PHE B 1250 -59.06 33.32 -3.17
CA PHE B 1250 -58.64 34.38 -2.24
C PHE B 1250 -57.39 34.02 -1.45
N SER B 1251 -56.61 33.06 -1.93
CA SER B 1251 -55.39 32.68 -1.25
C SER B 1251 -54.20 33.40 -1.86
N TYR B 1252 -53.03 33.19 -1.26
CA TYR B 1252 -51.86 34.00 -1.59
C TYR B 1252 -51.30 33.65 -2.96
N GLY B 1253 -51.56 32.43 -3.43
CA GLY B 1253 -51.28 32.12 -4.82
C GLY B 1253 -52.25 32.83 -5.75
N ASP B 1254 -53.49 33.00 -5.31
CA ASP B 1254 -54.48 33.67 -6.13
C ASP B 1254 -54.39 35.18 -5.96
N LEU B 1255 -54.02 35.67 -4.78
CA LEU B 1255 -54.02 37.11 -4.54
C LEU B 1255 -52.92 37.83 -5.31
N LEU B 1256 -51.94 37.11 -5.86
CA LEU B 1256 -50.89 37.78 -6.60
C LEU B 1256 -51.20 37.85 -8.09
N TYR B 1257 -51.30 36.69 -8.72
CA TYR B 1257 -51.22 36.65 -10.18
C TYR B 1257 -52.57 36.45 -10.84
N ASN B 1258 -53.67 36.82 -10.21
CA ASN B 1258 -54.98 36.50 -10.74
C ASN B 1258 -55.31 37.39 -11.93
N GLY B 1259 -56.19 36.90 -12.81
CA GLY B 1259 -56.70 37.71 -13.89
C GLY B 1259 -57.59 38.84 -13.43
N ALA B 1260 -58.17 38.74 -12.22
CA ALA B 1260 -59.02 39.81 -11.73
C ALA B 1260 -58.21 40.87 -11.02
N TYR B 1261 -57.20 40.47 -10.26
CA TYR B 1261 -56.63 41.36 -9.25
C TYR B 1261 -55.62 42.33 -9.81
N HIS B 1262 -54.98 41.98 -10.94
CA HIS B 1262 -54.04 42.79 -11.72
C HIS B 1262 -53.03 43.60 -10.93
N LEU B 1263 -52.43 43.02 -9.89
CA LEU B 1263 -51.34 43.69 -9.17
C LEU B 1263 -50.14 43.85 -10.08
N ASN B 1264 -49.64 42.75 -10.60
CA ASN B 1264 -48.93 42.80 -11.86
C ASN B 1264 -49.95 42.99 -12.97
N GLY B 1265 -49.67 43.90 -13.88
CA GLY B 1265 -50.66 44.29 -14.86
C GLY B 1265 -50.53 45.75 -15.24
N ALA B 1266 -49.80 46.50 -14.41
CA ALA B 1266 -49.35 47.84 -14.77
C ALA B 1266 -47.90 47.82 -15.24
N SER B 1267 -47.34 46.64 -15.47
CA SER B 1267 -45.96 46.48 -15.85
C SER B 1267 -45.88 45.95 -17.27
N PRO B 1268 -44.81 46.26 -18.00
CA PRO B 1268 -44.59 45.59 -19.28
C PRO B 1268 -44.12 44.16 -19.13
N VAL B 1269 -43.74 43.75 -17.93
CA VAL B 1269 -43.11 42.46 -17.69
C VAL B 1269 -44.09 41.33 -17.91
N LEU B 1270 -43.67 40.37 -18.72
CA LEU B 1270 -44.40 39.12 -18.91
C LEU B 1270 -44.46 38.32 -17.62
N SER B 1271 -45.65 37.83 -17.29
CA SER B 1271 -45.81 37.00 -16.11
C SER B 1271 -46.06 35.56 -16.51
N PRO B 1272 -45.14 34.64 -16.26
CA PRO B 1272 -45.41 33.23 -16.54
C PRO B 1272 -46.48 32.63 -15.66
N CYS B 1273 -46.62 33.10 -14.43
CA CYS B 1273 -47.63 32.56 -13.53
C CYS B 1273 -49.02 33.07 -13.84
N PHE B 1274 -49.15 34.02 -14.77
CA PHE B 1274 -50.45 34.55 -15.12
C PHE B 1274 -51.28 33.53 -15.89
N LYS B 1275 -50.61 32.59 -16.55
CA LYS B 1275 -51.31 31.56 -17.31
C LYS B 1275 -52.06 30.60 -16.38
N PHE B 1276 -51.39 30.12 -15.35
CA PHE B 1276 -52.03 29.16 -14.45
C PHE B 1276 -53.05 29.82 -13.56
N PHE B 1277 -52.75 31.04 -13.11
CA PHE B 1277 -53.56 31.72 -12.11
C PHE B 1277 -54.57 32.63 -12.79
N THR B 1278 -55.57 32.03 -13.42
CA THR B 1278 -56.67 32.79 -13.99
C THR B 1278 -57.99 32.06 -13.83
N ALA B 1279 -59.02 32.78 -13.41
CA ALA B 1279 -60.33 32.20 -13.18
C ALA B 1279 -61.25 32.35 -14.37
N ALA B 1280 -60.90 33.17 -15.35
CA ALA B 1280 -61.79 33.40 -16.48
C ALA B 1280 -61.37 32.60 -17.70
N ASP B 1281 -60.07 32.55 -17.96
CA ASP B 1281 -59.57 32.02 -19.23
C ASP B 1281 -59.73 30.50 -19.30
N ILE B 1282 -59.57 29.83 -18.16
CA ILE B 1282 -59.80 28.39 -18.10
C ILE B 1282 -61.26 28.06 -18.35
N THR B 1283 -62.17 28.85 -17.78
CA THR B 1283 -63.59 28.66 -18.03
C THR B 1283 -63.97 29.03 -19.46
N ALA B 1284 -63.17 29.91 -20.08
CA ALA B 1284 -63.50 30.45 -21.39
C ALA B 1284 -63.41 29.42 -22.50
N LYS B 1285 -62.47 28.48 -22.43
CA LYS B 1285 -62.32 27.54 -23.52
C LYS B 1285 -63.42 26.47 -23.47
N HIS B 1286 -63.83 26.05 -24.65
CA HIS B 1286 -64.76 24.96 -24.85
C HIS B 1286 -64.08 23.66 -24.44
N ARG B 1287 -64.88 22.72 -23.94
CA ARG B 1287 -64.31 21.53 -23.35
C ARG B 1287 -64.17 20.37 -24.34
N CYS B 1288 -64.76 20.47 -25.53
CA CYS B 1288 -64.73 19.35 -26.47
C CYS B 1288 -63.35 19.21 -27.08
N LEU B 1289 -62.76 18.03 -26.95
CA LEU B 1289 -61.38 17.79 -27.32
C LEU B 1289 -61.14 17.74 -28.82
N GLU B 1290 -62.21 17.75 -29.62
CA GLU B 1290 -62.04 17.73 -31.07
C GLU B 1290 -61.37 19.01 -31.56
N ARG B 1291 -61.93 20.15 -31.20
CA ARG B 1291 -61.41 21.41 -31.74
C ARG B 1291 -60.25 21.93 -30.89
N LEU B 1292 -60.02 21.34 -29.70
CA LEU B 1292 -59.01 21.90 -28.82
C LEU B 1292 -57.59 21.63 -29.29
N ILE B 1293 -57.37 20.52 -29.98
CA ILE B 1293 -55.99 20.11 -30.26
C ILE B 1293 -55.38 20.92 -31.39
N VAL B 1294 -56.14 21.78 -32.06
CA VAL B 1294 -55.55 22.49 -33.18
C VAL B 1294 -55.16 23.91 -32.81
N GLU B 1295 -55.80 24.49 -31.79
CA GLU B 1295 -55.26 25.75 -31.27
C GLU B 1295 -53.91 25.56 -30.63
N THR B 1296 -53.67 24.39 -30.04
CA THR B 1296 -52.34 24.05 -29.57
C THR B 1296 -51.38 23.91 -30.75
N GLY B 1297 -51.90 23.55 -31.92
CA GLY B 1297 -51.07 23.51 -33.11
C GLY B 1297 -50.53 24.87 -33.52
N SER B 1298 -51.33 25.92 -33.36
CA SER B 1298 -50.86 27.28 -33.60
C SER B 1298 -51.68 28.24 -32.75
N ALA B 1299 -51.13 28.61 -31.60
CA ALA B 1299 -51.74 29.62 -30.75
C ALA B 1299 -50.94 30.91 -30.83
N VAL B 1300 -51.43 31.92 -30.13
CA VAL B 1300 -50.72 33.19 -29.97
C VAL B 1300 -50.22 33.26 -28.54
N SER B 1301 -48.90 33.43 -28.39
CA SER B 1301 -48.30 33.44 -27.08
C SER B 1301 -48.59 34.74 -26.36
N THR B 1302 -48.23 34.79 -25.09
CA THR B 1302 -48.16 36.06 -24.39
C THR B 1302 -46.77 36.66 -24.47
N ALA B 1303 -45.87 36.06 -25.23
CA ALA B 1303 -44.45 36.39 -25.19
C ALA B 1303 -44.04 37.10 -26.48
N THR B 1304 -42.81 37.61 -26.46
CA THR B 1304 -42.20 38.29 -27.59
C THR B 1304 -40.82 37.69 -27.83
N ALA B 1305 -40.19 38.09 -28.93
CA ALA B 1305 -38.83 37.68 -29.23
C ALA B 1305 -37.93 38.83 -29.60
N ALA B 1306 -38.31 40.07 -29.26
CA ALA B 1306 -37.56 41.25 -29.66
C ALA B 1306 -37.05 42.07 -28.49
N SER B 1307 -37.84 42.24 -27.44
CA SER B 1307 -37.43 42.97 -26.25
C SER B 1307 -36.37 42.18 -25.50
N ASP B 1308 -35.60 42.90 -24.66
CA ASP B 1308 -34.56 42.24 -23.88
C ASP B 1308 -35.16 41.34 -22.83
N VAL B 1309 -35.90 41.92 -21.91
CA VAL B 1309 -36.75 41.18 -20.99
C VAL B 1309 -38.02 40.85 -21.74
N GLN B 1310 -38.46 39.60 -21.62
CA GLN B 1310 -39.65 39.16 -22.34
C GLN B 1310 -40.87 39.89 -21.82
N PHE B 1311 -41.68 40.38 -22.74
CA PHE B 1311 -42.76 41.27 -22.34
C PHE B 1311 -44.13 40.67 -22.62
N LYS B 1312 -45.09 41.15 -21.84
CA LYS B 1312 -46.49 40.97 -22.11
C LYS B 1312 -46.81 41.56 -23.48
N ARG B 1313 -47.54 40.79 -24.29
CA ARG B 1313 -47.52 40.93 -25.74
C ARG B 1313 -48.17 42.23 -26.21
N PRO B 1314 -47.52 42.99 -27.09
CA PRO B 1314 -48.15 44.18 -27.66
C PRO B 1314 -49.29 43.79 -28.58
N PRO B 1315 -50.20 44.73 -28.88
CA PRO B 1315 -51.33 44.36 -29.75
C PRO B 1315 -50.96 44.09 -31.19
N GLY B 1316 -50.05 44.87 -31.78
CA GLY B 1316 -49.86 44.83 -33.22
C GLY B 1316 -48.80 43.83 -33.64
N CYS B 1317 -48.66 42.74 -32.89
CA CYS B 1317 -47.78 41.65 -33.30
C CYS B 1317 -48.42 40.32 -32.92
N ARG B 1318 -48.16 39.28 -33.72
CA ARG B 1318 -48.70 37.96 -33.43
C ARG B 1318 -47.63 36.92 -33.69
N GLU B 1319 -47.61 35.90 -32.85
CA GLU B 1319 -46.67 34.79 -32.94
C GLU B 1319 -47.45 33.50 -33.01
N LEU B 1320 -47.12 32.64 -33.97
CA LEU B 1320 -47.84 31.38 -34.17
C LEU B 1320 -47.23 30.29 -33.29
N VAL B 1321 -47.43 30.45 -31.98
CA VAL B 1321 -46.77 29.57 -31.03
C VAL B 1321 -47.51 28.25 -30.94
N GLU B 1322 -46.81 27.22 -30.49
CA GLU B 1322 -47.32 25.86 -30.43
C GLU B 1322 -46.97 25.29 -29.05
N ASP B 1323 -47.85 25.53 -28.07
CA ASP B 1323 -47.44 25.21 -26.69
C ASP B 1323 -48.46 24.36 -25.96
N PRO B 1324 -48.02 23.39 -25.15
CA PRO B 1324 -48.96 22.53 -24.42
C PRO B 1324 -49.37 23.06 -23.06
N CYS B 1325 -48.78 24.16 -22.62
CA CYS B 1325 -49.04 24.66 -21.29
C CYS B 1325 -50.45 25.23 -21.14
N GLY B 1326 -51.10 25.53 -22.25
CA GLY B 1326 -52.52 25.82 -22.18
C GLY B 1326 -53.39 24.60 -22.14
N LEU B 1327 -53.10 23.59 -22.97
CA LEU B 1327 -53.91 22.39 -23.04
C LEU B 1327 -53.79 21.60 -21.75
N PHE B 1328 -52.58 21.13 -21.42
CA PHE B 1328 -52.35 20.33 -20.22
C PHE B 1328 -52.52 21.13 -18.95
N GLN B 1329 -52.38 22.45 -19.04
CA GLN B 1329 -52.36 23.37 -17.90
C GLN B 1329 -51.22 23.01 -16.96
N GLU B 1330 -50.07 22.69 -17.56
CA GLU B 1330 -48.98 22.12 -16.79
C GLU B 1330 -47.67 22.84 -17.08
N ALA B 1331 -46.62 22.35 -16.41
CA ALA B 1331 -45.26 22.85 -16.57
C ALA B 1331 -44.28 21.75 -16.25
N TYR B 1332 -43.06 21.87 -16.74
CA TYR B 1332 -42.13 20.76 -16.67
C TYR B 1332 -41.05 20.98 -15.63
N PRO B 1333 -40.59 19.95 -14.93
CA PRO B 1333 -39.42 20.12 -14.07
C PRO B 1333 -38.15 19.68 -14.77
N ILE B 1334 -37.04 20.34 -14.43
CA ILE B 1334 -35.78 20.14 -15.11
C ILE B 1334 -34.73 19.62 -14.14
N THR B 1335 -33.52 19.47 -14.65
CA THR B 1335 -32.40 19.09 -13.83
C THR B 1335 -32.05 20.23 -12.89
N CYS B 1336 -32.44 20.09 -11.63
CA CYS B 1336 -32.11 21.08 -10.62
C CYS B 1336 -31.77 20.35 -9.34
N ALA B 1337 -30.94 20.98 -8.53
CA ALA B 1337 -30.47 20.38 -7.29
C ALA B 1337 -30.14 21.47 -6.30
N SER B 1338 -30.12 21.07 -5.04
CA SER B 1338 -29.84 21.99 -3.95
C SER B 1338 -28.36 22.05 -3.59
N ASP B 1339 -27.52 21.25 -4.24
CA ASP B 1339 -26.07 21.29 -4.10
C ASP B 1339 -25.40 21.22 -5.46
N PRO B 1340 -24.19 21.74 -5.59
CA PRO B 1340 -23.37 21.38 -6.74
C PRO B 1340 -23.00 19.92 -6.72
N ALA B 1341 -22.83 19.36 -5.53
CA ALA B 1341 -22.37 17.99 -5.40
C ALA B 1341 -23.42 17.00 -5.88
N LEU B 1342 -24.69 17.32 -5.65
CA LEU B 1342 -25.74 16.53 -6.26
C LEU B 1342 -25.73 16.71 -7.76
N LEU B 1343 -25.46 17.94 -8.23
CA LEU B 1343 -25.41 18.21 -9.65
C LEU B 1343 -24.19 17.58 -10.31
N ARG B 1344 -23.17 17.24 -9.50
CA ARG B 1344 -21.94 16.66 -10.05
C ARG B 1344 -22.18 15.32 -10.73
N SER B 1345 -23.11 14.53 -10.21
CA SER B 1345 -23.42 13.26 -10.86
C SER B 1345 -24.61 13.40 -11.79
N ALA B 1346 -25.15 14.61 -11.94
CA ALA B 1346 -26.37 14.76 -12.72
C ALA B 1346 -26.09 14.67 -14.20
N ARG B 1347 -24.84 14.88 -14.59
CA ARG B 1347 -24.44 14.56 -15.94
C ARG B 1347 -24.31 13.05 -16.11
N ASP B 1348 -24.19 12.61 -17.36
CA ASP B 1348 -23.88 11.24 -17.78
C ASP B 1348 -24.99 10.26 -17.43
N GLY B 1349 -26.24 10.66 -17.52
CA GLY B 1349 -27.36 9.75 -17.31
C GLY B 1349 -27.66 9.52 -15.85
N GLU B 1350 -28.96 9.41 -15.56
CA GLU B 1350 -29.42 9.41 -14.17
C GLU B 1350 -29.30 8.05 -13.48
N ALA B 1351 -28.77 7.03 -14.16
CA ALA B 1351 -28.68 5.68 -13.60
C ALA B 1351 -27.75 5.62 -12.39
N HIS B 1352 -26.81 6.55 -12.32
CA HIS B 1352 -25.97 6.74 -11.14
C HIS B 1352 -26.07 8.14 -10.56
N ALA B 1353 -27.15 8.87 -10.83
CA ALA B 1353 -27.26 10.24 -10.31
C ALA B 1353 -27.56 10.23 -8.83
N ARG B 1354 -26.92 11.14 -8.11
CA ARG B 1354 -27.20 11.33 -6.69
C ARG B 1354 -28.57 11.98 -6.56
N GLU B 1355 -29.52 11.26 -5.97
CA GLU B 1355 -30.89 11.71 -5.91
C GLU B 1355 -31.24 12.46 -4.63
N THR B 1356 -30.97 11.89 -3.46
CA THR B 1356 -31.32 12.55 -2.21
C THR B 1356 -30.26 12.27 -1.17
N HIS B 1357 -30.27 13.06 -0.09
CA HIS B 1357 -29.21 13.01 0.93
C HIS B 1357 -29.87 13.42 2.25
N PHE B 1358 -29.07 13.90 3.20
CA PHE B 1358 -29.48 14.30 4.56
C PHE B 1358 -30.60 15.33 4.46
N THR B 1359 -30.33 16.53 3.98
CA THR B 1359 -31.39 17.52 3.83
C THR B 1359 -31.46 18.07 2.42
N GLN B 1360 -30.52 17.70 1.58
CA GLN B 1360 -30.40 18.27 0.25
C GLN B 1360 -31.20 17.44 -0.73
N TYR B 1361 -31.53 18.03 -1.88
CA TYR B 1361 -32.41 17.39 -2.82
C TYR B 1361 -32.00 17.70 -4.24
N LEU B 1362 -32.19 16.72 -5.11
CA LEU B 1362 -32.02 16.86 -6.55
C LEU B 1362 -33.31 16.47 -7.23
N ILE B 1363 -33.70 17.24 -8.24
CA ILE B 1363 -34.78 16.85 -9.13
C ILE B 1363 -34.20 16.67 -10.52
N TYR B 1364 -34.30 15.45 -11.04
CA TYR B 1364 -33.84 15.20 -12.40
C TYR B 1364 -34.87 15.74 -13.38
N ASP B 1365 -34.44 15.93 -14.61
CA ASP B 1365 -35.30 16.47 -15.65
C ASP B 1365 -36.40 15.48 -16.01
N ALA B 1366 -37.55 16.01 -16.41
CA ALA B 1366 -38.64 15.25 -17.01
C ALA B 1366 -39.40 16.21 -17.93
N SER B 1367 -39.13 16.10 -19.23
CA SER B 1367 -39.61 17.03 -20.24
C SER B 1367 -39.34 16.39 -21.60
N PRO B 1368 -39.93 16.86 -22.69
CA PRO B 1368 -39.46 16.41 -24.02
C PRO B 1368 -38.05 16.81 -24.36
N LEU B 1369 -37.42 17.73 -23.64
CA LEU B 1369 -36.05 18.08 -23.94
C LEU B 1369 -35.04 17.08 -23.39
N LYS B 1370 -35.46 16.06 -22.65
CA LYS B 1370 -34.51 15.11 -22.11
C LYS B 1370 -33.95 14.24 -23.22
N GLY B 1371 -32.71 13.82 -23.04
CA GLY B 1371 -32.01 13.07 -24.07
C GLY B 1371 -31.48 13.88 -25.22
N LEU B 1372 -31.92 15.12 -25.38
CA LEU B 1372 -31.53 15.93 -26.52
C LEU B 1372 -30.19 16.60 -26.28
N SER B 1373 -29.79 17.44 -27.23
CA SER B 1373 -28.45 18.00 -27.24
C SER B 1373 -28.28 19.06 -26.16
N LEU B 1374 -29.15 20.06 -26.16
CA LEU B 1374 -29.03 21.17 -25.23
C LEU B 1374 -29.49 20.77 -23.83
N ARG C 6 -85.31 43.77 -33.60
CA ARG C 6 -85.25 42.87 -34.74
C ARG C 6 -84.75 43.60 -35.99
N ASP C 7 -84.41 42.83 -37.03
CA ASP C 7 -83.91 43.37 -38.27
C ASP C 7 -84.76 42.92 -39.44
N PRO C 8 -85.35 43.83 -40.20
CA PRO C 8 -86.14 43.45 -41.37
C PRO C 8 -85.28 43.39 -42.62
N PRO C 9 -85.72 42.69 -43.67
CA PRO C 9 -84.96 42.70 -44.92
C PRO C 9 -85.08 44.03 -45.65
N GLY C 10 -84.32 44.16 -46.73
CA GLY C 10 -84.19 45.45 -47.38
C GLY C 10 -85.01 45.58 -48.64
N TYR C 11 -84.82 46.71 -49.32
CA TYR C 11 -85.44 46.96 -50.62
C TYR C 11 -84.86 45.99 -51.64
N ARG C 12 -85.60 45.75 -52.70
CA ARG C 12 -85.09 44.90 -53.77
C ARG C 12 -84.78 45.81 -54.95
N TYR C 13 -83.53 46.26 -55.01
CA TYR C 13 -83.03 46.96 -56.18
C TYR C 13 -82.85 45.98 -57.34
N ALA C 14 -82.76 46.54 -58.55
CA ALA C 14 -82.76 45.91 -59.87
C ALA C 14 -84.09 45.23 -60.19
N ALA C 15 -85.08 45.29 -59.30
CA ALA C 15 -86.44 44.90 -59.61
C ALA C 15 -87.28 46.09 -60.05
N ALA C 16 -86.73 47.29 -60.02
CA ALA C 16 -87.42 48.49 -60.46
C ALA C 16 -87.12 48.86 -61.90
N MET C 17 -86.17 48.20 -62.55
CA MET C 17 -85.99 48.33 -63.98
C MET C 17 -87.18 47.78 -64.75
N VAL C 18 -87.87 46.78 -64.20
CA VAL C 18 -89.17 46.34 -64.66
C VAL C 18 -90.06 46.33 -63.43
N PRO C 19 -90.78 47.42 -63.13
CA PRO C 19 -91.58 47.45 -61.89
C PRO C 19 -92.77 46.52 -61.96
N THR C 20 -93.22 46.10 -60.77
CA THR C 20 -94.42 45.30 -60.61
C THR C 20 -95.64 45.97 -61.23
N GLY C 21 -95.81 47.25 -60.96
CA GLY C 21 -96.87 48.04 -61.54
C GLY C 21 -96.44 49.48 -61.60
N SER C 22 -97.35 50.37 -61.22
CA SER C 22 -97.05 51.79 -61.08
C SER C 22 -97.62 52.28 -59.76
N ILE C 23 -96.79 52.99 -58.98
CA ILE C 23 -97.27 53.62 -57.77
C ILE C 23 -98.04 54.88 -58.14
N LEU C 24 -99.32 54.92 -57.77
CA LEU C 24 -100.24 55.95 -58.26
C LEU C 24 -100.16 57.26 -57.50
N SER C 25 -100.10 57.23 -56.18
CA SER C 25 -100.15 58.45 -55.37
C SER C 25 -98.74 58.99 -55.15
N THR C 26 -98.65 60.32 -55.10
CA THR C 26 -97.38 61.02 -54.91
C THR C 26 -97.49 61.89 -53.67
N ILE C 27 -97.20 61.31 -52.50
CA ILE C 27 -97.21 62.04 -51.24
C ILE C 27 -95.89 61.77 -50.54
N GLU C 28 -95.63 62.52 -49.47
CA GLU C 28 -94.41 62.32 -48.70
C GLU C 28 -94.50 61.06 -47.86
N VAL C 29 -93.39 60.35 -47.75
CA VAL C 29 -93.36 59.02 -47.13
C VAL C 29 -92.67 59.03 -45.77
N ALA C 30 -91.79 60.00 -45.51
CA ALA C 30 -90.93 59.97 -44.32
C ALA C 30 -91.72 60.26 -43.04
N SER C 31 -92.92 60.84 -43.17
CA SER C 31 -93.78 61.01 -42.00
C SER C 31 -94.32 59.68 -41.51
N HIS C 32 -94.42 58.69 -42.40
CA HIS C 32 -94.93 57.34 -42.19
C HIS C 32 -93.82 56.30 -42.01
N ARG C 33 -92.76 56.67 -41.28
CA ARG C 33 -91.56 55.89 -41.03
C ARG C 33 -91.79 54.44 -40.64
N ARG C 34 -92.61 54.21 -39.60
CA ARG C 34 -92.79 52.86 -39.06
C ARG C 34 -93.97 52.12 -39.66
N LEU C 35 -94.46 52.53 -40.82
CA LEU C 35 -95.60 51.86 -41.45
C LEU C 35 -95.19 50.68 -42.31
N PHE C 36 -93.95 50.64 -42.80
CA PHE C 36 -93.50 49.62 -43.73
C PHE C 36 -92.62 48.57 -43.03
N ASP C 37 -92.26 47.54 -43.80
CA ASP C 37 -91.22 46.62 -43.39
C ASP C 37 -89.85 47.24 -43.55
N PHE C 38 -89.52 47.65 -44.77
CA PHE C 38 -88.28 48.35 -45.03
C PHE C 38 -88.54 49.81 -45.38
N PHE C 39 -87.61 50.68 -44.98
CA PHE C 39 -87.66 52.09 -45.34
C PHE C 39 -86.25 52.56 -45.65
N ALA C 40 -86.14 53.44 -46.66
CA ALA C 40 -84.88 54.09 -46.99
C ALA C 40 -85.16 55.37 -47.76
N ALA C 41 -84.23 56.32 -47.65
CA ALA C 41 -84.28 57.57 -48.39
C ALA C 41 -82.98 57.76 -49.14
N VAL C 42 -83.09 58.18 -50.41
CA VAL C 42 -81.93 58.45 -51.27
C VAL C 42 -82.09 59.83 -51.88
N ARG C 43 -81.12 60.72 -51.61
CA ARG C 43 -81.16 62.07 -52.15
C ARG C 43 -80.33 62.23 -53.43
N SER C 44 -79.24 61.48 -53.60
CA SER C 44 -78.29 61.66 -54.68
C SER C 44 -77.53 60.36 -54.85
N ASP C 45 -76.35 60.45 -55.48
CA ASP C 45 -75.41 59.34 -55.52
C ASP C 45 -75.05 58.91 -54.11
N GLU C 46 -75.57 57.74 -53.73
CA GLU C 46 -75.24 57.08 -52.48
C GLU C 46 -74.58 55.75 -52.81
N ASN C 47 -73.83 55.22 -51.85
CA ASN C 47 -73.16 53.95 -52.05
C ASN C 47 -74.15 52.81 -51.99
N SER C 48 -75.32 53.06 -51.38
CA SER C 48 -76.37 52.07 -51.20
C SER C 48 -76.96 51.56 -52.50
N LEU C 49 -76.98 52.38 -53.55
CA LEU C 49 -77.78 52.05 -54.72
C LEU C 49 -77.16 50.97 -55.60
N TYR C 50 -75.84 50.85 -55.61
CA TYR C 50 -75.19 49.97 -56.55
C TYR C 50 -74.43 48.84 -55.90
N ASP C 51 -74.54 48.69 -54.58
CA ASP C 51 -73.92 47.55 -53.91
C ASP C 51 -74.83 46.34 -54.00
N VAL C 52 -74.28 45.23 -54.47
CA VAL C 52 -75.00 43.97 -54.63
C VAL C 52 -74.27 42.91 -53.81
N GLU C 53 -75.01 41.95 -53.27
CA GLU C 53 -74.42 40.91 -52.44
C GLU C 53 -75.19 39.62 -52.65
N PHE C 54 -74.46 38.51 -52.74
CA PHE C 54 -75.07 37.21 -52.90
C PHE C 54 -74.30 36.18 -52.06
N ASP C 55 -75.05 35.27 -51.45
CA ASP C 55 -74.48 34.14 -50.74
C ASP C 55 -74.40 32.97 -51.70
N ALA C 56 -73.20 32.42 -51.83
CA ALA C 56 -72.93 31.39 -52.81
C ALA C 56 -72.97 30.01 -52.17
N LEU C 57 -73.71 29.10 -52.80
CA LEU C 57 -73.70 27.69 -52.44
C LEU C 57 -72.86 27.00 -53.50
N LEU C 58 -71.68 26.52 -53.12
CA LEU C 58 -70.66 26.19 -54.10
C LEU C 58 -70.42 24.71 -54.30
N GLY C 59 -71.12 23.83 -53.59
CA GLY C 59 -70.99 22.41 -53.88
C GLY C 59 -71.52 21.55 -52.76
N SER C 60 -71.42 20.24 -52.98
CA SER C 60 -71.74 19.21 -52.01
C SER C 60 -71.17 17.90 -52.51
N TYR C 61 -70.88 16.97 -51.60
CA TYR C 61 -70.40 15.65 -51.98
C TYR C 61 -71.05 14.58 -51.12
N CYS C 62 -71.86 13.75 -51.75
CA CYS C 62 -72.37 12.54 -51.15
C CYS C 62 -71.27 11.48 -51.23
N ASN C 63 -71.36 10.47 -50.39
CA ASN C 63 -70.48 9.32 -50.49
C ASN C 63 -71.27 8.14 -51.01
N THR C 64 -70.59 7.27 -51.73
CA THR C 64 -71.16 5.99 -52.09
C THR C 64 -71.05 5.11 -50.85
N LEU C 65 -72.19 4.76 -50.27
CA LEU C 65 -72.19 3.78 -49.20
C LEU C 65 -71.89 2.42 -49.78
N SER C 66 -70.62 2.04 -49.75
CA SER C 66 -70.18 0.78 -50.34
C SER C 66 -70.68 -0.39 -49.51
N LEU C 67 -70.99 -1.49 -50.16
CA LEU C 67 -71.48 -2.68 -49.50
C LEU C 67 -70.64 -3.88 -49.91
N VAL C 68 -70.25 -4.66 -48.93
CA VAL C 68 -69.44 -5.86 -49.12
C VAL C 68 -70.37 -7.07 -49.12
N ARG C 69 -69.86 -8.19 -49.61
CA ARG C 69 -70.69 -9.36 -49.88
C ARG C 69 -70.75 -10.37 -48.76
N PHE C 70 -69.73 -10.40 -47.87
CA PHE C 70 -69.39 -11.41 -46.85
C PHE C 70 -68.85 -12.69 -47.46
N LEU C 71 -69.04 -12.90 -48.76
CA LEU C 71 -68.33 -13.98 -49.43
C LEU C 71 -67.24 -13.41 -50.31
N GLU C 72 -67.20 -12.09 -50.42
CA GLU C 72 -66.08 -11.38 -51.01
C GLU C 72 -65.14 -10.98 -49.88
N LEU C 73 -64.81 -11.94 -49.01
CA LEU C 73 -64.09 -11.65 -47.78
C LEU C 73 -63.47 -12.91 -47.20
N GLY C 74 -62.21 -12.83 -46.77
CA GLY C 74 -61.43 -13.98 -46.39
C GLY C 74 -61.89 -14.71 -45.14
N LEU C 75 -62.75 -14.06 -44.35
CA LEU C 75 -63.31 -14.68 -43.16
C LEU C 75 -64.18 -15.88 -43.49
N SER C 76 -64.80 -15.90 -44.66
CA SER C 76 -65.86 -16.87 -44.92
C SER C 76 -65.35 -18.24 -45.34
N VAL C 77 -64.11 -18.59 -45.03
CA VAL C 77 -63.72 -19.99 -45.17
C VAL C 77 -64.17 -20.80 -43.96
N ALA C 78 -64.35 -20.16 -42.81
CA ALA C 78 -64.67 -20.88 -41.58
C ALA C 78 -66.13 -21.25 -41.44
N CYS C 79 -67.01 -20.62 -42.23
CA CYS C 79 -68.44 -20.84 -42.11
C CYS C 79 -68.92 -21.62 -43.33
N VAL C 80 -69.80 -22.58 -43.08
CA VAL C 80 -70.55 -23.22 -44.13
C VAL C 80 -71.94 -22.61 -44.04
N CYS C 81 -72.16 -21.54 -44.77
CA CYS C 81 -73.44 -20.85 -44.75
C CYS C 81 -74.36 -21.47 -45.79
N THR C 82 -75.40 -22.15 -45.31
CA THR C 82 -76.42 -22.71 -46.18
C THR C 82 -77.78 -22.24 -45.70
N LYS C 83 -78.60 -21.74 -46.61
CA LYS C 83 -79.92 -21.28 -46.25
C LYS C 83 -80.83 -22.47 -45.99
N PHE C 84 -81.38 -22.53 -44.80
CA PHE C 84 -82.39 -23.51 -44.43
C PHE C 84 -83.66 -22.72 -44.16
N PRO C 85 -84.43 -22.37 -45.17
CA PRO C 85 -85.48 -21.35 -45.01
C PRO C 85 -86.74 -21.83 -44.30
N GLU C 86 -86.70 -22.96 -43.63
CA GLU C 86 -87.77 -23.43 -42.78
C GLU C 86 -87.35 -23.46 -41.33
N LEU C 87 -86.33 -22.66 -40.99
CA LEU C 87 -85.56 -22.83 -39.76
C LEU C 87 -86.38 -22.57 -38.51
N ALA C 88 -87.46 -21.79 -38.62
CA ALA C 88 -88.33 -21.59 -37.47
C ALA C 88 -89.08 -22.86 -37.12
N TYR C 89 -89.43 -23.66 -38.13
CA TYR C 89 -90.23 -24.86 -37.91
C TYR C 89 -89.42 -26.02 -37.35
N MET C 90 -88.11 -25.87 -37.23
CA MET C 90 -87.26 -26.89 -36.68
C MET C 90 -87.29 -26.84 -35.15
N ASN C 91 -87.19 -28.01 -34.53
CA ASN C 91 -87.21 -28.09 -33.07
C ASN C 91 -85.84 -28.41 -32.52
N GLU C 92 -85.26 -29.53 -32.94
CA GLU C 92 -83.96 -29.95 -32.44
C GLU C 92 -83.26 -30.74 -33.51
N GLY C 93 -81.99 -30.44 -33.73
CA GLY C 93 -81.25 -31.17 -34.73
C GLY C 93 -79.95 -31.72 -34.23
N ARG C 94 -79.52 -32.81 -34.83
CA ARG C 94 -78.31 -33.49 -34.42
C ARG C 94 -77.47 -33.77 -35.65
N VAL C 95 -76.18 -33.95 -35.42
CA VAL C 95 -75.24 -34.39 -36.43
C VAL C 95 -74.64 -35.69 -35.93
N GLN C 96 -74.48 -36.68 -36.80
CA GLN C 96 -73.87 -37.94 -36.43
C GLN C 96 -72.36 -37.88 -36.63
N PHE C 97 -71.63 -38.65 -35.84
CA PHE C 97 -70.18 -38.76 -35.95
C PHE C 97 -69.72 -40.18 -35.68
N GLU C 98 -69.43 -40.92 -36.73
CA GLU C 98 -68.78 -42.22 -36.61
C GLU C 98 -67.28 -42.03 -36.67
N VAL C 99 -66.63 -42.06 -35.51
CA VAL C 99 -65.20 -41.82 -35.41
C VAL C 99 -64.58 -42.97 -34.65
N HIS C 100 -63.49 -43.51 -35.19
CA HIS C 100 -62.99 -44.80 -34.77
C HIS C 100 -61.55 -44.69 -34.32
N GLN C 101 -61.23 -45.34 -33.22
CA GLN C 101 -59.88 -45.23 -32.73
C GLN C 101 -59.12 -46.52 -32.98
N PRO C 102 -58.08 -46.48 -33.79
CA PRO C 102 -57.26 -47.68 -34.01
C PRO C 102 -56.46 -48.04 -32.77
N LEU C 103 -56.12 -49.33 -32.67
CA LEU C 103 -55.42 -49.84 -31.51
C LEU C 103 -54.10 -50.43 -31.95
N ILE C 104 -53.26 -50.76 -30.97
CA ILE C 104 -51.92 -51.30 -31.21
C ILE C 104 -51.82 -52.65 -30.52
N ALA C 105 -51.39 -53.66 -31.27
CA ALA C 105 -51.21 -54.99 -30.70
C ALA C 105 -50.01 -55.00 -29.76
N ARG C 106 -50.21 -55.57 -28.57
CA ARG C 106 -49.20 -55.54 -27.52
C ARG C 106 -48.88 -56.95 -27.05
N ASP C 107 -47.59 -57.22 -26.86
CA ASP C 107 -47.09 -58.47 -26.31
C ASP C 107 -47.05 -58.37 -24.79
N GLY C 108 -47.10 -59.51 -24.12
CA GLY C 108 -46.88 -59.54 -22.70
C GLY C 108 -48.18 -59.62 -21.94
N PRO C 109 -48.09 -59.85 -20.63
CA PRO C 109 -49.30 -59.92 -19.80
C PRO C 109 -49.91 -58.55 -19.62
N HIS C 110 -51.00 -58.30 -20.35
CA HIS C 110 -51.65 -56.99 -20.38
C HIS C 110 -53.15 -57.15 -20.59
N PRO C 111 -53.95 -56.16 -20.20
CA PRO C 111 -55.38 -56.21 -20.53
C PRO C 111 -55.62 -55.94 -22.01
N VAL C 112 -55.58 -57.02 -22.80
CA VAL C 112 -55.52 -56.96 -24.27
C VAL C 112 -56.70 -56.19 -24.84
N GLU C 113 -56.41 -55.25 -25.74
CA GLU C 113 -57.34 -54.23 -26.18
C GLU C 113 -58.20 -54.72 -27.34
N GLN C 114 -59.48 -54.37 -27.29
CA GLN C 114 -60.45 -54.58 -28.36
C GLN C 114 -60.72 -53.25 -29.06
N PRO C 115 -61.23 -53.25 -30.29
CA PRO C 115 -61.55 -51.97 -30.94
C PRO C 115 -62.73 -51.29 -30.28
N VAL C 116 -62.88 -50.01 -30.59
CA VAL C 116 -63.85 -49.15 -29.94
C VAL C 116 -64.68 -48.44 -30.99
N HIS C 117 -65.82 -47.88 -30.55
CA HIS C 117 -66.69 -47.07 -31.39
C HIS C 117 -67.26 -45.95 -30.55
N ASN C 118 -67.41 -44.76 -31.14
CA ASN C 118 -67.68 -43.57 -30.34
C ASN C 118 -69.13 -43.10 -30.42
N TYR C 119 -69.56 -42.67 -31.61
CA TYR C 119 -70.95 -42.34 -31.95
C TYR C 119 -71.54 -41.26 -31.04
N MET C 120 -70.98 -40.06 -31.14
CA MET C 120 -71.54 -38.95 -30.36
C MET C 120 -72.37 -38.06 -31.27
N THR C 121 -73.26 -37.28 -30.66
CA THR C 121 -74.12 -36.35 -31.38
C THR C 121 -74.09 -34.98 -30.69
N LYS C 122 -74.54 -33.97 -31.42
CA LYS C 122 -74.49 -32.58 -30.95
C LYS C 122 -75.88 -31.97 -30.99
N VAL C 123 -75.96 -30.70 -30.58
CA VAL C 123 -77.21 -29.96 -30.43
C VAL C 123 -77.09 -28.63 -31.17
N ILE C 124 -78.13 -28.24 -31.90
CA ILE C 124 -78.15 -26.95 -32.59
C ILE C 124 -78.33 -25.83 -31.58
N ASP C 125 -77.58 -24.75 -31.73
CA ASP C 125 -77.82 -23.50 -31.02
C ASP C 125 -78.67 -22.60 -31.90
N ARG C 126 -79.50 -21.76 -31.27
CA ARG C 126 -80.29 -20.77 -31.96
C ARG C 126 -79.86 -19.37 -31.59
N ARG C 127 -79.56 -18.55 -32.59
CA ARG C 127 -79.34 -17.14 -32.37
C ARG C 127 -80.10 -16.37 -33.43
N ALA C 128 -80.11 -15.06 -33.30
CA ALA C 128 -80.90 -14.19 -34.17
C ALA C 128 -80.33 -12.78 -34.14
N LEU C 129 -80.07 -12.21 -35.32
CA LEU C 129 -79.64 -10.83 -35.40
C LEU C 129 -80.84 -9.91 -35.51
N ASN C 130 -80.59 -8.61 -35.31
CA ASN C 130 -81.67 -7.62 -35.31
C ASN C 130 -81.20 -6.34 -35.96
N ALA C 131 -82.10 -5.70 -36.71
CA ALA C 131 -81.86 -4.38 -37.28
C ALA C 131 -83.21 -3.70 -37.51
N ALA C 132 -83.17 -2.38 -37.69
CA ALA C 132 -84.39 -1.59 -37.82
C ALA C 132 -84.09 -0.30 -38.58
N PHE C 133 -85.14 0.44 -38.88
CA PHE C 133 -85.02 1.69 -39.62
C PHE C 133 -86.22 2.56 -39.29
N SER C 134 -86.25 3.76 -39.87
CA SER C 134 -87.21 4.79 -39.47
C SER C 134 -87.68 5.58 -40.67
N LEU C 135 -88.95 6.02 -40.60
CA LEU C 135 -89.50 6.97 -41.55
C LEU C 135 -90.26 8.06 -40.79
N ALA C 136 -90.01 9.30 -41.16
CA ALA C 136 -90.64 10.44 -40.50
C ALA C 136 -92.12 10.52 -40.87
N THR C 137 -92.92 11.05 -39.94
CA THR C 137 -94.36 10.83 -39.97
C THR C 137 -95.04 11.59 -41.10
N GLU C 138 -94.61 12.83 -41.35
CA GLU C 138 -95.15 13.56 -42.49
C GLU C 138 -94.63 12.95 -43.79
N ALA C 139 -93.44 12.38 -43.76
CA ALA C 139 -92.90 11.72 -44.95
C ALA C 139 -93.62 10.39 -45.19
N ILE C 140 -94.19 9.79 -44.14
CA ILE C 140 -95.10 8.67 -44.32
C ILE C 140 -96.36 9.14 -45.02
N ALA C 141 -96.85 10.32 -44.65
CA ALA C 141 -97.98 10.92 -45.35
C ALA C 141 -97.62 11.38 -46.75
N LEU C 142 -96.34 11.69 -47.01
CA LEU C 142 -95.91 11.93 -48.39
C LEU C 142 -96.00 10.66 -49.22
N LEU C 143 -95.81 9.51 -48.59
CA LEU C 143 -96.13 8.25 -49.24
C LEU C 143 -97.64 8.02 -49.18
N THR C 144 -98.09 7.10 -50.01
CA THR C 144 -99.49 6.65 -50.12
C THR C 144 -100.45 7.81 -50.39
N GLY C 145 -100.05 8.64 -51.36
CA GLY C 145 -100.86 9.79 -51.72
C GLY C 145 -100.86 10.81 -50.61
N GLU C 146 -102.05 11.16 -50.14
CA GLU C 146 -102.33 11.72 -48.81
C GLU C 146 -101.86 13.17 -48.63
N ALA C 147 -101.03 13.67 -49.53
CA ALA C 147 -100.64 15.08 -49.55
C ALA C 147 -100.22 15.42 -50.97
N LEU C 148 -101.16 15.92 -51.76
CA LEU C 148 -100.85 16.40 -53.10
C LEU C 148 -101.64 17.67 -53.36
N ASP C 149 -100.95 18.80 -53.38
CA ASP C 149 -101.53 20.05 -53.84
C ASP C 149 -101.51 20.18 -55.35
N GLY C 150 -100.87 19.24 -56.05
CA GLY C 150 -100.66 19.35 -57.47
C GLY C 150 -99.49 20.20 -57.87
N THR C 151 -98.95 21.02 -56.99
CA THR C 151 -97.83 21.88 -57.30
C THR C 151 -96.54 21.08 -57.36
N GLY C 152 -95.46 21.76 -57.75
CA GLY C 152 -94.15 21.12 -57.79
C GLY C 152 -93.62 20.75 -56.43
N ILE C 153 -94.11 21.38 -55.37
CA ILE C 153 -93.69 21.05 -54.02
C ILE C 153 -94.16 19.65 -53.64
N SER C 154 -95.46 19.39 -53.76
CA SER C 154 -96.06 18.18 -53.22
C SER C 154 -95.59 16.95 -53.98
N LEU C 155 -95.17 17.12 -55.23
CA LEU C 155 -94.61 15.99 -55.97
C LEU C 155 -93.16 15.78 -55.59
N HIS C 156 -92.39 16.86 -55.47
CA HIS C 156 -90.96 16.72 -55.17
C HIS C 156 -90.74 16.26 -53.75
N ARG C 157 -91.64 16.62 -52.84
CA ARG C 157 -91.56 16.13 -51.47
C ARG C 157 -91.79 14.62 -51.42
N GLN C 158 -92.64 14.12 -52.30
CA GLN C 158 -92.84 12.68 -52.36
C GLN C 158 -91.61 12.00 -52.95
N LEU C 159 -90.94 12.68 -53.88
CA LEU C 159 -89.66 12.17 -54.37
C LEU C 159 -88.61 12.23 -53.29
N ARG C 160 -88.71 13.19 -52.37
CA ARG C 160 -87.76 13.29 -51.27
C ARG C 160 -87.83 12.07 -50.36
N ALA C 161 -89.04 11.61 -50.05
CA ALA C 161 -89.19 10.50 -49.12
C ALA C 161 -88.80 9.17 -49.75
N ILE C 162 -89.02 9.02 -51.05
CA ILE C 162 -88.72 7.75 -51.71
C ILE C 162 -87.21 7.54 -51.82
N GLN C 163 -86.48 8.59 -52.18
CA GLN C 163 -85.03 8.47 -52.22
C GLN C 163 -84.43 8.46 -50.83
N GLN C 164 -85.16 9.01 -49.84
CA GLN C 164 -84.83 8.73 -48.45
C GLN C 164 -85.05 7.27 -48.11
N LEU C 165 -86.19 6.71 -48.53
CA LEU C 165 -86.49 5.30 -48.29
C LEU C 165 -85.49 4.40 -49.02
N ALA C 166 -85.01 4.86 -50.17
CA ALA C 166 -84.06 4.09 -50.97
C ALA C 166 -82.74 3.89 -50.24
N ARG C 167 -82.39 4.81 -49.33
CA ARG C 167 -81.15 4.67 -48.60
C ARG C 167 -81.30 3.68 -47.44
N ASN C 168 -82.47 3.65 -46.81
CA ASN C 168 -82.65 2.82 -45.63
C ASN C 168 -82.71 1.33 -45.98
N VAL C 169 -83.28 1.01 -47.15
CA VAL C 169 -83.30 -0.38 -47.59
C VAL C 169 -81.90 -0.85 -47.92
N GLN C 170 -81.11 0.01 -48.55
CA GLN C 170 -79.72 -0.32 -48.82
C GLN C 170 -78.91 -0.34 -47.54
N ALA C 171 -79.36 0.35 -46.51
CA ALA C 171 -78.68 0.31 -45.23
C ALA C 171 -78.87 -1.02 -44.53
N VAL C 172 -80.13 -1.40 -44.26
CA VAL C 172 -80.36 -2.58 -43.44
C VAL C 172 -80.09 -3.88 -44.18
N LEU C 173 -80.11 -3.87 -45.51
CA LEU C 173 -79.60 -5.04 -46.22
C LEU C 173 -78.11 -5.18 -46.06
N GLY C 174 -77.40 -4.06 -45.96
CA GLY C 174 -76.00 -4.11 -45.60
C GLY C 174 -75.75 -4.47 -44.16
N ALA C 175 -76.76 -4.27 -43.30
CA ALA C 175 -76.60 -4.57 -41.89
C ALA C 175 -76.44 -6.07 -41.66
N PHE C 176 -77.38 -6.87 -42.19
CA PHE C 176 -77.25 -8.31 -42.04
C PHE C 176 -76.16 -8.89 -42.93
N GLU C 177 -75.79 -8.20 -44.01
CA GLU C 177 -74.71 -8.68 -44.85
C GLU C 177 -73.37 -8.57 -44.13
N ARG C 178 -73.22 -7.59 -43.25
CA ARG C 178 -72.03 -7.50 -42.42
C ARG C 178 -72.26 -8.09 -41.05
N GLY C 179 -73.52 -8.17 -40.61
CA GLY C 179 -73.80 -8.66 -39.27
C GLY C 179 -73.49 -10.13 -39.11
N THR C 180 -73.47 -10.87 -40.22
CA THR C 180 -73.07 -12.26 -40.20
C THR C 180 -71.61 -12.39 -39.82
N ALA C 181 -70.77 -11.48 -40.35
CA ALA C 181 -69.35 -11.50 -40.03
C ALA C 181 -69.10 -11.16 -38.56
N ASP C 182 -70.01 -10.39 -37.97
CA ASP C 182 -69.87 -10.05 -36.55
C ASP C 182 -70.10 -11.25 -35.67
N GLN C 183 -71.18 -11.98 -35.92
CA GLN C 183 -71.54 -13.15 -35.14
C GLN C 183 -70.50 -14.25 -35.21
N MET C 184 -69.74 -14.33 -36.30
CA MET C 184 -68.74 -15.38 -36.43
C MET C 184 -67.58 -15.15 -35.48
N LEU C 185 -67.30 -13.90 -35.13
CA LEU C 185 -66.30 -13.66 -34.11
C LEU C 185 -66.84 -14.00 -32.73
N HIS C 186 -68.14 -13.86 -32.52
CA HIS C 186 -68.69 -14.19 -31.22
C HIS C 186 -68.87 -15.68 -31.04
N VAL C 187 -68.93 -16.45 -32.12
CA VAL C 187 -68.94 -17.90 -31.93
C VAL C 187 -67.52 -18.45 -31.91
N LEU C 188 -66.55 -17.69 -32.40
CA LEU C 188 -65.18 -18.14 -32.26
C LEU C 188 -64.55 -17.67 -30.98
N LEU C 189 -65.14 -16.67 -30.33
CA LEU C 189 -64.64 -16.29 -29.01
C LEU C 189 -65.50 -16.84 -27.89
N GLU C 190 -66.62 -17.50 -28.21
CA GLU C 190 -67.26 -18.33 -27.22
C GLU C 190 -66.41 -19.55 -26.92
N LYS C 191 -65.85 -20.16 -27.95
CA LYS C 191 -64.75 -21.10 -27.84
C LYS C 191 -63.44 -20.34 -27.98
N ALA C 192 -62.34 -21.03 -28.32
CA ALA C 192 -60.95 -20.58 -28.37
C ALA C 192 -60.39 -20.15 -27.02
N PRO C 193 -60.03 -21.11 -26.16
CA PRO C 193 -59.26 -20.78 -24.96
C PRO C 193 -57.90 -20.21 -25.29
N PRO C 194 -57.30 -19.43 -24.38
CA PRO C 194 -56.03 -18.78 -24.69
C PRO C 194 -54.88 -19.76 -24.89
N LEU C 195 -53.87 -19.28 -25.62
CA LEU C 195 -52.82 -20.17 -26.13
C LEU C 195 -51.93 -20.68 -25.02
N ALA C 196 -51.68 -19.86 -24.01
CA ALA C 196 -50.85 -20.30 -22.89
C ALA C 196 -51.59 -21.31 -22.03
N LEU C 197 -52.92 -21.34 -22.15
CA LEU C 197 -53.66 -22.36 -21.42
C LEU C 197 -53.97 -23.55 -22.33
N LEU C 198 -53.55 -23.49 -23.59
CA LEU C 198 -53.97 -24.53 -24.54
C LEU C 198 -52.83 -25.48 -24.88
N LEU C 199 -51.71 -24.95 -25.37
CA LEU C 199 -50.61 -25.84 -25.75
C LEU C 199 -49.95 -26.59 -24.59
N PRO C 200 -49.96 -26.12 -23.32
CA PRO C 200 -49.70 -27.08 -22.23
C PRO C 200 -50.77 -28.14 -22.12
N MET C 201 -52.04 -27.77 -22.25
CA MET C 201 -53.13 -28.74 -22.20
C MET C 201 -53.02 -29.76 -23.33
N GLN C 202 -52.50 -29.34 -24.49
CA GLN C 202 -52.45 -30.22 -25.64
C GLN C 202 -51.47 -31.36 -25.45
N ARG C 203 -50.31 -31.09 -24.87
CA ARG C 203 -49.34 -32.17 -24.79
C ARG C 203 -49.65 -33.18 -23.68
N TYR C 204 -50.58 -32.89 -22.79
CA TYR C 204 -50.92 -33.83 -21.71
C TYR C 204 -52.22 -34.56 -21.93
N LEU C 205 -52.77 -34.53 -23.14
CA LEU C 205 -53.98 -35.32 -23.40
C LEU C 205 -53.67 -36.69 -23.96
N ASP C 206 -53.05 -36.74 -25.13
CA ASP C 206 -52.91 -37.98 -25.90
C ASP C 206 -51.72 -38.78 -25.39
N ASN C 207 -51.79 -39.22 -24.13
CA ASN C 207 -50.88 -40.22 -23.62
C ASN C 207 -51.60 -41.33 -22.87
N GLY C 208 -52.63 -40.96 -22.11
CA GLY C 208 -53.30 -41.89 -21.22
C GLY C 208 -52.91 -41.68 -19.76
N THR C 212 -54.81 -41.16 -12.24
CA THR C 212 -53.84 -40.31 -12.90
C THR C 212 -53.80 -38.94 -12.24
N ARG C 213 -53.86 -38.92 -10.91
CA ARG C 213 -53.97 -37.64 -10.21
C ARG C 213 -52.65 -36.88 -10.22
N VAL C 214 -51.52 -37.58 -10.27
CA VAL C 214 -50.23 -36.92 -10.22
C VAL C 214 -49.98 -36.16 -11.51
N ALA C 215 -50.30 -36.77 -12.64
CA ALA C 215 -50.14 -36.10 -13.93
C ALA C 215 -51.15 -34.98 -14.08
N ARG C 216 -52.26 -35.05 -13.33
CA ARG C 216 -53.20 -33.93 -13.32
C ARG C 216 -52.58 -32.70 -12.71
N ALA C 217 -51.84 -32.87 -11.62
CA ALA C 217 -51.26 -31.71 -10.94
C ALA C 217 -50.13 -31.11 -11.76
N THR C 218 -49.31 -31.97 -12.38
CA THR C 218 -48.17 -31.48 -13.14
C THR C 218 -48.59 -30.84 -14.44
N LEU C 219 -49.85 -30.97 -14.81
CA LEU C 219 -50.44 -30.03 -15.75
C LEU C 219 -50.56 -28.68 -15.08
N VAL C 220 -51.19 -28.68 -13.90
CA VAL C 220 -51.73 -27.44 -13.32
C VAL C 220 -50.62 -26.51 -12.89
N ALA C 221 -49.63 -27.04 -12.18
CA ALA C 221 -48.51 -26.23 -11.74
C ALA C 221 -47.64 -25.80 -12.91
N GLU C 222 -47.64 -26.59 -13.98
CA GLU C 222 -47.00 -26.16 -15.21
C GLU C 222 -47.91 -25.26 -16.02
N LEU C 223 -49.23 -25.34 -15.80
CA LEU C 223 -50.13 -24.40 -16.47
C LEU C 223 -49.94 -23.00 -15.91
N LYS C 224 -50.00 -22.85 -14.60
CA LYS C 224 -49.97 -21.56 -13.92
C LYS C 224 -48.63 -20.85 -14.05
N ARG C 225 -47.56 -21.55 -14.39
CA ARG C 225 -46.30 -20.88 -14.67
C ARG C 225 -46.26 -20.42 -16.12
N SER C 226 -46.90 -21.19 -17.00
CA SER C 226 -46.91 -20.86 -18.43
C SER C 226 -47.72 -19.61 -18.71
N PHE C 227 -48.82 -19.41 -17.99
CA PHE C 227 -49.63 -18.23 -18.20
C PHE C 227 -48.92 -16.98 -17.70
N CYS C 228 -48.06 -17.15 -16.69
CA CYS C 228 -47.37 -16.02 -16.09
C CYS C 228 -46.23 -15.54 -16.98
N ASP C 229 -45.89 -16.32 -18.01
CA ASP C 229 -44.70 -16.00 -18.78
C ASP C 229 -44.96 -15.81 -20.27
N THR C 230 -45.76 -16.67 -20.88
CA THR C 230 -45.90 -16.63 -22.32
C THR C 230 -47.17 -15.95 -22.79
N SER C 231 -48.09 -15.61 -21.89
CA SER C 231 -49.17 -14.73 -22.25
C SER C 231 -48.62 -13.34 -22.50
N PHE C 232 -49.18 -12.67 -23.52
CA PHE C 232 -48.65 -11.45 -24.13
C PHE C 232 -47.21 -11.64 -24.58
N PHE C 233 -46.97 -12.72 -25.33
CA PHE C 233 -45.62 -13.09 -25.74
C PHE C 233 -45.02 -12.02 -26.65
N LEU C 234 -45.77 -11.62 -27.65
CA LEU C 234 -45.35 -10.49 -28.45
C LEU C 234 -45.48 -9.25 -27.58
N GLY C 235 -44.50 -8.37 -27.69
CA GLY C 235 -44.37 -7.27 -26.77
C GLY C 235 -43.55 -7.58 -25.54
N LYS C 236 -43.62 -8.80 -25.01
CA LYS C 236 -42.72 -9.19 -23.94
C LYS C 236 -41.35 -9.56 -24.50
N ALA C 237 -41.34 -10.34 -25.56
CA ALA C 237 -40.09 -10.77 -26.20
C ALA C 237 -40.07 -10.48 -27.69
N GLY C 238 -40.97 -9.62 -28.18
CA GLY C 238 -41.09 -9.37 -29.60
C GLY C 238 -39.94 -8.59 -30.21
N HIS C 239 -38.98 -8.14 -29.41
CA HIS C 239 -37.80 -7.46 -29.90
C HIS C 239 -36.93 -8.33 -30.80
N ARG C 240 -36.88 -9.64 -30.56
CA ARG C 240 -36.16 -10.57 -31.41
C ARG C 240 -37.17 -11.28 -32.27
N ARG C 241 -36.75 -11.70 -33.46
CA ARG C 241 -37.71 -12.18 -34.45
C ARG C 241 -37.82 -13.69 -34.51
N GLU C 242 -36.86 -14.43 -33.97
CA GLU C 242 -36.91 -15.88 -34.11
C GLU C 242 -37.90 -16.48 -33.13
N ALA C 243 -37.98 -15.91 -31.93
CA ALA C 243 -38.94 -16.39 -30.96
C ALA C 243 -40.37 -16.09 -31.39
N ILE C 244 -40.56 -15.06 -32.21
CA ILE C 244 -41.85 -14.82 -32.83
C ILE C 244 -42.23 -15.98 -33.74
N GLU C 245 -41.27 -16.48 -34.52
CA GLU C 245 -41.58 -17.43 -35.59
C GLU C 245 -41.96 -18.79 -35.04
N ALA C 246 -41.31 -19.23 -33.97
CA ALA C 246 -41.71 -20.46 -33.34
C ALA C 246 -43.05 -20.31 -32.63
N TRP C 247 -43.27 -19.15 -32.01
CA TRP C 247 -44.59 -18.81 -31.48
C TRP C 247 -45.62 -18.70 -32.58
N LEU C 248 -45.21 -18.23 -33.75
CA LEU C 248 -46.11 -18.16 -34.88
C LEU C 248 -46.49 -19.54 -35.38
N VAL C 249 -45.50 -20.41 -35.59
CA VAL C 249 -45.80 -21.72 -36.17
C VAL C 249 -46.52 -22.62 -35.17
N ASP C 250 -46.37 -22.38 -33.87
CA ASP C 250 -47.12 -23.17 -32.90
C ASP C 250 -48.46 -22.51 -32.58
N LEU C 251 -48.65 -21.28 -33.03
CA LEU C 251 -50.00 -20.74 -33.10
C LEU C 251 -50.75 -21.39 -34.23
N THR C 252 -50.03 -21.90 -35.23
CA THR C 252 -50.67 -22.49 -36.38
C THR C 252 -51.11 -23.91 -36.11
N THR C 253 -50.18 -24.78 -35.71
CA THR C 253 -50.46 -26.20 -35.60
C THR C 253 -50.96 -26.58 -34.22
N ALA C 254 -51.54 -25.64 -33.50
CA ALA C 254 -52.08 -25.94 -32.19
C ALA C 254 -53.42 -26.66 -32.25
N THR C 255 -54.16 -26.54 -33.35
CA THR C 255 -55.50 -27.08 -33.42
C THR C 255 -55.60 -28.12 -34.51
N GLN C 256 -56.78 -28.72 -34.62
CA GLN C 256 -56.89 -29.88 -35.50
C GLN C 256 -57.93 -29.62 -36.58
N PRO C 257 -57.58 -29.90 -37.84
CA PRO C 257 -58.53 -29.73 -38.93
C PRO C 257 -59.62 -30.78 -38.84
N SER C 258 -60.80 -30.33 -38.42
CA SER C 258 -61.87 -31.28 -38.19
C SER C 258 -63.12 -30.79 -38.90
N VAL C 259 -63.14 -30.97 -40.22
CA VAL C 259 -64.23 -31.44 -41.10
C VAL C 259 -63.58 -31.53 -42.48
N ALA C 260 -63.90 -32.56 -43.25
CA ALA C 260 -63.54 -32.58 -44.66
C ALA C 260 -64.81 -32.51 -45.50
N VAL C 261 -65.09 -31.35 -46.07
CA VAL C 261 -66.16 -31.17 -47.05
C VAL C 261 -65.55 -30.66 -48.34
N PRO C 262 -65.73 -31.36 -49.46
CA PRO C 262 -65.11 -30.91 -50.71
C PRO C 262 -65.83 -29.72 -51.37
N ARG C 263 -66.96 -29.28 -50.82
CA ARG C 263 -67.76 -28.28 -51.51
C ARG C 263 -67.15 -26.89 -51.45
N LEU C 264 -66.81 -26.39 -50.26
CA LEU C 264 -66.26 -25.05 -50.15
C LEU C 264 -64.80 -24.99 -50.61
N THR C 265 -64.59 -24.78 -51.91
CA THR C 265 -63.26 -24.47 -52.41
C THR C 265 -63.02 -22.97 -52.24
N HIS C 266 -62.82 -22.57 -50.99
CA HIS C 266 -62.84 -21.18 -50.58
C HIS C 266 -61.41 -20.64 -50.60
N ALA C 267 -60.67 -21.02 -51.62
CA ALA C 267 -59.24 -21.17 -51.47
C ALA C 267 -58.56 -21.22 -52.82
N ASP C 268 -57.25 -21.44 -52.77
CA ASP C 268 -56.44 -21.93 -53.89
C ASP C 268 -56.39 -21.02 -55.12
N THR C 269 -55.77 -19.85 -54.99
CA THR C 269 -55.20 -19.21 -56.14
C THR C 269 -54.11 -20.13 -56.67
N ARG C 270 -54.16 -20.38 -57.99
CA ARG C 270 -53.32 -21.33 -58.76
C ARG C 270 -53.21 -22.73 -58.13
N GLY C 271 -54.17 -23.11 -57.29
CA GLY C 271 -54.31 -24.49 -56.89
C GLY C 271 -53.86 -24.87 -55.48
N ARG C 272 -53.59 -23.90 -54.59
CA ARG C 272 -53.16 -24.43 -53.30
C ARG C 272 -54.19 -24.16 -52.23
N PRO C 273 -54.92 -25.17 -51.76
CA PRO C 273 -56.05 -24.93 -50.84
C PRO C 273 -55.65 -24.40 -49.48
N VAL C 274 -56.40 -23.40 -49.06
CA VAL C 274 -56.07 -22.56 -47.92
C VAL C 274 -56.68 -23.13 -46.66
N ASP C 275 -55.89 -23.16 -45.59
CA ASP C 275 -56.37 -23.48 -44.26
C ASP C 275 -55.99 -22.36 -43.31
N GLY C 276 -56.97 -21.82 -42.60
CA GLY C 276 -56.69 -20.80 -41.62
C GLY C 276 -57.15 -19.43 -42.05
N VAL C 277 -57.44 -18.60 -41.05
CA VAL C 277 -58.07 -17.31 -41.26
C VAL C 277 -57.18 -16.18 -40.75
N LEU C 278 -56.82 -16.26 -39.47
CA LEU C 278 -56.05 -15.25 -38.73
C LEU C 278 -56.73 -13.88 -38.74
N VAL C 279 -57.87 -13.83 -38.08
CA VAL C 279 -58.48 -12.58 -37.70
C VAL C 279 -57.59 -11.93 -36.66
N THR C 280 -57.16 -10.70 -36.93
CA THR C 280 -56.31 -9.96 -36.01
C THR C 280 -56.87 -8.56 -35.88
N THR C 281 -56.10 -7.70 -35.24
CA THR C 281 -56.32 -6.28 -35.42
C THR C 281 -55.40 -5.76 -36.52
N ALA C 282 -55.68 -4.55 -36.97
CA ALA C 282 -55.04 -4.04 -38.18
C ALA C 282 -53.58 -3.69 -37.97
N ALA C 283 -53.25 -3.12 -36.81
CA ALA C 283 -51.88 -2.69 -36.57
C ALA C 283 -50.96 -3.88 -36.40
N ILE C 284 -51.42 -4.91 -35.71
CA ILE C 284 -50.61 -6.11 -35.52
C ILE C 284 -50.48 -6.86 -36.83
N LYS C 285 -51.54 -6.87 -37.65
CA LYS C 285 -51.47 -7.42 -38.99
C LYS C 285 -50.45 -6.67 -39.84
N GLN C 286 -50.32 -5.36 -39.63
CA GLN C 286 -49.30 -4.60 -40.32
C GLN C 286 -47.90 -4.95 -39.86
N ARG C 287 -47.67 -4.98 -38.54
CA ARG C 287 -46.33 -5.21 -38.01
C ARG C 287 -45.85 -6.63 -38.30
N LEU C 288 -46.77 -7.59 -38.26
CA LEU C 288 -46.37 -8.97 -38.50
C LEU C 288 -46.04 -9.20 -39.97
N LEU C 289 -46.81 -8.58 -40.86
CA LEU C 289 -46.58 -8.71 -42.30
C LEU C 289 -45.27 -8.09 -42.74
N GLN C 290 -44.89 -6.99 -42.10
CA GLN C 290 -43.87 -6.10 -42.67
C GLN C 290 -42.48 -6.70 -42.56
N SER C 291 -42.18 -7.36 -41.45
CA SER C 291 -40.88 -7.99 -41.26
C SER C 291 -41.00 -9.47 -40.96
N PHE C 292 -41.95 -9.86 -40.11
CA PHE C 292 -41.99 -11.23 -39.61
C PHE C 292 -42.63 -12.16 -40.63
N LEU C 293 -43.84 -11.85 -41.06
CA LEU C 293 -44.49 -12.53 -42.16
C LEU C 293 -44.18 -11.89 -43.49
N LYS C 294 -42.90 -11.75 -43.84
CA LYS C 294 -42.50 -11.14 -45.10
C LYS C 294 -42.85 -12.08 -46.26
N VAL C 295 -42.97 -13.36 -45.95
CA VAL C 295 -43.48 -14.34 -46.92
C VAL C 295 -44.94 -14.02 -47.17
N GLU C 296 -45.31 -13.93 -48.43
CA GLU C 296 -46.62 -13.56 -48.90
C GLU C 296 -46.83 -14.23 -50.25
N ASP C 297 -48.02 -14.78 -50.47
CA ASP C 297 -48.23 -15.59 -51.67
C ASP C 297 -48.87 -14.81 -52.81
N THR C 298 -50.09 -14.32 -52.65
CA THR C 298 -50.87 -13.74 -53.75
C THR C 298 -52.00 -12.93 -53.16
N GLU C 299 -52.14 -11.69 -53.61
CA GLU C 299 -53.21 -10.81 -53.13
C GLU C 299 -54.42 -10.93 -54.05
N ALA C 300 -54.83 -12.16 -54.33
CA ALA C 300 -56.07 -12.44 -55.05
C ALA C 300 -56.50 -13.85 -54.71
N ASP C 301 -57.71 -14.02 -54.24
CA ASP C 301 -58.12 -15.30 -53.67
C ASP C 301 -59.38 -15.76 -54.38
N VAL C 302 -59.68 -17.05 -54.25
CA VAL C 302 -60.80 -17.67 -54.94
C VAL C 302 -61.74 -18.25 -53.89
N PRO C 303 -62.70 -17.49 -53.38
CA PRO C 303 -63.84 -18.10 -52.67
C PRO C 303 -64.92 -18.51 -53.66
N VAL C 304 -66.04 -18.93 -53.11
CA VAL C 304 -67.07 -19.60 -53.90
C VAL C 304 -68.30 -18.72 -54.06
N THR C 305 -69.26 -19.22 -54.83
CA THR C 305 -70.61 -18.70 -54.85
C THR C 305 -71.48 -19.58 -53.94
N TYR C 306 -72.65 -19.07 -53.56
CA TYR C 306 -73.37 -19.55 -52.39
C TYR C 306 -74.00 -20.92 -52.60
N GLY C 307 -74.09 -21.69 -51.52
CA GLY C 307 -74.73 -22.99 -51.55
C GLY C 307 -75.70 -23.13 -50.40
N GLU C 308 -76.73 -23.95 -50.62
CA GLU C 308 -77.88 -23.96 -49.73
C GLU C 308 -78.56 -25.32 -49.76
N MET C 309 -79.69 -25.41 -49.08
CA MET C 309 -80.52 -26.61 -49.07
C MET C 309 -81.98 -26.26 -48.92
N VAL C 310 -82.85 -27.23 -49.22
CA VAL C 310 -84.30 -27.04 -49.09
C VAL C 310 -84.89 -28.29 -48.47
N LEU C 311 -86.12 -28.15 -47.98
CA LEU C 311 -86.93 -29.29 -47.55
C LEU C 311 -88.19 -29.29 -48.40
N ASN C 312 -88.14 -29.96 -49.55
CA ASN C 312 -89.23 -29.86 -50.52
C ASN C 312 -89.68 -31.17 -51.11
N GLY C 313 -88.94 -32.25 -50.94
CA GLY C 313 -89.24 -33.51 -51.61
C GLY C 313 -90.35 -34.28 -50.93
N ALA C 314 -90.17 -35.60 -50.85
CA ALA C 314 -91.12 -36.41 -50.10
C ALA C 314 -90.82 -36.38 -48.60
N ASN C 315 -89.92 -35.49 -48.19
CA ASN C 315 -89.44 -35.47 -46.82
C ASN C 315 -90.37 -34.66 -45.95
N LEU C 316 -91.02 -33.66 -46.54
CA LEU C 316 -91.97 -32.84 -45.81
C LEU C 316 -93.21 -33.65 -45.45
N VAL C 317 -93.50 -34.68 -46.25
CA VAL C 317 -94.43 -35.70 -45.83
C VAL C 317 -93.95 -36.37 -44.56
N THR C 318 -92.68 -36.79 -44.55
CA THR C 318 -92.15 -37.50 -43.39
C THR C 318 -92.02 -36.58 -42.18
N ALA C 319 -91.81 -35.29 -42.43
CA ALA C 319 -91.68 -34.34 -41.35
C ALA C 319 -93.01 -34.11 -40.66
N LEU C 320 -94.13 -34.34 -41.35
CA LEU C 320 -95.41 -34.23 -40.69
C LEU C 320 -95.95 -35.59 -40.27
N VAL C 321 -95.60 -36.64 -41.01
CA VAL C 321 -96.12 -37.96 -40.68
C VAL C 321 -95.41 -38.53 -39.45
N MET C 322 -94.09 -38.65 -39.50
CA MET C 322 -93.38 -39.18 -38.35
C MET C 322 -92.57 -38.13 -37.61
N GLY C 323 -92.66 -36.86 -38.02
CA GLY C 323 -91.97 -35.82 -37.29
C GLY C 323 -90.48 -35.79 -37.46
N LYS C 324 -89.94 -36.50 -38.44
CA LYS C 324 -88.50 -36.55 -38.65
C LYS C 324 -88.20 -36.03 -40.05
N ALA C 325 -87.07 -35.34 -40.18
CA ALA C 325 -86.60 -34.86 -41.47
C ALA C 325 -85.13 -35.18 -41.63
N VAL C 326 -84.75 -35.63 -42.82
CA VAL C 326 -83.37 -35.91 -43.16
C VAL C 326 -83.05 -35.22 -44.46
N ARG C 327 -82.05 -34.36 -44.44
CA ARG C 327 -81.55 -33.75 -45.66
C ARG C 327 -80.96 -34.81 -46.58
N SER C 328 -81.25 -34.66 -47.88
CA SER C 328 -80.91 -35.63 -48.93
C SER C 328 -81.38 -37.04 -48.55
N LEU C 329 -82.65 -37.16 -48.25
CA LEU C 329 -83.20 -38.45 -47.90
C LEU C 329 -83.41 -39.29 -49.15
N ASP C 330 -83.53 -38.62 -50.30
CA ASP C 330 -83.94 -39.29 -51.54
C ASP C 330 -82.85 -40.22 -52.07
N ASP C 331 -81.61 -39.72 -52.15
CA ASP C 331 -80.54 -40.59 -52.60
C ASP C 331 -80.13 -41.57 -51.51
N VAL C 332 -80.35 -41.21 -50.25
CA VAL C 332 -80.32 -42.19 -49.18
C VAL C 332 -81.40 -43.24 -49.40
N GLY C 333 -82.59 -42.78 -49.77
CA GLY C 333 -83.64 -43.70 -50.17
C GLY C 333 -83.28 -44.47 -51.43
N ARG C 334 -82.47 -43.86 -52.29
CA ARG C 334 -81.87 -44.63 -53.38
C ARG C 334 -80.82 -45.60 -52.84
N HIS C 335 -79.89 -45.10 -52.02
CA HIS C 335 -78.73 -45.90 -51.68
C HIS C 335 -79.07 -46.98 -50.66
N LEU C 336 -79.96 -46.70 -49.71
CA LEU C 336 -80.28 -47.72 -48.73
C LEU C 336 -81.14 -48.80 -49.35
N LEU C 337 -81.86 -48.48 -50.42
CA LEU C 337 -82.44 -49.56 -51.22
C LEU C 337 -81.37 -50.20 -52.08
N ASP C 338 -80.34 -49.45 -52.45
CA ASP C 338 -79.27 -50.04 -53.24
C ASP C 338 -78.36 -50.89 -52.36
N MET C 339 -78.22 -50.52 -51.09
CA MET C 339 -77.19 -51.14 -50.26
C MET C 339 -77.56 -52.56 -49.85
N GLN C 340 -78.83 -52.84 -49.56
CA GLN C 340 -79.21 -54.19 -49.18
C GLN C 340 -79.58 -55.05 -50.37
N GLU C 341 -79.31 -54.59 -51.57
CA GLU C 341 -79.19 -55.45 -52.73
C GLU C 341 -77.74 -55.75 -53.06
N GLU C 342 -76.88 -55.84 -52.04
CA GLU C 342 -75.43 -56.10 -52.14
C GLU C 342 -74.69 -55.10 -53.03
N ASN C 347 -66.00 -48.99 -44.39
CA ASN C 347 -66.84 -49.77 -45.31
C ASN C 347 -66.57 -49.36 -46.75
N ARG C 348 -65.62 -48.43 -46.91
CA ARG C 348 -65.34 -47.74 -48.17
C ARG C 348 -66.60 -47.10 -48.74
N GLU C 349 -67.18 -46.20 -47.95
CA GLU C 349 -68.48 -45.60 -48.19
C GLU C 349 -68.29 -44.27 -48.94
N THR C 350 -69.24 -43.97 -49.83
CA THR C 350 -69.35 -42.65 -50.44
C THR C 350 -70.45 -41.79 -49.80
N LEU C 351 -70.56 -41.81 -48.47
CA LEU C 351 -71.72 -41.29 -47.73
C LEU C 351 -71.80 -39.77 -47.57
N ASP C 352 -70.72 -39.12 -47.14
CA ASP C 352 -70.71 -37.71 -46.72
C ASP C 352 -71.21 -36.72 -47.76
N GLU C 353 -70.45 -36.47 -48.83
CA GLU C 353 -70.80 -35.46 -49.84
C GLU C 353 -69.92 -35.58 -51.08
N LEU C 354 -70.55 -35.58 -52.26
CA LEU C 354 -69.90 -35.21 -53.52
C LEU C 354 -70.96 -34.78 -54.51
N GLU C 355 -71.19 -33.46 -54.65
CA GLU C 355 -72.43 -33.08 -55.34
C GLU C 355 -72.30 -32.31 -56.66
N SER C 356 -71.73 -31.10 -56.65
CA SER C 356 -72.04 -30.19 -57.75
C SER C 356 -70.91 -29.31 -58.28
N ALA C 357 -69.79 -29.15 -57.55
CA ALA C 357 -68.66 -28.28 -57.90
C ALA C 357 -69.06 -26.83 -58.19
N PRO C 358 -69.29 -26.01 -57.14
CA PRO C 358 -69.85 -24.67 -57.34
C PRO C 358 -68.95 -23.68 -58.07
N GLN C 359 -69.44 -22.45 -58.20
CA GLN C 359 -68.81 -21.48 -59.06
C GLN C 359 -67.75 -20.68 -58.29
N THR C 360 -66.68 -20.31 -59.00
CA THR C 360 -65.52 -19.68 -58.40
C THR C 360 -65.41 -18.23 -58.88
N THR C 361 -64.98 -17.34 -57.98
CA THR C 361 -64.90 -15.92 -58.28
C THR C 361 -63.68 -15.33 -57.59
N ARG C 362 -62.98 -14.43 -58.28
CA ARG C 362 -61.78 -13.77 -57.77
C ARG C 362 -62.18 -12.56 -56.93
N VAL C 363 -61.33 -12.23 -55.96
CA VAL C 363 -61.56 -11.12 -55.04
C VAL C 363 -60.23 -10.77 -54.39
N ARG C 364 -60.15 -9.56 -53.83
CA ARG C 364 -58.93 -9.11 -53.18
C ARG C 364 -58.83 -9.65 -51.76
N ALA C 365 -57.64 -10.15 -51.42
CA ALA C 365 -57.39 -10.79 -50.14
C ALA C 365 -55.88 -10.85 -49.93
N ASP C 366 -55.45 -11.71 -49.01
CA ASP C 366 -54.04 -11.85 -48.65
C ASP C 366 -53.79 -13.29 -48.24
N LEU C 367 -52.64 -13.85 -48.63
CA LEU C 367 -52.28 -15.22 -48.27
C LEU C 367 -50.83 -15.31 -47.84
N VAL C 368 -50.59 -15.89 -46.66
CA VAL C 368 -49.25 -16.11 -46.14
C VAL C 368 -49.00 -17.59 -45.99
N ALA C 369 -47.72 -17.95 -45.91
CA ALA C 369 -47.30 -19.34 -45.82
C ALA C 369 -46.55 -19.55 -44.51
N ILE C 370 -47.29 -19.84 -43.44
CA ILE C 370 -46.72 -20.18 -42.14
C ILE C 370 -46.62 -21.70 -42.11
N GLY C 371 -45.43 -22.22 -42.38
CA GLY C 371 -45.32 -23.65 -42.55
C GLY C 371 -45.95 -24.07 -43.86
N ASP C 372 -46.29 -25.34 -43.96
CA ASP C 372 -47.01 -25.77 -45.16
C ASP C 372 -48.51 -25.58 -45.05
N ARG C 373 -48.98 -25.02 -43.95
CA ARG C 373 -50.36 -24.60 -43.83
C ARG C 373 -50.45 -23.15 -44.30
N LEU C 374 -51.14 -22.92 -45.41
CA LEU C 374 -51.19 -21.61 -46.03
C LEU C 374 -52.47 -20.90 -45.63
N VAL C 375 -52.33 -19.68 -45.11
CA VAL C 375 -53.34 -19.06 -44.26
C VAL C 375 -53.72 -17.70 -44.84
N PHE C 376 -55.01 -17.37 -44.75
CA PHE C 376 -55.51 -16.02 -45.01
C PHE C 376 -54.95 -15.02 -44.02
N LEU C 377 -55.13 -13.74 -44.33
CA LEU C 377 -55.04 -12.67 -43.33
C LEU C 377 -56.21 -11.74 -43.53
N GLU C 378 -56.79 -11.29 -42.43
CA GLU C 378 -57.92 -10.37 -42.48
C GLU C 378 -57.83 -9.39 -41.33
N ALA C 379 -57.81 -8.10 -41.65
CA ALA C 379 -58.07 -7.04 -40.69
C ALA C 379 -59.55 -6.76 -40.79
N LEU C 380 -60.22 -6.64 -39.66
CA LEU C 380 -61.67 -6.45 -39.67
C LEU C 380 -61.99 -5.15 -38.94
N GLU C 381 -61.22 -4.10 -39.21
CA GLU C 381 -61.54 -2.82 -38.59
C GLU C 381 -61.82 -1.78 -39.66
N LYS C 382 -60.89 -1.61 -40.58
CA LYS C 382 -61.11 -0.66 -41.67
C LYS C 382 -62.09 -1.20 -42.70
N ARG C 383 -62.34 -2.50 -42.68
CA ARG C 383 -63.26 -3.07 -43.67
C ARG C 383 -64.70 -2.74 -43.33
N ILE C 384 -65.20 -3.26 -42.21
CA ILE C 384 -66.64 -3.26 -42.00
C ILE C 384 -67.03 -2.44 -40.77
N TYR C 385 -66.19 -2.44 -39.73
CA TYR C 385 -66.54 -1.66 -38.56
C TYR C 385 -66.01 -0.24 -38.61
N ALA C 386 -65.94 0.38 -39.79
CA ALA C 386 -65.30 1.68 -39.98
C ALA C 386 -65.85 2.80 -39.11
N ALA C 387 -67.12 3.15 -39.29
CA ALA C 387 -67.75 4.22 -38.53
C ALA C 387 -69.05 3.79 -37.88
N THR C 388 -69.06 2.65 -37.20
CA THR C 388 -70.30 1.92 -36.97
C THR C 388 -70.78 1.94 -35.53
N ASN C 389 -69.99 2.50 -34.61
CA ASN C 389 -70.23 2.61 -33.16
C ASN C 389 -70.21 1.27 -32.42
N VAL C 390 -70.09 0.15 -33.10
CA VAL C 390 -69.83 -1.12 -32.44
C VAL C 390 -68.32 -1.30 -32.31
N PRO C 391 -67.81 -1.53 -31.10
CA PRO C 391 -66.37 -1.77 -30.94
C PRO C 391 -65.95 -3.07 -31.58
N TYR C 392 -64.75 -3.08 -32.11
CA TYR C 392 -64.16 -4.26 -32.71
C TYR C 392 -64.00 -5.35 -31.65
N PRO C 393 -64.24 -6.61 -31.99
CA PRO C 393 -64.18 -7.65 -30.95
C PRO C 393 -62.79 -7.94 -30.39
N LEU C 394 -61.78 -8.21 -31.21
CA LEU C 394 -60.55 -8.79 -30.65
C LEU C 394 -59.71 -7.81 -29.86
N VAL C 395 -59.95 -6.52 -29.96
CA VAL C 395 -59.42 -5.58 -28.98
C VAL C 395 -60.23 -5.78 -27.71
N GLY C 396 -59.65 -6.51 -26.78
CA GLY C 396 -60.41 -6.98 -25.65
C GLY C 396 -59.88 -6.50 -24.31
N ALA C 397 -59.90 -7.37 -23.32
CA ALA C 397 -59.58 -6.96 -21.98
C ALA C 397 -59.11 -8.15 -21.16
N MET C 398 -58.41 -7.85 -20.06
CA MET C 398 -57.99 -8.85 -19.09
C MET C 398 -58.10 -8.23 -17.71
N ASP C 399 -58.53 -9.02 -16.73
CA ASP C 399 -58.66 -8.56 -15.35
C ASP C 399 -57.78 -9.40 -14.43
N LEU C 400 -57.29 -8.79 -13.35
CA LEU C 400 -56.36 -9.44 -12.44
C LEU C 400 -56.54 -8.97 -11.02
N THR C 401 -56.31 -9.88 -10.07
CA THR C 401 -56.21 -9.53 -8.67
C THR C 401 -54.75 -9.29 -8.31
N PHE C 402 -54.47 -8.18 -7.65
CA PHE C 402 -53.13 -7.91 -7.17
C PHE C 402 -53.11 -7.87 -5.65
N VAL C 403 -52.01 -8.34 -5.09
CA VAL C 403 -51.87 -8.50 -3.66
C VAL C 403 -50.66 -7.73 -3.20
N LEU C 404 -50.86 -6.88 -2.18
CA LEU C 404 -49.81 -6.14 -1.51
C LEU C 404 -49.94 -6.32 -0.01
N PRO C 405 -48.86 -6.59 0.70
CA PRO C 405 -48.95 -6.72 2.16
C PRO C 405 -48.61 -5.43 2.87
N LEU C 406 -49.25 -5.23 4.02
CA LEU C 406 -48.99 -4.06 4.86
C LEU C 406 -48.42 -4.45 6.21
N GLY C 407 -47.48 -3.65 6.68
CA GLY C 407 -47.07 -3.60 8.07
C GLY C 407 -46.51 -4.88 8.65
N LEU C 408 -46.09 -5.82 7.81
CA LEU C 408 -45.61 -7.07 8.32
C LEU C 408 -44.17 -6.93 8.79
N PHE C 409 -43.58 -8.04 9.23
CA PHE C 409 -42.29 -7.94 9.90
C PHE C 409 -41.40 -9.08 9.44
N ASN C 410 -40.10 -8.80 9.37
CA ASN C 410 -39.15 -9.78 8.86
C ASN C 410 -39.00 -10.94 9.83
N PRO C 411 -38.61 -12.11 9.34
CA PRO C 411 -38.14 -13.16 10.23
C PRO C 411 -36.75 -12.84 10.79
N ALA C 412 -36.27 -13.76 11.64
CA ALA C 412 -35.05 -13.50 12.40
C ALA C 412 -33.83 -13.52 11.50
N MET C 413 -33.88 -14.29 10.43
CA MET C 413 -32.72 -14.39 9.55
C MET C 413 -32.66 -13.23 8.58
N GLU C 414 -33.78 -12.56 8.32
CA GLU C 414 -33.86 -11.58 7.25
C GLU C 414 -33.88 -10.14 7.72
N ARG C 415 -33.65 -9.89 9.01
CA ARG C 415 -33.59 -8.51 9.49
C ARG C 415 -32.13 -8.06 9.67
N PHE C 416 -31.53 -7.68 8.55
CA PHE C 416 -30.13 -7.27 8.51
C PHE C 416 -29.93 -6.16 7.49
N ALA C 417 -28.68 -5.95 7.08
CA ALA C 417 -28.38 -4.80 6.23
C ALA C 417 -27.59 -5.17 4.99
N ALA C 418 -26.78 -6.23 5.08
CA ALA C 418 -25.84 -6.77 4.06
C ALA C 418 -24.67 -5.85 3.76
N HIS C 419 -24.60 -4.65 4.32
CA HIS C 419 -23.41 -3.81 4.34
C HIS C 419 -23.53 -2.91 5.55
N ALA C 420 -22.39 -2.44 6.04
CA ALA C 420 -22.38 -1.61 7.24
C ALA C 420 -22.77 -0.17 6.92
N GLY C 421 -22.01 0.46 6.02
CA GLY C 421 -22.28 1.84 5.69
C GLY C 421 -23.21 1.93 4.51
N ASP C 422 -24.50 2.10 4.77
CA ASP C 422 -25.55 2.13 3.77
C ASP C 422 -26.85 2.63 4.40
N LEU C 423 -27.47 3.62 3.76
CA LEU C 423 -28.67 4.32 4.24
C LEU C 423 -28.44 4.93 5.61
N VAL C 424 -27.24 5.49 5.80
CA VAL C 424 -26.81 6.06 7.07
C VAL C 424 -27.50 7.40 7.26
N PRO C 425 -28.03 7.70 8.45
CA PRO C 425 -28.64 9.01 8.67
C PRO C 425 -27.63 10.05 9.12
N ALA C 426 -28.09 11.29 9.28
CA ALA C 426 -27.33 12.29 10.00
C ALA C 426 -27.20 11.83 11.45
N PRO C 427 -26.06 12.10 12.10
CA PRO C 427 -25.71 11.37 13.34
C PRO C 427 -26.58 11.67 14.54
N GLY C 428 -27.54 12.60 14.45
CA GLY C 428 -28.42 12.86 15.57
C GLY C 428 -29.81 12.30 15.38
N HIS C 429 -29.96 11.39 14.42
CA HIS C 429 -31.28 10.95 13.98
C HIS C 429 -31.55 9.52 14.40
N PRO C 430 -32.82 9.14 14.54
CA PRO C 430 -33.13 7.78 15.03
C PRO C 430 -32.89 6.68 14.03
N GLU C 431 -32.95 6.97 12.72
CA GLU C 431 -32.92 5.99 11.64
C GLU C 431 -34.06 5.00 11.84
N PRO C 432 -35.29 5.38 11.49
CA PRO C 432 -36.46 4.58 11.86
C PRO C 432 -36.64 3.29 11.08
N ARG C 433 -35.63 2.81 10.35
CA ARG C 433 -35.78 1.59 9.58
C ARG C 433 -35.78 0.37 10.48
N ALA C 434 -35.28 0.51 11.70
CA ALA C 434 -35.40 -0.57 12.67
C ALA C 434 -36.74 -0.53 13.37
N PHE C 435 -37.55 0.49 13.11
CA PHE C 435 -38.86 0.55 13.71
C PHE C 435 -39.80 -0.36 12.90
N PRO C 436 -40.95 -0.75 13.45
CA PRO C 436 -41.94 -1.49 12.66
C PRO C 436 -42.46 -0.68 11.50
N PRO C 437 -42.36 -1.22 10.28
CA PRO C 437 -42.84 -0.49 9.12
C PRO C 437 -44.36 -0.44 9.09
N ARG C 438 -44.90 0.71 8.71
CA ARG C 438 -46.34 0.93 8.66
C ARG C 438 -46.83 1.42 7.31
N GLN C 439 -45.92 1.77 6.41
CA GLN C 439 -46.29 2.41 5.16
C GLN C 439 -45.98 1.48 4.01
N LEU C 440 -46.41 1.88 2.81
CA LEU C 440 -46.07 1.14 1.61
C LEU C 440 -46.08 2.07 0.40
N PHE C 441 -45.02 2.00 -0.39
CA PHE C 441 -44.88 2.78 -1.60
C PHE C 441 -44.74 1.82 -2.78
N PHE C 442 -45.22 2.24 -3.94
CA PHE C 442 -45.24 1.41 -5.14
C PHE C 442 -45.48 2.30 -6.36
N TRP C 443 -45.29 1.72 -7.54
CA TRP C 443 -45.42 2.46 -8.79
C TRP C 443 -46.80 2.20 -9.40
N GLY C 444 -47.68 3.18 -9.29
CA GLY C 444 -48.94 3.12 -10.01
C GLY C 444 -48.75 3.46 -11.48
N LYS C 445 -49.87 3.50 -12.19
CA LYS C 445 -49.82 3.75 -13.62
C LYS C 445 -49.53 5.22 -13.91
N ASP C 446 -48.28 5.59 -13.66
CA ASP C 446 -47.60 6.84 -14.00
C ASP C 446 -46.17 6.76 -13.55
N HIS C 447 -45.44 7.85 -13.76
CA HIS C 447 -44.16 8.03 -13.09
C HIS C 447 -44.32 8.43 -11.63
N GLN C 448 -45.55 8.53 -11.11
CA GLN C 448 -45.73 8.79 -9.69
C GLN C 448 -45.45 7.56 -8.85
N VAL C 449 -45.11 7.80 -7.60
CA VAL C 449 -45.07 6.78 -6.57
C VAL C 449 -46.05 7.16 -5.47
N LEU C 450 -46.87 6.21 -5.04
CA LEU C 450 -48.00 6.51 -4.19
C LEU C 450 -47.81 5.89 -2.81
N ARG C 451 -48.76 6.13 -1.93
CA ARG C 451 -48.58 5.85 -0.51
C ARG C 451 -49.74 5.02 0.04
N LEU C 452 -49.41 4.05 0.89
CA LEU C 452 -50.41 3.22 1.55
C LEU C 452 -50.22 3.16 3.06
N SER C 453 -49.92 4.29 3.71
CA SER C 453 -49.80 4.33 5.17
C SER C 453 -51.12 3.96 5.83
N MET C 454 -51.07 3.14 6.88
CA MET C 454 -52.23 2.42 7.40
C MET C 454 -53.35 3.28 7.97
N GLU C 455 -53.21 4.61 8.00
CA GLU C 455 -54.36 5.47 8.22
C GLU C 455 -55.34 5.40 7.05
N ASN C 456 -54.86 4.92 5.90
CA ASN C 456 -55.70 4.43 4.82
C ASN C 456 -56.76 3.44 5.29
N ALA C 457 -56.41 2.54 6.21
CA ALA C 457 -57.23 1.38 6.52
C ALA C 457 -58.39 1.66 7.45
N VAL C 458 -58.63 2.92 7.81
CA VAL C 458 -59.60 3.22 8.86
C VAL C 458 -61.02 2.94 8.38
N GLY C 459 -61.25 2.95 7.07
CA GLY C 459 -62.59 2.69 6.55
C GLY C 459 -62.97 1.22 6.55
N THR C 460 -62.00 0.34 6.84
CA THR C 460 -62.25 -1.09 6.86
C THR C 460 -62.29 -1.63 8.29
N VAL C 461 -61.29 -1.30 9.08
CA VAL C 461 -61.14 -1.95 10.37
C VAL C 461 -61.88 -1.22 11.49
N CYS C 462 -62.07 0.09 11.38
CA CYS C 462 -62.72 0.84 12.44
C CYS C 462 -64.23 0.86 12.29
N HIS C 463 -64.76 0.15 11.31
CA HIS C 463 -66.19 -0.04 11.22
C HIS C 463 -66.64 -1.00 12.30
N PRO C 464 -67.83 -0.81 12.87
CA PRO C 464 -68.29 -1.72 13.91
C PRO C 464 -68.83 -3.05 13.41
N SER C 465 -68.11 -3.68 12.48
CA SER C 465 -68.38 -5.05 12.10
C SER C 465 -67.38 -6.01 12.73
N LEU C 466 -66.28 -5.48 13.25
CA LEU C 466 -65.29 -6.29 13.93
C LEU C 466 -65.85 -6.90 15.21
N MET C 467 -66.79 -6.22 15.86
CA MET C 467 -67.44 -6.70 17.07
C MET C 467 -68.63 -7.60 16.79
N ASN C 468 -68.80 -8.07 15.56
CA ASN C 468 -69.96 -8.87 15.20
C ASN C 468 -69.56 -10.32 14.98
N ILE C 469 -69.52 -11.10 16.06
CA ILE C 469 -69.15 -12.51 15.96
C ILE C 469 -70.18 -13.43 16.60
N ASP C 470 -71.43 -12.99 16.76
CA ASP C 470 -72.45 -13.85 17.32
C ASP C 470 -72.88 -14.95 16.35
N ALA C 471 -72.66 -14.73 15.05
CA ALA C 471 -72.87 -15.80 14.09
C ALA C 471 -71.73 -16.82 14.16
N ALA C 472 -70.57 -16.38 14.62
CA ALA C 472 -69.40 -17.26 14.65
C ALA C 472 -69.53 -18.29 15.77
N VAL C 473 -70.03 -17.88 16.93
CA VAL C 473 -70.08 -18.77 18.09
C VAL C 473 -71.14 -19.84 17.90
N GLY C 474 -72.29 -19.49 17.33
CA GLY C 474 -73.34 -20.47 17.15
C GLY C 474 -73.04 -21.47 16.05
N GLY C 475 -72.26 -21.06 15.05
CA GLY C 475 -71.94 -21.95 13.96
C GLY C 475 -70.73 -22.81 14.22
N VAL C 476 -70.12 -22.64 15.39
CA VAL C 476 -69.03 -23.50 15.80
C VAL C 476 -69.40 -24.37 17.00
N ASN C 477 -70.49 -24.02 17.70
CA ASN C 477 -70.81 -24.69 18.95
C ASN C 477 -71.40 -26.08 18.70
N HIS C 478 -71.86 -26.34 17.49
CA HIS C 478 -72.22 -27.69 17.11
C HIS C 478 -70.96 -28.54 16.99
N ASP C 479 -71.17 -29.87 16.90
CA ASP C 479 -70.16 -30.91 17.11
C ASP C 479 -69.49 -30.64 18.44
N PRO C 480 -70.19 -30.88 19.56
CA PRO C 480 -69.75 -30.34 20.86
C PRO C 480 -68.47 -30.99 21.35
N VAL C 481 -67.73 -30.22 22.15
CA VAL C 481 -66.33 -30.49 22.42
C VAL C 481 -66.18 -31.18 23.77
N GLU C 482 -65.22 -32.09 23.85
CA GLU C 482 -64.79 -32.66 25.12
C GLU C 482 -64.17 -31.55 25.95
N ALA C 483 -64.67 -31.38 27.18
CA ALA C 483 -64.22 -30.29 28.02
C ALA C 483 -62.78 -30.54 28.47
N ALA C 484 -61.95 -29.52 28.31
CA ALA C 484 -60.56 -29.58 28.76
C ALA C 484 -60.49 -29.25 30.24
N ASN C 485 -59.26 -29.26 30.76
CA ASN C 485 -59.03 -28.89 32.15
C ASN C 485 -59.34 -27.40 32.37
N PRO C 486 -60.35 -27.07 33.12
CA PRO C 486 -60.80 -25.69 33.18
C PRO C 486 -60.05 -24.88 34.23
N TYR C 487 -58.74 -24.76 34.11
CA TYR C 487 -57.99 -23.91 35.02
C TYR C 487 -57.99 -22.45 34.57
N GLY C 488 -57.41 -22.17 33.42
CA GLY C 488 -57.32 -20.80 32.98
C GLY C 488 -58.61 -20.21 32.45
N ALA C 489 -59.68 -20.99 32.41
CA ALA C 489 -60.93 -20.57 31.80
C ALA C 489 -62.10 -20.58 32.76
N TYR C 490 -61.87 -20.77 34.06
CA TYR C 490 -62.98 -20.85 35.00
C TYR C 490 -62.83 -19.81 36.09
N VAL C 491 -63.69 -18.79 36.03
CA VAL C 491 -63.91 -17.90 37.15
C VAL C 491 -64.71 -18.68 38.17
N ALA C 492 -64.43 -18.46 39.44
CA ALA C 492 -65.21 -19.03 40.51
C ALA C 492 -65.81 -17.92 41.35
N ALA C 493 -66.83 -18.24 42.11
CA ALA C 493 -67.13 -17.33 43.19
C ALA C 493 -66.08 -17.49 44.29
N PRO C 494 -65.45 -16.40 44.72
CA PRO C 494 -64.52 -16.51 45.85
C PRO C 494 -65.28 -16.78 47.13
N ALA C 495 -64.68 -17.58 48.01
CA ALA C 495 -65.33 -17.99 49.25
C ALA C 495 -64.29 -18.16 50.35
N GLY C 496 -64.74 -18.09 51.59
CA GLY C 496 -63.87 -18.25 52.73
C GLY C 496 -63.01 -17.03 52.98
N PRO C 497 -62.10 -17.10 53.94
CA PRO C 497 -61.26 -15.95 54.25
C PRO C 497 -60.16 -15.77 53.23
N GLY C 498 -59.32 -14.77 53.48
CA GLY C 498 -58.10 -14.65 52.71
C GLY C 498 -57.03 -15.64 53.09
N ALA C 499 -57.15 -16.24 54.29
CA ALA C 499 -56.06 -17.01 54.86
C ALA C 499 -55.78 -18.29 54.09
N ASP C 500 -56.78 -19.15 53.96
CA ASP C 500 -56.61 -20.45 53.32
C ASP C 500 -57.14 -20.47 51.90
N MET C 501 -57.36 -19.30 51.29
CA MET C 501 -58.10 -19.22 50.05
C MET C 501 -57.32 -19.82 48.90
N GLN C 502 -56.00 -19.68 48.93
CA GLN C 502 -55.17 -20.44 48.01
C GLN C 502 -54.91 -21.84 48.54
N GLN C 503 -54.92 -21.98 49.88
CA GLN C 503 -54.71 -23.30 50.48
C GLN C 503 -55.87 -24.23 50.18
N ARG C 504 -57.10 -23.71 50.16
CA ARG C 504 -58.23 -24.49 49.68
C ARG C 504 -58.07 -24.84 48.22
N PHE C 505 -57.64 -23.87 47.42
CA PHE C 505 -57.49 -24.00 45.98
C PHE C 505 -56.49 -25.09 45.61
N LEU C 506 -55.46 -25.29 46.45
CA LEU C 506 -54.49 -26.33 46.15
C LEU C 506 -55.06 -27.71 46.43
N ASN C 507 -56.07 -27.80 47.29
CA ASN C 507 -56.64 -29.11 47.59
C ASN C 507 -57.82 -29.43 46.68
N ALA C 508 -58.59 -28.43 46.31
CA ALA C 508 -59.78 -28.68 45.49
C ALA C 508 -59.41 -29.05 44.07
N TRP C 509 -58.35 -28.44 43.53
CA TRP C 509 -58.00 -28.55 42.13
C TRP C 509 -56.85 -29.51 41.90
N ARG C 510 -56.46 -30.22 42.94
CA ARG C 510 -55.27 -31.07 42.92
C ARG C 510 -55.38 -32.22 41.94
N GLN C 511 -56.59 -32.67 41.63
CA GLN C 511 -56.76 -33.75 40.68
C GLN C 511 -56.59 -33.26 39.25
N ARG C 512 -57.49 -32.38 38.80
CA ARG C 512 -57.61 -32.08 37.38
C ARG C 512 -56.52 -31.15 36.88
N LEU C 513 -55.91 -30.35 37.76
CA LEU C 513 -54.78 -29.54 37.33
C LEU C 513 -53.55 -30.41 37.10
N ALA C 514 -53.53 -31.58 37.74
CA ALA C 514 -52.49 -32.57 37.50
C ALA C 514 -52.87 -33.56 36.42
N HIS C 515 -54.14 -33.61 36.04
CA HIS C 515 -54.62 -34.58 35.06
C HIS C 515 -54.12 -34.25 33.66
N GLY C 516 -54.53 -33.10 33.12
CA GLY C 516 -54.06 -32.64 31.84
C GLY C 516 -53.18 -31.41 31.94
N ARG C 517 -52.65 -30.99 30.79
CA ARG C 517 -51.88 -29.78 30.68
C ARG C 517 -52.73 -28.73 29.98
N VAL C 518 -52.79 -27.53 30.54
CA VAL C 518 -53.74 -26.53 30.08
C VAL C 518 -53.34 -26.00 28.72
N ARG C 519 -54.26 -25.31 28.08
CA ARG C 519 -54.09 -24.97 26.68
C ARG C 519 -53.17 -23.76 26.52
N TRP C 520 -53.22 -22.83 27.46
CA TRP C 520 -52.65 -21.52 27.20
C TRP C 520 -51.20 -21.39 27.61
N VAL C 521 -50.57 -22.44 28.13
CA VAL C 521 -49.12 -22.36 28.28
C VAL C 521 -48.55 -22.84 26.96
N ALA C 522 -48.48 -21.92 26.00
CA ALA C 522 -48.04 -22.22 24.65
C ALA C 522 -46.78 -21.44 24.30
N GLU C 523 -45.99 -21.08 25.30
CA GLU C 523 -44.96 -20.08 25.10
C GLU C 523 -43.71 -20.69 24.47
N CYS C 524 -43.63 -22.02 24.44
CA CYS C 524 -42.50 -22.67 23.79
C CYS C 524 -42.72 -22.78 22.29
N GLN C 525 -43.91 -22.41 21.81
CA GLN C 525 -44.29 -22.68 20.44
C GLN C 525 -43.80 -21.58 19.51
N MET C 526 -43.25 -21.98 18.37
CA MET C 526 -42.74 -21.03 17.40
C MET C 526 -43.74 -20.82 16.26
N THR C 527 -43.52 -19.74 15.51
CA THR C 527 -44.37 -19.30 14.40
C THR C 527 -44.54 -20.33 13.31
N ALA C 528 -43.44 -20.87 12.78
CA ALA C 528 -43.53 -21.93 11.79
C ALA C 528 -44.13 -23.21 12.36
N GLU C 529 -44.02 -23.40 13.67
CA GLU C 529 -44.70 -24.50 14.32
C GLU C 529 -46.13 -24.14 14.68
N GLN C 530 -46.40 -22.85 14.86
CA GLN C 530 -47.76 -22.40 15.15
C GLN C 530 -48.68 -22.62 13.98
N PHE C 531 -48.18 -22.41 12.78
CA PHE C 531 -49.07 -22.35 11.63
C PHE C 531 -49.21 -23.67 10.90
N MET C 532 -48.85 -24.78 11.54
CA MET C 532 -48.87 -26.08 10.90
C MET C 532 -49.80 -27.03 11.65
N GLN C 533 -50.58 -27.77 10.88
CA GLN C 533 -51.46 -28.81 11.42
C GLN C 533 -50.79 -29.87 12.29
N PRO C 534 -49.52 -30.26 12.08
CA PRO C 534 -48.86 -31.05 13.14
C PRO C 534 -48.66 -30.22 14.40
N ASP C 535 -49.00 -30.85 15.53
CA ASP C 535 -48.70 -30.38 16.88
C ASP C 535 -49.37 -29.05 17.24
N ASN C 536 -50.30 -28.57 16.44
CA ASN C 536 -51.05 -27.36 16.77
C ASN C 536 -52.51 -27.57 16.42
N ALA C 537 -53.14 -28.56 17.05
CA ALA C 537 -54.59 -28.68 16.99
C ALA C 537 -55.33 -27.44 17.47
N ASN C 538 -54.72 -26.59 18.31
CA ASN C 538 -55.32 -25.33 18.74
C ASN C 538 -55.30 -24.26 17.66
N LEU C 539 -54.57 -24.48 16.56
CA LEU C 539 -54.64 -23.54 15.44
C LEU C 539 -56.02 -23.54 14.81
N ALA C 540 -56.72 -24.68 14.91
CA ALA C 540 -58.09 -24.77 14.42
C ALA C 540 -59.06 -23.93 15.25
N LEU C 541 -58.66 -23.49 16.44
CA LEU C 541 -59.47 -22.56 17.21
C LEU C 541 -58.82 -21.19 17.36
N GLU C 542 -58.02 -20.78 16.41
CA GLU C 542 -57.44 -19.43 16.39
C GLU C 542 -58.00 -18.73 15.16
N LEU C 543 -59.01 -17.90 15.35
CA LEU C 543 -59.76 -17.37 14.23
C LEU C 543 -59.68 -15.86 14.13
N HIS C 544 -59.54 -15.18 15.23
CA HIS C 544 -59.95 -13.79 15.19
C HIS C 544 -58.98 -12.91 15.95
N PRO C 545 -58.73 -11.70 15.49
CA PRO C 545 -57.83 -10.79 16.23
C PRO C 545 -58.43 -10.30 17.53
N ALA C 546 -59.65 -9.78 17.51
CA ALA C 546 -60.24 -9.12 18.65
C ALA C 546 -60.69 -10.08 19.75
N PHE C 547 -60.79 -11.37 19.46
CA PHE C 547 -61.41 -12.29 20.40
C PHE C 547 -60.60 -13.57 20.49
N ASP C 548 -60.95 -14.40 21.46
CA ASP C 548 -60.31 -15.69 21.66
C ASP C 548 -61.32 -16.80 21.61
N PHE C 549 -60.89 -17.98 21.19
CA PHE C 549 -61.76 -19.14 21.09
C PHE C 549 -61.20 -20.26 21.94
N PHE C 550 -62.01 -20.79 22.85
CA PHE C 550 -61.56 -21.83 23.76
C PHE C 550 -62.73 -22.69 24.19
N ALA C 551 -62.43 -23.96 24.44
CA ALA C 551 -63.43 -24.94 24.85
C ALA C 551 -63.72 -24.75 26.33
N GLY C 552 -64.64 -23.85 26.65
CA GLY C 552 -65.06 -23.62 28.01
C GLY C 552 -65.98 -24.71 28.52
N VAL C 553 -66.48 -24.48 29.73
CA VAL C 553 -67.43 -25.40 30.35
C VAL C 553 -68.80 -25.26 29.67
N ALA C 554 -69.73 -26.13 30.08
CA ALA C 554 -71.02 -26.16 29.41
C ALA C 554 -71.89 -24.95 29.72
N ASP C 555 -72.37 -24.85 30.96
CA ASP C 555 -73.45 -23.92 31.28
C ASP C 555 -73.31 -23.29 32.65
N VAL C 556 -72.16 -23.39 33.29
CA VAL C 556 -71.97 -22.86 34.64
C VAL C 556 -71.88 -21.34 34.55
N GLU C 557 -72.71 -20.65 35.31
CA GLU C 557 -72.51 -19.22 35.50
C GLU C 557 -71.23 -18.99 36.29
N LEU C 558 -70.30 -18.24 35.70
CA LEU C 558 -68.91 -18.22 36.18
C LEU C 558 -68.72 -17.54 37.54
N PRO C 559 -69.42 -16.44 37.88
CA PRO C 559 -69.41 -16.06 39.30
C PRO C 559 -70.25 -17.02 40.13
N GLY C 560 -69.69 -18.20 40.42
CA GLY C 560 -70.42 -19.22 41.13
C GLY C 560 -69.54 -20.45 41.31
N GLY C 561 -69.74 -21.11 42.45
CA GLY C 561 -69.13 -22.39 42.71
C GLY C 561 -67.64 -22.33 42.91
N GLU C 562 -67.06 -23.50 43.16
CA GLU C 562 -65.60 -23.65 43.21
C GLU C 562 -65.09 -24.69 42.23
N VAL C 563 -65.69 -25.88 42.20
CA VAL C 563 -65.26 -26.92 41.28
C VAL C 563 -66.28 -27.04 40.16
N PRO C 564 -65.89 -26.77 38.92
CA PRO C 564 -66.84 -26.79 37.81
C PRO C 564 -67.19 -28.21 37.42
N PRO C 565 -68.47 -28.49 37.17
CA PRO C 565 -68.87 -29.83 36.73
C PRO C 565 -68.51 -30.09 35.27
N ALA C 566 -67.25 -30.42 35.04
CA ALA C 566 -66.76 -30.64 33.68
C ALA C 566 -67.31 -31.93 33.10
N GLY C 567 -68.33 -31.80 32.25
CA GLY C 567 -68.86 -32.92 31.50
C GLY C 567 -68.72 -32.68 30.01
N PRO C 568 -69.85 -32.47 29.32
CA PRO C 568 -69.76 -31.94 27.96
C PRO C 568 -69.27 -30.50 28.00
N GLY C 569 -68.35 -30.18 27.09
CA GLY C 569 -67.84 -28.83 27.03
C GLY C 569 -68.52 -28.01 25.95
N ALA C 570 -68.63 -26.72 26.21
CA ALA C 570 -69.19 -25.80 25.23
C ALA C 570 -68.17 -24.72 24.95
N ILE C 571 -67.84 -24.55 23.66
CA ILE C 571 -66.89 -23.52 23.26
C ILE C 571 -67.52 -22.15 23.48
N GLN C 572 -66.70 -21.20 23.94
CA GLN C 572 -67.16 -19.85 24.22
C GLN C 572 -66.02 -18.89 23.97
N ALA C 573 -66.34 -17.61 23.94
CA ALA C 573 -65.42 -16.58 23.49
C ALA C 573 -65.51 -15.35 24.37
N THR C 574 -64.43 -14.57 24.37
CA THR C 574 -64.40 -13.32 25.12
C THR C 574 -63.52 -12.31 24.41
N TRP C 575 -63.54 -11.09 24.93
CA TRP C 575 -62.84 -9.97 24.32
C TRP C 575 -61.39 -9.97 24.77
N ARG C 576 -60.47 -10.01 23.82
CA ARG C 576 -59.11 -9.60 24.10
C ARG C 576 -59.11 -8.09 24.36
N VAL C 577 -58.59 -7.68 25.51
CA VAL C 577 -58.64 -6.29 25.88
C VAL C 577 -57.63 -5.51 25.05
N VAL C 578 -56.38 -5.94 25.07
CA VAL C 578 -55.33 -5.18 24.44
C VAL C 578 -54.66 -6.01 23.35
N ASN C 579 -53.79 -5.33 22.59
CA ASN C 579 -52.97 -5.97 21.57
C ASN C 579 -51.93 -6.92 22.13
N GLY C 580 -51.65 -6.85 23.43
CA GLY C 580 -50.77 -7.82 24.06
C GLY C 580 -51.34 -9.20 24.22
N ASN C 581 -52.63 -9.41 23.95
CA ASN C 581 -53.21 -10.73 24.11
C ASN C 581 -52.94 -11.64 22.91
N LEU C 582 -52.19 -11.18 21.91
CA LEU C 582 -51.74 -12.09 20.88
C LEU C 582 -50.66 -13.00 21.43
N PRO C 583 -50.80 -14.32 21.25
CA PRO C 583 -49.73 -15.23 21.65
C PRO C 583 -48.50 -15.01 20.79
N LEU C 584 -47.34 -15.22 21.41
CA LEU C 584 -46.09 -14.66 20.91
C LEU C 584 -45.63 -15.25 19.60
N ALA C 585 -46.08 -16.46 19.26
CA ALA C 585 -45.72 -17.00 17.96
C ALA C 585 -46.47 -16.27 16.84
N LEU C 586 -47.64 -15.73 17.14
CA LEU C 586 -48.29 -14.86 16.16
C LEU C 586 -47.69 -13.47 16.16
N CYS C 587 -47.34 -12.94 17.33
CA CYS C 587 -46.81 -11.58 17.44
C CYS C 587 -45.50 -11.65 18.20
N PRO C 588 -44.36 -11.59 17.50
CA PRO C 588 -43.08 -11.91 18.11
C PRO C 588 -42.60 -10.84 19.09
N VAL C 589 -41.78 -11.30 20.02
CA VAL C 589 -41.18 -10.42 21.03
C VAL C 589 -40.21 -9.45 20.38
N ALA C 590 -39.50 -9.90 19.35
CA ALA C 590 -38.57 -9.02 18.64
C ALA C 590 -39.30 -7.90 17.93
N PHE C 591 -40.46 -8.21 17.34
CA PHE C 591 -41.34 -7.16 16.87
C PHE C 591 -41.84 -6.32 18.03
N ARG C 592 -42.06 -6.95 19.18
CA ARG C 592 -42.70 -6.25 20.30
C ARG C 592 -41.71 -5.31 20.98
N ASP C 593 -40.41 -5.51 20.75
CA ASP C 593 -39.42 -4.56 21.26
C ASP C 593 -39.09 -3.47 20.26
N ALA C 594 -39.26 -3.72 18.96
CA ALA C 594 -38.91 -2.72 17.95
C ALA C 594 -39.78 -1.49 18.04
N ARG C 595 -41.09 -1.66 18.23
CA ARG C 595 -41.95 -0.52 18.49
C ARG C 595 -41.70 0.09 19.86
N GLY C 596 -41.12 -0.67 20.78
CA GLY C 596 -40.64 -0.10 22.02
C GLY C 596 -39.53 0.86 21.71
N LEU C 597 -38.62 0.47 20.82
CA LEU C 597 -37.60 1.40 20.36
C LEU C 597 -38.19 2.54 19.56
N GLU C 598 -39.31 2.31 18.88
CA GLU C 598 -40.01 3.42 18.23
C GLU C 598 -40.57 4.37 19.28
N LEU C 599 -41.02 3.83 20.40
CA LEU C 599 -41.33 4.69 21.52
C LEU C 599 -40.08 5.09 22.29
N GLY C 600 -38.98 4.34 22.08
CA GLY C 600 -37.73 4.57 22.79
C GLY C 600 -36.97 5.80 22.38
N VAL C 601 -37.36 6.47 21.31
CA VAL C 601 -36.75 7.74 20.95
C VAL C 601 -37.60 8.87 21.51
N GLY C 602 -36.96 10.01 21.76
CA GLY C 602 -37.69 11.22 22.07
C GLY C 602 -38.32 11.33 23.43
N ARG C 603 -38.49 10.22 24.13
CA ARG C 603 -39.20 10.24 25.40
C ARG C 603 -38.24 9.87 26.54
N HIS C 604 -38.69 10.15 27.75
CA HIS C 604 -37.81 10.17 28.90
C HIS C 604 -37.37 8.77 29.31
N ALA C 605 -36.07 8.59 29.47
CA ALA C 605 -35.47 7.32 29.86
C ALA C 605 -34.74 7.51 31.18
N MET C 606 -34.68 6.46 31.98
CA MET C 606 -33.96 6.54 33.24
C MET C 606 -32.45 6.50 32.99
N ALA C 607 -31.70 7.04 33.95
CA ALA C 607 -30.26 6.83 33.97
C ALA C 607 -29.98 5.37 34.33
N PRO C 608 -28.87 4.79 33.85
CA PRO C 608 -28.61 3.38 34.16
C PRO C 608 -28.20 3.14 35.59
N ALA C 609 -27.84 4.19 36.33
CA ALA C 609 -27.41 4.00 37.71
C ALA C 609 -28.58 3.63 38.61
N THR C 610 -29.72 4.30 38.44
CA THR C 610 -30.90 3.97 39.23
C THR C 610 -31.50 2.64 38.80
N ILE C 611 -31.27 2.22 37.56
CA ILE C 611 -31.85 0.99 37.05
C ILE C 611 -31.25 -0.22 37.74
N ALA C 612 -29.93 -0.30 37.77
CA ALA C 612 -29.28 -1.36 38.53
C ALA C 612 -29.51 -1.19 40.03
N ALA C 613 -29.72 0.06 40.48
CA ALA C 613 -30.04 0.28 41.89
C ALA C 613 -31.41 -0.26 42.24
N VAL C 614 -32.39 -0.08 41.35
CA VAL C 614 -33.72 -0.64 41.59
C VAL C 614 -33.68 -2.15 41.49
N ARG C 615 -33.01 -2.68 40.46
CA ARG C 615 -33.03 -4.11 40.22
C ARG C 615 -32.21 -4.87 41.26
N GLY C 616 -31.35 -4.15 42.00
CA GLY C 616 -30.74 -4.77 43.16
C GLY C 616 -31.72 -5.05 44.29
N ALA C 617 -32.78 -4.26 44.39
CA ALA C 617 -33.71 -4.40 45.51
C ALA C 617 -34.64 -5.59 45.33
N PHE C 618 -35.06 -5.86 44.09
CA PHE C 618 -35.85 -7.05 43.80
C PHE C 618 -35.05 -8.32 44.00
N GLU C 619 -33.74 -8.27 43.82
CA GLU C 619 -32.89 -9.46 43.81
C GLU C 619 -32.17 -9.69 45.12
N ASP C 620 -32.21 -8.72 46.03
CA ASP C 620 -31.60 -8.84 47.34
C ASP C 620 -32.37 -9.89 48.14
N ARG C 621 -31.78 -11.09 48.29
CA ARG C 621 -32.34 -12.06 49.22
C ARG C 621 -32.26 -11.57 50.64
N SER C 622 -31.23 -10.80 50.98
CA SER C 622 -31.12 -10.16 52.29
C SER C 622 -31.77 -8.79 52.32
N TYR C 623 -32.80 -8.58 51.51
CA TYR C 623 -33.73 -7.49 51.73
C TYR C 623 -34.31 -7.69 53.12
N PRO C 624 -34.02 -6.80 54.07
CA PRO C 624 -34.33 -7.09 55.46
C PRO C 624 -35.81 -7.05 55.74
N ALA C 625 -36.30 -8.11 56.39
CA ALA C 625 -37.73 -8.36 56.54
C ALA C 625 -38.42 -7.37 57.45
N VAL C 626 -37.69 -6.48 58.12
CA VAL C 626 -38.33 -5.32 58.73
C VAL C 626 -39.00 -4.46 57.67
N PHE C 627 -38.40 -4.36 56.47
CA PHE C 627 -38.92 -3.48 55.43
C PHE C 627 -40.25 -3.98 54.89
N TYR C 628 -40.52 -5.28 54.98
CA TYR C 628 -41.85 -5.76 54.66
C TYR C 628 -42.85 -5.37 55.73
N LEU C 629 -42.41 -5.31 56.99
CA LEU C 629 -43.32 -4.95 58.06
C LEU C 629 -43.41 -3.45 58.24
N LEU C 630 -42.36 -2.71 57.89
CA LEU C 630 -42.48 -1.25 57.89
C LEU C 630 -43.37 -0.77 56.76
N GLN C 631 -43.33 -1.46 55.62
CA GLN C 631 -44.17 -1.09 54.49
C GLN C 631 -45.64 -1.28 54.82
N ALA C 632 -46.00 -2.44 55.34
CA ALA C 632 -47.36 -2.69 55.79
C ALA C 632 -47.70 -1.84 56.99
N ALA C 633 -46.69 -1.36 57.73
CA ALA C 633 -46.93 -0.29 58.69
C ALA C 633 -47.20 1.02 57.97
N ILE C 634 -46.50 1.27 56.86
CA ILE C 634 -46.78 2.51 56.14
C ILE C 634 -48.06 2.36 55.32
N HIS C 635 -48.28 1.17 54.75
CA HIS C 635 -49.53 0.69 54.12
C HIS C 635 -50.16 1.73 53.19
N GLY C 636 -49.32 2.37 52.38
CA GLY C 636 -49.77 3.35 51.41
C GLY C 636 -50.39 4.61 51.98
N ASN C 637 -50.30 4.83 53.29
CA ASN C 637 -51.06 5.90 53.92
C ASN C 637 -50.30 7.21 53.80
N GLU C 638 -51.04 8.32 53.83
CA GLU C 638 -50.41 9.62 53.76
C GLU C 638 -50.06 10.14 55.15
N HIS C 639 -50.92 9.87 56.13
CA HIS C 639 -50.72 10.41 57.47
C HIS C 639 -49.62 9.66 58.23
N VAL C 640 -49.54 8.34 58.02
CA VAL C 640 -48.70 7.50 58.87
C VAL C 640 -47.23 7.66 58.49
N PHE C 641 -46.95 7.94 57.22
CA PHE C 641 -45.58 7.96 56.72
C PHE C 641 -44.78 9.12 57.30
N CYS C 642 -45.45 10.23 57.61
CA CYS C 642 -44.76 11.46 57.95
C CYS C 642 -44.04 11.37 59.30
N ALA C 643 -44.72 10.85 60.33
CA ALA C 643 -44.09 10.71 61.63
C ALA C 643 -43.05 9.60 61.63
N LEU C 644 -43.29 8.55 60.85
CA LEU C 644 -42.38 7.42 60.74
C LEU C 644 -41.20 7.67 59.80
N ALA C 645 -41.07 8.89 59.25
CA ALA C 645 -40.10 9.12 58.19
C ALA C 645 -38.66 9.12 58.69
N ARG C 646 -38.45 9.37 60.00
CA ARG C 646 -37.09 9.40 60.53
C ARG C 646 -36.46 8.01 60.56
N LEU C 647 -37.24 7.01 60.99
CA LEU C 647 -36.96 5.61 60.69
C LEU C 647 -36.65 5.43 59.23
N VAL C 648 -37.55 5.93 58.38
CA VAL C 648 -37.41 5.78 56.95
C VAL C 648 -36.20 6.54 56.43
N THR C 649 -35.95 7.74 56.98
CA THR C 649 -34.77 8.46 56.51
C THR C 649 -33.48 7.86 57.06
N GLN C 650 -33.57 6.95 58.03
CA GLN C 650 -32.41 6.14 58.34
C GLN C 650 -32.48 4.76 57.70
N CYS C 651 -33.66 4.14 57.63
CA CYS C 651 -33.77 2.81 57.03
C CYS C 651 -33.47 2.85 55.55
N ILE C 652 -33.68 3.98 54.90
CA ILE C 652 -33.02 4.19 53.61
C ILE C 652 -31.52 4.29 53.82
N THR C 653 -31.09 5.22 54.68
CA THR C 653 -29.69 5.60 54.76
C THR C 653 -28.82 4.46 55.28
N SER C 654 -29.37 3.67 56.21
CA SER C 654 -28.63 2.52 56.70
C SER C 654 -28.56 1.43 55.64
N TYR C 655 -29.68 1.16 54.95
CA TYR C 655 -29.65 0.17 53.89
C TYR C 655 -28.83 0.65 52.72
N TRP C 656 -28.77 1.96 52.51
CA TRP C 656 -28.03 2.51 51.37
C TRP C 656 -26.53 2.48 51.61
N ASN C 657 -26.10 2.68 52.85
CA ASN C 657 -24.66 2.72 53.11
C ASN C 657 -24.04 1.34 53.09
N ASN C 658 -24.78 0.34 53.57
CA ASN C 658 -24.32 -1.04 53.44
C ASN C 658 -24.42 -1.50 52.00
N THR C 659 -25.58 -1.32 51.39
CA THR C 659 -25.85 -1.83 50.06
C THR C 659 -26.20 -0.69 49.13
N ARG C 660 -25.52 -0.59 48.01
CA ARG C 660 -25.91 0.40 47.01
C ARG C 660 -27.12 -0.12 46.25
N CYS C 661 -28.26 -0.17 46.94
CA CYS C 661 -29.54 -0.57 46.39
C CYS C 661 -30.59 0.28 47.11
N ALA C 662 -31.56 0.76 46.34
CA ALA C 662 -32.63 1.59 46.89
C ALA C 662 -33.52 0.75 47.78
N ALA C 663 -34.05 1.36 48.84
CA ALA C 663 -34.65 0.58 49.92
C ALA C 663 -36.12 0.23 49.66
N PHE C 664 -36.98 1.23 49.57
CA PHE C 664 -38.42 1.00 49.66
C PHE C 664 -39.13 1.05 48.32
N VAL C 665 -38.54 0.49 47.27
CA VAL C 665 -39.12 0.59 45.94
C VAL C 665 -40.27 -0.38 45.68
N ASN C 666 -40.70 -1.15 46.69
CA ASN C 666 -41.76 -2.11 46.41
C ASN C 666 -43.16 -1.52 46.50
N ASP C 667 -43.30 -0.20 46.56
CA ASP C 667 -44.60 0.45 46.48
C ASP C 667 -44.41 1.80 45.80
N TYR C 668 -45.34 2.16 44.92
CA TYR C 668 -45.29 3.47 44.29
C TYR C 668 -45.58 4.56 45.31
N SER C 669 -46.48 4.28 46.26
CA SER C 669 -46.88 5.29 47.23
C SER C 669 -45.74 5.60 48.18
N LEU C 670 -44.90 4.61 48.47
CA LEU C 670 -43.67 4.84 49.21
C LEU C 670 -42.76 5.80 48.48
N VAL C 671 -42.42 5.46 47.23
CA VAL C 671 -41.49 6.25 46.43
C VAL C 671 -42.07 7.61 46.11
N SER C 672 -43.40 7.71 45.99
CA SER C 672 -44.03 9.01 45.78
C SER C 672 -43.96 9.87 47.03
N TYR C 673 -43.59 9.30 48.17
CA TYR C 673 -43.44 10.12 49.37
C TYR C 673 -41.97 10.37 49.67
N ILE C 674 -41.11 9.42 49.27
CA ILE C 674 -39.67 9.60 49.43
C ILE C 674 -39.20 10.74 48.52
N VAL C 675 -39.73 10.80 47.30
CA VAL C 675 -39.46 11.94 46.43
C VAL C 675 -40.16 13.18 46.99
N THR C 676 -41.30 12.99 47.64
CA THR C 676 -42.00 14.12 48.26
C THR C 676 -41.23 14.65 49.46
N TYR C 677 -41.04 13.82 50.46
CA TYR C 677 -40.66 14.30 51.77
C TYR C 677 -39.16 14.35 52.01
N LEU C 678 -38.46 13.32 51.54
CA LEU C 678 -37.11 13.03 52.03
C LEU C 678 -36.01 13.62 51.15
N GLY C 679 -36.20 14.83 50.65
CA GLY C 679 -35.21 15.40 49.75
C GLY C 679 -33.90 15.76 50.42
N GLY C 680 -33.96 16.30 51.64
CA GLY C 680 -32.77 16.84 52.25
C GLY C 680 -31.79 15.85 52.87
N ASP C 681 -32.23 15.12 53.89
CA ASP C 681 -31.36 14.32 54.74
C ASP C 681 -31.11 12.93 54.14
N LEU C 682 -30.75 12.91 52.87
CA LEU C 682 -30.26 11.71 52.21
C LEU C 682 -29.05 12.12 51.38
N PRO C 683 -28.08 11.23 51.20
CA PRO C 683 -27.04 11.50 50.20
C PRO C 683 -27.65 11.49 48.81
N GLU C 684 -27.13 12.37 47.95
CA GLU C 684 -27.79 12.62 46.68
C GLU C 684 -27.65 11.45 45.72
N GLU C 685 -26.69 10.55 45.98
CA GLU C 685 -26.58 9.33 45.19
C GLU C 685 -27.82 8.45 45.36
N CYS C 686 -28.43 8.43 46.55
CA CYS C 686 -29.69 7.73 46.70
C CYS C 686 -30.90 8.63 46.62
N MET C 687 -30.75 9.88 46.18
CA MET C 687 -31.93 10.72 46.03
C MET C 687 -32.50 10.65 44.63
N ALA C 688 -31.65 10.81 43.62
CA ALA C 688 -32.11 10.80 42.24
C ALA C 688 -32.56 9.42 41.78
N VAL C 689 -32.12 8.38 42.48
CA VAL C 689 -32.59 7.03 42.22
C VAL C 689 -34.09 6.92 42.43
N TYR C 690 -34.60 7.52 43.51
CA TYR C 690 -36.05 7.62 43.63
C TYR C 690 -36.61 8.69 42.69
N ARG C 691 -35.84 9.73 42.40
CA ARG C 691 -36.39 10.84 41.63
C ARG C 691 -36.54 10.49 40.16
N ASP C 692 -35.54 9.85 39.56
CA ASP C 692 -35.62 9.52 38.13
C ASP C 692 -36.58 8.36 37.89
N LEU C 693 -37.05 7.70 38.94
CA LEU C 693 -38.07 6.68 38.78
C LEU C 693 -39.42 7.30 38.47
N VAL C 694 -39.76 8.39 39.17
CA VAL C 694 -41.15 8.87 39.19
C VAL C 694 -41.49 9.60 37.90
N ALA C 695 -40.61 10.47 37.41
CA ALA C 695 -40.88 11.17 36.15
C ALA C 695 -40.84 10.21 34.97
N HIS C 696 -40.15 9.09 35.11
CA HIS C 696 -40.20 8.05 34.10
C HIS C 696 -41.53 7.33 34.12
N VAL C 697 -42.14 7.23 35.30
CA VAL C 697 -43.52 6.78 35.40
C VAL C 697 -44.44 7.84 34.81
N GLU C 698 -44.11 9.12 35.05
CA GLU C 698 -44.82 10.21 34.40
C GLU C 698 -44.58 10.26 32.90
N ALA C 699 -43.46 9.71 32.44
CA ALA C 699 -43.18 9.65 31.02
C ALA C 699 -44.16 8.72 30.30
N LEU C 700 -44.68 7.73 31.02
CA LEU C 700 -45.70 6.87 30.40
C LEU C 700 -47.09 7.46 30.54
N ALA C 701 -47.30 8.35 31.51
CA ALA C 701 -48.62 8.95 31.65
C ALA C 701 -48.86 9.99 30.56
N GLN C 702 -47.84 10.78 30.24
CA GLN C 702 -47.93 11.74 29.16
C GLN C 702 -47.93 11.09 27.79
N LEU C 703 -47.58 9.81 27.71
CA LEU C 703 -47.49 9.13 26.43
C LEU C 703 -48.86 8.86 25.83
N VAL C 704 -49.89 8.76 26.67
CA VAL C 704 -51.21 8.35 26.18
C VAL C 704 -51.83 9.44 25.33
N ASP C 705 -51.83 10.67 25.84
CA ASP C 705 -52.49 11.76 25.14
C ASP C 705 -51.70 12.27 23.94
N ASP C 706 -50.52 11.73 23.70
CA ASP C 706 -49.86 11.93 22.41
C ASP C 706 -50.51 11.05 21.34
N PHE C 707 -51.26 10.04 21.74
CA PHE C 707 -51.93 9.13 20.83
C PHE C 707 -53.44 9.17 20.94
N THR C 708 -54.03 10.35 21.10
CA THR C 708 -55.47 10.46 21.26
C THR C 708 -55.98 11.73 20.59
N LEU C 709 -56.88 11.56 19.62
CA LEU C 709 -57.60 12.72 19.11
C LEU C 709 -58.75 13.06 20.05
N PRO C 710 -59.11 14.33 20.18
CA PRO C 710 -60.15 14.69 21.15
C PRO C 710 -61.52 14.40 20.61
N GLY C 711 -62.50 14.51 21.50
CA GLY C 711 -63.87 14.25 21.17
C GLY C 711 -64.72 14.24 22.41
N PRO C 712 -66.00 13.93 22.26
CA PRO C 712 -66.91 13.95 23.41
C PRO C 712 -66.69 12.80 24.37
N GLU C 713 -67.44 12.81 25.47
CA GLU C 713 -67.42 11.72 26.43
C GLU C 713 -68.44 10.68 26.00
N LEU C 714 -67.95 9.59 25.43
CA LEU C 714 -68.79 8.54 24.85
C LEU C 714 -69.02 7.46 25.89
N GLY C 715 -70.07 7.61 26.69
CA GLY C 715 -70.33 6.65 27.74
C GLY C 715 -69.66 6.97 29.05
N GLY C 716 -69.65 8.24 29.45
CA GLY C 716 -69.06 8.65 30.70
C GLY C 716 -67.55 8.78 30.68
N GLN C 717 -66.84 7.79 30.15
CA GLN C 717 -65.41 7.88 30.00
C GLN C 717 -65.06 8.87 28.90
N ALA C 718 -63.83 9.38 28.95
CA ALA C 718 -63.38 10.28 27.91
C ALA C 718 -62.82 9.47 26.74
N GLN C 719 -62.20 10.18 25.79
CA GLN C 719 -61.65 9.53 24.60
C GLN C 719 -60.48 8.63 24.93
N ALA C 720 -59.53 9.11 25.74
CA ALA C 720 -58.36 8.31 26.04
C ALA C 720 -58.70 7.10 26.90
N GLU C 721 -59.71 7.23 27.75
CA GLU C 721 -60.13 6.11 28.59
C GLU C 721 -60.78 5.01 27.74
N LEU C 722 -61.45 5.39 26.66
CA LEU C 722 -61.86 4.40 25.68
C LEU C 722 -60.71 3.96 24.80
N ASN C 723 -59.64 4.76 24.75
CA ASN C 723 -58.55 4.46 23.85
C ASN C 723 -57.58 3.48 24.48
N HIS C 724 -57.08 3.81 25.66
CA HIS C 724 -55.96 3.11 26.26
C HIS C 724 -56.36 2.53 27.61
N LEU C 725 -55.66 1.46 28.01
CA LEU C 725 -56.00 0.77 29.24
C LEU C 725 -55.59 1.53 30.49
N MET C 726 -54.47 2.25 30.43
CA MET C 726 -53.96 2.87 31.65
C MET C 726 -54.80 4.07 32.06
N ARG C 727 -55.44 4.73 31.10
CA ARG C 727 -56.42 5.73 31.47
C ARG C 727 -57.71 5.09 31.95
N ASP C 728 -57.98 3.87 31.51
CA ASP C 728 -59.28 3.26 31.70
C ASP C 728 -59.50 2.93 33.17
N PRO C 729 -60.53 3.50 33.82
CA PRO C 729 -60.64 3.36 35.26
C PRO C 729 -61.21 2.04 35.70
N ALA C 730 -61.79 1.25 34.79
CA ALA C 730 -62.38 -0.03 35.13
C ALA C 730 -61.34 -1.01 35.67
N LEU C 731 -60.27 -1.21 34.91
CA LEU C 731 -59.14 -1.96 35.44
C LEU C 731 -58.36 -1.09 36.41
N LEU C 732 -58.15 -1.61 37.60
CA LEU C 732 -57.52 -0.89 38.70
C LEU C 732 -56.22 -1.59 39.07
N PRO C 733 -55.33 -0.97 39.87
CA PRO C 733 -54.04 -1.63 40.16
C PRO C 733 -54.22 -2.86 41.01
N PRO C 734 -53.16 -3.64 41.21
CA PRO C 734 -53.32 -4.84 42.04
C PRO C 734 -53.23 -4.60 43.54
N LEU C 735 -52.35 -3.71 44.01
CA LEU C 735 -52.08 -3.57 45.43
C LEU C 735 -52.43 -2.16 45.84
N VAL C 736 -53.69 -1.95 46.20
CA VAL C 736 -54.29 -0.62 46.17
C VAL C 736 -54.62 -0.27 47.61
N TRP C 737 -53.77 0.54 48.25
CA TRP C 737 -54.04 0.91 49.62
C TRP C 737 -55.21 1.89 49.73
N ASP C 738 -55.54 2.57 48.65
CA ASP C 738 -56.81 3.29 48.53
C ASP C 738 -57.76 2.45 47.68
N CYS C 739 -58.87 3.05 47.27
CA CYS C 739 -59.81 2.40 46.38
C CYS C 739 -60.33 3.33 45.31
N ASP C 740 -59.57 4.37 44.95
CA ASP C 740 -59.93 5.24 43.84
C ASP C 740 -60.01 4.46 42.55
N GLY C 741 -59.12 3.46 42.42
CA GLY C 741 -59.17 2.47 41.36
C GLY C 741 -60.47 1.71 41.34
N LEU C 742 -61.05 1.41 42.51
CA LEU C 742 -62.39 0.84 42.52
C LEU C 742 -63.43 1.92 42.21
N MET C 743 -63.19 3.16 42.65
CA MET C 743 -64.19 4.22 42.67
C MET C 743 -64.75 4.50 41.28
N ARG C 744 -63.90 4.96 40.37
CA ARG C 744 -64.41 5.23 39.04
C ARG C 744 -64.67 3.93 38.28
N HIS C 745 -64.04 2.83 38.69
CA HIS C 745 -64.41 1.52 38.16
C HIS C 745 -65.82 1.15 38.55
N ALA C 746 -66.20 1.48 39.78
CA ALA C 746 -67.59 1.36 40.16
C ALA C 746 -68.44 2.34 39.36
N ALA C 747 -67.89 3.49 39.00
CA ALA C 747 -68.64 4.55 38.32
C ALA C 747 -68.64 4.28 36.82
N LEU C 748 -69.35 3.23 36.42
CA LEU C 748 -69.58 2.95 35.01
C LEU C 748 -70.98 2.39 34.85
N ASP C 749 -71.58 2.68 33.70
CA ASP C 749 -72.67 1.83 33.24
C ASP C 749 -72.16 0.45 32.89
N ARG C 750 -70.87 0.35 32.56
CA ARG C 750 -70.21 -0.93 32.33
C ARG C 750 -70.09 -1.72 33.63
N HIS C 751 -70.16 -1.06 34.77
CA HIS C 751 -69.85 -1.72 36.03
C HIS C 751 -70.98 -2.60 36.50
N ARG C 752 -70.63 -3.83 36.78
CA ARG C 752 -71.48 -4.78 37.50
C ARG C 752 -70.60 -5.15 38.67
N ASP C 753 -71.03 -6.17 39.43
CA ASP C 753 -70.61 -6.48 40.80
C ASP C 753 -69.11 -6.41 41.07
N CYS C 754 -68.66 -5.41 41.85
CA CYS C 754 -67.27 -5.47 42.28
C CYS C 754 -67.25 -6.29 43.55
N ARG C 755 -67.38 -7.60 43.39
CA ARG C 755 -67.62 -8.50 44.48
C ARG C 755 -66.29 -8.97 45.05
N ILE C 756 -65.76 -8.23 46.00
CA ILE C 756 -64.99 -8.81 47.09
C ILE C 756 -65.88 -9.90 47.67
N ASP C 757 -65.44 -11.14 47.57
CA ASP C 757 -66.28 -12.24 48.00
C ASP C 757 -65.49 -13.07 49.01
N ALA C 758 -65.50 -12.61 50.25
CA ALA C 758 -65.10 -13.45 51.38
C ALA C 758 -66.30 -13.71 52.28
N GLY C 759 -67.05 -12.67 52.63
CA GLY C 759 -68.33 -12.80 53.30
C GLY C 759 -69.49 -12.23 52.50
N GLY C 760 -69.99 -11.06 52.91
CA GLY C 760 -71.13 -10.40 52.30
C GLY C 760 -70.96 -10.00 50.85
N HIS C 761 -72.08 -9.70 50.17
CA HIS C 761 -72.05 -9.55 48.71
C HIS C 761 -71.56 -8.16 48.29
N GLU C 762 -72.34 -7.13 48.57
CA GLU C 762 -72.04 -5.82 48.00
C GLU C 762 -71.17 -5.01 48.95
N PRO C 763 -70.27 -4.17 48.44
CA PRO C 763 -69.26 -3.54 49.29
C PRO C 763 -69.82 -2.40 50.13
N VAL C 764 -69.06 -2.08 51.18
CA VAL C 764 -69.38 -0.95 52.05
C VAL C 764 -68.03 -0.44 52.58
N TYR C 765 -67.94 0.87 52.79
CA TYR C 765 -66.67 1.55 52.98
C TYR C 765 -66.46 1.94 54.44
N ALA C 766 -65.27 2.47 54.71
CA ALA C 766 -64.90 2.98 56.01
C ALA C 766 -63.89 4.10 55.79
N ALA C 767 -63.96 5.13 56.64
CA ALA C 767 -63.10 6.30 56.45
C ALA C 767 -61.66 6.02 56.85
N ALA C 768 -61.45 5.50 58.05
CA ALA C 768 -60.12 5.18 58.55
C ALA C 768 -60.21 3.87 59.32
N CYS C 769 -59.21 3.63 60.16
CA CYS C 769 -59.17 2.40 60.94
C CYS C 769 -58.53 2.70 62.29
N ASN C 770 -59.24 2.34 63.37
CA ASN C 770 -58.85 2.68 64.73
C ASN C 770 -58.66 1.40 65.55
N VAL C 771 -58.42 1.56 66.85
CA VAL C 771 -58.12 0.41 67.71
C VAL C 771 -59.38 -0.40 67.99
N ALA C 772 -60.54 0.25 67.99
CA ALA C 772 -61.79 -0.48 68.19
C ALA C 772 -62.49 -0.75 66.86
N THR C 773 -62.19 0.07 65.85
CA THR C 773 -62.82 -0.08 64.55
C THR C 773 -62.28 -1.32 63.82
N ALA C 774 -61.03 -1.68 64.09
CA ALA C 774 -60.41 -2.79 63.39
C ALA C 774 -60.95 -4.12 63.90
N ASP C 775 -61.76 -4.78 63.08
CA ASP C 775 -62.19 -6.14 63.33
C ASP C 775 -61.24 -7.04 62.56
N PHE C 776 -60.46 -7.83 63.30
CA PHE C 776 -59.21 -8.38 62.75
C PHE C 776 -59.44 -9.47 61.71
N ASN C 777 -60.58 -10.15 61.75
CA ASN C 777 -60.98 -11.11 60.72
C ASN C 777 -62.48 -10.94 60.52
N ARG C 778 -62.87 -10.27 59.43
CA ARG C 778 -64.27 -9.93 59.23
C ARG C 778 -64.74 -10.48 57.88
N ASN C 779 -66.04 -10.72 57.79
CA ASN C 779 -66.65 -11.42 56.66
C ASN C 779 -67.87 -10.65 56.16
N ASP C 780 -67.70 -9.36 55.93
CA ASP C 780 -68.74 -8.54 55.32
C ASP C 780 -68.30 -7.84 54.04
N GLY C 781 -67.00 -7.82 53.74
CA GLY C 781 -66.51 -7.11 52.58
C GLY C 781 -66.19 -5.65 52.81
N ARG C 782 -65.62 -5.33 53.96
CA ARG C 782 -65.34 -3.94 54.33
C ARG C 782 -63.97 -3.52 53.82
N LEU C 783 -63.94 -2.44 53.04
CA LEU C 783 -62.71 -1.96 52.45
C LEU C 783 -62.28 -0.68 53.12
N LEU C 784 -60.97 -0.51 53.28
CA LEU C 784 -60.42 0.68 53.91
C LEU C 784 -60.40 1.83 52.91
N HIS C 785 -60.14 3.03 53.42
CA HIS C 785 -59.83 4.18 52.59
C HIS C 785 -58.65 4.96 53.16
N ASN C 786 -57.87 4.35 54.06
CA ASN C 786 -56.94 5.08 54.92
C ASN C 786 -55.68 5.56 54.18
N THR C 787 -55.91 6.42 53.19
CA THR C 787 -54.86 7.15 52.50
C THR C 787 -55.06 8.66 52.54
N GLN C 788 -56.08 9.13 53.25
CA GLN C 788 -56.37 10.56 53.27
C GLN C 788 -55.34 11.30 54.10
N ALA C 789 -55.29 12.62 53.93
CA ALA C 789 -54.32 13.44 54.62
C ALA C 789 -54.75 13.69 56.07
N ARG C 790 -55.87 14.38 56.25
CA ARG C 790 -56.30 14.76 57.58
C ARG C 790 -57.09 13.62 58.22
N ALA C 791 -56.78 13.33 59.49
CA ALA C 791 -57.60 12.41 60.26
C ALA C 791 -58.92 13.03 60.69
N ALA C 792 -58.99 14.37 60.73
CA ALA C 792 -60.23 15.04 61.11
C ALA C 792 -61.15 15.19 59.89
N ASP C 793 -60.58 15.55 58.74
CA ASP C 793 -61.35 15.71 57.50
C ASP C 793 -61.37 14.36 56.79
N ALA C 794 -62.44 13.60 57.01
CA ALA C 794 -62.61 12.27 56.43
C ALA C 794 -63.59 12.32 55.27
N ALA C 795 -63.58 11.28 54.46
CA ALA C 795 -64.47 11.17 53.31
C ALA C 795 -64.75 9.70 53.04
N ASP C 796 -66.01 9.41 52.70
CA ASP C 796 -66.43 8.04 52.45
C ASP C 796 -66.66 7.79 50.96
N ASP C 797 -67.28 8.74 50.27
CA ASP C 797 -67.56 8.60 48.84
C ASP C 797 -66.62 9.43 47.98
N ARG C 798 -66.17 10.57 48.49
CA ARG C 798 -65.35 11.47 47.70
C ARG C 798 -63.90 11.00 47.67
N PRO C 799 -63.29 10.82 46.50
CA PRO C 799 -61.87 10.49 46.44
C PRO C 799 -61.00 11.73 46.64
N HIS C 800 -59.81 11.50 47.21
CA HIS C 800 -58.90 12.58 47.54
C HIS C 800 -57.85 12.78 46.45
N ARG C 801 -57.28 11.68 45.96
CA ARG C 801 -56.14 11.66 45.06
C ARG C 801 -56.49 12.12 43.65
N PRO C 802 -55.50 12.50 42.83
CA PRO C 802 -55.78 12.72 41.41
C PRO C 802 -56.08 11.42 40.70
N ALA C 803 -56.53 11.52 39.45
CA ALA C 803 -56.61 10.35 38.61
C ALA C 803 -55.22 9.78 38.35
N ASP C 804 -54.23 10.67 38.22
CA ASP C 804 -52.85 10.29 37.93
C ASP C 804 -52.23 9.45 39.02
N TRP C 805 -52.77 9.53 40.23
CA TRP C 805 -52.34 8.68 41.34
C TRP C 805 -52.51 7.20 41.03
N THR C 806 -53.75 6.78 40.77
CA THR C 806 -53.96 5.39 40.41
C THR C 806 -53.45 5.12 39.00
N VAL C 807 -53.43 6.13 38.14
CA VAL C 807 -52.88 5.94 36.80
C VAL C 807 -51.40 5.61 36.87
N HIS C 808 -50.62 6.43 37.59
CA HIS C 808 -49.22 6.09 37.81
C HIS C 808 -49.06 4.81 38.63
N HIS C 809 -49.98 4.54 39.55
CA HIS C 809 -49.99 3.25 40.23
C HIS C 809 -50.25 2.11 39.27
N LYS C 810 -51.16 2.31 38.31
CA LYS C 810 -51.33 1.34 37.24
C LYS C 810 -50.08 1.27 36.38
N ILE C 811 -49.42 2.41 36.18
CA ILE C 811 -48.17 2.41 35.41
C ILE C 811 -47.06 1.74 36.21
N TYR C 812 -46.98 2.03 37.51
CA TYR C 812 -45.88 1.48 38.31
C TYR C 812 -46.02 -0.03 38.47
N TYR C 813 -47.22 -0.48 38.82
CA TYR C 813 -47.40 -1.88 39.15
C TYR C 813 -47.42 -2.75 37.90
N TYR C 814 -48.09 -2.30 36.85
CA TYR C 814 -48.19 -3.17 35.69
C TYR C 814 -47.00 -3.07 34.74
N VAL C 815 -46.32 -1.92 34.68
CA VAL C 815 -45.24 -1.80 33.70
C VAL C 815 -43.89 -2.03 34.33
N LEU C 816 -43.54 -1.22 35.32
CA LEU C 816 -42.15 -1.14 35.79
C LEU C 816 -41.81 -2.32 36.68
N VAL C 817 -42.70 -2.62 37.62
CA VAL C 817 -42.56 -3.75 38.53
C VAL C 817 -42.31 -5.07 37.80
N PRO C 818 -43.00 -5.43 36.70
CA PRO C 818 -42.53 -6.62 35.97
C PRO C 818 -41.21 -6.40 35.25
N ALA C 819 -40.86 -5.15 34.93
CA ALA C 819 -39.63 -4.93 34.18
C ALA C 819 -38.41 -5.05 35.08
N PHE C 820 -38.60 -5.02 36.40
CA PHE C 820 -37.48 -5.25 37.29
C PHE C 820 -37.56 -6.62 37.95
N SER C 821 -38.78 -7.10 38.24
CA SER C 821 -38.92 -8.34 38.98
C SER C 821 -38.57 -9.55 38.13
N ARG C 822 -38.83 -9.45 36.83
CA ARG C 822 -38.71 -10.55 35.87
C ARG C 822 -39.51 -11.78 36.33
N GLY C 823 -40.72 -11.49 36.80
CA GLY C 823 -41.65 -12.52 37.22
C GLY C 823 -41.37 -13.16 38.57
N ARG C 824 -40.26 -12.82 39.22
CA ARG C 824 -39.90 -13.42 40.49
C ARG C 824 -40.36 -12.48 41.60
N CYS C 825 -41.67 -12.34 41.75
CA CYS C 825 -42.23 -11.56 42.83
C CYS C 825 -43.66 -12.03 43.09
N CYS C 826 -44.17 -11.84 44.29
CA CYS C 826 -45.53 -12.25 44.58
C CYS C 826 -46.10 -11.36 45.67
N THR C 827 -47.43 -11.25 45.68
CA THR C 827 -48.11 -10.35 46.58
C THR C 827 -48.06 -10.87 48.01
N ALA C 828 -48.69 -10.09 48.90
CA ALA C 828 -48.78 -10.48 50.30
C ALA C 828 -50.24 -10.46 50.73
N GLY C 829 -50.80 -11.65 50.86
CA GLY C 829 -51.94 -11.85 51.72
C GLY C 829 -51.43 -11.92 53.14
N VAL C 830 -51.79 -10.95 53.94
CA VAL C 830 -51.05 -10.62 55.14
C VAL C 830 -51.82 -11.07 56.36
N ARG C 831 -51.13 -11.78 57.26
CA ARG C 831 -51.53 -11.85 58.66
C ARG C 831 -51.04 -10.58 59.31
N PHE C 832 -51.80 -9.50 59.14
CA PHE C 832 -51.48 -8.21 59.76
C PHE C 832 -51.49 -8.28 61.28
N ASP C 833 -52.43 -9.02 61.87
CA ASP C 833 -52.47 -9.16 63.32
C ASP C 833 -51.33 -10.04 63.83
N ARG C 834 -50.66 -10.75 62.92
CA ARG C 834 -49.34 -11.30 63.24
C ARG C 834 -48.24 -10.29 62.95
N VAL C 835 -48.42 -9.49 61.90
CA VAL C 835 -47.46 -8.43 61.57
C VAL C 835 -47.46 -7.34 62.64
N TYR C 836 -48.66 -6.91 63.08
CA TYR C 836 -48.74 -5.85 64.09
C TYR C 836 -48.29 -6.32 65.48
N ALA C 837 -48.31 -7.62 65.73
CA ALA C 837 -47.94 -8.12 67.06
C ALA C 837 -46.44 -8.00 67.30
N THR C 838 -45.64 -7.95 66.23
CA THR C 838 -44.21 -7.74 66.34
C THR C 838 -43.75 -6.43 65.72
N LEU C 839 -44.61 -5.42 65.66
CA LEU C 839 -44.15 -4.06 65.38
C LEU C 839 -44.14 -3.23 66.66
N GLN C 840 -45.13 -3.45 67.51
CA GLN C 840 -45.17 -2.86 68.85
C GLN C 840 -44.57 -3.87 69.83
N ASN C 841 -43.37 -4.34 69.50
CA ASN C 841 -42.65 -5.31 70.33
C ASN C 841 -41.17 -5.00 70.20
N MET C 842 -40.61 -4.28 71.17
CA MET C 842 -39.24 -3.79 71.09
C MET C 842 -38.73 -3.55 72.51
N VAL C 843 -37.44 -3.26 72.61
CA VAL C 843 -36.77 -3.03 73.89
C VAL C 843 -36.23 -1.60 73.88
N VAL C 844 -36.87 -0.71 74.64
CA VAL C 844 -36.48 0.70 74.68
C VAL C 844 -35.90 1.03 76.05
N PRO C 845 -34.59 1.19 76.19
CA PRO C 845 -34.02 1.62 77.48
C PRO C 845 -34.28 3.09 77.74
N GLU C 846 -34.42 3.43 79.02
CA GLU C 846 -34.62 4.81 79.41
C GLU C 846 -33.30 5.56 79.36
N ILE C 847 -33.34 6.78 78.81
CA ILE C 847 -32.12 7.57 78.68
C ILE C 847 -31.69 8.12 80.05
N ALA C 848 -30.39 8.24 80.23
CA ALA C 848 -29.84 8.78 81.48
C ALA C 848 -30.12 10.28 81.55
N PRO C 849 -30.32 10.85 82.73
CA PRO C 849 -30.55 12.30 82.84
C PRO C 849 -29.28 13.07 82.52
N GLY C 850 -29.34 13.88 81.45
CA GLY C 850 -28.21 14.67 81.03
C GLY C 850 -27.30 14.04 80.01
N GLU C 851 -27.72 12.95 79.38
CA GLU C 851 -26.92 12.24 78.39
C GLU C 851 -27.49 12.47 76.99
N GLU C 852 -26.63 12.31 75.99
CA GLU C 852 -27.03 12.52 74.61
C GLU C 852 -27.73 11.28 74.05
N CYS C 853 -28.11 11.37 72.79
CA CYS C 853 -28.85 10.28 72.15
C CYS C 853 -27.90 9.16 71.75
N PRO C 854 -28.29 7.90 71.95
CA PRO C 854 -27.47 6.78 71.46
C PRO C 854 -27.50 6.71 69.93
N SER C 855 -26.31 6.61 69.33
CA SER C 855 -26.18 6.60 67.88
C SER C 855 -25.60 5.29 67.36
N ASP C 856 -24.80 4.59 68.18
CA ASP C 856 -24.12 3.38 67.75
C ASP C 856 -24.69 2.17 68.47
N PRO C 857 -25.21 1.16 67.76
CA PRO C 857 -25.63 -0.07 68.44
C PRO C 857 -24.48 -0.94 68.93
N VAL C 858 -23.25 -0.69 68.47
CA VAL C 858 -22.16 -1.60 68.79
C VAL C 858 -21.59 -1.29 70.18
N THR C 859 -21.41 0.00 70.49
CA THR C 859 -20.72 0.39 71.73
C THR C 859 -21.71 0.76 72.83
N ASP C 860 -22.62 1.69 72.55
CA ASP C 860 -23.48 2.28 73.58
C ASP C 860 -24.57 1.29 73.97
N PRO C 861 -24.63 0.84 75.23
CA PRO C 861 -25.65 -0.15 75.62
C PRO C 861 -27.05 0.42 75.72
N ALA C 862 -27.21 1.75 75.76
CA ALA C 862 -28.54 2.35 75.78
C ALA C 862 -29.20 2.35 74.40
N HIS C 863 -28.45 2.01 73.35
CA HIS C 863 -29.02 1.89 72.02
C HIS C 863 -29.91 0.65 71.96
N PRO C 864 -31.09 0.74 71.34
CA PRO C 864 -32.02 -0.40 71.36
C PRO C 864 -31.61 -1.56 70.46
N LEU C 865 -30.69 -1.36 69.52
CA LEU C 865 -30.17 -2.45 68.69
C LEU C 865 -28.87 -3.03 69.22
N HIS C 866 -28.53 -2.76 70.47
CA HIS C 866 -27.31 -3.29 71.06
C HIS C 866 -27.49 -4.77 71.39
N PRO C 867 -26.40 -5.59 71.32
CA PRO C 867 -26.53 -7.03 71.65
C PRO C 867 -26.97 -7.37 73.07
N ALA C 868 -26.98 -6.40 73.99
CA ALA C 868 -27.63 -6.61 75.27
C ALA C 868 -29.15 -6.54 75.15
N ASN C 869 -29.66 -5.92 74.10
CA ASN C 869 -31.10 -5.77 73.89
C ASN C 869 -31.66 -6.69 72.81
N LEU C 870 -30.80 -7.42 72.08
CA LEU C 870 -31.29 -8.25 70.97
C LEU C 870 -31.85 -9.55 71.54
N VAL C 871 -33.14 -9.54 71.84
CA VAL C 871 -33.81 -10.71 72.40
C VAL C 871 -34.31 -11.54 71.22
N ALA C 872 -34.53 -12.83 71.45
CA ALA C 872 -35.26 -13.65 70.49
C ALA C 872 -36.67 -13.12 70.29
N ASN C 873 -37.18 -13.33 69.08
CA ASN C 873 -38.55 -13.05 68.66
C ASN C 873 -38.93 -11.57 68.77
N THR C 874 -38.00 -10.67 68.46
CA THR C 874 -38.35 -9.25 68.44
C THR C 874 -37.77 -8.55 67.20
N VAL C 875 -38.19 -7.30 67.01
CA VAL C 875 -38.02 -6.67 65.70
C VAL C 875 -36.82 -5.73 65.70
N LYS C 876 -36.39 -5.20 66.85
CA LYS C 876 -35.15 -4.44 66.84
C LYS C 876 -33.95 -5.35 66.83
N ARG C 877 -34.13 -6.61 67.23
CA ARG C 877 -33.14 -7.63 66.91
C ARG C 877 -33.32 -8.09 65.47
N MET C 878 -34.53 -7.96 64.93
CA MET C 878 -34.72 -8.18 63.51
C MET C 878 -34.32 -6.95 62.72
N PHE C 879 -34.21 -5.79 63.41
CA PHE C 879 -33.39 -4.69 62.87
C PHE C 879 -31.90 -5.04 62.86
N HIS C 880 -31.49 -6.08 63.62
CA HIS C 880 -30.09 -6.44 63.65
C HIS C 880 -29.82 -7.76 62.93
N ASN C 881 -30.83 -8.63 62.83
CA ASN C 881 -30.68 -9.84 62.01
C ASN C 881 -30.59 -9.41 60.55
N GLY C 882 -31.61 -8.72 60.07
CA GLY C 882 -31.47 -7.92 58.87
C GLY C 882 -30.99 -6.52 59.22
N ARG C 883 -29.71 -6.28 58.94
CA ARG C 883 -28.96 -5.17 59.54
C ARG C 883 -29.41 -3.84 58.95
N VAL C 884 -30.19 -3.10 59.73
CA VAL C 884 -30.51 -1.72 59.44
C VAL C 884 -30.27 -0.90 60.70
N VAL C 885 -29.33 0.05 60.62
CA VAL C 885 -29.00 0.92 61.74
C VAL C 885 -30.18 1.85 61.98
N VAL C 886 -30.78 1.75 63.16
CA VAL C 886 -31.92 2.56 63.57
C VAL C 886 -31.69 3.01 65.00
N ASP C 887 -31.69 4.33 65.21
CA ASP C 887 -31.41 4.91 66.51
C ASP C 887 -32.66 4.88 67.41
N GLY C 888 -32.57 5.60 68.53
CA GLY C 888 -33.56 5.56 69.57
C GLY C 888 -34.93 6.11 69.23
N PRO C 889 -35.06 7.43 69.02
CA PRO C 889 -36.40 8.01 68.85
C PRO C 889 -37.02 7.81 67.47
N ALA C 890 -36.40 7.02 66.59
CA ALA C 890 -37.03 6.70 65.32
C ALA C 890 -38.18 5.72 65.51
N MET C 891 -37.95 4.67 66.30
CA MET C 891 -38.98 3.69 66.62
C MET C 891 -39.97 4.19 67.67
N LEU C 892 -39.70 5.32 68.30
CA LEU C 892 -40.64 5.90 69.28
C LEU C 892 -41.83 6.53 68.58
N THR C 893 -41.69 6.89 67.30
CA THR C 893 -42.79 7.42 66.51
C THR C 893 -43.62 6.33 65.86
N LEU C 894 -43.40 5.07 66.22
CA LEU C 894 -44.19 3.97 65.66
C LEU C 894 -45.51 3.78 66.40
N GLN C 895 -45.80 4.65 67.38
CA GLN C 895 -47.08 4.63 68.10
C GLN C 895 -48.21 5.25 67.30
N VAL C 896 -47.93 5.79 66.11
CA VAL C 896 -48.97 6.38 65.26
C VAL C 896 -49.84 5.29 64.63
N LEU C 897 -49.34 4.04 64.62
CA LEU C 897 -50.12 2.90 64.13
C LEU C 897 -51.35 2.61 64.99
N ALA C 898 -51.39 3.09 66.23
CA ALA C 898 -52.62 3.04 67.00
C ALA C 898 -53.70 3.96 66.43
N HIS C 899 -53.30 5.05 65.79
CA HIS C 899 -54.28 5.98 65.21
C HIS C 899 -54.83 5.44 63.90
N ASN C 900 -53.97 4.88 63.05
CA ASN C 900 -54.36 4.33 61.77
C ASN C 900 -53.67 2.98 61.55
N MET C 901 -54.45 1.98 61.15
CA MET C 901 -53.92 0.63 60.97
C MET C 901 -54.71 -0.07 59.88
N ALA C 902 -54.54 -1.39 59.80
CA ALA C 902 -55.30 -2.25 58.91
C ALA C 902 -55.88 -3.41 59.71
N GLU C 903 -57.05 -3.90 59.29
CA GLU C 903 -57.73 -4.94 60.04
C GLU C 903 -57.29 -6.34 59.60
N ARG C 904 -57.12 -6.53 58.29
CA ARG C 904 -56.79 -7.80 57.68
C ARG C 904 -56.36 -7.55 56.24
N THR C 905 -56.31 -8.59 55.43
CA THR C 905 -56.07 -8.45 54.00
C THR C 905 -57.38 -8.62 53.22
N THR C 906 -57.51 -7.90 52.11
CA THR C 906 -58.76 -7.83 51.34
C THR C 906 -58.56 -8.47 49.98
N ALA C 907 -59.31 -9.54 49.69
CA ALA C 907 -59.15 -10.25 48.43
C ALA C 907 -60.22 -9.80 47.44
N LEU C 908 -60.05 -8.60 46.90
CA LEU C 908 -61.08 -7.89 46.14
C LEU C 908 -61.18 -8.44 44.71
N LEU C 909 -62.34 -8.18 44.08
CA LEU C 909 -62.62 -8.63 42.73
C LEU C 909 -63.70 -7.78 42.09
N CYS C 910 -63.35 -7.03 41.04
CA CYS C 910 -64.31 -6.22 40.29
C CYS C 910 -64.64 -6.86 38.95
N SER C 911 -65.87 -6.64 38.50
CA SER C 911 -66.37 -7.11 37.21
C SER C 911 -66.85 -5.92 36.39
N ALA C 912 -66.94 -6.12 35.08
CA ALA C 912 -67.25 -5.01 34.19
C ALA C 912 -67.85 -5.56 32.90
N ALA C 913 -68.56 -4.68 32.20
CA ALA C 913 -69.04 -4.95 30.85
C ALA C 913 -68.08 -4.26 29.89
N PRO C 914 -67.97 -4.70 28.63
CA PRO C 914 -67.15 -3.95 27.67
C PRO C 914 -67.75 -2.60 27.33
N ASP C 915 -67.00 -1.83 26.54
CA ASP C 915 -67.25 -0.40 26.46
C ASP C 915 -68.10 -0.01 25.26
N ALA C 916 -68.45 1.27 25.25
CA ALA C 916 -68.90 1.94 24.04
C ALA C 916 -67.87 1.76 22.94
N GLY C 917 -68.32 1.28 21.80
CA GLY C 917 -67.43 0.90 20.74
C GLY C 917 -67.10 -0.56 20.70
N ALA C 918 -67.58 -1.33 21.67
CA ALA C 918 -67.46 -2.77 21.57
C ALA C 918 -68.72 -3.50 22.03
N ASN C 919 -69.86 -2.82 22.18
CA ASN C 919 -70.98 -3.43 22.88
C ASN C 919 -72.09 -3.82 21.90
N THR C 920 -71.73 -4.04 20.63
CA THR C 920 -72.67 -4.26 19.50
C THR C 920 -73.59 -5.45 19.78
N ALA C 921 -73.13 -6.67 19.64
CA ALA C 921 -74.08 -7.76 19.81
C ALA C 921 -73.57 -8.94 20.62
N SER C 922 -72.31 -9.31 20.51
CA SER C 922 -71.85 -10.54 21.11
C SER C 922 -71.10 -10.27 22.39
N THR C 923 -70.93 -9.01 22.72
CA THR C 923 -70.28 -8.61 23.95
C THR C 923 -71.24 -7.98 24.94
N ALA C 924 -72.54 -8.18 24.74
CA ALA C 924 -73.53 -7.60 25.65
C ALA C 924 -73.54 -8.33 26.99
N ASN C 925 -72.93 -9.51 27.06
CA ASN C 925 -72.93 -10.29 28.28
C ASN C 925 -71.53 -10.68 28.74
N MET C 926 -70.49 -10.14 28.13
CA MET C 926 -69.13 -10.50 28.52
C MET C 926 -68.75 -9.84 29.82
N ARG C 927 -68.17 -10.61 30.73
CA ARG C 927 -67.65 -10.11 31.99
C ARG C 927 -66.15 -10.39 32.06
N ILE C 928 -65.36 -9.32 32.18
CA ILE C 928 -63.92 -9.44 32.36
C ILE C 928 -63.61 -9.09 33.80
N PHE C 929 -63.35 -10.10 34.61
CA PHE C 929 -63.18 -9.92 36.04
C PHE C 929 -61.78 -9.39 36.34
N ASP C 930 -61.72 -8.36 37.17
CA ASP C 930 -60.46 -7.74 37.54
C ASP C 930 -60.37 -7.69 39.06
N GLY C 931 -59.45 -8.47 39.63
CA GLY C 931 -59.32 -8.54 41.06
C GLY C 931 -58.14 -7.75 41.59
N ALA C 932 -58.05 -7.67 42.91
CA ALA C 932 -56.97 -6.94 43.57
C ALA C 932 -56.85 -7.41 45.02
N LEU C 933 -55.64 -7.31 45.54
CA LEU C 933 -55.45 -7.26 46.98
C LEU C 933 -55.39 -5.81 47.40
N HIS C 934 -56.46 -5.37 48.07
CA HIS C 934 -56.48 -4.01 48.60
C HIS C 934 -55.50 -3.82 49.74
N ALA C 935 -55.58 -4.67 50.74
CA ALA C 935 -54.79 -4.51 51.95
C ALA C 935 -53.63 -5.50 51.95
N GLY C 936 -52.54 -5.13 51.28
CA GLY C 936 -51.35 -5.96 51.20
C GLY C 936 -50.28 -5.33 50.32
N VAL C 937 -49.12 -6.00 50.28
CA VAL C 937 -47.97 -5.50 49.55
C VAL C 937 -47.41 -6.56 48.62
N LEU C 938 -46.35 -6.20 47.92
CA LEU C 938 -45.58 -7.11 47.08
C LEU C 938 -44.33 -7.52 47.85
N LEU C 939 -44.00 -8.80 47.80
CA LEU C 939 -42.68 -9.26 48.21
C LEU C 939 -41.81 -9.21 46.97
N MET C 940 -40.72 -8.46 47.03
CA MET C 940 -39.82 -8.47 45.90
C MET C 940 -38.92 -9.69 45.95
N ALA C 941 -38.61 -10.16 47.15
CA ALA C 941 -37.69 -11.27 47.27
C ALA C 941 -38.44 -12.54 47.63
N PRO C 942 -37.97 -13.70 47.17
CA PRO C 942 -38.40 -14.96 47.78
C PRO C 942 -37.42 -15.40 48.86
N GLN C 943 -37.96 -15.85 49.99
CA GLN C 943 -37.15 -16.36 51.10
C GLN C 943 -37.97 -17.36 51.91
N HIS C 944 -37.54 -18.61 51.89
CA HIS C 944 -38.22 -19.70 52.55
C HIS C 944 -37.28 -20.69 53.20
N LEU C 945 -36.03 -20.78 52.76
CA LEU C 945 -35.02 -21.58 53.44
C LEU C 945 -34.68 -21.01 54.80
N ASP C 946 -34.73 -19.70 54.94
CA ASP C 946 -34.50 -19.03 56.20
C ASP C 946 -35.71 -19.19 57.11
N HIS C 947 -35.46 -19.47 58.38
CA HIS C 947 -36.52 -19.48 59.36
C HIS C 947 -36.28 -18.32 60.32
N THR C 948 -36.67 -17.13 59.89
CA THR C 948 -36.84 -15.98 60.76
C THR C 948 -38.28 -15.55 60.62
N ILE C 949 -38.73 -15.43 59.37
CA ILE C 949 -40.15 -15.59 59.05
C ILE C 949 -40.37 -17.03 58.62
N GLN C 950 -40.99 -17.81 59.51
CA GLN C 950 -41.42 -19.15 59.15
C GLN C 950 -42.46 -19.05 58.04
N ASN C 951 -42.37 -19.99 57.11
CA ASN C 951 -43.20 -19.97 55.90
C ASN C 951 -44.67 -20.12 56.28
N GLY C 952 -45.43 -19.06 56.09
CA GLY C 952 -46.81 -19.02 56.53
C GLY C 952 -47.03 -18.24 57.80
N GLU C 953 -46.05 -17.48 58.26
CA GLU C 953 -46.32 -16.60 59.37
C GLU C 953 -46.98 -15.30 58.91
N TYR C 954 -46.22 -14.49 58.21
CA TYR C 954 -46.57 -13.10 58.04
C TYR C 954 -47.31 -12.82 56.75
N PHE C 955 -46.79 -13.30 55.64
CA PHE C 955 -47.36 -12.95 54.36
C PHE C 955 -47.50 -14.22 53.55
N TYR C 956 -48.75 -14.67 53.39
CA TYR C 956 -49.05 -15.73 52.45
C TYR C 956 -49.32 -15.09 51.10
N VAL C 957 -49.21 -15.91 50.06
CA VAL C 957 -48.85 -15.38 48.74
C VAL C 957 -50.04 -14.68 48.08
N LEU C 958 -51.10 -15.43 47.77
CA LEU C 958 -52.30 -14.99 47.05
C LEU C 958 -52.00 -14.16 45.81
N PRO C 959 -51.55 -14.76 44.71
CA PRO C 959 -51.31 -13.97 43.49
C PRO C 959 -52.61 -13.53 42.84
N VAL C 960 -52.84 -12.21 42.83
CA VAL C 960 -54.01 -11.67 42.16
C VAL C 960 -53.83 -11.73 40.64
N HIS C 961 -52.59 -11.74 40.19
CA HIS C 961 -52.31 -11.74 38.77
C HIS C 961 -51.05 -12.55 38.48
N ALA C 962 -51.01 -13.11 37.28
CA ALA C 962 -49.92 -14.01 36.91
C ALA C 962 -48.59 -13.29 36.78
N LEU C 963 -48.61 -11.97 36.58
CA LEU C 963 -47.41 -11.16 36.73
C LEU C 963 -46.90 -11.20 38.16
N PHE C 964 -47.81 -11.13 39.12
CA PHE C 964 -47.48 -11.03 40.54
C PHE C 964 -47.57 -12.42 41.15
N ALA C 965 -46.87 -13.37 40.55
CA ALA C 965 -46.88 -14.75 41.02
C ALA C 965 -45.45 -15.28 40.91
N GLY C 966 -44.68 -15.09 41.96
CA GLY C 966 -43.35 -15.68 42.00
C GLY C 966 -43.49 -17.18 42.17
N ALA C 967 -42.95 -17.92 41.20
CA ALA C 967 -42.92 -19.37 41.33
C ALA C 967 -42.05 -19.79 42.50
N ASP C 968 -41.06 -18.97 42.84
CA ASP C 968 -40.27 -19.20 44.03
C ASP C 968 -41.06 -18.89 45.31
N HIS C 969 -42.16 -18.16 45.20
CA HIS C 969 -43.00 -17.94 46.37
C HIS C 969 -44.06 -19.02 46.51
N VAL C 970 -44.67 -19.43 45.38
CA VAL C 970 -45.88 -20.24 45.46
C VAL C 970 -45.54 -21.72 45.59
N ALA C 971 -44.46 -22.15 44.91
CA ALA C 971 -44.00 -23.53 45.10
C ALA C 971 -43.41 -23.74 46.48
N ASN C 972 -43.05 -22.66 47.16
CA ASN C 972 -42.52 -22.69 48.51
C ASN C 972 -43.56 -22.29 49.52
N ALA C 973 -44.79 -22.77 49.35
CA ALA C 973 -45.93 -22.63 50.25
C ALA C 973 -45.71 -23.46 51.51
N PRO C 974 -46.40 -23.17 52.62
CA PRO C 974 -46.29 -24.05 53.80
C PRO C 974 -46.75 -25.47 53.54
N ASN C 975 -48.03 -25.64 53.20
CA ASN C 975 -48.56 -26.94 52.87
C ASN C 975 -48.60 -27.01 51.35
N PHE C 976 -47.46 -27.27 50.74
CA PHE C 976 -47.40 -27.33 49.28
C PHE C 976 -47.66 -28.77 48.86
N PRO C 977 -48.57 -28.99 47.93
CA PRO C 977 -48.85 -30.35 47.46
C PRO C 977 -47.66 -30.93 46.70
N PRO C 978 -47.19 -32.10 47.12
CA PRO C 978 -45.99 -32.67 46.49
C PRO C 978 -46.23 -33.24 45.11
N ALA C 979 -47.48 -33.28 44.64
CA ALA C 979 -47.73 -33.72 43.28
C ALA C 979 -47.47 -32.58 42.29
N LEU C 980 -47.24 -31.38 42.78
CA LEU C 980 -47.13 -30.20 41.93
C LEU C 980 -45.71 -29.68 41.83
N ARG C 981 -44.71 -30.56 41.78
CA ARG C 981 -43.33 -30.08 41.82
C ARG C 981 -42.91 -29.49 40.48
N ASP C 982 -43.10 -30.25 39.40
CA ASP C 982 -42.68 -29.76 38.09
C ASP C 982 -43.64 -28.71 37.56
N LEU C 983 -44.94 -28.93 37.78
CA LEU C 983 -45.96 -28.15 37.06
C LEU C 983 -46.02 -26.72 37.56
N ALA C 984 -45.58 -26.50 38.80
CA ALA C 984 -45.63 -25.16 39.37
C ALA C 984 -44.55 -24.26 38.79
N ARG C 985 -43.58 -24.82 38.09
CA ARG C 985 -42.36 -24.07 37.78
C ARG C 985 -42.60 -23.05 36.67
N HIS C 986 -43.35 -23.44 35.64
CA HIS C 986 -43.53 -22.57 34.48
C HIS C 986 -44.94 -22.01 34.37
N VAL C 987 -45.84 -22.40 35.24
CA VAL C 987 -47.22 -21.92 35.23
C VAL C 987 -47.43 -21.05 36.47
N PRO C 988 -47.81 -19.81 36.31
CA PRO C 988 -48.15 -18.97 37.47
C PRO C 988 -49.50 -19.31 38.07
N LEU C 989 -49.51 -20.23 39.04
CA LEU C 989 -50.73 -20.68 39.71
C LEU C 989 -51.45 -19.53 40.38
N VAL C 990 -52.62 -19.20 39.86
CA VAL C 990 -53.52 -18.19 40.42
C VAL C 990 -54.81 -18.90 40.77
N PRO C 991 -55.36 -18.71 41.97
CA PRO C 991 -56.67 -19.30 42.30
C PRO C 991 -57.77 -18.58 41.55
N PRO C 992 -58.92 -19.24 41.32
CA PRO C 992 -60.02 -18.58 40.63
C PRO C 992 -60.79 -17.63 41.50
N ALA C 993 -60.43 -17.53 42.78
CA ALA C 993 -60.94 -16.45 43.59
C ALA C 993 -60.35 -15.10 43.16
N LEU C 994 -59.21 -15.12 42.49
CA LEU C 994 -58.55 -13.91 42.02
C LEU C 994 -58.54 -13.80 40.50
N GLY C 995 -59.23 -14.69 39.80
CA GLY C 995 -59.40 -14.58 38.37
C GLY C 995 -58.62 -15.65 37.62
N ALA C 996 -59.25 -16.13 36.56
CA ALA C 996 -58.65 -17.10 35.65
C ALA C 996 -57.95 -16.34 34.54
N ASN C 997 -57.32 -17.09 33.62
CA ASN C 997 -56.54 -16.45 32.57
C ASN C 997 -57.44 -15.77 31.54
N TYR C 998 -58.39 -16.51 30.99
CA TYR C 998 -59.12 -16.03 29.82
C TYR C 998 -60.11 -14.91 30.15
N PHE C 999 -60.34 -14.64 31.42
CA PHE C 999 -61.37 -13.68 31.80
C PHE C 999 -60.81 -12.51 32.58
N SER C 1000 -59.50 -12.41 32.69
CA SER C 1000 -58.89 -11.22 33.26
C SER C 1000 -58.50 -10.27 32.14
N SER C 1001 -58.07 -9.08 32.52
CA SER C 1001 -57.72 -8.09 31.51
C SER C 1001 -56.40 -8.40 30.83
N ILE C 1002 -55.34 -8.57 31.60
CA ILE C 1002 -54.00 -8.75 31.07
C ILE C 1002 -53.65 -10.21 31.25
N ARG C 1003 -53.16 -10.84 30.19
CA ARG C 1003 -53.02 -12.29 30.19
C ARG C 1003 -51.55 -12.69 30.04
N GLN C 1004 -51.37 -14.00 30.11
CA GLN C 1004 -50.08 -14.65 29.87
C GLN C 1004 -49.29 -14.17 28.64
N PRO C 1005 -49.89 -13.84 27.48
CA PRO C 1005 -49.06 -13.28 26.40
C PRO C 1005 -48.54 -11.89 26.66
N VAL C 1006 -48.78 -11.30 27.82
CA VAL C 1006 -47.98 -10.17 28.25
C VAL C 1006 -47.03 -10.59 29.35
N VAL C 1007 -47.44 -11.57 30.16
CA VAL C 1007 -46.64 -12.00 31.32
C VAL C 1007 -45.37 -12.69 30.85
N GLN C 1008 -45.47 -13.48 29.78
CA GLN C 1008 -44.31 -14.16 29.24
C GLN C 1008 -43.32 -13.18 28.65
N HIS C 1009 -43.81 -12.06 28.13
CA HIS C 1009 -42.96 -11.01 27.58
C HIS C 1009 -42.06 -10.42 28.65
N ALA C 1010 -42.58 -10.32 29.88
CA ALA C 1010 -41.82 -9.70 30.97
C ALA C 1010 -40.63 -10.56 31.38
N ARG C 1011 -40.76 -11.88 31.24
CA ARG C 1011 -39.71 -12.75 31.74
C ARG C 1011 -38.86 -13.35 30.62
N GLU C 1012 -39.24 -13.14 29.35
CA GLU C 1012 -38.47 -13.76 28.27
C GLU C 1012 -37.67 -12.73 27.49
N SER C 1013 -38.17 -11.50 27.38
CA SER C 1013 -37.56 -10.50 26.53
C SER C 1013 -36.19 -10.07 27.04
N ALA C 1014 -35.28 -9.83 26.10
CA ALA C 1014 -33.89 -9.56 26.38
C ALA C 1014 -33.51 -8.10 26.24
N ALA C 1015 -34.46 -7.24 25.92
CA ALA C 1015 -34.14 -5.85 25.64
C ALA C 1015 -33.84 -5.10 26.94
N GLY C 1016 -33.28 -3.90 26.80
CA GLY C 1016 -32.92 -3.07 27.93
C GLY C 1016 -34.15 -2.56 28.66
N GLU C 1017 -33.90 -2.05 29.86
CA GLU C 1017 -35.00 -1.72 30.78
C GLU C 1017 -35.82 -0.54 30.32
N ASN C 1018 -35.20 0.56 29.90
CA ASN C 1018 -35.97 1.64 29.31
C ASN C 1018 -36.52 1.23 27.96
N ALA C 1019 -35.82 0.33 27.27
CA ALA C 1019 -36.36 -0.24 26.05
C ALA C 1019 -37.58 -1.10 26.34
N LEU C 1020 -37.49 -1.96 27.35
CA LEU C 1020 -38.60 -2.84 27.68
C LEU C 1020 -39.76 -2.09 28.32
N THR C 1021 -39.49 -0.95 28.96
CA THR C 1021 -40.54 -0.19 29.62
C THR C 1021 -41.54 0.37 28.62
N TYR C 1022 -41.03 1.05 27.59
CA TYR C 1022 -41.91 1.55 26.54
C TYR C 1022 -42.50 0.42 25.72
N ALA C 1023 -41.80 -0.71 25.62
CA ALA C 1023 -42.30 -1.81 24.81
C ALA C 1023 -43.48 -2.48 25.49
N LEU C 1024 -43.38 -2.71 26.79
CA LEU C 1024 -44.51 -3.32 27.48
C LEU C 1024 -45.61 -2.30 27.71
N MET C 1025 -45.25 -1.01 27.66
CA MET C 1025 -46.26 0.04 27.61
C MET C 1025 -47.09 -0.05 26.34
N ALA C 1026 -46.45 -0.37 25.21
CA ALA C 1026 -47.13 -0.45 23.92
C ALA C 1026 -48.14 -1.58 23.88
N GLY C 1027 -47.95 -2.61 24.69
CA GLY C 1027 -48.92 -3.68 24.77
C GLY C 1027 -50.18 -3.38 25.56
N TYR C 1028 -50.47 -2.11 25.86
CA TYR C 1028 -51.60 -1.77 26.71
C TYR C 1028 -52.67 -0.95 25.99
N PHE C 1029 -52.64 -0.95 24.68
CA PHE C 1029 -53.63 -0.21 23.92
C PHE C 1029 -54.82 -1.10 23.59
N LYS C 1030 -56.02 -0.57 23.80
CA LYS C 1030 -57.24 -1.33 23.61
C LYS C 1030 -57.47 -1.65 22.14
N MET C 1031 -58.38 -2.60 21.91
CA MET C 1031 -58.66 -3.09 20.57
C MET C 1031 -60.10 -2.86 20.13
N SER C 1032 -60.68 -1.70 20.42
CA SER C 1032 -62.00 -1.40 19.89
C SER C 1032 -61.84 -0.71 18.54
N PRO C 1033 -62.89 -0.73 17.70
CA PRO C 1033 -62.89 0.18 16.54
C PRO C 1033 -62.80 1.64 16.91
N VAL C 1034 -63.27 2.03 18.10
CA VAL C 1034 -62.99 3.37 18.58
C VAL C 1034 -61.51 3.52 18.93
N ALA C 1035 -60.92 2.48 19.51
CA ALA C 1035 -59.52 2.55 19.91
C ALA C 1035 -58.59 2.59 18.70
N LEU C 1036 -58.85 1.73 17.71
CA LEU C 1036 -58.00 1.71 16.53
C LEU C 1036 -58.18 2.95 15.67
N TYR C 1037 -59.27 3.70 15.89
CA TYR C 1037 -59.41 4.98 15.20
C TYR C 1037 -58.35 5.97 15.65
N HIS C 1038 -58.12 6.05 16.97
CA HIS C 1038 -57.14 7.02 17.46
C HIS C 1038 -55.72 6.58 17.12
N GLN C 1039 -55.45 5.28 17.15
CA GLN C 1039 -54.09 4.80 16.99
C GLN C 1039 -53.62 4.96 15.55
N LEU C 1040 -54.44 4.53 14.60
CA LEU C 1040 -54.00 4.52 13.22
C LEU C 1040 -53.97 5.92 12.63
N LYS C 1041 -54.77 6.84 13.18
CA LYS C 1041 -54.69 8.22 12.73
C LYS C 1041 -53.54 8.96 13.40
N THR C 1042 -52.97 8.40 14.45
CA THR C 1042 -51.83 9.03 15.08
C THR C 1042 -50.50 8.49 14.56
N GLY C 1043 -50.47 7.25 14.10
CA GLY C 1043 -49.24 6.67 13.60
C GLY C 1043 -48.66 5.55 14.42
N LEU C 1044 -49.50 4.68 14.98
CA LEU C 1044 -49.03 3.57 15.78
C LEU C 1044 -49.47 2.26 15.15
N HIS C 1045 -48.54 1.30 15.05
CA HIS C 1045 -48.88 -0.03 14.56
C HIS C 1045 -49.54 -0.79 15.70
N PRO C 1046 -50.74 -1.26 15.55
CA PRO C 1046 -51.44 -1.93 16.65
C PRO C 1046 -51.15 -3.42 16.77
N GLY C 1047 -49.88 -3.79 16.59
CA GLY C 1047 -49.46 -5.16 16.77
C GLY C 1047 -49.85 -6.13 15.69
N PHE C 1048 -50.74 -5.78 14.76
CA PHE C 1048 -51.14 -6.69 13.69
C PHE C 1048 -51.23 -5.89 12.39
N GLY C 1049 -51.31 -6.62 11.28
CA GLY C 1049 -51.21 -6.00 9.97
C GLY C 1049 -52.31 -6.40 9.03
N PHE C 1050 -52.11 -6.09 7.75
CA PHE C 1050 -53.12 -6.28 6.74
C PHE C 1050 -52.51 -6.67 5.41
N THR C 1051 -53.38 -6.95 4.45
CA THR C 1051 -53.00 -7.23 3.07
C THR C 1051 -53.95 -6.55 2.11
N VAL C 1052 -53.41 -6.05 1.00
CA VAL C 1052 -54.17 -5.28 0.03
C VAL C 1052 -54.61 -6.23 -1.07
N VAL C 1053 -55.87 -6.13 -1.48
CA VAL C 1053 -56.37 -6.83 -2.65
C VAL C 1053 -57.03 -5.79 -3.54
N ARG C 1054 -56.62 -5.73 -4.80
CA ARG C 1054 -57.26 -4.85 -5.77
C ARG C 1054 -57.66 -5.63 -7.01
N GLN C 1055 -58.43 -4.96 -7.86
CA GLN C 1055 -58.84 -5.48 -9.15
C GLN C 1055 -58.25 -4.59 -10.23
N ASP C 1056 -57.75 -5.19 -11.30
CA ASP C 1056 -57.18 -4.41 -12.39
C ASP C 1056 -57.96 -4.68 -13.66
N ARG C 1057 -57.90 -3.75 -14.61
CA ARG C 1057 -58.53 -3.94 -15.91
C ARG C 1057 -57.69 -3.32 -17.01
N PHE C 1058 -57.42 -4.11 -18.04
CA PHE C 1058 -56.59 -3.63 -19.13
C PHE C 1058 -57.39 -3.58 -20.42
N VAL C 1059 -56.74 -3.11 -21.46
CA VAL C 1059 -57.21 -3.24 -22.83
C VAL C 1059 -56.22 -4.12 -23.56
N THR C 1060 -56.67 -5.26 -24.05
CA THR C 1060 -55.77 -6.23 -24.63
C THR C 1060 -56.00 -6.34 -26.14
N GLU C 1061 -55.07 -7.01 -26.80
CA GLU C 1061 -55.13 -7.24 -28.24
C GLU C 1061 -54.83 -8.70 -28.53
N ASN C 1062 -55.70 -9.35 -29.29
CA ASN C 1062 -55.67 -10.79 -29.41
C ASN C 1062 -55.81 -11.22 -30.87
N VAL C 1063 -55.27 -12.38 -31.18
CA VAL C 1063 -55.32 -12.92 -32.53
C VAL C 1063 -56.11 -14.22 -32.49
N LEU C 1064 -56.65 -14.60 -33.65
CA LEU C 1064 -57.63 -15.68 -33.74
C LEU C 1064 -57.37 -16.54 -34.95
N PHE C 1065 -56.75 -17.69 -34.73
CA PHE C 1065 -56.52 -18.67 -35.78
C PHE C 1065 -57.65 -19.66 -35.79
N SER C 1066 -57.99 -20.16 -36.96
CA SER C 1066 -59.06 -21.13 -37.11
C SER C 1066 -58.64 -22.21 -38.09
N GLU C 1067 -59.43 -23.29 -38.14
CA GLU C 1067 -59.24 -24.31 -39.15
C GLU C 1067 -60.11 -24.02 -40.35
N ARG C 1068 -60.24 -24.99 -41.24
CA ARG C 1068 -61.01 -24.75 -42.46
C ARG C 1068 -62.51 -24.74 -42.19
N ALA C 1069 -63.07 -25.88 -41.84
CA ALA C 1069 -64.52 -26.04 -41.80
C ALA C 1069 -64.94 -26.31 -40.37
N SER C 1070 -65.16 -25.23 -39.63
CA SER C 1070 -65.47 -25.32 -38.22
C SER C 1070 -66.95 -25.21 -37.94
N GLU C 1071 -67.73 -24.71 -38.88
CA GLU C 1071 -69.05 -24.22 -38.53
C GLU C 1071 -69.97 -24.38 -39.73
N ALA C 1072 -71.08 -25.09 -39.53
CA ALA C 1072 -72.14 -25.23 -40.53
C ALA C 1072 -73.25 -24.24 -40.27
N TYR C 1073 -72.88 -23.00 -39.95
CA TYR C 1073 -73.76 -21.90 -39.62
C TYR C 1073 -74.91 -21.74 -40.60
N PHE C 1074 -76.12 -21.96 -40.11
CA PHE C 1074 -77.32 -21.92 -40.93
C PHE C 1074 -77.97 -20.54 -40.87
N LEU C 1075 -78.75 -20.25 -41.90
CA LEU C 1075 -79.44 -18.99 -42.00
C LEU C 1075 -80.91 -19.23 -42.29
N GLY C 1076 -81.77 -18.34 -41.79
CA GLY C 1076 -83.18 -18.38 -42.04
C GLY C 1076 -83.65 -17.19 -42.85
N GLN C 1077 -84.98 -17.07 -42.93
CA GLN C 1077 -85.60 -15.97 -43.65
C GLN C 1077 -85.75 -14.75 -42.76
N LEU C 1078 -86.56 -13.81 -43.22
CA LEU C 1078 -86.70 -12.53 -42.52
C LEU C 1078 -88.07 -12.42 -41.85
N GLN C 1079 -88.16 -11.53 -40.89
CA GLN C 1079 -89.43 -11.23 -40.26
C GLN C 1079 -89.54 -9.73 -40.09
N VAL C 1080 -90.76 -9.22 -40.22
CA VAL C 1080 -91.03 -7.79 -40.09
C VAL C 1080 -92.01 -7.58 -38.95
N ALA C 1081 -91.63 -6.74 -37.99
CA ALA C 1081 -92.50 -6.33 -36.90
C ALA C 1081 -92.54 -4.81 -36.84
N ARG C 1082 -93.55 -4.25 -36.19
CA ARG C 1082 -93.82 -2.83 -36.37
C ARG C 1082 -93.70 -2.02 -35.08
N HIS C 1083 -94.47 -2.39 -34.04
CA HIS C 1083 -94.61 -1.75 -32.70
C HIS C 1083 -95.30 -0.39 -32.78
N GLU C 1084 -95.57 0.01 -34.02
CA GLU C 1084 -96.09 1.23 -34.62
C GLU C 1084 -95.11 2.36 -34.30
N THR C 1085 -94.87 2.70 -33.04
CA THR C 1085 -93.69 3.04 -32.25
C THR C 1085 -94.32 4.00 -31.24
N GLY C 1086 -93.57 4.58 -30.32
CA GLY C 1086 -94.11 5.79 -29.70
C GLY C 1086 -93.99 7.04 -30.57
N GLY C 1087 -94.71 7.13 -31.70
CA GLY C 1087 -94.70 8.36 -32.48
C GLY C 1087 -94.22 8.41 -33.92
N GLY C 1088 -94.48 7.36 -34.71
CA GLY C 1088 -93.98 7.27 -36.07
C GLY C 1088 -94.28 5.91 -36.71
N VAL C 1089 -93.40 5.41 -37.58
CA VAL C 1089 -93.40 4.02 -38.03
C VAL C 1089 -91.95 3.55 -38.08
N ASN C 1090 -91.64 2.49 -37.33
CA ASN C 1090 -90.28 1.95 -37.28
C ASN C 1090 -90.33 0.43 -37.37
N PHE C 1091 -90.04 -0.10 -38.55
CA PHE C 1091 -90.02 -1.54 -38.75
C PHE C 1091 -88.70 -2.09 -38.21
N THR C 1092 -88.78 -3.15 -37.41
CA THR C 1092 -87.60 -3.92 -37.03
C THR C 1092 -87.53 -5.17 -37.89
N LEU C 1093 -86.32 -5.70 -38.07
CA LEU C 1093 -86.06 -6.76 -39.03
C LEU C 1093 -85.15 -7.78 -38.38
N THR C 1094 -85.41 -9.07 -38.59
CA THR C 1094 -84.61 -10.08 -37.92
C THR C 1094 -84.50 -11.38 -38.71
N GLN C 1095 -83.69 -12.31 -38.21
CA GLN C 1095 -83.41 -13.54 -38.91
C GLN C 1095 -82.99 -14.66 -37.98
N PRO C 1096 -83.68 -15.79 -37.96
CA PRO C 1096 -83.27 -16.89 -37.11
C PRO C 1096 -82.08 -17.64 -37.68
N ARG C 1097 -81.13 -17.95 -36.80
CA ARG C 1097 -79.80 -18.37 -37.21
C ARG C 1097 -79.37 -19.56 -36.37
N GLY C 1098 -78.97 -20.62 -37.06
CA GLY C 1098 -78.52 -21.83 -36.40
C GLY C 1098 -77.05 -22.04 -36.63
N ASN C 1099 -76.38 -22.56 -35.62
CA ASN C 1099 -74.92 -22.63 -35.65
C ASN C 1099 -74.44 -23.74 -34.73
N VAL C 1100 -73.46 -24.50 -35.23
CA VAL C 1100 -72.90 -25.66 -34.53
C VAL C 1100 -71.42 -25.73 -34.83
N ASP C 1101 -70.62 -25.81 -33.78
CA ASP C 1101 -69.19 -26.11 -33.89
C ASP C 1101 -69.02 -27.53 -34.42
N LEU C 1102 -68.27 -27.66 -35.51
CA LEU C 1102 -68.05 -28.96 -36.11
C LEU C 1102 -66.81 -29.64 -35.56
N GLY C 1103 -66.24 -29.09 -34.50
CA GLY C 1103 -64.96 -29.57 -34.03
C GLY C 1103 -65.11 -30.86 -33.25
N VAL C 1104 -64.28 -31.86 -33.60
CA VAL C 1104 -64.17 -33.04 -32.76
C VAL C 1104 -63.63 -32.67 -31.40
N GLY C 1105 -62.52 -31.96 -31.36
CA GLY C 1105 -62.04 -31.38 -30.12
C GLY C 1105 -61.07 -30.25 -30.36
N TYR C 1106 -61.36 -29.09 -29.75
CA TYR C 1106 -60.47 -27.93 -29.71
C TYR C 1106 -60.13 -27.42 -31.09
N THR C 1107 -61.12 -26.80 -31.71
CA THR C 1107 -61.06 -26.06 -32.96
C THR C 1107 -60.32 -24.74 -32.69
N ALA C 1108 -60.67 -23.69 -33.45
CA ALA C 1108 -60.07 -22.36 -33.50
C ALA C 1108 -59.57 -21.80 -32.18
N VAL C 1109 -58.44 -21.10 -32.20
CA VAL C 1109 -57.67 -20.81 -31.00
C VAL C 1109 -57.48 -19.30 -30.85
N ALA C 1110 -57.36 -18.82 -29.61
CA ALA C 1110 -57.06 -17.41 -29.34
C ALA C 1110 -55.76 -17.32 -28.56
N ALA C 1111 -55.10 -16.18 -28.67
CA ALA C 1111 -53.85 -15.91 -27.97
C ALA C 1111 -53.86 -14.46 -27.52
N THR C 1112 -52.69 -13.93 -27.20
CA THR C 1112 -52.57 -12.55 -26.76
C THR C 1112 -51.44 -11.84 -27.48
N GLY C 1113 -51.53 -10.52 -27.53
CA GLY C 1113 -50.47 -9.65 -27.99
C GLY C 1113 -50.56 -8.38 -27.17
N THR C 1114 -49.85 -7.33 -27.61
CA THR C 1114 -49.48 -6.17 -26.78
C THR C 1114 -50.64 -5.46 -26.10
N VAL C 1115 -50.39 -4.92 -24.92
CA VAL C 1115 -51.43 -4.31 -24.11
C VAL C 1115 -51.48 -2.83 -24.46
N ARG C 1116 -52.70 -2.35 -24.67
CA ARG C 1116 -52.89 -0.97 -25.16
C ARG C 1116 -52.66 0.02 -24.01
N ASN C 1117 -53.51 -0.04 -22.98
CA ASN C 1117 -53.46 0.91 -21.88
C ASN C 1117 -54.32 0.38 -20.75
N PRO C 1118 -53.87 0.55 -19.51
CA PRO C 1118 -54.69 0.12 -18.38
C PRO C 1118 -55.83 1.08 -18.10
N VAL C 1119 -57.07 0.63 -18.09
CA VAL C 1119 -58.22 1.49 -17.83
C VAL C 1119 -58.18 1.97 -16.40
N THR C 1120 -57.91 1.05 -15.48
CA THR C 1120 -58.01 1.38 -14.08
C THR C 1120 -56.79 2.18 -13.67
N ASP C 1121 -56.98 3.03 -12.66
CA ASP C 1121 -55.95 3.97 -12.25
C ASP C 1121 -54.74 3.31 -11.62
N MET C 1122 -54.92 2.11 -11.05
CA MET C 1122 -54.05 1.51 -10.04
C MET C 1122 -53.86 2.48 -8.89
N GLY C 1123 -54.93 2.80 -8.17
CA GLY C 1123 -54.90 3.88 -7.21
C GLY C 1123 -54.87 3.50 -5.74
N ASN C 1124 -55.39 4.40 -4.91
CA ASN C 1124 -55.29 4.22 -3.46
C ASN C 1124 -56.64 4.29 -2.78
N LEU C 1125 -57.67 3.78 -3.43
CA LEU C 1125 -59.00 3.91 -2.86
C LEU C 1125 -59.17 2.93 -1.71
N PRO C 1126 -59.61 3.39 -0.53
CA PRO C 1126 -59.92 2.47 0.56
C PRO C 1126 -61.20 1.70 0.30
N GLN C 1127 -61.61 0.92 1.28
CA GLN C 1127 -62.91 0.27 1.23
C GLN C 1127 -63.70 0.72 2.45
N ASN C 1128 -64.60 1.66 2.24
CA ASN C 1128 -65.47 2.13 3.31
C ASN C 1128 -66.57 1.10 3.52
N PHE C 1129 -66.79 0.71 4.77
CA PHE C 1129 -67.84 -0.24 5.09
C PHE C 1129 -69.16 0.41 5.50
N TYR C 1130 -69.24 1.73 5.51
CA TYR C 1130 -70.50 2.36 5.89
C TYR C 1130 -71.48 2.45 4.72
N LEU C 1131 -71.10 1.97 3.54
CA LEU C 1131 -72.01 1.96 2.41
C LEU C 1131 -73.10 0.89 2.55
N GLY C 1132 -72.92 -0.06 3.47
CA GLY C 1132 -73.83 -1.16 3.61
C GLY C 1132 -74.49 -1.24 4.98
N ARG C 1133 -75.47 -2.12 5.07
CA ARG C 1133 -76.15 -2.43 6.33
C ARG C 1133 -76.08 -3.96 6.52
N GLY C 1134 -75.04 -4.41 7.21
CA GLY C 1134 -74.90 -5.82 7.48
C GLY C 1134 -74.65 -6.15 8.93
N ALA C 1135 -74.17 -5.18 9.70
CA ALA C 1135 -73.74 -5.41 11.07
C ALA C 1135 -74.57 -4.58 12.03
N PRO C 1136 -74.85 -5.07 13.23
CA PRO C 1136 -75.55 -4.26 14.22
C PRO C 1136 -74.69 -3.10 14.67
N PRO C 1137 -75.29 -1.96 14.96
CA PRO C 1137 -74.52 -0.75 15.24
C PRO C 1137 -73.97 -0.77 16.65
N LEU C 1138 -73.34 0.34 17.01
CA LEU C 1138 -72.87 0.54 18.37
C LEU C 1138 -74.05 0.76 19.31
N LEU C 1139 -74.05 0.04 20.44
CA LEU C 1139 -75.12 0.20 21.42
C LEU C 1139 -75.06 1.54 22.13
N ASP C 1140 -73.91 2.19 22.20
CA ASP C 1140 -73.88 3.60 22.48
C ASP C 1140 -74.28 4.36 21.20
N ASN C 1141 -75.44 5.00 21.24
CA ASN C 1141 -75.93 5.65 20.03
C ASN C 1141 -75.26 7.01 19.83
N ALA C 1142 -74.61 7.54 20.88
CA ALA C 1142 -73.79 8.72 20.69
C ALA C 1142 -72.45 8.36 20.06
N ALA C 1143 -72.05 7.10 20.17
CA ALA C 1143 -70.81 6.66 19.54
C ALA C 1143 -71.01 6.44 18.05
N ALA C 1144 -72.17 5.88 17.66
CA ALA C 1144 -72.39 5.48 16.28
C ALA C 1144 -72.52 6.70 15.37
N VAL C 1145 -72.97 7.82 15.93
CA VAL C 1145 -72.92 9.05 15.15
C VAL C 1145 -71.51 9.61 15.16
N TYR C 1146 -70.78 9.44 16.26
CA TYR C 1146 -69.45 10.01 16.38
C TYR C 1146 -68.43 9.20 15.61
N LEU C 1147 -68.59 7.88 15.60
CA LEU C 1147 -67.66 7.07 14.83
C LEU C 1147 -67.86 7.27 13.34
N ARG C 1148 -69.09 7.51 12.92
CA ARG C 1148 -69.39 7.57 11.49
C ARG C 1148 -68.80 8.83 10.88
N ASN C 1149 -69.07 9.99 11.46
CA ASN C 1149 -68.56 11.22 10.86
C ASN C 1149 -67.08 11.43 11.14
N ALA C 1150 -66.51 10.62 12.05
CA ALA C 1150 -65.06 10.61 12.18
C ALA C 1150 -64.41 9.96 10.98
N VAL C 1151 -65.12 9.01 10.36
CA VAL C 1151 -64.51 8.26 9.28
C VAL C 1151 -65.06 8.72 7.94
N VAL C 1152 -66.40 8.72 7.80
CA VAL C 1152 -67.07 8.91 6.50
C VAL C 1152 -66.85 10.27 5.89
N ALA C 1153 -66.80 11.34 6.71
CA ALA C 1153 -66.93 12.76 6.37
C ALA C 1153 -66.24 13.22 5.09
N GLY C 1154 -65.08 12.65 4.78
CA GLY C 1154 -64.49 12.94 3.50
C GLY C 1154 -63.87 11.75 2.78
N ASN C 1155 -64.40 10.55 2.98
CA ASN C 1155 -64.00 9.44 2.11
C ASN C 1155 -64.44 9.71 0.69
N ARG C 1156 -63.64 9.22 -0.26
CA ARG C 1156 -64.07 9.23 -1.64
C ARG C 1156 -65.24 8.29 -1.86
N LEU C 1157 -65.37 7.24 -1.05
CA LEU C 1157 -66.54 6.39 -1.05
C LEU C 1157 -67.56 6.83 -0.02
N GLY C 1158 -67.33 7.97 0.63
CA GLY C 1158 -68.14 8.39 1.74
C GLY C 1158 -69.51 8.86 1.33
N PRO C 1159 -70.56 8.16 1.77
CA PRO C 1159 -71.91 8.52 1.35
C PRO C 1159 -72.40 9.77 2.03
N ALA C 1160 -72.57 10.82 1.26
CA ALA C 1160 -73.29 11.99 1.74
C ALA C 1160 -74.77 11.64 1.78
N GLN C 1161 -75.56 12.44 2.56
CA GLN C 1161 -77.01 12.42 2.71
C GLN C 1161 -77.52 10.98 2.94
N PRO C 1162 -77.37 10.48 4.17
CA PRO C 1162 -77.14 9.04 4.39
C PRO C 1162 -78.33 8.15 4.04
N LEU C 1163 -78.07 6.85 4.18
CA LEU C 1163 -78.79 5.78 3.49
C LEU C 1163 -80.24 5.64 3.91
N PRO C 1164 -81.15 5.44 2.97
CA PRO C 1164 -82.55 5.20 3.33
C PRO C 1164 -82.82 3.71 3.55
N VAL C 1165 -84.09 3.42 3.80
CA VAL C 1165 -84.59 2.05 3.84
C VAL C 1165 -84.44 1.44 2.45
N PHE C 1166 -85.11 2.04 1.48
CA PHE C 1166 -85.01 1.64 0.09
C PHE C 1166 -84.36 2.77 -0.70
N GLY C 1167 -83.29 2.45 -1.42
CA GLY C 1167 -82.52 3.45 -2.12
C GLY C 1167 -81.13 2.91 -2.45
N CYS C 1168 -80.24 3.83 -2.80
CA CYS C 1168 -78.90 3.50 -3.25
C CYS C 1168 -77.87 4.33 -2.49
N ALA C 1169 -76.64 4.29 -2.99
CA ALA C 1169 -75.52 4.92 -2.31
C ALA C 1169 -75.45 6.43 -2.53
N GLN C 1170 -75.52 6.88 -3.78
CA GLN C 1170 -74.93 8.16 -4.22
C GLN C 1170 -73.51 8.31 -3.69
N VAL C 1171 -72.66 7.42 -4.17
CA VAL C 1171 -71.22 7.65 -4.16
C VAL C 1171 -70.93 9.00 -4.79
N PRO C 1172 -70.35 9.94 -4.06
CA PRO C 1172 -70.20 11.30 -4.59
C PRO C 1172 -69.18 11.35 -5.72
N ARG C 1173 -69.66 11.73 -6.89
CA ARG C 1173 -68.82 11.93 -8.05
C ARG C 1173 -67.94 13.15 -7.83
N ARG C 1174 -66.77 13.12 -8.42
CA ARG C 1174 -65.86 14.25 -8.38
C ARG C 1174 -65.68 14.81 -9.78
N ALA C 1175 -65.41 16.11 -9.86
CA ALA C 1175 -65.55 16.83 -11.12
C ALA C 1175 -64.45 16.48 -12.11
N GLY C 1176 -63.36 15.88 -11.65
CA GLY C 1176 -62.29 15.54 -12.56
C GLY C 1176 -61.78 14.14 -12.30
N MET C 1177 -61.17 13.58 -13.33
CA MET C 1177 -60.47 12.31 -13.21
C MET C 1177 -59.36 12.29 -14.24
N ASP C 1178 -58.20 11.79 -13.82
CA ASP C 1178 -57.05 11.75 -14.71
C ASP C 1178 -56.58 10.36 -15.06
N HIS C 1179 -56.24 9.60 -14.04
CA HIS C 1179 -55.46 8.40 -14.26
C HIS C 1179 -56.31 7.28 -14.83
N GLY C 1180 -57.59 7.27 -14.54
CA GLY C 1180 -58.48 6.29 -15.11
C GLY C 1180 -59.55 5.88 -14.11
N GLN C 1181 -60.06 4.68 -14.30
CA GLN C 1181 -61.08 4.15 -13.42
C GLN C 1181 -60.48 3.87 -12.06
N ASP C 1182 -61.21 4.19 -11.01
CA ASP C 1182 -60.68 4.01 -9.67
C ASP C 1182 -60.72 2.53 -9.31
N ALA C 1183 -59.57 1.98 -8.95
CA ALA C 1183 -59.53 0.63 -8.42
C ALA C 1183 -60.03 0.61 -6.98
N VAL C 1184 -60.14 -0.57 -6.38
CA VAL C 1184 -60.62 -0.69 -5.01
C VAL C 1184 -59.62 -1.53 -4.23
N CYS C 1185 -59.02 -0.94 -3.22
CA CYS C 1185 -58.10 -1.66 -2.35
C CYS C 1185 -58.83 -2.10 -1.09
N GLU C 1186 -58.78 -3.39 -0.80
CA GLU C 1186 -59.49 -3.97 0.33
C GLU C 1186 -58.53 -4.74 1.23
N PHE C 1187 -58.94 -4.91 2.48
CA PHE C 1187 -58.02 -5.23 3.57
C PHE C 1187 -58.49 -6.47 4.32
N ILE C 1188 -57.53 -7.31 4.66
CA ILE C 1188 -57.78 -8.53 5.41
C ILE C 1188 -56.76 -8.59 6.54
N ALA C 1189 -57.23 -8.80 7.77
CA ALA C 1189 -56.37 -8.80 8.94
C ALA C 1189 -55.44 -10.02 8.93
N THR C 1190 -54.16 -9.77 8.86
CA THR C 1190 -53.11 -10.78 8.89
C THR C 1190 -52.24 -10.58 10.11
N PRO C 1191 -51.70 -11.65 10.68
CA PRO C 1191 -50.70 -11.50 11.73
C PRO C 1191 -49.39 -10.96 11.19
N VAL C 1192 -48.61 -10.37 12.10
CA VAL C 1192 -47.37 -9.71 11.70
C VAL C 1192 -46.29 -10.68 11.26
N ALA C 1193 -46.21 -11.85 11.87
CA ALA C 1193 -45.19 -12.82 11.49
C ALA C 1193 -45.83 -13.82 10.54
N THR C 1194 -46.38 -13.32 9.47
CA THR C 1194 -46.73 -14.15 8.33
C THR C 1194 -45.69 -13.85 7.27
N ASP C 1195 -44.97 -14.88 6.88
CA ASP C 1195 -43.63 -14.74 6.35
C ASP C 1195 -43.58 -14.00 5.03
N ILE C 1196 -42.45 -13.33 4.78
CA ILE C 1196 -42.33 -12.50 3.60
C ILE C 1196 -41.66 -13.29 2.49
N ASN C 1197 -41.36 -14.57 2.72
CA ASN C 1197 -41.13 -15.47 1.60
C ASN C 1197 -42.42 -15.73 0.85
N TYR C 1198 -43.53 -15.77 1.57
CA TYR C 1198 -44.85 -15.65 0.99
C TYR C 1198 -44.97 -14.25 0.42
N PHE C 1199 -45.83 -14.08 -0.58
CA PHE C 1199 -46.09 -12.90 -1.42
C PHE C 1199 -44.95 -12.63 -2.40
N ARG C 1200 -43.85 -13.39 -2.35
CA ARG C 1200 -42.82 -13.26 -3.38
C ARG C 1200 -43.22 -13.99 -4.66
N ARG C 1201 -44.24 -14.82 -4.56
CA ARG C 1201 -44.76 -15.58 -5.66
C ARG C 1201 -46.26 -15.36 -5.78
N PRO C 1202 -46.85 -15.71 -6.93
CA PRO C 1202 -48.31 -15.77 -7.03
C PRO C 1202 -48.89 -16.71 -5.98
N CYS C 1203 -49.61 -16.13 -5.03
CA CYS C 1203 -50.05 -16.82 -3.85
C CYS C 1203 -51.45 -16.38 -3.52
N ASN C 1204 -51.96 -16.86 -2.39
CA ASN C 1204 -53.36 -16.63 -2.09
C ASN C 1204 -53.53 -15.47 -1.13
N PRO C 1205 -54.61 -14.71 -1.24
CA PRO C 1205 -54.94 -13.72 -0.21
C PRO C 1205 -55.32 -14.35 1.11
N ARG C 1206 -56.01 -15.49 1.08
CA ARG C 1206 -56.38 -16.18 2.30
C ARG C 1206 -55.35 -17.18 2.77
N GLY C 1207 -54.21 -17.29 2.09
CA GLY C 1207 -53.13 -18.12 2.55
C GLY C 1207 -53.28 -19.60 2.25
N ARG C 1208 -54.49 -20.05 1.97
CA ARG C 1208 -54.75 -21.44 1.67
C ARG C 1208 -55.39 -21.52 0.29
N ALA C 1209 -54.98 -22.51 -0.48
CA ALA C 1209 -55.60 -22.77 -1.77
C ALA C 1209 -57.00 -23.30 -1.55
N ALA C 1210 -57.91 -23.00 -2.47
CA ALA C 1210 -59.29 -23.46 -2.34
C ALA C 1210 -59.91 -23.87 -3.66
N GLY C 1211 -59.23 -23.65 -4.78
CA GLY C 1211 -59.87 -23.78 -6.07
C GLY C 1211 -60.13 -25.23 -6.45
N GLY C 1212 -61.28 -25.45 -7.09
CA GLY C 1212 -61.74 -26.78 -7.47
C GLY C 1212 -60.91 -27.47 -8.51
N VAL C 1213 -59.98 -26.75 -9.14
CA VAL C 1213 -58.93 -27.38 -9.95
C VAL C 1213 -58.09 -28.31 -9.10
N TYR C 1214 -57.76 -27.90 -7.89
CA TYR C 1214 -56.87 -28.61 -7.01
C TYR C 1214 -57.46 -29.89 -6.42
N ALA C 1215 -58.78 -29.98 -6.33
CA ALA C 1215 -59.41 -31.14 -5.72
C ALA C 1215 -59.31 -32.36 -6.63
N GLY C 1216 -59.61 -33.53 -6.07
CA GLY C 1216 -59.23 -34.77 -6.73
C GLY C 1216 -60.31 -35.84 -6.95
N ASP C 1217 -61.51 -35.43 -7.37
CA ASP C 1217 -62.62 -36.31 -7.75
C ASP C 1217 -63.07 -37.22 -6.61
N LYS C 1218 -62.92 -36.78 -5.37
CA LYS C 1218 -63.50 -37.48 -4.23
C LYS C 1218 -64.89 -36.91 -4.01
N GLU C 1219 -65.62 -37.45 -3.03
CA GLU C 1219 -66.95 -36.95 -2.69
C GLU C 1219 -66.78 -35.56 -2.08
N GLY C 1220 -65.95 -35.41 -1.05
CA GLY C 1220 -65.75 -34.10 -0.45
C GLY C 1220 -64.33 -33.61 -0.61
N ASP C 1221 -63.77 -33.76 -1.82
CA ASP C 1221 -62.50 -33.10 -2.12
C ASP C 1221 -62.70 -31.60 -2.30
N VAL C 1222 -63.93 -31.21 -2.60
CA VAL C 1222 -64.40 -29.83 -2.43
C VAL C 1222 -64.60 -29.57 -0.92
N ILE C 1223 -65.30 -28.50 -0.56
CA ILE C 1223 -65.13 -27.58 0.59
C ILE C 1223 -64.16 -27.99 1.70
N ALA C 1224 -64.14 -29.27 2.07
CA ALA C 1224 -63.18 -29.84 3.01
C ALA C 1224 -61.73 -29.58 2.63
N LEU C 1225 -61.42 -29.29 1.36
CA LEU C 1225 -60.11 -28.77 1.01
C LEU C 1225 -59.94 -27.38 1.60
N MET C 1226 -60.98 -26.56 1.55
CA MET C 1226 -60.83 -25.17 1.94
C MET C 1226 -60.93 -25.00 3.44
N TYR C 1227 -61.93 -25.62 4.07
CA TYR C 1227 -62.29 -25.26 5.44
C TYR C 1227 -61.72 -26.19 6.50
N ASP C 1228 -61.37 -27.43 6.15
CA ASP C 1228 -60.68 -28.26 7.11
C ASP C 1228 -59.22 -27.84 7.18
N HIS C 1229 -58.61 -28.05 8.34
CA HIS C 1229 -57.20 -27.77 8.51
C HIS C 1229 -56.47 -28.88 9.25
N GLY C 1230 -57.07 -30.05 9.34
CA GLY C 1230 -56.27 -31.23 9.64
C GLY C 1230 -55.29 -31.53 8.52
N GLN C 1231 -55.73 -31.36 7.29
CA GLN C 1231 -54.84 -31.52 6.15
C GLN C 1231 -54.03 -30.24 5.95
N SER C 1232 -53.09 -30.29 5.01
CA SER C 1232 -52.19 -29.16 4.78
C SER C 1232 -52.74 -28.25 3.69
N ASP C 1233 -51.89 -27.36 3.19
CA ASP C 1233 -52.12 -26.50 2.05
C ASP C 1233 -51.58 -27.17 0.78
N PRO C 1234 -52.36 -27.25 -0.30
CA PRO C 1234 -51.78 -27.74 -1.56
C PRO C 1234 -50.67 -26.87 -2.10
N ALA C 1235 -50.73 -25.56 -1.85
CA ALA C 1235 -49.61 -24.71 -2.24
C ALA C 1235 -48.46 -24.81 -1.25
N ARG C 1236 -48.75 -24.92 0.05
CA ARG C 1236 -47.74 -24.87 1.10
C ARG C 1236 -47.83 -26.16 1.90
N PRO C 1237 -47.22 -27.24 1.41
CA PRO C 1237 -47.51 -28.57 1.96
C PRO C 1237 -46.94 -28.82 3.34
N PHE C 1238 -46.10 -27.93 3.84
CA PHE C 1238 -45.47 -28.12 5.14
C PHE C 1238 -46.35 -27.65 6.28
N ALA C 1239 -47.15 -26.61 6.07
CA ALA C 1239 -47.97 -26.05 7.13
C ALA C 1239 -49.42 -26.05 6.69
N ALA C 1240 -50.30 -25.67 7.62
CA ALA C 1240 -51.74 -25.70 7.32
C ALA C 1240 -52.12 -24.51 6.46
N THR C 1241 -52.01 -23.31 6.99
CA THR C 1241 -52.14 -22.10 6.19
C THR C 1241 -50.97 -21.19 6.51
N ALA C 1242 -51.05 -19.99 5.97
CA ALA C 1242 -50.25 -18.88 6.43
C ALA C 1242 -51.06 -17.88 7.21
N ASN C 1243 -52.38 -17.96 7.15
CA ASN C 1243 -53.19 -17.02 7.88
C ASN C 1243 -54.35 -17.75 8.53
N PRO C 1244 -54.36 -17.83 9.86
CA PRO C 1244 -55.54 -18.36 10.55
C PRO C 1244 -56.68 -17.38 10.64
N TRP C 1245 -56.42 -16.09 10.52
CA TRP C 1245 -57.50 -15.11 10.54
C TRP C 1245 -58.28 -15.08 9.23
N ALA C 1246 -57.76 -15.70 8.18
CA ALA C 1246 -58.39 -15.61 6.87
C ALA C 1246 -59.15 -16.86 6.52
N SER C 1247 -58.51 -18.02 6.67
CA SER C 1247 -58.96 -19.22 5.97
C SER C 1247 -60.21 -19.84 6.58
N GLN C 1248 -60.25 -19.93 7.90
CA GLN C 1248 -61.13 -20.87 8.57
C GLN C 1248 -62.59 -20.45 8.48
N ARG C 1249 -63.48 -21.40 8.77
CA ARG C 1249 -64.89 -21.06 8.84
C ARG C 1249 -65.12 -20.19 10.06
N PHE C 1250 -65.87 -19.10 9.85
CA PHE C 1250 -66.10 -18.00 10.78
C PHE C 1250 -64.83 -17.28 11.19
N SER C 1251 -63.75 -17.42 10.42
CA SER C 1251 -62.58 -16.60 10.66
C SER C 1251 -62.83 -15.21 10.10
N TYR C 1252 -61.90 -14.30 10.36
CA TYR C 1252 -62.16 -12.90 10.05
C TYR C 1252 -62.08 -12.64 8.55
N GLY C 1253 -61.38 -13.53 7.82
CA GLY C 1253 -61.54 -13.53 6.38
C GLY C 1253 -62.93 -13.92 5.94
N ASP C 1254 -63.53 -14.88 6.64
CA ASP C 1254 -64.85 -15.38 6.27
C ASP C 1254 -65.93 -14.37 6.64
N LEU C 1255 -65.73 -13.64 7.73
CA LEU C 1255 -66.77 -12.79 8.29
C LEU C 1255 -67.04 -11.59 7.41
N LEU C 1256 -66.00 -11.05 6.77
CA LEU C 1256 -66.19 -9.81 6.03
C LEU C 1256 -66.79 -10.04 4.66
N TYR C 1257 -66.08 -10.79 3.80
CA TYR C 1257 -66.32 -10.69 2.38
C TYR C 1257 -67.07 -11.87 1.78
N ASN C 1258 -67.27 -12.95 2.53
CA ASN C 1258 -68.15 -14.00 2.04
C ASN C 1258 -69.58 -13.48 2.06
N GLY C 1259 -70.10 -13.19 0.86
CA GLY C 1259 -71.36 -12.51 0.70
C GLY C 1259 -72.60 -13.27 1.13
N ALA C 1260 -72.45 -14.52 1.58
CA ALA C 1260 -73.53 -15.18 2.27
C ALA C 1260 -73.90 -14.45 3.55
N TYR C 1261 -72.92 -13.82 4.19
CA TYR C 1261 -73.17 -13.00 5.36
C TYR C 1261 -73.37 -11.53 5.00
N HIS C 1262 -73.28 -11.20 3.71
CA HIS C 1262 -73.73 -9.96 3.05
C HIS C 1262 -73.57 -8.65 3.82
N LEU C 1263 -72.39 -8.42 4.41
CA LEU C 1263 -72.03 -7.07 4.85
C LEU C 1263 -71.94 -6.14 3.66
N ASN C 1264 -71.19 -6.57 2.65
CA ASN C 1264 -70.93 -5.76 1.46
C ASN C 1264 -71.95 -6.12 0.39
N GLY C 1265 -73.22 -6.06 0.80
CA GLY C 1265 -74.30 -6.48 -0.05
C GLY C 1265 -75.19 -5.33 -0.49
N ALA C 1266 -75.13 -4.20 0.21
CA ALA C 1266 -75.89 -3.02 -0.13
C ALA C 1266 -75.01 -1.96 -0.79
N SER C 1267 -73.77 -2.31 -1.12
CA SER C 1267 -72.84 -1.35 -1.69
C SER C 1267 -72.65 -1.65 -3.16
N PRO C 1268 -72.77 -0.64 -4.03
CA PRO C 1268 -72.60 -0.88 -5.46
C PRO C 1268 -71.16 -1.08 -5.86
N VAL C 1269 -70.22 -0.70 -5.02
CA VAL C 1269 -68.80 -0.73 -5.33
C VAL C 1269 -68.32 -2.16 -5.41
N LEU C 1270 -67.45 -2.43 -6.37
CA LEU C 1270 -66.87 -3.75 -6.56
C LEU C 1270 -66.04 -4.18 -5.36
N SER C 1271 -66.24 -5.43 -4.95
CA SER C 1271 -65.43 -6.04 -3.91
C SER C 1271 -64.55 -7.10 -4.54
N PRO C 1272 -63.25 -6.86 -4.71
CA PRO C 1272 -62.39 -7.88 -5.31
C PRO C 1272 -62.22 -9.11 -4.44
N CYS C 1273 -62.43 -8.98 -3.14
CA CYS C 1273 -62.34 -10.10 -2.23
C CYS C 1273 -63.52 -11.06 -2.34
N PHE C 1274 -64.59 -10.67 -3.04
CA PHE C 1274 -65.75 -11.53 -3.16
C PHE C 1274 -65.47 -12.72 -4.05
N LYS C 1275 -64.53 -12.57 -4.98
CA LYS C 1275 -64.20 -13.69 -5.87
C LYS C 1275 -63.50 -14.80 -5.11
N PHE C 1276 -62.73 -14.44 -4.09
CA PHE C 1276 -61.99 -15.45 -3.35
C PHE C 1276 -62.86 -16.10 -2.28
N PHE C 1277 -63.57 -15.31 -1.49
CA PHE C 1277 -64.09 -15.80 -0.23
C PHE C 1277 -65.47 -16.45 -0.32
N THR C 1278 -66.07 -16.53 -1.50
CA THR C 1278 -67.40 -17.12 -1.62
C THR C 1278 -67.26 -18.54 -2.15
N ALA C 1279 -67.24 -19.51 -1.24
CA ALA C 1279 -66.90 -20.89 -1.64
C ALA C 1279 -68.04 -21.53 -2.40
N ALA C 1280 -69.26 -20.99 -2.27
CA ALA C 1280 -70.45 -21.54 -2.91
C ALA C 1280 -70.35 -21.47 -4.43
N ASP C 1281 -69.67 -20.44 -4.93
CA ASP C 1281 -69.44 -20.35 -6.36
C ASP C 1281 -68.34 -21.30 -6.82
N ILE C 1282 -67.31 -21.47 -5.99
CA ILE C 1282 -66.28 -22.45 -6.25
C ILE C 1282 -66.86 -23.86 -6.23
N THR C 1283 -67.80 -24.12 -5.33
CA THR C 1283 -68.45 -25.42 -5.25
C THR C 1283 -69.35 -25.67 -6.46
N ALA C 1284 -69.79 -24.61 -7.12
CA ALA C 1284 -70.70 -24.77 -8.25
C ALA C 1284 -69.99 -25.20 -9.51
N LYS C 1285 -68.68 -24.93 -9.63
CA LYS C 1285 -67.94 -25.33 -10.81
C LYS C 1285 -67.76 -26.84 -10.84
N HIS C 1286 -67.53 -27.36 -12.04
CA HIS C 1286 -67.02 -28.72 -12.18
C HIS C 1286 -65.51 -28.68 -12.16
N ARG C 1287 -64.91 -29.84 -12.38
CA ARG C 1287 -63.47 -29.98 -12.22
C ARG C 1287 -62.78 -30.63 -13.41
N CYS C 1288 -63.53 -31.14 -14.39
CA CYS C 1288 -62.88 -31.79 -15.52
C CYS C 1288 -62.40 -30.72 -16.50
N LEU C 1289 -61.16 -30.88 -16.97
CA LEU C 1289 -60.50 -29.82 -17.72
C LEU C 1289 -60.78 -29.87 -19.22
N GLU C 1290 -61.67 -30.76 -19.67
CA GLU C 1290 -62.11 -30.72 -21.05
C GLU C 1290 -62.90 -29.43 -21.33
N ARG C 1291 -63.62 -28.95 -20.33
CA ARG C 1291 -64.46 -27.78 -20.54
C ARG C 1291 -63.84 -26.53 -19.94
N LEU C 1292 -63.04 -26.68 -18.88
CA LEU C 1292 -62.71 -25.54 -18.01
C LEU C 1292 -61.83 -24.49 -18.66
N ILE C 1293 -61.06 -24.85 -19.69
CA ILE C 1293 -60.25 -23.83 -20.34
C ILE C 1293 -61.07 -22.96 -21.28
N VAL C 1294 -62.15 -23.49 -21.85
CA VAL C 1294 -62.81 -22.72 -22.90
C VAL C 1294 -63.71 -21.63 -22.33
N GLU C 1295 -64.10 -21.72 -21.07
CA GLU C 1295 -64.86 -20.60 -20.52
C GLU C 1295 -63.95 -19.56 -19.90
N THR C 1296 -62.65 -19.75 -19.96
CA THR C 1296 -61.73 -18.76 -19.41
C THR C 1296 -61.74 -17.50 -20.26
N GLY C 1297 -61.79 -17.67 -21.57
CA GLY C 1297 -61.62 -16.54 -22.48
C GLY C 1297 -62.77 -15.55 -22.42
N SER C 1298 -63.99 -16.04 -22.45
CA SER C 1298 -65.15 -15.18 -22.35
C SER C 1298 -65.82 -15.49 -21.03
N ALA C 1299 -65.33 -14.87 -19.96
CA ALA C 1299 -65.85 -15.10 -18.62
C ALA C 1299 -66.47 -13.80 -18.12
N VAL C 1300 -67.62 -13.92 -17.48
CA VAL C 1300 -68.30 -12.74 -16.97
C VAL C 1300 -67.59 -12.24 -15.72
N SER C 1301 -67.07 -11.02 -15.81
CA SER C 1301 -66.50 -10.39 -14.64
C SER C 1301 -67.61 -9.87 -13.75
N THR C 1302 -67.28 -9.64 -12.48
CA THR C 1302 -68.19 -8.89 -11.62
C THR C 1302 -67.92 -7.39 -11.68
N ALA C 1303 -67.03 -6.97 -12.56
CA ALA C 1303 -66.49 -5.62 -12.59
C ALA C 1303 -67.27 -4.74 -13.55
N THR C 1304 -67.05 -3.44 -13.41
CA THR C 1304 -67.59 -2.43 -14.31
C THR C 1304 -66.45 -1.73 -15.03
N ALA C 1305 -66.80 -0.95 -16.03
CA ALA C 1305 -65.84 -0.11 -16.70
C ALA C 1305 -66.34 1.32 -16.91
N ALA C 1306 -67.62 1.58 -16.63
CA ALA C 1306 -68.24 2.83 -17.04
C ALA C 1306 -68.31 3.87 -15.92
N SER C 1307 -68.02 3.51 -14.68
CA SER C 1307 -68.06 4.45 -13.58
C SER C 1307 -66.66 4.88 -13.20
N ASP C 1308 -66.59 5.95 -12.42
CA ASP C 1308 -65.31 6.43 -11.89
C ASP C 1308 -64.70 5.39 -10.96
N VAL C 1309 -65.41 5.07 -9.91
CA VAL C 1309 -65.09 3.98 -9.01
C VAL C 1309 -65.60 2.70 -9.65
N GLN C 1310 -64.79 1.65 -9.62
CA GLN C 1310 -65.22 0.39 -10.20
C GLN C 1310 -66.33 -0.23 -9.35
N PHE C 1311 -67.51 -0.35 -9.95
CA PHE C 1311 -68.68 -0.85 -9.26
C PHE C 1311 -68.82 -2.35 -9.43
N LYS C 1312 -69.73 -2.93 -8.66
CA LYS C 1312 -70.24 -4.27 -8.94
C LYS C 1312 -70.97 -4.20 -10.28
N ARG C 1313 -70.80 -5.24 -11.09
CA ARG C 1313 -71.39 -5.24 -12.43
C ARG C 1313 -72.91 -5.26 -12.35
N PRO C 1314 -73.58 -4.28 -12.95
CA PRO C 1314 -75.03 -4.28 -12.94
C PRO C 1314 -75.57 -5.33 -13.88
N PRO C 1315 -76.87 -5.62 -13.83
CA PRO C 1315 -77.43 -6.60 -14.78
C PRO C 1315 -77.72 -6.03 -16.17
N GLY C 1316 -77.11 -4.91 -16.55
CA GLY C 1316 -77.31 -4.37 -17.88
C GLY C 1316 -76.78 -5.27 -18.98
N CYS C 1317 -75.47 -5.44 -19.07
CA CYS C 1317 -74.86 -6.30 -20.07
C CYS C 1317 -73.68 -7.03 -19.46
N ARG C 1318 -72.84 -7.57 -20.34
CA ARG C 1318 -71.68 -8.36 -19.93
C ARG C 1318 -70.41 -7.78 -20.53
N GLU C 1319 -69.28 -8.39 -20.17
CA GLU C 1319 -67.98 -7.81 -20.50
C GLU C 1319 -67.15 -8.74 -21.37
N LEU C 1320 -67.33 -10.05 -21.20
CA LEU C 1320 -66.62 -11.10 -21.93
C LEU C 1320 -65.11 -11.02 -21.74
N VAL C 1321 -64.68 -10.89 -20.49
CA VAL C 1321 -63.28 -10.73 -20.19
C VAL C 1321 -62.65 -12.09 -19.92
N GLU C 1322 -61.32 -12.16 -19.94
CA GLU C 1322 -60.58 -13.35 -19.55
C GLU C 1322 -59.69 -13.05 -18.34
N ASP C 1323 -59.66 -13.98 -17.38
CA ASP C 1323 -58.84 -13.85 -16.20
C ASP C 1323 -58.36 -15.21 -15.69
N PRO C 1324 -57.19 -15.27 -15.05
CA PRO C 1324 -56.79 -16.50 -14.35
C PRO C 1324 -57.29 -16.55 -12.93
N CYS C 1325 -57.84 -15.46 -12.42
CA CYS C 1325 -58.29 -15.40 -11.05
C CYS C 1325 -59.49 -16.29 -10.81
N GLY C 1326 -60.30 -16.52 -11.85
CA GLY C 1326 -61.39 -17.46 -11.75
C GLY C 1326 -60.96 -18.90 -11.92
N LEU C 1327 -59.77 -19.15 -12.43
CA LEU C 1327 -59.39 -20.52 -12.71
C LEU C 1327 -58.23 -20.98 -11.85
N PHE C 1328 -57.18 -20.17 -11.73
CA PHE C 1328 -56.10 -20.56 -10.83
C PHE C 1328 -56.45 -20.28 -9.37
N GLN C 1329 -57.43 -19.40 -9.15
CA GLN C 1329 -57.82 -18.91 -7.82
C GLN C 1329 -56.60 -18.32 -7.11
N GLU C 1330 -56.04 -17.26 -7.69
CA GLU C 1330 -54.73 -16.77 -7.32
C GLU C 1330 -54.67 -15.26 -7.43
N ALA C 1331 -53.43 -14.76 -7.50
CA ALA C 1331 -53.16 -13.34 -7.70
C ALA C 1331 -51.76 -13.17 -8.22
N TYR C 1332 -51.40 -11.94 -8.51
CA TYR C 1332 -49.99 -11.74 -8.82
C TYR C 1332 -49.41 -10.62 -7.98
N PRO C 1333 -48.16 -10.72 -7.57
CA PRO C 1333 -47.52 -9.60 -6.87
C PRO C 1333 -46.75 -8.69 -7.83
N ILE C 1334 -46.69 -7.42 -7.47
CA ILE C 1334 -45.99 -6.40 -8.26
C ILE C 1334 -44.83 -5.86 -7.45
N THR C 1335 -44.09 -4.96 -8.08
CA THR C 1335 -42.97 -4.33 -7.40
C THR C 1335 -43.48 -3.36 -6.34
N CYS C 1336 -43.16 -3.64 -5.09
CA CYS C 1336 -43.57 -2.78 -4.00
C CYS C 1336 -42.54 -2.86 -2.88
N ALA C 1337 -42.39 -1.77 -2.16
CA ALA C 1337 -41.39 -1.70 -1.11
C ALA C 1337 -41.85 -0.72 -0.04
N SER C 1338 -41.54 -1.05 1.21
CA SER C 1338 -41.90 -0.21 2.34
C SER C 1338 -41.09 1.07 2.38
N ASP C 1339 -39.86 1.04 1.88
CA ASP C 1339 -39.08 2.27 1.81
C ASP C 1339 -39.07 2.77 0.38
N PRO C 1340 -39.14 4.08 0.19
CA PRO C 1340 -38.74 4.64 -1.10
C PRO C 1340 -37.27 4.45 -1.32
N ALA C 1341 -36.49 4.46 -0.24
CA ALA C 1341 -35.08 4.14 -0.27
C ALA C 1341 -34.79 2.77 -0.84
N LEU C 1342 -35.58 1.76 -0.47
CA LEU C 1342 -35.39 0.47 -1.10
C LEU C 1342 -36.01 0.44 -2.49
N LEU C 1343 -37.01 1.29 -2.73
CA LEU C 1343 -37.76 1.22 -3.97
C LEU C 1343 -36.95 1.73 -5.14
N ARG C 1344 -35.98 2.59 -4.86
CA ARG C 1344 -35.20 3.19 -5.95
C ARG C 1344 -34.17 2.23 -6.50
N SER C 1345 -33.89 1.14 -5.80
CA SER C 1345 -33.03 0.13 -6.40
C SER C 1345 -33.84 -0.76 -7.33
N ALA C 1346 -35.16 -0.68 -7.25
CA ALA C 1346 -36.05 -1.42 -8.15
C ALA C 1346 -36.31 -0.56 -9.39
N ARG C 1347 -35.22 -0.04 -9.95
CA ARG C 1347 -35.23 0.69 -11.20
C ARG C 1347 -34.32 -0.06 -12.13
N ASP C 1348 -34.88 -0.50 -13.27
CA ASP C 1348 -34.22 -1.40 -14.23
C ASP C 1348 -33.79 -2.70 -13.55
N GLY C 1349 -34.77 -3.47 -13.12
CA GLY C 1349 -34.53 -4.85 -12.75
C GLY C 1349 -34.02 -4.98 -11.32
N GLU C 1350 -34.05 -6.22 -10.82
CA GLU C 1350 -33.46 -6.57 -9.55
C GLU C 1350 -32.07 -7.16 -9.69
N ALA C 1351 -31.32 -6.73 -10.71
CA ALA C 1351 -29.94 -7.15 -10.94
C ALA C 1351 -29.06 -6.84 -9.75
N HIS C 1352 -29.05 -5.59 -9.32
CA HIS C 1352 -28.30 -5.15 -8.16
C HIS C 1352 -29.19 -4.59 -7.05
N ALA C 1353 -30.49 -4.88 -7.08
CA ALA C 1353 -31.42 -4.26 -6.16
C ALA C 1353 -31.35 -4.89 -4.78
N ARG C 1354 -31.70 -4.11 -3.77
CA ARG C 1354 -31.77 -4.60 -2.41
C ARG C 1354 -33.03 -5.42 -2.25
N GLU C 1355 -33.03 -6.34 -1.29
CA GLU C 1355 -34.21 -7.17 -1.09
C GLU C 1355 -34.68 -7.10 0.37
N THR C 1356 -33.81 -6.68 1.28
CA THR C 1356 -34.22 -6.51 2.66
C THR C 1356 -33.44 -5.37 3.30
N HIS C 1357 -33.92 -4.92 4.45
CA HIS C 1357 -33.23 -3.91 5.25
C HIS C 1357 -33.75 -4.06 6.66
N PHE C 1358 -33.37 -3.13 7.57
CA PHE C 1358 -33.29 -3.24 9.06
C PHE C 1358 -34.52 -3.96 9.60
N THR C 1359 -35.72 -3.39 9.46
CA THR C 1359 -36.96 -4.13 9.62
C THR C 1359 -37.84 -3.98 8.39
N GLN C 1360 -37.36 -3.22 7.42
CA GLN C 1360 -38.09 -2.97 6.19
C GLN C 1360 -37.95 -4.17 5.27
N TYR C 1361 -38.60 -4.09 4.11
CA TYR C 1361 -38.60 -5.21 3.17
C TYR C 1361 -38.91 -4.72 1.77
N LEU C 1362 -38.91 -5.66 0.83
CA LEU C 1362 -39.18 -5.36 -0.56
C LEU C 1362 -39.74 -6.59 -1.25
N ILE C 1363 -40.70 -6.38 -2.14
CA ILE C 1363 -41.20 -7.43 -3.02
C ILE C 1363 -41.04 -6.97 -4.45
N TYR C 1364 -40.35 -7.75 -5.25
CA TYR C 1364 -40.21 -7.50 -6.67
C TYR C 1364 -41.48 -7.94 -7.39
N ASP C 1365 -41.61 -7.55 -8.66
CA ASP C 1365 -42.76 -7.93 -9.47
C ASP C 1365 -42.77 -9.44 -9.70
N ALA C 1366 -43.97 -10.00 -9.83
CA ALA C 1366 -44.16 -11.39 -10.22
C ALA C 1366 -45.53 -11.49 -10.89
N SER C 1367 -45.55 -11.49 -12.21
CA SER C 1367 -46.79 -11.29 -12.94
C SER C 1367 -46.59 -11.71 -14.39
N PRO C 1368 -47.64 -11.80 -15.20
CA PRO C 1368 -47.45 -11.64 -16.64
C PRO C 1368 -47.04 -10.25 -17.02
N LEU C 1369 -47.37 -9.26 -16.19
CA LEU C 1369 -47.05 -7.87 -16.45
C LEU C 1369 -45.57 -7.55 -16.45
N LYS C 1370 -44.74 -8.38 -15.83
CA LYS C 1370 -43.31 -8.08 -15.75
C LYS C 1370 -42.69 -8.18 -17.13
N GLY C 1371 -41.66 -7.37 -17.36
CA GLY C 1371 -41.01 -7.32 -18.65
C GLY C 1371 -41.82 -6.68 -19.75
N LEU C 1372 -42.96 -6.07 -19.44
CA LEU C 1372 -43.72 -5.36 -20.45
C LEU C 1372 -43.31 -3.90 -20.46
N SER C 1373 -43.86 -3.16 -21.40
CA SER C 1373 -43.44 -1.77 -21.60
C SER C 1373 -43.99 -0.87 -20.50
N LEU C 1374 -45.30 -0.90 -20.30
CA LEU C 1374 -45.89 -0.14 -19.21
C LEU C 1374 -45.63 -0.85 -17.89
N ARG D 6 -98.80 -40.76 -17.69
CA ARG D 6 -97.57 -41.25 -18.30
C ARG D 6 -97.28 -40.49 -19.60
N ASP D 7 -98.11 -39.49 -19.87
CA ASP D 7 -98.03 -38.66 -21.07
C ASP D 7 -98.03 -39.46 -22.38
N PRO D 8 -99.19 -39.94 -22.83
CA PRO D 8 -99.29 -40.53 -24.19
C PRO D 8 -98.96 -39.50 -25.25
N PRO D 9 -98.46 -39.93 -26.42
CA PRO D 9 -97.88 -38.95 -27.37
C PRO D 9 -98.90 -38.08 -28.07
N GLY D 10 -100.04 -38.63 -28.49
CA GLY D 10 -101.09 -37.85 -29.09
C GLY D 10 -101.37 -38.28 -30.51
N TYR D 11 -102.54 -37.90 -31.00
CA TYR D 11 -103.00 -38.29 -32.32
C TYR D 11 -102.28 -37.47 -33.37
N ARG D 12 -101.97 -38.12 -34.49
CA ARG D 12 -101.19 -37.52 -35.55
C ARG D 12 -102.11 -36.70 -36.43
N TYR D 13 -101.82 -35.40 -36.53
CA TYR D 13 -102.50 -34.57 -37.52
C TYR D 13 -102.02 -34.91 -38.91
N ALA D 14 -102.81 -34.46 -39.89
CA ALA D 14 -102.56 -34.43 -41.33
C ALA D 14 -102.50 -35.82 -41.96
N ALA D 15 -102.56 -36.91 -41.18
CA ALA D 15 -102.83 -38.22 -41.73
C ALA D 15 -104.32 -38.46 -41.87
N ALA D 16 -105.15 -37.60 -41.30
CA ALA D 16 -106.59 -37.67 -41.41
C ALA D 16 -107.12 -36.68 -42.43
N MET D 17 -106.21 -35.95 -43.09
CA MET D 17 -106.55 -35.21 -44.30
C MET D 17 -106.72 -36.16 -45.48
N VAL D 18 -106.08 -37.31 -45.44
CA VAL D 18 -106.41 -38.42 -46.33
C VAL D 18 -106.80 -39.58 -45.44
N PRO D 19 -108.07 -39.74 -45.07
CA PRO D 19 -108.47 -40.89 -44.28
C PRO D 19 -108.47 -42.15 -45.12
N THR D 20 -108.38 -43.28 -44.43
CA THR D 20 -108.47 -44.56 -45.10
C THR D 20 -109.77 -45.29 -44.80
N GLY D 21 -110.59 -44.77 -43.91
CA GLY D 21 -111.80 -45.45 -43.52
C GLY D 21 -112.81 -44.49 -42.94
N SER D 22 -114.03 -44.99 -42.83
CA SER D 22 -115.18 -44.16 -42.48
C SER D 22 -115.41 -44.18 -40.98
N ILE D 23 -115.44 -43.00 -40.38
CA ILE D 23 -116.06 -42.86 -39.07
C ILE D 23 -117.54 -43.18 -39.22
N LEU D 24 -117.97 -44.34 -38.71
CA LEU D 24 -119.23 -44.93 -39.14
C LEU D 24 -120.38 -44.73 -38.17
N SER D 25 -120.27 -45.22 -36.93
CA SER D 25 -121.38 -45.16 -35.99
C SER D 25 -121.25 -43.91 -35.14
N THR D 26 -122.39 -43.43 -34.63
CA THR D 26 -122.45 -42.14 -33.96
C THR D 26 -123.09 -42.31 -32.58
N ILE D 27 -122.25 -42.34 -31.55
CA ILE D 27 -122.71 -42.21 -30.17
C ILE D 27 -121.88 -41.13 -29.50
N GLU D 28 -122.11 -40.89 -28.21
CA GLU D 28 -121.31 -39.94 -27.47
C GLU D 28 -119.92 -40.54 -27.20
N VAL D 29 -118.91 -39.99 -27.86
CA VAL D 29 -117.54 -40.47 -27.70
C VAL D 29 -116.93 -39.98 -26.39
N ALA D 30 -117.55 -39.00 -25.74
CA ALA D 30 -117.05 -38.55 -24.44
C ALA D 30 -117.40 -39.55 -23.35
N SER D 31 -118.37 -40.42 -23.61
CA SER D 31 -118.79 -41.37 -22.59
C SER D 31 -117.83 -42.56 -22.50
N HIS D 32 -116.85 -42.63 -23.38
CA HIS D 32 -115.89 -43.72 -23.38
C HIS D 32 -114.45 -43.25 -23.50
N ARG D 33 -114.08 -42.19 -22.80
CA ARG D 33 -112.71 -41.69 -22.82
C ARG D 33 -111.83 -42.66 -22.03
N ARG D 34 -112.46 -43.42 -21.13
CA ARG D 34 -111.89 -44.54 -20.41
C ARG D 34 -111.25 -45.59 -21.32
N LEU D 35 -111.75 -45.77 -22.54
CA LEU D 35 -111.33 -46.90 -23.35
C LEU D 35 -110.12 -46.54 -24.22
N PHE D 36 -110.08 -45.31 -24.72
CA PHE D 36 -109.16 -44.94 -25.79
C PHE D 36 -107.72 -44.84 -25.31
N ASP D 37 -106.82 -44.77 -26.30
CA ASP D 37 -105.45 -44.34 -26.08
C ASP D 37 -105.37 -42.84 -25.84
N PHE D 38 -105.86 -42.04 -26.78
CA PHE D 38 -105.79 -40.59 -26.72
C PHE D 38 -107.04 -39.98 -27.34
N PHE D 39 -107.53 -38.91 -26.71
CA PHE D 39 -108.53 -38.02 -27.31
C PHE D 39 -108.53 -36.72 -26.51
N ALA D 40 -108.72 -35.62 -27.23
CA ALA D 40 -109.00 -34.34 -26.59
C ALA D 40 -110.31 -33.82 -27.15
N ALA D 41 -111.12 -33.22 -26.30
CA ALA D 41 -112.44 -32.71 -26.66
C ALA D 41 -112.26 -31.27 -27.10
N VAL D 42 -112.09 -31.05 -28.40
CA VAL D 42 -111.65 -29.77 -28.94
C VAL D 42 -112.83 -29.07 -29.60
N ARG D 43 -113.03 -27.79 -29.27
CA ARG D 43 -114.00 -26.94 -29.95
C ARG D 43 -113.33 -26.42 -31.21
N SER D 44 -114.15 -26.10 -32.22
CA SER D 44 -113.93 -26.23 -33.69
C SER D 44 -112.48 -25.98 -34.09
N ASP D 45 -111.84 -24.91 -33.63
CA ASP D 45 -110.42 -24.68 -33.88
C ASP D 45 -109.89 -23.66 -32.87
N GLU D 46 -108.89 -24.06 -32.09
CA GLU D 46 -108.22 -23.08 -31.26
C GLU D 46 -106.71 -23.24 -31.33
N ASN D 47 -106.11 -22.72 -32.41
CA ASN D 47 -104.70 -22.32 -32.54
C ASN D 47 -103.65 -23.39 -32.20
N SER D 48 -104.08 -24.63 -31.97
CA SER D 48 -103.15 -25.70 -31.67
C SER D 48 -103.22 -26.82 -32.70
N LEU D 49 -104.14 -26.68 -33.65
CA LEU D 49 -104.32 -27.71 -34.66
C LEU D 49 -103.29 -27.60 -35.77
N TYR D 50 -102.73 -26.41 -35.96
CA TYR D 50 -101.92 -26.08 -37.12
C TYR D 50 -100.43 -26.04 -36.81
N ASP D 51 -99.93 -26.98 -36.00
CA ASP D 51 -98.54 -26.98 -35.56
C ASP D 51 -97.74 -28.01 -36.36
N VAL D 52 -96.51 -27.65 -36.72
CA VAL D 52 -95.52 -28.57 -37.28
C VAL D 52 -94.20 -28.39 -36.54
N GLU D 53 -93.67 -29.49 -36.03
CA GLU D 53 -92.40 -29.50 -35.32
C GLU D 53 -91.67 -30.79 -35.63
N PHE D 54 -90.52 -30.67 -36.27
CA PHE D 54 -89.80 -31.82 -36.76
C PHE D 54 -88.35 -31.72 -36.34
N ASP D 55 -87.65 -32.85 -36.41
CA ASP D 55 -86.24 -32.90 -36.03
C ASP D 55 -85.41 -33.28 -37.23
N ALA D 56 -84.21 -32.71 -37.31
CA ALA D 56 -83.42 -32.73 -38.54
C ALA D 56 -82.04 -33.30 -38.30
N LEU D 57 -81.76 -34.42 -38.94
CA LEU D 57 -80.42 -34.98 -38.96
C LEU D 57 -79.67 -34.32 -40.10
N LEU D 58 -79.00 -33.23 -39.80
CA LEU D 58 -78.48 -32.31 -40.81
C LEU D 58 -77.23 -32.82 -41.52
N GLY D 59 -76.72 -33.97 -41.14
CA GLY D 59 -75.53 -34.50 -41.77
C GLY D 59 -74.90 -35.59 -40.95
N SER D 60 -74.10 -36.40 -41.61
CA SER D 60 -73.39 -37.47 -40.95
C SER D 60 -71.97 -37.50 -41.47
N TYR D 61 -71.02 -37.69 -40.57
CA TYR D 61 -69.61 -37.65 -40.93
C TYR D 61 -68.91 -38.88 -40.38
N CYS D 62 -67.83 -39.27 -41.06
CA CYS D 62 -67.08 -40.43 -40.63
C CYS D 62 -65.61 -40.14 -40.90
N ASN D 63 -64.76 -40.91 -40.25
CA ASN D 63 -63.35 -40.91 -40.59
C ASN D 63 -62.98 -42.27 -41.17
N THR D 64 -61.71 -42.47 -41.45
CA THR D 64 -61.23 -43.75 -41.94
C THR D 64 -60.02 -44.16 -41.11
N LEU D 65 -59.97 -45.45 -40.77
CA LEU D 65 -58.80 -45.98 -40.10
C LEU D 65 -57.63 -45.96 -41.05
N SER D 66 -56.72 -45.03 -40.85
CA SER D 66 -55.56 -44.92 -41.73
C SER D 66 -54.64 -46.10 -41.50
N LEU D 67 -54.75 -47.11 -42.36
CA LEU D 67 -54.02 -48.36 -42.21
C LEU D 67 -52.59 -48.13 -42.68
N VAL D 68 -51.71 -47.84 -41.74
CA VAL D 68 -50.30 -47.60 -42.01
C VAL D 68 -49.68 -48.92 -42.43
N ARG D 69 -48.76 -48.87 -43.38
CA ARG D 69 -48.05 -50.07 -43.77
C ARG D 69 -46.61 -49.96 -43.31
N PHE D 70 -46.13 -51.00 -42.61
CA PHE D 70 -44.86 -50.92 -41.90
C PHE D 70 -43.68 -50.79 -42.84
N LEU D 71 -43.81 -51.27 -44.07
CA LEU D 71 -42.76 -51.06 -45.05
C LEU D 71 -42.84 -49.67 -45.67
N GLU D 72 -43.99 -49.03 -45.56
CA GLU D 72 -44.18 -47.65 -46.01
C GLU D 72 -43.94 -46.76 -44.80
N LEU D 73 -42.70 -46.76 -44.31
CA LEU D 73 -42.38 -46.18 -43.02
C LEU D 73 -40.87 -46.07 -42.92
N GLY D 74 -40.41 -44.97 -42.34
CA GLY D 74 -38.99 -44.67 -42.27
C GLY D 74 -38.16 -45.59 -41.39
N LEU D 75 -38.82 -46.40 -40.57
CA LEU D 75 -38.10 -47.29 -39.66
C LEU D 75 -37.69 -48.59 -40.34
N SER D 76 -38.08 -48.79 -41.60
CA SER D 76 -38.01 -50.12 -42.22
C SER D 76 -36.58 -50.60 -42.43
N VAL D 77 -35.62 -49.69 -42.62
CA VAL D 77 -34.22 -50.10 -42.62
C VAL D 77 -33.72 -49.97 -41.17
N ALA D 78 -34.12 -50.94 -40.36
CA ALA D 78 -33.48 -51.20 -39.09
C ALA D 78 -33.53 -52.69 -38.86
N CYS D 79 -34.12 -53.39 -39.83
CA CYS D 79 -34.64 -54.72 -39.57
C CYS D 79 -34.91 -55.45 -40.87
N VAL D 80 -34.31 -56.62 -40.99
CA VAL D 80 -34.70 -57.55 -42.03
C VAL D 80 -35.92 -58.30 -41.53
N CYS D 81 -37.10 -57.82 -41.91
CA CYS D 81 -38.36 -58.46 -41.52
C CYS D 81 -38.58 -59.64 -42.44
N THR D 82 -38.55 -60.85 -41.88
CA THR D 82 -38.62 -62.07 -42.67
C THR D 82 -39.94 -62.79 -42.41
N LYS D 83 -40.56 -63.24 -43.49
CA LYS D 83 -41.84 -63.95 -43.44
C LYS D 83 -41.53 -65.44 -43.36
N PHE D 84 -41.55 -65.97 -42.15
CA PHE D 84 -41.22 -67.37 -41.91
C PHE D 84 -42.42 -68.01 -41.23
N PRO D 85 -43.28 -68.70 -41.98
CA PRO D 85 -44.55 -69.17 -41.38
C PRO D 85 -44.43 -70.39 -40.49
N GLU D 86 -43.24 -70.75 -40.03
CA GLU D 86 -43.03 -72.07 -39.45
C GLU D 86 -42.42 -71.99 -38.06
N LEU D 87 -42.69 -70.89 -37.34
CA LEU D 87 -42.16 -70.76 -36.00
C LEU D 87 -42.90 -71.65 -35.02
N ALA D 88 -44.12 -72.05 -35.36
CA ALA D 88 -44.96 -72.79 -34.42
C ALA D 88 -44.40 -74.18 -34.18
N TYR D 89 -43.99 -74.87 -35.25
CA TYR D 89 -43.39 -76.19 -35.09
C TYR D 89 -41.91 -76.12 -34.75
N MET D 90 -41.37 -74.93 -34.61
CA MET D 90 -39.95 -74.75 -34.37
C MET D 90 -39.69 -74.82 -32.87
N ASN D 91 -38.54 -75.37 -32.51
CA ASN D 91 -38.13 -75.42 -31.11
C ASN D 91 -37.27 -74.20 -30.82
N GLU D 92 -36.21 -74.00 -31.60
CA GLU D 92 -35.20 -72.99 -31.34
C GLU D 92 -34.36 -72.78 -32.58
N GLY D 93 -33.89 -71.56 -32.79
CA GLY D 93 -32.85 -71.27 -33.77
C GLY D 93 -31.60 -70.70 -33.13
N ARG D 94 -30.49 -70.82 -33.86
CA ARG D 94 -29.24 -70.23 -33.44
C ARG D 94 -28.63 -69.53 -34.64
N VAL D 95 -27.75 -68.56 -34.37
CA VAL D 95 -26.93 -67.92 -35.39
C VAL D 95 -25.50 -67.85 -34.87
N GLN D 96 -24.56 -68.43 -35.61
CA GLN D 96 -23.14 -68.32 -35.28
C GLN D 96 -22.52 -67.19 -36.08
N PHE D 97 -21.40 -66.68 -35.58
CA PHE D 97 -20.72 -65.51 -36.12
C PHE D 97 -19.22 -65.73 -36.18
N GLU D 98 -18.64 -65.46 -37.34
CA GLU D 98 -17.23 -65.73 -37.59
C GLU D 98 -16.52 -64.43 -37.94
N VAL D 99 -16.03 -63.70 -36.94
CA VAL D 99 -15.27 -62.48 -37.15
C VAL D 99 -13.80 -62.76 -36.89
N HIS D 100 -12.94 -62.23 -37.75
CA HIS D 100 -11.55 -62.60 -37.80
C HIS D 100 -10.69 -61.35 -37.69
N GLN D 101 -9.71 -61.37 -36.81
CA GLN D 101 -8.99 -60.15 -36.52
C GLN D 101 -7.61 -60.15 -37.17
N PRO D 102 -7.18 -59.01 -37.70
CA PRO D 102 -5.81 -58.90 -38.20
C PRO D 102 -4.84 -58.63 -37.07
N LEU D 103 -3.56 -58.53 -37.41
CA LEU D 103 -2.54 -58.19 -36.43
C LEU D 103 -1.40 -57.42 -37.11
N ILE D 104 -0.52 -56.86 -36.28
CA ILE D 104 0.58 -56.01 -36.70
C ILE D 104 1.85 -56.54 -36.06
N ALA D 105 2.85 -56.86 -36.88
CA ALA D 105 4.06 -57.47 -36.34
C ALA D 105 5.00 -56.42 -35.75
N ARG D 106 5.12 -56.45 -34.43
CA ARG D 106 6.04 -55.57 -33.71
C ARG D 106 7.40 -56.21 -33.68
N ASP D 107 8.27 -55.66 -32.84
CA ASP D 107 9.63 -56.18 -32.74
C ASP D 107 10.15 -56.00 -31.33
N GLY D 108 11.10 -56.85 -30.95
CA GLY D 108 11.88 -56.63 -29.76
C GLY D 108 11.19 -57.09 -28.50
N PRO D 109 11.12 -56.18 -27.53
CA PRO D 109 10.72 -56.59 -26.17
C PRO D 109 9.25 -56.90 -26.05
N HIS D 110 8.42 -56.32 -26.89
CA HIS D 110 7.02 -56.68 -26.91
C HIS D 110 6.88 -58.07 -27.53
N PRO D 111 5.98 -58.90 -27.02
CA PRO D 111 5.94 -60.30 -27.49
C PRO D 111 5.40 -60.41 -28.90
N VAL D 112 5.75 -61.51 -29.56
CA VAL D 112 5.27 -61.76 -30.91
C VAL D 112 3.79 -62.10 -30.83
N GLU D 113 3.05 -61.80 -31.88
CA GLU D 113 1.61 -62.06 -31.91
C GLU D 113 1.29 -63.22 -32.83
N GLN D 114 0.04 -63.66 -32.77
CA GLN D 114 -0.46 -64.74 -33.60
C GLN D 114 -1.94 -64.50 -33.85
N PRO D 115 -2.46 -64.90 -35.02
CA PRO D 115 -3.84 -64.52 -35.37
C PRO D 115 -4.85 -65.23 -34.49
N VAL D 116 -5.99 -64.59 -34.32
CA VAL D 116 -7.05 -65.09 -33.46
C VAL D 116 -8.30 -65.32 -34.29
N HIS D 117 -9.25 -66.06 -33.72
CA HIS D 117 -10.55 -66.28 -34.31
C HIS D 117 -11.56 -66.26 -33.19
N ASN D 118 -12.84 -66.07 -33.54
CA ASN D 118 -13.82 -65.73 -32.52
C ASN D 118 -14.92 -66.77 -32.32
N TYR D 119 -15.71 -67.06 -33.36
CA TYR D 119 -16.73 -68.10 -33.36
C TYR D 119 -17.78 -67.97 -32.26
N MET D 120 -18.54 -66.88 -32.21
CA MET D 120 -19.57 -66.79 -31.19
C MET D 120 -20.91 -67.21 -31.76
N THR D 121 -21.83 -67.57 -30.87
CA THR D 121 -23.13 -68.12 -31.22
C THR D 121 -24.22 -67.46 -30.40
N LYS D 122 -25.29 -67.06 -31.07
CA LYS D 122 -26.39 -66.32 -30.45
C LYS D 122 -27.73 -67.00 -30.71
N VAL D 123 -28.70 -66.68 -29.85
CA VAL D 123 -29.91 -67.46 -29.69
C VAL D 123 -31.12 -66.58 -30.01
N ILE D 124 -32.05 -67.12 -30.80
CA ILE D 124 -33.35 -66.49 -31.02
C ILE D 124 -34.08 -66.35 -29.70
N ASP D 125 -34.68 -65.21 -29.47
CA ASP D 125 -35.74 -65.11 -28.48
C ASP D 125 -37.07 -64.90 -29.18
N ARG D 126 -38.11 -65.50 -28.61
CA ARG D 126 -39.40 -65.52 -29.28
C ARG D 126 -40.39 -64.64 -28.55
N ARG D 127 -40.79 -63.55 -29.19
CA ARG D 127 -41.90 -62.73 -28.74
C ARG D 127 -43.18 -63.14 -29.46
N ALA D 128 -44.30 -62.88 -28.79
CA ALA D 128 -45.61 -63.14 -29.39
C ALA D 128 -46.55 -62.04 -28.95
N LEU D 129 -46.98 -61.21 -29.89
CA LEU D 129 -47.81 -60.06 -29.58
C LEU D 129 -49.24 -60.33 -29.99
N ASN D 130 -50.17 -59.63 -29.36
CA ASN D 130 -51.55 -60.07 -29.30
C ASN D 130 -52.51 -58.98 -29.71
N ALA D 131 -53.57 -59.37 -30.40
CA ALA D 131 -54.72 -58.53 -30.64
C ALA D 131 -55.96 -59.34 -30.36
N ALA D 132 -57.05 -58.66 -30.01
CA ALA D 132 -58.30 -59.33 -29.74
C ALA D 132 -59.45 -58.40 -30.07
N PHE D 133 -60.61 -59.00 -30.32
CA PHE D 133 -61.79 -58.20 -30.61
C PHE D 133 -63.02 -59.00 -30.23
N SER D 134 -64.18 -58.38 -30.41
CA SER D 134 -65.42 -58.90 -29.89
C SER D 134 -66.51 -58.83 -30.95
N LEU D 135 -67.47 -59.74 -30.83
CA LEU D 135 -68.75 -59.62 -31.52
C LEU D 135 -69.85 -59.77 -30.47
N ALA D 136 -70.78 -58.83 -30.46
CA ALA D 136 -71.89 -58.89 -29.53
C ALA D 136 -72.83 -60.03 -29.91
N THR D 137 -73.63 -60.46 -28.93
CA THR D 137 -74.44 -61.68 -29.05
C THR D 137 -75.50 -61.57 -30.13
N GLU D 138 -75.95 -60.34 -30.39
CA GLU D 138 -77.00 -60.11 -31.38
C GLU D 138 -76.52 -60.35 -32.80
N ALA D 139 -75.21 -60.42 -33.03
CA ALA D 139 -74.70 -60.38 -34.39
C ALA D 139 -74.46 -61.77 -34.97
N ILE D 140 -74.33 -62.79 -34.12
CA ILE D 140 -73.85 -64.08 -34.61
C ILE D 140 -74.94 -64.80 -35.39
N ALA D 141 -76.12 -64.95 -34.80
CA ALA D 141 -77.26 -65.51 -35.50
C ALA D 141 -77.67 -64.67 -36.70
N LEU D 142 -77.43 -63.35 -36.64
CA LEU D 142 -77.53 -62.51 -37.82
C LEU D 142 -76.54 -62.94 -38.89
N LEU D 143 -75.31 -63.27 -38.49
CA LEU D 143 -74.33 -63.75 -39.46
C LEU D 143 -74.55 -65.20 -39.80
N THR D 144 -75.23 -65.93 -38.92
CA THR D 144 -75.46 -67.34 -39.20
C THR D 144 -76.58 -67.50 -40.22
N GLY D 145 -77.50 -66.55 -40.25
CA GLY D 145 -78.72 -66.70 -41.02
C GLY D 145 -79.88 -67.21 -40.22
N GLU D 146 -79.74 -67.30 -38.90
CA GLU D 146 -80.83 -67.80 -38.07
C GLU D 146 -81.98 -66.82 -38.00
N ALA D 147 -81.74 -65.62 -37.51
CA ALA D 147 -82.79 -64.62 -37.31
C ALA D 147 -83.11 -63.96 -38.65
N LEU D 148 -83.75 -64.72 -39.53
CA LEU D 148 -84.16 -64.17 -40.82
C LEU D 148 -85.62 -64.53 -41.04
N ASP D 149 -86.34 -63.62 -41.68
CA ASP D 149 -87.70 -63.89 -42.13
C ASP D 149 -87.88 -63.62 -43.60
N GLY D 150 -86.92 -62.99 -44.26
CA GLY D 150 -87.05 -62.61 -45.65
C GLY D 150 -87.31 -61.15 -45.90
N THR D 151 -87.87 -60.42 -44.94
CA THR D 151 -88.18 -59.01 -45.12
C THR D 151 -86.90 -58.19 -45.19
N GLY D 152 -87.05 -56.92 -45.56
CA GLY D 152 -85.93 -56.01 -45.64
C GLY D 152 -85.31 -55.69 -44.30
N ILE D 153 -86.09 -55.89 -43.23
CA ILE D 153 -85.58 -55.73 -41.87
C ILE D 153 -84.44 -56.71 -41.60
N SER D 154 -84.66 -57.98 -41.92
CA SER D 154 -83.61 -58.97 -41.71
C SER D 154 -82.46 -58.76 -42.69
N LEU D 155 -82.75 -58.17 -43.84
CA LEU D 155 -81.67 -57.78 -44.73
C LEU D 155 -80.84 -56.65 -44.14
N HIS D 156 -81.51 -55.61 -43.68
CA HIS D 156 -80.81 -54.42 -43.19
C HIS D 156 -80.04 -54.71 -41.91
N ARG D 157 -80.54 -55.61 -41.07
CA ARG D 157 -79.82 -55.96 -39.86
C ARG D 157 -78.62 -56.84 -40.18
N GLN D 158 -78.71 -57.64 -41.23
CA GLN D 158 -77.55 -58.43 -41.62
C GLN D 158 -76.52 -57.54 -42.31
N LEU D 159 -76.95 -56.40 -42.85
CA LEU D 159 -76.00 -55.44 -43.37
C LEU D 159 -75.18 -54.77 -42.28
N ARG D 160 -75.85 -54.36 -41.19
CA ARG D 160 -75.22 -53.52 -40.17
C ARG D 160 -74.05 -54.22 -39.52
N ALA D 161 -74.17 -55.54 -39.30
CA ALA D 161 -73.07 -56.26 -38.70
C ALA D 161 -71.95 -56.49 -39.69
N ILE D 162 -72.28 -56.64 -40.98
CA ILE D 162 -71.24 -56.77 -41.99
C ILE D 162 -70.53 -55.44 -42.17
N GLN D 163 -71.27 -54.34 -42.01
CA GLN D 163 -70.63 -53.04 -41.82
C GLN D 163 -69.78 -53.03 -40.56
N GLN D 164 -70.28 -53.63 -39.48
CA GLN D 164 -69.55 -53.68 -38.23
C GLN D 164 -68.37 -54.64 -38.32
N LEU D 165 -68.51 -55.72 -39.08
CA LEU D 165 -67.42 -56.67 -39.21
C LEU D 165 -66.27 -56.08 -40.01
N ALA D 166 -66.59 -55.41 -41.12
CA ALA D 166 -65.55 -54.92 -42.03
C ALA D 166 -64.71 -53.83 -41.39
N ARG D 167 -65.27 -53.14 -40.41
CA ARG D 167 -64.45 -52.25 -39.58
C ARG D 167 -63.48 -53.05 -38.74
N ASN D 168 -63.97 -54.03 -37.99
CA ASN D 168 -63.16 -54.65 -36.96
C ASN D 168 -62.16 -55.63 -37.55
N VAL D 169 -62.41 -56.12 -38.77
CA VAL D 169 -61.44 -57.00 -39.41
C VAL D 169 -60.15 -56.23 -39.73
N GLN D 170 -60.30 -55.03 -40.29
CA GLN D 170 -59.12 -54.22 -40.52
C GLN D 170 -58.60 -53.60 -39.24
N ALA D 171 -59.46 -53.48 -38.22
CA ALA D 171 -59.06 -52.80 -37.01
C ALA D 171 -58.13 -53.65 -36.17
N VAL D 172 -58.14 -54.97 -36.38
CA VAL D 172 -57.16 -55.77 -35.67
C VAL D 172 -55.91 -55.96 -36.51
N LEU D 173 -56.04 -55.99 -37.84
CA LEU D 173 -54.86 -56.21 -38.66
C LEU D 173 -54.08 -54.92 -38.86
N GLY D 174 -54.71 -53.77 -38.61
CA GLY D 174 -53.94 -52.56 -38.50
C GLY D 174 -53.08 -52.50 -37.27
N ALA D 175 -53.46 -53.24 -36.22
CA ALA D 175 -52.71 -53.20 -34.97
C ALA D 175 -51.38 -53.92 -35.09
N PHE D 176 -51.28 -54.85 -36.02
CA PHE D 176 -50.03 -55.60 -36.16
C PHE D 176 -48.96 -54.80 -36.87
N GLU D 177 -49.35 -53.92 -37.82
CA GLU D 177 -48.37 -53.01 -38.40
C GLU D 177 -47.92 -51.98 -37.38
N ARG D 178 -48.86 -51.44 -36.61
CA ARG D 178 -48.52 -50.56 -35.51
C ARG D 178 -47.73 -51.28 -34.43
N GLY D 179 -48.17 -52.47 -34.04
CA GLY D 179 -47.52 -53.24 -33.00
C GLY D 179 -46.16 -53.76 -33.40
N THR D 180 -45.90 -53.83 -34.70
CA THR D 180 -44.55 -54.16 -35.15
C THR D 180 -43.58 -53.05 -34.79
N ALA D 181 -43.93 -51.81 -35.13
CA ALA D 181 -43.05 -50.69 -34.80
C ALA D 181 -43.04 -50.42 -33.31
N ASP D 182 -44.10 -50.80 -32.60
CA ASP D 182 -44.12 -50.64 -31.15
C ASP D 182 -43.10 -51.55 -30.49
N GLN D 183 -42.98 -52.78 -30.98
CA GLN D 183 -42.03 -53.70 -30.37
C GLN D 183 -40.61 -53.39 -30.81
N MET D 184 -40.46 -52.91 -32.05
CA MET D 184 -39.14 -52.54 -32.54
C MET D 184 -38.61 -51.33 -31.79
N LEU D 185 -39.50 -50.43 -31.40
CA LEU D 185 -39.04 -49.27 -30.65
C LEU D 185 -38.66 -49.65 -29.23
N HIS D 186 -39.33 -50.64 -28.65
CA HIS D 186 -38.93 -51.06 -27.31
C HIS D 186 -37.64 -51.86 -27.29
N VAL D 187 -37.39 -52.68 -28.31
CA VAL D 187 -36.19 -53.51 -28.27
C VAL D 187 -34.95 -52.73 -28.62
N LEU D 188 -35.07 -51.51 -29.14
CA LEU D 188 -33.86 -50.73 -29.34
C LEU D 188 -33.39 -50.12 -28.04
N LEU D 189 -34.32 -49.60 -27.23
CA LEU D 189 -33.97 -49.03 -25.94
C LEU D 189 -33.43 -50.07 -24.97
N GLU D 190 -33.84 -51.32 -25.11
CA GLU D 190 -33.32 -52.36 -24.23
C GLU D 190 -31.88 -52.71 -24.57
N LYS D 191 -31.44 -52.40 -25.79
CA LYS D 191 -30.03 -52.52 -26.14
C LYS D 191 -29.41 -51.18 -26.49
N ALA D 192 -30.00 -50.09 -26.04
CA ALA D 192 -29.39 -48.80 -26.24
C ALA D 192 -28.51 -48.46 -25.06
N PRO D 193 -27.36 -47.85 -25.30
CA PRO D 193 -26.65 -47.19 -24.23
C PRO D 193 -27.06 -45.74 -24.14
N PRO D 194 -26.93 -45.12 -23.00
CA PRO D 194 -26.95 -43.65 -22.96
C PRO D 194 -25.74 -43.09 -23.66
N LEU D 195 -25.85 -41.91 -24.26
CA LEU D 195 -24.79 -41.42 -25.13
C LEU D 195 -23.57 -40.96 -24.36
N ALA D 196 -23.79 -40.19 -23.29
CA ALA D 196 -22.69 -39.59 -22.54
C ALA D 196 -21.80 -40.64 -21.91
N LEU D 197 -22.34 -41.83 -21.69
CA LEU D 197 -21.49 -42.97 -21.47
C LEU D 197 -20.62 -43.26 -22.68
N LEU D 198 -21.23 -43.40 -23.86
CA LEU D 198 -20.61 -44.14 -24.95
C LEU D 198 -19.42 -43.39 -25.55
N LEU D 199 -19.55 -42.06 -25.70
CA LEU D 199 -18.56 -41.30 -26.45
C LEU D 199 -17.17 -41.28 -25.82
N PRO D 200 -16.99 -41.28 -24.49
CA PRO D 200 -15.67 -41.70 -23.98
C PRO D 200 -15.49 -43.21 -23.96
N MET D 201 -16.56 -43.96 -23.71
CA MET D 201 -16.48 -45.42 -23.57
C MET D 201 -16.00 -46.06 -24.86
N GLN D 202 -16.33 -45.45 -26.00
CA GLN D 202 -15.86 -45.97 -27.26
C GLN D 202 -14.37 -45.73 -27.44
N ARG D 203 -13.83 -44.68 -26.83
CA ARG D 203 -12.44 -44.34 -27.03
C ARG D 203 -11.51 -45.32 -26.34
N TYR D 204 -11.93 -45.91 -25.24
CA TYR D 204 -11.14 -46.94 -24.58
C TYR D 204 -11.33 -48.32 -25.21
N LEU D 205 -12.33 -48.51 -26.04
CA LEU D 205 -12.48 -49.79 -26.72
C LEU D 205 -11.50 -49.90 -27.89
N ASP D 206 -10.94 -48.77 -28.31
CA ASP D 206 -9.80 -48.77 -29.20
C ASP D 206 -8.57 -49.02 -28.36
N ASN D 207 -7.42 -49.21 -29.03
CA ASN D 207 -6.09 -49.51 -28.50
C ASN D 207 -6.03 -50.72 -27.56
N GLY D 208 -7.00 -51.62 -27.65
CA GLY D 208 -7.05 -52.77 -26.76
C GLY D 208 -8.13 -52.63 -25.71
N THR D 212 -4.36 -52.81 -16.72
CA THR D 212 -5.61 -52.23 -17.20
C THR D 212 -6.48 -51.76 -16.06
N ARG D 213 -5.99 -51.91 -14.84
CA ARG D 213 -6.75 -51.40 -13.71
C ARG D 213 -6.72 -49.88 -13.66
N VAL D 214 -5.58 -49.28 -14.02
CA VAL D 214 -5.50 -47.84 -14.07
C VAL D 214 -6.38 -47.29 -15.18
N ALA D 215 -6.43 -48.00 -16.32
CA ALA D 215 -7.37 -47.64 -17.37
C ALA D 215 -8.80 -47.81 -16.91
N ARG D 216 -9.05 -48.74 -15.98
CA ARG D 216 -10.40 -48.86 -15.45
C ARG D 216 -10.78 -47.67 -14.58
N ALA D 217 -9.88 -47.25 -13.69
CA ALA D 217 -10.22 -46.16 -12.78
C ALA D 217 -10.28 -44.83 -13.51
N THR D 218 -9.33 -44.58 -14.42
CA THR D 218 -9.33 -43.32 -15.17
C THR D 218 -10.52 -43.19 -16.10
N LEU D 219 -11.16 -44.30 -16.45
CA LEU D 219 -12.45 -44.21 -17.11
C LEU D 219 -13.49 -43.56 -16.21
N VAL D 220 -13.65 -44.09 -15.01
CA VAL D 220 -14.92 -43.92 -14.30
C VAL D 220 -15.05 -42.52 -13.73
N ALA D 221 -13.95 -41.94 -13.25
CA ALA D 221 -14.00 -40.57 -12.77
C ALA D 221 -14.23 -39.59 -13.91
N GLU D 222 -13.56 -39.82 -15.03
CA GLU D 222 -13.84 -39.13 -16.28
C GLU D 222 -15.27 -39.33 -16.74
N LEU D 223 -15.85 -40.49 -16.48
CA LEU D 223 -17.17 -40.78 -16.99
C LEU D 223 -18.25 -40.04 -16.22
N LYS D 224 -18.17 -40.06 -14.90
CA LYS D 224 -19.19 -39.45 -14.04
C LYS D 224 -19.19 -37.94 -14.07
N ARG D 225 -18.08 -37.32 -14.47
CA ARG D 225 -18.08 -35.88 -14.65
C ARG D 225 -18.61 -35.55 -16.03
N SER D 226 -18.32 -36.40 -17.02
CA SER D 226 -18.87 -36.23 -18.36
C SER D 226 -20.36 -36.46 -18.38
N PHE D 227 -20.85 -37.37 -17.55
CA PHE D 227 -22.29 -37.55 -17.43
C PHE D 227 -22.94 -36.33 -16.82
N CYS D 228 -22.26 -35.73 -15.83
CA CYS D 228 -22.79 -34.53 -15.19
C CYS D 228 -22.74 -33.35 -16.14
N ASP D 229 -21.85 -33.40 -17.13
CA ASP D 229 -21.74 -32.33 -18.09
C ASP D 229 -22.59 -32.52 -19.34
N THR D 230 -22.34 -33.58 -20.09
CA THR D 230 -22.88 -33.70 -21.45
C THR D 230 -24.15 -34.54 -21.46
N SER D 231 -25.17 -34.07 -20.78
CA SER D 231 -26.46 -34.72 -20.79
C SER D 231 -27.51 -33.62 -20.70
N PHE D 232 -28.73 -33.94 -21.16
CA PHE D 232 -29.77 -32.95 -21.46
C PHE D 232 -29.24 -31.87 -22.37
N PHE D 233 -28.59 -32.32 -23.44
CA PHE D 233 -27.70 -31.44 -24.18
C PHE D 233 -28.44 -30.42 -25.02
N LEU D 234 -29.68 -30.70 -25.42
CA LEU D 234 -30.36 -29.73 -26.27
C LEU D 234 -30.85 -28.54 -25.45
N GLY D 235 -31.34 -28.79 -24.25
CA GLY D 235 -31.74 -27.69 -23.40
C GLY D 235 -30.60 -26.92 -22.81
N LYS D 236 -29.42 -27.52 -22.71
CA LYS D 236 -28.24 -26.85 -22.17
C LYS D 236 -27.47 -26.24 -23.33
N ALA D 237 -27.40 -24.90 -23.35
CA ALA D 237 -26.69 -24.13 -24.36
C ALA D 237 -27.17 -24.46 -25.78
N GLY D 238 -28.49 -24.57 -25.92
CA GLY D 238 -29.10 -24.78 -27.22
C GLY D 238 -29.02 -23.56 -28.11
N HIS D 239 -28.65 -22.42 -27.53
CA HIS D 239 -28.38 -21.21 -28.31
C HIS D 239 -27.17 -21.40 -29.21
N ARG D 240 -26.20 -22.20 -28.78
CA ARG D 240 -25.01 -22.43 -29.58
C ARG D 240 -25.41 -23.27 -30.78
N ARG D 241 -25.49 -22.61 -31.94
CA ARG D 241 -25.77 -23.32 -33.17
C ARG D 241 -24.64 -24.27 -33.51
N GLU D 242 -23.42 -23.91 -33.14
CA GLU D 242 -22.26 -24.71 -33.51
C GLU D 242 -22.19 -25.99 -32.69
N ALA D 243 -22.59 -25.92 -31.42
CA ALA D 243 -22.42 -27.05 -30.50
C ALA D 243 -23.33 -28.22 -30.88
N ILE D 244 -24.51 -27.92 -31.38
CA ILE D 244 -25.48 -28.96 -31.71
C ILE D 244 -24.99 -29.76 -32.92
N GLU D 245 -24.29 -29.09 -33.83
CA GLU D 245 -23.87 -29.71 -35.08
C GLU D 245 -22.87 -30.83 -34.85
N ALA D 246 -21.80 -30.56 -34.11
CA ALA D 246 -20.86 -31.62 -33.77
C ALA D 246 -21.45 -32.61 -32.79
N TRP D 247 -22.43 -32.20 -31.99
CA TRP D 247 -23.10 -33.19 -31.16
C TRP D 247 -23.94 -34.13 -31.99
N LEU D 248 -24.46 -33.65 -33.12
CA LEU D 248 -25.23 -34.50 -34.01
C LEU D 248 -24.36 -35.52 -34.72
N VAL D 249 -23.11 -35.16 -35.03
CA VAL D 249 -22.27 -36.10 -35.77
C VAL D 249 -21.76 -37.21 -34.88
N ASP D 250 -21.64 -36.98 -33.57
CA ASP D 250 -21.31 -38.09 -32.68
C ASP D 250 -22.52 -38.98 -32.44
N LEU D 251 -23.73 -38.44 -32.55
CA LEU D 251 -24.90 -39.28 -32.66
C LEU D 251 -24.87 -40.08 -33.95
N THR D 252 -24.20 -39.55 -34.96
CA THR D 252 -24.23 -40.14 -36.28
C THR D 252 -23.14 -41.19 -36.45
N THR D 253 -22.03 -41.05 -35.73
CA THR D 253 -20.81 -41.79 -36.02
C THR D 253 -20.27 -42.62 -34.86
N ALA D 254 -21.04 -42.79 -33.78
CA ALA D 254 -20.49 -43.51 -32.64
C ALA D 254 -20.70 -45.01 -32.72
N THR D 255 -21.76 -45.50 -33.35
CA THR D 255 -22.08 -46.91 -33.29
C THR D 255 -21.33 -47.68 -34.38
N GLN D 256 -21.34 -49.00 -34.24
CA GLN D 256 -20.59 -49.91 -35.08
C GLN D 256 -21.49 -50.49 -36.16
N PRO D 257 -21.16 -50.27 -37.42
CA PRO D 257 -21.94 -50.89 -38.50
C PRO D 257 -21.73 -52.39 -38.55
N SER D 258 -22.83 -53.12 -38.48
CA SER D 258 -22.81 -54.58 -38.54
C SER D 258 -22.65 -55.01 -40.00
N VAL D 259 -22.69 -56.31 -40.25
CA VAL D 259 -22.49 -56.85 -41.59
C VAL D 259 -23.68 -56.46 -42.44
N ALA D 260 -23.39 -55.77 -43.54
CA ALA D 260 -24.40 -55.18 -44.41
C ALA D 260 -25.18 -56.27 -45.09
N VAL D 261 -26.46 -56.02 -45.36
CA VAL D 261 -27.35 -56.96 -46.02
C VAL D 261 -27.57 -56.48 -47.44
N PRO D 262 -27.36 -57.31 -48.46
CA PRO D 262 -27.49 -56.81 -49.83
C PRO D 262 -28.93 -56.72 -50.29
N ARG D 263 -29.85 -57.41 -49.63
CA ARG D 263 -31.14 -57.69 -50.25
C ARG D 263 -32.03 -56.45 -50.28
N LEU D 264 -32.37 -55.92 -49.12
CA LEU D 264 -33.31 -54.81 -49.05
C LEU D 264 -32.62 -53.56 -49.58
N THR D 265 -33.01 -53.16 -50.77
CA THR D 265 -32.41 -52.02 -51.45
C THR D 265 -33.19 -50.82 -51.00
N HIS D 266 -32.93 -50.40 -49.78
CA HIS D 266 -33.74 -49.37 -49.13
C HIS D 266 -33.30 -47.98 -49.54
N ALA D 267 -32.46 -47.86 -50.57
CA ALA D 267 -31.98 -46.57 -51.04
C ALA D 267 -33.11 -45.73 -51.58
N ASP D 268 -32.88 -44.43 -51.62
CA ASP D 268 -33.86 -43.52 -52.18
C ASP D 268 -33.12 -42.36 -52.82
N THR D 269 -33.90 -41.47 -53.45
CA THR D 269 -33.44 -40.19 -54.00
C THR D 269 -32.31 -40.39 -55.01
N ARG D 270 -32.69 -41.03 -56.12
CA ARG D 270 -31.90 -41.18 -57.36
C ARG D 270 -30.53 -41.85 -57.13
N GLY D 271 -30.40 -42.60 -56.03
CA GLY D 271 -29.34 -43.58 -55.98
C GLY D 271 -28.31 -43.47 -54.87
N ARG D 272 -28.55 -42.70 -53.82
CA ARG D 272 -27.64 -42.75 -52.67
C ARG D 272 -28.28 -43.51 -51.53
N PRO D 273 -27.61 -44.52 -50.97
CA PRO D 273 -28.28 -45.42 -50.02
C PRO D 273 -28.50 -44.75 -48.67
N VAL D 274 -29.29 -45.42 -47.85
CA VAL D 274 -29.74 -44.87 -46.57
C VAL D 274 -29.06 -45.65 -45.45
N ASP D 275 -28.39 -44.94 -44.54
CA ASP D 275 -27.56 -45.58 -43.55
C ASP D 275 -27.93 -45.24 -42.10
N GLY D 276 -29.11 -44.68 -41.87
CA GLY D 276 -29.47 -44.36 -40.50
C GLY D 276 -30.96 -44.27 -40.28
N VAL D 277 -31.39 -44.07 -39.04
CA VAL D 277 -32.83 -44.06 -38.77
C VAL D 277 -33.27 -42.76 -38.12
N LEU D 278 -32.76 -42.48 -36.91
CA LEU D 278 -33.03 -41.27 -36.12
C LEU D 278 -34.53 -41.02 -35.92
N VAL D 279 -35.15 -41.91 -35.18
CA VAL D 279 -36.50 -41.68 -34.69
C VAL D 279 -36.42 -40.82 -33.44
N THR D 280 -37.12 -39.68 -33.44
CA THR D 280 -37.16 -38.76 -32.31
C THR D 280 -38.60 -38.60 -31.89
N THR D 281 -38.87 -37.55 -31.12
CA THR D 281 -40.26 -37.17 -30.90
C THR D 281 -40.66 -36.02 -31.82
N ALA D 282 -41.82 -35.45 -31.54
CA ALA D 282 -42.40 -34.46 -32.42
C ALA D 282 -41.67 -33.14 -32.39
N ALA D 283 -41.68 -32.47 -31.23
CA ALA D 283 -41.24 -31.08 -31.16
C ALA D 283 -39.75 -30.94 -31.42
N ILE D 284 -38.99 -31.97 -31.11
CA ILE D 284 -37.55 -31.93 -31.35
C ILE D 284 -37.25 -31.95 -32.84
N LYS D 285 -37.90 -32.83 -33.60
CA LYS D 285 -37.65 -32.93 -35.03
C LYS D 285 -38.05 -31.65 -35.75
N GLN D 286 -39.16 -31.03 -35.32
CA GLN D 286 -39.50 -29.71 -35.83
C GLN D 286 -38.43 -28.68 -35.50
N ARG D 287 -37.94 -28.70 -34.26
CA ARG D 287 -36.91 -27.74 -33.88
C ARG D 287 -35.59 -28.08 -34.55
N LEU D 288 -35.33 -29.37 -34.77
CA LEU D 288 -34.19 -29.76 -35.58
C LEU D 288 -34.38 -29.37 -37.03
N LEU D 289 -35.62 -29.45 -37.52
CA LEU D 289 -35.92 -28.94 -38.85
C LEU D 289 -35.79 -27.43 -38.94
N GLN D 290 -36.25 -26.71 -37.92
CA GLN D 290 -36.47 -25.27 -38.01
C GLN D 290 -35.16 -24.50 -38.14
N SER D 291 -34.19 -24.77 -37.29
CA SER D 291 -32.98 -23.94 -37.29
C SER D 291 -31.70 -24.73 -37.50
N PHE D 292 -31.53 -25.83 -36.78
CA PHE D 292 -30.21 -26.45 -36.69
C PHE D 292 -29.86 -27.21 -37.97
N LEU D 293 -30.73 -28.12 -38.36
CA LEU D 293 -30.58 -28.77 -39.65
C LEU D 293 -31.83 -28.49 -40.50
N LYS D 294 -31.74 -27.43 -41.30
CA LYS D 294 -32.69 -27.20 -42.39
C LYS D 294 -32.08 -27.78 -43.66
N VAL D 295 -31.64 -29.02 -43.54
CA VAL D 295 -30.81 -29.68 -44.53
C VAL D 295 -31.60 -30.85 -45.08
N GLU D 296 -32.20 -30.68 -46.25
CA GLU D 296 -33.13 -31.67 -46.78
C GLU D 296 -32.64 -32.20 -48.10
N ASP D 297 -32.43 -33.51 -48.17
CA ASP D 297 -32.24 -34.16 -49.46
C ASP D 297 -33.51 -34.07 -50.29
N THR D 298 -34.56 -34.79 -49.90
CA THR D 298 -35.89 -34.65 -50.47
C THR D 298 -36.90 -34.84 -49.36
N GLU D 299 -38.14 -35.08 -49.79
CA GLU D 299 -39.08 -35.86 -49.00
C GLU D 299 -39.65 -36.93 -49.93
N ALA D 300 -38.89 -37.99 -50.13
CA ALA D 300 -39.23 -39.04 -51.10
C ALA D 300 -38.37 -40.24 -50.80
N ASP D 301 -39.01 -41.41 -50.77
CA ASP D 301 -38.36 -42.61 -50.29
C ASP D 301 -38.73 -43.78 -51.18
N VAL D 302 -37.77 -44.68 -51.40
CA VAL D 302 -37.98 -45.88 -52.19
C VAL D 302 -37.72 -47.10 -51.32
N PRO D 303 -38.68 -47.58 -50.53
CA PRO D 303 -38.45 -48.81 -49.79
C PRO D 303 -38.68 -50.04 -50.64
N VAL D 304 -38.63 -51.20 -50.01
CA VAL D 304 -38.82 -52.47 -50.69
C VAL D 304 -40.00 -53.19 -50.06
N THR D 305 -40.32 -54.39 -50.56
CA THR D 305 -41.39 -55.22 -50.05
C THR D 305 -40.73 -56.38 -49.29
N TYR D 306 -41.53 -57.31 -48.75
CA TYR D 306 -41.02 -58.30 -47.80
C TYR D 306 -40.07 -59.29 -48.45
N GLY D 307 -39.34 -60.00 -47.58
CA GLY D 307 -38.69 -61.23 -47.95
C GLY D 307 -39.26 -62.39 -47.16
N GLU D 308 -38.84 -63.61 -47.52
CA GLU D 308 -39.44 -64.79 -46.92
C GLU D 308 -38.55 -66.00 -47.13
N MET D 309 -38.84 -67.05 -46.35
CA MET D 309 -38.34 -68.39 -46.61
C MET D 309 -39.35 -69.39 -46.06
N VAL D 310 -39.75 -70.35 -46.90
CA VAL D 310 -40.73 -71.37 -46.55
C VAL D 310 -40.08 -72.72 -46.76
N LEU D 311 -40.39 -73.67 -45.87
CA LEU D 311 -39.76 -75.00 -45.86
C LEU D 311 -40.24 -75.77 -47.08
N ASN D 312 -39.47 -75.75 -48.16
CA ASN D 312 -39.97 -76.35 -49.38
C ASN D 312 -39.16 -77.53 -49.89
N GLY D 313 -37.88 -77.32 -50.19
CA GLY D 313 -37.14 -78.29 -50.97
C GLY D 313 -36.67 -79.50 -50.20
N ALA D 314 -35.71 -79.31 -49.30
CA ALA D 314 -35.22 -80.37 -48.44
C ALA D 314 -35.29 -79.98 -46.99
N ASN D 315 -35.64 -78.72 -46.71
CA ASN D 315 -35.81 -78.21 -45.35
C ASN D 315 -36.87 -78.99 -44.59
N LEU D 316 -37.90 -79.47 -45.30
CA LEU D 316 -38.90 -80.36 -44.75
C LEU D 316 -38.27 -81.63 -44.21
N VAL D 317 -37.49 -82.30 -45.06
CA VAL D 317 -36.89 -83.59 -44.75
C VAL D 317 -35.88 -83.43 -43.62
N THR D 318 -35.23 -82.28 -43.56
CA THR D 318 -34.27 -82.05 -42.49
C THR D 318 -34.95 -81.62 -41.20
N ALA D 319 -36.28 -81.46 -41.22
CA ALA D 319 -36.96 -81.04 -40.00
C ALA D 319 -37.82 -82.18 -39.43
N LEU D 320 -38.42 -82.98 -40.30
CA LEU D 320 -39.28 -84.04 -39.84
C LEU D 320 -38.58 -85.38 -39.79
N VAL D 321 -37.33 -85.47 -40.27
CA VAL D 321 -36.53 -86.67 -40.08
C VAL D 321 -35.28 -86.29 -39.30
N MET D 322 -34.57 -85.28 -39.77
CA MET D 322 -33.49 -84.71 -39.00
C MET D 322 -34.04 -83.63 -38.08
N GLY D 323 -33.18 -83.06 -37.25
CA GLY D 323 -33.62 -81.98 -36.39
C GLY D 323 -33.19 -80.62 -36.92
N LYS D 324 -31.99 -80.54 -37.50
CA LYS D 324 -31.43 -79.27 -37.91
C LYS D 324 -32.00 -78.87 -39.25
N ALA D 325 -32.53 -77.65 -39.31
CA ALA D 325 -33.08 -77.14 -40.56
C ALA D 325 -32.36 -75.89 -41.01
N VAL D 326 -31.45 -76.02 -41.96
CA VAL D 326 -30.62 -74.91 -42.41
C VAL D 326 -31.41 -73.91 -43.24
N ARG D 327 -31.41 -72.65 -42.80
CA ARG D 327 -31.88 -71.56 -43.64
C ARG D 327 -31.03 -71.44 -44.89
N SER D 328 -31.70 -71.40 -46.05
CA SER D 328 -31.08 -71.40 -47.38
C SER D 328 -30.15 -72.61 -47.55
N LEU D 329 -30.72 -73.79 -47.33
CA LEU D 329 -29.98 -75.04 -47.33
C LEU D 329 -29.38 -75.37 -48.68
N ASP D 330 -30.18 -75.26 -49.74
CA ASP D 330 -29.81 -75.86 -51.02
C ASP D 330 -28.69 -75.07 -51.68
N ASP D 331 -28.61 -73.77 -51.42
CA ASP D 331 -27.47 -73.02 -51.92
C ASP D 331 -26.21 -73.38 -51.13
N VAL D 332 -26.38 -73.74 -49.86
CA VAL D 332 -25.24 -74.23 -49.10
C VAL D 332 -24.96 -75.68 -49.45
N GLY D 333 -26.03 -76.46 -49.62
CA GLY D 333 -25.88 -77.90 -49.81
C GLY D 333 -25.22 -78.26 -51.12
N ARG D 334 -25.48 -77.47 -52.17
CA ARG D 334 -24.74 -77.64 -53.41
C ARG D 334 -23.29 -77.27 -53.22
N HIS D 335 -23.04 -76.15 -52.54
CA HIS D 335 -21.69 -75.65 -52.44
C HIS D 335 -20.87 -76.48 -51.48
N LEU D 336 -21.53 -77.23 -50.60
CA LEU D 336 -20.84 -78.26 -49.83
C LEU D 336 -20.46 -79.45 -50.71
N LEU D 337 -21.13 -79.60 -51.85
CA LEU D 337 -20.69 -80.59 -52.82
C LEU D 337 -19.81 -79.97 -53.88
N ASP D 338 -19.52 -78.68 -53.78
CA ASP D 338 -18.71 -77.98 -54.76
C ASP D 338 -17.30 -77.70 -54.27
N MET D 339 -17.11 -77.42 -52.98
CA MET D 339 -15.81 -77.01 -52.48
C MET D 339 -14.77 -78.12 -52.52
N GLN D 340 -15.17 -79.38 -52.37
CA GLN D 340 -14.19 -80.46 -52.27
C GLN D 340 -13.54 -80.80 -53.60
N GLU D 341 -14.08 -80.30 -54.72
CA GLU D 341 -13.35 -80.36 -55.98
C GLU D 341 -12.79 -79.00 -56.40
N GLU D 342 -13.17 -77.93 -55.69
CA GLU D 342 -12.63 -76.57 -55.85
C GLU D 342 -12.73 -76.01 -57.27
N PRO D 358 -36.34 -57.45 -54.89
CA PRO D 358 -36.97 -56.23 -54.39
C PRO D 358 -38.03 -55.71 -55.34
N GLN D 359 -39.03 -55.01 -54.83
CA GLN D 359 -40.00 -54.34 -55.66
C GLN D 359 -40.37 -53.01 -55.00
N THR D 360 -40.16 -51.93 -55.73
CA THR D 360 -40.04 -50.60 -55.19
C THR D 360 -41.41 -49.98 -54.97
N THR D 361 -41.41 -48.86 -54.25
CA THR D 361 -42.59 -48.04 -54.03
C THR D 361 -42.10 -46.64 -53.66
N ARG D 362 -42.66 -45.62 -54.29
CA ARG D 362 -42.29 -44.24 -54.01
C ARG D 362 -43.18 -43.74 -52.89
N VAL D 363 -42.58 -43.26 -51.81
CA VAL D 363 -43.32 -42.81 -50.64
C VAL D 363 -42.57 -41.61 -50.06
N ARG D 364 -43.25 -40.83 -49.23
CA ARG D 364 -42.63 -39.65 -48.66
C ARG D 364 -42.10 -39.93 -47.26
N ALA D 365 -40.82 -39.62 -47.05
CA ALA D 365 -40.21 -39.60 -45.74
C ALA D 365 -39.05 -38.62 -45.78
N ASP D 366 -38.70 -38.09 -44.63
CA ASP D 366 -37.81 -36.93 -44.57
C ASP D 366 -36.38 -37.42 -44.41
N LEU D 367 -35.54 -37.17 -45.41
CA LEU D 367 -34.15 -37.62 -45.39
C LEU D 367 -33.22 -36.44 -45.23
N VAL D 368 -32.32 -36.51 -44.26
CA VAL D 368 -31.31 -35.49 -44.06
C VAL D 368 -29.93 -36.11 -44.17
N ALA D 369 -28.89 -35.28 -44.09
CA ALA D 369 -27.51 -35.72 -44.18
C ALA D 369 -26.69 -34.98 -43.13
N ILE D 370 -26.01 -35.72 -42.27
CA ILE D 370 -25.21 -35.15 -41.19
C ILE D 370 -23.77 -35.62 -41.36
N GLY D 371 -22.86 -34.66 -41.45
CA GLY D 371 -21.45 -34.90 -41.66
C GLY D 371 -21.26 -35.23 -43.11
N ASP D 372 -21.49 -36.50 -43.44
CA ASP D 372 -22.22 -36.96 -44.62
C ASP D 372 -22.67 -38.40 -44.40
N ARG D 373 -23.88 -38.59 -43.88
CA ARG D 373 -24.54 -39.88 -43.73
C ARG D 373 -26.04 -39.64 -43.87
N LEU D 374 -26.65 -40.37 -44.80
CA LEU D 374 -27.99 -40.03 -45.30
C LEU D 374 -29.04 -40.72 -44.45
N VAL D 375 -29.69 -39.98 -43.56
CA VAL D 375 -30.48 -40.57 -42.50
C VAL D 375 -31.92 -40.12 -42.62
N PHE D 376 -32.85 -41.03 -42.28
CA PHE D 376 -34.27 -40.70 -42.13
C PHE D 376 -34.47 -39.77 -40.94
N LEU D 377 -35.63 -39.14 -40.87
CA LEU D 377 -36.13 -38.53 -39.65
C LEU D 377 -37.63 -38.75 -39.60
N GLU D 378 -38.10 -39.36 -38.53
CA GLU D 378 -39.50 -39.76 -38.41
C GLU D 378 -40.00 -39.47 -37.02
N ALA D 379 -40.77 -38.38 -36.88
CA ALA D 379 -41.39 -38.03 -35.61
C ALA D 379 -42.69 -38.82 -35.52
N LEU D 380 -42.63 -39.96 -34.86
CA LEU D 380 -43.70 -40.94 -34.95
C LEU D 380 -44.58 -40.88 -33.71
N GLU D 381 -45.39 -39.82 -33.62
CA GLU D 381 -46.42 -39.79 -32.60
C GLU D 381 -47.79 -39.72 -33.24
N LYS D 382 -47.99 -38.69 -34.06
CA LYS D 382 -49.28 -38.53 -34.73
C LYS D 382 -49.43 -39.52 -35.87
N ARG D 383 -48.34 -40.18 -36.27
CA ARG D 383 -48.44 -41.16 -37.33
C ARG D 383 -49.12 -42.43 -36.82
N ILE D 384 -48.49 -43.12 -35.88
CA ILE D 384 -48.94 -44.47 -35.57
C ILE D 384 -49.30 -44.62 -34.09
N TYR D 385 -48.72 -43.79 -33.24
CA TYR D 385 -49.15 -43.79 -31.84
C TYR D 385 -50.29 -42.84 -31.55
N ALA D 386 -51.00 -42.37 -32.58
CA ALA D 386 -51.87 -41.18 -32.59
C ALA D 386 -52.79 -41.02 -31.38
N ALA D 387 -53.70 -41.98 -31.17
CA ALA D 387 -54.61 -41.88 -30.04
C ALA D 387 -54.90 -43.22 -29.40
N THR D 388 -53.89 -44.08 -29.26
CA THR D 388 -54.14 -45.45 -28.85
C THR D 388 -54.12 -45.65 -27.35
N ASN D 389 -53.92 -44.58 -26.57
CA ASN D 389 -53.78 -44.52 -25.11
C ASN D 389 -52.54 -45.21 -24.58
N VAL D 390 -51.72 -45.83 -25.44
CA VAL D 390 -50.42 -46.30 -25.02
C VAL D 390 -49.54 -45.06 -24.91
N PRO D 391 -48.85 -44.86 -23.80
CA PRO D 391 -47.93 -43.73 -23.71
C PRO D 391 -46.78 -43.90 -24.68
N TYR D 392 -46.36 -42.79 -25.25
CA TYR D 392 -45.36 -42.78 -26.29
C TYR D 392 -44.02 -43.23 -25.71
N PRO D 393 -43.25 -44.07 -26.40
CA PRO D 393 -42.08 -44.67 -25.75
C PRO D 393 -40.87 -43.77 -25.63
N LEU D 394 -40.58 -42.91 -26.60
CA LEU D 394 -39.35 -42.13 -26.54
C LEU D 394 -39.41 -40.97 -25.56
N VAL D 395 -40.58 -40.65 -25.02
CA VAL D 395 -40.66 -39.72 -23.91
C VAL D 395 -40.48 -40.55 -22.63
N GLY D 396 -39.40 -40.29 -21.92
CA GLY D 396 -38.87 -41.26 -20.98
C GLY D 396 -38.97 -40.94 -19.50
N ALA D 397 -37.88 -41.18 -18.77
CA ALA D 397 -37.88 -41.09 -17.33
C ALA D 397 -36.45 -41.00 -16.83
N MET D 398 -36.27 -40.38 -15.66
CA MET D 398 -34.98 -40.36 -14.99
C MET D 398 -35.19 -40.02 -13.52
N ASP D 399 -34.42 -40.66 -12.64
CA ASP D 399 -34.41 -40.35 -11.22
C ASP D 399 -33.03 -39.91 -10.78
N LEU D 400 -32.99 -39.04 -9.78
CA LEU D 400 -31.74 -38.58 -9.20
C LEU D 400 -31.84 -38.64 -7.70
N THR D 401 -30.71 -38.78 -7.03
CA THR D 401 -30.67 -38.75 -5.58
C THR D 401 -29.89 -37.54 -5.11
N PHE D 402 -30.23 -37.05 -3.93
CA PHE D 402 -29.70 -35.76 -3.53
C PHE D 402 -29.17 -35.81 -2.10
N VAL D 403 -28.19 -34.93 -1.85
CA VAL D 403 -27.55 -34.80 -0.56
C VAL D 403 -27.69 -33.35 -0.10
N LEU D 404 -28.21 -33.15 1.10
CA LEU D 404 -28.34 -31.84 1.71
C LEU D 404 -27.84 -31.88 3.14
N PRO D 405 -27.00 -30.92 3.56
CA PRO D 405 -26.52 -30.92 4.94
C PRO D 405 -27.34 -30.05 5.88
N LEU D 406 -27.57 -30.56 7.08
CA LEU D 406 -28.12 -29.77 8.17
C LEU D 406 -27.14 -29.72 9.32
N GLY D 407 -27.18 -28.62 10.06
CA GLY D 407 -26.54 -28.52 11.35
C GLY D 407 -25.04 -28.63 11.40
N LEU D 408 -24.36 -28.63 10.25
CA LEU D 408 -22.93 -28.85 10.29
C LEU D 408 -22.25 -27.55 10.69
N PHE D 409 -20.96 -27.63 10.97
CA PHE D 409 -20.24 -26.44 11.41
C PHE D 409 -19.01 -26.28 10.54
N ASN D 410 -18.80 -25.06 10.05
CA ASN D 410 -17.70 -24.82 9.13
C ASN D 410 -16.37 -24.92 9.88
N PRO D 411 -15.34 -25.45 9.25
CA PRO D 411 -14.03 -25.53 9.88
C PRO D 411 -13.44 -24.16 10.14
N ALA D 412 -12.46 -24.13 11.05
CA ALA D 412 -12.05 -22.87 11.68
C ALA D 412 -11.31 -21.95 10.72
N MET D 413 -10.64 -22.53 9.73
CA MET D 413 -10.01 -21.73 8.71
C MET D 413 -11.03 -21.06 7.79
N GLU D 414 -12.24 -21.60 7.72
CA GLU D 414 -13.25 -21.09 6.81
C GLU D 414 -14.37 -20.35 7.51
N ARG D 415 -14.16 -19.90 8.74
CA ARG D 415 -15.19 -19.16 9.46
C ARG D 415 -15.14 -17.66 9.16
N PHE D 416 -14.29 -17.25 8.24
CA PHE D 416 -14.07 -15.85 7.91
C PHE D 416 -15.31 -15.25 7.24
N ALA D 417 -15.32 -13.94 7.13
CA ALA D 417 -16.20 -13.25 6.20
C ALA D 417 -15.35 -12.65 5.10
N ALA D 418 -15.96 -12.45 3.93
CA ALA D 418 -15.20 -11.88 2.82
C ALA D 418 -14.94 -10.40 3.04
N HIS D 419 -15.88 -9.69 3.64
CA HIS D 419 -15.68 -8.30 3.95
C HIS D 419 -16.09 -8.09 5.39
N ALA D 420 -15.61 -7.01 6.00
CA ALA D 420 -15.96 -6.78 7.40
C ALA D 420 -17.37 -6.25 7.54
N GLY D 421 -17.69 -5.16 6.86
CA GLY D 421 -18.97 -4.54 7.09
C GLY D 421 -20.05 -5.04 6.15
N ASP D 422 -20.78 -6.07 6.61
CA ASP D 422 -21.80 -6.78 5.85
C ASP D 422 -22.51 -7.76 6.78
N LEU D 423 -23.78 -8.03 6.47
CA LEU D 423 -24.69 -8.87 7.28
C LEU D 423 -24.78 -8.38 8.72
N VAL D 424 -24.86 -7.07 8.89
CA VAL D 424 -24.92 -6.42 10.20
C VAL D 424 -26.39 -6.10 10.49
N PRO D 425 -26.89 -6.35 11.70
CA PRO D 425 -28.26 -5.97 12.01
C PRO D 425 -28.35 -4.50 12.41
N ALA D 426 -29.54 -4.13 12.87
CA ALA D 426 -29.75 -2.88 13.57
C ALA D 426 -28.84 -2.81 14.79
N PRO D 427 -28.36 -1.62 15.16
CA PRO D 427 -27.23 -1.53 16.10
C PRO D 427 -27.46 -2.05 17.52
N GLY D 428 -28.69 -2.39 17.88
CA GLY D 428 -28.97 -3.03 19.15
C GLY D 428 -29.37 -4.49 19.07
N HIS D 429 -28.72 -5.31 18.25
CA HIS D 429 -29.24 -6.62 17.90
C HIS D 429 -28.13 -7.65 17.81
N PRO D 430 -28.42 -8.94 18.08
CA PRO D 430 -27.40 -9.83 18.61
C PRO D 430 -26.44 -10.46 17.61
N GLU D 431 -26.59 -10.24 16.28
CA GLU D 431 -25.77 -10.89 15.24
C GLU D 431 -25.91 -12.41 15.35
N PRO D 432 -27.04 -12.98 14.89
CA PRO D 432 -27.26 -14.42 15.06
C PRO D 432 -26.57 -15.27 14.01
N ARG D 433 -25.79 -14.63 13.15
CA ARG D 433 -25.07 -15.32 12.09
C ARG D 433 -23.89 -16.13 12.60
N ALA D 434 -23.41 -15.83 13.81
CA ALA D 434 -22.31 -16.60 14.39
C ALA D 434 -22.80 -17.79 15.19
N PHE D 435 -24.02 -18.20 15.02
CA PHE D 435 -24.62 -19.30 15.75
C PHE D 435 -24.50 -20.59 14.94
N PRO D 436 -24.71 -21.75 15.57
CA PRO D 436 -24.85 -22.98 14.80
C PRO D 436 -26.05 -22.93 13.88
N PRO D 437 -25.83 -23.16 12.58
CA PRO D 437 -26.94 -23.15 11.63
C PRO D 437 -27.83 -24.36 11.87
N ARG D 438 -29.14 -24.13 11.91
CA ARG D 438 -30.09 -25.21 12.11
C ARG D 438 -31.04 -25.39 10.94
N GLN D 439 -30.87 -24.62 9.87
CA GLN D 439 -31.82 -24.65 8.76
C GLN D 439 -31.06 -24.92 7.46
N LEU D 440 -31.83 -25.16 6.40
CA LEU D 440 -31.27 -25.24 5.05
C LEU D 440 -32.37 -24.91 4.06
N PHE D 441 -32.07 -23.98 3.17
CA PHE D 441 -33.03 -23.45 2.22
C PHE D 441 -32.61 -23.77 0.80
N PHE D 442 -33.59 -23.85 -0.09
CA PHE D 442 -33.40 -24.32 -1.45
C PHE D 442 -34.67 -23.99 -2.22
N TRP D 443 -34.73 -24.43 -3.48
CA TRP D 443 -35.79 -24.04 -4.39
C TRP D 443 -36.54 -25.26 -4.94
N GLY D 444 -37.86 -25.22 -4.86
CA GLY D 444 -38.72 -26.29 -5.32
C GLY D 444 -38.98 -26.22 -6.81
N LYS D 445 -40.23 -26.52 -7.18
CA LYS D 445 -40.58 -26.65 -8.59
C LYS D 445 -41.09 -25.31 -9.14
N ASP D 446 -40.44 -24.24 -8.72
CA ASP D 446 -40.89 -22.88 -8.98
C ASP D 446 -39.78 -21.91 -8.64
N HIS D 447 -40.14 -20.64 -8.47
CA HIS D 447 -39.37 -19.73 -7.66
C HIS D 447 -39.65 -19.90 -6.17
N GLN D 448 -40.27 -21.00 -5.77
CA GLN D 448 -40.51 -21.32 -4.37
C GLN D 448 -39.20 -21.44 -3.59
N VAL D 449 -39.28 -21.13 -2.32
CA VAL D 449 -38.25 -21.47 -1.35
C VAL D 449 -38.92 -22.24 -0.22
N LEU D 450 -38.27 -23.28 0.29
CA LEU D 450 -38.85 -24.15 1.30
C LEU D 450 -38.06 -24.02 2.59
N ARG D 451 -38.35 -24.90 3.53
CA ARG D 451 -37.67 -24.86 4.82
C ARG D 451 -37.49 -26.27 5.36
N LEU D 452 -36.27 -26.57 5.79
CA LEU D 452 -35.94 -27.87 6.37
C LEU D 452 -35.32 -27.70 7.76
N SER D 453 -35.89 -26.84 8.60
CA SER D 453 -35.40 -26.59 9.95
C SER D 453 -35.43 -27.86 10.78
N MET D 454 -34.47 -28.05 11.68
CA MET D 454 -34.21 -29.34 12.28
C MET D 454 -35.23 -29.82 13.28
N GLU D 455 -36.38 -29.16 13.40
CA GLU D 455 -37.57 -29.81 13.94
C GLU D 455 -38.20 -30.76 12.94
N ASN D 456 -37.65 -30.81 11.73
CA ASN D 456 -37.97 -31.84 10.75
C ASN D 456 -37.56 -33.23 11.22
N ALA D 457 -36.55 -33.33 12.08
CA ALA D 457 -35.96 -34.60 12.47
C ALA D 457 -36.82 -35.42 13.41
N VAL D 458 -37.99 -34.92 13.79
CA VAL D 458 -38.80 -35.55 14.82
C VAL D 458 -39.37 -36.88 14.37
N GLY D 459 -39.69 -37.03 13.10
CA GLY D 459 -40.18 -38.31 12.66
C GLY D 459 -39.11 -39.32 12.37
N THR D 460 -37.89 -38.86 12.16
CA THR D 460 -36.86 -39.80 11.72
C THR D 460 -36.25 -40.49 12.92
N VAL D 461 -35.69 -39.72 13.85
CA VAL D 461 -34.84 -40.35 14.86
C VAL D 461 -35.60 -40.67 16.14
N CYS D 462 -36.61 -39.89 16.51
CA CYS D 462 -37.25 -40.02 17.81
C CYS D 462 -38.08 -41.28 17.96
N HIS D 463 -38.36 -41.97 16.88
CA HIS D 463 -38.94 -43.30 16.92
C HIS D 463 -38.03 -44.24 17.71
N PRO D 464 -38.60 -45.07 18.59
CA PRO D 464 -37.77 -45.80 19.56
C PRO D 464 -36.99 -46.95 19.00
N SER D 465 -36.24 -46.73 17.93
CA SER D 465 -35.29 -47.69 17.40
C SER D 465 -33.87 -47.20 17.52
N LEU D 466 -33.68 -45.98 18.03
CA LEU D 466 -32.35 -45.40 18.18
C LEU D 466 -31.53 -46.15 19.20
N MET D 467 -32.17 -46.65 20.25
CA MET D 467 -31.49 -47.41 21.27
C MET D 467 -31.30 -48.87 20.88
N ASN D 468 -31.99 -49.32 19.84
CA ASN D 468 -32.08 -50.72 19.47
C ASN D 468 -30.75 -51.15 18.85
N ILE D 469 -29.79 -51.55 19.69
CA ILE D 469 -28.45 -51.85 19.21
C ILE D 469 -28.03 -53.27 19.57
N ASP D 470 -29.02 -54.14 19.81
CA ASP D 470 -28.76 -55.49 20.28
C ASP D 470 -28.02 -56.33 19.24
N ALA D 471 -28.29 -56.12 17.97
CA ALA D 471 -27.63 -56.93 16.95
C ALA D 471 -26.21 -56.43 16.68
N ALA D 472 -25.96 -55.16 16.97
CA ALA D 472 -24.65 -54.55 16.74
C ALA D 472 -23.62 -55.15 17.67
N VAL D 473 -23.96 -55.24 18.96
CA VAL D 473 -23.11 -55.95 19.90
C VAL D 473 -23.14 -57.44 19.59
N GLY D 474 -24.25 -57.94 19.03
CA GLY D 474 -24.28 -59.32 18.58
C GLY D 474 -23.49 -59.53 17.30
N GLY D 475 -23.21 -58.45 16.58
CA GLY D 475 -22.45 -58.57 15.36
C GLY D 475 -20.97 -58.38 15.56
N VAL D 476 -20.57 -57.78 16.67
CA VAL D 476 -19.17 -57.46 16.88
C VAL D 476 -18.51 -58.38 17.89
N ASN D 477 -19.29 -59.13 18.67
CA ASN D 477 -18.71 -59.79 19.83
C ASN D 477 -18.00 -61.09 19.44
N HIS D 478 -18.31 -61.61 18.26
CA HIS D 478 -17.50 -62.69 17.72
C HIS D 478 -16.19 -62.11 17.19
N ASP D 479 -15.25 -63.01 16.89
CA ASP D 479 -13.84 -62.71 16.61
C ASP D 479 -13.31 -61.84 17.73
N PRO D 480 -13.14 -62.40 18.94
CA PRO D 480 -13.09 -61.57 20.15
C PRO D 480 -11.81 -60.77 20.26
N VAL D 481 -11.92 -59.67 20.99
CA VAL D 481 -10.87 -58.67 21.09
C VAL D 481 -9.83 -59.18 22.07
N GLU D 482 -8.61 -58.67 21.96
CA GLU D 482 -7.62 -58.86 23.00
C GLU D 482 -7.96 -57.98 24.20
N ALA D 483 -7.34 -58.26 25.33
CA ALA D 483 -7.52 -57.44 26.52
C ALA D 483 -6.84 -56.09 26.31
N ALA D 484 -7.55 -55.03 26.69
CA ALA D 484 -7.17 -53.65 26.39
C ALA D 484 -7.02 -52.79 27.63
N ASN D 485 -6.21 -53.22 28.60
CA ASN D 485 -5.82 -52.64 29.90
C ASN D 485 -6.92 -51.82 30.60
N PRO D 486 -8.02 -52.46 30.99
CA PRO D 486 -9.22 -51.70 31.39
C PRO D 486 -9.10 -50.99 32.73
N TYR D 487 -8.49 -49.80 32.71
CA TYR D 487 -8.63 -48.89 33.83
C TYR D 487 -10.08 -48.47 34.04
N GLY D 488 -10.64 -47.74 33.08
CA GLY D 488 -11.95 -47.14 33.25
C GLY D 488 -13.10 -47.96 32.74
N ALA D 489 -12.88 -49.22 32.40
CA ALA D 489 -13.96 -50.08 31.96
C ALA D 489 -14.51 -50.93 33.09
N TYR D 490 -13.90 -50.89 34.27
CA TYR D 490 -14.20 -51.82 35.33
C TYR D 490 -14.66 -51.06 36.56
N VAL D 491 -15.78 -51.51 37.14
CA VAL D 491 -16.31 -50.92 38.36
C VAL D 491 -15.83 -51.76 39.52
N ALA D 492 -15.45 -51.10 40.61
CA ALA D 492 -15.06 -51.79 41.83
C ALA D 492 -16.16 -51.64 42.87
N ALA D 493 -16.35 -52.70 43.66
CA ALA D 493 -17.12 -52.51 44.88
C ALA D 493 -16.20 -51.93 45.94
N PRO D 494 -16.64 -50.91 46.67
CA PRO D 494 -15.78 -50.30 47.69
C PRO D 494 -15.60 -51.23 48.88
N ALA D 495 -14.36 -51.33 49.34
CA ALA D 495 -14.00 -52.12 50.51
C ALA D 495 -12.82 -51.45 51.22
N GLY D 496 -12.68 -51.74 52.50
CA GLY D 496 -11.72 -51.04 53.31
C GLY D 496 -12.25 -49.69 53.76
N PRO D 497 -11.50 -48.97 54.58
CA PRO D 497 -11.97 -47.68 55.06
C PRO D 497 -11.83 -46.60 54.01
N GLY D 498 -12.33 -45.41 54.37
CA GLY D 498 -12.36 -44.31 53.43
C GLY D 498 -11.02 -43.65 53.18
N ALA D 499 -10.12 -43.69 54.18
CA ALA D 499 -8.89 -42.91 54.09
C ALA D 499 -7.93 -43.51 53.07
N ASP D 500 -7.62 -44.78 53.22
CA ASP D 500 -6.54 -45.43 52.51
C ASP D 500 -6.85 -45.75 51.07
N MET D 501 -8.09 -45.53 50.62
CA MET D 501 -8.64 -46.26 49.49
C MET D 501 -7.99 -45.87 48.17
N GLN D 502 -7.65 -44.59 48.00
CA GLN D 502 -6.87 -44.17 46.85
C GLN D 502 -5.45 -44.73 46.90
N GLN D 503 -4.82 -44.63 48.09
CA GLN D 503 -3.52 -45.24 48.30
C GLN D 503 -3.59 -46.75 48.15
N ARG D 504 -4.71 -47.33 48.59
CA ARG D 504 -4.94 -48.75 48.38
C ARG D 504 -5.07 -49.07 46.90
N PHE D 505 -5.68 -48.16 46.13
CA PHE D 505 -5.76 -48.34 44.69
C PHE D 505 -4.39 -48.23 44.04
N LEU D 506 -3.57 -47.29 44.50
CA LEU D 506 -2.26 -47.05 43.88
C LEU D 506 -1.32 -48.23 44.09
N ASN D 507 -1.28 -48.78 45.30
CA ASN D 507 -0.38 -49.89 45.55
C ASN D 507 -0.95 -51.19 45.02
N ALA D 508 -2.23 -51.21 44.67
CA ALA D 508 -2.78 -52.33 43.93
C ALA D 508 -2.53 -52.17 42.44
N TRP D 509 -2.87 -51.00 41.90
CA TRP D 509 -2.84 -50.75 40.48
C TRP D 509 -1.58 -49.99 40.12
N ARG D 510 -0.61 -50.70 39.58
CA ARG D 510 0.58 -50.06 39.07
C ARG D 510 1.08 -50.71 37.78
N GLN D 511 0.75 -51.97 37.54
CA GLN D 511 1.35 -52.74 36.45
C GLN D 511 0.68 -52.43 35.11
N ARG D 512 -0.61 -52.68 34.96
CA ARG D 512 -1.27 -52.43 33.69
C ARG D 512 -1.74 -51.00 33.54
N LEU D 513 -1.76 -50.23 34.62
CA LEU D 513 -2.15 -48.82 34.53
C LEU D 513 -1.02 -47.99 33.95
N ALA D 514 0.21 -48.50 34.04
CA ALA D 514 1.35 -47.73 33.55
C ALA D 514 1.80 -48.19 32.17
N HIS D 515 2.08 -49.49 32.02
CA HIS D 515 2.81 -50.06 30.89
C HIS D 515 2.11 -49.87 29.55
N GLY D 516 0.81 -50.11 29.52
CA GLY D 516 0.03 -49.82 28.33
C GLY D 516 -0.65 -48.48 28.41
N ARG D 517 -1.12 -48.02 27.26
CA ARG D 517 -1.91 -46.79 27.17
C ARG D 517 -3.38 -47.15 27.33
N VAL D 518 -4.14 -46.26 27.96
CA VAL D 518 -5.58 -46.43 27.99
C VAL D 518 -6.13 -46.11 26.60
N ARG D 519 -7.37 -46.55 26.34
CA ARG D 519 -7.94 -46.39 25.00
C ARG D 519 -8.23 -44.93 24.69
N TRP D 520 -9.01 -44.26 25.54
CA TRP D 520 -9.32 -42.87 25.30
C TRP D 520 -8.05 -42.05 25.58
N VAL D 521 -7.57 -41.43 24.51
CA VAL D 521 -6.59 -40.37 24.61
C VAL D 521 -6.88 -39.25 23.62
N ALA D 522 -7.97 -39.35 22.87
CA ALA D 522 -8.22 -38.54 21.67
C ALA D 522 -8.49 -37.07 21.92
N GLU D 523 -8.34 -36.61 23.17
CA GLU D 523 -8.42 -35.19 23.45
C GLU D 523 -7.27 -34.44 22.80
N CYS D 524 -6.11 -35.07 22.72
CA CYS D 524 -5.03 -34.50 21.95
C CYS D 524 -5.26 -34.63 20.45
N GLN D 525 -6.09 -35.57 20.01
CA GLN D 525 -6.31 -35.81 18.60
C GLN D 525 -7.12 -34.68 17.98
N MET D 526 -6.74 -34.29 16.77
CA MET D 526 -7.52 -33.34 16.00
C MET D 526 -8.50 -34.06 15.10
N THR D 527 -9.43 -33.30 14.54
CA THR D 527 -10.35 -33.82 13.54
C THR D 527 -9.56 -34.05 12.24
N ALA D 528 -10.04 -35.01 11.45
CA ALA D 528 -9.44 -35.58 10.25
C ALA D 528 -8.16 -36.35 10.58
N GLU D 529 -7.95 -36.63 11.86
CA GLU D 529 -7.04 -37.65 12.31
C GLU D 529 -7.78 -38.90 12.77
N GLN D 530 -8.89 -38.69 13.49
CA GLN D 530 -9.81 -39.79 13.76
C GLN D 530 -10.38 -40.38 12.49
N PHE D 531 -10.82 -39.55 11.55
CA PHE D 531 -11.55 -40.00 10.38
C PHE D 531 -10.73 -40.86 9.43
N MET D 532 -9.41 -40.81 9.54
CA MET D 532 -8.54 -41.49 8.60
C MET D 532 -8.09 -42.83 9.15
N GLN D 533 -7.95 -43.78 8.21
CA GLN D 533 -7.59 -45.14 8.54
C GLN D 533 -6.27 -45.34 9.31
N PRO D 534 -5.16 -44.63 9.06
CA PRO D 534 -4.01 -44.78 9.95
C PRO D 534 -4.32 -44.24 11.34
N ASP D 535 -3.71 -44.86 12.35
CA ASP D 535 -3.68 -44.38 13.74
C ASP D 535 -5.07 -44.26 14.34
N ASN D 536 -6.02 -45.02 13.81
CA ASN D 536 -7.35 -45.02 14.36
C ASN D 536 -7.88 -46.46 14.41
N ALA D 537 -7.21 -47.31 15.18
CA ALA D 537 -7.85 -48.55 15.60
C ALA D 537 -9.14 -48.35 16.38
N ASN D 538 -9.41 -47.16 16.93
CA ASN D 538 -10.68 -46.84 17.56
C ASN D 538 -11.79 -46.56 16.54
N LEU D 539 -11.47 -46.51 15.25
CA LEU D 539 -12.48 -46.20 14.25
C LEU D 539 -13.53 -47.29 14.16
N ALA D 540 -13.11 -48.55 14.17
CA ALA D 540 -14.04 -49.66 14.12
C ALA D 540 -14.75 -49.88 15.45
N LEU D 541 -14.41 -49.10 16.47
CA LEU D 541 -15.02 -49.24 17.78
C LEU D 541 -15.80 -47.99 18.19
N GLU D 542 -16.11 -47.11 17.25
CA GLU D 542 -17.11 -46.06 17.47
C GLU D 542 -18.18 -46.20 16.40
N LEU D 543 -19.42 -46.41 16.85
CA LEU D 543 -20.50 -46.75 15.93
C LEU D 543 -21.72 -45.86 16.12
N HIS D 544 -21.95 -45.34 17.30
CA HIS D 544 -23.27 -44.77 17.46
C HIS D 544 -23.25 -43.52 18.34
N PRO D 545 -24.10 -42.52 18.05
CA PRO D 545 -24.05 -41.27 18.82
C PRO D 545 -24.47 -41.39 20.27
N ALA D 546 -25.32 -42.34 20.60
CA ALA D 546 -25.89 -42.45 21.94
C ALA D 546 -25.23 -43.54 22.78
N PHE D 547 -24.19 -44.18 22.30
CA PHE D 547 -23.58 -45.30 22.99
C PHE D 547 -22.08 -45.28 22.79
N ASP D 548 -21.39 -46.17 23.50
CA ASP D 548 -19.95 -46.33 23.39
C ASP D 548 -19.62 -47.81 23.22
N PHE D 549 -18.46 -48.09 22.65
CA PHE D 549 -18.04 -49.46 22.38
C PHE D 549 -16.56 -49.58 22.71
N PHE D 550 -16.26 -50.33 23.76
CA PHE D 550 -14.92 -50.35 24.33
C PHE D 550 -14.61 -51.76 24.80
N ALA D 551 -13.36 -52.17 24.55
CA ALA D 551 -12.90 -53.52 24.82
C ALA D 551 -12.71 -53.68 26.32
N GLY D 552 -13.71 -54.28 26.98
CA GLY D 552 -13.68 -54.47 28.40
C GLY D 552 -13.37 -55.92 28.77
N VAL D 553 -13.71 -56.25 30.00
CA VAL D 553 -13.44 -57.57 30.52
C VAL D 553 -14.44 -58.56 29.94
N ALA D 554 -14.19 -59.85 30.20
CA ALA D 554 -14.99 -60.89 29.56
C ALA D 554 -16.35 -61.03 30.21
N ASP D 555 -16.40 -61.41 31.48
CA ASP D 555 -17.63 -61.89 32.08
C ASP D 555 -17.98 -61.22 33.40
N VAL D 556 -17.14 -60.32 33.90
CA VAL D 556 -17.20 -59.93 35.31
C VAL D 556 -18.37 -58.98 35.53
N GLU D 557 -19.24 -59.33 36.47
CA GLU D 557 -20.31 -58.45 36.88
C GLU D 557 -19.74 -57.22 37.59
N LEU D 558 -20.24 -56.06 37.17
CA LEU D 558 -19.67 -54.75 37.44
C LEU D 558 -19.53 -54.35 38.91
N PRO D 559 -20.56 -54.43 39.79
CA PRO D 559 -20.36 -53.86 41.14
C PRO D 559 -19.59 -54.77 42.08
N GLY D 560 -18.37 -55.17 41.72
CA GLY D 560 -17.64 -56.12 42.54
C GLY D 560 -16.17 -56.22 42.25
N GLY D 561 -15.37 -56.44 43.29
CA GLY D 561 -13.97 -56.73 43.14
C GLY D 561 -13.08 -55.49 43.21
N GLU D 562 -11.78 -55.73 43.15
CA GLU D 562 -10.77 -54.67 43.14
C GLU D 562 -10.01 -54.67 41.82
N VAL D 563 -9.56 -55.84 41.38
CA VAL D 563 -8.86 -55.99 40.10
C VAL D 563 -9.63 -57.02 39.28
N PRO D 564 -9.92 -56.75 38.01
CA PRO D 564 -10.61 -57.74 37.20
C PRO D 564 -9.71 -58.90 36.86
N PRO D 565 -10.25 -60.12 36.88
CA PRO D 565 -9.45 -61.29 36.47
C PRO D 565 -9.24 -61.32 34.97
N ALA D 566 -8.15 -60.70 34.52
CA ALA D 566 -7.93 -60.47 33.10
C ALA D 566 -7.71 -61.78 32.35
N GLY D 567 -8.77 -62.25 31.69
CA GLY D 567 -8.71 -63.42 30.87
C GLY D 567 -8.89 -63.07 29.40
N PRO D 568 -9.95 -63.58 28.78
CA PRO D 568 -10.21 -63.22 27.38
C PRO D 568 -10.81 -61.82 27.30
N GLY D 569 -10.69 -61.20 26.13
CA GLY D 569 -11.30 -59.91 25.92
C GLY D 569 -12.62 -60.05 25.19
N ALA D 570 -13.70 -59.70 25.87
CA ALA D 570 -15.01 -59.60 25.26
C ALA D 570 -15.47 -58.15 25.30
N ILE D 571 -15.84 -57.63 24.16
CA ILE D 571 -16.15 -56.21 24.02
C ILE D 571 -17.59 -56.02 24.46
N GLN D 572 -17.91 -54.87 25.03
CA GLN D 572 -19.26 -54.57 25.45
C GLN D 572 -19.54 -53.09 25.25
N ALA D 573 -20.78 -52.70 25.53
CA ALA D 573 -21.26 -51.36 25.26
C ALA D 573 -21.73 -50.68 26.54
N THR D 574 -22.11 -49.42 26.41
CA THR D 574 -22.70 -48.67 27.49
C THR D 574 -23.51 -47.54 26.90
N TRP D 575 -24.32 -46.90 27.72
CA TRP D 575 -25.17 -45.81 27.27
C TRP D 575 -24.44 -44.49 27.43
N ARG D 576 -24.38 -43.70 26.36
CA ARG D 576 -23.97 -42.32 26.55
C ARG D 576 -25.13 -41.55 27.15
N VAL D 577 -24.83 -40.77 28.17
CA VAL D 577 -25.90 -40.12 28.91
C VAL D 577 -26.29 -38.82 28.20
N VAL D 578 -25.34 -37.94 27.99
CA VAL D 578 -25.66 -36.61 27.50
C VAL D 578 -25.03 -36.40 26.14
N ASN D 579 -25.40 -35.28 25.53
CA ASN D 579 -24.74 -34.76 24.34
C ASN D 579 -23.25 -34.51 24.52
N GLY D 580 -22.80 -34.23 25.75
CA GLY D 580 -21.38 -33.98 25.95
C GLY D 580 -20.52 -35.23 25.88
N ASN D 581 -21.14 -36.41 25.91
CA ASN D 581 -20.38 -37.66 25.91
C ASN D 581 -19.74 -37.97 24.57
N LEU D 582 -20.02 -37.23 23.52
CA LEU D 582 -19.43 -37.54 22.24
C LEU D 582 -17.99 -37.02 22.20
N PRO D 583 -17.09 -37.68 21.47
CA PRO D 583 -15.68 -37.29 21.52
C PRO D 583 -15.41 -35.96 20.84
N LEU D 584 -14.35 -35.28 21.31
CA LEU D 584 -14.08 -33.91 20.87
C LEU D 584 -13.36 -33.83 19.55
N ALA D 585 -13.09 -34.94 18.88
CA ALA D 585 -12.77 -34.83 17.46
C ALA D 585 -14.04 -34.73 16.63
N LEU D 586 -15.17 -35.10 17.23
CA LEU D 586 -16.47 -34.93 16.58
C LEU D 586 -17.24 -33.72 17.10
N CYS D 587 -16.58 -32.87 17.88
CA CYS D 587 -17.13 -31.56 18.26
C CYS D 587 -15.97 -30.64 18.62
N PRO D 588 -15.79 -29.56 17.87
CA PRO D 588 -14.82 -28.54 18.27
C PRO D 588 -15.23 -27.90 19.58
N VAL D 589 -14.22 -27.48 20.33
CA VAL D 589 -14.49 -26.82 21.60
C VAL D 589 -15.17 -25.49 21.34
N ALA D 590 -14.70 -24.76 20.33
CA ALA D 590 -15.32 -23.50 19.96
C ALA D 590 -16.74 -23.68 19.43
N PHE D 591 -17.01 -24.76 18.70
CA PHE D 591 -18.38 -25.06 18.30
C PHE D 591 -19.24 -25.38 19.50
N ARG D 592 -18.69 -26.17 20.41
CA ARG D 592 -19.32 -26.38 21.70
C ARG D 592 -19.41 -25.09 22.50
N ASP D 593 -18.52 -24.14 22.23
CA ASP D 593 -18.66 -22.82 22.81
C ASP D 593 -19.52 -21.89 21.96
N ALA D 594 -19.66 -22.18 20.66
CA ALA D 594 -20.53 -21.36 19.82
C ALA D 594 -21.97 -21.43 20.29
N ARG D 595 -22.46 -22.64 20.53
CA ARG D 595 -23.73 -22.89 21.20
C ARG D 595 -23.77 -22.25 22.58
N GLY D 596 -22.63 -22.10 23.24
CA GLY D 596 -22.57 -21.31 24.45
C GLY D 596 -22.83 -19.84 24.22
N LEU D 597 -22.41 -19.29 23.08
CA LEU D 597 -22.76 -17.90 22.80
C LEU D 597 -24.25 -17.72 22.58
N GLU D 598 -24.93 -18.73 22.05
CA GLU D 598 -26.35 -18.58 21.76
C GLU D 598 -27.19 -18.75 23.01
N LEU D 599 -26.73 -19.55 23.94
CA LEU D 599 -27.40 -19.57 25.23
C LEU D 599 -26.89 -18.44 26.11
N GLY D 600 -25.76 -17.85 25.75
CA GLY D 600 -25.17 -16.82 26.58
C GLY D 600 -25.92 -15.49 26.48
N VAL D 601 -26.38 -15.15 25.29
CA VAL D 601 -27.12 -13.91 25.13
C VAL D 601 -28.50 -14.08 25.69
N GLY D 602 -29.17 -12.96 25.94
CA GLY D 602 -30.57 -13.00 26.31
C GLY D 602 -30.87 -13.43 27.72
N ARG D 603 -29.84 -13.73 28.51
CA ARG D 603 -30.03 -14.18 29.88
C ARG D 603 -29.03 -13.46 30.77
N HIS D 604 -28.90 -13.94 31.99
CA HIS D 604 -28.01 -13.28 32.94
C HIS D 604 -26.56 -13.62 32.65
N ALA D 605 -25.68 -12.65 32.89
CA ALA D 605 -24.25 -12.85 32.89
C ALA D 605 -23.69 -12.12 34.10
N MET D 606 -22.41 -12.33 34.38
CA MET D 606 -21.82 -11.75 35.57
C MET D 606 -20.84 -10.64 35.22
N ALA D 607 -20.57 -9.78 36.20
CA ALA D 607 -19.58 -8.72 36.06
C ALA D 607 -18.18 -9.33 35.95
N PRO D 608 -17.22 -8.61 35.35
CA PRO D 608 -15.86 -9.14 35.33
C PRO D 608 -15.19 -9.13 36.69
N ALA D 609 -15.61 -8.26 37.60
CA ALA D 609 -15.06 -8.27 38.95
C ALA D 609 -15.48 -9.50 39.72
N THR D 610 -16.78 -9.84 39.68
CA THR D 610 -17.26 -10.99 40.41
C THR D 610 -16.80 -12.31 39.79
N ILE D 611 -16.34 -12.31 38.54
CA ILE D 611 -15.63 -13.47 38.05
C ILE D 611 -14.23 -13.52 38.65
N ALA D 612 -13.61 -12.34 38.80
CA ALA D 612 -12.19 -12.27 39.11
C ALA D 612 -11.88 -12.72 40.53
N ALA D 613 -12.67 -12.30 41.51
CA ALA D 613 -12.39 -12.60 42.91
C ALA D 613 -12.61 -14.08 43.20
N VAL D 614 -13.62 -14.67 42.57
CA VAL D 614 -13.82 -16.11 42.67
C VAL D 614 -12.69 -16.85 41.97
N ARG D 615 -12.24 -16.32 40.82
CA ARG D 615 -11.11 -16.92 40.14
C ARG D 615 -9.83 -16.72 40.94
N GLY D 616 -9.76 -15.63 41.70
CA GLY D 616 -8.62 -15.42 42.60
C GLY D 616 -8.59 -16.40 43.75
N ALA D 617 -9.73 -16.93 44.15
CA ALA D 617 -9.76 -17.87 45.26
C ALA D 617 -9.21 -19.23 44.86
N PHE D 618 -9.63 -19.73 43.69
CA PHE D 618 -9.24 -21.07 43.28
C PHE D 618 -7.78 -21.15 42.85
N GLU D 619 -7.11 -20.02 42.69
CA GLU D 619 -5.70 -20.00 42.36
C GLU D 619 -4.81 -19.69 43.56
N ASP D 620 -5.40 -19.49 44.74
CA ASP D 620 -4.64 -19.01 45.89
C ASP D 620 -3.93 -20.18 46.55
N ARG D 621 -2.63 -20.30 46.31
CA ARG D 621 -1.80 -21.24 47.07
C ARG D 621 -1.63 -20.80 48.51
N SER D 622 -1.82 -19.51 48.79
CA SER D 622 -1.80 -18.96 50.14
C SER D 622 -3.19 -18.83 50.72
N TYR D 623 -4.11 -19.68 50.33
CA TYR D 623 -5.46 -19.68 50.88
C TYR D 623 -5.39 -19.99 52.37
N PRO D 624 -6.15 -19.28 53.21
CA PRO D 624 -6.05 -19.50 54.65
C PRO D 624 -6.63 -20.84 55.08
N ALA D 625 -5.82 -21.56 55.84
CA ALA D 625 -6.05 -22.98 56.10
C ALA D 625 -7.03 -23.24 57.24
N VAL D 626 -7.60 -22.19 57.84
CA VAL D 626 -8.70 -22.42 58.76
C VAL D 626 -9.97 -22.82 58.01
N PHE D 627 -10.12 -22.34 56.78
CA PHE D 627 -11.43 -22.29 56.15
C PHE D 627 -11.97 -23.64 55.74
N TYR D 628 -11.09 -24.58 55.37
CA TYR D 628 -11.58 -25.92 55.08
C TYR D 628 -12.00 -26.64 56.36
N LEU D 629 -11.29 -26.37 57.46
CA LEU D 629 -11.70 -26.89 58.75
C LEU D 629 -12.99 -26.24 59.21
N LEU D 630 -13.16 -24.95 58.89
CA LEU D 630 -14.40 -24.28 59.22
C LEU D 630 -15.56 -24.83 58.39
N GLN D 631 -15.28 -25.29 57.17
CA GLN D 631 -16.31 -25.94 56.38
C GLN D 631 -16.70 -27.28 57.00
N ALA D 632 -15.71 -28.04 57.47
CA ALA D 632 -16.03 -29.25 58.21
C ALA D 632 -16.67 -28.94 59.56
N ALA D 633 -16.41 -27.74 60.11
CA ALA D 633 -17.07 -27.35 61.34
C ALA D 633 -18.54 -27.05 61.11
N ILE D 634 -18.85 -26.33 60.04
CA ILE D 634 -20.24 -26.03 59.73
C ILE D 634 -20.95 -27.28 59.25
N HIS D 635 -20.25 -28.11 58.48
CA HIS D 635 -20.65 -29.43 57.95
C HIS D 635 -22.05 -29.42 57.33
N GLY D 636 -22.39 -28.30 56.69
CA GLY D 636 -23.68 -28.11 56.06
C GLY D 636 -24.80 -27.75 57.01
N ASN D 637 -24.57 -27.86 58.31
CA ASN D 637 -25.63 -27.66 59.29
C ASN D 637 -25.90 -26.17 59.45
N GLU D 638 -27.15 -25.79 59.18
CA GLU D 638 -27.56 -24.39 59.22
C GLU D 638 -27.59 -23.86 60.64
N HIS D 639 -27.79 -24.74 61.63
CA HIS D 639 -27.80 -24.29 63.01
C HIS D 639 -26.38 -24.00 63.49
N VAL D 640 -25.39 -24.63 62.87
CA VAL D 640 -24.00 -24.28 63.21
C VAL D 640 -23.66 -22.92 62.62
N PHE D 641 -24.31 -22.56 61.52
CA PHE D 641 -23.89 -21.38 60.76
C PHE D 641 -24.24 -20.09 61.50
N CYS D 642 -25.37 -20.07 62.22
CA CYS D 642 -25.80 -18.83 62.85
C CYS D 642 -24.94 -18.50 64.07
N ALA D 643 -24.55 -19.51 64.85
CA ALA D 643 -23.69 -19.26 66.00
C ALA D 643 -22.30 -18.83 65.57
N LEU D 644 -21.84 -19.32 64.43
CA LEU D 644 -20.53 -18.96 63.89
C LEU D 644 -20.57 -17.77 62.97
N ALA D 645 -21.60 -16.92 63.06
CA ALA D 645 -21.78 -15.91 62.02
C ALA D 645 -20.76 -14.78 62.13
N ARG D 646 -20.48 -14.32 63.36
CA ARG D 646 -19.54 -13.23 63.50
C ARG D 646 -18.11 -13.69 63.24
N LEU D 647 -17.82 -14.96 63.54
CA LEU D 647 -16.61 -15.62 63.07
C LEU D 647 -16.44 -15.44 61.57
N VAL D 648 -17.45 -15.84 60.80
CA VAL D 648 -17.36 -15.81 59.35
C VAL D 648 -17.29 -14.37 58.84
N THR D 649 -18.07 -13.47 59.45
CA THR D 649 -18.01 -12.09 58.99
C THR D 649 -16.76 -11.37 59.49
N GLN D 650 -16.04 -11.97 60.43
CA GLN D 650 -14.67 -11.50 60.68
C GLN D 650 -13.66 -12.39 59.99
N CYS D 651 -14.07 -13.57 59.53
CA CYS D 651 -13.21 -14.33 58.64
C CYS D 651 -13.12 -13.66 57.27
N ILE D 652 -14.28 -13.31 56.70
CA ILE D 652 -14.29 -12.84 55.32
C ILE D 652 -13.76 -11.42 55.23
N THR D 653 -14.23 -10.53 56.12
CA THR D 653 -13.87 -9.12 56.09
C THR D 653 -12.38 -8.93 56.29
N SER D 654 -11.78 -9.78 57.12
CA SER D 654 -10.33 -9.86 57.17
C SER D 654 -9.76 -10.33 55.84
N TYR D 655 -10.29 -11.43 55.30
CA TYR D 655 -9.71 -12.03 54.11
C TYR D 655 -9.96 -11.17 52.87
N TRP D 656 -11.12 -10.51 52.80
CA TRP D 656 -11.41 -9.65 51.67
C TRP D 656 -10.51 -8.41 51.65
N ASN D 657 -10.04 -7.97 52.81
CA ASN D 657 -9.12 -6.86 52.83
C ASN D 657 -7.71 -7.29 52.47
N ASN D 658 -7.33 -8.52 52.83
CA ASN D 658 -6.04 -9.05 52.41
C ASN D 658 -5.99 -9.21 50.90
N THR D 659 -6.78 -10.13 50.36
CA THR D 659 -6.87 -10.34 48.94
C THR D 659 -8.29 -10.02 48.49
N ARG D 660 -8.43 -9.59 47.25
CA ARG D 660 -9.74 -9.46 46.64
C ARG D 660 -10.15 -10.84 46.16
N CYS D 661 -10.48 -11.72 47.08
CA CYS D 661 -10.84 -13.09 46.74
C CYS D 661 -11.98 -13.49 47.67
N ALA D 662 -12.89 -14.29 47.14
CA ALA D 662 -13.96 -14.80 47.98
C ALA D 662 -13.43 -15.89 48.90
N ALA D 663 -14.23 -16.23 49.92
CA ALA D 663 -13.77 -17.13 50.97
C ALA D 663 -14.24 -18.57 50.77
N PHE D 664 -15.55 -18.80 50.76
CA PHE D 664 -16.08 -20.15 50.85
C PHE D 664 -16.79 -20.61 49.60
N VAL D 665 -16.26 -20.30 48.43
CA VAL D 665 -16.88 -20.68 47.16
C VAL D 665 -16.57 -22.13 46.81
N ASN D 666 -15.77 -22.80 47.64
CA ASN D 666 -15.65 -24.24 47.52
C ASN D 666 -16.92 -24.98 47.88
N ASP D 667 -17.86 -24.35 48.59
CA ASP D 667 -19.09 -25.01 48.98
C ASP D 667 -20.26 -24.05 48.78
N TYR D 668 -21.18 -24.43 47.90
CA TYR D 668 -22.34 -23.61 47.57
C TYR D 668 -23.26 -23.46 48.77
N SER D 669 -23.37 -24.51 49.59
CA SER D 669 -24.28 -24.52 50.73
C SER D 669 -23.85 -23.50 51.78
N LEU D 670 -22.54 -23.24 51.86
CA LEU D 670 -22.08 -22.11 52.64
C LEU D 670 -22.54 -20.81 52.03
N VAL D 671 -22.30 -20.65 50.72
CA VAL D 671 -22.55 -19.41 49.99
C VAL D 671 -24.03 -19.06 50.03
N SER D 672 -24.89 -20.08 50.01
CA SER D 672 -26.32 -19.88 50.19
C SER D 672 -26.64 -19.28 51.55
N TYR D 673 -25.86 -19.63 52.57
CA TYR D 673 -26.12 -19.08 53.89
C TYR D 673 -25.51 -17.70 54.05
N ILE D 674 -24.39 -17.43 53.36
CA ILE D 674 -23.80 -16.10 53.36
C ILE D 674 -24.76 -15.06 52.79
N VAL D 675 -25.51 -15.41 51.74
CA VAL D 675 -26.33 -14.43 51.05
C VAL D 675 -27.52 -14.00 51.91
N THR D 676 -28.18 -14.94 52.58
CA THR D 676 -29.35 -14.57 53.38
C THR D 676 -28.94 -14.04 54.75
N TYR D 677 -28.07 -14.76 55.44
CA TYR D 677 -27.82 -14.47 56.84
C TYR D 677 -26.88 -13.29 57.04
N LEU D 678 -25.84 -13.19 56.24
CA LEU D 678 -24.79 -12.21 56.45
C LEU D 678 -24.97 -10.95 55.62
N GLY D 679 -26.20 -10.48 55.45
CA GLY D 679 -26.47 -9.45 54.45
C GLY D 679 -25.82 -8.10 54.73
N GLY D 680 -25.99 -7.56 55.93
CA GLY D 680 -25.56 -6.20 56.19
C GLY D 680 -24.07 -6.00 56.32
N ASP D 681 -23.46 -6.69 57.28
CA ASP D 681 -22.10 -6.38 57.75
C ASP D 681 -21.04 -6.98 56.84
N LEU D 682 -21.15 -6.73 55.56
CA LEU D 682 -20.08 -6.94 54.61
C LEU D 682 -19.99 -5.67 53.79
N PRO D 683 -18.80 -5.30 53.32
CA PRO D 683 -18.73 -4.23 52.31
C PRO D 683 -19.36 -4.72 51.02
N GLU D 684 -19.88 -3.78 50.24
CA GLU D 684 -20.63 -4.15 49.05
C GLU D 684 -19.70 -4.62 47.94
N GLU D 685 -18.39 -4.44 48.11
CA GLU D 685 -17.42 -4.97 47.17
C GLU D 685 -17.41 -6.51 47.19
N CYS D 686 -17.56 -7.10 48.37
CA CYS D 686 -17.54 -8.57 48.44
C CYS D 686 -18.94 -9.15 48.47
N MET D 687 -19.94 -8.37 48.89
CA MET D 687 -21.27 -8.91 49.09
C MET D 687 -21.95 -9.21 47.77
N ALA D 688 -21.73 -8.36 46.77
CA ALA D 688 -22.33 -8.57 45.46
C ALA D 688 -21.71 -9.75 44.73
N VAL D 689 -20.50 -10.14 45.13
CA VAL D 689 -19.84 -11.28 44.52
C VAL D 689 -20.57 -12.57 44.88
N TYR D 690 -20.89 -12.73 46.16
CA TYR D 690 -21.70 -13.88 46.55
C TYR D 690 -23.14 -13.71 46.09
N ARG D 691 -23.60 -12.46 45.96
CA ARG D 691 -24.98 -12.22 45.58
C ARG D 691 -25.23 -12.59 44.13
N ASP D 692 -24.37 -12.09 43.23
CA ASP D 692 -24.53 -12.34 41.80
C ASP D 692 -24.25 -13.79 41.45
N LEU D 693 -23.46 -14.47 42.27
CA LEU D 693 -23.13 -15.86 42.01
C LEU D 693 -24.34 -16.76 42.17
N VAL D 694 -25.26 -16.38 43.04
CA VAL D 694 -26.47 -17.18 43.20
C VAL D 694 -27.43 -16.96 42.03
N ALA D 695 -27.68 -15.70 41.65
CA ALA D 695 -28.65 -15.39 40.61
C ALA D 695 -28.22 -15.91 39.24
N HIS D 696 -26.91 -15.97 38.98
CA HIS D 696 -26.42 -16.53 37.74
C HIS D 696 -26.59 -18.05 37.68
N VAL D 697 -26.73 -18.71 38.83
CA VAL D 697 -27.08 -20.12 38.82
C VAL D 697 -28.55 -20.31 38.47
N GLU D 698 -29.42 -19.45 39.01
CA GLU D 698 -30.86 -19.65 38.85
C GLU D 698 -31.31 -19.41 37.41
N ALA D 699 -30.55 -18.63 36.65
CA ALA D 699 -30.81 -18.52 35.22
C ALA D 699 -30.57 -19.86 34.54
N LEU D 700 -29.59 -20.62 35.01
CA LEU D 700 -29.41 -21.96 34.49
C LEU D 700 -30.45 -22.90 35.05
N ALA D 701 -31.06 -22.55 36.19
CA ALA D 701 -32.10 -23.39 36.74
C ALA D 701 -33.36 -23.33 35.89
N GLN D 702 -33.71 -22.15 35.39
CA GLN D 702 -34.91 -22.00 34.58
C GLN D 702 -34.64 -22.20 33.09
N LEU D 703 -33.39 -22.44 32.70
CA LEU D 703 -33.08 -22.63 31.29
C LEU D 703 -33.62 -23.95 30.75
N VAL D 704 -33.85 -24.92 31.63
CA VAL D 704 -34.44 -26.18 31.23
C VAL D 704 -35.91 -25.98 30.83
N ASP D 705 -36.56 -24.96 31.41
CA ASP D 705 -37.96 -24.69 31.10
C ASP D 705 -38.14 -24.16 29.69
N ASP D 706 -37.16 -23.41 29.18
CA ASP D 706 -37.32 -22.81 27.86
C ASP D 706 -37.20 -23.85 26.78
N PHE D 707 -36.34 -24.85 26.98
CA PHE D 707 -36.12 -25.88 25.99
C PHE D 707 -36.84 -27.18 26.30
N THR D 708 -38.04 -27.12 26.89
CA THR D 708 -38.81 -28.33 27.16
C THR D 708 -40.31 -28.01 27.08
N LEU D 709 -41.05 -28.88 26.42
CA LEU D 709 -42.49 -28.89 26.30
C LEU D 709 -43.12 -29.44 27.58
N PRO D 710 -44.31 -28.98 27.93
CA PRO D 710 -45.01 -29.57 29.09
C PRO D 710 -45.55 -30.96 28.79
N GLY D 711 -45.87 -31.69 29.85
CA GLY D 711 -46.43 -33.02 29.73
C GLY D 711 -46.53 -33.75 31.06
N PRO D 712 -46.98 -35.01 31.02
CA PRO D 712 -47.14 -35.80 32.26
C PRO D 712 -45.87 -36.48 32.74
N GLU D 713 -45.96 -37.26 33.82
CA GLU D 713 -44.81 -37.98 34.36
C GLU D 713 -44.63 -39.30 33.62
N LEU D 714 -43.40 -39.80 33.63
CA LEU D 714 -43.05 -41.06 33.00
C LEU D 714 -42.10 -41.80 33.94
N GLY D 715 -42.54 -42.96 34.44
CA GLY D 715 -41.70 -43.78 35.30
C GLY D 715 -41.32 -43.14 36.61
N GLY D 716 -42.21 -42.32 37.17
CA GLY D 716 -41.91 -41.56 38.36
C GLY D 716 -41.10 -40.30 38.12
N GLN D 717 -40.79 -39.97 36.88
CA GLN D 717 -39.93 -38.85 36.56
C GLN D 717 -40.66 -37.84 35.68
N ALA D 718 -40.25 -36.58 35.78
CA ALA D 718 -40.93 -35.49 35.09
C ALA D 718 -40.35 -35.29 33.69
N GLN D 719 -41.02 -34.42 32.93
CA GLN D 719 -40.60 -34.10 31.56
C GLN D 719 -39.21 -33.47 31.55
N ALA D 720 -39.00 -32.46 32.38
CA ALA D 720 -37.67 -31.90 32.53
C ALA D 720 -36.72 -32.91 33.16
N GLU D 721 -37.24 -33.82 33.97
CA GLU D 721 -36.41 -34.83 34.60
C GLU D 721 -36.09 -35.98 33.65
N LEU D 722 -36.62 -35.93 32.42
CA LEU D 722 -36.15 -36.82 31.38
C LEU D 722 -35.30 -36.11 30.35
N ASN D 723 -35.23 -34.79 30.44
CA ASN D 723 -34.64 -33.99 29.38
C ASN D 723 -33.20 -33.61 29.68
N HIS D 724 -32.99 -32.98 30.82
CA HIS D 724 -31.68 -32.49 31.21
C HIS D 724 -31.25 -33.24 32.47
N LEU D 725 -29.95 -33.46 32.60
CA LEU D 725 -29.42 -34.29 33.68
C LEU D 725 -29.61 -33.64 35.05
N MET D 726 -29.69 -32.32 35.08
CA MET D 726 -29.76 -31.62 36.36
C MET D 726 -31.12 -31.80 37.03
N ARG D 727 -32.19 -31.87 36.25
CA ARG D 727 -33.50 -32.14 36.84
C ARG D 727 -33.61 -33.57 37.31
N ASP D 728 -32.93 -34.49 36.65
CA ASP D 728 -33.11 -35.92 36.93
C ASP D 728 -32.45 -36.29 38.24
N PRO D 729 -33.09 -37.07 39.10
CA PRO D 729 -32.55 -37.31 40.44
C PRO D 729 -31.44 -38.33 40.50
N ALA D 730 -31.14 -39.02 39.40
CA ALA D 730 -30.19 -40.13 39.44
C ALA D 730 -28.78 -39.62 39.73
N LEU D 731 -28.39 -38.54 39.07
CA LEU D 731 -27.20 -37.83 39.49
C LEU D 731 -27.49 -37.14 40.82
N LEU D 732 -26.51 -37.11 41.69
CA LEU D 732 -26.53 -36.39 42.95
C LEU D 732 -25.16 -35.77 43.19
N PRO D 733 -25.06 -34.64 43.89
CA PRO D 733 -23.79 -33.91 43.91
C PRO D 733 -22.74 -34.63 44.75
N PRO D 734 -21.46 -34.36 44.53
CA PRO D 734 -20.42 -35.15 45.22
C PRO D 734 -20.27 -34.86 46.69
N LEU D 735 -20.88 -33.79 47.22
CA LEU D 735 -20.71 -33.40 48.60
C LEU D 735 -22.08 -33.17 49.22
N VAL D 736 -22.65 -34.21 49.83
CA VAL D 736 -23.99 -34.15 50.41
C VAL D 736 -23.88 -34.55 51.87
N TRP D 737 -23.91 -33.55 52.77
CA TRP D 737 -23.81 -33.82 54.20
C TRP D 737 -24.99 -34.63 54.71
N ASP D 738 -26.20 -34.20 54.38
CA ASP D 738 -27.46 -34.82 54.70
C ASP D 738 -27.75 -35.96 53.75
N CYS D 739 -28.99 -36.44 53.77
CA CYS D 739 -29.48 -37.42 52.81
C CYS D 739 -30.74 -36.95 52.08
N ASP D 740 -30.86 -35.66 51.76
CA ASP D 740 -32.05 -35.16 51.07
C ASP D 740 -32.18 -35.77 49.69
N GLY D 741 -31.05 -35.97 49.00
CA GLY D 741 -31.11 -36.57 47.68
C GLY D 741 -31.31 -38.08 47.73
N LEU D 742 -30.81 -38.71 48.79
CA LEU D 742 -30.87 -40.17 48.90
C LEU D 742 -32.28 -40.67 49.16
N MET D 743 -33.15 -39.81 49.71
CA MET D 743 -34.53 -40.21 49.88
C MET D 743 -35.21 -40.32 48.53
N ARG D 744 -34.91 -39.39 47.63
CA ARG D 744 -35.69 -39.22 46.42
C ARG D 744 -35.37 -40.28 45.39
N HIS D 745 -34.09 -40.46 45.05
CA HIS D 745 -33.73 -41.35 43.96
C HIS D 745 -33.81 -42.80 44.37
N ALA D 746 -33.89 -43.10 45.66
CA ALA D 746 -34.18 -44.45 46.11
C ALA D 746 -35.56 -44.90 45.69
N ALA D 747 -36.50 -43.97 45.54
CA ALA D 747 -37.89 -44.28 45.18
C ALA D 747 -38.02 -44.25 43.66
N LEU D 748 -37.23 -45.07 42.97
CA LEU D 748 -37.29 -45.17 41.52
C LEU D 748 -37.27 -46.64 41.13
N ASP D 749 -37.85 -46.94 39.98
CA ASP D 749 -37.68 -48.27 39.41
C ASP D 749 -36.32 -48.43 38.73
N ARG D 750 -35.65 -47.31 38.45
CA ARG D 750 -34.30 -47.33 37.93
C ARG D 750 -33.28 -47.55 39.02
N HIS D 751 -33.73 -47.50 40.28
CA HIS D 751 -32.80 -47.38 41.39
C HIS D 751 -32.24 -48.73 41.79
N ARG D 752 -30.92 -48.85 41.71
CA ARG D 752 -30.28 -50.13 41.96
C ARG D 752 -29.25 -50.00 43.08
N ASP D 753 -29.61 -50.60 44.22
CA ASP D 753 -28.78 -51.10 45.32
C ASP D 753 -28.20 -50.04 46.24
N CYS D 754 -28.09 -48.79 45.75
CA CYS D 754 -27.54 -47.59 46.40
C CYS D 754 -26.38 -47.89 47.35
N ARG D 755 -25.44 -48.69 46.88
CA ARG D 755 -24.56 -49.44 47.75
C ARG D 755 -23.58 -48.50 48.43
N ILE D 756 -23.95 -48.05 49.63
CA ILE D 756 -22.99 -47.55 50.59
C ILE D 756 -22.09 -48.74 50.90
N ASP D 757 -20.78 -48.56 50.84
CA ASP D 757 -19.92 -49.72 50.98
C ASP D 757 -18.67 -49.37 51.76
N ALA D 758 -18.79 -49.40 53.08
CA ALA D 758 -17.66 -49.65 53.97
C ALA D 758 -18.12 -50.72 54.94
N GLY D 759 -19.43 -50.76 55.21
CA GLY D 759 -20.08 -51.81 55.96
C GLY D 759 -21.15 -52.56 55.19
N GLY D 760 -22.40 -52.46 55.62
CA GLY D 760 -23.50 -53.16 54.98
C GLY D 760 -23.92 -52.52 53.66
N HIS D 761 -24.85 -53.19 52.98
CA HIS D 761 -25.16 -52.86 51.59
C HIS D 761 -26.14 -51.69 51.48
N GLU D 762 -27.38 -51.88 51.96
CA GLU D 762 -28.48 -50.93 51.73
C GLU D 762 -28.27 -49.63 52.51
N PRO D 763 -28.74 -48.50 51.97
CA PRO D 763 -28.54 -47.22 52.66
C PRO D 763 -29.41 -47.11 53.91
N VAL D 764 -28.73 -47.06 55.05
CA VAL D 764 -29.36 -46.90 56.35
C VAL D 764 -28.97 -45.52 56.88
N TYR D 765 -29.96 -44.77 57.33
CA TYR D 765 -29.84 -43.33 57.49
C TYR D 765 -29.73 -43.00 58.98
N ALA D 766 -29.27 -41.78 59.26
CA ALA D 766 -29.13 -41.29 60.61
C ALA D 766 -29.85 -39.96 60.69
N ALA D 767 -30.28 -39.59 61.90
CA ALA D 767 -31.04 -38.36 62.06
C ALA D 767 -30.11 -37.15 62.13
N ALA D 768 -29.27 -37.09 63.15
CA ALA D 768 -28.41 -35.94 63.39
C ALA D 768 -27.09 -36.45 63.95
N CYS D 769 -26.30 -35.53 64.50
CA CYS D 769 -25.00 -35.89 65.03
C CYS D 769 -24.68 -35.01 66.24
N ASN D 770 -24.02 -35.60 67.22
CA ASN D 770 -23.74 -34.99 68.51
C ASN D 770 -22.31 -35.37 68.90
N VAL D 771 -21.94 -35.12 70.15
CA VAL D 771 -20.67 -35.65 70.66
C VAL D 771 -20.80 -37.14 70.97
N ALA D 772 -22.03 -37.62 71.14
CA ALA D 772 -22.28 -39.04 71.34
C ALA D 772 -22.59 -39.77 70.04
N THR D 773 -23.18 -39.08 69.05
CA THR D 773 -23.52 -39.73 67.79
C THR D 773 -22.32 -39.86 66.87
N ALA D 774 -21.34 -38.97 66.97
CA ALA D 774 -20.18 -38.96 66.10
C ALA D 774 -19.31 -40.18 66.41
N ASP D 775 -19.50 -41.23 65.64
CA ASP D 775 -18.78 -42.49 65.77
C ASP D 775 -17.64 -42.41 64.77
N PHE D 776 -16.45 -42.02 65.24
CA PHE D 776 -15.37 -41.50 64.39
C PHE D 776 -14.82 -42.49 63.40
N ASN D 777 -14.37 -43.65 63.86
CA ASN D 777 -13.78 -44.67 63.00
C ASN D 777 -14.75 -45.85 62.96
N ARG D 778 -15.58 -45.88 61.90
CA ARG D 778 -16.63 -46.88 61.77
C ARG D 778 -16.72 -47.33 60.32
N ASN D 779 -17.38 -48.47 60.10
CA ASN D 779 -17.81 -48.89 58.76
C ASN D 779 -19.04 -49.79 58.93
N ASP D 780 -20.21 -49.18 58.99
CA ASP D 780 -21.46 -49.93 59.03
C ASP D 780 -22.58 -49.30 58.23
N GLY D 781 -22.44 -48.03 57.84
CA GLY D 781 -23.45 -47.40 57.02
C GLY D 781 -24.55 -46.68 57.76
N ARG D 782 -24.21 -45.74 58.64
CA ARG D 782 -25.18 -44.80 59.17
C ARG D 782 -24.98 -43.42 58.54
N LEU D 783 -26.05 -42.89 57.95
CA LEU D 783 -25.91 -41.75 57.06
C LEU D 783 -26.72 -40.56 57.56
N LEU D 784 -25.99 -39.47 57.83
CA LEU D 784 -26.51 -38.28 58.49
C LEU D 784 -27.52 -37.57 57.60
N HIS D 785 -28.52 -36.94 58.22
CA HIS D 785 -29.51 -36.16 57.49
C HIS D 785 -29.57 -34.72 57.99
N ASN D 786 -28.64 -34.30 58.84
CA ASN D 786 -28.78 -33.04 59.58
C ASN D 786 -28.18 -31.83 58.85
N THR D 787 -28.97 -31.28 57.92
CA THR D 787 -28.75 -29.94 57.40
C THR D 787 -30.01 -29.09 57.52
N GLN D 788 -30.92 -29.47 58.41
CA GLN D 788 -32.11 -28.69 58.68
C GLN D 788 -31.79 -27.44 59.48
N ALA D 789 -32.57 -26.38 59.22
CA ALA D 789 -32.55 -25.23 60.11
C ALA D 789 -33.08 -25.59 61.48
N ARG D 790 -34.16 -26.37 61.52
CA ARG D 790 -34.85 -26.74 62.75
C ARG D 790 -34.41 -28.12 63.22
N ALA D 791 -33.53 -28.14 64.23
CA ALA D 791 -33.15 -29.38 64.88
C ALA D 791 -34.31 -30.06 65.60
N ALA D 792 -35.33 -29.29 65.99
CA ALA D 792 -36.57 -29.84 66.53
C ALA D 792 -37.30 -30.68 65.48
N ASP D 793 -37.25 -30.21 64.23
CA ASP D 793 -37.78 -30.96 63.09
C ASP D 793 -36.75 -32.00 62.68
N ALA D 794 -36.78 -33.16 63.34
CA ALA D 794 -35.82 -34.23 63.08
C ALA D 794 -36.36 -35.17 62.01
N ALA D 795 -35.44 -35.84 61.32
CA ALA D 795 -35.80 -36.70 60.20
C ALA D 795 -34.73 -37.74 59.97
N ASP D 796 -35.16 -38.98 59.80
CA ASP D 796 -34.32 -40.07 59.32
C ASP D 796 -34.68 -40.41 57.88
N ASP D 797 -35.85 -39.97 57.41
CA ASP D 797 -36.37 -40.31 56.10
C ASP D 797 -36.96 -39.10 55.37
N ARG D 798 -37.11 -37.96 56.04
CA ARG D 798 -37.81 -36.82 55.45
C ARG D 798 -36.82 -35.74 55.00
N PRO D 799 -37.07 -35.07 53.86
CA PRO D 799 -36.24 -33.92 53.48
C PRO D 799 -36.65 -32.64 54.19
N HIS D 800 -35.71 -31.68 54.19
CA HIS D 800 -35.93 -30.42 54.90
C HIS D 800 -35.97 -29.24 53.93
N ARG D 801 -35.39 -29.41 52.75
CA ARG D 801 -35.32 -28.36 51.75
C ARG D 801 -36.31 -28.62 50.63
N PRO D 802 -36.65 -27.60 49.84
CA PRO D 802 -37.16 -27.86 48.49
C PRO D 802 -36.04 -28.47 47.65
N ALA D 803 -36.37 -29.25 46.63
CA ALA D 803 -35.37 -30.00 45.90
C ALA D 803 -34.47 -29.14 45.03
N ASP D 804 -34.77 -27.84 44.91
CA ASP D 804 -33.88 -26.92 44.21
C ASP D 804 -32.54 -26.79 44.91
N TRP D 805 -32.51 -27.07 46.21
CA TRP D 805 -31.28 -27.28 46.95
C TRP D 805 -30.40 -28.32 46.29
N THR D 806 -30.98 -29.47 45.94
CA THR D 806 -30.24 -30.46 45.18
C THR D 806 -29.97 -29.99 43.76
N VAL D 807 -30.89 -29.21 43.19
CA VAL D 807 -30.74 -28.79 41.81
C VAL D 807 -29.66 -27.76 41.67
N HIS D 808 -29.65 -26.74 42.54
CA HIS D 808 -28.65 -25.68 42.44
C HIS D 808 -27.24 -26.18 42.70
N HIS D 809 -27.05 -27.08 43.66
CA HIS D 809 -25.73 -27.64 43.90
C HIS D 809 -25.23 -28.47 42.74
N LYS D 810 -26.09 -29.29 42.16
CA LYS D 810 -25.71 -30.06 40.97
C LYS D 810 -25.39 -29.14 39.80
N ILE D 811 -26.16 -28.07 39.65
CA ILE D 811 -25.80 -27.06 38.66
C ILE D 811 -24.55 -26.32 39.09
N TYR D 812 -24.33 -26.17 40.39
CA TYR D 812 -23.10 -25.52 40.80
C TYR D 812 -21.90 -26.43 40.64
N TYR D 813 -21.90 -27.58 41.29
CA TYR D 813 -20.67 -28.36 41.38
C TYR D 813 -20.32 -29.05 40.06
N TYR D 814 -21.32 -29.56 39.36
CA TYR D 814 -21.00 -30.23 38.11
C TYR D 814 -20.77 -29.28 36.96
N VAL D 815 -20.93 -27.97 37.14
CA VAL D 815 -20.73 -27.01 36.07
C VAL D 815 -19.73 -25.92 36.46
N LEU D 816 -20.04 -25.15 37.51
CA LEU D 816 -19.29 -23.93 37.79
C LEU D 816 -17.90 -24.23 38.32
N VAL D 817 -17.80 -25.30 39.10
CA VAL D 817 -16.51 -25.65 39.70
C VAL D 817 -15.47 -26.03 38.67
N PRO D 818 -15.77 -26.84 37.63
CA PRO D 818 -14.77 -26.95 36.55
C PRO D 818 -14.65 -25.69 35.72
N ALA D 819 -15.65 -24.81 35.75
CA ALA D 819 -15.59 -23.59 34.95
C ALA D 819 -14.66 -22.57 35.58
N PHE D 820 -14.68 -22.46 36.90
CA PHE D 820 -13.80 -21.49 37.54
C PHE D 820 -12.40 -22.05 37.74
N SER D 821 -12.29 -23.29 38.19
CA SER D 821 -11.01 -23.87 38.55
C SER D 821 -10.15 -24.21 37.35
N ARG D 822 -10.74 -24.26 36.15
CA ARG D 822 -10.17 -24.86 34.96
C ARG D 822 -9.72 -26.29 35.23
N GLY D 823 -10.54 -27.04 35.96
CA GLY D 823 -10.29 -28.43 36.24
C GLY D 823 -9.32 -28.71 37.38
N ARG D 824 -8.42 -27.77 37.71
CA ARG D 824 -7.34 -28.02 38.67
C ARG D 824 -7.88 -27.89 40.08
N CYS D 825 -8.39 -28.99 40.63
CA CYS D 825 -8.98 -29.08 41.96
C CYS D 825 -9.17 -30.55 42.29
N CYS D 826 -9.37 -30.83 43.58
CA CYS D 826 -9.54 -32.22 44.02
C CYS D 826 -10.33 -32.26 45.32
N THR D 827 -11.18 -33.27 45.44
CA THR D 827 -11.97 -33.44 46.65
C THR D 827 -11.15 -34.14 47.74
N ALA D 828 -11.78 -34.33 48.91
CA ALA D 828 -11.08 -34.95 50.03
C ALA D 828 -12.07 -35.57 51.00
N GLY D 829 -11.52 -36.38 51.91
CA GLY D 829 -12.28 -36.93 53.02
C GLY D 829 -11.64 -36.62 54.36
N VAL D 830 -12.48 -36.45 55.37
CA VAL D 830 -12.12 -35.71 56.59
C VAL D 830 -11.84 -36.67 57.74
N ARG D 831 -10.66 -36.51 58.36
CA ARG D 831 -10.41 -37.04 59.69
C ARG D 831 -10.99 -36.07 60.70
N PHE D 832 -12.30 -36.21 60.99
CA PHE D 832 -13.00 -35.31 61.89
C PHE D 832 -12.46 -35.34 63.31
N ASP D 833 -11.96 -36.51 63.74
CA ASP D 833 -11.30 -36.64 65.02
C ASP D 833 -10.09 -35.72 65.10
N ARG D 834 -9.33 -35.63 64.02
CA ARG D 834 -8.20 -34.75 63.97
C ARG D 834 -8.66 -33.30 63.84
N VAL D 835 -9.75 -33.08 63.11
CA VAL D 835 -10.25 -31.73 62.88
C VAL D 835 -10.84 -31.14 64.15
N TYR D 836 -11.76 -31.86 64.79
CA TYR D 836 -12.42 -31.38 66.00
C TYR D 836 -11.47 -31.23 67.16
N ALA D 837 -10.31 -31.91 67.09
CA ALA D 837 -9.27 -31.74 68.08
C ALA D 837 -8.75 -30.30 68.11
N THR D 838 -8.21 -29.84 66.98
CA THR D 838 -7.50 -28.58 66.97
C THR D 838 -8.40 -27.38 66.71
N LEU D 839 -9.66 -27.57 66.32
CA LEU D 839 -10.61 -26.46 66.25
C LEU D 839 -10.85 -25.88 67.64
N GLN D 840 -11.36 -26.71 68.53
CA GLN D 840 -11.50 -26.36 69.93
C GLN D 840 -10.28 -26.86 70.69
N ASN D 841 -9.12 -26.52 70.15
CA ASN D 841 -7.89 -26.43 70.93
C ASN D 841 -7.44 -24.99 70.76
N MET D 842 -7.96 -24.11 71.62
CA MET D 842 -7.81 -22.68 71.43
C MET D 842 -7.04 -22.09 72.58
N VAL D 843 -6.39 -20.96 72.32
CA VAL D 843 -5.81 -20.15 73.37
C VAL D 843 -6.65 -18.87 73.41
N VAL D 844 -7.70 -18.89 74.23
CA VAL D 844 -8.52 -17.74 74.56
C VAL D 844 -8.30 -17.44 76.03
N PRO D 845 -7.38 -16.52 76.37
CA PRO D 845 -7.24 -16.10 77.76
C PRO D 845 -8.46 -15.33 78.22
N GLU D 846 -8.73 -15.42 79.53
CA GLU D 846 -9.90 -14.77 80.09
C GLU D 846 -9.70 -13.26 80.09
N ILE D 847 -10.73 -12.53 79.72
CA ILE D 847 -10.64 -11.07 79.62
C ILE D 847 -10.79 -10.47 81.01
N ALA D 848 -10.20 -9.30 81.22
CA ALA D 848 -10.18 -8.70 82.55
C ALA D 848 -11.54 -8.10 82.88
N PRO D 849 -11.94 -8.07 84.15
CA PRO D 849 -13.20 -7.42 84.53
C PRO D 849 -13.12 -5.90 84.34
N GLY D 850 -13.87 -5.40 83.38
CA GLY D 850 -13.87 -3.99 83.04
C GLY D 850 -13.05 -3.64 81.82
N GLU D 851 -12.25 -4.57 81.29
CA GLU D 851 -11.46 -4.32 80.10
C GLU D 851 -12.28 -4.67 78.86
N GLU D 852 -11.89 -4.11 77.71
CA GLU D 852 -12.64 -4.31 76.49
C GLU D 852 -12.10 -5.48 75.67
N CYS D 853 -12.78 -5.74 74.56
CA CYS D 853 -12.39 -6.82 73.67
C CYS D 853 -11.19 -6.41 72.84
N PRO D 854 -10.27 -7.33 72.54
CA PRO D 854 -9.17 -7.01 71.63
C PRO D 854 -9.65 -6.99 70.19
N SER D 855 -9.55 -5.81 69.56
CA SER D 855 -9.97 -5.64 68.17
C SER D 855 -8.81 -5.80 67.20
N ASP D 856 -7.58 -5.61 67.67
CA ASP D 856 -6.39 -5.73 66.84
C ASP D 856 -5.46 -6.77 67.42
N PRO D 857 -5.00 -7.76 66.64
CA PRO D 857 -4.08 -8.76 67.18
C PRO D 857 -2.68 -8.22 67.47
N VAL D 858 -2.20 -7.22 66.74
CA VAL D 858 -0.86 -6.68 67.00
C VAL D 858 -0.87 -5.81 68.25
N THR D 859 -1.98 -5.13 68.50
CA THR D 859 -2.07 -4.20 69.63
C THR D 859 -2.20 -4.95 70.96
N ASP D 860 -3.27 -5.72 71.11
CA ASP D 860 -3.62 -6.24 72.42
C ASP D 860 -3.16 -7.68 72.57
N PRO D 861 -2.33 -8.01 73.56
CA PRO D 861 -1.90 -9.41 73.73
C PRO D 861 -2.97 -10.34 74.30
N ALA D 862 -4.16 -9.83 74.64
CA ALA D 862 -5.27 -10.70 75.01
C ALA D 862 -6.05 -11.20 73.79
N HIS D 863 -5.74 -10.69 72.60
CA HIS D 863 -6.23 -11.25 71.37
C HIS D 863 -5.67 -12.66 71.22
N PRO D 864 -6.45 -13.62 70.70
CA PRO D 864 -5.90 -14.97 70.53
C PRO D 864 -4.79 -15.04 69.50
N LEU D 865 -4.77 -14.13 68.53
CA LEU D 865 -3.79 -14.13 67.46
C LEU D 865 -2.55 -13.29 67.74
N HIS D 866 -2.42 -12.74 68.95
CA HIS D 866 -1.19 -12.05 69.29
C HIS D 866 -0.11 -13.09 69.63
N PRO D 867 1.18 -12.80 69.34
CA PRO D 867 2.27 -13.75 69.66
C PRO D 867 2.47 -14.06 71.14
N ALA D 868 1.76 -13.39 72.03
CA ALA D 868 1.66 -13.84 73.42
C ALA D 868 0.93 -15.18 73.52
N ASN D 869 0.01 -15.44 72.60
CA ASN D 869 -0.85 -16.62 72.65
C ASN D 869 -0.62 -17.59 71.49
N LEU D 870 0.36 -17.33 70.64
CA LEU D 870 0.63 -18.18 69.48
C LEU D 870 1.64 -19.25 69.86
N VAL D 871 1.15 -20.43 70.18
CA VAL D 871 1.99 -21.58 70.46
C VAL D 871 1.86 -22.48 69.22
N ALA D 872 2.72 -23.49 69.12
CA ALA D 872 2.56 -24.51 68.09
C ALA D 872 1.27 -25.29 68.32
N ASN D 873 0.49 -25.43 67.25
CA ASN D 873 -0.65 -26.32 67.04
C ASN D 873 -1.95 -25.87 67.70
N THR D 874 -2.11 -24.59 68.03
CA THR D 874 -3.41 -24.09 68.48
C THR D 874 -4.15 -23.39 67.32
N VAL D 875 -5.44 -23.13 67.53
CA VAL D 875 -6.29 -22.74 66.39
C VAL D 875 -6.05 -21.29 65.99
N LYS D 876 -5.79 -20.40 66.94
CA LYS D 876 -5.42 -19.03 66.60
C LYS D 876 -4.07 -18.95 65.95
N ARG D 877 -3.18 -19.90 66.25
CA ARG D 877 -1.97 -20.06 65.47
C ARG D 877 -2.27 -20.59 64.08
N MET D 878 -3.35 -21.34 63.92
CA MET D 878 -3.81 -21.69 62.59
C MET D 878 -4.59 -20.54 61.96
N PHE D 879 -5.22 -19.69 62.79
CA PHE D 879 -5.64 -18.36 62.33
C PHE D 879 -4.47 -17.44 62.07
N HIS D 880 -3.28 -17.84 62.51
CA HIS D 880 -2.08 -17.10 62.18
C HIS D 880 -1.36 -17.70 60.98
N ASN D 881 -1.58 -19.00 60.71
CA ASN D 881 -0.96 -19.64 59.55
C ASN D 881 -1.57 -19.12 58.26
N GLY D 882 -2.89 -19.06 58.17
CA GLY D 882 -3.54 -18.30 57.13
C GLY D 882 -4.04 -17.00 57.74
N ARG D 883 -3.81 -15.87 57.08
CA ARG D 883 -4.08 -14.59 57.72
C ARG D 883 -5.57 -14.29 57.76
N VAL D 884 -6.19 -14.58 58.90
CA VAL D 884 -7.61 -14.36 59.17
C VAL D 884 -7.75 -13.75 60.56
N VAL D 885 -8.19 -12.51 60.65
CA VAL D 885 -8.29 -11.78 61.91
C VAL D 885 -9.60 -12.19 62.59
N VAL D 886 -9.47 -12.92 63.69
CA VAL D 886 -10.61 -13.41 64.48
C VAL D 886 -10.29 -13.17 65.95
N ASP D 887 -11.16 -12.45 66.64
CA ASP D 887 -10.90 -12.10 68.03
C ASP D 887 -11.20 -13.25 68.98
N GLY D 888 -11.21 -12.92 70.26
CA GLY D 888 -11.60 -13.82 71.31
C GLY D 888 -12.99 -14.44 71.23
N PRO D 889 -14.07 -13.62 71.32
CA PRO D 889 -15.41 -14.20 71.51
C PRO D 889 -15.98 -14.94 70.31
N ALA D 890 -15.37 -14.88 69.13
CA ALA D 890 -15.87 -15.65 68.00
C ALA D 890 -15.59 -17.13 68.19
N MET D 891 -14.31 -17.48 68.40
CA MET D 891 -13.95 -18.86 68.67
C MET D 891 -14.30 -19.32 70.07
N LEU D 892 -14.64 -18.37 70.96
CA LEU D 892 -15.03 -18.73 72.32
C LEU D 892 -16.39 -19.45 72.35
N THR D 893 -17.29 -19.12 71.43
CA THR D 893 -18.61 -19.74 71.37
C THR D 893 -18.62 -21.05 70.60
N LEU D 894 -17.47 -21.71 70.45
CA LEU D 894 -17.36 -22.94 69.67
C LEU D 894 -17.89 -24.15 70.44
N GLN D 895 -18.47 -23.93 71.63
CA GLN D 895 -19.22 -24.91 72.41
C GLN D 895 -20.42 -25.50 71.68
N VAL D 896 -20.89 -24.86 70.60
CA VAL D 896 -22.03 -25.33 69.84
C VAL D 896 -21.62 -26.47 68.89
N LEU D 897 -20.31 -26.77 68.81
CA LEU D 897 -19.86 -28.00 68.15
C LEU D 897 -20.42 -29.25 68.80
N ALA D 898 -20.69 -29.19 70.10
CA ALA D 898 -21.31 -30.33 70.79
C ALA D 898 -22.71 -30.60 70.27
N HIS D 899 -23.38 -29.58 69.78
CA HIS D 899 -24.75 -29.74 69.30
C HIS D 899 -24.79 -30.46 67.96
N ASN D 900 -23.86 -30.17 67.06
CA ASN D 900 -23.82 -30.80 65.75
C ASN D 900 -22.37 -30.89 65.29
N MET D 901 -21.97 -32.07 64.81
CA MET D 901 -20.67 -32.29 64.21
C MET D 901 -20.83 -33.37 63.15
N ALA D 902 -19.74 -34.03 62.78
CA ALA D 902 -19.82 -35.14 61.83
C ALA D 902 -18.81 -36.21 62.17
N GLU D 903 -19.19 -37.48 62.00
CA GLU D 903 -18.30 -38.56 62.39
C GLU D 903 -17.18 -38.80 61.38
N ARG D 904 -17.52 -39.20 60.16
CA ARG D 904 -16.54 -39.49 59.12
C ARG D 904 -17.28 -39.44 57.79
N THR D 905 -16.59 -39.82 56.72
CA THR D 905 -17.20 -39.91 55.41
C THR D 905 -17.00 -41.28 54.78
N THR D 906 -17.95 -41.66 53.92
CA THR D 906 -18.06 -43.01 53.39
C THR D 906 -18.33 -42.91 51.90
N ALA D 907 -17.78 -43.86 51.13
CA ALA D 907 -18.01 -43.90 49.69
C ALA D 907 -19.45 -44.29 49.39
N LEU D 908 -20.19 -43.38 48.78
CA LEU D 908 -21.60 -43.57 48.46
C LEU D 908 -21.71 -43.91 46.99
N LEU D 909 -21.94 -45.18 46.67
CA LEU D 909 -22.00 -45.66 45.31
C LEU D 909 -23.42 -46.09 45.01
N CYS D 910 -24.21 -45.21 44.40
CA CYS D 910 -25.59 -45.55 44.08
C CYS D 910 -25.72 -45.63 42.56
N SER D 911 -26.24 -46.77 42.12
CA SER D 911 -26.28 -47.13 40.71
C SER D 911 -27.67 -46.86 40.17
N ALA D 912 -27.79 -46.80 38.85
CA ALA D 912 -29.04 -46.39 38.25
C ALA D 912 -29.16 -47.01 36.87
N ALA D 913 -30.40 -47.05 36.38
CA ALA D 913 -30.74 -47.61 35.07
C ALA D 913 -30.89 -46.48 34.05
N PRO D 914 -30.96 -46.81 32.75
CA PRO D 914 -31.40 -45.80 31.79
C PRO D 914 -32.83 -45.37 32.07
N ASP D 915 -33.18 -44.18 31.59
CA ASP D 915 -34.47 -43.63 31.95
C ASP D 915 -35.59 -44.26 31.12
N ALA D 916 -36.77 -44.27 31.72
CA ALA D 916 -37.97 -44.61 30.98
C ALA D 916 -38.20 -43.55 29.91
N GLY D 917 -37.99 -43.95 28.67
CA GLY D 917 -37.86 -43.03 27.58
C GLY D 917 -36.59 -43.19 26.78
N ALA D 918 -35.64 -43.97 27.30
CA ALA D 918 -34.63 -44.57 26.44
C ALA D 918 -34.43 -46.03 26.80
N ASN D 919 -35.32 -46.58 27.62
CA ASN D 919 -35.19 -47.91 28.17
C ASN D 919 -35.82 -48.89 27.18
N THR D 920 -35.01 -49.78 26.63
CA THR D 920 -35.48 -50.72 25.62
C THR D 920 -35.09 -52.14 25.96
N ALA D 921 -35.25 -53.04 24.99
CA ALA D 921 -34.95 -54.45 25.19
C ALA D 921 -33.46 -54.68 25.44
N SER D 922 -32.61 -53.93 24.76
CA SER D 922 -31.17 -54.13 24.94
C SER D 922 -30.59 -53.14 25.93
N THR D 923 -31.39 -52.18 26.40
CA THR D 923 -30.89 -51.20 27.34
C THR D 923 -31.50 -51.34 28.73
N ALA D 924 -32.18 -52.45 29.00
CA ALA D 924 -32.67 -52.68 30.35
C ALA D 924 -31.52 -53.01 31.28
N ASN D 925 -30.46 -53.61 30.75
CA ASN D 925 -29.39 -54.14 31.58
C ASN D 925 -28.19 -53.22 31.69
N MET D 926 -28.18 -52.07 31.01
CA MET D 926 -27.10 -51.14 31.24
C MET D 926 -27.26 -50.47 32.59
N ARG D 927 -26.14 -50.01 33.14
CA ARG D 927 -26.13 -49.41 34.46
C ARG D 927 -25.53 -48.02 34.40
N ILE D 928 -25.96 -47.17 35.32
CA ILE D 928 -25.40 -45.83 35.48
C ILE D 928 -24.98 -45.69 36.94
N PHE D 929 -23.68 -45.79 37.19
CA PHE D 929 -23.12 -45.62 38.52
C PHE D 929 -22.82 -44.14 38.76
N ASP D 930 -23.30 -43.59 39.87
CA ASP D 930 -23.09 -42.19 40.21
C ASP D 930 -22.50 -42.09 41.60
N GLY D 931 -21.27 -41.57 41.70
CA GLY D 931 -20.56 -41.58 42.95
C GLY D 931 -20.56 -40.23 43.67
N ALA D 932 -20.17 -40.27 44.95
CA ALA D 932 -20.09 -39.11 45.82
C ALA D 932 -19.31 -39.49 47.07
N LEU D 933 -19.16 -38.51 47.97
CA LEU D 933 -18.75 -38.75 49.34
C LEU D 933 -19.74 -38.10 50.29
N HIS D 934 -19.84 -38.63 51.50
CA HIS D 934 -20.91 -38.20 52.39
C HIS D 934 -20.52 -36.92 53.13
N ALA D 935 -19.47 -36.96 53.93
CA ALA D 935 -19.06 -35.78 54.69
C ALA D 935 -17.68 -35.37 54.23
N GLY D 936 -17.62 -34.63 53.12
CA GLY D 936 -16.38 -34.34 52.46
C GLY D 936 -16.11 -32.85 52.31
N VAL D 937 -15.10 -32.55 51.51
CA VAL D 937 -14.66 -31.19 51.28
C VAL D 937 -13.91 -31.16 49.94
N LEU D 938 -13.93 -30.02 49.30
CA LEU D 938 -13.21 -29.79 48.05
C LEU D 938 -11.97 -28.95 48.32
N LEU D 939 -10.80 -29.45 47.92
CA LEU D 939 -9.62 -28.60 47.88
C LEU D 939 -9.65 -27.74 46.64
N MET D 940 -9.37 -26.46 46.81
CA MET D 940 -9.31 -25.53 45.70
C MET D 940 -7.87 -25.36 45.23
N ALA D 941 -6.91 -25.61 46.11
CA ALA D 941 -5.54 -25.34 45.71
C ALA D 941 -4.64 -26.50 46.07
N PRO D 942 -3.76 -26.91 45.17
CA PRO D 942 -2.71 -27.85 45.56
C PRO D 942 -1.53 -27.13 46.20
N GLN D 943 -1.44 -27.26 47.52
CA GLN D 943 -0.52 -26.46 48.33
C GLN D 943 0.36 -27.39 49.17
N HIS D 944 0.99 -28.35 48.50
CA HIS D 944 1.91 -29.26 49.17
C HIS D 944 3.31 -28.66 49.29
N LEU D 945 3.50 -27.39 48.94
CA LEU D 945 4.81 -26.81 48.69
C LEU D 945 5.37 -26.24 50.00
N ASP D 946 4.93 -26.79 51.12
CA ASP D 946 5.23 -26.20 52.42
C ASP D 946 5.03 -27.21 53.53
N HIS D 947 5.47 -26.87 54.73
CA HIS D 947 5.11 -27.62 55.92
C HIS D 947 4.36 -26.65 56.84
N THR D 948 3.07 -26.45 56.56
CA THR D 948 2.16 -25.82 57.51
C THR D 948 0.99 -26.77 57.73
N ILE D 949 0.31 -27.12 56.64
CA ILE D 949 -0.46 -28.35 56.58
C ILE D 949 0.41 -29.38 55.89
N GLN D 950 0.70 -30.46 56.61
CA GLN D 950 1.47 -31.55 56.02
C GLN D 950 0.64 -32.25 54.96
N ASN D 951 1.32 -32.74 53.94
CA ASN D 951 0.71 -33.65 52.98
C ASN D 951 0.14 -34.86 53.70
N GLY D 952 -1.18 -35.04 53.60
CA GLY D 952 -1.84 -36.12 54.31
C GLY D 952 -1.97 -35.90 55.79
N GLU D 953 -2.11 -34.65 56.23
CA GLU D 953 -2.28 -34.39 57.66
C GLU D 953 -3.72 -34.60 58.10
N TYR D 954 -4.62 -33.71 57.67
CA TYR D 954 -6.02 -33.79 58.06
C TYR D 954 -6.85 -34.55 57.05
N PHE D 955 -6.96 -34.00 55.85
CA PHE D 955 -7.84 -34.51 54.83
C PHE D 955 -7.01 -35.35 53.88
N TYR D 956 -7.27 -36.63 53.87
CA TYR D 956 -6.74 -37.49 52.82
C TYR D 956 -7.45 -37.07 51.54
N VAL D 957 -6.68 -36.91 50.46
CA VAL D 957 -7.30 -36.63 49.18
C VAL D 957 -7.99 -37.88 48.69
N LEU D 958 -9.07 -37.70 47.96
CA LEU D 958 -9.87 -38.80 47.42
C LEU D 958 -10.64 -38.29 46.22
N PRO D 959 -10.35 -38.77 45.03
CA PRO D 959 -11.08 -38.28 43.85
C PRO D 959 -12.47 -38.86 43.79
N VAL D 960 -13.50 -38.02 43.78
CA VAL D 960 -14.86 -38.53 43.70
C VAL D 960 -15.15 -38.96 42.27
N HIS D 961 -14.46 -38.37 41.31
CA HIS D 961 -14.87 -38.41 39.92
C HIS D 961 -13.78 -37.85 39.03
N ALA D 962 -13.89 -38.16 37.74
CA ALA D 962 -12.99 -37.62 36.73
C ALA D 962 -13.10 -36.11 36.57
N LEU D 963 -14.20 -35.50 37.03
CA LEU D 963 -14.24 -34.06 37.17
C LEU D 963 -13.25 -33.57 38.21
N PHE D 964 -13.03 -34.34 39.26
CA PHE D 964 -12.23 -33.86 40.37
C PHE D 964 -11.10 -34.86 40.61
N ALA D 965 -10.02 -34.69 39.87
CA ALA D 965 -8.80 -35.42 40.13
C ALA D 965 -7.67 -34.44 39.94
N GLY D 966 -7.32 -33.72 41.00
CA GLY D 966 -6.20 -32.81 40.95
C GLY D 966 -4.91 -33.59 40.80
N ALA D 967 -4.31 -33.49 39.61
CA ALA D 967 -3.04 -34.16 39.34
C ALA D 967 -1.94 -33.63 40.24
N ASP D 968 -1.99 -32.35 40.58
CA ASP D 968 -1.12 -31.78 41.59
C ASP D 968 -1.62 -32.03 43.01
N HIS D 969 -2.71 -32.76 43.17
CA HIS D 969 -3.04 -33.31 44.47
C HIS D 969 -2.69 -34.80 44.53
N VAL D 970 -2.99 -35.52 43.45
CA VAL D 970 -2.81 -36.97 43.44
C VAL D 970 -1.34 -37.34 43.36
N ALA D 971 -0.59 -36.73 42.45
CA ALA D 971 0.85 -36.99 42.38
C ALA D 971 1.60 -36.42 43.57
N ASN D 972 1.00 -35.48 44.28
CA ASN D 972 1.52 -34.99 45.54
C ASN D 972 0.95 -35.73 46.72
N ALA D 973 0.64 -37.02 46.57
CA ALA D 973 0.27 -37.84 47.70
C ALA D 973 1.47 -38.03 48.62
N PRO D 974 1.26 -38.29 49.91
CA PRO D 974 2.40 -38.62 50.79
C PRO D 974 3.11 -39.91 50.41
N ASN D 975 2.41 -40.80 49.72
CA ASN D 975 2.99 -42.03 49.21
C ASN D 975 2.63 -42.09 47.73
N PHE D 976 3.42 -41.43 46.89
CA PHE D 976 3.17 -41.48 45.46
C PHE D 976 4.37 -42.11 44.78
N PRO D 977 4.21 -43.20 44.05
CA PRO D 977 5.35 -43.88 43.42
C PRO D 977 5.92 -43.05 42.29
N PRO D 978 7.24 -42.99 42.16
CA PRO D 978 7.85 -42.20 41.09
C PRO D 978 7.75 -42.85 39.73
N ALA D 979 7.28 -44.10 39.66
CA ALA D 979 7.02 -44.74 38.38
C ALA D 979 5.80 -44.15 37.68
N LEU D 980 4.98 -43.39 38.39
CA LEU D 980 3.75 -42.83 37.85
C LEU D 980 3.76 -41.31 37.81
N ARG D 981 4.90 -40.66 37.62
CA ARG D 981 4.91 -39.20 37.68
C ARG D 981 4.35 -38.58 36.42
N ASP D 982 4.83 -39.01 35.25
CA ASP D 982 4.43 -38.34 34.01
C ASP D 982 3.02 -38.74 33.60
N LEU D 983 2.65 -40.01 33.82
CA LEU D 983 1.34 -40.49 33.42
C LEU D 983 0.24 -39.84 34.25
N ALA D 984 0.55 -39.49 35.49
CA ALA D 984 -0.44 -38.85 36.35
C ALA D 984 -0.72 -37.41 35.94
N ARG D 985 0.08 -36.85 35.05
CA ARG D 985 -0.12 -35.45 34.71
C ARG D 985 -1.37 -35.26 33.85
N HIS D 986 -1.61 -36.16 32.91
CA HIS D 986 -2.67 -35.99 31.93
C HIS D 986 -3.70 -37.09 31.97
N VAL D 987 -3.71 -37.93 33.00
CA VAL D 987 -4.71 -38.97 33.17
C VAL D 987 -5.43 -38.74 34.48
N PRO D 988 -6.73 -38.60 34.48
CA PRO D 988 -7.46 -38.43 35.75
C PRO D 988 -7.55 -39.70 36.57
N LEU D 989 -6.56 -39.94 37.43
CA LEU D 989 -6.57 -41.04 38.38
C LEU D 989 -7.79 -40.93 39.30
N VAL D 990 -8.65 -41.93 39.24
CA VAL D 990 -9.90 -41.99 39.98
C VAL D 990 -10.04 -43.40 40.53
N PRO D 991 -10.45 -43.58 41.79
CA PRO D 991 -10.75 -44.93 42.28
C PRO D 991 -11.95 -45.52 41.57
N PRO D 992 -11.87 -46.78 41.15
CA PRO D 992 -12.98 -47.38 40.42
C PRO D 992 -14.13 -47.74 41.32
N ALA D 993 -13.93 -47.70 42.64
CA ALA D 993 -15.02 -47.91 43.57
C ALA D 993 -15.98 -46.74 43.59
N LEU D 994 -15.48 -45.53 43.33
CA LEU D 994 -16.33 -44.36 43.22
C LEU D 994 -16.84 -44.14 41.81
N GLY D 995 -16.29 -44.84 40.83
CA GLY D 995 -16.69 -44.70 39.46
C GLY D 995 -15.53 -44.91 38.50
N ALA D 996 -15.87 -45.47 37.35
CA ALA D 996 -14.96 -45.60 36.23
C ALA D 996 -15.51 -44.73 35.11
N ASN D 997 -14.69 -44.54 34.07
CA ASN D 997 -14.95 -43.51 33.07
C ASN D 997 -16.16 -43.85 32.22
N TYR D 998 -16.15 -45.02 31.60
CA TYR D 998 -17.16 -45.36 30.62
C TYR D 998 -18.52 -45.65 31.24
N PHE D 999 -18.60 -45.80 32.56
CA PHE D 999 -19.87 -46.01 33.22
C PHE D 999 -20.27 -44.86 34.11
N SER D 1000 -19.93 -43.62 33.74
CA SER D 1000 -20.28 -42.47 34.55
C SER D 1000 -21.29 -41.61 33.81
N SER D 1001 -21.94 -40.72 34.57
CA SER D 1001 -22.89 -39.80 33.98
C SER D 1001 -22.18 -38.78 33.11
N ILE D 1002 -21.00 -38.36 33.52
CA ILE D 1002 -20.16 -37.43 32.77
C ILE D 1002 -18.87 -38.16 32.49
N ARG D 1003 -18.35 -38.02 31.29
CA ARG D 1003 -17.15 -38.75 30.93
C ARG D 1003 -16.01 -37.78 30.67
N GLN D 1004 -14.94 -38.30 30.09
CA GLN D 1004 -13.74 -37.51 29.80
C GLN D 1004 -13.94 -36.20 29.03
N PRO D 1005 -14.60 -36.14 27.85
CA PRO D 1005 -14.46 -34.94 27.03
C PRO D 1005 -15.10 -33.70 27.60
N VAL D 1006 -16.05 -33.87 28.51
CA VAL D 1006 -16.68 -32.71 29.14
C VAL D 1006 -15.71 -32.07 30.12
N VAL D 1007 -14.83 -32.87 30.72
CA VAL D 1007 -13.76 -32.33 31.54
C VAL D 1007 -12.78 -31.57 30.65
N GLN D 1008 -12.58 -32.05 29.43
CA GLN D 1008 -11.72 -31.36 28.48
C GLN D 1008 -12.37 -30.07 27.98
N HIS D 1009 -13.70 -29.98 28.04
CA HIS D 1009 -14.39 -28.75 27.68
C HIS D 1009 -14.02 -27.60 28.60
N ALA D 1010 -13.71 -27.90 29.86
CA ALA D 1010 -13.31 -26.83 30.76
C ALA D 1010 -11.87 -26.40 30.52
N ARG D 1011 -10.96 -27.38 30.47
CA ARG D 1011 -9.52 -27.10 30.52
C ARG D 1011 -8.97 -26.56 29.21
N GLU D 1012 -9.75 -26.58 28.15
CA GLU D 1012 -9.24 -26.18 26.85
C GLU D 1012 -9.90 -24.92 26.32
N SER D 1013 -11.13 -24.65 26.73
CA SER D 1013 -11.92 -23.56 26.14
C SER D 1013 -11.34 -22.20 26.53
N ALA D 1014 -11.01 -21.42 25.50
CA ALA D 1014 -10.47 -20.09 25.69
C ALA D 1014 -11.56 -19.05 25.94
N ALA D 1015 -12.82 -19.47 26.03
CA ALA D 1015 -13.92 -18.53 26.14
C ALA D 1015 -13.97 -17.92 27.54
N GLY D 1016 -14.89 -16.97 27.72
CA GLY D 1016 -15.09 -16.35 29.00
C GLY D 1016 -15.80 -17.28 29.97
N GLU D 1017 -15.76 -16.88 31.22
CA GLU D 1017 -16.36 -17.72 32.26
C GLU D 1017 -17.87 -17.64 32.25
N ASN D 1018 -18.46 -16.52 31.83
CA ASN D 1018 -19.87 -16.56 31.52
C ASN D 1018 -20.12 -17.36 30.25
N ALA D 1019 -19.17 -17.32 29.32
CA ALA D 1019 -19.33 -18.04 28.07
C ALA D 1019 -19.22 -19.55 28.24
N LEU D 1020 -18.23 -20.03 28.99
CA LEU D 1020 -18.10 -21.46 29.22
C LEU D 1020 -19.25 -22.02 30.05
N THR D 1021 -19.83 -21.18 30.93
CA THR D 1021 -20.86 -21.62 31.86
C THR D 1021 -22.09 -22.14 31.12
N TYR D 1022 -22.64 -21.34 30.21
CA TYR D 1022 -23.76 -21.77 29.39
C TYR D 1022 -23.38 -22.94 28.49
N ALA D 1023 -22.14 -22.97 28.02
CA ALA D 1023 -21.74 -23.96 27.03
C ALA D 1023 -21.66 -25.35 27.65
N LEU D 1024 -21.03 -25.45 28.82
CA LEU D 1024 -20.98 -26.73 29.49
C LEU D 1024 -22.35 -27.10 30.05
N MET D 1025 -23.17 -26.09 30.34
CA MET D 1025 -24.55 -26.35 30.72
C MET D 1025 -25.30 -26.99 29.57
N ALA D 1026 -25.05 -26.54 28.34
CA ALA D 1026 -25.57 -27.19 27.15
C ALA D 1026 -25.02 -28.59 26.97
N GLY D 1027 -23.85 -28.89 27.53
CA GLY D 1027 -23.31 -30.22 27.43
C GLY D 1027 -23.93 -31.26 28.33
N TYR D 1028 -25.00 -30.93 29.05
CA TYR D 1028 -25.64 -31.87 29.97
C TYR D 1028 -27.07 -32.19 29.61
N PHE D 1029 -27.50 -31.86 28.41
CA PHE D 1029 -28.79 -32.31 27.92
C PHE D 1029 -28.72 -33.79 27.55
N LYS D 1030 -29.66 -34.57 28.08
CA LYS D 1030 -29.66 -36.01 27.85
C LYS D 1030 -29.91 -36.33 26.38
N MET D 1031 -29.42 -37.50 25.97
CA MET D 1031 -29.62 -37.97 24.61
C MET D 1031 -30.65 -39.09 24.52
N SER D 1032 -31.66 -39.08 25.38
CA SER D 1032 -32.77 -40.00 25.21
C SER D 1032 -33.67 -39.48 24.10
N PRO D 1033 -34.35 -40.38 23.37
CA PRO D 1033 -35.24 -39.92 22.29
C PRO D 1033 -36.42 -39.10 22.77
N VAL D 1034 -36.81 -39.22 24.03
CA VAL D 1034 -37.76 -38.27 24.60
C VAL D 1034 -37.14 -36.89 24.70
N ALA D 1035 -35.87 -36.82 25.12
CA ALA D 1035 -35.18 -35.54 25.18
C ALA D 1035 -34.90 -35.02 23.77
N LEU D 1036 -34.84 -35.92 22.80
CA LEU D 1036 -34.69 -35.48 21.42
C LEU D 1036 -35.92 -34.77 20.86
N TYR D 1037 -37.06 -34.83 21.54
CA TYR D 1037 -38.08 -33.84 21.25
C TYR D 1037 -37.59 -32.45 21.62
N HIS D 1038 -37.42 -32.22 22.91
CA HIS D 1038 -37.46 -30.89 23.47
C HIS D 1038 -36.29 -30.03 23.04
N GLN D 1039 -35.16 -30.68 22.78
CA GLN D 1039 -34.00 -30.03 22.19
C GLN D 1039 -34.31 -29.59 20.76
N LEU D 1040 -35.08 -30.41 20.05
CA LEU D 1040 -35.34 -30.12 18.65
C LEU D 1040 -36.71 -29.51 18.46
N LYS D 1041 -37.60 -29.69 19.43
CA LYS D 1041 -38.89 -29.00 19.35
C LYS D 1041 -38.79 -27.57 19.81
N THR D 1042 -37.65 -27.15 20.34
CA THR D 1042 -37.44 -25.76 20.67
C THR D 1042 -36.40 -25.12 19.76
N GLY D 1043 -35.40 -25.88 19.32
CA GLY D 1043 -34.38 -25.34 18.46
C GLY D 1043 -33.00 -25.28 19.09
N LEU D 1044 -32.66 -26.24 19.92
CA LEU D 1044 -31.30 -26.37 20.43
C LEU D 1044 -30.58 -27.40 19.58
N HIS D 1045 -29.33 -27.10 19.24
CA HIS D 1045 -28.58 -27.96 18.35
C HIS D 1045 -28.14 -29.19 19.12
N PRO D 1046 -28.55 -30.38 18.71
CA PRO D 1046 -28.42 -31.57 19.56
C PRO D 1046 -27.08 -32.26 19.44
N GLY D 1047 -26.00 -31.48 19.47
CA GLY D 1047 -24.67 -32.03 19.56
C GLY D 1047 -24.11 -32.70 18.31
N PHE D 1048 -24.95 -33.11 17.36
CA PHE D 1048 -24.46 -33.72 16.14
C PHE D 1048 -25.33 -33.26 14.98
N GLY D 1049 -24.89 -33.59 13.76
CA GLY D 1049 -25.53 -33.08 12.56
C GLY D 1049 -26.20 -34.17 11.76
N PHE D 1050 -26.67 -33.80 10.58
CA PHE D 1050 -27.37 -34.72 9.71
C PHE D 1050 -27.03 -34.48 8.25
N THR D 1051 -27.46 -35.42 7.42
CA THR D 1051 -27.48 -35.28 5.97
C THR D 1051 -28.85 -35.71 5.48
N VAL D 1052 -29.26 -35.18 4.34
CA VAL D 1052 -30.63 -35.34 3.86
C VAL D 1052 -30.59 -36.07 2.53
N VAL D 1053 -31.41 -37.09 2.37
CA VAL D 1053 -31.52 -37.84 1.13
C VAL D 1053 -32.97 -37.80 0.65
N ARG D 1054 -33.18 -37.30 -0.56
CA ARG D 1054 -34.46 -37.38 -1.23
C ARG D 1054 -34.30 -38.12 -2.54
N GLN D 1055 -35.41 -38.63 -3.05
CA GLN D 1055 -35.49 -39.20 -4.37
C GLN D 1055 -36.28 -38.21 -5.21
N ASP D 1056 -36.05 -38.18 -6.51
CA ASP D 1056 -36.75 -37.29 -7.41
C ASP D 1056 -37.00 -38.01 -8.73
N ARG D 1057 -37.87 -37.44 -9.56
CA ARG D 1057 -38.20 -38.07 -10.83
C ARG D 1057 -38.42 -37.03 -11.91
N PHE D 1058 -37.87 -37.31 -13.08
CA PHE D 1058 -38.14 -36.49 -14.26
C PHE D 1058 -38.68 -37.38 -15.37
N VAL D 1059 -39.30 -36.76 -16.35
CA VAL D 1059 -39.77 -37.44 -17.56
C VAL D 1059 -39.08 -36.79 -18.75
N THR D 1060 -38.12 -37.49 -19.33
CA THR D 1060 -37.20 -36.91 -20.28
C THR D 1060 -37.76 -37.00 -21.70
N GLU D 1061 -36.94 -36.54 -22.65
CA GLU D 1061 -37.17 -36.77 -24.07
C GLU D 1061 -35.91 -37.40 -24.63
N ASN D 1062 -36.08 -38.40 -25.49
CA ASN D 1062 -34.97 -39.26 -25.87
C ASN D 1062 -34.94 -39.49 -27.37
N VAL D 1063 -33.86 -39.02 -27.99
CA VAL D 1063 -33.60 -39.24 -29.41
C VAL D 1063 -32.86 -40.55 -29.56
N LEU D 1064 -32.93 -41.15 -30.74
CA LEU D 1064 -32.50 -42.53 -30.93
C LEU D 1064 -31.99 -42.76 -32.34
N PHE D 1065 -30.68 -42.85 -32.47
CA PHE D 1065 -30.01 -43.23 -33.71
C PHE D 1065 -30.06 -44.74 -33.86
N SER D 1066 -29.75 -45.24 -35.05
CA SER D 1066 -29.51 -46.67 -35.25
C SER D 1066 -28.57 -46.90 -36.41
N GLU D 1067 -28.05 -48.12 -36.49
CA GLU D 1067 -27.31 -48.57 -37.66
C GLU D 1067 -28.29 -49.17 -38.67
N ARG D 1068 -27.76 -49.77 -39.74
CA ARG D 1068 -28.63 -50.31 -40.78
C ARG D 1068 -29.24 -51.65 -40.35
N ALA D 1069 -28.40 -52.65 -40.18
CA ALA D 1069 -28.86 -54.01 -39.88
C ALA D 1069 -28.90 -54.13 -38.37
N SER D 1070 -29.83 -53.42 -37.77
CA SER D 1070 -29.92 -53.32 -36.33
C SER D 1070 -30.66 -54.48 -35.70
N GLU D 1071 -31.53 -55.14 -36.47
CA GLU D 1071 -32.26 -56.32 -36.05
C GLU D 1071 -32.44 -57.24 -37.25
N ALA D 1072 -32.88 -58.46 -36.98
CA ALA D 1072 -33.40 -59.35 -38.00
C ALA D 1072 -34.71 -59.92 -37.51
N TYR D 1073 -35.79 -59.60 -38.20
CA TYR D 1073 -37.14 -59.70 -37.65
C TYR D 1073 -37.87 -60.85 -38.33
N PHE D 1074 -38.61 -61.64 -37.54
CA PHE D 1074 -39.28 -62.85 -38.02
C PHE D 1074 -40.79 -62.68 -37.90
N LEU D 1075 -41.48 -62.82 -39.03
CA LEU D 1075 -42.94 -62.89 -39.01
C LEU D 1075 -43.38 -64.34 -39.14
N GLY D 1076 -44.06 -64.82 -38.12
CA GLY D 1076 -44.54 -66.16 -38.04
C GLY D 1076 -45.89 -66.35 -38.70
N GLN D 1077 -46.81 -66.95 -37.96
CA GLN D 1077 -48.09 -67.35 -38.50
C GLN D 1077 -49.21 -67.02 -37.54
N LEU D 1078 -50.25 -66.36 -38.07
CA LEU D 1078 -51.39 -65.99 -37.25
C LEU D 1078 -52.22 -67.23 -36.92
N GLN D 1079 -52.91 -67.16 -35.78
CA GLN D 1079 -53.81 -68.22 -35.38
C GLN D 1079 -54.88 -67.62 -34.48
N VAL D 1080 -56.01 -68.31 -34.39
CA VAL D 1080 -57.23 -67.77 -33.81
C VAL D 1080 -57.70 -68.68 -32.68
N ALA D 1081 -57.92 -68.09 -31.51
CA ALA D 1081 -58.57 -68.80 -30.41
C ALA D 1081 -59.97 -68.25 -30.23
N ARG D 1082 -60.80 -68.99 -29.48
CA ARG D 1082 -62.16 -68.58 -29.18
C ARG D 1082 -62.36 -68.63 -27.67
N HIS D 1083 -63.20 -67.75 -27.14
CA HIS D 1083 -63.34 -67.59 -25.70
C HIS D 1083 -64.76 -67.83 -25.20
N GLU D 1084 -65.77 -67.32 -25.91
CA GLU D 1084 -67.19 -67.62 -25.72
C GLU D 1084 -67.68 -67.24 -24.31
N THR D 1085 -67.72 -65.94 -24.08
CA THR D 1085 -68.24 -65.42 -22.83
C THR D 1085 -69.75 -65.61 -22.73
N GLY D 1086 -70.28 -65.31 -21.55
CA GLY D 1086 -71.71 -65.15 -21.38
C GLY D 1086 -72.20 -63.88 -22.02
N GLY D 1087 -71.28 -62.93 -22.26
CA GLY D 1087 -71.63 -61.68 -22.91
C GLY D 1087 -71.50 -61.72 -24.42
N GLY D 1088 -70.85 -62.75 -24.93
CA GLY D 1088 -70.69 -62.85 -26.38
C GLY D 1088 -69.49 -63.69 -26.74
N VAL D 1089 -69.20 -63.73 -28.04
CA VAL D 1089 -68.13 -64.57 -28.55
C VAL D 1089 -66.92 -63.68 -28.84
N ASN D 1090 -65.74 -64.25 -28.64
CA ASN D 1090 -64.50 -63.52 -28.82
C ASN D 1090 -63.56 -64.29 -29.74
N PHE D 1091 -62.71 -63.54 -30.43
CA PHE D 1091 -61.77 -64.11 -31.38
C PHE D 1091 -60.45 -63.37 -31.23
N THR D 1092 -59.54 -63.94 -30.46
CA THR D 1092 -58.24 -63.32 -30.25
C THR D 1092 -57.23 -63.92 -31.21
N LEU D 1093 -56.25 -63.10 -31.62
CA LEU D 1093 -55.25 -63.53 -32.58
C LEU D 1093 -53.86 -63.24 -32.04
N THR D 1094 -52.98 -64.22 -32.15
CA THR D 1094 -51.60 -64.09 -31.74
C THR D 1094 -50.69 -64.54 -32.87
N GLN D 1095 -49.38 -64.36 -32.67
CA GLN D 1095 -48.39 -64.67 -33.71
C GLN D 1095 -47.00 -64.82 -33.10
N PRO D 1096 -46.32 -65.93 -33.35
CA PRO D 1096 -44.93 -66.06 -32.91
C PRO D 1096 -44.01 -65.19 -33.76
N ARG D 1097 -43.01 -64.59 -33.11
CA ARG D 1097 -42.12 -63.64 -33.77
C ARG D 1097 -40.72 -63.76 -33.20
N GLY D 1098 -39.73 -63.40 -34.01
CA GLY D 1098 -38.35 -63.47 -33.59
C GLY D 1098 -37.59 -62.23 -33.98
N ASN D 1099 -36.62 -61.88 -33.14
CA ASN D 1099 -35.71 -60.78 -33.36
C ASN D 1099 -34.35 -61.17 -32.83
N VAL D 1100 -33.30 -60.51 -33.34
CA VAL D 1100 -31.93 -60.84 -33.00
C VAL D 1100 -31.15 -59.54 -32.91
N ASP D 1101 -30.40 -59.36 -31.82
CA ASP D 1101 -29.39 -58.32 -31.81
C ASP D 1101 -28.22 -58.73 -32.70
N LEU D 1102 -28.42 -58.58 -34.00
CA LEU D 1102 -27.53 -59.08 -35.03
C LEU D 1102 -26.19 -58.37 -35.03
N GLY D 1103 -26.14 -57.13 -34.60
CA GLY D 1103 -24.89 -56.40 -34.54
C GLY D 1103 -24.01 -56.95 -33.41
N VAL D 1104 -22.73 -57.07 -33.72
CA VAL D 1104 -21.80 -57.64 -32.75
C VAL D 1104 -21.53 -56.66 -31.62
N GLY D 1105 -21.62 -55.34 -31.85
CA GLY D 1105 -21.40 -54.44 -30.76
C GLY D 1105 -22.03 -53.05 -30.90
N TYR D 1106 -22.81 -52.68 -29.88
CA TYR D 1106 -23.36 -51.36 -29.62
C TYR D 1106 -23.98 -50.67 -30.81
N THR D 1107 -25.08 -51.22 -31.28
CA THR D 1107 -25.96 -50.58 -32.24
C THR D 1107 -26.89 -49.65 -31.48
N ALA D 1108 -27.26 -48.54 -32.12
CA ALA D 1108 -28.38 -47.70 -31.71
C ALA D 1108 -28.25 -47.05 -30.33
N VAL D 1109 -27.34 -46.10 -30.20
CA VAL D 1109 -27.25 -45.33 -28.98
C VAL D 1109 -28.43 -44.36 -28.89
N ALA D 1110 -28.73 -43.91 -27.67
CA ALA D 1110 -29.73 -42.90 -27.41
C ALA D 1110 -29.14 -41.81 -26.53
N ALA D 1111 -29.87 -40.70 -26.38
CA ALA D 1111 -29.41 -39.57 -25.59
C ALA D 1111 -30.59 -38.78 -25.05
N THR D 1112 -30.39 -38.05 -23.97
CA THR D 1112 -31.43 -37.26 -23.37
C THR D 1112 -31.42 -35.87 -24.00
N GLY D 1113 -32.60 -35.30 -24.24
CA GLY D 1113 -32.65 -33.98 -24.85
C GLY D 1113 -33.08 -32.91 -23.86
N THR D 1114 -34.26 -33.05 -23.27
CA THR D 1114 -34.85 -31.99 -22.45
C THR D 1114 -35.54 -32.56 -21.23
N VAL D 1115 -36.10 -31.65 -20.42
CA VAL D 1115 -36.54 -32.01 -19.09
C VAL D 1115 -38.06 -32.11 -19.05
N ARG D 1116 -38.74 -31.07 -19.51
CA ARG D 1116 -40.16 -31.05 -19.89
C ARG D 1116 -41.15 -31.13 -18.72
N ASN D 1117 -40.71 -31.61 -17.55
CA ASN D 1117 -41.51 -31.67 -16.35
C ASN D 1117 -40.63 -32.11 -15.18
N PRO D 1118 -40.66 -31.39 -14.08
CA PRO D 1118 -40.04 -31.87 -12.84
C PRO D 1118 -41.01 -32.60 -11.93
N VAL D 1119 -41.36 -33.85 -12.24
CA VAL D 1119 -42.49 -34.61 -11.70
C VAL D 1119 -42.60 -34.60 -10.17
N THR D 1120 -41.49 -34.78 -9.48
CA THR D 1120 -41.51 -34.80 -8.02
C THR D 1120 -41.17 -33.39 -7.55
N ASP D 1121 -41.72 -32.97 -6.40
CA ASP D 1121 -41.64 -31.58 -5.99
C ASP D 1121 -40.41 -31.23 -5.20
N MET D 1122 -39.46 -32.16 -5.06
CA MET D 1122 -38.18 -31.99 -4.37
C MET D 1122 -38.27 -31.61 -2.90
N GLY D 1123 -38.83 -32.46 -2.05
CA GLY D 1123 -38.52 -32.41 -0.63
C GLY D 1123 -39.62 -31.81 0.23
N ASN D 1124 -39.23 -31.47 1.47
CA ASN D 1124 -40.01 -30.87 2.55
C ASN D 1124 -41.05 -31.84 3.08
N LEU D 1125 -40.78 -33.12 2.99
CA LEU D 1125 -41.57 -34.12 3.69
C LEU D 1125 -40.66 -34.89 4.63
N PRO D 1126 -41.00 -35.05 5.90
CA PRO D 1126 -40.19 -35.89 6.79
C PRO D 1126 -40.27 -37.36 6.42
N GLN D 1127 -39.38 -38.16 6.96
CA GLN D 1127 -39.58 -39.59 7.01
C GLN D 1127 -40.18 -39.93 8.36
N ASN D 1128 -41.13 -40.84 8.37
CA ASN D 1128 -41.84 -41.20 9.58
C ASN D 1128 -41.66 -42.70 9.79
N PHE D 1129 -40.89 -43.08 10.81
CA PHE D 1129 -40.57 -44.49 11.04
C PHE D 1129 -41.72 -45.27 11.66
N TYR D 1130 -42.78 -44.62 12.12
CA TYR D 1130 -43.84 -45.37 12.79
C TYR D 1130 -44.71 -46.16 11.84
N LEU D 1131 -44.48 -46.07 10.53
CA LEU D 1131 -45.24 -46.85 9.57
C LEU D 1131 -44.99 -48.34 9.74
N GLY D 1132 -43.77 -48.78 9.49
CA GLY D 1132 -43.40 -50.17 9.63
C GLY D 1132 -43.26 -50.53 11.10
N ARG D 1133 -43.30 -51.83 11.38
CA ARG D 1133 -43.01 -52.34 12.72
C ARG D 1133 -41.72 -53.15 12.60
N GLY D 1134 -40.68 -52.70 13.29
CA GLY D 1134 -39.42 -53.39 13.23
C GLY D 1134 -38.63 -53.42 14.52
N ALA D 1135 -39.13 -52.73 15.54
CA ALA D 1135 -38.29 -52.45 16.68
C ALA D 1135 -39.05 -52.64 17.97
N PRO D 1136 -38.37 -52.93 19.08
CA PRO D 1136 -39.04 -53.00 20.36
C PRO D 1136 -39.44 -51.62 20.83
N PRO D 1137 -40.62 -51.48 21.40
CA PRO D 1137 -41.05 -50.17 21.90
C PRO D 1137 -40.38 -49.82 23.21
N LEU D 1138 -40.77 -48.68 23.78
CA LEU D 1138 -40.30 -48.30 25.09
C LEU D 1138 -40.82 -49.27 26.13
N LEU D 1139 -40.03 -49.50 27.18
CA LEU D 1139 -40.42 -50.51 28.14
C LEU D 1139 -41.57 -50.03 29.00
N ASP D 1140 -41.66 -48.72 29.20
CA ASP D 1140 -42.80 -48.15 29.90
C ASP D 1140 -43.93 -47.92 28.91
N ASN D 1141 -45.11 -48.47 29.22
CA ASN D 1141 -46.19 -48.47 28.25
C ASN D 1141 -46.84 -47.10 28.12
N ALA D 1142 -46.97 -46.38 29.23
CA ALA D 1142 -47.50 -45.02 29.16
C ALA D 1142 -46.53 -44.07 28.46
N ALA D 1143 -45.24 -44.43 28.47
CA ALA D 1143 -44.24 -43.63 27.78
C ALA D 1143 -44.39 -43.73 26.27
N ALA D 1144 -44.62 -44.94 25.77
CA ALA D 1144 -44.49 -45.20 24.34
C ALA D 1144 -45.64 -44.55 23.56
N VAL D 1145 -46.83 -44.49 24.16
CA VAL D 1145 -47.93 -43.82 23.48
C VAL D 1145 -47.75 -42.31 23.51
N TYR D 1146 -47.00 -41.81 24.49
CA TYR D 1146 -46.73 -40.38 24.57
C TYR D 1146 -45.76 -39.96 23.49
N LEU D 1147 -44.77 -40.79 23.22
CA LEU D 1147 -43.79 -40.47 22.20
C LEU D 1147 -44.37 -40.69 20.81
N ARG D 1148 -45.34 -41.59 20.69
CA ARG D 1148 -45.83 -41.98 19.37
C ARG D 1148 -46.75 -40.92 18.80
N ASN D 1149 -47.74 -40.49 19.57
CA ASN D 1149 -48.68 -39.51 19.04
C ASN D 1149 -48.08 -38.12 18.92
N ALA D 1150 -47.04 -37.82 19.70
CA ALA D 1150 -46.45 -36.48 19.64
C ALA D 1150 -45.67 -36.28 18.35
N VAL D 1151 -45.22 -37.37 17.73
CA VAL D 1151 -44.69 -37.27 16.38
C VAL D 1151 -45.84 -37.17 15.38
N VAL D 1152 -46.75 -38.15 15.41
CA VAL D 1152 -47.70 -38.40 14.35
C VAL D 1152 -48.72 -37.29 14.18
N ALA D 1153 -49.05 -36.57 15.26
CA ALA D 1153 -50.30 -35.84 15.53
C ALA D 1153 -50.98 -35.16 14.35
N GLY D 1154 -50.19 -34.59 13.44
CA GLY D 1154 -50.79 -34.03 12.25
C GLY D 1154 -50.00 -34.20 10.97
N ASN D 1155 -49.11 -35.19 10.93
CA ASN D 1155 -48.30 -35.38 9.73
C ASN D 1155 -49.12 -35.90 8.56
N ARG D 1156 -48.71 -35.46 7.37
CA ARG D 1156 -49.23 -35.99 6.12
C ARG D 1156 -48.97 -37.49 6.02
N LEU D 1157 -47.84 -37.95 6.54
CA LEU D 1157 -47.57 -39.37 6.56
C LEU D 1157 -48.11 -40.03 7.83
N GLY D 1158 -48.67 -39.23 8.73
CA GLY D 1158 -49.08 -39.69 10.03
C GLY D 1158 -50.24 -40.66 9.97
N PRO D 1159 -50.04 -41.88 10.46
CA PRO D 1159 -51.10 -42.89 10.35
C PRO D 1159 -52.25 -42.63 11.30
N ALA D 1160 -53.42 -42.37 10.72
CA ALA D 1160 -54.67 -42.62 11.43
C ALA D 1160 -55.00 -44.08 11.24
N GLN D 1161 -56.05 -44.58 11.94
CA GLN D 1161 -56.52 -45.96 12.02
C GLN D 1161 -55.36 -46.95 12.20
N PRO D 1162 -54.86 -47.08 13.43
CA PRO D 1162 -53.53 -47.69 13.65
C PRO D 1162 -53.42 -49.16 13.28
N LEU D 1163 -52.20 -49.69 13.47
CA LEU D 1163 -51.61 -50.73 12.64
C LEU D 1163 -52.45 -52.01 12.57
N PRO D 1164 -52.77 -52.50 11.37
CA PRO D 1164 -53.29 -53.86 11.24
C PRO D 1164 -52.17 -54.89 11.29
N VAL D 1165 -52.57 -56.14 11.49
CA VAL D 1165 -51.64 -57.26 11.70
C VAL D 1165 -50.86 -57.57 10.43
N PHE D 1166 -51.57 -57.96 9.37
CA PHE D 1166 -50.95 -58.27 8.08
C PHE D 1166 -51.41 -57.22 7.06
N GLY D 1167 -50.44 -56.56 6.46
CA GLY D 1167 -50.74 -55.49 5.53
C GLY D 1167 -49.85 -54.28 5.79
N CYS D 1168 -50.40 -53.12 5.44
CA CYS D 1168 -49.64 -51.87 5.36
C CYS D 1168 -50.16 -50.85 6.37
N ALA D 1169 -49.51 -49.70 6.39
CA ALA D 1169 -49.75 -48.68 7.40
C ALA D 1169 -50.97 -47.82 7.11
N GLN D 1170 -51.48 -47.85 5.88
CA GLN D 1170 -52.68 -47.15 5.43
C GLN D 1170 -52.54 -45.63 5.61
N VAL D 1171 -51.67 -45.06 4.79
CA VAL D 1171 -51.34 -43.63 4.83
C VAL D 1171 -52.58 -42.81 4.49
N PRO D 1172 -52.97 -41.84 5.31
CA PRO D 1172 -54.07 -40.94 4.94
C PRO D 1172 -53.69 -40.03 3.79
N ARG D 1173 -54.69 -39.67 2.99
CA ARG D 1173 -54.53 -38.84 1.80
C ARG D 1173 -55.01 -37.43 2.11
N ARG D 1174 -54.50 -36.44 1.39
CA ARG D 1174 -55.05 -35.10 1.53
C ARG D 1174 -55.79 -34.68 0.27
N ALA D 1175 -56.71 -33.73 0.44
CA ALA D 1175 -57.69 -33.43 -0.59
C ALA D 1175 -57.15 -32.55 -1.71
N GLY D 1176 -55.89 -32.14 -1.66
CA GLY D 1176 -55.41 -31.27 -2.72
C GLY D 1176 -53.91 -31.27 -2.92
N MET D 1177 -53.48 -31.37 -4.17
CA MET D 1177 -52.06 -31.40 -4.47
C MET D 1177 -51.78 -30.56 -5.71
N ASP D 1178 -50.71 -29.78 -5.64
CA ASP D 1178 -50.41 -28.77 -6.63
C ASP D 1178 -49.17 -29.05 -7.45
N HIS D 1179 -48.04 -29.16 -6.77
CA HIS D 1179 -46.78 -29.21 -7.48
C HIS D 1179 -46.54 -30.57 -8.11
N GLY D 1180 -47.16 -31.60 -7.59
CA GLY D 1180 -46.96 -32.93 -8.09
C GLY D 1180 -46.70 -33.88 -6.95
N GLN D 1181 -46.00 -34.95 -7.26
CA GLN D 1181 -45.77 -36.00 -6.28
C GLN D 1181 -44.73 -35.54 -5.28
N ASP D 1182 -44.82 -36.07 -4.08
CA ASP D 1182 -43.97 -35.65 -2.98
C ASP D 1182 -42.68 -36.45 -2.97
N ALA D 1183 -41.58 -35.81 -2.60
CA ALA D 1183 -40.38 -36.55 -2.28
C ALA D 1183 -40.40 -36.91 -0.80
N VAL D 1184 -39.46 -37.76 -0.39
CA VAL D 1184 -39.37 -38.19 0.99
C VAL D 1184 -37.95 -37.96 1.47
N CYS D 1185 -37.78 -37.08 2.46
CA CYS D 1185 -36.47 -36.80 3.01
C CYS D 1185 -36.18 -37.75 4.16
N GLU D 1186 -35.06 -38.45 4.08
CA GLU D 1186 -34.58 -39.25 5.20
C GLU D 1186 -33.32 -38.65 5.78
N PHE D 1187 -33.09 -38.92 7.06
CA PHE D 1187 -32.02 -38.31 7.83
C PHE D 1187 -31.04 -39.38 8.27
N ILE D 1188 -29.77 -39.00 8.36
CA ILE D 1188 -28.70 -39.90 8.77
C ILE D 1188 -27.81 -39.12 9.73
N ALA D 1189 -27.55 -39.71 10.90
CA ALA D 1189 -26.71 -39.08 11.92
C ALA D 1189 -25.27 -38.97 11.42
N THR D 1190 -24.79 -37.74 11.28
CA THR D 1190 -23.44 -37.41 10.87
C THR D 1190 -22.79 -36.48 11.87
N PRO D 1191 -21.46 -36.52 11.99
CA PRO D 1191 -20.78 -35.59 12.90
C PRO D 1191 -20.72 -34.19 12.34
N VAL D 1192 -20.76 -33.22 13.26
CA VAL D 1192 -20.81 -31.82 12.86
C VAL D 1192 -19.52 -31.35 12.20
N ALA D 1193 -18.38 -31.90 12.61
CA ALA D 1193 -17.12 -31.51 11.97
C ALA D 1193 -16.73 -32.52 10.89
N THR D 1194 -17.68 -32.82 10.01
CA THR D 1194 -17.38 -33.46 8.75
C THR D 1194 -17.55 -32.40 7.68
N ASP D 1195 -16.46 -32.10 6.98
CA ASP D 1195 -16.31 -30.84 6.28
C ASP D 1195 -17.27 -30.69 5.10
N ILE D 1196 -17.66 -29.43 4.87
CA ILE D 1196 -18.46 -29.07 3.72
C ILE D 1196 -17.72 -29.32 2.41
N ASN D 1197 -16.39 -29.39 2.44
CA ASN D 1197 -15.62 -29.71 1.24
C ASN D 1197 -15.92 -31.10 0.73
N TYR D 1198 -16.36 -32.02 1.60
CA TYR D 1198 -16.84 -33.30 1.12
C TYR D 1198 -18.15 -33.14 0.36
N PHE D 1199 -18.95 -32.16 0.73
CA PHE D 1199 -20.13 -31.84 -0.07
C PHE D 1199 -19.69 -30.86 -1.16
N ARG D 1200 -20.66 -30.17 -1.78
CA ARG D 1200 -20.57 -29.47 -3.06
C ARG D 1200 -19.80 -30.27 -4.10
N ARG D 1201 -20.09 -31.56 -4.20
CA ARG D 1201 -19.37 -32.54 -5.00
C ARG D 1201 -20.22 -33.79 -5.01
N PRO D 1202 -20.31 -34.49 -6.14
CA PRO D 1202 -21.08 -35.73 -6.17
C PRO D 1202 -20.46 -36.80 -5.30
N CYS D 1203 -21.19 -37.25 -4.28
CA CYS D 1203 -20.67 -38.13 -3.25
C CYS D 1203 -21.73 -39.11 -2.77
N ASN D 1204 -21.28 -40.14 -2.05
CA ASN D 1204 -22.23 -40.99 -1.34
C ASN D 1204 -22.81 -40.24 -0.15
N PRO D 1205 -24.00 -40.63 0.32
CA PRO D 1205 -24.44 -40.14 1.63
C PRO D 1205 -23.74 -40.81 2.78
N ARG D 1206 -23.05 -41.92 2.56
CA ARG D 1206 -22.42 -42.62 3.67
C ARG D 1206 -21.03 -42.11 4.01
N GLY D 1207 -20.38 -41.37 3.11
CA GLY D 1207 -19.06 -40.84 3.37
C GLY D 1207 -17.93 -41.67 2.79
N ARG D 1208 -18.22 -42.87 2.30
CA ARG D 1208 -17.23 -43.73 1.70
C ARG D 1208 -17.78 -44.21 0.38
N ALA D 1209 -16.92 -44.33 -0.62
CA ALA D 1209 -17.32 -44.93 -1.88
C ALA D 1209 -17.68 -46.38 -1.66
N ALA D 1210 -18.65 -46.87 -2.41
CA ALA D 1210 -19.17 -48.21 -2.21
C ALA D 1210 -19.45 -48.92 -3.51
N GLY D 1211 -19.05 -48.34 -4.64
CA GLY D 1211 -19.43 -48.89 -5.92
C GLY D 1211 -18.67 -50.15 -6.27
N GLY D 1212 -19.43 -51.16 -6.70
CA GLY D 1212 -18.80 -52.38 -7.18
C GLY D 1212 -18.06 -52.21 -8.49
N VAL D 1213 -18.35 -51.15 -9.23
CA VAL D 1213 -17.63 -50.89 -10.46
C VAL D 1213 -16.23 -50.36 -10.15
N TYR D 1214 -16.03 -49.81 -8.95
CA TYR D 1214 -14.72 -49.36 -8.52
C TYR D 1214 -13.74 -50.50 -8.27
N ALA D 1215 -14.24 -51.73 -8.13
CA ALA D 1215 -13.38 -52.86 -7.80
C ALA D 1215 -12.61 -53.34 -9.02
N GLY D 1216 -11.84 -54.41 -8.82
CA GLY D 1216 -10.99 -54.96 -9.87
C GLY D 1216 -11.01 -56.47 -10.00
N ASP D 1217 -12.12 -57.10 -9.62
CA ASP D 1217 -12.35 -58.55 -9.74
C ASP D 1217 -11.32 -59.38 -8.98
N LYS D 1218 -11.38 -59.30 -7.65
CA LYS D 1218 -10.50 -60.07 -6.78
C LYS D 1218 -11.25 -61.04 -5.88
N GLU D 1219 -12.59 -61.08 -5.97
CA GLU D 1219 -13.54 -61.88 -5.20
C GLU D 1219 -13.62 -61.50 -3.73
N GLY D 1220 -12.83 -60.53 -3.30
CA GLY D 1220 -12.89 -59.90 -2.00
C GLY D 1220 -12.96 -58.40 -2.07
N ASP D 1221 -12.99 -57.86 -3.29
CA ASP D 1221 -13.16 -56.42 -3.47
C ASP D 1221 -14.63 -56.04 -3.52
N VAL D 1222 -15.51 -57.04 -3.40
CA VAL D 1222 -16.86 -56.86 -2.87
C VAL D 1222 -16.72 -56.72 -1.35
N ILE D 1223 -17.85 -56.67 -0.62
CA ILE D 1223 -18.20 -55.85 0.55
C ILE D 1223 -17.03 -55.28 1.38
N ALA D 1224 -15.90 -55.98 1.45
CA ALA D 1224 -14.67 -55.41 2.01
C ALA D 1224 -14.14 -54.19 1.28
N LEU D 1225 -14.73 -53.79 0.16
CA LEU D 1225 -14.56 -52.41 -0.26
C LEU D 1225 -15.38 -51.49 0.61
N MET D 1226 -16.62 -51.88 0.90
CA MET D 1226 -17.57 -50.98 1.52
C MET D 1226 -17.30 -50.82 3.01
N TYR D 1227 -16.82 -51.88 3.65
CA TYR D 1227 -16.82 -51.94 5.12
C TYR D 1227 -15.46 -52.11 5.75
N ASP D 1228 -14.43 -52.46 4.98
CA ASP D 1228 -13.10 -52.62 5.56
C ASP D 1228 -12.46 -51.24 5.66
N HIS D 1229 -12.35 -50.76 6.89
CA HIS D 1229 -11.77 -49.45 7.13
C HIS D 1229 -10.26 -49.53 7.31
N GLY D 1230 -9.70 -50.72 7.12
CA GLY D 1230 -8.27 -50.85 7.05
C GLY D 1230 -7.79 -50.27 5.75
N GLN D 1231 -8.63 -50.36 4.72
CA GLN D 1231 -8.38 -49.66 3.48
C GLN D 1231 -9.16 -48.36 3.52
N SER D 1232 -8.65 -47.33 2.86
CA SER D 1232 -9.25 -46.01 2.97
C SER D 1232 -10.41 -45.89 1.98
N ASP D 1233 -10.96 -44.68 1.86
CA ASP D 1233 -12.00 -44.40 0.89
C ASP D 1233 -11.39 -44.33 -0.50
N PRO D 1234 -11.96 -45.02 -1.48
CA PRO D 1234 -11.50 -44.80 -2.86
C PRO D 1234 -11.80 -43.41 -3.37
N ALA D 1235 -12.86 -42.79 -2.87
CA ALA D 1235 -13.16 -41.42 -3.27
C ALA D 1235 -12.16 -40.45 -2.69
N ARG D 1236 -11.79 -40.61 -1.43
CA ARG D 1236 -10.84 -39.72 -0.77
C ARG D 1236 -9.82 -40.59 -0.09
N PRO D 1237 -8.67 -40.83 -0.74
CA PRO D 1237 -7.71 -41.81 -0.22
C PRO D 1237 -7.05 -41.40 1.07
N PHE D 1238 -7.01 -40.11 1.35
CA PHE D 1238 -6.43 -39.58 2.59
C PHE D 1238 -7.36 -39.72 3.78
N ALA D 1239 -8.47 -40.44 3.67
CA ALA D 1239 -9.34 -40.67 4.80
C ALA D 1239 -9.99 -42.04 4.64
N ALA D 1240 -10.32 -42.66 5.77
CA ALA D 1240 -11.00 -43.95 5.72
C ALA D 1240 -12.42 -43.79 5.20
N THR D 1241 -13.24 -43.05 5.92
CA THR D 1241 -14.52 -42.59 5.37
C THR D 1241 -14.59 -41.09 5.59
N ALA D 1242 -15.77 -40.54 5.33
CA ALA D 1242 -16.08 -39.20 5.78
C ALA D 1242 -17.12 -39.19 6.90
N ASN D 1243 -17.73 -40.34 7.17
CA ASN D 1243 -18.67 -40.49 8.27
C ASN D 1243 -18.37 -41.82 8.94
N PRO D 1244 -18.13 -41.85 10.25
CA PRO D 1244 -18.03 -43.12 10.95
C PRO D 1244 -19.38 -43.68 11.38
N TRP D 1245 -20.40 -42.85 11.55
CA TRP D 1245 -21.65 -43.30 12.13
C TRP D 1245 -22.54 -44.08 11.20
N ALA D 1246 -22.35 -44.00 9.90
CA ALA D 1246 -23.24 -44.70 9.00
C ALA D 1246 -22.48 -45.70 8.16
N SER D 1247 -21.25 -45.33 7.81
CA SER D 1247 -20.51 -46.08 6.81
C SER D 1247 -19.97 -47.39 7.35
N GLN D 1248 -19.93 -47.56 8.66
CA GLN D 1248 -19.34 -48.77 9.19
C GLN D 1248 -20.36 -49.88 9.25
N ARG D 1249 -19.87 -51.11 9.28
CA ARG D 1249 -20.76 -52.24 9.46
C ARG D 1249 -21.28 -52.24 10.89
N PHE D 1250 -22.58 -52.50 11.03
CA PHE D 1250 -23.35 -52.46 12.27
C PHE D 1250 -23.43 -51.05 12.87
N SER D 1251 -22.98 -50.04 12.15
CA SER D 1251 -23.13 -48.66 12.55
C SER D 1251 -24.56 -48.25 12.29
N TYR D 1252 -24.95 -47.09 12.82
CA TYR D 1252 -26.34 -46.67 12.89
C TYR D 1252 -26.99 -46.47 11.53
N GLY D 1253 -26.20 -46.10 10.53
CA GLY D 1253 -26.72 -46.06 9.18
C GLY D 1253 -27.10 -47.44 8.68
N ASP D 1254 -26.22 -48.43 8.88
CA ASP D 1254 -26.48 -49.78 8.37
C ASP D 1254 -27.56 -50.46 9.19
N LEU D 1255 -27.73 -50.06 10.45
CA LEU D 1255 -28.79 -50.63 11.26
C LEU D 1255 -30.16 -50.20 10.74
N LEU D 1256 -30.29 -48.93 10.36
CA LEU D 1256 -31.57 -48.44 9.90
C LEU D 1256 -31.89 -48.93 8.49
N TYR D 1257 -30.99 -48.66 7.55
CA TYR D 1257 -31.38 -48.57 6.15
C TYR D 1257 -31.02 -49.78 5.31
N ASN D 1258 -30.17 -50.66 5.80
CA ASN D 1258 -29.92 -51.90 5.08
C ASN D 1258 -31.16 -52.78 5.16
N GLY D 1259 -31.46 -53.45 4.06
CA GLY D 1259 -32.64 -54.27 4.00
C GLY D 1259 -32.51 -55.63 4.64
N ALA D 1260 -31.32 -55.97 5.12
CA ALA D 1260 -31.15 -57.23 5.84
C ALA D 1260 -31.91 -57.21 7.15
N TYR D 1261 -32.08 -56.03 7.74
CA TYR D 1261 -32.85 -55.95 8.96
C TYR D 1261 -34.29 -55.58 8.68
N HIS D 1262 -34.51 -54.74 7.66
CA HIS D 1262 -35.77 -54.09 7.32
C HIS D 1262 -36.56 -53.64 8.55
N LEU D 1263 -35.94 -52.78 9.36
CA LEU D 1263 -36.65 -52.06 10.41
C LEU D 1263 -37.86 -51.34 9.85
N ASN D 1264 -37.70 -50.74 8.69
CA ASN D 1264 -38.84 -50.26 7.95
C ASN D 1264 -39.13 -51.22 6.81
N GLY D 1265 -40.38 -51.19 6.38
CA GLY D 1265 -40.87 -51.97 5.28
C GLY D 1265 -41.79 -53.08 5.73
N ALA D 1266 -43.05 -52.69 5.84
CA ALA D 1266 -44.24 -53.46 5.57
C ALA D 1266 -45.15 -52.39 5.00
N SER D 1267 -44.56 -51.20 4.86
CA SER D 1267 -44.99 -49.83 4.68
C SER D 1267 -44.84 -49.39 3.24
N PRO D 1268 -45.76 -48.56 2.74
CA PRO D 1268 -45.69 -48.20 1.33
C PRO D 1268 -44.63 -47.18 1.02
N VAL D 1269 -44.27 -46.32 1.97
CA VAL D 1269 -43.43 -45.15 1.71
C VAL D 1269 -42.01 -45.59 1.39
N LEU D 1270 -41.55 -45.20 0.21
CA LEU D 1270 -40.22 -45.54 -0.26
C LEU D 1270 -39.14 -44.89 0.59
N SER D 1271 -38.29 -45.73 1.15
CA SER D 1271 -37.04 -45.26 1.72
C SER D 1271 -36.11 -44.96 0.57
N PRO D 1272 -35.64 -43.72 0.42
CA PRO D 1272 -34.71 -43.44 -0.69
C PRO D 1272 -33.35 -44.06 -0.46
N CYS D 1273 -32.98 -44.26 0.80
CA CYS D 1273 -31.65 -44.74 1.13
C CYS D 1273 -31.50 -46.23 0.99
N PHE D 1274 -32.51 -46.93 0.49
CA PHE D 1274 -32.40 -48.38 0.37
C PHE D 1274 -31.37 -48.77 -0.68
N LYS D 1275 -31.19 -47.94 -1.69
CA LYS D 1275 -30.28 -48.29 -2.76
C LYS D 1275 -28.84 -48.07 -2.33
N PHE D 1276 -28.61 -47.23 -1.35
CA PHE D 1276 -27.26 -46.83 -0.95
C PHE D 1276 -26.70 -47.81 0.08
N PHE D 1277 -27.54 -48.27 0.99
CA PHE D 1277 -27.02 -48.89 2.20
C PHE D 1277 -27.26 -50.37 2.30
N THR D 1278 -27.70 -51.00 1.24
CA THR D 1278 -27.78 -52.45 1.20
C THR D 1278 -26.60 -52.95 0.40
N ALA D 1279 -25.64 -53.55 1.10
CA ALA D 1279 -24.45 -54.08 0.44
C ALA D 1279 -24.81 -55.26 -0.45
N ALA D 1280 -25.91 -55.95 -0.12
CA ALA D 1280 -26.40 -57.01 -1.00
C ALA D 1280 -26.86 -56.45 -2.34
N ASP D 1281 -27.34 -55.19 -2.34
CA ASP D 1281 -27.66 -54.53 -3.59
C ASP D 1281 -26.41 -54.10 -4.34
N ILE D 1282 -25.26 -54.10 -3.67
CA ILE D 1282 -24.00 -54.01 -4.39
C ILE D 1282 -23.49 -55.40 -4.75
N THR D 1283 -23.64 -56.36 -3.82
CA THR D 1283 -23.04 -57.68 -3.97
C THR D 1283 -23.66 -58.47 -5.11
N ALA D 1284 -24.94 -58.24 -5.41
CA ALA D 1284 -25.61 -59.01 -6.43
C ALA D 1284 -25.23 -58.57 -7.84
N LYS D 1285 -24.45 -57.51 -7.98
CA LYS D 1285 -24.20 -56.94 -9.30
C LYS D 1285 -22.79 -57.29 -9.79
N HIS D 1286 -22.66 -57.45 -11.09
CA HIS D 1286 -21.40 -57.75 -11.74
C HIS D 1286 -20.77 -56.48 -12.29
N ARG D 1287 -19.67 -56.65 -13.00
CA ARG D 1287 -18.73 -55.55 -13.17
C ARG D 1287 -18.18 -55.38 -14.58
N CYS D 1288 -18.51 -56.24 -15.52
CA CYS D 1288 -17.96 -56.11 -16.87
C CYS D 1288 -18.71 -55.03 -17.64
N LEU D 1289 -17.97 -54.05 -18.16
CA LEU D 1289 -18.60 -52.87 -18.73
C LEU D 1289 -19.12 -53.08 -20.14
N GLU D 1290 -18.87 -54.24 -20.74
CA GLU D 1290 -19.59 -54.64 -21.94
C GLU D 1290 -21.09 -54.71 -21.68
N ARG D 1291 -21.47 -55.21 -20.50
CA ARG D 1291 -22.88 -55.47 -20.23
C ARG D 1291 -23.50 -54.39 -19.35
N LEU D 1292 -22.67 -53.63 -18.63
CA LEU D 1292 -23.20 -52.75 -17.59
C LEU D 1292 -23.93 -51.52 -18.13
N ILE D 1293 -23.42 -50.91 -19.20
CA ILE D 1293 -23.89 -49.56 -19.52
C ILE D 1293 -25.25 -49.58 -20.18
N VAL D 1294 -25.72 -50.74 -20.62
CA VAL D 1294 -26.99 -50.75 -21.33
C VAL D 1294 -28.17 -50.83 -20.36
N GLU D 1295 -27.97 -51.30 -19.13
CA GLU D 1295 -29.06 -51.22 -18.17
C GLU D 1295 -29.22 -49.82 -17.61
N THR D 1296 -28.25 -48.94 -17.84
CA THR D 1296 -28.42 -47.55 -17.48
C THR D 1296 -29.50 -46.88 -18.32
N GLY D 1297 -29.76 -47.41 -19.52
CA GLY D 1297 -30.91 -46.96 -20.27
C GLY D 1297 -32.20 -47.43 -19.64
N SER D 1298 -32.29 -48.72 -19.35
CA SER D 1298 -33.53 -49.33 -18.86
C SER D 1298 -33.24 -50.12 -17.59
N ALA D 1299 -33.55 -49.52 -16.45
CA ALA D 1299 -33.45 -50.16 -15.15
C ALA D 1299 -34.77 -49.95 -14.42
N VAL D 1300 -34.89 -50.58 -13.26
CA VAL D 1300 -36.13 -50.48 -12.49
C VAL D 1300 -35.96 -49.43 -11.41
N SER D 1301 -36.80 -48.41 -11.44
CA SER D 1301 -36.83 -47.47 -10.33
C SER D 1301 -37.50 -48.14 -9.14
N THR D 1302 -37.02 -47.80 -7.94
CA THR D 1302 -37.73 -48.21 -6.76
C THR D 1302 -38.95 -47.35 -6.48
N ALA D 1303 -39.08 -46.23 -7.18
CA ALA D 1303 -40.20 -45.32 -7.03
C ALA D 1303 -41.15 -45.47 -8.21
N THR D 1304 -42.40 -45.13 -7.97
CA THR D 1304 -43.44 -45.14 -8.99
C THR D 1304 -44.16 -43.81 -8.95
N ALA D 1305 -44.51 -43.29 -10.13
CA ALA D 1305 -45.21 -42.02 -10.17
C ALA D 1305 -46.71 -42.16 -10.00
N ALA D 1306 -47.22 -43.37 -9.86
CA ALA D 1306 -48.65 -43.62 -9.92
C ALA D 1306 -49.36 -43.45 -8.59
N SER D 1307 -48.73 -42.86 -7.58
CA SER D 1307 -49.40 -42.61 -6.32
C SER D 1307 -49.10 -41.20 -5.84
N ASP D 1308 -49.90 -40.73 -4.90
CA ASP D 1308 -49.88 -39.33 -4.52
C ASP D 1308 -48.66 -38.97 -3.70
N VAL D 1309 -48.41 -39.70 -2.63
CA VAL D 1309 -47.09 -39.71 -2.01
C VAL D 1309 -46.37 -40.93 -2.56
N GLN D 1310 -45.12 -40.73 -2.99
CA GLN D 1310 -44.38 -41.75 -3.73
C GLN D 1310 -44.15 -42.98 -2.87
N PHE D 1311 -44.18 -44.14 -3.51
CA PHE D 1311 -44.19 -45.38 -2.76
C PHE D 1311 -43.02 -46.26 -3.11
N LYS D 1312 -42.77 -47.22 -2.21
CA LYS D 1312 -41.97 -48.38 -2.56
C LYS D 1312 -42.68 -49.10 -3.68
N ARG D 1313 -41.91 -49.56 -4.66
CA ARG D 1313 -42.46 -50.03 -5.92
C ARG D 1313 -43.33 -51.28 -5.76
N PRO D 1314 -44.61 -51.21 -6.13
CA PRO D 1314 -45.46 -52.40 -6.05
C PRO D 1314 -45.08 -53.39 -7.14
N PRO D 1315 -45.68 -54.59 -7.13
CA PRO D 1315 -45.49 -55.50 -8.28
C PRO D 1315 -46.25 -55.08 -9.54
N GLY D 1316 -46.90 -53.91 -9.56
CA GLY D 1316 -47.27 -53.27 -10.81
C GLY D 1316 -46.04 -53.11 -11.67
N CYS D 1317 -46.05 -53.78 -12.82
CA CYS D 1317 -44.93 -54.61 -13.31
C CYS D 1317 -43.59 -53.90 -13.29
N ARG D 1318 -43.36 -52.85 -14.09
CA ARG D 1318 -42.02 -52.33 -14.29
C ARG D 1318 -42.10 -50.82 -14.50
N GLU D 1319 -40.92 -50.21 -14.63
CA GLU D 1319 -40.84 -48.77 -14.88
C GLU D 1319 -40.07 -48.45 -16.15
N LEU D 1320 -38.92 -49.08 -16.33
CA LEU D 1320 -37.91 -48.78 -17.36
C LEU D 1320 -37.49 -47.31 -17.29
N VAL D 1321 -36.99 -46.96 -16.12
CA VAL D 1321 -36.43 -45.65 -15.83
C VAL D 1321 -35.01 -45.63 -16.35
N GLU D 1322 -34.38 -44.46 -16.38
CA GLU D 1322 -32.96 -44.38 -16.72
C GLU D 1322 -32.09 -44.57 -15.50
N ASP D 1323 -32.15 -43.66 -14.51
CA ASP D 1323 -31.53 -43.77 -13.18
C ASP D 1323 -30.05 -44.09 -13.13
N PRO D 1324 -29.17 -43.11 -13.33
CA PRO D 1324 -27.73 -43.39 -13.21
C PRO D 1324 -27.25 -43.59 -11.79
N CYS D 1325 -28.11 -43.43 -10.78
CA CYS D 1325 -27.64 -43.39 -9.40
C CYS D 1325 -27.19 -44.73 -8.88
N GLY D 1326 -27.75 -45.83 -9.39
CA GLY D 1326 -27.31 -47.13 -8.95
C GLY D 1326 -25.96 -47.54 -9.51
N LEU D 1327 -25.74 -47.29 -10.79
CA LEU D 1327 -24.53 -47.78 -11.47
C LEU D 1327 -23.30 -46.98 -11.00
N PHE D 1328 -23.50 -45.73 -10.64
CA PHE D 1328 -22.37 -44.96 -10.15
C PHE D 1328 -22.28 -44.90 -8.64
N GLN D 1329 -23.38 -45.24 -7.92
CA GLN D 1329 -23.48 -45.13 -6.46
C GLN D 1329 -23.17 -43.70 -6.02
N GLU D 1330 -24.01 -42.76 -6.47
CA GLU D 1330 -23.73 -41.35 -6.31
C GLU D 1330 -25.01 -40.60 -5.95
N ALA D 1331 -24.84 -39.29 -5.74
CA ALA D 1331 -25.96 -38.39 -5.46
C ALA D 1331 -25.54 -36.99 -5.85
N TYR D 1332 -26.52 -36.10 -5.95
CA TYR D 1332 -26.06 -34.81 -6.45
C TYR D 1332 -26.40 -33.70 -5.46
N PRO D 1333 -25.50 -32.76 -5.26
CA PRO D 1333 -25.82 -31.58 -4.45
C PRO D 1333 -26.49 -30.51 -5.30
N ILE D 1334 -27.44 -29.82 -4.69
CA ILE D 1334 -28.18 -28.77 -5.37
C ILE D 1334 -27.81 -27.42 -4.79
N THR D 1335 -28.38 -26.38 -5.39
CA THR D 1335 -28.23 -25.05 -4.85
C THR D 1335 -28.94 -24.95 -3.51
N CYS D 1336 -28.17 -24.96 -2.44
CA CYS D 1336 -28.71 -24.78 -1.11
C CYS D 1336 -27.74 -23.94 -0.30
N ALA D 1337 -28.27 -23.28 0.72
CA ALA D 1337 -27.46 -22.45 1.58
C ALA D 1337 -28.13 -22.35 2.94
N SER D 1338 -27.31 -22.10 3.95
CA SER D 1338 -27.77 -22.08 5.32
C SER D 1338 -28.69 -20.91 5.61
N ASP D 1339 -28.53 -19.79 4.92
CA ASP D 1339 -29.36 -18.62 5.12
C ASP D 1339 -29.88 -18.12 3.77
N PRO D 1340 -31.00 -17.38 3.76
CA PRO D 1340 -31.40 -16.72 2.51
C PRO D 1340 -30.41 -15.66 2.07
N ALA D 1341 -29.69 -15.07 3.02
CA ALA D 1341 -28.67 -14.08 2.74
C ALA D 1341 -27.54 -14.63 1.88
N LEU D 1342 -27.33 -15.93 1.88
CA LEU D 1342 -26.42 -16.48 0.89
C LEU D 1342 -27.17 -16.81 -0.39
N LEU D 1343 -28.46 -17.12 -0.28
CA LEU D 1343 -29.20 -17.62 -1.43
C LEU D 1343 -29.52 -16.50 -2.41
N ARG D 1344 -29.60 -15.27 -1.92
CA ARG D 1344 -29.73 -14.14 -2.82
C ARG D 1344 -28.48 -13.96 -3.65
N SER D 1345 -27.31 -14.16 -3.04
CA SER D 1345 -26.06 -14.09 -3.78
C SER D 1345 -25.88 -15.30 -4.68
N ALA D 1346 -26.67 -16.34 -4.46
CA ALA D 1346 -26.53 -17.56 -5.25
C ALA D 1346 -27.14 -17.39 -6.64
N ARG D 1347 -27.92 -16.33 -6.86
CA ARG D 1347 -28.49 -16.10 -8.17
C ARG D 1347 -27.41 -15.67 -9.16
N ASP D 1348 -27.74 -15.81 -10.44
CA ASP D 1348 -26.86 -15.57 -11.58
C ASP D 1348 -25.57 -16.37 -11.51
N GLY D 1349 -25.66 -17.60 -11.02
CA GLY D 1349 -24.55 -18.51 -11.15
C GLY D 1349 -23.63 -18.52 -9.96
N GLU D 1350 -22.50 -19.18 -10.17
CA GLU D 1350 -21.42 -19.28 -9.20
C GLU D 1350 -20.31 -18.27 -9.47
N ALA D 1351 -20.63 -17.18 -10.16
CA ALA D 1351 -19.67 -16.13 -10.45
C ALA D 1351 -19.24 -15.41 -9.18
N HIS D 1352 -20.21 -15.02 -8.36
CA HIS D 1352 -19.96 -14.12 -7.26
C HIS D 1352 -20.74 -14.50 -6.00
N ALA D 1353 -21.18 -15.75 -5.88
CA ALA D 1353 -21.91 -16.17 -4.71
C ALA D 1353 -20.98 -16.32 -3.51
N ARG D 1354 -21.42 -15.81 -2.35
CA ARG D 1354 -20.68 -15.95 -1.11
C ARG D 1354 -20.73 -17.40 -0.68
N GLU D 1355 -19.65 -18.13 -0.89
CA GLU D 1355 -19.60 -19.56 -0.54
C GLU D 1355 -19.71 -19.80 0.96
N THR D 1356 -19.18 -18.90 1.78
CA THR D 1356 -19.34 -19.04 3.21
C THR D 1356 -19.41 -17.67 3.87
N HIS D 1357 -19.62 -17.69 5.18
CA HIS D 1357 -19.59 -16.48 6.00
C HIS D 1357 -19.11 -16.91 7.38
N PHE D 1358 -19.50 -16.16 8.42
CA PHE D 1358 -19.17 -16.38 9.84
C PHE D 1358 -19.33 -17.85 10.21
N THR D 1359 -20.53 -18.39 10.22
CA THR D 1359 -20.77 -19.81 10.33
C THR D 1359 -21.67 -20.30 9.23
N GLN D 1360 -22.05 -19.40 8.34
CA GLN D 1360 -23.09 -19.65 7.37
C GLN D 1360 -22.45 -20.05 6.05
N TYR D 1361 -23.08 -20.99 5.37
CA TYR D 1361 -22.40 -21.72 4.32
C TYR D 1361 -23.38 -22.03 3.19
N LEU D 1362 -22.85 -22.05 1.99
CA LEU D 1362 -23.63 -22.28 0.79
C LEU D 1362 -23.08 -23.48 0.05
N ILE D 1363 -23.97 -24.24 -0.58
CA ILE D 1363 -23.57 -25.25 -1.54
C ILE D 1363 -24.19 -24.90 -2.88
N TYR D 1364 -23.33 -24.56 -3.83
CA TYR D 1364 -23.78 -24.33 -5.19
C TYR D 1364 -24.11 -25.67 -5.84
N ASP D 1365 -24.93 -25.62 -6.88
CA ASP D 1365 -25.40 -26.81 -7.60
C ASP D 1365 -24.22 -27.53 -8.25
N ALA D 1366 -24.36 -28.84 -8.42
CA ALA D 1366 -23.49 -29.66 -9.23
C ALA D 1366 -24.32 -30.87 -9.62
N SER D 1367 -24.72 -30.94 -10.87
CA SER D 1367 -25.81 -31.81 -11.29
C SER D 1367 -25.83 -31.90 -12.80
N PRO D 1368 -26.54 -32.87 -13.39
CA PRO D 1368 -26.96 -32.70 -14.78
C PRO D 1368 -27.87 -31.52 -14.98
N LEU D 1369 -28.56 -31.07 -13.95
CA LEU D 1369 -29.47 -29.93 -14.05
C LEU D 1369 -28.77 -28.59 -14.14
N LYS D 1370 -27.44 -28.53 -14.07
CA LYS D 1370 -26.78 -27.24 -14.13
C LYS D 1370 -26.87 -26.68 -15.54
N GLY D 1371 -27.00 -25.37 -15.64
CA GLY D 1371 -27.31 -24.70 -16.88
C GLY D 1371 -28.78 -24.61 -17.20
N LEU D 1372 -29.62 -25.47 -16.63
CA LEU D 1372 -31.03 -25.48 -16.99
C LEU D 1372 -31.82 -24.54 -16.09
N SER D 1373 -33.08 -24.33 -16.46
CA SER D 1373 -33.88 -23.25 -15.87
C SER D 1373 -34.54 -23.69 -14.58
N LEU D 1374 -35.32 -24.77 -14.64
CA LEU D 1374 -36.10 -25.22 -13.49
C LEU D 1374 -35.25 -25.74 -12.32
N GLY E 10 -37.80 -96.35 -35.98
CA GLY E 10 -39.00 -96.48 -35.18
C GLY E 10 -39.19 -95.32 -34.24
N TYR E 11 -38.08 -94.84 -33.67
CA TYR E 11 -38.11 -93.69 -32.77
C TYR E 11 -38.54 -92.44 -33.51
N ARG E 12 -37.89 -92.17 -34.64
CA ARG E 12 -38.32 -91.12 -35.55
C ARG E 12 -39.42 -91.74 -36.43
N TYR E 13 -40.68 -91.37 -36.19
CA TYR E 13 -41.80 -92.06 -36.81
C TYR E 13 -41.91 -91.76 -38.29
N ALA E 14 -41.57 -90.55 -38.71
CA ALA E 14 -41.61 -90.22 -40.14
C ALA E 14 -40.57 -90.97 -40.93
N ALA E 15 -39.52 -91.47 -40.28
CA ALA E 15 -38.60 -92.38 -40.94
C ALA E 15 -39.23 -93.73 -41.23
N ALA E 16 -40.09 -94.22 -40.34
CA ALA E 16 -40.75 -95.50 -40.51
C ALA E 16 -41.93 -95.46 -41.46
N MET E 17 -42.24 -94.28 -42.03
CA MET E 17 -43.24 -94.21 -43.10
C MET E 17 -42.76 -94.95 -44.34
N VAL E 18 -41.45 -95.00 -44.57
CA VAL E 18 -40.87 -96.02 -45.42
C VAL E 18 -40.34 -97.12 -44.51
N PRO E 19 -40.90 -98.33 -44.57
CA PRO E 19 -40.36 -99.42 -43.72
C PRO E 19 -39.04 -99.99 -44.23
N THR E 20 -38.77 -99.90 -45.54
CA THR E 20 -37.60 -100.38 -46.28
C THR E 20 -37.01 -101.72 -45.81
N GLY E 21 -37.86 -102.69 -45.56
CA GLY E 21 -37.42 -103.98 -45.06
C GLY E 21 -38.59 -104.83 -44.59
N SER E 22 -38.30 -106.11 -44.35
CA SER E 22 -39.34 -107.09 -44.07
C SER E 22 -39.64 -107.17 -42.59
N ILE E 23 -40.80 -106.63 -42.20
CA ILE E 23 -41.42 -107.03 -40.94
C ILE E 23 -41.89 -108.48 -41.11
N LEU E 24 -41.12 -109.42 -40.55
CA LEU E 24 -41.16 -110.79 -41.08
C LEU E 24 -41.40 -111.88 -40.04
N SER E 25 -40.98 -111.68 -38.79
CA SER E 25 -41.01 -112.77 -37.81
C SER E 25 -42.43 -113.04 -37.30
N THR E 26 -43.13 -111.97 -36.90
CA THR E 26 -44.49 -111.97 -36.34
C THR E 26 -44.59 -112.87 -35.11
N ILE E 27 -43.76 -112.55 -34.12
CA ILE E 27 -43.75 -113.26 -32.85
C ILE E 27 -44.07 -112.22 -31.78
N GLU E 28 -44.40 -112.65 -30.57
CA GLU E 28 -44.89 -111.79 -29.50
C GLU E 28 -43.75 -110.90 -29.03
N VAL E 29 -43.73 -109.67 -29.52
CA VAL E 29 -42.69 -108.71 -29.18
C VAL E 29 -42.83 -108.29 -27.72
N ALA E 30 -41.67 -108.07 -27.07
CA ALA E 30 -41.46 -107.52 -25.73
C ALA E 30 -41.87 -108.50 -24.62
N SER E 31 -42.49 -109.61 -24.98
CA SER E 31 -42.49 -110.77 -24.10
C SER E 31 -41.19 -111.53 -24.22
N HIS E 32 -40.43 -111.24 -25.28
CA HIS E 32 -39.04 -111.63 -25.38
C HIS E 32 -38.18 -110.71 -24.52
N ARG E 33 -36.87 -110.78 -24.76
CA ARG E 33 -35.82 -110.34 -23.83
C ARG E 33 -35.86 -108.87 -23.42
N ARG E 34 -36.73 -108.05 -24.03
CA ARG E 34 -36.79 -106.60 -23.86
C ARG E 34 -35.43 -105.95 -24.04
N LEU E 35 -34.66 -106.42 -25.02
CA LEU E 35 -33.27 -106.03 -25.21
C LEU E 35 -33.19 -104.69 -25.93
N PHE E 36 -34.34 -104.14 -26.28
CA PHE E 36 -34.41 -102.96 -27.11
C PHE E 36 -34.02 -101.75 -26.30
N ASP E 37 -33.25 -100.85 -26.92
CA ASP E 37 -32.94 -99.59 -26.25
C ASP E 37 -34.15 -98.68 -26.16
N PHE E 38 -35.08 -98.79 -27.10
CA PHE E 38 -36.33 -98.06 -27.02
C PHE E 38 -37.41 -98.82 -27.77
N PHE E 39 -38.56 -98.96 -27.13
CA PHE E 39 -39.69 -99.66 -27.69
C PHE E 39 -40.93 -99.15 -26.99
N ALA E 40 -42.04 -99.07 -27.72
CA ALA E 40 -43.26 -98.54 -27.15
C ALA E 40 -44.41 -99.45 -27.52
N ALA E 41 -45.03 -100.06 -26.51
CA ALA E 41 -46.15 -100.97 -26.72
C ALA E 41 -47.41 -100.13 -26.76
N VAL E 42 -47.88 -99.83 -27.96
CA VAL E 42 -48.90 -98.83 -28.14
C VAL E 42 -50.18 -99.52 -28.60
N ARG E 43 -51.30 -99.02 -28.10
CA ARG E 43 -52.64 -99.34 -28.59
C ARG E 43 -52.92 -98.59 -29.88
N SER E 44 -54.19 -98.43 -30.24
CA SER E 44 -54.57 -97.90 -31.55
C SER E 44 -54.00 -96.50 -31.82
N ASP E 45 -53.90 -95.66 -30.79
CA ASP E 45 -53.35 -94.33 -31.00
C ASP E 45 -52.71 -93.81 -29.73
N GLU E 46 -51.84 -92.81 -29.90
CA GLU E 46 -51.22 -92.04 -28.83
C GLU E 46 -50.78 -90.71 -29.38
N ASN E 47 -50.92 -89.65 -28.57
CA ASN E 47 -50.73 -88.28 -29.02
C ASN E 47 -49.30 -87.99 -29.44
N SER E 48 -48.33 -88.75 -28.92
CA SER E 48 -46.94 -88.46 -29.23
C SER E 48 -46.57 -88.88 -30.65
N LEU E 49 -47.46 -89.64 -31.31
CA LEU E 49 -47.27 -90.03 -32.69
C LEU E 49 -47.31 -88.87 -33.66
N TYR E 50 -47.89 -87.74 -33.27
CA TYR E 50 -48.19 -86.68 -34.20
C TYR E 50 -47.36 -85.44 -33.94
N ASP E 51 -46.47 -85.49 -32.94
CA ASP E 51 -45.65 -84.36 -32.57
C ASP E 51 -44.60 -84.07 -33.63
N VAL E 52 -44.44 -82.80 -33.99
CA VAL E 52 -43.46 -82.41 -34.99
C VAL E 52 -42.56 -81.35 -34.36
N GLU E 53 -41.26 -81.60 -34.33
CA GLU E 53 -40.32 -80.68 -33.71
C GLU E 53 -39.04 -80.61 -34.51
N PHE E 54 -38.39 -79.46 -34.50
CA PHE E 54 -37.09 -79.28 -35.11
C PHE E 54 -36.39 -78.11 -34.46
N ASP E 55 -35.10 -78.27 -34.21
CA ASP E 55 -34.25 -77.17 -33.79
C ASP E 55 -33.38 -76.78 -34.97
N ALA E 56 -33.60 -75.57 -35.49
CA ALA E 56 -33.11 -75.22 -36.81
C ALA E 56 -31.89 -74.31 -36.71
N LEU E 57 -31.12 -74.30 -37.80
CA LEU E 57 -29.92 -73.48 -37.90
C LEU E 57 -30.23 -72.37 -38.91
N LEU E 58 -29.94 -71.13 -38.58
CA LEU E 58 -30.46 -70.02 -39.38
C LEU E 58 -29.41 -69.03 -39.87
N GLY E 59 -28.21 -69.02 -39.29
CA GLY E 59 -27.31 -67.94 -39.67
C GLY E 59 -25.84 -68.14 -39.41
N SER E 60 -25.04 -67.72 -40.38
CA SER E 60 -23.59 -67.76 -40.29
C SER E 60 -23.04 -66.63 -41.16
N TYR E 61 -22.18 -65.80 -40.59
CA TYR E 61 -21.68 -64.64 -41.31
C TYR E 61 -20.19 -64.50 -41.08
N CYS E 62 -19.48 -64.11 -42.13
CA CYS E 62 -18.05 -63.89 -42.07
C CYS E 62 -17.78 -62.44 -42.42
N ASN E 63 -16.78 -61.85 -41.79
CA ASN E 63 -16.34 -60.51 -42.15
C ASN E 63 -15.19 -60.58 -43.13
N THR E 64 -15.02 -59.52 -43.90
CA THR E 64 -13.93 -59.45 -44.87
C THR E 64 -12.66 -59.14 -44.09
N LEU E 65 -11.59 -59.87 -44.39
CA LEU E 65 -10.29 -59.49 -43.84
C LEU E 65 -9.54 -58.62 -44.84
N SER E 66 -9.49 -57.33 -44.57
CA SER E 66 -9.00 -56.37 -45.57
C SER E 66 -7.48 -56.43 -45.65
N LEU E 67 -6.98 -56.94 -46.76
CA LEU E 67 -5.55 -56.97 -47.03
C LEU E 67 -5.13 -55.63 -47.61
N VAL E 68 -4.57 -54.77 -46.78
CA VAL E 68 -4.26 -53.40 -47.15
C VAL E 68 -2.76 -53.26 -47.40
N ARG E 69 -2.42 -52.91 -48.62
CA ARG E 69 -1.03 -52.80 -49.01
C ARG E 69 -0.42 -51.53 -48.43
N PHE E 70 0.89 -51.52 -48.34
CA PHE E 70 1.59 -50.38 -47.79
C PHE E 70 1.70 -49.23 -48.78
N LEU E 71 1.65 -49.52 -50.08
CA LEU E 71 1.72 -48.48 -51.10
C LEU E 71 0.30 -48.06 -51.47
N GLU E 72 -0.51 -47.80 -50.46
CA GLU E 72 -1.84 -47.23 -50.68
C GLU E 72 -1.99 -45.95 -49.88
N LEU E 73 -1.64 -46.02 -48.59
CA LEU E 73 -1.90 -44.96 -47.64
C LEU E 73 -1.06 -43.73 -47.89
N GLY E 74 -1.44 -42.61 -47.26
CA GLY E 74 -0.75 -41.36 -47.48
C GLY E 74 0.66 -41.33 -46.93
N LEU E 75 0.97 -42.18 -45.96
CA LEU E 75 2.31 -42.21 -45.40
C LEU E 75 3.28 -43.05 -46.23
N SER E 76 2.88 -43.49 -47.41
CA SER E 76 3.82 -44.04 -48.37
C SER E 76 4.68 -42.96 -49.00
N VAL E 77 4.28 -41.70 -48.89
CA VAL E 77 4.96 -40.62 -49.58
C VAL E 77 6.31 -40.33 -48.94
N ALA E 78 6.36 -40.31 -47.61
CA ALA E 78 7.60 -39.94 -46.94
C ALA E 78 8.68 -41.00 -47.06
N CYS E 79 8.36 -42.20 -47.51
CA CYS E 79 9.36 -43.27 -47.51
C CYS E 79 9.60 -43.72 -48.93
N VAL E 80 10.85 -44.06 -49.20
CA VAL E 80 11.23 -44.70 -50.45
C VAL E 80 11.78 -46.08 -50.08
N CYS E 81 10.91 -47.06 -50.04
CA CYS E 81 11.29 -48.43 -49.70
C CYS E 81 11.92 -49.07 -50.92
N THR E 82 12.98 -49.85 -50.73
CA THR E 82 13.62 -50.52 -51.86
C THR E 82 14.20 -51.87 -51.44
N LYS E 83 14.24 -52.79 -52.41
CA LYS E 83 14.65 -54.16 -52.14
C LYS E 83 16.15 -54.27 -52.01
N PHE E 84 16.58 -54.84 -50.90
CA PHE E 84 17.97 -55.23 -50.69
C PHE E 84 17.99 -56.48 -49.83
N PRO E 85 18.24 -57.64 -50.43
CA PRO E 85 18.47 -58.84 -49.62
C PRO E 85 19.81 -58.79 -48.94
N GLU E 86 20.02 -59.75 -48.03
CA GLU E 86 21.27 -59.98 -47.30
C GLU E 86 21.71 -58.80 -46.45
N LEU E 87 20.75 -58.01 -45.97
CA LEU E 87 21.06 -56.91 -45.06
C LEU E 87 21.37 -57.46 -43.68
N ALA E 88 21.00 -58.72 -43.44
CA ALA E 88 21.45 -59.42 -42.26
C ALA E 88 22.93 -59.72 -42.29
N TYR E 89 23.57 -59.68 -43.46
CA TYR E 89 24.98 -60.08 -43.53
C TYR E 89 25.91 -58.92 -43.27
N MET E 90 25.41 -57.69 -43.30
CA MET E 90 26.30 -56.56 -43.11
C MET E 90 26.39 -56.17 -41.64
N ASN E 91 27.56 -55.70 -41.24
CA ASN E 91 27.68 -54.89 -40.03
C ASN E 91 27.63 -53.41 -40.37
N GLU E 92 27.79 -53.08 -41.65
CA GLU E 92 27.68 -51.71 -42.14
C GLU E 92 27.40 -51.77 -43.64
N GLY E 93 26.33 -51.08 -44.06
CA GLY E 93 26.10 -50.83 -45.46
C GLY E 93 25.75 -49.37 -45.61
N ARG E 94 26.29 -48.59 -44.68
CA ARG E 94 25.67 -47.33 -44.28
C ARG E 94 26.08 -46.19 -45.21
N VAL E 95 25.25 -45.14 -45.21
CA VAL E 95 25.16 -44.20 -46.32
C VAL E 95 26.00 -42.96 -46.02
N GLN E 96 26.74 -42.48 -47.03
CA GLN E 96 27.59 -41.29 -46.90
C GLN E 96 27.23 -40.28 -47.98
N PHE E 97 27.08 -39.02 -47.59
CA PHE E 97 26.56 -37.97 -48.46
C PHE E 97 27.31 -36.66 -48.29
N GLU E 98 27.44 -35.90 -49.39
CA GLU E 98 28.07 -34.58 -49.38
C GLU E 98 27.05 -33.51 -49.07
N VAL E 99 27.53 -32.29 -48.90
CA VAL E 99 26.73 -31.07 -49.02
C VAL E 99 27.66 -29.94 -49.43
N HIS E 100 27.27 -29.20 -50.46
CA HIS E 100 28.05 -28.10 -50.96
C HIS E 100 27.35 -26.81 -50.55
N GLN E 101 27.62 -26.35 -49.35
CA GLN E 101 26.88 -25.23 -48.76
C GLN E 101 27.29 -23.93 -49.44
N PRO E 102 26.42 -22.93 -49.51
CA PRO E 102 26.79 -21.71 -50.24
C PRO E 102 27.81 -20.86 -49.50
N LEU E 103 28.32 -19.83 -50.17
CA LEU E 103 29.25 -18.88 -49.58
C LEU E 103 28.77 -17.48 -49.94
N ILE E 104 28.85 -16.57 -48.98
CA ILE E 104 28.37 -15.21 -49.19
C ILE E 104 29.60 -14.33 -49.09
N ALA E 105 30.72 -14.82 -49.66
CA ALA E 105 32.10 -14.36 -49.47
C ALA E 105 32.25 -12.85 -49.38
N ARG E 106 32.95 -12.42 -48.33
CA ARG E 106 32.67 -11.14 -47.71
C ARG E 106 33.62 -10.08 -48.21
N ASP E 107 33.16 -8.83 -48.12
CA ASP E 107 34.06 -7.71 -48.24
C ASP E 107 34.67 -7.41 -46.87
N GLY E 108 35.66 -6.52 -46.86
CA GLY E 108 36.28 -6.13 -45.63
C GLY E 108 37.41 -7.06 -45.26
N PRO E 109 38.23 -6.64 -44.30
CA PRO E 109 39.42 -7.44 -43.95
C PRO E 109 39.14 -8.57 -42.97
N HIS E 110 37.88 -8.88 -42.68
CA HIS E 110 37.55 -10.10 -41.97
C HIS E 110 37.97 -11.27 -42.85
N PRO E 111 38.59 -12.30 -42.28
CA PRO E 111 39.28 -13.29 -43.12
C PRO E 111 38.34 -14.16 -43.95
N VAL E 112 38.94 -15.01 -44.79
CA VAL E 112 38.28 -15.54 -45.97
C VAL E 112 37.39 -16.73 -45.61
N GLU E 113 36.25 -16.84 -46.29
CA GLU E 113 35.38 -18.02 -46.21
C GLU E 113 36.05 -19.23 -46.86
N GLN E 114 35.64 -20.43 -46.47
CA GLN E 114 36.31 -21.66 -46.86
C GLN E 114 35.30 -22.78 -47.03
N PRO E 115 35.08 -23.28 -48.25
CA PRO E 115 34.01 -24.27 -48.45
C PRO E 115 34.36 -25.66 -47.95
N VAL E 116 33.79 -26.08 -46.83
CA VAL E 116 33.95 -27.45 -46.37
C VAL E 116 32.84 -28.30 -46.98
N HIS E 117 33.17 -28.94 -48.10
CA HIS E 117 32.24 -29.81 -48.81
C HIS E 117 32.42 -31.21 -48.27
N ASN E 118 32.05 -31.38 -47.00
CA ASN E 118 32.33 -32.57 -46.23
C ASN E 118 31.38 -33.68 -46.62
N TYR E 119 31.86 -34.90 -46.47
CA TYR E 119 31.04 -36.08 -46.58
C TYR E 119 30.64 -36.47 -45.17
N MET E 120 29.37 -36.35 -44.83
CA MET E 120 28.90 -36.90 -43.56
C MET E 120 28.26 -38.25 -43.80
N THR E 121 28.43 -39.16 -42.84
CA THR E 121 27.86 -40.48 -42.94
C THR E 121 26.66 -40.62 -42.03
N LYS E 122 25.93 -41.72 -42.24
CA LYS E 122 24.89 -42.13 -41.31
C LYS E 122 25.11 -43.60 -41.02
N VAL E 123 24.17 -44.18 -40.27
CA VAL E 123 24.25 -45.55 -39.78
C VAL E 123 22.87 -46.18 -39.94
N ILE E 124 22.82 -47.35 -40.57
CA ILE E 124 21.56 -48.07 -40.74
C ILE E 124 21.29 -48.88 -39.48
N ASP E 125 20.03 -48.95 -39.05
CA ASP E 125 19.63 -49.78 -37.93
C ASP E 125 19.29 -51.18 -38.43
N ARG E 126 18.89 -52.05 -37.50
CA ARG E 126 18.40 -53.37 -37.84
C ARG E 126 17.16 -53.64 -37.02
N ARG E 127 16.12 -54.15 -37.67
CA ARG E 127 14.84 -54.40 -37.00
C ARG E 127 14.38 -55.82 -37.24
N ALA E 128 13.51 -56.28 -36.34
CA ALA E 128 13.08 -57.68 -36.33
C ALA E 128 11.79 -57.92 -37.10
N LEU E 129 10.70 -57.30 -36.66
CA LEU E 129 9.35 -57.44 -37.23
C LEU E 129 8.89 -58.88 -37.30
N ASN E 130 8.73 -59.54 -36.16
CA ASN E 130 8.43 -60.96 -36.13
C ASN E 130 6.94 -61.23 -36.04
N ALA E 131 6.52 -62.33 -36.67
CA ALA E 131 5.13 -62.75 -36.66
C ALA E 131 5.09 -64.27 -36.68
N ALA E 132 3.99 -64.82 -36.18
CA ALA E 132 3.86 -66.27 -36.05
C ALA E 132 2.40 -66.66 -36.12
N PHE E 133 2.17 -67.96 -36.30
CA PHE E 133 0.81 -68.47 -36.32
C PHE E 133 0.80 -69.92 -35.89
N SER E 134 -0.31 -70.31 -35.29
CA SER E 134 -0.44 -71.64 -34.71
C SER E 134 -0.70 -72.68 -35.78
N LEU E 135 -0.65 -73.95 -35.35
CA LEU E 135 -1.11 -75.08 -36.16
C LEU E 135 -1.36 -76.22 -35.17
N ALA E 136 -2.56 -76.80 -35.23
CA ALA E 136 -3.02 -77.68 -34.16
C ALA E 136 -2.37 -79.05 -34.23
N THR E 137 -2.79 -79.94 -33.33
CA THR E 137 -2.23 -81.29 -33.29
C THR E 137 -2.75 -82.16 -34.43
N GLU E 138 -4.00 -81.97 -34.83
CA GLU E 138 -4.43 -82.48 -36.10
C GLU E 138 -3.98 -81.54 -37.20
N ALA E 139 -4.42 -81.83 -38.42
CA ALA E 139 -4.01 -81.13 -39.65
C ALA E 139 -2.51 -81.16 -39.85
N ILE E 140 -1.86 -82.20 -39.32
CA ILE E 140 -0.45 -82.42 -39.53
C ILE E 140 -0.35 -83.68 -40.38
N ALA E 141 -1.09 -84.71 -39.96
CA ALA E 141 -1.37 -85.80 -40.87
C ALA E 141 -2.16 -85.30 -42.06
N LEU E 142 -3.15 -84.45 -41.83
CA LEU E 142 -3.80 -83.71 -42.90
C LEU E 142 -2.86 -82.62 -43.37
N LEU E 143 -3.12 -82.08 -44.56
CA LEU E 143 -2.29 -81.15 -45.34
C LEU E 143 -0.95 -81.76 -45.76
N THR E 144 -0.78 -83.06 -45.51
CA THR E 144 0.39 -83.79 -45.98
C THR E 144 -0.04 -85.03 -46.76
N GLY E 145 -1.08 -85.70 -46.30
CA GLY E 145 -1.57 -86.89 -46.97
C GLY E 145 -1.55 -88.15 -46.13
N GLU E 146 -1.49 -88.04 -44.81
CA GLU E 146 -1.41 -89.25 -44.00
C GLU E 146 -2.80 -89.80 -43.66
N ALA E 147 -3.62 -88.99 -42.99
CA ALA E 147 -4.89 -89.48 -42.45
C ALA E 147 -6.00 -89.13 -43.42
N LEU E 148 -6.14 -89.94 -44.46
CA LEU E 148 -7.24 -89.79 -45.40
C LEU E 148 -7.95 -91.12 -45.53
N ASP E 149 -9.03 -91.13 -46.29
CA ASP E 149 -9.79 -92.33 -46.58
C ASP E 149 -10.57 -92.05 -47.86
N GLY E 150 -11.29 -93.07 -48.32
CA GLY E 150 -12.16 -92.88 -49.46
C GLY E 150 -13.44 -92.14 -49.15
N THR E 151 -13.70 -91.86 -47.88
CA THR E 151 -14.84 -91.03 -47.51
C THR E 151 -14.61 -89.61 -47.97
N GLY E 152 -15.68 -88.99 -48.47
CA GLY E 152 -15.63 -87.56 -48.74
C GLY E 152 -15.46 -86.74 -47.47
N ILE E 153 -15.88 -87.30 -46.33
CA ILE E 153 -15.65 -86.70 -45.03
C ILE E 153 -14.16 -86.51 -44.78
N SER E 154 -13.36 -87.49 -45.18
CA SER E 154 -11.91 -87.35 -45.12
C SER E 154 -11.46 -86.21 -46.02
N LEU E 155 -12.06 -86.10 -47.20
CA LEU E 155 -11.76 -84.95 -48.04
C LEU E 155 -12.40 -83.69 -47.50
N HIS E 156 -13.57 -83.80 -46.85
CA HIS E 156 -14.24 -82.61 -46.35
C HIS E 156 -13.53 -82.00 -45.15
N ARG E 157 -13.00 -82.82 -44.25
CA ARG E 157 -12.21 -82.18 -43.20
C ARG E 157 -10.81 -81.84 -43.70
N GLN E 158 -10.39 -82.39 -44.84
CA GLN E 158 -9.18 -81.89 -45.46
C GLN E 158 -9.41 -80.51 -46.03
N LEU E 159 -10.63 -80.21 -46.45
CA LEU E 159 -10.99 -78.85 -46.84
C LEU E 159 -10.85 -77.89 -45.66
N ARG E 160 -11.37 -78.27 -44.49
CA ARG E 160 -11.43 -77.32 -43.38
C ARG E 160 -10.10 -77.11 -42.69
N ALA E 161 -9.03 -77.75 -43.16
CA ALA E 161 -7.70 -77.30 -42.80
C ALA E 161 -7.16 -76.32 -43.82
N ILE E 162 -7.51 -76.52 -45.09
CA ILE E 162 -7.12 -75.60 -46.15
C ILE E 162 -7.78 -74.26 -45.94
N GLN E 163 -9.06 -74.26 -45.59
CA GLN E 163 -9.74 -73.01 -45.24
C GLN E 163 -9.38 -72.53 -43.85
N GLN E 164 -8.48 -73.22 -43.16
CA GLN E 164 -7.86 -72.61 -42.00
C GLN E 164 -6.57 -71.91 -42.37
N LEU E 165 -5.71 -72.53 -43.16
CA LEU E 165 -4.49 -71.86 -43.59
C LEU E 165 -4.75 -70.69 -44.51
N ALA E 166 -5.76 -70.81 -45.38
CA ALA E 166 -6.02 -69.78 -46.37
C ALA E 166 -6.50 -68.48 -45.73
N ARG E 167 -6.98 -68.54 -44.49
CA ARG E 167 -7.22 -67.31 -43.76
C ARG E 167 -5.98 -66.89 -42.98
N ASN E 168 -5.13 -67.85 -42.60
CA ASN E 168 -3.96 -67.52 -41.78
C ASN E 168 -2.81 -66.95 -42.59
N VAL E 169 -2.61 -67.43 -43.82
CA VAL E 169 -1.48 -66.97 -44.63
C VAL E 169 -1.66 -65.50 -45.00
N GLN E 170 -2.90 -65.09 -45.29
CA GLN E 170 -3.18 -63.68 -45.53
C GLN E 170 -3.06 -62.88 -44.25
N ALA E 171 -3.27 -63.52 -43.10
CA ALA E 171 -3.16 -62.81 -41.84
C ALA E 171 -1.71 -62.46 -41.52
N VAL E 172 -0.78 -63.38 -41.74
CA VAL E 172 0.62 -63.04 -41.46
C VAL E 172 1.20 -62.21 -42.59
N LEU E 173 0.81 -62.45 -43.84
CA LEU E 173 1.32 -61.61 -44.93
C LEU E 173 0.71 -60.22 -44.87
N GLY E 174 -0.51 -60.13 -44.34
CA GLY E 174 -1.04 -58.82 -44.01
C GLY E 174 -0.27 -58.13 -42.92
N ALA E 175 0.20 -58.90 -41.93
CA ALA E 175 0.77 -58.32 -40.73
C ALA E 175 2.09 -57.61 -40.98
N PHE E 176 2.76 -57.95 -42.08
CA PHE E 176 3.94 -57.19 -42.45
C PHE E 176 3.59 -55.83 -43.01
N GLU E 177 2.60 -55.77 -43.91
CA GLU E 177 2.21 -54.48 -44.48
C GLU E 177 1.61 -53.58 -43.42
N ARG E 178 0.86 -54.18 -42.48
CA ARG E 178 0.46 -53.46 -41.29
C ARG E 178 1.68 -53.09 -40.46
N GLY E 179 2.63 -54.02 -40.34
CA GLY E 179 3.84 -53.73 -39.60
C GLY E 179 4.78 -52.78 -40.28
N THR E 180 4.64 -52.62 -41.60
CA THR E 180 5.52 -51.71 -42.33
C THR E 180 5.23 -50.27 -41.93
N ALA E 181 3.95 -49.93 -41.82
CA ALA E 181 3.57 -48.58 -41.43
C ALA E 181 3.93 -48.31 -39.97
N ASP E 182 3.85 -49.33 -39.12
CA ASP E 182 4.08 -49.12 -37.69
C ASP E 182 5.56 -48.82 -37.41
N GLN E 183 6.45 -49.33 -38.25
CA GLN E 183 7.84 -48.92 -38.11
C GLN E 183 8.02 -47.46 -38.47
N MET E 184 7.31 -47.00 -39.50
CA MET E 184 7.48 -45.61 -39.93
C MET E 184 6.97 -44.65 -38.88
N LEU E 185 5.99 -45.07 -38.10
CA LEU E 185 5.54 -44.23 -36.99
C LEU E 185 6.53 -44.26 -35.84
N HIS E 186 7.34 -45.31 -35.74
CA HIS E 186 8.40 -45.26 -34.74
C HIS E 186 9.58 -44.43 -35.23
N VAL E 187 10.03 -44.68 -36.46
CA VAL E 187 11.25 -44.03 -36.91
C VAL E 187 11.05 -42.57 -37.28
N LEU E 188 9.80 -42.14 -37.50
CA LEU E 188 9.58 -40.71 -37.55
C LEU E 188 9.59 -40.09 -36.17
N LEU E 189 8.84 -40.68 -35.24
CA LEU E 189 8.77 -40.12 -33.89
C LEU E 189 10.06 -40.27 -33.12
N GLU E 190 10.94 -41.18 -33.53
CA GLU E 190 12.25 -41.24 -32.90
C GLU E 190 13.12 -40.07 -33.32
N LYS E 191 12.96 -39.58 -34.55
CA LYS E 191 13.72 -38.42 -35.01
C LYS E 191 12.88 -37.15 -35.03
N ALA E 192 11.73 -37.14 -34.36
CA ALA E 192 10.86 -35.97 -34.33
C ALA E 192 11.15 -35.17 -33.08
N PRO E 193 11.66 -33.94 -33.18
CA PRO E 193 11.70 -33.08 -32.02
C PRO E 193 10.33 -32.47 -31.78
N PRO E 194 10.00 -32.13 -30.53
CA PRO E 194 8.69 -31.55 -30.26
C PRO E 194 8.62 -30.11 -30.74
N LEU E 195 7.62 -29.83 -31.57
CA LEU E 195 7.48 -28.53 -32.19
C LEU E 195 6.73 -27.61 -31.23
N ALA E 196 7.44 -27.19 -30.20
CA ALA E 196 7.18 -25.96 -29.50
C ALA E 196 8.56 -25.37 -29.32
N LEU E 197 9.54 -26.15 -29.74
CA LEU E 197 10.93 -25.86 -29.48
C LEU E 197 11.72 -25.59 -30.74
N LEU E 198 11.26 -26.07 -31.90
CA LEU E 198 12.09 -25.90 -33.08
C LEU E 198 11.81 -24.58 -33.78
N LEU E 199 10.63 -24.02 -33.59
CA LEU E 199 10.33 -22.68 -34.09
C LEU E 199 11.24 -21.57 -33.56
N PRO E 200 11.84 -21.68 -32.37
CA PRO E 200 13.01 -20.83 -32.10
C PRO E 200 14.34 -21.43 -32.53
N MET E 201 14.41 -22.73 -32.76
CA MET E 201 15.68 -23.36 -33.08
C MET E 201 16.17 -22.96 -34.46
N GLN E 202 15.26 -22.86 -35.42
CA GLN E 202 15.63 -22.41 -36.75
C GLN E 202 16.03 -20.94 -36.74
N ARG E 203 15.27 -20.11 -36.02
CA ARG E 203 15.62 -18.71 -36.04
C ARG E 203 16.78 -18.39 -35.11
N TYR E 204 17.27 -19.36 -34.36
CA TYR E 204 18.64 -19.25 -33.86
C TYR E 204 19.64 -19.45 -34.98
N LEU E 205 19.42 -20.47 -35.80
CA LEU E 205 20.30 -20.73 -36.92
C LEU E 205 20.11 -19.75 -38.08
N ASP E 206 19.11 -18.90 -38.02
CA ASP E 206 18.92 -17.84 -39.00
C ASP E 206 19.80 -16.64 -38.70
N ASN E 207 21.08 -16.91 -38.55
CA ASN E 207 22.11 -15.90 -38.34
C ASN E 207 23.35 -16.43 -39.01
N GLY E 208 24.50 -15.90 -38.62
CA GLY E 208 25.74 -16.48 -39.09
C GLY E 208 25.96 -17.85 -38.48
N ARG E 209 26.35 -17.88 -37.20
CA ARG E 209 26.21 -18.89 -36.15
C ARG E 209 26.85 -18.25 -34.94
N LEU E 210 26.53 -18.70 -33.74
CA LEU E 210 27.17 -18.16 -32.56
C LEU E 210 27.38 -19.28 -31.56
N ALA E 211 28.60 -19.40 -31.06
CA ALA E 211 28.87 -20.24 -29.90
C ALA E 211 29.52 -19.45 -28.79
N THR E 212 29.33 -18.13 -28.77
CA THR E 212 30.07 -17.26 -27.88
C THR E 212 29.51 -17.23 -26.46
N ARG E 213 28.71 -18.22 -26.09
CA ARG E 213 28.15 -18.49 -24.76
C ARG E 213 27.06 -17.48 -24.37
N VAL E 214 26.92 -16.40 -25.12
CA VAL E 214 25.87 -15.43 -24.87
C VAL E 214 24.62 -15.80 -25.62
N ALA E 215 24.78 -16.15 -26.90
CA ALA E 215 23.63 -16.58 -27.68
C ALA E 215 23.13 -17.94 -27.23
N ARG E 216 24.02 -18.76 -26.66
CA ARG E 216 23.60 -20.03 -26.11
C ARG E 216 22.66 -19.83 -24.92
N ALA E 217 22.93 -18.80 -24.11
CA ALA E 217 22.04 -18.50 -23.00
C ALA E 217 20.72 -17.94 -23.51
N THR E 218 20.77 -16.96 -24.41
CA THR E 218 19.55 -16.34 -24.91
C THR E 218 18.77 -17.27 -25.83
N LEU E 219 19.40 -18.33 -26.32
CA LEU E 219 18.61 -19.38 -26.95
C LEU E 219 17.75 -20.09 -25.91
N VAL E 220 18.37 -20.46 -24.78
CA VAL E 220 17.67 -21.28 -23.79
C VAL E 220 16.59 -20.47 -23.10
N ALA E 221 16.88 -19.20 -22.80
CA ALA E 221 15.95 -18.40 -22.00
C ALA E 221 14.74 -17.98 -22.82
N GLU E 222 14.82 -18.08 -24.15
CA GLU E 222 13.62 -17.94 -24.94
C GLU E 222 12.96 -19.27 -25.19
N LEU E 223 13.75 -20.34 -25.23
CA LEU E 223 13.22 -21.67 -25.53
C LEU E 223 12.32 -22.17 -24.42
N LYS E 224 12.69 -21.89 -23.18
CA LYS E 224 11.85 -22.26 -22.05
C LYS E 224 10.57 -21.44 -21.98
N ARG E 225 10.57 -20.22 -22.52
CA ARG E 225 9.37 -19.40 -22.49
C ARG E 225 8.36 -19.87 -23.53
N SER E 226 8.85 -20.30 -24.70
CA SER E 226 7.95 -20.79 -25.73
C SER E 226 7.31 -22.10 -25.34
N PHE E 227 7.97 -22.86 -24.47
CA PHE E 227 7.38 -24.12 -24.04
C PHE E 227 6.47 -23.92 -22.84
N CYS E 228 6.86 -23.00 -21.93
CA CYS E 228 6.01 -22.66 -20.80
C CYS E 228 4.74 -21.96 -21.21
N ASP E 229 4.69 -21.36 -22.40
CA ASP E 229 3.52 -20.56 -22.76
C ASP E 229 2.70 -21.20 -23.85
N THR E 230 3.28 -21.52 -25.00
CA THR E 230 2.53 -22.05 -26.14
C THR E 230 3.03 -23.44 -26.45
N SER E 231 2.45 -24.44 -25.81
CA SER E 231 2.82 -25.82 -26.12
C SER E 231 1.60 -26.53 -26.64
N PHE E 232 0.48 -26.39 -25.95
CA PHE E 232 -0.74 -27.08 -26.29
C PHE E 232 -1.74 -26.19 -27.01
N PHE E 233 -1.27 -25.38 -27.96
CA PHE E 233 -1.97 -24.21 -28.50
C PHE E 233 -3.35 -24.50 -29.06
N LEU E 234 -3.49 -25.54 -29.86
CA LEU E 234 -4.80 -26.01 -30.25
C LEU E 234 -5.45 -26.63 -29.03
N GLY E 235 -6.64 -26.17 -28.69
CA GLY E 235 -7.24 -26.45 -27.42
C GLY E 235 -6.93 -25.42 -26.36
N LYS E 236 -5.74 -24.81 -26.41
CA LYS E 236 -5.45 -23.67 -25.53
C LYS E 236 -6.20 -22.47 -26.10
N ALA E 237 -6.16 -22.29 -27.40
CA ALA E 237 -6.98 -21.31 -28.09
C ALA E 237 -7.69 -22.00 -29.24
N GLY E 238 -8.84 -22.59 -28.96
CA GLY E 238 -9.66 -23.19 -29.98
C GLY E 238 -10.85 -22.30 -30.26
N HIS E 239 -11.09 -21.38 -29.32
CA HIS E 239 -12.10 -20.34 -29.51
C HIS E 239 -11.70 -19.36 -30.59
N ARG E 240 -10.41 -19.20 -30.84
CA ARG E 240 -9.94 -18.25 -31.84
C ARG E 240 -10.01 -18.89 -33.23
N ARG E 241 -9.42 -18.19 -34.18
CA ARG E 241 -9.33 -18.49 -35.61
C ARG E 241 -8.39 -17.43 -36.13
N GLU E 242 -7.78 -17.72 -37.29
CA GLU E 242 -6.74 -16.89 -37.93
C GLU E 242 -5.50 -16.77 -37.06
N ALA E 243 -5.34 -17.68 -36.12
CA ALA E 243 -4.05 -17.94 -35.48
C ALA E 243 -3.69 -19.40 -35.70
N ILE E 244 -4.71 -20.25 -35.69
CA ILE E 244 -4.54 -21.65 -36.07
C ILE E 244 -4.22 -21.72 -37.55
N GLU E 245 -4.73 -20.74 -38.31
CA GLU E 245 -4.25 -20.48 -39.66
C GLU E 245 -2.75 -20.22 -39.65
N ALA E 246 -2.28 -19.36 -38.75
CA ALA E 246 -0.86 -19.06 -38.69
C ALA E 246 -0.07 -20.14 -37.97
N TRP E 247 -0.74 -20.97 -37.16
CA TRP E 247 -0.04 -22.00 -36.42
C TRP E 247 0.42 -23.13 -37.32
N LEU E 248 -0.40 -23.50 -38.29
CA LEU E 248 -0.05 -24.60 -39.19
C LEU E 248 1.05 -24.21 -40.16
N VAL E 249 1.02 -22.96 -40.65
CA VAL E 249 1.83 -22.63 -41.80
C VAL E 249 3.31 -22.60 -41.45
N ASP E 250 3.64 -22.29 -40.20
CA ASP E 250 5.01 -22.46 -39.75
C ASP E 250 5.31 -23.92 -39.50
N LEU E 251 4.34 -24.63 -38.92
CA LEU E 251 4.44 -26.07 -38.75
C LEU E 251 4.47 -26.79 -40.09
N THR E 252 3.92 -26.15 -41.11
CA THR E 252 4.04 -26.66 -42.47
C THR E 252 5.47 -26.54 -42.98
N THR E 253 6.23 -25.56 -42.51
CA THR E 253 7.59 -25.40 -43.00
C THR E 253 8.59 -25.04 -41.91
N ALA E 254 8.44 -25.65 -40.74
CA ALA E 254 9.51 -25.58 -39.75
C ALA E 254 10.68 -26.47 -40.11
N THR E 255 10.45 -27.56 -40.82
CA THR E 255 11.50 -28.49 -41.21
C THR E 255 12.13 -28.02 -42.51
N GLN E 256 13.09 -28.75 -42.98
CA GLN E 256 13.69 -28.37 -44.24
C GLN E 256 13.68 -29.53 -45.21
N PRO E 257 13.60 -29.26 -46.52
CA PRO E 257 13.53 -30.35 -47.50
C PRO E 257 14.79 -31.20 -47.50
N SER E 258 14.59 -32.51 -47.61
CA SER E 258 15.69 -33.46 -47.53
C SER E 258 16.45 -33.51 -48.84
N VAL E 259 17.52 -34.28 -48.84
CA VAL E 259 18.37 -34.46 -50.00
C VAL E 259 17.69 -35.55 -50.83
N ALA E 260 16.67 -35.17 -51.58
CA ALA E 260 15.79 -36.20 -52.09
C ALA E 260 14.96 -35.64 -53.25
N VAL E 261 15.07 -36.31 -54.39
CA VAL E 261 14.09 -36.22 -55.46
C VAL E 261 13.59 -37.64 -55.68
N PRO E 262 12.28 -37.88 -55.62
CA PRO E 262 11.79 -39.27 -55.58
C PRO E 262 11.89 -39.99 -56.92
N ARG E 263 11.68 -39.27 -58.03
CA ARG E 263 11.57 -39.67 -59.45
C ARG E 263 10.22 -40.35 -59.70
N LEU E 264 9.45 -40.65 -58.67
CA LEU E 264 8.10 -41.19 -58.82
C LEU E 264 7.20 -40.40 -57.88
N THR E 265 6.42 -39.49 -58.44
CA THR E 265 5.74 -38.47 -57.65
C THR E 265 4.28 -38.81 -57.48
N HIS E 266 3.71 -38.33 -56.38
CA HIS E 266 2.30 -38.48 -56.15
C HIS E 266 1.57 -37.24 -56.62
N ALA E 267 0.65 -37.43 -57.56
CA ALA E 267 0.07 -36.29 -58.25
C ALA E 267 -1.02 -35.60 -57.44
N ASP E 268 -1.71 -34.66 -58.07
CA ASP E 268 -2.81 -33.95 -57.41
C ASP E 268 -4.00 -33.87 -58.34
N THR E 269 -3.99 -34.71 -59.39
CA THR E 269 -4.91 -34.83 -60.52
C THR E 269 -4.80 -33.67 -61.49
N ARG E 270 -4.10 -32.59 -61.14
CA ARG E 270 -3.83 -31.60 -62.16
C ARG E 270 -2.41 -31.79 -62.69
N GLY E 271 -1.42 -31.39 -61.89
CA GLY E 271 -0.06 -31.80 -62.11
C GLY E 271 0.73 -31.86 -60.82
N ARG E 272 0.12 -31.38 -59.74
CA ARG E 272 0.89 -30.85 -58.62
C ARG E 272 1.55 -31.94 -57.78
N PRO E 273 2.88 -31.88 -57.62
CA PRO E 273 3.57 -32.84 -56.76
C PRO E 273 3.35 -32.58 -55.28
N VAL E 274 3.34 -33.64 -54.48
CA VAL E 274 3.04 -33.53 -53.06
C VAL E 274 4.34 -33.53 -52.25
N ASP E 275 4.45 -32.59 -51.31
CA ASP E 275 5.72 -32.45 -50.59
C ASP E 275 5.61 -32.64 -49.08
N GLY E 276 4.57 -33.29 -48.58
CA GLY E 276 4.47 -33.52 -47.15
C GLY E 276 3.43 -34.57 -46.84
N VAL E 277 3.41 -35.02 -45.58
CA VAL E 277 2.52 -36.11 -45.22
C VAL E 277 1.50 -35.68 -44.18
N LEU E 278 1.95 -35.24 -43.01
CA LEU E 278 1.10 -34.74 -41.91
C LEU E 278 0.11 -35.82 -41.42
N VAL E 279 0.69 -36.85 -40.79
CA VAL E 279 -0.07 -37.89 -40.10
C VAL E 279 -0.68 -37.32 -38.83
N THR E 280 -1.98 -37.54 -38.65
CA THR E 280 -2.68 -37.04 -37.48
C THR E 280 -3.54 -38.18 -36.97
N THR E 281 -4.11 -38.05 -35.78
CA THR E 281 -5.03 -39.04 -35.23
C THR E 281 -6.39 -38.89 -35.88
N ALA E 282 -7.29 -39.82 -35.57
CA ALA E 282 -8.64 -39.73 -36.09
C ALA E 282 -9.43 -38.63 -35.42
N ALA E 283 -9.22 -38.43 -34.12
CA ALA E 283 -10.05 -37.49 -33.37
C ALA E 283 -9.71 -36.05 -33.73
N ILE E 284 -8.43 -35.77 -33.94
CA ILE E 284 -8.02 -34.41 -34.25
C ILE E 284 -8.44 -34.05 -35.67
N LYS E 285 -8.37 -35.00 -36.60
CA LYS E 285 -8.61 -34.72 -38.01
C LYS E 285 -10.05 -34.29 -38.27
N GLN E 286 -10.98 -34.79 -37.45
CA GLN E 286 -12.37 -34.39 -37.54
C GLN E 286 -12.59 -32.90 -37.34
N ARG E 287 -12.25 -32.37 -36.17
CA ARG E 287 -12.55 -30.97 -35.91
C ARG E 287 -11.58 -30.05 -36.62
N LEU E 288 -10.49 -30.58 -37.17
CA LEU E 288 -9.58 -29.73 -37.93
C LEU E 288 -10.13 -29.42 -39.31
N LEU E 289 -10.72 -30.41 -39.98
CA LEU E 289 -11.10 -30.23 -41.39
C LEU E 289 -12.30 -29.32 -41.54
N GLN E 290 -13.31 -29.49 -40.70
CA GLN E 290 -14.58 -28.80 -40.93
C GLN E 290 -14.48 -27.31 -40.63
N SER E 291 -13.44 -26.89 -39.92
CA SER E 291 -13.27 -25.49 -39.59
C SER E 291 -12.11 -24.85 -40.31
N PHE E 292 -11.26 -25.63 -40.97
CA PHE E 292 -10.06 -25.09 -41.60
C PHE E 292 -9.93 -25.75 -42.99
N LEU E 293 -10.52 -25.05 -43.95
CA LEU E 293 -10.95 -25.54 -45.24
C LEU E 293 -9.77 -25.87 -46.16
N LYS E 294 -9.91 -26.61 -47.29
CA LYS E 294 -10.56 -27.92 -47.62
C LYS E 294 -10.29 -27.99 -49.12
N VAL E 295 -10.34 -29.18 -49.73
CA VAL E 295 -9.74 -29.39 -51.04
C VAL E 295 -10.45 -30.42 -51.91
N GLU E 296 -9.94 -30.57 -53.13
CA GLU E 296 -10.14 -31.76 -53.95
C GLU E 296 -9.37 -32.92 -53.36
N ASP E 297 -10.04 -34.05 -53.16
CA ASP E 297 -9.45 -35.19 -52.45
C ASP E 297 -9.46 -36.44 -53.33
N THR E 298 -8.43 -36.55 -54.17
CA THR E 298 -8.14 -37.76 -54.91
C THR E 298 -6.67 -37.76 -55.30
N GLU E 299 -5.93 -38.80 -54.91
CA GLU E 299 -4.52 -38.93 -55.31
C GLU E 299 -4.50 -39.62 -56.66
N ALA E 300 -4.08 -38.88 -57.69
CA ALA E 300 -4.00 -39.46 -59.03
C ALA E 300 -2.88 -40.48 -59.12
N ASP E 301 -1.77 -40.25 -58.44
CA ASP E 301 -0.63 -41.12 -58.63
C ASP E 301 -0.15 -41.62 -57.28
N VAL E 302 0.08 -42.92 -57.22
CA VAL E 302 0.88 -43.58 -56.20
C VAL E 302 1.40 -44.88 -56.82
N PRO E 303 2.64 -44.91 -57.23
CA PRO E 303 3.12 -46.04 -58.02
C PRO E 303 3.46 -47.24 -57.17
N VAL E 304 3.22 -48.44 -57.70
CA VAL E 304 3.74 -49.63 -57.07
C VAL E 304 5.13 -49.88 -57.62
N THR E 305 6.11 -49.23 -57.02
CA THR E 305 7.51 -49.41 -57.35
C THR E 305 8.08 -50.63 -56.66
N TYR E 306 9.40 -50.77 -56.66
CA TYR E 306 10.07 -51.80 -55.89
C TYR E 306 10.11 -51.39 -54.43
N GLY E 307 8.95 -51.46 -53.76
CA GLY E 307 8.89 -51.05 -52.37
C GLY E 307 8.33 -52.14 -51.48
N GLU E 308 7.28 -52.83 -51.93
CA GLU E 308 6.76 -53.94 -51.15
C GLU E 308 6.99 -55.23 -51.91
N MET E 309 6.45 -55.31 -53.13
CA MET E 309 6.75 -56.33 -54.13
C MET E 309 6.52 -57.75 -53.64
N VAL E 310 5.25 -58.14 -53.46
CA VAL E 310 4.89 -59.45 -52.90
C VAL E 310 5.30 -60.65 -53.75
N LEU E 311 5.94 -60.44 -54.91
CA LEU E 311 6.48 -61.53 -55.70
C LEU E 311 7.67 -62.19 -55.00
N ASN E 312 8.40 -61.41 -54.20
CA ASN E 312 9.43 -61.99 -53.35
C ASN E 312 8.84 -62.59 -52.08
N GLY E 313 7.63 -62.16 -51.71
CA GLY E 313 6.99 -62.66 -50.50
C GLY E 313 6.35 -64.01 -50.69
N ALA E 314 6.31 -64.49 -51.93
CA ALA E 314 5.57 -65.71 -52.24
C ALA E 314 6.37 -66.96 -51.89
N ASN E 315 7.63 -66.79 -51.50
CA ASN E 315 8.50 -67.90 -51.15
C ASN E 315 8.02 -68.61 -49.89
N LEU E 316 7.76 -67.84 -48.83
CA LEU E 316 7.34 -68.42 -47.54
C LEU E 316 5.91 -68.96 -47.60
N VAL E 317 5.18 -68.61 -48.66
CA VAL E 317 3.93 -69.31 -48.96
C VAL E 317 4.20 -70.76 -49.36
N THR E 318 5.34 -71.00 -50.01
CA THR E 318 5.64 -72.35 -50.48
C THR E 318 6.74 -73.02 -49.67
N ALA E 319 7.75 -72.24 -49.25
CA ALA E 319 8.94 -72.82 -48.63
C ALA E 319 8.68 -73.25 -47.19
N LEU E 320 7.82 -72.51 -46.48
CA LEU E 320 7.40 -72.93 -45.14
C LEU E 320 6.62 -74.22 -45.22
N VAL E 321 5.78 -74.36 -46.24
CA VAL E 321 5.14 -75.62 -46.53
C VAL E 321 6.15 -76.65 -47.02
N MET E 322 7.24 -76.17 -47.65
CA MET E 322 8.29 -77.07 -48.10
C MET E 322 9.23 -77.44 -46.95
N GLY E 323 9.28 -76.59 -45.92
CA GLY E 323 10.15 -76.85 -44.79
C GLY E 323 9.63 -78.04 -43.99
N LYS E 324 8.31 -78.22 -43.98
CA LYS E 324 7.70 -79.34 -43.28
C LYS E 324 7.67 -80.61 -44.13
N ALA E 325 6.97 -80.55 -45.26
CA ALA E 325 6.55 -81.76 -45.98
C ALA E 325 6.14 -81.44 -47.41
N VAL E 326 5.38 -82.35 -48.03
CA VAL E 326 4.91 -82.16 -49.40
C VAL E 326 3.74 -81.17 -49.52
N ARG E 327 3.52 -80.32 -48.51
CA ARG E 327 2.53 -79.26 -48.56
C ARG E 327 2.90 -78.14 -49.53
N SER E 328 4.16 -78.14 -49.98
CA SER E 328 4.68 -77.15 -50.93
C SER E 328 3.98 -77.17 -52.29
N LEU E 329 3.63 -78.37 -52.76
CA LEU E 329 2.91 -78.49 -54.02
C LEU E 329 1.49 -77.98 -53.84
N ASP E 330 0.94 -78.11 -52.63
CA ASP E 330 -0.42 -77.70 -52.38
C ASP E 330 -0.52 -76.20 -52.10
N ASP E 331 0.24 -75.70 -51.12
CA ASP E 331 0.06 -74.37 -50.52
C ASP E 331 0.22 -73.20 -51.49
N VAL E 332 0.91 -73.41 -52.62
CA VAL E 332 0.92 -72.40 -53.66
C VAL E 332 -0.24 -72.59 -54.63
N GLY E 333 -0.60 -73.85 -54.90
CA GLY E 333 -1.69 -74.12 -55.84
C GLY E 333 -3.05 -73.83 -55.22
N ARG E 334 -3.15 -73.99 -53.89
CA ARG E 334 -4.41 -73.74 -53.20
C ARG E 334 -4.75 -72.27 -53.19
N HIS E 335 -3.73 -71.40 -53.16
CA HIS E 335 -3.88 -69.95 -53.15
C HIS E 335 -4.56 -69.44 -54.42
N LEU E 336 -4.43 -70.21 -55.51
CA LEU E 336 -5.17 -69.94 -56.75
C LEU E 336 -6.67 -70.12 -56.54
N LEU E 337 -7.08 -71.26 -56.00
CA LEU E 337 -8.50 -71.52 -55.78
C LEU E 337 -9.00 -70.90 -54.47
N ASP E 338 -8.11 -70.26 -53.71
CA ASP E 338 -8.52 -69.63 -52.46
C ASP E 338 -9.06 -68.21 -52.66
N MET E 339 -8.85 -67.64 -53.85
CA MET E 339 -9.22 -66.25 -54.13
C MET E 339 -10.73 -66.04 -54.08
N GLN E 340 -11.49 -67.08 -54.47
CA GLN E 340 -12.94 -67.01 -54.33
C GLN E 340 -13.42 -67.87 -53.17
N GLU E 341 -12.50 -68.57 -52.50
CA GLU E 341 -12.88 -69.45 -51.40
C GLU E 341 -12.92 -68.69 -50.07
N GLU E 342 -11.90 -67.87 -49.80
CA GLU E 342 -11.85 -67.17 -48.53
C GLU E 342 -12.60 -65.84 -48.59
N GLN E 343 -12.70 -65.25 -49.79
CA GLN E 343 -13.17 -63.87 -49.91
C GLN E 343 -14.68 -63.76 -49.77
N LEU E 344 -15.42 -64.39 -50.68
CA LEU E 344 -16.87 -64.22 -50.70
C LEU E 344 -17.58 -65.43 -51.31
N GLU E 345 -18.89 -65.51 -51.07
CA GLU E 345 -19.70 -66.60 -51.59
C GLU E 345 -21.17 -66.16 -51.68
N THR E 360 1.41 -47.41 -60.61
CA THR E 360 1.04 -46.12 -61.17
C THR E 360 -0.48 -46.02 -61.28
N THR E 361 -1.14 -45.65 -60.18
CA THR E 361 -2.59 -45.73 -60.13
C THR E 361 -3.15 -44.70 -59.17
N ARG E 362 -4.48 -44.64 -59.14
CA ARG E 362 -5.21 -43.75 -58.26
C ARG E 362 -5.62 -44.47 -56.99
N VAL E 363 -5.41 -43.80 -55.86
CA VAL E 363 -5.88 -44.27 -54.56
C VAL E 363 -6.53 -43.09 -53.86
N ARG E 364 -7.67 -43.32 -53.23
CA ARG E 364 -8.35 -42.28 -52.49
C ARG E 364 -7.52 -41.83 -51.30
N ALA E 365 -7.44 -40.51 -51.11
CA ALA E 365 -6.82 -39.87 -49.96
C ALA E 365 -7.33 -38.44 -49.90
N ASP E 366 -6.76 -37.66 -49.00
CA ASP E 366 -7.23 -36.31 -48.69
C ASP E 366 -6.05 -35.35 -48.72
N LEU E 367 -6.09 -34.37 -49.62
CA LEU E 367 -4.90 -33.63 -49.98
C LEU E 367 -5.07 -32.13 -49.76
N VAL E 368 -4.86 -31.67 -48.53
CA VAL E 368 -5.05 -30.26 -48.24
C VAL E 368 -3.82 -29.49 -48.68
N ALA E 369 -4.06 -28.34 -49.28
CA ALA E 369 -3.01 -27.47 -49.81
C ALA E 369 -2.97 -26.20 -49.00
N ILE E 370 -1.82 -25.89 -48.42
CA ILE E 370 -1.66 -24.78 -47.50
C ILE E 370 -0.41 -24.03 -47.93
N GLY E 371 -0.48 -22.70 -47.94
CA GLY E 371 0.62 -21.87 -48.37
C GLY E 371 0.74 -21.98 -49.87
N ASP E 372 1.87 -22.48 -50.35
CA ASP E 372 1.97 -23.07 -51.68
C ASP E 372 2.66 -24.42 -51.53
N ARG E 373 1.91 -25.39 -51.03
CA ARG E 373 2.39 -26.73 -50.70
C ARG E 373 1.19 -27.66 -50.78
N LEU E 374 1.40 -28.94 -50.48
CA LEU E 374 0.36 -29.95 -50.56
C LEU E 374 0.75 -31.16 -49.71
N VAL E 375 -0.16 -31.62 -48.85
CA VAL E 375 0.14 -32.73 -47.95
C VAL E 375 -0.97 -33.78 -48.00
N PHE E 376 -0.60 -35.03 -47.73
CA PHE E 376 -1.54 -36.14 -47.66
C PHE E 376 -2.12 -36.26 -46.26
N LEU E 377 -2.95 -35.31 -45.87
CA LEU E 377 -3.51 -35.31 -44.53
C LEU E 377 -4.45 -36.50 -44.36
N GLU E 378 -3.95 -37.52 -43.67
CA GLU E 378 -4.64 -38.79 -43.52
C GLU E 378 -4.47 -39.28 -42.09
N ALA E 379 -5.52 -39.86 -41.54
CA ALA E 379 -5.53 -40.33 -40.16
C ALA E 379 -5.56 -41.84 -40.16
N LEU E 380 -4.86 -42.43 -39.20
CA LEU E 380 -4.92 -43.87 -39.02
C LEU E 380 -5.88 -44.23 -37.90
N GLU E 381 -5.84 -45.49 -37.51
CA GLU E 381 -6.45 -46.25 -36.41
C GLU E 381 -7.92 -46.55 -36.65
N LYS E 382 -8.58 -45.92 -37.62
CA LYS E 382 -9.89 -46.36 -38.04
C LYS E 382 -9.75 -47.43 -39.10
N ARG E 383 -8.53 -47.59 -39.62
CA ARG E 383 -8.31 -48.46 -40.74
C ARG E 383 -7.37 -49.59 -40.38
N ILE E 384 -6.18 -49.26 -39.90
CA ILE E 384 -5.06 -50.20 -39.87
C ILE E 384 -4.45 -50.35 -38.49
N TYR E 385 -5.02 -49.76 -37.45
CA TYR E 385 -4.66 -50.08 -36.07
C TYR E 385 -5.79 -50.63 -35.25
N ALA E 386 -7.03 -50.55 -35.73
CA ALA E 386 -8.19 -50.92 -34.92
C ALA E 386 -8.21 -52.41 -34.63
N ALA E 387 -8.68 -52.75 -33.43
CA ALA E 387 -9.00 -54.08 -32.93
C ALA E 387 -7.81 -55.01 -32.81
N THR E 388 -6.59 -54.53 -32.97
CA THR E 388 -5.43 -55.41 -32.92
C THR E 388 -4.71 -55.36 -31.58
N ASN E 389 -5.31 -54.73 -30.56
CA ASN E 389 -4.75 -54.55 -29.21
C ASN E 389 -3.42 -53.81 -29.26
N VAL E 390 -3.32 -52.85 -30.16
CA VAL E 390 -2.09 -52.06 -30.30
C VAL E 390 -2.39 -50.63 -29.89
N PRO E 391 -1.63 -50.05 -28.97
CA PRO E 391 -1.76 -48.63 -28.72
C PRO E 391 -1.36 -47.81 -29.92
N TYR E 392 -2.23 -46.87 -30.28
CA TYR E 392 -2.04 -46.05 -31.46
C TYR E 392 -0.90 -45.07 -31.22
N PRO E 393 0.16 -45.10 -32.02
CA PRO E 393 1.41 -44.46 -31.62
C PRO E 393 1.40 -42.94 -31.58
N LEU E 394 0.38 -42.28 -32.12
CA LEU E 394 0.29 -40.83 -31.97
C LEU E 394 -0.56 -40.50 -30.75
N VAL E 395 -0.23 -41.12 -29.63
CA VAL E 395 -0.74 -40.70 -28.33
C VAL E 395 0.44 -40.98 -27.42
N GLY E 396 0.51 -40.34 -26.27
CA GLY E 396 1.68 -40.53 -25.44
C GLY E 396 1.62 -39.70 -24.18
N ALA E 397 2.79 -39.57 -23.55
CA ALA E 397 2.89 -39.06 -22.20
C ALA E 397 3.86 -37.89 -22.13
N MET E 398 3.38 -36.80 -21.54
CA MET E 398 4.22 -35.68 -21.10
C MET E 398 4.30 -35.77 -19.59
N ASP E 399 5.51 -35.99 -19.07
CA ASP E 399 5.69 -36.11 -17.63
C ASP E 399 6.30 -34.83 -17.08
N LEU E 400 5.56 -34.15 -16.21
CA LEU E 400 5.98 -32.86 -15.67
C LEU E 400 5.99 -32.96 -14.16
N THR E 401 7.14 -32.72 -13.55
CA THR E 401 7.24 -32.70 -12.10
C THR E 401 6.75 -31.36 -11.58
N PHE E 402 6.15 -31.37 -10.40
CA PHE E 402 5.60 -30.15 -9.83
C PHE E 402 6.23 -29.85 -8.48
N VAL E 403 6.28 -28.55 -8.16
CA VAL E 403 6.93 -28.07 -6.94
C VAL E 403 5.91 -27.29 -6.13
N LEU E 404 5.69 -27.70 -4.89
CA LEU E 404 4.86 -26.91 -4.00
C LEU E 404 5.63 -26.58 -2.72
N PRO E 405 5.92 -25.31 -2.49
CA PRO E 405 6.41 -24.91 -1.18
C PRO E 405 5.32 -25.05 -0.13
N LEU E 406 5.70 -25.69 0.98
CA LEU E 406 4.76 -26.07 2.02
C LEU E 406 5.23 -25.52 3.35
N GLY E 407 4.33 -24.83 4.04
CA GLY E 407 4.62 -24.35 5.38
C GLY E 407 5.69 -23.29 5.47
N LEU E 408 5.97 -22.57 4.39
CA LEU E 408 6.95 -21.50 4.45
C LEU E 408 6.32 -20.26 5.08
N PHE E 409 7.00 -19.14 4.97
CA PHE E 409 6.56 -17.96 5.71
C PHE E 409 6.69 -16.71 4.85
N ASN E 410 5.72 -15.82 5.04
CA ASN E 410 5.64 -14.55 4.34
C ASN E 410 6.87 -13.71 4.64
N PRO E 411 7.54 -13.15 3.63
CA PRO E 411 8.64 -12.22 3.91
C PRO E 411 8.17 -10.92 4.56
N ALA E 412 9.16 -10.06 4.85
CA ALA E 412 8.94 -8.92 5.73
C ALA E 412 8.17 -7.79 5.05
N MET E 413 8.02 -7.84 3.73
CA MET E 413 7.38 -6.74 3.05
C MET E 413 5.90 -6.99 2.78
N GLU E 414 5.50 -8.24 2.60
CA GLU E 414 4.21 -8.56 2.01
C GLU E 414 3.16 -8.93 3.05
N ARG E 415 3.14 -8.29 4.20
CA ARG E 415 2.24 -8.71 5.26
C ARG E 415 0.96 -7.88 5.33
N PHE E 416 0.55 -7.30 4.21
CA PHE E 416 -0.54 -6.35 4.20
C PHE E 416 -1.87 -7.07 3.97
N ALA E 417 -2.92 -6.28 3.75
CA ALA E 417 -4.27 -6.82 3.60
C ALA E 417 -4.99 -6.35 2.36
N ALA E 418 -4.47 -5.33 1.69
CA ALA E 418 -4.94 -4.71 0.44
C ALA E 418 -6.24 -3.94 0.61
N HIS E 419 -6.89 -4.01 1.78
CA HIS E 419 -8.03 -3.21 2.17
C HIS E 419 -8.16 -3.39 3.67
N ALA E 420 -8.86 -2.46 4.32
CA ALA E 420 -9.10 -2.54 5.75
C ALA E 420 -9.94 -3.75 6.12
N GLY E 421 -11.20 -3.74 5.73
CA GLY E 421 -12.08 -4.79 6.19
C GLY E 421 -12.31 -5.93 5.24
N ASP E 422 -11.56 -7.02 5.43
CA ASP E 422 -11.55 -8.17 4.56
C ASP E 422 -10.80 -9.29 5.27
N LEU E 423 -11.30 -10.52 5.08
CA LEU E 423 -10.87 -11.72 5.81
C LEU E 423 -10.94 -11.48 7.32
N VAL E 424 -12.11 -11.12 7.79
CA VAL E 424 -12.35 -10.73 9.18
C VAL E 424 -13.15 -11.84 9.85
N PRO E 425 -12.82 -12.24 11.08
CA PRO E 425 -13.58 -13.31 11.71
C PRO E 425 -14.80 -12.73 12.43
N ALA E 426 -15.58 -13.65 13.00
CA ALA E 426 -16.59 -13.28 13.97
C ALA E 426 -15.90 -12.66 15.19
N PRO E 427 -16.55 -11.71 15.88
CA PRO E 427 -15.80 -10.83 16.80
C PRO E 427 -15.18 -11.50 18.03
N GLY E 428 -15.56 -12.74 18.35
CA GLY E 428 -14.92 -13.44 19.45
C GLY E 428 -13.99 -14.54 18.98
N HIS E 429 -13.22 -14.27 17.94
CA HIS E 429 -12.43 -15.31 17.28
C HIS E 429 -11.04 -14.78 16.92
N PRO E 430 -10.03 -15.65 16.89
CA PRO E 430 -8.64 -15.17 16.90
C PRO E 430 -8.12 -14.61 15.58
N GLU E 431 -8.86 -14.75 14.46
CA GLU E 431 -8.35 -14.52 13.11
C GLU E 431 -7.10 -15.36 12.87
N PRO E 432 -7.28 -16.64 12.53
CA PRO E 432 -6.14 -17.56 12.44
C PRO E 432 -5.19 -17.28 11.28
N ARG E 433 -5.43 -16.26 10.48
CA ARG E 433 -4.51 -15.99 9.37
C ARG E 433 -3.27 -15.24 9.82
N ALA E 434 -3.14 -14.95 11.10
CA ALA E 434 -2.02 -14.19 11.62
C ALA E 434 -0.84 -15.06 12.04
N PHE E 435 -0.98 -16.37 12.06
CA PHE E 435 0.12 -17.23 12.45
C PHE E 435 0.68 -17.94 11.22
N PRO E 436 1.90 -18.51 11.30
CA PRO E 436 2.48 -19.21 10.16
C PRO E 436 1.65 -20.38 9.69
N PRO E 437 1.39 -20.45 8.38
CA PRO E 437 0.49 -21.49 7.86
C PRO E 437 1.22 -22.80 7.70
N ARG E 438 0.52 -23.88 8.00
CA ARG E 438 0.99 -25.24 7.76
C ARG E 438 0.11 -25.97 6.78
N GLN E 439 -1.12 -25.55 6.62
CA GLN E 439 -2.05 -26.15 5.70
C GLN E 439 -1.65 -25.80 4.28
N LEU E 440 -2.18 -26.55 3.33
CA LEU E 440 -1.99 -26.22 1.93
C LEU E 440 -3.16 -26.79 1.14
N PHE E 441 -3.55 -26.10 0.08
CA PHE E 441 -4.77 -26.40 -0.65
C PHE E 441 -4.49 -26.36 -2.14
N PHE E 442 -5.04 -27.34 -2.87
CA PHE E 442 -4.84 -27.41 -4.31
C PHE E 442 -5.92 -28.30 -4.90
N TRP E 443 -6.04 -28.25 -6.23
CA TRP E 443 -7.14 -28.88 -6.92
C TRP E 443 -6.75 -30.26 -7.45
N GLY E 444 -7.65 -31.22 -7.25
CA GLY E 444 -7.47 -32.56 -7.79
C GLY E 444 -7.96 -32.65 -9.22
N LYS E 445 -8.27 -33.87 -9.63
CA LYS E 445 -8.70 -34.10 -10.99
C LYS E 445 -10.23 -34.11 -11.06
N ASP E 446 -10.80 -33.15 -10.34
CA ASP E 446 -12.25 -32.87 -10.15
C ASP E 446 -12.29 -31.44 -9.61
N HIS E 447 -13.39 -30.99 -9.02
CA HIS E 447 -13.40 -29.77 -8.23
C HIS E 447 -12.39 -29.91 -7.09
N GLN E 448 -12.64 -30.88 -6.20
CA GLN E 448 -11.64 -31.63 -5.45
C GLN E 448 -10.57 -30.82 -4.73
N VAL E 449 -10.95 -30.08 -3.69
CA VAL E 449 -9.96 -29.43 -2.85
C VAL E 449 -9.21 -30.48 -2.05
N LEU E 450 -7.89 -30.42 -2.09
CA LEU E 450 -7.06 -31.37 -1.38
C LEU E 450 -6.23 -30.66 -0.34
N ARG E 451 -5.95 -31.37 0.74
CA ARG E 451 -5.28 -30.79 1.89
C ARG E 451 -3.95 -31.49 2.13
N LEU E 452 -2.88 -30.71 2.23
CA LEU E 452 -1.58 -31.29 2.53
C LEU E 452 -1.29 -31.27 4.01
N SER E 453 -1.23 -30.07 4.62
CA SER E 453 -1.26 -29.89 6.07
C SER E 453 -0.13 -30.61 6.83
N MET E 454 1.04 -29.95 6.94
CA MET E 454 2.40 -30.52 7.00
C MET E 454 2.54 -31.86 7.72
N GLU E 455 1.64 -32.19 8.66
CA GLU E 455 1.59 -33.50 9.30
C GLU E 455 1.48 -34.67 8.32
N ASN E 456 1.15 -34.41 7.06
CA ASN E 456 1.51 -35.29 5.95
C ASN E 456 2.96 -35.72 5.98
N ALA E 457 3.89 -34.83 6.32
CA ALA E 457 5.29 -35.14 6.07
C ALA E 457 5.94 -36.03 7.13
N VAL E 458 5.16 -36.70 7.96
CA VAL E 458 5.72 -37.55 9.01
C VAL E 458 6.40 -38.76 8.40
N GLY E 459 5.97 -39.17 7.21
CA GLY E 459 6.53 -40.36 6.60
C GLY E 459 7.91 -40.20 6.06
N THR E 460 8.38 -38.97 5.91
CA THR E 460 9.69 -38.71 5.33
C THR E 460 10.69 -38.27 6.38
N VAL E 461 10.29 -37.31 7.20
CA VAL E 461 11.25 -36.61 8.04
C VAL E 461 11.42 -37.27 9.40
N CYS E 462 10.48 -38.11 9.82
CA CYS E 462 10.57 -38.71 11.14
C CYS E 462 11.25 -40.08 11.13
N HIS E 463 11.93 -40.41 10.05
CA HIS E 463 12.68 -41.65 10.01
C HIS E 463 14.09 -41.44 10.53
N PRO E 464 14.68 -42.43 11.21
CA PRO E 464 16.07 -42.26 11.67
C PRO E 464 17.12 -42.41 10.58
N SER E 465 16.89 -41.75 9.45
CA SER E 465 17.91 -41.41 8.49
C SER E 465 18.25 -39.95 8.57
N LEU E 466 17.53 -39.20 9.41
CA LEU E 466 17.84 -37.81 9.67
C LEU E 466 19.19 -37.66 10.34
N MET E 467 19.59 -38.65 11.15
CA MET E 467 20.78 -38.52 11.98
C MET E 467 22.02 -39.11 11.35
N ASN E 468 22.00 -39.38 10.05
CA ASN E 468 23.15 -39.94 9.37
C ASN E 468 23.96 -38.81 8.74
N ILE E 469 25.03 -38.40 9.40
CA ILE E 469 25.90 -37.35 8.88
C ILE E 469 27.34 -37.81 8.94
N ASP E 470 27.52 -39.12 9.17
CA ASP E 470 28.86 -39.67 9.30
C ASP E 470 29.63 -39.62 7.99
N ALA E 471 28.96 -39.83 6.87
CA ALA E 471 29.63 -39.66 5.59
C ALA E 471 29.84 -38.18 5.30
N ALA E 472 29.02 -37.31 5.89
CA ALA E 472 29.07 -35.90 5.58
C ALA E 472 30.31 -35.24 6.18
N VAL E 473 30.68 -35.63 7.40
CA VAL E 473 31.89 -35.09 8.01
C VAL E 473 33.12 -35.63 7.30
N GLY E 474 33.04 -36.86 6.78
CA GLY E 474 34.15 -37.40 6.02
C GLY E 474 34.28 -36.78 4.66
N GLY E 475 33.17 -36.29 4.11
CA GLY E 475 33.19 -35.66 2.81
C GLY E 475 33.58 -34.20 2.87
N VAL E 476 33.82 -33.69 4.09
CA VAL E 476 34.22 -32.29 4.22
C VAL E 476 35.58 -32.17 4.92
N ASN E 477 36.08 -33.23 5.55
CA ASN E 477 37.28 -33.07 6.36
C ASN E 477 38.54 -33.17 5.50
N HIS E 478 38.44 -33.75 4.31
CA HIS E 478 39.56 -33.83 3.38
C HIS E 478 39.98 -32.42 2.94
N ASP E 479 41.30 -32.27 2.74
CA ASP E 479 42.01 -31.01 2.52
C ASP E 479 41.61 -30.02 3.61
N PRO E 480 42.02 -30.25 4.86
CA PRO E 480 41.33 -29.63 5.99
C PRO E 480 41.63 -28.14 6.11
N VAL E 481 40.61 -27.41 6.56
CA VAL E 481 40.72 -25.98 6.78
C VAL E 481 41.52 -25.76 8.05
N GLU E 482 42.23 -24.65 8.10
CA GLU E 482 42.98 -24.24 9.26
C GLU E 482 42.02 -23.92 10.39
N ALA E 483 42.50 -24.05 11.63
CA ALA E 483 41.69 -23.70 12.78
C ALA E 483 41.41 -22.20 12.80
N ALA E 484 40.15 -21.85 13.04
CA ALA E 484 39.76 -20.46 13.10
C ALA E 484 39.40 -20.13 14.54
N ASN E 485 40.26 -19.31 15.17
CA ASN E 485 40.08 -18.68 16.47
C ASN E 485 39.23 -19.40 17.53
N PRO E 486 39.59 -20.63 17.90
CA PRO E 486 38.64 -21.57 18.51
C PRO E 486 38.22 -21.20 19.93
N TYR E 487 37.49 -20.09 20.05
CA TYR E 487 36.89 -19.76 21.33
C TYR E 487 35.60 -20.53 21.53
N GLY E 488 34.68 -20.45 20.57
CA GLY E 488 33.43 -21.15 20.71
C GLY E 488 33.47 -22.60 20.36
N ALA E 489 34.63 -23.14 20.00
CA ALA E 489 34.74 -24.50 19.53
C ALA E 489 35.49 -25.41 20.47
N TYR E 490 35.54 -25.08 21.75
CA TYR E 490 36.44 -25.78 22.67
C TYR E 490 35.95 -25.69 24.10
N VAL E 491 36.11 -26.77 24.84
CA VAL E 491 35.81 -26.81 26.26
C VAL E 491 37.12 -26.98 27.01
N ALA E 492 37.29 -26.20 28.07
CA ALA E 492 38.42 -26.36 28.96
C ALA E 492 38.02 -27.24 30.14
N ALA E 493 39.03 -27.84 30.77
CA ALA E 493 38.80 -28.61 31.98
C ALA E 493 38.53 -27.66 33.14
N PRO E 494 37.73 -28.05 34.13
CA PRO E 494 37.48 -27.17 35.28
C PRO E 494 38.73 -27.06 36.15
N ALA E 495 39.39 -25.92 36.08
CA ALA E 495 40.69 -25.75 36.71
C ALA E 495 40.61 -24.76 37.86
N GLY E 496 41.31 -25.07 38.94
CA GLY E 496 41.44 -24.20 40.08
C GLY E 496 40.13 -23.96 40.82
N PRO E 497 40.13 -22.99 41.72
CA PRO E 497 38.86 -22.60 42.35
C PRO E 497 38.04 -21.69 41.47
N GLY E 498 36.81 -21.42 41.87
CA GLY E 498 35.89 -20.67 41.04
C GLY E 498 36.10 -19.17 41.10
N ALA E 499 36.93 -18.70 42.04
CA ALA E 499 37.04 -17.28 42.27
C ALA E 499 37.78 -16.57 41.14
N ASP E 500 38.73 -17.27 40.50
CA ASP E 500 39.68 -16.60 39.63
C ASP E 500 39.70 -17.16 38.22
N MET E 501 38.83 -18.13 37.90
CA MET E 501 38.95 -18.86 36.65
C MET E 501 38.58 -17.99 35.45
N GLN E 502 37.66 -17.04 35.64
CA GLN E 502 37.44 -16.04 34.61
C GLN E 502 38.61 -15.06 34.55
N GLN E 503 39.15 -14.70 35.70
CA GLN E 503 40.22 -13.72 35.72
C GLN E 503 41.51 -14.34 35.22
N ARG E 504 41.66 -15.65 35.39
CA ARG E 504 42.80 -16.29 34.72
C ARG E 504 42.54 -16.47 33.23
N PHE E 505 41.28 -16.46 32.81
CA PHE E 505 40.88 -16.66 31.42
C PHE E 505 41.20 -15.44 30.56
N LEU E 506 40.94 -14.25 31.08
CA LEU E 506 41.13 -13.05 30.28
C LEU E 506 42.59 -12.74 30.07
N ASN E 507 43.44 -13.16 31.01
CA ASN E 507 44.87 -13.09 30.75
C ASN E 507 45.29 -14.16 29.75
N ALA E 508 44.65 -15.33 29.82
CA ALA E 508 45.08 -16.46 29.00
C ALA E 508 44.67 -16.26 27.55
N TRP E 509 43.41 -15.94 27.32
CA TRP E 509 42.84 -15.88 25.98
C TRP E 509 42.81 -14.45 25.43
N ARG E 510 43.71 -13.59 25.88
CA ARG E 510 43.73 -12.23 25.37
C ARG E 510 44.27 -12.16 23.94
N GLN E 511 45.14 -13.09 23.57
CA GLN E 511 45.85 -13.01 22.30
C GLN E 511 44.93 -13.33 21.11
N ARG E 512 44.41 -14.55 21.07
CA ARG E 512 43.74 -15.05 19.87
C ARG E 512 42.30 -14.61 19.76
N LEU E 513 41.67 -14.19 20.85
CA LEU E 513 40.25 -13.86 20.80
C LEU E 513 40.05 -12.50 20.13
N ALA E 514 41.10 -11.67 20.13
CA ALA E 514 41.06 -10.41 19.39
C ALA E 514 41.62 -10.55 17.99
N HIS E 515 42.27 -11.66 17.69
CA HIS E 515 42.95 -11.88 16.42
C HIS E 515 41.97 -11.88 15.25
N GLY E 516 41.05 -12.84 15.22
CA GLY E 516 40.00 -12.86 14.24
C GLY E 516 38.62 -12.75 14.88
N ARG E 517 37.68 -12.26 14.10
CA ARG E 517 36.30 -12.23 14.56
C ARG E 517 35.72 -13.63 14.45
N VAL E 518 34.97 -14.05 15.47
CA VAL E 518 34.53 -15.44 15.53
C VAL E 518 33.40 -15.67 14.55
N ARG E 519 33.14 -16.95 14.27
CA ARG E 519 32.19 -17.34 13.23
C ARG E 519 30.77 -16.93 13.57
N TRP E 520 30.39 -17.11 14.82
CA TRP E 520 28.98 -17.12 15.16
C TRP E 520 28.45 -15.75 15.54
N VAL E 521 29.22 -14.68 15.37
CA VAL E 521 28.61 -13.36 15.37
C VAL E 521 28.28 -12.93 13.94
N ALA E 522 27.16 -13.45 13.44
CA ALA E 522 26.63 -13.04 12.15
C ALA E 522 25.17 -12.62 12.27
N GLU E 523 24.78 -12.13 13.44
CA GLU E 523 23.37 -11.84 13.70
C GLU E 523 22.92 -10.58 12.97
N CYS E 524 23.87 -9.78 12.50
CA CYS E 524 23.51 -8.66 11.68
C CYS E 524 23.31 -9.06 10.22
N GLN E 525 23.66 -10.29 9.84
CA GLN E 525 23.40 -10.73 8.48
C GLN E 525 21.91 -10.96 8.28
N MET E 526 21.41 -10.54 7.13
CA MET E 526 20.02 -10.78 6.81
C MET E 526 19.89 -11.89 5.78
N THR E 527 18.66 -12.27 5.51
CA THR E 527 18.34 -13.24 4.49
C THR E 527 18.65 -12.61 3.14
N ALA E 528 19.23 -13.41 2.23
CA ALA E 528 19.69 -13.12 0.87
C ALA E 528 20.96 -12.28 0.88
N GLU E 529 21.36 -11.80 2.06
CA GLU E 529 22.76 -11.49 2.28
C GLU E 529 23.51 -12.77 2.59
N GLN E 530 22.81 -13.73 3.19
CA GLN E 530 23.43 -14.99 3.50
C GLN E 530 23.57 -15.87 2.28
N PHE E 531 22.48 -16.07 1.54
CA PHE E 531 22.46 -17.06 0.48
C PHE E 531 23.28 -16.67 -0.73
N MET E 532 23.65 -15.40 -0.84
CA MET E 532 24.61 -14.95 -1.85
C MET E 532 26.01 -15.34 -1.39
N GLN E 533 26.85 -15.71 -2.35
CA GLN E 533 28.16 -16.27 -2.02
C GLN E 533 29.09 -15.30 -1.27
N PRO E 534 29.19 -14.01 -1.62
CA PRO E 534 29.89 -13.09 -0.71
C PRO E 534 29.11 -12.86 0.57
N ASP E 535 29.85 -12.37 1.58
CA ASP E 535 29.35 -12.01 2.92
C ASP E 535 28.82 -13.21 3.71
N ASN E 536 28.92 -14.41 3.13
CA ASN E 536 28.81 -15.64 3.88
C ASN E 536 29.86 -16.61 3.35
N ALA E 537 31.14 -16.29 3.52
CA ALA E 537 32.19 -17.29 3.37
C ALA E 537 31.91 -18.61 4.12
N ASN E 538 31.13 -18.57 5.21
CA ASN E 538 30.63 -19.75 5.90
C ASN E 538 29.39 -20.36 5.26
N LEU E 539 29.08 -20.06 3.99
CA LEU E 539 27.92 -20.69 3.36
C LEU E 539 28.17 -22.16 3.08
N ALA E 540 29.44 -22.54 3.00
CA ALA E 540 29.76 -23.95 2.79
C ALA E 540 29.77 -24.75 4.08
N LEU E 541 29.24 -24.22 5.17
CA LEU E 541 29.32 -24.89 6.47
C LEU E 541 27.97 -25.19 7.08
N GLU E 542 26.92 -24.49 6.68
CA GLU E 542 25.56 -24.81 7.11
C GLU E 542 25.02 -25.80 6.09
N LEU E 543 25.14 -27.09 6.40
CA LEU E 543 24.75 -28.09 5.42
C LEU E 543 23.46 -28.81 5.77
N HIS E 544 22.90 -28.54 6.93
CA HIS E 544 21.94 -29.49 7.43
C HIS E 544 21.00 -28.91 8.46
N PRO E 545 19.72 -29.27 8.40
CA PRO E 545 18.76 -28.71 9.37
C PRO E 545 18.94 -29.22 10.79
N ALA E 546 19.07 -30.54 10.95
CA ALA E 546 19.10 -31.16 12.26
C ALA E 546 20.49 -31.20 12.88
N PHE E 547 21.46 -30.46 12.35
CA PHE E 547 22.79 -30.39 12.92
C PHE E 547 23.43 -29.04 12.68
N ASP E 548 24.65 -28.91 13.19
CA ASP E 548 25.53 -27.79 12.91
C ASP E 548 26.87 -28.36 12.44
N PHE E 549 27.70 -27.50 11.87
CA PHE E 549 29.04 -27.89 11.45
C PHE E 549 29.95 -26.69 11.64
N PHE E 550 31.14 -26.92 12.19
CA PHE E 550 32.13 -25.89 12.43
C PHE E 550 33.51 -26.52 12.44
N ALA E 551 34.53 -25.66 12.33
CA ALA E 551 35.91 -26.09 12.37
C ALA E 551 36.45 -25.90 13.77
N GLY E 552 37.23 -26.86 14.25
CA GLY E 552 37.84 -26.82 15.55
C GLY E 552 39.25 -27.39 15.56
N VAL E 553 39.69 -27.76 16.77
CA VAL E 553 41.03 -28.30 16.96
C VAL E 553 41.11 -29.72 16.39
N ALA E 554 42.33 -30.24 16.36
CA ALA E 554 42.59 -31.49 15.65
C ALA E 554 42.02 -32.70 16.39
N ASP E 555 42.54 -33.00 17.58
CA ASP E 555 42.31 -34.30 18.19
C ASP E 555 42.00 -34.22 19.68
N VAL E 556 42.05 -33.03 20.28
CA VAL E 556 42.00 -32.92 21.74
C VAL E 556 40.58 -33.15 22.22
N GLU E 557 40.42 -34.04 23.18
CA GLU E 557 39.10 -34.25 23.78
C GLU E 557 38.72 -33.06 24.63
N LEU E 558 37.42 -32.75 24.60
CA LEU E 558 36.88 -31.55 25.25
C LEU E 558 37.05 -31.51 26.77
N PRO E 559 36.89 -32.63 27.53
CA PRO E 559 37.28 -32.52 28.94
C PRO E 559 38.80 -32.45 29.12
N GLY E 560 39.39 -31.29 28.87
CA GLY E 560 40.82 -31.14 29.05
C GLY E 560 41.31 -29.77 28.68
N GLY E 561 42.49 -29.44 29.19
CA GLY E 561 43.29 -28.28 28.80
C GLY E 561 42.67 -26.96 29.21
N GLU E 562 43.39 -25.89 28.93
CA GLU E 562 42.86 -24.53 29.11
C GLU E 562 43.06 -23.69 27.87
N VAL E 563 44.18 -23.88 27.17
CA VAL E 563 44.40 -23.33 25.84
C VAL E 563 44.74 -24.51 24.93
N PRO E 564 43.95 -24.77 23.90
CA PRO E 564 44.20 -25.95 23.07
C PRO E 564 45.35 -25.71 22.13
N PRO E 565 46.33 -26.60 22.12
CA PRO E 565 47.42 -26.50 21.13
C PRO E 565 46.94 -26.88 19.75
N ALA E 566 46.21 -25.97 19.12
CA ALA E 566 45.57 -26.24 17.86
C ALA E 566 46.61 -26.31 16.74
N GLY E 567 46.80 -27.50 16.18
CA GLY E 567 47.65 -27.67 15.04
C GLY E 567 46.88 -27.35 13.77
N PRO E 568 46.82 -28.30 12.85
CA PRO E 568 45.91 -28.15 11.71
C PRO E 568 44.47 -28.31 12.18
N GLY E 569 43.61 -27.40 11.74
CA GLY E 569 42.24 -27.39 12.22
C GLY E 569 41.45 -28.55 11.66
N ALA E 570 40.40 -28.93 12.37
CA ALA E 570 39.54 -30.03 11.96
C ALA E 570 38.09 -29.60 12.08
N ILE E 571 37.24 -30.23 11.29
CA ILE E 571 35.83 -29.92 11.22
C ILE E 571 35.03 -31.04 11.88
N GLN E 572 34.05 -30.67 12.68
CA GLN E 572 33.38 -31.64 13.53
C GLN E 572 31.92 -31.26 13.69
N ALA E 573 31.17 -32.14 14.35
CA ALA E 573 29.73 -32.09 14.35
C ALA E 573 29.18 -32.04 15.77
N THR E 574 28.11 -31.26 15.92
CA THR E 574 27.35 -31.20 17.16
C THR E 574 25.87 -31.41 16.87
N TRP E 575 25.22 -32.12 17.76
CA TRP E 575 23.78 -32.33 17.64
C TRP E 575 23.08 -31.07 18.10
N ARG E 576 22.35 -30.43 17.18
CA ARG E 576 21.43 -29.37 17.56
C ARG E 576 20.37 -29.94 18.49
N VAL E 577 20.11 -29.24 19.58
CA VAL E 577 19.19 -29.79 20.57
C VAL E 577 17.76 -29.50 20.16
N VAL E 578 17.41 -28.21 20.10
CA VAL E 578 16.04 -27.81 19.89
C VAL E 578 15.93 -26.93 18.67
N ASN E 579 14.69 -26.47 18.42
CA ASN E 579 14.39 -25.60 17.28
C ASN E 579 15.05 -24.24 17.36
N GLY E 580 15.54 -23.82 18.53
CA GLY E 580 16.25 -22.57 18.61
C GLY E 580 17.71 -22.65 18.24
N ASN E 581 18.20 -23.84 17.90
CA ASN E 581 19.60 -24.02 17.54
C ASN E 581 19.90 -23.68 16.09
N LEU E 582 19.00 -23.07 15.39
CA LEU E 582 19.33 -22.66 14.04
C LEU E 582 19.36 -21.13 13.98
N PRO E 583 20.24 -20.55 13.15
CA PRO E 583 20.50 -19.11 13.24
C PRO E 583 19.34 -18.26 12.75
N LEU E 584 19.30 -17.04 13.28
CA LEU E 584 18.11 -16.21 13.15
C LEU E 584 17.96 -15.61 11.75
N ALA E 585 18.99 -15.73 10.92
CA ALA E 585 18.83 -15.33 9.53
C ALA E 585 17.93 -16.30 8.77
N LEU E 586 17.81 -17.53 9.29
CA LEU E 586 16.97 -18.52 8.65
C LEU E 586 15.59 -18.55 9.28
N CYS E 587 15.52 -18.35 10.59
CA CYS E 587 14.28 -18.22 11.34
C CYS E 587 14.23 -16.78 11.84
N PRO E 588 13.55 -15.90 11.12
CA PRO E 588 13.61 -14.48 11.45
C PRO E 588 12.91 -14.14 12.75
N VAL E 589 13.11 -12.89 13.17
CA VAL E 589 12.75 -12.45 14.51
C VAL E 589 11.25 -12.46 14.68
N ALA E 590 10.54 -11.86 13.73
CA ALA E 590 9.09 -11.77 13.82
C ALA E 590 8.44 -13.14 13.68
N PHE E 591 9.00 -14.00 12.83
CA PHE E 591 8.49 -15.35 12.67
C PHE E 591 8.59 -16.15 13.96
N ARG E 592 9.69 -15.98 14.68
CA ARG E 592 9.80 -16.65 15.97
C ARG E 592 8.85 -16.04 16.98
N ASP E 593 8.53 -14.76 16.81
CA ASP E 593 7.46 -14.16 17.59
C ASP E 593 6.09 -14.42 17.01
N ALA E 594 6.00 -14.86 15.75
CA ALA E 594 4.69 -15.05 15.14
C ALA E 594 3.90 -16.20 15.75
N ARG E 595 4.49 -17.39 15.81
CA ARG E 595 3.81 -18.53 16.38
C ARG E 595 3.58 -18.41 17.87
N GLY E 596 4.32 -17.53 18.54
CA GLY E 596 3.93 -17.13 19.88
C GLY E 596 2.55 -16.51 19.90
N LEU E 597 2.26 -15.65 18.93
CA LEU E 597 0.93 -15.06 18.85
C LEU E 597 -0.14 -16.08 18.47
N GLU E 598 0.23 -17.24 17.93
CA GLU E 598 -0.76 -18.31 17.89
C GLU E 598 -0.96 -18.88 19.28
N LEU E 599 0.14 -19.21 19.96
CA LEU E 599 0.01 -19.85 21.25
C LEU E 599 -0.34 -18.86 22.34
N GLY E 600 -0.34 -17.56 22.03
CA GLY E 600 -0.63 -16.55 23.03
C GLY E 600 -2.05 -16.56 23.51
N VAL E 601 -2.96 -17.08 22.70
CA VAL E 601 -4.36 -17.16 23.09
C VAL E 601 -4.53 -18.35 24.00
N GLY E 602 -5.64 -18.41 24.70
CA GLY E 602 -6.05 -19.58 25.44
C GLY E 602 -5.33 -19.84 26.74
N ARG E 603 -4.10 -19.37 26.89
CA ARG E 603 -3.33 -19.64 28.08
C ARG E 603 -3.21 -18.37 28.92
N HIS E 604 -2.53 -18.49 30.04
CA HIS E 604 -2.46 -17.35 30.95
C HIS E 604 -1.52 -16.28 30.40
N ALA E 605 -1.99 -15.05 30.43
CA ALA E 605 -1.16 -13.90 30.12
C ALA E 605 -0.97 -13.13 31.41
N MET E 606 0.20 -12.52 31.56
CA MET E 606 0.48 -11.78 32.77
C MET E 606 -0.29 -10.46 32.79
N ALA E 607 -0.53 -9.95 34.00
CA ALA E 607 -1.19 -8.67 34.21
C ALA E 607 -0.32 -7.54 33.66
N PRO E 608 -0.90 -6.37 33.34
CA PRO E 608 -0.06 -5.24 32.91
C PRO E 608 0.78 -4.66 34.03
N ALA E 609 0.31 -4.73 35.28
CA ALA E 609 1.06 -4.16 36.40
C ALA E 609 2.31 -4.97 36.69
N THR E 610 2.25 -6.28 36.57
CA THR E 610 3.42 -7.11 36.83
C THR E 610 4.44 -7.06 35.70
N ILE E 611 4.11 -6.43 34.58
CA ILE E 611 5.09 -6.28 33.53
C ILE E 611 6.15 -5.26 33.93
N ALA E 612 5.74 -4.02 34.21
CA ALA E 612 6.71 -2.95 34.41
C ALA E 612 7.36 -3.03 35.79
N ALA E 613 6.68 -3.63 36.76
CA ALA E 613 7.23 -3.72 38.10
C ALA E 613 8.43 -4.65 38.15
N VAL E 614 8.32 -5.81 37.50
CA VAL E 614 9.44 -6.73 37.40
C VAL E 614 10.55 -6.13 36.54
N ARG E 615 10.18 -5.52 35.41
CA ARG E 615 11.18 -5.05 34.46
C ARG E 615 11.94 -3.84 34.99
N GLY E 616 11.27 -2.95 35.72
CA GLY E 616 11.97 -1.84 36.35
C GLY E 616 12.88 -2.29 37.48
N ALA E 617 12.59 -3.44 38.07
CA ALA E 617 13.41 -3.95 39.16
C ALA E 617 14.73 -4.49 38.63
N PHE E 618 14.68 -5.19 37.49
CA PHE E 618 15.89 -5.57 36.78
C PHE E 618 16.73 -4.36 36.39
N GLU E 619 16.08 -3.32 35.87
CA GLU E 619 16.78 -2.12 35.42
C GLU E 619 16.95 -1.10 36.53
N ASP E 620 16.77 -1.50 37.78
CA ASP E 620 17.07 -0.62 38.91
C ASP E 620 18.57 -0.68 39.16
N ARG E 621 19.27 0.37 38.71
CA ARG E 621 20.68 0.52 39.04
C ARG E 621 20.88 0.76 40.54
N SER E 622 19.88 1.31 41.21
CA SER E 622 19.95 1.54 42.64
C SER E 622 19.35 0.41 43.44
N TYR E 623 19.45 -0.82 42.95
CA TYR E 623 18.86 -1.96 43.63
C TYR E 623 19.63 -2.28 44.90
N PRO E 624 18.99 -2.27 46.07
CA PRO E 624 19.72 -2.38 47.33
C PRO E 624 20.27 -3.78 47.57
N ALA E 625 21.56 -3.83 47.87
CA ALA E 625 22.33 -5.07 47.87
C ALA E 625 22.20 -5.86 49.16
N VAL E 626 21.34 -5.44 50.08
CA VAL E 626 21.01 -6.31 51.21
C VAL E 626 20.19 -7.49 50.73
N PHE E 627 19.53 -7.35 49.59
CA PHE E 627 18.64 -8.39 49.08
C PHE E 627 19.43 -9.53 48.47
N TYR E 628 20.63 -9.24 47.95
CA TYR E 628 21.45 -10.30 47.39
C TYR E 628 22.00 -11.22 48.47
N LEU E 629 22.32 -10.68 49.64
CA LEU E 629 22.95 -11.50 50.67
C LEU E 629 21.92 -12.32 51.41
N LEU E 630 20.68 -11.81 51.51
CA LEU E 630 19.62 -12.62 52.10
C LEU E 630 19.28 -13.80 51.20
N GLN E 631 19.37 -13.58 49.90
CA GLN E 631 19.14 -14.65 48.92
C GLN E 631 20.20 -15.74 49.04
N ALA E 632 21.42 -15.36 49.44
CA ALA E 632 22.44 -16.32 49.78
C ALA E 632 22.34 -16.79 51.22
N ALA E 633 21.67 -16.02 52.07
CA ALA E 633 21.47 -16.47 53.45
C ALA E 633 20.42 -17.57 53.49
N ILE E 634 19.31 -17.38 52.78
CA ILE E 634 18.25 -18.37 52.80
C ILE E 634 18.66 -19.61 52.04
N HIS E 635 19.43 -19.43 50.96
CA HIS E 635 20.20 -20.45 50.23
C HIS E 635 19.39 -21.71 49.91
N GLY E 636 18.12 -21.51 49.60
CA GLY E 636 17.23 -22.62 49.33
C GLY E 636 16.66 -23.30 50.56
N ASN E 637 17.21 -23.05 51.74
CA ASN E 637 16.67 -23.61 52.96
C ASN E 637 15.38 -22.88 53.31
N GLU E 638 14.28 -23.62 53.24
CA GLU E 638 12.99 -23.16 53.74
C GLU E 638 13.03 -22.85 55.23
N HIS E 639 13.95 -23.50 55.96
CA HIS E 639 14.07 -23.28 57.39
C HIS E 639 14.47 -21.85 57.69
N VAL E 640 15.28 -21.26 56.83
CA VAL E 640 15.72 -19.89 57.04
C VAL E 640 14.58 -18.90 56.78
N PHE E 641 13.69 -19.24 55.86
CA PHE E 641 12.67 -18.27 55.43
C PHE E 641 11.63 -18.05 56.51
N CYS E 642 11.13 -19.12 57.13
CA CYS E 642 10.18 -18.93 58.22
C CYS E 642 10.88 -18.39 59.44
N ALA E 643 12.18 -18.60 59.56
CA ALA E 643 12.93 -17.94 60.63
C ALA E 643 13.02 -16.44 60.38
N LEU E 644 13.27 -16.05 59.16
CA LEU E 644 13.50 -14.66 58.81
C LEU E 644 12.28 -14.00 58.20
N ALA E 645 11.08 -14.51 58.51
CA ALA E 645 9.89 -14.06 57.80
C ALA E 645 9.51 -12.64 58.17
N ARG E 646 9.79 -12.22 59.41
CA ARG E 646 9.57 -10.82 59.76
C ARG E 646 10.50 -9.89 59.01
N LEU E 647 11.74 -10.32 58.79
CA LEU E 647 12.66 -9.55 57.96
C LEU E 647 12.16 -9.42 56.53
N VAL E 648 11.63 -10.51 55.98
CA VAL E 648 11.22 -10.50 54.58
C VAL E 648 9.97 -9.65 54.40
N THR E 649 9.03 -9.73 55.35
CA THR E 649 7.81 -8.95 55.21
C THR E 649 8.02 -7.47 55.49
N GLN E 650 9.15 -7.08 56.07
CA GLN E 650 9.48 -5.66 56.18
C GLN E 650 10.21 -5.15 54.96
N CYS E 651 11.18 -5.93 54.47
CA CYS E 651 11.98 -5.54 53.31
C CYS E 651 11.11 -5.40 52.06
N ILE E 652 10.12 -6.28 51.92
CA ILE E 652 9.16 -6.13 50.83
C ILE E 652 8.33 -4.88 51.02
N THR E 653 7.82 -4.66 52.24
CA THR E 653 6.90 -3.57 52.50
C THR E 653 7.59 -2.22 52.38
N SER E 654 8.84 -2.14 52.85
CA SER E 654 9.56 -0.87 52.83
C SER E 654 9.98 -0.51 51.41
N TYR E 655 10.37 -1.52 50.62
CA TYR E 655 10.82 -1.25 49.27
C TYR E 655 9.65 -0.93 48.36
N TRP E 656 8.46 -1.40 48.71
CA TRP E 656 7.31 -1.16 47.86
C TRP E 656 6.82 0.27 48.01
N ASN E 657 7.08 0.90 49.16
CA ASN E 657 6.71 2.29 49.33
C ASN E 657 7.73 3.22 48.70
N ASN E 658 8.90 2.71 48.33
CA ASN E 658 9.89 3.53 47.65
C ASN E 658 9.78 3.39 46.15
N THR E 659 9.68 2.15 45.66
CA THR E 659 9.54 1.88 44.24
C THR E 659 8.32 1.02 44.01
N ARG E 660 7.74 1.13 42.83
CA ARG E 660 6.80 0.13 42.36
C ARG E 660 7.61 -0.93 41.63
N CYS E 661 8.45 -1.64 42.38
CA CYS E 661 9.27 -2.70 41.80
C CYS E 661 9.24 -3.88 42.77
N ALA E 662 9.33 -5.08 42.21
CA ALA E 662 9.32 -6.30 43.00
C ALA E 662 10.75 -6.73 43.29
N ALA E 663 11.07 -6.94 44.56
CA ALA E 663 12.46 -7.00 45.01
C ALA E 663 13.19 -8.28 44.64
N PHE E 664 12.66 -9.44 45.03
CA PHE E 664 13.41 -10.68 44.99
C PHE E 664 13.11 -11.53 43.77
N VAL E 665 12.86 -10.92 42.61
CA VAL E 665 12.50 -11.67 41.43
C VAL E 665 13.73 -12.28 40.75
N ASN E 666 14.92 -12.08 41.32
CA ASN E 666 16.11 -12.76 40.84
C ASN E 666 16.21 -14.21 41.31
N ASP E 667 15.21 -14.71 42.05
CA ASP E 667 15.08 -16.13 42.34
C ASP E 667 13.63 -16.54 42.25
N TYR E 668 13.39 -17.68 41.62
CA TYR E 668 12.09 -18.34 41.65
C TYR E 668 11.76 -18.84 43.04
N SER E 669 12.75 -19.38 43.76
CA SER E 669 12.46 -20.16 44.95
C SER E 669 12.05 -19.25 46.10
N LEU E 670 12.61 -18.03 46.13
CA LEU E 670 12.18 -17.04 47.12
C LEU E 670 10.72 -16.67 46.92
N VAL E 671 10.36 -16.28 45.70
CA VAL E 671 9.01 -15.88 45.33
C VAL E 671 8.02 -17.01 45.59
N SER E 672 8.44 -18.26 45.34
CA SER E 672 7.62 -19.42 45.67
C SER E 672 7.34 -19.52 47.16
N TYR E 673 8.32 -19.22 48.02
CA TYR E 673 8.00 -19.16 49.43
C TYR E 673 7.24 -17.88 49.76
N ILE E 674 7.51 -16.80 49.02
CA ILE E 674 6.78 -15.54 49.23
C ILE E 674 5.30 -15.73 48.94
N VAL E 675 4.98 -16.42 47.84
CA VAL E 675 3.59 -16.70 47.57
C VAL E 675 3.03 -17.69 48.59
N THR E 676 3.84 -18.65 49.04
CA THR E 676 3.34 -19.70 49.91
C THR E 676 3.06 -19.16 51.32
N TYR E 677 3.98 -18.38 51.87
CA TYR E 677 3.89 -18.09 53.28
C TYR E 677 3.32 -16.70 53.57
N LEU E 678 3.43 -15.78 52.63
CA LEU E 678 3.18 -14.39 52.94
C LEU E 678 1.83 -13.91 52.44
N GLY E 679 0.78 -14.72 52.58
CA GLY E 679 -0.47 -14.46 51.88
C GLY E 679 -1.21 -13.22 52.34
N GLY E 680 -0.92 -12.75 53.54
CA GLY E 680 -1.67 -11.61 54.06
C GLY E 680 -0.87 -10.35 54.29
N ASP E 681 0.40 -10.49 54.63
CA ASP E 681 1.22 -9.38 55.15
C ASP E 681 1.82 -8.56 54.01
N LEU E 682 1.00 -8.19 53.05
CA LEU E 682 1.39 -7.32 51.95
C LEU E 682 0.18 -6.48 51.57
N PRO E 683 0.37 -5.28 51.04
CA PRO E 683 -0.70 -4.68 50.22
C PRO E 683 -0.89 -5.54 48.98
N GLU E 684 -2.14 -5.66 48.55
CA GLU E 684 -2.45 -6.67 47.54
C GLU E 684 -2.00 -6.25 46.14
N GLU E 685 -1.56 -5.00 45.99
CA GLU E 685 -0.91 -4.56 44.76
C GLU E 685 0.32 -5.42 44.44
N CYS E 686 1.33 -5.35 45.28
CA CYS E 686 2.54 -6.15 45.10
C CYS E 686 2.32 -7.62 45.39
N MET E 687 1.23 -7.99 46.09
CA MET E 687 0.97 -9.39 46.32
C MET E 687 0.58 -10.12 45.04
N ALA E 688 -0.30 -9.52 44.24
CA ALA E 688 -0.68 -10.15 42.98
C ALA E 688 0.45 -10.13 41.96
N VAL E 689 1.44 -9.27 42.16
CA VAL E 689 2.64 -9.27 41.32
C VAL E 689 3.40 -10.59 41.46
N TYR E 690 3.69 -10.97 42.70
CA TYR E 690 4.37 -12.25 42.92
C TYR E 690 3.45 -13.43 42.65
N ARG E 691 2.15 -13.22 42.81
CA ARG E 691 1.19 -14.29 42.58
C ARG E 691 1.09 -14.64 41.10
N ASP E 692 1.11 -13.61 40.23
CA ASP E 692 0.87 -13.82 38.81
C ASP E 692 2.05 -14.52 38.16
N LEU E 693 3.25 -14.28 38.67
CA LEU E 693 4.44 -14.89 38.10
C LEU E 693 4.48 -16.38 38.34
N VAL E 694 3.97 -16.84 39.47
CA VAL E 694 3.98 -18.25 39.81
C VAL E 694 2.99 -19.03 38.96
N ALA E 695 1.77 -18.51 38.81
CA ALA E 695 0.76 -19.23 38.05
C ALA E 695 1.07 -19.22 36.55
N HIS E 696 1.74 -18.18 36.07
CA HIS E 696 2.12 -18.13 34.67
C HIS E 696 3.19 -19.15 34.34
N VAL E 697 3.99 -19.56 35.33
CA VAL E 697 4.90 -20.69 35.17
C VAL E 697 4.13 -21.96 34.88
N GLU E 698 3.00 -22.15 35.56
CA GLU E 698 2.23 -23.38 35.42
C GLU E 698 1.64 -23.56 34.04
N ALA E 699 1.25 -22.48 33.37
CA ALA E 699 0.76 -22.60 32.00
C ALA E 699 1.89 -22.98 31.06
N LEU E 700 3.10 -22.53 31.34
CA LEU E 700 4.24 -22.90 30.52
C LEU E 700 4.62 -24.36 30.73
N ALA E 701 4.31 -24.91 31.90
CA ALA E 701 4.55 -26.32 32.14
C ALA E 701 3.58 -27.18 31.34
N GLN E 702 2.28 -26.92 31.49
CA GLN E 702 1.26 -27.73 30.85
C GLN E 702 1.11 -27.45 29.37
N LEU E 703 1.82 -26.45 28.84
CA LEU E 703 1.86 -26.23 27.40
C LEU E 703 2.47 -27.41 26.66
N VAL E 704 3.44 -28.09 27.26
CA VAL E 704 4.06 -29.24 26.60
C VAL E 704 3.08 -30.41 26.55
N ASP E 705 2.19 -30.51 27.54
CA ASP E 705 1.25 -31.62 27.62
C ASP E 705 0.25 -31.61 26.48
N ASP E 706 -0.07 -30.42 25.97
CA ASP E 706 -0.97 -30.32 24.83
C ASP E 706 -0.32 -30.85 23.56
N PHE E 707 1.00 -30.76 23.48
CA PHE E 707 1.69 -31.01 22.22
C PHE E 707 2.50 -32.30 22.21
N THR E 708 2.07 -33.32 22.94
CA THR E 708 2.75 -34.61 22.91
C THR E 708 1.76 -35.72 23.20
N LEU E 709 1.69 -36.70 22.31
CA LEU E 709 0.94 -37.91 22.58
C LEU E 709 1.69 -38.80 23.55
N PRO E 710 1.02 -39.46 24.48
CA PRO E 710 1.73 -40.32 25.42
C PRO E 710 2.09 -41.68 24.80
N GLY E 711 2.90 -42.42 25.55
CA GLY E 711 3.44 -43.68 25.09
C GLY E 711 4.41 -44.27 26.11
N PRO E 712 5.13 -45.31 25.73
CA PRO E 712 6.02 -46.00 26.68
C PRO E 712 7.24 -45.19 27.09
N GLU E 713 7.82 -45.49 28.24
CA GLU E 713 9.11 -44.93 28.63
C GLU E 713 10.20 -45.51 27.75
N LEU E 714 11.17 -44.68 27.38
CA LEU E 714 12.23 -45.07 26.45
C LEU E 714 13.59 -44.58 26.95
N GLY E 715 14.56 -45.49 26.98
CA GLY E 715 15.92 -45.16 27.35
C GLY E 715 16.10 -44.75 28.79
N GLY E 716 15.21 -45.19 29.69
CA GLY E 716 15.13 -44.68 31.03
C GLY E 716 14.31 -43.41 31.14
N GLN E 717 13.96 -42.80 30.01
CA GLN E 717 13.27 -41.53 29.98
C GLN E 717 11.82 -41.72 29.55
N ALA E 718 10.99 -40.76 29.93
CA ALA E 718 9.59 -40.78 29.54
C ALA E 718 9.42 -40.13 28.17
N GLN E 719 8.16 -39.97 27.77
CA GLN E 719 7.85 -39.42 26.45
C GLN E 719 8.20 -37.95 26.35
N ALA E 720 7.59 -37.10 27.18
CA ALA E 720 7.74 -35.66 27.08
C ALA E 720 9.16 -35.18 27.33
N GLU E 721 9.96 -35.98 28.03
CA GLU E 721 11.39 -35.70 28.15
C GLU E 721 12.08 -35.79 26.81
N LEU E 722 11.70 -36.73 25.96
CA LEU E 722 12.28 -36.84 24.63
C LEU E 722 11.85 -35.71 23.72
N ASN E 723 10.81 -34.97 24.08
CA ASN E 723 10.18 -34.02 23.18
C ASN E 723 10.57 -32.58 23.54
N HIS E 724 10.33 -32.19 24.77
CA HIS E 724 10.71 -30.85 25.23
C HIS E 724 11.92 -30.98 26.14
N LEU E 725 12.71 -29.91 26.20
CA LEU E 725 13.97 -29.99 26.93
C LEU E 725 13.78 -29.75 28.41
N MET E 726 12.79 -28.94 28.81
CA MET E 726 12.60 -28.61 30.22
C MET E 726 12.18 -29.82 31.03
N ARG E 727 11.49 -30.78 30.41
CA ARG E 727 11.11 -32.00 31.11
C ARG E 727 12.28 -32.97 31.23
N ASP E 728 13.22 -32.94 30.31
CA ASP E 728 14.27 -33.94 30.29
C ASP E 728 15.28 -33.64 31.38
N PRO E 729 15.77 -34.66 32.10
CA PRO E 729 16.65 -34.39 33.25
C PRO E 729 18.05 -33.96 32.87
N ALA E 730 18.45 -34.09 31.61
CA ALA E 730 19.83 -33.80 31.19
C ALA E 730 20.18 -32.35 31.41
N LEU E 731 19.28 -31.43 31.06
CA LEU E 731 19.50 -30.06 31.46
C LEU E 731 18.99 -29.85 32.87
N LEU E 732 19.87 -29.31 33.70
CA LEU E 732 19.65 -28.86 35.07
C LEU E 732 19.76 -27.35 35.15
N PRO E 733 18.94 -26.70 35.97
CA PRO E 733 18.91 -25.24 36.00
C PRO E 733 20.20 -24.67 36.57
N PRO E 734 20.53 -23.41 36.29
CA PRO E 734 21.88 -22.91 36.59
C PRO E 734 22.23 -22.77 38.06
N LEU E 735 21.27 -22.48 38.95
CA LEU E 735 21.60 -22.21 40.35
C LEU E 735 20.81 -23.17 41.24
N VAL E 736 21.44 -24.27 41.64
CA VAL E 736 20.78 -25.32 42.42
C VAL E 736 21.52 -25.46 43.73
N TRP E 737 20.90 -24.98 44.83
CA TRP E 737 21.54 -25.01 46.13
C TRP E 737 21.76 -26.41 46.66
N ASP E 738 20.83 -27.33 46.42
CA ASP E 738 20.97 -28.71 46.87
C ASP E 738 21.50 -29.55 45.72
N CYS E 739 21.51 -30.86 45.94
CA CYS E 739 22.08 -31.81 45.00
C CYS E 739 20.99 -32.63 44.32
N ASP E 740 19.72 -32.25 44.51
CA ASP E 740 18.60 -33.00 43.93
C ASP E 740 18.60 -32.94 42.41
N GLY E 741 19.26 -31.93 41.84
CA GLY E 741 19.41 -31.88 40.41
C GLY E 741 20.24 -33.03 39.86
N LEU E 742 21.34 -33.35 40.52
CA LEU E 742 22.23 -34.38 39.97
C LEU E 742 21.68 -35.78 40.18
N MET E 743 20.75 -35.95 41.14
CA MET E 743 20.28 -37.26 41.59
C MET E 743 19.69 -38.08 40.44
N ARG E 744 18.68 -37.54 39.79
CA ARG E 744 18.17 -38.20 38.60
C ARG E 744 19.10 -37.97 37.42
N HIS E 745 19.91 -36.90 37.47
CA HIS E 745 20.81 -36.63 36.37
C HIS E 745 21.96 -37.62 36.33
N ALA E 746 22.35 -38.15 37.48
CA ALA E 746 23.28 -39.26 37.46
C ALA E 746 22.64 -40.52 36.92
N ALA E 747 21.31 -40.62 36.96
CA ALA E 747 20.59 -41.83 36.58
C ALA E 747 20.35 -41.81 35.07
N LEU E 748 21.43 -41.96 34.30
CA LEU E 748 21.33 -42.08 32.86
C LEU E 748 22.50 -42.90 32.34
N ASP E 749 22.27 -43.53 31.19
CA ASP E 749 23.37 -43.94 30.33
C ASP E 749 23.81 -42.78 29.44
N ARG E 750 22.93 -41.81 29.21
CA ARG E 750 23.31 -40.60 28.49
C ARG E 750 24.29 -39.77 29.28
N HIS E 751 24.15 -39.77 30.61
CA HIS E 751 25.11 -39.15 31.50
C HIS E 751 26.42 -39.91 31.42
N ARG E 752 27.38 -39.37 30.67
CA ARG E 752 28.55 -40.11 30.26
C ARG E 752 29.73 -39.69 31.13
N ASP E 753 29.49 -38.66 31.96
CA ASP E 753 30.44 -38.13 32.93
C ASP E 753 29.80 -37.07 33.82
N CYS E 754 30.42 -36.81 34.97
CA CYS E 754 30.17 -35.60 35.73
C CYS E 754 31.46 -35.17 36.39
N ARG E 755 31.91 -33.97 36.07
CA ARG E 755 33.23 -33.49 36.45
C ARG E 755 33.04 -32.23 37.30
N ILE E 756 33.08 -32.40 38.62
CA ILE E 756 32.93 -31.28 39.53
C ILE E 756 34.20 -30.44 39.48
N ASP E 757 34.06 -29.14 39.79
CA ASP E 757 35.12 -28.19 39.47
C ASP E 757 36.30 -28.30 40.42
N ALA E 758 36.12 -27.93 41.68
CA ALA E 758 37.23 -27.76 42.62
C ALA E 758 37.37 -28.98 43.52
N GLY E 759 38.52 -29.64 43.45
CA GLY E 759 38.87 -30.68 44.41
C GLY E 759 38.68 -32.13 44.02
N GLY E 760 37.49 -32.50 43.54
CA GLY E 760 37.18 -33.89 43.28
C GLY E 760 36.84 -34.14 41.82
N HIS E 761 36.45 -35.39 41.52
CA HIS E 761 35.97 -35.70 40.18
C HIS E 761 34.45 -35.82 40.14
N GLU E 762 33.89 -36.77 40.89
CA GLU E 762 32.45 -36.95 41.02
C GLU E 762 32.03 -36.73 42.46
N PRO E 763 30.85 -36.10 42.68
CA PRO E 763 30.57 -35.54 44.01
C PRO E 763 29.97 -36.52 45.01
N VAL E 764 30.35 -36.36 46.28
CA VAL E 764 29.59 -36.91 47.40
C VAL E 764 29.03 -35.72 48.15
N TYR E 765 27.97 -35.94 48.92
CA TYR E 765 27.12 -34.86 49.37
C TYR E 765 27.17 -34.74 50.90
N ALA E 766 26.85 -33.55 51.40
CA ALA E 766 27.00 -33.25 52.82
C ALA E 766 25.67 -33.49 53.52
N ALA E 767 25.77 -33.91 54.78
CA ALA E 767 24.57 -34.11 55.59
C ALA E 767 23.83 -32.80 55.84
N ALA E 768 24.57 -31.74 56.17
CA ALA E 768 24.00 -30.44 56.45
C ALA E 768 25.09 -29.39 56.32
N CYS E 769 24.83 -28.21 56.89
CA CYS E 769 25.84 -27.17 57.02
C CYS E 769 25.49 -26.28 58.21
N ASN E 770 26.17 -26.52 59.33
CA ASN E 770 26.02 -25.75 60.56
C ASN E 770 27.20 -24.79 60.67
N VAL E 771 27.39 -24.15 61.82
CA VAL E 771 28.64 -23.41 62.06
C VAL E 771 29.82 -24.36 62.12
N ALA E 772 29.60 -25.58 62.64
CA ALA E 772 30.65 -26.58 62.69
C ALA E 772 31.00 -27.15 61.32
N THR E 773 30.00 -27.34 60.46
CA THR E 773 30.23 -28.00 59.17
C THR E 773 30.92 -27.10 58.15
N ALA E 774 30.66 -25.79 58.21
CA ALA E 774 30.99 -24.90 57.11
C ALA E 774 32.48 -24.62 57.00
N ASP E 775 33.03 -24.91 55.83
CA ASP E 775 34.39 -24.51 55.44
C ASP E 775 34.27 -23.65 54.19
N PHE E 776 34.36 -22.33 54.37
CA PHE E 776 33.89 -21.36 53.40
C PHE E 776 34.71 -21.36 52.09
N ASN E 777 35.88 -22.00 52.08
CA ASN E 777 36.67 -22.24 50.87
C ASN E 777 37.18 -23.68 50.90
N ARG E 778 36.42 -24.60 50.31
CA ARG E 778 36.78 -26.01 50.31
C ARG E 778 36.96 -26.48 48.87
N ASN E 779 37.76 -27.51 48.68
CA ASN E 779 37.94 -28.13 47.37
C ASN E 779 37.86 -29.64 47.56
N ASP E 780 36.65 -30.18 47.55
CA ASP E 780 36.46 -31.61 47.63
C ASP E 780 35.31 -32.15 46.80
N GLY E 781 34.67 -31.32 45.97
CA GLY E 781 33.46 -31.73 45.29
C GLY E 781 32.28 -31.94 46.21
N ARG E 782 32.32 -31.36 47.40
CA ARG E 782 31.23 -31.54 48.35
C ARG E 782 30.11 -30.54 48.06
N LEU E 783 28.91 -31.08 47.85
CA LEU E 783 27.75 -30.30 47.55
C LEU E 783 26.74 -30.45 48.68
N LEU E 784 26.29 -29.31 49.22
CA LEU E 784 25.34 -29.29 50.32
C LEU E 784 23.98 -29.72 49.84
N HIS E 785 23.34 -30.60 50.60
CA HIS E 785 21.98 -31.01 50.28
C HIS E 785 20.97 -30.50 51.32
N ASN E 786 21.32 -29.50 52.11
CA ASN E 786 20.42 -29.00 53.15
C ASN E 786 19.60 -27.80 52.66
N THR E 787 18.61 -28.09 51.83
CA THR E 787 17.61 -27.08 51.52
C THR E 787 16.26 -27.38 52.15
N GLN E 788 16.18 -28.44 52.94
CA GLN E 788 14.94 -28.78 53.63
C GLN E 788 14.69 -27.83 54.79
N ALA E 789 13.48 -27.85 55.30
CA ALA E 789 13.09 -26.97 56.38
C ALA E 789 13.34 -27.56 57.76
N ARG E 790 13.77 -28.82 57.82
CA ARG E 790 13.81 -29.56 59.08
C ARG E 790 15.25 -29.82 59.48
N ALA E 791 15.67 -29.23 60.59
CA ALA E 791 16.96 -29.55 61.19
C ALA E 791 16.93 -30.86 61.96
N ALA E 792 15.74 -31.39 62.23
CA ALA E 792 15.63 -32.68 62.90
C ALA E 792 15.46 -33.82 61.89
N ASP E 793 14.81 -33.53 60.77
CA ASP E 793 14.64 -34.49 59.68
C ASP E 793 15.51 -34.02 58.53
N ALA E 794 16.71 -34.57 58.43
CA ALA E 794 17.72 -34.10 57.51
C ALA E 794 17.57 -34.80 56.15
N ALA E 795 18.34 -34.34 55.17
CA ALA E 795 18.33 -34.94 53.84
C ALA E 795 19.71 -34.78 53.21
N ASP E 796 20.40 -35.89 53.05
CA ASP E 796 21.63 -35.96 52.28
C ASP E 796 21.35 -36.32 50.83
N ASP E 797 20.27 -37.08 50.61
CA ASP E 797 19.87 -37.50 49.28
C ASP E 797 18.40 -37.24 48.99
N ARG E 798 17.54 -37.25 49.99
CA ARG E 798 16.10 -37.37 49.75
C ARG E 798 15.51 -36.01 49.38
N PRO E 799 14.71 -35.94 48.31
CA PRO E 799 13.97 -34.71 48.02
C PRO E 799 12.65 -34.67 48.78
N HIS E 800 12.26 -33.45 49.14
CA HIS E 800 11.00 -33.18 49.83
C HIS E 800 9.98 -32.57 48.86
N ARG E 801 10.48 -31.88 47.85
CA ARG E 801 9.73 -31.12 46.86
C ARG E 801 9.43 -32.01 45.64
N PRO E 802 8.48 -31.64 44.72
CA PRO E 802 8.17 -32.55 43.61
C PRO E 802 9.25 -32.53 42.55
N ALA E 803 9.13 -33.45 41.58
CA ALA E 803 10.14 -33.60 40.54
C ALA E 803 10.19 -32.39 39.61
N ASP E 804 9.08 -31.65 39.50
CA ASP E 804 9.07 -30.49 38.63
C ASP E 804 9.58 -29.23 39.31
N TRP E 805 10.00 -29.32 40.58
CA TRP E 805 10.62 -28.18 41.24
C TRP E 805 11.89 -27.76 40.52
N THR E 806 12.68 -28.74 40.09
CA THR E 806 13.78 -28.47 39.19
C THR E 806 13.31 -27.89 37.87
N VAL E 807 12.15 -28.34 37.39
CA VAL E 807 11.68 -27.94 36.07
C VAL E 807 11.10 -26.54 36.12
N HIS E 808 10.42 -26.20 37.21
CA HIS E 808 9.88 -24.85 37.39
C HIS E 808 10.96 -23.78 37.35
N HIS E 809 12.12 -24.03 37.96
CA HIS E 809 13.25 -23.12 37.83
C HIS E 809 13.75 -23.06 36.40
N LYS E 810 13.71 -24.19 35.69
CA LYS E 810 14.11 -24.19 34.28
C LYS E 810 13.12 -23.40 33.45
N ILE E 811 11.83 -23.50 33.79
CA ILE E 811 10.85 -22.57 33.26
C ILE E 811 11.13 -21.16 33.73
N TYR E 812 11.64 -20.99 34.95
CA TYR E 812 11.91 -19.65 35.43
C TYR E 812 13.20 -19.08 34.83
N TYR E 813 14.33 -19.78 35.02
CA TYR E 813 15.62 -19.19 34.68
C TYR E 813 15.81 -19.09 33.17
N TYR E 814 15.68 -20.20 32.44
CA TYR E 814 16.01 -20.21 31.03
C TYR E 814 14.98 -19.48 30.17
N VAL E 815 13.77 -19.29 30.67
CA VAL E 815 12.73 -18.76 29.83
C VAL E 815 12.31 -17.36 30.25
N LEU E 816 11.90 -17.18 31.50
CA LEU E 816 11.35 -15.89 31.90
C LEU E 816 12.43 -14.83 32.02
N VAL E 817 13.48 -15.14 32.77
CA VAL E 817 14.55 -14.23 33.17
C VAL E 817 15.20 -13.44 32.03
N PRO E 818 15.68 -14.04 30.92
CA PRO E 818 16.36 -13.20 29.92
C PRO E 818 15.40 -12.27 29.21
N ALA E 819 14.13 -12.69 29.09
CA ALA E 819 13.11 -11.84 28.49
C ALA E 819 12.85 -10.61 29.35
N PHE E 820 12.79 -10.79 30.67
CA PHE E 820 12.72 -9.63 31.52
C PHE E 820 14.05 -8.89 31.55
N SER E 821 15.15 -9.62 31.35
CA SER E 821 16.46 -8.99 31.42
C SER E 821 16.75 -8.14 30.21
N ARG E 822 16.24 -8.55 29.05
CA ARG E 822 16.74 -8.16 27.74
C ARG E 822 18.26 -8.35 27.69
N GLY E 823 18.72 -9.51 28.21
CA GLY E 823 20.10 -9.91 28.16
C GLY E 823 20.99 -9.36 29.25
N ARG E 824 20.64 -8.25 29.88
CA ARG E 824 21.56 -7.51 30.75
C ARG E 824 21.48 -8.05 32.17
N CYS E 825 21.93 -9.29 32.35
CA CYS E 825 22.07 -9.86 33.68
C CYS E 825 23.14 -10.94 33.66
N CYS E 826 23.60 -11.36 34.82
CA CYS E 826 24.62 -12.40 34.91
C CYS E 826 24.57 -13.07 36.27
N THR E 827 25.29 -14.17 36.38
CA THR E 827 25.39 -14.87 37.65
C THR E 827 26.43 -14.21 38.54
N ALA E 828 26.71 -14.87 39.66
CA ALA E 828 27.72 -14.42 40.60
C ALA E 828 28.19 -15.58 41.44
N GLY E 829 29.48 -15.58 41.74
CA GLY E 829 30.04 -16.49 42.70
C GLY E 829 30.35 -15.81 44.02
N VAL E 830 29.88 -16.43 45.09
CA VAL E 830 29.69 -15.78 46.37
C VAL E 830 30.89 -16.07 47.28
N ARG E 831 31.44 -15.01 47.86
CA ARG E 831 32.32 -15.11 49.02
C ARG E 831 31.44 -15.10 50.26
N PHE E 832 30.94 -16.28 50.65
CA PHE E 832 30.14 -16.41 51.86
C PHE E 832 30.91 -16.05 53.11
N ASP E 833 32.21 -16.30 53.11
CA ASP E 833 33.07 -15.83 54.19
C ASP E 833 33.05 -14.31 54.29
N ARG E 834 33.06 -13.63 53.17
CA ARG E 834 32.81 -12.20 53.20
C ARG E 834 31.36 -11.89 53.51
N VAL E 835 30.43 -12.71 53.03
CA VAL E 835 29.01 -12.47 53.29
C VAL E 835 28.69 -12.69 54.76
N TYR E 836 29.07 -13.85 55.31
CA TYR E 836 28.77 -14.11 56.71
C TYR E 836 29.62 -13.29 57.66
N ALA E 837 30.58 -12.53 57.14
CA ALA E 837 31.22 -11.50 57.95
C ALA E 837 30.21 -10.41 58.31
N THR E 838 29.76 -9.65 57.32
CA THR E 838 29.00 -8.43 57.61
C THR E 838 27.52 -8.67 57.78
N LEU E 839 27.05 -9.92 57.68
CA LEU E 839 25.67 -10.22 58.07
C LEU E 839 25.48 -10.04 59.57
N GLN E 840 26.23 -10.83 60.34
CA GLN E 840 26.05 -10.92 61.78
C GLN E 840 26.96 -9.92 62.47
N ASN E 841 26.90 -8.69 61.97
CA ASN E 841 27.67 -7.57 62.50
C ASN E 841 26.68 -6.43 62.69
N MET E 842 26.00 -6.43 63.83
CA MET E 842 24.84 -5.56 63.99
C MET E 842 25.04 -4.60 65.15
N VAL E 843 24.59 -3.38 64.96
CA VAL E 843 24.41 -2.43 66.04
C VAL E 843 22.93 -2.51 66.42
N VAL E 844 22.62 -3.46 67.29
CA VAL E 844 21.27 -3.62 67.83
C VAL E 844 21.36 -3.36 69.33
N PRO E 845 20.99 -2.18 69.81
CA PRO E 845 21.08 -1.89 71.25
C PRO E 845 20.04 -2.68 72.03
N GLU E 846 20.40 -3.03 73.27
CA GLU E 846 19.47 -3.72 74.13
C GLU E 846 18.33 -2.79 74.53
N ILE E 847 17.10 -3.27 74.34
CA ILE E 847 15.92 -2.47 74.63
C ILE E 847 15.80 -2.25 76.13
N ALA E 848 15.41 -1.04 76.51
CA ALA E 848 15.16 -0.75 77.90
C ALA E 848 13.72 -1.12 78.26
N PRO E 849 13.47 -1.59 79.48
CA PRO E 849 12.08 -1.84 79.91
C PRO E 849 11.32 -0.53 80.04
N GLY E 850 10.07 -0.55 79.58
CA GLY E 850 9.24 0.63 79.53
C GLY E 850 9.12 1.24 78.15
N GLU E 851 9.98 0.86 77.22
CA GLU E 851 9.94 1.41 75.87
C GLU E 851 9.58 0.32 74.85
N GLU E 852 8.92 0.74 73.78
CA GLU E 852 8.56 -0.18 72.73
C GLU E 852 9.68 -0.30 71.70
N CYS E 853 9.40 -1.06 70.65
CA CYS E 853 10.34 -1.18 69.54
C CYS E 853 10.33 0.10 68.71
N PRO E 854 11.49 0.64 68.34
CA PRO E 854 11.52 1.73 67.36
C PRO E 854 11.13 1.20 65.98
N SER E 855 10.18 1.88 65.35
CA SER E 855 9.74 1.46 64.02
C SER E 855 10.33 2.34 62.93
N ASP E 856 10.30 3.65 63.11
CA ASP E 856 10.80 4.59 62.12
C ASP E 856 12.32 4.60 62.15
N PRO E 857 13.00 4.50 61.01
CA PRO E 857 14.48 4.54 61.03
C PRO E 857 15.06 5.95 61.05
N VAL E 858 14.26 6.97 61.36
CA VAL E 858 14.77 8.34 61.21
C VAL E 858 15.07 8.99 62.56
N THR E 859 14.13 9.01 63.49
CA THR E 859 14.29 9.77 64.74
C THR E 859 14.73 8.87 65.89
N ASP E 860 14.08 7.73 66.08
CA ASP E 860 14.24 6.93 67.30
C ASP E 860 15.57 6.20 67.27
N PRO E 861 16.53 6.54 68.15
CA PRO E 861 17.92 6.09 67.93
C PRO E 861 18.18 4.64 68.24
N ALA E 862 17.28 3.96 68.96
CA ALA E 862 17.45 2.53 69.18
C ALA E 862 17.01 1.71 67.98
N HIS E 863 16.40 2.33 66.98
CA HIS E 863 16.30 1.70 65.67
C HIS E 863 17.71 1.56 65.11
N PRO E 864 18.04 0.43 64.50
CA PRO E 864 19.42 0.22 64.04
C PRO E 864 19.82 1.09 62.86
N LEU E 865 18.86 1.62 62.10
CA LEU E 865 19.17 2.46 60.95
C LEU E 865 19.09 3.95 61.25
N HIS E 866 18.85 4.34 62.50
CA HIS E 866 19.10 5.72 62.88
C HIS E 866 20.61 5.97 62.86
N PRO E 867 21.06 7.19 62.46
CA PRO E 867 22.51 7.43 62.33
C PRO E 867 23.34 7.37 63.61
N ALA E 868 22.71 7.29 64.78
CA ALA E 868 23.48 7.00 65.98
C ALA E 868 23.96 5.56 65.98
N ASN E 869 23.11 4.63 65.55
CA ASN E 869 23.49 3.23 65.41
C ASN E 869 24.19 2.93 64.10
N LEU E 870 24.24 3.90 63.17
CA LEU E 870 25.04 3.72 61.97
C LEU E 870 26.50 4.03 62.28
N VAL E 871 27.32 2.99 62.32
CA VAL E 871 28.76 3.12 62.42
C VAL E 871 29.29 2.67 61.06
N ALA E 872 30.59 2.81 60.84
CA ALA E 872 31.20 2.23 59.65
C ALA E 872 31.17 0.71 59.74
N ASN E 873 30.80 0.08 58.62
CA ASN E 873 30.93 -1.36 58.37
C ASN E 873 30.12 -2.23 59.32
N THR E 874 28.80 -2.00 59.37
CA THR E 874 27.86 -2.84 60.10
C THR E 874 26.60 -3.07 59.24
N VAL E 875 25.76 -4.02 59.65
CA VAL E 875 24.75 -4.55 58.72
C VAL E 875 23.60 -3.57 58.52
N LYS E 876 23.19 -2.85 59.58
CA LYS E 876 22.21 -1.79 59.44
C LYS E 876 22.75 -0.59 58.66
N ARG E 877 24.07 -0.40 58.64
CA ARG E 877 24.63 0.61 57.75
C ARG E 877 24.50 0.19 56.29
N MET E 878 24.60 -1.10 56.02
CA MET E 878 24.34 -1.55 54.65
C MET E 878 22.84 -1.63 54.37
N PHE E 879 22.03 -1.82 55.42
CA PHE E 879 20.59 -1.53 55.31
C PHE E 879 20.28 -0.08 54.98
N HIS E 880 21.22 0.85 55.19
CA HIS E 880 20.89 2.26 55.17
C HIS E 880 21.26 2.95 53.87
N ASN E 881 22.12 2.33 53.05
CA ASN E 881 22.41 2.85 51.72
C ASN E 881 21.16 2.86 50.85
N GLY E 882 20.61 1.68 50.58
CA GLY E 882 19.25 1.58 50.10
C GLY E 882 18.33 1.39 51.29
N ARG E 883 17.60 2.45 51.66
CA ARG E 883 16.94 2.57 52.96
C ARG E 883 15.80 1.56 53.07
N VAL E 884 16.04 0.50 53.83
CA VAL E 884 15.06 -0.55 54.08
C VAL E 884 14.66 -0.50 55.54
N VAL E 885 13.40 -0.17 55.81
CA VAL E 885 12.91 0.00 57.16
C VAL E 885 12.84 -1.38 57.79
N VAL E 886 13.86 -1.73 58.56
CA VAL E 886 13.94 -2.99 59.29
C VAL E 886 14.40 -2.68 60.70
N ASP E 887 13.56 -3.02 61.67
CA ASP E 887 13.77 -2.62 63.06
C ASP E 887 14.76 -3.55 63.76
N GLY E 888 14.81 -3.42 65.09
CA GLY E 888 15.66 -4.21 65.94
C GLY E 888 15.37 -5.71 65.95
N PRO E 889 14.22 -6.13 66.49
CA PRO E 889 13.96 -7.58 66.65
C PRO E 889 13.81 -8.37 65.36
N ALA E 890 13.77 -7.72 64.20
CA ALA E 890 13.90 -8.47 62.95
C ALA E 890 15.35 -8.94 62.77
N MET E 891 16.29 -7.99 62.71
CA MET E 891 17.68 -8.36 62.57
C MET E 891 18.29 -8.85 63.88
N LEU E 892 17.58 -8.74 65.00
CA LEU E 892 18.00 -9.44 66.20
C LEU E 892 17.79 -10.94 66.04
N THR E 893 16.74 -11.32 65.32
CA THR E 893 16.49 -12.73 65.02
C THR E 893 17.34 -13.24 63.86
N LEU E 894 18.38 -12.50 63.48
CA LEU E 894 19.48 -13.02 62.65
C LEU E 894 20.38 -13.96 63.43
N GLN E 895 20.08 -14.16 64.73
CA GLN E 895 20.62 -15.22 65.57
C GLN E 895 20.53 -16.63 64.96
N VAL E 896 19.60 -16.86 64.02
CA VAL E 896 19.37 -18.19 63.48
C VAL E 896 20.35 -18.49 62.33
N LEU E 897 21.31 -17.57 62.07
CA LEU E 897 22.36 -17.84 61.08
C LEU E 897 23.22 -19.04 61.42
N ALA E 898 23.29 -19.39 62.71
CA ALA E 898 24.14 -20.50 63.14
C ALA E 898 23.62 -21.85 62.66
N HIS E 899 22.36 -21.94 62.25
CA HIS E 899 21.79 -23.25 61.96
C HIS E 899 22.15 -23.72 60.56
N ASN E 900 21.70 -23.04 59.51
CA ASN E 900 22.02 -23.45 58.15
C ASN E 900 22.81 -22.35 57.47
N MET E 901 23.74 -22.73 56.60
CA MET E 901 24.49 -21.79 55.79
C MET E 901 25.03 -22.49 54.55
N ALA E 902 25.80 -21.75 53.76
CA ALA E 902 26.44 -22.26 52.56
C ALA E 902 27.89 -21.79 52.53
N GLU E 903 28.79 -22.69 52.16
CA GLU E 903 30.21 -22.39 52.27
C GLU E 903 30.74 -21.59 51.08
N ARG E 904 30.50 -22.05 49.86
CA ARG E 904 31.04 -21.46 48.65
C ARG E 904 30.27 -22.03 47.48
N THR E 905 30.52 -21.48 46.29
CA THR E 905 29.87 -21.99 45.09
C THR E 905 30.80 -22.92 44.34
N THR E 906 30.20 -23.79 43.53
CA THR E 906 30.94 -24.84 42.84
C THR E 906 30.35 -25.05 41.46
N ALA E 907 31.19 -24.98 40.43
CA ALA E 907 30.74 -25.20 39.06
C ALA E 907 30.46 -26.68 38.84
N LEU E 908 29.23 -26.99 38.44
CA LEU E 908 28.81 -28.36 38.19
C LEU E 908 28.84 -28.59 36.69
N LEU E 909 29.55 -29.63 36.27
CA LEU E 909 29.65 -30.00 34.87
C LEU E 909 29.40 -31.50 34.78
N CYS E 910 28.22 -31.89 34.29
CA CYS E 910 27.91 -33.28 34.07
C CYS E 910 27.23 -33.42 32.71
N SER E 911 27.97 -33.86 31.71
CA SER E 911 27.51 -33.76 30.32
C SER E 911 26.50 -34.86 30.02
N ALA E 912 26.12 -34.94 28.75
CA ALA E 912 25.04 -35.82 28.34
C ALA E 912 25.30 -36.32 26.93
N ALA E 913 24.46 -37.27 26.51
CA ALA E 913 24.51 -37.86 25.18
C ALA E 913 23.21 -37.53 24.46
N PRO E 914 23.10 -37.77 23.15
CA PRO E 914 21.78 -37.80 22.52
C PRO E 914 20.90 -38.88 23.11
N ASP E 915 19.59 -38.69 22.97
CA ASP E 915 18.64 -39.56 23.64
C ASP E 915 18.50 -40.89 22.92
N ALA E 916 17.87 -41.83 23.61
CA ALA E 916 17.20 -42.90 22.90
C ALA E 916 16.13 -42.27 22.02
N GLY E 917 16.38 -42.26 20.73
CA GLY E 917 15.56 -41.54 19.79
C GLY E 917 16.34 -40.74 18.77
N ALA E 918 17.57 -40.34 19.09
CA ALA E 918 18.44 -39.73 18.10
C ALA E 918 19.83 -40.35 18.14
N ASN E 919 20.06 -41.28 19.05
CA ASN E 919 21.36 -41.90 19.21
C ASN E 919 21.56 -42.88 18.08
N THR E 920 22.31 -42.48 17.06
CA THR E 920 22.72 -43.37 16.00
C THR E 920 24.23 -43.53 16.02
N ALA E 921 24.78 -44.18 14.99
CA ALA E 921 26.21 -44.46 14.96
C ALA E 921 27.05 -43.20 14.88
N SER E 922 26.63 -42.20 14.11
CA SER E 922 27.40 -40.97 14.06
C SER E 922 27.18 -40.14 15.29
N THR E 923 26.02 -40.26 15.92
CA THR E 923 25.69 -39.46 17.07
C THR E 923 26.12 -40.10 18.37
N ALA E 924 26.72 -41.29 18.33
CA ALA E 924 27.16 -41.96 19.55
C ALA E 924 28.38 -41.26 20.14
N ASN E 925 29.22 -40.68 19.29
CA ASN E 925 30.36 -39.92 19.75
C ASN E 925 29.97 -38.52 20.23
N MET E 926 28.71 -38.16 20.12
CA MET E 926 28.32 -36.80 20.45
C MET E 926 28.07 -36.64 21.94
N ARG E 927 28.60 -35.55 22.49
CA ARG E 927 28.37 -35.18 23.87
C ARG E 927 27.97 -33.72 23.91
N ILE E 928 27.22 -33.36 24.94
CA ILE E 928 26.81 -31.97 25.15
C ILE E 928 27.09 -31.62 26.60
N PHE E 929 28.00 -30.68 26.82
CA PHE E 929 28.38 -30.26 28.16
C PHE E 929 27.43 -29.17 28.65
N ASP E 930 27.12 -29.20 29.94
CA ASP E 930 26.26 -28.22 30.58
C ASP E 930 26.91 -27.72 31.85
N GLY E 931 27.07 -26.41 31.99
CA GLY E 931 27.71 -25.86 33.17
C GLY E 931 26.79 -25.02 34.03
N ALA E 932 26.98 -25.14 35.35
CA ALA E 932 26.12 -24.48 36.32
C ALA E 932 26.85 -24.40 37.66
N LEU E 933 26.61 -23.30 38.38
CA LEU E 933 27.20 -23.12 39.71
C LEU E 933 26.28 -23.67 40.78
N HIS E 934 26.88 -24.11 41.89
CA HIS E 934 26.09 -24.76 42.93
C HIS E 934 25.44 -23.73 43.83
N ALA E 935 26.23 -22.92 44.50
CA ALA E 935 25.70 -21.90 45.40
C ALA E 935 25.84 -20.55 44.75
N GLY E 936 25.16 -20.34 43.62
CA GLY E 936 25.24 -19.11 42.89
C GLY E 936 24.00 -18.25 43.05
N VAL E 937 24.11 -17.01 42.60
CA VAL E 937 23.04 -16.03 42.79
C VAL E 937 22.95 -15.19 41.53
N LEU E 938 21.72 -14.95 41.08
CA LEU E 938 21.44 -14.18 39.87
C LEU E 938 21.53 -12.70 40.17
N LEU E 939 22.49 -12.03 39.56
CA LEU E 939 22.59 -10.57 39.61
C LEU E 939 21.82 -9.99 38.43
N MET E 940 20.82 -9.18 38.76
CA MET E 940 20.02 -8.51 37.76
C MET E 940 20.78 -7.33 37.15
N ALA E 941 21.09 -6.33 37.95
CA ALA E 941 21.64 -5.11 37.43
C ALA E 941 23.14 -5.03 37.67
N PRO E 942 23.94 -5.00 36.61
CA PRO E 942 25.36 -4.69 36.80
C PRO E 942 25.55 -3.25 37.20
N GLN E 943 25.85 -3.06 38.47
CA GLN E 943 26.07 -1.74 39.04
C GLN E 943 27.57 -1.55 39.21
N HIS E 944 28.16 -0.84 38.26
CA HIS E 944 29.56 -0.42 38.32
C HIS E 944 29.69 1.08 38.48
N LEU E 945 28.57 1.81 38.53
CA LEU E 945 28.58 3.26 38.68
C LEU E 945 28.51 3.58 40.16
N ASP E 946 29.36 2.91 40.94
CA ASP E 946 29.32 2.94 42.39
C ASP E 946 30.57 2.32 42.97
N HIS E 947 31.28 3.08 43.79
CA HIS E 947 32.32 2.48 44.62
C HIS E 947 31.86 2.67 46.05
N THR E 948 30.94 1.80 46.50
CA THR E 948 30.51 1.73 47.89
C THR E 948 30.78 0.33 48.40
N ILE E 949 30.21 -0.67 47.73
CA ILE E 949 30.78 -2.01 47.72
C ILE E 949 31.86 -1.99 46.65
N GLN E 950 32.99 -2.65 46.93
CA GLN E 950 33.97 -2.84 45.89
C GLN E 950 33.36 -3.70 44.77
N ASN E 951 33.66 -3.31 43.52
CA ASN E 951 32.97 -3.87 42.37
C ASN E 951 33.32 -5.33 42.21
N GLY E 952 32.48 -6.20 42.73
CA GLY E 952 32.83 -7.60 42.89
C GLY E 952 33.55 -7.93 44.18
N GLU E 953 33.19 -7.28 45.29
CA GLU E 953 33.80 -7.62 46.59
C GLU E 953 33.26 -8.93 47.12
N TYR E 954 31.95 -8.96 47.40
CA TYR E 954 31.29 -10.18 47.87
C TYR E 954 31.16 -11.21 46.77
N PHE E 955 30.98 -10.74 45.54
CA PHE E 955 30.53 -11.59 44.47
C PHE E 955 31.41 -11.42 43.26
N TYR E 956 32.33 -12.35 43.06
CA TYR E 956 33.00 -12.43 41.78
C TYR E 956 31.98 -12.84 40.72
N VAL E 957 32.14 -12.28 39.52
CA VAL E 957 31.06 -12.25 38.54
C VAL E 957 30.82 -13.61 37.87
N LEU E 958 31.83 -14.17 37.18
CA LEU E 958 31.89 -15.54 36.68
C LEU E 958 30.70 -15.95 35.81
N PRO E 959 30.63 -15.53 34.54
CA PRO E 959 29.49 -15.92 33.69
C PRO E 959 29.49 -17.41 33.40
N VAL E 960 28.30 -18.00 33.47
CA VAL E 960 28.18 -19.45 33.39
C VAL E 960 27.63 -19.87 32.03
N HIS E 961 27.02 -18.93 31.30
CA HIS E 961 26.45 -19.19 30.00
C HIS E 961 26.19 -17.87 29.27
N ALA E 962 26.02 -17.96 27.95
CA ALA E 962 25.76 -16.79 27.12
C ALA E 962 24.38 -16.18 27.37
N LEU E 963 23.51 -16.88 28.11
CA LEU E 963 22.28 -16.25 28.58
C LEU E 963 22.58 -15.21 29.65
N PHE E 964 23.67 -15.38 30.37
CA PHE E 964 23.95 -14.56 31.53
C PHE E 964 25.31 -13.91 31.35
N ALA E 965 25.32 -12.79 30.66
CA ALA E 965 26.55 -12.02 30.50
C ALA E 965 26.17 -10.55 30.43
N GLY E 966 26.13 -9.91 31.59
CA GLY E 966 25.89 -8.49 31.64
C GLY E 966 27.07 -7.72 31.08
N ALA E 967 26.77 -6.85 30.11
CA ALA E 967 27.82 -6.12 29.40
C ALA E 967 28.51 -5.12 30.30
N ASP E 968 27.87 -4.75 31.40
CA ASP E 968 28.53 -3.93 32.40
C ASP E 968 29.05 -4.73 33.58
N HIS E 969 28.69 -6.01 33.71
CA HIS E 969 29.40 -6.85 34.67
C HIS E 969 30.82 -7.10 34.23
N VAL E 970 30.98 -7.62 33.01
CA VAL E 970 32.27 -8.16 32.58
C VAL E 970 33.23 -7.05 32.22
N ALA E 971 32.78 -6.09 31.43
CA ALA E 971 33.68 -5.06 30.93
C ALA E 971 34.13 -4.10 32.02
N ASN E 972 33.32 -3.94 33.07
CA ASN E 972 33.66 -3.03 34.15
C ASN E 972 34.03 -3.77 35.43
N ALA E 973 34.63 -4.95 35.32
CA ALA E 973 35.34 -5.63 36.39
C ALA E 973 36.64 -4.90 36.62
N PRO E 974 37.23 -4.96 37.82
CA PRO E 974 38.44 -4.16 38.07
C PRO E 974 39.66 -4.59 37.26
N ASN E 975 39.80 -5.88 36.99
CA ASN E 975 40.92 -6.35 36.19
C ASN E 975 40.36 -6.81 34.85
N PHE E 976 40.18 -5.86 33.95
CA PHE E 976 39.66 -6.12 32.61
C PHE E 976 40.62 -5.47 31.62
N PRO E 977 40.99 -6.16 30.56
CA PRO E 977 41.89 -5.55 29.56
C PRO E 977 41.18 -4.45 28.80
N PRO E 978 41.72 -3.23 28.81
CA PRO E 978 41.12 -2.14 28.03
C PRO E 978 41.36 -2.27 26.53
N ALA E 979 42.13 -3.27 26.08
CA ALA E 979 42.21 -3.54 24.66
C ALA E 979 41.04 -4.38 24.18
N LEU E 980 40.26 -4.96 25.09
CA LEU E 980 39.14 -5.81 24.72
C LEU E 980 37.80 -5.24 25.16
N ARG E 981 37.56 -3.96 24.93
CA ARG E 981 36.35 -3.33 25.43
C ARG E 981 35.15 -3.60 24.53
N ASP E 982 35.22 -3.16 23.27
CA ASP E 982 34.04 -3.20 22.41
C ASP E 982 33.72 -4.62 21.98
N LEU E 983 34.74 -5.46 21.82
CA LEU E 983 34.49 -6.84 21.42
C LEU E 983 33.85 -7.60 22.58
N ALA E 984 34.02 -7.10 23.78
CA ALA E 984 33.26 -7.67 24.90
C ALA E 984 31.80 -7.30 24.85
N ARG E 985 31.41 -6.25 24.12
CA ARG E 985 30.05 -5.75 24.26
C ARG E 985 29.02 -6.64 23.58
N HIS E 986 29.33 -7.11 22.36
CA HIS E 986 28.39 -7.99 21.69
C HIS E 986 28.88 -9.42 21.55
N VAL E 987 29.76 -9.87 22.45
CA VAL E 987 30.17 -11.27 22.53
C VAL E 987 30.08 -11.70 23.99
N PRO E 988 29.38 -12.78 24.30
CA PRO E 988 29.30 -13.26 25.69
C PRO E 988 30.55 -14.01 26.13
N LEU E 989 31.53 -13.28 26.68
CA LEU E 989 32.79 -13.86 27.11
C LEU E 989 32.57 -14.84 28.27
N VAL E 990 32.85 -16.13 28.00
CA VAL E 990 32.74 -17.18 28.99
C VAL E 990 34.01 -18.01 28.90
N PRO E 991 34.72 -18.22 30.00
CA PRO E 991 35.87 -19.13 30.00
C PRO E 991 35.43 -20.55 29.67
N PRO E 992 36.20 -21.26 28.84
CA PRO E 992 35.70 -22.54 28.29
C PRO E 992 35.68 -23.68 29.29
N ALA E 993 35.92 -23.44 30.58
CA ALA E 993 35.70 -24.51 31.55
C ALA E 993 34.23 -24.68 31.86
N LEU E 994 33.40 -23.70 31.49
CA LEU E 994 31.99 -23.73 31.79
C LEU E 994 31.15 -24.07 30.57
N GLY E 995 31.75 -24.11 29.40
CA GLY E 995 31.02 -24.37 28.18
C GLY E 995 31.23 -23.26 27.16
N ALA E 996 31.44 -23.69 25.92
CA ALA E 996 31.52 -22.80 24.77
C ALA E 996 30.14 -22.68 24.15
N ASN E 997 30.10 -22.03 22.99
CA ASN E 997 28.82 -21.83 22.32
C ASN E 997 28.30 -23.12 21.72
N TYR E 998 29.16 -23.86 21.03
CA TYR E 998 28.66 -24.89 20.14
C TYR E 998 28.34 -26.18 20.87
N PHE E 999 28.88 -26.38 22.05
CA PHE E 999 28.57 -27.56 22.84
C PHE E 999 27.63 -27.26 23.99
N SER E 1000 27.07 -26.06 24.02
CA SER E 1000 25.98 -25.80 24.92
C SER E 1000 24.69 -26.35 24.34
N SER E 1001 23.73 -26.63 25.21
CA SER E 1001 22.41 -27.05 24.74
C SER E 1001 21.65 -25.88 24.14
N ILE E 1002 21.97 -24.66 24.53
CA ILE E 1002 21.37 -23.46 24.00
C ILE E 1002 22.46 -22.66 23.31
N ARG E 1003 22.28 -22.39 22.03
CA ARG E 1003 23.30 -21.65 21.31
C ARG E 1003 22.93 -20.18 21.27
N GLN E 1004 23.78 -19.38 20.65
CA GLN E 1004 23.59 -17.95 20.40
C GLN E 1004 22.23 -17.50 19.83
N PRO E 1005 21.57 -18.20 18.88
CA PRO E 1005 20.29 -17.67 18.36
C PRO E 1005 19.17 -17.53 19.37
N VAL E 1006 19.11 -18.38 20.38
CA VAL E 1006 18.07 -18.21 21.38
C VAL E 1006 18.40 -17.00 22.25
N VAL E 1007 19.67 -16.75 22.47
CA VAL E 1007 20.11 -15.55 23.18
C VAL E 1007 19.76 -14.31 22.38
N GLN E 1008 20.03 -14.34 21.07
CA GLN E 1008 19.90 -13.15 20.27
C GLN E 1008 18.44 -12.78 20.02
N HIS E 1009 17.55 -13.77 20.01
CA HIS E 1009 16.11 -13.49 20.00
C HIS E 1009 15.69 -12.63 21.17
N ALA E 1010 16.23 -12.91 22.35
CA ALA E 1010 15.73 -12.29 23.58
C ALA E 1010 16.05 -10.81 23.62
N ARG E 1011 17.30 -10.46 23.35
CA ARG E 1011 17.73 -9.07 23.48
C ARG E 1011 17.22 -8.18 22.34
N GLU E 1012 16.74 -8.76 21.25
CA GLU E 1012 16.57 -7.97 20.04
C GLU E 1012 15.11 -7.88 19.61
N SER E 1013 14.27 -8.84 20.01
CA SER E 1013 12.89 -8.87 19.53
C SER E 1013 12.08 -7.73 20.14
N ALA E 1014 11.11 -7.25 19.38
CA ALA E 1014 10.38 -6.05 19.72
C ALA E 1014 9.21 -6.31 20.65
N ALA E 1015 8.74 -7.56 20.74
CA ALA E 1015 7.46 -7.86 21.35
C ALA E 1015 7.51 -7.68 22.86
N GLY E 1016 6.35 -7.41 23.44
CA GLY E 1016 6.20 -7.41 24.88
C GLY E 1016 6.38 -8.82 25.43
N GLU E 1017 6.60 -8.88 26.74
CA GLU E 1017 7.09 -10.09 27.41
C GLU E 1017 6.09 -11.24 27.35
N ASN E 1018 4.79 -10.93 27.22
CA ASN E 1018 3.76 -11.97 27.14
C ASN E 1018 3.92 -12.79 25.88
N ALA E 1019 3.95 -12.12 24.72
CA ALA E 1019 4.26 -12.81 23.48
C ALA E 1019 5.68 -13.34 23.49
N LEU E 1020 6.60 -12.56 24.09
CA LEU E 1020 8.01 -12.96 24.14
C LEU E 1020 8.21 -14.19 25.01
N THR E 1021 7.31 -14.44 25.94
CA THR E 1021 7.39 -15.63 26.76
C THR E 1021 7.24 -16.89 25.92
N TYR E 1022 6.09 -17.03 25.25
CA TYR E 1022 5.80 -18.21 24.47
C TYR E 1022 6.72 -18.31 23.26
N ALA E 1023 7.18 -17.16 22.75
CA ALA E 1023 8.02 -17.15 21.55
C ALA E 1023 9.38 -17.77 21.82
N LEU E 1024 9.84 -17.69 23.06
CA LEU E 1024 11.08 -18.38 23.35
C LEU E 1024 10.78 -19.69 24.05
N MET E 1025 9.57 -19.82 24.63
CA MET E 1025 9.15 -21.09 25.21
C MET E 1025 9.01 -22.15 24.14
N ALA E 1026 8.51 -21.77 22.96
CA ALA E 1026 8.52 -22.66 21.82
C ALA E 1026 9.92 -22.95 21.31
N GLY E 1027 10.91 -22.16 21.72
CA GLY E 1027 12.29 -22.46 21.38
C GLY E 1027 12.94 -23.54 22.20
N TYR E 1028 12.19 -24.51 22.70
CA TYR E 1028 12.79 -25.66 23.39
C TYR E 1028 12.12 -26.98 23.03
N PHE E 1029 11.80 -27.20 21.77
CA PHE E 1029 11.29 -28.50 21.35
C PHE E 1029 12.34 -29.23 20.54
N LYS E 1030 12.63 -30.47 20.93
CA LYS E 1030 13.83 -31.18 20.48
C LYS E 1030 13.77 -31.54 19.00
N MET E 1031 14.87 -32.07 18.51
CA MET E 1031 15.06 -32.25 17.08
C MET E 1031 15.15 -33.73 16.70
N SER E 1032 14.82 -34.63 17.62
CA SER E 1032 14.87 -36.05 17.31
C SER E 1032 13.71 -36.42 16.40
N PRO E 1033 13.86 -37.49 15.61
CA PRO E 1033 12.68 -38.04 14.93
C PRO E 1033 11.63 -38.56 15.88
N VAL E 1034 12.00 -38.88 17.12
CA VAL E 1034 10.99 -39.05 18.16
C VAL E 1034 10.33 -37.72 18.47
N ALA E 1035 11.11 -36.65 18.57
CA ALA E 1035 10.51 -35.34 18.86
C ALA E 1035 9.69 -34.80 17.70
N LEU E 1036 10.21 -34.88 16.47
CA LEU E 1036 9.46 -34.43 15.31
C LEU E 1036 8.23 -35.28 15.03
N TYR E 1037 8.10 -36.44 15.67
CA TYR E 1037 6.86 -37.18 15.58
C TYR E 1037 5.71 -36.38 16.20
N HIS E 1038 5.84 -36.02 17.48
CA HIS E 1038 4.70 -35.44 18.17
C HIS E 1038 4.43 -33.99 17.76
N GLN E 1039 5.48 -33.22 17.48
CA GLN E 1039 5.36 -31.80 17.16
C GLN E 1039 4.56 -31.57 15.90
N LEU E 1040 4.66 -32.51 14.95
CA LEU E 1040 3.91 -32.40 13.71
C LEU E 1040 2.51 -32.98 13.85
N LYS E 1041 2.39 -34.13 14.51
CA LYS E 1041 1.09 -34.78 14.59
C LYS E 1041 0.18 -34.11 15.59
N THR E 1042 0.70 -33.18 16.40
CA THR E 1042 -0.15 -32.25 17.09
C THR E 1042 -0.29 -30.95 16.32
N GLY E 1043 0.65 -30.68 15.42
CA GLY E 1043 0.51 -29.52 14.57
C GLY E 1043 1.14 -28.28 15.12
N LEU E 1044 2.31 -28.40 15.72
CA LEU E 1044 3.11 -27.24 16.04
C LEU E 1044 4.21 -27.13 15.01
N HIS E 1045 4.27 -25.98 14.35
CA HIS E 1045 5.21 -25.75 13.26
C HIS E 1045 6.61 -25.62 13.84
N PRO E 1046 7.51 -26.50 13.53
CA PRO E 1046 8.85 -26.49 14.14
C PRO E 1046 9.85 -25.59 13.41
N GLY E 1047 9.38 -24.44 12.96
CA GLY E 1047 10.25 -23.42 12.43
C GLY E 1047 10.93 -23.73 11.11
N PHE E 1048 10.54 -24.79 10.41
CA PHE E 1048 11.09 -25.05 9.08
C PHE E 1048 10.01 -25.75 8.27
N GLY E 1049 10.14 -25.68 6.94
CA GLY E 1049 9.10 -26.14 6.05
C GLY E 1049 9.65 -26.99 4.94
N PHE E 1050 8.82 -27.21 3.92
CA PHE E 1050 9.14 -28.20 2.90
C PHE E 1050 8.76 -27.74 1.50
N THR E 1051 9.55 -28.19 0.53
CA THR E 1051 9.22 -28.09 -0.87
C THR E 1051 8.73 -29.45 -1.37
N VAL E 1052 7.45 -29.53 -1.67
CA VAL E 1052 6.82 -30.78 -2.08
C VAL E 1052 7.09 -30.96 -3.56
N VAL E 1053 7.77 -32.03 -3.91
CA VAL E 1053 8.04 -32.37 -5.30
C VAL E 1053 7.19 -33.57 -5.64
N ARG E 1054 6.55 -33.54 -6.81
CA ARG E 1054 5.60 -34.55 -7.21
C ARG E 1054 5.52 -34.58 -8.74
N GLN E 1055 5.42 -35.78 -9.30
CA GLN E 1055 5.39 -35.97 -10.74
C GLN E 1055 4.02 -36.48 -11.15
N ASP E 1056 3.59 -36.15 -12.36
CA ASP E 1056 2.33 -36.60 -12.91
C ASP E 1056 2.56 -37.20 -14.30
N ARG E 1057 1.46 -37.45 -14.99
CA ARG E 1057 1.51 -38.09 -16.29
C ARG E 1057 0.27 -37.69 -17.10
N PHE E 1058 0.50 -37.20 -18.31
CA PHE E 1058 -0.56 -36.61 -19.11
C PHE E 1058 -0.68 -37.30 -20.45
N VAL E 1059 -1.90 -37.61 -20.85
CA VAL E 1059 -2.16 -38.22 -22.14
C VAL E 1059 -2.08 -37.14 -23.22
N THR E 1060 -1.05 -37.22 -24.06
CA THR E 1060 -0.81 -36.19 -25.06
C THR E 1060 -1.65 -36.45 -26.30
N GLU E 1061 -1.79 -35.43 -27.14
CA GLU E 1061 -2.26 -35.61 -28.50
C GLU E 1061 -1.31 -34.92 -29.46
N ASN E 1062 -0.91 -35.66 -30.48
CA ASN E 1062 0.31 -35.34 -31.20
C ASN E 1062 0.03 -35.31 -32.69
N VAL E 1063 0.53 -34.27 -33.33
CA VAL E 1063 0.40 -34.13 -34.77
C VAL E 1063 1.77 -34.26 -35.39
N LEU E 1064 1.93 -35.29 -36.21
CA LEU E 1064 3.20 -35.52 -36.87
C LEU E 1064 3.12 -34.86 -38.23
N PHE E 1065 4.24 -34.33 -38.68
CA PHE E 1065 4.40 -33.78 -40.02
C PHE E 1065 5.70 -34.37 -40.56
N SER E 1066 5.91 -34.26 -41.88
CA SER E 1066 7.19 -34.61 -42.48
C SER E 1066 7.33 -33.88 -43.81
N GLU E 1067 8.50 -34.00 -44.41
CA GLU E 1067 8.74 -33.48 -45.74
C GLU E 1067 8.33 -34.51 -46.79
N ARG E 1068 8.77 -34.27 -48.03
CA ARG E 1068 8.32 -35.07 -49.17
C ARG E 1068 8.80 -36.50 -49.07
N ALA E 1069 10.06 -36.71 -48.73
CA ALA E 1069 10.59 -38.06 -48.50
C ALA E 1069 11.76 -37.92 -47.55
N SER E 1070 11.53 -38.20 -46.28
CA SER E 1070 12.59 -38.12 -45.28
C SER E 1070 13.45 -39.36 -45.24
N GLU E 1071 12.87 -40.48 -44.83
CA GLU E 1071 13.63 -41.67 -44.49
C GLU E 1071 13.54 -42.71 -45.60
N ALA E 1072 14.63 -43.44 -45.75
CA ALA E 1072 14.69 -44.56 -46.68
C ALA E 1072 14.48 -45.84 -45.89
N TYR E 1073 14.37 -46.95 -46.60
CA TYR E 1073 13.80 -48.12 -45.95
C TYR E 1073 14.16 -49.35 -46.77
N PHE E 1074 14.59 -50.41 -46.10
CA PHE E 1074 15.06 -51.62 -46.76
C PHE E 1074 14.15 -52.80 -46.42
N LEU E 1075 14.27 -53.89 -47.20
CA LEU E 1075 13.29 -54.96 -47.10
C LEU E 1075 13.90 -56.31 -46.71
N GLY E 1076 14.82 -56.87 -47.49
CA GLY E 1076 15.38 -58.18 -47.16
C GLY E 1076 14.38 -59.33 -47.31
N GLN E 1077 14.80 -60.51 -46.85
CA GLN E 1077 14.05 -61.75 -47.06
C GLN E 1077 13.32 -62.19 -45.80
N LEU E 1078 12.72 -63.39 -45.85
CA LEU E 1078 11.64 -63.73 -44.93
C LEU E 1078 12.00 -64.72 -43.83
N GLN E 1079 13.04 -65.55 -44.02
CA GLN E 1079 13.65 -66.44 -43.02
C GLN E 1079 12.67 -67.25 -42.15
N VAL E 1080 12.00 -68.23 -42.77
CA VAL E 1080 11.06 -69.09 -42.07
C VAL E 1080 11.71 -69.80 -40.90
N ALA E 1081 11.24 -69.49 -39.69
CA ALA E 1081 11.85 -70.01 -38.47
C ALA E 1081 10.85 -70.86 -37.72
N ARG E 1082 11.15 -72.15 -37.63
CA ARG E 1082 10.23 -73.14 -37.09
C ARG E 1082 10.60 -73.34 -35.63
N HIS E 1083 9.66 -73.86 -34.85
CA HIS E 1083 9.95 -74.36 -33.51
C HIS E 1083 8.82 -75.29 -33.12
N GLU E 1084 9.17 -76.51 -32.76
CA GLU E 1084 8.18 -77.52 -32.43
C GLU E 1084 7.96 -77.56 -30.93
N THR E 1085 6.71 -77.37 -30.53
CA THR E 1085 6.32 -77.33 -29.13
C THR E 1085 5.22 -78.35 -28.89
N GLY E 1086 4.61 -78.28 -27.71
CA GLY E 1086 3.44 -79.10 -27.44
C GLY E 1086 2.29 -78.70 -28.33
N GLY E 1087 1.41 -79.65 -28.60
CA GLY E 1087 0.35 -79.48 -29.59
C GLY E 1087 0.85 -79.84 -30.97
N GLY E 1088 1.26 -78.84 -31.72
CA GLY E 1088 1.79 -79.04 -33.05
C GLY E 1088 2.99 -78.17 -33.31
N VAL E 1089 3.32 -78.04 -34.60
CA VAL E 1089 4.41 -77.17 -35.00
C VAL E 1089 3.95 -75.73 -34.94
N ASN E 1090 4.90 -74.82 -34.81
CA ASN E 1090 4.62 -73.40 -34.61
C ASN E 1090 5.60 -72.57 -35.43
N PHE E 1091 5.17 -72.13 -36.59
CA PHE E 1091 6.04 -71.36 -37.48
C PHE E 1091 6.11 -69.91 -37.02
N THR E 1092 7.32 -69.38 -36.93
CA THR E 1092 7.55 -67.96 -36.69
C THR E 1092 8.23 -67.32 -37.90
N LEU E 1093 7.79 -66.12 -38.23
CA LEU E 1093 8.26 -65.46 -39.44
C LEU E 1093 8.71 -64.05 -39.07
N THR E 1094 9.89 -63.67 -39.53
CA THR E 1094 10.40 -62.33 -39.26
C THR E 1094 11.14 -61.81 -40.48
N GLN E 1095 11.04 -60.52 -40.73
CA GLN E 1095 11.74 -59.95 -41.88
C GLN E 1095 12.70 -58.88 -41.42
N PRO E 1096 13.99 -59.08 -41.55
CA PRO E 1096 14.96 -58.08 -41.08
C PRO E 1096 14.98 -56.87 -42.00
N ARG E 1097 15.04 -55.67 -41.41
CA ARG E 1097 15.05 -54.45 -42.18
C ARG E 1097 15.61 -53.32 -41.33
N GLY E 1098 15.94 -52.21 -42.00
CA GLY E 1098 16.50 -51.05 -41.33
C GLY E 1098 15.98 -49.76 -41.92
N ASN E 1099 16.57 -48.66 -41.45
CA ASN E 1099 16.20 -47.33 -41.90
C ASN E 1099 17.43 -46.43 -41.97
N VAL E 1100 17.16 -45.13 -42.11
CA VAL E 1100 18.16 -44.08 -42.10
C VAL E 1100 17.41 -42.76 -41.96
N ASP E 1101 18.11 -41.70 -41.55
CA ASP E 1101 17.47 -40.39 -41.50
C ASP E 1101 17.33 -39.79 -42.89
N LEU E 1102 18.43 -39.78 -43.66
CA LEU E 1102 18.50 -39.29 -45.05
C LEU E 1102 18.03 -37.84 -45.15
N GLY E 1103 18.41 -37.04 -44.17
CA GLY E 1103 18.15 -35.62 -44.22
C GLY E 1103 19.22 -34.88 -43.46
N VAL E 1104 19.87 -33.96 -44.16
CA VAL E 1104 21.05 -33.29 -43.61
C VAL E 1104 20.61 -32.33 -42.52
N GLY E 1105 19.44 -31.74 -42.68
CA GLY E 1105 18.85 -30.88 -41.70
C GLY E 1105 17.72 -31.56 -40.96
N TYR E 1106 17.00 -30.78 -40.17
CA TYR E 1106 15.86 -31.32 -39.45
C TYR E 1106 14.74 -31.64 -40.42
N THR E 1107 14.02 -32.71 -40.09
CA THR E 1107 12.85 -33.13 -40.83
C THR E 1107 11.86 -33.61 -39.79
N ALA E 1108 10.57 -33.51 -40.13
CA ALA E 1108 9.48 -34.12 -39.40
C ALA E 1108 9.32 -33.68 -37.95
N VAL E 1109 8.94 -32.43 -37.71
CA VAL E 1109 8.64 -32.01 -36.35
C VAL E 1109 7.29 -32.57 -35.92
N ALA E 1110 6.99 -32.48 -34.61
CA ALA E 1110 5.77 -33.05 -34.07
C ALA E 1110 5.28 -32.15 -32.93
N ALA E 1111 4.16 -31.48 -33.15
CA ALA E 1111 3.56 -30.65 -32.13
C ALA E 1111 2.69 -31.48 -31.21
N THR E 1112 2.26 -30.87 -30.11
CA THR E 1112 1.50 -31.57 -29.09
C THR E 1112 0.42 -30.63 -28.58
N GLY E 1113 -0.77 -30.69 -29.16
CA GLY E 1113 -1.84 -29.82 -28.72
C GLY E 1113 -3.20 -30.50 -28.79
N THR E 1114 -3.53 -31.26 -27.75
CA THR E 1114 -4.86 -31.54 -27.17
C THR E 1114 -4.53 -32.43 -25.98
N VAL E 1115 -5.34 -32.43 -24.91
CA VAL E 1115 -5.14 -33.38 -23.83
C VAL E 1115 -6.43 -34.16 -23.61
N ARG E 1116 -6.28 -35.48 -23.44
CA ARG E 1116 -7.41 -36.31 -23.07
C ARG E 1116 -7.72 -36.17 -21.58
N ASN E 1117 -6.78 -36.59 -20.73
CA ASN E 1117 -6.92 -36.56 -19.28
C ASN E 1117 -5.58 -36.76 -18.60
N PRO E 1118 -5.43 -36.30 -17.36
CA PRO E 1118 -4.31 -36.73 -16.54
C PRO E 1118 -4.36 -38.22 -16.25
N VAL E 1119 -3.18 -38.85 -16.19
CA VAL E 1119 -3.14 -40.25 -15.80
C VAL E 1119 -3.24 -40.39 -14.29
N THR E 1120 -2.54 -39.54 -13.56
CA THR E 1120 -2.62 -39.53 -12.12
C THR E 1120 -3.68 -38.55 -11.65
N ASP E 1121 -4.08 -38.66 -10.39
CA ASP E 1121 -5.01 -37.71 -9.82
C ASP E 1121 -4.33 -36.53 -9.17
N MET E 1122 -3.05 -36.31 -9.46
CA MET E 1122 -2.22 -35.20 -8.97
C MET E 1122 -2.09 -35.16 -7.46
N GLY E 1123 -1.92 -36.31 -6.81
CA GLY E 1123 -1.22 -36.27 -5.54
C GLY E 1123 -1.88 -36.66 -4.24
N ASN E 1124 -1.40 -36.03 -3.17
CA ASN E 1124 -1.71 -36.29 -1.77
C ASN E 1124 -1.39 -37.73 -1.35
N LEU E 1125 -0.12 -38.12 -1.47
CA LEU E 1125 0.38 -39.38 -0.95
C LEU E 1125 1.70 -39.17 -0.25
N PRO E 1126 1.81 -39.57 1.01
CA PRO E 1126 3.09 -39.49 1.72
C PRO E 1126 4.12 -40.39 1.07
N GLN E 1127 5.39 -40.02 1.25
CA GLN E 1127 6.49 -40.93 0.95
C GLN E 1127 6.90 -41.61 2.24
N ASN E 1128 7.17 -42.91 2.16
CA ASN E 1128 7.54 -43.73 3.31
C ASN E 1128 8.96 -44.22 3.13
N PHE E 1129 9.88 -43.76 3.96
CA PHE E 1129 11.25 -44.25 3.89
C PHE E 1129 11.42 -45.61 4.53
N TYR E 1130 10.42 -46.10 5.25
CA TYR E 1130 10.48 -47.47 5.74
C TYR E 1130 10.25 -48.50 4.64
N LEU E 1131 9.80 -48.06 3.46
CA LEU E 1131 9.85 -48.91 2.28
C LEU E 1131 11.27 -49.30 1.95
N GLY E 1132 12.18 -48.35 2.01
CA GLY E 1132 13.60 -48.63 1.90
C GLY E 1132 14.13 -49.09 3.25
N ARG E 1133 15.36 -49.60 3.24
CA ARG E 1133 15.96 -50.12 4.46
C ARG E 1133 17.45 -49.86 4.55
N GLY E 1134 17.98 -49.01 3.68
CA GLY E 1134 19.43 -48.81 3.64
C GLY E 1134 19.95 -48.02 4.82
N ALA E 1135 19.08 -47.26 5.47
CA ALA E 1135 19.51 -46.39 6.55
C ALA E 1135 19.84 -47.20 7.81
N PRO E 1136 20.93 -46.87 8.48
CA PRO E 1136 21.22 -47.49 9.76
C PRO E 1136 20.23 -47.03 10.82
N PRO E 1137 19.59 -47.96 11.51
CA PRO E 1137 18.48 -47.58 12.40
C PRO E 1137 18.93 -46.99 13.72
N LEU E 1138 17.96 -46.75 14.60
CA LEU E 1138 18.27 -46.36 15.96
C LEU E 1138 18.96 -47.49 16.70
N LEU E 1139 19.75 -47.14 17.72
CA LEU E 1139 20.46 -48.17 18.46
C LEU E 1139 19.64 -48.68 19.63
N ASP E 1140 18.90 -47.80 20.28
CA ASP E 1140 17.97 -48.25 21.33
C ASP E 1140 16.78 -48.95 20.69
N ASN E 1141 16.50 -50.18 21.12
CA ASN E 1141 15.42 -50.92 20.51
C ASN E 1141 14.06 -50.36 20.90
N ALA E 1142 13.98 -49.79 22.10
CA ALA E 1142 12.73 -49.20 22.58
C ALA E 1142 12.30 -48.01 21.73
N ALA E 1143 13.26 -47.35 21.08
CA ALA E 1143 12.88 -46.33 20.10
C ALA E 1143 12.82 -46.91 18.70
N ALA E 1144 13.39 -48.10 18.49
CA ALA E 1144 13.51 -48.63 17.14
C ALA E 1144 12.17 -49.09 16.61
N VAL E 1145 11.54 -50.06 17.26
CA VAL E 1145 10.23 -50.52 16.81
C VAL E 1145 9.09 -49.79 17.49
N TYR E 1146 9.37 -48.66 18.12
CA TYR E 1146 8.27 -47.76 18.46
C TYR E 1146 8.06 -46.72 17.37
N LEU E 1147 9.14 -46.16 16.85
CA LEU E 1147 9.00 -45.15 15.82
C LEU E 1147 8.77 -45.78 14.46
N ARG E 1148 9.15 -47.05 14.31
CA ARG E 1148 8.91 -47.75 13.05
C ARG E 1148 7.42 -47.96 12.82
N ASN E 1149 6.74 -48.57 13.79
CA ASN E 1149 5.32 -48.83 13.61
C ASN E 1149 4.45 -47.62 13.94
N ALA E 1150 5.03 -46.51 14.42
CA ALA E 1150 4.23 -45.33 14.64
C ALA E 1150 3.82 -44.69 13.33
N VAL E 1151 4.65 -44.84 12.30
CA VAL E 1151 4.33 -44.23 11.02
C VAL E 1151 3.64 -45.23 10.11
N VAL E 1152 4.21 -46.44 9.99
CA VAL E 1152 3.83 -47.48 9.05
C VAL E 1152 2.39 -47.94 9.26
N ALA E 1153 1.90 -47.79 10.50
CA ALA E 1153 0.66 -48.29 11.09
C ALA E 1153 -0.56 -48.38 10.16
N GLY E 1154 -0.77 -47.36 9.33
CA GLY E 1154 -1.84 -47.43 8.37
C GLY E 1154 -1.63 -46.78 7.02
N ASN E 1155 -0.38 -46.49 6.61
CA ASN E 1155 -0.14 -45.72 5.38
C ASN E 1155 -0.61 -46.44 4.14
N ARG E 1156 -1.05 -45.62 3.18
CA ARG E 1156 -1.41 -46.12 1.86
C ARG E 1156 -0.20 -46.76 1.20
N LEU E 1157 0.97 -46.18 1.41
CA LEU E 1157 2.23 -46.88 1.19
C LEU E 1157 2.77 -47.30 2.55
N GLY E 1158 2.31 -48.43 3.07
CA GLY E 1158 2.78 -48.91 4.35
C GLY E 1158 3.08 -50.40 4.36
N PRO E 1159 4.34 -50.77 4.60
CA PRO E 1159 4.74 -52.17 4.41
C PRO E 1159 4.19 -53.08 5.48
N ALA E 1160 3.15 -53.82 5.13
CA ALA E 1160 2.65 -54.88 6.00
C ALA E 1160 3.34 -56.18 5.61
N GLN E 1161 3.32 -57.18 6.54
CA GLN E 1161 4.06 -58.45 6.54
C GLN E 1161 5.50 -58.16 6.10
N PRO E 1162 6.31 -57.62 7.01
CA PRO E 1162 7.30 -56.61 6.64
C PRO E 1162 8.48 -57.14 5.87
N LEU E 1163 9.41 -56.21 5.62
CA LEU E 1163 10.43 -56.28 4.56
C LEU E 1163 11.25 -57.55 4.59
N PRO E 1164 11.05 -58.46 3.65
CA PRO E 1164 11.90 -59.65 3.59
C PRO E 1164 13.29 -59.29 3.15
N VAL E 1165 14.23 -60.18 3.48
CA VAL E 1165 15.61 -59.99 3.07
C VAL E 1165 15.68 -60.25 1.57
N PHE E 1166 15.01 -61.31 1.14
CA PHE E 1166 14.79 -61.53 -0.28
C PHE E 1166 13.29 -61.47 -0.58
N GLY E 1167 12.91 -60.60 -1.49
CA GLY E 1167 11.52 -60.42 -1.84
C GLY E 1167 11.22 -58.94 -2.10
N CYS E 1168 9.94 -58.61 -2.01
CA CYS E 1168 9.47 -57.26 -2.29
C CYS E 1168 8.76 -56.69 -1.07
N ALA E 1169 8.56 -55.36 -1.10
CA ALA E 1169 7.99 -54.67 0.06
C ALA E 1169 6.50 -54.94 0.22
N GLN E 1170 5.82 -55.41 -0.84
CA GLN E 1170 4.40 -55.76 -0.84
C GLN E 1170 3.53 -54.56 -0.42
N VAL E 1171 3.49 -53.59 -1.32
CA VAL E 1171 2.64 -52.40 -1.21
C VAL E 1171 1.18 -52.84 -1.03
N PRO E 1172 0.43 -52.28 -0.08
CA PRO E 1172 -0.95 -52.74 0.14
C PRO E 1172 -1.85 -52.26 -0.98
N ARG E 1173 -2.25 -53.18 -1.86
CA ARG E 1173 -3.24 -52.82 -2.85
C ARG E 1173 -4.60 -52.78 -2.17
N ARG E 1174 -5.28 -51.65 -2.32
CA ARG E 1174 -6.61 -51.54 -1.76
C ARG E 1174 -7.62 -52.13 -2.73
N ALA E 1175 -8.86 -52.26 -2.26
CA ALA E 1175 -9.85 -52.99 -3.05
C ALA E 1175 -10.28 -52.20 -4.27
N GLY E 1176 -10.74 -50.98 -4.09
CA GLY E 1176 -11.19 -50.18 -5.22
C GLY E 1176 -10.40 -48.89 -5.32
N MET E 1177 -10.15 -48.47 -6.55
CA MET E 1177 -9.47 -47.22 -6.81
C MET E 1177 -10.28 -46.44 -7.83
N ASP E 1178 -10.38 -45.13 -7.61
CA ASP E 1178 -11.36 -44.32 -8.33
C ASP E 1178 -10.70 -43.36 -9.32
N HIS E 1179 -9.87 -42.45 -8.86
CA HIS E 1179 -9.50 -41.34 -9.71
C HIS E 1179 -8.41 -41.69 -10.71
N GLY E 1180 -7.71 -42.78 -10.49
CA GLY E 1180 -6.69 -43.21 -11.42
C GLY E 1180 -5.46 -43.67 -10.65
N GLN E 1181 -4.32 -43.58 -11.34
CA GLN E 1181 -3.06 -43.87 -10.68
C GLN E 1181 -2.76 -42.79 -9.66
N ASP E 1182 -1.91 -43.10 -8.69
CA ASP E 1182 -1.60 -42.16 -7.63
C ASP E 1182 -0.27 -41.47 -7.91
N ALA E 1183 -0.18 -40.19 -7.56
CA ALA E 1183 1.11 -39.54 -7.54
C ALA E 1183 1.72 -39.67 -6.15
N VAL E 1184 3.03 -39.48 -6.07
CA VAL E 1184 3.79 -39.66 -4.84
C VAL E 1184 4.38 -38.31 -4.46
N CYS E 1185 4.20 -37.89 -3.21
CA CYS E 1185 4.75 -36.62 -2.77
C CYS E 1185 5.96 -36.85 -1.88
N GLU E 1186 7.06 -36.17 -2.22
CA GLU E 1186 8.29 -36.23 -1.42
C GLU E 1186 8.67 -34.84 -0.94
N PHE E 1187 9.59 -34.81 0.01
CA PHE E 1187 9.77 -33.66 0.90
C PHE E 1187 11.24 -33.31 1.00
N ILE E 1188 11.54 -32.02 1.10
CA ILE E 1188 12.88 -31.50 1.35
C ILE E 1188 12.74 -30.35 2.33
N ALA E 1189 13.48 -30.39 3.41
CA ALA E 1189 13.44 -29.35 4.43
C ALA E 1189 13.97 -28.05 3.85
N THR E 1190 13.30 -26.96 4.18
CA THR E 1190 13.68 -25.61 3.79
C THR E 1190 13.61 -24.67 4.98
N PRO E 1191 14.45 -23.64 4.99
CA PRO E 1191 14.26 -22.55 5.94
C PRO E 1191 13.01 -21.77 5.59
N VAL E 1192 12.42 -21.16 6.62
CA VAL E 1192 11.12 -20.52 6.44
C VAL E 1192 11.22 -19.24 5.64
N ALA E 1193 12.34 -18.54 5.73
CA ALA E 1193 12.54 -17.34 4.92
C ALA E 1193 13.42 -17.70 3.75
N THR E 1194 12.90 -18.52 2.85
CA THR E 1194 13.47 -18.62 1.51
C THR E 1194 12.36 -18.17 0.59
N ASP E 1195 12.45 -16.91 0.17
CA ASP E 1195 11.28 -16.11 -0.16
C ASP E 1195 10.51 -16.64 -1.36
N ILE E 1196 9.19 -16.43 -1.30
CA ILE E 1196 8.24 -17.07 -2.19
C ILE E 1196 8.35 -16.54 -3.61
N ASN E 1197 8.99 -15.38 -3.78
CA ASN E 1197 9.24 -14.82 -5.10
C ASN E 1197 10.18 -15.68 -5.93
N TYR E 1198 11.00 -16.51 -5.29
CA TYR E 1198 11.74 -17.52 -6.04
C TYR E 1198 10.79 -18.54 -6.65
N PHE E 1199 9.68 -18.82 -5.99
CA PHE E 1199 8.60 -19.60 -6.57
C PHE E 1199 7.74 -18.68 -7.44
N ARG E 1200 6.53 -19.13 -7.78
CA ARG E 1200 5.65 -18.51 -8.76
C ARG E 1200 6.35 -18.35 -10.10
N ARG E 1201 7.00 -19.42 -10.56
CA ARG E 1201 8.09 -19.35 -11.52
C ARG E 1201 8.51 -20.79 -11.81
N PRO E 1202 9.13 -21.05 -12.97
CA PRO E 1202 9.60 -22.42 -13.25
C PRO E 1202 10.80 -22.93 -12.46
N CYS E 1203 11.07 -22.34 -11.29
CA CYS E 1203 12.26 -22.57 -10.48
C CYS E 1203 12.48 -24.05 -10.12
N ASN E 1204 13.70 -24.33 -9.68
CA ASN E 1204 14.16 -25.70 -9.50
C ASN E 1204 14.10 -26.10 -8.03
N PRO E 1205 14.05 -27.41 -7.73
CA PRO E 1205 13.99 -27.82 -6.32
C PRO E 1205 15.25 -27.53 -5.55
N ARG E 1206 16.41 -27.92 -6.06
CA ARG E 1206 17.63 -27.87 -5.26
C ARG E 1206 18.28 -26.50 -5.21
N GLY E 1207 17.53 -25.43 -5.48
CA GLY E 1207 17.97 -24.08 -5.24
C GLY E 1207 19.05 -23.60 -6.18
N ARG E 1208 19.36 -24.38 -7.20
CA ARG E 1208 20.46 -24.06 -8.09
C ARG E 1208 20.09 -24.54 -9.48
N ALA E 1209 20.46 -23.74 -10.47
CA ALA E 1209 20.34 -24.13 -11.87
C ALA E 1209 21.23 -25.35 -12.09
N ALA E 1210 20.62 -26.51 -12.25
CA ALA E 1210 21.34 -27.75 -12.07
C ALA E 1210 21.60 -28.51 -13.36
N GLY E 1211 21.09 -28.03 -14.48
CA GLY E 1211 21.21 -28.80 -15.70
C GLY E 1211 22.61 -28.74 -16.29
N GLY E 1212 22.92 -29.75 -17.09
CA GLY E 1212 24.15 -29.79 -17.83
C GLY E 1212 24.13 -28.98 -19.10
N VAL E 1213 22.99 -28.37 -19.42
CA VAL E 1213 22.91 -27.51 -20.59
C VAL E 1213 23.53 -26.16 -20.29
N TYR E 1214 23.36 -25.68 -19.08
CA TYR E 1214 23.61 -24.29 -18.75
C TYR E 1214 25.09 -23.94 -18.65
N ALA E 1215 25.97 -24.94 -18.62
CA ALA E 1215 27.37 -24.66 -18.30
C ALA E 1215 28.08 -23.99 -19.46
N GLY E 1216 29.35 -23.66 -19.23
CA GLY E 1216 30.11 -22.95 -20.23
C GLY E 1216 31.17 -23.77 -20.94
N ASP E 1217 30.93 -25.07 -21.09
CA ASP E 1217 31.73 -26.00 -21.87
C ASP E 1217 33.18 -26.07 -21.43
N LYS E 1218 33.44 -26.55 -20.20
CA LYS E 1218 34.78 -26.67 -19.67
C LYS E 1218 35.13 -28.12 -19.32
N GLU E 1219 34.10 -28.98 -19.24
CA GLU E 1219 34.16 -30.43 -19.02
C GLU E 1219 34.68 -30.83 -17.65
N GLY E 1220 34.84 -29.85 -16.76
CA GLY E 1220 34.97 -30.10 -15.34
C GLY E 1220 34.01 -29.14 -14.71
N ASP E 1221 33.28 -28.46 -15.59
CA ASP E 1221 32.39 -27.38 -15.20
C ASP E 1221 31.19 -27.91 -14.43
N VAL E 1222 30.57 -28.98 -14.91
CA VAL E 1222 29.37 -29.43 -14.21
C VAL E 1222 29.78 -30.42 -13.14
N ILE E 1223 30.49 -29.93 -12.14
CA ILE E 1223 30.40 -30.32 -10.75
C ILE E 1223 30.39 -28.96 -10.06
N ALA E 1224 31.04 -28.00 -10.72
CA ALA E 1224 31.12 -26.65 -10.19
C ALA E 1224 29.87 -25.88 -10.52
N LEU E 1225 29.19 -26.26 -11.59
CA LEU E 1225 27.90 -25.67 -11.88
C LEU E 1225 26.85 -26.18 -10.91
N MET E 1226 27.11 -27.32 -10.28
CA MET E 1226 26.12 -27.91 -9.39
C MET E 1226 26.49 -27.70 -7.91
N TYR E 1227 27.76 -27.42 -7.62
CA TYR E 1227 28.19 -27.39 -6.22
C TYR E 1227 29.07 -26.21 -5.82
N ASP E 1228 29.75 -25.54 -6.75
CA ASP E 1228 30.74 -24.53 -6.37
C ASP E 1228 30.00 -23.29 -5.87
N HIS E 1229 29.72 -23.31 -4.57
CA HIS E 1229 28.93 -22.23 -4.01
C HIS E 1229 29.78 -21.08 -3.50
N GLY E 1230 31.04 -21.00 -3.92
CA GLY E 1230 31.68 -19.70 -3.96
C GLY E 1230 31.25 -18.87 -5.14
N GLN E 1231 30.68 -19.52 -6.16
CA GLN E 1231 30.09 -18.84 -7.31
C GLN E 1231 28.62 -18.54 -7.04
N SER E 1232 27.89 -18.17 -8.09
CA SER E 1232 26.49 -17.81 -7.93
C SER E 1232 25.59 -18.92 -8.46
N ASP E 1233 24.29 -18.65 -8.47
CA ASP E 1233 23.30 -19.48 -9.14
C ASP E 1233 23.00 -18.87 -10.50
N PRO E 1234 23.13 -19.61 -11.59
CA PRO E 1234 22.70 -19.06 -12.89
C PRO E 1234 21.21 -18.82 -12.97
N ALA E 1235 20.43 -19.58 -12.20
CA ALA E 1235 18.99 -19.34 -12.18
C ALA E 1235 18.65 -18.04 -11.47
N ARG E 1236 19.14 -17.88 -10.24
CA ARG E 1236 18.85 -16.66 -9.50
C ARG E 1236 20.17 -15.93 -9.33
N PRO E 1237 20.44 -14.93 -10.18
CA PRO E 1237 21.83 -14.56 -10.47
C PRO E 1237 22.52 -13.76 -9.39
N PHE E 1238 21.79 -13.19 -8.46
CA PHE E 1238 22.39 -12.39 -7.42
C PHE E 1238 22.80 -13.20 -6.21
N ALA E 1239 22.69 -14.53 -6.29
CA ALA E 1239 22.98 -15.34 -5.11
C ALA E 1239 23.49 -16.71 -5.52
N ALA E 1240 23.92 -17.48 -4.52
CA ALA E 1240 24.52 -18.77 -4.78
C ALA E 1240 23.47 -19.87 -4.83
N THR E 1241 22.60 -19.93 -3.82
CA THR E 1241 21.53 -20.93 -3.81
C THR E 1241 20.21 -20.23 -3.57
N ALA E 1242 19.17 -21.05 -3.46
CA ALA E 1242 17.94 -20.66 -2.81
C ALA E 1242 17.71 -21.42 -1.53
N ASN E 1243 18.29 -22.61 -1.44
CA ASN E 1243 18.22 -23.44 -0.25
C ASN E 1243 19.62 -24.00 -0.01
N PRO E 1244 20.28 -23.65 1.09
CA PRO E 1244 21.52 -24.33 1.47
C PRO E 1244 21.30 -25.75 1.94
N TRP E 1245 20.10 -26.05 2.42
CA TRP E 1245 19.71 -27.39 2.81
C TRP E 1245 19.23 -28.21 1.65
N ALA E 1246 19.46 -27.77 0.43
CA ALA E 1246 19.22 -28.60 -0.73
C ALA E 1246 20.46 -28.69 -1.60
N SER E 1247 21.13 -27.56 -1.77
CA SER E 1247 21.98 -27.36 -2.95
C SER E 1247 23.29 -28.12 -2.87
N GLN E 1248 24.03 -27.95 -1.79
CA GLN E 1248 25.44 -28.27 -1.74
C GLN E 1248 25.69 -29.77 -1.74
N ARG E 1249 26.96 -30.14 -1.64
CA ARG E 1249 27.28 -31.54 -1.44
C ARG E 1249 27.08 -31.86 0.03
N PHE E 1250 26.48 -33.02 0.30
CA PHE E 1250 26.04 -33.45 1.62
C PHE E 1250 25.06 -32.47 2.24
N SER E 1251 24.24 -31.84 1.41
CA SER E 1251 23.26 -30.89 1.87
C SER E 1251 21.91 -31.52 2.12
N TYR E 1252 21.88 -32.80 2.49
CA TYR E 1252 20.76 -33.58 3.02
C TYR E 1252 19.73 -33.94 1.95
N GLY E 1253 19.76 -33.31 0.79
CA GLY E 1253 19.07 -33.88 -0.34
C GLY E 1253 20.09 -34.78 -0.99
N ASP E 1254 21.35 -34.34 -0.85
CA ASP E 1254 22.48 -35.09 -1.35
C ASP E 1254 22.66 -36.41 -0.62
N LEU E 1255 22.23 -36.52 0.62
CA LEU E 1255 22.28 -37.82 1.26
C LEU E 1255 21.02 -38.62 0.99
N LEU E 1256 19.85 -37.99 1.08
CA LEU E 1256 18.62 -38.75 0.93
C LEU E 1256 18.33 -39.07 -0.53
N TYR E 1257 18.49 -38.09 -1.41
CA TYR E 1257 17.95 -38.24 -2.75
C TYR E 1257 19.02 -38.44 -3.80
N ASN E 1258 20.21 -38.89 -3.43
CA ASN E 1258 21.19 -39.22 -4.44
C ASN E 1258 21.40 -40.72 -4.47
N GLY E 1259 21.10 -41.33 -5.62
CA GLY E 1259 21.11 -42.77 -5.77
C GLY E 1259 22.46 -43.42 -5.63
N ALA E 1260 23.54 -42.64 -5.60
CA ALA E 1260 24.87 -43.18 -5.33
C ALA E 1260 25.01 -43.59 -3.88
N TYR E 1261 24.27 -42.94 -2.98
CA TYR E 1261 24.32 -43.36 -1.58
C TYR E 1261 23.23 -44.36 -1.30
N HIS E 1262 22.06 -44.13 -1.90
CA HIS E 1262 20.85 -44.95 -1.89
C HIS E 1262 20.53 -45.61 -0.56
N LEU E 1263 20.26 -44.80 0.46
CA LEU E 1263 19.56 -45.31 1.64
C LEU E 1263 18.17 -45.76 1.25
N ASN E 1264 17.55 -45.04 0.33
CA ASN E 1264 16.33 -45.50 -0.33
C ASN E 1264 16.74 -46.29 -1.57
N GLY E 1265 15.81 -46.58 -2.47
CA GLY E 1265 16.16 -47.30 -3.66
C GLY E 1265 16.12 -48.80 -3.54
N ALA E 1266 16.00 -49.32 -2.32
CA ALA E 1266 15.55 -50.69 -2.12
C ALA E 1266 14.04 -50.79 -2.26
N SER E 1267 13.35 -49.67 -2.37
CA SER E 1267 11.91 -49.55 -2.46
C SER E 1267 11.44 -49.63 -3.91
N PRO E 1268 10.31 -50.27 -4.17
CA PRO E 1268 9.80 -50.29 -5.54
C PRO E 1268 9.10 -49.00 -5.92
N VAL E 1269 8.83 -48.13 -4.95
CA VAL E 1269 8.14 -46.88 -5.25
C VAL E 1269 9.09 -45.92 -5.96
N LEU E 1270 8.65 -45.39 -7.09
CA LEU E 1270 9.40 -44.38 -7.81
C LEU E 1270 9.47 -43.10 -7.00
N SER E 1271 10.69 -42.69 -6.69
CA SER E 1271 10.92 -41.38 -6.13
C SER E 1271 10.74 -40.36 -7.23
N PRO E 1272 9.94 -39.32 -7.04
CA PRO E 1272 9.91 -38.23 -8.03
C PRO E 1272 11.17 -37.41 -8.07
N CYS E 1273 11.97 -37.43 -7.01
CA CYS E 1273 13.09 -36.51 -6.88
C CYS E 1273 14.40 -37.04 -7.44
N PHE E 1274 14.42 -38.22 -8.06
CA PHE E 1274 15.71 -38.77 -8.47
C PHE E 1274 16.27 -38.07 -9.71
N LYS E 1275 15.42 -37.39 -10.48
CA LYS E 1275 15.88 -36.61 -11.61
C LYS E 1275 16.77 -35.46 -11.14
N PHE E 1276 16.40 -34.84 -10.04
CA PHE E 1276 17.27 -33.89 -9.37
C PHE E 1276 18.13 -34.66 -8.39
N PHE E 1277 19.02 -33.95 -7.70
CA PHE E 1277 19.88 -34.46 -6.64
C PHE E 1277 20.76 -35.62 -7.08
N THR E 1278 21.09 -35.71 -8.37
CA THR E 1278 21.87 -36.82 -8.89
C THR E 1278 23.04 -36.25 -9.68
N ALA E 1279 24.16 -36.08 -8.99
CA ALA E 1279 25.35 -35.56 -9.66
C ALA E 1279 25.91 -36.55 -10.66
N ALA E 1280 25.63 -37.85 -10.47
CA ALA E 1280 26.14 -38.86 -11.38
C ALA E 1280 25.43 -38.83 -12.73
N ASP E 1281 24.10 -38.70 -12.73
CA ASP E 1281 23.38 -38.71 -14.00
C ASP E 1281 23.53 -37.40 -14.74
N ILE E 1282 23.70 -36.30 -14.00
CA ILE E 1282 23.94 -35.02 -14.65
C ILE E 1282 25.45 -34.77 -14.74
N THR E 1283 26.26 -35.83 -14.57
CA THR E 1283 27.66 -35.64 -14.89
C THR E 1283 27.81 -35.61 -16.40
N ALA E 1284 27.59 -34.41 -16.94
CA ALA E 1284 27.69 -33.94 -18.31
C ALA E 1284 26.66 -34.54 -19.27
N LYS E 1285 26.14 -35.74 -19.00
CA LYS E 1285 24.81 -36.26 -19.36
C LYS E 1285 24.52 -36.30 -20.86
N HIS E 1286 24.89 -35.29 -21.65
CA HIS E 1286 25.09 -35.06 -23.07
C HIS E 1286 25.17 -33.54 -23.14
N ARG E 1287 25.80 -33.00 -24.17
CA ARG E 1287 25.86 -31.55 -24.22
C ARG E 1287 25.61 -30.97 -25.60
N CYS E 1288 25.73 -31.76 -26.66
CA CYS E 1288 25.41 -31.28 -28.00
C CYS E 1288 23.91 -31.02 -28.11
N LEU E 1289 23.56 -29.74 -28.10
CA LEU E 1289 22.17 -29.29 -27.93
C LEU E 1289 21.28 -29.65 -29.11
N GLU E 1290 21.87 -29.76 -30.29
CA GLU E 1290 21.08 -30.00 -31.49
C GLU E 1290 20.51 -31.42 -31.50
N ARG E 1291 21.34 -32.38 -31.13
CA ARG E 1291 20.88 -33.74 -30.91
C ARG E 1291 20.02 -33.87 -29.68
N LEU E 1292 20.13 -32.92 -28.74
CA LEU E 1292 19.47 -33.05 -27.45
C LEU E 1292 17.95 -32.97 -27.53
N ILE E 1293 17.40 -32.08 -28.35
CA ILE E 1293 15.95 -31.93 -28.33
C ILE E 1293 15.23 -33.04 -29.09
N VAL E 1294 15.91 -33.82 -29.93
CA VAL E 1294 15.20 -34.89 -30.60
C VAL E 1294 15.04 -36.08 -29.70
N GLU E 1295 15.74 -36.09 -28.57
CA GLU E 1295 15.64 -37.15 -27.60
C GLU E 1295 14.52 -36.87 -26.61
N THR E 1296 13.82 -35.76 -26.78
CA THR E 1296 12.69 -35.42 -25.95
C THR E 1296 11.38 -35.89 -26.57
N GLY E 1297 11.46 -36.79 -27.53
CA GLY E 1297 10.34 -37.61 -27.96
C GLY E 1297 10.77 -39.03 -27.71
N SER E 1298 11.59 -39.20 -26.69
CA SER E 1298 12.36 -40.39 -26.40
C SER E 1298 12.68 -40.37 -24.91
N ALA E 1299 13.71 -41.13 -24.51
CA ALA E 1299 14.19 -41.22 -23.12
C ALA E 1299 13.11 -41.77 -22.21
N VAL E 1300 12.90 -43.09 -22.31
CA VAL E 1300 11.91 -43.86 -21.55
C VAL E 1300 11.89 -43.45 -20.09
N SER E 1301 10.70 -43.16 -19.58
CA SER E 1301 10.52 -42.40 -18.35
C SER E 1301 10.99 -43.16 -17.13
N THR E 1302 11.06 -42.46 -16.01
CA THR E 1302 11.26 -43.11 -14.74
C THR E 1302 10.01 -43.79 -14.23
N ALA E 1303 8.86 -43.50 -14.83
CA ALA E 1303 7.58 -43.91 -14.30
C ALA E 1303 6.96 -45.00 -15.17
N THR E 1304 6.03 -45.71 -14.57
CA THR E 1304 5.20 -46.69 -15.26
C THR E 1304 3.76 -46.50 -14.83
N ALA E 1305 2.87 -46.42 -15.82
CA ALA E 1305 1.47 -46.20 -15.56
C ALA E 1305 0.71 -47.47 -15.21
N ALA E 1306 1.41 -48.59 -15.05
CA ALA E 1306 0.78 -49.91 -14.95
C ALA E 1306 0.47 -50.33 -13.52
N SER E 1307 0.84 -49.54 -12.52
CA SER E 1307 0.59 -49.94 -11.14
C SER E 1307 -0.41 -49.00 -10.49
N ASP E 1308 -0.88 -49.43 -9.33
CA ASP E 1308 -1.86 -48.64 -8.59
C ASP E 1308 -1.21 -47.41 -7.99
N VAL E 1309 -0.18 -47.60 -7.20
CA VAL E 1309 0.76 -46.56 -6.86
C VAL E 1309 1.97 -46.75 -7.75
N GLN E 1310 2.42 -45.66 -8.37
CA GLN E 1310 3.42 -45.68 -9.43
C GLN E 1310 4.75 -46.23 -8.95
N PHE E 1311 5.37 -47.06 -9.77
CA PHE E 1311 6.62 -47.71 -9.41
C PHE E 1311 7.76 -47.20 -10.27
N LYS E 1312 8.97 -47.44 -9.79
CA LYS E 1312 10.11 -47.28 -10.68
C LYS E 1312 10.07 -48.37 -11.74
N ARG E 1313 10.59 -48.04 -12.89
CA ARG E 1313 10.35 -48.77 -14.13
C ARG E 1313 11.00 -50.16 -14.14
N PRO E 1314 10.22 -51.21 -14.34
CA PRO E 1314 10.80 -52.52 -14.63
C PRO E 1314 11.41 -52.51 -16.02
N PRO E 1315 12.51 -53.26 -16.22
CA PRO E 1315 13.28 -53.13 -17.47
C PRO E 1315 12.55 -53.59 -18.73
N GLY E 1316 11.46 -54.35 -18.60
CA GLY E 1316 10.66 -54.69 -19.76
C GLY E 1316 9.59 -53.66 -20.01
N CYS E 1317 8.99 -53.70 -21.21
CA CYS E 1317 7.90 -52.83 -21.64
C CYS E 1317 8.26 -51.35 -21.58
N ARG E 1318 9.15 -50.91 -22.47
CA ARG E 1318 9.50 -49.51 -22.66
C ARG E 1318 8.27 -48.72 -23.09
N GLU E 1319 8.30 -47.42 -22.78
CA GLU E 1319 7.28 -46.48 -23.21
C GLU E 1319 8.00 -45.28 -23.83
N LEU E 1320 7.51 -44.81 -24.96
CA LEU E 1320 8.21 -43.74 -25.68
C LEU E 1320 7.60 -42.43 -25.20
N VAL E 1321 8.15 -41.93 -24.09
CA VAL E 1321 7.56 -40.83 -23.34
C VAL E 1321 8.17 -39.54 -23.89
N GLU E 1322 7.54 -38.40 -23.65
CA GLU E 1322 8.03 -37.12 -24.13
C GLU E 1322 8.95 -36.44 -23.12
N ASP E 1323 8.44 -36.06 -21.93
CA ASP E 1323 9.22 -35.76 -20.72
C ASP E 1323 10.25 -34.63 -20.87
N PRO E 1324 9.85 -33.37 -20.86
CA PRO E 1324 10.84 -32.29 -21.06
C PRO E 1324 11.66 -31.98 -19.84
N CYS E 1325 11.19 -32.35 -18.65
CA CYS E 1325 11.81 -31.85 -17.43
C CYS E 1325 13.17 -32.46 -17.15
N GLY E 1326 13.57 -33.49 -17.87
CA GLY E 1326 14.94 -33.93 -17.80
C GLY E 1326 15.90 -33.16 -18.66
N LEU E 1327 15.41 -32.19 -19.43
CA LEU E 1327 16.24 -31.39 -20.31
C LEU E 1327 16.51 -30.03 -19.68
N PHE E 1328 15.46 -29.32 -19.26
CA PHE E 1328 15.64 -28.05 -18.59
C PHE E 1328 16.15 -28.18 -17.17
N GLN E 1329 16.05 -29.40 -16.60
CA GLN E 1329 16.22 -29.69 -15.19
C GLN E 1329 15.29 -28.76 -14.41
N GLU E 1330 14.04 -28.69 -14.82
CA GLU E 1330 13.12 -27.71 -14.27
C GLU E 1330 11.81 -28.39 -13.90
N ALA E 1331 10.95 -27.61 -13.26
CA ALA E 1331 9.63 -28.04 -12.80
C ALA E 1331 8.72 -26.84 -12.78
N TYR E 1332 7.45 -27.07 -12.48
CA TYR E 1332 6.49 -25.98 -12.57
C TYR E 1332 5.61 -25.95 -11.33
N PRO E 1333 5.08 -24.80 -10.95
CA PRO E 1333 4.08 -24.77 -9.90
C PRO E 1333 2.71 -25.12 -10.44
N ILE E 1334 1.71 -25.07 -9.55
CA ILE E 1334 0.31 -25.09 -9.93
C ILE E 1334 -0.44 -24.06 -9.09
N THR E 1335 -1.74 -24.00 -9.29
CA THR E 1335 -2.58 -23.14 -8.47
C THR E 1335 -2.70 -23.72 -7.08
N CYS E 1336 -2.10 -23.05 -6.11
CA CYS E 1336 -2.10 -23.55 -4.75
C CYS E 1336 -1.98 -22.37 -3.81
N ALA E 1337 -2.47 -22.55 -2.59
CA ALA E 1337 -2.47 -21.49 -1.59
C ALA E 1337 -2.57 -22.08 -0.20
N SER E 1338 -2.51 -21.19 0.77
CA SER E 1338 -2.54 -21.59 2.17
C SER E 1338 -3.93 -21.55 2.77
N ASP E 1339 -4.92 -21.02 2.06
CA ASP E 1339 -6.25 -20.87 2.62
C ASP E 1339 -7.31 -21.24 1.59
N PRO E 1340 -8.47 -21.71 2.03
CA PRO E 1340 -9.59 -21.79 1.10
C PRO E 1340 -10.10 -20.42 0.72
N ALA E 1341 -9.96 -19.45 1.62
CA ALA E 1341 -10.27 -18.06 1.30
C ALA E 1341 -9.43 -17.55 0.16
N LEU E 1342 -8.18 -17.97 0.09
CA LEU E 1342 -7.37 -17.55 -1.04
C LEU E 1342 -7.68 -18.37 -2.27
N LEU E 1343 -8.09 -19.62 -2.09
CA LEU E 1343 -8.42 -20.47 -3.24
C LEU E 1343 -9.70 -20.01 -3.90
N ARG E 1344 -10.63 -19.43 -3.13
CA ARG E 1344 -11.89 -18.98 -3.70
C ARG E 1344 -11.71 -17.77 -4.59
N SER E 1345 -10.99 -16.75 -4.11
CA SER E 1345 -10.89 -15.53 -4.89
C SER E 1345 -9.89 -15.64 -6.01
N ALA E 1346 -9.09 -16.70 -6.03
CA ALA E 1346 -8.22 -17.02 -7.17
C ALA E 1346 -8.93 -18.03 -8.05
N ARG E 1347 -10.17 -17.72 -8.41
CA ARG E 1347 -10.97 -18.59 -9.24
C ARG E 1347 -11.72 -17.73 -10.22
N ASP E 1348 -11.66 -18.12 -11.50
CA ASP E 1348 -11.80 -17.44 -12.80
C ASP E 1348 -10.50 -16.82 -13.30
N GLY E 1349 -9.38 -17.06 -12.65
CA GLY E 1349 -8.11 -16.53 -13.09
C GLY E 1349 -7.58 -15.43 -12.18
N GLU E 1350 -6.41 -14.94 -12.52
CA GLU E 1350 -5.68 -14.02 -11.65
C GLU E 1350 -5.96 -12.55 -11.94
N ALA E 1351 -7.14 -12.23 -12.47
CA ALA E 1351 -7.51 -10.85 -12.73
C ALA E 1351 -7.65 -10.09 -11.41
N HIS E 1352 -8.08 -10.79 -10.37
CA HIS E 1352 -8.08 -10.29 -9.01
C HIS E 1352 -7.49 -11.30 -8.02
N ALA E 1353 -6.33 -11.87 -8.32
CA ALA E 1353 -5.73 -12.87 -7.44
C ALA E 1353 -5.25 -12.26 -6.15
N ARG E 1354 -5.81 -12.74 -5.04
CA ARG E 1354 -5.31 -12.38 -3.72
C ARG E 1354 -4.00 -13.12 -3.49
N GLU E 1355 -2.90 -12.52 -3.96
CA GLU E 1355 -1.62 -13.22 -3.99
C GLU E 1355 -1.01 -13.33 -2.60
N THR E 1356 -1.18 -12.34 -1.74
CA THR E 1356 -0.63 -12.42 -0.41
C THR E 1356 -1.57 -11.79 0.59
N HIS E 1357 -1.44 -12.23 1.84
CA HIS E 1357 -2.26 -11.75 2.96
C HIS E 1357 -1.47 -12.09 4.21
N PHE E 1358 -1.91 -11.57 5.39
CA PHE E 1358 -1.15 -11.21 6.61
C PHE E 1358 0.07 -12.10 6.81
N THR E 1359 -0.11 -13.41 6.88
CA THR E 1359 1.01 -14.34 6.80
C THR E 1359 0.88 -15.23 5.60
N GLN E 1360 -0.30 -15.25 5.00
CA GLN E 1360 -0.68 -16.23 4.02
C GLN E 1360 -0.03 -15.91 2.69
N TYR E 1361 -0.20 -16.81 1.72
CA TYR E 1361 0.34 -16.56 0.41
C TYR E 1361 -0.42 -17.40 -0.61
N LEU E 1362 -0.13 -17.15 -1.88
CA LEU E 1362 -0.79 -17.84 -2.97
C LEU E 1362 0.18 -17.94 -4.12
N ILE E 1363 0.06 -19.03 -4.88
CA ILE E 1363 0.81 -19.19 -6.11
C ILE E 1363 -0.17 -19.41 -7.24
N TYR E 1364 -0.21 -18.47 -8.17
CA TYR E 1364 -0.94 -18.72 -9.38
C TYR E 1364 -0.12 -19.67 -10.26
N ASP E 1365 -0.82 -20.49 -11.01
CA ASP E 1365 -0.19 -21.51 -11.84
C ASP E 1365 0.55 -20.86 -12.99
N ALA E 1366 1.85 -21.11 -13.07
CA ALA E 1366 2.65 -20.72 -14.23
C ALA E 1366 3.21 -22.01 -14.82
N SER E 1367 2.77 -22.35 -16.01
CA SER E 1367 2.98 -23.71 -16.51
C SER E 1367 2.71 -23.77 -18.00
N PRO E 1368 3.24 -24.77 -18.70
CA PRO E 1368 2.65 -25.12 -20.01
C PRO E 1368 1.20 -25.55 -19.91
N LEU E 1369 0.75 -26.01 -18.75
CA LEU E 1369 -0.64 -26.39 -18.55
C LEU E 1369 -1.56 -25.25 -18.15
N LYS E 1370 -1.07 -24.02 -18.01
CA LYS E 1370 -1.98 -22.93 -17.68
C LYS E 1370 -2.82 -22.61 -18.90
N GLY E 1371 -4.01 -22.09 -18.65
CA GLY E 1371 -4.95 -21.81 -19.70
C GLY E 1371 -5.82 -22.97 -20.11
N LEU E 1372 -5.45 -24.20 -19.72
CA LEU E 1372 -6.25 -25.35 -20.07
C LEU E 1372 -7.19 -25.73 -18.93
N SER E 1373 -8.12 -26.64 -19.23
CA SER E 1373 -9.23 -26.94 -18.34
C SER E 1373 -8.79 -27.84 -17.20
N LEU E 1374 -8.35 -29.03 -17.53
CA LEU E 1374 -8.05 -30.07 -16.57
C LEU E 1374 -6.72 -29.84 -15.82
N ALA F 3 -5.68 -38.58 86.80
CA ALA F 3 -4.47 -38.12 86.15
C ALA F 3 -4.16 -38.94 84.89
N PRO F 4 -4.36 -38.33 83.72
CA PRO F 4 -3.99 -39.01 82.47
C PRO F 4 -2.53 -38.80 82.12
N GLN F 5 -2.01 -39.75 81.34
CA GLN F 5 -0.69 -39.62 80.74
C GLN F 5 -0.81 -39.97 79.25
N PHE F 6 -0.42 -39.03 78.40
CA PHE F 6 -0.66 -39.14 76.97
C PHE F 6 0.22 -40.17 76.29
N HIS F 7 1.35 -40.53 76.88
CA HIS F 7 2.34 -41.37 76.21
C HIS F 7 1.99 -42.86 76.24
N ARG F 8 0.86 -43.24 76.84
CA ARG F 8 0.43 -44.63 76.89
C ARG F 8 -1.01 -44.72 76.39
N PRO F 9 -1.45 -45.85 75.84
CA PRO F 9 -2.82 -45.90 75.28
C PRO F 9 -3.92 -46.01 76.34
N SER F 10 -3.72 -46.77 77.42
CA SER F 10 -4.82 -47.16 78.28
C SER F 10 -4.85 -46.38 79.60
N THR F 11 -4.60 -45.08 79.56
CA THR F 11 -4.77 -44.23 80.73
C THR F 11 -5.93 -43.24 80.58
N ILE F 12 -6.23 -42.80 79.35
CA ILE F 12 -7.21 -41.77 79.09
C ILE F 12 -8.62 -42.33 79.28
N THR F 13 -9.39 -41.72 80.18
CA THR F 13 -10.81 -41.98 80.37
C THR F 13 -11.58 -40.67 80.17
N ALA F 14 -12.89 -40.71 80.42
CA ALA F 14 -13.72 -39.52 80.23
C ALA F 14 -13.48 -38.50 81.34
N ASP F 15 -13.23 -38.98 82.56
CA ASP F 15 -12.93 -38.08 83.67
C ASP F 15 -11.55 -37.46 83.56
N ASN F 16 -10.65 -38.07 82.80
CA ASN F 16 -9.27 -37.60 82.74
C ASN F 16 -9.12 -36.42 81.79
N VAL F 17 -10.02 -36.27 80.84
CA VAL F 17 -9.94 -35.18 79.88
C VAL F 17 -10.57 -33.91 80.46
N ARG F 18 -11.66 -34.07 81.20
CA ARG F 18 -12.48 -32.94 81.60
C ARG F 18 -11.95 -32.34 82.90
N ALA F 19 -11.08 -33.06 83.61
CA ALA F 19 -10.45 -32.53 84.81
C ALA F 19 -9.43 -31.44 84.47
N LEU F 20 -8.92 -31.42 83.26
CA LEU F 20 -8.11 -30.31 82.79
C LEU F 20 -8.91 -29.44 81.83
N GLY F 21 -8.77 -28.12 81.96
CA GLY F 21 -9.55 -27.20 81.17
C GLY F 21 -9.01 -27.00 79.76
N THR F 22 -9.50 -25.94 79.12
CA THR F 22 -9.08 -25.66 77.75
C THR F 22 -7.68 -25.06 77.69
N ARG F 23 -7.33 -24.20 78.64
CA ARG F 23 -6.02 -23.55 78.61
C ARG F 23 -4.89 -24.50 78.97
N GLY F 24 -5.09 -25.36 79.97
CA GLY F 24 -4.06 -26.28 80.40
C GLY F 24 -3.82 -27.41 79.42
N LEU F 25 -4.84 -27.74 78.63
CA LEU F 25 -4.70 -28.82 77.65
C LEU F 25 -3.92 -28.36 76.43
N VAL F 26 -3.81 -27.04 76.24
CA VAL F 26 -2.90 -26.50 75.22
C VAL F 26 -1.46 -26.83 75.58
N LEU F 27 -1.10 -26.66 76.86
CA LEU F 27 0.31 -26.77 77.25
C LEU F 27 0.77 -28.21 77.43
N ALA F 28 -0.05 -29.08 78.04
CA ALA F 28 0.43 -30.41 78.39
C ALA F 28 0.49 -31.34 77.17
N THR F 29 -0.34 -31.06 76.16
CA THR F 29 -0.27 -31.82 74.92
C THR F 29 0.83 -31.29 74.00
N ASN F 30 1.19 -30.02 74.14
CA ASN F 30 2.36 -29.51 73.43
C ASN F 30 3.66 -29.82 74.16
N ASN F 31 3.60 -30.32 75.39
CA ASN F 31 4.79 -30.66 76.16
C ASN F 31 4.81 -32.11 76.59
N ALA F 32 4.35 -33.03 75.73
CA ALA F 32 4.28 -34.45 76.05
C ALA F 32 5.44 -35.20 75.42
N GLN F 33 5.44 -36.53 75.56
CA GLN F 33 6.55 -37.38 75.15
C GLN F 33 6.39 -37.79 73.68
N PHE F 34 7.52 -37.82 72.96
CA PHE F 34 7.49 -38.22 71.56
C PHE F 34 7.29 -39.72 71.40
N ILE F 35 7.92 -40.53 72.25
CA ILE F 35 7.93 -41.99 72.08
C ILE F 35 6.68 -42.58 72.73
N MET F 36 5.88 -43.28 71.93
CA MET F 36 4.66 -43.91 72.41
C MET F 36 4.97 -45.30 72.95
N ASP F 37 4.47 -45.59 74.15
CA ASP F 37 4.58 -46.91 74.75
C ASP F 37 3.46 -47.81 74.23
N ASN F 38 3.74 -49.11 74.13
CA ASN F 38 2.79 -50.06 73.57
C ASN F 38 2.73 -51.37 74.35
N SER F 39 3.15 -51.38 75.61
CA SER F 39 3.17 -52.61 76.39
C SER F 39 1.79 -53.08 76.82
N TYR F 40 0.90 -52.17 77.17
CA TYR F 40 -0.48 -52.51 77.50
C TYR F 40 -1.40 -51.50 76.82
N PRO F 41 -1.93 -51.84 75.65
CA PRO F 41 -2.74 -50.87 74.91
C PRO F 41 -4.14 -50.72 75.50
N HIS F 42 -4.93 -49.89 74.83
CA HIS F 42 -6.30 -49.65 75.23
C HIS F 42 -7.14 -50.90 74.93
N PRO F 43 -7.88 -51.42 75.91
CA PRO F 43 -8.55 -52.72 75.72
C PRO F 43 -9.67 -52.69 74.69
N HIS F 44 -10.28 -51.53 74.43
CA HIS F 44 -11.18 -51.35 73.30
C HIS F 44 -10.45 -50.92 72.03
N GLY F 45 -9.17 -51.28 71.90
CA GLY F 45 -8.40 -50.93 70.73
C GLY F 45 -7.82 -49.53 70.83
N THR F 46 -6.79 -49.30 70.01
CA THR F 46 -6.09 -48.02 70.06
C THR F 46 -6.86 -46.91 69.36
N GLN F 47 -7.94 -47.25 68.64
CA GLN F 47 -8.82 -46.24 68.08
C GLN F 47 -10.05 -46.00 68.96
N GLY F 48 -10.26 -46.84 69.98
CA GLY F 48 -11.38 -46.64 70.88
C GLY F 48 -11.21 -45.45 71.81
N ALA F 49 -9.96 -45.11 72.14
CA ALA F 49 -9.70 -43.97 73.01
C ALA F 49 -9.79 -42.66 72.24
N VAL F 50 -9.82 -42.72 70.91
CA VAL F 50 -10.02 -41.53 70.10
C VAL F 50 -11.43 -40.98 70.32
N ARG F 51 -12.40 -41.87 70.54
CA ARG F 51 -13.74 -41.44 70.96
C ARG F 51 -13.73 -40.93 72.40
N GLU F 52 -12.75 -41.35 73.20
CA GLU F 52 -12.76 -41.08 74.64
C GLU F 52 -12.25 -39.69 74.96
N PHE F 53 -11.23 -39.21 74.24
CA PHE F 53 -10.64 -37.91 74.52
C PHE F 53 -11.53 -36.76 74.05
N LEU F 54 -11.96 -36.80 72.78
CA LEU F 54 -12.53 -35.64 72.10
C LEU F 54 -13.94 -35.29 72.56
N ARG F 55 -14.60 -36.18 73.32
CA ARG F 55 -15.82 -35.81 74.01
C ARG F 55 -15.58 -34.77 75.09
N GLY F 56 -14.37 -34.70 75.63
CA GLY F 56 -14.03 -33.73 76.65
C GLY F 56 -13.67 -32.36 76.11
N GLN F 57 -13.58 -32.20 74.78
CA GLN F 57 -13.22 -30.90 74.22
C GLN F 57 -14.44 -30.02 73.99
N ALA F 58 -15.50 -30.58 73.38
CA ALA F 58 -16.72 -29.81 73.17
C ALA F 58 -17.45 -29.53 74.47
N ALA F 59 -17.18 -30.34 75.50
CA ALA F 59 -17.63 -30.02 76.86
C ALA F 59 -16.69 -29.04 77.56
N ALA F 60 -15.48 -28.83 77.04
CA ALA F 60 -14.55 -27.90 77.67
C ALA F 60 -14.81 -26.46 77.28
N LEU F 61 -15.64 -26.23 76.26
CA LEU F 61 -16.07 -24.86 75.98
C LEU F 61 -17.42 -24.58 76.63
N THR F 62 -18.13 -25.63 77.06
CA THR F 62 -19.23 -25.42 77.99
C THR F 62 -18.68 -25.01 79.36
N ASP F 63 -17.46 -25.43 79.68
CA ASP F 63 -16.74 -24.83 80.79
C ASP F 63 -16.40 -23.37 80.50
N LEU F 64 -15.91 -23.08 79.29
CA LEU F 64 -15.56 -21.70 78.94
C LEU F 64 -16.81 -20.89 78.66
N GLY F 65 -17.94 -21.57 78.39
CA GLY F 65 -19.21 -20.87 78.34
C GLY F 65 -19.68 -20.38 79.70
N VAL F 66 -19.31 -21.08 80.78
CA VAL F 66 -19.66 -20.66 82.14
C VAL F 66 -18.77 -19.55 82.65
N THR F 67 -17.45 -19.62 82.42
CA THR F 67 -16.55 -18.53 82.76
C THR F 67 -16.81 -17.27 81.93
N HIS F 68 -17.48 -17.40 80.78
CA HIS F 68 -17.93 -16.27 79.99
C HIS F 68 -19.45 -16.15 79.95
N ALA F 69 -20.15 -16.83 80.86
CA ALA F 69 -21.57 -16.56 81.05
C ALA F 69 -21.80 -15.17 81.63
N ASN F 70 -20.82 -14.63 82.35
CA ASN F 70 -20.80 -13.23 82.74
C ASN F 70 -20.17 -12.35 81.67
N ASN F 71 -19.86 -12.90 80.50
CA ASN F 71 -19.35 -12.15 79.36
C ASN F 71 -20.18 -12.31 78.10
N THR F 72 -20.69 -13.51 77.79
CA THR F 72 -21.49 -13.74 76.62
C THR F 72 -22.97 -13.63 76.96
N PHE F 73 -23.83 -13.94 75.99
CA PHE F 73 -25.27 -13.86 76.18
C PHE F 73 -25.87 -15.26 76.26
N ALA F 74 -27.13 -15.29 76.70
CA ALA F 74 -27.89 -16.51 76.70
C ALA F 74 -28.17 -16.92 75.26
N PRO F 75 -28.10 -18.21 74.92
CA PRO F 75 -28.35 -18.62 73.54
C PRO F 75 -29.83 -18.50 73.18
N GLN F 76 -30.16 -17.46 72.43
CA GLN F 76 -31.48 -17.29 71.87
C GLN F 76 -31.68 -18.30 70.75
N PRO F 77 -32.90 -18.74 70.48
CA PRO F 77 -33.14 -19.60 69.32
C PRO F 77 -32.80 -18.89 68.01
N MET F 78 -31.91 -19.53 67.26
CA MET F 78 -31.38 -18.96 66.03
C MET F 78 -32.38 -18.97 64.91
N PHE F 79 -33.46 -19.75 65.07
CA PHE F 79 -34.43 -20.01 64.03
C PHE F 79 -35.84 -19.89 64.60
N ALA F 80 -36.81 -20.01 63.70
CA ALA F 80 -38.21 -19.89 64.07
C ALA F 80 -38.70 -21.16 64.74
N GLY F 81 -40.01 -21.26 64.91
CA GLY F 81 -40.64 -22.44 65.46
C GLY F 81 -40.47 -22.65 66.95
N ASP F 82 -39.68 -21.82 67.62
CA ASP F 82 -39.34 -21.98 69.04
C ASP F 82 -39.87 -20.78 69.80
N ALA F 83 -41.13 -20.86 70.20
CA ALA F 83 -41.76 -19.85 71.03
C ALA F 83 -42.89 -20.52 71.80
N ALA F 84 -43.16 -20.02 73.00
CA ALA F 84 -44.18 -20.65 73.84
C ALA F 84 -45.58 -20.40 73.29
N ALA F 85 -45.78 -19.24 72.67
CA ALA F 85 -47.08 -18.87 72.09
C ALA F 85 -46.93 -18.78 70.57
N GLU F 86 -47.57 -19.70 69.85
CA GLU F 86 -47.64 -19.61 68.40
C GLU F 86 -49.05 -19.43 67.85
N TRP F 87 -50.06 -19.25 68.72
CA TRP F 87 -51.41 -19.03 68.21
C TRP F 87 -51.82 -17.56 68.18
N LEU F 88 -51.00 -16.66 68.73
CA LEU F 88 -51.24 -15.23 68.64
C LEU F 88 -50.04 -14.45 68.12
N ARG F 89 -48.82 -14.94 68.36
CA ARG F 89 -47.61 -14.28 67.92
C ARG F 89 -46.68 -15.29 67.22
N PRO F 90 -45.85 -14.83 66.27
CA PRO F 90 -44.97 -15.79 65.58
C PRO F 90 -43.70 -16.03 66.35
N SER F 91 -42.78 -16.79 65.76
CA SER F 91 -41.46 -16.98 66.32
C SER F 91 -40.42 -16.50 65.32
N PHE F 92 -39.54 -15.60 65.75
CA PHE F 92 -38.38 -15.25 64.95
C PHE F 92 -37.25 -16.22 65.26
N GLY F 93 -36.07 -15.90 64.76
CA GLY F 93 -34.86 -16.56 65.17
C GLY F 93 -33.68 -15.66 64.92
N LEU F 94 -32.84 -15.47 65.92
CA LEU F 94 -31.80 -14.47 65.79
C LEU F 94 -30.65 -15.01 64.98
N LYS F 95 -30.38 -14.34 63.86
CA LYS F 95 -29.16 -14.59 63.12
C LYS F 95 -28.00 -14.07 63.97
N ARG F 96 -27.26 -14.97 64.61
CA ARG F 96 -26.31 -14.55 65.66
C ARG F 96 -25.04 -14.01 65.02
N THR F 97 -25.18 -12.88 64.33
CA THR F 97 -24.05 -12.12 63.85
C THR F 97 -23.47 -11.19 64.91
N TYR F 98 -24.18 -11.01 66.02
CA TYR F 98 -23.79 -10.07 67.06
C TYR F 98 -22.59 -10.63 67.83
N SER F 99 -21.90 -9.73 68.54
CA SER F 99 -20.75 -10.09 69.37
C SER F 99 -21.25 -10.40 70.77
N PRO F 100 -21.08 -11.65 71.23
CA PRO F 100 -21.43 -11.95 72.62
C PRO F 100 -20.46 -11.28 73.57
N PHE F 101 -20.92 -10.19 74.18
CA PHE F 101 -20.01 -9.22 74.82
C PHE F 101 -20.80 -8.39 75.82
N VAL F 102 -20.50 -8.58 77.10
CA VAL F 102 -21.12 -7.86 78.21
C VAL F 102 -20.04 -7.04 78.92
N VAL F 103 -20.27 -5.74 79.02
CA VAL F 103 -19.31 -4.84 79.66
C VAL F 103 -19.24 -5.07 81.16
N GLU G 28 32.62 -8.97 -71.06
CA GLU G 28 31.44 -8.45 -70.40
C GLU G 28 30.99 -9.38 -69.29
N VAL G 29 30.26 -10.43 -69.69
CA VAL G 29 29.85 -11.48 -68.76
C VAL G 29 30.45 -12.81 -69.17
N ALA G 30 30.18 -13.23 -70.41
CA ALA G 30 30.74 -14.49 -70.89
C ALA G 30 32.21 -14.34 -71.26
N SER G 31 32.61 -13.14 -71.69
CA SER G 31 34.02 -12.87 -71.88
C SER G 31 34.73 -12.69 -70.55
N HIS G 32 33.97 -12.38 -69.50
CA HIS G 32 34.56 -12.07 -68.20
C HIS G 32 35.15 -13.32 -67.54
N ARG G 33 34.32 -14.33 -67.29
CA ARG G 33 34.77 -15.48 -66.52
C ARG G 33 35.54 -16.46 -67.39
N ARG G 34 35.58 -16.21 -68.70
CA ARG G 34 36.30 -17.10 -69.61
C ARG G 34 37.80 -17.04 -69.38
N LEU G 35 38.29 -15.93 -68.83
CA LEU G 35 39.69 -15.87 -68.41
C LEU G 35 39.84 -16.25 -66.94
N PHE G 36 38.74 -16.23 -66.19
CA PHE G 36 38.79 -16.70 -64.81
C PHE G 36 38.97 -18.21 -64.74
N ASP G 37 38.33 -18.93 -65.67
CA ASP G 37 38.55 -20.37 -65.77
C ASP G 37 39.95 -20.65 -66.30
N PHE G 38 40.45 -19.78 -67.17
CA PHE G 38 41.75 -20.01 -67.77
C PHE G 38 42.88 -19.70 -66.80
N PHE G 39 42.63 -18.79 -65.86
CA PHE G 39 43.68 -18.37 -64.93
C PHE G 39 44.07 -19.51 -63.99
N ALA G 40 43.08 -20.25 -63.51
CA ALA G 40 43.38 -21.43 -62.70
C ALA G 40 43.84 -22.56 -63.60
N ALA G 41 43.49 -22.50 -64.89
CA ALA G 41 43.89 -23.54 -65.82
C ALA G 41 45.38 -23.47 -66.12
N VAL G 42 45.93 -22.26 -66.22
CA VAL G 42 47.39 -22.16 -66.31
C VAL G 42 48.02 -22.19 -64.93
N ARG G 43 47.20 -22.05 -63.89
CA ARG G 43 47.69 -22.35 -62.56
C ARG G 43 47.52 -23.81 -62.21
N SER G 44 46.86 -24.57 -63.09
CA SER G 44 46.71 -26.00 -62.85
C SER G 44 48.02 -26.73 -63.05
N ASP G 45 48.87 -26.25 -63.97
CA ASP G 45 50.21 -26.82 -64.09
C ASP G 45 51.06 -26.46 -62.90
N GLU G 46 50.77 -25.31 -62.28
CA GLU G 46 51.48 -24.84 -61.10
C GLU G 46 51.18 -25.70 -59.88
N CYS G 62 28.12 -47.51 -48.21
CA CYS G 62 28.27 -48.00 -49.57
C CYS G 62 27.18 -47.46 -50.49
N ASN G 63 26.81 -46.20 -50.30
CA ASN G 63 25.64 -45.68 -50.99
C ASN G 63 25.89 -44.29 -51.58
N THR G 64 25.06 -43.94 -52.57
CA THR G 64 25.01 -42.65 -53.24
C THR G 64 24.13 -41.67 -52.49
N LEU G 65 23.62 -40.67 -53.22
CA LEU G 65 22.85 -39.49 -52.78
C LEU G 65 23.78 -38.53 -52.06
N SER G 66 25.01 -38.47 -52.56
CA SER G 66 25.97 -37.50 -52.05
C SER G 66 25.96 -36.25 -52.92
N LEU G 67 24.76 -35.75 -53.24
CA LEU G 67 24.64 -34.70 -54.23
C LEU G 67 23.57 -33.69 -53.86
N VAL G 68 23.91 -32.40 -53.88
CA VAL G 68 22.94 -31.31 -53.77
C VAL G 68 23.28 -30.28 -54.84
N ARG G 69 22.27 -29.55 -55.28
CA ARG G 69 22.45 -28.56 -56.35
C ARG G 69 21.82 -27.23 -55.95
N PHE G 70 22.22 -26.18 -56.68
CA PHE G 70 22.15 -24.80 -56.21
C PHE G 70 22.51 -23.85 -57.35
N LEU G 71 21.84 -22.69 -57.34
CA LEU G 71 22.17 -21.50 -58.14
C LEU G 71 21.27 -20.36 -57.67
N GLU G 72 21.65 -19.13 -58.03
CA GLU G 72 20.94 -17.95 -57.54
C GLU G 72 21.11 -16.78 -58.51
N LEU G 73 20.10 -16.57 -59.36
CA LEU G 73 20.09 -15.42 -60.24
C LEU G 73 18.67 -14.86 -60.33
N GLY G 74 18.41 -13.99 -61.31
CA GLY G 74 17.07 -13.48 -61.53
C GLY G 74 16.71 -12.27 -60.70
N LEU G 75 16.45 -12.48 -59.42
CA LEU G 75 16.36 -11.35 -58.49
C LEU G 75 17.75 -10.77 -58.21
N SER G 76 18.79 -11.52 -58.56
CA SER G 76 20.17 -11.10 -58.35
C SER G 76 20.58 -9.96 -59.28
N VAL G 77 19.67 -9.51 -60.15
CA VAL G 77 19.93 -8.32 -60.96
C VAL G 77 18.91 -7.23 -60.65
N ALA G 78 17.78 -7.58 -60.05
CA ALA G 78 16.65 -6.66 -59.95
C ALA G 78 16.84 -5.62 -58.84
N CYS G 79 17.19 -6.09 -57.65
CA CYS G 79 17.46 -5.17 -56.54
C CYS G 79 18.74 -4.36 -56.79
N VAL G 80 19.63 -4.89 -57.62
CA VAL G 80 20.94 -4.28 -57.88
C VAL G 80 20.77 -2.92 -58.56
N CYS G 81 19.88 -2.87 -59.55
CA CYS G 81 19.17 -1.67 -60.00
C CYS G 81 20.09 -0.66 -60.68
N THR G 82 21.33 -1.10 -60.98
CA THR G 82 22.19 -0.75 -62.12
C THR G 82 23.52 -1.49 -62.05
N LYS G 83 24.30 -1.42 -63.12
CA LYS G 83 25.55 -2.15 -63.21
C LYS G 83 26.44 -1.50 -64.26
N PHE G 84 27.68 -1.20 -63.86
CA PHE G 84 28.76 -1.04 -64.84
C PHE G 84 29.68 -2.24 -64.65
N PRO G 85 29.90 -3.05 -65.65
CA PRO G 85 30.94 -4.07 -65.51
C PRO G 85 32.27 -3.54 -66.02
N GLU G 86 33.34 -4.33 -65.87
CA GLU G 86 34.70 -3.99 -66.28
C GLU G 86 35.22 -2.71 -65.64
N LEU G 87 35.56 -2.75 -64.37
CA LEU G 87 36.41 -1.70 -63.82
C LEU G 87 37.86 -2.06 -64.07
N ALA G 88 38.56 -1.19 -64.79
CA ALA G 88 39.96 -1.41 -65.08
C ALA G 88 40.82 -0.92 -63.93
N TYR G 89 42.11 -0.72 -64.19
CA TYR G 89 43.02 -0.11 -63.25
C TYR G 89 42.57 1.33 -63.06
N MET G 90 41.93 1.63 -61.93
CA MET G 90 41.24 2.91 -61.84
C MET G 90 41.67 3.58 -60.54
N ASN G 91 41.57 4.92 -60.52
CA ASN G 91 42.01 5.67 -59.35
C ASN G 91 40.88 6.51 -58.77
N GLU G 92 40.12 7.21 -59.60
CA GLU G 92 39.06 8.10 -59.13
C GLU G 92 37.86 8.02 -60.05
N GLY G 93 36.67 7.96 -59.46
CA GLY G 93 35.43 7.95 -60.22
C GLY G 93 34.57 9.13 -59.81
N ARG G 94 34.36 10.03 -60.75
CA ARG G 94 33.57 11.23 -60.50
C ARG G 94 32.25 11.14 -61.25
N VAL G 95 31.18 11.52 -60.54
CA VAL G 95 29.88 11.80 -61.13
C VAL G 95 29.41 13.13 -60.56
N GLN G 96 29.11 14.09 -61.43
CA GLN G 96 28.67 15.39 -60.97
C GLN G 96 27.19 15.58 -61.28
N PHE G 97 26.53 16.37 -60.43
CA PHE G 97 25.09 16.56 -60.49
C PHE G 97 24.79 18.02 -60.80
N GLU G 98 23.85 18.25 -61.71
CA GLU G 98 23.43 19.59 -62.10
C GLU G 98 21.92 19.70 -61.98
N VAL G 99 21.46 20.36 -60.92
CA VAL G 99 20.02 20.60 -60.73
C VAL G 99 19.76 22.09 -60.63
N HIS G 100 18.54 22.47 -61.00
CA HIS G 100 18.13 23.86 -61.06
C HIS G 100 16.85 24.03 -60.28
N GLN G 101 16.94 24.56 -59.14
CA GLN G 101 15.79 24.97 -58.38
C GLN G 101 15.10 26.13 -59.09
N PRO G 102 13.87 25.95 -59.52
CA PRO G 102 13.17 27.06 -60.16
C PRO G 102 12.73 28.08 -59.11
N LEU G 103 12.33 29.26 -59.54
CA LEU G 103 11.93 30.28 -58.59
C LEU G 103 10.46 30.58 -58.80
N ILE G 104 9.90 31.40 -57.92
CA ILE G 104 8.53 31.88 -58.01
C ILE G 104 8.58 33.39 -57.93
N ALA G 105 7.94 34.07 -58.88
CA ALA G 105 7.90 35.52 -58.85
C ALA G 105 7.03 35.98 -57.69
N ARG G 106 7.66 36.39 -56.60
CA ARG G 106 6.96 36.85 -55.42
C ARG G 106 6.69 38.34 -55.58
N ASP G 107 5.51 38.77 -55.18
CA ASP G 107 5.03 40.11 -55.48
C ASP G 107 5.20 41.04 -54.28
N GLY G 108 5.59 42.27 -54.55
CA GLY G 108 5.55 43.31 -53.54
C GLY G 108 6.92 43.71 -53.03
N PRO G 109 6.98 44.13 -51.76
CA PRO G 109 8.24 44.59 -51.13
C PRO G 109 9.06 43.43 -50.57
N HIS G 110 9.50 42.54 -51.45
CA HIS G 110 10.22 41.32 -51.12
C HIS G 110 11.54 41.27 -51.87
N PRO G 111 12.54 40.54 -51.36
CA PRO G 111 13.80 40.43 -52.10
C PRO G 111 13.64 39.65 -53.39
N VAL G 112 14.40 40.05 -54.41
CA VAL G 112 14.23 39.49 -55.73
C VAL G 112 14.92 38.14 -55.81
N GLU G 113 14.14 37.09 -56.05
CA GLU G 113 14.69 35.75 -56.15
C GLU G 113 15.42 35.55 -57.47
N GLN G 114 16.71 35.30 -57.39
CA GLN G 114 17.57 35.12 -58.55
C GLN G 114 17.32 33.74 -59.13
N PRO G 115 17.52 33.52 -60.42
CA PRO G 115 17.59 32.13 -60.91
C PRO G 115 18.82 31.45 -60.36
N VAL G 116 18.59 30.44 -59.56
CA VAL G 116 19.66 29.84 -58.79
C VAL G 116 20.18 28.63 -59.55
N HIS G 117 21.35 28.16 -59.13
CA HIS G 117 22.02 27.04 -59.77
C HIS G 117 22.67 26.16 -58.71
N ASN G 118 22.76 24.87 -59.00
CA ASN G 118 23.33 23.90 -58.10
C ASN G 118 24.21 22.94 -58.89
N TYR G 119 25.48 22.86 -58.51
CA TYR G 119 26.46 21.99 -59.11
C TYR G 119 27.26 21.32 -58.01
N MET G 120 27.13 20.00 -57.89
CA MET G 120 27.98 19.29 -56.94
C MET G 120 28.55 18.07 -57.62
N THR G 121 29.46 17.41 -56.92
CA THR G 121 30.17 16.25 -57.40
C THR G 121 30.10 15.16 -56.35
N LYS G 122 30.18 13.92 -56.79
CA LYS G 122 30.37 12.82 -55.87
C LYS G 122 31.52 11.96 -56.32
N VAL G 123 32.02 11.17 -55.38
CA VAL G 123 33.15 10.28 -55.60
C VAL G 123 32.69 8.86 -55.29
N ILE G 124 33.38 7.90 -55.88
CA ILE G 124 33.07 6.50 -55.64
C ILE G 124 33.75 6.06 -54.35
N ASP G 125 33.39 4.87 -53.87
CA ASP G 125 34.14 4.11 -52.89
C ASP G 125 34.63 2.83 -53.58
N ARG G 126 35.38 1.98 -52.87
CA ARG G 126 35.77 0.75 -53.52
C ARG G 126 35.18 -0.50 -52.88
N ARG G 127 35.58 -0.78 -51.63
CA ARG G 127 35.09 -1.89 -50.82
C ARG G 127 35.12 -3.21 -51.57
N ALA G 128 36.31 -3.72 -51.86
CA ALA G 128 36.45 -4.90 -52.69
C ALA G 128 36.03 -6.16 -51.94
N LEU G 129 35.65 -7.19 -52.69
CA LEU G 129 35.14 -8.43 -52.10
C LEU G 129 36.29 -9.43 -52.01
N ASN G 130 36.05 -10.64 -51.50
CA ASN G 130 37.15 -11.58 -51.27
C ASN G 130 36.68 -12.96 -51.70
N ALA G 131 37.61 -13.86 -51.99
CA ALA G 131 37.24 -15.15 -52.56
C ALA G 131 38.04 -16.27 -51.92
N ALA G 132 37.48 -17.48 -51.94
CA ALA G 132 38.00 -18.61 -51.20
C ALA G 132 39.17 -19.26 -51.92
N PHE G 133 39.95 -20.02 -51.17
CA PHE G 133 41.03 -20.85 -51.68
C PHE G 133 40.64 -22.32 -51.62
N SER G 134 40.72 -23.01 -52.75
CA SER G 134 40.34 -24.41 -52.76
C SER G 134 41.16 -25.26 -53.73
N LEU G 135 42.26 -25.88 -53.24
CA LEU G 135 43.12 -26.75 -54.06
C LEU G 135 44.03 -27.56 -53.14
N ALA G 136 43.98 -28.88 -53.29
CA ALA G 136 44.84 -29.84 -52.61
C ALA G 136 46.03 -30.20 -53.49
N THR G 137 46.70 -31.31 -53.17
CA THR G 137 47.88 -31.71 -53.92
C THR G 137 47.52 -32.88 -54.84
N GLU G 138 48.28 -33.08 -55.92
CA GLU G 138 48.33 -34.23 -56.82
C GLU G 138 47.12 -34.35 -57.75
N ALA G 139 46.09 -33.52 -57.54
CA ALA G 139 45.08 -33.36 -58.58
C ALA G 139 45.67 -32.60 -59.75
N ILE G 140 46.63 -31.73 -59.46
CA ILE G 140 47.37 -30.97 -60.46
C ILE G 140 48.43 -31.83 -61.11
N ALA G 141 48.81 -32.92 -60.45
CA ALA G 141 49.79 -33.87 -61.03
C ALA G 141 49.07 -35.17 -61.40
N LEU G 142 49.77 -36.30 -61.29
CA LEU G 142 49.14 -37.63 -61.59
C LEU G 142 49.72 -38.68 -60.64
N LEU G 143 50.34 -39.72 -61.19
CA LEU G 143 50.93 -40.83 -60.39
C LEU G 143 52.45 -40.64 -60.31
N ILE G 153 44.39 -43.14 -68.20
CA ILE G 153 44.87 -43.38 -66.85
C ILE G 153 43.84 -42.86 -65.87
N SER G 154 42.77 -43.65 -65.67
CA SER G 154 41.71 -43.40 -64.69
C SER G 154 41.04 -42.05 -64.86
N LEU G 155 40.97 -41.55 -66.10
CA LEU G 155 40.64 -40.16 -66.35
C LEU G 155 39.17 -39.87 -66.04
N HIS G 156 38.31 -40.87 -66.21
CA HIS G 156 36.89 -40.66 -65.94
C HIS G 156 36.63 -40.56 -64.44
N ARG G 157 37.59 -40.99 -63.62
CA ARG G 157 37.58 -40.77 -62.18
C ARG G 157 38.55 -39.67 -61.76
N GLN G 158 39.72 -39.57 -62.40
CA GLN G 158 40.70 -38.57 -61.97
C GLN G 158 40.26 -37.18 -62.39
N LEU G 159 39.63 -37.05 -63.55
CA LEU G 159 39.10 -35.75 -63.94
C LEU G 159 37.70 -35.52 -63.36
N ARG G 160 37.04 -36.57 -62.88
CA ARG G 160 35.75 -36.32 -62.22
C ARG G 160 35.98 -35.73 -60.83
N ALA G 161 37.16 -35.96 -60.24
CA ALA G 161 37.54 -35.19 -59.07
C ALA G 161 37.71 -33.72 -59.42
N ILE G 162 38.25 -33.46 -60.60
CA ILE G 162 38.49 -32.10 -61.05
C ILE G 162 37.20 -31.44 -61.53
N GLN G 163 36.29 -32.23 -62.11
CA GLN G 163 34.99 -31.70 -62.48
C GLN G 163 34.19 -31.32 -61.24
N GLN G 164 34.28 -32.13 -60.19
CA GLN G 164 33.71 -31.72 -58.91
C GLN G 164 34.47 -30.52 -58.34
N LEU G 165 35.78 -30.46 -58.59
CA LEU G 165 36.56 -29.30 -58.17
C LEU G 165 36.19 -28.07 -59.00
N ALA G 166 35.78 -28.27 -60.25
CA ALA G 166 35.30 -27.14 -61.05
C ALA G 166 33.96 -26.64 -60.54
N ARG G 167 33.13 -27.53 -60.00
CA ARG G 167 31.87 -27.10 -59.42
C ARG G 167 32.10 -26.42 -58.08
N ASN G 168 33.23 -26.71 -57.42
CA ASN G 168 33.62 -25.94 -56.26
C ASN G 168 33.98 -24.52 -56.66
N VAL G 169 34.56 -24.36 -57.85
CA VAL G 169 34.75 -23.02 -58.39
C VAL G 169 33.40 -22.43 -58.78
N GLN G 170 32.49 -23.27 -59.26
CA GLN G 170 31.13 -22.80 -59.52
C GLN G 170 30.41 -22.47 -58.22
N ALA G 171 30.79 -23.13 -57.13
CA ALA G 171 30.24 -22.78 -55.83
C ALA G 171 30.71 -21.39 -55.38
N VAL G 172 32.01 -21.09 -55.58
CA VAL G 172 32.49 -19.75 -55.24
C VAL G 172 32.26 -18.75 -56.36
N LEU G 173 31.69 -19.18 -57.48
CA LEU G 173 31.04 -18.23 -58.36
C LEU G 173 29.71 -17.77 -57.76
N GLY G 174 29.09 -18.63 -56.97
CA GLY G 174 27.88 -18.26 -56.26
C GLY G 174 28.20 -17.27 -55.15
N ALA G 175 29.46 -17.25 -54.74
CA ALA G 175 29.96 -16.32 -53.75
C ALA G 175 30.05 -14.89 -54.26
N PHE G 176 29.74 -14.66 -55.54
CA PHE G 176 29.66 -13.30 -56.04
C PHE G 176 28.21 -12.86 -56.19
N GLU G 177 27.35 -13.79 -56.61
CA GLU G 177 25.94 -13.43 -56.77
C GLU G 177 25.26 -13.27 -55.42
N ARG G 178 25.68 -14.05 -54.43
CA ARG G 178 25.00 -13.98 -53.14
C ARG G 178 25.47 -12.78 -52.32
N GLY G 179 26.78 -12.54 -52.24
CA GLY G 179 27.27 -11.40 -51.50
C GLY G 179 27.00 -10.07 -52.19
N THR G 180 26.54 -10.12 -53.43
CA THR G 180 26.09 -8.94 -54.17
C THR G 180 25.02 -8.17 -53.40
N ALA G 181 23.96 -8.86 -53.00
CA ALA G 181 22.90 -8.22 -52.23
C ALA G 181 23.40 -7.86 -50.85
N ASP G 182 24.39 -8.60 -50.35
CA ASP G 182 24.97 -8.27 -49.06
C ASP G 182 25.70 -6.94 -49.12
N GLN G 183 26.37 -6.66 -50.25
CA GLN G 183 27.02 -5.37 -50.43
C GLN G 183 26.02 -4.24 -50.48
N MET G 184 24.83 -4.51 -51.02
CA MET G 184 23.79 -3.50 -51.05
C MET G 184 23.27 -3.25 -49.65
N LEU G 185 22.90 -4.32 -48.95
CA LEU G 185 22.21 -4.19 -47.68
C LEU G 185 23.16 -3.76 -46.57
N HIS G 186 24.46 -3.79 -46.83
CA HIS G 186 25.35 -2.98 -46.03
C HIS G 186 25.09 -1.50 -46.26
N VAL G 187 25.21 -1.05 -47.50
CA VAL G 187 25.10 0.37 -47.73
C VAL G 187 23.65 0.83 -47.78
N LEU G 188 22.70 -0.10 -47.91
CA LEU G 188 21.31 0.32 -47.87
C LEU G 188 20.88 0.67 -46.45
N LEU G 189 21.44 0.01 -45.45
CA LEU G 189 21.21 0.48 -44.09
C LEU G 189 22.07 1.69 -43.76
N GLU G 190 23.12 1.94 -44.55
CA GLU G 190 23.96 3.09 -44.28
C GLU G 190 23.23 4.38 -44.61
N LYS G 191 22.47 4.41 -45.70
CA LYS G 191 21.83 5.64 -46.13
C LYS G 191 20.45 5.81 -45.52
N ALA G 192 20.20 5.18 -44.39
CA ALA G 192 18.85 5.14 -43.87
C ALA G 192 18.75 5.72 -42.47
N PRO G 193 18.00 6.78 -42.24
CA PRO G 193 17.63 7.15 -40.89
C PRO G 193 16.54 6.22 -40.36
N PRO G 194 16.27 6.24 -39.07
CA PRO G 194 15.09 5.51 -38.57
C PRO G 194 13.81 6.19 -39.01
N LEU G 195 12.75 5.41 -39.08
CA LEU G 195 11.51 5.88 -39.68
C LEU G 195 10.84 6.92 -38.79
N ALA G 196 10.92 6.73 -37.47
CA ALA G 196 10.31 7.69 -36.55
C ALA G 196 11.13 8.96 -36.45
N LEU G 197 12.33 8.95 -37.01
CA LEU G 197 13.03 10.21 -37.17
C LEU G 197 12.72 10.86 -38.50
N LEU G 198 12.44 10.07 -39.54
CA LEU G 198 12.41 10.61 -40.88
C LEU G 198 11.16 11.44 -41.14
N LEU G 199 9.99 10.81 -40.98
CA LEU G 199 8.70 11.47 -41.16
C LEU G 199 8.50 12.77 -40.40
N PRO G 200 9.02 12.98 -39.19
CA PRO G 200 8.95 14.34 -38.65
C PRO G 200 9.83 15.33 -39.37
N MET G 201 10.92 14.87 -39.96
CA MET G 201 11.83 15.80 -40.61
C MET G 201 11.27 16.24 -41.95
N GLN G 202 10.59 15.33 -42.66
CA GLN G 202 10.20 15.56 -44.04
C GLN G 202 9.18 16.68 -44.18
N ARG G 203 8.42 16.95 -43.13
CA ARG G 203 7.57 18.13 -43.20
C ARG G 203 8.34 19.42 -43.01
N TYR G 204 9.60 19.37 -42.60
CA TYR G 204 10.33 20.60 -42.31
C TYR G 204 11.49 20.85 -43.24
N LEU G 205 11.70 19.95 -44.22
CA LEU G 205 12.77 20.17 -45.24
C LEU G 205 12.53 21.53 -45.86
N ASP G 206 11.27 21.98 -45.94
CA ASP G 206 10.94 23.26 -46.65
C ASP G 206 11.59 24.49 -45.99
N ASN G 207 10.84 25.20 -45.16
CA ASN G 207 11.14 26.63 -44.92
C ASN G 207 11.55 26.86 -43.46
N GLY G 208 11.84 28.11 -43.09
CA GLY G 208 12.29 28.41 -41.72
C GLY G 208 13.73 28.02 -41.51
N ARG G 209 14.00 27.20 -40.49
CA ARG G 209 15.38 26.74 -40.19
C ARG G 209 16.37 27.91 -40.22
N LEU G 210 15.93 29.09 -39.77
CA LEU G 210 16.84 30.28 -39.71
C LEU G 210 16.83 30.81 -38.27
N ALA G 211 16.91 32.13 -38.09
CA ALA G 211 16.81 32.72 -36.74
C ALA G 211 15.46 32.46 -36.04
N THR G 212 14.55 31.79 -36.72
CA THR G 212 13.38 31.07 -36.23
C THR G 212 13.76 29.75 -35.56
N ARG G 213 14.98 29.66 -35.04
CA ARG G 213 15.63 28.55 -34.31
C ARG G 213 14.72 27.83 -33.32
N VAL G 214 13.71 28.54 -32.82
CA VAL G 214 12.49 27.92 -32.30
C VAL G 214 12.03 26.76 -33.16
N ALA G 215 11.94 26.95 -34.49
CA ALA G 215 11.49 25.88 -35.36
C ALA G 215 12.49 24.75 -35.44
N ARG G 216 13.77 25.04 -35.18
CA ARG G 216 14.71 23.95 -34.96
C ARG G 216 14.42 23.25 -33.64
N ALA G 217 14.02 23.99 -32.62
CA ALA G 217 13.75 23.36 -31.33
C ALA G 217 12.45 22.59 -31.33
N THR G 218 11.41 23.12 -32.00
CA THR G 218 10.17 22.38 -32.11
C THR G 218 10.31 21.17 -32.99
N LEU G 219 11.26 21.20 -33.93
CA LEU G 219 11.67 20.01 -34.65
C LEU G 219 12.16 18.93 -33.68
N VAL G 220 12.87 19.34 -32.64
CA VAL G 220 13.44 18.39 -31.71
C VAL G 220 12.37 17.82 -30.80
N ALA G 221 11.56 18.69 -30.20
CA ALA G 221 10.58 18.25 -29.22
C ALA G 221 9.49 17.40 -29.85
N GLU G 222 9.23 17.63 -31.13
CA GLU G 222 8.33 16.75 -31.85
C GLU G 222 9.04 15.50 -32.32
N LEU G 223 10.37 15.51 -32.34
CA LEU G 223 11.08 14.34 -32.84
C LEU G 223 11.12 13.23 -31.81
N LYS G 224 11.67 13.52 -30.64
CA LYS G 224 11.86 12.54 -29.59
C LYS G 224 10.57 11.96 -29.05
N ARG G 225 9.45 12.69 -29.15
CA ARG G 225 8.15 12.15 -28.76
C ARG G 225 7.73 11.06 -29.73
N SER G 226 8.09 11.23 -31.00
CA SER G 226 7.71 10.26 -32.02
C SER G 226 8.46 8.96 -31.87
N PHE G 227 9.74 9.02 -31.52
CA PHE G 227 10.54 7.81 -31.47
C PHE G 227 10.19 6.99 -30.24
N CYS G 228 9.73 7.66 -29.19
CA CYS G 228 9.09 6.95 -28.10
C CYS G 228 7.78 6.33 -28.56
N ASP G 229 7.15 6.95 -29.56
CA ASP G 229 5.82 6.53 -29.98
C ASP G 229 5.82 5.53 -31.13
N THR G 230 6.26 5.93 -32.32
CA THR G 230 6.11 5.10 -33.52
C THR G 230 7.40 4.33 -33.77
N SER G 231 7.73 3.43 -32.87
CA SER G 231 8.71 2.42 -33.19
C SER G 231 8.18 1.10 -32.66
N PHE G 232 8.44 0.02 -33.38
CA PHE G 232 7.78 -1.28 -33.25
C PHE G 232 6.28 -1.14 -33.33
N PHE G 233 5.80 -0.29 -34.24
CA PHE G 233 4.39 0.03 -34.33
C PHE G 233 3.62 -1.20 -34.76
N LEU G 234 4.09 -1.86 -35.80
CA LEU G 234 3.82 -3.28 -35.96
C LEU G 234 4.49 -3.97 -34.78
N GLY G 235 3.69 -4.44 -33.85
CA GLY G 235 4.18 -4.88 -32.56
C GLY G 235 3.60 -4.08 -31.40
N LYS G 236 3.52 -2.76 -31.52
CA LYS G 236 2.67 -1.97 -30.62
C LYS G 236 1.21 -2.12 -31.00
N ALA G 237 0.93 -2.22 -32.29
CA ALA G 237 -0.40 -2.53 -32.79
C ALA G 237 -0.27 -3.82 -33.58
N GLY G 238 -0.96 -4.86 -33.13
CA GLY G 238 -0.93 -6.14 -33.81
C GLY G 238 -2.31 -6.53 -34.26
N HIS G 239 -3.28 -5.70 -33.87
CA HIS G 239 -4.69 -5.94 -34.16
C HIS G 239 -5.35 -4.76 -34.84
N ARG G 240 -4.83 -3.56 -34.67
CA ARG G 240 -5.40 -2.36 -35.30
C ARG G 240 -5.08 -2.44 -36.78
N ARG G 241 -5.97 -3.10 -37.52
CA ARG G 241 -5.80 -3.34 -38.95
C ARG G 241 -5.68 -2.04 -39.73
N GLU G 242 -6.42 -1.02 -39.31
CA GLU G 242 -6.39 0.28 -39.95
C GLU G 242 -5.02 0.95 -39.83
N ALA G 243 -4.50 1.04 -38.62
CA ALA G 243 -3.33 1.85 -38.31
C ALA G 243 -2.05 1.35 -38.98
N ILE G 244 -1.94 0.03 -39.17
CA ILE G 244 -0.81 -0.52 -39.92
C ILE G 244 -0.88 -0.07 -41.36
N GLU G 245 -2.07 -0.12 -41.96
CA GLU G 245 -2.23 0.33 -43.33
C GLU G 245 -2.06 1.84 -43.44
N ALA G 246 -2.34 2.55 -42.35
CA ALA G 246 -1.92 3.95 -42.27
C ALA G 246 -0.40 4.03 -42.19
N TRP G 247 0.21 3.10 -41.46
CA TRP G 247 1.65 3.16 -41.26
C TRP G 247 2.39 2.62 -42.48
N LEU G 248 1.84 1.59 -43.12
CA LEU G 248 2.62 0.87 -44.12
C LEU G 248 2.65 1.64 -45.44
N VAL G 249 1.74 2.60 -45.59
CA VAL G 249 1.89 3.50 -46.73
C VAL G 249 3.02 4.47 -46.46
N ASP G 250 3.32 4.71 -45.18
CA ASP G 250 4.29 5.75 -44.86
C ASP G 250 5.71 5.22 -44.89
N LEU G 251 5.87 3.89 -44.95
CA LEU G 251 7.16 3.33 -45.32
C LEU G 251 7.51 3.73 -46.74
N THR G 252 6.51 3.78 -47.60
CA THR G 252 6.65 4.40 -48.90
C THR G 252 6.35 5.89 -48.79
N THR G 253 6.43 6.58 -49.92
CA THR G 253 5.88 7.92 -50.15
C THR G 253 6.35 9.02 -49.20
N ALA G 254 7.33 8.74 -48.36
CA ALA G 254 8.06 9.79 -47.67
C ALA G 254 9.44 9.96 -48.26
N THR G 255 9.73 9.26 -49.35
CA THR G 255 11.03 9.23 -49.98
C THR G 255 10.92 9.75 -51.41
N GLN G 256 11.89 10.56 -51.81
CA GLN G 256 11.88 11.14 -53.13
C GLN G 256 12.55 10.20 -54.13
N PRO G 257 12.00 10.09 -55.33
CA PRO G 257 12.69 9.33 -56.37
C PRO G 257 13.94 10.03 -56.85
N SER G 258 14.81 9.34 -57.57
CA SER G 258 16.09 9.96 -57.88
C SER G 258 16.22 10.34 -59.35
N VAL G 259 16.14 9.36 -60.23
CA VAL G 259 16.23 9.55 -61.66
C VAL G 259 15.68 8.29 -62.29
N ALA G 260 15.19 8.42 -63.51
CA ALA G 260 14.65 7.28 -64.23
C ALA G 260 15.71 6.74 -65.16
N VAL G 261 15.48 5.54 -65.67
CA VAL G 261 16.19 5.05 -66.85
C VAL G 261 15.24 4.18 -67.64
N PRO G 262 15.16 4.35 -68.96
CA PRO G 262 14.31 3.44 -69.75
C PRO G 262 14.90 2.05 -69.90
N ARG G 263 16.14 1.83 -69.47
CA ARG G 263 16.67 0.48 -69.46
C ARG G 263 15.99 -0.41 -68.43
N LEU G 264 15.87 0.07 -67.20
CA LEU G 264 15.47 -0.78 -66.08
C LEU G 264 13.97 -1.06 -66.12
N THR G 265 13.61 -2.03 -66.93
CA THR G 265 12.21 -2.40 -67.13
C THR G 265 11.80 -3.43 -66.09
N HIS G 266 11.36 -2.92 -64.95
CA HIS G 266 10.67 -3.71 -63.96
C HIS G 266 9.18 -3.40 -64.05
N ALA G 267 8.45 -4.22 -64.78
CA ALA G 267 7.03 -3.97 -64.94
C ALA G 267 6.24 -5.22 -64.58
N ASP G 268 5.00 -5.00 -64.19
CA ASP G 268 4.09 -6.11 -63.94
C ASP G 268 3.75 -6.81 -65.23
N THR G 269 3.24 -8.04 -65.12
CA THR G 269 2.83 -8.79 -66.30
C THR G 269 1.68 -8.09 -67.00
N ARG G 270 1.97 -7.66 -68.23
CA ARG G 270 1.10 -6.83 -69.06
C ARG G 270 0.69 -5.53 -68.35
N GLY G 271 1.67 -4.68 -68.06
CA GLY G 271 1.29 -3.34 -67.67
C GLY G 271 2.32 -2.69 -66.74
N ARG G 272 1.78 -2.15 -65.65
CA ARG G 272 2.32 -1.22 -64.65
C ARG G 272 3.78 -1.45 -64.24
N PRO G 273 4.57 -0.39 -64.12
CA PRO G 273 5.96 -0.54 -63.67
C PRO G 273 6.05 -0.65 -62.15
N VAL G 274 7.27 -0.93 -61.68
CA VAL G 274 7.54 -1.15 -60.26
C VAL G 274 8.48 -0.05 -59.77
N ASP G 275 8.24 0.46 -58.56
CA ASP G 275 9.11 1.49 -58.00
C ASP G 275 9.53 1.26 -56.55
N GLY G 276 9.30 0.07 -55.99
CA GLY G 276 9.65 -0.23 -54.62
C GLY G 276 10.44 -1.53 -54.52
N VAL G 277 11.00 -1.76 -53.32
CA VAL G 277 11.75 -2.99 -53.11
C VAL G 277 11.32 -3.78 -51.87
N LEU G 278 11.38 -3.15 -50.69
CA LEU G 278 10.97 -3.73 -49.40
C LEU G 278 11.49 -5.13 -49.06
N VAL G 279 12.77 -5.26 -48.78
CA VAL G 279 13.32 -6.53 -48.32
C VAL G 279 13.11 -6.65 -46.81
N THR G 280 12.39 -7.69 -46.39
CA THR G 280 12.20 -7.96 -44.98
C THR G 280 12.67 -9.37 -44.67
N THR G 281 12.40 -9.84 -43.45
CA THR G 281 12.62 -11.23 -43.13
C THR G 281 11.38 -12.05 -43.44
N ALA G 282 11.53 -13.37 -43.40
CA ALA G 282 10.48 -14.29 -43.82
C ALA G 282 9.31 -14.29 -42.85
N ALA G 283 9.60 -14.04 -41.57
CA ALA G 283 8.53 -13.99 -40.58
C ALA G 283 7.67 -12.76 -40.77
N ILE G 284 8.30 -11.61 -41.00
CA ILE G 284 7.57 -10.36 -41.18
C ILE G 284 6.88 -10.37 -42.54
N LYS G 285 7.48 -11.04 -43.52
CA LYS G 285 6.80 -11.20 -44.81
C LYS G 285 5.55 -12.02 -44.64
N GLN G 286 5.59 -13.00 -43.75
CA GLN G 286 4.50 -13.95 -43.56
C GLN G 286 3.24 -13.28 -43.03
N ARG G 287 3.33 -12.65 -41.86
CA ARG G 287 2.12 -12.15 -41.22
C ARG G 287 1.63 -10.88 -41.89
N LEU G 288 2.47 -10.25 -42.71
CA LEU G 288 2.04 -9.04 -43.37
C LEU G 288 1.10 -9.37 -44.52
N LEU G 289 1.58 -10.13 -45.50
CA LEU G 289 0.80 -10.37 -46.72
C LEU G 289 -0.37 -11.31 -46.45
N GLN G 290 -0.31 -12.02 -45.33
CA GLN G 290 -1.40 -12.89 -44.92
C GLN G 290 -2.67 -12.11 -44.62
N SER G 291 -2.55 -10.98 -43.93
CA SER G 291 -3.73 -10.32 -43.44
C SER G 291 -3.63 -8.81 -43.51
N PHE G 292 -2.83 -8.29 -44.44
CA PHE G 292 -2.83 -6.83 -44.59
C PHE G 292 -2.86 -6.36 -46.02
N LEU G 293 -2.36 -7.16 -46.95
CA LEU G 293 -2.01 -6.62 -48.26
C LEU G 293 -2.63 -7.48 -49.35
N LYS G 294 -2.24 -7.19 -50.59
CA LYS G 294 -2.82 -7.86 -51.75
C LYS G 294 -1.69 -8.36 -52.64
N VAL G 295 -2.06 -9.14 -53.65
CA VAL G 295 -1.13 -9.85 -54.50
C VAL G 295 -1.40 -9.47 -55.95
N GLU G 296 -0.34 -9.22 -56.72
CA GLU G 296 -0.38 -9.30 -58.18
C GLU G 296 1.01 -9.75 -58.64
N ASP G 297 1.19 -11.06 -58.80
CA ASP G 297 2.52 -11.64 -58.75
C ASP G 297 3.04 -12.03 -60.13
N THR G 298 4.27 -12.56 -60.15
CA THR G 298 4.95 -13.16 -61.31
C THR G 298 5.08 -12.16 -62.45
N GLU G 299 5.93 -11.17 -62.21
CA GLU G 299 6.12 -10.09 -63.16
C GLU G 299 7.29 -10.38 -64.09
N ALA G 300 7.59 -9.39 -64.93
CA ALA G 300 8.55 -9.53 -66.01
C ALA G 300 9.66 -8.50 -65.83
N ASP G 301 10.88 -8.98 -65.60
CA ASP G 301 12.05 -8.12 -65.51
C ASP G 301 13.16 -8.69 -66.40
N VAL G 302 14.25 -7.95 -66.49
CA VAL G 302 15.40 -8.33 -67.31
C VAL G 302 16.15 -9.46 -66.62
N PRO G 303 16.50 -10.53 -67.32
CA PRO G 303 17.47 -11.49 -66.79
C PRO G 303 18.90 -11.10 -67.14
N VAL G 304 19.05 -10.38 -68.25
CA VAL G 304 20.37 -9.98 -68.70
C VAL G 304 20.93 -8.93 -67.76
N THR G 305 22.16 -9.18 -67.31
CA THR G 305 22.76 -8.32 -66.32
C THR G 305 23.18 -7.02 -67.00
N TYR G 306 23.08 -5.91 -66.28
CA TYR G 306 22.71 -4.63 -66.86
C TYR G 306 23.82 -4.02 -67.71
N GLY G 307 23.84 -4.39 -68.98
CA GLY G 307 24.62 -3.69 -69.97
C GLY G 307 26.11 -3.91 -69.91
N GLU G 308 26.89 -2.97 -70.44
CA GLU G 308 28.33 -3.10 -70.51
C GLU G 308 28.97 -1.73 -70.68
N MET G 309 30.00 -1.49 -69.88
CA MET G 309 30.99 -0.44 -70.14
C MET G 309 32.31 -1.11 -70.44
N VAL G 310 32.85 -0.89 -71.63
CA VAL G 310 34.19 -1.36 -71.97
C VAL G 310 35.04 -0.16 -72.34
N LEU G 311 36.32 -0.23 -71.99
CA LEU G 311 37.24 0.82 -72.38
C LEU G 311 37.74 0.55 -73.78
N ASN G 312 36.90 0.89 -74.77
CA ASN G 312 37.19 0.69 -76.16
C ASN G 312 37.93 1.92 -76.66
N GLY G 313 38.20 1.99 -77.96
CA GLY G 313 39.03 3.01 -78.59
C GLY G 313 38.73 4.46 -78.29
N ALA G 314 37.47 4.76 -77.94
CA ALA G 314 37.16 6.09 -77.43
C ALA G 314 37.81 6.30 -76.07
N ASN G 315 37.61 5.36 -75.16
CA ASN G 315 38.18 5.47 -73.83
C ASN G 315 39.67 5.22 -73.84
N LEU G 316 40.06 4.09 -74.42
CA LEU G 316 41.39 3.48 -74.36
C LEU G 316 42.49 4.42 -74.83
N VAL G 317 42.19 5.24 -75.83
CA VAL G 317 43.13 6.24 -76.29
C VAL G 317 43.30 7.30 -75.22
N THR G 318 42.19 7.80 -74.70
CA THR G 318 42.24 8.79 -73.63
C THR G 318 42.73 8.20 -72.32
N ALA G 319 42.60 6.87 -72.19
CA ALA G 319 42.91 6.20 -70.94
C ALA G 319 44.39 6.28 -70.60
N LEU G 320 45.26 5.80 -71.49
CA LEU G 320 46.66 5.71 -71.11
C LEU G 320 47.43 6.97 -71.53
N VAL G 321 46.96 7.65 -72.57
CA VAL G 321 47.75 8.75 -73.13
C VAL G 321 47.62 9.99 -72.26
N MET G 322 46.40 10.31 -71.80
CA MET G 322 46.28 11.46 -70.93
C MET G 322 45.95 11.06 -69.50
N GLY G 323 45.38 9.88 -69.31
CA GLY G 323 44.82 9.57 -68.02
C GLY G 323 43.40 9.99 -67.85
N LYS G 324 42.72 10.37 -68.93
CA LYS G 324 41.36 10.83 -68.87
C LYS G 324 40.39 9.70 -69.20
N ALA G 325 39.23 9.72 -68.55
CA ALA G 325 38.23 8.71 -68.79
C ALA G 325 36.85 9.36 -68.77
N VAL G 326 36.08 9.08 -69.81
CA VAL G 326 34.71 9.56 -69.91
C VAL G 326 33.81 8.38 -70.21
N ARG G 327 32.79 8.21 -69.37
CA ARG G 327 31.74 7.24 -69.64
C ARG G 327 31.02 7.60 -70.94
N SER G 328 31.09 6.68 -71.90
CA SER G 328 30.48 6.82 -73.23
C SER G 328 30.97 8.06 -73.94
N LEU G 329 32.26 8.09 -74.27
CA LEU G 329 32.85 9.23 -74.94
C LEU G 329 32.41 9.31 -76.40
N ASP G 330 31.81 8.24 -76.94
CA ASP G 330 31.32 8.18 -78.30
C ASP G 330 30.31 9.28 -78.60
N ASP G 331 29.15 9.24 -77.95
CA ASP G 331 28.10 10.20 -78.27
C ASP G 331 28.44 11.59 -77.76
N VAL G 332 29.02 11.67 -76.56
CA VAL G 332 29.27 12.95 -75.93
C VAL G 332 30.49 13.59 -76.56
N GLY G 333 31.27 12.80 -77.30
CA GLY G 333 32.24 13.40 -78.20
C GLY G 333 31.60 13.83 -79.50
N ARG G 334 30.71 12.99 -80.03
CA ARG G 334 29.99 13.24 -81.27
C ARG G 334 29.09 14.45 -81.11
N HIS G 335 28.17 14.41 -80.12
CA HIS G 335 27.21 15.48 -79.90
C HIS G 335 27.88 16.80 -79.62
N LEU G 336 28.99 16.78 -78.88
CA LEU G 336 29.64 18.02 -78.56
C LEU G 336 30.55 18.47 -79.69
N LEU G 337 30.75 17.60 -80.69
CA LEU G 337 31.36 18.05 -81.94
C LEU G 337 30.32 18.68 -82.84
N ASP G 338 29.08 18.22 -82.74
CA ASP G 338 28.05 18.71 -83.65
C ASP G 338 27.43 20.00 -83.13
N MET G 339 27.34 20.15 -81.81
CA MET G 339 26.83 21.39 -81.26
C MET G 339 27.89 22.48 -81.40
N GLN G 340 29.15 22.07 -81.51
CA GLN G 340 30.22 22.94 -81.99
C GLN G 340 29.92 23.51 -83.36
N GLU G 341 29.39 22.71 -84.27
CA GLU G 341 28.85 23.31 -85.48
C GLU G 341 27.34 23.53 -85.39
N GLU G 342 26.82 23.79 -84.18
CA GLU G 342 25.40 23.98 -83.86
C GLU G 342 24.54 22.80 -84.28
N ASN G 347 23.72 19.16 -68.30
CA ASN G 347 23.14 19.73 -69.50
C ASN G 347 22.00 18.89 -70.08
N ARG G 348 21.61 19.19 -71.32
CA ARG G 348 20.46 18.61 -71.97
C ARG G 348 20.76 17.26 -72.62
N GLU G 349 21.76 16.54 -72.14
CA GLU G 349 22.18 15.28 -72.76
C GLU G 349 21.21 14.17 -72.38
N THR G 350 20.12 14.07 -73.13
CA THR G 350 19.06 13.09 -72.88
C THR G 350 19.38 11.72 -73.45
N LEU G 351 20.63 11.48 -73.87
CA LEU G 351 21.03 10.14 -74.28
C LEU G 351 21.82 9.45 -73.19
N ASP G 352 21.38 9.60 -71.94
CA ASP G 352 22.03 9.03 -70.75
C ASP G 352 21.97 7.50 -70.90
N GLU G 353 20.80 6.87 -70.85
CA GLU G 353 20.69 5.46 -71.20
C GLU G 353 19.28 5.17 -71.72
N LEU G 354 19.12 5.20 -73.03
CA LEU G 354 17.90 4.72 -73.68
C LEU G 354 18.27 4.25 -75.08
N GLU G 355 18.58 2.97 -75.21
CA GLU G 355 19.10 2.47 -76.48
C GLU G 355 18.26 1.37 -77.09
N SER G 356 18.07 0.27 -76.36
CA SER G 356 17.58 -0.95 -76.97
C SER G 356 16.45 -1.61 -76.20
N ALA G 357 16.33 -1.37 -74.88
CA ALA G 357 15.42 -2.03 -73.97
C ALA G 357 15.58 -3.54 -74.09
N PRO G 358 16.64 -4.13 -73.51
CA PRO G 358 16.99 -5.52 -73.80
C PRO G 358 15.97 -6.52 -73.27
N GLN G 359 16.26 -7.79 -73.49
CA GLN G 359 15.29 -8.88 -73.40
C GLN G 359 14.89 -9.11 -71.95
N THR G 360 13.58 -9.21 -71.71
CA THR G 360 13.07 -9.54 -70.39
C THR G 360 12.55 -10.97 -70.38
N THR G 361 12.49 -11.56 -69.19
CA THR G 361 11.84 -12.84 -68.99
C THR G 361 10.92 -12.71 -67.80
N ARG G 362 10.45 -13.86 -67.32
CA ARG G 362 9.41 -13.90 -66.31
C ARG G 362 9.94 -14.64 -65.09
N VAL G 363 9.82 -14.01 -63.93
CA VAL G 363 10.35 -14.56 -62.69
C VAL G 363 9.22 -14.60 -61.67
N ARG G 364 9.38 -15.45 -60.65
CA ARG G 364 8.53 -15.43 -59.47
C ARG G 364 8.84 -14.16 -58.70
N ALA G 365 7.94 -13.18 -58.80
CA ALA G 365 8.08 -11.92 -58.10
C ALA G 365 6.78 -11.59 -57.40
N ASP G 366 6.88 -11.00 -56.22
CA ASP G 366 5.71 -10.69 -55.41
C ASP G 366 5.54 -9.18 -55.37
N LEU G 367 4.51 -8.67 -56.02
CA LEU G 367 4.20 -7.26 -56.02
C LEU G 367 3.02 -7.01 -55.09
N VAL G 368 3.01 -5.86 -54.44
CA VAL G 368 1.90 -5.45 -53.61
C VAL G 368 1.42 -4.09 -54.07
N ALA G 369 0.22 -3.74 -53.67
CA ALA G 369 -0.37 -2.46 -53.99
C ALA G 369 -0.46 -1.64 -52.71
N ILE G 370 0.62 -0.94 -52.38
CA ILE G 370 0.62 -0.05 -51.23
C ILE G 370 -0.01 1.25 -51.69
N GLY G 371 -1.33 1.33 -51.58
CA GLY G 371 -2.05 2.52 -51.96
C GLY G 371 -1.90 2.82 -53.43
N ASP G 372 -1.07 3.81 -53.72
CA ASP G 372 -0.79 4.16 -55.10
C ASP G 372 0.23 3.19 -55.70
N ARG G 373 1.37 3.05 -55.05
CA ARG G 373 2.55 2.53 -55.74
C ARG G 373 2.48 1.03 -55.92
N LEU G 374 3.07 0.55 -57.02
CA LEU G 374 3.30 -0.86 -57.22
C LEU G 374 4.66 -1.18 -56.62
N VAL G 375 4.66 -1.82 -55.47
CA VAL G 375 5.87 -2.04 -54.72
C VAL G 375 6.21 -3.52 -54.74
N PHE G 376 7.44 -3.83 -55.11
CA PHE G 376 8.00 -5.18 -55.03
C PHE G 376 8.19 -5.53 -53.56
N LEU G 377 8.23 -6.83 -53.25
CA LEU G 377 8.45 -7.29 -51.88
C LEU G 377 8.93 -8.73 -51.89
N GLU G 378 10.13 -8.95 -51.38
CA GLU G 378 10.70 -10.28 -51.26
C GLU G 378 11.47 -10.38 -49.95
N ALA G 379 11.36 -11.54 -49.31
CA ALA G 379 12.12 -11.85 -48.11
C ALA G 379 13.14 -12.90 -48.51
N LEU G 380 14.36 -12.77 -48.02
CA LEU G 380 15.43 -13.61 -48.52
C LEU G 380 16.37 -14.08 -47.41
N GLU G 381 16.00 -15.16 -46.74
CA GLU G 381 16.97 -15.90 -45.94
C GLU G 381 17.23 -17.24 -46.61
N LYS G 382 16.16 -17.96 -46.91
CA LYS G 382 16.30 -19.26 -47.55
C LYS G 382 16.84 -19.13 -48.97
N ARG G 383 16.65 -17.97 -49.60
CA ARG G 383 17.17 -17.76 -50.94
C ARG G 383 18.69 -17.76 -50.99
N ILE G 384 19.36 -16.78 -50.38
CA ILE G 384 20.79 -16.59 -50.55
C ILE G 384 21.52 -16.41 -49.23
N TYR G 385 20.81 -16.17 -48.12
CA TYR G 385 21.49 -16.15 -46.84
C TYR G 385 21.45 -17.48 -46.12
N ALA G 386 20.94 -18.51 -46.78
CA ALA G 386 20.73 -19.78 -46.08
C ALA G 386 22.04 -20.50 -45.82
N ALA G 387 22.12 -21.12 -44.64
CA ALA G 387 23.07 -22.15 -44.24
C ALA G 387 24.54 -21.73 -44.29
N THR G 388 24.87 -20.46 -44.24
CA THR G 388 26.27 -20.10 -44.13
C THR G 388 26.57 -19.58 -42.74
N ASN G 389 27.79 -19.10 -42.55
CA ASN G 389 28.17 -18.39 -41.34
C ASN G 389 28.14 -16.88 -41.51
N VAL G 390 27.39 -16.38 -42.49
CA VAL G 390 27.22 -14.94 -42.64
C VAL G 390 25.89 -14.57 -41.99
N PRO G 391 25.87 -13.55 -41.14
CA PRO G 391 24.59 -13.13 -40.54
C PRO G 391 23.67 -12.50 -41.56
N TYR G 392 22.39 -12.39 -41.22
CA TYR G 392 21.43 -11.70 -42.06
C TYR G 392 21.48 -10.22 -41.72
N PRO G 393 21.31 -9.31 -42.67
CA PRO G 393 21.47 -7.89 -42.33
C PRO G 393 20.32 -7.29 -41.56
N LEU G 394 19.08 -7.48 -42.03
CA LEU G 394 17.99 -6.66 -41.51
C LEU G 394 17.55 -7.11 -40.13
N VAL G 395 18.03 -8.27 -39.68
CA VAL G 395 17.98 -8.52 -38.25
C VAL G 395 19.03 -7.64 -37.60
N GLY G 396 18.58 -6.58 -36.95
CA GLY G 396 19.46 -5.57 -36.41
C GLY G 396 19.47 -5.59 -34.91
N ALA G 397 20.06 -4.55 -34.33
CA ALA G 397 20.17 -4.47 -32.88
C ALA G 397 20.21 -3.00 -32.46
N MET G 398 19.35 -2.68 -31.51
CA MET G 398 19.39 -1.38 -30.86
C MET G 398 19.53 -1.61 -29.36
N ASP G 399 20.07 -0.62 -28.68
CA ASP G 399 20.22 -0.65 -27.24
C ASP G 399 19.89 0.72 -26.66
N LEU G 400 19.68 0.77 -25.36
CA LEU G 400 19.21 1.98 -24.73
C LEU G 400 19.97 2.23 -23.43
N THR G 401 19.67 3.35 -22.80
CA THR G 401 20.09 3.64 -21.43
C THR G 401 18.85 3.83 -20.57
N PHE G 402 18.95 3.45 -19.31
CA PHE G 402 17.77 3.39 -18.46
C PHE G 402 18.05 4.07 -17.14
N VAL G 403 16.97 4.37 -16.42
CA VAL G 403 17.04 5.12 -15.18
C VAL G 403 16.33 4.33 -14.09
N LEU G 404 17.02 4.06 -12.99
CA LEU G 404 16.30 3.56 -11.86
C LEU G 404 16.57 4.43 -10.66
N PRO G 405 15.58 5.08 -10.11
CA PRO G 405 15.80 5.97 -8.96
C PRO G 405 15.89 5.25 -7.62
N LEU G 406 17.09 4.87 -7.21
CA LEU G 406 17.28 4.37 -5.86
C LEU G 406 17.12 5.47 -4.82
N GLY G 407 16.37 5.15 -3.78
CA GLY G 407 16.47 5.84 -2.52
C GLY G 407 15.89 7.24 -2.46
N LEU G 408 15.16 7.69 -3.46
CA LEU G 408 14.63 9.05 -3.41
C LEU G 408 13.45 9.10 -2.45
N PHE G 409 12.88 10.29 -2.31
CA PHE G 409 11.81 10.47 -1.34
C PHE G 409 10.81 11.49 -1.87
N ASN G 410 9.54 11.25 -1.59
CA ASN G 410 8.49 12.02 -2.22
C ASN G 410 8.34 13.37 -1.54
N PRO G 411 7.93 14.40 -2.27
CA PRO G 411 7.77 15.73 -1.67
C PRO G 411 6.57 15.80 -0.73
N ALA G 412 6.31 17.01 -0.22
CA ALA G 412 5.28 17.19 0.80
C ALA G 412 3.88 17.24 0.21
N MET G 413 3.77 17.08 -1.09
CA MET G 413 2.46 16.98 -1.70
C MET G 413 2.03 15.55 -1.93
N GLU G 414 2.97 14.63 -2.10
CA GLU G 414 2.71 13.33 -2.68
C GLU G 414 2.86 12.18 -1.70
N ARG G 415 2.36 12.32 -0.47
CA ARG G 415 2.58 11.33 0.57
C ARG G 415 1.29 10.68 1.04
N PHE G 416 0.25 10.70 0.23
CA PHE G 416 -1.06 10.16 0.60
C PHE G 416 -1.15 8.67 0.26
N ALA G 417 -2.37 8.14 0.32
CA ALA G 417 -2.63 6.72 0.08
C ALA G 417 -3.82 6.48 -0.84
N ALA G 418 -4.63 7.51 -1.09
CA ALA G 418 -5.80 7.53 -1.97
C ALA G 418 -6.94 6.64 -1.51
N HIS G 419 -6.86 6.12 -0.29
CA HIS G 419 -7.93 5.36 0.37
C HIS G 419 -7.56 5.16 1.82
N ALA G 420 -8.54 4.94 2.68
CA ALA G 420 -8.23 4.47 4.01
C ALA G 420 -7.74 3.03 3.92
N GLY G 421 -8.64 2.15 3.54
CA GLY G 421 -8.32 0.75 3.59
C GLY G 421 -7.67 0.25 2.32
N ASP G 422 -6.34 0.16 2.37
CA ASP G 422 -5.47 -0.43 1.36
C ASP G 422 -4.06 -0.49 1.93
N LEU G 423 -3.38 -1.61 1.63
CA LEU G 423 -1.99 -1.88 2.01
C LEU G 423 -1.83 -1.87 3.53
N VAL G 424 -2.88 -2.28 4.23
CA VAL G 424 -2.99 -2.15 5.68
C VAL G 424 -2.36 -3.37 6.34
N PRO G 425 -1.46 -3.19 7.29
CA PRO G 425 -0.82 -4.33 7.95
C PRO G 425 -1.72 -4.93 9.01
N ALA G 426 -1.22 -6.01 9.61
CA ALA G 426 -1.83 -6.68 10.76
C ALA G 426 -1.82 -5.71 11.93
N PRO G 427 -2.79 -5.78 12.86
CA PRO G 427 -3.03 -4.64 13.78
C PRO G 427 -1.89 -4.26 14.70
N GLY G 428 -1.32 -5.23 15.43
CA GLY G 428 -0.18 -4.91 16.26
C GLY G 428 1.13 -5.04 15.52
N HIS G 429 1.36 -4.20 14.53
CA HIS G 429 2.55 -4.32 13.69
C HIS G 429 2.95 -2.94 13.21
N PRO G 430 4.23 -2.72 12.94
CA PRO G 430 4.67 -1.40 12.46
C PRO G 430 4.33 -1.18 11.00
N GLU G 431 4.70 -0.01 10.52
CA GLU G 431 4.44 0.32 9.12
C GLU G 431 5.72 0.23 8.31
N PRO G 432 5.87 -0.80 7.48
CA PRO G 432 7.03 -0.85 6.60
C PRO G 432 6.93 0.10 5.42
N ARG G 433 5.79 0.74 5.21
CA ARG G 433 5.62 1.49 3.98
C ARG G 433 5.75 2.98 4.22
N ALA G 434 5.92 3.39 5.46
CA ALA G 434 6.37 4.73 5.77
C ALA G 434 7.89 4.84 5.75
N PHE G 435 8.60 3.71 5.58
CA PHE G 435 10.06 3.68 5.52
C PHE G 435 10.56 4.46 4.32
N PRO G 436 11.67 5.17 4.46
CA PRO G 436 12.39 5.66 3.28
C PRO G 436 12.86 4.50 2.44
N PRO G 437 12.44 4.42 1.19
CA PRO G 437 12.54 3.17 0.44
C PRO G 437 13.98 2.87 0.03
N ARG G 438 14.50 1.77 0.56
CA ARG G 438 15.87 1.37 0.33
C ARG G 438 15.97 0.16 -0.59
N GLN G 439 14.85 -0.37 -1.03
CA GLN G 439 14.78 -1.48 -1.96
C GLN G 439 14.14 -0.99 -3.25
N LEU G 440 14.34 -1.72 -4.34
CA LEU G 440 13.79 -1.29 -5.61
C LEU G 440 13.56 -2.52 -6.48
N PHE G 441 12.48 -2.50 -7.24
CA PHE G 441 11.93 -3.71 -7.86
C PHE G 441 11.54 -3.46 -9.30
N PHE G 442 11.89 -4.40 -10.16
CA PHE G 442 11.39 -4.39 -11.53
C PHE G 442 11.39 -5.82 -12.03
N TRP G 443 11.07 -5.98 -13.31
CA TRP G 443 10.91 -7.30 -13.90
C TRP G 443 12.08 -7.64 -14.79
N GLY G 444 12.56 -8.87 -14.69
CA GLY G 444 13.70 -9.33 -15.46
C GLY G 444 13.36 -9.54 -16.92
N LYS G 445 14.06 -10.49 -17.54
CA LYS G 445 13.66 -10.89 -18.88
C LYS G 445 12.78 -12.14 -18.83
N ASP G 446 11.79 -12.11 -17.95
CA ASP G 446 10.74 -13.12 -17.82
C ASP G 446 9.53 -12.53 -17.14
N HIS G 447 8.64 -13.40 -16.66
CA HIS G 447 7.70 -13.05 -15.60
C HIS G 447 8.39 -13.22 -14.24
N GLN G 448 9.49 -12.51 -14.05
CA GLN G 448 10.41 -12.74 -12.94
C GLN G 448 10.65 -11.42 -12.24
N VAL G 449 10.72 -11.44 -10.92
CA VAL G 449 10.96 -10.22 -10.15
C VAL G 449 12.46 -10.10 -9.91
N LEU G 450 12.92 -8.88 -9.66
CA LEU G 450 14.29 -8.59 -9.27
C LEU G 450 14.29 -7.55 -8.15
N ARG G 451 15.42 -7.44 -7.46
CA ARG G 451 15.52 -6.53 -6.33
C ARG G 451 16.84 -5.79 -6.37
N LEU G 452 16.78 -4.47 -6.18
CA LEU G 452 17.97 -3.63 -6.04
C LEU G 452 17.91 -2.94 -4.69
N SER G 453 18.82 -3.31 -3.80
CA SER G 453 18.87 -2.75 -2.46
C SER G 453 19.63 -1.43 -2.49
N MET G 454 20.01 -0.97 -1.31
CA MET G 454 21.11 -0.03 -1.20
C MET G 454 22.37 -0.71 -0.70
N GLU G 455 22.24 -1.94 -0.21
CA GLU G 455 23.41 -2.82 -0.09
C GLU G 455 23.93 -3.21 -1.46
N ASN G 456 23.08 -3.12 -2.48
CA ASN G 456 23.49 -3.02 -3.88
C ASN G 456 24.59 -1.98 -4.09
N ALA G 457 24.56 -0.86 -3.38
CA ALA G 457 25.50 0.22 -3.63
C ALA G 457 26.86 0.03 -2.99
N VAL G 458 27.22 -1.22 -2.63
CA VAL G 458 28.46 -1.46 -1.90
C VAL G 458 29.68 -1.24 -2.80
N GLY G 459 29.56 -1.52 -4.09
CA GLY G 459 30.76 -1.54 -4.90
C GLY G 459 31.07 -0.23 -5.57
N THR G 460 30.37 0.83 -5.17
CA THR G 460 30.50 2.07 -5.90
C THR G 460 30.80 3.24 -4.96
N VAL G 461 30.16 3.24 -3.80
CA VAL G 461 30.27 4.38 -2.91
C VAL G 461 31.45 4.15 -1.98
N CYS G 462 31.97 2.93 -1.95
CA CYS G 462 32.97 2.53 -0.98
C CYS G 462 34.40 2.55 -1.51
N HIS G 463 34.61 2.95 -2.75
CA HIS G 463 35.94 3.05 -3.28
C HIS G 463 36.66 4.24 -2.66
N PRO G 464 37.99 4.20 -2.55
CA PRO G 464 38.72 5.39 -2.09
C PRO G 464 38.88 6.47 -3.15
N SER G 465 37.80 6.83 -3.82
CA SER G 465 37.75 8.01 -4.65
C SER G 465 36.75 9.02 -4.14
N LEU G 466 35.93 8.62 -3.16
CA LEU G 466 35.05 9.57 -2.48
C LEU G 466 35.87 10.64 -1.77
N MET G 467 37.04 10.29 -1.29
CA MET G 467 37.95 11.24 -0.70
C MET G 467 39.00 11.74 -1.68
N ASN G 468 38.67 11.90 -2.95
CA ASN G 468 39.63 12.33 -3.95
C ASN G 468 39.19 13.65 -4.55
N ILE G 469 39.47 14.75 -3.85
CA ILE G 469 39.04 16.07 -4.30
C ILE G 469 40.19 17.00 -4.61
N ASP G 470 41.32 16.48 -5.12
CA ASP G 470 42.46 17.31 -5.44
C ASP G 470 42.19 18.27 -6.59
N ALA G 471 41.60 17.80 -7.69
CA ALA G 471 41.42 18.65 -8.85
C ALA G 471 40.28 19.63 -8.63
N ALA G 472 39.40 19.32 -7.67
CA ALA G 472 38.24 20.15 -7.42
C ALA G 472 38.63 21.50 -6.86
N VAL G 473 39.46 21.50 -5.81
CA VAL G 473 39.87 22.74 -5.18
C VAL G 473 40.77 23.56 -6.11
N GLY G 474 41.51 22.88 -6.98
CA GLY G 474 42.38 23.58 -7.89
C GLY G 474 41.61 24.24 -9.02
N GLY G 475 40.64 23.52 -9.58
CA GLY G 475 39.90 24.03 -10.71
C GLY G 475 38.94 25.14 -10.36
N VAL G 476 38.50 25.22 -9.11
CA VAL G 476 37.63 26.30 -8.69
C VAL G 476 38.44 27.50 -8.21
N ASN G 477 39.74 27.34 -8.01
CA ASN G 477 40.53 28.33 -7.27
C ASN G 477 40.77 29.59 -8.09
N HIS G 478 41.06 29.44 -9.37
CA HIS G 478 41.25 30.58 -10.27
C HIS G 478 39.93 31.33 -10.45
N ASP G 479 40.05 32.56 -10.95
CA ASP G 479 38.99 33.57 -10.98
C ASP G 479 38.44 33.73 -9.57
N PRO G 480 39.15 34.45 -8.71
CA PRO G 480 38.89 34.35 -7.27
C PRO G 480 37.59 35.02 -6.84
N VAL G 481 37.27 34.84 -5.55
CA VAL G 481 36.09 35.41 -4.94
C VAL G 481 36.55 36.50 -3.98
N GLU G 482 35.69 37.51 -3.80
CA GLU G 482 36.05 38.64 -2.95
C GLU G 482 35.87 38.28 -1.48
N ALA G 483 36.06 39.28 -0.62
CA ALA G 483 35.96 39.11 0.83
C ALA G 483 34.53 38.80 1.21
N ALA G 484 34.31 37.59 1.73
CA ALA G 484 32.99 37.16 2.14
C ALA G 484 32.81 37.22 3.64
N ASN G 485 33.30 38.29 4.29
CA ASN G 485 33.27 38.73 5.69
C ASN G 485 33.30 37.57 6.68
N PRO G 486 34.40 36.80 6.69
CA PRO G 486 34.35 35.40 7.10
C PRO G 486 34.09 35.18 8.58
N TYR G 487 32.81 35.29 8.96
CA TYR G 487 32.43 34.94 10.32
C TYR G 487 32.64 33.47 10.60
N GLY G 488 31.88 32.62 9.92
CA GLY G 488 31.99 31.19 10.12
C GLY G 488 33.06 30.53 9.30
N ALA G 489 33.81 31.30 8.53
CA ALA G 489 34.84 30.76 7.67
C ALA G 489 36.24 31.02 8.19
N TYR G 490 36.41 31.15 9.50
CA TYR G 490 37.70 31.45 10.10
C TYR G 490 37.73 31.00 11.55
N VAL G 491 38.83 30.38 11.93
CA VAL G 491 39.06 29.96 13.31
C VAL G 491 40.00 30.98 13.94
N ALA G 492 39.65 31.44 15.13
CA ALA G 492 40.55 32.28 15.91
C ALA G 492 41.22 31.43 16.98
N ALA G 493 42.50 31.65 17.19
CA ALA G 493 43.13 31.11 18.38
C ALA G 493 42.66 31.91 19.59
N PRO G 494 42.55 31.30 20.77
CA PRO G 494 42.11 32.04 21.95
C PRO G 494 43.17 33.04 22.39
N ALA G 495 42.72 34.12 23.02
CA ALA G 495 43.60 35.18 23.51
C ALA G 495 43.03 35.70 24.83
N GLY G 496 43.88 35.80 25.85
CA GLY G 496 43.47 36.28 27.14
C GLY G 496 42.62 35.27 27.88
N PRO G 497 42.02 35.69 28.99
CA PRO G 497 41.10 34.81 29.70
C PRO G 497 39.79 34.67 28.94
N GLY G 498 39.00 33.69 29.35
CA GLY G 498 37.67 33.58 28.80
C GLY G 498 36.70 34.60 29.33
N ALA G 499 37.08 35.33 30.38
CA ALA G 499 36.17 36.21 31.09
C ALA G 499 35.75 37.39 30.23
N ASP G 500 36.65 37.88 29.37
CA ASP G 500 36.34 39.04 28.54
C ASP G 500 36.25 38.71 27.05
N MET G 501 36.26 37.42 26.70
CA MET G 501 36.51 36.99 25.32
C MET G 501 35.39 37.41 24.37
N GLN G 502 34.18 37.61 24.91
CA GLN G 502 33.07 38.14 24.12
C GLN G 502 33.37 39.56 23.68
N GLN G 503 33.76 40.40 24.63
CA GLN G 503 33.94 41.83 24.37
C GLN G 503 35.15 42.09 23.49
N ARG G 504 36.05 41.11 23.38
CA ARG G 504 36.92 41.05 22.22
C ARG G 504 36.10 40.92 20.94
N PHE G 505 35.36 39.83 20.84
CA PHE G 505 34.83 39.39 19.55
C PHE G 505 33.60 40.17 19.16
N LEU G 506 32.91 40.74 20.15
CA LEU G 506 31.84 41.68 19.93
C LEU G 506 32.35 42.90 19.18
N ASN G 507 33.47 43.45 19.63
CA ASN G 507 34.01 44.65 19.00
C ASN G 507 34.86 44.32 17.78
N ALA G 508 35.43 43.12 17.74
CA ALA G 508 36.26 42.76 16.60
C ALA G 508 35.41 42.48 15.36
N TRP G 509 34.31 41.75 15.54
CA TRP G 509 33.36 41.60 14.45
C TRP G 509 32.20 42.57 14.56
N ARG G 510 32.48 43.80 14.96
CA ARG G 510 31.45 44.82 14.91
C ARG G 510 31.29 45.34 13.48
N GLN G 511 32.26 45.05 12.62
CA GLN G 511 32.28 45.68 11.30
C GLN G 511 31.80 44.75 10.20
N ARG G 512 32.41 43.59 10.05
CA ARG G 512 32.18 42.68 8.92
C ARG G 512 31.13 41.65 9.33
N LEU G 513 30.15 42.09 10.09
CA LEU G 513 29.05 41.23 10.51
C LEU G 513 27.76 41.80 9.97
N ALA G 514 27.62 43.13 10.02
CA ALA G 514 26.48 43.78 9.38
C ALA G 514 26.77 44.10 7.93
N HIS G 515 27.91 43.63 7.41
CA HIS G 515 28.30 43.86 6.03
C HIS G 515 27.37 43.16 5.04
N GLY G 516 27.35 41.83 5.10
CA GLY G 516 26.50 41.04 4.24
C GLY G 516 25.83 39.92 5.02
N ARG G 517 25.66 38.80 4.35
CA ARG G 517 25.08 37.61 4.96
C ARG G 517 26.10 36.48 4.98
N VAL G 518 25.85 35.48 5.82
CA VAL G 518 26.67 34.28 5.85
C VAL G 518 26.30 33.40 4.66
N ARG G 519 27.10 32.35 4.42
CA ARG G 519 26.89 31.50 3.26
C ARG G 519 25.57 30.78 3.33
N TRP G 520 25.17 30.36 4.52
CA TRP G 520 23.85 29.75 4.67
C TRP G 520 22.78 30.84 4.75
N VAL G 521 21.83 30.74 3.84
CA VAL G 521 20.52 31.35 3.97
C VAL G 521 19.43 30.32 3.70
N ALA G 522 19.85 29.08 3.44
CA ALA G 522 18.97 28.08 2.83
C ALA G 522 17.97 27.52 3.82
N GLU G 523 18.04 27.94 5.07
CA GLU G 523 17.02 27.56 6.04
C GLU G 523 15.71 28.24 5.71
N CYS G 524 15.79 29.43 5.13
CA CYS G 524 14.61 30.04 4.57
C CYS G 524 14.26 29.48 3.20
N GLN G 525 15.24 28.99 2.44
CA GLN G 525 14.99 28.47 1.11
C GLN G 525 14.28 27.13 1.16
N MET G 526 13.24 27.00 0.36
CA MET G 526 12.61 25.71 0.17
C MET G 526 13.44 24.89 -0.81
N THR G 527 13.11 23.61 -0.93
CA THR G 527 13.78 22.76 -1.89
C THR G 527 13.39 23.14 -3.30
N ALA G 528 14.32 22.90 -4.22
CA ALA G 528 14.33 23.24 -5.65
C ALA G 528 14.43 24.74 -5.89
N GLU G 529 14.34 25.58 -4.86
CA GLU G 529 14.83 26.94 -4.92
C GLU G 529 16.33 26.99 -4.90
N GLN G 530 16.96 25.95 -4.37
CA GLN G 530 18.38 25.75 -4.58
C GLN G 530 18.70 25.26 -5.98
N PHE G 531 17.86 24.41 -6.55
CA PHE G 531 18.07 23.91 -7.90
C PHE G 531 17.87 24.96 -8.97
N MET G 532 17.21 26.08 -8.67
CA MET G 532 16.96 27.08 -9.69
C MET G 532 18.13 28.04 -9.78
N GLN G 533 18.34 28.57 -10.98
CA GLN G 533 19.49 29.44 -11.21
C GLN G 533 19.48 30.74 -10.40
N PRO G 534 18.35 31.48 -10.21
CA PRO G 534 18.42 32.59 -9.27
C PRO G 534 18.51 32.15 -7.82
N ASP G 535 18.70 33.13 -6.93
CA ASP G 535 18.56 33.07 -5.49
C ASP G 535 19.58 32.16 -4.81
N ASN G 536 20.49 31.55 -5.55
CA ASN G 536 21.54 30.72 -4.99
C ASN G 536 22.80 31.02 -5.79
N ALA G 537 23.57 31.99 -5.34
CA ALA G 537 24.90 32.17 -5.88
C ALA G 537 25.83 31.08 -5.40
N ASN G 538 25.50 30.43 -4.30
CA ASN G 538 26.28 29.33 -3.75
C ASN G 538 25.94 27.99 -4.38
N LEU G 539 25.12 28.00 -5.45
CA LEU G 539 24.83 26.76 -6.15
C LEU G 539 26.06 26.19 -6.82
N ALA G 540 26.90 27.04 -7.40
CA ALA G 540 28.14 26.58 -8.03
C ALA G 540 29.22 26.24 -7.01
N LEU G 541 28.89 26.28 -5.73
CA LEU G 541 29.80 25.96 -4.65
C LEU G 541 29.45 24.66 -3.94
N GLU G 542 28.31 24.06 -4.29
CA GLU G 542 27.91 22.76 -3.73
C GLU G 542 28.28 21.69 -4.74
N LEU G 543 29.35 20.96 -4.45
CA LEU G 543 29.90 20.01 -5.41
C LEU G 543 29.94 18.60 -4.86
N HIS G 544 30.33 18.44 -3.61
CA HIS G 544 30.52 17.06 -3.25
C HIS G 544 29.53 16.67 -2.17
N PRO G 545 29.08 15.42 -2.16
CA PRO G 545 28.25 14.97 -1.03
C PRO G 545 29.04 14.88 0.26
N ALA G 546 30.35 14.67 0.18
CA ALA G 546 31.17 14.50 1.36
C ALA G 546 31.96 15.74 1.76
N PHE G 547 31.69 16.88 1.15
CA PHE G 547 32.54 18.05 1.33
C PHE G 547 31.76 19.34 1.21
N ASP G 548 32.51 20.43 1.24
CA ASP G 548 31.98 21.78 1.16
C ASP G 548 32.99 22.67 0.46
N PHE G 549 32.52 23.49 -0.45
CA PHE G 549 33.33 24.56 -0.99
C PHE G 549 32.70 25.89 -0.61
N PHE G 550 33.44 26.66 0.18
CA PHE G 550 32.95 27.91 0.73
C PHE G 550 34.09 28.92 0.70
N ALA G 551 33.71 30.20 0.68
CA ALA G 551 34.66 31.30 0.60
C ALA G 551 35.22 31.57 1.99
N GLY G 552 36.46 31.15 2.21
CA GLY G 552 37.13 31.38 3.47
C GLY G 552 38.28 32.37 3.35
N VAL G 553 39.10 32.39 4.39
CA VAL G 553 40.25 33.28 4.41
C VAL G 553 41.32 32.78 3.45
N ALA G 554 42.23 33.68 3.08
CA ALA G 554 43.16 33.36 1.99
C ALA G 554 44.30 32.48 2.46
N ASP G 555 45.19 33.01 3.30
CA ASP G 555 46.50 32.41 3.50
C ASP G 555 46.92 32.33 4.95
N VAL G 556 46.25 33.05 5.84
CA VAL G 556 46.60 33.04 7.25
C VAL G 556 46.30 31.67 7.85
N GLU G 557 47.29 31.08 8.50
CA GLU G 557 47.11 29.77 9.13
C GLU G 557 46.13 29.93 10.29
N LEU G 558 45.26 28.91 10.43
CA LEU G 558 44.00 29.12 11.13
C LEU G 558 44.14 29.27 12.65
N PRO G 559 44.83 28.37 13.41
CA PRO G 559 44.88 28.61 14.86
C PRO G 559 45.77 29.78 15.25
N GLY G 560 45.37 30.98 14.89
CA GLY G 560 46.17 32.15 15.12
C GLY G 560 45.42 33.39 14.72
N GLY G 561 45.74 34.49 15.40
CA GLY G 561 45.18 35.79 15.08
C GLY G 561 43.77 35.94 15.59
N GLU G 562 43.31 37.19 15.52
CA GLU G 562 41.92 37.48 15.84
C GLU G 562 41.20 38.00 14.61
N VAL G 563 41.68 39.10 14.05
CA VAL G 563 41.00 39.76 12.93
C VAL G 563 41.72 39.39 11.64
N PRO G 564 41.12 38.58 10.78
CA PRO G 564 41.78 38.19 9.55
C PRO G 564 41.78 39.33 8.54
N PRO G 565 42.78 39.37 7.67
CA PRO G 565 42.90 40.47 6.70
C PRO G 565 41.91 40.38 5.56
N ALA G 566 40.72 40.95 5.75
CA ALA G 566 39.68 41.05 4.72
C ALA G 566 40.21 41.66 3.44
N GLY G 567 40.02 40.94 2.34
CA GLY G 567 40.67 41.25 1.09
C GLY G 567 40.33 40.22 0.05
N PRO G 568 41.34 39.62 -0.57
CA PRO G 568 41.07 38.50 -1.49
C PRO G 568 40.60 37.27 -0.72
N GLY G 569 39.91 36.37 -1.40
CA GLY G 569 39.33 35.23 -0.70
C GLY G 569 39.79 33.90 -1.27
N ALA G 570 39.56 32.82 -0.53
CA ALA G 570 39.97 31.50 -0.96
C ALA G 570 38.82 30.51 -0.81
N ILE G 571 38.91 29.45 -1.59
CA ILE G 571 37.82 28.50 -1.78
C ILE G 571 38.39 27.08 -1.65
N GLN G 572 38.31 26.52 -0.45
CA GLN G 572 39.17 25.35 -0.25
C GLN G 572 38.51 24.00 -0.01
N ALA G 573 37.92 23.79 1.17
CA ALA G 573 37.37 22.52 1.65
C ALA G 573 36.91 22.78 3.07
N THR G 574 36.07 21.93 3.65
CA THR G 574 36.44 21.56 5.00
C THR G 574 36.55 20.06 5.20
N TRP G 575 35.42 19.41 5.47
CA TRP G 575 35.05 18.00 5.28
C TRP G 575 33.69 17.85 5.90
N ARG G 576 32.77 17.20 5.22
CA ARG G 576 31.47 16.90 5.84
C ARG G 576 31.63 15.68 6.73
N VAL G 577 31.27 15.81 7.99
CA VAL G 577 31.61 14.78 8.96
C VAL G 577 30.54 13.71 8.99
N VAL G 578 29.34 14.07 9.40
CA VAL G 578 28.25 13.15 9.48
C VAL G 578 27.21 13.55 8.45
N ASN G 579 26.23 12.67 8.22
CA ASN G 579 25.26 12.87 7.15
C ASN G 579 24.33 14.05 7.39
N GLY G 580 24.12 14.46 8.63
CA GLY G 580 23.25 15.56 8.93
C GLY G 580 23.74 16.93 8.48
N ASN G 581 25.00 17.04 8.10
CA ASN G 581 25.55 18.31 7.63
C ASN G 581 25.08 18.68 6.23
N LEU G 582 24.31 17.84 5.56
CA LEU G 582 23.77 18.22 4.26
C LEU G 582 22.66 19.25 4.45
N PRO G 583 22.55 20.24 3.56
CA PRO G 583 21.64 21.36 3.82
C PRO G 583 20.20 20.97 3.64
N LEU G 584 19.32 21.69 4.32
CA LEU G 584 17.96 21.21 4.51
C LEU G 584 17.05 21.44 3.30
N ALA G 585 17.58 21.83 2.15
CA ALA G 585 16.81 21.71 0.92
C ALA G 585 17.15 20.41 0.20
N LEU G 586 18.12 19.66 0.70
CA LEU G 586 18.51 18.40 0.08
C LEU G 586 18.10 17.23 0.95
N CYS G 587 18.15 17.41 2.27
CA CYS G 587 17.55 16.51 3.23
C CYS G 587 16.35 17.25 3.82
N PRO G 588 15.13 16.82 3.51
CA PRO G 588 13.96 17.46 4.09
C PRO G 588 13.89 17.24 5.59
N VAL G 589 13.22 18.16 6.27
CA VAL G 589 13.08 18.07 7.71
C VAL G 589 12.20 16.89 8.07
N ALA G 590 11.12 16.70 7.31
CA ALA G 590 10.20 15.58 7.55
C ALA G 590 10.87 14.25 7.25
N PHE G 591 11.88 14.26 6.38
CA PHE G 591 12.66 13.06 6.12
C PHE G 591 13.46 12.64 7.33
N ARG G 592 13.92 13.60 8.12
CA ARG G 592 14.71 13.28 9.30
C ARG G 592 13.83 12.60 10.35
N ASP G 593 12.60 13.08 10.49
CA ASP G 593 11.68 12.42 11.40
C ASP G 593 11.17 11.12 10.80
N ALA G 594 11.17 11.01 9.47
CA ALA G 594 10.76 9.78 8.83
C ALA G 594 11.69 8.64 9.20
N ARG G 595 13.00 8.90 9.18
CA ARG G 595 13.96 7.89 9.58
C ARG G 595 13.85 7.60 11.07
N GLY G 596 13.64 8.64 11.86
CA GLY G 596 13.70 8.54 13.31
C GLY G 596 12.65 7.69 13.98
N LEU G 597 11.38 7.91 13.62
CA LEU G 597 10.27 7.16 14.18
C LEU G 597 10.39 5.66 13.90
N GLU G 598 10.89 5.32 12.72
CA GLU G 598 10.92 3.94 12.31
C GLU G 598 12.13 3.21 12.84
N LEU G 599 13.06 3.93 13.44
CA LEU G 599 14.04 3.28 14.27
C LEU G 599 13.50 3.22 15.69
N GLY G 600 12.47 4.01 15.97
CA GLY G 600 11.89 4.10 17.29
C GLY G 600 11.21 2.83 17.75
N VAL G 601 10.74 2.04 16.79
CA VAL G 601 10.10 0.77 17.10
C VAL G 601 11.16 -0.21 17.60
N GLY G 602 10.73 -1.14 18.44
CA GLY G 602 11.60 -2.21 18.92
C GLY G 602 12.53 -1.83 20.04
N ARG G 603 12.64 -0.55 20.38
CA ARG G 603 13.67 -0.10 21.29
C ARG G 603 13.03 0.69 22.43
N HIS G 604 13.78 0.85 23.52
CA HIS G 604 13.30 1.55 24.69
C HIS G 604 13.15 3.04 24.43
N ALA G 605 12.07 3.60 24.96
CA ALA G 605 11.77 5.01 24.77
C ALA G 605 11.43 5.62 26.11
N MET G 606 11.48 6.95 26.20
CA MET G 606 11.01 7.64 27.37
C MET G 606 9.50 7.49 27.50
N ALA G 607 9.03 7.52 28.74
CA ALA G 607 7.60 7.59 28.99
C ALA G 607 7.07 8.95 28.51
N PRO G 608 5.84 8.99 28.00
CA PRO G 608 5.34 10.26 27.47
C PRO G 608 4.99 11.26 28.56
N ALA G 609 4.73 10.77 29.76
CA ALA G 609 4.37 11.66 30.85
C ALA G 609 5.61 12.34 31.42
N THR G 610 6.70 11.60 31.53
CA THR G 610 7.84 12.06 32.31
C THR G 610 8.62 13.16 31.64
N ILE G 611 8.51 13.30 30.32
CA ILE G 611 9.25 14.33 29.62
C ILE G 611 8.65 15.69 29.90
N ALA G 612 7.35 15.73 30.22
CA ALA G 612 6.63 16.95 30.56
C ALA G 612 7.20 17.54 31.83
N ALA G 613 7.64 16.68 32.74
CA ALA G 613 8.37 17.15 33.91
C ALA G 613 9.70 17.76 33.52
N VAL G 614 10.41 17.13 32.59
CA VAL G 614 11.75 17.57 32.19
C VAL G 614 11.65 18.86 31.40
N ARG G 615 10.72 18.90 30.46
CA ARG G 615 10.56 20.05 29.58
C ARG G 615 10.08 21.27 30.35
N GLY G 616 9.29 21.05 31.40
CA GLY G 616 8.90 22.12 32.28
C GLY G 616 10.08 22.60 33.10
N ALA G 617 10.92 21.66 33.52
CA ALA G 617 12.10 21.95 34.30
C ALA G 617 13.13 22.70 33.47
N PHE G 618 13.34 22.24 32.24
CA PHE G 618 14.33 22.83 31.34
C PHE G 618 13.94 24.26 30.97
N GLU G 619 12.64 24.53 30.90
CA GLU G 619 12.15 25.79 30.39
C GLU G 619 11.54 26.66 31.47
N ASP G 620 11.78 26.32 32.73
CA ASP G 620 11.26 27.11 33.85
C ASP G 620 12.04 28.42 33.97
N ARG G 621 11.31 29.54 33.90
CA ARG G 621 11.95 30.84 34.05
C ARG G 621 12.34 31.09 35.50
N SER G 622 11.37 31.12 36.41
CA SER G 622 11.62 31.36 37.83
C SER G 622 12.20 30.08 38.42
N TYR G 623 13.46 29.90 38.21
CA TYR G 623 14.23 28.72 38.55
C TYR G 623 15.19 29.07 39.65
N PRO G 624 15.17 28.34 40.78
CA PRO G 624 15.99 28.72 41.94
C PRO G 624 17.48 28.63 41.68
N ALA G 625 18.16 29.77 41.80
CA ALA G 625 19.53 29.93 41.31
C ALA G 625 20.56 29.22 42.18
N VAL G 626 20.13 28.62 43.30
CA VAL G 626 20.99 27.67 44.01
C VAL G 626 21.31 26.50 43.10
N PHE G 627 20.35 26.11 42.25
CA PHE G 627 20.52 24.95 41.39
C PHE G 627 21.60 25.16 40.35
N TYR G 628 21.83 26.41 39.92
CA TYR G 628 23.04 26.66 39.16
C TYR G 628 24.26 26.72 40.05
N LEU G 629 24.11 27.21 41.27
CA LEU G 629 25.27 27.36 42.15
C LEU G 629 25.68 26.04 42.79
N LEU G 630 24.72 25.21 43.19
CA LEU G 630 25.07 23.98 43.88
C LEU G 630 25.65 22.94 42.93
N GLN G 631 25.38 23.09 41.63
CA GLN G 631 26.00 22.24 40.63
C GLN G 631 27.49 22.51 40.53
N ALA G 632 27.86 23.78 40.50
CA ALA G 632 29.28 24.14 40.44
C ALA G 632 29.97 23.85 41.76
N ALA G 633 29.19 23.76 42.85
CA ALA G 633 29.73 23.35 44.14
C ALA G 633 30.23 21.91 44.08
N ILE G 634 29.38 21.00 43.60
CA ILE G 634 29.79 19.62 43.46
C ILE G 634 30.80 19.48 42.34
N HIS G 635 30.64 20.26 41.27
CA HIS G 635 31.50 20.34 40.08
C HIS G 635 31.86 18.97 39.50
N GLY G 636 30.96 18.01 39.67
CA GLY G 636 31.25 16.65 39.29
C GLY G 636 32.08 15.86 40.27
N ASN G 637 32.47 16.43 41.41
CA ASN G 637 33.20 15.66 42.40
C ASN G 637 32.24 14.72 43.13
N GLU G 638 32.49 13.42 42.98
CA GLU G 638 31.68 12.41 43.62
C GLU G 638 31.83 12.46 45.13
N HIS G 639 33.01 12.82 45.61
CA HIS G 639 33.24 12.86 47.05
C HIS G 639 32.52 14.04 47.69
N VAL G 640 32.40 15.14 46.96
CA VAL G 640 31.63 16.27 47.47
C VAL G 640 30.14 15.95 47.37
N PHE G 641 29.77 15.05 46.47
CA PHE G 641 28.36 14.66 46.33
C PHE G 641 27.88 13.89 47.55
N CYS G 642 28.55 12.80 47.89
CA CYS G 642 28.11 11.99 49.03
C CYS G 642 28.41 12.67 50.35
N ALA G 643 29.18 13.74 50.32
CA ALA G 643 29.16 14.66 51.46
C ALA G 643 27.78 15.29 51.57
N LEU G 644 27.32 15.91 50.49
CA LEU G 644 26.19 16.83 50.55
C LEU G 644 24.87 16.18 50.22
N ALA G 645 24.66 14.91 50.59
CA ALA G 645 23.52 14.18 50.07
C ALA G 645 22.19 14.64 50.66
N ARG G 646 22.20 15.31 51.80
CA ARG G 646 20.93 15.80 52.36
C ARG G 646 20.43 17.02 51.61
N LEU G 647 21.35 17.91 51.21
CA LEU G 647 21.02 18.99 50.30
C LEU G 647 20.44 18.46 48.99
N VAL G 648 21.08 17.45 48.39
CA VAL G 648 20.60 16.84 47.17
C VAL G 648 19.26 16.15 47.38
N THR G 649 19.04 15.60 48.58
CA THR G 649 17.76 14.98 48.91
C THR G 649 16.64 16.01 48.93
N GLN G 650 16.82 17.10 49.68
CA GLN G 650 15.71 18.00 49.93
C GLN G 650 15.43 18.95 48.79
N CYS G 651 16.45 19.37 48.04
CA CYS G 651 16.26 20.31 46.94
C CYS G 651 15.36 19.74 45.86
N ILE G 652 15.60 18.49 45.47
CA ILE G 652 14.70 17.83 44.52
C ILE G 652 13.35 17.60 45.18
N THR G 653 13.34 17.32 46.48
CA THR G 653 12.09 17.06 47.20
C THR G 653 11.26 18.34 47.33
N SER G 654 11.92 19.48 47.55
CA SER G 654 11.19 20.73 47.70
C SER G 654 10.67 21.24 46.37
N TYR G 655 11.51 21.19 45.34
CA TYR G 655 11.18 21.82 44.07
C TYR G 655 10.11 21.03 43.32
N TRP G 656 9.95 19.74 43.65
CA TRP G 656 8.90 18.94 43.06
C TRP G 656 7.52 19.45 43.45
N ASN G 657 7.39 20.02 44.64
CA ASN G 657 6.08 20.49 45.09
C ASN G 657 5.73 21.81 44.43
N ASN G 658 6.73 22.62 44.10
CA ASN G 658 6.48 23.85 43.37
C ASN G 658 6.05 23.52 41.95
N THR G 659 6.93 22.88 41.21
CA THR G 659 6.66 22.46 39.84
C THR G 659 6.85 20.95 39.78
N ARG G 660 5.93 20.25 39.09
CA ARG G 660 6.14 18.82 38.90
C ARG G 660 7.25 18.63 37.89
N CYS G 661 8.49 18.72 38.36
CA CYS G 661 9.64 18.87 37.47
C CYS G 661 10.90 18.38 38.16
N ALA G 662 11.89 17.95 37.38
CA ALA G 662 13.19 17.62 37.93
C ALA G 662 13.91 18.90 38.34
N ALA G 663 15.01 18.77 39.06
CA ALA G 663 15.56 19.96 39.71
C ALA G 663 16.87 20.42 39.12
N PHE G 664 17.85 19.53 39.05
CA PHE G 664 19.25 19.89 38.79
C PHE G 664 19.67 19.56 37.37
N VAL G 665 18.71 19.37 36.47
CA VAL G 665 19.04 18.58 35.30
C VAL G 665 19.64 19.42 34.18
N ASN G 666 20.89 19.84 34.37
CA ASN G 666 21.79 20.01 33.24
C ASN G 666 23.20 19.57 33.62
N ASP G 667 23.36 18.26 33.75
CA ASP G 667 24.64 17.56 33.93
C ASP G 667 24.35 16.08 33.90
N TYR G 668 25.09 15.31 33.09
CA TYR G 668 24.79 13.88 33.08
C TYR G 668 25.38 13.22 34.30
N SER G 669 26.58 13.64 34.68
CA SER G 669 27.27 13.14 35.85
C SER G 669 26.43 13.31 37.11
N LEU G 670 25.86 14.50 37.27
CA LEU G 670 25.06 14.83 38.44
C LEU G 670 23.79 14.00 38.47
N VAL G 671 23.16 13.80 37.32
CA VAL G 671 21.97 12.96 37.23
C VAL G 671 22.37 11.51 37.48
N SER G 672 23.56 11.12 37.00
CA SER G 672 24.05 9.77 37.20
C SER G 672 24.29 9.47 38.68
N TYR G 673 24.72 10.50 39.42
CA TYR G 673 25.01 10.30 40.83
C TYR G 673 23.72 10.22 41.64
N ILE G 674 22.68 10.90 41.17
CA ILE G 674 21.37 10.91 41.80
C ILE G 674 20.73 9.54 41.68
N VAL G 675 21.01 8.85 40.57
CA VAL G 675 20.51 7.49 40.32
C VAL G 675 20.99 6.52 41.37
N THR G 676 22.29 6.49 41.58
CA THR G 676 22.84 5.45 42.44
C THR G 676 22.73 5.88 43.89
N TYR G 677 23.34 7.02 44.21
CA TYR G 677 23.63 7.35 45.60
C TYR G 677 22.48 8.08 46.28
N LEU G 678 21.33 8.12 45.65
CA LEU G 678 20.22 8.87 46.23
C LEU G 678 18.88 8.18 46.06
N GLY G 679 18.81 7.07 45.32
CA GLY G 679 17.55 6.54 44.82
C GLY G 679 16.66 5.83 45.82
N GLY G 680 16.86 6.09 47.10
CA GLY G 680 16.06 5.42 48.10
C GLY G 680 14.97 6.26 48.72
N ASP G 681 15.27 7.52 49.01
CA ASP G 681 14.41 8.34 49.86
C ASP G 681 13.62 9.35 49.01
N LEU G 682 12.72 8.83 48.18
CA LEU G 682 11.88 9.58 47.24
C LEU G 682 10.62 8.79 46.95
N PRO G 683 9.51 9.46 46.63
CA PRO G 683 8.41 8.74 45.98
C PRO G 683 8.84 8.37 44.57
N GLU G 684 8.29 7.25 44.08
CA GLU G 684 8.69 6.69 42.80
C GLU G 684 8.36 7.61 41.64
N GLU G 685 7.27 8.39 41.76
CA GLU G 685 6.83 9.32 40.73
C GLU G 685 7.92 10.34 40.38
N CYS G 686 8.60 10.85 41.39
CA CYS G 686 9.77 11.70 41.16
C CYS G 686 10.92 10.86 40.63
N MET G 687 11.15 9.71 41.28
CA MET G 687 12.32 8.88 40.99
C MET G 687 12.22 8.22 39.62
N ALA G 688 11.00 8.08 39.11
CA ALA G 688 10.80 7.50 37.78
C ALA G 688 11.44 8.36 36.70
N VAL G 689 11.51 9.67 36.93
CA VAL G 689 11.95 10.61 35.90
C VAL G 689 13.42 10.40 35.59
N TYR G 690 14.23 10.22 36.63
CA TYR G 690 15.65 10.08 36.43
C TYR G 690 16.01 8.70 35.90
N ARG G 691 15.34 7.67 36.42
CA ARG G 691 15.68 6.31 36.01
C ARG G 691 15.19 6.03 34.59
N ASP G 692 14.13 6.73 34.15
CA ASP G 692 13.74 6.64 32.75
C ASP G 692 14.72 7.38 31.87
N LEU G 693 15.30 8.46 32.39
CA LEU G 693 16.21 9.27 31.61
C LEU G 693 17.49 8.52 31.30
N VAL G 694 18.02 7.82 32.29
CA VAL G 694 19.24 7.05 32.10
C VAL G 694 18.96 5.85 31.20
N ALA G 695 17.81 5.19 31.41
CA ALA G 695 17.47 4.01 30.63
C ALA G 695 17.26 4.37 29.16
N HIS G 696 16.86 5.61 28.89
CA HIS G 696 16.75 6.05 27.50
C HIS G 696 18.13 6.40 26.95
N VAL G 697 19.01 6.92 27.80
CA VAL G 697 20.41 7.06 27.42
C VAL G 697 21.06 5.69 27.31
N GLU G 698 20.61 4.74 28.14
CA GLU G 698 20.97 3.34 27.93
C GLU G 698 20.46 2.85 26.59
N ALA G 699 19.24 3.27 26.22
CA ALA G 699 18.66 2.83 24.95
C ALA G 699 19.39 3.45 23.77
N LEU G 700 19.63 4.75 23.83
CA LEU G 700 20.22 5.43 22.68
C LEU G 700 21.70 5.09 22.54
N ALA G 701 22.32 4.56 23.58
CA ALA G 701 23.69 4.10 23.48
C ALA G 701 23.84 2.86 22.60
N GLN G 702 23.08 1.81 22.86
CA GLN G 702 23.25 0.56 22.12
C GLN G 702 22.36 0.50 20.89
N LEU G 703 22.39 1.56 20.08
CA LEU G 703 21.74 1.54 18.79
C LEU G 703 22.83 1.59 17.75
N VAL G 704 24.00 2.09 18.15
CA VAL G 704 25.19 2.01 17.30
C VAL G 704 25.54 0.55 17.03
N ASP G 705 25.74 -0.23 18.07
CA ASP G 705 26.40 -1.50 17.90
C ASP G 705 25.47 -2.61 17.44
N ASP G 706 24.18 -2.36 17.37
CA ASP G 706 23.32 -3.28 16.63
C ASP G 706 23.53 -3.14 15.14
N PHE G 707 24.01 -1.97 14.71
CA PHE G 707 24.36 -1.71 13.32
C PHE G 707 25.85 -1.83 13.06
N THR G 708 26.54 -2.74 13.73
CA THR G 708 27.97 -2.90 13.53
C THR G 708 28.34 -4.32 13.17
N LEU G 709 29.49 -4.46 12.55
CA LEU G 709 30.07 -5.73 12.16
C LEU G 709 31.38 -5.95 12.90
N PRO G 710 31.66 -7.18 13.30
CA PRO G 710 32.96 -7.45 13.93
C PRO G 710 34.09 -7.44 12.92
N GLY G 711 34.96 -6.45 13.07
CA GLY G 711 36.15 -6.32 12.27
C GLY G 711 37.31 -5.89 13.14
N PRO G 712 38.53 -5.89 12.59
CA PRO G 712 39.72 -5.65 13.42
C PRO G 712 39.83 -4.22 13.92
N GLU G 713 40.65 -4.04 14.96
CA GLU G 713 41.01 -2.70 15.41
C GLU G 713 41.82 -2.02 14.33
N LEU G 714 41.80 -0.70 14.31
CA LEU G 714 42.20 -0.05 13.07
C LEU G 714 42.66 1.38 13.31
N GLY G 715 43.95 1.64 13.07
CA GLY G 715 44.55 2.96 13.18
C GLY G 715 44.44 3.56 14.57
N GLY G 716 44.42 2.71 15.59
CA GLY G 716 44.20 3.16 16.93
C GLY G 716 42.72 3.18 17.29
N GLN G 717 41.88 3.55 16.34
CA GLN G 717 40.46 3.60 16.61
C GLN G 717 39.87 2.20 16.57
N ALA G 718 38.66 2.07 17.12
CA ALA G 718 37.91 0.84 17.05
C ALA G 718 36.94 0.88 15.88
N GLN G 719 36.17 -0.19 15.72
CA GLN G 719 35.14 -0.27 14.70
C GLN G 719 34.06 0.76 14.93
N ALA G 720 33.60 0.87 16.18
CA ALA G 720 32.52 1.76 16.54
C ALA G 720 32.91 3.22 16.39
N GLU G 721 34.19 3.52 16.65
CA GLU G 721 34.66 4.90 16.53
C GLU G 721 34.66 5.35 15.09
N LEU G 722 34.96 4.46 14.17
CA LEU G 722 34.91 4.81 12.77
C LEU G 722 33.49 4.87 12.25
N ASN G 723 32.56 4.17 12.90
CA ASN G 723 31.19 4.13 12.42
C ASN G 723 30.43 5.40 12.78
N HIS G 724 30.37 5.70 14.06
CA HIS G 724 29.50 6.75 14.57
C HIS G 724 30.35 7.82 15.23
N LEU G 725 29.77 9.00 15.40
CA LEU G 725 30.55 10.13 15.92
C LEU G 725 30.64 10.07 17.45
N MET G 726 29.71 9.38 18.10
CA MET G 726 29.70 9.39 19.55
C MET G 726 30.73 8.45 20.15
N ARG G 727 31.36 7.61 19.33
CA ARG G 727 32.34 6.68 19.88
C ARG G 727 33.76 7.20 19.77
N ASP G 728 34.04 8.07 18.82
CA ASP G 728 35.37 8.66 18.65
C ASP G 728 35.73 9.55 19.83
N PRO G 729 36.82 9.26 20.56
CA PRO G 729 37.14 10.06 21.74
C PRO G 729 37.84 11.36 21.43
N ALA G 730 38.16 11.64 20.16
CA ALA G 730 38.75 12.93 19.84
C ALA G 730 37.72 14.05 19.96
N LEU G 731 36.44 13.71 19.85
CA LEU G 731 35.39 14.66 20.19
C LEU G 731 34.95 14.44 21.62
N LEU G 732 34.80 15.53 22.34
CA LEU G 732 34.62 15.57 23.77
C LEU G 732 33.53 16.56 24.15
N PRO G 733 32.76 16.29 25.20
CA PRO G 733 31.54 17.07 25.48
C PRO G 733 31.87 18.49 25.90
N PRO G 734 30.90 19.41 25.87
CA PRO G 734 31.22 20.81 26.20
C PRO G 734 31.52 21.06 27.66
N LEU G 735 31.17 20.14 28.56
CA LEU G 735 31.47 20.31 29.99
C LEU G 735 32.31 19.13 30.42
N VAL G 736 33.58 19.37 30.70
CA VAL G 736 34.52 18.30 31.07
C VAL G 736 35.10 18.64 32.43
N TRP G 737 34.59 18.00 33.47
CA TRP G 737 35.04 18.33 34.83
C TRP G 737 36.32 17.63 35.21
N ASP G 738 36.50 16.40 34.75
CA ASP G 738 37.70 15.61 34.99
C ASP G 738 38.68 15.83 33.84
N CYS G 739 39.67 14.95 33.77
CA CYS G 739 40.57 14.95 32.64
C CYS G 739 40.61 13.61 31.93
N ASP G 740 39.50 12.89 31.85
CA ASP G 740 39.51 11.62 31.13
C ASP G 740 39.52 11.86 29.63
N GLY G 741 38.96 12.99 29.19
CA GLY G 741 38.72 13.20 27.78
C GLY G 741 39.99 13.44 26.99
N LEU G 742 40.77 14.44 27.39
CA LEU G 742 41.99 14.77 26.66
C LEU G 742 43.04 13.68 26.84
N MET G 743 43.02 12.97 27.97
CA MET G 743 43.88 11.80 28.12
C MET G 743 43.50 10.73 27.11
N ARG G 744 42.22 10.66 26.74
CA ARG G 744 41.85 9.85 25.58
C ARG G 744 42.07 10.63 24.29
N HIS G 745 41.68 11.91 24.28
CA HIS G 745 41.67 12.66 23.02
C HIS G 745 43.06 13.00 22.52
N ALA G 746 43.88 13.63 23.34
CA ALA G 746 45.21 14.01 22.88
C ALA G 746 46.13 12.81 22.67
N ALA G 747 45.83 11.68 23.30
CA ALA G 747 46.61 10.46 23.09
C ALA G 747 45.94 9.69 21.96
N LEU G 748 45.98 10.26 20.76
CA LEU G 748 45.46 9.61 19.57
C LEU G 748 46.40 9.88 18.42
N ASP G 749 46.37 9.00 17.42
CA ASP G 749 47.14 9.22 16.20
C ASP G 749 46.52 10.31 15.35
N ARG G 750 45.22 10.57 15.53
CA ARG G 750 44.55 11.63 14.81
C ARG G 750 44.93 13.01 15.33
N HIS G 751 45.45 13.08 16.55
CA HIS G 751 45.41 14.32 17.31
C HIS G 751 46.55 15.25 16.96
N ARG G 752 46.21 16.51 16.74
CA ARG G 752 47.17 17.55 16.44
C ARG G 752 46.89 18.76 17.31
N ASP G 753 47.73 18.98 18.32
CA ASP G 753 47.90 20.27 19.00
C ASP G 753 46.61 20.77 19.65
N CYS G 754 46.21 20.11 20.74
CA CYS G 754 45.12 20.68 21.52
C CYS G 754 45.61 21.96 22.20
N ARG G 755 45.26 23.09 21.60
CA ARG G 755 45.88 24.38 21.92
C ARG G 755 44.99 25.12 22.90
N ILE G 756 45.36 25.06 24.17
CA ILE G 756 44.71 25.89 25.18
C ILE G 756 45.47 27.21 25.30
N ASP G 757 44.82 28.30 24.93
CA ASP G 757 45.53 29.55 24.71
C ASP G 757 45.02 30.62 25.67
N ALA G 758 45.56 30.61 26.87
CA ALA G 758 45.62 31.80 27.72
C ALA G 758 47.07 32.09 28.07
N GLY G 759 47.82 31.06 28.45
CA GLY G 759 49.27 31.06 28.48
C GLY G 759 49.86 29.98 27.60
N GLY G 760 50.37 28.93 28.23
CA GLY G 760 50.97 27.84 27.50
C GLY G 760 49.96 26.98 26.76
N HIS G 761 50.29 26.67 25.50
CA HIS G 761 49.38 26.05 24.56
C HIS G 761 49.14 24.57 24.82
N GLU G 762 50.09 23.89 25.43
CA GLU G 762 50.02 22.44 25.53
C GLU G 762 49.69 22.01 26.96
N PRO G 763 48.91 20.94 27.11
CA PRO G 763 48.37 20.60 28.43
C PRO G 763 49.37 19.90 29.34
N VAL G 764 49.29 20.27 30.61
CA VAL G 764 49.85 19.48 31.71
C VAL G 764 48.91 19.66 32.89
N TYR G 765 48.62 18.57 33.60
CA TYR G 765 47.38 18.49 34.36
C TYR G 765 47.61 18.38 35.85
N ALA G 766 46.49 18.41 36.58
CA ALA G 766 46.46 18.40 38.03
C ALA G 766 45.86 17.09 38.50
N ALA G 767 46.44 16.52 39.56
CA ALA G 767 45.91 15.29 40.14
C ALA G 767 44.69 15.58 41.00
N ALA G 768 44.88 16.35 42.07
CA ALA G 768 43.78 16.75 42.94
C ALA G 768 43.75 18.28 42.98
N CYS G 769 42.75 18.83 43.68
CA CYS G 769 42.64 20.27 43.78
C CYS G 769 41.86 20.62 45.05
N ASN G 770 42.31 21.69 45.71
CA ASN G 770 41.82 22.11 47.02
C ASN G 770 41.73 23.63 47.02
N VAL G 771 41.69 24.21 48.22
CA VAL G 771 41.65 25.67 48.38
C VAL G 771 42.89 26.35 47.79
N ALA G 772 44.08 25.81 48.06
CA ALA G 772 45.29 26.47 47.62
C ALA G 772 45.69 26.05 46.21
N THR G 773 44.96 25.10 45.64
CA THR G 773 45.25 24.63 44.29
C THR G 773 44.33 25.28 43.25
N ALA G 774 43.09 25.61 43.64
CA ALA G 774 42.17 26.33 42.75
C ALA G 774 42.49 27.81 42.79
N ASP G 775 43.53 28.21 42.06
CA ASP G 775 43.97 29.59 41.94
C ASP G 775 42.97 30.30 41.05
N PHE G 776 41.94 30.90 41.67
CA PHE G 776 40.65 31.22 41.06
C PHE G 776 40.71 32.08 39.79
N ASN G 777 41.82 32.76 39.51
CA ASN G 777 41.99 33.48 38.26
C ASN G 777 43.42 33.28 37.76
N ARG G 778 43.61 32.28 36.90
CA ARG G 778 44.92 32.00 36.34
C ARG G 778 44.76 31.84 34.83
N ASN G 779 45.88 31.61 34.15
CA ASN G 779 45.87 31.54 32.69
C ASN G 779 46.85 30.50 32.15
N ASP G 780 46.93 29.32 32.74
CA ASP G 780 47.93 28.38 32.26
C ASP G 780 47.39 27.31 31.34
N GLY G 781 46.18 26.80 31.60
CA GLY G 781 45.64 25.71 30.80
C GLY G 781 45.62 24.37 31.49
N ARG G 782 45.86 24.33 32.79
CA ARG G 782 45.80 23.08 33.52
C ARG G 782 44.36 22.72 33.87
N LEU G 783 43.96 21.51 33.49
CA LEU G 783 42.61 21.03 33.75
C LEU G 783 42.64 20.14 34.97
N LEU G 784 41.54 20.17 35.71
CA LEU G 784 41.45 19.51 37.00
C LEU G 784 40.89 18.10 36.87
N HIS G 785 41.43 17.19 37.67
CA HIS G 785 40.95 15.82 37.72
C HIS G 785 40.17 15.54 39.00
N ASN G 786 39.60 16.57 39.62
CA ASN G 786 39.07 16.49 40.98
C ASN G 786 37.60 16.07 41.00
N THR G 787 37.31 14.92 40.39
CA THR G 787 35.93 14.48 40.24
C THR G 787 35.59 13.17 40.91
N GLN G 788 36.59 12.35 41.23
CA GLN G 788 36.26 10.98 41.61
C GLN G 788 35.86 10.89 43.09
N ALA G 789 35.37 9.71 43.46
CA ALA G 789 34.97 9.46 44.83
C ALA G 789 36.16 9.43 45.76
N ARG G 790 37.27 8.90 45.29
CA ARG G 790 38.46 8.73 46.10
C ARG G 790 39.46 9.83 45.77
N ALA G 791 39.35 10.96 46.47
CA ALA G 791 40.39 11.98 46.38
C ALA G 791 41.65 11.56 47.13
N ALA G 792 41.55 10.58 48.02
CA ALA G 792 42.75 10.02 48.67
C ALA G 792 43.54 9.16 47.70
N ASP G 793 42.85 8.32 46.92
CA ASP G 793 43.47 7.57 45.84
C ASP G 793 43.36 8.43 44.57
N ALA G 794 44.15 9.50 44.53
CA ALA G 794 44.03 10.56 43.54
C ALA G 794 44.46 10.07 42.16
N ALA G 795 44.33 10.96 41.17
CA ALA G 795 44.51 10.54 39.80
C ALA G 795 44.89 11.73 38.92
N ASP G 796 45.99 11.56 38.18
CA ASP G 796 46.39 12.48 37.12
C ASP G 796 46.48 11.76 35.78
N ASP G 797 46.91 10.50 35.77
CA ASP G 797 47.09 9.73 34.54
C ASP G 797 46.09 8.58 34.41
N ARG G 798 45.77 7.92 35.52
CA ARG G 798 44.89 6.75 35.47
C ARG G 798 43.49 7.13 35.93
N PRO G 799 42.49 7.09 35.05
CA PRO G 799 41.14 7.49 35.44
C PRO G 799 40.41 6.44 36.27
N HIS G 800 39.14 6.75 36.56
CA HIS G 800 38.24 5.93 37.36
C HIS G 800 37.01 5.49 36.58
N ARG G 801 36.73 6.15 35.46
CA ARG G 801 35.46 6.02 34.78
C ARG G 801 35.53 4.97 33.66
N PRO G 802 34.35 4.41 33.27
CA PRO G 802 34.32 3.50 32.11
C PRO G 802 34.56 4.23 30.78
N ALA G 803 34.67 3.48 29.69
CA ALA G 803 34.95 4.10 28.41
C ALA G 803 33.72 4.80 27.84
N ASP G 804 32.53 4.34 28.19
CA ASP G 804 31.31 4.94 27.71
C ASP G 804 30.84 6.12 28.55
N TRP G 805 31.63 6.50 29.57
CA TRP G 805 31.23 7.55 30.51
C TRP G 805 31.13 8.90 29.82
N THR G 806 32.20 9.31 29.14
CA THR G 806 32.14 10.51 28.33
C THR G 806 31.24 10.35 27.12
N VAL G 807 31.13 9.14 26.58
CA VAL G 807 30.19 8.87 25.50
C VAL G 807 28.77 9.09 25.98
N HIS G 808 28.47 8.69 27.21
CA HIS G 808 27.19 8.98 27.82
C HIS G 808 26.96 10.47 27.99
N HIS G 809 27.99 11.23 28.34
CA HIS G 809 27.85 12.68 28.37
C HIS G 809 27.68 13.24 26.97
N LYS G 810 28.37 12.64 25.99
CA LYS G 810 28.20 13.06 24.61
C LYS G 810 26.81 12.70 24.11
N ILE G 811 26.22 11.64 24.66
CA ILE G 811 24.80 11.38 24.42
C ILE G 811 23.95 12.44 25.10
N TYR G 812 24.26 12.76 26.35
CA TYR G 812 23.35 13.60 27.12
C TYR G 812 23.44 15.07 26.70
N TYR G 813 24.64 15.52 26.34
CA TYR G 813 24.78 16.92 26.02
C TYR G 813 24.44 17.21 24.56
N TYR G 814 25.05 16.48 23.63
CA TYR G 814 24.88 16.78 22.22
C TYR G 814 23.51 16.42 21.68
N VAL G 815 22.76 15.55 22.36
CA VAL G 815 21.55 15.03 21.75
C VAL G 815 20.32 15.44 22.54
N LEU G 816 20.27 15.08 23.83
CA LEU G 816 19.02 15.18 24.57
C LEU G 816 18.66 16.62 24.90
N VAL G 817 19.64 17.41 25.28
CA VAL G 817 19.41 18.82 25.58
C VAL G 817 18.99 19.59 24.32
N PRO G 818 19.54 19.36 23.10
CA PRO G 818 18.88 19.95 21.93
C PRO G 818 17.50 19.40 21.66
N ALA G 819 17.18 18.20 22.14
CA ALA G 819 15.83 17.70 21.96
C ALA G 819 14.85 18.43 22.88
N PHE G 820 15.37 19.09 23.91
CA PHE G 820 14.52 19.97 24.69
C PHE G 820 14.83 21.44 24.47
N SER G 821 15.89 21.75 23.73
CA SER G 821 16.29 23.16 23.59
C SER G 821 15.33 23.91 22.69
N ARG G 822 15.11 23.38 21.48
CA ARG G 822 14.53 24.12 20.35
C ARG G 822 15.27 25.44 20.13
N GLY G 823 16.59 25.41 20.32
CA GLY G 823 17.44 26.58 20.19
C GLY G 823 17.71 27.35 21.46
N ARG G 824 16.96 27.12 22.53
CA ARG G 824 17.03 27.98 23.72
C ARG G 824 17.76 27.28 24.85
N CYS G 825 19.09 27.38 24.81
CA CYS G 825 20.01 27.04 25.89
C CYS G 825 21.40 27.51 25.50
N CYS G 826 22.22 27.90 26.47
CA CYS G 826 23.58 28.28 26.15
C CYS G 826 24.46 28.11 27.39
N THR G 827 25.78 28.08 27.16
CA THR G 827 26.71 27.74 28.21
C THR G 827 26.99 28.94 29.11
N ALA G 828 27.99 28.76 29.97
CA ALA G 828 28.40 29.79 30.91
C ALA G 828 29.82 29.53 31.35
N GLY G 829 30.61 30.59 31.38
CA GLY G 829 31.91 30.55 31.99
C GLY G 829 31.85 31.08 33.40
N VAL G 830 32.49 30.36 34.31
CA VAL G 830 32.20 30.47 35.74
C VAL G 830 33.25 31.34 36.42
N ARG G 831 32.79 32.36 37.12
CA ARG G 831 33.61 33.11 38.08
C ARG G 831 33.50 32.35 39.40
N PHE G 832 34.31 31.30 39.55
CA PHE G 832 34.30 30.51 40.78
C PHE G 832 34.74 31.29 42.00
N ASP G 833 35.52 32.35 41.81
CA ASP G 833 35.76 33.28 42.90
C ASP G 833 34.48 33.98 43.32
N ARG G 834 33.66 34.37 42.35
CA ARG G 834 32.37 34.95 42.71
C ARG G 834 31.43 33.87 43.22
N VAL G 835 31.55 32.66 42.69
CA VAL G 835 30.67 31.56 43.07
C VAL G 835 31.01 31.08 44.47
N TYR G 836 32.29 30.79 44.72
CA TYR G 836 32.67 30.32 46.05
C TYR G 836 32.66 31.42 47.09
N ALA G 837 32.35 32.65 46.73
CA ALA G 837 31.99 33.63 47.74
C ALA G 837 30.65 33.26 48.34
N THR G 838 29.67 33.07 47.48
CA THR G 838 28.28 33.01 47.89
C THR G 838 27.77 31.59 48.09
N LEU G 839 28.55 30.57 47.76
CA LEU G 839 28.16 29.21 48.12
C LEU G 839 28.19 29.04 49.63
N GLN G 840 29.28 29.47 50.25
CA GLN G 840 29.52 29.35 51.68
C GLN G 840 29.00 30.58 52.39
N ASN G 841 27.79 30.98 52.05
CA ASN G 841 27.27 32.25 52.54
C ASN G 841 25.83 32.03 52.98
N MET G 842 25.65 31.51 54.18
CA MET G 842 24.34 31.08 54.63
C MET G 842 24.09 31.64 56.01
N VAL G 843 22.81 31.85 56.32
CA VAL G 843 22.41 32.27 57.65
C VAL G 843 21.72 31.06 58.28
N VAL G 844 22.51 30.24 58.96
CA VAL G 844 21.99 29.06 59.65
C VAL G 844 22.32 29.24 61.12
N PRO G 845 21.35 29.64 61.94
CA PRO G 845 21.65 30.00 63.33
C PRO G 845 22.00 28.80 64.19
N GLU G 846 22.58 29.10 65.35
CA GLU G 846 22.85 28.10 66.37
C GLU G 846 21.53 27.62 66.97
N ILE G 847 21.43 26.31 67.21
CA ILE G 847 20.22 25.78 67.83
C ILE G 847 20.38 25.83 69.34
N ALA G 848 19.24 25.94 70.05
CA ALA G 848 19.27 26.06 71.50
C ALA G 848 19.55 24.70 72.13
N PRO G 849 20.12 24.65 73.34
CA PRO G 849 20.27 23.37 74.04
C PRO G 849 18.93 22.79 74.46
N GLY G 850 18.49 21.76 73.74
CA GLY G 850 17.19 21.17 73.93
C GLY G 850 16.19 21.47 72.84
N GLU G 851 16.57 22.19 71.79
CA GLU G 851 15.63 22.61 70.76
C GLU G 851 15.56 21.58 69.63
N GLU G 852 14.56 21.76 68.78
CA GLU G 852 14.24 20.80 67.73
C GLU G 852 15.04 21.08 66.46
N CYS G 853 14.78 20.28 65.44
CA CYS G 853 15.43 20.46 64.15
C CYS G 853 14.68 21.51 63.33
N PRO G 854 15.40 22.36 62.59
CA PRO G 854 14.73 23.26 61.64
C PRO G 854 14.06 22.45 60.53
N SER G 855 12.77 22.71 60.33
CA SER G 855 12.03 22.00 59.28
C SER G 855 11.44 22.95 58.26
N ASP G 856 10.62 23.90 58.70
CA ASP G 856 9.82 24.73 57.82
C ASP G 856 10.30 26.18 57.87
N PRO G 857 10.24 26.94 56.77
CA PRO G 857 10.79 28.30 56.78
C PRO G 857 9.91 29.34 57.44
N VAL G 858 8.59 29.30 57.25
CA VAL G 858 7.76 30.45 57.57
C VAL G 858 7.37 30.44 59.05
N THR G 859 7.37 29.26 59.66
CA THR G 859 6.91 29.13 61.05
C THR G 859 8.07 29.11 62.03
N ASP G 860 9.04 28.24 61.81
CA ASP G 860 10.14 28.02 62.74
C ASP G 860 11.13 29.19 62.65
N PRO G 861 11.40 29.91 63.76
CA PRO G 861 12.38 31.01 63.68
C PRO G 861 13.81 30.56 63.60
N ALA G 862 14.13 29.33 64.01
CA ALA G 862 15.48 28.82 63.94
C ALA G 862 15.85 28.30 62.55
N HIS G 863 14.91 28.29 61.62
CA HIS G 863 15.16 27.74 60.30
C HIS G 863 15.99 28.74 59.48
N PRO G 864 16.91 28.26 58.65
CA PRO G 864 17.73 29.19 57.85
C PRO G 864 16.95 30.00 56.82
N LEU G 865 15.85 29.47 56.30
CA LEU G 865 15.05 30.19 55.32
C LEU G 865 13.97 31.07 55.95
N HIS G 866 14.08 31.39 57.24
CA HIS G 866 13.03 32.16 57.88
C HIS G 866 13.24 33.65 57.56
N PRO G 867 12.16 34.44 57.42
CA PRO G 867 12.31 35.89 57.16
C PRO G 867 13.08 36.70 58.19
N ALA G 868 13.25 36.16 59.40
CA ALA G 868 14.21 36.73 60.34
C ALA G 868 15.64 36.46 59.92
N ASN G 869 15.89 35.32 59.29
CA ASN G 869 17.20 34.96 58.77
C ASN G 869 17.41 35.38 57.33
N LEU G 870 16.48 36.14 56.76
CA LEU G 870 16.64 36.59 55.38
C LEU G 870 17.23 37.98 55.33
N VAL G 871 18.52 38.05 55.05
CA VAL G 871 19.15 39.27 54.58
C VAL G 871 19.47 39.00 53.11
N ALA G 872 19.62 40.06 52.32
CA ALA G 872 20.04 39.87 50.93
C ALA G 872 21.49 39.43 50.87
N ASN G 873 21.88 38.89 49.72
CA ASN G 873 23.24 38.47 49.38
C ASN G 873 23.74 37.36 50.30
N THR G 874 22.85 36.44 50.67
CA THR G 874 23.24 35.19 51.29
C THR G 874 22.49 34.03 50.64
N VAL G 875 22.98 32.81 50.86
CA VAL G 875 22.50 31.72 50.00
C VAL G 875 21.21 31.12 50.54
N LYS G 876 20.86 31.33 51.82
CA LYS G 876 19.53 30.88 52.21
C LYS G 876 18.47 31.92 51.88
N ARG G 877 18.88 33.13 51.53
CA ARG G 877 18.00 34.00 50.74
C ARG G 877 17.90 33.48 49.31
N MET G 878 18.96 32.81 48.83
CA MET G 878 18.89 32.19 47.50
C MET G 878 18.27 30.78 47.58
N PHE G 879 18.25 30.17 48.77
CA PHE G 879 17.28 29.10 49.01
C PHE G 879 15.85 29.64 49.10
N HIS G 880 15.68 30.95 49.23
CA HIS G 880 14.36 31.54 49.43
C HIS G 880 13.86 32.26 48.19
N ASN G 881 14.77 32.68 47.29
CA ASN G 881 14.35 33.33 46.05
C ASN G 881 13.62 32.35 45.13
N GLY G 882 14.02 31.08 45.15
CA GLY G 882 13.18 30.00 44.68
C GLY G 882 13.01 29.02 45.82
N ARG G 883 11.76 28.67 46.15
CA ARG G 883 11.44 28.03 47.42
C ARG G 883 12.00 26.62 47.52
N VAL G 884 13.13 26.50 48.23
CA VAL G 884 13.83 25.22 48.37
C VAL G 884 14.12 24.96 49.85
N VAL G 885 13.35 24.04 50.44
CA VAL G 885 13.40 23.81 51.87
C VAL G 885 14.67 23.04 52.22
N VAL G 886 15.67 23.77 52.73
CA VAL G 886 16.96 23.19 53.09
C VAL G 886 17.33 23.65 54.51
N ASP G 887 17.60 22.69 55.39
CA ASP G 887 17.51 22.91 56.82
C ASP G 887 18.83 23.11 57.57
N GLY G 888 18.71 23.31 58.88
CA GLY G 888 19.81 23.42 59.84
C GLY G 888 21.00 22.47 59.77
N PRO G 889 20.80 21.18 59.40
CA PRO G 889 21.97 20.31 59.13
C PRO G 889 22.79 20.60 57.88
N ALA G 890 22.58 21.77 57.25
CA ALA G 890 23.45 22.20 56.14
C ALA G 890 24.86 22.58 56.57
N MET G 891 25.22 22.35 57.84
CA MET G 891 26.60 22.53 58.29
C MET G 891 27.52 21.48 57.70
N LEU G 892 26.96 20.33 57.30
CA LEU G 892 27.77 19.24 56.76
C LEU G 892 28.34 19.58 55.38
N THR G 893 27.78 20.59 54.72
CA THR G 893 28.23 21.03 53.41
C THR G 893 29.60 21.69 53.48
N LEU G 894 29.66 22.80 54.21
CA LEU G 894 30.79 23.73 54.22
C LEU G 894 32.14 23.14 54.62
N GLN G 895 32.16 22.09 55.44
CA GLN G 895 33.42 21.45 55.78
C GLN G 895 34.02 20.75 54.56
N VAL G 896 33.17 20.40 53.58
CA VAL G 896 33.64 19.77 52.35
C VAL G 896 33.59 20.79 51.20
N LEU G 897 32.90 21.91 51.41
CA LEU G 897 33.00 23.03 50.47
C LEU G 897 34.39 23.62 50.58
N ALA G 898 34.95 23.58 51.78
CA ALA G 898 36.33 23.98 52.02
C ALA G 898 37.31 22.94 51.53
N HIS G 899 36.82 21.74 51.22
CA HIS G 899 37.72 20.67 50.80
C HIS G 899 38.13 20.87 49.35
N ASN G 900 37.18 20.83 48.43
CA ASN G 900 37.50 20.79 47.01
C ASN G 900 36.88 21.99 46.30
N MET G 901 37.68 22.63 45.45
CA MET G 901 37.21 23.76 44.64
C MET G 901 38.01 23.84 43.35
N ALA G 902 37.52 24.65 42.41
CA ALA G 902 38.01 24.69 41.04
C ALA G 902 38.23 26.14 40.63
N GLU G 903 39.32 26.42 39.90
CA GLU G 903 39.80 27.79 39.76
C GLU G 903 38.84 28.68 38.95
N ARG G 904 38.62 28.35 37.68
CA ARG G 904 37.82 29.09 36.72
C ARG G 904 37.85 28.27 35.44
N THR G 905 36.91 28.50 34.53
CA THR G 905 36.87 27.70 33.31
C THR G 905 37.93 28.12 32.29
N THR G 906 38.15 27.29 31.28
CA THR G 906 39.14 27.67 30.27
C THR G 906 38.68 27.14 28.90
N ALA G 907 39.04 27.82 27.83
CA ALA G 907 38.54 27.46 26.50
C ALA G 907 39.50 26.52 25.78
N LEU G 908 39.31 25.21 25.99
CA LEU G 908 40.20 24.20 25.46
C LEU G 908 39.86 23.98 23.99
N LEU G 909 40.87 24.09 23.13
CA LEU G 909 40.72 23.91 21.69
C LEU G 909 41.54 22.72 21.23
N CYS G 910 40.90 21.57 21.05
CA CYS G 910 41.56 20.40 20.49
C CYS G 910 41.25 20.29 19.01
N SER G 911 42.28 20.11 18.20
CA SER G 911 42.09 19.85 16.78
C SER G 911 42.53 18.43 16.48
N ALA G 912 42.13 17.94 15.31
CA ALA G 912 42.41 16.55 14.96
C ALA G 912 42.38 16.40 13.45
N ALA G 913 42.96 15.31 12.98
CA ALA G 913 43.00 14.99 11.57
C ALA G 913 41.83 14.07 11.23
N PRO G 914 41.49 13.93 9.93
CA PRO G 914 40.52 12.91 9.55
C PRO G 914 41.02 11.50 9.84
N ASP G 915 40.07 10.65 10.21
CA ASP G 915 40.39 9.38 10.82
C ASP G 915 40.93 8.37 9.82
N ALA G 916 41.45 7.27 10.36
CA ALA G 916 41.79 6.11 9.57
C ALA G 916 40.56 5.55 8.89
N GLY G 917 40.50 5.69 7.58
CA GLY G 917 39.32 5.39 6.82
C GLY G 917 38.79 6.56 6.03
N ALA G 918 39.33 7.75 6.25
CA ALA G 918 39.03 8.89 5.41
C ALA G 918 40.26 9.72 5.13
N ASN G 919 41.46 9.15 5.24
CA ASN G 919 42.64 9.96 5.46
C ASN G 919 43.58 9.92 4.27
N THR G 920 43.04 10.01 3.05
CA THR G 920 43.84 9.91 1.84
C THR G 920 44.77 11.09 1.62
N ALA G 921 45.54 11.03 0.52
CA ALA G 921 46.58 11.99 0.25
C ALA G 921 46.09 13.35 -0.22
N SER G 922 44.79 13.58 -0.24
CA SER G 922 44.26 14.91 -0.45
C SER G 922 43.42 15.39 0.73
N THR G 923 43.14 14.52 1.68
CA THR G 923 42.43 14.90 2.89
C THR G 923 43.32 14.86 4.12
N ALA G 924 44.63 14.73 3.94
CA ALA G 924 45.55 14.61 5.07
C ALA G 924 45.67 15.93 5.83
N ASN G 925 45.65 17.05 5.12
CA ASN G 925 45.87 18.35 5.73
C ASN G 925 44.61 18.94 6.35
N MET G 926 43.52 18.20 6.43
CA MET G 926 42.26 18.79 6.83
C MET G 926 42.12 18.87 8.35
N ARG G 927 41.21 19.73 8.80
CA ARG G 927 41.11 20.10 10.20
C ARG G 927 39.69 19.93 10.69
N ILE G 928 39.58 19.57 11.97
CA ILE G 928 38.31 19.56 12.70
C ILE G 928 38.57 20.22 14.05
N PHE G 929 38.03 21.42 14.24
CA PHE G 929 38.21 22.16 15.48
C PHE G 929 37.05 21.87 16.42
N ASP G 930 37.37 21.55 17.67
CA ASP G 930 36.40 21.05 18.63
C ASP G 930 36.57 21.80 19.94
N GLY G 931 35.87 22.90 20.11
CA GLY G 931 36.02 23.75 21.27
C GLY G 931 35.11 23.32 22.41
N ALA G 932 35.63 23.43 23.63
CA ALA G 932 34.89 23.07 24.84
C ALA G 932 35.55 23.69 26.06
N LEU G 933 34.72 23.91 27.09
CA LEU G 933 35.15 24.48 28.35
C LEU G 933 35.34 23.38 29.39
N HIS G 934 36.32 23.57 30.27
CA HIS G 934 36.55 22.61 31.33
C HIS G 934 35.64 22.84 32.53
N ALA G 935 35.78 23.96 33.20
CA ALA G 935 35.06 24.20 34.44
C ALA G 935 33.84 25.06 34.18
N GLY G 936 32.95 24.58 33.31
CA GLY G 936 31.79 25.34 32.88
C GLY G 936 30.47 24.63 33.18
N VAL G 937 29.41 25.44 33.18
CA VAL G 937 28.06 24.99 33.50
C VAL G 937 27.14 25.43 32.37
N LEU G 938 26.18 24.57 31.99
CA LEU G 938 25.13 24.92 31.04
C LEU G 938 24.07 25.79 31.72
N LEU G 939 23.62 26.82 31.01
CA LEU G 939 22.46 27.61 31.42
C LEU G 939 21.28 27.26 30.52
N MET G 940 20.34 26.51 31.06
CA MET G 940 19.13 26.11 30.36
C MET G 940 18.27 27.32 30.03
N ALA G 941 17.75 27.97 31.06
CA ALA G 941 16.78 29.03 30.92
C ALA G 941 17.48 30.38 31.02
N PRO G 942 17.57 31.14 29.94
CA PRO G 942 18.16 32.47 30.03
C PRO G 942 17.23 33.43 30.73
N GLN G 943 17.53 33.72 32.00
CA GLN G 943 16.75 34.70 32.72
C GLN G 943 17.58 35.97 32.87
N HIS G 944 17.19 36.97 32.10
CA HIS G 944 17.82 38.28 32.09
C HIS G 944 16.81 39.41 32.24
N LEU G 945 15.50 39.12 32.19
CA LEU G 945 14.46 40.10 32.51
C LEU G 945 14.20 40.06 34.00
N ASP G 946 15.26 40.11 34.79
CA ASP G 946 15.24 40.00 36.22
C ASP G 946 16.59 40.38 36.77
N HIS G 947 16.63 41.30 37.70
CA HIS G 947 17.88 41.65 38.34
C HIS G 947 17.91 40.94 39.68
N THR G 948 18.16 39.63 39.66
CA THR G 948 18.43 38.89 40.89
C THR G 948 19.86 38.41 40.83
N ILE G 949 20.19 37.66 39.81
CA ILE G 949 21.55 37.62 39.30
C ILE G 949 21.65 38.70 38.24
N GLN G 950 22.48 39.71 38.49
CA GLN G 950 22.70 40.75 37.50
C GLN G 950 23.41 40.13 36.29
N ASN G 951 23.17 40.73 35.13
CA ASN G 951 23.23 40.04 33.86
C ASN G 951 24.68 39.68 33.52
N GLY G 952 25.08 38.47 33.93
CA GLY G 952 26.46 38.04 33.76
C GLY G 952 27.39 38.36 34.90
N GLU G 953 26.96 38.14 36.16
CA GLU G 953 27.88 38.32 37.27
C GLU G 953 28.73 37.08 37.50
N TYR G 954 28.08 35.99 37.93
CA TYR G 954 28.82 34.74 38.11
C TYR G 954 29.25 34.19 36.77
N PHE G 955 28.44 34.39 35.75
CA PHE G 955 28.53 33.62 34.53
C PHE G 955 28.52 34.51 33.31
N TYR G 956 29.68 34.65 32.69
CA TYR G 956 29.82 35.15 31.34
C TYR G 956 29.51 34.01 30.37
N VAL G 957 28.78 34.35 29.31
CA VAL G 957 28.00 33.36 28.57
C VAL G 957 28.85 32.37 27.76
N LEU G 958 29.73 32.87 26.87
CA LEU G 958 30.62 32.05 26.03
C LEU G 958 29.93 30.93 25.27
N PRO G 959 29.26 31.22 24.16
CA PRO G 959 28.68 30.15 23.34
C PRO G 959 29.76 29.23 22.78
N VAL G 960 29.79 28.00 23.30
CA VAL G 960 30.91 27.12 22.97
C VAL G 960 30.67 26.47 21.62
N HIS G 961 29.44 26.51 21.14
CA HIS G 961 29.05 25.82 19.91
C HIS G 961 27.73 26.38 19.44
N ALA G 962 27.40 26.07 18.18
CA ALA G 962 26.09 26.44 17.65
C ALA G 962 24.95 25.67 18.31
N LEU G 963 25.24 24.53 18.95
CA LEU G 963 24.21 23.83 19.71
C LEU G 963 23.78 24.62 20.93
N PHE G 964 24.70 25.37 21.51
CA PHE G 964 24.43 26.13 22.71
C PHE G 964 24.77 27.57 22.36
N ALA G 965 23.81 28.25 21.74
CA ALA G 965 24.04 29.62 21.29
C ALA G 965 22.83 30.43 21.69
N GLY G 966 23.02 31.32 22.65
CA GLY G 966 21.91 31.98 23.30
C GLY G 966 21.23 33.01 22.43
N ALA G 967 19.99 32.69 22.05
CA ALA G 967 19.14 33.70 21.44
C ALA G 967 18.71 34.72 22.48
N ASP G 968 18.68 34.33 23.75
CA ASP G 968 18.31 35.27 24.80
C ASP G 968 19.44 35.45 25.80
N HIS G 969 20.38 34.50 25.85
CA HIS G 969 21.59 34.70 26.64
C HIS G 969 22.46 35.78 26.02
N VAL G 970 22.86 35.56 24.76
CA VAL G 970 23.94 36.33 24.15
C VAL G 970 23.42 37.67 23.66
N ALA G 971 22.18 37.71 23.20
CA ALA G 971 21.58 38.97 22.76
C ALA G 971 21.25 39.89 23.92
N ASN G 972 21.42 39.43 25.15
CA ASN G 972 21.15 40.20 26.35
C ASN G 972 22.35 40.18 27.28
N ALA G 973 23.52 40.48 26.74
CA ALA G 973 24.78 40.28 27.43
C ALA G 973 25.11 41.49 28.30
N PRO G 974 26.25 41.47 29.02
CA PRO G 974 26.85 42.74 29.46
C PRO G 974 27.24 43.62 28.28
N ASN G 975 27.54 44.90 28.59
CA ASN G 975 27.38 46.11 27.76
C ASN G 975 27.65 45.92 26.28
N PHE G 976 26.71 46.39 25.45
CA PHE G 976 26.28 45.60 24.33
C PHE G 976 25.90 46.45 23.13
N PRO G 977 26.26 46.05 21.92
CA PRO G 977 25.85 46.80 20.73
C PRO G 977 24.41 46.49 20.37
N PRO G 978 23.63 47.49 19.96
CA PRO G 978 22.27 47.21 19.50
C PRO G 978 22.22 46.83 18.03
N ALA G 979 23.29 47.09 17.28
CA ALA G 979 23.30 46.87 15.84
C ALA G 979 23.21 45.39 15.47
N LEU G 980 23.63 44.51 16.38
CA LEU G 980 23.68 43.09 16.07
C LEU G 980 22.34 42.40 16.33
N ARG G 981 21.33 43.17 16.76
CA ARG G 981 20.02 42.63 17.12
C ARG G 981 19.36 41.86 15.98
N ASP G 982 19.60 42.29 14.75
CA ASP G 982 19.23 41.52 13.56
C ASP G 982 19.96 40.19 13.57
N LEU G 983 21.28 40.23 13.78
CA LEU G 983 22.08 39.04 13.63
C LEU G 983 22.04 38.14 14.85
N ALA G 984 21.23 38.48 15.85
CA ALA G 984 21.16 37.68 17.06
C ALA G 984 19.91 36.81 17.07
N ARG G 985 18.83 37.33 16.48
CA ARG G 985 17.57 36.63 16.42
C ARG G 985 17.66 35.37 15.58
N HIS G 986 18.55 35.38 14.60
CA HIS G 986 19.01 34.19 13.90
C HIS G 986 20.51 34.18 14.06
N VAL G 987 21.21 33.39 13.25
CA VAL G 987 22.66 33.48 13.01
C VAL G 987 23.41 33.25 14.31
N PRO G 988 23.52 31.99 14.76
CA PRO G 988 24.06 31.70 16.10
C PRO G 988 25.46 32.23 16.35
N LEU G 989 25.58 33.14 17.30
CA LEU G 989 26.85 33.82 17.55
C LEU G 989 27.82 32.86 18.21
N VAL G 990 28.73 32.30 17.43
CA VAL G 990 29.80 31.48 17.97
C VAL G 990 31.05 32.35 18.00
N PRO G 991 31.54 32.73 19.18
CA PRO G 991 32.81 33.44 19.27
C PRO G 991 33.94 32.57 18.75
N PRO G 992 34.69 33.06 17.76
CA PRO G 992 35.51 32.15 16.93
C PRO G 992 36.76 31.59 17.59
N ALA G 993 36.97 31.80 18.89
CA ALA G 993 37.98 31.02 19.58
C ALA G 993 37.49 29.60 19.81
N LEU G 994 36.19 29.41 19.88
CA LEU G 994 35.59 28.13 20.29
C LEU G 994 35.23 27.25 19.11
N GLY G 995 35.73 27.55 17.92
CA GLY G 995 35.36 26.81 16.72
C GLY G 995 34.51 27.65 15.78
N ALA G 996 34.51 27.22 14.53
CA ALA G 996 33.83 27.96 13.48
C ALA G 996 32.62 27.16 12.98
N ASN G 997 31.97 27.72 11.98
CA ASN G 997 30.73 27.14 11.46
C ASN G 997 31.07 25.94 10.60
N TYR G 998 32.21 26.00 9.93
CA TYR G 998 32.53 24.95 8.98
C TYR G 998 33.64 24.03 9.46
N PHE G 999 34.36 24.40 10.50
CA PHE G 999 35.52 23.62 10.91
C PHE G 999 35.23 22.76 12.12
N SER G 1000 33.99 22.36 12.33
CA SER G 1000 33.64 21.48 13.43
C SER G 1000 33.01 20.19 12.90
N SER G 1001 32.55 19.36 13.82
CA SER G 1001 31.81 18.16 13.45
C SER G 1001 30.34 18.44 13.20
N ILE G 1002 29.77 19.42 13.87
CA ILE G 1002 28.34 19.70 13.82
C ILE G 1002 28.16 21.12 13.31
N ARG G 1003 27.49 21.25 12.17
CA ARG G 1003 27.34 22.52 11.48
C ARG G 1003 25.91 23.02 11.65
N GLN G 1004 25.64 24.17 11.02
CA GLN G 1004 24.30 24.77 10.99
C GLN G 1004 23.11 23.94 10.51
N PRO G 1005 23.21 22.99 9.52
CA PRO G 1005 22.00 22.28 9.10
C PRO G 1005 21.27 21.52 10.19
N VAL G 1006 21.99 20.86 11.08
CA VAL G 1006 21.32 20.09 12.11
C VAL G 1006 20.82 20.99 13.23
N VAL G 1007 21.44 22.15 13.42
CA VAL G 1007 21.07 22.91 14.60
C VAL G 1007 19.80 23.71 14.33
N GLN G 1008 19.49 23.93 13.06
CA GLN G 1008 18.16 24.47 12.76
C GLN G 1008 17.12 23.39 12.91
N HIS G 1009 17.44 22.19 12.46
CA HIS G 1009 16.64 20.98 12.64
C HIS G 1009 16.28 20.70 14.10
N ALA G 1010 17.15 21.10 15.02
CA ALA G 1010 16.82 21.07 16.44
C ALA G 1010 15.75 22.09 16.77
N ARG G 1011 15.86 23.31 16.23
CA ARG G 1011 14.91 24.39 16.55
C ARG G 1011 13.80 24.42 15.51
N GLU G 1012 13.43 23.22 15.05
CA GLU G 1012 12.41 22.93 14.06
C GLU G 1012 11.75 21.63 14.50
N SER G 1013 11.24 20.85 13.53
CA SER G 1013 10.01 20.06 13.55
C SER G 1013 9.50 19.57 14.89
N ALA G 1014 8.22 19.78 15.12
CA ALA G 1014 7.53 19.55 16.38
C ALA G 1014 7.27 18.09 16.68
N ALA G 1015 7.98 17.15 16.04
CA ALA G 1015 7.89 15.75 16.36
C ALA G 1015 8.34 15.48 17.79
N GLY G 1016 7.99 14.30 18.28
CA GLY G 1016 8.15 13.95 19.67
C GLY G 1016 9.60 13.86 20.11
N GLU G 1017 9.77 13.79 21.42
CA GLU G 1017 11.08 13.69 22.04
C GLU G 1017 11.74 12.38 21.67
N ASN G 1018 10.95 11.32 21.56
CA ASN G 1018 11.43 10.01 21.17
C ASN G 1018 11.99 10.04 19.76
N ALA G 1019 11.37 10.84 18.90
CA ALA G 1019 11.82 11.01 17.53
C ALA G 1019 13.19 11.67 17.45
N LEU G 1020 13.27 12.90 17.93
CA LEU G 1020 14.41 13.79 17.73
C LEU G 1020 15.68 13.24 18.36
N THR G 1021 15.51 12.49 19.46
CA THR G 1021 16.58 11.70 20.03
C THR G 1021 17.15 10.72 19.01
N TYR G 1022 16.29 9.96 18.36
CA TYR G 1022 16.78 9.00 17.39
C TYR G 1022 17.17 9.71 16.11
N ALA G 1023 16.49 10.81 15.81
CA ALA G 1023 16.68 11.52 14.55
C ALA G 1023 18.06 12.17 14.48
N LEU G 1024 18.39 12.96 15.48
CA LEU G 1024 19.69 13.61 15.56
C LEU G 1024 20.80 12.57 15.70
N MET G 1025 20.49 11.44 16.32
CA MET G 1025 21.44 10.34 16.39
C MET G 1025 21.68 9.78 15.00
N ALA G 1026 20.60 9.63 14.25
CA ALA G 1026 20.69 9.20 12.87
C ALA G 1026 21.35 10.27 12.00
N GLY G 1027 21.31 11.52 12.45
CA GLY G 1027 22.05 12.59 11.83
C GLY G 1027 23.53 12.57 12.19
N TYR G 1028 23.95 11.65 13.05
CA TYR G 1028 25.34 11.58 13.49
C TYR G 1028 26.08 10.38 12.95
N PHE G 1029 25.68 9.87 11.80
CA PHE G 1029 26.40 8.77 11.18
C PHE G 1029 27.49 9.29 10.26
N LYS G 1030 28.72 8.84 10.50
CA LYS G 1030 29.90 9.35 9.84
C LYS G 1030 29.91 9.04 8.35
N MET G 1031 30.80 9.72 7.64
CA MET G 1031 30.80 9.73 6.19
C MET G 1031 32.15 9.37 5.59
N SER G 1032 32.78 8.31 6.05
CA SER G 1032 33.96 7.78 5.38
C SER G 1032 33.50 6.73 4.39
N PRO G 1033 34.33 6.36 3.41
CA PRO G 1033 34.01 5.18 2.62
C PRO G 1033 34.01 3.91 3.45
N VAL G 1034 34.82 3.91 4.51
CA VAL G 1034 34.84 2.78 5.42
C VAL G 1034 33.54 2.71 6.23
N ALA G 1035 33.07 3.85 6.71
CA ALA G 1035 31.82 3.87 7.46
C ALA G 1035 30.64 3.55 6.56
N LEU G 1036 30.68 4.02 5.31
CA LEU G 1036 29.56 3.76 4.40
C LEU G 1036 29.56 2.32 3.90
N TYR G 1037 30.69 1.62 4.01
CA TYR G 1037 30.67 0.18 3.81
C TYR G 1037 29.93 -0.47 4.97
N HIS G 1038 29.98 0.19 6.10
CA HIS G 1038 29.64 -0.43 7.37
C HIS G 1038 28.21 -0.09 7.76
N GLN G 1039 27.56 0.77 6.98
CA GLN G 1039 26.18 1.14 7.27
C GLN G 1039 25.19 0.39 6.40
N LEU G 1040 25.62 0.02 5.19
CA LEU G 1040 24.67 -0.46 4.19
C LEU G 1040 24.39 -1.94 4.37
N LYS G 1041 25.44 -2.73 4.67
CA LYS G 1041 25.26 -4.16 4.90
C LYS G 1041 24.36 -4.43 6.09
N THR G 1042 24.42 -3.58 7.09
CA THR G 1042 23.44 -3.57 8.17
C THR G 1042 22.09 -3.17 7.59
N GLY G 1043 22.08 -2.08 6.85
CA GLY G 1043 20.86 -1.57 6.26
C GLY G 1043 20.34 -0.37 7.00
N LEU G 1044 20.69 0.81 6.50
CA LEU G 1044 20.25 2.08 7.07
C LEU G 1044 20.50 3.14 6.02
N HIS G 1045 19.57 4.08 5.89
CA HIS G 1045 19.61 5.02 4.79
C HIS G 1045 20.63 6.11 5.12
N PRO G 1046 21.67 6.25 4.36
CA PRO G 1046 22.82 7.07 4.77
C PRO G 1046 22.73 8.53 4.34
N GLY G 1047 21.63 9.18 4.70
CA GLY G 1047 21.52 10.61 4.47
C GLY G 1047 21.10 11.02 3.08
N PHE G 1048 21.33 10.21 2.06
CA PHE G 1048 21.03 10.58 0.69
C PHE G 1048 20.69 9.35 -0.12
N GLY G 1049 20.54 9.55 -1.42
CA GLY G 1049 20.14 8.48 -2.32
C GLY G 1049 21.02 8.43 -3.54
N PHE G 1050 20.51 7.75 -4.57
CA PHE G 1050 21.29 7.45 -5.76
C PHE G 1050 20.45 7.55 -7.02
N THR G 1051 21.04 7.03 -8.09
CA THR G 1051 20.38 6.86 -9.38
C THR G 1051 21.12 5.78 -10.14
N VAL G 1052 20.40 5.07 -11.00
CA VAL G 1052 20.98 3.91 -11.68
C VAL G 1052 20.93 4.10 -13.18
N VAL G 1053 22.06 3.91 -13.84
CA VAL G 1053 22.14 4.02 -15.29
C VAL G 1053 22.74 2.72 -15.82
N ARG G 1054 22.01 2.06 -16.70
CA ARG G 1054 22.38 0.75 -17.19
C ARG G 1054 21.97 0.61 -18.65
N GLN G 1055 22.34 -0.50 -19.25
CA GLN G 1055 22.22 -0.66 -20.69
C GLN G 1055 21.73 -2.07 -21.02
N ASP G 1056 20.45 -2.18 -21.38
CA ASP G 1056 19.93 -3.36 -22.04
C ASP G 1056 20.22 -3.26 -23.53
N ARG G 1057 20.00 -4.35 -24.25
CA ARG G 1057 20.31 -4.44 -25.68
C ARG G 1057 19.31 -5.39 -26.34
N PHE G 1058 18.81 -4.99 -27.51
CA PHE G 1058 17.67 -5.68 -28.10
C PHE G 1058 17.92 -5.96 -29.57
N VAL G 1059 17.90 -7.23 -29.94
CA VAL G 1059 18.00 -7.63 -31.34
C VAL G 1059 16.61 -7.53 -31.96
N THR G 1060 16.53 -6.77 -33.06
CA THR G 1060 15.28 -6.50 -33.75
C THR G 1060 15.40 -6.88 -35.22
N GLU G 1061 14.24 -7.11 -35.85
CA GLU G 1061 14.15 -7.43 -37.27
C GLU G 1061 13.64 -6.19 -37.99
N ASN G 1062 14.52 -5.51 -38.71
CA ASN G 1062 14.17 -4.26 -39.35
C ASN G 1062 13.66 -4.52 -40.75
N VAL G 1063 13.07 -3.48 -41.34
CA VAL G 1063 12.42 -3.54 -42.64
C VAL G 1063 12.94 -2.40 -43.50
N LEU G 1064 13.41 -2.73 -44.70
CA LEU G 1064 14.05 -1.75 -45.56
C LEU G 1064 13.31 -1.64 -46.89
N PHE G 1065 12.49 -0.59 -47.01
CA PHE G 1065 11.93 -0.13 -48.26
C PHE G 1065 12.98 0.59 -49.10
N SER G 1066 12.89 0.44 -50.41
CA SER G 1066 13.79 1.17 -51.29
C SER G 1066 13.04 1.75 -52.47
N GLU G 1067 13.62 2.79 -53.06
CA GLU G 1067 13.20 3.29 -54.35
C GLU G 1067 13.94 2.51 -55.42
N ARG G 1068 13.31 2.42 -56.60
CA ARG G 1068 13.81 1.74 -57.79
C ARG G 1068 15.27 2.02 -58.12
N ALA G 1069 15.60 3.27 -58.42
CA ALA G 1069 16.93 3.60 -58.94
C ALA G 1069 17.64 4.48 -57.93
N SER G 1070 18.38 3.87 -57.02
CA SER G 1070 19.03 4.66 -55.98
C SER G 1070 20.53 4.51 -55.98
N GLU G 1071 21.02 3.28 -56.11
CA GLU G 1071 22.43 3.04 -55.90
C GLU G 1071 23.15 2.91 -57.23
N ALA G 1072 24.46 2.67 -57.17
CA ALA G 1072 25.29 2.61 -58.37
C ALA G 1072 25.91 1.23 -58.58
N TYR G 1073 26.72 0.76 -57.61
CA TYR G 1073 27.20 -0.61 -57.50
C TYR G 1073 27.79 -1.22 -58.76
N PHE G 1074 28.98 -0.79 -59.18
CA PHE G 1074 29.49 -1.27 -60.44
C PHE G 1074 30.27 -2.55 -60.20
N LEU G 1075 30.89 -3.08 -61.25
CA LEU G 1075 31.61 -4.35 -61.12
C LEU G 1075 32.90 -4.34 -61.93
N GLY G 1076 33.80 -5.24 -61.55
CA GLY G 1076 35.17 -5.31 -62.05
C GLY G 1076 35.57 -6.70 -62.50
N GLN G 1077 36.77 -7.11 -62.08
CA GLN G 1077 37.48 -8.21 -62.70
C GLN G 1077 38.04 -9.15 -61.63
N LEU G 1078 38.15 -10.43 -61.94
CA LEU G 1078 38.34 -11.46 -60.90
C LEU G 1078 39.58 -12.32 -61.19
N GLN G 1079 40.66 -12.07 -60.42
CA GLN G 1079 41.87 -12.89 -60.43
C GLN G 1079 42.71 -12.66 -59.19
N VAL G 1080 43.19 -13.75 -58.57
CA VAL G 1080 44.24 -13.73 -57.52
C VAL G 1080 45.14 -14.96 -57.72
N ALA G 1081 46.41 -14.73 -58.01
CA ALA G 1081 47.43 -15.76 -57.84
C ALA G 1081 48.36 -15.31 -56.73
N ARG G 1082 48.00 -15.64 -55.49
CA ARG G 1082 48.72 -15.12 -54.33
C ARG G 1082 49.90 -16.01 -53.96
N HIS G 1083 50.36 -15.83 -52.73
CA HIS G 1083 51.57 -16.48 -52.24
C HIS G 1083 51.34 -17.98 -52.06
N GLU G 1084 52.20 -18.78 -52.68
CA GLU G 1084 52.08 -20.23 -52.60
C GLU G 1084 52.41 -20.70 -51.19
N THR G 1085 51.44 -21.31 -50.53
CA THR G 1085 51.53 -21.62 -49.11
C THR G 1085 51.81 -23.10 -48.86
N GLY G 1086 52.09 -23.86 -49.90
CA GLY G 1086 52.33 -25.27 -49.71
C GLY G 1086 51.26 -26.10 -50.39
N GLY G 1087 51.67 -26.85 -51.41
CA GLY G 1087 50.71 -27.54 -52.23
C GLY G 1087 49.81 -26.59 -52.99
N GLY G 1088 50.38 -25.51 -53.50
CA GLY G 1088 49.62 -24.50 -54.20
C GLY G 1088 49.10 -23.42 -53.28
N VAL G 1089 48.95 -22.22 -53.86
CA VAL G 1089 48.30 -21.12 -53.17
C VAL G 1089 46.80 -21.34 -53.03
N ASN G 1090 46.19 -22.03 -53.99
CA ASN G 1090 44.80 -22.48 -54.18
C ASN G 1090 43.84 -21.45 -54.77
N PHE G 1091 44.33 -20.32 -55.28
CA PHE G 1091 43.65 -19.56 -56.34
C PHE G 1091 42.30 -18.95 -55.94
N THR G 1092 42.36 -17.93 -55.08
CA THR G 1092 41.30 -16.94 -54.89
C THR G 1092 41.11 -16.12 -56.18
N LEU G 1093 39.97 -15.45 -56.32
CA LEU G 1093 39.79 -14.41 -57.32
C LEU G 1093 38.88 -13.30 -56.81
N THR G 1094 39.47 -12.21 -56.32
CA THR G 1094 38.72 -11.10 -55.76
C THR G 1094 38.26 -10.15 -56.86
N GLN G 1095 37.25 -9.34 -56.57
CA GLN G 1095 36.69 -8.46 -57.58
C GLN G 1095 36.48 -7.07 -57.02
N PRO G 1096 36.86 -6.02 -57.74
CA PRO G 1096 36.60 -4.67 -57.26
C PRO G 1096 35.23 -4.17 -57.68
N ARG G 1097 34.62 -3.38 -56.82
CA ARG G 1097 33.35 -2.74 -57.07
C ARG G 1097 33.37 -1.33 -56.49
N GLY G 1098 32.19 -0.77 -56.31
CA GLY G 1098 32.09 0.57 -55.77
C GLY G 1098 30.75 1.18 -56.09
N ASN G 1099 30.31 2.08 -55.23
CA ASN G 1099 28.92 2.51 -55.28
C ASN G 1099 28.78 3.89 -54.68
N VAL G 1100 27.95 4.73 -55.32
CA VAL G 1100 27.69 6.09 -54.87
C VAL G 1100 26.22 6.22 -54.55
N ASP G 1101 25.88 7.33 -53.93
CA ASP G 1101 24.49 7.63 -53.61
C ASP G 1101 23.84 8.40 -54.75
N LEU G 1102 23.40 7.67 -55.78
CA LEU G 1102 22.78 8.28 -56.96
C LEU G 1102 21.38 8.73 -56.56
N GLY G 1103 21.31 9.86 -55.89
CA GLY G 1103 20.06 10.42 -55.44
C GLY G 1103 20.30 11.53 -54.44
N VAL G 1104 19.65 12.66 -54.68
CA VAL G 1104 19.94 13.89 -53.97
C VAL G 1104 19.20 13.96 -52.66
N GLY G 1105 18.26 13.06 -52.42
CA GLY G 1105 17.48 13.10 -51.21
C GLY G 1105 17.58 11.80 -50.45
N TYR G 1106 16.71 11.67 -49.46
CA TYR G 1106 16.73 10.53 -48.57
C TYR G 1106 16.00 9.39 -49.26
N THR G 1107 16.71 8.72 -50.17
CA THR G 1107 16.15 7.57 -50.87
C THR G 1107 16.23 6.36 -49.95
N ALA G 1108 15.26 5.46 -50.12
CA ALA G 1108 15.40 4.06 -49.77
C ALA G 1108 15.67 3.77 -48.29
N VAL G 1109 14.71 3.97 -47.39
CA VAL G 1109 15.19 4.16 -46.03
C VAL G 1109 15.16 2.92 -45.12
N ALA G 1110 14.09 2.65 -44.37
CA ALA G 1110 14.25 1.85 -43.15
C ALA G 1110 12.98 1.74 -42.33
N ALA G 1111 12.95 0.77 -41.43
CA ALA G 1111 11.90 0.66 -40.42
C ALA G 1111 12.42 -0.12 -39.22
N THR G 1112 11.53 -0.33 -38.25
CA THR G 1112 11.82 -1.06 -37.04
C THR G 1112 10.55 -1.65 -36.44
N GLY G 1113 10.35 -2.95 -36.65
CA GLY G 1113 9.20 -3.61 -36.08
C GLY G 1113 9.46 -5.09 -35.84
N THR G 1114 9.99 -5.42 -34.66
CA THR G 1114 9.72 -6.55 -33.76
C THR G 1114 10.71 -6.51 -32.60
N VAL G 1115 10.44 -7.26 -31.53
CA VAL G 1115 11.36 -7.39 -30.41
C VAL G 1115 11.59 -8.87 -30.17
N ARG G 1116 12.73 -9.37 -30.62
CA ARG G 1116 12.97 -10.80 -30.56
C ARG G 1116 13.24 -11.27 -29.15
N ASN G 1117 14.33 -10.82 -28.56
CA ASN G 1117 14.70 -11.24 -27.20
C ASN G 1117 15.70 -10.25 -26.63
N PRO G 1118 15.59 -9.93 -25.35
CA PRO G 1118 16.47 -8.93 -24.75
C PRO G 1118 17.84 -9.47 -24.39
N VAL G 1119 18.78 -9.41 -25.35
CA VAL G 1119 20.06 -10.11 -25.37
C VAL G 1119 20.85 -10.03 -24.07
N THR G 1120 21.10 -8.83 -23.57
CA THR G 1120 21.62 -8.75 -22.22
C THR G 1120 20.45 -8.61 -21.26
N ASP G 1121 20.58 -9.23 -20.10
CA ASP G 1121 19.40 -9.40 -19.25
C ASP G 1121 19.04 -8.11 -18.56
N MET G 1122 17.79 -8.01 -18.16
CA MET G 1122 17.50 -7.11 -17.07
C MET G 1122 18.08 -7.73 -15.80
N GLY G 1123 19.04 -7.04 -15.20
CA GLY G 1123 19.89 -7.71 -14.23
C GLY G 1123 20.16 -6.86 -13.01
N ASN G 1124 20.60 -7.54 -11.95
CA ASN G 1124 20.86 -6.87 -10.69
C ASN G 1124 22.32 -6.57 -10.47
N LEU G 1125 23.16 -6.74 -11.48
CA LEU G 1125 24.59 -6.84 -11.23
C LEU G 1125 25.22 -5.48 -10.98
N PRO G 1126 25.85 -5.27 -9.84
CA PRO G 1126 26.33 -3.92 -9.50
C PRO G 1126 27.62 -3.56 -10.20
N GLN G 1127 28.13 -2.39 -9.86
CA GLN G 1127 29.40 -1.86 -10.36
C GLN G 1127 30.47 -2.02 -9.28
N ASN G 1128 31.67 -2.37 -9.71
CA ASN G 1128 32.83 -2.44 -8.83
C ASN G 1128 33.86 -1.41 -9.27
N PHE G 1129 34.15 -0.45 -8.41
CA PHE G 1129 35.22 0.50 -8.69
C PHE G 1129 36.60 0.00 -8.35
N TYR G 1130 36.71 -1.07 -7.57
CA TYR G 1130 38.01 -1.66 -7.30
C TYR G 1130 38.53 -2.49 -8.46
N LEU G 1131 37.76 -2.58 -9.55
CA LEU G 1131 38.21 -3.22 -10.78
C LEU G 1131 39.41 -2.52 -11.39
N GLY G 1132 39.43 -1.19 -11.33
CA GLY G 1132 40.51 -0.42 -11.90
C GLY G 1132 41.23 0.45 -10.89
N ARG G 1133 42.46 0.82 -11.24
CA ARG G 1133 43.26 1.75 -10.46
C ARG G 1133 42.88 3.16 -10.92
N GLY G 1134 42.42 3.99 -10.00
CA GLY G 1134 42.12 5.34 -10.43
C GLY G 1134 42.42 6.41 -9.41
N ALA G 1135 42.77 6.01 -8.20
CA ALA G 1135 42.68 6.96 -7.11
C ALA G 1135 43.83 6.80 -6.15
N PRO G 1136 44.22 7.86 -5.45
CA PRO G 1136 45.08 7.71 -4.30
C PRO G 1136 44.36 6.91 -3.23
N PRO G 1137 44.99 5.87 -2.70
CA PRO G 1137 44.35 5.09 -1.63
C PRO G 1137 44.36 5.80 -0.30
N LEU G 1138 43.84 5.13 0.73
CA LEU G 1138 43.98 5.65 2.08
C LEU G 1138 45.45 5.67 2.48
N LEU G 1139 45.81 6.67 3.27
CA LEU G 1139 47.15 6.65 3.82
C LEU G 1139 47.24 5.72 5.01
N ASP G 1140 46.15 5.55 5.74
CA ASP G 1140 46.06 4.50 6.75
C ASP G 1140 45.95 3.17 6.03
N ASN G 1141 47.09 2.55 5.74
CA ASN G 1141 47.11 1.38 4.85
C ASN G 1141 46.55 0.15 5.52
N ALA G 1142 46.45 0.15 6.84
CA ALA G 1142 45.78 -0.94 7.54
C ALA G 1142 44.30 -0.93 7.24
N ALA G 1143 43.74 0.26 7.03
CA ALA G 1143 42.30 0.36 6.82
C ALA G 1143 41.90 -0.10 5.43
N ALA G 1144 42.64 0.32 4.40
CA ALA G 1144 42.23 0.11 3.03
C ALA G 1144 42.35 -1.33 2.62
N VAL G 1145 43.32 -2.06 3.19
CA VAL G 1145 43.47 -3.46 2.85
C VAL G 1145 42.41 -4.30 3.56
N TYR G 1146 41.87 -3.77 4.65
CA TYR G 1146 40.69 -4.37 5.24
C TYR G 1146 39.51 -4.17 4.31
N LEU G 1147 39.43 -2.99 3.70
CA LEU G 1147 38.25 -2.68 2.89
C LEU G 1147 38.43 -3.19 1.48
N ARG G 1148 39.67 -3.55 1.12
CA ARG G 1148 40.04 -4.18 -0.13
C ARG G 1148 39.19 -5.40 -0.41
N ASN G 1149 39.33 -6.42 0.43
CA ASN G 1149 38.61 -7.66 0.21
C ASN G 1149 37.20 -7.60 0.79
N ALA G 1150 36.94 -6.58 1.61
CA ALA G 1150 35.60 -6.42 2.19
C ALA G 1150 34.59 -6.10 1.11
N VAL G 1151 35.01 -5.37 0.10
CA VAL G 1151 34.13 -5.04 -1.01
C VAL G 1151 34.14 -6.17 -2.02
N VAL G 1152 35.32 -6.73 -2.27
CA VAL G 1152 35.56 -7.59 -3.43
C VAL G 1152 35.66 -9.01 -2.90
N ALA G 1153 34.86 -9.32 -1.89
CA ALA G 1153 34.72 -10.67 -1.38
C ALA G 1153 34.29 -11.64 -2.46
N GLY G 1154 33.08 -11.49 -2.97
CA GLY G 1154 32.59 -12.42 -3.96
C GLY G 1154 31.75 -11.83 -5.06
N ASN G 1155 32.05 -10.61 -5.52
CA ASN G 1155 31.33 -10.02 -6.63
C ASN G 1155 31.50 -10.89 -7.86
N ARG G 1156 30.40 -11.01 -8.62
CA ARG G 1156 30.47 -11.57 -9.96
C ARG G 1156 31.41 -10.75 -10.83
N LEU G 1157 31.46 -9.44 -10.60
CA LEU G 1157 32.48 -8.60 -11.18
C LEU G 1157 33.64 -8.35 -10.24
N GLY G 1158 34.03 -9.32 -9.42
CA GLY G 1158 35.16 -9.17 -8.54
C GLY G 1158 36.29 -10.09 -8.92
N PRO G 1159 37.48 -9.54 -9.17
CA PRO G 1159 38.58 -10.36 -9.65
C PRO G 1159 39.17 -11.20 -8.54
N ALA G 1160 39.86 -12.25 -8.93
CA ALA G 1160 40.83 -12.89 -8.08
C ALA G 1160 42.20 -12.42 -8.54
N GLN G 1161 43.24 -12.59 -7.68
CA GLN G 1161 44.66 -12.22 -7.85
C GLN G 1161 44.80 -10.81 -8.45
N PRO G 1162 44.58 -9.78 -7.64
CA PRO G 1162 44.28 -8.44 -8.18
C PRO G 1162 45.45 -7.76 -8.86
N LEU G 1163 45.17 -6.50 -9.26
CA LEU G 1163 45.78 -5.79 -10.40
C LEU G 1163 47.29 -5.85 -10.48
N PRO G 1164 47.85 -6.35 -11.58
CA PRO G 1164 49.25 -6.07 -11.89
C PRO G 1164 49.44 -4.64 -12.40
N VAL G 1165 50.66 -4.36 -12.87
CA VAL G 1165 50.99 -2.99 -13.25
C VAL G 1165 50.26 -2.58 -14.53
N PHE G 1166 50.41 -3.38 -15.60
CA PHE G 1166 49.69 -3.16 -16.86
C PHE G 1166 48.80 -4.36 -17.10
N GLY G 1167 47.57 -4.12 -17.53
CA GLY G 1167 46.70 -5.20 -17.94
C GLY G 1167 45.33 -5.06 -17.32
N CYS G 1168 44.42 -5.91 -17.79
CA CYS G 1168 43.05 -5.89 -17.34
C CYS G 1168 42.89 -6.67 -16.03
N ALA G 1169 41.74 -6.48 -15.40
CA ALA G 1169 41.49 -7.09 -14.10
C ALA G 1169 41.14 -8.56 -14.20
N GLN G 1170 40.76 -9.03 -15.40
CA GLN G 1170 40.38 -10.42 -15.68
C GLN G 1170 39.22 -10.86 -14.80
N VAL G 1171 38.07 -10.27 -15.08
CA VAL G 1171 36.79 -10.61 -14.46
C VAL G 1171 36.54 -12.10 -14.61
N PRO G 1172 36.24 -12.81 -13.53
CA PRO G 1172 36.16 -14.27 -13.59
C PRO G 1172 34.96 -14.73 -14.38
N ARG G 1173 34.90 -16.03 -14.61
CA ARG G 1173 33.81 -16.65 -15.36
C ARG G 1173 33.03 -17.57 -14.43
N ARG G 1174 31.74 -17.29 -14.28
CA ARG G 1174 30.90 -18.20 -13.53
C ARG G 1174 30.61 -19.43 -14.39
N ALA G 1175 30.24 -20.53 -13.73
CA ALA G 1175 30.14 -21.81 -14.41
C ALA G 1175 29.00 -21.85 -15.40
N GLY G 1176 27.96 -21.03 -15.22
CA GLY G 1176 26.86 -21.06 -16.15
C GLY G 1176 26.19 -19.71 -16.24
N MET G 1177 25.61 -19.48 -17.41
CA MET G 1177 24.84 -18.26 -17.65
C MET G 1177 23.55 -18.66 -18.35
N ASP G 1178 22.46 -18.05 -17.90
CA ASP G 1178 21.13 -18.53 -18.26
C ASP G 1178 20.34 -17.57 -19.12
N HIS G 1179 20.15 -16.36 -18.61
CA HIS G 1179 19.22 -15.44 -19.23
C HIS G 1179 19.86 -14.65 -20.35
N GLY G 1180 21.10 -14.24 -20.18
CA GLY G 1180 21.82 -13.55 -21.23
C GLY G 1180 23.06 -12.89 -20.67
N GLN G 1181 23.58 -11.95 -21.45
CA GLN G 1181 24.72 -11.15 -21.05
C GLN G 1181 24.36 -10.29 -19.84
N ASP G 1182 25.34 -9.96 -19.03
CA ASP G 1182 25.06 -9.35 -17.74
C ASP G 1182 25.02 -7.83 -17.85
N ALA G 1183 24.25 -7.20 -16.97
CA ALA G 1183 24.16 -5.75 -16.94
C ALA G 1183 25.23 -5.17 -16.04
N VAL G 1184 25.36 -3.84 -16.08
CA VAL G 1184 26.24 -3.10 -15.20
C VAL G 1184 25.42 -2.00 -14.55
N CYS G 1185 25.22 -2.09 -13.24
CA CYS G 1185 24.41 -1.11 -12.55
C CYS G 1185 25.29 -0.09 -11.84
N GLU G 1186 25.63 0.99 -12.55
CA GLU G 1186 26.45 2.06 -12.01
C GLU G 1186 25.58 3.06 -11.28
N PHE G 1187 26.14 3.65 -10.23
CA PHE G 1187 25.40 4.44 -9.27
C PHE G 1187 26.01 5.83 -9.22
N ILE G 1188 25.15 6.85 -9.08
CA ILE G 1188 25.59 8.23 -8.94
C ILE G 1188 24.82 8.83 -7.78
N ALA G 1189 25.52 9.48 -6.86
CA ALA G 1189 24.91 10.01 -5.65
C ALA G 1189 23.94 11.15 -5.97
N THR G 1190 22.75 11.06 -5.41
CA THR G 1190 21.72 12.06 -5.55
C THR G 1190 21.21 12.49 -4.19
N PRO G 1191 20.85 13.75 -4.02
CA PRO G 1191 20.10 14.14 -2.83
C PRO G 1191 18.71 13.54 -2.92
N VAL G 1192 18.09 13.33 -1.76
CA VAL G 1192 16.79 12.67 -1.77
C VAL G 1192 15.68 13.61 -2.17
N ALA G 1193 15.91 14.92 -2.08
CA ALA G 1193 14.81 15.89 -2.15
C ALA G 1193 14.68 16.51 -3.54
N THR G 1194 14.50 15.67 -4.54
CA THR G 1194 14.14 16.13 -5.87
C THR G 1194 12.70 15.74 -6.12
N ASP G 1195 12.22 15.98 -7.32
CA ASP G 1195 10.93 15.45 -7.68
C ASP G 1195 11.07 14.02 -8.22
N ILE G 1196 9.99 13.25 -8.04
CA ILE G 1196 9.88 12.00 -8.76
C ILE G 1196 9.24 12.26 -10.11
N ASN G 1197 8.78 13.49 -10.33
CA ASN G 1197 8.25 13.91 -11.62
C ASN G 1197 9.31 13.90 -12.70
N TYR G 1198 10.45 14.53 -12.45
CA TYR G 1198 11.68 14.19 -13.15
C TYR G 1198 11.91 12.74 -12.80
N PHE G 1199 12.26 11.94 -13.81
CA PHE G 1199 12.37 10.48 -13.93
C PHE G 1199 11.03 9.81 -14.20
N ARG G 1200 9.98 10.59 -14.43
CA ARG G 1200 8.78 10.08 -15.09
C ARG G 1200 8.74 10.52 -16.53
N ARG G 1201 9.93 10.77 -17.06
CA ARG G 1201 10.18 11.34 -18.37
C ARG G 1201 11.46 10.71 -18.92
N PRO G 1202 11.74 10.79 -20.24
CA PRO G 1202 12.96 10.17 -20.77
C PRO G 1202 14.27 10.88 -20.45
N CYS G 1203 14.26 11.76 -19.46
CA CYS G 1203 15.25 12.79 -19.17
C CYS G 1203 16.72 12.40 -19.08
N ASN G 1204 17.58 13.41 -19.17
CA ASN G 1204 19.01 13.24 -19.01
C ASN G 1204 19.30 12.82 -17.57
N PRO G 1205 19.97 11.69 -17.35
CA PRO G 1205 20.22 11.23 -15.97
C PRO G 1205 21.20 12.08 -15.20
N ARG G 1206 21.95 12.95 -15.86
CA ARG G 1206 22.86 13.79 -15.10
C ARG G 1206 22.15 14.93 -14.42
N GLY G 1207 20.93 15.24 -14.82
CA GLY G 1207 20.12 16.27 -14.18
C GLY G 1207 20.02 17.55 -14.95
N ARG G 1208 20.62 17.62 -16.13
CA ARG G 1208 20.61 18.80 -16.98
C ARG G 1208 20.87 18.35 -18.39
N ALA G 1209 20.18 18.99 -19.35
CA ALA G 1209 20.36 18.69 -20.76
C ALA G 1209 21.80 18.95 -21.19
N ALA G 1210 22.37 18.03 -21.96
CA ALA G 1210 23.80 18.02 -22.18
C ALA G 1210 24.20 17.81 -23.64
N GLY G 1211 23.32 17.25 -24.46
CA GLY G 1211 23.70 16.87 -25.81
C GLY G 1211 23.88 18.05 -26.73
N GLY G 1212 24.57 17.79 -27.83
CA GLY G 1212 24.89 18.82 -28.81
C GLY G 1212 23.79 19.10 -29.80
N VAL G 1213 22.54 18.87 -29.40
CA VAL G 1213 21.42 19.19 -30.28
C VAL G 1213 20.93 20.59 -30.01
N TYR G 1214 20.82 20.97 -28.75
CA TYR G 1214 20.07 22.14 -28.35
C TYR G 1214 20.82 23.44 -28.58
N ALA G 1215 22.13 23.38 -28.79
CA ALA G 1215 22.93 24.59 -28.93
C ALA G 1215 22.60 25.31 -30.24
N GLY G 1216 22.78 26.63 -30.23
CA GLY G 1216 22.37 27.46 -31.34
C GLY G 1216 23.45 27.96 -32.27
N ASP G 1217 24.60 27.29 -32.32
CA ASP G 1217 25.73 27.63 -33.20
C ASP G 1217 26.23 29.05 -32.94
N LYS G 1218 26.55 29.34 -31.69
CA LYS G 1218 27.25 30.56 -31.34
C LYS G 1218 28.64 30.28 -30.81
N GLU G 1219 29.16 29.06 -31.05
CA GLU G 1219 30.55 28.64 -30.82
C GLU G 1219 30.94 28.54 -29.35
N GLY G 1220 30.06 28.87 -28.43
CA GLY G 1220 30.41 28.81 -27.02
C GLY G 1220 29.30 28.29 -26.14
N ASP G 1221 28.16 27.99 -26.75
CA ASP G 1221 26.98 27.65 -25.98
C ASP G 1221 26.97 26.19 -25.53
N VAL G 1222 27.81 25.36 -26.17
CA VAL G 1222 27.85 23.92 -25.94
C VAL G 1222 28.30 23.62 -24.53
N ILE G 1223 29.46 24.16 -24.15
CA ILE G 1223 29.96 23.95 -22.81
C ILE G 1223 29.18 24.82 -21.83
N ALA G 1224 28.56 25.88 -22.34
CA ALA G 1224 27.78 26.80 -21.51
C ALA G 1224 26.55 26.13 -20.91
N LEU G 1225 25.82 25.36 -21.72
CA LEU G 1225 24.72 24.61 -21.13
C LEU G 1225 25.22 23.43 -20.32
N MET G 1226 26.46 22.99 -20.58
CA MET G 1226 27.02 21.85 -19.89
C MET G 1226 27.36 22.18 -18.43
N TYR G 1227 28.15 23.23 -18.21
CA TYR G 1227 28.70 23.48 -16.88
C TYR G 1227 28.25 24.80 -16.30
N ASP G 1228 28.08 25.84 -17.13
CA ASP G 1228 27.72 27.17 -16.64
C ASP G 1228 26.29 27.13 -16.13
N HIS G 1229 26.17 27.04 -14.81
CA HIS G 1229 24.82 26.97 -14.26
C HIS G 1229 24.30 28.33 -13.85
N GLY G 1230 24.84 29.40 -14.41
CA GLY G 1230 24.18 30.68 -14.33
C GLY G 1230 22.85 30.66 -15.06
N GLN G 1231 22.78 30.00 -16.20
CA GLN G 1231 21.52 29.89 -16.93
C GLN G 1231 20.67 28.79 -16.32
N SER G 1232 19.55 28.50 -16.95
CA SER G 1232 18.71 27.41 -16.50
C SER G 1232 18.93 26.20 -17.40
N ASP G 1233 18.20 25.13 -17.11
CA ASP G 1233 18.24 23.92 -17.92
C ASP G 1233 17.56 24.20 -19.24
N PRO G 1234 18.13 23.80 -20.37
CA PRO G 1234 17.31 23.70 -21.58
C PRO G 1234 16.17 22.73 -21.41
N ALA G 1235 16.39 21.65 -20.69
CA ALA G 1235 15.35 20.64 -20.55
C ALA G 1235 14.27 21.07 -19.58
N ARG G 1236 14.65 21.45 -18.37
CA ARG G 1236 13.71 21.68 -17.28
C ARG G 1236 13.91 23.11 -16.79
N PRO G 1237 13.40 24.12 -17.52
CA PRO G 1237 13.97 25.46 -17.40
C PRO G 1237 13.54 26.25 -16.18
N PHE G 1238 12.60 25.75 -15.40
CA PHE G 1238 12.31 26.45 -14.16
C PHE G 1238 13.40 26.23 -13.12
N ALA G 1239 14.23 25.22 -13.29
CA ALA G 1239 15.40 25.01 -12.45
C ALA G 1239 16.64 25.01 -13.34
N ALA G 1240 17.79 24.76 -12.71
CA ALA G 1240 19.05 24.67 -13.45
C ALA G 1240 19.48 23.22 -13.62
N THR G 1241 19.64 22.50 -12.51
CA THR G 1241 20.03 21.09 -12.57
C THR G 1241 18.99 20.25 -11.85
N ALA G 1242 19.31 18.98 -11.67
CA ALA G 1242 18.55 18.12 -10.77
C ALA G 1242 19.47 17.47 -9.73
N ASN G 1243 20.72 17.23 -10.09
CA ASN G 1243 21.72 16.77 -9.13
C ASN G 1243 22.96 17.62 -9.30
N PRO G 1244 23.20 18.60 -8.43
CA PRO G 1244 24.41 19.41 -8.55
C PRO G 1244 25.68 18.63 -8.27
N TRP G 1245 25.59 17.52 -7.54
CA TRP G 1245 26.69 16.57 -7.35
C TRP G 1245 26.99 15.80 -8.62
N ALA G 1246 26.08 15.80 -9.57
CA ALA G 1246 26.28 15.10 -10.83
C ALA G 1246 26.48 16.09 -11.97
N SER G 1247 26.05 17.33 -11.77
CA SER G 1247 26.04 18.27 -12.89
C SER G 1247 27.34 19.02 -13.05
N GLN G 1248 27.77 19.75 -12.04
CA GLN G 1248 28.75 20.83 -12.16
C GLN G 1248 30.14 20.28 -12.47
N ARG G 1249 31.03 21.18 -12.89
CA ARG G 1249 32.41 20.78 -13.11
C ARG G 1249 33.05 20.47 -11.76
N PHE G 1250 33.87 19.42 -11.75
CA PHE G 1250 34.54 18.86 -10.57
C PHE G 1250 33.56 18.38 -9.51
N SER G 1251 32.33 18.05 -9.89
CA SER G 1251 31.42 17.45 -8.92
C SER G 1251 31.68 15.95 -8.85
N TYR G 1252 30.98 15.31 -7.91
CA TYR G 1252 31.23 13.89 -7.66
C TYR G 1252 30.75 13.03 -8.82
N GLY G 1253 29.69 13.46 -9.50
CA GLY G 1253 29.37 12.85 -10.77
C GLY G 1253 30.44 13.09 -11.79
N ASP G 1254 30.97 14.31 -11.84
CA ASP G 1254 31.93 14.64 -12.87
C ASP G 1254 33.30 14.05 -12.56
N LEU G 1255 33.56 13.79 -11.28
CA LEU G 1255 34.86 13.22 -10.93
C LEU G 1255 34.91 11.74 -11.25
N LEU G 1256 33.76 11.06 -11.28
CA LEU G 1256 33.82 9.63 -11.52
C LEU G 1256 34.02 9.30 -12.99
N TYR G 1257 33.10 9.71 -13.84
CA TYR G 1257 33.05 9.12 -15.17
C TYR G 1257 33.53 10.04 -16.28
N ASN G 1258 34.29 11.09 -15.96
CA ASN G 1258 34.88 11.92 -17.00
C ASN G 1258 35.93 11.14 -17.77
N GLY G 1259 35.91 11.31 -19.08
CA GLY G 1259 36.87 10.64 -19.94
C GLY G 1259 38.26 11.21 -19.81
N ALA G 1260 38.36 12.47 -19.39
CA ALA G 1260 39.67 13.07 -19.22
C ALA G 1260 40.35 12.54 -17.96
N TYR G 1261 39.58 12.27 -16.92
CA TYR G 1261 40.15 11.81 -15.67
C TYR G 1261 40.55 10.35 -15.78
N HIS G 1262 39.74 9.58 -16.52
CA HIS G 1262 39.84 8.14 -16.78
C HIS G 1262 40.21 7.33 -15.54
N LEU G 1263 39.30 7.30 -14.57
CA LEU G 1263 39.48 6.44 -13.40
C LEU G 1263 39.52 4.97 -13.81
N ASN G 1264 38.46 4.50 -14.44
CA ASN G 1264 38.56 3.25 -15.17
C ASN G 1264 39.28 3.48 -16.48
N GLY G 1265 39.60 2.39 -17.16
CA GLY G 1265 40.41 2.48 -18.35
C GLY G 1265 41.34 1.29 -18.35
N ALA G 1266 41.62 0.80 -17.15
CA ALA G 1266 42.22 -0.51 -17.03
C ALA G 1266 41.14 -1.59 -17.04
N SER G 1267 40.06 -1.36 -16.30
CA SER G 1267 38.96 -2.31 -16.22
C SER G 1267 38.17 -2.30 -17.52
N PRO G 1268 37.96 -3.47 -18.12
CA PRO G 1268 37.27 -3.51 -19.41
C PRO G 1268 35.75 -3.48 -19.28
N VAL G 1269 35.21 -3.34 -18.08
CA VAL G 1269 33.76 -3.22 -17.89
C VAL G 1269 33.28 -1.91 -18.46
N LEU G 1270 32.31 -1.99 -19.37
CA LEU G 1270 31.78 -0.80 -20.00
C LEU G 1270 30.93 0.03 -19.04
N SER G 1271 31.31 1.28 -18.90
CA SER G 1271 30.45 2.24 -18.22
C SER G 1271 29.28 2.60 -19.10
N PRO G 1272 28.06 2.49 -18.61
CA PRO G 1272 26.95 3.19 -19.28
C PRO G 1272 27.13 4.69 -19.23
N CYS G 1273 27.69 5.18 -18.13
CA CYS G 1273 27.76 6.62 -17.91
C CYS G 1273 28.92 7.26 -18.63
N PHE G 1274 29.77 6.48 -19.30
CA PHE G 1274 30.86 7.04 -20.08
C PHE G 1274 30.33 7.86 -21.24
N LYS G 1275 29.20 7.43 -21.79
CA LYS G 1275 28.58 8.08 -22.92
C LYS G 1275 28.07 9.47 -22.54
N PHE G 1276 27.54 9.59 -21.33
CA PHE G 1276 26.97 10.86 -20.91
C PHE G 1276 28.05 11.83 -20.46
N PHE G 1277 29.02 11.33 -19.71
CA PHE G 1277 30.02 12.15 -19.06
C PHE G 1277 31.28 12.14 -19.90
N THR G 1278 31.29 12.94 -20.94
CA THR G 1278 32.49 13.20 -21.70
C THR G 1278 32.44 14.61 -22.26
N ALA G 1279 33.38 15.43 -21.83
CA ALA G 1279 33.36 16.84 -22.22
C ALA G 1279 33.72 17.01 -23.68
N ALA G 1280 34.55 16.10 -24.20
CA ALA G 1280 34.99 16.25 -25.58
C ALA G 1280 33.97 15.73 -26.56
N ASP G 1281 33.40 14.54 -26.30
CA ASP G 1281 32.77 13.75 -27.35
C ASP G 1281 31.44 14.32 -27.81
N ILE G 1282 30.59 14.77 -26.88
CA ILE G 1282 29.39 15.50 -27.27
C ILE G 1282 29.77 16.82 -27.95
N THR G 1283 30.81 17.48 -27.44
CA THR G 1283 31.30 18.69 -28.08
C THR G 1283 31.96 18.37 -29.41
N ALA G 1284 32.49 17.15 -29.56
CA ALA G 1284 33.12 16.76 -30.82
C ALA G 1284 32.14 16.58 -31.95
N LYS G 1285 30.86 16.40 -31.66
CA LYS G 1285 29.91 16.17 -32.74
C LYS G 1285 29.58 17.46 -33.48
N HIS G 1286 29.20 17.30 -34.74
CA HIS G 1286 28.65 18.36 -35.56
C HIS G 1286 27.18 18.57 -35.23
N ARG G 1287 26.54 19.42 -36.03
CA ARG G 1287 25.13 19.69 -35.79
C ARG G 1287 24.33 19.87 -37.07
N CYS G 1288 24.92 19.66 -38.23
CA CYS G 1288 24.15 19.64 -39.47
C CYS G 1288 23.30 18.38 -39.51
N LEU G 1289 21.98 18.57 -39.57
CA LEU G 1289 20.99 17.53 -39.31
C LEU G 1289 21.00 16.40 -40.32
N GLU G 1290 21.52 16.66 -41.52
CA GLU G 1290 21.54 15.68 -42.61
C GLU G 1290 22.43 14.51 -42.24
N ARG G 1291 23.50 14.78 -41.50
CA ARG G 1291 24.42 13.72 -41.16
C ARG G 1291 24.10 13.14 -39.79
N LEU G 1292 23.22 13.82 -39.04
CA LEU G 1292 22.89 13.36 -37.70
C LEU G 1292 22.04 12.11 -37.72
N ILE G 1293 20.99 12.10 -38.54
CA ILE G 1293 20.01 11.02 -38.49
C ILE G 1293 20.55 9.75 -39.13
N VAL G 1294 21.45 9.90 -40.09
CA VAL G 1294 21.94 8.74 -40.82
C VAL G 1294 23.01 8.01 -40.01
N GLU G 1295 23.64 8.71 -39.08
CA GLU G 1295 24.54 8.04 -38.17
C GLU G 1295 23.75 7.20 -37.17
N THR G 1296 22.50 7.53 -36.94
CA THR G 1296 21.69 6.77 -36.01
C THR G 1296 21.29 5.44 -36.63
N GLY G 1297 21.22 5.40 -37.96
CA GLY G 1297 20.93 4.16 -38.64
C GLY G 1297 22.06 3.16 -38.54
N SER G 1298 23.30 3.65 -38.51
CA SER G 1298 24.46 2.78 -38.30
C SER G 1298 25.48 3.56 -37.47
N ALA G 1299 25.39 3.43 -36.16
CA ALA G 1299 26.42 3.91 -35.25
C ALA G 1299 27.20 2.73 -34.70
N VAL G 1300 28.35 3.01 -34.11
CA VAL G 1300 29.14 2.00 -33.44
C VAL G 1300 28.94 2.18 -31.95
N SER G 1301 28.51 1.12 -31.27
CA SER G 1301 28.30 1.22 -29.83
C SER G 1301 29.63 1.14 -29.10
N THR G 1302 29.55 1.30 -27.79
CA THR G 1302 30.69 0.98 -26.96
C THR G 1302 30.55 -0.40 -26.31
N ALA G 1303 29.50 -1.14 -26.65
CA ALA G 1303 29.22 -2.43 -26.04
C ALA G 1303 29.63 -3.55 -26.99
N THR G 1304 29.57 -4.77 -26.48
CA THR G 1304 29.99 -5.94 -27.25
C THR G 1304 29.02 -7.08 -27.00
N ALA G 1305 28.48 -7.62 -28.08
CA ALA G 1305 27.59 -8.77 -28.02
C ALA G 1305 28.36 -10.08 -28.15
N ALA G 1306 29.64 -10.06 -27.81
CA ALA G 1306 30.47 -11.26 -27.84
C ALA G 1306 31.27 -11.41 -26.56
N SER G 1307 30.63 -11.23 -25.40
CA SER G 1307 31.33 -11.22 -24.12
C SER G 1307 30.30 -11.43 -23.03
N ASP G 1308 30.73 -11.94 -21.88
CA ASP G 1308 29.76 -12.30 -20.85
C ASP G 1308 29.21 -11.09 -20.13
N VAL G 1309 29.99 -10.02 -19.99
CA VAL G 1309 29.55 -8.78 -19.36
C VAL G 1309 29.57 -7.75 -20.48
N GLN G 1310 29.13 -6.53 -20.21
CA GLN G 1310 29.43 -5.46 -21.15
C GLN G 1310 30.91 -5.15 -21.06
N PHE G 1311 31.73 -5.94 -21.76
CA PHE G 1311 33.09 -5.56 -21.94
C PHE G 1311 33.14 -4.43 -22.94
N LYS G 1312 33.81 -3.34 -22.56
CA LYS G 1312 33.99 -2.16 -23.40
C LYS G 1312 34.65 -2.58 -24.71
N ARG G 1313 34.23 -1.96 -25.81
CA ARG G 1313 34.40 -2.49 -27.17
C ARG G 1313 35.85 -2.72 -27.52
N PRO G 1314 36.22 -3.91 -27.96
CA PRO G 1314 37.59 -4.17 -28.33
C PRO G 1314 37.97 -3.37 -29.57
N PRO G 1315 39.18 -2.84 -29.61
CA PRO G 1315 39.52 -1.86 -30.65
C PRO G 1315 39.55 -2.44 -32.06
N GLY G 1316 39.77 -3.74 -32.22
CA GLY G 1316 39.48 -4.40 -33.47
C GLY G 1316 38.23 -5.24 -33.39
N CYS G 1317 37.09 -4.62 -33.76
CA CYS G 1317 35.80 -5.23 -34.11
C CYS G 1317 34.81 -4.12 -34.47
N ARG G 1318 33.75 -4.45 -35.19
CA ARG G 1318 32.64 -3.54 -35.44
C ARG G 1318 31.36 -4.09 -34.84
N GLU G 1319 30.40 -3.20 -34.63
CA GLU G 1319 29.16 -3.57 -33.95
C GLU G 1319 27.91 -3.18 -34.72
N LEU G 1320 27.89 -1.98 -35.32
CA LEU G 1320 26.81 -1.45 -36.15
C LEU G 1320 25.48 -1.37 -35.39
N VAL G 1321 25.50 -0.59 -34.32
CA VAL G 1321 24.35 -0.47 -33.43
C VAL G 1321 23.41 0.60 -33.98
N GLU G 1322 22.22 0.74 -33.40
CA GLU G 1322 21.33 1.85 -33.69
C GLU G 1322 21.50 3.02 -32.73
N ASP G 1323 21.23 2.83 -31.42
CA ASP G 1323 21.60 3.73 -30.32
C ASP G 1323 21.03 5.15 -30.38
N PRO G 1324 19.77 5.37 -30.01
CA PRO G 1324 19.25 6.74 -29.99
C PRO G 1324 19.68 7.53 -28.78
N CYS G 1325 20.25 6.88 -27.76
CA CYS G 1325 20.61 7.56 -26.53
C CYS G 1325 21.75 8.54 -26.70
N GLY G 1326 22.74 8.22 -27.53
CA GLY G 1326 23.85 9.13 -27.73
C GLY G 1326 23.46 10.42 -28.43
N LEU G 1327 22.58 10.33 -29.42
CA LEU G 1327 22.18 11.52 -30.18
C LEU G 1327 21.27 12.40 -29.33
N PHE G 1328 20.34 11.78 -28.62
CA PHE G 1328 19.36 12.55 -27.86
C PHE G 1328 19.83 12.92 -26.46
N GLN G 1329 20.81 12.22 -25.90
CA GLN G 1329 21.33 12.39 -24.54
C GLN G 1329 20.20 12.17 -23.52
N GLU G 1330 19.51 11.04 -23.72
CA GLU G 1330 18.31 10.75 -22.95
C GLU G 1330 18.40 9.34 -22.41
N ALA G 1331 17.44 8.98 -21.54
CA ALA G 1331 17.39 7.65 -20.94
C ALA G 1331 15.98 7.32 -20.51
N TYR G 1332 15.49 6.17 -20.93
CA TYR G 1332 14.07 5.94 -20.65
C TYR G 1332 13.90 5.17 -19.34
N PRO G 1333 12.98 5.59 -18.47
CA PRO G 1333 12.62 4.75 -17.34
C PRO G 1333 11.70 3.63 -17.78
N ILE G 1334 11.58 2.61 -16.92
CA ILE G 1334 10.73 1.47 -17.18
C ILE G 1334 9.86 1.18 -15.98
N THR G 1335 9.14 0.06 -16.06
CA THR G 1335 8.23 -0.35 -15.01
C THR G 1335 9.00 -0.69 -13.75
N CYS G 1336 8.87 0.16 -12.73
CA CYS G 1336 9.61 -0.05 -11.49
C CYS G 1336 8.90 0.65 -10.35
N ALA G 1337 9.05 0.08 -9.16
CA ALA G 1337 8.53 0.68 -7.95
C ALA G 1337 9.33 0.16 -6.77
N SER G 1338 8.84 0.42 -5.57
CA SER G 1338 9.58 0.12 -4.36
C SER G 1338 9.01 -1.06 -3.58
N ASP G 1339 7.79 -1.48 -3.85
CA ASP G 1339 7.27 -2.66 -3.20
C ASP G 1339 6.85 -3.71 -4.22
N PRO G 1340 7.12 -4.98 -3.96
CA PRO G 1340 6.46 -6.03 -4.75
C PRO G 1340 4.96 -6.03 -4.54
N ALA G 1341 4.52 -5.57 -3.38
CA ALA G 1341 3.13 -5.20 -3.15
C ALA G 1341 2.63 -4.20 -4.17
N LEU G 1342 3.34 -3.11 -4.38
CA LEU G 1342 2.87 -2.07 -5.26
C LEU G 1342 3.35 -2.28 -6.68
N LEU G 1343 4.12 -3.32 -6.92
CA LEU G 1343 4.41 -3.74 -8.28
C LEU G 1343 3.26 -4.55 -8.88
N ARG G 1344 2.32 -4.98 -8.02
CA ARG G 1344 1.21 -5.81 -8.48
C ARG G 1344 0.30 -5.07 -9.45
N SER G 1345 0.19 -3.76 -9.29
CA SER G 1345 -0.68 -2.98 -10.15
C SER G 1345 0.03 -2.50 -11.41
N ALA G 1346 1.01 -3.26 -11.87
CA ALA G 1346 1.59 -2.98 -13.19
C ALA G 1346 0.98 -3.89 -14.24
N ARG G 1347 0.44 -5.03 -13.84
CA ARG G 1347 -0.19 -5.94 -14.80
C ARG G 1347 -1.65 -5.59 -15.06
N ASP G 1348 -1.94 -4.31 -15.23
CA ASP G 1348 -3.25 -3.85 -15.66
C ASP G 1348 -3.14 -2.54 -16.43
N GLY G 1349 -1.92 -2.15 -16.78
CA GLY G 1349 -1.70 -0.86 -17.41
C GLY G 1349 -1.69 0.29 -16.43
N GLU G 1350 -1.39 1.49 -16.91
CA GLU G 1350 -1.29 2.67 -16.04
C GLU G 1350 -2.62 3.35 -15.80
N ALA G 1351 -3.75 2.69 -16.07
CA ALA G 1351 -5.06 3.28 -15.84
C ALA G 1351 -5.27 3.54 -14.36
N HIS G 1352 -5.17 2.48 -13.56
CA HIS G 1352 -5.26 2.58 -12.12
C HIS G 1352 -3.99 2.13 -11.43
N ALA G 1353 -2.83 2.45 -12.01
CA ALA G 1353 -1.56 2.11 -11.40
C ALA G 1353 -1.32 2.99 -10.16
N ARG G 1354 -1.04 2.34 -9.04
CA ARG G 1354 -0.79 3.04 -7.79
C ARG G 1354 0.53 3.79 -7.90
N GLU G 1355 0.45 5.11 -8.03
CA GLU G 1355 1.66 5.92 -8.11
C GLU G 1355 2.34 6.03 -6.76
N THR G 1356 1.55 6.22 -5.70
CA THR G 1356 2.11 6.74 -4.48
C THR G 1356 1.32 6.31 -3.26
N HIS G 1357 1.97 5.49 -2.44
CA HIS G 1357 1.58 5.30 -1.05
C HIS G 1357 2.69 5.97 -0.26
N PHE G 1358 2.53 6.08 1.07
CA PHE G 1358 3.12 7.05 2.03
C PHE G 1358 4.55 7.41 1.62
N THR G 1359 5.42 6.46 1.39
CA THR G 1359 6.68 6.73 0.74
C THR G 1359 6.83 5.90 -0.52
N GLN G 1360 6.03 4.86 -0.67
CA GLN G 1360 6.28 3.85 -1.67
C GLN G 1360 5.81 4.35 -3.03
N TYR G 1361 6.76 4.50 -3.93
CA TYR G 1361 6.60 5.29 -5.14
C TYR G 1361 6.73 4.37 -6.35
N LEU G 1362 6.00 4.71 -7.41
CA LEU G 1362 6.05 3.96 -8.65
C LEU G 1362 6.30 4.92 -9.79
N ILE G 1363 7.05 4.46 -10.77
CA ILE G 1363 7.17 5.11 -12.06
C ILE G 1363 6.82 4.08 -13.12
N TYR G 1364 5.76 4.32 -13.87
CA TYR G 1364 5.33 3.46 -14.95
C TYR G 1364 6.32 3.55 -16.10
N ASP G 1365 6.24 2.59 -17.00
CA ASP G 1365 7.13 2.55 -18.15
C ASP G 1365 6.79 3.68 -19.12
N ALA G 1366 7.77 4.53 -19.39
CA ALA G 1366 7.71 5.49 -20.48
C ALA G 1366 8.96 5.29 -21.33
N SER G 1367 8.78 4.74 -22.51
CA SER G 1367 9.87 4.27 -23.35
C SER G 1367 9.30 3.96 -24.73
N PRO G 1368 10.14 3.76 -25.75
CA PRO G 1368 9.67 3.00 -26.90
C PRO G 1368 9.27 1.59 -26.57
N LEU G 1369 9.77 1.03 -25.47
CA LEU G 1369 9.42 -0.33 -25.09
C LEU G 1369 8.12 -0.45 -24.33
N LYS G 1370 7.32 0.62 -24.23
CA LYS G 1370 6.10 0.52 -23.45
C LYS G 1370 5.04 -0.26 -24.21
N GLY G 1371 4.22 -1.00 -23.46
CA GLY G 1371 3.14 -1.78 -24.02
C GLY G 1371 3.53 -3.02 -24.80
N LEU G 1372 4.81 -3.24 -25.02
CA LEU G 1372 5.26 -4.28 -25.94
C LEU G 1372 5.27 -5.65 -25.28
N SER G 1373 5.95 -6.59 -25.95
CA SER G 1373 5.91 -7.99 -25.59
C SER G 1373 6.61 -8.26 -24.26
N LEU G 1374 7.56 -7.42 -23.89
CA LEU G 1374 8.35 -7.64 -22.69
C LEU G 1374 8.73 -6.34 -21.98
N CYS H 5 71.65 -20.83 -54.37
CA CYS H 5 72.92 -21.38 -54.81
C CYS H 5 73.69 -20.36 -55.65
N PHE H 6 73.28 -20.19 -56.92
CA PHE H 6 73.90 -19.29 -57.90
C PHE H 6 75.37 -19.64 -58.10
N GLU H 7 75.63 -20.76 -58.77
CA GLU H 7 76.99 -21.27 -58.95
C GLU H 7 77.87 -20.30 -59.73
N ALA H 8 79.08 -20.08 -59.20
CA ALA H 8 80.05 -19.13 -59.75
C ALA H 8 81.25 -19.89 -60.28
N ASP H 9 81.81 -19.40 -61.38
CA ASP H 9 82.86 -20.09 -62.12
C ASP H 9 84.20 -19.40 -61.88
N ILE H 10 85.21 -20.18 -61.52
CA ILE H 10 86.57 -19.67 -61.44
C ILE H 10 87.39 -20.28 -62.57
N ALA H 11 88.02 -19.42 -63.37
CA ALA H 11 88.66 -19.84 -64.62
C ALA H 11 90.02 -20.46 -64.32
N ILE H 12 90.26 -21.64 -64.88
CA ILE H 12 91.59 -22.24 -64.83
C ILE H 12 92.51 -21.50 -65.79
N PRO H 13 93.67 -21.03 -65.37
CA PRO H 13 94.62 -20.40 -66.30
C PRO H 13 95.32 -21.39 -67.21
N SER H 14 96.31 -20.92 -67.94
CA SER H 14 96.96 -21.71 -68.99
C SER H 14 97.86 -22.79 -68.38
N GLY H 15 98.66 -23.42 -69.25
CA GLY H 15 99.24 -24.75 -69.11
C GLY H 15 99.73 -25.23 -67.76
N ILE H 16 99.03 -26.22 -67.23
CA ILE H 16 99.37 -26.84 -65.97
C ILE H 16 99.73 -28.30 -66.23
N SER H 17 100.46 -28.89 -65.29
CA SER H 17 100.82 -30.29 -65.42
C SER H 17 99.70 -31.19 -64.93
N ARG H 18 99.84 -32.48 -65.24
CA ARG H 18 98.95 -33.48 -64.66
C ARG H 18 99.01 -33.58 -63.13
N PRO H 19 100.16 -33.48 -62.45
CA PRO H 19 100.09 -33.32 -60.99
C PRO H 19 99.48 -32.00 -60.56
N ASP H 20 99.67 -30.93 -61.35
CA ASP H 20 98.89 -29.72 -61.11
C ASP H 20 97.42 -29.96 -61.42
N ALA H 21 97.13 -30.80 -62.41
CA ALA H 21 95.75 -31.23 -62.61
C ALA H 21 95.29 -32.15 -61.48
N ALA H 22 96.16 -33.04 -61.00
CA ALA H 22 95.82 -33.88 -59.87
C ALA H 22 95.77 -33.12 -58.56
N ALA H 23 96.50 -32.00 -58.45
CA ALA H 23 96.32 -31.10 -57.32
C ALA H 23 94.93 -30.49 -57.32
N LEU H 24 94.36 -30.30 -58.50
CA LEU H 24 92.98 -29.86 -58.61
C LEU H 24 92.00 -31.02 -58.39
N GLN H 25 92.52 -32.25 -58.31
CA GLN H 25 91.64 -33.37 -58.02
C GLN H 25 91.67 -33.77 -56.56
N ARG H 26 92.61 -33.21 -55.79
CA ARG H 26 92.61 -33.44 -54.35
C ARG H 26 91.94 -32.31 -53.57
N CYS H 27 91.20 -31.44 -54.23
CA CYS H 27 90.57 -30.30 -53.57
C CYS H 27 89.08 -30.20 -53.83
N GLU H 28 88.46 -31.26 -54.34
CA GLU H 28 87.04 -31.22 -54.64
C GLU H 28 86.23 -31.26 -53.34
N GLY H 29 85.79 -30.09 -52.90
CA GLY H 29 85.07 -29.99 -51.65
C GLY H 29 85.75 -29.18 -50.58
N ARG H 30 86.67 -28.30 -50.95
CA ARG H 30 87.36 -27.45 -49.99
C ARG H 30 86.63 -26.13 -49.83
N VAL H 31 87.26 -25.21 -49.10
CA VAL H 31 86.69 -23.88 -48.86
C VAL H 31 87.59 -22.85 -49.53
N VAL H 32 86.98 -21.91 -50.24
CA VAL H 32 87.67 -20.93 -51.05
C VAL H 32 87.11 -19.55 -50.74
N PHE H 33 88.03 -18.59 -50.58
CA PHE H 33 87.70 -17.19 -50.30
C PHE H 33 87.89 -16.35 -51.57
N LEU H 34 86.98 -15.42 -51.81
CA LEU H 34 87.04 -14.59 -53.01
C LEU H 34 86.57 -13.16 -52.75
N PRO H 35 87.17 -12.15 -53.40
CA PRO H 35 86.79 -10.76 -53.11
C PRO H 35 85.42 -10.34 -53.62
N THR H 36 85.10 -10.59 -54.88
CA THR H 36 83.84 -10.17 -55.45
C THR H 36 83.13 -11.36 -56.07
N ILE H 37 81.88 -11.13 -56.45
CA ILE H 37 80.92 -12.21 -56.62
C ILE H 37 80.54 -12.24 -58.10
N ARG H 38 81.49 -11.85 -58.95
CA ARG H 38 81.29 -11.87 -60.40
C ARG H 38 81.10 -13.31 -60.88
N ARG H 39 80.17 -13.51 -61.81
CA ARG H 39 79.73 -14.86 -62.18
C ARG H 39 80.82 -15.65 -62.88
N GLN H 40 81.77 -14.97 -63.51
CA GLN H 40 83.00 -15.56 -64.00
C GLN H 40 84.14 -14.95 -63.21
N LEU H 41 84.97 -15.79 -62.60
CA LEU H 41 86.14 -15.32 -61.87
C LEU H 41 87.37 -16.04 -62.36
N ALA H 42 88.52 -15.52 -61.95
CA ALA H 42 89.80 -16.13 -62.29
C ALA H 42 90.48 -16.69 -61.05
N LEU H 43 91.58 -17.40 -61.27
CA LEU H 43 92.32 -17.97 -60.17
C LEU H 43 93.17 -16.92 -59.45
N ALA H 44 93.35 -15.76 -60.10
CA ALA H 44 94.17 -14.70 -59.51
C ALA H 44 93.49 -14.05 -58.32
N ASP H 45 92.19 -14.23 -58.17
CA ASP H 45 91.48 -13.72 -57.00
C ASP H 45 91.49 -14.71 -55.85
N VAL H 46 92.09 -15.88 -56.05
CA VAL H 46 91.90 -16.98 -55.11
C VAL H 46 93.13 -17.20 -54.24
N ALA H 47 94.32 -17.10 -54.84
CA ALA H 47 95.54 -17.65 -54.26
C ALA H 47 95.95 -16.89 -53.00
N HIS H 48 96.88 -17.49 -52.25
CA HIS H 48 97.42 -16.81 -51.08
C HIS H 48 98.28 -15.63 -51.47
N GLU H 49 98.83 -15.62 -52.69
CA GLU H 49 99.51 -14.46 -53.22
C GLU H 49 98.58 -13.29 -53.47
N SER H 50 97.27 -13.54 -53.55
CA SER H 50 96.27 -12.48 -53.63
C SER H 50 95.86 -11.96 -52.27
N PHE H 51 96.60 -12.29 -51.21
CA PHE H 51 96.30 -11.80 -49.87
C PHE H 51 97.28 -10.75 -49.39
N VAL H 52 98.16 -10.27 -50.28
CA VAL H 52 99.13 -9.24 -49.91
C VAL H 52 98.41 -7.93 -49.63
N SER H 53 98.73 -7.32 -48.49
CA SER H 53 98.00 -6.12 -48.06
C SER H 53 98.93 -4.94 -47.81
N GLY H 54 100.18 -5.19 -47.45
CA GLY H 54 101.13 -4.12 -47.21
C GLY H 54 102.47 -4.32 -47.89
N GLY H 55 102.49 -5.18 -48.91
CA GLY H 55 103.71 -5.49 -49.62
C GLY H 55 104.45 -6.70 -49.08
N VAL H 56 103.97 -7.32 -48.00
CA VAL H 56 104.59 -8.50 -47.41
C VAL H 56 103.53 -9.59 -47.29
N SER H 57 103.98 -10.77 -46.89
CA SER H 57 103.06 -11.88 -46.68
C SER H 57 102.20 -11.63 -45.45
N PRO H 58 100.91 -11.93 -45.49
CA PRO H 58 100.06 -11.68 -44.32
C PRO H 58 100.33 -12.68 -43.21
N ASP H 59 100.09 -12.22 -41.98
CA ASP H 59 100.17 -13.08 -40.82
C ASP H 59 98.80 -13.68 -40.56
N THR H 60 98.65 -14.34 -39.41
CA THR H 60 97.33 -14.86 -39.04
C THR H 60 96.37 -13.74 -38.67
N LEU H 61 96.88 -12.57 -38.26
CA LEU H 61 96.03 -11.39 -38.21
C LEU H 61 95.65 -10.94 -39.61
N GLY H 62 96.65 -10.82 -40.49
CA GLY H 62 96.40 -10.32 -41.83
C GLY H 62 95.51 -11.23 -42.65
N LEU H 63 95.49 -12.51 -42.31
CA LEU H 63 94.51 -13.42 -42.92
C LEU H 63 93.14 -13.23 -42.29
N LEU H 64 93.07 -13.17 -40.95
CA LEU H 64 91.77 -13.07 -40.29
C LEU H 64 91.09 -11.73 -40.50
N LEU H 65 91.83 -10.71 -40.92
CA LEU H 65 91.17 -9.53 -41.46
C LEU H 65 90.43 -9.87 -42.74
N ALA H 66 91.12 -10.54 -43.66
CA ALA H 66 90.48 -10.91 -44.92
C ALA H 66 89.53 -12.09 -44.73
N TYR H 67 89.81 -12.97 -43.77
CA TYR H 67 88.95 -14.12 -43.53
C TYR H 67 87.62 -13.71 -42.95
N ARG H 68 87.54 -12.53 -42.33
CA ARG H 68 86.27 -11.92 -41.99
C ARG H 68 85.79 -10.95 -43.06
N ARG H 69 86.64 -10.62 -44.02
CA ARG H 69 86.26 -9.68 -45.07
C ARG H 69 85.68 -10.32 -46.30
N ARG H 70 86.44 -11.14 -47.02
CA ARG H 70 85.97 -11.63 -48.30
C ARG H 70 85.10 -12.87 -48.07
N PHE H 71 84.71 -13.49 -49.17
CA PHE H 71 83.49 -14.29 -49.19
C PHE H 71 83.80 -15.76 -49.37
N PRO H 72 83.17 -16.64 -48.59
CA PRO H 72 83.44 -18.08 -48.73
C PRO H 72 82.74 -18.68 -49.92
N ALA H 73 83.41 -19.63 -50.56
CA ALA H 73 82.87 -20.39 -51.68
C ALA H 73 83.31 -21.83 -51.55
N VAL H 74 82.40 -22.76 -51.83
CA VAL H 74 82.72 -24.17 -51.67
C VAL H 74 82.58 -24.88 -53.00
N ILE H 75 83.66 -25.51 -53.44
CA ILE H 75 83.73 -26.16 -54.74
C ILE H 75 82.97 -27.49 -54.68
N THR H 76 81.85 -27.57 -55.40
CA THR H 76 81.08 -28.80 -55.50
C THR H 76 81.73 -29.76 -56.48
N ARG H 77 81.88 -29.35 -57.74
CA ARG H 77 82.46 -30.18 -58.78
C ARG H 77 83.65 -29.45 -59.40
N VAL H 78 84.77 -30.15 -59.51
CA VAL H 78 85.97 -29.62 -60.13
C VAL H 78 85.87 -29.83 -61.63
N LEU H 79 86.55 -28.98 -62.39
CA LEU H 79 86.45 -29.03 -63.83
C LEU H 79 87.77 -28.71 -64.51
N PRO H 80 87.99 -29.19 -65.73
CA PRO H 80 88.95 -28.54 -66.61
C PRO H 80 88.36 -27.21 -67.08
N THR H 81 89.23 -26.22 -67.22
CA THR H 81 88.96 -24.86 -67.73
C THR H 81 88.01 -24.04 -66.87
N ARG H 82 87.46 -24.59 -65.78
CA ARG H 82 86.52 -23.90 -64.91
C ARG H 82 86.65 -24.47 -63.51
N ILE H 83 86.12 -23.74 -62.53
CA ILE H 83 85.89 -24.25 -61.20
C ILE H 83 84.48 -23.88 -60.77
N VAL H 84 83.63 -24.88 -60.59
CA VAL H 84 82.26 -24.69 -60.15
C VAL H 84 82.24 -24.71 -58.63
N ALA H 85 81.79 -23.60 -58.05
CA ALA H 85 81.51 -23.55 -56.62
C ALA H 85 80.13 -22.95 -56.42
N CYS H 86 79.28 -23.66 -55.68
CA CYS H 86 78.02 -23.10 -55.23
C CYS H 86 78.29 -22.34 -53.94
N PRO H 87 78.30 -21.01 -53.95
CA PRO H 87 78.79 -20.27 -52.78
C PRO H 87 77.81 -20.31 -51.63
N VAL H 88 78.35 -20.23 -50.42
CA VAL H 88 77.53 -20.31 -49.22
C VAL H 88 76.70 -19.05 -49.02
N ASP H 89 77.32 -17.88 -49.04
CA ASP H 89 76.72 -16.63 -48.60
C ASP H 89 75.52 -16.17 -49.44
N LEU H 90 75.28 -16.77 -50.60
CA LEU H 90 74.07 -16.50 -51.37
C LEU H 90 73.07 -17.62 -51.16
N GLY H 91 71.79 -17.25 -51.13
CA GLY H 91 70.71 -18.19 -50.96
C GLY H 91 70.00 -17.96 -49.64
N LEU H 92 68.75 -18.42 -49.61
CA LEU H 92 67.96 -18.32 -48.39
C LEU H 92 68.42 -19.37 -47.38
N THR H 93 67.94 -19.21 -46.15
CA THR H 93 68.43 -19.98 -45.01
C THR H 93 68.05 -21.45 -45.14
N HIS H 94 69.03 -22.30 -44.82
CA HIS H 94 68.88 -23.76 -44.71
C HIS H 94 68.44 -24.37 -46.04
N ALA H 95 69.10 -23.95 -47.13
CA ALA H 95 68.85 -24.48 -48.45
C ALA H 95 70.18 -24.62 -49.18
N GLY H 96 70.18 -25.41 -50.25
CA GLY H 96 71.39 -25.58 -51.03
C GLY H 96 72.47 -26.36 -50.31
N THR H 97 72.24 -27.65 -50.13
CA THR H 97 73.14 -28.51 -49.37
C THR H 97 74.48 -28.67 -50.09
N VAL H 98 75.58 -28.49 -49.35
CA VAL H 98 76.92 -28.51 -49.91
C VAL H 98 77.76 -29.48 -49.09
N ASN H 99 78.96 -29.81 -49.58
CA ASN H 99 79.72 -30.92 -49.02
C ASN H 99 81.17 -30.54 -48.75
N LEU H 100 81.64 -30.82 -47.54
CA LEU H 100 82.95 -30.36 -47.11
C LEU H 100 83.90 -31.52 -46.84
N ARG H 101 85.17 -31.19 -46.69
CA ARG H 101 86.20 -32.14 -46.29
C ARG H 101 86.59 -31.85 -44.85
N ASN H 102 86.43 -32.83 -43.99
CA ASN H 102 86.72 -32.68 -42.58
C ASN H 102 88.24 -32.60 -42.38
N THR H 103 88.64 -31.99 -41.27
CA THR H 103 90.02 -32.05 -40.80
C THR H 103 89.92 -32.46 -39.33
N SER H 104 91.03 -32.92 -38.73
CA SER H 104 91.20 -33.91 -37.67
C SER H 104 90.12 -34.03 -36.57
N PRO H 105 89.52 -32.96 -36.02
CA PRO H 105 88.35 -33.18 -35.16
C PRO H 105 87.13 -33.71 -35.91
N VAL H 106 86.02 -33.82 -35.16
CA VAL H 106 84.88 -34.59 -35.64
C VAL H 106 84.05 -33.86 -36.68
N ASP H 107 83.58 -32.64 -36.37
CA ASP H 107 82.41 -32.00 -36.99
C ASP H 107 81.17 -32.88 -36.80
N LEU H 108 80.64 -32.84 -35.58
CA LEU H 108 79.43 -33.57 -35.21
C LEU H 108 78.20 -33.11 -36.03
N CYS H 109 77.05 -33.77 -35.77
CA CYS H 109 75.79 -33.51 -36.47
C CYS H 109 75.33 -32.06 -36.41
N ASN H 110 75.72 -31.32 -35.38
CA ASN H 110 75.61 -29.88 -35.39
C ASN H 110 76.98 -29.31 -35.02
N GLY H 111 77.04 -28.01 -34.78
CA GLY H 111 78.28 -27.36 -34.43
C GLY H 111 78.53 -26.05 -35.16
N ASP H 112 77.94 -25.85 -36.35
CA ASP H 112 78.00 -24.64 -37.17
C ASP H 112 79.44 -24.26 -37.50
N PRO H 113 80.12 -25.01 -38.38
CA PRO H 113 81.59 -24.89 -38.50
C PRO H 113 82.04 -23.54 -39.07
N VAL H 114 83.27 -23.15 -38.71
CA VAL H 114 83.79 -21.82 -38.97
C VAL H 114 85.12 -21.95 -39.70
N SER H 115 85.29 -21.17 -40.76
CA SER H 115 86.54 -21.07 -41.50
C SER H 115 87.52 -20.24 -40.65
N LEU H 116 88.77 -20.68 -40.58
CA LEU H 116 89.81 -19.98 -39.85
C LEU H 116 91.19 -20.35 -40.40
N VAL H 117 92.23 -19.79 -39.78
CA VAL H 117 93.59 -19.82 -40.31
C VAL H 117 94.19 -21.21 -40.41
N PRO H 118 95.06 -21.45 -41.38
CA PRO H 118 95.85 -22.70 -41.42
C PRO H 118 96.92 -22.82 -40.33
N PRO H 119 97.73 -21.80 -39.96
CA PRO H 119 98.86 -22.11 -39.06
C PRO H 119 98.49 -22.37 -37.60
N VAL H 120 97.20 -22.49 -37.27
CA VAL H 120 96.78 -22.95 -35.96
C VAL H 120 96.84 -24.48 -35.99
N PHE H 121 96.87 -25.03 -37.20
CA PHE H 121 97.25 -26.41 -37.44
C PHE H 121 98.51 -26.43 -38.27
N GLU H 122 98.85 -27.59 -38.83
CA GLU H 122 100.06 -27.77 -39.64
C GLU H 122 100.09 -26.81 -40.84
N GLY H 123 101.09 -25.93 -40.83
CA GLY H 123 101.17 -24.80 -41.73
C GLY H 123 101.37 -25.17 -43.18
N GLN H 124 102.20 -26.18 -43.46
CA GLN H 124 102.41 -26.59 -44.84
C GLN H 124 101.55 -27.80 -45.21
N ALA H 125 100.70 -28.27 -44.30
CA ALA H 125 99.49 -28.98 -44.71
C ALA H 125 98.50 -27.93 -45.19
N THR H 126 97.64 -28.34 -46.15
CA THR H 126 96.59 -27.59 -46.87
C THR H 126 97.08 -26.27 -47.50
N ASP H 127 98.38 -26.05 -47.56
CA ASP H 127 98.93 -24.98 -48.39
C ASP H 127 99.26 -25.50 -49.79
N VAL H 128 98.27 -26.03 -50.49
CA VAL H 128 98.46 -26.75 -51.75
C VAL H 128 98.94 -25.79 -52.83
N ARG H 129 100.07 -26.11 -53.43
CA ARG H 129 100.69 -25.24 -54.41
C ARG H 129 100.50 -25.80 -55.82
N LEU H 130 100.20 -24.91 -56.75
CA LEU H 130 100.23 -25.22 -58.18
C LEU H 130 101.67 -25.04 -58.64
N GLU H 131 102.19 -26.04 -59.36
CA GLU H 131 103.59 -26.03 -59.72
C GLU H 131 103.87 -25.24 -60.99
N SER H 132 102.94 -25.26 -61.95
CA SER H 132 103.23 -24.64 -63.25
C SER H 132 103.14 -23.13 -63.17
N LEU H 133 101.96 -22.61 -62.85
CA LEU H 133 101.77 -21.16 -62.74
C LEU H 133 102.20 -20.63 -61.39
N ASP H 134 102.62 -21.51 -60.47
CA ASP H 134 103.39 -21.16 -59.27
C ASP H 134 102.59 -20.29 -58.30
N LEU H 135 101.42 -20.79 -57.88
CA LEU H 135 100.60 -20.09 -56.90
C LEU H 135 100.21 -21.06 -55.80
N THR H 136 99.63 -20.51 -54.73
CA THR H 136 99.45 -21.24 -53.48
C THR H 136 98.03 -21.04 -52.99
N LEU H 137 97.36 -22.17 -52.74
CA LEU H 137 95.98 -22.19 -52.28
C LEU H 137 95.96 -22.69 -50.85
N ARG H 138 95.98 -21.76 -49.89
CA ARG H 138 95.99 -22.11 -48.48
C ARG H 138 94.55 -22.13 -48.00
N PHE H 139 94.00 -23.30 -47.94
CA PHE H 139 92.58 -23.48 -47.65
C PHE H 139 92.35 -23.32 -46.15
N PRO H 140 91.28 -22.65 -45.75
CA PRO H 140 91.04 -22.46 -44.32
C PRO H 140 90.51 -23.75 -43.68
N VAL H 141 90.52 -23.75 -42.35
CA VAL H 141 90.14 -24.95 -41.60
C VAL H 141 88.73 -24.80 -41.06
N PRO H 142 87.82 -25.73 -41.36
CA PRO H 142 86.43 -25.60 -40.89
C PRO H 142 86.18 -26.11 -39.47
N LEU H 143 86.40 -25.27 -38.44
CA LEU H 143 86.23 -25.82 -37.09
C LEU H 143 84.88 -25.42 -36.49
N PRO H 144 84.26 -26.29 -35.69
CA PRO H 144 82.97 -25.96 -35.08
C PRO H 144 83.14 -24.95 -33.96
N THR H 145 82.04 -24.24 -33.67
CA THR H 145 82.07 -23.04 -32.82
C THR H 145 82.63 -23.19 -31.41
N PRO H 146 82.42 -24.29 -30.65
CA PRO H 146 83.07 -24.32 -29.33
C PRO H 146 84.58 -24.45 -29.40
N LEU H 147 85.08 -25.43 -30.15
CA LEU H 147 86.52 -25.64 -30.21
C LEU H 147 87.23 -24.55 -31.00
N ALA H 148 86.55 -23.96 -31.98
CA ALA H 148 87.15 -22.86 -32.74
C ALA H 148 87.38 -21.65 -31.86
N ARG H 149 86.45 -21.39 -30.93
CA ARG H 149 86.69 -20.31 -29.98
C ARG H 149 87.65 -20.73 -28.88
N GLU H 150 87.89 -22.04 -28.75
CA GLU H 150 88.78 -22.52 -27.71
C GLU H 150 90.24 -22.37 -28.10
N ILE H 151 90.60 -22.82 -29.31
CA ILE H 151 92.00 -22.94 -29.67
C ILE H 151 92.58 -21.56 -30.02
N VAL H 152 91.71 -20.63 -30.41
CA VAL H 152 92.16 -19.29 -30.78
C VAL H 152 92.70 -18.52 -29.56
N ALA H 153 92.19 -18.83 -28.37
CA ALA H 153 92.64 -18.10 -27.18
C ALA H 153 93.75 -18.84 -26.45
N ARG H 154 94.15 -20.01 -26.96
CA ARG H 154 95.14 -20.80 -26.24
C ARG H 154 96.55 -20.49 -26.74
N LEU H 155 96.72 -20.40 -28.05
CA LEU H 155 98.06 -20.16 -28.60
C LEU H 155 98.51 -18.75 -28.33
N VAL H 156 97.57 -17.80 -28.32
CA VAL H 156 97.91 -16.44 -27.94
C VAL H 156 98.19 -16.39 -26.44
N ALA H 157 97.58 -17.29 -25.66
CA ALA H 157 98.02 -17.46 -24.28
C ALA H 157 99.35 -18.18 -24.23
N ARG H 158 99.59 -19.09 -25.18
CA ARG H 158 100.91 -19.72 -25.25
C ARG H 158 101.93 -18.75 -25.81
N GLY H 159 101.49 -17.75 -26.57
CA GLY H 159 102.41 -16.73 -27.03
C GLY H 159 102.92 -15.83 -25.90
N ILE H 160 102.17 -15.75 -24.81
CA ILE H 160 102.61 -14.96 -23.66
C ILE H 160 103.77 -15.64 -22.97
N ARG H 161 103.65 -16.94 -22.72
CA ARG H 161 104.73 -17.68 -22.06
C ARG H 161 105.91 -17.85 -23.00
N ASP H 162 105.66 -17.74 -24.31
CA ASP H 162 106.75 -17.71 -25.27
C ASP H 162 107.32 -16.30 -25.44
N LEU H 163 106.62 -15.28 -24.92
CA LEU H 163 107.12 -13.91 -25.10
C LEU H 163 108.27 -13.61 -24.15
N ASN H 164 108.00 -13.63 -22.85
CA ASN H 164 108.98 -13.21 -21.86
C ASN H 164 109.09 -14.32 -20.83
N PRO H 165 109.97 -15.31 -21.01
CA PRO H 165 109.94 -16.49 -20.17
C PRO H 165 110.80 -16.41 -18.91
N ASP H 166 110.74 -17.49 -18.12
CA ASP H 166 111.50 -17.61 -16.89
C ASP H 166 112.12 -19.00 -16.78
N PRO H 174 101.13 -24.15 -16.21
CA PRO H 174 101.19 -25.52 -16.71
C PRO H 174 101.45 -25.58 -18.20
N ASP H 175 101.27 -26.75 -18.81
CA ASP H 175 101.38 -26.89 -20.25
C ASP H 175 100.00 -26.73 -20.89
N LEU H 176 99.87 -25.74 -21.77
CA LEU H 176 98.56 -25.29 -22.25
C LEU H 176 98.01 -26.12 -23.40
N ASN H 177 98.61 -27.25 -23.74
CA ASN H 177 98.48 -27.78 -25.09
C ASN H 177 97.81 -29.15 -25.16
N VAL H 178 97.11 -29.58 -24.12
CA VAL H 178 96.57 -30.93 -24.16
C VAL H 178 95.18 -30.92 -24.78
N LEU H 179 94.21 -30.27 -24.10
CA LEU H 179 92.93 -29.84 -24.67
C LEU H 179 92.12 -31.02 -25.25
N TYR H 180 91.58 -31.84 -24.35
CA TYR H 180 90.77 -33.00 -24.76
C TYR H 180 89.52 -32.56 -25.52
N TYR H 181 89.07 -33.41 -26.44
CA TYR H 181 87.78 -33.28 -27.11
C TYR H 181 86.82 -34.15 -26.31
N ASN H 182 85.64 -34.44 -26.85
CA ASN H 182 84.64 -35.30 -26.18
C ASN H 182 85.23 -36.71 -26.07
N GLY H 183 85.70 -37.32 -27.16
CA GLY H 183 86.37 -38.60 -27.04
C GLY H 183 87.88 -38.49 -27.13
N ALA H 184 88.37 -37.73 -28.10
CA ALA H 184 89.78 -37.85 -28.51
C ALA H 184 90.68 -36.92 -27.71
N ARG H 185 91.97 -37.21 -27.77
CA ARG H 185 93.01 -36.34 -27.20
C ARG H 185 93.67 -35.61 -28.36
N LEU H 186 93.42 -34.30 -28.46
CA LEU H 186 93.82 -33.54 -29.63
C LEU H 186 95.21 -32.93 -29.44
N SER H 187 96.19 -33.51 -30.12
CA SER H 187 97.55 -33.00 -30.06
C SER H 187 97.67 -31.69 -30.82
N LEU H 188 97.59 -30.58 -30.09
CA LEU H 188 97.78 -29.24 -30.64
C LEU H 188 99.21 -29.03 -31.12
N VAL H 189 100.18 -29.50 -30.32
CA VAL H 189 101.58 -29.33 -30.65
C VAL H 189 101.96 -30.25 -31.79
N ALA H 190 102.29 -29.67 -32.94
CA ALA H 190 103.04 -30.33 -33.98
C ALA H 190 104.53 -29.95 -33.93
N ASP H 191 105.24 -30.36 -32.88
CA ASP H 191 106.49 -29.78 -32.37
C ASP H 191 107.59 -29.46 -33.37
N VAL H 192 107.99 -30.45 -34.16
CA VAL H 192 109.33 -30.60 -34.76
C VAL H 192 109.78 -29.40 -35.58
N GLN H 193 108.86 -28.74 -36.29
CA GLN H 193 109.23 -27.53 -37.03
C GLN H 193 108.15 -26.46 -37.00
N GLN H 194 107.01 -26.71 -36.36
CA GLN H 194 105.89 -25.79 -36.51
C GLN H 194 105.88 -24.72 -35.44
N LEU H 195 106.16 -25.10 -34.18
CA LEU H 195 105.91 -24.19 -33.05
C LEU H 195 106.90 -23.03 -33.04
N ALA H 196 108.10 -23.23 -33.57
CA ALA H 196 109.01 -22.12 -33.75
C ALA H 196 108.52 -21.17 -34.85
N SER H 197 107.75 -21.70 -35.81
CA SER H 197 107.12 -20.84 -36.79
C SER H 197 105.80 -20.29 -36.28
N VAL H 198 105.25 -20.90 -35.22
CA VAL H 198 103.97 -20.42 -34.67
C VAL H 198 104.14 -19.06 -34.02
N ASN H 199 105.15 -18.94 -33.15
CA ASN H 199 105.32 -17.71 -32.36
C ASN H 199 105.94 -16.59 -33.17
N THR H 200 106.23 -16.82 -34.46
CA THR H 200 106.57 -15.71 -35.33
C THR H 200 105.52 -15.48 -36.40
N GLU H 201 104.51 -16.35 -36.51
CA GLU H 201 103.41 -16.09 -37.44
C GLU H 201 102.12 -15.69 -36.74
N LEU H 202 102.04 -15.86 -35.43
CA LEU H 202 101.05 -15.12 -34.66
C LEU H 202 101.68 -13.92 -33.98
N ARG H 203 102.79 -13.42 -34.53
CA ARG H 203 103.69 -12.52 -33.84
C ARG H 203 103.05 -11.17 -33.58
N SER H 204 102.45 -10.58 -34.62
CA SER H 204 101.75 -9.33 -34.48
C SER H 204 100.47 -9.47 -33.68
N LEU H 205 99.87 -10.66 -33.67
CA LEU H 205 98.54 -10.86 -33.12
C LEU H 205 98.56 -10.84 -31.60
N VAL H 206 99.62 -11.37 -31.00
CA VAL H 206 99.74 -11.41 -29.55
C VAL H 206 99.84 -9.99 -28.99
N LEU H 207 100.48 -9.09 -29.74
CA LEU H 207 100.59 -7.70 -29.34
C LEU H 207 99.22 -7.03 -29.32
N ASN H 208 98.30 -7.51 -30.14
CA ASN H 208 96.97 -6.94 -30.18
C ASN H 208 96.11 -7.38 -29.01
N MET H 209 96.29 -8.62 -28.55
CA MET H 209 95.55 -9.09 -27.40
C MET H 209 96.11 -8.48 -26.12
N VAL H 210 97.38 -8.09 -26.15
CA VAL H 210 98.02 -7.51 -24.96
C VAL H 210 97.69 -6.04 -24.84
N TYR H 211 97.94 -5.27 -25.91
CA TYR H 211 97.87 -3.81 -25.83
C TYR H 211 96.45 -3.33 -25.57
N SER H 212 95.46 -4.11 -25.98
CA SER H 212 94.08 -3.77 -25.64
C SER H 212 93.75 -4.09 -24.20
N ILE H 213 94.59 -4.85 -23.50
CA ILE H 213 94.37 -5.12 -22.09
C ILE H 213 95.16 -4.14 -21.23
N THR H 214 96.41 -3.85 -21.62
CA THR H 214 97.25 -2.95 -20.85
C THR H 214 96.74 -1.51 -20.93
N GLU H 215 96.14 -1.14 -22.06
CA GLU H 215 95.57 0.19 -22.16
C GLU H 215 94.33 0.36 -21.30
N GLY H 216 93.35 -0.51 -21.45
CA GLY H 216 92.06 -0.35 -20.79
C GLY H 216 92.08 -0.49 -19.29
N THR H 217 92.84 -1.46 -18.78
CA THR H 217 92.92 -1.65 -17.33
C THR H 217 93.67 -0.51 -16.67
N THR H 218 94.70 -0.01 -17.33
CA THR H 218 95.38 1.18 -16.83
C THR H 218 94.63 2.45 -17.18
N LEU H 219 93.59 2.34 -18.02
CA LEU H 219 92.71 3.49 -18.21
C LEU H 219 91.57 3.47 -17.22
N ILE H 220 91.03 2.30 -16.89
CA ILE H 220 89.87 2.25 -16.00
C ILE H 220 90.28 2.61 -14.58
N LEU H 221 91.53 2.34 -14.19
CA LEU H 221 91.94 2.63 -12.81
C LEU H 221 92.31 4.09 -12.63
N THR H 222 92.33 4.84 -13.72
CA THR H 222 92.34 6.30 -13.63
C THR H 222 91.09 6.91 -14.26
N LEU H 223 90.11 6.06 -14.59
CA LEU H 223 88.80 6.56 -15.02
C LEU H 223 87.81 6.60 -13.87
N ILE H 224 87.56 5.45 -13.25
CA ILE H 224 86.57 5.32 -12.18
C ILE H 224 86.97 6.08 -10.91
N PRO H 225 88.24 6.12 -10.45
CA PRO H 225 88.59 7.11 -9.41
C PRO H 225 88.43 8.56 -9.85
N ARG H 226 88.57 8.86 -11.14
CA ARG H 226 88.26 10.18 -11.66
C ARG H 226 86.76 10.35 -11.88
N LEU H 227 86.00 9.26 -11.77
CA LEU H 227 84.55 9.31 -11.92
C LEU H 227 83.97 9.16 -10.53
N LEU H 228 82.64 9.24 -10.42
CA LEU H 228 81.77 9.16 -9.25
C LEU H 228 81.85 10.42 -8.38
N ALA H 229 82.85 11.28 -8.60
CA ALA H 229 82.98 12.56 -7.89
C ALA H 229 83.42 13.66 -8.84
N LEU H 230 83.00 13.58 -10.09
CA LEU H 230 83.33 14.62 -11.05
C LEU H 230 82.11 14.96 -11.91
N GLY H 235 73.91 10.41 -9.72
CA GLY H 235 74.64 9.52 -8.84
C GLY H 235 74.13 8.09 -8.87
N TYR H 236 73.24 7.82 -9.82
CA TYR H 236 72.68 6.48 -9.98
C TYR H 236 73.73 5.50 -10.46
N VAL H 237 74.67 5.96 -11.29
CA VAL H 237 75.76 5.09 -11.74
C VAL H 237 76.87 5.05 -10.70
N ASN H 238 76.84 6.00 -9.75
CA ASN H 238 77.90 6.10 -8.76
C ASN H 238 77.84 4.95 -7.76
N ALA H 239 76.74 4.84 -7.02
CA ALA H 239 76.62 3.80 -6.00
C ALA H 239 76.43 2.43 -6.65
N LEU H 240 75.89 2.40 -7.86
CA LEU H 240 75.66 1.13 -8.54
C LEU H 240 76.88 0.69 -9.35
N LEU H 241 77.97 1.44 -9.24
CA LEU H 241 79.23 1.01 -9.86
C LEU H 241 79.75 -0.23 -9.16
N GLN H 242 79.92 -0.16 -7.85
CA GLN H 242 80.38 -1.33 -7.10
C GLN H 242 79.24 -2.09 -6.45
N MET H 243 77.99 -1.87 -6.88
CA MET H 243 76.87 -2.62 -6.29
C MET H 243 76.91 -4.07 -6.74
N GLN H 244 77.03 -4.29 -8.05
CA GLN H 244 77.30 -5.63 -8.56
C GLN H 244 78.80 -5.94 -8.60
N SER H 245 79.64 -4.99 -8.20
CA SER H 245 81.07 -5.17 -8.13
C SER H 245 81.62 -5.05 -6.71
N VAL H 246 80.79 -5.33 -5.71
CA VAL H 246 81.25 -5.32 -4.32
C VAL H 246 82.21 -6.47 -4.09
N THR H 247 83.38 -6.15 -3.54
CA THR H 247 84.53 -7.05 -3.36
C THR H 247 85.00 -7.68 -4.67
N ARG H 248 84.73 -7.03 -5.81
CA ARG H 248 85.24 -7.48 -7.08
C ARG H 248 86.11 -6.39 -7.70
N GLU H 249 85.52 -5.21 -7.89
CA GLU H 249 86.25 -4.11 -8.49
C GLU H 249 87.08 -3.38 -7.45
N ALA H 250 86.52 -3.18 -6.25
CA ALA H 250 87.29 -2.62 -5.15
C ALA H 250 88.38 -3.58 -4.70
N ALA H 251 88.12 -4.89 -4.83
CA ALA H 251 89.18 -5.87 -4.58
C ALA H 251 90.22 -5.84 -5.69
N GLN H 252 89.77 -5.64 -6.94
CA GLN H 252 90.73 -5.43 -8.02
C GLN H 252 91.39 -4.07 -7.88
N LEU H 253 90.72 -3.11 -7.26
CA LEU H 253 91.39 -1.86 -6.90
C LEU H 253 92.37 -2.08 -5.76
N ILE H 254 92.11 -3.10 -4.92
CA ILE H 254 93.03 -3.41 -3.83
C ILE H 254 94.22 -4.20 -4.35
N HIS H 255 93.97 -5.14 -5.26
CA HIS H 255 95.07 -5.97 -5.77
C HIS H 255 95.90 -5.25 -6.82
N PRO H 256 95.32 -4.77 -7.93
CA PRO H 256 96.19 -4.28 -9.02
C PRO H 256 96.78 -2.91 -8.78
N GLU H 257 96.02 -1.99 -8.18
CA GLU H 257 96.51 -0.61 -8.03
C GLU H 257 97.65 -0.51 -7.04
N ALA H 258 97.72 -1.43 -6.08
CA ALA H 258 98.87 -1.50 -5.19
C ALA H 258 100.11 -1.97 -5.94
N PRO H 259 100.13 -3.16 -6.55
CA PRO H 259 101.34 -3.59 -7.27
C PRO H 259 101.41 -3.11 -8.71
N MET H 260 101.11 -1.84 -8.94
CA MET H 260 101.29 -1.18 -10.23
C MET H 260 101.32 0.32 -9.96
N LEU H 261 101.53 1.08 -11.03
CA LEU H 261 101.63 2.53 -10.91
C LEU H 261 100.24 3.15 -10.90
N MET H 262 100.18 4.48 -10.98
CA MET H 262 98.92 5.20 -10.95
C MET H 262 98.32 5.30 -12.35
N ARG H 267 94.77 14.42 -15.43
CA ARG H 267 95.19 13.98 -16.77
C ARG H 267 94.00 13.75 -17.70
N ARG H 268 92.91 14.49 -17.48
CA ARG H 268 91.61 14.12 -18.07
C ARG H 268 91.58 14.32 -19.59
N LEU H 269 92.23 15.38 -20.09
CA LEU H 269 92.09 15.71 -21.52
C LEU H 269 92.82 14.74 -22.44
N PRO H 270 94.01 14.21 -22.11
CA PRO H 270 94.46 13.05 -22.89
C PRO H 270 93.72 11.76 -22.55
N LEU H 271 93.15 11.67 -21.35
CA LEU H 271 92.51 10.44 -20.91
C LEU H 271 91.28 10.12 -21.74
N TYR H 272 90.39 11.10 -21.89
CA TYR H 272 89.17 10.88 -22.65
C TYR H 272 89.47 10.80 -24.14
N GLU H 273 90.60 11.38 -24.56
CA GLU H 273 91.14 11.12 -25.89
C GLU H 273 91.62 9.68 -26.05
N ALA H 274 92.13 9.08 -24.98
CA ALA H 274 92.50 7.68 -25.03
C ALA H 274 91.29 6.77 -24.87
N LEU H 275 90.17 7.31 -24.38
CA LEU H 275 88.97 6.52 -24.18
C LEU H 275 88.41 6.01 -25.50
N VAL H 276 88.32 6.87 -26.50
CA VAL H 276 87.80 6.48 -27.80
C VAL H 276 88.78 5.53 -28.49
N ALA H 277 90.09 5.82 -28.37
CA ALA H 277 91.12 5.13 -29.13
C ALA H 277 91.25 3.67 -28.73
N TRP H 278 91.19 3.39 -27.42
CA TRP H 278 91.17 2.01 -26.97
C TRP H 278 89.90 1.30 -27.42
N LEU H 279 88.76 1.96 -27.25
CA LEU H 279 87.50 1.35 -27.60
C LEU H 279 87.31 1.29 -29.10
N ALA H 280 88.03 2.13 -29.85
CA ALA H 280 88.14 1.95 -31.29
C ALA H 280 88.91 0.68 -31.60
N HIS H 281 89.99 0.41 -30.85
CA HIS H 281 90.73 -0.83 -31.06
C HIS H 281 89.93 -2.02 -30.58
N ALA H 282 89.04 -1.81 -29.61
CA ALA H 282 88.21 -2.89 -29.10
C ALA H 282 87.20 -3.35 -30.15
N GLY H 283 86.60 -2.39 -30.86
CA GLY H 283 85.68 -2.71 -31.93
C GLY H 283 86.32 -3.36 -33.13
N GLN H 284 87.62 -3.13 -33.32
CA GLN H 284 88.38 -3.89 -34.29
C GLN H 284 88.44 -5.37 -33.91
N LEU H 285 88.81 -5.66 -32.66
CA LEU H 285 89.14 -7.02 -32.25
C LEU H 285 87.92 -7.92 -32.21
N GLY H 286 86.75 -7.37 -31.88
CA GLY H 286 85.53 -8.16 -31.90
C GLY H 286 85.18 -8.61 -33.30
N ASP H 287 85.47 -7.79 -34.31
CA ASP H 287 85.35 -8.23 -35.68
C ASP H 287 86.48 -9.17 -36.06
N ILE H 288 87.65 -9.00 -35.43
CA ILE H 288 88.79 -9.90 -35.67
C ILE H 288 88.53 -11.25 -35.02
N LEU H 289 88.27 -11.24 -33.71
CA LEU H 289 88.25 -12.48 -32.97
C LEU H 289 86.87 -13.12 -33.06
N ALA H 290 86.71 -14.16 -32.25
CA ALA H 290 85.49 -14.88 -31.87
C ALA H 290 84.90 -15.74 -32.97
N LEU H 291 85.36 -15.63 -34.23
CA LEU H 291 85.13 -16.62 -35.29
C LEU H 291 83.67 -17.00 -35.53
N ALA H 292 82.85 -16.07 -36.02
CA ALA H 292 81.42 -16.25 -36.10
C ALA H 292 81.04 -17.42 -37.02
N PRO H 293 79.97 -18.16 -36.73
CA PRO H 293 79.56 -19.25 -37.61
C PRO H 293 79.00 -18.72 -38.92
N ALA H 294 79.33 -19.43 -40.01
CA ALA H 294 78.90 -19.00 -41.33
C ALA H 294 78.05 -20.05 -42.02
N VAL H 295 78.36 -21.33 -41.82
CA VAL H 295 77.67 -22.42 -42.47
C VAL H 295 77.31 -23.44 -41.39
N ARG H 296 76.25 -24.23 -41.62
CA ARG H 296 75.86 -25.25 -40.65
C ARG H 296 75.95 -26.67 -41.20
N VAL H 297 76.49 -27.54 -40.36
CA VAL H 297 76.23 -28.97 -40.48
C VAL H 297 74.92 -29.25 -39.77
N CYS H 298 73.91 -29.64 -40.53
CA CYS H 298 72.75 -30.32 -39.98
C CYS H 298 72.24 -31.22 -41.09
N THR H 299 72.74 -32.45 -41.12
CA THR H 299 72.66 -33.33 -42.28
C THR H 299 71.34 -34.08 -42.29
N PHE H 300 71.29 -35.13 -43.10
CA PHE H 300 70.21 -36.09 -43.05
C PHE H 300 70.70 -37.50 -43.30
N ASP H 301 70.21 -38.45 -42.49
CA ASP H 301 70.42 -39.89 -42.64
C ASP H 301 71.91 -40.24 -42.65
N GLY H 302 72.66 -39.51 -41.82
CA GLY H 302 74.08 -39.78 -41.67
C GLY H 302 74.32 -40.53 -40.39
N ALA H 303 75.58 -40.79 -40.11
CA ALA H 303 75.95 -41.41 -38.85
C ALA H 303 76.13 -40.38 -37.74
N ALA H 304 75.82 -39.10 -38.03
CA ALA H 304 75.84 -37.91 -37.19
C ALA H 304 77.26 -37.48 -36.81
N VAL H 305 78.27 -38.24 -37.17
CA VAL H 305 79.65 -38.02 -36.76
C VAL H 305 80.53 -38.15 -37.99
N VAL H 306 81.28 -37.09 -38.30
CA VAL H 306 82.08 -37.01 -39.52
C VAL H 306 83.52 -37.37 -39.16
N GLN H 307 84.23 -38.01 -40.09
CA GLN H 307 85.63 -38.30 -39.86
C GLN H 307 86.50 -37.56 -40.86
N SER H 308 87.80 -37.48 -40.54
CA SER H 308 88.76 -36.73 -41.33
C SER H 308 88.95 -37.33 -42.71
N GLY H 309 88.66 -36.53 -43.73
CA GLY H 309 88.76 -37.00 -45.10
C GLY H 309 87.45 -37.44 -45.70
N ASP H 310 86.36 -37.44 -44.93
CA ASP H 310 85.06 -37.88 -45.40
C ASP H 310 84.16 -36.67 -45.62
N MET H 311 83.23 -36.80 -46.55
CA MET H 311 82.34 -35.69 -46.88
C MET H 311 81.24 -35.55 -45.82
N ALA H 312 80.56 -34.41 -45.83
CA ALA H 312 79.45 -34.12 -44.93
C ALA H 312 78.47 -33.17 -45.61
N PRO H 313 77.17 -33.45 -45.56
CA PRO H 313 76.19 -32.50 -46.09
C PRO H 313 76.08 -31.27 -45.20
N VAL H 314 76.35 -30.11 -45.78
CA VAL H 314 76.48 -28.89 -45.00
C VAL H 314 75.50 -27.87 -45.53
N ILE H 315 74.71 -27.27 -44.63
CA ILE H 315 73.59 -26.41 -45.02
C ILE H 315 73.91 -24.97 -44.66
N ARG H 316 73.16 -24.05 -45.28
CA ARG H 316 73.70 -22.74 -45.64
C ARG H 316 73.91 -21.83 -44.44
N TYR H 317 72.87 -21.55 -43.67
CA TYR H 317 72.92 -20.42 -42.73
C TYR H 317 72.88 -20.91 -41.29
N PRO H 318 73.59 -20.23 -40.36
CA PRO H 318 73.45 -20.50 -38.93
C PRO H 318 72.06 -20.18 -38.39
N UNK I 1 80.53 -89.96 6.43
CA UNK I 1 79.56 -91.05 6.74
C UNK I 1 80.25 -92.10 7.61
N UNK I 2 80.29 -93.35 7.13
CA UNK I 2 80.92 -94.45 7.89
C UNK I 2 82.41 -94.15 8.09
N UNK I 3 83.07 -93.64 7.04
CA UNK I 3 84.51 -93.29 7.13
C UNK I 3 84.70 -92.20 8.18
N UNK I 4 83.82 -91.20 8.19
CA UNK I 4 83.88 -90.09 9.16
C UNK I 4 83.73 -90.64 10.57
N UNK I 5 82.79 -91.59 10.76
CA UNK I 5 82.54 -92.19 12.08
C UNK I 5 83.80 -92.94 12.52
N UNK I 6 84.44 -93.67 11.60
CA UNK I 6 85.67 -94.43 11.90
C UNK I 6 86.77 -93.45 12.33
N UNK I 7 86.88 -92.31 11.63
CA UNK I 7 87.90 -91.29 11.95
C UNK I 7 87.64 -90.74 13.36
N UNK I 8 86.37 -90.51 13.69
CA UNK I 8 85.98 -89.99 15.02
C UNK I 8 86.37 -91.01 16.09
N UNK I 9 86.13 -92.30 15.81
CA UNK I 9 86.47 -93.39 16.76
C UNK I 9 87.99 -93.41 16.97
N UNK I 10 88.75 -93.24 15.88
CA UNK I 10 90.23 -93.24 15.95
C UNK I 10 90.69 -92.06 16.81
N UNK I 11 90.05 -90.89 16.64
CA UNK I 11 90.40 -89.69 17.42
C UNK I 11 90.12 -89.96 18.90
N UNK I 12 88.99 -90.60 19.20
CA UNK I 12 88.61 -90.93 20.59
C UNK I 12 89.66 -91.88 21.19
N UNK I 13 90.11 -92.86 20.39
CA UNK I 13 91.12 -93.83 20.86
C UNK I 13 92.43 -93.08 21.16
N UNK I 14 92.80 -92.13 20.29
CA UNK I 14 94.03 -91.33 20.48
C UNK I 14 93.90 -90.52 21.78
N UNK I 15 92.73 -89.95 22.03
CA UNK I 15 92.48 -89.16 23.25
C UNK I 15 92.63 -90.05 24.48
N UNK I 16 92.10 -91.29 24.40
CA UNK I 16 92.20 -92.24 25.53
C UNK I 16 93.67 -92.47 25.90
N UNK I 17 94.45 -93.05 24.98
CA UNK I 17 95.84 -93.31 25.20
C UNK I 17 96.51 -91.96 24.95
N UNK I 18 96.06 -90.95 25.70
CA UNK I 18 96.57 -89.59 25.56
C UNK I 18 96.32 -88.75 26.80
N UNK I 19 97.02 -87.63 26.89
CA UNK I 19 96.94 -86.66 27.99
C UNK I 19 98.25 -85.89 28.14
N UNK I 20 98.22 -84.60 27.81
CA UNK I 20 99.40 -83.76 27.91
C UNK I 20 100.58 -84.34 27.13
N UNK I 21 100.30 -84.87 25.94
CA UNK I 21 101.35 -85.47 25.11
C UNK I 21 101.50 -84.75 23.78
N UNK I 22 102.74 -84.46 23.41
CA UNK I 22 102.99 -83.79 22.15
C UNK I 22 102.49 -84.70 21.04
N UNK I 23 102.72 -86.00 21.22
CA UNK I 23 102.26 -86.98 20.26
C UNK I 23 101.26 -86.31 19.32
N UNK I 24 100.01 -86.25 19.80
CA UNK I 24 98.84 -85.72 19.07
C UNK I 24 99.15 -84.38 18.40
N UNK I 25 99.62 -83.40 19.18
CA UNK I 25 99.86 -82.04 18.62
C UNK I 25 100.92 -82.08 17.50
N UNK I 26 102.02 -82.81 17.68
CA UNK I 26 103.07 -82.85 16.63
C UNK I 26 102.51 -83.50 15.36
N UNK I 27 101.75 -84.60 15.52
CA UNK I 27 101.18 -85.30 14.36
C UNK I 27 100.20 -84.36 13.64
N UNK I 28 99.40 -83.62 14.41
CA UNK I 28 98.40 -82.69 13.86
C UNK I 28 99.13 -81.60 13.08
N UNK I 29 100.24 -81.08 13.62
CA UNK I 29 101.01 -80.02 12.93
C UNK I 29 101.56 -80.55 11.61
N UNK I 30 102.11 -81.77 11.61
CA UNK I 30 102.67 -82.32 10.34
C UNK I 30 101.54 -82.48 9.32
N UNK I 31 100.39 -82.98 9.79
CA UNK I 31 99.23 -83.21 8.91
C UNK I 31 98.76 -81.88 8.33
N UNK I 32 98.73 -80.85 9.18
CA UNK I 32 98.29 -79.49 8.79
C UNK I 32 99.24 -78.94 7.72
N UNK I 33 100.55 -79.12 7.89
CA UNK I 33 101.51 -78.61 6.88
C UNK I 33 101.27 -79.32 5.55
N UNK I 34 101.08 -80.64 5.58
CA UNK I 34 100.86 -81.39 4.32
C UNK I 34 99.55 -80.90 3.66
N UNK I 35 98.53 -80.71 4.49
CA UNK I 35 97.19 -80.28 4.03
C UNK I 35 97.32 -78.90 3.40
N UNK I 36 98.09 -78.01 4.01
CA UNK I 36 98.30 -76.63 3.51
C UNK I 36 98.99 -76.69 2.14
N UNK I 37 100.02 -77.53 1.98
CA UNK I 37 100.67 -77.60 0.66
C UNK I 37 99.67 -78.09 -0.39
N UNK I 38 98.89 -79.12 -0.02
CA UNK I 38 97.91 -79.69 -0.97
C UNK I 38 96.87 -78.62 -1.33
N UNK I 39 96.43 -77.87 -0.33
CA UNK I 39 95.41 -76.80 -0.45
C UNK I 39 95.95 -75.71 -1.39
N UNK I 40 97.22 -75.32 -1.23
CA UNK I 40 97.81 -74.28 -2.09
C UNK I 40 97.80 -74.78 -3.55
N UNK I 41 98.20 -76.03 -3.76
CA UNK I 41 98.20 -76.54 -5.16
C UNK I 41 96.77 -76.53 -5.72
N UNK I 42 95.82 -76.98 -4.89
CA UNK I 42 94.39 -77.08 -5.31
C UNK I 42 93.88 -75.68 -5.63
N UNK I 43 94.24 -74.69 -4.81
CA UNK I 43 93.82 -73.29 -4.95
C UNK I 43 94.36 -72.73 -6.27
N UNK I 44 95.63 -73.02 -6.59
CA UNK I 44 96.20 -72.51 -7.85
C UNK I 44 95.41 -73.13 -9.02
N UNK I 45 95.13 -74.44 -8.94
CA UNK I 45 94.39 -75.09 -10.05
C UNK I 45 93.00 -74.47 -10.18
N UNK I 46 92.35 -74.24 -9.04
CA UNK I 46 90.98 -73.69 -8.98
C UNK I 46 90.98 -72.28 -9.58
N UNK I 47 91.99 -71.47 -9.25
CA UNK I 47 92.10 -70.09 -9.76
C UNK I 47 92.25 -70.15 -11.28
N UNK I 48 93.08 -71.06 -11.78
CA UNK I 48 93.26 -71.16 -13.25
C UNK I 48 91.92 -71.53 -13.90
N UNK I 49 91.21 -72.49 -13.30
CA UNK I 49 89.91 -72.95 -13.85
C UNK I 49 88.91 -71.79 -13.85
N UNK I 50 88.87 -71.03 -12.75
CA UNK I 50 87.94 -69.89 -12.60
C UNK I 50 88.25 -68.84 -13.67
N UNK I 51 89.54 -68.57 -13.88
CA UNK I 51 89.94 -67.56 -14.89
C UNK I 51 89.47 -68.03 -16.26
N UNK I 52 89.66 -69.32 -16.56
CA UNK I 52 89.25 -69.86 -17.88
C UNK I 52 87.73 -69.73 -18.04
N UNK I 53 86.97 -70.05 -16.98
CA UNK I 53 85.49 -69.97 -17.03
C UNK I 53 85.05 -68.52 -17.26
N UNK I 54 85.69 -67.58 -16.56
CA UNK I 54 85.34 -66.14 -16.67
C UNK I 54 85.65 -65.66 -18.10
N UNK I 55 86.77 -66.15 -18.64
CA UNK I 55 87.23 -65.75 -20.00
C UNK I 55 86.37 -66.39 -21.09
N UNK I 56 85.41 -67.26 -20.72
CA UNK I 56 84.59 -67.83 -21.82
C UNK I 56 83.19 -67.25 -21.77
N UNK I 57 82.63 -67.12 -20.57
CA UNK I 57 81.27 -66.57 -20.39
C UNK I 57 81.23 -65.13 -20.88
N UNK I 58 82.26 -64.34 -20.55
CA UNK I 58 82.33 -62.93 -20.96
C UNK I 58 82.38 -62.85 -22.49
N UNK I 59 83.17 -63.72 -23.13
CA UNK I 59 83.27 -63.72 -24.60
C UNK I 59 81.90 -64.05 -25.20
N UNK I 60 81.21 -65.03 -24.62
CA UNK I 60 79.88 -65.44 -25.13
C UNK I 60 78.90 -64.27 -24.99
N UNK I 61 78.96 -63.57 -23.86
CA UNK I 61 78.07 -62.41 -23.60
C UNK I 61 78.34 -61.32 -24.64
N UNK I 62 79.62 -61.06 -24.94
CA UNK I 62 79.98 -60.02 -25.93
C UNK I 62 79.41 -60.42 -27.30
N UNK I 63 79.54 -61.70 -27.66
CA UNK I 63 79.03 -62.17 -28.97
C UNK I 63 77.51 -61.98 -29.02
N UNK I 64 76.83 -62.31 -27.91
CA UNK I 64 75.36 -62.19 -27.84
C UNK I 64 74.97 -60.71 -27.99
N UNK I 65 75.71 -59.81 -27.34
CA UNK I 65 75.43 -58.36 -27.44
C UNK I 65 75.59 -57.89 -28.88
N UNK I 66 76.64 -58.36 -29.56
CA UNK I 66 76.88 -57.96 -30.96
C UNK I 66 75.71 -58.46 -31.83
N UNK I 67 75.26 -59.69 -31.58
CA UNK I 67 74.14 -60.27 -32.36
C UNK I 67 72.88 -59.44 -32.14
N UNK I 68 72.64 -59.04 -30.87
CA UNK I 68 71.45 -58.24 -30.53
C UNK I 68 71.52 -56.88 -31.25
N UNK I 69 72.70 -56.27 -31.28
CA UNK I 69 72.87 -54.97 -31.96
C UNK I 69 72.57 -55.13 -33.46
N UNK I 70 73.07 -56.22 -34.05
CA UNK I 70 72.83 -56.47 -35.50
C UNK I 70 71.33 -56.63 -35.74
N UNK I 71 70.64 -57.36 -34.85
CA UNK I 71 69.19 -57.60 -34.98
C UNK I 71 68.45 -56.26 -34.89
N UNK I 72 68.86 -55.40 -33.96
CA UNK I 72 68.23 -54.07 -33.77
C UNK I 72 68.42 -53.24 -35.05
N UNK I 73 69.62 -53.29 -35.63
CA UNK I 73 69.90 -52.52 -36.87
C UNK I 73 68.99 -53.05 -37.99
N UNK I 74 68.84 -54.36 -38.08
CA UNK I 74 67.99 -54.97 -39.13
C UNK I 74 66.54 -54.51 -38.93
N UNK I 75 66.08 -54.49 -37.68
CA UNK I 75 64.69 -54.06 -37.36
C UNK I 75 64.51 -52.60 -37.77
N UNK I 76 65.51 -51.76 -37.49
CA UNK I 76 65.43 -50.32 -37.84
C UNK I 76 65.34 -50.19 -39.37
N UNK I 77 66.14 -50.98 -40.09
CA UNK I 77 66.14 -50.94 -41.58
C UNK I 77 64.75 -51.35 -42.09
N UNK I 78 64.16 -52.39 -41.48
CA UNK I 78 62.82 -52.87 -41.89
C UNK I 78 61.79 -51.77 -41.65
N UNK I 79 61.89 -51.08 -40.51
CA UNK I 79 60.96 -49.99 -40.16
C UNK I 79 61.09 -48.86 -41.20
N UNK I 80 62.33 -48.54 -41.59
CA UNK I 80 62.58 -47.48 -42.59
C UNK I 80 61.95 -47.88 -43.92
N UNK I 81 62.10 -49.16 -44.30
CA UNK I 81 61.52 -49.67 -45.56
C UNK I 81 60.00 -49.55 -45.51
N UNK I 82 59.40 -49.89 -44.36
CA UNK I 82 57.93 -49.81 -44.19
C UNK I 82 57.48 -48.35 -44.33
N UNK I 83 58.25 -47.43 -43.74
CA UNK I 83 57.93 -45.98 -43.81
C UNK I 83 57.99 -45.52 -45.28
N UNK I 84 59.00 -46.00 -46.02
CA UNK I 84 59.18 -45.63 -47.44
C UNK I 84 59.08 -44.11 -47.61
N ALA J 3 -53.21 -10.54 86.16
CA ALA J 3 -52.16 -11.17 85.37
C ALA J 3 -52.74 -12.19 84.39
N PRO J 4 -52.65 -11.90 83.10
CA PRO J 4 -53.18 -12.82 82.10
C PRO J 4 -52.29 -14.04 81.90
N GLN J 5 -52.93 -15.14 81.53
CA GLN J 5 -52.23 -16.38 81.21
C GLN J 5 -52.40 -16.64 79.72
N PHE J 6 -51.29 -16.71 79.00
CA PHE J 6 -51.30 -16.74 77.55
C PHE J 6 -51.58 -18.12 76.97
N HIS J 7 -51.72 -19.14 77.81
CA HIS J 7 -52.09 -20.47 77.35
C HIS J 7 -53.59 -20.72 77.46
N ARG J 8 -54.38 -19.70 77.83
CA ARG J 8 -55.83 -19.83 77.92
C ARG J 8 -56.49 -18.67 77.18
N PRO J 9 -57.35 -18.94 76.19
CA PRO J 9 -57.98 -17.84 75.45
C PRO J 9 -59.01 -17.07 76.26
N SER J 10 -59.60 -17.68 77.29
CA SER J 10 -60.64 -17.05 78.08
C SER J 10 -60.10 -16.25 79.27
N THR J 11 -58.83 -15.86 79.21
CA THR J 11 -58.19 -15.10 80.29
C THR J 11 -57.82 -13.68 79.88
N ILE J 12 -57.37 -13.48 78.64
CA ILE J 12 -56.85 -12.19 78.20
C ILE J 12 -58.00 -11.22 78.00
N THR J 13 -57.96 -10.09 78.72
CA THR J 13 -58.85 -8.96 78.51
C THR J 13 -58.01 -7.76 78.10
N ALA J 14 -58.68 -6.64 77.84
CA ALA J 14 -57.97 -5.43 77.44
C ALA J 14 -57.25 -4.79 78.62
N ASP J 15 -57.83 -4.90 79.82
CA ASP J 15 -57.24 -4.29 81.00
C ASP J 15 -56.06 -5.10 81.54
N ASN J 16 -55.96 -6.39 81.20
CA ASN J 16 -54.84 -7.19 81.67
C ASN J 16 -53.59 -6.90 80.87
N VAL J 17 -53.74 -6.52 79.59
CA VAL J 17 -52.59 -6.19 78.75
C VAL J 17 -52.15 -4.75 79.01
N ARG J 18 -53.10 -3.85 79.23
CA ARG J 18 -52.78 -2.43 79.40
C ARG J 18 -52.09 -2.17 80.74
N ALA J 19 -52.53 -2.85 81.80
CA ALA J 19 -51.92 -2.66 83.11
C ALA J 19 -50.50 -3.21 83.16
N LEU J 20 -50.22 -4.25 82.38
CA LEU J 20 -48.86 -4.73 82.24
C LEU J 20 -48.07 -3.78 81.33
N GLY J 21 -46.82 -3.53 81.70
CA GLY J 21 -45.98 -2.63 80.92
C GLY J 21 -45.56 -3.24 79.60
N THR J 22 -45.06 -2.37 78.72
CA THR J 22 -44.63 -2.81 77.38
C THR J 22 -43.39 -3.69 77.47
N ARG J 23 -42.47 -3.37 78.39
CA ARG J 23 -41.29 -4.22 78.59
C ARG J 23 -41.67 -5.52 79.29
N GLY J 24 -42.62 -5.46 80.22
CA GLY J 24 -43.11 -6.65 80.90
C GLY J 24 -44.00 -7.51 80.04
N LEU J 25 -44.47 -6.96 78.92
CA LEU J 25 -45.29 -7.73 78.00
C LEU J 25 -44.42 -8.62 77.11
N VAL J 26 -43.12 -8.30 77.02
CA VAL J 26 -42.22 -9.07 76.17
C VAL J 26 -41.91 -10.43 76.80
N LEU J 27 -41.44 -10.43 78.04
CA LEU J 27 -41.02 -11.67 78.68
C LEU J 27 -42.21 -12.51 79.19
N ALA J 28 -43.38 -11.90 79.35
CA ALA J 28 -44.54 -12.65 79.79
C ALA J 28 -45.09 -13.53 78.67
N THR J 29 -44.94 -13.09 77.41
CA THR J 29 -45.38 -13.89 76.28
C THR J 29 -44.34 -14.95 75.91
N ASN J 30 -43.09 -14.76 76.31
CA ASN J 30 -42.04 -15.73 75.99
C ASN J 30 -41.90 -16.82 77.04
N ASN J 31 -42.57 -16.67 78.20
CA ASN J 31 -42.50 -17.66 79.28
C ASN J 31 -43.81 -18.41 79.47
N ALA J 32 -44.60 -18.55 78.41
CA ALA J 32 -45.90 -19.20 78.48
C ALA J 32 -45.75 -20.71 78.38
N GLN J 33 -46.86 -21.41 78.17
CA GLN J 33 -46.89 -22.87 78.10
C GLN J 33 -47.05 -23.30 76.65
N PHE J 34 -46.32 -24.36 76.27
CA PHE J 34 -46.39 -24.87 74.90
C PHE J 34 -47.70 -25.61 74.65
N ILE J 35 -48.32 -26.14 75.71
CA ILE J 35 -49.57 -26.87 75.57
C ILE J 35 -50.73 -25.87 75.58
N MET J 36 -51.52 -25.87 74.51
CA MET J 36 -52.68 -25.01 74.40
C MET J 36 -53.89 -25.69 74.99
N ASP J 37 -54.50 -25.05 75.98
CA ASP J 37 -55.67 -25.62 76.66
C ASP J 37 -56.95 -25.29 75.90
N ASN J 38 -57.83 -26.28 75.80
CA ASN J 38 -59.11 -26.12 75.12
C ASN J 38 -60.30 -26.37 76.05
N SER J 39 -60.08 -26.38 77.36
CA SER J 39 -61.16 -26.62 78.31
C SER J 39 -62.08 -25.43 78.48
N TYR J 40 -61.57 -24.21 78.30
CA TYR J 40 -62.38 -23.00 78.43
C TYR J 40 -61.95 -22.02 77.33
N PRO J 41 -62.59 -22.07 76.17
CA PRO J 41 -62.25 -21.14 75.09
C PRO J 41 -62.84 -19.76 75.33
N HIS J 42 -62.48 -18.83 74.45
CA HIS J 42 -62.99 -17.47 74.53
C HIS J 42 -64.47 -17.45 74.10
N PRO J 43 -65.31 -16.65 74.77
CA PRO J 43 -66.75 -16.67 74.45
C PRO J 43 -67.09 -16.10 73.07
N HIS J 44 -66.24 -15.27 72.48
CA HIS J 44 -66.43 -14.77 71.13
C HIS J 44 -65.69 -15.61 70.09
N GLY J 45 -65.31 -16.84 70.43
CA GLY J 45 -64.58 -17.69 69.53
C GLY J 45 -63.07 -17.50 69.64
N THR J 46 -62.34 -18.37 68.95
CA THR J 46 -60.88 -18.28 68.92
C THR J 46 -60.40 -17.10 68.11
N GLN J 47 -61.20 -16.65 67.15
CA GLN J 47 -60.86 -15.44 66.41
C GLN J 47 -61.12 -14.18 67.24
N GLY J 48 -62.03 -14.27 68.22
CA GLY J 48 -62.30 -13.12 69.07
C GLY J 48 -61.26 -12.89 70.14
N ALA J 49 -60.53 -13.94 70.53
CA ALA J 49 -59.47 -13.78 71.51
C ALA J 49 -58.27 -13.04 70.92
N VAL J 50 -58.08 -13.15 69.60
CA VAL J 50 -57.07 -12.34 68.92
C VAL J 50 -57.51 -10.88 68.88
N ARG J 51 -58.83 -10.66 68.81
CA ARG J 51 -59.37 -9.30 68.76
C ARG J 51 -59.22 -8.58 70.09
N GLU J 52 -59.24 -9.33 71.20
CA GLU J 52 -59.22 -8.70 72.52
C GLU J 52 -57.80 -8.38 72.96
N PHE J 53 -56.85 -9.25 72.63
CA PHE J 53 -55.46 -9.14 73.10
C PHE J 53 -54.75 -7.92 72.52
N LEU J 54 -54.87 -7.67 71.22
CA LEU J 54 -54.08 -6.64 70.58
C LEU J 54 -54.63 -5.23 70.75
N ARG J 55 -55.87 -5.09 71.25
CA ARG J 55 -56.35 -3.75 71.59
C ARG J 55 -55.65 -3.19 72.82
N GLY J 56 -55.10 -4.03 73.67
CA GLY J 56 -54.38 -3.59 74.85
C GLY J 56 -52.95 -3.17 74.56
N GLN J 57 -52.40 -3.61 73.43
CA GLN J 57 -51.04 -3.22 73.08
C GLN J 57 -50.99 -1.81 72.51
N ALA J 58 -51.96 -1.46 71.68
CA ALA J 58 -51.99 -0.13 71.09
C ALA J 58 -52.40 0.93 72.12
N ALA J 59 -53.16 0.54 73.15
CA ALA J 59 -53.42 1.44 74.26
C ALA J 59 -52.20 1.60 75.15
N ALA J 60 -51.28 0.64 75.13
CA ALA J 60 -50.02 0.75 75.87
C ALA J 60 -49.00 1.62 75.15
N LEU J 61 -49.16 1.82 73.84
CA LEU J 61 -48.29 2.77 73.14
C LEU J 61 -48.61 4.20 73.53
N THR J 62 -49.88 4.48 73.87
CA THR J 62 -50.22 5.79 74.41
C THR J 62 -49.65 5.98 75.81
N ASP J 63 -49.58 4.91 76.60
CA ASP J 63 -48.93 4.99 77.91
C ASP J 63 -47.42 5.13 77.77
N LEU J 64 -46.86 4.60 76.67
CA LEU J 64 -45.43 4.76 76.43
C LEU J 64 -45.11 6.19 75.98
N GLY J 65 -46.07 6.84 75.33
CA GLY J 65 -45.88 8.23 74.93
C GLY J 65 -45.91 9.20 76.09
N VAL J 66 -46.58 8.81 77.19
CA VAL J 66 -46.57 9.62 78.41
C VAL J 66 -45.21 9.64 79.09
N THR J 67 -44.57 8.48 79.22
CA THR J 67 -43.24 8.39 79.80
C THR J 67 -42.16 9.02 78.92
N HIS J 68 -42.41 9.15 77.62
CA HIS J 68 -41.49 9.83 76.71
C HIS J 68 -42.00 11.18 76.27
N ALA J 69 -42.91 11.80 77.05
CA ALA J 69 -43.37 13.13 76.74
C ALA J 69 -42.31 14.19 77.02
N ASN J 70 -41.37 13.90 77.92
CA ASN J 70 -40.22 14.77 78.16
C ASN J 70 -39.07 14.50 77.21
N ASN J 71 -39.29 13.65 76.19
CA ASN J 71 -38.29 13.37 75.18
C ASN J 71 -38.65 13.91 73.80
N THR J 72 -39.92 13.91 73.41
CA THR J 72 -40.37 14.52 72.18
C THR J 72 -41.16 15.78 72.47
N PHE J 73 -41.72 16.37 71.41
CA PHE J 73 -42.43 17.62 71.50
C PHE J 73 -43.92 17.43 71.20
N ALA J 74 -44.65 18.54 71.16
CA ALA J 74 -46.05 18.51 70.81
C ALA J 74 -46.20 18.26 69.31
N PRO J 75 -47.05 17.31 68.89
CA PRO J 75 -47.15 17.00 67.46
C PRO J 75 -47.91 18.08 66.70
N GLN J 76 -47.24 18.71 65.75
CA GLN J 76 -47.79 19.72 64.87
C GLN J 76 -48.74 19.08 63.87
N PRO J 77 -49.72 19.82 63.36
CA PRO J 77 -50.57 19.28 62.29
C PRO J 77 -49.79 19.10 61.00
N MET J 78 -50.01 17.95 60.37
CA MET J 78 -49.17 17.50 59.26
C MET J 78 -49.61 18.04 57.92
N PHE J 79 -50.90 18.28 57.70
CA PHE J 79 -51.40 18.52 56.35
C PHE J 79 -52.25 19.77 56.29
N ALA J 80 -52.81 19.99 55.10
CA ALA J 80 -53.54 21.20 54.78
C ALA J 80 -54.96 21.15 55.36
N GLY J 81 -55.57 22.33 55.45
CA GLY J 81 -56.97 22.44 55.81
C GLY J 81 -57.25 22.60 57.28
N ASP J 82 -56.23 22.57 58.15
CA ASP J 82 -56.42 22.64 59.60
C ASP J 82 -55.63 23.83 60.15
N ALA J 83 -56.31 24.96 60.32
CA ALA J 83 -55.71 26.13 60.96
C ALA J 83 -56.82 26.94 61.61
N ALA J 84 -56.46 27.68 62.65
CA ALA J 84 -57.45 28.49 63.37
C ALA J 84 -57.89 29.68 62.52
N ALA J 85 -56.94 30.52 62.10
CA ALA J 85 -57.24 31.67 61.25
C ALA J 85 -56.80 31.34 59.83
N GLU J 86 -57.77 30.98 58.99
CA GLU J 86 -57.49 30.58 57.62
C GLU J 86 -57.75 31.67 56.59
N TRP J 87 -58.37 32.78 56.98
CA TRP J 87 -58.69 33.84 56.04
C TRP J 87 -57.57 34.87 55.87
N LEU J 88 -56.45 34.72 56.58
CA LEU J 88 -55.30 35.60 56.43
C LEU J 88 -53.98 34.86 56.29
N ARG J 89 -53.90 33.63 56.79
CA ARG J 89 -52.72 32.79 56.65
C ARG J 89 -53.14 31.33 56.45
N PRO J 90 -52.37 30.53 55.71
CA PRO J 90 -52.81 29.16 55.41
C PRO J 90 -52.52 28.19 56.53
N SER J 91 -52.78 26.91 56.29
CA SER J 91 -52.50 25.85 57.25
C SER J 91 -51.18 25.18 56.87
N PHE J 92 -50.18 25.34 57.71
CA PHE J 92 -48.86 24.77 57.43
C PHE J 92 -48.85 23.29 57.80
N GLY J 93 -47.75 22.61 57.49
CA GLY J 93 -47.60 21.20 57.79
C GLY J 93 -46.16 20.75 57.63
N LEU J 94 -45.67 19.95 58.58
CA LEU J 94 -44.25 19.66 58.63
C LEU J 94 -43.93 18.37 57.88
N LYS J 95 -42.89 18.41 57.05
CA LYS J 95 -42.21 17.19 56.63
C LYS J 95 -41.41 16.67 57.81
N ARG J 96 -41.98 15.74 58.58
CA ARG J 96 -41.38 15.34 59.85
C ARG J 96 -40.16 14.45 59.58
N THR J 97 -39.06 15.12 59.25
CA THR J 97 -37.76 14.49 59.09
C THR J 97 -36.73 14.98 60.10
N TYR J 98 -37.16 15.74 61.11
CA TYR J 98 -36.24 16.32 62.07
C TYR J 98 -35.86 15.28 63.13
N SER J 99 -35.22 15.73 64.20
CA SER J 99 -34.82 14.89 65.32
C SER J 99 -35.64 15.28 66.54
N PRO J 100 -36.75 14.58 66.82
CA PRO J 100 -37.50 14.88 68.05
C PRO J 100 -36.74 14.43 69.28
N PHE J 101 -36.15 15.40 69.98
CA PHE J 101 -35.23 15.10 71.07
C PHE J 101 -35.15 16.30 71.99
N VAL J 102 -35.33 16.04 73.29
CA VAL J 102 -35.25 17.07 74.32
C VAL J 102 -34.01 16.80 75.17
N VAL J 103 -33.10 17.76 75.21
CA VAL J 103 -31.87 17.61 75.98
C VAL J 103 -32.16 17.77 77.47
N CYS K 5 59.97 -12.47 -48.25
CA CYS K 5 60.01 -11.16 -47.60
C CYS K 5 59.18 -11.16 -46.34
N PHE K 6 58.13 -12.01 -46.32
CA PHE K 6 57.09 -12.01 -45.30
C PHE K 6 56.46 -10.61 -45.28
N GLU K 7 55.73 -10.29 -46.35
CA GLU K 7 55.37 -8.92 -46.73
C GLU K 7 54.64 -8.15 -45.64
N ALA K 8 55.09 -6.93 -45.40
CA ALA K 8 54.50 -6.01 -44.44
C ALA K 8 54.23 -4.68 -45.12
N ASP K 9 53.02 -4.16 -44.95
CA ASP K 9 52.62 -2.95 -45.65
C ASP K 9 52.37 -1.80 -44.67
N ILE K 10 52.63 -0.58 -45.14
CA ILE K 10 52.21 0.63 -44.45
C ILE K 10 51.49 1.52 -45.45
N ALA K 11 50.21 1.78 -45.18
CA ALA K 11 49.34 2.48 -46.12
C ALA K 11 49.59 3.97 -46.05
N ILE K 12 49.16 4.67 -47.09
CA ILE K 12 49.14 6.14 -47.04
C ILE K 12 47.85 6.59 -46.35
N PRO K 13 47.90 7.03 -45.09
CA PRO K 13 46.67 7.10 -44.28
C PRO K 13 45.67 8.17 -44.70
N SER K 14 46.09 9.43 -44.75
CA SER K 14 45.14 10.52 -44.95
C SER K 14 45.75 11.65 -45.76
N GLY K 15 45.31 11.77 -47.01
CA GLY K 15 45.72 12.87 -47.87
C GLY K 15 47.18 12.92 -48.27
N ILE K 16 47.49 13.82 -49.19
CA ILE K 16 48.76 13.89 -49.89
C ILE K 16 49.03 15.34 -50.26
N SER K 17 50.19 15.87 -49.89
CA SER K 17 50.71 17.06 -50.54
C SER K 17 51.36 16.58 -51.83
N ARG K 18 50.92 17.16 -52.95
CA ARG K 18 51.21 16.58 -54.25
C ARG K 18 52.70 16.54 -54.64
N PRO K 19 53.57 17.51 -54.26
CA PRO K 19 55.00 17.24 -54.40
C PRO K 19 55.53 16.26 -53.36
N ASP K 20 54.88 16.16 -52.20
CA ASP K 20 55.41 15.30 -51.15
C ASP K 20 55.15 13.82 -51.43
N ALA K 21 54.21 13.53 -52.35
CA ALA K 21 54.10 12.17 -52.86
C ALA K 21 55.35 11.79 -53.64
N ALA K 22 55.94 12.74 -54.36
CA ALA K 22 57.22 12.52 -55.01
C ALA K 22 58.37 12.47 -54.00
N ALA K 23 58.19 13.08 -52.83
CA ALA K 23 59.21 12.98 -51.79
C ALA K 23 59.29 11.57 -51.23
N LEU K 24 58.16 10.85 -51.23
CA LEU K 24 58.19 9.44 -50.84
C LEU K 24 58.75 8.56 -51.93
N GLN K 25 58.86 9.06 -53.16
CA GLN K 25 59.44 8.24 -54.22
C GLN K 25 60.96 8.18 -54.12
N ARG K 26 61.60 9.30 -53.80
CA ARG K 26 63.05 9.36 -53.67
C ARG K 26 63.55 8.88 -52.32
N CYS K 27 62.69 8.30 -51.49
CA CYS K 27 63.11 7.62 -50.27
C CYS K 27 63.15 6.11 -50.44
N GLU K 28 63.13 5.63 -51.68
CA GLU K 28 63.22 4.20 -51.94
C GLU K 28 64.62 3.70 -51.59
N GLY K 29 64.67 2.64 -50.81
CA GLY K 29 65.92 2.14 -50.29
C GLY K 29 66.32 2.70 -48.95
N ARG K 30 65.46 3.47 -48.29
CA ARG K 30 65.79 3.98 -46.97
C ARG K 30 65.25 3.03 -45.90
N VAL K 31 65.32 3.45 -44.64
CA VAL K 31 64.98 2.58 -43.52
C VAL K 31 63.89 3.24 -42.68
N VAL K 32 62.84 2.47 -42.38
CA VAL K 32 61.80 2.86 -41.44
C VAL K 32 61.92 2.01 -40.18
N PHE K 33 61.95 2.68 -39.03
CA PHE K 33 61.88 2.01 -37.73
C PHE K 33 60.42 1.93 -37.33
N LEU K 34 59.83 0.75 -37.48
CA LEU K 34 58.48 0.46 -37.03
C LEU K 34 58.52 -0.54 -35.87
N PRO K 35 57.92 -0.22 -34.73
CA PRO K 35 58.17 -0.98 -33.50
C PRO K 35 57.30 -2.23 -33.35
N THR K 36 57.13 -2.97 -34.43
CA THR K 36 56.19 -4.10 -34.50
C THR K 36 56.54 -5.08 -35.62
N ILE K 37 55.68 -6.09 -35.77
CA ILE K 37 55.57 -6.91 -36.97
C ILE K 37 54.09 -6.93 -37.34
N ARG K 38 53.73 -6.20 -38.39
CA ARG K 38 52.33 -6.02 -38.78
C ARG K 38 52.13 -6.44 -40.23
N ARG K 39 50.90 -6.83 -40.54
CA ARG K 39 50.45 -6.91 -41.92
C ARG K 39 49.94 -5.58 -42.45
N GLN K 40 49.54 -4.67 -41.57
CA GLN K 40 49.19 -3.30 -41.90
C GLN K 40 49.39 -2.43 -40.66
N LEU K 41 49.86 -1.20 -40.86
CA LEU K 41 50.11 -0.30 -39.74
C LEU K 41 50.01 1.13 -40.24
N ALA K 42 49.55 2.02 -39.35
CA ALA K 42 49.43 3.43 -39.62
C ALA K 42 50.80 4.08 -39.71
N LEU K 43 50.83 5.30 -40.24
CA LEU K 43 52.10 5.99 -40.44
C LEU K 43 52.43 6.85 -39.22
N ALA K 44 51.62 6.80 -38.18
CA ALA K 44 51.83 7.62 -36.99
C ALA K 44 53.02 7.17 -36.15
N ASP K 45 53.24 5.86 -36.00
CA ASP K 45 54.38 5.40 -35.21
C ASP K 45 55.68 5.43 -36.02
N VAL K 46 55.59 5.77 -37.31
CA VAL K 46 56.77 5.79 -38.17
C VAL K 46 57.69 6.97 -37.85
N ALA K 47 57.15 8.17 -37.76
CA ALA K 47 57.96 9.38 -37.82
C ALA K 47 58.67 9.67 -36.49
N HIS K 48 59.39 10.79 -36.46
CA HIS K 48 60.21 11.15 -35.32
C HIS K 48 59.37 11.64 -34.14
N GLU K 49 58.12 12.03 -34.37
CA GLU K 49 57.22 12.33 -33.26
C GLU K 49 56.92 11.10 -32.41
N SER K 50 57.00 9.91 -33.00
CA SER K 50 56.96 8.68 -32.21
C SER K 50 58.30 8.39 -31.55
N PHE K 51 59.40 8.82 -32.18
CA PHE K 51 60.71 8.72 -31.55
C PHE K 51 60.83 9.61 -30.33
N VAL K 52 60.14 10.75 -30.33
CA VAL K 52 60.08 11.61 -29.15
C VAL K 52 59.31 10.87 -28.06
N SER K 53 59.93 10.78 -26.88
CA SER K 53 59.31 10.12 -25.74
C SER K 53 58.30 11.05 -25.09
N GLY K 54 57.91 10.75 -23.86
CA GLY K 54 57.00 11.61 -23.13
C GLY K 54 57.59 12.98 -22.84
N GLY K 55 57.11 13.99 -23.56
CA GLY K 55 57.52 15.36 -23.38
C GLY K 55 58.83 15.76 -24.02
N VAL K 56 59.81 14.87 -24.10
CA VAL K 56 61.17 15.23 -24.50
C VAL K 56 61.62 14.39 -25.68
N SER K 57 62.44 14.99 -26.55
CA SER K 57 63.00 14.30 -27.70
C SER K 57 64.34 13.67 -27.33
N PRO K 58 64.69 12.51 -27.88
CA PRO K 58 65.96 11.89 -27.53
C PRO K 58 67.14 12.61 -28.15
N ASP K 59 68.28 12.51 -27.47
CA ASP K 59 69.55 12.96 -28.01
C ASP K 59 70.09 11.89 -28.96
N THR K 60 71.22 12.15 -29.61
CA THR K 60 71.81 11.22 -30.57
C THR K 60 72.39 9.99 -29.88
N LEU K 61 72.54 10.01 -28.56
CA LEU K 61 72.73 8.81 -27.79
C LEU K 61 71.41 8.19 -27.33
N GLY K 62 70.39 9.01 -27.09
CA GLY K 62 69.08 8.46 -26.76
C GLY K 62 68.40 7.87 -27.98
N LEU K 63 68.67 8.43 -29.16
CA LEU K 63 68.13 7.84 -30.38
C LEU K 63 68.77 6.50 -30.68
N LEU K 64 70.03 6.31 -30.26
CA LEU K 64 70.61 4.97 -30.24
C LEU K 64 69.80 4.07 -29.34
N LEU K 65 69.43 4.56 -28.16
CA LEU K 65 68.61 3.80 -27.26
C LEU K 65 67.17 3.76 -27.73
N ALA K 66 66.76 4.74 -28.54
CA ALA K 66 65.44 4.66 -29.16
C ALA K 66 65.45 3.70 -30.34
N TYR K 67 66.56 3.65 -31.09
CA TYR K 67 66.66 2.68 -32.16
C TYR K 67 66.99 1.29 -31.64
N ARG K 68 67.29 1.17 -30.35
CA ARG K 68 67.44 -0.12 -29.72
C ARG K 68 66.14 -0.92 -29.78
N ARG K 69 65.11 -0.45 -29.09
CA ARG K 69 63.88 -1.21 -28.98
C ARG K 69 62.83 -0.80 -30.03
N ARG K 70 63.27 -0.74 -31.29
CA ARG K 70 62.35 -0.72 -32.43
C ARG K 70 62.92 -1.59 -33.54
N PHE K 71 62.19 -1.74 -34.65
CA PHE K 71 62.57 -2.71 -35.69
C PHE K 71 62.81 -1.96 -37.00
N PRO K 72 64.01 -2.05 -37.59
CA PRO K 72 64.24 -1.42 -38.90
C PRO K 72 63.50 -2.16 -40.00
N ALA K 73 63.16 -1.43 -41.07
CA ALA K 73 62.45 -2.01 -42.21
C ALA K 73 62.92 -1.33 -43.48
N VAL K 74 63.00 -2.10 -44.56
CA VAL K 74 63.52 -1.62 -45.85
C VAL K 74 62.36 -1.21 -46.73
N ILE K 75 62.42 0.02 -47.28
CA ILE K 75 61.47 0.40 -48.32
C ILE K 75 61.74 -0.44 -49.56
N THR K 76 60.73 -1.20 -49.98
CA THR K 76 60.86 -2.08 -51.13
C THR K 76 60.22 -1.47 -52.37
N ARG K 77 58.92 -1.16 -52.30
CA ARG K 77 58.20 -0.59 -53.42
C ARG K 77 57.24 0.45 -52.89
N VAL K 78 57.09 1.54 -53.64
CA VAL K 78 56.32 2.70 -53.21
C VAL K 78 55.08 2.81 -54.09
N LEU K 79 53.92 2.59 -53.49
CA LEU K 79 52.62 2.80 -54.11
C LEU K 79 52.03 4.13 -53.66
N PRO K 80 51.06 4.66 -54.40
CA PRO K 80 50.32 5.82 -53.85
C PRO K 80 49.32 5.41 -52.76
N THR K 81 49.06 4.11 -52.61
CA THR K 81 48.19 3.62 -51.55
C THR K 81 48.98 3.11 -50.35
N ARG K 82 50.04 2.34 -50.57
CA ARG K 82 50.78 1.75 -49.46
C ARG K 82 52.28 1.90 -49.71
N ILE K 83 53.06 1.47 -48.71
CA ILE K 83 54.50 1.32 -48.83
C ILE K 83 54.86 -0.03 -48.23
N VAL K 84 55.41 -0.92 -49.06
CA VAL K 84 55.70 -2.29 -48.66
C VAL K 84 57.08 -2.32 -48.03
N ALA K 85 57.15 -2.75 -46.77
CA ALA K 85 58.41 -2.77 -46.04
C ALA K 85 58.74 -4.21 -45.67
N CYS K 86 60.03 -4.54 -45.69
CA CYS K 86 60.43 -5.92 -45.45
C CYS K 86 61.11 -6.00 -44.10
N PRO K 87 60.63 -6.84 -43.19
CA PRO K 87 61.11 -6.83 -41.80
C PRO K 87 62.50 -7.41 -41.58
N VAL K 88 63.51 -6.52 -41.63
CA VAL K 88 64.95 -6.76 -41.49
C VAL K 88 65.31 -7.82 -40.44
N ASP K 89 64.64 -7.75 -39.28
CA ASP K 89 64.90 -8.67 -38.18
C ASP K 89 64.55 -10.11 -38.52
N LEU K 90 63.50 -10.33 -39.32
CA LEU K 90 63.16 -11.69 -39.74
C LEU K 90 63.38 -11.89 -41.23
N GLY K 91 62.70 -11.07 -42.05
CA GLY K 91 62.56 -11.31 -43.47
C GLY K 91 63.71 -10.80 -44.31
N LEU K 92 64.92 -11.16 -43.90
CA LEU K 92 66.13 -10.89 -44.68
C LEU K 92 66.48 -12.05 -45.60
N THR K 93 65.61 -13.07 -45.64
CA THR K 93 65.80 -14.23 -46.52
C THR K 93 65.52 -13.77 -47.95
N HIS K 94 66.53 -13.15 -48.55
CA HIS K 94 66.43 -12.59 -49.89
C HIS K 94 67.64 -12.97 -50.70
N ALA K 95 67.48 -13.98 -51.55
CA ALA K 95 68.48 -14.26 -52.57
C ALA K 95 68.40 -13.23 -53.69
N GLY K 96 67.29 -12.49 -53.75
CA GLY K 96 67.16 -11.35 -54.63
C GLY K 96 67.89 -10.14 -54.09
N THR K 97 68.31 -10.19 -52.82
CA THR K 97 69.10 -9.18 -52.12
C THR K 97 68.45 -7.81 -52.18
N VAL K 98 67.32 -7.66 -51.47
CA VAL K 98 66.50 -6.46 -51.48
C VAL K 98 67.35 -5.22 -51.19
N ASN K 99 67.10 -4.16 -51.96
CA ASN K 99 68.09 -3.13 -52.18
C ASN K 99 67.88 -1.96 -51.24
N LEU K 100 68.97 -1.25 -50.93
CA LEU K 100 68.97 -0.18 -49.96
C LEU K 100 69.53 1.07 -50.62
N ARG K 101 69.31 2.23 -50.01
CA ARG K 101 69.87 3.47 -50.51
C ARG K 101 70.91 3.99 -49.54
N ASN K 102 72.12 4.21 -50.05
CA ASN K 102 73.21 4.79 -49.28
C ASN K 102 73.04 6.30 -49.22
N THR K 103 72.77 6.84 -48.05
CA THR K 103 72.66 8.27 -47.86
C THR K 103 73.74 8.67 -46.86
N SER K 104 74.95 8.87 -47.36
CA SER K 104 76.11 9.03 -46.49
C SER K 104 77.25 9.68 -47.26
N PRO K 105 78.06 10.54 -46.63
CA PRO K 105 79.17 11.18 -47.35
C PRO K 105 80.33 10.25 -47.65
N VAL K 106 80.39 9.07 -47.03
CA VAL K 106 81.49 8.15 -47.24
C VAL K 106 81.19 7.18 -48.37
N ASP K 107 82.10 7.11 -49.35
CA ASP K 107 82.11 6.05 -50.35
C ASP K 107 82.69 4.84 -49.65
N LEU K 108 81.97 3.71 -49.68
CA LEU K 108 82.13 2.77 -48.57
C LEU K 108 83.33 1.85 -48.75
N CYS K 109 83.14 0.74 -49.48
CA CYS K 109 84.04 -0.36 -49.86
C CYS K 109 83.13 -1.39 -50.50
N ASN K 110 83.67 -2.51 -50.97
CA ASN K 110 82.87 -3.73 -51.10
C ASN K 110 83.19 -4.59 -49.90
N GLY K 111 82.16 -5.19 -49.30
CA GLY K 111 82.34 -6.14 -48.23
C GLY K 111 82.24 -5.57 -46.84
N ASP K 112 81.85 -4.31 -46.69
CA ASP K 112 81.68 -3.74 -45.37
C ASP K 112 80.42 -4.28 -44.70
N PRO K 113 80.48 -4.66 -43.43
CA PRO K 113 79.24 -4.67 -42.63
C PRO K 113 78.73 -3.25 -42.49
N VAL K 114 77.41 -3.11 -42.51
CA VAL K 114 76.76 -1.81 -42.47
C VAL K 114 75.80 -1.78 -41.30
N SER K 115 76.02 -0.86 -40.38
CA SER K 115 75.12 -0.62 -39.27
C SER K 115 74.54 0.78 -39.38
N LEU K 116 73.41 0.97 -38.73
CA LEU K 116 72.65 2.20 -38.88
C LEU K 116 72.91 3.14 -37.71
N VAL K 117 73.08 4.42 -38.04
CA VAL K 117 73.39 5.47 -37.08
C VAL K 117 72.38 6.59 -37.31
N PRO K 118 71.88 7.24 -36.25
CA PRO K 118 71.00 8.41 -36.42
C PRO K 118 71.69 9.54 -37.17
N PRO K 119 70.95 10.43 -37.81
CA PRO K 119 71.58 11.58 -38.48
C PRO K 119 72.18 12.53 -37.45
N VAL K 120 73.50 12.65 -37.49
CA VAL K 120 74.24 13.45 -36.52
C VAL K 120 75.23 14.31 -37.29
N PHE K 121 75.27 14.15 -38.61
CA PHE K 121 76.19 14.85 -39.47
C PHE K 121 75.86 16.34 -39.54
N GLU K 122 76.86 17.13 -39.95
CA GLU K 122 76.66 18.58 -40.01
C GLU K 122 75.87 18.99 -41.23
N GLY K 123 75.92 18.20 -42.30
CA GLY K 123 75.23 18.58 -43.52
C GLY K 123 74.37 17.54 -44.18
N GLN K 124 74.19 16.38 -43.54
CA GLN K 124 73.34 15.34 -44.11
C GLN K 124 72.19 15.01 -43.17
N ALA K 125 71.48 16.03 -42.70
CA ALA K 125 70.40 15.98 -41.69
C ALA K 125 69.32 14.97 -42.09
N THR K 126 69.09 14.71 -43.38
CA THR K 126 68.06 13.83 -43.94
C THR K 126 66.67 14.25 -43.49
N ASP K 127 66.47 15.55 -43.33
CA ASP K 127 65.20 16.09 -42.88
C ASP K 127 64.27 16.33 -44.06
N VAL K 128 63.21 15.52 -44.14
CA VAL K 128 62.13 15.72 -45.10
C VAL K 128 60.85 15.94 -44.30
N ARG K 129 60.06 16.94 -44.70
CA ARG K 129 58.93 17.40 -43.90
C ARG K 129 57.62 17.19 -44.63
N LEU K 130 56.63 16.68 -43.89
CA LEU K 130 55.28 16.51 -44.38
C LEU K 130 54.39 17.44 -43.59
N GLU K 131 53.56 18.24 -44.29
CA GLU K 131 52.73 19.21 -43.60
C GLU K 131 51.25 18.86 -43.66
N SER K 132 50.82 18.08 -44.64
CA SER K 132 49.45 17.58 -44.64
C SER K 132 49.25 16.56 -43.53
N LEU K 133 50.16 15.59 -43.44
CA LEU K 133 50.33 14.76 -42.25
C LEU K 133 51.50 15.33 -41.47
N ASP K 134 51.20 16.00 -40.35
CA ASP K 134 52.23 16.79 -39.66
C ASP K 134 53.25 15.88 -38.99
N LEU K 135 54.32 15.54 -39.71
CA LEU K 135 55.32 14.59 -39.25
C LEU K 135 56.70 15.06 -39.69
N THR K 136 57.70 14.68 -38.91
CA THR K 136 59.11 14.94 -39.19
C THR K 136 59.85 13.62 -39.36
N LEU K 137 60.72 13.57 -40.36
CA LEU K 137 61.36 12.31 -40.71
C LEU K 137 62.87 12.46 -40.65
N ARG K 138 63.51 11.65 -39.79
CA ARG K 138 64.95 11.51 -39.74
C ARG K 138 65.32 10.12 -40.23
N PHE K 139 65.94 10.06 -41.41
CA PHE K 139 66.37 8.74 -41.85
C PHE K 139 67.70 8.41 -41.24
N PRO K 140 67.95 7.15 -40.90
CA PRO K 140 69.26 6.79 -40.38
C PRO K 140 70.28 6.83 -41.50
N VAL K 141 71.55 7.00 -41.11
CA VAL K 141 72.64 7.09 -42.05
C VAL K 141 73.36 5.74 -42.06
N PRO K 142 73.25 4.95 -43.12
CA PRO K 142 74.02 3.71 -43.18
C PRO K 142 75.50 4.00 -43.41
N LEU K 143 76.34 3.36 -42.62
CA LEU K 143 77.77 3.61 -42.59
C LEU K 143 78.53 2.30 -42.46
N PRO K 144 79.82 2.25 -42.82
CA PRO K 144 80.62 1.06 -42.50
C PRO K 144 80.83 0.96 -40.99
N THR K 145 80.94 -0.28 -40.52
CA THR K 145 80.89 -0.52 -39.08
C THR K 145 82.13 -0.13 -38.26
N PRO K 146 83.39 -0.24 -38.74
CA PRO K 146 84.48 0.39 -37.95
C PRO K 146 84.36 1.90 -37.88
N LEU K 147 83.93 2.53 -38.97
CA LEU K 147 83.63 3.95 -38.92
C LEU K 147 82.42 4.21 -38.03
N ALA K 148 81.49 3.26 -37.97
CA ALA K 148 80.38 3.38 -37.03
C ALA K 148 80.85 3.22 -35.59
N ARG K 149 81.81 2.33 -35.36
CA ARG K 149 82.31 2.16 -34.00
C ARG K 149 83.28 3.27 -33.59
N GLU K 150 83.73 4.07 -34.56
CA GLU K 150 84.56 5.22 -34.23
C GLU K 150 83.71 6.41 -33.80
N ILE K 151 82.40 6.35 -34.03
CA ILE K 151 81.54 7.49 -33.77
C ILE K 151 80.93 7.40 -32.37
N VAL K 152 80.46 6.21 -31.98
CA VAL K 152 79.68 6.06 -30.76
C VAL K 152 80.56 6.24 -29.54
N ALA K 153 81.85 5.91 -29.65
CA ALA K 153 82.78 6.15 -28.57
C ALA K 153 83.03 7.64 -28.36
N ARG K 154 82.98 8.41 -29.45
CA ARG K 154 83.14 9.86 -29.34
C ARG K 154 81.98 10.50 -28.61
N LEU K 155 80.76 10.12 -28.97
CA LEU K 155 79.59 10.87 -28.54
C LEU K 155 79.25 10.59 -27.07
N VAL K 156 79.58 9.39 -26.59
CA VAL K 156 79.39 9.11 -25.17
C VAL K 156 80.46 9.82 -24.34
N ALA K 157 81.71 9.81 -24.82
CA ALA K 157 82.78 10.48 -24.11
C ALA K 157 82.64 11.98 -24.15
N ARG K 158 82.01 12.50 -25.20
CA ARG K 158 81.61 13.90 -25.23
C ARG K 158 80.55 14.17 -24.16
N GLY K 159 79.67 13.19 -23.93
CA GLY K 159 78.72 13.30 -22.83
C GLY K 159 79.33 12.91 -21.49
N ILE K 160 80.46 12.21 -21.50
CA ILE K 160 81.24 12.04 -20.26
C ILE K 160 81.80 13.39 -19.84
N ARG K 161 82.17 14.23 -20.81
CA ARG K 161 82.60 15.58 -20.50
C ARG K 161 81.40 16.49 -20.22
N ASP K 162 80.17 15.97 -20.35
CA ASP K 162 79.00 16.72 -19.91
C ASP K 162 78.72 16.54 -18.41
N LEU K 163 79.38 15.58 -17.76
CA LEU K 163 79.23 15.41 -16.31
C LEU K 163 80.18 16.30 -15.54
N ASN K 164 81.45 16.33 -15.94
CA ASN K 164 82.45 17.14 -15.27
C ASN K 164 82.90 18.30 -16.15
N PRO K 165 83.01 19.52 -15.62
CA PRO K 165 83.46 20.66 -16.43
C PRO K 165 84.96 20.61 -16.71
N ARG K 168 86.30 22.42 -14.18
CA ARG K 168 87.54 21.67 -14.00
C ARG K 168 88.57 22.11 -15.03
N THR K 169 88.52 21.48 -16.20
CA THR K 169 89.44 21.79 -17.27
C THR K 169 89.13 23.16 -17.88
N PRO K 170 90.12 23.80 -18.54
CA PRO K 170 89.80 25.02 -19.31
C PRO K 170 88.94 24.70 -20.51
N GLY K 171 88.25 25.72 -21.05
CA GLY K 171 87.26 25.57 -22.10
C GLY K 171 87.74 25.03 -23.42
N GLU K 172 89.03 25.11 -23.70
CA GLU K 172 89.63 24.51 -24.89
C GLU K 172 89.77 23.01 -24.64
N LEU K 173 88.73 22.26 -24.98
CA LEU K 173 88.79 20.81 -24.87
C LEU K 173 89.03 20.23 -26.26
N PRO K 174 89.59 19.03 -26.39
CA PRO K 174 89.54 18.33 -27.68
C PRO K 174 88.10 17.96 -28.00
N ASP K 175 87.67 18.45 -29.17
CA ASP K 175 86.27 18.58 -29.53
C ASP K 175 85.55 17.25 -29.68
N LEU K 176 86.30 16.19 -29.96
CA LEU K 176 85.83 14.87 -30.39
C LEU K 176 84.96 15.03 -31.63
N ASN K 177 85.33 15.97 -32.50
CA ASN K 177 84.49 16.39 -33.60
C ASN K 177 85.29 16.55 -34.90
N VAL K 178 86.40 15.84 -35.03
CA VAL K 178 87.14 15.71 -36.27
C VAL K 178 87.38 14.23 -36.52
N LEU K 179 86.84 13.72 -37.61
CA LEU K 179 86.94 12.31 -37.94
C LEU K 179 87.83 12.10 -39.15
N TYR K 180 88.33 10.87 -39.31
CA TYR K 180 89.37 10.53 -40.26
C TYR K 180 89.03 9.24 -40.98
N TYR K 181 88.74 9.31 -42.28
CA TYR K 181 88.68 8.16 -43.16
C TYR K 181 89.49 8.47 -44.41
N ASN K 182 90.79 8.14 -44.37
CA ASN K 182 91.75 8.18 -45.51
C ASN K 182 92.03 9.63 -45.88
N GLY K 183 91.46 10.61 -45.22
CA GLY K 183 91.45 12.00 -45.59
C GLY K 183 90.21 12.53 -44.89
N ALA K 184 89.39 13.30 -45.59
CA ALA K 184 87.96 13.45 -45.32
C ALA K 184 87.62 13.93 -43.91
N ARG K 185 88.02 15.16 -43.58
CA ARG K 185 87.75 15.74 -42.28
C ARG K 185 86.25 15.92 -42.08
N LEU K 186 85.70 15.24 -41.07
CA LEU K 186 84.27 15.26 -40.78
C LEU K 186 84.03 15.98 -39.48
N SER K 187 83.07 16.90 -39.47
CA SER K 187 82.62 17.58 -38.26
C SER K 187 81.15 17.23 -38.03
N LEU K 188 80.81 16.84 -36.80
CA LEU K 188 79.45 16.45 -36.48
C LEU K 188 78.82 17.50 -35.56
N VAL K 189 77.61 17.21 -35.10
CA VAL K 189 76.81 18.18 -34.35
C VAL K 189 76.94 17.88 -32.86
N ALA K 190 77.21 18.93 -32.07
CA ALA K 190 77.23 18.85 -30.61
C ALA K 190 76.31 19.94 -30.07
N ASP K 191 75.04 19.60 -29.84
CA ASP K 191 74.05 20.60 -29.47
C ASP K 191 73.43 20.34 -28.11
N VAL K 192 73.05 19.09 -27.84
CA VAL K 192 72.38 18.74 -26.59
C VAL K 192 72.80 17.34 -26.19
N GLN K 193 73.04 17.17 -24.88
CA GLN K 193 73.42 15.89 -24.31
C GLN K 193 72.51 15.60 -23.12
N GLN K 194 71.46 14.81 -23.36
CA GLN K 194 70.57 14.35 -22.30
C GLN K 194 71.33 13.40 -21.39
N LEU K 195 71.05 13.49 -20.10
CA LEU K 195 71.90 12.85 -19.10
C LEU K 195 71.64 11.35 -18.98
N ALA K 196 70.38 10.94 -18.99
CA ALA K 196 70.04 9.53 -18.77
C ALA K 196 70.48 8.67 -19.95
N SER K 197 70.49 9.25 -21.15
CA SER K 197 71.05 8.54 -22.31
C SER K 197 72.56 8.41 -22.18
N VAL K 198 73.20 9.40 -21.57
CA VAL K 198 74.62 9.30 -21.27
C VAL K 198 74.85 8.34 -20.11
N ASN K 199 74.02 8.42 -19.06
CA ASN K 199 74.29 7.71 -17.82
C ASN K 199 74.13 6.20 -17.99
N THR K 200 73.05 5.76 -18.62
CA THR K 200 72.85 4.33 -18.81
C THR K 200 73.85 3.76 -19.81
N GLU K 201 74.31 4.58 -20.76
CA GLU K 201 75.37 4.15 -21.66
C GLU K 201 76.72 4.14 -20.94
N LEU K 202 76.89 5.01 -19.95
CA LEU K 202 78.15 5.05 -19.23
C LEU K 202 78.27 3.86 -18.28
N ARG K 203 77.15 3.42 -17.70
CA ARG K 203 77.19 2.38 -16.69
C ARG K 203 77.55 1.03 -17.29
N SER K 204 76.98 0.71 -18.45
CA SER K 204 77.34 -0.53 -19.13
C SER K 204 78.77 -0.48 -19.65
N LEU K 205 79.30 0.72 -19.90
CA LEU K 205 80.72 0.85 -20.16
C LEU K 205 81.53 0.62 -18.89
N VAL K 206 80.95 0.93 -17.73
CA VAL K 206 81.64 0.62 -16.49
C VAL K 206 81.48 -0.86 -16.15
N LEU K 207 80.24 -1.35 -16.16
CA LEU K 207 79.93 -2.64 -15.55
C LEU K 207 80.47 -3.79 -16.38
N ASN K 208 80.53 -3.62 -17.70
CA ASN K 208 81.15 -4.66 -18.52
C ASN K 208 82.67 -4.68 -18.32
N MET K 209 83.29 -3.52 -18.19
CA MET K 209 84.72 -3.48 -17.93
C MET K 209 85.09 -3.98 -16.55
N VAL K 210 84.11 -4.11 -15.65
CA VAL K 210 84.35 -4.79 -14.38
C VAL K 210 84.59 -6.27 -14.61
N TYR K 211 83.64 -6.96 -15.26
CA TYR K 211 83.72 -8.41 -15.42
C TYR K 211 84.83 -8.83 -16.36
N SER K 212 85.28 -7.93 -17.23
CA SER K 212 86.33 -8.26 -18.18
C SER K 212 87.71 -8.35 -17.54
N ILE K 213 87.85 -8.07 -16.25
CA ILE K 213 89.08 -8.32 -15.52
C ILE K 213 88.84 -9.56 -14.66
N THR K 214 89.81 -10.46 -14.63
CA THR K 214 89.72 -11.69 -13.84
C THR K 214 91.00 -11.89 -13.04
N GLU K 215 91.13 -13.08 -12.47
CA GLU K 215 92.27 -13.38 -11.59
C GLU K 215 93.56 -13.53 -12.38
N GLY K 216 93.55 -14.34 -13.43
CA GLY K 216 94.73 -14.51 -14.25
C GLY K 216 95.05 -13.33 -15.14
N THR K 217 94.15 -12.35 -15.21
CA THR K 217 94.38 -11.11 -15.94
C THR K 217 95.54 -10.33 -15.35
N THR K 218 95.76 -10.49 -14.03
CA THR K 218 96.68 -9.63 -13.30
C THR K 218 98.14 -9.89 -13.67
N LEU K 219 98.44 -11.11 -14.14
CA LEU K 219 99.81 -11.45 -14.53
C LEU K 219 100.25 -10.68 -15.78
N ILE K 220 99.29 -10.30 -16.62
CA ILE K 220 99.58 -9.55 -17.85
C ILE K 220 100.06 -8.14 -17.51
N LEU K 221 99.52 -7.56 -16.43
CA LEU K 221 99.87 -6.22 -15.98
C LEU K 221 101.33 -6.08 -15.61
N THR K 222 102.01 -7.19 -15.34
CA THR K 222 103.44 -7.14 -15.04
C THR K 222 104.25 -6.78 -16.28
N LEU K 223 103.78 -7.16 -17.46
CA LEU K 223 104.54 -6.95 -18.68
C LEU K 223 104.33 -5.58 -19.30
N ILE K 224 103.83 -4.60 -18.53
CA ILE K 224 103.72 -3.23 -19.04
C ILE K 224 105.08 -2.59 -19.30
N PRO K 225 106.11 -2.74 -18.44
CA PRO K 225 107.45 -2.29 -18.89
C PRO K 225 108.05 -3.15 -19.98
N ARG K 226 107.51 -4.34 -20.23
CA ARG K 226 108.03 -5.15 -21.32
C ARG K 226 107.57 -4.60 -22.67
N LEU K 227 106.46 -3.83 -22.66
CA LEU K 227 105.91 -3.26 -23.89
C LEU K 227 106.84 -2.22 -24.49
N LEU K 228 107.42 -1.37 -23.65
CA LEU K 228 108.27 -0.30 -24.17
C LEU K 228 109.66 -0.81 -24.52
N ALA K 229 109.99 -2.05 -24.15
CA ALA K 229 111.27 -2.61 -24.57
C ALA K 229 111.26 -2.93 -26.06
N LEU K 230 110.09 -3.25 -26.61
CA LEU K 230 109.93 -3.41 -28.04
C LEU K 230 109.78 -2.08 -28.77
N SER K 231 109.72 -0.97 -28.05
CA SER K 231 109.35 0.30 -28.67
C SER K 231 110.50 0.89 -29.49
N ALA K 232 111.71 0.83 -28.96
CA ALA K 232 112.83 1.45 -29.64
C ALA K 232 113.63 0.47 -30.50
N GLN K 233 113.04 -0.65 -30.89
CA GLN K 233 113.79 -1.66 -31.64
C GLN K 233 113.00 -2.27 -32.78
N ASP K 234 111.86 -1.71 -33.17
CA ASP K 234 111.09 -2.21 -34.29
C ASP K 234 110.21 -1.10 -34.85
N GLY K 235 109.44 -1.43 -35.87
CA GLY K 235 108.49 -0.48 -36.40
C GLY K 235 107.07 -0.71 -35.93
N TYR K 236 106.69 -1.98 -35.85
CA TYR K 236 105.29 -2.36 -35.69
C TYR K 236 104.76 -1.99 -34.32
N VAL K 237 105.59 -2.21 -33.30
CA VAL K 237 105.22 -1.97 -31.92
C VAL K 237 105.12 -0.47 -31.65
N ASN K 238 106.12 0.27 -32.09
CA ASN K 238 106.19 1.72 -31.93
C ASN K 238 105.03 2.43 -32.61
N ALA K 239 104.55 1.88 -33.73
CA ALA K 239 103.34 2.39 -34.35
C ALA K 239 102.10 1.92 -33.60
N LEU K 240 102.16 0.71 -33.03
CA LEU K 240 101.03 0.21 -32.23
C LEU K 240 100.87 1.01 -30.95
N LEU K 241 101.98 1.40 -30.33
CA LEU K 241 101.95 2.18 -29.10
C LEU K 241 101.57 3.62 -29.44
N GLN K 242 100.38 4.03 -29.01
CA GLN K 242 99.88 5.36 -29.34
C GLN K 242 100.57 6.42 -28.49
N MET K 243 100.68 7.62 -29.07
CA MET K 243 101.26 8.74 -28.33
C MET K 243 100.29 9.25 -27.28
N GLN K 244 99.01 9.36 -27.64
CA GLN K 244 97.97 9.80 -26.70
C GLN K 244 97.41 8.56 -26.03
N SER K 245 98.27 7.88 -25.28
CA SER K 245 97.92 6.65 -24.58
C SER K 245 98.40 6.75 -23.14
N VAL K 246 97.75 6.01 -22.25
CA VAL K 246 98.18 5.97 -20.86
C VAL K 246 99.30 4.96 -20.68
N THR K 247 99.52 4.13 -21.70
CA THR K 247 100.53 3.08 -21.68
C THR K 247 101.94 3.69 -21.65
N ARG K 248 102.13 4.80 -22.36
CA ARG K 248 103.39 5.54 -22.26
C ARG K 248 103.44 6.39 -21.01
N GLU K 249 102.29 6.59 -20.36
CA GLU K 249 102.24 7.42 -19.16
C GLU K 249 102.35 6.62 -17.88
N ALA K 250 101.92 5.35 -17.89
CA ALA K 250 101.85 4.56 -16.66
C ALA K 250 103.17 3.89 -16.30
N ALA K 251 104.15 3.87 -17.19
CA ALA K 251 105.42 3.22 -16.91
C ALA K 251 106.28 4.00 -15.93
N GLN K 252 106.02 5.28 -15.74
CA GLN K 252 106.77 6.09 -14.80
C GLN K 252 106.06 6.13 -13.45
N ALA K 258 105.25 -8.68 -7.65
CA ALA K 258 104.42 -8.53 -8.84
C ALA K 258 103.48 -9.73 -9.19
N PRO K 259 103.87 -11.01 -8.99
CA PRO K 259 102.85 -12.05 -9.11
C PRO K 259 101.79 -12.03 -8.02
N MET K 260 102.14 -11.55 -6.82
CA MET K 260 101.26 -11.48 -5.64
C MET K 260 100.68 -12.84 -5.28
N LEU K 261 101.54 -13.76 -4.84
CA LEU K 261 101.57 -15.21 -5.17
C LEU K 261 100.17 -15.83 -5.10
N MET K 262 99.57 -15.98 -3.92
CA MET K 262 98.18 -16.44 -3.70
C MET K 262 97.80 -17.70 -4.50
N GLN K 263 98.78 -18.59 -4.70
CA GLN K 263 98.67 -19.67 -5.68
C GLN K 263 97.91 -20.84 -5.08
N ASP K 264 96.65 -21.02 -5.52
CA ASP K 264 95.81 -22.13 -5.07
C ASP K 264 95.64 -23.11 -6.22
N GLY K 265 96.21 -24.29 -6.05
CA GLY K 265 95.99 -25.40 -6.95
C GLY K 265 96.81 -25.39 -8.22
N GLU K 266 96.90 -24.25 -8.92
CA GLU K 266 97.71 -24.00 -10.11
C GLU K 266 97.43 -24.95 -11.27
N ARG K 267 96.27 -25.61 -11.31
CA ARG K 267 95.85 -26.38 -12.47
C ARG K 267 94.42 -25.89 -12.78
N ARG K 268 94.35 -24.70 -13.36
CA ARG K 268 93.08 -24.10 -13.75
C ARG K 268 93.26 -23.33 -15.06
N LEU K 269 94.51 -23.30 -15.55
CA LEU K 269 94.97 -22.49 -16.68
C LEU K 269 94.63 -21.02 -16.44
N PRO K 270 95.33 -20.32 -15.53
CA PRO K 270 94.90 -18.98 -15.16
C PRO K 270 95.09 -17.94 -16.26
N LEU K 271 96.09 -18.10 -17.12
CA LEU K 271 96.30 -17.14 -18.19
C LEU K 271 95.30 -17.35 -19.32
N TYR K 272 94.95 -18.61 -19.59
CA TYR K 272 93.96 -18.89 -20.63
C TYR K 272 92.57 -18.41 -20.21
N GLU K 273 92.26 -18.51 -18.92
CA GLU K 273 90.95 -18.08 -18.45
C GLU K 273 90.82 -16.57 -18.43
N ALA K 274 91.95 -15.86 -18.45
CA ALA K 274 91.92 -14.40 -18.47
C ALA K 274 91.40 -13.86 -19.79
N LEU K 275 91.81 -14.46 -20.92
CA LEU K 275 91.45 -13.93 -22.22
C LEU K 275 90.01 -14.27 -22.59
N VAL K 276 89.40 -15.19 -21.83
CA VAL K 276 88.02 -15.56 -22.10
C VAL K 276 87.08 -14.45 -21.66
N ALA K 277 87.07 -14.15 -20.36
CA ALA K 277 86.05 -13.25 -19.82
C ALA K 277 86.37 -11.80 -20.14
N TRP K 278 87.62 -11.51 -20.47
CA TRP K 278 87.94 -10.21 -21.02
C TRP K 278 87.25 -10.01 -22.36
N LEU K 279 87.28 -11.04 -23.21
CA LEU K 279 86.61 -11.00 -24.50
C LEU K 279 85.10 -11.05 -24.35
N ALA K 280 84.61 -11.53 -23.20
CA ALA K 280 83.18 -11.63 -22.95
C ALA K 280 82.53 -10.25 -22.87
N HIS K 281 83.22 -9.29 -22.26
CA HIS K 281 82.60 -8.00 -22.02
C HIS K 281 83.38 -6.85 -22.65
N ALA K 282 84.71 -6.82 -22.49
CA ALA K 282 85.48 -5.82 -23.22
C ALA K 282 85.60 -6.17 -24.69
N GLY K 283 85.41 -7.46 -25.04
CA GLY K 283 85.33 -7.82 -26.45
C GLY K 283 84.01 -7.41 -27.07
N GLN K 284 82.97 -7.26 -26.26
CA GLN K 284 81.68 -6.74 -26.73
C GLN K 284 81.44 -5.35 -26.17
N LEU K 285 81.95 -4.35 -26.87
CA LEU K 285 81.72 -2.96 -26.48
C LEU K 285 81.11 -2.12 -27.57
N GLY K 286 81.23 -2.52 -28.83
CA GLY K 286 80.60 -1.76 -29.89
C GLY K 286 79.12 -2.05 -30.01
N ASP K 287 78.72 -3.30 -29.76
CA ASP K 287 77.37 -3.74 -30.09
C ASP K 287 76.41 -3.56 -28.91
N ILE K 288 76.95 -3.50 -27.70
CA ILE K 288 76.07 -3.28 -26.55
C ILE K 288 75.76 -1.81 -26.39
N LEU K 289 76.59 -0.95 -26.97
CA LEU K 289 76.32 0.49 -26.93
C LEU K 289 75.49 0.93 -28.12
N ALA K 290 75.73 0.35 -29.29
CA ALA K 290 75.12 0.80 -30.54
C ALA K 290 74.22 -0.30 -31.08
N LEU K 291 73.79 -0.11 -32.31
CA LEU K 291 72.86 -1.04 -32.95
C LEU K 291 73.64 -2.22 -33.52
N ALA K 292 72.93 -3.33 -33.71
CA ALA K 292 73.55 -4.52 -34.25
C ALA K 292 73.69 -4.43 -35.77
N PRO K 293 74.87 -4.77 -36.30
CA PRO K 293 75.02 -4.80 -37.76
C PRO K 293 74.42 -6.07 -38.33
N ALA K 294 73.57 -5.91 -39.35
CA ALA K 294 73.01 -7.02 -40.08
C ALA K 294 73.04 -6.82 -41.59
N VAL K 295 73.66 -5.74 -42.06
CA VAL K 295 73.64 -5.35 -43.47
C VAL K 295 75.06 -5.40 -43.98
N ARG K 296 75.26 -6.09 -45.10
CA ARG K 296 76.61 -6.29 -45.61
C ARG K 296 76.67 -5.91 -47.08
N VAL K 297 77.76 -5.25 -47.47
CA VAL K 297 77.91 -4.76 -48.84
C VAL K 297 78.23 -5.92 -49.78
N CYS K 298 77.41 -6.08 -50.82
CA CYS K 298 77.57 -7.18 -51.76
C CYS K 298 77.02 -6.79 -53.12
N THR K 299 77.90 -6.35 -54.03
CA THR K 299 77.51 -5.97 -55.38
C THR K 299 77.86 -7.12 -56.32
N PHE K 300 76.98 -7.38 -57.28
CA PHE K 300 77.16 -8.54 -58.15
C PHE K 300 78.07 -8.21 -59.33
N ASP K 301 78.10 -6.94 -59.75
CA ASP K 301 78.80 -6.57 -60.98
C ASP K 301 80.30 -6.46 -60.80
N GLY K 302 80.82 -6.74 -59.62
CA GLY K 302 82.24 -6.58 -59.37
C GLY K 302 82.67 -5.18 -59.03
N ALA K 303 81.71 -4.26 -58.91
CA ALA K 303 82.02 -2.91 -58.47
C ALA K 303 82.57 -2.93 -57.05
N ALA K 304 83.73 -2.31 -56.87
CA ALA K 304 84.46 -2.39 -55.60
C ALA K 304 83.99 -1.36 -54.58
N VAL K 305 83.32 -0.29 -55.01
CA VAL K 305 82.78 0.73 -54.11
C VAL K 305 81.37 1.07 -54.56
N VAL K 306 80.63 1.76 -53.70
CA VAL K 306 79.24 2.13 -53.92
C VAL K 306 79.08 3.61 -53.62
N GLN K 307 78.69 4.38 -54.64
CA GLN K 307 78.66 5.84 -54.60
C GLN K 307 77.63 6.37 -53.61
N SER K 308 77.78 7.64 -53.25
CA SER K 308 76.83 8.30 -52.38
C SER K 308 75.53 8.58 -53.13
N GLY K 309 74.46 7.93 -52.68
CA GLY K 309 73.18 8.02 -53.36
C GLY K 309 72.82 6.79 -54.15
N ASP K 310 73.69 5.78 -54.18
CA ASP K 310 73.49 4.63 -55.03
C ASP K 310 72.53 3.62 -54.38
N MET K 311 72.17 2.61 -55.14
CA MET K 311 71.33 1.52 -54.66
C MET K 311 72.18 0.25 -54.58
N ALA K 312 72.68 -0.06 -53.39
CA ALA K 312 73.58 -1.18 -53.21
C ALA K 312 72.77 -2.43 -52.90
N PRO K 313 73.15 -3.60 -53.41
CA PRO K 313 72.45 -4.82 -53.01
C PRO K 313 72.88 -5.24 -51.61
N VAL K 314 71.95 -5.80 -50.86
CA VAL K 314 72.12 -6.02 -49.43
C VAL K 314 71.93 -7.49 -49.12
N ILE K 315 72.90 -8.06 -48.41
CA ILE K 315 72.84 -9.43 -47.95
C ILE K 315 72.80 -9.44 -46.43
N ARG K 316 72.83 -10.65 -45.88
CA ARG K 316 72.37 -10.94 -44.53
C ARG K 316 73.44 -10.57 -43.50
N TYR K 317 73.23 -10.97 -42.23
CA TYR K 317 74.05 -10.78 -41.04
C TYR K 317 75.52 -11.10 -41.26
N PRO K 318 76.44 -10.24 -40.80
CA PRO K 318 77.88 -10.48 -40.94
C PRO K 318 78.42 -11.45 -39.89
N UNK L 1 120.85 -71.40 3.51
CA UNK L 1 119.83 -71.43 4.60
C UNK L 1 118.69 -70.47 4.26
N UNK L 2 118.45 -69.48 5.13
CA UNK L 2 117.36 -68.49 4.91
C UNK L 2 117.64 -67.70 3.63
N UNK L 3 118.91 -67.31 3.41
CA UNK L 3 119.29 -66.55 2.21
C UNK L 3 119.04 -67.42 0.96
N UNK L 4 119.37 -68.70 1.05
CA UNK L 4 119.16 -69.64 -0.08
C UNK L 4 117.66 -69.75 -0.38
N UNK L 5 116.85 -69.82 0.68
CA UNK L 5 115.38 -69.91 0.53
C UNK L 5 114.86 -68.65 -0.16
N UNK L 6 115.39 -67.49 0.24
CA UNK L 6 114.98 -66.19 -0.34
C UNK L 6 115.34 -66.17 -1.84
N UNK L 7 116.54 -66.68 -2.17
CA UNK L 7 117.00 -66.73 -3.58
C UNK L 7 116.05 -67.64 -4.38
N UNK L 8 115.67 -68.78 -3.80
CA UNK L 8 114.75 -69.73 -4.46
C UNK L 8 113.40 -69.04 -4.70
N UNK L 9 112.92 -68.28 -3.72
CA UNK L 9 111.64 -67.55 -3.83
C UNK L 9 111.73 -66.53 -4.96
N UNK L 10 112.86 -65.83 -5.06
CA UNK L 10 113.06 -64.81 -6.12
C UNK L 10 113.04 -65.51 -7.49
N UNK L 11 113.69 -66.68 -7.57
CA UNK L 11 113.74 -67.45 -8.84
C UNK L 11 112.30 -67.86 -9.22
N UNK L 12 111.52 -68.30 -8.23
CA UNK L 12 110.11 -68.71 -8.48
C UNK L 12 109.32 -67.52 -8.98
N UNK L 13 109.53 -66.34 -8.39
CA UNK L 13 108.83 -65.10 -8.79
C UNK L 13 109.19 -64.76 -10.24
N UNK L 14 110.46 -64.92 -10.61
CA UNK L 14 110.91 -64.63 -11.99
C UNK L 14 110.37 -65.70 -12.94
N UNK L 15 110.73 -66.97 -12.69
CA UNK L 15 110.30 -68.09 -13.51
C UNK L 15 108.81 -68.31 -13.76
N UNK L 16 108.52 -68.73 -14.99
CA UNK L 16 107.17 -69.04 -15.42
C UNK L 16 107.09 -70.49 -15.91
N UNK L 17 108.01 -70.86 -16.81
CA UNK L 17 108.04 -72.21 -17.38
C UNK L 17 109.09 -73.18 -16.82
N UNK L 18 109.85 -72.76 -15.82
CA UNK L 18 110.88 -73.64 -15.24
C UNK L 18 110.21 -74.86 -14.64
N UNK L 19 109.09 -74.61 -13.97
CA UNK L 19 108.26 -75.62 -13.32
C UNK L 19 108.82 -76.19 -12.02
N UNK L 20 109.98 -76.83 -12.21
CA UNK L 20 110.75 -77.51 -11.14
C UNK L 20 111.26 -76.46 -10.16
N UNK L 21 111.06 -75.18 -10.45
CA UNK L 21 111.44 -74.11 -9.50
C UNK L 21 110.59 -74.30 -8.24
N UNK L 22 109.30 -74.55 -8.44
CA UNK L 22 108.33 -74.81 -7.35
C UNK L 22 108.75 -76.11 -6.64
N UNK L 23 109.20 -77.12 -7.40
CA UNK L 23 109.64 -78.41 -6.82
C UNK L 23 110.85 -78.18 -5.90
N UNK L 24 111.79 -77.34 -6.34
CA UNK L 24 113.00 -76.99 -5.58
C UNK L 24 112.57 -76.24 -4.32
N UNK L 25 111.57 -75.36 -4.47
CA UNK L 25 111.04 -74.58 -3.34
C UNK L 25 110.46 -75.57 -2.31
N UNK L 26 109.73 -76.59 -2.78
CA UNK L 26 109.14 -77.63 -1.90
C UNK L 26 110.25 -78.41 -1.20
N UNK L 27 111.32 -78.75 -1.92
CA UNK L 27 112.44 -79.49 -1.29
C UNK L 27 113.04 -78.63 -0.17
N UNK L 28 113.21 -77.32 -0.45
CA UNK L 28 113.76 -76.36 0.53
C UNK L 28 112.82 -76.19 1.73
N UNK L 29 111.51 -76.11 1.46
CA UNK L 29 110.50 -75.94 2.52
C UNK L 29 109.37 -76.96 2.35
N UNK L 30 108.48 -77.07 3.34
CA UNK L 30 108.48 -78.11 4.40
C UNK L 30 109.37 -77.68 5.58
N UNK L 31 109.62 -78.61 6.51
CA UNK L 31 110.48 -78.30 7.68
C UNK L 31 111.51 -79.43 7.86
N UNK L 32 112.69 -79.09 8.38
CA UNK L 32 113.77 -80.09 8.62
C UNK L 32 114.45 -79.80 9.95
N UNK L 33 115.04 -80.84 10.59
CA UNK L 33 115.71 -80.67 11.89
C UNK L 33 114.85 -79.83 12.83
N UNK L 34 113.53 -80.00 12.77
CA UNK L 34 112.60 -79.23 13.62
C UNK L 34 112.29 -80.01 14.90
N UNK L 35 112.52 -81.33 14.89
CA UNK L 35 112.25 -82.18 16.06
C UNK L 35 113.16 -81.76 17.22
N UNK L 36 112.60 -81.14 18.26
CA UNK L 36 113.39 -80.71 19.42
C UNK L 36 112.62 -81.02 20.71
N UNK L 37 112.19 -79.98 21.43
CA UNK L 37 111.33 -80.14 22.62
C UNK L 37 109.88 -79.77 22.25
N UNK L 38 109.58 -79.69 20.95
CA UNK L 38 108.23 -79.33 20.47
C UNK L 38 107.74 -78.06 21.17
N UNK L 39 108.62 -77.08 21.34
CA UNK L 39 108.22 -75.79 21.97
C UNK L 39 107.77 -74.82 20.88
N UNK L 40 108.71 -74.01 20.35
CA UNK L 40 108.36 -73.12 19.22
C UNK L 40 107.74 -73.93 18.08
N UNK L 41 108.28 -75.12 17.82
CA UNK L 41 107.83 -76.03 16.74
C UNK L 41 106.30 -76.15 16.74
N UNK L 42 105.71 -76.58 17.85
CA UNK L 42 104.24 -76.72 17.93
C UNK L 42 103.58 -75.40 17.54
N UNK L 43 104.13 -74.28 18.02
CA UNK L 43 103.60 -72.93 17.72
C UNK L 43 103.73 -72.66 16.22
N UNK L 44 104.86 -73.05 15.63
CA UNK L 44 105.08 -72.86 14.18
C UNK L 44 104.04 -73.68 13.40
N UNK L 45 103.79 -74.91 13.86
CA UNK L 45 102.81 -75.80 13.19
C UNK L 45 101.42 -75.16 13.28
N UNK L 46 101.07 -74.59 14.44
CA UNK L 46 99.75 -73.94 14.64
C UNK L 46 99.63 -72.74 13.69
N UNK L 47 100.71 -71.97 13.56
CA UNK L 47 100.70 -70.78 12.67
C UNK L 47 100.49 -71.25 11.22
N UNK L 48 101.17 -72.34 10.85
CA UNK L 48 101.06 -72.89 9.48
C UNK L 48 99.62 -73.33 9.24
N UNK L 49 99.01 -73.98 10.24
CA UNK L 49 97.61 -74.47 10.13
C UNK L 49 96.68 -73.28 9.94
N UNK L 50 96.90 -72.20 10.70
CA UNK L 50 96.05 -70.98 10.60
C UNK L 50 96.19 -70.40 9.19
N UNK L 51 97.43 -70.34 8.68
CA UNK L 51 97.68 -69.78 7.34
C UNK L 51 96.95 -70.64 6.30
N UNK L 52 97.01 -71.97 6.46
CA UNK L 52 96.36 -72.91 5.53
C UNK L 52 94.84 -72.68 5.56
N UNK L 53 94.27 -72.49 6.75
CA UNK L 53 92.82 -72.25 6.90
C UNK L 53 92.45 -70.95 6.19
N UNK L 54 93.26 -69.91 6.35
CA UNK L 54 92.98 -68.60 5.70
C UNK L 54 93.02 -68.78 4.19
N UNK L 55 94.02 -69.53 3.70
CA UNK L 55 94.18 -69.77 2.24
C UNK L 55 92.95 -70.52 1.72
N UNK L 56 92.49 -71.53 2.48
CA UNK L 56 91.32 -72.34 2.08
C UNK L 56 90.08 -71.44 2.01
N UNK L 57 89.92 -70.54 2.99
CA UNK L 57 88.75 -69.64 3.00
C UNK L 57 88.81 -68.73 1.76
N UNK L 58 90.00 -68.21 1.45
CA UNK L 58 90.16 -67.32 0.28
C UNK L 58 89.81 -68.09 -1.00
N UNK L 59 90.28 -69.34 -1.09
CA UNK L 59 90.03 -70.18 -2.29
C UNK L 59 88.53 -70.43 -2.42
N UNK L 60 87.85 -70.70 -1.30
CA UNK L 60 86.40 -70.95 -1.32
C UNK L 60 85.68 -69.69 -1.80
N UNK L 61 86.10 -68.52 -1.31
CA UNK L 61 85.46 -67.26 -1.72
C UNK L 61 85.65 -67.05 -3.23
N UNK L 62 86.86 -67.33 -3.73
CA UNK L 62 87.16 -67.15 -5.17
C UNK L 62 86.28 -68.09 -5.99
N UNK L 63 86.14 -69.34 -5.54
CA UNK L 63 85.32 -70.35 -6.26
C UNK L 63 83.88 -69.89 -6.29
N UNK L 64 83.38 -69.36 -5.16
CA UNK L 64 81.98 -68.89 -5.07
C UNK L 64 81.80 -67.74 -6.07
N UNK L 65 82.77 -66.82 -6.12
CA UNK L 65 82.67 -65.66 -7.03
C UNK L 65 82.64 -66.16 -8.49
N UNK L 66 83.49 -67.13 -8.82
CA UNK L 66 83.55 -67.66 -10.20
C UNK L 66 82.21 -68.32 -10.55
N UNK L 67 81.63 -69.07 -9.62
CA UNK L 67 80.34 -69.76 -9.85
C UNK L 67 79.24 -68.71 -10.05
N UNK L 68 79.29 -67.65 -9.26
CA UNK L 68 78.26 -66.57 -9.28
C UNK L 68 78.49 -65.61 -10.45
N UNK L 69 79.71 -65.13 -10.67
CA UNK L 69 79.89 -64.15 -11.76
C UNK L 69 79.76 -64.86 -13.11
N UNK L 70 80.38 -66.05 -13.22
CA UNK L 70 80.32 -66.82 -14.49
C UNK L 70 78.86 -67.20 -14.79
N UNK L 71 78.12 -67.62 -13.77
CA UNK L 71 76.71 -68.02 -13.93
C UNK L 71 75.89 -66.81 -14.41
N UNK L 72 76.15 -65.63 -13.82
CA UNK L 72 75.41 -64.41 -14.21
C UNK L 72 75.72 -64.09 -15.68
N UNK L 73 76.99 -64.22 -16.08
CA UNK L 73 77.38 -63.92 -17.47
C UNK L 73 76.67 -64.91 -18.41
N UNK L 74 76.61 -66.18 -18.02
CA UNK L 74 75.95 -67.22 -18.85
C UNK L 74 74.47 -66.89 -19.00
N UNK L 75 73.83 -66.46 -17.90
CA UNK L 75 72.39 -66.11 -17.91
C UNK L 75 72.17 -64.92 -18.85
N UNK L 76 73.06 -63.93 -18.80
CA UNK L 76 72.93 -62.74 -19.67
C UNK L 76 73.05 -63.18 -21.14
N UNK L 77 74.01 -64.07 -21.42
CA UNK L 77 74.22 -64.57 -22.81
C UNK L 77 72.95 -65.31 -23.28
N UNK L 78 72.36 -66.12 -22.40
CA UNK L 78 71.15 -66.89 -22.72
C UNK L 78 70.00 -65.92 -23.02
N UNK L 79 69.88 -64.86 -22.22
CA UNK L 79 68.81 -63.85 -22.43
C UNK L 79 69.00 -63.18 -23.79
N UNK L 80 70.26 -62.85 -24.12
CA UNK L 80 70.57 -62.20 -25.42
C UNK L 80 70.18 -63.14 -26.56
N UNK L 81 70.50 -64.43 -26.41
CA UNK L 81 70.18 -65.44 -27.45
C UNK L 81 68.65 -65.52 -27.62
N UNK L 82 67.92 -65.51 -26.51
CA UNK L 82 66.44 -65.58 -26.54
C UNK L 82 65.89 -64.35 -27.27
N UNK L 83 66.48 -63.18 -26.98
CA UNK L 83 66.03 -61.92 -27.63
C UNK L 83 66.28 -62.02 -29.14
N UNK L 84 67.43 -62.56 -29.53
CA UNK L 84 67.79 -62.71 -30.96
C UNK L 84 66.78 -63.66 -31.62
N UNK L 85 66.43 -64.75 -30.94
CA UNK L 85 65.46 -65.73 -31.48
C UNK L 85 64.09 -65.05 -31.67
N UNK L 86 63.69 -64.22 -30.70
CA UNK L 86 62.41 -63.50 -30.76
C UNK L 86 62.42 -62.54 -31.95
N UNK L 87 63.55 -61.87 -32.17
CA UNK L 87 63.70 -60.91 -33.30
C UNK L 87 63.41 -61.63 -34.61
N ALA M 3 -55.59 43.24 73.61
CA ALA M 3 -55.47 41.86 73.13
C ALA M 3 -56.51 41.56 72.07
N PRO M 4 -56.07 41.47 70.80
CA PRO M 4 -57.01 41.18 69.72
C PRO M 4 -57.42 39.71 69.69
N GLN M 5 -58.64 39.49 69.21
CA GLN M 5 -59.19 38.15 69.04
C GLN M 5 -59.33 37.88 67.55
N PHE M 6 -58.75 36.77 67.09
CA PHE M 6 -58.60 36.53 65.66
C PHE M 6 -59.83 35.86 65.04
N HIS M 7 -60.88 35.61 65.81
CA HIS M 7 -62.16 35.16 65.28
C HIS M 7 -63.13 36.31 65.05
N ARG M 8 -62.70 37.55 65.24
CA ARG M 8 -63.53 38.73 64.99
C ARG M 8 -62.78 39.69 64.10
N PRO M 9 -63.27 40.01 62.89
CA PRO M 9 -62.54 40.92 62.01
C PRO M 9 -62.56 42.38 62.48
N SER M 10 -63.53 42.75 63.32
CA SER M 10 -63.68 44.13 63.78
C SER M 10 -62.89 44.43 65.05
N THR M 11 -61.87 43.62 65.35
CA THR M 11 -61.08 43.78 66.56
C THR M 11 -59.63 44.21 66.28
N ILE M 12 -59.01 43.65 65.23
CA ILE M 12 -57.59 43.83 64.98
C ILE M 12 -57.32 45.24 64.50
N THR M 13 -56.46 45.96 65.22
CA THR M 13 -56.01 47.29 64.84
C THR M 13 -54.51 47.23 64.54
N ALA M 14 -53.92 48.41 64.27
CA ALA M 14 -52.49 48.47 64.03
C ALA M 14 -51.70 48.42 65.33
N ASP M 15 -52.27 48.98 66.40
CA ASP M 15 -51.57 49.00 67.68
C ASP M 15 -51.70 47.69 68.45
N ASN M 16 -52.73 46.89 68.16
CA ASN M 16 -52.88 45.61 68.87
C ASN M 16 -51.89 44.58 68.35
N VAL M 17 -51.41 44.74 67.12
CA VAL M 17 -50.44 43.81 66.55
C VAL M 17 -49.02 44.20 66.95
N ARG M 18 -48.72 45.51 66.95
CA ARG M 18 -47.36 45.97 67.22
C ARG M 18 -47.01 45.83 68.70
N ALA M 19 -47.97 46.11 69.59
CA ALA M 19 -47.70 45.99 71.03
C ALA M 19 -47.53 44.54 71.46
N LEU M 20 -48.20 43.62 70.77
CA LEU M 20 -47.95 42.20 71.00
C LEU M 20 -46.62 41.80 70.36
N GLY M 21 -45.85 40.98 71.08
CA GLY M 21 -44.51 40.66 70.63
C GLY M 21 -44.49 39.71 69.45
N THR M 22 -43.28 39.56 68.88
CA THR M 22 -43.10 38.65 67.76
C THR M 22 -43.26 37.19 68.18
N ARG M 23 -42.76 36.84 69.37
CA ARG M 23 -42.96 35.49 69.89
C ARG M 23 -44.40 35.30 70.37
N GLY M 24 -45.00 36.34 70.96
CA GLY M 24 -46.35 36.25 71.48
C GLY M 24 -47.43 36.19 70.42
N LEU M 25 -47.09 36.62 69.20
CA LEU M 25 -48.05 36.57 68.10
C LEU M 25 -48.11 35.17 67.49
N VAL M 26 -47.13 34.32 67.82
CA VAL M 26 -47.12 32.95 67.32
C VAL M 26 -48.24 32.12 67.95
N LEU M 27 -48.29 32.12 69.28
CA LEU M 27 -49.30 31.32 69.98
C LEU M 27 -50.66 32.01 70.03
N ALA M 28 -50.73 33.30 69.71
CA ALA M 28 -52.00 34.00 69.72
C ALA M 28 -52.84 33.64 68.49
N THR M 29 -52.19 33.50 67.32
CA THR M 29 -52.91 33.14 66.11
C THR M 29 -53.20 31.65 66.06
N ASN M 30 -52.34 30.82 66.65
CA ASN M 30 -52.48 29.38 66.57
C ASN M 30 -53.47 28.81 67.58
N ASN M 31 -53.86 29.60 68.59
CA ASN M 31 -54.82 29.15 69.59
C ASN M 31 -56.14 29.90 69.46
N ALA M 32 -56.50 30.32 68.25
CA ALA M 32 -57.73 31.05 68.00
C ALA M 32 -58.88 30.06 67.79
N GLN M 33 -60.03 30.57 67.34
CA GLN M 33 -61.23 29.78 67.16
C GLN M 33 -61.39 29.42 65.69
N PHE M 34 -61.77 28.15 65.44
CA PHE M 34 -62.02 27.71 64.07
C PHE M 34 -63.30 28.33 63.52
N ILE M 35 -64.28 28.58 64.39
CA ILE M 35 -65.55 29.16 63.97
C ILE M 35 -65.35 30.67 63.79
N MET M 36 -65.57 31.16 62.58
CA MET M 36 -65.45 32.58 62.29
C MET M 36 -66.80 33.26 62.50
N ASP M 37 -66.81 34.31 63.31
CA ASP M 37 -68.04 35.04 63.60
C ASP M 37 -68.30 36.09 62.54
N ASN M 38 -69.57 36.23 62.17
CA ASN M 38 -69.99 37.21 61.17
C ASN M 38 -70.95 38.25 61.74
N SER M 39 -71.02 38.37 63.07
CA SER M 39 -71.91 39.36 63.69
C SER M 39 -71.36 40.78 63.60
N TYR M 40 -70.04 40.95 63.57
CA TYR M 40 -69.42 42.26 63.46
C TYR M 40 -68.20 42.15 62.57
N PRO M 41 -68.36 42.31 61.26
CA PRO M 41 -67.20 42.28 60.36
C PRO M 41 -66.41 43.58 60.40
N HIS M 42 -65.32 43.61 59.64
CA HIS M 42 -64.47 44.77 59.59
C HIS M 42 -65.15 45.90 58.82
N PRO M 43 -65.02 47.16 59.27
CA PRO M 43 -65.75 48.25 58.61
C PRO M 43 -65.25 48.59 57.22
N HIS M 44 -63.97 48.36 56.90
CA HIS M 44 -63.43 48.61 55.58
C HIS M 44 -63.50 47.39 54.68
N GLY M 45 -64.38 46.44 54.97
CA GLY M 45 -64.48 45.22 54.20
C GLY M 45 -63.63 44.10 54.79
N THR M 46 -63.91 42.88 54.32
CA THR M 46 -63.14 41.72 54.78
C THR M 46 -61.73 41.71 54.21
N GLN M 47 -61.52 42.41 53.09
CA GLN M 47 -60.17 42.60 52.57
C GLN M 47 -59.46 43.73 53.30
N GLY M 48 -60.20 44.58 54.01
CA GLY M 48 -59.58 45.66 54.77
C GLY M 48 -59.01 45.20 56.09
N ALA M 49 -59.53 44.10 56.65
CA ALA M 49 -58.96 43.55 57.87
C ALA M 49 -57.61 42.91 57.60
N VAL M 50 -57.38 42.44 56.38
CA VAL M 50 -56.07 41.93 55.99
C VAL M 50 -55.09 43.10 55.83
N ARG M 51 -55.60 44.27 55.43
CA ARG M 51 -54.76 45.46 55.36
C ARG M 51 -54.33 45.93 56.74
N GLU M 52 -55.21 45.81 57.73
CA GLU M 52 -54.96 46.39 59.04
C GLU M 52 -54.07 45.50 59.90
N PHE M 53 -54.24 44.19 59.79
CA PHE M 53 -53.47 43.22 60.57
C PHE M 53 -51.99 43.21 60.19
N LEU M 54 -51.69 43.56 58.94
CA LEU M 54 -50.32 43.40 58.43
C LEU M 54 -49.50 44.67 58.51
N ARG M 55 -50.09 45.80 58.89
CA ARG M 55 -49.30 47.01 59.13
C ARG M 55 -48.56 46.94 60.46
N GLY M 56 -48.94 46.01 61.34
CA GLY M 56 -48.26 45.85 62.61
C GLY M 56 -47.13 44.85 62.60
N GLN M 57 -47.21 43.84 61.74
CA GLN M 57 -46.14 42.86 61.64
C GLN M 57 -44.92 43.44 60.94
N ALA M 58 -45.13 44.24 59.90
CA ALA M 58 -44.01 44.82 59.16
C ALA M 58 -43.29 45.89 59.97
N ALA M 59 -44.01 46.55 60.90
CA ALA M 59 -43.35 47.45 61.82
C ALA M 59 -42.75 46.73 63.03
N ALA M 60 -43.00 45.43 63.15
CA ALA M 60 -42.46 44.65 64.26
C ALA M 60 -41.07 44.11 64.00
N LEU M 61 -40.66 44.00 62.73
CA LEU M 61 -39.26 43.68 62.45
C LEU M 61 -38.34 44.85 62.80
N THR M 62 -38.88 46.07 62.71
CA THR M 62 -38.14 47.23 63.21
C THR M 62 -38.09 47.23 64.74
N ASP M 63 -39.09 46.63 65.39
CA ASP M 63 -39.01 46.40 66.83
C ASP M 63 -38.08 45.24 67.14
N LEU M 64 -38.03 44.23 66.26
CA LEU M 64 -37.12 43.11 66.46
C LEU M 64 -35.68 43.52 66.14
N GLY M 65 -35.51 44.52 65.27
CA GLY M 65 -34.18 44.99 64.93
C GLY M 65 -33.51 45.75 66.05
N VAL M 66 -34.29 46.43 66.89
CA VAL M 66 -33.73 47.07 68.09
C VAL M 66 -33.27 46.06 69.11
N THR M 67 -33.99 44.95 69.26
CA THR M 67 -33.59 43.87 70.16
C THR M 67 -32.35 43.13 69.69
N HIS M 68 -32.01 43.21 68.40
CA HIS M 68 -30.79 42.63 67.85
C HIS M 68 -29.79 43.70 67.42
N ALA M 69 -29.90 44.91 67.98
CA ALA M 69 -28.94 45.97 67.64
C ALA M 69 -27.58 45.75 68.27
N ASN M 70 -27.51 44.95 69.35
CA ASN M 70 -26.24 44.58 69.96
C ASN M 70 -25.64 43.32 69.35
N ASN M 71 -26.19 42.85 68.23
CA ASN M 71 -25.69 41.64 67.56
C ASN M 71 -25.11 41.93 66.18
N THR M 72 -25.68 42.86 65.42
CA THR M 72 -25.21 43.19 64.09
C THR M 72 -24.49 44.52 64.08
N PHE M 73 -24.11 44.97 62.89
CA PHE M 73 -23.32 46.17 62.69
C PHE M 73 -24.18 47.30 62.14
N ALA M 74 -23.53 48.41 61.82
CA ALA M 74 -24.20 49.54 61.20
C ALA M 74 -24.48 49.21 59.73
N PRO M 75 -25.70 49.46 59.23
CA PRO M 75 -25.99 49.13 57.83
C PRO M 75 -25.33 50.12 56.88
N GLN M 76 -24.35 49.62 56.12
CA GLN M 76 -23.69 50.40 55.09
C GLN M 76 -24.58 50.50 53.85
N PRO M 77 -24.48 51.59 53.09
CA PRO M 77 -25.25 51.69 51.85
C PRO M 77 -24.75 50.70 50.80
N MET M 78 -25.70 50.06 50.14
CA MET M 78 -25.40 48.97 49.21
C MET M 78 -24.96 49.45 47.84
N PHE M 79 -25.23 50.70 47.49
CA PHE M 79 -25.12 51.11 46.11
C PHE M 79 -24.37 52.43 46.00
N ALA M 80 -23.82 52.66 44.82
CA ALA M 80 -23.03 53.84 44.55
C ALA M 80 -23.93 55.06 44.32
N GLY M 81 -23.33 56.24 44.40
CA GLY M 81 -24.08 57.47 44.38
C GLY M 81 -24.49 57.97 45.75
N ASP M 82 -24.06 57.32 46.82
CA ASP M 82 -24.40 57.68 48.20
C ASP M 82 -23.11 57.97 48.94
N ALA M 83 -22.64 59.22 48.85
CA ALA M 83 -21.45 59.63 49.57
C ALA M 83 -21.52 61.14 49.78
N ALA M 84 -21.00 61.59 50.92
CA ALA M 84 -20.94 63.02 51.19
C ALA M 84 -19.91 63.70 50.31
N ALA M 85 -18.80 63.02 50.04
CA ALA M 85 -17.74 63.53 49.18
C ALA M 85 -17.65 62.63 47.94
N GLU M 86 -18.07 63.17 46.80
CA GLU M 86 -18.10 62.43 45.55
C GLU M 86 -17.15 62.94 44.49
N TRP M 87 -16.75 64.21 44.55
CA TRP M 87 -15.94 64.81 43.50
C TRP M 87 -14.45 64.64 43.72
N LEU M 88 -14.03 63.96 44.78
CA LEU M 88 -12.64 63.61 44.99
C LEU M 88 -12.42 62.13 45.28
N ARG M 89 -13.38 61.49 45.93
CA ARG M 89 -13.28 60.06 46.20
C ARG M 89 -14.61 59.39 45.88
N PRO M 90 -14.62 58.09 45.51
CA PRO M 90 -15.84 57.50 44.96
C PRO M 90 -16.86 57.12 46.03
N SER M 91 -17.99 56.56 45.58
CA SER M 91 -19.04 56.07 46.46
C SER M 91 -19.13 54.56 46.29
N PHE M 92 -18.96 53.83 47.40
CA PHE M 92 -18.90 52.38 47.33
C PHE M 92 -20.28 51.78 47.56
N GLY M 93 -20.29 50.45 47.73
CA GLY M 93 -21.43 49.69 48.18
C GLY M 93 -20.96 48.29 48.51
N LEU M 94 -21.33 47.77 49.68
CA LEU M 94 -20.76 46.50 50.12
C LEU M 94 -21.59 45.33 49.63
N LYS M 95 -20.93 44.39 48.97
CA LYS M 95 -21.54 43.12 48.60
C LYS M 95 -21.72 42.29 49.87
N ARG M 96 -22.90 42.38 50.50
CA ARG M 96 -23.11 41.91 51.87
C ARG M 96 -23.15 40.38 51.91
N THR M 97 -21.97 39.79 51.74
CA THR M 97 -21.80 38.35 51.86
C THR M 97 -21.21 37.92 53.20
N TYR M 98 -20.89 38.88 54.07
CA TYR M 98 -20.33 38.57 55.38
C TYR M 98 -21.42 38.10 56.32
N SER M 99 -21.03 37.67 57.52
CA SER M 99 -21.95 37.30 58.59
C SER M 99 -21.95 38.44 59.60
N PRO M 100 -23.01 39.25 59.66
CA PRO M 100 -23.06 40.35 60.63
C PRO M 100 -23.25 39.83 62.06
N PHE M 101 -22.16 39.82 62.83
CA PHE M 101 -22.18 39.16 64.12
C PHE M 101 -21.16 39.83 65.03
N VAL M 102 -21.60 40.21 66.23
CA VAL M 102 -20.76 40.83 67.24
C VAL M 102 -20.68 39.88 68.43
N VAL M 103 -19.47 39.50 68.80
CA VAL M 103 -19.26 38.58 69.90
C VAL M 103 -19.42 39.30 71.23
N PRO N 106 65.23 -25.30 -48.08
CA PRO N 106 64.33 -24.72 -49.08
C PRO N 106 62.89 -24.82 -48.64
N ARG N 107 62.59 -24.27 -47.46
CA ARG N 107 61.35 -24.33 -46.69
C ARG N 107 60.75 -25.74 -46.59
N TYR N 108 61.58 -26.77 -46.70
CA TYR N 108 61.31 -28.15 -46.32
C TYR N 108 62.66 -28.85 -46.22
N HIS N 109 62.85 -29.57 -45.13
CA HIS N 109 64.13 -30.18 -44.80
C HIS N 109 63.84 -31.44 -44.01
N LEU N 110 64.83 -32.33 -43.92
CA LEU N 110 64.79 -33.45 -43.00
C LEU N 110 66.17 -33.62 -42.37
N THR N 111 66.19 -33.96 -41.09
CA THR N 111 67.44 -34.28 -40.41
C THR N 111 67.27 -35.63 -39.74
N ARG N 112 68.38 -36.33 -39.52
CA ARG N 112 68.30 -37.62 -38.85
C ARG N 112 69.55 -37.87 -38.04
N GLN N 113 69.35 -38.41 -36.83
CA GLN N 113 70.40 -38.83 -35.92
C GLN N 113 69.97 -40.14 -35.30
N VAL N 114 70.87 -41.11 -35.27
CA VAL N 114 70.59 -42.42 -34.70
C VAL N 114 71.22 -42.48 -33.31
N THR N 115 70.37 -42.70 -32.30
CA THR N 115 70.79 -42.75 -30.90
C THR N 115 70.11 -43.93 -30.24
N LEU N 116 70.11 -43.91 -28.91
CA LEU N 116 69.38 -44.87 -28.12
C LEU N 116 67.99 -44.34 -27.77
N THR N 117 67.12 -45.25 -27.32
CA THR N 117 65.96 -44.87 -26.53
C THR N 117 66.23 -45.00 -25.04
N ASP N 118 67.50 -45.06 -24.65
CA ASP N 118 67.91 -44.89 -23.26
C ASP N 118 67.54 -43.49 -22.82
N LEU N 119 67.75 -42.52 -23.70
CA LEU N 119 67.20 -41.18 -23.58
C LEU N 119 65.74 -41.20 -24.07
N CYS N 120 65.26 -40.06 -24.57
CA CYS N 120 63.86 -39.55 -24.68
C CYS N 120 62.80 -40.66 -24.78
N GLN N 121 63.03 -41.74 -25.54
CA GLN N 121 62.06 -42.73 -25.97
C GLN N 121 60.91 -42.00 -26.66
N PRO N 122 61.09 -41.58 -27.92
CA PRO N 122 60.05 -40.78 -28.60
C PRO N 122 58.74 -41.53 -28.82
N ASN N 123 58.78 -42.86 -28.75
CA ASN N 123 57.54 -43.64 -28.69
C ASN N 123 56.78 -43.36 -27.40
N ALA N 124 57.49 -43.01 -26.32
CA ALA N 124 56.82 -42.64 -25.09
C ALA N 124 56.56 -41.13 -25.04
N GLU N 125 57.15 -40.38 -25.95
CA GLU N 125 56.91 -38.94 -26.04
C GLU N 125 55.61 -38.68 -26.81
N ARG N 126 55.40 -37.42 -27.17
CA ARG N 126 54.25 -37.04 -27.97
C ARG N 126 54.73 -36.88 -29.42
N ALA N 127 53.80 -36.52 -30.31
CA ALA N 127 54.20 -36.14 -31.66
C ALA N 127 54.95 -34.83 -31.65
N GLY N 128 54.57 -33.93 -30.74
CA GLY N 128 55.29 -32.68 -30.57
C GLY N 128 56.11 -32.64 -29.30
N ALA N 129 57.42 -32.65 -29.44
CA ALA N 129 58.31 -32.50 -28.31
C ALA N 129 59.50 -31.67 -28.77
N LEU N 130 60.02 -30.84 -27.87
CA LEU N 130 61.10 -29.92 -28.20
C LEU N 130 62.43 -30.58 -27.86
N LEU N 131 62.89 -31.44 -28.75
CA LEU N 131 64.01 -32.32 -28.49
C LEU N 131 65.30 -31.52 -28.45
N LEU N 132 66.20 -31.91 -27.54
CA LEU N 132 67.58 -31.48 -27.59
C LEU N 132 68.44 -32.63 -28.11
N ALA N 133 69.59 -32.30 -28.66
CA ALA N 133 70.57 -33.34 -28.90
C ALA N 133 71.33 -33.64 -27.61
N LEU N 134 72.35 -34.46 -27.71
CA LEU N 134 73.39 -34.50 -26.69
C LEU N 134 74.71 -34.40 -27.44
N ARG N 135 75.05 -33.18 -27.83
CA ARG N 135 76.34 -32.93 -28.42
C ARG N 135 77.39 -32.93 -27.32
N HIS N 136 78.59 -33.36 -27.69
CA HIS N 136 79.65 -33.79 -26.79
C HIS N 136 79.11 -34.77 -25.75
N PRO N 137 78.62 -35.96 -26.15
CA PRO N 137 77.94 -36.81 -25.16
C PRO N 137 78.88 -37.51 -24.18
N THR N 138 80.00 -38.07 -24.66
CA THR N 138 80.92 -38.78 -23.77
C THR N 138 81.93 -37.81 -23.17
N ASP N 139 81.70 -36.52 -23.33
CA ASP N 139 82.53 -35.46 -22.80
C ASP N 139 82.28 -35.33 -21.29
N LEU N 140 82.97 -34.36 -20.69
CA LEU N 140 82.96 -33.87 -19.31
C LEU N 140 83.37 -34.85 -18.22
N PRO N 141 84.45 -35.62 -18.38
CA PRO N 141 85.42 -35.69 -17.28
C PRO N 141 86.46 -34.59 -17.36
N HIS N 142 86.81 -34.17 -18.57
CA HIS N 142 87.92 -33.24 -18.74
C HIS N 142 87.53 -31.82 -18.33
N LEU N 143 86.38 -31.33 -18.80
CA LEU N 143 86.03 -29.95 -18.55
C LEU N 143 85.48 -29.78 -17.14
N ALA N 144 85.21 -30.89 -16.46
CA ALA N 144 85.08 -30.86 -15.01
C ALA N 144 86.34 -30.35 -14.34
N ARG N 145 87.50 -30.77 -14.85
CA ARG N 145 88.77 -30.33 -14.27
C ARG N 145 89.09 -28.90 -14.65
N HIS N 146 88.80 -28.52 -15.89
CA HIS N 146 89.16 -27.20 -16.40
C HIS N 146 88.03 -26.20 -16.18
N ARG N 147 88.32 -24.95 -16.54
CA ARG N 147 87.41 -23.79 -16.61
C ARG N 147 86.82 -23.38 -15.27
N ALA N 148 87.23 -23.96 -14.15
CA ALA N 148 86.66 -23.65 -12.87
C ALA N 148 87.76 -23.18 -11.92
N PRO N 149 87.46 -22.25 -11.01
CA PRO N 149 88.39 -21.97 -9.93
C PRO N 149 88.55 -23.18 -9.02
N PRO N 150 89.71 -23.32 -8.37
CA PRO N 150 90.03 -24.61 -7.74
C PRO N 150 89.27 -24.91 -6.46
N GLY N 151 88.40 -24.02 -6.00
CA GLY N 151 87.58 -24.29 -4.84
C GLY N 151 86.26 -24.97 -5.17
N ARG N 152 86.28 -25.82 -6.19
CA ARG N 152 85.07 -26.50 -6.67
C ARG N 152 85.18 -28.02 -6.60
N GLN N 153 86.38 -28.56 -6.32
CA GLN N 153 86.63 -29.99 -6.10
C GLN N 153 86.22 -30.83 -7.31
N THR N 154 87.01 -30.69 -8.37
CA THR N 154 86.70 -31.12 -9.73
C THR N 154 86.51 -32.62 -9.93
N GLU N 155 86.61 -33.44 -8.88
CA GLU N 155 86.37 -34.87 -9.02
C GLU N 155 84.90 -35.25 -8.86
N ARG N 156 83.96 -34.33 -9.11
CA ARG N 156 82.55 -34.64 -8.92
C ARG N 156 81.89 -35.10 -10.22
N LEU N 157 82.09 -34.35 -11.31
CA LEU N 157 81.45 -34.71 -12.58
C LEU N 157 82.12 -35.90 -13.25
N ALA N 158 83.28 -36.32 -12.75
CA ALA N 158 83.94 -37.52 -13.22
C ALA N 158 83.10 -38.75 -12.91
N GLU N 159 82.33 -38.68 -11.81
CA GLU N 159 81.45 -39.78 -11.47
C GLU N 159 79.99 -39.47 -11.82
N ALA N 160 79.66 -38.18 -11.97
CA ALA N 160 78.26 -37.77 -12.01
C ALA N 160 77.57 -38.17 -13.30
N TRP N 161 78.17 -37.82 -14.44
CA TRP N 161 77.70 -38.32 -15.73
C TRP N 161 77.94 -39.83 -15.84
N GLY N 162 78.96 -40.34 -15.16
CA GLY N 162 79.21 -41.77 -15.17
C GLY N 162 78.12 -42.56 -14.46
N GLN N 163 77.39 -41.91 -13.55
CA GLN N 163 76.19 -42.52 -13.00
C GLN N 163 74.99 -42.32 -13.91
N LEU N 164 75.04 -41.30 -14.79
CA LEU N 164 73.94 -41.08 -15.72
C LEU N 164 73.82 -42.22 -16.73
N LEU N 165 74.94 -42.60 -17.35
CA LEU N 165 74.89 -43.63 -18.38
C LEU N 165 74.79 -45.02 -17.76
N GLU N 166 75.07 -45.14 -16.46
CA GLU N 166 74.61 -46.30 -15.69
C GLU N 166 73.10 -46.47 -15.79
N ALA N 167 72.35 -45.37 -15.66
CA ALA N 167 70.91 -45.43 -15.91
C ALA N 167 70.60 -45.24 -17.38
N SER N 168 71.44 -44.46 -18.08
CA SER N 168 71.38 -44.19 -19.53
C SER N 168 70.04 -43.63 -19.98
N GLU N 176 78.58 -48.40 -21.59
CA GLU N 176 78.97 -48.76 -22.95
C GLU N 176 78.19 -47.95 -23.98
N SER N 177 78.90 -47.17 -24.78
CA SER N 177 78.31 -46.43 -25.89
C SER N 177 78.06 -47.28 -27.11
N GLY N 178 79.04 -48.08 -27.52
CA GLY N 178 78.91 -48.93 -28.70
C GLY N 178 78.97 -48.15 -30.00
N CYS N 179 77.98 -48.34 -30.87
CA CYS N 179 77.87 -47.59 -32.10
C CYS N 179 76.61 -46.73 -32.14
N ALA N 180 75.82 -46.74 -31.07
CA ALA N 180 74.64 -45.89 -30.94
C ALA N 180 74.89 -44.93 -29.79
N ARG N 181 75.36 -43.73 -30.10
CA ARG N 181 75.76 -42.76 -29.08
C ARG N 181 74.56 -42.23 -28.33
N ALA N 182 74.81 -41.78 -27.10
CA ALA N 182 73.78 -41.26 -26.20
C ALA N 182 73.37 -39.89 -26.70
N GLY N 183 72.12 -39.75 -27.15
CA GLY N 183 71.64 -38.47 -27.61
C GLY N 183 70.14 -38.36 -27.76
N LEU N 184 69.70 -37.31 -28.43
CA LEU N 184 68.28 -36.97 -28.64
C LEU N 184 67.56 -36.81 -27.30
N VAL N 185 67.95 -35.76 -26.56
CA VAL N 185 67.39 -35.49 -25.24
C VAL N 185 66.00 -34.86 -25.39
N SER N 186 65.05 -35.35 -24.61
CA SER N 186 63.69 -34.82 -24.67
C SER N 186 63.60 -33.45 -24.02
N PHE N 187 62.45 -32.81 -24.25
CA PHE N 187 62.13 -31.58 -23.54
C PHE N 187 61.67 -31.89 -22.11
N ASN N 188 61.11 -33.09 -21.90
CA ASN N 188 60.59 -33.47 -20.61
C ASN N 188 61.71 -33.68 -19.60
N PHE N 189 62.85 -34.18 -20.09
CA PHE N 189 63.94 -34.67 -19.24
C PHE N 189 64.63 -33.57 -18.45
N LEU N 190 64.47 -32.31 -18.85
CA LEU N 190 65.04 -31.21 -18.08
C LEU N 190 64.03 -30.55 -17.16
N VAL N 191 62.75 -30.57 -17.54
CA VAL N 191 61.74 -29.87 -16.76
C VAL N 191 61.50 -30.59 -15.45
N ALA N 192 61.33 -31.91 -15.51
CA ALA N 192 61.04 -32.68 -14.31
C ALA N 192 62.28 -32.87 -13.45
N ALA N 193 63.46 -32.90 -14.07
CA ALA N 193 64.69 -33.06 -13.31
C ALA N 193 65.06 -31.75 -12.61
N CYS N 194 64.59 -30.62 -13.13
CA CYS N 194 64.71 -29.34 -12.45
C CYS N 194 63.42 -28.95 -11.74
N ALA N 195 62.41 -29.82 -11.74
CA ALA N 195 61.12 -29.49 -11.10
C ALA N 195 61.29 -29.29 -9.61
N ALA N 196 62.12 -30.12 -8.98
CA ALA N 196 62.48 -29.90 -7.58
C ALA N 196 63.41 -28.71 -7.42
N ALA N 197 64.07 -28.25 -8.48
CA ALA N 197 65.03 -27.15 -8.36
C ALA N 197 64.34 -25.79 -8.38
N TYR N 198 63.69 -25.42 -9.48
CA TYR N 198 63.22 -24.04 -9.61
C TYR N 198 61.93 -23.81 -8.84
N ASP N 199 61.45 -22.56 -8.90
CA ASP N 199 60.37 -22.07 -8.05
C ASP N 199 59.01 -22.48 -8.62
N ALA N 200 58.81 -23.79 -8.70
CA ALA N 200 57.52 -24.40 -8.96
C ALA N 200 57.58 -25.85 -8.50
N ARG N 201 56.72 -26.17 -7.54
CA ARG N 201 56.68 -27.50 -6.95
C ARG N 201 55.24 -27.97 -6.92
N ASP N 202 55.05 -29.27 -7.18
CA ASP N 202 53.81 -30.02 -7.36
C ASP N 202 53.06 -29.63 -8.65
N ALA N 203 53.54 -28.66 -9.41
CA ALA N 203 53.05 -28.37 -10.75
C ALA N 203 54.09 -28.64 -11.81
N ALA N 204 55.34 -28.28 -11.54
CA ALA N 204 56.46 -28.74 -12.36
C ALA N 204 56.72 -30.22 -12.09
N GLU N 205 56.38 -30.70 -10.90
CA GLU N 205 56.55 -32.10 -10.55
C GLU N 205 55.54 -33.01 -11.25
N ALA N 206 54.50 -32.45 -11.87
CA ALA N 206 53.60 -33.24 -12.70
C ALA N 206 54.28 -33.69 -13.98
N VAL N 207 55.36 -33.02 -14.38
CA VAL N 207 56.18 -33.48 -15.48
C VAL N 207 56.93 -34.76 -15.08
N ARG N 208 57.23 -34.91 -13.77
CA ARG N 208 57.85 -36.16 -13.32
C ARG N 208 56.86 -37.30 -13.34
N ALA N 209 55.59 -37.02 -13.04
CA ALA N 209 54.56 -38.04 -13.21
C ALA N 209 54.30 -38.33 -14.69
N HIS N 210 54.72 -37.43 -15.58
CA HIS N 210 54.63 -37.71 -17.01
C HIS N 210 55.76 -38.62 -17.47
N ILE N 211 56.98 -38.39 -16.98
CA ILE N 211 58.14 -39.13 -17.44
C ILE N 211 58.15 -40.55 -16.89
N THR N 212 58.06 -40.69 -15.57
CA THR N 212 58.35 -41.96 -14.91
C THR N 212 57.30 -43.02 -15.22
N THR N 213 56.11 -42.60 -15.61
CA THR N 213 55.04 -43.48 -16.04
C THR N 213 55.07 -43.78 -17.53
N ASN N 214 55.79 -42.98 -18.32
CA ASN N 214 55.86 -43.23 -19.76
C ASN N 214 57.27 -43.56 -20.22
N TYR N 215 58.25 -42.74 -19.87
CA TYR N 215 59.64 -43.00 -20.29
C TYR N 215 60.18 -44.21 -19.51
N ALA N 220 60.96 -42.71 -16.85
CA ALA N 220 61.77 -43.38 -15.84
C ALA N 220 62.58 -42.36 -15.06
N GLY N 221 62.37 -42.34 -13.74
CA GLY N 221 63.11 -41.44 -12.87
C GLY N 221 64.48 -41.96 -12.52
N ALA N 222 64.77 -43.22 -12.86
CA ALA N 222 66.10 -43.78 -12.67
C ALA N 222 67.12 -43.01 -13.47
N ARG N 223 66.74 -42.57 -14.66
CA ARG N 223 67.62 -41.76 -15.48
C ARG N 223 67.53 -40.29 -15.06
N LEU N 224 66.41 -39.91 -14.43
CA LEU N 224 66.28 -38.56 -13.90
C LEU N 224 67.10 -38.37 -12.65
N ASP N 225 67.10 -39.37 -11.76
CA ASP N 225 67.76 -39.22 -10.46
C ASP N 225 69.27 -39.15 -10.60
N ARG N 226 69.81 -39.79 -11.63
CA ARG N 226 71.24 -39.65 -11.92
C ARG N 226 71.52 -38.31 -12.57
N PHE N 227 70.53 -37.75 -13.26
CA PHE N 227 70.76 -36.52 -14.00
C PHE N 227 70.42 -35.29 -13.17
N SER N 228 69.48 -35.42 -12.22
CA SER N 228 69.24 -34.33 -11.27
C SER N 228 70.44 -34.15 -10.35
N GLU N 229 71.18 -35.23 -10.11
CA GLU N 229 72.49 -35.10 -9.48
C GLU N 229 73.47 -34.38 -10.39
N CYS N 230 73.39 -34.63 -11.71
CA CYS N 230 74.24 -33.92 -12.66
C CYS N 230 73.87 -32.44 -12.71
N LEU N 231 72.59 -32.12 -12.54
CA LEU N 231 72.14 -30.73 -12.57
C LEU N 231 72.59 -29.95 -11.34
N ARG N 232 73.00 -30.67 -10.29
CA ARG N 232 73.70 -30.02 -9.19
C ARG N 232 75.21 -30.16 -9.34
N ALA N 233 75.65 -31.07 -10.22
CA ALA N 233 77.07 -31.32 -10.37
C ALA N 233 77.67 -30.62 -11.58
N MET N 234 76.93 -30.53 -12.69
CA MET N 234 77.43 -29.79 -13.86
C MET N 234 77.59 -28.32 -13.53
N VAL N 235 76.58 -27.74 -12.90
CA VAL N 235 76.59 -26.33 -12.54
C VAL N 235 77.55 -26.08 -11.36
N HIS N 236 78.00 -27.15 -10.69
CA HIS N 236 78.91 -27.01 -9.55
C HIS N 236 80.28 -26.53 -10.00
N THR N 237 80.92 -27.27 -10.91
CA THR N 237 82.27 -26.95 -11.36
C THR N 237 82.28 -26.03 -12.57
N HIS N 238 81.30 -25.13 -12.67
CA HIS N 238 81.15 -24.14 -13.73
C HIS N 238 81.05 -24.76 -15.12
N VAL N 239 80.59 -26.00 -15.22
CA VAL N 239 80.32 -26.65 -16.50
C VAL N 239 78.83 -26.47 -16.77
N PHE N 240 78.48 -25.33 -17.33
CA PHE N 240 77.09 -24.92 -17.38
C PHE N 240 76.39 -25.62 -18.53
N PRO N 241 75.12 -26.01 -18.34
CA PRO N 241 74.48 -26.88 -19.34
C PRO N 241 74.07 -26.19 -20.62
N HIS N 242 74.38 -24.91 -20.82
CA HIS N 242 74.24 -24.34 -22.14
C HIS N 242 75.44 -24.76 -22.99
N GLU N 243 75.27 -24.78 -24.32
CA GLU N 243 76.22 -25.24 -25.33
C GLU N 243 76.58 -26.73 -25.20
N VAL N 244 75.86 -27.46 -24.34
CA VAL N 244 75.79 -28.91 -24.35
C VAL N 244 74.28 -29.13 -24.44
N MET N 245 73.86 -30.23 -25.06
CA MET N 245 72.47 -30.50 -25.44
C MET N 245 71.93 -29.38 -26.32
N ARG N 246 72.50 -29.27 -27.50
CA ARG N 246 72.15 -28.26 -28.48
C ARG N 246 70.82 -28.62 -29.15
N PHE N 247 70.14 -27.60 -29.65
CA PHE N 247 68.79 -27.76 -30.19
C PHE N 247 68.75 -28.61 -31.45
N PHE N 248 67.77 -29.51 -31.54
CA PHE N 248 67.64 -30.39 -32.68
C PHE N 248 66.32 -30.23 -33.43
N GLY N 249 65.18 -30.30 -32.74
CA GLY N 249 63.93 -30.01 -33.45
C GLY N 249 62.71 -30.66 -32.82
N GLY N 250 61.65 -30.74 -33.62
CA GLY N 250 60.31 -30.99 -33.12
C GLY N 250 59.70 -32.37 -33.28
N LEU N 251 60.55 -33.40 -33.46
CA LEU N 251 60.19 -34.82 -33.46
C LEU N 251 59.18 -35.13 -34.56
N VAL N 252 59.62 -35.08 -35.81
CA VAL N 252 58.71 -35.34 -36.93
C VAL N 252 58.34 -36.82 -36.99
N SER N 253 59.33 -37.70 -37.21
CA SER N 253 59.02 -39.13 -37.30
C SER N 253 59.89 -39.92 -36.33
N TRP N 254 59.40 -41.11 -35.99
CA TRP N 254 59.96 -41.92 -34.92
C TRP N 254 60.21 -43.35 -35.38
N VAL N 255 60.96 -43.52 -36.48
CA VAL N 255 61.18 -44.77 -37.21
C VAL N 255 62.08 -45.73 -36.43
N THR N 256 62.32 -45.40 -35.15
CA THR N 256 62.98 -46.18 -34.11
C THR N 256 62.59 -47.65 -34.10
N GLN N 257 63.51 -48.49 -33.63
CA GLN N 257 63.26 -49.89 -33.36
C GLN N 257 62.67 -50.04 -31.96
N ASP N 258 62.73 -51.24 -31.41
CA ASP N 258 62.24 -51.54 -30.06
C ASP N 258 63.12 -50.80 -29.04
N GLU N 259 64.36 -51.25 -28.79
CA GLU N 259 65.21 -50.67 -27.75
C GLU N 259 66.19 -49.66 -28.29
N LEU N 260 66.27 -49.52 -29.61
CA LEU N 260 67.16 -48.56 -30.25
C LEU N 260 66.32 -47.43 -30.83
N ALA N 261 66.99 -46.48 -31.46
CA ALA N 261 66.29 -45.30 -31.94
C ALA N 261 66.81 -44.91 -33.31
N SER N 262 65.88 -44.40 -34.13
CA SER N 262 66.20 -43.71 -35.38
C SER N 262 65.10 -42.68 -35.61
N VAL N 263 65.40 -41.41 -35.37
CA VAL N 263 64.41 -40.35 -35.32
C VAL N 263 64.73 -39.36 -36.43
N THR N 264 63.70 -38.89 -37.13
CA THR N 264 63.86 -37.68 -37.92
C THR N 264 63.09 -36.54 -37.26
N ALA N 265 63.83 -35.51 -36.84
CA ALA N 265 63.30 -34.48 -35.96
C ALA N 265 63.75 -33.09 -36.38
N VAL N 266 63.48 -32.72 -37.64
CA VAL N 266 64.17 -31.69 -38.42
C VAL N 266 64.48 -30.35 -37.74
N CYS N 267 65.73 -29.91 -37.90
CA CYS N 267 66.26 -28.59 -37.58
C CYS N 267 65.89 -27.66 -38.72
N SER N 268 66.72 -26.65 -38.98
CA SER N 268 66.82 -26.02 -40.30
C SER N 268 65.67 -25.09 -40.67
N GLY N 269 65.17 -24.30 -39.72
CA GLY N 269 64.32 -23.19 -40.08
C GLY N 269 62.84 -23.46 -39.94
N PRO N 270 62.01 -22.66 -40.66
CA PRO N 270 60.56 -22.61 -40.39
C PRO N 270 59.81 -23.86 -40.79
N GLN N 271 60.48 -24.71 -41.55
CA GLN N 271 59.85 -25.85 -42.20
C GLN N 271 59.43 -26.95 -41.23
N GLU N 272 59.98 -26.97 -40.02
CA GLU N 272 59.59 -27.97 -39.03
C GLU N 272 58.15 -27.76 -38.61
N ALA N 273 57.72 -26.51 -38.49
CA ALA N 273 56.36 -26.23 -38.05
C ALA N 273 55.44 -25.85 -39.20
N THR N 274 55.93 -25.97 -40.45
CA THR N 274 55.03 -25.91 -41.60
C THR N 274 54.67 -27.35 -41.98
N HIS N 275 55.67 -28.21 -42.02
CA HIS N 275 55.44 -29.62 -42.35
C HIS N 275 54.91 -30.38 -41.13
N THR N 276 54.81 -29.69 -40.00
CA THR N 276 53.93 -30.12 -38.91
C THR N 276 52.94 -28.99 -38.61
N GLY N 277 52.59 -28.21 -39.63
CA GLY N 277 51.60 -27.16 -39.53
C GLY N 277 50.64 -27.17 -40.69
N HIS N 278 51.09 -27.70 -41.85
CA HIS N 278 50.18 -28.08 -42.93
C HIS N 278 49.55 -29.42 -42.55
N PRO N 279 50.25 -30.36 -41.80
CA PRO N 279 49.53 -31.34 -40.97
C PRO N 279 49.02 -30.81 -39.63
N VAL N 286 52.02 -31.11 -35.21
CA VAL N 286 52.38 -31.76 -33.95
C VAL N 286 52.19 -30.62 -32.95
N THR N 287 52.15 -29.40 -33.51
CA THR N 287 51.52 -28.20 -32.99
C THR N 287 52.23 -27.67 -31.74
N ILE N 288 53.45 -28.18 -31.51
CA ILE N 288 54.49 -27.59 -30.66
C ILE N 288 54.02 -27.30 -29.23
N PRO N 289 53.94 -28.31 -28.37
CA PRO N 289 53.52 -28.11 -26.97
C PRO N 289 54.57 -27.33 -26.19
N ALA N 290 54.15 -26.74 -25.07
CA ALA N 290 55.11 -26.13 -24.15
C ALA N 290 55.45 -27.07 -23.00
N CYS N 291 54.68 -28.15 -22.84
CA CYS N 291 54.84 -29.28 -21.92
C CYS N 291 54.71 -28.93 -20.44
N ALA N 292 54.50 -27.65 -20.08
CA ALA N 292 54.17 -27.23 -18.74
C ALA N 292 53.57 -25.84 -18.83
N PHE N 293 52.48 -25.61 -18.10
CA PHE N 293 51.92 -24.26 -18.02
C PHE N 293 52.79 -23.32 -17.20
N VAL N 294 53.56 -23.85 -16.25
CA VAL N 294 54.63 -23.10 -15.61
C VAL N 294 55.68 -22.67 -16.63
N ASP N 295 56.01 -23.57 -17.56
CA ASP N 295 56.82 -23.21 -18.71
C ASP N 295 55.98 -22.39 -19.69
N LEU N 296 56.60 -21.94 -20.78
CA LEU N 296 56.14 -20.82 -21.59
C LEU N 296 55.83 -19.63 -20.68
N ASP N 297 56.91 -19.05 -20.13
CA ASP N 297 56.85 -17.90 -19.24
C ASP N 297 56.10 -16.76 -19.92
N ALA N 298 54.97 -16.37 -19.36
CA ALA N 298 54.10 -15.35 -19.91
C ALA N 298 54.73 -13.98 -19.63
N GLU N 299 55.80 -13.68 -20.35
CA GLU N 299 56.42 -12.37 -20.26
C GLU N 299 55.65 -11.48 -21.22
N LEU N 300 55.78 -10.16 -21.09
CA LEU N 300 54.94 -9.17 -21.78
C LEU N 300 53.46 -9.40 -21.50
N CYS N 301 53.07 -9.13 -20.25
CA CYS N 301 51.65 -8.97 -19.93
C CYS N 301 51.14 -7.63 -20.46
N LEU N 302 52.05 -6.74 -20.82
CA LEU N 302 51.75 -5.47 -21.48
C LEU N 302 51.36 -5.79 -22.93
N GLY N 303 50.11 -6.17 -23.15
CA GLY N 303 49.77 -6.95 -24.33
C GLY N 303 49.44 -6.12 -25.55
N GLY N 304 49.90 -6.61 -26.70
CA GLY N 304 49.64 -6.01 -27.99
C GLY N 304 49.71 -7.01 -29.12
N PRO N 305 49.32 -6.59 -30.33
CA PRO N 305 49.33 -7.51 -31.47
C PRO N 305 50.69 -7.56 -32.16
N GLY N 306 51.00 -8.71 -32.77
CA GLY N 306 52.25 -8.86 -33.47
C GLY N 306 52.59 -10.32 -33.68
N ALA N 307 53.89 -10.59 -33.59
CA ALA N 307 54.41 -11.96 -33.71
C ALA N 307 55.26 -12.33 -32.50
N ALA N 308 55.32 -13.62 -32.20
CA ALA N 308 56.03 -14.08 -31.01
C ALA N 308 57.45 -14.53 -31.34
N PHE N 309 58.37 -14.24 -30.42
CA PHE N 309 59.79 -14.54 -30.58
C PHE N 309 60.23 -15.40 -29.41
N LEU N 310 60.58 -16.66 -29.69
CA LEU N 310 60.74 -17.68 -28.66
C LEU N 310 62.22 -17.94 -28.42
N TYR N 311 62.58 -18.16 -27.15
CA TYR N 311 63.95 -18.27 -26.70
C TYR N 311 64.06 -19.34 -25.62
N LEU N 312 65.28 -19.80 -25.39
CA LEU N 312 65.55 -20.91 -24.47
C LEU N 312 66.54 -20.44 -23.42
N VAL N 313 66.05 -20.08 -22.24
CA VAL N 313 66.88 -19.45 -21.21
C VAL N 313 67.12 -20.45 -20.09
N PHE N 314 68.37 -20.56 -19.65
CA PHE N 314 68.73 -21.31 -18.45
C PHE N 314 69.06 -20.32 -17.35
N THR N 315 68.14 -20.10 -16.42
CA THR N 315 68.39 -19.18 -15.34
C THR N 315 69.03 -19.92 -14.18
N TYR N 316 70.09 -19.35 -13.62
CA TYR N 316 70.88 -20.04 -12.62
C TYR N 316 70.77 -19.33 -11.28
N ARG N 317 71.18 -20.03 -10.24
CA ARG N 317 71.48 -19.44 -8.94
C ARG N 317 72.67 -20.21 -8.37
N GLN N 318 73.81 -19.54 -8.30
CA GLN N 318 75.10 -20.18 -8.03
C GLN N 318 75.44 -19.96 -6.56
N CYS N 319 75.46 -21.06 -5.79
CA CYS N 319 75.73 -21.19 -4.36
C CYS N 319 74.67 -20.55 -3.47
N ARG N 320 73.64 -19.88 -4.02
CA ARG N 320 72.52 -19.45 -3.18
C ARG N 320 71.54 -20.60 -3.00
N ASP N 321 70.98 -21.10 -4.11
CA ASP N 321 70.15 -22.29 -4.09
C ASP N 321 70.97 -23.53 -4.43
N GLN N 322 72.29 -23.46 -4.20
CA GLN N 322 73.27 -24.52 -4.45
C GLN N 322 73.22 -25.02 -5.88
N GLU N 323 73.60 -24.16 -6.83
CA GLU N 323 73.69 -24.47 -8.26
C GLU N 323 72.34 -24.88 -8.84
N LEU N 324 71.43 -23.90 -8.89
CA LEU N 324 70.10 -24.08 -9.44
C LEU N 324 70.14 -24.39 -10.94
N CYS N 325 69.18 -25.19 -11.39
CA CYS N 325 68.96 -25.45 -12.82
C CYS N 325 67.53 -25.06 -13.17
N CYS N 326 67.35 -24.49 -14.36
CA CYS N 326 66.04 -24.03 -14.82
C CYS N 326 65.94 -24.17 -16.32
N VAL N 327 64.79 -24.65 -16.80
CA VAL N 327 64.48 -24.71 -18.23
C VAL N 327 63.06 -24.20 -18.43
N TYR N 328 62.92 -23.08 -19.14
CA TYR N 328 61.61 -22.59 -19.56
C TYR N 328 61.78 -21.69 -20.77
N VAL N 329 60.68 -21.46 -21.48
CA VAL N 329 60.66 -20.69 -22.70
C VAL N 329 59.99 -19.35 -22.39
N VAL N 330 60.52 -18.27 -22.97
CA VAL N 330 59.99 -16.93 -22.75
C VAL N 330 59.00 -16.62 -23.87
N LYS N 331 58.21 -15.57 -23.68
CA LYS N 331 57.25 -15.12 -24.68
C LYS N 331 57.45 -13.61 -24.82
N SER N 332 57.88 -13.18 -26.01
CA SER N 332 58.17 -11.77 -26.21
C SER N 332 58.03 -11.42 -27.68
N GLN N 333 57.61 -10.19 -27.94
CA GLN N 333 57.86 -9.53 -29.22
C GLN N 333 59.03 -8.56 -29.00
N LEU N 334 60.24 -9.12 -28.91
CA LEU N 334 61.44 -8.37 -28.56
C LEU N 334 62.64 -8.84 -29.38
N PRO N 335 63.54 -7.93 -29.75
CA PRO N 335 64.73 -8.30 -30.51
C PRO N 335 65.78 -8.89 -29.60
N PRO N 336 66.89 -9.49 -30.14
CA PRO N 336 67.99 -9.94 -29.28
C PRO N 336 68.69 -8.82 -28.51
N ARG N 337 68.64 -7.61 -29.07
CA ARG N 337 69.14 -6.43 -28.37
C ARG N 337 68.14 -5.88 -27.37
N GLY N 338 66.87 -6.25 -27.48
CA GLY N 338 65.87 -5.84 -26.53
C GLY N 338 65.54 -6.98 -25.58
N LEU N 339 66.39 -8.02 -25.61
CA LEU N 339 66.17 -9.17 -24.75
C LEU N 339 67.20 -9.25 -23.63
N GLU N 340 68.39 -8.67 -23.85
CA GLU N 340 69.45 -8.74 -22.84
C GLU N 340 69.15 -7.83 -21.67
N ALA N 341 68.64 -6.62 -21.93
CA ALA N 341 68.14 -5.78 -20.85
C ALA N 341 66.86 -6.36 -20.28
N ALA N 342 66.09 -7.07 -21.11
CA ALA N 342 64.98 -7.87 -20.61
C ALA N 342 65.46 -9.07 -19.81
N LEU N 343 66.72 -9.48 -19.99
CA LEU N 343 67.30 -10.51 -19.14
C LEU N 343 67.89 -9.93 -17.85
N GLU N 344 68.18 -8.63 -17.82
CA GLU N 344 68.62 -8.01 -16.57
C GLU N 344 67.43 -7.64 -15.69
N ARG N 345 66.34 -7.19 -16.31
CA ARG N 345 65.11 -6.90 -15.58
C ARG N 345 64.34 -8.20 -15.34
N LEU N 346 63.29 -8.09 -14.52
CA LEU N 346 62.28 -9.11 -14.23
C LEU N 346 62.82 -10.31 -13.43
N PHE N 347 64.13 -10.34 -13.14
CA PHE N 347 64.74 -11.41 -12.38
C PHE N 347 64.87 -11.02 -10.91
N GLY N 348 64.72 -12.01 -10.03
CA GLY N 348 65.04 -11.96 -8.63
C GLY N 348 66.17 -12.88 -8.23
N ARG N 349 66.84 -13.50 -9.19
CA ARG N 349 67.95 -14.40 -8.91
C ARG N 349 69.31 -13.75 -9.18
N LEU N 350 69.41 -12.43 -9.00
CA LEU N 350 70.66 -11.70 -9.15
C LEU N 350 71.63 -11.92 -8.00
N ARG N 351 71.16 -12.49 -6.88
CA ARG N 351 71.89 -12.44 -5.62
C ARG N 351 73.03 -13.46 -5.63
N ILE N 352 74.06 -13.21 -6.44
CA ILE N 352 75.12 -14.20 -6.63
C ILE N 352 76.46 -13.65 -6.14
N THR N 353 76.99 -12.63 -6.82
CA THR N 353 78.19 -11.90 -6.39
C THR N 353 78.01 -10.41 -6.59
N THR N 416 79.14 -17.58 -8.89
CA THR N 416 80.06 -16.54 -9.32
C THR N 416 79.42 -15.59 -10.33
N CYS N 417 79.41 -16.00 -11.60
CA CYS N 417 78.95 -15.15 -12.68
C CYS N 417 78.39 -16.01 -13.81
N THR N 418 78.36 -15.41 -15.02
CA THR N 418 77.87 -15.92 -16.30
C THR N 418 76.57 -16.73 -16.19
N TYR N 419 75.56 -16.12 -15.59
CA TYR N 419 74.25 -16.73 -15.43
C TYR N 419 73.38 -16.31 -16.61
N ALA N 420 72.26 -17.01 -16.78
CA ALA N 420 71.15 -16.67 -17.68
C ALA N 420 71.60 -16.61 -19.15
N ALA N 421 72.07 -17.75 -19.65
CA ALA N 421 72.33 -17.91 -21.08
C ALA N 421 71.02 -18.06 -21.83
N PHE N 422 71.07 -17.78 -23.14
CA PHE N 422 69.88 -17.90 -23.98
C PHE N 422 70.30 -17.97 -25.45
N ALA N 423 69.49 -18.73 -26.21
CA ALA N 423 69.58 -18.78 -27.66
C ALA N 423 68.18 -18.58 -28.23
N GLU N 424 68.09 -18.52 -29.55
CA GLU N 424 66.82 -18.28 -30.23
C GLU N 424 66.14 -19.61 -30.52
N LEU N 425 64.94 -19.79 -29.98
CA LEU N 425 64.10 -20.89 -30.43
C LEU N 425 63.37 -20.51 -31.70
N GLY N 426 63.36 -19.24 -32.03
CA GLY N 426 62.86 -18.80 -33.32
C GLY N 426 61.57 -18.02 -33.16
N VAL N 427 60.92 -17.79 -34.29
CA VAL N 427 59.75 -16.94 -34.32
C VAL N 427 58.49 -17.80 -34.42
N MET N 428 57.52 -17.51 -33.57
CA MET N 428 56.15 -17.92 -33.79
C MET N 428 55.49 -16.70 -34.42
N PRO N 429 55.29 -16.71 -35.73
CA PRO N 429 54.85 -15.47 -36.40
C PRO N 429 53.37 -15.16 -36.25
N ASP N 430 52.82 -15.39 -35.05
CA ASP N 430 51.43 -15.22 -34.65
C ASP N 430 51.38 -15.24 -33.12
N ASP N 431 50.74 -14.26 -32.49
CA ASP N 431 50.48 -14.37 -31.06
C ASP N 431 49.07 -14.89 -30.80
N SER N 432 48.24 -14.98 -31.84
CA SER N 432 46.84 -15.40 -31.77
C SER N 432 46.66 -16.90 -31.52
N PRO N 433 47.64 -17.74 -31.87
CA PRO N 433 47.42 -19.19 -31.81
C PRO N 433 47.94 -19.89 -30.55
N ARG N 434 48.34 -19.15 -29.53
CA ARG N 434 48.71 -19.76 -28.25
C ARG N 434 47.46 -20.28 -27.57
N CYS N 435 47.62 -21.25 -26.66
CA CYS N 435 46.50 -21.91 -26.02
C CYS N 435 46.77 -22.18 -24.54
N LEU N 436 45.81 -22.86 -23.89
CA LEU N 436 45.90 -23.22 -22.48
C LEU N 436 45.19 -24.56 -22.27
N HIS N 437 45.95 -25.63 -22.09
CA HIS N 437 45.35 -26.96 -21.98
C HIS N 437 45.99 -27.71 -20.81
N ARG N 438 45.41 -28.87 -20.51
CA ARG N 438 45.96 -29.80 -19.53
C ARG N 438 45.85 -31.26 -20.01
N THR N 439 45.74 -31.46 -21.32
CA THR N 439 45.52 -32.79 -21.90
C THR N 439 46.70 -33.15 -22.80
N GLU N 440 47.32 -34.29 -22.52
CA GLU N 440 48.49 -34.73 -23.29
C GLU N 440 48.57 -36.24 -23.22
N ARG N 441 49.18 -36.83 -24.24
CA ARG N 441 49.45 -38.27 -24.37
C ARG N 441 48.21 -39.16 -24.23
N VAL N 445 48.22 -39.29 -17.14
CA VAL N 445 48.68 -38.27 -16.22
C VAL N 445 48.38 -36.88 -16.77
N GLY N 446 47.55 -36.13 -16.05
CA GLY N 446 47.13 -34.83 -16.51
C GLY N 446 48.20 -33.78 -16.32
N VAL N 447 48.85 -33.40 -17.41
CA VAL N 447 49.95 -32.45 -17.39
C VAL N 447 49.49 -31.21 -18.14
N PRO N 448 49.63 -30.01 -17.53
CA PRO N 448 49.26 -28.79 -18.25
C PRO N 448 50.19 -28.52 -19.43
N VAL N 449 49.64 -27.98 -20.52
CA VAL N 449 50.31 -27.97 -21.81
C VAL N 449 49.75 -26.83 -22.65
N VAL N 450 50.60 -26.20 -23.48
CA VAL N 450 50.21 -25.06 -24.30
C VAL N 450 50.45 -25.38 -25.77
N ILE N 451 49.38 -25.32 -26.55
CA ILE N 451 49.43 -25.48 -28.01
C ILE N 451 50.00 -24.21 -28.62
N LEU N 452 50.97 -24.36 -29.52
CA LEU N 452 51.58 -23.24 -30.25
C LEU N 452 51.69 -23.62 -31.74
N GLU N 453 50.77 -23.12 -32.56
CA GLU N 453 50.67 -23.53 -33.96
C GLU N 453 51.38 -22.54 -34.88
N GLY N 454 52.41 -23.02 -35.59
CA GLY N 454 53.03 -22.28 -36.68
C GLY N 454 54.25 -21.49 -36.23
N VAL N 455 55.45 -21.98 -36.54
CA VAL N 455 56.68 -21.44 -35.93
C VAL N 455 57.78 -21.41 -36.99
N VAL N 456 58.41 -20.24 -37.13
CA VAL N 456 59.67 -20.08 -37.85
C VAL N 456 60.76 -20.47 -36.86
N TRP N 457 61.33 -21.66 -37.04
CA TRP N 457 62.34 -22.14 -36.10
C TRP N 457 63.72 -21.63 -36.48
N ARG N 458 63.97 -20.34 -36.22
CA ARG N 458 65.31 -19.77 -36.36
C ARG N 458 66.20 -20.35 -35.26
N PRO N 459 67.23 -21.11 -35.64
CA PRO N 459 67.97 -21.90 -34.62
C PRO N 459 68.81 -21.07 -33.67
N GLY N 460 69.29 -19.91 -34.14
CA GLY N 460 69.90 -18.93 -33.25
C GLY N 460 71.26 -19.31 -32.71
N GLY N 461 71.73 -18.49 -31.77
CA GLY N 461 72.98 -18.69 -31.09
C GLY N 461 72.95 -18.31 -29.62
N TRP N 462 73.81 -18.97 -28.86
CA TRP N 462 73.87 -18.81 -27.41
C TRP N 462 74.73 -17.61 -27.04
N ARG N 463 74.57 -17.13 -25.80
CA ARG N 463 75.37 -16.04 -25.25
C ARG N 463 75.35 -16.15 -23.73
N ALA N 464 76.53 -16.15 -23.10
CA ALA N 464 76.64 -16.29 -21.65
C ALA N 464 77.91 -15.59 -21.19
N CYS N 465 77.74 -14.41 -20.59
CA CYS N 465 78.90 -13.64 -20.15
C CYS N 465 78.74 -13.07 -18.74
N ALA N 466 77.51 -12.79 -18.29
CA ALA N 466 77.30 -12.03 -17.07
C ALA N 466 76.45 -12.74 -16.05
N ALA O 3 -9.27 70.61 62.06
CA ALA O 3 -9.85 69.53 61.29
C ALA O 3 -10.38 70.04 59.94
N PRO O 4 -10.11 69.30 58.87
CA PRO O 4 -10.57 69.73 57.55
C PRO O 4 -12.06 69.50 57.36
N GLN O 5 -12.66 70.37 56.54
CA GLN O 5 -14.06 70.23 56.14
C GLN O 5 -14.07 69.84 54.67
N PHE O 6 -14.72 68.73 54.36
CA PHE O 6 -14.65 68.15 53.02
C PHE O 6 -15.78 68.61 52.12
N HIS O 7 -16.61 69.55 52.57
CA HIS O 7 -17.62 70.18 51.72
C HIS O 7 -17.18 71.54 51.20
N ARG O 8 -16.02 72.03 51.62
CA ARG O 8 -15.48 73.31 51.19
C ARG O 8 -14.22 73.09 50.37
N PRO O 9 -14.06 73.75 49.22
CA PRO O 9 -12.85 73.53 48.41
C PRO O 9 -11.59 74.13 49.03
N SER O 10 -11.68 75.29 49.66
CA SER O 10 -10.51 76.02 50.13
C SER O 10 -10.10 75.67 51.55
N THR O 11 -10.41 74.46 52.03
CA THR O 11 -10.08 74.04 53.38
C THR O 11 -9.05 72.92 53.43
N ILE O 12 -9.08 72.01 52.47
CA ILE O 12 -8.23 70.81 52.51
C ILE O 12 -6.78 71.20 52.23
N THR O 13 -5.91 70.98 53.20
CA THR O 13 -4.47 71.21 53.06
C THR O 13 -3.74 69.88 53.25
N ALA O 14 -2.41 69.96 53.27
CA ALA O 14 -1.61 68.76 53.48
C ALA O 14 -1.51 68.41 54.96
N ASP O 15 -1.43 69.44 55.82
CA ASP O 15 -1.31 69.21 57.25
C ASP O 15 -2.62 68.78 57.89
N ASN O 16 -3.76 69.06 57.25
CA ASN O 16 -5.04 68.65 57.81
C ASN O 16 -5.28 67.16 57.59
N VAL O 17 -4.66 66.59 56.56
CA VAL O 17 -4.87 65.17 56.26
C VAL O 17 -3.84 64.31 56.98
N ARG O 18 -2.60 64.79 57.09
CA ARG O 18 -1.54 64.01 57.72
C ARG O 18 -1.70 63.92 59.23
N ALA O 19 -2.10 65.04 59.87
CA ALA O 19 -2.31 65.02 61.31
C ALA O 19 -3.52 64.19 61.71
N LEU O 20 -4.53 64.12 60.84
CA LEU O 20 -5.65 63.22 61.08
C LEU O 20 -5.22 61.78 60.79
N GLY O 21 -5.68 60.85 61.61
CA GLY O 21 -5.30 59.46 61.46
C GLY O 21 -5.96 58.80 60.27
N THR O 22 -5.38 57.67 59.86
CA THR O 22 -5.93 56.89 58.75
C THR O 22 -7.27 56.28 59.14
N ARG O 23 -7.42 55.83 60.37
CA ARG O 23 -8.73 55.42 60.87
C ARG O 23 -9.67 56.60 60.99
N GLY O 24 -9.15 57.77 61.38
CA GLY O 24 -9.96 58.96 61.50
C GLY O 24 -10.26 59.62 60.16
N LEU O 25 -9.53 59.25 59.12
CA LEU O 25 -9.79 59.80 57.79
C LEU O 25 -11.04 59.15 57.18
N VAL O 26 -11.40 57.98 57.68
CA VAL O 26 -12.56 57.26 57.13
C VAL O 26 -13.86 57.95 57.51
N LEU O 27 -14.10 58.13 58.81
CA LEU O 27 -15.39 58.62 59.28
C LEU O 27 -15.51 60.14 59.16
N ALA O 28 -14.40 60.86 58.96
CA ALA O 28 -14.48 62.31 58.78
C ALA O 28 -15.02 62.64 57.39
N THR O 29 -14.60 61.88 56.38
CA THR O 29 -15.07 62.13 55.03
C THR O 29 -16.46 61.57 54.79
N ASN O 30 -16.82 60.50 55.50
CA ASN O 30 -18.12 59.88 55.35
C ASN O 30 -19.25 60.66 56.03
N ASN O 31 -18.91 61.61 56.91
CA ASN O 31 -19.92 62.35 57.66
C ASN O 31 -19.94 63.83 57.26
N ALA O 32 -19.60 64.15 56.02
CA ALA O 32 -19.60 65.52 55.54
C ALA O 32 -20.98 65.88 55.01
N GLN O 33 -21.08 67.01 54.31
CA GLN O 33 -22.35 67.53 53.81
C GLN O 33 -22.45 67.32 52.31
N PHE O 34 -23.66 66.99 51.84
CA PHE O 34 -23.87 66.73 50.42
C PHE O 34 -23.82 68.02 49.60
N ILE O 35 -24.13 69.16 50.21
CA ILE O 35 -24.16 70.44 49.51
C ILE O 35 -22.74 70.95 49.35
N MET O 36 -22.36 71.30 48.11
CA MET O 36 -21.08 71.91 47.82
C MET O 36 -21.25 73.42 47.67
N ASP O 37 -20.38 74.18 48.34
CA ASP O 37 -20.48 75.63 48.38
C ASP O 37 -19.56 76.24 47.33
N ASN O 38 -20.02 77.34 46.71
CA ASN O 38 -19.36 77.89 45.52
C ASN O 38 -19.24 79.42 45.50
N SER O 39 -19.24 80.10 46.64
CA SER O 39 -19.02 81.55 46.62
C SER O 39 -17.60 81.94 47.00
N TYR O 40 -16.87 81.08 47.73
CA TYR O 40 -15.42 81.24 47.95
C TYR O 40 -14.76 79.91 47.58
N PRO O 41 -14.00 79.87 46.48
CA PRO O 41 -13.42 78.60 46.02
C PRO O 41 -12.00 78.38 46.53
N HIS O 42 -11.46 77.20 46.18
CA HIS O 42 -10.06 76.88 46.40
C HIS O 42 -9.18 77.74 45.49
N PRO O 43 -8.01 78.18 45.98
CA PRO O 43 -7.17 79.10 45.18
C PRO O 43 -6.60 78.50 43.91
N HIS O 44 -6.33 77.19 43.87
CA HIS O 44 -5.85 76.53 42.68
C HIS O 44 -6.97 75.89 41.86
N GLY O 45 -8.20 76.38 42.02
CA GLY O 45 -9.33 75.87 41.26
C GLY O 45 -9.96 74.66 41.90
N THR O 46 -10.96 74.10 41.20
CA THR O 46 -11.61 72.89 41.67
C THR O 46 -10.75 71.65 41.45
N GLN O 47 -9.92 71.65 40.40
CA GLN O 47 -9.04 70.53 40.15
C GLN O 47 -7.81 70.57 41.04
N GLY O 48 -7.42 71.75 41.51
CA GLY O 48 -6.20 71.87 42.30
C GLY O 48 -6.35 71.42 43.73
N ALA O 49 -7.59 71.42 44.26
CA ALA O 49 -7.80 70.96 45.63
C ALA O 49 -7.64 69.46 45.75
N VAL O 50 -7.87 68.73 44.66
CA VAL O 50 -7.68 67.28 44.68
C VAL O 50 -6.19 66.94 44.66
N ARG O 51 -5.38 67.84 44.10
CA ARG O 51 -3.93 67.67 44.16
C ARG O 51 -3.41 67.83 45.59
N GLU O 52 -4.03 68.71 46.37
CA GLU O 52 -3.55 68.97 47.72
C GLU O 52 -4.00 67.89 48.70
N PHE O 53 -5.18 67.30 48.45
CA PHE O 53 -5.71 66.24 49.30
C PHE O 53 -4.85 64.98 49.25
N LEU O 54 -4.24 64.69 48.11
CA LEU O 54 -3.47 63.47 47.97
C LEU O 54 -2.05 63.60 48.53
N ARG O 55 -1.65 64.80 48.94
CA ARG O 55 -0.34 64.95 49.59
C ARG O 55 -0.37 64.58 51.06
N GLY O 56 -1.55 64.33 51.62
CA GLY O 56 -1.65 63.91 53.01
C GLY O 56 -1.73 62.41 53.18
N GLN O 57 -2.33 61.72 52.21
CA GLN O 57 -2.46 60.27 52.31
C GLN O 57 -1.15 59.58 51.97
N ALA O 58 -0.34 60.19 51.10
CA ALA O 58 0.96 59.61 50.76
C ALA O 58 1.95 59.73 51.93
N ALA O 59 1.80 60.78 52.75
CA ALA O 59 2.63 60.91 53.93
C ALA O 59 2.03 60.23 55.15
N ALA O 60 0.87 59.59 54.99
CA ALA O 60 0.21 58.93 56.12
C ALA O 60 0.61 57.45 56.25
N LEU O 61 0.94 56.80 55.15
CA LEU O 61 1.41 55.41 55.22
C LEU O 61 2.83 55.35 55.78
N THR O 62 3.63 56.39 55.54
CA THR O 62 4.94 56.49 56.17
C THR O 62 4.82 56.67 57.68
N ASP O 63 3.75 57.33 58.13
CA ASP O 63 3.46 57.37 59.56
C ASP O 63 2.84 56.06 60.02
N LEU O 64 2.13 55.36 59.12
CA LEU O 64 1.58 54.05 59.47
C LEU O 64 2.67 52.98 59.46
N GLY O 65 3.74 53.20 58.69
CA GLY O 65 4.87 52.29 58.72
C GLY O 65 5.65 52.34 60.01
N VAL O 66 5.65 53.49 60.68
CA VAL O 66 6.26 53.62 62.01
C VAL O 66 5.47 52.86 63.07
N THR O 67 4.14 52.91 63.02
CA THR O 67 3.29 52.16 63.93
C THR O 67 3.35 50.66 63.68
N HIS O 68 3.76 50.23 62.48
CA HIS O 68 3.97 48.82 62.17
C HIS O 68 5.44 48.48 61.96
N ALA O 69 6.35 49.35 62.42
CA ALA O 69 7.78 49.05 62.35
C ALA O 69 8.18 47.97 63.33
N ASN O 70 7.41 47.78 64.40
CA ASN O 70 7.62 46.67 65.34
C ASN O 70 6.91 45.40 64.90
N ASN O 71 6.41 45.35 63.67
CA ASN O 71 5.78 44.17 63.11
C ASN O 71 6.60 43.53 62.00
N THR O 72 7.23 44.31 61.14
CA THR O 72 8.02 43.78 60.03
C THR O 72 9.50 44.09 60.25
N PHE O 73 10.32 43.66 59.30
CA PHE O 73 11.77 43.76 59.39
C PHE O 73 12.27 45.00 58.65
N ALA O 74 13.57 45.02 58.39
CA ALA O 74 14.15 45.99 57.47
C ALA O 74 14.22 45.40 56.07
N PRO O 75 13.59 46.01 55.06
CA PRO O 75 13.52 45.37 53.73
C PRO O 75 14.83 45.49 52.96
N GLN O 76 15.52 44.38 52.85
CA GLN O 76 16.70 44.12 52.04
C GLN O 76 16.37 44.28 50.56
N PRO O 77 17.35 44.62 49.70
CA PRO O 77 17.02 45.07 48.34
C PRO O 77 16.43 43.98 47.46
N MET O 78 15.54 44.45 46.58
CA MET O 78 14.71 43.65 45.69
C MET O 78 15.38 43.32 44.37
N PHE O 79 16.35 44.11 43.95
CA PHE O 79 16.89 43.98 42.63
C PHE O 79 18.40 44.19 42.61
N ALA O 80 19.04 43.49 41.68
CA ALA O 80 20.48 43.48 41.55
C ALA O 80 20.98 44.79 40.98
N GLY O 81 22.30 44.96 41.02
CA GLY O 81 22.90 46.27 40.81
C GLY O 81 23.03 47.09 42.07
N ASP O 82 22.42 46.65 43.17
CA ASP O 82 22.47 47.31 44.47
C ASP O 82 23.29 46.45 45.41
N ALA O 83 24.58 46.77 45.51
CA ALA O 83 25.46 46.14 46.49
C ALA O 83 26.62 47.07 46.77
N ALA O 84 27.14 46.99 47.99
CA ALA O 84 28.41 47.64 48.27
C ALA O 84 29.55 46.88 47.60
N ALA O 85 29.69 45.59 47.91
CA ALA O 85 30.76 44.76 47.34
C ALA O 85 30.23 44.12 46.06
N GLU O 86 30.63 44.69 44.92
CA GLU O 86 30.26 44.17 43.62
C GLU O 86 31.40 43.47 42.89
N TRP O 87 32.50 43.19 43.58
CA TRP O 87 33.71 42.69 42.94
C TRP O 87 34.08 41.26 43.34
N LEU O 88 33.55 40.74 44.42
CA LEU O 88 33.77 39.36 44.84
C LEU O 88 32.51 38.53 44.85
N ARG O 89 31.36 39.18 44.84
CA ARG O 89 30.03 38.58 44.86
C ARG O 89 29.11 39.40 43.96
N PRO O 90 27.94 38.89 43.57
CA PRO O 90 26.97 39.77 42.92
C PRO O 90 26.12 40.47 43.94
N SER O 91 25.27 41.37 43.45
CA SER O 91 24.11 41.84 44.18
C SER O 91 22.99 40.84 43.95
N PHE O 92 22.38 40.35 45.04
CA PHE O 92 21.18 39.55 44.88
C PHE O 92 19.98 40.47 44.70
N GLY O 93 18.82 39.89 44.52
CA GLY O 93 17.60 40.64 44.42
C GLY O 93 16.49 39.83 45.03
N LEU O 94 15.80 40.40 46.00
CA LEU O 94 14.74 39.66 46.68
C LEU O 94 13.50 39.62 45.84
N LYS O 95 13.20 38.45 45.30
CA LYS O 95 11.84 38.12 44.94
C LYS O 95 11.09 37.90 46.24
N ARG O 96 10.50 38.98 46.77
CA ARG O 96 10.07 39.00 48.17
C ARG O 96 8.83 38.13 48.35
N THR O 97 9.07 36.82 48.48
CA THR O 97 8.04 35.88 48.83
C THR O 97 7.97 35.62 50.33
N TYR O 98 8.70 36.38 51.14
CA TYR O 98 8.76 36.09 52.58
C TYR O 98 7.53 36.62 53.28
N SER O 99 7.40 36.28 54.56
CA SER O 99 6.32 36.75 55.42
C SER O 99 6.94 37.72 56.41
N PRO O 100 6.87 39.02 56.15
CA PRO O 100 7.42 39.98 57.12
C PRO O 100 6.55 40.05 58.37
N PHE O 101 7.00 39.41 59.43
CA PHE O 101 6.20 39.29 60.65
C PHE O 101 7.11 39.02 61.83
N VAL O 102 6.93 39.80 62.90
CA VAL O 102 7.70 39.66 64.12
C VAL O 102 6.75 39.29 65.24
N VAL O 103 6.97 38.13 65.84
CA VAL O 103 6.12 37.65 66.93
C VAL O 103 6.41 38.43 68.21
N ALA P 3 39.58 44.86 62.66
CA ALA P 3 38.46 44.68 61.74
C ALA P 3 38.82 45.16 60.33
N PRO P 4 38.73 44.27 59.35
CA PRO P 4 39.09 44.64 57.98
C PRO P 4 38.07 45.58 57.34
N GLN P 5 38.59 46.63 56.71
CA GLN P 5 37.77 47.67 56.09
C GLN P 5 37.51 47.27 54.65
N PHE P 6 36.24 47.10 54.30
CA PHE P 6 35.85 46.52 53.02
C PHE P 6 35.86 47.51 51.87
N HIS P 7 36.22 48.77 52.12
CA HIS P 7 36.35 49.76 51.05
C HIS P 7 37.79 50.04 50.67
N ARG P 8 38.75 49.36 51.30
CA ARG P 8 40.15 49.38 50.86
C ARG P 8 40.61 47.94 50.68
N PRO P 9 41.07 47.55 49.48
CA PRO P 9 41.50 46.16 49.28
C PRO P 9 42.81 45.81 49.98
N SER P 10 43.50 46.77 50.59
CA SER P 10 44.79 46.54 51.24
C SER P 10 44.66 46.12 52.70
N THR P 11 43.55 45.49 53.06
CA THR P 11 43.28 45.16 54.46
C THR P 11 42.84 43.70 54.62
N ILE P 12 42.40 43.04 53.55
CA ILE P 12 41.89 41.68 53.64
C ILE P 12 43.06 40.70 53.78
N THR P 13 43.11 40.00 54.91
CA THR P 13 44.01 38.87 55.13
C THR P 13 43.16 37.65 55.51
N ALA P 14 43.80 36.50 55.62
CA ALA P 14 43.07 35.26 55.93
C ALA P 14 42.76 35.17 57.42
N ASP P 15 43.63 35.73 58.27
CA ASP P 15 43.38 35.73 59.71
C ASP P 15 42.24 36.65 60.11
N ASN P 16 41.99 37.71 59.33
CA ASN P 16 40.97 38.68 59.70
C ASN P 16 39.59 38.22 59.27
N VAL P 17 39.51 37.30 58.31
CA VAL P 17 38.21 36.84 57.83
C VAL P 17 37.82 35.52 58.48
N ARG P 18 38.80 34.65 58.77
CA ARG P 18 38.49 33.37 59.43
C ARG P 18 38.03 33.59 60.86
N ALA P 19 38.57 34.61 61.54
CA ALA P 19 38.07 34.94 62.87
C ALA P 19 36.65 35.52 62.82
N LEU P 20 36.23 36.03 61.67
CA LEU P 20 34.86 36.47 61.48
C LEU P 20 33.95 35.31 61.08
N GLY P 21 32.81 35.19 61.76
CA GLY P 21 31.85 34.17 61.42
C GLY P 21 31.11 34.48 60.13
N THR P 22 30.46 33.46 59.59
CA THR P 22 29.72 33.64 58.34
C THR P 22 28.34 34.24 58.58
N ARG P 23 27.84 34.12 59.81
CA ARG P 23 26.64 34.84 60.21
C ARG P 23 26.83 36.36 60.10
N GLY P 24 28.00 36.86 60.49
CA GLY P 24 28.27 38.28 60.43
C GLY P 24 28.81 38.80 59.10
N LEU P 25 29.23 37.89 58.21
CA LEU P 25 29.79 38.32 56.93
C LEU P 25 28.66 38.57 55.93
N VAL P 26 27.44 38.17 56.26
CA VAL P 26 26.29 38.54 55.43
C VAL P 26 26.04 40.04 55.53
N LEU P 27 26.01 40.58 56.76
CA LEU P 27 25.68 41.97 57.00
C LEU P 27 26.81 42.93 56.64
N ALA P 28 28.06 42.51 56.82
CA ALA P 28 29.19 43.41 56.63
C ALA P 28 29.43 43.72 55.16
N THR P 29 28.93 42.87 54.27
CA THR P 29 29.11 43.10 52.84
C THR P 29 28.06 44.06 52.28
N ASN P 30 26.83 44.02 52.79
CA ASN P 30 25.77 44.88 52.27
C ASN P 30 25.71 46.24 52.94
N ASN P 31 26.44 46.46 54.04
CA ASN P 31 26.35 47.68 54.82
C ASN P 31 27.61 48.54 54.71
N ALA P 32 28.45 48.28 53.71
CA ALA P 32 29.73 48.96 53.57
C ALA P 32 29.53 50.30 52.85
N GLN P 33 30.63 50.89 52.40
CA GLN P 33 30.61 52.13 51.64
C GLN P 33 30.74 51.79 50.15
N PHE P 34 29.86 52.40 49.34
CA PHE P 34 29.82 52.08 47.92
C PHE P 34 31.05 52.60 47.19
N ILE P 35 31.68 53.64 47.71
CA ILE P 35 32.80 54.28 47.04
C ILE P 35 34.03 53.41 47.19
N MET P 36 34.44 52.78 46.09
CA MET P 36 35.72 52.09 46.00
C MET P 36 36.84 53.12 46.09
N ASP P 37 37.84 52.85 46.91
CA ASP P 37 39.00 53.71 47.01
C ASP P 37 40.19 53.12 46.27
N ASN P 38 41.01 53.99 45.70
CA ASN P 38 42.19 53.58 44.94
C ASN P 38 43.43 54.40 45.25
N SER P 39 43.81 54.53 46.52
CA SER P 39 45.10 55.11 46.86
C SER P 39 46.01 54.11 47.57
N TYR P 40 45.52 52.92 47.90
CA TYR P 40 46.34 51.86 48.48
C TYR P 40 45.99 50.55 47.77
N PRO P 41 46.81 50.12 46.82
CA PRO P 41 46.53 48.87 46.10
C PRO P 41 46.95 47.64 46.90
N HIS P 42 46.85 46.48 46.24
CA HIS P 42 47.12 45.22 46.91
C HIS P 42 48.42 44.59 46.37
N PRO P 43 49.19 43.90 47.24
CA PRO P 43 50.48 43.34 46.78
C PRO P 43 50.34 42.13 45.86
N HIS P 44 49.32 41.30 46.02
CA HIS P 44 49.06 40.18 45.12
C HIS P 44 48.19 40.58 43.93
N GLY P 45 48.05 41.87 43.67
CA GLY P 45 47.09 42.36 42.70
C GLY P 45 45.68 42.41 43.28
N THR P 46 44.80 43.09 42.54
CA THR P 46 43.40 43.14 42.95
C THR P 46 42.71 41.80 42.73
N GLN P 47 43.21 41.00 41.78
CA GLN P 47 42.71 39.63 41.65
C GLN P 47 43.23 38.74 42.77
N GLY P 48 44.40 39.06 43.31
CA GLY P 48 44.91 38.31 44.45
C GLY P 48 44.24 38.71 45.75
N ALA P 49 43.62 39.89 45.80
CA ALA P 49 42.86 40.27 46.98
C ALA P 49 41.56 39.48 47.08
N VAL P 50 40.98 39.10 45.94
CA VAL P 50 39.81 38.22 45.95
C VAL P 50 40.23 36.82 46.38
N ARG P 51 41.44 36.40 45.99
CA ARG P 51 41.98 35.11 46.41
C ARG P 51 42.21 35.07 47.92
N GLU P 52 42.71 36.16 48.49
CA GLU P 52 42.97 36.24 49.92
C GLU P 52 41.66 36.31 50.72
N PHE P 53 40.59 36.74 50.06
CA PHE P 53 39.27 36.81 50.69
C PHE P 53 38.64 35.43 50.81
N LEU P 54 38.92 34.53 49.86
CA LEU P 54 38.15 33.29 49.77
C LEU P 54 38.78 32.12 50.50
N ARG P 55 40.10 32.14 50.71
CA ARG P 55 40.68 31.29 51.74
C ARG P 55 40.25 31.74 53.12
N GLY P 56 39.95 33.03 53.30
CA GLY P 56 39.40 33.54 54.54
C GLY P 56 37.99 33.07 54.79
N GLN P 57 37.23 32.81 53.72
CA GLN P 57 35.91 32.25 53.90
C GLN P 57 35.95 30.73 54.02
N ALA P 58 36.77 30.07 53.19
CA ALA P 58 36.79 28.61 53.17
C ALA P 58 37.36 28.02 54.46
N ALA P 59 38.45 28.59 54.98
CA ALA P 59 39.00 28.11 56.24
C ALA P 59 38.13 28.52 57.43
N ALA P 60 37.22 29.48 57.25
CA ALA P 60 36.25 29.82 58.29
C ALA P 60 35.08 28.85 58.34
N LEU P 61 34.98 27.93 57.37
CA LEU P 61 33.88 26.97 57.36
C LEU P 61 34.08 25.89 58.41
N THR P 62 35.33 25.68 58.84
CA THR P 62 35.54 24.84 60.01
C THR P 62 34.98 25.50 61.27
N ASP P 63 35.07 26.82 61.36
CA ASP P 63 34.60 27.54 62.54
C ASP P 63 33.08 27.48 62.67
N LEU P 64 32.36 27.64 61.57
CA LEU P 64 30.90 27.56 61.62
C LEU P 64 30.45 26.11 61.84
N GLY P 65 31.33 25.15 61.53
CA GLY P 65 31.00 23.76 61.79
C GLY P 65 31.32 23.31 63.20
N VAL P 66 32.42 23.81 63.78
CA VAL P 66 32.78 23.45 65.15
C VAL P 66 31.82 24.03 66.17
N THR P 67 31.19 25.18 65.88
CA THR P 67 30.09 25.66 66.71
C THR P 67 28.86 24.77 66.63
N HIS P 68 28.73 23.96 65.57
CA HIS P 68 27.67 22.96 65.45
C HIS P 68 28.19 21.54 65.61
N ALA P 69 29.15 21.32 66.52
CA ALA P 69 29.73 19.99 66.68
C ALA P 69 28.90 19.10 67.59
N ASN P 70 27.97 19.66 68.36
CA ASN P 70 27.00 18.87 69.12
C ASN P 70 25.76 18.53 68.30
N ASN P 71 25.80 18.77 66.99
CA ASN P 71 24.62 18.64 66.15
C ASN P 71 24.65 17.45 65.22
N THR P 72 25.68 17.30 64.38
CA THR P 72 25.72 16.27 63.36
C THR P 72 26.41 15.02 63.91
N PHE P 73 26.44 13.98 63.09
CA PHE P 73 27.00 12.69 63.47
C PHE P 73 28.44 12.58 63.04
N ALA P 74 29.01 11.40 63.24
CA ALA P 74 30.36 11.11 62.76
C ALA P 74 30.35 11.02 61.24
N PRO P 75 31.39 11.51 60.56
CA PRO P 75 31.42 11.38 59.10
C PRO P 75 31.67 9.93 58.69
N GLN P 76 30.62 9.28 58.21
CA GLN P 76 30.70 7.91 57.71
C GLN P 76 31.53 7.88 56.44
N PRO P 77 32.28 6.79 56.21
CA PRO P 77 32.97 6.66 54.93
C PRO P 77 31.99 6.51 53.77
N MET P 78 31.98 7.54 52.93
CA MET P 78 31.02 7.69 51.85
C MET P 78 31.19 6.65 50.77
N PHE P 79 32.41 6.14 50.61
CA PHE P 79 32.79 5.28 49.50
C PHE P 79 33.63 4.12 50.00
N ALA P 80 33.85 3.17 49.10
CA ALA P 80 34.72 2.05 49.39
C ALA P 80 36.18 2.52 49.46
N GLY P 81 37.05 1.61 49.89
CA GLY P 81 38.46 1.92 50.05
C GLY P 81 38.82 2.66 51.32
N ASP P 82 37.86 3.09 52.13
CA ASP P 82 38.13 3.85 53.34
C ASP P 82 37.72 3.00 54.55
N ALA P 83 38.60 2.07 54.92
CA ALA P 83 38.46 1.20 56.09
C ALA P 83 39.79 0.50 56.28
N ALA P 84 40.05 0.05 57.51
CA ALA P 84 41.35 -0.56 57.83
C ALA P 84 41.38 -2.03 57.44
N ALA P 85 40.54 -2.85 58.06
CA ALA P 85 40.56 -4.30 57.87
C ALA P 85 39.88 -4.62 56.55
N GLU P 86 40.67 -5.12 55.59
CA GLU P 86 40.17 -5.39 54.26
C GLU P 86 40.21 -6.87 53.87
N TRP P 87 40.80 -7.73 54.70
CA TRP P 87 41.15 -9.08 54.26
C TRP P 87 40.02 -10.08 54.34
N LEU P 88 38.94 -9.81 55.08
CA LEU P 88 37.80 -10.71 55.09
C LEU P 88 36.48 -10.06 54.70
N ARG P 89 36.27 -8.81 55.10
CA ARG P 89 35.09 -8.02 54.77
C ARG P 89 35.51 -6.79 53.97
N PRO P 90 34.62 -6.24 53.10
CA PRO P 90 35.07 -5.12 52.26
C PRO P 90 35.03 -3.80 53.01
N SER P 91 35.30 -2.72 52.31
CA SER P 91 35.12 -1.37 52.82
C SER P 91 33.81 -0.84 52.28
N PHE P 92 32.87 -0.54 53.18
CA PHE P 92 31.58 -0.06 52.75
C PHE P 92 31.67 1.39 52.31
N GLY P 93 30.62 1.85 51.65
CA GLY P 93 30.47 3.27 51.39
C GLY P 93 29.08 3.71 51.76
N LEU P 94 28.99 4.62 52.71
CA LEU P 94 27.68 4.95 53.26
C LEU P 94 27.13 6.20 52.58
N LYS P 95 26.03 6.01 51.86
CA LYS P 95 25.31 7.10 51.23
C LYS P 95 24.75 8.00 52.34
N ARG P 96 25.26 9.22 52.43
CA ARG P 96 24.97 10.08 53.57
C ARG P 96 23.68 10.88 53.33
N THR P 97 22.62 10.18 52.94
CA THR P 97 21.33 10.80 52.69
C THR P 97 20.50 10.96 53.96
N TYR P 98 21.07 10.71 55.12
CA TYR P 98 20.36 10.71 56.39
C TYR P 98 20.11 12.14 56.87
N SER P 99 19.66 12.27 58.11
CA SER P 99 19.47 13.55 58.77
C SER P 99 20.55 13.69 59.84
N PRO P 100 21.59 14.47 59.59
CA PRO P 100 22.55 14.75 60.68
C PRO P 100 21.99 15.73 61.70
N PHE P 101 21.51 15.18 62.83
CA PHE P 101 20.88 15.95 63.87
C PHE P 101 20.87 15.14 65.17
N VAL P 102 21.41 15.73 66.23
CA VAL P 102 21.41 15.15 67.56
C VAL P 102 20.70 16.10 68.50
N VAL P 103 19.64 15.63 69.14
CA VAL P 103 18.85 16.44 70.07
C VAL P 103 19.67 16.76 71.33
N ALA Q 3 40.57 -9.04 74.08
CA ALA Q 3 40.62 -7.91 73.18
C ALA Q 3 41.78 -8.05 72.19
N PRO Q 4 41.48 -8.25 70.92
CA PRO Q 4 42.54 -8.50 69.92
C PRO Q 4 43.07 -7.24 69.28
N GLN Q 5 44.30 -7.34 68.79
CA GLN Q 5 44.87 -6.39 67.84
C GLN Q 5 44.64 -6.94 66.45
N PHE Q 6 43.83 -6.24 65.66
CA PHE Q 6 43.29 -6.72 64.40
C PHE Q 6 44.29 -6.72 63.26
N HIS Q 7 45.49 -6.16 63.47
CA HIS Q 7 46.56 -6.24 62.49
C HIS Q 7 47.41 -7.49 62.67
N ARG Q 8 47.11 -8.32 63.66
CA ARG Q 8 47.88 -9.54 63.92
C ARG Q 8 46.98 -10.76 63.73
N PRO Q 9 47.30 -11.67 62.81
CA PRO Q 9 46.51 -12.91 62.71
C PRO Q 9 46.80 -13.88 63.85
N SER Q 10 47.90 -13.71 64.57
CA SER Q 10 48.28 -14.61 65.66
C SER Q 10 47.60 -14.27 66.98
N THR Q 11 46.66 -13.31 66.97
CA THR Q 11 45.93 -12.89 68.16
C THR Q 11 44.49 -13.40 68.16
N ILE Q 12 43.86 -13.46 66.99
CA ILE Q 12 42.47 -13.90 66.87
C ILE Q 12 42.42 -15.42 67.02
N THR Q 13 41.77 -15.91 68.08
CA THR Q 13 41.51 -17.32 68.31
C THR Q 13 40.02 -17.52 68.56
N ALA Q 14 39.66 -18.72 69.02
CA ALA Q 14 38.26 -19.05 69.25
C ALA Q 14 37.74 -18.43 70.55
N ASP Q 15 38.62 -17.82 71.34
CA ASP Q 15 38.20 -17.29 72.64
C ASP Q 15 38.22 -15.76 72.68
N ASN Q 16 39.02 -15.11 71.85
CA ASN Q 16 39.06 -13.65 71.86
C ASN Q 16 38.13 -13.07 70.80
N VAL Q 17 37.12 -13.83 70.37
CA VAL Q 17 36.06 -13.26 69.55
C VAL Q 17 34.74 -13.22 70.33
N ARG Q 18 34.44 -14.27 71.10
CA ARG Q 18 33.18 -14.34 71.82
C ARG Q 18 33.25 -13.57 73.14
N ALA Q 19 34.44 -13.48 73.76
CA ALA Q 19 34.60 -12.70 74.98
C ALA Q 19 34.41 -11.21 74.71
N LEU Q 20 34.69 -10.77 73.49
CA LEU Q 20 34.20 -9.48 73.03
C LEU Q 20 32.74 -9.62 72.63
N GLY Q 21 31.92 -8.65 73.04
CA GLY Q 21 30.50 -8.73 72.76
C GLY Q 21 30.16 -8.35 71.34
N THR Q 22 28.88 -8.57 70.98
CA THR Q 22 28.39 -8.20 69.64
C THR Q 22 28.44 -6.70 69.42
N ARG Q 23 28.13 -5.91 70.45
CA ARG Q 23 28.32 -4.47 70.34
C ARG Q 23 29.81 -4.13 70.36
N GLY Q 24 30.59 -4.90 71.10
CA GLY Q 24 32.04 -4.77 71.07
C GLY Q 24 32.63 -5.28 69.78
N LEU Q 25 31.87 -6.12 69.06
CA LEU Q 25 32.31 -6.58 67.75
C LEU Q 25 32.17 -5.47 66.70
N VAL Q 26 31.36 -4.46 66.99
CA VAL Q 26 31.18 -3.37 66.05
C VAL Q 26 32.37 -2.41 66.09
N LEU Q 27 32.64 -1.82 67.26
CA LEU Q 27 33.61 -0.73 67.34
C LEU Q 27 35.05 -1.19 67.28
N ALA Q 28 35.33 -2.46 67.59
CA ALA Q 28 36.71 -2.90 67.64
C ALA Q 28 37.26 -3.19 66.25
N THR Q 29 36.39 -3.63 65.33
CA THR Q 29 36.86 -4.07 64.02
C THR Q 29 37.17 -2.90 63.09
N ASN Q 30 36.57 -1.73 63.32
CA ASN Q 30 36.66 -0.65 62.36
C ASN Q 30 37.73 0.38 62.68
N ASN Q 31 38.26 0.39 63.91
CA ASN Q 31 39.30 1.33 64.31
C ASN Q 31 40.68 0.68 64.29
N ALA Q 32 40.94 -0.18 63.33
CA ALA Q 32 42.15 -0.98 63.30
C ALA Q 32 43.25 -0.27 62.51
N GLN Q 33 44.30 -1.00 62.17
CA GLN Q 33 45.45 -0.50 61.42
C GLN Q 33 45.44 -1.08 60.01
N PHE Q 34 45.94 -0.31 59.05
CA PHE Q 34 46.00 -0.77 57.66
C PHE Q 34 47.10 -1.82 57.47
N ILE Q 35 48.19 -1.72 58.24
CA ILE Q 35 49.39 -2.52 58.01
C ILE Q 35 49.17 -3.93 58.57
N MET Q 36 49.43 -4.94 57.74
CA MET Q 36 49.38 -6.34 58.14
C MET Q 36 50.79 -6.86 58.39
N ASP Q 37 50.93 -7.77 59.35
CA ASP Q 37 52.22 -8.34 59.72
C ASP Q 37 52.54 -9.59 58.89
N ASN Q 38 53.82 -9.73 58.52
CA ASN Q 38 54.33 -10.92 57.85
C ASN Q 38 55.11 -11.82 58.79
N SER Q 39 55.54 -11.32 59.95
CA SER Q 39 56.58 -11.96 60.75
C SER Q 39 56.09 -13.19 61.53
N TYR Q 40 54.81 -13.26 61.87
CA TYR Q 40 54.27 -14.39 62.63
C TYR Q 40 52.87 -14.69 62.11
N PRO Q 41 52.73 -15.69 61.25
CA PRO Q 41 51.42 -15.96 60.63
C PRO Q 41 50.49 -16.73 61.55
N HIS Q 42 49.25 -16.87 61.08
CA HIS Q 42 48.27 -17.70 61.77
C HIS Q 42 48.63 -19.17 61.56
N PRO Q 43 48.61 -19.98 62.62
CA PRO Q 43 49.08 -21.38 62.48
C PRO Q 43 48.19 -22.27 61.62
N HIS Q 44 46.90 -21.99 61.51
CA HIS Q 44 46.02 -22.76 60.64
C HIS Q 44 45.87 -22.13 59.26
N GLY Q 45 46.52 -20.99 59.02
CA GLY Q 45 46.50 -20.34 57.73
C GLY Q 45 45.66 -19.07 57.71
N THR Q 46 45.77 -18.34 56.59
CA THR Q 46 44.93 -17.15 56.38
C THR Q 46 43.48 -17.54 56.19
N GLN Q 47 43.19 -18.51 55.31
CA GLN Q 47 41.86 -19.10 55.25
C GLN Q 47 41.54 -19.88 56.53
N GLY Q 48 42.57 -20.38 57.21
CA GLY Q 48 42.37 -20.96 58.54
C GLY Q 48 42.17 -19.91 59.61
N ALA Q 49 42.52 -18.65 59.31
CA ALA Q 49 42.07 -17.55 60.15
C ALA Q 49 40.68 -17.09 59.75
N VAL Q 50 40.30 -17.30 58.49
CA VAL Q 50 38.93 -17.06 58.06
C VAL Q 50 37.98 -18.05 58.72
N ARG Q 51 38.43 -19.31 58.88
CA ARG Q 51 37.71 -20.29 59.69
C ARG Q 51 37.58 -19.85 61.14
N GLU Q 52 38.56 -19.10 61.65
CA GLU Q 52 38.66 -18.91 63.10
C GLU Q 52 37.80 -17.76 63.59
N PHE Q 53 37.78 -16.64 62.85
CA PHE Q 53 37.06 -15.45 63.30
C PHE Q 53 35.58 -15.51 62.97
N LEU Q 54 35.22 -16.25 61.92
CA LEU Q 54 33.83 -16.25 61.46
C LEU Q 54 32.94 -17.22 62.23
N ARG Q 55 33.50 -18.06 63.09
CA ARG Q 55 32.65 -18.90 63.93
C ARG Q 55 32.27 -18.21 65.23
N GLY Q 56 32.96 -17.14 65.60
CA GLY Q 56 32.68 -16.40 66.81
C GLY Q 56 31.73 -15.24 66.58
N GLN Q 57 31.42 -14.95 65.32
CA GLN Q 57 30.38 -13.98 65.01
C GLN Q 57 29.00 -14.60 65.15
N ALA Q 58 28.85 -15.86 64.73
CA ALA Q 58 27.59 -16.57 64.94
C ALA Q 58 27.46 -17.07 66.37
N ALA Q 59 28.58 -17.14 67.09
CA ALA Q 59 28.54 -17.53 68.51
C ALA Q 59 27.91 -16.44 69.37
N ALA Q 60 28.11 -15.17 69.02
CA ALA Q 60 27.48 -14.08 69.75
C ALA Q 60 26.06 -13.83 69.29
N LEU Q 61 25.61 -14.50 68.23
CA LEU Q 61 24.27 -14.26 67.71
C LEU Q 61 23.19 -14.80 68.62
N THR Q 62 23.30 -16.06 69.04
CA THR Q 62 22.26 -16.64 69.88
C THR Q 62 22.38 -16.16 71.33
N ASP Q 63 23.57 -15.70 71.74
CA ASP Q 63 23.69 -15.11 73.07
C ASP Q 63 23.24 -13.65 73.08
N LEU Q 64 23.17 -13.02 71.90
CA LEU Q 64 22.47 -11.75 71.80
C LEU Q 64 20.96 -11.97 71.85
N GLY Q 65 20.52 -13.20 71.52
CA GLY Q 65 19.15 -13.59 71.80
C GLY Q 65 18.95 -14.08 73.21
N VAL Q 66 20.02 -14.15 74.00
CA VAL Q 66 19.90 -14.36 75.45
C VAL Q 66 19.75 -13.03 76.20
N THR Q 67 20.50 -12.01 75.78
CA THR Q 67 20.30 -10.64 76.27
C THR Q 67 18.90 -10.13 75.94
N HIS Q 68 18.32 -10.55 74.82
CA HIS Q 68 17.00 -10.16 74.36
C HIS Q 68 15.97 -11.27 74.53
N ALA Q 69 16.22 -12.22 75.44
CA ALA Q 69 15.37 -13.40 75.54
C ALA Q 69 13.99 -13.09 76.12
N ASN Q 70 13.87 -12.03 76.91
CA ASN Q 70 12.59 -11.63 77.48
C ASN Q 70 11.75 -10.77 76.53
N ASN Q 71 12.18 -10.63 75.27
CA ASN Q 71 11.44 -9.87 74.28
C ASN Q 71 10.91 -10.72 73.14
N THR Q 72 11.69 -11.64 72.59
CA THR Q 72 11.19 -12.64 71.65
C THR Q 72 10.76 -13.89 72.43
N PHE Q 73 9.73 -14.56 71.93
CA PHE Q 73 9.04 -15.60 72.67
C PHE Q 73 9.79 -16.93 72.61
N ALA Q 74 9.11 -17.97 73.08
CA ALA Q 74 9.62 -19.34 72.97
C ALA Q 74 9.61 -19.75 71.50
N PRO Q 75 10.75 -20.14 70.93
CA PRO Q 75 10.81 -20.39 69.48
C PRO Q 75 10.04 -21.64 69.09
N GLN Q 76 8.96 -21.43 68.34
CA GLN Q 76 8.04 -22.48 67.91
C GLN Q 76 8.62 -23.23 66.71
N PRO Q 77 8.23 -24.49 66.54
CA PRO Q 77 8.49 -25.16 65.25
C PRO Q 77 7.71 -24.49 64.14
N MET Q 78 8.46 -24.09 63.12
CA MET Q 78 7.91 -23.37 61.99
C MET Q 78 7.35 -24.27 60.92
N PHE Q 79 7.48 -25.59 61.11
CA PHE Q 79 7.22 -26.57 60.07
C PHE Q 79 6.52 -27.78 60.67
N ALA Q 80 5.81 -28.50 59.81
CA ALA Q 80 5.12 -29.72 60.19
C ALA Q 80 6.11 -30.86 60.43
N GLY Q 81 5.63 -31.91 61.08
CA GLY Q 81 6.48 -32.99 61.52
C GLY Q 81 7.06 -32.81 62.89
N ASP Q 82 6.60 -31.81 63.65
CA ASP Q 82 7.14 -31.48 64.96
C ASP Q 82 5.94 -31.21 65.88
N ALA Q 83 5.53 -32.23 66.64
CA ALA Q 83 4.49 -32.08 67.63
C ALA Q 83 4.76 -33.06 68.76
N ALA Q 84 4.32 -32.71 69.96
CA ALA Q 84 4.58 -33.57 71.11
C ALA Q 84 3.55 -34.70 71.19
N ALA Q 85 2.28 -34.37 71.06
CA ALA Q 85 1.23 -35.37 70.92
C ALA Q 85 0.81 -35.33 69.45
N GLU Q 86 0.99 -36.45 68.76
CA GLU Q 86 0.79 -36.51 67.32
C GLU Q 86 -0.40 -37.37 66.89
N TRP Q 87 -0.87 -38.27 67.75
CA TRP Q 87 -1.81 -39.31 67.34
C TRP Q 87 -3.27 -38.86 67.36
N LEU Q 88 -3.64 -37.92 68.23
CA LEU Q 88 -4.98 -37.35 68.23
C LEU Q 88 -5.03 -35.99 67.56
N ARG Q 89 -3.91 -35.28 67.50
CA ARG Q 89 -3.85 -33.97 66.89
C ARG Q 89 -2.48 -33.74 66.25
N PRO Q 90 -2.43 -33.06 65.10
CA PRO Q 90 -1.20 -33.09 64.29
C PRO Q 90 -0.24 -31.95 64.53
N SER Q 91 0.81 -31.89 63.70
CA SER Q 91 1.81 -30.83 63.74
C SER Q 91 1.48 -29.78 62.70
N PHE Q 92 1.36 -28.52 63.13
CA PHE Q 92 1.28 -27.40 62.21
C PHE Q 92 2.67 -26.89 61.91
N GLY Q 93 2.76 -25.75 61.26
CA GLY Q 93 4.03 -25.10 61.11
C GLY Q 93 3.89 -23.60 61.05
N LEU Q 94 4.55 -22.90 61.96
CA LEU Q 94 4.24 -21.50 62.17
C LEU Q 94 5.14 -20.61 61.34
N LYS Q 95 4.54 -19.97 60.35
CA LYS Q 95 5.17 -18.88 59.62
C LYS Q 95 5.48 -17.75 60.60
N ARG Q 96 6.75 -17.48 60.89
CA ARG Q 96 7.04 -16.46 61.89
C ARG Q 96 7.06 -15.07 61.24
N THR Q 97 5.93 -14.71 60.64
CA THR Q 97 5.68 -13.37 60.15
C THR Q 97 5.15 -12.45 61.22
N TYR Q 98 5.01 -12.95 62.44
CA TYR Q 98 4.37 -12.20 63.52
C TYR Q 98 5.34 -11.16 64.08
N SER Q 99 4.99 -10.63 65.25
CA SER Q 99 5.84 -9.68 65.97
C SER Q 99 6.36 -10.36 67.22
N PRO Q 100 7.55 -10.97 67.16
CA PRO Q 100 8.18 -11.43 68.41
C PRO Q 100 8.64 -10.22 69.19
N PHE Q 101 7.87 -9.87 70.20
CA PHE Q 101 7.99 -8.57 70.85
C PHE Q 101 7.23 -8.61 72.17
N VAL Q 102 7.93 -8.27 73.26
CA VAL Q 102 7.36 -8.20 74.59
C VAL Q 102 7.67 -6.83 75.19
N VAL Q 103 6.62 -6.09 75.54
CA VAL Q 103 6.78 -4.81 76.21
C VAL Q 103 7.24 -5.01 77.66
N MET R 1 67.30 0.09 6.66
CA MET R 1 68.24 -1.02 6.64
C MET R 1 69.36 -0.73 5.65
N ASN R 2 69.02 -0.65 4.38
CA ASN R 2 70.03 -0.52 3.33
C ASN R 2 70.54 0.91 3.21
N ALA R 3 69.76 1.88 3.68
CA ALA R 3 70.26 3.25 3.72
C ALA R 3 71.36 3.41 4.76
N HIS R 4 71.30 2.60 5.82
CA HIS R 4 72.46 2.46 6.69
C HIS R 4 73.58 1.70 6.01
N PHE R 5 73.24 0.90 4.99
CA PHE R 5 74.26 0.05 4.38
C PHE R 5 74.92 0.74 3.20
N ALA R 6 74.14 1.49 2.41
CA ALA R 6 74.67 2.10 1.19
C ALA R 6 75.52 3.32 1.52
N ASN R 7 75.27 3.96 2.67
CA ASN R 7 76.13 5.04 3.11
C ASN R 7 77.50 4.52 3.54
N GLU R 8 77.55 3.25 3.96
CA GLU R 8 78.83 2.61 4.24
C GLU R 8 79.64 2.38 2.97
N VAL R 9 78.98 2.29 1.82
CA VAL R 9 79.70 2.22 0.55
C VAL R 9 80.32 3.57 0.24
N GLN R 10 79.68 4.65 0.68
CA GLN R 10 80.32 5.95 0.65
C GLN R 10 81.36 6.09 1.75
N TYR R 11 81.30 5.22 2.76
CA TYR R 11 82.38 5.14 3.72
C TYR R 11 83.48 4.20 3.22
N ASP R 12 83.18 3.45 2.16
CA ASP R 12 84.20 2.64 1.49
C ASP R 12 85.02 3.48 0.51
N LEU R 13 84.75 4.78 0.48
CA LEU R 13 85.52 5.69 -0.41
C LEU R 13 86.58 6.41 0.44
N THR R 14 86.86 7.70 0.15
CA THR R 14 87.85 8.52 0.91
C THR R 14 89.28 8.01 0.72
N ARG R 15 89.52 6.70 0.89
CA ARG R 15 90.88 6.11 0.74
C ARG R 15 91.85 6.83 1.69
N ASP R 16 92.71 7.70 1.14
CA ASP R 16 93.54 8.61 1.97
C ASP R 16 93.05 10.04 1.77
N PRO R 17 92.09 10.54 2.58
CA PRO R 17 91.49 11.86 2.36
C PRO R 17 92.23 12.96 3.14
N SER R 18 91.55 14.07 3.42
CA SER R 18 92.16 15.18 4.21
C SER R 18 92.12 14.83 5.70
N SER R 19 91.07 14.12 6.14
CA SER R 19 90.94 13.75 7.57
C SER R 19 90.26 12.38 7.69
N PRO R 20 90.87 11.42 8.42
CA PRO R 20 90.24 10.09 8.63
C PRO R 20 88.97 10.16 9.46
N ALA R 21 87.97 9.36 9.09
CA ALA R 21 86.62 9.56 9.62
C ALA R 21 85.96 8.29 10.16
N SER R 22 84.72 8.45 10.62
CA SER R 22 83.90 7.36 11.14
C SER R 22 82.51 7.49 10.55
N LEU R 23 81.56 6.75 11.12
CA LEU R 23 80.18 6.76 10.65
C LEU R 23 79.29 6.26 11.77
N ILE R 24 78.24 7.02 12.12
CA ILE R 24 77.33 6.65 13.19
C ILE R 24 75.92 6.53 12.63
N HIS R 25 75.29 5.37 12.84
CA HIS R 25 73.89 5.18 12.52
C HIS R 25 73.03 5.92 13.55
N VAL R 26 72.13 6.79 13.08
CA VAL R 26 71.27 7.59 13.95
C VAL R 26 69.84 7.49 13.45
N ILE R 27 68.95 6.93 14.27
CA ILE R 27 67.56 6.75 13.90
C ILE R 27 66.72 7.78 14.65
N ILE R 28 66.29 8.82 13.93
CA ILE R 28 65.31 9.76 14.44
C ILE R 28 63.93 9.15 14.32
N SER R 29 63.13 9.22 15.38
CA SER R 29 61.77 8.71 15.33
C SER R 29 60.80 9.83 14.92
N SER R 30 59.51 9.59 15.19
CA SER R 30 58.45 10.44 14.65
C SER R 30 58.39 11.80 15.33
N GLU R 31 58.27 11.84 16.66
CA GLU R 31 58.09 13.11 17.34
C GLU R 31 59.35 13.97 17.38
N CYS R 32 60.53 13.37 17.18
CA CYS R 32 61.73 14.19 17.06
C CYS R 32 61.77 14.92 15.72
N LEU R 33 61.10 14.38 14.71
CA LEU R 33 60.86 15.15 13.50
C LEU R 33 59.70 16.11 13.68
N ALA R 34 58.64 15.67 14.35
CA ALA R 34 57.41 16.46 14.44
C ALA R 34 57.62 17.69 15.31
N ALA R 35 58.30 17.54 16.44
CA ALA R 35 58.63 18.71 17.26
C ALA R 35 59.69 19.58 16.62
N ALA R 36 60.44 19.06 15.65
CA ALA R 36 61.42 19.88 14.94
C ALA R 36 60.77 20.83 13.97
N GLY R 37 59.69 20.41 13.31
CA GLY R 37 59.10 21.20 12.25
C GLY R 37 59.14 20.47 10.92
N VAL R 38 59.15 19.14 10.98
CA VAL R 38 59.18 18.30 9.78
C VAL R 38 57.78 17.74 9.57
N PRO R 39 57.14 18.02 8.44
CA PRO R 39 55.84 17.40 8.17
C PRO R 39 56.01 15.92 7.82
N LEU R 40 55.42 15.06 8.65
CA LEU R 40 55.62 13.63 8.50
C LEU R 40 54.83 13.07 7.33
N SER R 41 53.79 13.78 6.89
CA SER R 41 53.01 13.32 5.75
C SER R 41 53.80 13.45 4.45
N ALA R 42 54.63 14.49 4.36
CA ALA R 42 55.28 14.80 3.09
C ALA R 42 56.47 13.89 2.83
N LEU R 43 57.07 13.34 3.88
CA LEU R 43 58.14 12.35 3.69
C LEU R 43 57.60 10.94 3.67
N VAL R 44 56.35 10.76 4.11
CA VAL R 44 55.72 9.44 3.99
C VAL R 44 55.32 9.17 2.55
N ARG R 45 55.03 10.23 1.79
CA ARG R 45 54.70 10.14 0.36
C ARG R 45 55.84 9.55 -0.47
N ALA R 54 62.19 4.24 -1.07
CA ALA R 54 62.50 4.67 0.29
C ALA R 54 63.77 5.51 0.31
N ASN R 55 64.56 5.39 -0.75
CA ASN R 55 65.79 6.17 -0.90
C ASN R 55 65.46 7.65 -1.08
N PHE R 56 66.04 8.47 -0.20
CA PHE R 56 65.74 9.90 -0.22
C PHE R 56 67.02 10.67 0.05
N ARG R 57 67.18 11.80 -0.62
CA ARG R 57 68.41 12.57 -0.53
C ARG R 57 68.42 13.40 0.74
N VAL R 58 69.58 13.44 1.41
CA VAL R 58 69.80 14.33 2.54
C VAL R 58 71.07 15.12 2.28
N GLU R 59 70.97 16.45 2.32
CA GLU R 59 72.12 17.32 2.21
C GLU R 59 72.66 17.60 3.60
N THR R 60 73.92 17.22 3.84
CA THR R 60 74.53 17.33 5.16
C THR R 60 75.77 18.21 5.08
N GLN R 61 76.05 18.95 6.14
CA GLN R 61 77.32 19.64 6.30
C GLN R 61 77.67 19.72 7.78
N THR R 62 78.97 19.76 8.06
CA THR R 62 79.48 19.70 9.42
C THR R 62 80.16 21.00 9.79
N ARG R 63 80.02 21.39 11.05
CA ARG R 63 80.39 22.72 11.54
C ARG R 63 81.17 22.55 12.84
N ALA R 64 82.29 23.27 12.96
CA ALA R 64 83.02 23.30 14.21
C ALA R 64 82.31 24.21 15.21
N HIS R 65 82.65 24.06 16.49
CA HIS R 65 82.04 24.88 17.52
C HIS R 65 82.77 26.19 17.71
N ALA R 66 84.09 26.14 17.82
CA ALA R 66 84.86 27.29 18.25
C ALA R 66 84.99 28.34 17.17
N THR R 67 85.65 27.97 16.07
CA THR R 67 85.96 28.87 14.96
C THR R 67 85.85 28.10 13.66
N GLY R 68 86.32 28.74 12.60
CA GLY R 68 86.55 28.05 11.37
C GLY R 68 85.36 27.99 10.43
N ASP R 69 85.44 27.12 9.45
CA ASP R 69 84.52 27.10 8.33
C ASP R 69 83.56 25.94 8.51
N CYS R 70 82.87 25.59 7.44
CA CYS R 70 82.01 24.41 7.44
C CYS R 70 82.30 23.52 6.24
N THR R 71 81.71 22.34 6.27
CA THR R 71 81.74 21.42 5.14
C THR R 71 80.79 21.94 4.06
N PRO R 72 81.05 21.69 2.78
CA PRO R 72 79.99 21.86 1.78
C PRO R 72 78.93 20.79 1.92
N TRP R 73 77.80 21.03 1.24
CA TRP R 73 76.64 20.16 1.42
C TRP R 73 76.86 18.81 0.74
N ARG R 74 76.83 17.75 1.54
CA ARG R 74 77.07 16.39 1.08
C ARG R 74 75.75 15.67 0.85
N SER R 75 75.58 15.13 -0.34
CA SER R 75 74.40 14.37 -0.69
C SER R 75 74.47 13.00 -0.02
N ALA R 76 73.52 12.71 0.86
CA ALA R 76 73.46 11.45 1.58
C ALA R 76 72.17 10.73 1.24
N PHE R 77 71.92 9.64 1.97
CA PHE R 77 70.76 8.78 1.76
C PHE R 77 69.83 8.83 2.96
N ALA R 78 68.66 8.22 2.80
CA ALA R 78 67.67 8.15 3.86
C ALA R 78 66.77 6.95 3.62
N ALA R 79 66.11 6.51 4.69
CA ALA R 79 65.03 5.52 4.56
C ALA R 79 63.97 5.88 5.59
N TYR R 80 62.97 6.65 5.19
CA TYR R 80 61.89 7.05 6.08
C TYR R 80 60.76 6.04 6.00
N VAL R 81 60.66 5.19 7.02
CA VAL R 81 59.67 4.11 7.02
C VAL R 81 58.80 4.21 8.26
N PRO R 82 57.51 4.46 8.10
CA PRO R 82 56.61 4.44 9.27
C PRO R 82 56.32 3.03 9.74
N ALA R 83 56.93 2.66 10.86
CA ALA R 83 56.88 1.31 11.40
C ALA R 83 57.38 1.33 12.84
N ASP R 84 57.61 0.16 13.42
CA ASP R 84 58.50 0.07 14.57
C ASP R 84 59.95 0.02 14.06
N ALA R 85 60.58 1.19 14.00
CA ALA R 85 61.88 1.36 13.35
C ALA R 85 62.97 0.61 14.10
N VAL R 86 62.80 0.46 15.41
CA VAL R 86 63.66 -0.45 16.16
C VAL R 86 63.23 -1.89 15.91
N GLY R 87 61.92 -2.14 15.84
CA GLY R 87 61.44 -3.50 15.67
C GLY R 87 61.54 -4.05 14.26
N ALA R 88 61.70 -3.17 13.26
CA ALA R 88 61.79 -3.66 11.88
C ALA R 88 63.15 -4.27 11.58
N ILE R 89 64.21 -3.74 12.19
CA ILE R 89 65.52 -4.37 12.09
C ILE R 89 65.52 -5.70 12.84
N LEU R 90 64.84 -5.74 13.99
CA LEU R 90 64.87 -6.87 14.89
C LEU R 90 63.93 -7.98 14.42
N ALA R 91 62.73 -7.60 13.97
CA ALA R 91 61.76 -8.55 13.42
C ALA R 91 61.42 -8.15 11.99
N PRO R 92 62.25 -8.52 11.02
CA PRO R 92 61.98 -8.15 9.64
C PRO R 92 60.85 -8.97 9.03
N VAL R 93 60.43 -8.57 7.84
CA VAL R 93 59.23 -9.07 7.19
C VAL R 93 59.61 -9.73 5.88
N ILE R 94 59.48 -11.05 5.84
CA ILE R 94 59.51 -11.82 4.58
C ILE R 94 58.20 -11.57 3.84
N PRO R 95 58.20 -11.38 2.51
CA PRO R 95 56.93 -11.17 1.80
C PRO R 95 55.97 -12.35 1.89
N ALA R 96 56.47 -13.58 1.82
CA ALA R 96 55.60 -14.72 2.01
C ALA R 96 55.31 -14.95 3.48
N HIS R 97 56.26 -14.64 4.35
CA HIS R 97 56.14 -14.97 5.77
C HIS R 97 56.29 -13.72 6.63
N PRO R 98 55.27 -12.84 6.72
CA PRO R 98 55.40 -11.69 7.61
C PRO R 98 55.28 -12.04 9.08
N ASP R 99 54.72 -13.19 9.42
CA ASP R 99 54.64 -13.66 10.80
C ASP R 99 55.79 -14.61 11.15
N LEU R 100 56.95 -14.39 10.54
CA LEU R 100 58.16 -15.12 10.94
C LEU R 100 58.59 -14.71 12.34
N LEU R 101 58.37 -13.44 12.69
CA LEU R 101 58.67 -12.91 14.01
C LEU R 101 57.61 -11.90 14.44
N PRO R 102 56.57 -12.33 15.17
CA PRO R 102 55.62 -11.35 15.72
C PRO R 102 56.23 -10.58 16.87
N ARG R 103 55.92 -9.29 16.93
CA ARG R 103 56.65 -8.37 17.78
C ARG R 103 55.70 -7.39 18.45
N VAL R 104 56.28 -6.41 19.14
CA VAL R 104 55.55 -5.32 19.78
C VAL R 104 55.84 -4.05 18.98
N PRO R 105 54.83 -3.27 18.61
CA PRO R 105 55.07 -2.10 17.76
C PRO R 105 55.70 -0.94 18.52
N SER R 106 56.12 0.07 17.75
CA SER R 106 56.87 1.22 18.27
C SER R 106 56.71 2.39 17.30
N ALA R 107 57.41 3.48 17.62
CA ALA R 107 57.48 4.64 16.75
C ALA R 107 58.48 4.41 15.63
N GLY R 108 58.48 5.33 14.66
CA GLY R 108 59.33 5.17 13.50
C GLY R 108 59.78 6.48 12.88
N GLY R 109 60.81 6.41 12.02
CA GLY R 109 61.26 7.57 11.29
C GLY R 109 62.30 7.20 10.23
N LEU R 110 63.15 8.19 9.94
CA LEU R 110 64.14 8.08 8.89
C LEU R 110 65.38 7.31 9.37
N PHE R 111 65.90 6.47 8.46
CA PHE R 111 67.14 5.73 8.68
C PHE R 111 68.27 6.45 7.97
N VAL R 112 69.10 7.17 8.74
CA VAL R 112 70.24 7.90 8.18
C VAL R 112 71.46 7.68 9.07
N SER R 113 72.52 7.10 8.53
CA SER R 113 73.80 7.09 9.20
C SER R 113 74.60 8.33 8.82
N LEU R 114 75.39 8.84 9.77
CA LEU R 114 76.05 10.13 9.60
C LEU R 114 77.55 10.03 9.88
N PRO R 115 78.40 10.64 9.06
CA PRO R 115 79.84 10.53 9.26
C PRO R 115 80.35 11.44 10.37
N VAL R 116 81.58 11.17 10.80
CA VAL R 116 82.16 11.76 12.01
C VAL R 116 83.55 12.31 11.68
N ALA R 117 83.78 13.58 11.97
CA ALA R 117 85.10 14.17 11.89
C ALA R 117 85.97 13.69 13.05
N CYS R 118 87.18 13.23 12.75
CA CYS R 118 88.11 12.69 13.72
C CYS R 118 89.49 13.33 13.57
N ASP R 119 90.48 12.73 14.22
CA ASP R 119 91.88 13.10 14.09
C ASP R 119 92.68 11.87 13.68
N ALA R 120 93.97 12.10 13.38
CA ALA R 120 94.92 11.00 13.42
C ALA R 120 95.08 10.56 14.87
N GLN R 121 94.78 9.28 15.12
CA GLN R 121 94.43 8.77 16.45
C GLN R 121 93.29 9.60 17.03
N GLY R 122 92.12 9.42 16.40
CA GLY R 122 90.94 10.24 16.56
C GLY R 122 90.44 10.57 17.96
N VAL R 123 90.51 11.85 18.30
CA VAL R 123 89.87 12.39 19.50
C VAL R 123 88.76 13.31 19.00
N TYR R 124 87.51 12.86 19.13
CA TYR R 124 86.39 13.62 18.58
C TYR R 124 86.17 14.90 19.36
N ASP R 125 85.69 15.91 18.67
CA ASP R 125 85.50 17.22 19.26
C ASP R 125 84.03 17.43 19.60
N PRO R 126 83.64 17.39 20.88
CA PRO R 126 82.24 17.70 21.23
C PRO R 126 81.92 19.17 21.03
N TYR R 127 80.63 19.48 21.17
CA TYR R 127 79.98 20.78 20.89
C TYR R 127 79.99 21.15 19.40
N THR R 128 80.66 20.37 18.56
CA THR R 128 80.82 20.65 17.14
C THR R 128 79.76 19.87 16.36
N VAL R 129 79.12 20.56 15.42
CA VAL R 129 77.78 20.19 14.97
C VAL R 129 77.81 19.74 13.52
N ALA R 130 77.20 18.59 13.25
CA ALA R 130 76.84 18.18 11.90
C ALA R 130 75.39 18.59 11.64
N ALA R 131 75.16 19.26 10.52
CA ALA R 131 73.87 19.85 10.20
C ALA R 131 73.17 19.06 9.10
N LEU R 132 71.99 18.52 9.43
CA LEU R 132 71.15 17.84 8.46
C LEU R 132 70.32 18.86 7.67
N ARG R 133 69.83 18.44 6.51
CA ARG R 133 68.84 19.22 5.78
C ARG R 133 68.01 18.26 4.95
N LEU R 134 66.70 18.23 5.21
CA LEU R 134 65.77 17.49 4.39
C LEU R 134 65.19 18.41 3.33
N ALA R 135 65.29 18.00 2.07
CA ALA R 135 64.80 18.79 0.94
C ALA R 135 63.60 18.08 0.35
N TRP R 136 62.40 18.56 0.71
CA TRP R 136 61.17 18.03 0.12
C TRP R 136 61.13 18.33 -1.37
N GLY R 137 61.61 19.49 -1.77
CA GLY R 137 61.74 19.85 -3.16
C GLY R 137 62.90 20.81 -3.31
N PRO R 138 62.78 21.74 -4.26
CA PRO R 138 63.84 22.74 -4.41
C PRO R 138 63.82 23.82 -3.34
N TRP R 139 62.64 24.31 -2.96
CA TRP R 139 62.52 25.61 -2.30
C TRP R 139 63.00 25.60 -0.86
N ALA R 140 63.31 26.78 -0.35
CA ALA R 140 63.68 26.91 1.06
C ALA R 140 62.50 26.65 1.97
N THR R 141 61.28 26.92 1.50
CA THR R 141 60.08 26.50 2.22
C THR R 141 59.97 24.99 2.29
N CYS R 142 60.50 24.28 1.29
CA CYS R 142 60.66 22.84 1.33
C CYS R 142 62.02 22.45 1.90
N ALA R 143 62.33 22.95 3.09
CA ALA R 143 63.61 22.69 3.74
C ALA R 143 63.50 22.90 5.24
N ARG R 144 64.16 22.03 6.00
CA ARG R 144 64.42 22.23 7.42
C ARG R 144 65.89 21.91 7.70
N VAL R 145 66.38 22.41 8.84
CA VAL R 145 67.78 22.24 9.24
C VAL R 145 67.78 21.63 10.64
N LEU R 146 68.63 20.63 10.86
CA LEU R 146 68.71 19.91 12.14
C LEU R 146 70.10 20.03 12.74
N LEU R 147 70.17 20.06 14.07
CA LEU R 147 71.39 20.27 14.83
C LEU R 147 71.74 19.05 15.68
N PHE R 148 73.01 18.65 15.62
CA PHE R 148 73.49 17.44 16.32
C PHE R 148 74.94 17.64 16.70
N SER R 149 75.22 17.62 18.00
CA SER R 149 76.60 17.63 18.47
C SER R 149 77.06 16.20 18.79
N TYR R 150 78.38 16.02 18.90
CA TYR R 150 78.88 14.68 19.17
C TYR R 150 78.66 14.25 20.61
N ASP R 151 78.44 15.20 21.52
CA ASP R 151 77.96 14.84 22.86
C ASP R 151 76.58 14.21 22.79
N GLU R 152 75.74 14.71 21.89
CA GLU R 152 74.42 14.14 21.65
C GLU R 152 74.51 12.78 20.98
N LEU R 153 75.50 12.58 20.11
CA LEU R 153 75.46 11.46 19.18
C LEU R 153 76.28 10.26 19.65
N VAL R 154 77.40 10.48 20.33
CA VAL R 154 78.39 9.45 20.61
C VAL R 154 78.16 8.92 22.02
N PRO R 155 77.74 7.67 22.20
CA PRO R 155 77.88 7.05 23.51
C PRO R 155 79.28 6.49 23.66
N PRO R 156 79.77 6.32 24.89
CA PRO R 156 81.08 5.67 25.06
C PRO R 156 81.08 4.22 24.58
N ASN R 157 80.02 3.47 24.87
CA ASN R 157 79.93 2.07 24.47
C ASN R 157 78.49 1.74 24.10
N THR R 158 78.32 0.60 23.43
CA THR R 158 77.02 0.15 22.96
C THR R 158 76.42 -0.87 23.92
N ARG R 159 75.35 -1.53 23.49
CA ARG R 159 74.63 -2.48 24.34
C ARG R 159 74.28 -3.77 23.60
N TYR R 160 75.31 -4.42 23.03
CA TYR R 160 75.14 -5.76 22.44
C TYR R 160 74.80 -6.85 23.46
N ALA R 161 74.71 -6.54 24.75
CA ALA R 161 74.14 -7.48 25.72
C ALA R 161 72.67 -7.75 25.46
N ALA R 162 71.95 -6.77 24.91
CA ALA R 162 70.56 -6.96 24.50
C ALA R 162 70.45 -7.84 23.27
N ASP R 163 71.55 -8.03 22.53
CA ASP R 163 71.57 -8.91 21.37
C ASP R 163 71.62 -10.38 21.78
N GLY R 164 71.91 -10.67 23.05
CA GLY R 164 72.02 -12.06 23.46
C GLY R 164 70.68 -12.76 23.61
N ALA R 165 69.69 -12.07 24.14
CA ALA R 165 68.35 -12.64 24.25
C ALA R 165 67.64 -12.75 22.91
N ARG R 166 67.95 -11.86 21.97
CA ARG R 166 67.30 -11.79 20.66
C ARG R 166 67.61 -13.00 19.78
N LEU R 167 68.86 -13.46 19.78
CA LEU R 167 69.31 -14.43 18.80
C LEU R 167 68.77 -15.82 19.08
N MET R 168 68.56 -16.16 20.35
CA MET R 168 68.05 -17.49 20.66
C MET R 168 66.54 -17.53 20.55
N ARG R 169 65.86 -16.39 20.68
CA ARG R 169 64.45 -16.30 20.33
C ARG R 169 64.24 -16.49 18.82
N LEU R 170 65.22 -16.09 18.01
CA LEU R 170 65.18 -16.33 16.57
C LEU R 170 65.17 -17.81 16.27
N CYS R 171 66.01 -18.57 16.98
CA CYS R 171 66.07 -20.01 16.78
C CYS R 171 64.81 -20.68 17.32
N ARG R 172 64.22 -20.14 18.38
CA ARG R 172 62.96 -20.70 18.85
C ARG R 172 61.80 -20.33 17.93
N HIS R 173 61.88 -19.19 17.25
CA HIS R 173 60.81 -18.84 16.33
C HIS R 173 60.96 -19.53 14.98
N PHE R 174 62.15 -20.03 14.64
CA PHE R 174 62.22 -21.05 13.60
C PHE R 174 61.74 -22.39 14.11
N CYS R 175 61.83 -22.62 15.42
CA CYS R 175 61.19 -23.79 16.02
C CYS R 175 59.70 -23.59 16.22
N ARG R 176 59.23 -22.34 16.08
CA ARG R 176 57.81 -22.06 16.30
C ARG R 176 57.04 -22.02 14.99
N TYR R 177 57.70 -21.65 13.89
CA TYR R 177 56.98 -21.39 12.65
C TYR R 177 56.69 -22.70 11.90
N VAL R 178 57.63 -23.65 11.94
CA VAL R 178 57.45 -24.90 11.21
C VAL R 178 56.46 -25.80 11.93
N ALA R 179 56.46 -25.77 13.26
CA ALA R 179 55.52 -26.59 14.04
C ALA R 179 54.08 -26.11 13.91
N ARG R 180 53.86 -24.81 13.78
CA ARG R 180 52.52 -24.29 13.53
C ARG R 180 52.06 -24.59 12.10
N LEU R 181 52.91 -24.29 11.11
CA LEU R 181 52.48 -24.37 9.72
C LEU R 181 52.47 -25.82 9.24
N GLY R 182 53.45 -26.62 9.63
CA GLY R 182 53.50 -28.02 9.25
C GLY R 182 54.16 -28.30 7.93
N ALA R 183 53.54 -29.17 7.11
CA ALA R 183 54.14 -29.68 5.89
C ALA R 183 54.14 -28.67 4.75
N ALA R 184 53.51 -27.51 4.94
CA ALA R 184 53.55 -26.44 3.95
C ALA R 184 54.92 -25.79 3.83
N ALA R 185 55.81 -26.01 4.79
CA ALA R 185 57.18 -25.55 4.66
C ALA R 185 57.94 -26.45 3.68
N PRO R 186 58.78 -25.87 2.81
CA PRO R 186 59.50 -26.68 1.82
C PRO R 186 60.62 -27.49 2.44
N ALA R 187 61.34 -28.21 1.57
CA ALA R 187 62.30 -29.21 2.02
C ALA R 187 63.53 -28.62 2.70
N ALA R 188 63.88 -27.37 2.42
CA ALA R 188 65.03 -26.77 3.09
C ALA R 188 64.63 -26.14 4.42
N ALA R 189 63.34 -25.82 4.58
CA ALA R 189 62.87 -25.22 5.82
C ALA R 189 62.49 -26.25 6.88
N THR R 190 62.07 -27.46 6.47
CA THR R 190 61.69 -28.48 7.45
C THR R 190 62.91 -29.12 8.09
N GLU R 191 64.10 -28.79 7.61
CA GLU R 191 65.33 -29.28 8.23
C GLU R 191 65.81 -28.33 9.32
N ALA R 192 65.93 -27.04 8.99
CA ALA R 192 66.67 -26.10 9.85
C ALA R 192 65.89 -25.70 11.10
N ALA R 193 64.64 -26.15 11.24
CA ALA R 193 63.89 -25.88 12.47
C ALA R 193 64.39 -26.74 13.63
N ALA R 194 64.38 -28.06 13.48
CA ALA R 194 64.74 -28.97 14.57
C ALA R 194 66.24 -28.94 14.83
N HIS R 195 67.04 -28.40 13.91
CA HIS R 195 68.45 -28.17 14.20
C HIS R 195 68.66 -26.92 15.07
N LEU R 196 67.58 -26.22 15.41
CA LEU R 196 67.70 -25.12 16.36
C LEU R 196 67.03 -25.46 17.69
N SER R 197 66.33 -26.59 17.77
CA SER R 197 65.77 -27.05 19.03
C SER R 197 66.75 -27.89 19.82
N LEU R 198 67.77 -28.43 19.14
CA LEU R 198 68.80 -29.22 19.83
C LEU R 198 69.95 -28.34 20.28
N GLY R 199 69.79 -27.03 20.25
CA GLY R 199 70.84 -26.09 20.61
C GLY R 199 70.60 -25.24 21.83
N PRO R 227 56.23 -16.13 23.68
CA PRO R 227 56.20 -14.70 23.95
C PRO R 227 56.72 -13.86 22.77
N PRO R 228 56.18 -12.67 22.60
CA PRO R 228 56.65 -11.80 21.51
C PRO R 228 58.02 -11.23 21.80
N ILE R 229 58.65 -10.72 20.74
CA ILE R 229 59.91 -9.99 20.90
C ILE R 229 59.57 -8.51 21.01
N SER R 230 59.81 -7.92 22.18
CA SER R 230 59.61 -6.49 22.39
C SER R 230 60.91 -5.76 22.11
N PRO R 231 60.99 -4.93 21.06
CA PRO R 231 62.24 -4.25 20.76
C PRO R 231 62.57 -3.10 21.69
N GLU R 232 61.57 -2.57 22.41
CA GLU R 232 61.75 -1.46 23.32
C GLU R 232 62.41 -1.87 24.63
N GLU R 233 62.32 -3.15 25.00
CA GLU R 233 62.98 -3.65 26.18
C GLU R 233 64.50 -3.70 26.00
N GLN R 234 64.97 -3.71 24.76
CA GLN R 234 66.41 -3.68 24.52
C GLN R 234 66.99 -2.28 24.77
N LEU R 235 66.13 -1.28 24.87
CA LEU R 235 66.56 0.06 25.29
C LEU R 235 66.46 0.21 26.81
N THR R 236 65.44 -0.39 27.43
CA THR R 236 65.07 -0.09 28.81
C THR R 236 65.55 -1.13 29.81
N ALA R 237 66.19 -2.20 29.36
CA ALA R 237 66.85 -3.11 30.29
C ALA R 237 68.27 -2.62 30.53
N PRO R 238 68.63 -2.28 31.77
CA PRO R 238 69.97 -1.69 32.05
C PRO R 238 71.14 -2.66 31.90
N GLY R 239 71.58 -2.83 30.65
CA GLY R 239 72.73 -3.65 30.33
C GLY R 239 73.43 -3.15 29.08
N GLY R 240 74.76 -3.26 29.03
CA GLY R 240 75.53 -2.71 27.93
C GLY R 240 76.75 -3.54 27.63
N ASP R 241 77.80 -2.85 27.17
CA ASP R 241 79.06 -3.50 26.89
C ASP R 241 80.00 -3.44 28.09
N THR R 242 80.89 -4.43 28.17
CA THR R 242 81.92 -4.50 29.20
C THR R 242 83.12 -5.19 28.56
N ALA R 243 84.32 -4.84 29.01
CA ALA R 243 85.53 -5.51 28.55
C ALA R 243 85.58 -6.96 29.02
N THR R 244 84.96 -7.24 30.18
CA THR R 244 84.68 -8.55 30.79
C THR R 244 85.93 -9.32 31.24
N ALA R 245 87.13 -8.80 30.96
CA ALA R 245 88.33 -9.44 31.50
C ALA R 245 88.41 -9.26 33.00
N GLU R 246 87.94 -8.13 33.51
CA GLU R 246 87.74 -7.97 34.95
C GLU R 246 86.55 -8.78 35.43
N ASP R 247 85.61 -9.11 34.55
CA ASP R 247 84.46 -9.93 34.91
C ASP R 247 84.69 -11.42 34.67
N VAL R 248 85.90 -11.84 34.33
CA VAL R 248 86.24 -13.26 34.38
C VAL R 248 87.01 -13.59 35.65
N SER R 249 87.99 -12.75 36.01
CA SER R 249 88.70 -12.92 37.27
C SER R 249 87.81 -12.69 38.48
N ILE R 250 86.76 -11.88 38.33
CA ILE R 250 85.82 -11.71 39.43
C ILE R 250 84.87 -12.91 39.52
N THR R 251 84.81 -13.76 38.48
CA THR R 251 84.02 -14.97 38.53
C THR R 251 84.89 -16.21 38.71
N GLN R 252 86.15 -16.18 38.24
CA GLN R 252 87.05 -17.31 38.47
C GLN R 252 87.44 -17.42 39.93
N GLU R 253 87.58 -16.28 40.61
CA GLU R 253 87.78 -16.34 42.06
C GLU R 253 86.46 -16.39 42.82
N ASN R 254 85.34 -16.56 42.11
CA ASN R 254 84.03 -16.77 42.73
C ASN R 254 83.49 -18.18 42.56
N GLU R 255 83.93 -18.88 41.51
CA GLU R 255 83.51 -20.29 41.30
C GLU R 255 84.59 -21.22 41.87
N GLU R 256 85.77 -20.69 42.14
CA GLU R 256 86.89 -21.51 42.70
C GLU R 256 86.45 -22.10 44.04
N ILE R 257 85.81 -21.29 44.88
CA ILE R 257 85.36 -21.76 46.24
C ILE R 257 84.31 -22.85 46.05
N LEU R 258 83.39 -22.66 45.10
CA LEU R 258 82.37 -23.70 44.81
C LEU R 258 83.08 -25.01 44.42
N ALA R 259 84.07 -24.92 43.54
CA ALA R 259 84.83 -26.13 43.12
C ALA R 259 85.49 -26.79 44.33
N LEU R 260 86.12 -25.99 45.20
CA LEU R 260 86.78 -26.53 46.42
C LEU R 260 85.75 -27.28 47.27
N VAL R 261 84.56 -26.68 47.47
CA VAL R 261 83.49 -27.33 48.27
C VAL R 261 83.12 -28.66 47.61
N GLN R 262 82.91 -28.65 46.28
CA GLN R 262 82.53 -29.89 45.55
C GLN R 262 83.60 -30.96 45.75
N ARG R 263 84.87 -30.57 45.74
CA ARG R 263 85.98 -31.55 45.95
C ARG R 263 85.95 -32.06 47.38
N ARG R 352 78.86 -27.66 12.82
CA ARG R 352 78.21 -26.42 12.39
C ARG R 352 77.43 -25.81 13.54
N SER R 353 77.37 -24.47 13.58
CA SER R 353 76.74 -23.76 14.69
C SER R 353 75.23 -23.66 14.47
N LEU R 354 74.61 -22.76 15.22
CA LEU R 354 73.18 -22.49 15.04
C LEU R 354 72.93 -21.38 14.03
N VAL R 355 73.96 -20.60 13.68
CA VAL R 355 73.80 -19.47 12.77
C VAL R 355 73.78 -19.95 11.32
N GLU R 356 74.52 -21.03 11.02
CA GLU R 356 74.49 -21.60 9.68
C GLU R 356 73.14 -22.22 9.37
N TRP R 357 72.45 -22.73 10.38
CA TRP R 357 71.09 -23.18 10.17
C TRP R 357 70.11 -22.02 10.13
N LEU R 358 70.55 -20.81 10.50
CA LEU R 358 69.70 -19.65 10.30
C LEU R 358 69.70 -19.20 8.84
N ASP R 359 70.81 -19.41 8.10
CA ASP R 359 70.84 -19.06 6.67
C ASP R 359 69.82 -19.84 5.85
N ARG R 360 69.79 -21.16 6.01
CA ARG R 360 68.74 -21.98 5.41
C ARG R 360 67.38 -21.69 6.00
N GLY R 361 67.31 -21.12 7.19
CA GLY R 361 66.08 -20.58 7.72
C GLY R 361 65.57 -19.41 6.91
N TRP R 362 66.50 -18.59 6.37
CA TRP R 362 66.08 -17.49 5.52
C TRP R 362 66.05 -17.90 4.05
N GLU R 363 67.03 -18.69 3.60
CA GLU R 363 67.13 -19.07 2.19
C GLU R 363 66.00 -19.97 1.72
N ALA R 364 65.25 -20.59 2.62
CA ALA R 364 64.06 -21.34 2.25
C ALA R 364 62.78 -20.53 2.41
N LEU R 365 62.71 -19.70 3.44
CA LEU R 365 61.50 -18.93 3.65
C LEU R 365 61.46 -17.70 2.74
N ALA R 366 62.62 -17.13 2.42
CA ALA R 366 62.66 -16.03 1.46
C ALA R 366 62.91 -16.54 0.04
N GLY R 367 63.96 -17.35 -0.12
CA GLY R 367 64.30 -17.86 -1.44
C GLY R 367 65.55 -17.19 -1.98
N GLY R 368 66.18 -16.37 -1.15
CA GLY R 368 67.34 -15.62 -1.57
C GLY R 368 68.19 -15.20 -0.40
N ASP R 369 69.27 -14.50 -0.71
CA ASP R 369 70.27 -14.16 0.31
C ASP R 369 69.82 -12.97 1.14
N ARG R 370 69.49 -11.84 0.47
CA ARG R 370 69.10 -10.56 1.07
C ARG R 370 70.14 -10.06 2.06
N PRO R 371 71.21 -9.42 1.59
CA PRO R 371 72.18 -8.79 2.51
C PRO R 371 71.59 -7.71 3.42
N ASP R 372 70.36 -7.25 3.17
CA ASP R 372 69.65 -6.43 4.15
C ASP R 372 69.37 -7.24 5.41
N TRP R 373 68.96 -8.49 5.25
CA TRP R 373 68.63 -9.32 6.40
C TRP R 373 69.84 -10.05 6.97
N LEU R 374 71.01 -9.94 6.33
CA LEU R 374 72.17 -10.70 6.77
C LEU R 374 72.72 -10.14 8.08
N TRP R 375 72.56 -8.84 8.32
CA TRP R 375 73.02 -8.31 9.59
C TRP R 375 71.93 -8.28 10.63
N SER R 376 70.72 -8.75 10.29
CA SER R 376 69.70 -8.99 11.31
C SER R 376 69.91 -10.31 12.03
N ARG R 377 70.86 -11.13 11.56
CA ARG R 377 71.27 -12.35 12.24
C ARG R 377 72.50 -12.15 13.12
N ARG R 378 73.29 -11.13 12.86
CA ARG R 378 74.56 -10.90 13.54
C ARG R 378 74.33 -9.95 14.73
N SER R 379 75.42 -9.47 15.32
CA SER R 379 75.32 -8.72 16.56
C SER R 379 74.75 -7.32 16.32
N ILE R 380 73.67 -7.00 17.02
CA ILE R 380 72.96 -5.73 16.87
C ILE R 380 72.85 -5.08 18.24
N SER R 381 73.39 -3.89 18.38
CA SER R 381 73.20 -3.08 19.58
C SER R 381 72.25 -1.94 19.25
N VAL R 382 71.28 -1.71 20.13
CA VAL R 382 70.26 -0.68 19.94
C VAL R 382 70.28 0.20 21.18
N VAL R 383 70.92 1.37 21.08
CA VAL R 383 71.18 2.25 22.22
C VAL R 383 70.25 3.45 22.12
N LEU R 384 69.65 3.86 23.25
CA LEU R 384 68.82 5.06 23.29
C LEU R 384 69.66 6.24 23.77
N ARG R 385 69.49 7.39 23.13
CA ARG R 385 70.09 8.66 23.54
C ARG R 385 69.03 9.75 23.45
N HIS R 386 69.45 10.99 23.62
CA HIS R 386 68.49 12.09 23.62
C HIS R 386 69.06 13.32 22.92
N HIS R 387 68.14 14.22 22.55
CA HIS R 387 68.43 15.38 21.72
C HIS R 387 68.38 16.66 22.54
N TYR R 388 69.47 17.45 22.47
CA TYR R 388 69.61 18.62 23.35
C TYR R 388 68.83 19.83 22.84
N GLY R 389 68.10 19.70 21.73
CA GLY R 389 67.41 20.85 21.19
C GLY R 389 65.95 20.92 21.60
N THR R 390 65.25 19.80 21.53
CA THR R 390 63.81 19.77 21.79
C THR R 390 63.39 18.65 22.74
N LYS R 391 64.25 18.25 23.67
CA LYS R 391 64.01 17.25 24.72
C LYS R 391 63.68 15.86 24.18
N GLN R 392 64.02 15.59 22.92
CA GLN R 392 63.53 14.40 22.25
C GLN R 392 64.46 13.20 22.52
N ARG R 393 64.01 12.04 22.07
CA ARG R 393 64.80 10.81 22.07
C ARG R 393 65.19 10.44 20.65
N PHE R 394 66.28 9.67 20.53
CA PHE R 394 66.63 8.99 19.28
C PHE R 394 67.53 7.81 19.61
N VAL R 395 67.95 7.12 18.55
CA VAL R 395 68.56 5.80 18.66
C VAL R 395 69.97 5.87 18.05
N VAL R 396 70.93 5.25 18.73
CA VAL R 396 72.29 5.05 18.21
C VAL R 396 72.48 3.56 17.95
N VAL R 397 72.83 3.21 16.70
CA VAL R 397 72.85 1.82 16.23
C VAL R 397 74.26 1.50 15.76
N SER R 398 74.72 0.28 16.07
CA SER R 398 75.91 -0.29 15.48
C SER R 398 75.72 -1.80 15.32
N TYR R 399 76.03 -2.30 14.13
CA TYR R 399 76.01 -3.74 13.87
C TYR R 399 77.36 -4.33 14.24
N GLU R 400 77.56 -5.62 13.95
CA GLU R 400 78.86 -6.23 14.09
C GLU R 400 79.75 -6.01 12.88
N ASN R 401 79.23 -6.27 11.68
CA ASN R 401 80.00 -6.29 10.46
C ASN R 401 80.07 -4.89 9.82
N SER R 402 79.68 -3.85 10.54
CA SER R 402 79.68 -2.50 10.01
C SER R 402 81.09 -1.93 10.09
N VAL R 403 81.51 -1.27 9.02
CA VAL R 403 82.77 -0.51 9.03
C VAL R 403 82.54 0.82 9.74
N ALA R 404 81.28 1.16 9.99
CA ALA R 404 80.86 2.31 10.78
C ALA R 404 81.27 2.13 12.25
N TRP R 405 81.01 3.17 13.05
CA TRP R 405 81.38 3.17 14.46
C TRP R 405 80.59 2.12 15.24
N GLY R 406 81.28 1.47 16.18
CA GLY R 406 80.71 0.41 16.98
C GLY R 406 80.67 -0.94 16.29
N GLY R 407 81.06 -1.00 15.02
CA GLY R 407 81.19 -2.28 14.36
C GLY R 407 82.37 -3.06 14.87
N ARG R 408 82.28 -4.38 14.76
CA ARG R 408 83.38 -5.25 15.13
C ARG R 408 84.23 -5.64 13.93
N ARG R 409 84.03 -4.95 12.80
CA ARG R 409 84.96 -4.94 11.67
C ARG R 409 85.18 -3.48 11.30
N ALA R 410 86.15 -2.84 11.99
CA ALA R 410 86.44 -1.41 11.73
C ALA R 410 87.92 -1.13 11.93
N ARG R 411 88.36 0.11 11.69
CA ARG R 411 89.80 0.47 11.80
C ARG R 411 90.09 0.93 13.24
N PRO R 412 91.04 0.31 13.97
CA PRO R 412 91.34 0.66 15.36
C PRO R 412 91.33 2.17 15.70
N PRO R 413 92.02 3.08 14.99
CA PRO R 413 91.87 4.53 15.25
C PRO R 413 90.42 4.96 14.99
N ARG R 414 89.62 5.08 16.05
CA ARG R 414 88.19 5.48 15.90
C ARG R 414 87.94 6.76 16.68
N LEU R 415 87.33 6.66 17.87
CA LEU R 415 87.02 7.84 18.67
C LEU R 415 87.74 7.79 20.03
N SER R 416 87.92 8.95 20.64
CA SER R 416 88.44 9.05 22.00
C SER R 416 87.63 10.04 22.80
N SER R 417 87.04 9.58 23.90
CA SER R 417 86.24 10.44 24.80
C SER R 417 87.15 11.15 25.80
N GLU R 418 88.04 11.98 25.26
CA GLU R 418 89.05 12.65 26.09
C GLU R 418 88.74 14.13 26.28
N LEU R 419 88.31 14.81 25.22
CA LEU R 419 87.85 16.20 25.35
C LEU R 419 86.59 16.28 26.20
N ALA R 420 85.76 15.23 26.14
CA ALA R 420 84.56 15.15 26.98
C ALA R 420 84.88 14.77 28.42
N THR R 421 86.15 14.62 28.76
CA THR R 421 86.53 14.33 30.14
C THR R 421 87.55 15.37 30.63
N ALA R 422 88.30 15.98 29.71
CA ALA R 422 89.31 16.95 30.11
C ALA R 422 88.67 18.28 30.55
N LEU R 423 87.98 18.95 29.63
CA LEU R 423 87.38 20.25 29.93
C LEU R 423 86.25 20.17 30.93
N THR R 424 85.62 19.01 31.08
CA THR R 424 84.64 18.81 32.14
C THR R 424 85.31 18.72 33.51
N GLU R 425 86.20 17.74 33.71
CA GLU R 425 86.75 17.48 35.04
C GLU R 425 87.72 18.57 35.49
N ALA R 426 88.38 19.25 34.55
CA ALA R 426 89.18 20.40 34.96
C ALA R 426 88.30 21.57 35.36
N CYS R 427 87.05 21.57 34.93
CA CYS R 427 86.08 22.54 35.38
C CYS R 427 85.12 21.98 36.42
N ALA R 428 85.09 20.65 36.61
CA ALA R 428 84.23 20.06 37.63
C ALA R 428 84.94 19.88 38.96
N ALA R 429 86.20 19.44 38.95
CA ALA R 429 86.97 19.37 40.18
C ALA R 429 87.36 20.75 40.69
N GLU R 430 87.55 21.71 39.79
CA GLU R 430 87.79 23.09 40.15
C GLU R 430 86.51 23.88 40.38
N ARG R 431 85.36 23.26 40.08
CA ARG R 431 84.02 23.88 40.17
C ARG R 431 83.92 25.16 39.33
N VAL R 432 84.63 25.17 38.21
CA VAL R 432 84.57 26.28 37.26
C VAL R 432 83.33 26.10 36.42
N VAL R 433 82.34 26.97 36.62
CA VAL R 433 81.05 26.77 35.97
C VAL R 433 81.12 27.09 34.48
N ARG R 434 81.97 28.04 34.08
CA ARG R 434 82.14 28.42 32.68
C ARG R 434 83.64 28.57 32.44
N PRO R 435 84.21 27.85 31.46
CA PRO R 435 85.67 27.80 31.33
C PRO R 435 86.33 29.05 30.75
N HIS R 436 85.63 30.18 30.66
CA HIS R 436 86.32 31.46 30.60
C HIS R 436 86.64 31.97 31.99
N GLN R 437 85.97 31.44 33.02
CA GLN R 437 86.38 31.63 34.41
C GLN R 437 87.38 30.59 34.86
N LEU R 438 88.00 29.87 33.93
CA LEU R 438 89.01 28.89 34.26
C LEU R 438 90.31 29.59 34.65
N SER R 439 91.02 28.97 35.59
CA SER R 439 92.25 29.56 36.12
C SER R 439 93.33 29.58 35.04
N PRO R 440 94.24 30.57 35.06
CA PRO R 440 95.22 30.71 33.97
C PRO R 440 96.20 29.56 33.85
N ALA R 441 96.64 28.97 34.95
CA ALA R 441 97.37 27.71 34.87
C ALA R 441 96.46 26.56 34.49
N ALA R 442 95.20 26.59 34.93
CA ALA R 442 94.25 25.55 34.57
C ALA R 442 93.80 25.68 33.11
N GLN R 443 93.96 26.87 32.53
CA GLN R 443 93.75 26.99 31.09
C GLN R 443 94.89 26.33 30.32
N THR R 444 96.13 26.79 30.55
CA THR R 444 97.25 26.41 29.70
C THR R 444 97.71 24.98 29.92
N ALA R 445 97.48 24.40 31.11
CA ALA R 445 97.82 22.99 31.32
C ALA R 445 96.93 22.09 30.49
N LEU R 446 95.66 22.46 30.31
CA LEU R 446 94.81 21.79 29.33
C LEU R 446 95.30 22.04 27.92
N LEU R 447 95.84 23.23 27.66
CA LEU R 447 96.41 23.55 26.35
C LEU R 447 97.70 22.78 26.11
N ARG R 448 98.41 22.42 27.18
CA ARG R 448 99.58 21.57 27.04
C ARG R 448 99.17 20.12 26.78
N ARG R 449 97.94 19.77 27.14
CA ARG R 449 97.45 18.42 26.88
C ARG R 449 96.82 18.31 25.50
N PHE R 450 95.79 19.12 25.24
CA PHE R 450 95.02 19.04 24.00
C PHE R 450 95.14 20.37 23.25
N PRO R 451 95.82 20.40 22.10
CA PRO R 451 96.22 21.69 21.51
C PRO R 451 95.19 22.32 20.58
N ALA R 452 94.05 21.67 20.32
CA ALA R 452 93.05 22.28 19.44
C ALA R 452 92.12 23.25 20.16
N LEU R 453 92.35 23.49 21.45
CA LEU R 453 91.49 24.34 22.27
C LEU R 453 92.02 25.76 22.38
N GLU R 454 92.96 26.15 21.54
CA GLU R 454 93.45 27.53 21.50
C GLU R 454 92.41 28.45 20.88
N GLY R 455 91.61 27.90 19.96
CA GLY R 455 90.44 28.55 19.42
C GLY R 455 89.43 29.04 20.45
N PRO R 456 88.76 28.14 21.16
CA PRO R 456 87.69 28.57 22.08
C PRO R 456 88.19 29.15 23.40
N LEU R 457 89.49 29.37 23.56
CA LEU R 457 90.01 29.98 24.78
C LEU R 457 90.85 31.22 24.53
N ARG R 458 91.46 31.37 23.36
CA ARG R 458 92.42 32.46 23.12
C ARG R 458 92.15 33.14 21.78
N HIS R 459 90.89 33.45 21.48
CA HIS R 459 90.61 34.25 20.32
C HIS R 459 89.88 35.52 20.76
N PRO R 460 90.27 36.71 20.23
CA PRO R 460 89.68 37.98 20.71
C PRO R 460 88.19 38.12 20.47
N ARG R 461 87.74 37.99 19.22
CA ARG R 461 86.32 37.96 18.89
C ARG R 461 86.10 36.83 17.89
N PRO R 462 85.91 35.61 18.37
CA PRO R 462 85.55 34.53 17.45
C PRO R 462 84.13 34.72 16.96
N VAL R 463 83.92 34.46 15.66
CA VAL R 463 82.62 34.71 15.06
C VAL R 463 81.62 33.66 15.52
N LEU R 464 82.10 32.54 16.04
CA LEU R 464 81.29 31.58 16.77
C LEU R 464 81.61 31.71 18.26
N GLN R 465 80.58 31.66 19.09
CA GLN R 465 80.76 31.91 20.51
C GLN R 465 81.43 30.72 21.19
N PRO R 466 82.45 30.95 21.99
CA PRO R 466 83.13 29.83 22.65
C PRO R 466 82.41 29.37 23.92
N PHE R 467 82.27 28.05 24.03
CA PHE R 467 81.65 27.32 25.14
C PHE R 467 80.21 27.75 25.43
N ASP R 468 79.32 27.60 24.46
CA ASP R 468 77.88 27.69 24.68
C ASP R 468 77.14 26.67 23.82
N ILE R 469 75.97 26.26 24.31
CA ILE R 469 75.13 25.28 23.65
C ILE R 469 74.52 25.86 22.38
N ALA R 470 73.95 27.05 22.49
CA ALA R 470 73.34 27.75 21.35
C ALA R 470 74.34 28.64 20.63
N ALA R 471 75.62 28.25 20.61
CA ALA R 471 76.65 29.01 19.90
C ALA R 471 76.40 29.07 18.41
N GLU R 472 75.79 28.02 17.84
CA GLU R 472 75.38 28.10 16.44
C GLU R 472 74.07 28.87 16.32
N VAL R 473 73.22 28.81 17.35
CA VAL R 473 71.97 29.55 17.31
C VAL R 473 72.21 31.03 17.53
N ALA R 474 73.12 31.39 18.45
CA ALA R 474 73.49 32.79 18.64
C ALA R 474 74.30 33.32 17.46
N PHE R 475 74.88 32.44 16.65
CA PHE R 475 75.47 32.84 15.38
C PHE R 475 74.40 33.33 14.41
N VAL R 476 73.23 32.71 14.45
CA VAL R 476 72.14 33.06 13.54
C VAL R 476 71.43 34.34 13.98
N ALA R 477 71.14 34.47 15.28
CA ALA R 477 70.30 35.57 15.78
C ALA R 477 70.95 36.94 15.64
N ARG R 478 72.29 37.01 15.59
CA ARG R 478 72.97 38.26 15.27
C ARG R 478 72.65 38.73 13.87
N ILE R 479 72.64 37.80 12.91
CA ILE R 479 72.34 38.12 11.51
C ILE R 479 70.89 38.56 11.40
N GLN R 480 70.00 37.97 12.20
CA GLN R 480 68.64 38.45 12.31
C GLN R 480 68.60 39.86 12.88
N ILE R 481 69.47 40.16 13.85
CA ILE R 481 69.51 41.50 14.41
C ILE R 481 70.14 42.48 13.43
N ALA R 482 71.33 42.15 12.92
CA ALA R 482 72.15 43.10 12.19
C ALA R 482 71.53 43.55 10.87
N CYS R 483 70.68 42.72 10.27
CA CYS R 483 69.94 43.12 9.10
C CYS R 483 68.78 44.06 9.43
N LEU R 484 68.15 43.90 10.59
CA LEU R 484 67.01 44.72 10.95
C LEU R 484 67.43 46.16 11.22
N ARG R 485 68.59 46.34 11.85
CA ARG R 485 69.15 47.68 11.96
C ARG R 485 69.58 48.23 10.61
N ALA R 486 70.13 47.36 9.74
CA ALA R 486 70.40 47.76 8.37
C ALA R 486 69.11 48.05 7.62
N LEU R 487 68.01 47.39 7.99
CA LEU R 487 66.71 47.80 7.52
C LEU R 487 66.25 49.08 8.21
N GLY R 488 66.28 49.08 9.55
CA GLY R 488 65.60 50.12 10.31
C GLY R 488 66.24 51.48 10.22
N HIS R 489 67.55 51.54 10.02
CA HIS R 489 68.18 52.83 9.83
C HIS R 489 68.22 53.22 8.36
N SER R 490 67.86 52.30 7.45
CA SER R 490 67.68 52.66 6.05
C SER R 490 66.27 53.14 5.74
N ILE R 491 65.26 52.62 6.46
CA ILE R 491 63.90 53.13 6.29
C ILE R 491 63.82 54.59 6.71
N ARG R 492 64.52 54.95 7.79
CA ARG R 492 64.58 56.34 8.21
C ARG R 492 65.35 57.19 7.20
N ALA R 493 66.26 56.58 6.43
CA ALA R 493 67.12 57.34 5.54
C ALA R 493 66.37 57.94 4.36
N ALA R 494 65.62 57.12 3.63
CA ALA R 494 64.81 57.64 2.54
C ALA R 494 63.58 58.41 3.02
N LEU R 495 63.22 58.24 4.30
CA LEU R 495 62.08 58.89 4.90
C LEU R 495 62.52 59.81 6.03
N GLN R 496 63.52 60.66 5.76
CA GLN R 496 64.07 61.54 6.77
C GLN R 496 63.05 62.60 7.17
N GLY R 497 62.67 63.44 6.22
CA GLY R 497 61.62 64.42 6.47
C GLY R 497 60.36 64.09 5.68
N GLY R 498 59.59 65.13 5.39
CA GLY R 498 58.44 65.02 4.53
C GLY R 498 58.85 64.68 3.11
N PRO R 499 58.43 63.52 2.64
CA PRO R 499 59.00 63.00 1.39
C PRO R 499 58.26 63.46 0.15
N ARG R 500 58.86 63.22 -1.01
CA ARG R 500 58.22 63.40 -2.32
C ARG R 500 58.46 62.13 -3.12
N ILE R 501 57.43 61.29 -3.21
CA ILE R 501 57.60 59.87 -3.55
C ILE R 501 57.06 59.59 -4.94
N PHE R 502 56.74 60.65 -5.69
CA PHE R 502 55.45 60.87 -6.39
C PHE R 502 54.85 59.55 -6.88
N GLN R 503 55.48 58.82 -7.81
CA GLN R 503 55.11 57.46 -8.12
C GLN R 503 56.22 56.83 -8.95
N ARG R 504 56.13 55.52 -9.12
CA ARG R 504 57.09 54.78 -9.95
C ARG R 504 56.44 53.77 -10.88
N LEU R 505 55.16 53.47 -10.75
CA LEU R 505 54.53 52.51 -11.65
C LEU R 505 53.36 53.17 -12.38
N ARG R 506 52.76 52.42 -13.31
CA ARG R 506 51.70 52.93 -14.18
C ARG R 506 50.42 52.15 -13.88
N TYR R 507 49.56 52.72 -13.04
CA TYR R 507 48.24 52.16 -12.78
C TYR R 507 47.22 53.28 -12.81
N ASP R 508 46.29 53.20 -13.76
CA ASP R 508 45.30 54.26 -13.94
C ASP R 508 44.08 54.00 -13.09
N PHE R 509 43.33 55.06 -12.80
CA PHE R 509 42.24 55.04 -11.84
C PHE R 509 40.89 55.13 -12.53
N GLY R 510 39.87 54.61 -11.86
CA GLY R 510 38.51 55.03 -12.07
C GLY R 510 38.27 56.25 -11.21
N PRO R 511 37.12 56.89 -11.38
CA PRO R 511 36.93 58.20 -10.74
C PRO R 511 36.65 58.13 -9.25
N HIS R 512 35.94 57.10 -8.80
CA HIS R 512 35.66 56.97 -7.38
C HIS R 512 36.72 56.10 -6.70
N GLN R 513 37.74 55.68 -7.45
CA GLN R 513 38.77 54.82 -6.89
C GLN R 513 39.79 55.62 -6.10
N SER R 514 39.82 56.95 -6.30
CA SER R 514 40.78 57.79 -5.59
C SER R 514 40.41 57.93 -4.12
N GLU R 515 39.13 57.76 -3.80
CA GLU R 515 38.69 57.86 -2.40
C GLU R 515 39.15 56.66 -1.60
N TRP R 516 39.52 55.57 -2.27
CA TRP R 516 40.19 54.47 -1.59
C TRP R 516 41.57 54.90 -1.10
N LEU R 517 42.26 55.73 -1.89
CA LEU R 517 43.56 56.21 -1.46
C LEU R 517 43.42 57.30 -0.41
N GLY R 518 42.22 57.84 -0.25
CA GLY R 518 41.91 58.74 0.85
C GLY R 518 42.04 58.04 2.17
N GLU R 519 41.75 56.74 2.20
CA GLU R 519 42.11 55.94 3.36
C GLU R 519 43.62 55.74 3.44
N VAL R 520 44.30 55.55 2.32
CA VAL R 520 45.71 55.18 2.32
C VAL R 520 46.58 56.34 2.81
N THR R 521 46.10 57.58 2.65
CA THR R 521 46.65 58.70 3.41
C THR R 521 46.55 58.45 4.90
N ARG R 522 45.34 58.13 5.36
CA ARG R 522 45.08 57.98 6.78
C ARG R 522 45.67 56.67 7.32
N ARG R 523 45.63 55.61 6.52
CA ARG R 523 46.06 54.28 6.93
C ARG R 523 47.57 54.17 7.10
N PHE R 524 48.34 55.04 6.43
CA PHE R 524 49.74 54.78 6.11
C PHE R 524 50.69 54.48 7.27
N PRO R 525 50.87 55.34 8.30
CA PRO R 525 52.08 55.20 9.14
C PRO R 525 52.02 54.05 10.11
N VAL R 526 50.86 53.41 10.28
CA VAL R 526 50.78 52.30 11.21
C VAL R 526 51.43 51.06 10.59
N LEU R 527 51.51 51.02 9.25
CA LEU R 527 52.04 49.86 8.55
C LEU R 527 53.53 49.68 8.80
N LEU R 528 54.31 50.75 8.63
CA LEU R 528 55.76 50.65 8.64
C LEU R 528 56.31 50.28 10.01
N GLU R 529 55.58 50.56 11.08
CA GLU R 529 55.87 49.91 12.34
C GLU R 529 55.65 48.42 12.24
N ASN R 530 54.45 48.02 11.83
CA ASN R 530 54.02 46.64 11.92
C ASN R 530 54.67 45.74 10.89
N LEU R 531 55.22 46.30 9.82
CA LEU R 531 56.09 45.54 8.93
C LEU R 531 57.34 45.11 9.68
N MET R 532 58.04 46.10 10.25
CA MET R 532 59.21 45.87 11.07
C MET R 532 58.89 45.11 12.34
N ARG R 533 57.67 45.26 12.88
CA ARG R 533 57.25 44.40 13.99
C ARG R 533 57.14 42.95 13.53
N ALA R 534 56.61 42.74 12.33
CA ALA R 534 56.50 41.38 11.81
C ALA R 534 57.86 40.82 11.42
N LEU R 535 58.76 41.70 10.93
CA LEU R 535 60.14 41.27 10.68
C LEU R 535 60.82 40.89 11.99
N GLU R 536 60.49 41.58 13.08
CA GLU R 536 60.83 41.07 14.39
C GLU R 536 60.02 39.83 14.72
N GLY R 537 58.73 39.83 14.35
CA GLY R 537 57.80 38.80 14.77
C GLY R 537 58.05 37.43 14.18
N THR R 538 58.73 37.34 13.05
CA THR R 538 59.09 36.04 12.52
C THR R 538 60.21 35.43 13.35
N ALA R 539 60.27 34.11 13.34
CA ALA R 539 61.48 33.44 13.76
C ALA R 539 62.57 33.66 12.71
N PRO R 540 63.83 33.73 13.13
CA PRO R 540 64.91 33.82 12.13
C PRO R 540 65.04 32.55 11.30
N ASP R 541 64.65 31.41 11.84
CA ASP R 541 64.59 30.18 11.07
C ASP R 541 63.51 30.27 9.99
N ALA R 542 62.44 31.01 10.28
CA ALA R 542 61.41 31.30 9.29
C ALA R 542 61.71 32.57 8.50
N PHE R 543 62.77 33.29 8.85
CA PHE R 543 63.13 34.47 8.08
C PHE R 543 63.98 34.11 6.87
N PHE R 544 64.76 33.04 6.95
CA PHE R 544 65.69 32.64 5.89
C PHE R 544 64.98 32.06 4.67
N HIS R 545 63.67 31.85 4.74
CA HIS R 545 62.90 31.41 3.60
C HIS R 545 62.31 32.58 2.83
N THR R 546 62.44 33.79 3.34
CA THR R 546 61.91 34.99 2.71
C THR R 546 62.93 35.61 1.77
N ALA R 547 62.48 36.61 1.01
CA ALA R 547 63.25 37.14 -0.11
C ALA R 547 64.43 38.00 0.32
N TYR R 548 64.28 38.75 1.41
CA TYR R 548 65.37 39.63 1.82
C TYR R 548 66.52 38.86 2.42
N ALA R 549 66.23 37.70 3.01
CA ALA R 549 67.30 36.91 3.60
C ALA R 549 68.11 36.17 2.54
N LEU R 550 67.58 36.07 1.32
CA LEU R 550 68.33 35.44 0.25
C LEU R 550 68.89 36.44 -0.75
N ALA R 551 68.27 37.62 -0.89
CA ALA R 551 68.82 38.68 -1.72
C ALA R 551 70.13 39.23 -1.16
N VAL R 552 70.27 39.23 0.16
CA VAL R 552 71.56 39.55 0.77
C VAL R 552 72.57 38.46 0.48
N LEU R 553 72.13 37.20 0.49
CA LEU R 553 73.01 36.10 0.14
C LEU R 553 73.38 36.10 -1.33
N ALA R 554 72.52 36.67 -2.18
CA ALA R 554 72.91 36.93 -3.56
C ALA R 554 73.87 38.10 -3.67
N HIS R 555 74.01 38.89 -2.61
CA HIS R 555 74.95 40.01 -2.57
C HIS R 555 76.18 39.71 -1.74
N LEU R 556 76.02 38.92 -0.67
CA LEU R 556 77.19 38.41 0.06
C LEU R 556 77.94 37.37 -0.74
N GLY R 557 77.29 36.70 -1.70
CA GLY R 557 78.02 35.91 -2.67
C GLY R 557 78.69 36.75 -3.73
N GLY R 558 78.32 38.03 -3.79
CA GLY R 558 78.90 39.01 -4.69
C GLY R 558 79.86 39.99 -4.05
N GLN R 559 80.27 39.76 -2.81
CA GLN R 559 81.27 40.62 -2.18
C GLN R 559 82.64 39.97 -2.24
N LEU R 568 78.95 33.18 -5.74
CA LEU R 568 78.51 31.99 -5.02
C LEU R 568 77.00 31.88 -5.01
N VAL R 569 76.50 30.69 -5.31
CA VAL R 569 75.07 30.42 -5.45
C VAL R 569 74.51 30.09 -4.07
N PRO R 570 73.55 30.85 -3.55
CA PRO R 570 72.98 30.54 -2.23
C PRO R 570 72.08 29.32 -2.27
N LEU R 571 71.66 28.90 -1.08
CA LEU R 571 70.98 27.63 -0.92
C LEU R 571 69.55 27.65 -1.45
N SER R 572 69.04 26.45 -1.74
CA SER R 572 67.70 26.07 -2.20
C SER R 572 67.41 26.51 -3.64
N ASP R 573 68.32 27.25 -4.28
CA ASP R 573 68.26 27.66 -5.70
C ASP R 573 66.97 28.38 -6.04
N ASP R 574 66.47 29.17 -5.09
CA ASP R 574 65.25 29.94 -5.32
C ASP R 574 65.52 31.09 -6.28
N ILE R 575 66.78 31.52 -6.34
CA ILE R 575 67.26 32.53 -7.28
C ILE R 575 67.16 32.00 -8.69
N PRO R 576 66.53 32.73 -9.61
CA PRO R 576 66.43 32.27 -10.99
C PRO R 576 67.76 32.39 -11.71
N ALA R 577 67.77 31.89 -12.95
CA ALA R 577 68.98 31.96 -13.76
C ALA R 577 69.31 33.35 -14.22
N ARG R 578 68.35 34.27 -14.17
CA ARG R 578 68.51 35.61 -14.73
C ARG R 578 68.46 36.69 -13.65
N PHE R 579 68.49 36.30 -12.37
CA PHE R 579 68.60 37.29 -11.31
C PHE R 579 69.98 37.92 -11.30
N ALA R 580 71.01 37.16 -11.70
CA ALA R 580 72.39 37.63 -11.67
C ALA R 580 72.80 38.35 -12.95
N ASP R 581 71.83 38.71 -13.80
CA ASP R 581 72.11 39.39 -15.05
C ASP R 581 72.14 40.90 -14.88
N SER R 582 71.00 41.49 -14.49
CA SER R 582 70.91 42.93 -14.37
C SER R 582 70.73 43.30 -12.90
N ASP R 583 70.51 44.59 -12.69
CA ASP R 583 70.02 45.11 -11.44
C ASP R 583 68.52 45.36 -11.50
N ALA R 584 67.92 45.20 -12.67
CA ALA R 584 66.48 45.37 -12.87
C ALA R 584 65.69 44.14 -12.51
N HIS R 585 66.35 43.02 -12.22
CA HIS R 585 65.67 41.83 -11.73
C HIS R 585 65.53 41.93 -10.22
N TYR R 586 64.39 42.40 -9.73
CA TYR R 586 64.16 42.43 -8.30
C TYR R 586 63.50 41.12 -7.85
N ALA R 587 63.19 41.04 -6.56
CA ALA R 587 62.63 39.84 -5.95
C ALA R 587 61.82 40.22 -4.72
N PHE R 588 60.53 39.95 -4.74
CA PHE R 588 59.57 40.52 -3.81
C PHE R 588 59.17 39.57 -2.69
N ASP R 589 58.69 40.18 -1.60
CA ASP R 589 57.80 39.55 -0.65
C ASP R 589 56.50 40.35 -0.60
N TYR R 590 55.48 39.74 0.02
CA TYR R 590 54.13 40.29 0.02
C TYR R 590 53.57 40.21 1.42
N TYR R 591 53.21 41.36 1.98
CA TYR R 591 52.57 41.41 3.28
C TYR R 591 51.14 41.94 3.16
N SER R 592 50.29 41.47 4.07
CA SER R 592 48.90 41.89 4.12
C SER R 592 48.77 43.30 4.68
N THR R 593 48.04 44.15 3.96
CA THR R 593 47.92 45.53 4.38
C THR R 593 46.92 45.69 5.51
N SER R 594 45.70 45.21 5.31
CA SER R 594 44.63 45.39 6.28
C SER R 594 44.60 44.22 7.26
N GLY R 595 43.66 44.30 8.20
CA GLY R 595 43.45 43.26 9.20
C GLY R 595 44.66 43.08 10.08
N ASP R 596 45.24 41.89 10.00
CA ASP R 596 46.57 41.66 10.56
C ASP R 596 47.63 41.84 9.48
N THR R 597 48.78 42.37 9.86
CA THR R 597 49.85 42.63 8.92
C THR R 597 50.70 41.38 8.76
N LEU R 598 50.26 40.45 7.92
CA LEU R 598 50.86 39.12 7.87
C LEU R 598 51.42 38.83 6.48
N ARG R 599 52.41 37.93 6.43
CA ARG R 599 53.05 37.53 5.19
C ARG R 599 52.11 36.65 4.38
N LEU R 600 52.06 36.89 3.07
CA LEU R 600 51.11 36.22 2.21
C LEU R 600 51.84 35.46 1.09
N THR R 601 53.00 34.91 1.39
CA THR R 601 53.76 34.17 0.41
C THR R 601 54.40 32.93 1.02
N ASN R 602 54.79 32.01 0.14
CA ASN R 602 55.89 31.11 0.44
C ASN R 602 57.11 31.50 -0.39
N ARG R 603 56.87 31.88 -1.63
CA ARG R 603 57.85 32.08 -2.66
C ARG R 603 58.25 33.54 -2.77
N PRO R 604 59.55 33.82 -2.88
CA PRO R 604 59.97 35.12 -3.38
C PRO R 604 59.58 35.27 -4.83
N ILE R 605 58.78 36.28 -5.12
CA ILE R 605 58.19 36.45 -6.45
C ILE R 605 58.97 37.53 -7.18
N ALA R 606 59.82 37.10 -8.10
CA ALA R 606 60.80 37.97 -8.73
C ALA R 606 60.19 38.64 -9.95
N VAL R 607 59.91 39.93 -9.85
CA VAL R 607 59.22 40.66 -10.90
C VAL R 607 60.19 41.66 -11.52
N VAL R 608 60.45 41.50 -12.81
CA VAL R 608 61.37 42.36 -13.55
C VAL R 608 60.73 43.73 -13.74
N ILE R 609 61.45 44.77 -13.34
CA ILE R 609 60.94 46.12 -13.44
C ILE R 609 61.78 46.87 -14.46
N ASP R 610 61.12 47.62 -15.34
CA ASP R 610 61.81 48.38 -16.37
C ASP R 610 62.64 49.49 -15.76
N GLU R 617 61.63 58.06 -14.28
CA GLU R 617 60.21 58.36 -14.41
C GLU R 617 59.35 57.11 -14.20
N GLN R 618 58.68 56.67 -15.26
CA GLN R 618 57.82 55.50 -15.15
C GLN R 618 58.49 54.24 -15.70
N SER R 619 57.93 53.10 -15.31
CA SER R 619 58.41 51.79 -15.67
C SER R 619 57.30 50.79 -15.38
N LYS R 620 56.90 50.02 -16.40
CA LYS R 620 55.86 49.04 -16.15
C LYS R 620 56.48 47.69 -15.79
N CYS R 621 55.70 46.87 -15.10
CA CYS R 621 56.20 45.64 -14.51
C CYS R 621 56.09 44.48 -15.48
N ARG R 622 56.87 43.43 -15.20
CA ARG R 622 56.89 42.23 -16.03
C ARG R 622 57.39 41.07 -15.19
N PHE R 623 56.71 39.92 -15.28
CA PHE R 623 57.11 38.75 -14.52
C PHE R 623 58.32 38.06 -15.14
N MET R 624 58.71 36.95 -14.53
CA MET R 624 59.71 36.06 -15.10
C MET R 624 59.04 34.77 -15.55
N GLU R 625 59.82 33.78 -15.95
CA GLU R 625 59.26 32.50 -16.38
C GLU R 625 58.92 31.64 -15.17
N GLY R 626 58.37 30.46 -15.46
CA GLY R 626 58.05 29.48 -14.42
C GLY R 626 58.56 28.10 -14.76
N PRO R 632 51.21 23.59 -3.29
CA PRO R 632 51.57 23.80 -4.70
C PRO R 632 50.75 24.91 -5.38
N HIS R 633 49.76 25.47 -4.68
CA HIS R 633 49.06 26.64 -5.18
C HIS R 633 48.71 27.55 -4.02
N ARG R 634 49.24 28.77 -4.08
CA ARG R 634 49.08 29.79 -3.05
C ARG R 634 48.35 30.98 -3.65
N VAL R 635 47.50 31.63 -2.85
CA VAL R 635 46.45 32.51 -3.37
C VAL R 635 47.02 33.78 -4.00
N CYS R 636 47.90 34.47 -3.29
CA CYS R 636 48.24 35.84 -3.67
C CYS R 636 49.28 35.93 -4.78
N GLU R 637 49.80 34.81 -5.27
CA GLU R 637 50.97 34.83 -6.14
C GLU R 637 50.66 35.15 -7.60
N GLN R 638 49.51 35.75 -7.90
CA GLN R 638 49.11 35.88 -9.29
C GLN R 638 49.23 37.31 -9.82
N TYR R 639 49.49 38.30 -8.96
CA TYR R 639 49.36 39.70 -9.32
C TYR R 639 50.72 40.37 -9.49
N LEU R 640 50.70 41.54 -10.14
CA LEU R 640 51.86 42.41 -10.19
C LEU R 640 52.07 43.07 -8.84
N PRO R 641 53.30 43.51 -8.55
CA PRO R 641 53.54 44.23 -7.28
C PRO R 641 52.86 45.58 -7.28
N GLY R 642 52.18 45.88 -6.17
CA GLY R 642 51.46 47.13 -6.03
C GLY R 642 50.29 47.29 -6.97
N GLU R 643 49.77 46.19 -7.52
CA GLU R 643 48.73 46.28 -8.52
C GLU R 643 47.36 46.57 -7.88
N SER R 644 47.12 46.07 -6.69
CA SER R 644 45.78 46.16 -6.11
C SER R 644 45.88 46.46 -4.63
N TYR R 645 44.71 46.70 -4.04
CA TYR R 645 44.59 47.01 -2.62
C TYR R 645 44.90 45.77 -1.79
N ALA R 646 45.05 46.00 -0.48
CA ALA R 646 45.32 44.97 0.53
C ALA R 646 46.57 44.16 0.21
N TYR R 647 47.62 44.85 -0.25
CA TYR R 647 48.90 44.23 -0.58
C TYR R 647 50.02 45.21 -0.32
N LEU R 648 51.00 44.79 0.46
CA LEU R 648 52.24 45.53 0.52
C LEU R 648 53.32 44.74 -0.19
N CYS R 649 54.07 45.40 -1.06
CA CYS R 649 55.02 44.76 -1.93
C CYS R 649 56.42 45.24 -1.58
N LEU R 650 57.38 44.31 -1.56
CA LEU R 650 58.67 44.56 -0.93
C LEU R 650 59.74 43.76 -1.65
N GLY R 651 60.45 44.41 -2.57
CA GLY R 651 61.43 43.73 -3.42
C GLY R 651 62.85 44.14 -3.10
N PHE R 652 63.80 43.31 -3.54
CA PHE R 652 65.23 43.51 -3.28
C PHE R 652 66.06 42.99 -4.45
N ASN R 653 67.36 43.29 -4.42
CA ASN R 653 68.24 43.19 -5.57
C ASN R 653 69.54 42.48 -5.20
N ARG R 654 70.31 42.10 -6.22
CA ARG R 654 71.72 41.78 -6.01
C ARG R 654 72.52 43.04 -5.66
N ARG R 655 72.09 44.20 -6.15
CA ARG R 655 72.66 45.47 -5.74
C ARG R 655 72.25 45.80 -4.31
N LEU R 656 71.16 45.17 -3.83
CA LEU R 656 70.62 45.31 -2.47
C LEU R 656 70.06 46.71 -2.25
N CYS R 657 69.71 47.36 -3.35
CA CYS R 657 68.85 48.53 -3.35
C CYS R 657 67.41 48.04 -3.52
N GLY R 658 66.64 48.10 -2.45
CA GLY R 658 65.33 47.49 -2.42
C GLY R 658 64.20 48.45 -2.75
N LEU R 659 63.01 47.87 -2.96
CA LEU R 659 61.82 48.66 -3.17
C LEU R 659 60.76 48.35 -2.13
N VAL R 660 59.99 49.38 -1.79
CA VAL R 660 58.78 49.27 -0.99
C VAL R 660 57.65 49.77 -1.87
N VAL R 661 56.88 48.85 -2.44
CA VAL R 661 55.87 49.21 -3.43
C VAL R 661 54.50 49.17 -2.76
N PHE R 662 53.81 50.29 -2.79
CA PHE R 662 52.45 50.48 -2.33
C PHE R 662 51.49 50.45 -3.52
N PRO R 663 50.20 50.15 -3.29
CA PRO R 663 49.25 50.16 -4.42
C PRO R 663 49.03 51.56 -4.96
N GLY R 664 49.22 51.71 -6.28
CA GLY R 664 49.02 52.97 -6.96
C GLY R 664 50.27 53.56 -7.57
N GLY R 665 51.34 52.77 -7.74
CA GLY R 665 52.58 53.29 -8.29
C GLY R 665 53.48 53.97 -7.28
N PHE R 666 52.96 54.22 -6.07
CA PHE R 666 53.67 55.03 -5.09
C PHE R 666 54.76 54.19 -4.44
N ALA R 667 55.95 54.23 -5.02
CA ALA R 667 57.07 53.42 -4.55
C ALA R 667 58.34 54.25 -4.61
N PHE R 668 59.40 53.71 -4.01
CA PHE R 668 60.66 54.43 -3.88
C PHE R 668 61.78 53.45 -3.58
N THR R 669 62.96 53.73 -4.12
CA THR R 669 64.13 52.94 -3.82
C THR R 669 64.63 53.25 -2.42
N ILE R 670 65.37 52.31 -1.83
CA ILE R 670 66.06 52.49 -0.56
C ILE R 670 67.49 52.01 -0.74
N ASN R 671 68.44 52.83 -0.33
CA ASN R 671 69.84 52.40 -0.31
C ASN R 671 70.11 51.69 1.02
N THR R 672 69.76 50.41 1.07
CA THR R 672 70.17 49.56 2.20
C THR R 672 71.62 49.17 2.10
N ALA R 673 72.24 49.34 0.92
CA ALA R 673 73.66 49.08 0.75
C ALA R 673 74.51 50.07 1.53
N ALA R 674 73.98 51.25 1.85
CA ALA R 674 74.66 52.19 2.73
C ALA R 674 74.52 51.84 4.20
N TYR R 675 73.73 50.82 4.55
CA TYR R 675 73.52 50.44 5.94
C TYR R 675 73.84 49.00 6.26
N LEU R 676 74.09 48.15 5.27
CA LEU R 676 74.54 46.80 5.56
C LEU R 676 75.98 46.85 6.05
N SER R 677 76.19 46.59 7.33
CA SER R 677 77.51 46.52 7.92
C SER R 677 77.74 45.07 8.33
N LEU R 678 78.19 44.26 7.37
CA LEU R 678 78.53 42.88 7.60
C LEU R 678 80.03 42.71 7.39
N ALA R 679 80.74 42.44 8.48
CA ALA R 679 82.17 42.17 8.36
C ALA R 679 82.39 40.85 7.65
N ASP R 680 83.24 40.89 6.62
CA ASP R 680 83.56 39.73 5.78
C ASP R 680 84.09 38.50 6.53
N PRO R 681 85.00 38.60 7.51
CA PRO R 681 85.32 37.37 8.26
C PRO R 681 84.17 36.88 9.13
N VAL R 682 83.29 37.76 9.56
CA VAL R 682 82.04 37.29 10.15
C VAL R 682 81.14 36.71 9.07
N ALA R 683 81.11 37.35 7.90
CA ALA R 683 80.17 36.95 6.85
C ALA R 683 80.67 35.71 6.10
N ARG R 684 81.96 35.39 6.22
CA ARG R 684 82.45 34.24 5.48
C ARG R 684 82.11 32.92 6.15
N ALA R 685 81.79 32.92 7.45
CA ALA R 685 81.18 31.74 8.03
C ALA R 685 79.68 31.74 7.77
N VAL R 686 79.11 32.90 7.46
CA VAL R 686 77.70 33.00 7.12
C VAL R 686 77.40 32.44 5.74
N GLY R 687 78.16 32.85 4.74
CA GLY R 687 77.86 32.46 3.37
C GLY R 687 78.13 30.99 3.09
N LEU R 688 79.23 30.46 3.64
CA LEU R 688 79.59 29.06 3.39
C LEU R 688 78.58 28.09 3.97
N ARG R 689 77.91 28.46 5.07
CA ARG R 689 76.81 27.66 5.58
C ARG R 689 75.53 27.88 4.79
N PHE R 690 75.48 28.90 3.93
CA PHE R 690 74.28 29.28 3.21
C PHE R 690 74.48 29.34 1.70
N CYS R 691 75.63 28.95 1.18
CA CYS R 691 75.83 28.90 -0.26
C CYS R 691 75.81 27.45 -0.72
N ARG R 692 75.69 27.26 -2.03
CA ARG R 692 75.81 25.96 -2.66
C ARG R 692 76.73 26.07 -3.86
N GLY R 693 77.75 25.22 -3.89
CA GLY R 693 78.63 25.19 -5.04
C GLY R 693 77.92 24.60 -6.24
N ALA R 694 77.62 25.46 -7.22
CA ALA R 694 76.94 25.01 -8.44
C ALA R 694 77.92 24.29 -9.35
N ALA R 695 77.47 23.18 -9.94
CA ALA R 695 78.31 22.38 -10.82
C ALA R 695 78.60 23.09 -12.14
N MET S 1 41.74 64.74 2.85
CA MET S 1 42.67 63.66 2.54
C MET S 1 42.41 63.06 1.17
N ASP S 2 42.85 63.78 0.14
CA ASP S 2 42.84 63.27 -1.23
C ASP S 2 44.26 63.29 -1.80
N PRO S 3 44.71 62.22 -2.46
CA PRO S 3 46.05 62.23 -3.06
C PRO S 3 46.10 63.12 -4.28
N TYR S 4 47.27 63.71 -4.53
CA TYR S 4 47.41 64.71 -5.56
C TYR S 4 47.42 64.07 -6.94
N TYR S 5 46.95 64.82 -7.95
CA TYR S 5 46.91 64.36 -9.34
C TYR S 5 47.31 65.50 -10.26
N PRO S 6 48.11 65.25 -11.30
CA PRO S 6 48.45 66.32 -12.24
C PRO S 6 47.34 66.70 -13.22
N PHE S 7 46.67 65.73 -13.83
CA PHE S 7 45.65 66.00 -14.83
C PHE S 7 44.27 65.67 -14.30
N ASP S 8 43.24 66.19 -14.96
CA ASP S 8 41.87 65.96 -14.51
C ASP S 8 41.29 64.65 -15.03
N ALA S 9 41.10 64.51 -16.35
CA ALA S 9 40.34 63.38 -16.90
C ALA S 9 40.52 63.30 -18.41
N LEU S 10 40.28 62.11 -18.94
CA LEU S 10 39.98 61.84 -20.34
C LEU S 10 38.97 60.70 -20.45
N ASP S 11 38.43 60.52 -21.65
CA ASP S 11 37.52 59.43 -21.97
C ASP S 11 37.98 58.81 -23.29
N VAL S 12 38.48 57.58 -23.24
CA VAL S 12 39.07 56.92 -24.39
C VAL S 12 38.21 55.72 -24.74
N TRP S 13 37.78 55.65 -25.99
CA TRP S 13 37.20 54.43 -26.55
C TRP S 13 38.34 53.48 -26.89
N GLU S 14 38.22 52.23 -26.45
CA GLU S 14 39.28 51.24 -26.62
C GLU S 14 38.74 50.06 -27.39
N HIS S 15 39.18 49.91 -28.64
CA HIS S 15 38.85 48.74 -29.42
C HIS S 15 39.68 47.56 -28.93
N ARG S 16 39.09 46.36 -28.99
CA ARG S 16 39.70 45.22 -28.32
C ARG S 16 40.84 44.61 -29.14
N ARG S 17 40.74 44.62 -30.46
CA ARG S 17 41.87 44.16 -31.28
C ARG S 17 42.91 45.25 -31.45
N PHE S 18 42.52 46.51 -31.23
CA PHE S 18 43.37 47.65 -31.51
C PHE S 18 44.09 48.18 -30.27
N ILE S 19 44.56 47.28 -29.41
CA ILE S 19 45.40 47.71 -28.30
C ILE S 19 46.85 47.71 -28.76
N VAL S 20 47.45 48.90 -28.79
CA VAL S 20 48.84 49.09 -29.18
C VAL S 20 49.48 50.02 -28.15
N ALA S 21 50.72 49.69 -27.78
CA ALA S 21 51.47 50.30 -26.66
C ALA S 21 50.67 50.17 -25.35
N ASP S 22 50.54 48.91 -24.94
CA ASP S 22 49.59 48.44 -23.92
C ASP S 22 49.78 49.08 -22.53
N SER S 23 48.67 49.23 -21.79
CA SER S 23 48.65 49.73 -20.42
C SER S 23 47.71 48.89 -19.56
N ARG S 24 47.75 49.13 -18.25
CA ARG S 24 46.95 48.38 -17.29
C ARG S 24 46.14 49.32 -16.39
N SER S 25 45.28 48.71 -15.58
CA SER S 25 44.40 49.45 -14.68
C SER S 25 44.70 49.14 -13.21
N PHE S 26 43.86 49.69 -12.33
CA PHE S 26 43.99 49.51 -10.89
C PHE S 26 42.70 48.90 -10.36
N ILE S 27 42.81 48.03 -9.35
CA ILE S 27 41.66 47.29 -8.84
C ILE S 27 41.30 47.80 -7.44
N THR S 28 40.06 48.21 -7.28
CA THR S 28 39.45 48.56 -6.01
C THR S 28 38.20 47.70 -5.80
N PRO S 29 37.87 47.34 -4.56
CA PRO S 29 36.84 46.32 -4.37
C PRO S 29 35.42 46.82 -4.47
N GLU S 30 34.48 45.91 -4.16
CA GLU S 30 33.05 46.12 -4.29
C GLU S 30 32.37 46.53 -3.00
N PHE S 31 32.86 46.06 -1.87
CA PHE S 31 32.26 46.42 -0.60
C PHE S 31 32.59 47.86 -0.25
N PRO S 32 31.74 48.52 0.55
CA PRO S 32 32.08 49.85 1.05
C PRO S 32 33.27 49.82 1.99
N ARG S 33 33.97 50.95 2.04
CA ARG S 33 35.30 51.04 2.64
C ARG S 33 35.29 50.96 4.16
N ASP S 34 34.14 50.83 4.80
CA ASP S 34 34.13 50.63 6.25
C ASP S 34 34.60 49.24 6.63
N PHE S 35 34.74 48.34 5.66
CA PHE S 35 35.02 46.93 5.92
C PHE S 35 36.49 46.61 5.77
N TRP S 36 37.19 47.35 4.91
CA TRP S 36 38.64 47.22 4.73
C TRP S 36 39.28 47.84 5.95
N MET S 37 39.44 47.03 6.99
CA MET S 37 39.70 47.52 8.33
C MET S 37 41.17 47.91 8.51
N LEU S 38 41.44 48.44 9.70
CA LEU S 38 42.72 49.08 9.99
C LEU S 38 43.82 48.03 10.13
N PRO S 39 45.06 48.39 9.79
CA PRO S 39 46.18 47.47 10.03
C PRO S 39 46.47 47.36 11.52
N VAL S 40 46.33 46.16 12.06
CA VAL S 40 46.40 45.94 13.49
C VAL S 40 47.50 44.93 13.77
N PHE S 41 48.52 45.35 14.52
CA PHE S 41 49.48 44.45 15.16
C PHE S 41 49.48 44.76 16.64
N ASN S 42 48.86 43.89 17.43
CA ASN S 42 48.80 44.07 18.87
C ASN S 42 50.09 43.57 19.50
N ILE S 43 50.48 44.17 20.61
CA ILE S 43 51.60 43.64 21.40
C ILE S 43 51.15 42.35 22.09
N PRO S 44 51.90 41.27 22.00
CA PRO S 44 51.51 40.03 22.70
C PRO S 44 51.64 40.17 24.20
N ARG S 45 51.03 39.22 24.92
CA ARG S 45 51.06 39.23 26.38
C ARG S 45 52.46 39.01 26.92
N GLU S 46 53.19 38.05 26.38
CA GLU S 46 54.59 37.86 26.73
C GLU S 46 55.50 38.59 25.73
N THR S 47 56.64 39.03 26.23
CA THR S 47 57.59 39.83 25.47
C THR S 47 58.91 39.06 25.45
N ALA S 48 59.86 39.52 24.63
CA ALA S 48 61.17 38.89 24.57
C ALA S 48 61.95 39.03 25.86
N ALA S 49 61.93 40.23 26.46
CA ALA S 49 62.76 40.49 27.64
C ALA S 49 62.22 39.80 28.88
N GLU S 50 60.90 39.62 28.97
CA GLU S 50 60.30 38.98 30.13
C GLU S 50 60.59 37.48 30.18
N ARG S 51 60.94 36.90 29.04
CA ARG S 51 61.33 35.49 29.01
C ARG S 51 62.66 35.26 29.71
N ALA S 52 63.49 36.30 29.81
CA ALA S 52 64.73 36.19 30.58
C ALA S 52 64.43 36.09 32.07
N ALA S 53 63.31 36.65 32.52
CA ALA S 53 62.91 36.50 33.91
C ALA S 53 62.36 35.12 34.18
N VAL S 54 61.80 34.48 33.15
CA VAL S 54 61.20 33.16 33.34
C VAL S 54 62.27 32.07 33.30
N LEU S 55 63.14 32.12 32.30
CA LEU S 55 64.07 31.02 32.06
C LEU S 55 65.22 30.99 33.04
N GLN S 56 65.67 32.14 33.53
CA GLN S 56 66.71 32.15 34.55
C GLN S 56 66.21 31.63 35.89
N ALA S 57 64.93 31.82 36.19
CA ALA S 57 64.37 31.22 37.40
C ALA S 57 64.19 29.73 37.25
N GLN S 58 63.90 29.25 36.03
CA GLN S 58 63.83 27.82 35.78
C GLN S 58 65.22 27.19 35.73
N ARG S 59 66.24 27.95 35.34
CA ARG S 59 67.60 27.42 35.35
C ARG S 59 68.11 27.26 36.77
N THR S 60 68.08 28.35 37.55
CA THR S 60 68.77 28.38 38.83
C THR S 60 68.07 27.57 39.92
N ALA S 61 66.75 27.42 39.85
CA ALA S 61 66.04 26.62 40.85
C ALA S 61 66.29 25.13 40.64
N ALA S 62 66.41 24.71 39.37
CA ALA S 62 66.82 23.34 39.11
C ALA S 62 68.32 23.16 39.29
N ALA S 63 69.08 24.26 39.23
CA ALA S 63 70.51 24.21 39.48
C ALA S 63 70.83 23.87 40.92
N ALA S 64 70.00 24.29 41.86
CA ALA S 64 70.11 23.79 43.23
C ALA S 64 69.64 22.35 43.31
N ALA S 65 68.64 21.99 42.51
CA ALA S 65 68.19 20.60 42.44
C ALA S 65 69.23 19.73 41.74
N LEU S 66 69.97 20.30 40.78
CA LEU S 66 71.16 19.62 40.26
C LEU S 66 72.21 19.45 41.34
N GLU S 67 72.33 20.43 42.25
CA GLU S 67 73.23 20.28 43.38
C GLU S 67 72.60 19.49 44.51
N ASN S 68 71.27 19.45 44.59
CA ASN S 68 70.64 18.53 45.53
C ASN S 68 70.73 17.11 45.00
N ALA S 69 70.90 16.97 43.69
CA ALA S 69 71.30 15.68 43.13
C ALA S 69 72.80 15.44 43.30
N ALA S 70 73.61 16.49 43.18
CA ALA S 70 75.06 16.32 43.27
C ALA S 70 75.50 16.07 44.72
N LEU S 71 74.81 16.66 45.69
CA LEU S 71 75.06 16.33 47.09
C LEU S 71 74.40 15.02 47.49
N GLN S 72 73.60 14.42 46.61
CA GLN S 72 73.13 13.06 46.87
C GLN S 72 73.97 12.04 46.09
N ALA S 73 74.46 12.43 44.91
CA ALA S 73 75.31 11.54 44.12
C ALA S 73 76.75 11.48 44.62
N ALA S 74 77.24 12.52 45.28
CA ALA S 74 78.54 12.44 45.94
C ALA S 74 78.48 11.69 47.26
N GLU S 75 77.28 11.40 47.76
CA GLU S 75 77.09 10.52 48.90
C GLU S 75 77.24 9.06 48.51
N LEU S 76 77.19 8.76 47.21
CA LEU S 76 77.35 7.38 46.76
C LEU S 76 78.78 6.83 46.81
N PRO S 77 79.86 7.56 46.42
CA PRO S 77 81.20 7.00 46.64
C PRO S 77 81.66 7.01 48.09
N VAL S 78 80.86 7.56 49.00
CA VAL S 78 81.17 7.47 50.42
C VAL S 78 80.82 6.07 50.94
N ASP S 79 79.95 5.36 50.21
CA ASP S 79 79.29 4.17 50.75
C ASP S 79 80.24 3.00 50.93
N ILE S 80 80.77 2.44 49.83
CA ILE S 80 81.55 1.21 49.94
C ILE S 80 82.94 1.51 50.53
N GLU S 81 83.34 2.78 50.50
CA GLU S 81 84.49 3.25 51.24
C GLU S 81 84.25 3.29 52.75
N ARG S 82 83.02 3.00 53.18
CA ARG S 82 82.67 2.72 54.57
C ARG S 82 82.21 1.28 54.77
N ARG S 83 81.82 0.60 53.68
CA ARG S 83 81.29 -0.76 53.81
C ARG S 83 82.37 -1.82 53.96
N ILE S 84 83.28 -1.94 52.99
CA ILE S 84 84.21 -3.07 52.96
C ILE S 84 85.50 -2.77 53.74
N ARG S 85 85.71 -1.50 54.14
CA ARG S 85 86.83 -1.17 55.02
C ARG S 85 86.81 -1.90 56.36
N PRO S 86 85.66 -2.28 56.94
CA PRO S 86 85.69 -3.32 57.97
C PRO S 86 85.72 -4.75 57.43
N ILE S 87 85.38 -4.99 56.15
CA ILE S 87 85.39 -6.36 55.63
C ILE S 87 86.76 -6.68 55.04
N GLU S 88 87.57 -5.65 54.79
CA GLU S 88 88.95 -5.84 54.36
C GLU S 88 89.85 -6.18 55.55
N GLN S 89 89.29 -6.18 56.76
CA GLN S 89 90.02 -6.55 57.97
C GLN S 89 90.33 -8.05 57.99
N GLN S 90 89.47 -8.86 57.37
CA GLN S 90 89.50 -10.30 57.62
C GLN S 90 90.45 -11.03 56.67
N VAL S 91 91.22 -10.29 55.87
CA VAL S 91 91.82 -10.85 54.65
C VAL S 91 92.98 -11.77 54.98
N HIS S 92 94.06 -11.23 55.56
CA HIS S 92 95.25 -12.03 55.76
C HIS S 92 95.15 -12.87 57.04
N HIS S 93 94.28 -12.47 57.95
CA HIS S 93 94.18 -13.16 59.24
C HIS S 93 93.55 -14.54 59.08
N ILE S 94 92.36 -14.60 58.49
CA ILE S 94 91.70 -15.88 58.29
C ILE S 94 91.57 -16.15 56.79
N TRP T 13 33.80 46.35 -27.32
CA TRP T 13 34.20 47.59 -26.68
C TRP T 13 34.15 47.47 -25.16
N GLU T 14 34.63 48.50 -24.47
CA GLU T 14 34.56 48.58 -23.01
C GLU T 14 34.55 50.05 -22.61
N HIS T 15 33.80 50.36 -21.56
CA HIS T 15 33.52 51.74 -21.20
C HIS T 15 33.89 52.00 -19.74
N ARG T 16 34.88 52.87 -19.54
CA ARG T 16 35.34 53.27 -18.21
C ARG T 16 36.02 54.63 -18.33
N ARG T 17 36.22 55.25 -17.16
CA ARG T 17 36.90 56.54 -17.09
C ARG T 17 38.41 56.35 -17.21
N PHE T 18 39.13 57.47 -17.36
CA PHE T 18 40.54 57.40 -17.74
C PHE T 18 41.25 58.65 -17.25
N ILE T 19 42.41 58.47 -16.61
CA ILE T 19 43.29 59.56 -16.21
C ILE T 19 44.69 59.23 -16.72
N VAL T 20 45.36 60.22 -17.31
CA VAL T 20 46.68 60.04 -17.90
C VAL T 20 47.71 59.79 -16.78
N ALA T 21 48.51 58.74 -16.94
CA ALA T 21 49.51 58.34 -15.94
C ALA T 21 50.73 59.24 -16.08
N ASP T 22 51.01 60.01 -15.03
CA ASP T 22 52.18 60.88 -14.98
C ASP T 22 52.83 60.77 -13.60
N SER T 23 54.10 61.14 -13.52
CA SER T 23 54.83 61.08 -12.26
C SER T 23 54.67 62.34 -11.42
N ARG T 24 53.58 63.09 -11.61
CA ARG T 24 53.27 64.23 -10.75
C ARG T 24 52.05 63.97 -9.87
N SER T 25 51.75 62.71 -9.56
CA SER T 25 50.63 62.33 -8.71
C SER T 25 51.15 61.82 -7.38
N PHE T 26 50.87 62.56 -6.31
CA PHE T 26 51.47 62.26 -5.02
C PHE T 26 50.40 61.95 -3.98
N ILE T 27 50.62 60.88 -3.23
CA ILE T 27 49.80 60.65 -2.05
C ILE T 27 50.56 61.10 -0.81
N THR T 28 49.86 61.83 0.06
CA THR T 28 50.50 62.58 1.15
C THR T 28 50.48 61.78 2.44
N PRO T 29 51.63 61.49 3.01
CA PRO T 29 51.68 60.90 4.36
C PRO T 29 51.88 61.96 5.44
N GLU T 30 51.47 61.66 6.67
CA GLU T 30 51.75 62.51 7.82
C GLU T 30 52.60 61.73 8.81
N PHE T 31 53.17 62.43 9.79
CA PHE T 31 53.92 61.76 10.83
C PHE T 31 53.54 62.29 12.21
N PRO T 32 53.56 61.44 13.23
CA PRO T 32 53.30 61.90 14.61
C PRO T 32 54.52 62.36 15.39
N ARG T 33 55.70 62.45 14.74
CA ARG T 33 57.02 62.90 15.22
C ARG T 33 57.70 61.92 16.17
N ASP T 34 57.01 60.91 16.66
CA ASP T 34 57.55 59.89 17.53
C ASP T 34 57.68 58.57 16.80
N PHE T 35 57.41 58.61 15.51
CA PHE T 35 57.39 57.41 14.67
C PHE T 35 58.77 56.79 14.56
N TRP T 36 59.82 57.61 14.58
CA TRP T 36 61.17 57.07 14.52
C TRP T 36 61.75 56.86 15.90
N MET T 37 61.06 57.35 16.94
CA MET T 37 61.38 57.01 18.32
C MET T 37 60.55 55.80 18.75
N LEU T 38 60.59 54.77 17.92
CA LEU T 38 59.92 53.49 18.02
C LEU T 38 60.91 52.45 18.48
N PRO T 39 60.47 51.33 19.07
CA PRO T 39 61.45 50.31 19.49
C PRO T 39 62.15 49.61 18.35
N VAL T 40 61.61 49.66 17.13
CA VAL T 40 62.23 48.90 16.05
C VAL T 40 63.04 49.81 15.13
N PHE T 41 62.69 51.09 15.03
CA PHE T 41 63.56 52.05 14.35
C PHE T 41 64.86 52.32 15.10
N ASN T 42 64.90 52.07 16.40
CA ASN T 42 66.04 52.38 17.24
C ASN T 42 66.41 51.10 17.97
N ILE T 43 67.17 50.24 17.31
CA ILE T 43 67.54 48.94 17.87
C ILE T 43 69.02 48.97 18.22
N PRO T 44 69.40 48.54 19.44
CA PRO T 44 70.82 48.43 19.78
C PRO T 44 71.49 47.27 19.06
N ARG T 45 72.77 47.09 19.36
CA ARG T 45 73.55 46.07 18.66
C ARG T 45 73.10 44.67 19.00
N GLU T 46 72.61 44.45 20.23
CA GLU T 46 72.10 43.15 20.64
C GLU T 46 70.71 43.36 21.23
N THR T 47 69.83 42.37 21.06
CA THR T 47 68.48 42.44 21.60
C THR T 47 68.38 41.63 22.90
N ALA T 48 67.29 41.86 23.62
CA ALA T 48 66.88 40.93 24.66
C ALA T 48 66.28 39.66 24.08
N ALA T 49 65.86 39.70 22.82
CA ALA T 49 65.37 38.50 22.15
C ALA T 49 66.49 37.53 21.84
N GLU T 50 67.71 38.04 21.66
CA GLU T 50 68.84 37.19 21.27
C GLU T 50 69.25 36.27 22.42
N ARG T 51 69.12 36.74 23.65
CA ARG T 51 69.41 35.90 24.79
C ARG T 51 68.36 34.81 24.98
N ALA T 52 67.09 35.14 24.68
CA ALA T 52 65.98 34.26 25.08
C ALA T 52 65.98 32.97 24.29
N ALA T 53 66.52 32.99 23.07
CA ALA T 53 66.69 31.74 22.32
C ALA T 53 67.83 30.91 22.91
N VAL T 54 68.93 31.57 23.26
CA VAL T 54 70.07 30.88 23.85
C VAL T 54 69.74 30.37 25.24
N LEU T 55 69.02 31.20 26.02
CA LEU T 55 68.66 30.83 27.38
C LEU T 55 67.60 29.73 27.40
N GLN T 56 66.89 29.56 26.28
CA GLN T 56 66.01 28.40 26.13
C GLN T 56 66.77 27.18 25.64
N ALA T 57 67.65 27.36 24.66
CA ALA T 57 68.33 26.22 24.04
C ALA T 57 69.31 25.56 25.00
N GLN T 58 69.96 26.34 25.86
CA GLN T 58 70.74 25.76 26.94
C GLN T 58 69.85 25.07 27.95
N ARG T 59 68.63 25.58 28.15
CA ARG T 59 67.70 24.95 29.08
C ARG T 59 67.16 23.64 28.52
N THR T 60 66.87 23.61 27.22
CA THR T 60 66.49 22.36 26.57
C THR T 60 67.62 21.35 26.58
N ALA T 61 68.86 21.81 26.51
CA ALA T 61 70.00 20.91 26.62
C ALA T 61 70.09 20.32 28.02
N ALA T 62 69.94 21.16 29.05
CA ALA T 62 69.94 20.71 30.43
C ALA T 62 68.73 19.85 30.76
N ALA T 63 67.61 20.03 30.06
CA ALA T 63 66.50 19.11 30.21
C ALA T 63 66.82 17.77 29.55
N ALA T 64 67.54 17.79 28.43
CA ALA T 64 67.95 16.54 27.79
C ALA T 64 69.11 15.90 28.53
N ALA T 65 69.96 16.71 29.16
CA ALA T 65 71.09 16.17 29.91
C ALA T 65 70.66 15.46 31.19
N LEU T 66 69.41 15.64 31.61
CA LEU T 66 68.83 14.80 32.66
C LEU T 66 68.81 13.35 32.24
N GLU T 67 68.06 13.04 31.17
CA GLU T 67 67.90 11.66 30.75
C GLU T 67 69.13 11.16 29.99
N ASN T 68 70.03 12.04 29.59
CA ASN T 68 71.38 11.62 29.22
C ASN T 68 72.12 11.09 30.43
N ALA T 69 71.88 11.70 31.60
CA ALA T 69 72.57 11.25 32.81
C ALA T 69 71.74 10.25 33.61
N ALA T 70 70.41 10.32 33.52
CA ALA T 70 69.56 9.37 34.23
C ALA T 70 69.69 7.97 33.64
N LEU T 71 69.72 7.88 32.31
CA LEU T 71 70.02 6.61 31.67
C LEU T 71 71.48 6.20 31.85
N GLN T 72 72.36 7.16 32.11
CA GLN T 72 73.72 6.84 32.51
C GLN T 72 73.78 6.43 33.98
N ALA T 73 72.91 7.00 34.81
CA ALA T 73 72.76 6.57 36.19
C ALA T 73 71.77 5.42 36.34
N ALA T 74 71.45 4.71 35.25
CA ALA T 74 70.60 3.54 35.32
C ALA T 74 71.37 2.27 35.71
N GLU T 75 72.64 2.39 36.11
CA GLU T 75 73.42 1.25 36.57
C GLU T 75 73.73 1.29 38.06
N LEU T 76 73.40 2.39 38.75
CA LEU T 76 73.71 2.49 40.18
C LEU T 76 72.92 1.52 41.06
N PRO T 77 71.66 1.17 40.79
CA PRO T 77 71.10 -0.02 41.45
C PRO T 77 71.37 -1.32 40.70
N VAL T 78 72.31 -1.33 39.74
CA VAL T 78 72.54 -2.53 38.95
C VAL T 78 73.93 -3.09 39.20
N ASP T 79 74.93 -2.21 39.36
CA ASP T 79 76.33 -2.62 39.45
C ASP T 79 76.70 -3.28 40.78
N ILE T 80 75.74 -3.54 41.65
CA ILE T 80 76.02 -4.00 43.00
C ILE T 80 75.56 -5.45 43.23
N GLU T 81 74.55 -5.91 42.49
CA GLU T 81 73.99 -7.23 42.70
C GLU T 81 74.96 -8.35 42.29
N ARG T 82 75.67 -8.16 41.18
CA ARG T 82 76.60 -9.17 40.70
C ARG T 82 77.92 -9.17 41.47
N ARG T 83 78.17 -8.14 42.29
CA ARG T 83 79.39 -8.08 43.08
C ARG T 83 79.16 -8.46 44.54
N ILE T 84 77.96 -8.90 44.90
CA ILE T 84 77.68 -9.34 46.27
C ILE T 84 77.04 -10.72 46.31
N ARG T 85 75.97 -10.93 45.54
CA ARG T 85 75.09 -12.07 45.75
C ARG T 85 75.67 -13.47 45.48
N PRO T 86 76.43 -13.75 44.42
CA PRO T 86 77.00 -15.10 44.30
C PRO T 86 78.26 -15.33 45.13
N ILE T 87 78.57 -14.43 46.06
CA ILE T 87 79.81 -14.54 46.82
C ILE T 87 79.49 -15.01 48.25
N GLU T 88 78.23 -14.80 48.67
CA GLU T 88 77.83 -15.11 50.04
C GLU T 88 77.52 -16.59 50.21
N GLN T 89 77.05 -17.26 49.15
CA GLN T 89 76.78 -18.69 49.25
C GLN T 89 78.06 -19.50 49.13
N GLN T 90 79.13 -18.85 48.66
CA GLN T 90 80.47 -19.42 48.79
C GLN T 90 80.89 -19.45 50.25
N VAL T 91 80.56 -18.38 50.97
CA VAL T 91 80.81 -18.30 52.41
C VAL T 91 79.99 -19.37 53.13
N HIS T 92 78.80 -19.65 52.64
CA HIS T 92 78.02 -20.81 53.07
C HIS T 92 78.71 -22.11 52.71
N ARG U 3075 90.01 -34.17 68.89
CA ARG U 3075 89.15 -33.09 69.37
C ARG U 3075 89.86 -31.74 69.30
N SER U 3076 90.55 -31.39 70.38
CA SER U 3076 91.12 -30.07 70.54
C SER U 3076 92.34 -29.80 69.66
N THR U 3077 92.90 -30.82 69.02
CA THR U 3077 93.99 -30.59 68.07
C THR U 3077 93.45 -30.41 66.66
N GLY U 3078 92.21 -30.87 66.41
CA GLY U 3078 91.65 -30.78 65.07
C GLY U 3078 90.48 -29.84 64.94
N ARG U 3079 89.82 -29.49 66.05
CA ARG U 3079 88.58 -28.72 65.96
C ARG U 3079 88.70 -27.33 66.60
N SER U 3080 89.73 -27.11 67.42
CA SER U 3080 89.93 -25.81 68.06
C SER U 3080 90.34 -24.72 67.10
N ALA U 3081 90.80 -25.08 65.89
CA ALA U 3081 91.09 -24.07 64.88
C ALA U 3081 90.03 -24.06 63.78
N LEU U 3082 89.02 -24.95 63.86
CA LEU U 3082 87.92 -24.91 62.91
C LEU U 3082 87.08 -23.66 63.05
N ALA U 3083 86.80 -23.21 64.28
CA ALA U 3083 85.93 -22.06 64.50
C ALA U 3083 86.58 -20.74 64.06
N VAL U 3084 87.89 -20.73 63.84
CA VAL U 3084 88.52 -19.58 63.19
C VAL U 3084 88.07 -19.51 61.74
N LEU U 3085 87.96 -20.66 61.07
CA LEU U 3085 87.43 -20.74 59.71
C LEU U 3085 85.92 -20.84 59.66
N ILE U 3086 85.25 -21.21 60.76
CA ILE U 3086 83.80 -21.33 60.76
C ILE U 3086 83.13 -19.99 61.03
N ARG U 3087 83.54 -19.32 62.11
CA ARG U 3087 82.98 -18.01 62.42
C ARG U 3087 83.41 -16.94 61.41
N ALA U 3088 84.48 -17.17 60.67
CA ALA U 3088 84.74 -16.32 59.51
C ALA U 3088 83.76 -16.63 58.39
N CYS U 3089 83.39 -17.91 58.22
CA CYS U 3089 82.52 -18.25 57.10
C CYS U 3089 81.04 -18.25 57.51
N ARG U 3090 80.71 -17.63 58.64
CA ARG U 3090 79.30 -17.46 58.98
C ARG U 3090 78.96 -16.00 59.24
N ARG U 3091 79.88 -15.08 58.95
CA ARG U 3091 79.67 -13.66 59.15
C ARG U 3091 79.76 -12.85 57.87
N ILE U 3092 80.44 -13.37 56.85
CA ILE U 3092 80.52 -12.66 55.58
C ILE U 3092 79.17 -12.76 54.85
N GLN U 3093 78.36 -13.77 55.21
CA GLN U 3093 76.94 -13.74 54.89
C GLN U 3093 76.27 -12.50 55.47
N GLN U 3094 76.61 -12.13 56.71
CA GLN U 3094 76.03 -10.97 57.34
C GLN U 3094 76.79 -9.69 56.98
N GLN U 3095 78.11 -9.75 56.85
CA GLN U 3095 78.87 -8.53 56.54
C GLN U 3095 78.65 -8.06 55.11
N LEU U 3096 78.19 -8.91 54.21
CA LEU U 3096 77.94 -8.46 52.85
C LEU U 3096 76.47 -8.26 52.52
N GLN U 3097 75.54 -8.81 53.31
CA GLN U 3097 74.14 -8.47 53.12
C GLN U 3097 73.81 -7.12 53.78
N ARG U 3098 74.58 -6.71 54.78
CA ARG U 3098 74.47 -5.33 55.26
C ARG U 3098 75.05 -4.35 54.26
N THR U 3099 75.94 -4.81 53.37
CA THR U 3099 76.36 -3.95 52.27
C THR U 3099 75.36 -3.96 51.12
N ARG U 3100 74.39 -4.89 51.13
CA ARG U 3100 73.38 -4.84 50.07
C ARG U 3100 72.44 -3.67 50.29
N ARG U 3101 71.69 -3.68 51.39
CA ARG U 3101 70.62 -2.72 51.60
C ARG U 3101 71.16 -1.32 51.86
N ALA U 3102 72.35 -1.22 52.49
CA ALA U 3102 72.98 0.09 52.63
C ALA U 3102 73.53 0.62 51.32
N LEU U 3103 73.57 -0.21 50.27
CA LEU U 3103 73.76 0.26 48.89
C LEU U 3103 72.46 0.36 48.12
N PHE U 3104 71.35 -0.11 48.69
CA PHE U 3104 70.02 0.13 48.12
C PHE U 3104 69.13 0.99 49.00
N GLN U 3105 69.63 1.46 50.15
CA GLN U 3105 69.01 2.57 50.86
C GLN U 3105 69.68 3.91 50.54
N ARG U 3106 70.78 3.89 49.79
CA ARG U 3106 71.59 5.09 49.58
C ARG U 3106 71.83 5.39 48.11
N SER U 3107 71.53 4.45 47.21
CA SER U 3107 71.69 4.75 45.78
C SER U 3107 70.36 5.11 45.12
N ASN U 3108 69.24 4.69 45.69
CA ASN U 3108 67.94 5.06 45.15
C ASN U 3108 67.60 6.53 45.37
N ALA U 3109 68.24 7.18 46.35
CA ALA U 3109 67.92 8.57 46.65
C ALA U 3109 68.49 9.51 45.58
N VAL U 3110 69.46 9.05 44.79
CA VAL U 3110 70.05 9.91 43.77
C VAL U 3110 69.08 10.09 42.61
N LEU U 3111 68.52 8.98 42.10
CA LEU U 3111 67.55 9.06 41.01
C LEU U 3111 66.23 9.68 41.45
N THR U 3112 65.87 9.53 42.73
CA THR U 3112 64.66 10.17 43.24
C THR U 3112 64.85 11.68 43.31
N SER U 3113 66.07 12.13 43.63
CA SER U 3113 66.38 13.55 43.51
C SER U 3113 66.45 13.97 42.04
N LEU U 3114 66.78 13.04 41.15
CA LEU U 3114 66.76 13.35 39.72
C LEU U 3114 65.33 13.36 39.19
N HIS U 3115 64.43 12.64 39.85
CA HIS U 3115 62.99 12.76 39.57
C HIS U 3115 62.49 14.14 39.94
N HIS U 3116 63.08 14.77 40.95
CA HIS U 3116 62.70 16.11 41.37
C HIS U 3116 63.07 17.16 40.31
N VAL U 3117 64.13 16.92 39.54
CA VAL U 3117 64.56 17.92 38.56
C VAL U 3117 63.58 17.96 37.39
N ARG U 3118 63.00 16.81 37.05
CA ARG U 3118 62.01 16.73 35.98
C ARG U 3118 60.71 17.41 36.39
N MET U 3119 60.45 17.52 37.70
CA MET U 3119 59.31 18.28 38.17
C MET U 3119 59.55 19.78 38.01
N LEU U 3120 60.81 20.21 37.95
CA LEU U 3120 61.11 21.63 37.76
C LEU U 3120 61.42 21.94 36.30
N LEU U 3121 62.06 21.03 35.59
CA LEU U 3121 62.34 21.26 34.17
C LEU U 3121 61.38 20.45 33.31
N ARG V 3075 97.67 -37.33 58.23
CA ARG V 3075 97.92 -35.89 58.09
C ARG V 3075 97.35 -35.40 56.76
N SER V 3076 97.38 -36.26 55.75
CA SER V 3076 96.85 -35.92 54.44
C SER V 3076 95.34 -36.11 54.34
N THR V 3077 94.66 -36.36 55.46
CA THR V 3077 93.20 -36.30 55.48
C THR V 3077 92.70 -35.16 56.35
N GLY V 3078 93.33 -34.96 57.50
CA GLY V 3078 92.90 -33.90 58.41
C GLY V 3078 93.30 -32.51 57.96
N ARG V 3079 94.58 -32.32 57.62
CA ARG V 3079 95.01 -31.03 57.07
C ARG V 3079 94.49 -30.83 55.65
N SER V 3080 94.37 -31.90 54.87
CA SER V 3080 93.91 -31.78 53.50
C SER V 3080 92.40 -31.62 53.39
N ALA V 3081 91.68 -31.73 54.50
CA ALA V 3081 90.32 -31.21 54.54
C ALA V 3081 90.31 -29.73 54.89
N LEU V 3082 91.49 -29.16 55.24
CA LEU V 3082 91.54 -27.77 55.66
C LEU V 3082 92.19 -26.87 54.61
N ALA V 3083 93.10 -27.40 53.78
CA ALA V 3083 93.59 -26.64 52.63
C ALA V 3083 92.49 -26.39 51.61
N VAL V 3084 91.47 -27.25 51.58
CA VAL V 3084 90.20 -26.95 50.93
C VAL V 3084 89.59 -25.68 51.52
N LEU V 3085 89.59 -25.57 52.85
CA LEU V 3085 88.80 -24.54 53.52
C LEU V 3085 89.62 -23.42 54.15
N ILE V 3086 90.92 -23.33 53.86
CA ILE V 3086 91.66 -22.10 54.15
C ILE V 3086 91.66 -21.20 52.92
N ARG V 3087 91.92 -21.77 51.74
CA ARG V 3087 91.88 -21.04 50.48
C ARG V 3087 90.47 -20.56 50.13
N ALA V 3088 89.43 -21.23 50.64
CA ALA V 3088 88.06 -20.88 50.29
C ALA V 3088 87.67 -19.52 50.84
N CYS V 3089 88.05 -19.21 52.08
CA CYS V 3089 87.73 -17.90 52.63
C CYS V 3089 88.73 -16.83 52.17
N ARG V 3090 89.95 -17.23 51.80
CA ARG V 3090 90.96 -16.23 51.49
C ARG V 3090 90.96 -15.82 50.02
N ARG V 3091 89.90 -16.15 49.28
CA ARG V 3091 89.71 -15.65 47.92
C ARG V 3091 88.34 -15.04 47.71
N ILE V 3092 87.43 -15.27 48.66
CA ILE V 3092 86.23 -14.46 48.79
C ILE V 3092 86.60 -13.06 49.26
N GLN V 3093 87.52 -12.97 50.21
CA GLN V 3093 87.87 -11.68 50.81
C GLN V 3093 88.73 -10.83 49.89
N GLN V 3094 89.32 -11.43 48.85
CA GLN V 3094 90.21 -10.69 47.97
C GLN V 3094 89.46 -9.95 46.86
N GLN V 3095 88.32 -10.47 46.40
CA GLN V 3095 87.52 -9.74 45.41
C GLN V 3095 86.89 -8.50 46.00
N LEU V 3096 86.62 -8.51 47.31
CA LEU V 3096 85.99 -7.40 47.99
C LEU V 3096 86.88 -6.17 48.04
N GLN V 3097 88.21 -6.34 47.86
CA GLN V 3097 89.08 -5.21 47.60
C GLN V 3097 88.88 -4.66 46.19
N ARG V 3098 88.50 -5.53 45.24
CA ARG V 3098 88.42 -5.08 43.85
C ARG V 3098 87.02 -4.60 43.48
N THR V 3099 86.00 -4.93 44.28
CA THR V 3099 84.67 -4.38 44.02
C THR V 3099 84.51 -2.97 44.54
N ARG V 3100 85.39 -2.53 45.45
CA ARG V 3100 85.41 -1.14 45.86
C ARG V 3100 85.92 -0.24 44.73
N ARG V 3101 86.80 -0.79 43.88
CA ARG V 3101 87.56 0.04 42.96
C ARG V 3101 86.95 0.06 41.57
N ALA V 3102 86.28 -1.02 41.17
CA ALA V 3102 85.70 -1.09 39.84
C ALA V 3102 84.24 -0.67 39.78
N LEU V 3103 83.72 0.00 40.80
CA LEU V 3103 82.31 0.38 40.83
C LEU V 3103 82.07 1.85 41.07
N PHE V 3104 83.08 2.62 41.52
CA PHE V 3104 82.92 4.06 41.61
C PHE V 3104 83.68 4.82 40.53
N GLN V 3105 84.58 4.16 39.82
CA GLN V 3105 85.22 4.77 38.68
C GLN V 3105 84.35 4.71 37.44
N ARG V 3106 83.17 4.11 37.54
CA ARG V 3106 82.05 4.24 36.63
C ARG V 3106 81.07 5.31 37.09
N SER V 3107 80.99 5.56 38.40
CA SER V 3107 80.09 6.60 38.92
C SER V 3107 80.81 7.91 39.16
N ASN V 3108 82.14 7.91 39.16
CA ASN V 3108 82.86 9.18 39.08
C ASN V 3108 82.66 9.86 37.73
N ALA V 3109 82.50 9.07 36.66
CA ALA V 3109 82.06 9.64 35.39
C ALA V 3109 80.62 10.11 35.48
N VAL V 3110 79.81 9.49 36.35
CA VAL V 3110 78.48 10.01 36.62
C VAL V 3110 78.58 11.28 37.46
N LEU V 3111 79.54 11.32 38.39
CA LEU V 3111 79.81 12.55 39.13
C LEU V 3111 80.39 13.65 38.25
N THR V 3112 81.04 13.27 37.15
CA THR V 3112 81.50 14.25 36.18
C THR V 3112 80.34 14.84 35.39
N SER V 3113 79.44 13.98 34.89
CA SER V 3113 78.39 14.44 33.99
C SER V 3113 77.29 15.18 34.74
N LEU V 3114 76.97 14.75 35.96
CA LEU V 3114 75.90 15.40 36.73
C LEU V 3114 76.28 16.80 37.16
N HIS V 3115 77.56 17.04 37.48
CA HIS V 3115 78.02 18.42 37.65
C HIS V 3115 78.18 19.11 36.30
N HIS V 3116 78.31 18.34 35.22
CA HIS V 3116 78.49 18.98 33.91
C HIS V 3116 77.17 19.51 33.37
N VAL V 3117 76.04 19.05 33.91
CA VAL V 3117 74.73 19.56 33.47
C VAL V 3117 74.56 21.02 33.88
N ARG V 3118 75.00 21.39 35.08
CA ARG V 3118 75.01 22.79 35.44
C ARG V 3118 76.19 23.52 34.79
N MET V 3119 77.23 22.78 34.39
CA MET V 3119 78.33 23.38 33.65
C MET V 3119 77.90 23.76 32.23
N LEU V 3120 76.90 23.07 31.70
CA LEU V 3120 76.19 23.60 30.54
C LEU V 3120 75.50 24.92 30.86
N LEU V 3121 74.93 25.03 32.05
CA LEU V 3121 74.17 26.22 32.43
C LEU V 3121 75.11 27.29 32.99
#